data_8RC4
#
_entry.id   8RC4
#
_cell.length_a   1.00
_cell.length_b   1.00
_cell.length_c   1.00
_cell.angle_alpha   90.00
_cell.angle_beta   90.00
_cell.angle_gamma   90.00
#
_symmetry.space_group_name_H-M   'P 1'
#
loop_
_entity.id
_entity.type
_entity.pdbx_description
1 polymer 'Serine/threonine-protein phosphatase 2A 65 kDa regulatory subunit A alpha isoform'
2 polymer 'Serine/threonine-protein phosphatase 2A catalytic subunit alpha isoform'
3 polymer DSS1
4 polymer 'Integrator complex subunit 1'
5 polymer 'Integrator complex subunit 2'
6 polymer 'Integrator complex subunit 4'
7 polymer 'Integrator complex subunit 5'
8 polymer 'Integrator complex subunit 6'
9 polymer 'Integrator complex subunit 7'
10 polymer 'Integrator complex subunit 8'
11 polymer 'Integrator complex subunit 9'
12 polymer 'Integrator complex subunit 11'
13 polymer 'Integrator complex subunit 13'
14 polymer 'Integrator complex subunit 10'
15 polymer 'Integrator complex subunit 14'
16 polymer 'Integrator complex subunit 15'
17 non-polymer 'MANGANESE (II) ION'
18 non-polymer 'ZINC ION'
#
loop_
_entity_poly.entity_id
_entity_poly.type
_entity_poly.pdbx_seq_one_letter_code
_entity_poly.pdbx_strand_id
1 'polypeptide(L)'
;SNMAAADGDDSLYPIAVLIDELRNEDVQLRLNSIKKLSTIALALGVERTRSELLPFLTDTIYDEDEVLLALAEQLGTFTT
LVGGPEYVHCLLPPLESLATVEETVVRDKAVESLRAISHEHSPSDLEAHFVPLVKRLAGGDWFTSRTSACGLFSVCYPRV
SSAVKAELRQYFRNLCSDDTPMVRRAAASKLGEFAKVLELDNVKSEIIPMFSNLASDEQDSVRLLAVEACVNIAQLLPQE
DLEALVMPTLRQAAEDKSWRVRYMVADKFTELQKAVGPEITKTDLVPAFQNLMKDCEAEVRAAASHKVKEFCENLSADCR
ENVIMSQILPCIKELVSDANQHVKSALASVIMGLSPILGKDNTIEHLLPLFLAQLKDECPEVRLNIISNLDCVNEVIGIR
QLSQSLLPAIVELAEDAKWRVRLAIIEYMPLLAGQLGVEFFDEKLNSLCMAWLVDHVYAIREAATSNLKKLVEKFGKEWA
HATIIPKVLAMSGDPNYLHRMTTLFCINVLSEVCGQDITTKHMLPTVLRMAGDPVANVRFNVAKSLQKIGPILDNSTLQS
EVKPILEKLTQDQDVDVKYFAQEALTVLSLA
;
p
2 'polypeptide(L)'
;SNMDEKVFTKELDQWIEQLNECKQLSESQVKSLCEKAKEILTKESNVQEVRCPVTVCGDVHGQFHDLMELFRIGGKSPDT
NYLFMGDYVNRGYYSVETVTLLVALKVRYRERITILRGNHESRQITQVYGFYDECLRKYGNANVWKYFTDLFDYLPLTAL
VDGQIFCLHGGLSPSIDTLDHIRALDRLQEVPHEGPMCDLLWSDPDDRGGWGISPRGAGYTFGQDISETFNHANGLTLVS
RAHQLVMEGYNWCHDRNVVTIFSAPNYCYRCGNQAAIMELDDTLKYSFLQFDPAPRRGEPHVTRRTPDYFL
;
q
3 'polypeptide(L)' AAADVSVWEENWEDDIVQDDFNQQLRLEMER r
4 'polypeptide(L)'
;SNMNRAKPTTVRRPSAAAKPSGHPPPGDFIALGSKGQANESKTASTLLKPAPSGLPSERKRDAAAALSSASALTGLTKRP
KLSSTPPLSALGRLAEAAVAEKRAISPSIKEPSVVPIEVLPTVLLDEIEAAELEGNDDRIEGVLCGAVKQLKVTRAKPDS
TLYLSLMYLAKIKPNIFATEGVIEALCSLLRRDASINFKAKGNSLVSVLACNLLMAAYEEDENWPEIFVKVYIEDSLGER
IWVDSPHCKTFVDNIQTAFNTRMPPRSVLLQGEAGRVAGDLGAGSSPHPSLTEEEDSQTELLIAEEKLSPEQEGQLMPRY
EELAESVEEYVLDMLRDQLNRRQPIDNVSRNLLRLLTSTCGYKEVRLLAVQKLEMWLQNPKLTRPAQDLLMSVCMNCNTH
GSEDMDVISHLIKIRLKPKVLLNHFMLCIRELLSAHKDNLGTTIKLVIFNELSSARNPNNMQVLYTALQHSSELAPKFLA
MVFQDLLTNKDDYLRASRALLREIIKQTKHEINFQAFCLGLMQERKEPQYLEMEFKERFVVHITDVLAVSMMLGITAQVK
EAGIAWDKGEKRNLEVLRSFQNQIAAIQRDAVWWLHTVVPSISKLAPKDYVHCLHKVLFTEQPETYYKWDNWPPESDRNF
FLRLCSEVPILEDTLMRILVIGLSRELPLGPADAMELADHLVKRAAAVQADDVEVLKVGRTQLIDAVLNLCTYHHPENIQ
LPPGYQPPNLAISTLYWKAWPLLLVVAAFNPENIGLAAWEEYPTLKMLMEMVMTNNYSYPPCTLTDEETRTEMLNRELQT
AQREKQEILAFEGHLAAASTKQTITESSSLLLSQLTSLDPQGPPRRPPPHILDQVKSLNQSLRLGHLLCRSRNPDFLLHI
IQRQASSQSMPWLADLVQSSEGSLDVLPVQCLCEFLLHDAVDDAASGEEDDEGESKEQKAKKRQRQQKQRQLLGRLQDLL
LGPKADEQTTCEVLDYFLRRLGSSQVASRVLAMKGLSLVLSEGSLRDGEEKEPPMEEDVGDTDVLQGYQWLLRDLPRLPL
FDSVRSTTALALQQAIHMETDPQTISAYLIYLSQHTPVEEQAQHSDLALDVARLVVERSTIMSHLFSKLSPSAASDAVLS
ALLSIFSRYVRRMRQSKEGEEVYSWSESQDQVFLRWSSGETATMHILVVHAMVILLTLGPPRADDSEFQALLDIWFPEEK
PLPTAFLVDTSEEALLLPDWLKLRMIRSEVLRLVDAALQDLEPQQLLLFVQSFGIPVSSMSKLLQFLDQAVAHDPQTLEQ
NIMDKNYMAHLVEVQHERGASGGQTFHSLLTASLPPRRDSTEAPKPKSSPEQPIGQGRIRVGTQLRVLGPEDDLAGMFLQ
IFPLSPDPRWQSSSPRPVALALQQALGQELARVVQGSPEVPGITVRVLQALATLLSSPHGGALVMSMHRSHFLACPLLRQ
LCQYQRCVPQDTGFSSLFLKVLLQMLQWLDSPGVEGGPLRAQLRMLASQASAGRRLSDVRGGLLRLAEALAFRQDLEVVS
STVRAVIATLRSGEQCSVEPDLISKVLQGLIEVRSPHLEELLTAFFSATADAASPFPACKPVVVVSSLLLQEEEPLAGGK
PGADGGSLEAVRLGPSSGLLVDWLEMLDPEVVSSCPDLQLRLLFSRRKGKGQAQVPSFRPYLLTLFTHQSSWPTLHQCIR
VLLGKSREQRFDPSASLDFLWACIHVPRIWQGRDQRTPQKRREELVLRVQGPELISLVELILAEAETRSQDGDTAACSLI
QARLPLLLSCCCGDDESVRKVTEHLSGCIQQWGDSVLGRRCRDLLLQLYLQRPELRVPVPEVLLHSEGAASSSVCKLDGL
IHRFITLLADTSDSRALENRGADASMACRKLAVAHPLLLLRHLPMIAALLHGRTHLNFQEFRQQNHLSCFLHVLGLLELL
QPHVFRSEHQGALWDCLLSFIRLLLNYRKSSRHLAAFINKFVQFIHKYITYNAPAAISFLQKHADPLHDLSFDNSDLVML
KSLLAGLSLPSRDDRTDRGLDEEGEEESSAGSLPLVSVSLFTPLTAAEMAPYMKRLSRGQTVEDLLEVLSDIDEMSRRRP
EILSFFSTNLQRLMSSAEECCRNLAFSLALRSMQNSPSIAAAFLPTFMYCLGSQDFEVVQTALRNLPEYALLCQEHAAVL
LHRAFLVGMYGQMDPSAQISEALRILHMEAVM
;
a
5 'polypeptide(L)'
;MKDQQTVIMTECTSLQFVSPFAFEAMQKVDVVCLASLSDPELRLLLPCLVRMALCAPADQSQSWAQDKKLILRLLSGVEA
VNSIVALLSVDFHALEQDASKEQQLRHKLGGGSGESILVSQLQHGLTLEFEHSDSPRRLRLVLSELLAIMNKVSESNGEF
FFKSSELFESPVYLEEAADVLCILQAELPSLLPIVDVAEALLHVRNGAWFLCLLVANVPDSFNEVCRGLIKNGERQDEES
LGGRRRTDALRFLCKMNPSQALKVRGMVVEECHLPGLGVALTLDHTKNEACEDGVSDLVCFVSGLLLGTNAKVRTWFGTF
IRNGQQRKRETSSSVLWQMRRQLLLELMGILPTVRSTRIVEEADVDMEPNVSVYSGLKEEHVVKASALLRLYCALMGIAG
LKPTEEEAEQLLQLMTSRPPATPAGVRFVSLSFCMLLAFSTLVSTPEQEQLMVVWLSWMIKEEAYFESTSGVSASFGEML
LLVAMYFHSNQLSAIIDLVCSTLGMKIVIKPSSLSRMKTIFTQEIFTEQVVTAHAVRVPVTSNLSANITGFLPIHCIYQL
LRSRSFTKHKVSIKDWIYRQLCETSTPLHPQLLPLIDVYINSILTPASKSNPEATNQPVTEQEILNIFQGVIGGDNIRLN
QRFSITAQLLVLYYILSYEEALLANTKTLAAMQRKPKSYSSSLMDQIPIKFLIRQAQGLQQELGGLHSALLRLLATNYPH
LCIVDDWICEEEITGTDALLRRMLLTNNAKNHSPKQLQEAFSAVPVNNTQVMQIIEHLTLLSASELIPYAEVLTSNMSQL
LNSGVPRRILQTVNKLWMVLNTVMPRRLWVMTVNALQPSIKFVRQQKYTQNDLMIDPLIVLRCDQRVHRCPPLMDITLHM
LNGYLLASKAYLSAHLKETEQDRPSQNNTIGLVGQTDAPEVTREELKNALLAAQDSAAVQILLEICLPTEEEKANGVNPD
SLLRNVQSVITTSAPNKGMEEGEDNLLCNLREVQCLICCLLHQMYIADPNIAKLVHFQGYPCELLPLTVAGIPSMHICLD
FIPELIAQPELEKQIFAIQLLSHLCIQYALPKSLSVARLAVNVMGTLLTVLTQAKRYAFFMPTLPSLVSFCRAFPPLYED
IMSLLIQIGQVCASDVATQTRDIDPIITRLQQIKEKPSGWSQICKDSSYKNGSRDTGSMDPDVQLCHCIERTVIEIINMS
VSGI
;
b
6 'polypeptide(L)'
;MAAHLKKRVYEEFTKVVQPQEEIATKKLRLTKPSKSAALHIDLCKATSPADALQYLLQFARKPVEAESVEGVVRILLEHY
YKENDPSVRLKIASLLGLLSKTAGFSPDCIMDDAINILQNEKSHQVLAQLLDTLLAIGTKLPENQAIQMRLVDVACKHLT
DTSHGVRNKCLQLLGNLGSLEKSVTKDAEGLAARDVQKIIGDYFSDQDPRVRTAAIKAMLQLHERGLKLHQTIYNQACKL
LSDDYEQVRSAAVQLIWVVSQLYPESIVPIPSSNEEIRLVDDAFGKICHMVSDGSWVVRVQAAKLLGSMEQVSSHFLEQT
LDKKLMSDLRRKRTAHERAKELYSSGEFSSGRKWGDDAPKEEVDTGAVNLIESGACGAFVHGLEDEMYEVRIAAVEALCM
LAQSSPSFAEKCLDFLVDMFNDEIEEVRLQSIHTMRKISNNITLREDQLDTVLAVLEDSSRDIREALHELLCCTNVSTKE
GIHLALVELLKNLTKYPTDRDSIWKCLKFLGSRHPTLVLPLVPELLSTHPFFDTAEPDMDDPAYIAVLVLIFNAAKTCPT
MPALFSDHTFRHYAYLRDSLSHLVPALRLPGRKLVSSAVSPSIIPQEDPSQQFLQQSLERVYSLQHLDPQGAQELLEFTI
RDLQRLGELQSELAGVADFSATYLRCQLLLIKALQEKLWNVAAPLYLKQSDLASAAAKQIMEETYKMEFMYSGVENKQVV
IIHHMRLQAKALQLIVTARTTRGLDPLFGMCEKFLQEVDFFQRYFIADLPHLQDSFVDKLLDLMPRLMTSKPAEVVKILQ
TMLRQSAFLHLPLPEQIHKASATIIEPAGESDNPLRFTSGLVVALDVDATLEHVQDPQNTVKVQVLYPDGQAQMIHPKPA
DFRNPGPGRHRLITQVYLSHTAWTEACQVEVRLLLAYNSSARIPKCPWMEGGEMSPQVETSIEGTIPFSKPVKVYIMPKP
ARR
;
d
7 'polypeptide(L)'
;SNMSALCDPPGAPGPPGPAPATHGPAPLSAQELSQEIKAFLTGVDPILGHQLSAREHARCGLLLLRSLPPARAAVLDHLR
GVFDESVRAHLAALDETPVAGPPHLRPPPPSHVPAGGPGLEDVVQEVQQVLSEFIRANPKAWAPVISAWSIDLMGQLSST
YSGQHQRVPHATGALNELLQLWMGCRATRTLMDIYVQCLSALIGSCPDACVDALLDTSVQHSPHFDWVVAHIGSSFPGTI
ISRVLSCGLKDFCVHGGAGGGAGSSGGSSSQTPSTDPFPGSPAIPAEKRVPKIASVVGILGHLASRHGDSIRRELLRMFH
DSLAGGSGGRSGDPSLQATVPFLLQLAVMSPALLGTVSGELVDCLKPPAVLSQLQQHLQGFPREELDNMLNLAVHLVSQA
SGAGAYRLLQFLVDTAMPASVITTQGLAVPDTVREACDRLIQLLLLHLQKLVHHRGGSPGEGVLGPPPPPRLVPFLDALK
NHVGELCGETLRLERKRFLWQHQLLGLLSVYTRPSCGPEALGHLLSRARSPEELSLATQLYAGLVVSLSGLLPLAFRSCL
ARVHAGTLQPPFTARFLRNLALLVGWEQQGGEGPAALGAHFGESASAHLSDLAPLLLHPEEEVAEAAASLLAICPFPSEA
LSPSQLLGLVRAGVHRFFASLRLHGPPGVASACQLLTRLSQTSPAGLKAVLQLLVEGALHRGNTELFGGQVDGDNETLSV
VSASLASASLLDTNRRHTAAVPGPGGIWSVFHAGVIGRGLKPPKFVQSRNQQEVIYNTQSLLSLLVHCCSAPGGTECGEC
WGAPILSPEAAKAVAVTLVESVCPDAAGAELAWPPEEHARATVERDLRIGRRFREQPLLFELLKLVAAAPPALCYCSVLL
RGLLAALLGHWEASRHPDTTHSPWHLEASCTLVAVMAEGSLLPPALGNMHEVFSQLAPFEVRLLLLSVWGFLREHGPLPQ
KFIFQSERGRFIRDFSREGGGEGGPHLAVLHSVLHRNIDRLGLFSGRFQAPSPSTLLRQGT
;
e
8 'polypeptide(L)'
;YFQSNMPILLFLIDTSASMNQRSHLGTTYLDTAKGAVETFMKLRARDPASRGDRYMLVTFEEPPYAIKAGWKENHATFMN
ELKNLQAEGLTTLGQSLRTAFDLLNLNRLVTGIDNYGQGRNPFFLEPAIIITITDGSKLTTTSGVQDELHLPLNSPLPGS
ELTKEPFRWDQRLFALVLRLPGTMSVESEQLTGVPLDDSAITPMCEVTGGRSYSVCSPRMLNQCLESLVQKVQSGVVINF
EKAGPDPSPVEDGQPDISRPFGSQPWHSCHKLIYVRPNPKTGVPIGHWPVPESFWPDQNSPTLPPRTSHPVVKFSCTDCE
PMVIDKLPFDKYELEPSPLTQFILERKSPQTCWQVYVSNSAKYSELGHPFGYLKASTALNCVNLFVMPYNYPVLLPLLDD
LFKVHKAKPTLKWRQSFESYLKTMPPYYLGPLKKAVRMMGAPNLIADSMEYGLSYSVISYLKKLSQQAKIESDRVIGSVG
KKVVQETGIKVRSRSHGLSMAYRKDFQQLLQGISEDVPHRLLDLNMKEYTGFQVALLNKDLKPQTFRNAYDIPRRNLLDH
LTRMRSNLLKSTRRFLKGQDEDQVHSVPIAQMGNYQEYLKQVPSPLRELDPDQPRRLHTFGNPFKLDKKGMMIDEADEFV
AGPQNKHKRPGEPNMQGIPKRRRCMSPLLRGRQQNPVVNNHIGGKGPPAPTTQAQPDLIKPLPLHKISETTNDSIIHDVV
ENHVADQLSSDITPNAMDTEFSASSPASLLERPTNHMEALGHDHLGTNDLTVGGFLENHEEPRDKEQCAEENIPASSLNK
GKKLMHCRSHEEVNTELKAQIMKEIRKPGRKYERIFTLLKHVQGSLQTRLIFLQNVIKEASRFKKRMLIEQLENFLDEIH
RRANQINHINSN
;
f
9 'polypeptide(L)'
;SNMASNSTKSFLADAGYGEQELDANSALMELDKGLRSGKLGEQCEAVVRFPRLFQKYPFPILINSAFLKLADVFRVGNNF
LRLCVLKVTQQSEKHLEKILNVDEFVKRIFSVIHSNDPVARAITLRMLGSLASIIPERKNAHHSIRQSLDSHDNVEVEAA
VFAAANFSAQSKDFAVGICNKISEMIQGLATPVDLKLKLIPILQHMHHDAILASSARQLLQQLVTSYPSTKMVIVSLHTF
TLLAASSLVDTPKQIQLLLQYLKNDPRKAVKRLAIQDLKLLANKTPHTWSRENIQALCECALQTPYDSLKLGMLSVLSTL
SGTIAIKHYFSIVPGNVSSSPRSSDLVKLAQECCYHNNRGIAAHGVRVLTNITVSCQEKDLLALEQDAVFGLESLLVLCS
QDDSPGAQATLKIALNCMVKLAKGRPHLSQSVVETLLTQLHSAQDAARILMCHCLAAIAMQLPVLGDGMLGDLMELYKVI
GRSATDKQQELLVSLATVIFVASQKALSVESKAVIKQQLESVSNGWTVYRIARQASRMGNHDMAKELYQSLLTQVASEHF
YFWLNSLKEFSHAEQCLTGLQEENYSSALSCIAESLKFYHKGIASLTAASTPLNPLSFQCEFVKLRIDLLQAFSQLICTC
NSLKTSPPPAIATTIAMTLGNDLQRCGRISNQMKQSMEEFRSLASRYGDLYQASFDADSATLRNVELQQQSCLLISHAIE
ALILDPESASFQEYGSTGTAHADSEYERRMMSVYNHVLEEVESLNRKYTPVSYMHTACLCNAIIALLKVPLSFQRYFFQK
LQSTSIKLALSPSPRNPAEPIAVQNNQQLALKVEGVVQHGSKPGLFRKIQSVCLNVSSTLQSKSGQDYKIPIDNMTNEME
QRVEPHNDYFSTQFLLNFAILGTHNITVESSVKDANGIVWKTGPRTTIFVKSLEDPYSQQIRLQQQQAQQPLQQQQQRNA
YTRF
;
g
10 'polypeptide(L)'
;MSAEAADREAATSSRPCTPPQTCWFEFLLEESLLEKHLRKPCPDPAPVQLIVQFLEQASKPSVNEQNQVQPPPDNKRNRI
LKLLALKVAAHLKWDLDILEKSLSVPVLNMLLNELLCISKVPPGTKHVDMDLATLPPTTAMAVLLYNRWAIRTIVQSSFP
VKQAKPGPPQLSVMNQMQQEKELTENILKVLKEQAADSILVLEAALKLNKDLYVHTMRTLDLLAMEPGMVNGETESSTAG
LKVKTEEMQCQVCYDLGAAYFQQGSTNSAVYENAREKFFRTKELIAEIGSLSLHCTIDEKRLAGYCQACDVLVPSSDSTS
QQLTPYSQVHICLRSGNYQEVIQIFIEDNLTLSLPVQFRQSVLRELFKKAQQGNEALDEICFKVCACNTVRDILEGRTIS
VQFNQLFLRPNKEKIDFLLEVCSRSVNLEKASESLKGNMAAFLKNVCLGLEDLQYVFMISSHELFITLLKDEERKLLVDQ
MRKRSPRVNLCIKPVTSFYDIPASASVNIGQLEHQLILSVDPWRIRQILIELHGMTSERQFWTVSNKWEVPSVYSGVILG
IKDNLTRDLVYILMAKGLHCSTVKDFSHAKQLFAACLELVTEFSPKLRQVMLNEMLLLDIHTHEAGTGQAGERPPSDLIS
RVRGYLEMRLPDIPLRQVIAEECVAFMLNWRENEYLTLQVPAFLLQSNPYVKLGQLLAATCKELPGPKESRRTAKDLWEV
VVQICSVSSQHKRGNDGRVSLIKQRESTLGIMYRSELLSFIKKLREPLVLTIILSLFVKLHNVREDIVNDITAEHISIWP
SSIPNLQSVDFEAVAITVKELVRYTLSINPNNHSWLIIQADIYFATNQYSAALHYYLQAGAVCSDFFNKAVPPDVYTDQV
IKRMIKCCSLLNCHTQVAILCQFLREIDYKTAFKSLQEQNSHDAMDSYYDYIWDVTILEYLTYLHHKRGETDKRQIAIKA
IGQTELNASNPEEVLQLAAQRRKKKFLQAMAKLYF
;
h
11 'polypeptide(L)'
;MKLYCLSGHPTLPCNVLKFKSTTIMLDCGLDMTSTLNFLPLPLVQSPRLSNLPGWSLKDGNAFLDKELKECSGHVFVDSV
PEFCLPETELIDLSTVDVILISNYHCMMALPYITEHTGFTGTVYATEPTVQIGRLLMEELVNFIERVPKAQSASLWKNKD
IQRLLPSPLKDAVEVSTWRRCYTMQEVNSALSKIQLVGYSQKIELFGAVQVTPLSSGYALGSSNWIIQSHYEKVSYVSGS
SLLTTHPQPMDQASLKNSDVLVLTGLTQIPTANPDGMVGEFCSNLALTVRNGGNVLVPCYPSGVIYDLLECLYQYIDSAG
LSSVPLYFISPVANSSLEFSQIFAEWLCHNKQSKVYLPEPPFPHAELIQTNKLKHYPSIHGDFSNDFRQPCVVFTGHPSL
RFGDVVHFMELWGKSSLNTVIFTEPDFSYLEALAPYQPLAMKCIYCPIDTRLNFIQVSKLLKEVQPLHVVCPEQYTQPPP
AQSHRMDLMIDCQPPAMSYRRAEVLALPFKRRYEKIEIMPELADSLVPMEIKPGISLATVSAVLHTKDNKHLLQPPPRPA
QPTSGKKRKRVSDDVPDCKVLKPLLSGSIPVEQFVQTLEKHGFSDIKVEDTAKGHIVLLQEAETLIQIEEDSTHIICDND
EMLRVRLRDLVLKFLQKF
;
i
12 'polypeptide(L)'
;SNMPEIRVTPLGAGQDVGRSCILVSIAGKNVMLDCGMHMGFNDDRRFPDFSYITQNGRLTDFLDCVIISHFHLDHCGALP
YFSEMVGYDGPIYMTHPTQAICPILLEDYRKIAVDKKGEANFFTSQMIKDCMKKVVAVHLHQTVQVDDELEIKAYYAGHV
LGAAMFQIKVGSESVVYTGDYNMTPDRHLGAAWIDKCRPNLLITQSTYATTIRDSKRCRERDFLKKVHETVERGGKVLIP
VFALGRAQELCILLETFWERMNLKVPIYFSTGLTEKANHYYKLFIPWTNQKIRKTFVQRNMFEFKHIKAFDRAFADNPGP
MVVFATPGMLHAGQSLQIFRKWAGNEKNMVIMPGYCVQGTVGHKILSGQRKLEMEGRQVLEVKMQVEYMSFSAHADAKGI
MQLVGQAEPESVLLVHGEAKKMEFLKQKIEQELRVNCYMPANGETVTLPTSPSIPVGISLGLLKREMAQGLLPEAKKPRL
LHGTLIMKDSNFRLVSSEQALKELGLAEHQLRFTCRVHLHDTRKEQETALRVYSHLKSVLKDHCVQHLPDGSVTVESVLL
QAAAPSEDPGTKVLLVSWTYQDEELGSFLTSLLKKGLPQAPS
;
k
13 'polypeptide(L)'
;MKIFSESHKTVFVVDHCPYMAESCRQHVEFDMLVKNRTQGIIPLAPISKSLWTCSVESSMEYCRIMYDIFPFKKLVNFIV
SDSGAHVLNSWTQEDQNLQELMAALAAVGPPNPRADPECCSILHGLVAAVETLCKITEYQHEARTLLMENAERVGNRGRI
ICITNAKSDSHVRMLEDCVQETIHEHNKLAANSDHLMQIQKCELVLIHTYPVGEDSLVSDRSKKELSPVLTSEVHSVRAG
RHLATKLNILVQQHFDLASTTITNIPMKEEQHANTSANYDVELLHHKDAHVDFLKSGDSHLGGGSREGSFKETITLKWCT
PRTNNIELHYCTGAYRISPVDVNSRPSSCLTNFLLNGRSVLLEQPRKSGSKVISHMLSSHGGEIFLHVLSSSRSILEDPP
SISEGCGGRVTDYRITDFGEFMRENRLTPFLDPRYKIDGSLEVPLERAKDQLEKHTRYWPMIISQTTIFNMQAVVPLASV
IVKESLTEEDVLNCQKTIYNLVDMERKNDPLPISTVGTRGKGPKRDEQYRIMWNELETLVRAHINNSEKHQRVLECLMAC
RSKPPEEEERKKRGRKREDKEDKSEKAVKDYEQEKSWQDSERLKGILERGKEELAEAEIIKDSPDSPEPPNKKPLVEMDE
TPQVEKSKGPVSLLSLWSNRINTANSRKHQEFAGRLNSVNNRAELYQHLKEENGMETTENGKASRQ
;
m
14 'polypeptide(L)'
;MSAQGDCEFLVQRARELVPQDLWAAKAWLITARSLYPADFNIQYEMYTIERNAERTATAGRLLYDMFVNFPDQPVVWREI
SIITSALRNDSQDKQTQFLRSLFETLPGRVQCEMLLKVTEQCFNTLERSEMLLLLLRRFPETVVQHGVGLGEALLEAETI
EEQESPVNCFRKLFVCDVLPLIINNHDVRLPANLLYKYLNKAAEFYINYVTRSTQIENQHQGAQDTSDLMSPSKRSSQKY
IIEGLTEKSSQIVDPWERLFKILNVVGMRCEWQMDKGRRSYGDILHRMKDLCRYMNNFDSEAHAKYKNQVVYSTMLVFFK
NAFQYVNSIQPSLFQGPNAPSQVPLVLLEDVSNVYGDVEIDRNKHIHKKRKLAEGREKTMSSDDEDCSAKGRNRHIVVNK
AELANSTEVLESFKLARESWELLYSLEFLDKEFTRICLAWKTDTWLWLRIFLTDMIIYQGQYKKAIASLHHLAALQGSIS
QPQITGQGTLEHQRALIQLATCHFALGEYRMTCEKVLDLMCYMVLPIQDGGKSQEEPSKVKPKFRKGSDLKLLPCTSKAI
MPYCLHLMLACFKLRAFTDNRDDMALGHVIVLLQQEWPRGENLFLKAVNKICQQGNFQYENFFNYVTNIDMLEEFAYLRT
QEGGKIHLELLPNQGMLIKHHTVTRGITKGVKEDFRLAMERQVSRCGENLMVVLHRFCINEKILLLQTLT
;
j
15 'polypeptide(L)'
;MPTVVVMDVSLSMTRPVSIEGSEEYQRKHLAAHGLTMLFEHMATNYKLEFTALVVFSSLWELMVPFTRDYNTLQEALSNM
DDYDKTCLESALVGVCNIVQQEWGGAIPCQVVLVTDGCLGIGRGSLRHSLATQNQRSESNRFPLPFPFPSKLYIMCMANL
EELQSTDSLECLERLIDLNNGEGQIFTIDGPLCLKNVQSMFGKLIDLAYTPFHAVLKCGHLTADVQVFPRPEPFVVDEEI
DPIPKVINTDLEIVGFIDIADISSPPVLSRHLVLPIALNKEGDEVGTGITDDNEDENSANQIAGKIPNFCVLLHGSLKVE
GMVAIVQLGPEWHGMLYSQADSKKKSNLMMSLFEPGPEPLPWLGKMAQLGPISDAKENPYGEDDNKSPFPLQPKNKRSYA
QNVTVWIKPSGLQTDVQKILRNARKLPEKTQTFYKELNRLRKAALAFGFLDLLKGVADMLERECTLLPETAHPDAAFQLT
HAAQQLKLASTGTSEYAAYDQNITPLHTDFSGSSTERI
;
n
16 'polypeptide(L)'
;SNMSDIRHSLLRRDALSAAKEVLYHLDIYFSSQLQSAPLPIVDKGPVELLEEFVFQVPKERSAQPKRLNSLQELQLLEIM
CNYFQEQTKDSVRQIIFSSLFSPQGNKADDSRMSLLGKLVSMAVAVCRIPVLECAASWLQRTPVVYCVRLAKALVDDYCC
LVPGSIQTLKQIFSASPRFCCQFITSVTALYDLSSDDLIPPMDLLEMIVTWIFEDPRLILITFLNTPIAANLPIGFLELT
PLVGLIRWCVKAPLAYKRKKKPPLSNGHVSNKVTKDPGVGMDRDSHLLYSKLHLSVLQVLMTLQLHLTEKNLYGRLGLIL
FDHMVPLVEEINRLADELNPLNASQEIELSLDRLAQALQVAMASGALLCTRDDLRTLCSRLPHNNLLQLVISGPVQQSPH
AALPPGFYPHIHTPPLGYGAVPAHPAAHPALPTHPGHTFISGVTFPFRPIR
;
o
#
loop_
_chem_comp.id
_chem_comp.type
_chem_comp.name
_chem_comp.formula
MN non-polymer 'MANGANESE (II) ION' 'Mn 2'
ZN non-polymer 'ZINC ION' 'Zn 2'
#
# COMPACT_ATOMS: atom_id res chain seq x y z
N ASP A 10 100.72 87.84 -61.62
CA ASP A 10 101.34 86.87 -60.72
C ASP A 10 100.32 86.38 -59.70
N SER A 11 100.27 85.06 -59.52
CA SER A 11 99.32 84.43 -58.62
C SER A 11 100.02 83.64 -57.51
N LEU A 12 101.22 84.06 -57.12
CA LEU A 12 101.97 83.33 -56.10
C LEU A 12 102.11 84.10 -54.78
N TYR A 13 101.51 85.27 -54.65
CA TYR A 13 101.54 85.95 -53.36
C TYR A 13 100.61 85.23 -52.38
N PRO A 14 101.13 84.71 -51.26
CA PRO A 14 100.26 83.98 -50.33
C PRO A 14 99.15 84.83 -49.71
N ILE A 15 99.33 86.14 -49.63
CA ILE A 15 98.49 86.99 -48.80
C ILE A 15 97.07 87.07 -49.35
N ALA A 16 96.92 87.67 -50.52
CA ALA A 16 95.61 87.74 -51.15
C ALA A 16 95.31 86.42 -51.87
N VAL A 17 96.11 86.10 -52.89
CA VAL A 17 95.95 84.88 -53.66
C VAL A 17 96.27 83.70 -52.76
N LEU A 18 95.72 82.52 -53.09
CA LEU A 18 95.82 81.23 -52.39
C LEU A 18 94.96 81.22 -51.12
N ILE A 19 94.36 82.35 -50.73
CA ILE A 19 93.47 82.41 -49.57
C ILE A 19 92.05 82.75 -49.99
N ASP A 20 91.87 83.87 -50.70
CA ASP A 20 90.54 84.22 -51.17
C ASP A 20 90.04 83.31 -52.28
N GLU A 21 90.87 82.39 -52.79
CA GLU A 21 90.38 81.37 -53.70
C GLU A 21 89.78 80.18 -52.99
N LEU A 22 89.96 80.08 -51.66
CA LEU A 22 89.47 78.94 -50.90
C LEU A 22 88.12 79.23 -50.27
N ARG A 23 87.26 79.99 -50.95
CA ARG A 23 85.93 80.28 -50.47
C ARG A 23 84.88 79.33 -51.00
N ASN A 24 85.26 78.07 -51.25
CA ASN A 24 84.39 77.05 -51.80
C ASN A 24 83.24 76.74 -50.83
N GLU A 25 82.31 75.90 -51.32
CA GLU A 25 81.12 75.56 -50.54
C GLU A 25 81.46 74.75 -49.30
N ASP A 26 82.51 73.93 -49.34
CA ASP A 26 82.86 73.08 -48.21
C ASP A 26 83.51 73.95 -47.14
N VAL A 27 82.83 74.11 -46.00
CA VAL A 27 83.37 74.92 -44.91
C VAL A 27 84.65 74.31 -44.35
N GLN A 28 84.74 72.97 -44.33
CA GLN A 28 85.87 72.27 -43.72
C GLN A 28 87.19 72.66 -44.36
N LEU A 29 87.18 72.94 -45.66
CA LEU A 29 88.38 73.44 -46.32
C LEU A 29 88.77 74.82 -45.77
N ARG A 30 87.77 75.68 -45.49
CA ARG A 30 88.07 76.98 -44.91
C ARG A 30 88.65 76.83 -43.50
N LEU A 31 88.09 75.93 -42.69
CA LEU A 31 88.67 75.68 -41.36
C LEU A 31 90.09 75.14 -41.47
N ASN A 32 90.33 74.23 -42.42
CA ASN A 32 91.67 73.70 -42.65
C ASN A 32 92.66 74.80 -43.02
N SER A 33 92.23 75.74 -43.88
CA SER A 33 93.08 76.88 -44.23
C SER A 33 93.39 77.72 -43.00
N ILE A 34 92.36 77.99 -42.19
CA ILE A 34 92.56 78.77 -40.97
C ILE A 34 93.39 77.98 -39.96
N LYS A 35 93.15 76.66 -39.86
CA LYS A 35 93.93 75.82 -38.95
C LYS A 35 95.41 75.88 -39.29
N LYS A 36 95.74 75.95 -40.57
CA LYS A 36 97.13 76.00 -41.03
C LYS A 36 97.54 77.42 -41.41
N LEU A 37 96.91 78.43 -40.79
CA LEU A 37 97.32 79.82 -40.99
C LEU A 37 98.72 80.10 -40.46
N SER A 38 99.22 79.24 -39.58
CA SER A 38 100.59 79.41 -39.08
C SER A 38 101.61 79.22 -40.21
N THR A 39 101.36 78.25 -41.11
CA THR A 39 102.33 77.94 -42.15
C THR A 39 102.47 79.07 -43.17
N ILE A 40 101.33 79.63 -43.63
CA ILE A 40 101.38 80.77 -44.54
C ILE A 40 102.07 81.95 -43.89
N ALA A 41 101.78 82.22 -42.61
CA ALA A 41 102.41 83.32 -41.91
C ALA A 41 103.93 83.11 -41.80
N LEU A 42 104.34 81.88 -41.49
CA LEU A 42 105.77 81.57 -41.41
C LEU A 42 106.44 81.73 -42.78
N ALA A 43 105.72 81.36 -43.84
CA ALA A 43 106.21 81.58 -45.20
C ALA A 43 106.44 83.06 -45.49
N LEU A 44 105.51 83.91 -45.08
CA LEU A 44 105.67 85.33 -45.24
C LEU A 44 106.68 85.88 -44.23
N GLY A 45 107.32 87.00 -44.61
CA GLY A 45 108.12 87.72 -43.65
C GLY A 45 107.26 88.32 -42.56
N VAL A 46 107.82 88.40 -41.35
CA VAL A 46 107.08 88.95 -40.21
C VAL A 46 106.66 90.39 -40.48
N GLU A 47 107.55 91.20 -41.06
CA GLU A 47 107.17 92.54 -41.46
C GLU A 47 106.13 92.50 -42.57
N ARG A 48 106.32 91.60 -43.53
CA ARG A 48 105.35 91.41 -44.61
C ARG A 48 104.02 90.91 -44.04
N THR A 49 104.08 90.04 -43.03
CA THR A 49 102.88 89.53 -42.37
C THR A 49 102.10 90.69 -41.74
N ARG A 50 102.78 91.49 -40.92
CA ARG A 50 102.12 92.63 -40.29
C ARG A 50 101.61 93.63 -41.30
N SER A 51 102.33 93.83 -42.41
CA SER A 51 101.94 94.84 -43.39
C SER A 51 100.76 94.40 -44.24
N GLU A 52 100.68 93.11 -44.59
CA GLU A 52 99.73 92.67 -45.59
C GLU A 52 98.73 91.64 -45.10
N LEU A 53 99.13 90.69 -44.25
CA LEU A 53 98.22 89.64 -43.83
C LEU A 53 97.17 90.17 -42.86
N LEU A 54 97.62 90.74 -41.74
CA LEU A 54 96.69 91.21 -40.71
C LEU A 54 95.72 92.28 -41.20
N PRO A 55 96.12 93.31 -41.98
CA PRO A 55 95.11 94.21 -42.54
C PRO A 55 94.09 93.51 -43.43
N PHE A 56 94.51 92.47 -44.16
CA PHE A 56 93.56 91.70 -44.96
C PHE A 56 92.54 91.00 -44.08
N LEU A 57 92.99 90.40 -42.97
CA LEU A 57 92.06 89.74 -42.04
C LEU A 57 91.11 90.75 -41.42
N THR A 58 91.64 91.90 -40.99
CA THR A 58 90.81 92.93 -40.35
C THR A 58 89.77 93.49 -41.29
N ASP A 59 90.20 93.96 -42.47
CA ASP A 59 89.31 94.63 -43.40
C ASP A 59 88.21 93.70 -43.93
N THR A 60 88.58 92.47 -44.27
CA THR A 60 87.59 91.53 -44.78
C THR A 60 86.68 91.05 -43.65
N ILE A 61 85.41 90.82 -43.98
CA ILE A 61 84.42 90.33 -43.04
C ILE A 61 83.79 89.07 -43.63
N TYR A 62 83.78 88.00 -42.85
CA TYR A 62 83.23 86.72 -43.30
C TYR A 62 81.91 86.45 -42.56
N ASP A 63 81.22 85.39 -42.97
CA ASP A 63 79.88 85.12 -42.47
C ASP A 63 79.65 83.64 -42.19
N GLU A 64 80.63 83.01 -41.54
CA GLU A 64 80.53 81.61 -41.11
C GLU A 64 81.05 81.54 -39.68
N ASP A 65 80.21 81.08 -38.76
CA ASP A 65 80.56 81.09 -37.34
C ASP A 65 81.77 80.21 -37.00
N GLU A 66 81.84 79.00 -37.58
CA GLU A 66 82.96 78.11 -37.25
C GLU A 66 84.31 78.64 -37.74
N VAL A 67 84.36 79.20 -38.96
CA VAL A 67 85.61 79.77 -39.46
C VAL A 67 86.05 80.93 -38.56
N LEU A 68 85.10 81.79 -38.18
CA LEU A 68 85.41 82.93 -37.31
C LEU A 68 85.92 82.46 -35.96
N LEU A 69 85.30 81.41 -35.42
CA LEU A 69 85.74 80.86 -34.13
C LEU A 69 87.17 80.34 -34.24
N ALA A 70 87.46 79.59 -35.31
CA ALA A 70 88.81 79.08 -35.51
C ALA A 70 89.81 80.22 -35.73
N LEU A 71 89.39 81.27 -36.43
CA LEU A 71 90.26 82.43 -36.66
C LEU A 71 90.60 83.12 -35.36
N ALA A 72 89.59 83.33 -34.50
CA ALA A 72 89.82 83.92 -33.19
C ALA A 72 90.74 83.05 -32.35
N GLU A 73 90.53 81.74 -32.39
CA GLU A 73 91.40 80.82 -31.65
C GLU A 73 92.84 80.87 -32.16
N GLN A 74 93.00 81.04 -33.48
CA GLN A 74 94.34 81.13 -34.07
C GLN A 74 95.08 82.37 -33.60
N LEU A 75 94.39 83.50 -33.53
CA LEU A 75 95.04 84.76 -33.21
C LEU A 75 95.54 84.84 -31.78
N GLY A 76 95.10 83.95 -30.90
CA GLY A 76 95.63 83.92 -29.55
C GLY A 76 97.03 83.37 -29.46
N THR A 77 97.49 82.62 -30.46
CA THR A 77 98.82 82.04 -30.48
C THR A 77 99.65 82.59 -31.63
N PHE A 78 99.32 83.80 -32.08
CA PHE A 78 99.97 84.40 -33.24
C PHE A 78 101.13 85.31 -32.85
N THR A 79 101.48 85.38 -31.56
CA THR A 79 102.51 86.32 -31.10
C THR A 79 103.91 85.94 -31.60
N THR A 80 104.19 84.65 -31.76
CA THR A 80 105.51 84.24 -32.24
C THR A 80 105.67 84.50 -33.73
N LEU A 81 104.60 84.35 -34.48
CA LEU A 81 104.63 84.47 -35.93
C LEU A 81 104.38 85.88 -36.43
N VAL A 82 104.25 86.85 -35.52
CA VAL A 82 103.97 88.22 -35.90
C VAL A 82 105.16 89.14 -35.62
N GLY A 83 106.16 88.68 -34.89
CA GLY A 83 107.31 89.52 -34.59
C GLY A 83 107.62 89.58 -33.11
N GLY A 84 107.10 88.61 -32.35
CA GLY A 84 107.34 88.55 -30.93
C GLY A 84 106.40 89.44 -30.17
N PRO A 85 106.50 89.41 -28.83
CA PRO A 85 105.65 90.28 -27.99
C PRO A 85 105.73 91.77 -28.30
N GLU A 86 106.87 92.24 -28.84
CA GLU A 86 107.06 93.66 -29.08
C GLU A 86 106.02 94.21 -30.07
N TYR A 87 105.73 93.46 -31.12
CA TYR A 87 104.80 93.89 -32.16
C TYR A 87 103.42 93.25 -32.01
N VAL A 88 103.14 92.66 -30.84
CA VAL A 88 101.89 91.94 -30.61
C VAL A 88 100.66 92.85 -30.71
N HIS A 89 100.83 94.17 -30.55
CA HIS A 89 99.71 95.10 -30.68
C HIS A 89 99.09 95.09 -32.07
N CYS A 90 99.80 94.59 -33.08
CA CYS A 90 99.25 94.50 -34.42
C CYS A 90 98.13 93.48 -34.53
N LEU A 91 97.99 92.59 -33.55
CA LEU A 91 96.88 91.64 -33.50
C LEU A 91 95.59 92.24 -32.98
N LEU A 92 95.61 93.49 -32.53
CA LEU A 92 94.43 94.06 -31.88
C LEU A 92 93.32 94.43 -32.86
N PRO A 93 93.57 95.05 -34.03
CA PRO A 93 92.45 95.36 -34.95
C PRO A 93 91.65 94.13 -35.37
N PRO A 94 92.26 93.03 -35.89
CA PRO A 94 91.40 91.91 -36.33
C PRO A 94 90.57 91.30 -35.22
N LEU A 95 91.11 91.20 -34.01
CA LEU A 95 90.33 90.69 -32.89
C LEU A 95 89.25 91.68 -32.47
N GLU A 96 89.53 92.98 -32.61
CA GLU A 96 88.49 93.99 -32.38
C GLU A 96 87.32 93.80 -33.34
N SER A 97 87.62 93.54 -34.61
CA SER A 97 86.57 93.24 -35.59
C SER A 97 85.80 91.99 -35.21
N LEU A 98 86.46 91.01 -34.59
CA LEU A 98 85.77 89.81 -34.14
C LEU A 98 84.95 90.06 -32.89
N ALA A 99 85.34 91.04 -32.07
CA ALA A 99 84.62 91.35 -30.84
C ALA A 99 83.32 92.10 -31.08
N THR A 100 83.07 92.57 -32.31
CA THR A 100 81.88 93.33 -32.63
C THR A 100 80.84 92.52 -33.40
N VAL A 101 81.02 91.21 -33.51
CA VAL A 101 80.09 90.40 -34.29
C VAL A 101 78.86 90.07 -33.45
N GLU A 102 77.78 89.75 -34.16
CA GLU A 102 76.51 89.44 -33.51
C GLU A 102 76.57 88.13 -32.74
N GLU A 103 77.30 87.14 -33.27
CA GLU A 103 77.39 85.84 -32.60
C GLU A 103 78.16 85.98 -31.29
N THR A 104 77.61 85.41 -30.23
CA THR A 104 78.20 85.59 -28.91
C THR A 104 79.43 84.73 -28.71
N VAL A 105 79.45 83.52 -29.27
CA VAL A 105 80.56 82.59 -29.04
C VAL A 105 81.84 83.14 -29.66
N VAL A 106 81.74 83.69 -30.86
CA VAL A 106 82.88 84.34 -31.50
C VAL A 106 83.37 85.51 -30.64
N ARG A 107 82.44 86.27 -30.06
CA ARG A 107 82.82 87.38 -29.19
C ARG A 107 83.60 86.89 -27.97
N ASP A 108 83.14 85.80 -27.35
CA ASP A 108 83.83 85.28 -26.16
C ASP A 108 85.21 84.76 -26.52
N LYS A 109 85.32 84.04 -27.64
CA LYS A 109 86.63 83.56 -28.08
C LYS A 109 87.56 84.71 -28.41
N ALA A 110 87.04 85.76 -29.05
CA ALA A 110 87.85 86.93 -29.36
C ALA A 110 88.33 87.62 -28.09
N VAL A 111 87.46 87.70 -27.07
CA VAL A 111 87.85 88.31 -25.80
C VAL A 111 88.91 87.45 -25.10
N GLU A 112 88.75 86.12 -25.18
CA GLU A 112 89.76 85.22 -24.63
C GLU A 112 91.10 85.41 -25.30
N SER A 113 91.11 85.51 -26.63
CA SER A 113 92.35 85.75 -27.36
C SER A 113 92.95 87.10 -27.01
N LEU A 114 92.10 88.12 -26.86
CA LEU A 114 92.57 89.46 -26.52
C LEU A 114 93.24 89.46 -25.15
N ARG A 115 92.63 88.82 -24.17
CA ARG A 115 93.25 88.78 -22.86
C ARG A 115 94.41 87.81 -22.80
N ALA A 116 94.50 86.86 -23.74
CA ALA A 116 95.70 86.03 -23.82
C ALA A 116 96.87 86.81 -24.39
N ILE A 117 96.64 87.63 -25.41
CA ILE A 117 97.72 88.46 -25.95
C ILE A 117 97.98 89.69 -25.10
N SER A 118 97.10 89.97 -24.13
CA SER A 118 97.36 91.04 -23.16
C SER A 118 98.66 90.81 -22.41
N HIS A 119 98.91 89.56 -22.00
CA HIS A 119 100.14 89.21 -21.32
C HIS A 119 101.36 89.48 -22.18
N GLU A 120 101.22 89.33 -23.50
CA GLU A 120 102.34 89.58 -24.39
C GLU A 120 102.73 91.05 -24.41
N HIS A 121 101.75 91.95 -24.34
CA HIS A 121 102.04 93.37 -24.25
C HIS A 121 102.80 93.69 -22.96
N SER A 122 103.66 94.68 -23.05
CA SER A 122 104.33 95.22 -21.89
C SER A 122 103.55 96.45 -21.44
N PRO A 123 103.64 96.85 -20.13
CA PRO A 123 102.84 97.98 -19.61
C PRO A 123 102.69 99.21 -20.50
N SER A 124 103.79 99.63 -21.12
CA SER A 124 103.76 100.80 -22.00
C SER A 124 102.87 100.55 -23.21
N ASP A 125 102.99 99.35 -23.81
CA ASP A 125 102.14 99.02 -24.94
C ASP A 125 100.70 98.79 -24.52
N LEU A 126 100.48 98.28 -23.30
CA LEU A 126 99.12 98.15 -22.78
C LEU A 126 98.45 99.51 -22.70
N GLU A 127 99.16 100.51 -22.16
CA GLU A 127 98.60 101.85 -22.09
C GLU A 127 98.46 102.49 -23.47
N ALA A 128 99.41 102.21 -24.37
CA ALA A 128 99.43 102.87 -25.67
C ALA A 128 98.39 102.31 -26.63
N HIS A 129 98.16 101.01 -26.61
CA HIS A 129 97.31 100.37 -27.60
C HIS A 129 96.10 99.65 -27.00
N PHE A 130 96.27 98.89 -25.93
CA PHE A 130 95.17 98.08 -25.41
C PHE A 130 94.09 98.94 -24.78
N VAL A 131 94.48 99.89 -23.93
CA VAL A 131 93.50 100.74 -23.26
C VAL A 131 92.71 101.58 -24.25
N PRO A 132 93.30 102.21 -25.29
CA PRO A 132 92.46 102.81 -26.33
C PRO A 132 91.50 101.83 -27.00
N LEU A 133 91.94 100.58 -27.20
CA LEU A 133 91.06 99.56 -27.76
C LEU A 133 89.87 99.31 -26.85
N VAL A 134 90.11 99.22 -25.54
CA VAL A 134 89.05 99.02 -24.57
C VAL A 134 88.09 100.20 -24.60
N LYS A 135 88.63 101.42 -24.66
CA LYS A 135 87.80 102.62 -24.75
C LYS A 135 86.93 102.60 -26.00
N ARG A 136 87.51 102.22 -27.14
CA ARG A 136 86.74 102.13 -28.39
C ARG A 136 85.63 101.09 -28.29
N LEU A 137 85.94 99.93 -27.72
CA LEU A 137 84.94 98.86 -27.59
C LEU A 137 83.80 99.29 -26.67
N ALA A 138 84.13 99.85 -25.50
CA ALA A 138 83.10 100.32 -24.59
C ALA A 138 82.34 101.52 -25.14
N GLY A 139 83.00 102.35 -25.93
CA GLY A 139 82.38 103.51 -26.53
C GLY A 139 81.77 103.26 -27.89
N GLY A 140 81.69 102.01 -28.33
CA GLY A 140 81.19 101.71 -29.65
C GLY A 140 79.69 101.94 -29.77
N ASP A 141 79.26 102.17 -31.01
CA ASP A 141 77.85 102.37 -31.29
C ASP A 141 77.05 101.10 -31.03
N TRP A 142 77.62 99.94 -31.33
CA TRP A 142 76.92 98.68 -31.16
C TRP A 142 77.16 98.15 -29.76
N PHE A 143 76.09 97.60 -29.16
CA PHE A 143 76.20 97.06 -27.82
C PHE A 143 77.08 95.83 -27.74
N THR A 144 77.27 95.10 -28.84
CA THR A 144 78.09 93.90 -28.84
C THR A 144 79.52 94.21 -28.44
N SER A 145 80.09 95.29 -29.00
CA SER A 145 81.40 95.74 -28.58
C SER A 145 81.41 96.14 -27.11
N ARG A 146 80.32 96.73 -26.64
CA ARG A 146 80.25 97.17 -25.24
C ARG A 146 80.28 95.98 -24.29
N THR A 147 79.54 94.90 -24.60
CA THR A 147 79.63 93.69 -23.79
C THR A 147 81.02 93.06 -23.91
N SER A 148 81.60 93.09 -25.11
CA SER A 148 82.94 92.55 -25.31
C SER A 148 83.97 93.28 -24.45
N ALA A 149 83.79 94.59 -24.24
CA ALA A 149 84.76 95.36 -23.48
C ALA A 149 84.80 94.96 -22.01
N CYS A 150 83.72 94.36 -21.48
CA CYS A 150 83.64 94.03 -20.06
C CYS A 150 84.69 93.01 -19.65
N GLY A 151 84.92 91.99 -20.47
CA GLY A 151 85.87 90.95 -20.12
C GLY A 151 87.31 91.34 -20.25
N LEU A 152 87.61 92.53 -20.79
CA LEU A 152 88.97 92.97 -21.02
C LEU A 152 89.55 93.77 -19.86
N PHE A 153 88.74 94.09 -18.85
CA PHE A 153 89.22 95.00 -17.80
C PHE A 153 90.15 94.30 -16.84
N SER A 154 89.94 93.01 -16.58
CA SER A 154 90.64 92.33 -15.49
C SER A 154 92.11 92.07 -15.81
N VAL A 155 92.50 92.14 -17.07
CA VAL A 155 93.87 91.79 -17.47
C VAL A 155 94.67 93.04 -17.74
N CYS A 156 94.02 94.10 -18.22
CA CYS A 156 94.70 95.37 -18.42
C CYS A 156 94.91 96.13 -17.12
N TYR A 157 94.00 95.97 -16.15
CA TYR A 157 94.06 96.75 -14.91
C TYR A 157 95.33 96.56 -14.09
N PRO A 158 95.80 95.34 -13.76
CA PRO A 158 96.90 95.23 -12.78
C PRO A 158 98.23 95.86 -13.22
N ARG A 159 98.44 96.09 -14.50
CA ARG A 159 99.75 96.49 -15.01
C ARG A 159 99.67 97.78 -15.82
N VAL A 160 99.04 98.82 -15.26
CA VAL A 160 98.95 100.13 -15.88
C VAL A 160 99.12 101.19 -14.81
N SER A 161 99.23 102.44 -15.25
CA SER A 161 99.41 103.56 -14.34
C SER A 161 98.11 103.87 -13.61
N SER A 162 98.24 104.61 -12.51
CA SER A 162 97.11 104.90 -11.64
C SER A 162 96.04 105.73 -12.35
N ALA A 163 96.46 106.71 -13.16
CA ALA A 163 95.49 107.50 -13.92
C ALA A 163 94.71 106.62 -14.89
N VAL A 164 95.40 105.69 -15.55
CA VAL A 164 94.74 104.75 -16.45
C VAL A 164 93.82 103.83 -15.67
N LYS A 165 94.22 103.45 -14.45
CA LYS A 165 93.35 102.62 -13.61
C LYS A 165 92.07 103.36 -13.24
N ALA A 166 92.18 104.64 -12.88
CA ALA A 166 91.00 105.45 -12.59
C ALA A 166 90.12 105.58 -13.81
N GLU A 167 90.72 105.74 -14.98
CA GLU A 167 89.97 105.77 -16.23
C GLU A 167 89.22 104.47 -16.46
N LEU A 168 89.91 103.33 -16.24
CA LEU A 168 89.28 102.03 -16.41
C LEU A 168 88.10 101.86 -15.46
N ARG A 169 88.26 102.32 -14.21
CA ARG A 169 87.17 102.29 -13.25
C ARG A 169 85.99 103.11 -13.77
N GLN A 170 86.28 104.30 -14.33
CA GLN A 170 85.22 105.16 -14.83
C GLN A 170 84.47 104.51 -15.99
N TYR A 171 85.20 103.89 -16.93
CA TYR A 171 84.53 103.26 -18.06
C TYR A 171 83.75 102.01 -17.63
N PHE A 172 84.27 101.24 -16.68
CA PHE A 172 83.49 100.11 -16.16
C PHE A 172 82.22 100.59 -15.48
N ARG A 173 82.31 101.68 -14.72
CA ARG A 173 81.12 102.24 -14.08
C ARG A 173 80.11 102.73 -15.12
N ASN A 174 80.59 103.38 -16.18
CA ASN A 174 79.70 103.81 -17.26
C ASN A 174 79.05 102.60 -17.94
N LEU A 175 79.85 101.55 -18.18
CA LEU A 175 79.36 100.34 -18.84
C LEU A 175 78.29 99.65 -18.00
N CYS A 176 78.50 99.60 -16.68
CA CYS A 176 77.51 99.02 -15.78
C CYS A 176 76.21 99.81 -15.80
N SER A 177 76.30 101.14 -15.81
CA SER A 177 75.14 102.02 -15.81
C SER A 177 74.59 102.28 -17.20
N ASP A 178 74.96 101.49 -18.20
CA ASP A 178 74.46 101.70 -19.54
C ASP A 178 72.98 101.35 -19.63
N ASP A 179 72.29 102.01 -20.57
CA ASP A 179 70.87 101.77 -20.78
C ASP A 179 70.58 100.41 -21.41
N THR A 180 71.56 99.78 -22.00
CA THR A 180 71.32 98.55 -22.76
C THR A 180 71.36 97.35 -21.81
N PRO A 181 70.38 96.44 -21.89
CA PRO A 181 70.33 95.33 -20.90
C PRO A 181 71.51 94.37 -20.96
N MET A 182 71.81 93.76 -22.12
CA MET A 182 72.86 92.75 -22.17
C MET A 182 74.24 93.31 -21.84
N VAL A 183 74.46 94.61 -22.10
CA VAL A 183 75.68 95.25 -21.64
C VAL A 183 75.76 95.22 -20.12
N ARG A 184 74.64 95.52 -19.45
CA ARG A 184 74.60 95.44 -18.00
C ARG A 184 74.77 94.02 -17.51
N ARG A 185 74.23 93.05 -18.24
CA ARG A 185 74.41 91.64 -17.89
C ARG A 185 75.88 91.25 -17.93
N ALA A 186 76.57 91.62 -19.02
CA ALA A 186 77.99 91.31 -19.15
C ALA A 186 78.80 92.01 -18.06
N ALA A 187 78.47 93.28 -17.78
CA ALA A 187 79.17 94.03 -16.76
C ALA A 187 78.99 93.40 -15.38
N ALA A 188 77.77 92.98 -15.06
CA ALA A 188 77.51 92.31 -13.79
C ALA A 188 78.22 90.97 -13.71
N SER A 189 78.26 90.23 -14.82
CA SER A 189 78.96 88.95 -14.84
C SER A 189 80.46 89.14 -14.60
N LYS A 190 81.05 90.17 -15.19
CA LYS A 190 82.49 90.38 -15.09
C LYS A 190 82.86 91.23 -13.87
N LEU A 191 81.89 91.73 -13.12
CA LEU A 191 82.18 92.57 -11.96
C LEU A 191 82.97 91.81 -10.90
N GLY A 192 82.63 90.55 -10.65
CA GLY A 192 83.35 89.76 -9.66
C GLY A 192 84.82 89.60 -9.99
N GLU A 193 85.12 89.23 -11.24
CA GLU A 193 86.50 89.10 -11.68
C GLU A 193 87.22 90.44 -11.69
N PHE A 194 86.55 91.51 -12.12
CA PHE A 194 87.19 92.81 -12.21
C PHE A 194 87.51 93.36 -10.83
N ALA A 195 86.59 93.24 -9.88
CA ALA A 195 86.81 93.76 -8.53
C ALA A 195 87.84 92.98 -7.74
N LYS A 196 88.25 91.80 -8.22
CA LYS A 196 89.26 91.00 -7.53
C LYS A 196 90.58 91.74 -7.40
N VAL A 197 90.98 92.49 -8.43
CA VAL A 197 92.32 93.04 -8.48
C VAL A 197 92.39 94.49 -8.03
N LEU A 198 91.25 95.16 -7.86
CA LEU A 198 91.26 96.58 -7.53
C LEU A 198 91.75 96.83 -6.11
N GLU A 199 92.03 98.10 -5.83
CA GLU A 199 92.32 98.53 -4.47
C GLU A 199 91.04 98.54 -3.65
N LEU A 200 91.16 98.16 -2.37
CA LEU A 200 89.99 97.95 -1.52
C LEU A 200 89.20 99.25 -1.32
N ASP A 201 89.92 100.34 -1.05
CA ASP A 201 89.26 101.64 -0.92
C ASP A 201 88.59 102.02 -2.23
N ASN A 202 89.26 101.77 -3.36
CA ASN A 202 88.65 102.02 -4.65
C ASN A 202 87.46 101.11 -4.90
N VAL A 203 87.50 99.86 -4.39
CA VAL A 203 86.35 98.97 -4.47
C VAL A 203 85.16 99.59 -3.76
N LYS A 204 85.38 100.04 -2.52
CA LYS A 204 84.30 100.66 -1.74
C LYS A 204 83.76 101.91 -2.44
N SER A 205 84.66 102.73 -2.99
CA SER A 205 84.25 104.01 -3.55
C SER A 205 83.51 103.84 -4.88
N GLU A 206 83.99 102.95 -5.74
CA GLU A 206 83.50 102.85 -7.12
C GLU A 206 82.64 101.62 -7.36
N ILE A 207 83.10 100.44 -6.92
CA ILE A 207 82.41 99.20 -7.23
C ILE A 207 81.11 99.09 -6.43
N ILE A 208 81.20 99.32 -5.12
CA ILE A 208 80.06 99.05 -4.23
C ILE A 208 78.81 99.87 -4.56
N PRO A 209 78.87 101.21 -4.76
CA PRO A 209 77.64 101.93 -5.12
C PRO A 209 77.01 101.45 -6.41
N MET A 210 77.85 101.17 -7.42
CA MET A 210 77.35 100.67 -8.68
C MET A 210 76.83 99.24 -8.55
N PHE A 211 77.45 98.44 -7.68
CA PHE A 211 76.94 97.10 -7.39
C PHE A 211 75.54 97.16 -6.78
N SER A 212 75.36 98.04 -5.79
CA SER A 212 74.06 98.22 -5.18
C SER A 212 73.04 98.72 -6.19
N ASN A 213 73.47 99.61 -7.09
CA ASN A 213 72.61 100.04 -8.19
C ASN A 213 72.22 98.87 -9.08
N LEU A 214 73.17 97.96 -9.36
CA LEU A 214 72.87 96.79 -10.17
C LEU A 214 71.84 95.89 -9.51
N ALA A 215 71.96 95.70 -8.19
CA ALA A 215 71.00 94.88 -7.46
C ALA A 215 69.59 95.45 -7.46
N SER A 216 69.45 96.76 -7.72
CA SER A 216 68.15 97.42 -7.71
C SER A 216 67.66 97.75 -9.11
N ASP A 217 68.15 97.05 -10.12
CA ASP A 217 67.83 97.38 -11.50
C ASP A 217 66.42 96.92 -11.85
N GLU A 218 65.93 97.40 -12.98
CA GLU A 218 64.61 97.00 -13.47
C GLU A 218 64.61 95.54 -13.94
N GLN A 219 65.62 95.13 -14.70
CA GLN A 219 65.68 93.78 -15.21
C GLN A 219 66.04 92.80 -14.10
N ASP A 220 65.64 91.54 -14.29
CA ASP A 220 65.89 90.51 -13.29
C ASP A 220 67.16 89.72 -13.55
N SER A 221 67.56 89.56 -14.82
CA SER A 221 68.80 88.84 -15.13
C SER A 221 70.01 89.58 -14.58
N VAL A 222 70.00 90.91 -14.68
CA VAL A 222 71.09 91.71 -14.13
C VAL A 222 71.14 91.56 -12.61
N ARG A 223 69.96 91.49 -11.95
CA ARG A 223 69.95 91.26 -10.51
C ARG A 223 70.48 89.87 -10.17
N LEU A 224 70.16 88.87 -10.99
CA LEU A 224 70.68 87.53 -10.79
C LEU A 224 72.21 87.52 -10.85
N LEU A 225 72.77 88.18 -11.86
CA LEU A 225 74.22 88.25 -11.95
C LEU A 225 74.81 89.10 -10.82
N ALA A 226 74.08 90.10 -10.35
CA ALA A 226 74.54 90.87 -9.18
C ALA A 226 74.67 89.98 -7.96
N VAL A 227 73.68 89.12 -7.70
CA VAL A 227 73.78 88.24 -6.54
C VAL A 227 74.87 87.21 -6.76
N GLU A 228 75.06 86.76 -8.01
CA GLU A 228 76.21 85.91 -8.33
C GLU A 228 77.51 86.56 -7.87
N ALA A 229 77.72 87.82 -8.23
CA ALA A 229 78.93 88.55 -7.86
C ALA A 229 78.97 88.96 -6.39
N CYS A 230 77.83 88.87 -5.69
CA CYS A 230 77.74 89.28 -4.30
C CYS A 230 78.69 88.51 -3.40
N VAL A 231 78.86 87.21 -3.66
CA VAL A 231 79.76 86.37 -2.87
C VAL A 231 81.19 86.89 -2.95
N ASN A 232 81.68 87.10 -4.17
CA ASN A 232 83.06 87.57 -4.34
C ASN A 232 83.23 88.95 -3.73
N ILE A 233 82.23 89.83 -3.92
CA ILE A 233 82.32 91.18 -3.40
C ILE A 233 82.37 91.18 -1.87
N ALA A 234 81.54 90.34 -1.24
CA ALA A 234 81.58 90.20 0.21
C ALA A 234 82.92 89.63 0.66
N GLN A 235 83.44 88.65 -0.07
CA GLN A 235 84.71 88.02 0.29
C GLN A 235 85.86 89.01 0.24
N LEU A 236 85.80 89.96 -0.69
CA LEU A 236 86.90 90.93 -0.84
C LEU A 236 86.97 91.88 0.35
N LEU A 237 85.82 92.30 0.88
CA LEU A 237 85.78 93.41 1.80
C LEU A 237 86.22 92.99 3.20
N PRO A 238 86.70 93.94 4.00
CA PRO A 238 86.90 93.67 5.43
C PRO A 238 85.58 93.43 6.15
N GLN A 239 85.64 92.64 7.22
CA GLN A 239 84.44 92.23 7.94
C GLN A 239 83.76 93.39 8.65
N GLU A 240 84.52 94.44 9.01
CA GLU A 240 83.92 95.58 9.70
C GLU A 240 83.02 96.42 8.81
N ASP A 241 83.06 96.20 7.50
CA ASP A 241 82.33 97.02 6.54
C ASP A 241 81.10 96.35 5.95
N LEU A 242 80.90 95.05 6.20
CA LEU A 242 79.85 94.31 5.49
C LEU A 242 78.45 94.64 5.98
N GLU A 243 78.29 95.06 7.24
CA GLU A 243 76.97 95.41 7.74
C GLU A 243 76.35 96.59 6.97
N ALA A 244 77.16 97.52 6.49
CA ALA A 244 76.68 98.71 5.81
C ALA A 244 76.83 98.65 4.30
N LEU A 245 77.57 97.70 3.76
CA LEU A 245 77.89 97.65 2.34
C LEU A 245 77.20 96.49 1.64
N VAL A 246 77.41 95.27 2.11
CA VAL A 246 76.89 94.07 1.46
C VAL A 246 75.56 93.64 2.04
N MET A 247 75.46 93.61 3.37
CA MET A 247 74.26 93.08 4.03
C MET A 247 72.94 93.74 3.61
N PRO A 248 72.83 95.08 3.49
CA PRO A 248 71.57 95.63 2.95
C PRO A 248 71.27 95.15 1.55
N THR A 249 72.31 94.97 0.73
CA THR A 249 72.13 94.48 -0.63
C THR A 249 71.64 93.03 -0.63
N LEU A 250 72.21 92.19 0.25
CA LEU A 250 71.74 90.82 0.37
C LEU A 250 70.31 90.76 0.88
N ARG A 251 69.96 91.65 1.82
CA ARG A 251 68.59 91.73 2.31
C ARG A 251 67.62 92.11 1.20
N GLN A 252 68.01 93.09 0.38
CA GLN A 252 67.21 93.48 -0.78
C GLN A 252 67.04 92.31 -1.74
N ALA A 253 68.14 91.62 -2.04
CA ALA A 253 68.12 90.55 -3.04
C ALA A 253 67.28 89.36 -2.58
N ALA A 254 67.45 88.95 -1.32
CA ALA A 254 66.74 87.77 -0.81
C ALA A 254 65.23 87.94 -0.84
N GLU A 255 64.74 89.18 -0.78
CA GLU A 255 63.32 89.48 -0.83
C GLU A 255 62.85 89.90 -2.22
N ASP A 256 63.66 89.70 -3.26
CA ASP A 256 63.30 90.12 -4.61
C ASP A 256 62.06 89.39 -5.11
N LYS A 257 61.28 90.09 -5.94
CA LYS A 257 60.06 89.50 -6.49
C LYS A 257 60.35 88.31 -7.37
N SER A 258 61.40 88.37 -8.19
CA SER A 258 61.73 87.29 -9.10
C SER A 258 62.30 86.10 -8.33
N TRP A 259 61.82 84.90 -8.64
CA TRP A 259 62.32 83.73 -7.95
C TRP A 259 63.69 83.30 -8.44
N ARG A 260 64.12 83.74 -9.62
CA ARG A 260 65.46 83.41 -10.08
C ARG A 260 66.52 84.07 -9.22
N VAL A 261 66.30 85.33 -8.87
CA VAL A 261 67.25 86.07 -8.04
C VAL A 261 67.34 85.45 -6.66
N ARG A 262 66.19 85.10 -6.07
CA ARG A 262 66.18 84.45 -4.77
C ARG A 262 66.83 83.07 -4.82
N TYR A 263 66.58 82.32 -5.89
CA TYR A 263 67.23 81.03 -6.08
C TYR A 263 68.74 81.18 -6.06
N MET A 264 69.27 82.05 -6.91
CA MET A 264 70.72 82.09 -7.04
C MET A 264 71.33 82.75 -5.81
N VAL A 265 70.54 83.51 -5.05
CA VAL A 265 70.94 83.86 -3.69
C VAL A 265 71.08 82.60 -2.84
N ALA A 266 70.12 81.67 -2.96
CA ALA A 266 70.13 80.47 -2.12
C ALA A 266 71.34 79.59 -2.42
N ASP A 267 71.67 79.35 -3.70
CA ASP A 267 72.86 78.51 -3.96
C ASP A 267 74.14 79.16 -3.44
N LYS A 268 74.19 80.49 -3.40
CA LYS A 268 75.38 81.21 -2.99
C LYS A 268 75.41 81.49 -1.50
N PHE A 269 74.44 80.96 -0.75
CA PHE A 269 74.28 81.33 0.66
C PHE A 269 75.45 80.86 1.51
N THR A 270 75.95 79.65 1.27
CA THR A 270 77.02 79.09 2.08
C THR A 270 78.30 79.91 1.93
N GLU A 271 78.61 80.33 0.71
CA GLU A 271 79.78 81.15 0.47
C GLU A 271 79.63 82.53 1.12
N LEU A 272 78.42 83.09 1.09
CA LEU A 272 78.15 84.32 1.83
C LEU A 272 78.41 84.15 3.32
N GLN A 273 77.93 83.03 3.87
CA GLN A 273 78.15 82.72 5.29
C GLN A 273 79.64 82.65 5.60
N LYS A 274 80.39 81.96 4.75
CA LYS A 274 81.84 81.85 4.94
C LYS A 274 82.52 83.21 4.85
N ALA A 275 82.08 84.04 3.90
CA ALA A 275 82.74 85.31 3.65
C ALA A 275 82.50 86.30 4.77
N VAL A 276 81.23 86.46 5.20
CA VAL A 276 80.92 87.59 6.07
C VAL A 276 81.27 87.34 7.53
N GLY A 277 81.55 86.11 7.93
CA GLY A 277 81.96 85.82 9.29
C GLY A 277 80.76 85.47 10.15
N PRO A 278 80.99 84.60 11.16
CA PRO A 278 79.87 83.94 11.84
C PRO A 278 78.89 84.84 12.57
N GLU A 279 79.36 85.91 13.22
CA GLU A 279 78.46 86.74 14.02
C GLU A 279 77.46 87.45 13.13
N ILE A 280 77.91 87.92 11.97
CA ILE A 280 77.03 88.59 11.00
C ILE A 280 75.99 87.59 10.49
N THR A 281 76.37 86.33 10.31
CA THR A 281 75.41 85.31 9.87
C THR A 281 74.36 85.07 10.94
N LYS A 282 74.81 84.85 12.18
CA LYS A 282 73.89 84.68 13.30
C LYS A 282 72.89 85.83 13.38
N THR A 283 73.37 87.07 13.21
CA THR A 283 72.50 88.22 13.37
C THR A 283 71.54 88.40 12.19
N ASP A 284 72.03 88.25 10.96
CA ASP A 284 71.30 88.72 9.79
C ASP A 284 70.98 87.65 8.76
N LEU A 285 71.73 86.56 8.69
CA LEU A 285 71.50 85.61 7.60
C LEU A 285 70.40 84.61 7.92
N VAL A 286 70.24 84.24 9.19
CA VAL A 286 69.32 83.16 9.53
C VAL A 286 67.84 83.53 9.27
N PRO A 287 67.37 84.80 9.36
CA PRO A 287 66.01 85.04 8.86
C PRO A 287 65.93 84.92 7.35
N ALA A 288 66.98 85.36 6.64
CA ALA A 288 67.03 85.21 5.19
C ALA A 288 67.00 83.74 4.80
N PHE A 289 67.76 82.90 5.50
CA PHE A 289 67.71 81.47 5.26
C PHE A 289 66.32 80.92 5.60
N GLN A 290 65.73 81.40 6.69
CA GLN A 290 64.41 80.92 7.12
C GLN A 290 63.36 81.17 6.05
N ASN A 291 63.24 82.41 5.58
CA ASN A 291 62.19 82.66 4.60
C ASN A 291 62.60 82.22 3.20
N LEU A 292 63.87 81.86 2.98
CA LEU A 292 64.18 81.11 1.76
C LEU A 292 63.65 79.69 1.84
N MET A 293 63.78 79.05 3.00
CA MET A 293 63.21 77.71 3.14
C MET A 293 61.69 77.74 3.18
N LYS A 294 61.11 78.78 3.76
CA LYS A 294 59.65 78.94 3.82
C LYS A 294 59.09 79.65 2.60
N ASP A 295 59.89 79.87 1.57
CA ASP A 295 59.49 80.60 0.38
C ASP A 295 58.39 79.86 -0.39
N CYS A 296 57.64 80.62 -1.20
CA CYS A 296 56.55 80.04 -1.98
C CYS A 296 57.05 79.16 -3.12
N GLU A 297 58.13 79.57 -3.78
CA GLU A 297 58.57 78.86 -4.98
C GLU A 297 59.33 77.59 -4.62
N ALA A 298 59.11 76.54 -5.42
CA ALA A 298 59.75 75.25 -5.13
C ALA A 298 61.23 75.26 -5.48
N GLU A 299 61.62 76.00 -6.52
CA GLU A 299 63.02 76.02 -6.94
C GLU A 299 63.91 76.60 -5.86
N VAL A 300 63.50 77.73 -5.30
CA VAL A 300 64.30 78.36 -4.26
C VAL A 300 64.28 77.52 -2.99
N ARG A 301 63.17 76.84 -2.70
CA ARG A 301 63.11 75.96 -1.54
C ARG A 301 64.08 74.80 -1.68
N ALA A 302 64.14 74.20 -2.87
CA ALA A 302 65.09 73.13 -3.11
C ALA A 302 66.53 73.63 -3.03
N ALA A 303 66.78 74.83 -3.58
CA ALA A 303 68.12 75.39 -3.53
C ALA A 303 68.55 75.66 -2.09
N ALA A 304 67.63 76.16 -1.25
CA ALA A 304 67.95 76.41 0.14
C ALA A 304 68.12 75.12 0.92
N SER A 305 67.34 74.08 0.58
CA SER A 305 67.38 72.84 1.33
C SER A 305 68.75 72.18 1.24
N HIS A 306 69.37 72.18 0.06
CA HIS A 306 70.67 71.55 -0.10
C HIS A 306 71.78 72.29 0.64
N LYS A 307 71.53 73.52 1.06
CA LYS A 307 72.51 74.33 1.75
C LYS A 307 72.34 74.29 3.27
N VAL A 308 71.40 73.50 3.78
CA VAL A 308 71.11 73.49 5.21
C VAL A 308 72.29 72.94 6.01
N LYS A 309 72.83 71.80 5.58
CA LYS A 309 73.95 71.18 6.29
C LYS A 309 75.18 72.08 6.27
N GLU A 310 75.55 72.56 5.07
CA GLU A 310 76.72 73.42 4.94
C GLU A 310 76.57 74.71 5.74
N PHE A 311 75.35 75.26 5.78
CA PHE A 311 75.12 76.47 6.55
C PHE A 311 75.27 76.22 8.04
N CYS A 312 74.58 75.20 8.54
CA CYS A 312 74.55 74.96 9.99
C CYS A 312 75.91 74.52 10.51
N GLU A 313 76.64 73.71 9.73
CA GLU A 313 77.96 73.23 10.17
C GLU A 313 78.96 74.36 10.37
N ASN A 314 78.78 75.47 9.66
CA ASN A 314 79.77 76.54 9.65
C ASN A 314 79.50 77.64 10.68
N LEU A 315 78.41 77.54 11.44
CA LEU A 315 78.16 78.56 12.45
C LEU A 315 79.08 78.38 13.65
N SER A 316 79.05 79.37 14.55
CA SER A 316 79.82 79.27 15.78
C SER A 316 79.18 78.26 16.70
N ALA A 317 79.99 77.32 17.21
CA ALA A 317 79.48 76.22 18.02
C ALA A 317 78.78 76.68 19.29
N ASP A 318 79.16 77.84 19.83
CA ASP A 318 78.53 78.34 21.05
C ASP A 318 77.05 78.62 20.83
N CYS A 319 76.70 79.19 19.68
CA CYS A 319 75.34 79.59 19.37
C CYS A 319 74.76 78.79 18.20
N ARG A 320 75.26 77.58 17.98
CA ARG A 320 74.92 76.83 16.77
C ARG A 320 73.59 76.08 16.93
N GLU A 321 73.54 75.18 17.92
CA GLU A 321 72.34 74.36 18.13
C GLU A 321 71.12 75.21 18.44
N ASN A 322 71.30 76.32 19.16
CA ASN A 322 70.17 77.22 19.43
C ASN A 322 69.59 77.74 18.12
N VAL A 323 70.46 78.19 17.21
CA VAL A 323 70.01 78.64 15.89
C VAL A 323 69.27 77.52 15.16
N ILE A 324 69.85 76.32 15.17
CA ILE A 324 69.29 75.22 14.39
C ILE A 324 67.89 74.87 14.87
N MET A 325 67.71 74.63 16.18
CA MET A 325 66.40 74.20 16.64
C MET A 325 65.40 75.36 16.65
N SER A 326 65.87 76.59 16.86
CA SER A 326 64.93 77.70 16.95
C SER A 326 64.46 78.17 15.58
N GLN A 327 65.32 78.09 14.56
CA GLN A 327 64.98 78.64 13.25
C GLN A 327 64.96 77.59 12.15
N ILE A 328 65.96 76.70 12.11
CA ILE A 328 66.08 75.79 10.96
C ILE A 328 65.11 74.63 11.08
N LEU A 329 65.04 74.01 12.26
CA LEU A 329 64.36 72.72 12.40
C LEU A 329 62.87 72.74 12.05
N PRO A 330 62.03 73.71 12.50
CA PRO A 330 60.63 73.69 12.05
C PRO A 330 60.48 73.83 10.56
N CYS A 331 61.34 74.66 9.94
CA CYS A 331 61.33 74.79 8.49
C CYS A 331 61.67 73.47 7.82
N ILE A 332 62.61 72.71 8.39
CA ILE A 332 62.92 71.38 7.89
C ILE A 332 61.69 70.48 8.01
N LYS A 333 61.00 70.57 9.16
CA LYS A 333 59.81 69.75 9.38
C LYS A 333 58.75 70.02 8.33
N GLU A 334 58.60 71.29 7.94
CA GLU A 334 57.64 71.61 6.89
C GLU A 334 58.15 71.22 5.51
N LEU A 335 59.47 71.21 5.29
CA LEU A 335 60.00 70.80 4.00
C LEU A 335 59.92 69.30 3.79
N VAL A 336 59.98 68.50 4.87
CA VAL A 336 59.93 67.05 4.74
C VAL A 336 58.59 66.61 4.13
N SER A 337 57.52 67.37 4.41
CA SER A 337 56.20 67.09 3.85
C SER A 337 55.87 67.99 2.67
N ASP A 338 56.88 68.54 1.99
CA ASP A 338 56.64 69.43 0.86
C ASP A 338 55.95 68.69 -0.28
N ALA A 339 55.09 69.43 -0.99
CA ALA A 339 54.38 68.86 -2.13
C ALA A 339 55.33 68.46 -3.24
N ASN A 340 56.31 69.31 -3.53
CA ASN A 340 57.25 69.05 -4.61
C ASN A 340 58.26 68.00 -4.16
N GLN A 341 58.48 66.98 -5.01
CA GLN A 341 59.44 65.95 -4.67
C GLN A 341 60.90 66.39 -4.82
N HIS A 342 61.17 67.38 -5.68
CA HIS A 342 62.54 67.84 -5.84
C HIS A 342 63.05 68.54 -4.60
N VAL A 343 62.18 69.30 -3.92
CA VAL A 343 62.54 69.94 -2.67
C VAL A 343 62.87 68.89 -1.61
N LYS A 344 62.04 67.85 -1.53
CA LYS A 344 62.26 66.79 -0.56
C LYS A 344 63.56 66.06 -0.84
N SER A 345 63.84 65.79 -2.12
CA SER A 345 65.08 65.13 -2.49
C SER A 345 66.29 65.99 -2.16
N ALA A 346 66.21 67.30 -2.43
CA ALA A 346 67.32 68.20 -2.10
C ALA A 346 67.54 68.25 -0.59
N LEU A 347 66.46 68.21 0.19
CA LEU A 347 66.60 68.20 1.64
C LEU A 347 67.19 66.88 2.13
N ALA A 348 66.81 65.77 1.49
CA ALA A 348 67.21 64.44 1.94
C ALA A 348 68.71 64.23 1.84
N SER A 349 69.34 64.78 0.80
CA SER A 349 70.75 64.56 0.55
C SER A 349 71.66 65.16 1.63
N VAL A 350 71.13 66.01 2.50
CA VAL A 350 71.97 66.72 3.46
C VAL A 350 71.45 66.62 4.90
N ILE A 351 70.24 66.09 5.08
CA ILE A 351 69.58 66.17 6.38
C ILE A 351 70.31 65.34 7.44
N MET A 352 70.86 64.18 7.07
CA MET A 352 71.59 63.37 8.04
C MET A 352 72.86 64.04 8.54
N GLY A 353 73.40 65.00 7.81
CA GLY A 353 74.58 65.72 8.28
C GLY A 353 74.37 66.50 9.56
N LEU A 354 73.12 66.75 9.93
CA LEU A 354 72.81 67.46 11.17
C LEU A 354 72.96 66.61 12.41
N SER A 355 73.11 65.29 12.25
CA SER A 355 73.17 64.39 13.41
C SER A 355 74.35 64.69 14.34
N PRO A 356 75.62 64.74 13.89
CA PRO A 356 76.69 65.07 14.84
C PRO A 356 76.58 66.45 15.43
N ILE A 357 76.05 67.40 14.64
CA ILE A 357 75.92 68.78 15.09
C ILE A 357 74.93 68.88 16.25
N LEU A 358 73.75 68.28 16.08
CA LEU A 358 72.71 68.35 17.11
C LEU A 358 73.05 67.52 18.33
N GLY A 359 73.73 66.40 18.16
CA GLY A 359 74.00 65.48 19.24
C GLY A 359 73.07 64.28 19.16
N LYS A 360 73.26 63.37 20.11
CA LYS A 360 72.53 62.11 20.07
C LYS A 360 71.07 62.28 20.45
N ASP A 361 70.80 62.91 21.59
CA ASP A 361 69.43 63.03 22.09
C ASP A 361 68.58 63.91 21.19
N ASN A 362 69.15 65.02 20.69
CA ASN A 362 68.43 65.87 19.76
C ASN A 362 68.10 65.13 18.47
N THR A 363 69.05 64.33 17.97
CA THR A 363 68.82 63.53 16.77
C THR A 363 67.68 62.55 16.98
N ILE A 364 67.67 61.87 18.13
CA ILE A 364 66.64 60.88 18.40
C ILE A 364 65.28 61.56 18.52
N GLU A 365 65.21 62.67 19.26
CA GLU A 365 63.92 63.27 19.54
C GLU A 365 63.36 64.02 18.34
N HIS A 366 64.22 64.61 17.51
CA HIS A 366 63.77 65.52 16.47
C HIS A 366 64.12 65.06 15.07
N LEU A 367 65.37 64.63 14.83
CA LEU A 367 65.77 64.30 13.46
C LEU A 367 65.27 62.93 13.03
N LEU A 368 65.23 61.97 13.95
CA LEU A 368 64.87 60.61 13.59
C LEU A 368 63.46 60.47 13.01
N PRO A 369 62.40 61.11 13.54
CA PRO A 369 61.11 61.07 12.83
C PRO A 369 61.18 61.66 11.43
N LEU A 370 61.99 62.70 11.23
CA LEU A 370 62.15 63.27 9.90
C LEU A 370 62.84 62.30 8.95
N PHE A 371 63.84 61.56 9.44
CA PHE A 371 64.45 60.51 8.63
C PHE A 371 63.42 59.44 8.28
N LEU A 372 62.64 59.01 9.27
CA LEU A 372 61.66 57.94 9.05
C LEU A 372 60.61 58.35 8.04
N ALA A 373 60.14 59.61 8.11
CA ALA A 373 59.16 60.10 7.16
C ALA A 373 59.72 60.11 5.74
N GLN A 374 60.97 60.49 5.59
CA GLN A 374 61.60 60.53 4.26
C GLN A 374 61.99 59.15 3.76
N LEU A 375 62.18 58.19 4.66
CA LEU A 375 62.48 56.83 4.27
C LEU A 375 61.28 56.11 3.70
N LYS A 376 60.07 56.60 3.97
CA LYS A 376 58.85 56.00 3.46
C LYS A 376 58.20 56.87 2.39
N ASP A 377 58.98 57.74 1.74
CA ASP A 377 58.43 58.63 0.74
C ASP A 377 58.12 57.87 -0.55
N GLU A 378 57.17 58.40 -1.32
CA GLU A 378 56.87 57.81 -2.62
C GLU A 378 58.00 58.04 -3.62
N CYS A 379 58.60 59.22 -3.60
CA CYS A 379 59.64 59.55 -4.57
C CYS A 379 60.89 58.72 -4.32
N PRO A 380 61.39 57.99 -5.33
CA PRO A 380 62.64 57.24 -5.15
C PRO A 380 63.86 58.08 -4.85
N GLU A 381 63.93 59.31 -5.38
CA GLU A 381 65.10 60.16 -5.13
C GLU A 381 65.25 60.46 -3.65
N VAL A 382 64.14 60.68 -2.96
CA VAL A 382 64.17 60.95 -1.52
C VAL A 382 64.76 59.75 -0.79
N ARG A 383 64.24 58.54 -1.06
CA ARG A 383 64.72 57.34 -0.39
C ARG A 383 66.19 57.10 -0.67
N LEU A 384 66.60 57.30 -1.92
CA LEU A 384 67.99 57.08 -2.28
C LEU A 384 68.91 58.08 -1.58
N ASN A 385 68.53 59.35 -1.54
CA ASN A 385 69.37 60.36 -0.90
C ASN A 385 69.44 60.18 0.61
N ILE A 386 68.39 59.66 1.24
CA ILE A 386 68.41 59.47 2.68
C ILE A 386 69.43 58.41 3.09
N ILE A 387 69.43 57.27 2.41
CA ILE A 387 70.21 56.13 2.88
C ILE A 387 71.70 56.39 2.74
N SER A 388 72.10 57.17 1.72
CA SER A 388 73.51 57.33 1.35
C SER A 388 74.36 57.88 2.49
N ASN A 389 73.75 58.55 3.47
CA ASN A 389 74.47 59.16 4.57
C ASN A 389 74.06 58.51 5.88
N LEU A 390 73.97 57.19 5.91
CA LEU A 390 73.58 56.46 7.12
C LEU A 390 74.71 56.31 8.11
N ASP A 391 75.96 56.38 7.64
CA ASP A 391 77.11 56.22 8.53
C ASP A 391 77.14 57.31 9.59
N CYS A 392 76.75 58.53 9.22
CA CYS A 392 76.77 59.65 10.15
C CYS A 392 75.83 59.40 11.32
N VAL A 393 74.56 59.09 11.01
CA VAL A 393 73.57 58.86 12.07
C VAL A 393 73.93 57.62 12.87
N ASN A 394 74.51 56.60 12.21
CA ASN A 394 74.98 55.41 12.92
C ASN A 394 76.01 55.78 13.98
N GLU A 395 77.05 56.51 13.58
CA GLU A 395 78.08 56.93 14.52
C GLU A 395 77.52 57.83 15.62
N VAL A 396 76.45 58.56 15.33
CA VAL A 396 75.92 59.48 16.33
C VAL A 396 75.09 58.75 17.37
N ILE A 397 74.08 57.99 16.93
CA ILE A 397 73.11 57.41 17.85
C ILE A 397 73.42 55.95 18.19
N GLY A 398 74.56 55.43 17.74
CA GLY A 398 74.84 54.04 17.97
C GLY A 398 73.92 53.16 17.14
N ILE A 399 73.93 51.87 17.46
CA ILE A 399 73.16 50.91 16.69
C ILE A 399 71.94 50.39 17.45
N ARG A 400 71.89 50.55 18.78
CA ARG A 400 70.68 50.17 19.50
C ARG A 400 69.50 50.99 19.01
N GLN A 401 69.70 52.30 18.85
CA GLN A 401 68.64 53.14 18.34
C GLN A 401 68.38 52.88 16.86
N LEU A 402 69.43 52.50 16.11
CA LEU A 402 69.23 52.12 14.71
C LEU A 402 68.34 50.90 14.58
N SER A 403 68.64 49.85 15.36
CA SER A 403 67.80 48.65 15.35
C SER A 403 66.39 48.97 15.83
N GLN A 404 66.26 49.86 16.81
CA GLN A 404 64.93 50.19 17.31
C GLN A 404 64.10 50.95 16.28
N SER A 405 64.70 51.94 15.61
CA SER A 405 63.94 52.88 14.81
C SER A 405 64.07 52.66 13.31
N LEU A 406 65.29 52.57 12.79
CA LEU A 406 65.51 52.64 11.35
C LEU A 406 65.65 51.28 10.69
N LEU A 407 66.03 50.25 11.43
CA LEU A 407 66.18 48.92 10.84
C LEU A 407 64.91 48.36 10.19
N PRO A 408 63.71 48.42 10.81
CA PRO A 408 62.52 47.95 10.07
C PRO A 408 62.25 48.76 8.81
N ALA A 409 62.60 50.04 8.81
CA ALA A 409 62.37 50.87 7.63
C ALA A 409 63.34 50.51 6.51
N ILE A 410 64.61 50.28 6.84
CA ILE A 410 65.57 49.94 5.79
C ILE A 410 65.36 48.52 5.29
N VAL A 411 64.92 47.59 6.15
CA VAL A 411 64.59 46.24 5.70
C VAL A 411 63.49 46.29 4.66
N GLU A 412 62.51 47.18 4.86
CA GLU A 412 61.47 47.40 3.86
C GLU A 412 62.04 47.95 2.56
N LEU A 413 63.16 48.65 2.62
CA LEU A 413 63.79 49.22 1.44
C LEU A 413 64.75 48.27 0.74
N ALA A 414 65.04 47.12 1.34
CA ALA A 414 65.79 46.08 0.64
C ALA A 414 64.99 45.44 -0.48
N GLU A 415 63.70 45.70 -0.57
CA GLU A 415 62.85 45.19 -1.63
C GLU A 415 62.27 46.34 -2.45
N ASP A 416 63.00 47.44 -2.54
CA ASP A 416 62.52 48.63 -3.22
C ASP A 416 62.40 48.37 -4.72
N ALA A 417 61.51 49.13 -5.36
CA ALA A 417 61.34 49.00 -6.80
C ALA A 417 62.59 49.44 -7.56
N LYS A 418 63.17 50.57 -7.16
CA LYS A 418 64.37 51.05 -7.81
C LYS A 418 65.59 50.38 -7.24
N TRP A 419 66.49 49.93 -8.11
CA TRP A 419 67.61 49.12 -7.67
C TRP A 419 68.71 49.93 -7.00
N ARG A 420 68.78 51.24 -7.23
CA ARG A 420 69.81 52.02 -6.56
C ARG A 420 69.56 52.14 -5.07
N VAL A 421 68.28 52.10 -4.66
CA VAL A 421 67.95 52.05 -3.24
C VAL A 421 68.47 50.76 -2.63
N ARG A 422 68.24 49.63 -3.30
CA ARG A 422 68.72 48.35 -2.81
C ARG A 422 70.24 48.32 -2.82
N LEU A 423 70.86 48.99 -3.79
CA LEU A 423 72.31 49.10 -3.83
C LEU A 423 72.85 49.84 -2.63
N ALA A 424 72.19 50.94 -2.24
CA ALA A 424 72.58 51.67 -1.04
C ALA A 424 72.46 50.79 0.21
N ILE A 425 71.38 50.03 0.30
CA ILE A 425 71.19 49.15 1.46
C ILE A 425 72.29 48.10 1.52
N ILE A 426 72.63 47.50 0.37
CA ILE A 426 73.75 46.56 0.31
C ILE A 426 75.02 47.23 0.79
N GLU A 427 75.28 48.44 0.27
CA GLU A 427 76.51 49.16 0.61
C GLU A 427 76.57 49.48 2.09
N TYR A 428 75.43 49.46 2.79
CA TYR A 428 75.42 49.83 4.18
C TYR A 428 75.24 48.62 5.08
N MET A 429 75.21 47.42 4.49
CA MET A 429 75.15 46.18 5.29
C MET A 429 76.43 45.87 6.05
N PRO A 430 77.65 45.94 5.45
CA PRO A 430 78.88 45.72 6.25
C PRO A 430 78.96 46.51 7.55
N LEU A 431 78.60 47.78 7.53
CA LEU A 431 78.59 48.61 8.74
C LEU A 431 77.73 47.94 9.82
N LEU A 432 76.47 47.68 9.48
CA LEU A 432 75.53 47.06 10.42
C LEU A 432 76.06 45.73 10.89
N ALA A 433 76.57 44.91 9.97
CA ALA A 433 77.11 43.60 10.32
C ALA A 433 78.23 43.76 11.35
N GLY A 434 79.18 44.65 11.07
CA GLY A 434 80.31 44.91 11.94
C GLY A 434 79.91 45.43 13.30
N GLN A 435 78.69 45.96 13.43
CA GLN A 435 78.22 46.52 14.68
C GLN A 435 77.13 45.66 15.33
N LEU A 436 76.82 44.50 14.77
CA LEU A 436 75.80 43.61 15.29
C LEU A 436 76.34 42.20 15.41
N GLY A 437 75.72 41.41 16.27
CA GLY A 437 76.18 40.06 16.50
C GLY A 437 75.68 39.09 15.46
N VAL A 438 76.25 37.88 15.51
CA VAL A 438 75.89 36.83 14.56
C VAL A 438 74.42 36.47 14.71
N GLU A 439 73.94 36.36 15.95
CA GLU A 439 72.57 35.92 16.21
C GLU A 439 71.55 36.89 15.63
N PHE A 440 71.70 38.18 15.95
CA PHE A 440 70.75 39.17 15.46
C PHE A 440 70.79 39.30 13.94
N PHE A 441 71.99 39.31 13.37
CA PHE A 441 72.13 39.42 11.93
C PHE A 441 71.50 38.23 11.21
N ASP A 442 71.70 37.03 11.75
CA ASP A 442 71.07 35.84 11.19
C ASP A 442 69.56 35.92 11.31
N GLU A 443 69.07 36.42 12.44
CA GLU A 443 67.63 36.54 12.64
C GLU A 443 67.00 37.49 11.63
N LYS A 444 67.65 38.62 11.37
CA LYS A 444 67.03 39.69 10.60
C LYS A 444 67.56 39.80 9.18
N LEU A 445 68.88 39.82 9.00
CA LEU A 445 69.48 40.39 7.80
C LEU A 445 70.17 39.38 6.90
N ASN A 446 70.48 38.17 7.38
CA ASN A 446 71.18 37.19 6.56
C ASN A 446 70.36 36.79 5.35
N SER A 447 69.07 36.57 5.54
CA SER A 447 68.18 36.24 4.42
C SER A 447 68.12 37.39 3.43
N LEU A 448 68.17 38.63 3.91
CA LEU A 448 68.23 39.78 3.02
C LEU A 448 69.49 39.75 2.16
N CYS A 449 70.62 39.37 2.77
CA CYS A 449 71.87 39.24 2.03
C CYS A 449 71.78 38.15 0.98
N MET A 450 71.07 37.06 1.29
CA MET A 450 70.87 36.00 0.31
C MET A 450 69.83 36.34 -0.74
N ALA A 451 68.81 37.12 -0.38
CA ALA A 451 67.76 37.46 -1.34
C ALA A 451 68.30 38.27 -2.51
N TRP A 452 69.37 39.02 -2.31
CA TRP A 452 69.89 39.86 -3.36
C TRP A 452 70.70 39.09 -4.40
N LEU A 453 71.21 37.91 -4.06
CA LEU A 453 71.99 37.14 -5.02
C LEU A 453 71.17 36.70 -6.21
N VAL A 454 69.86 36.60 -6.07
CA VAL A 454 68.98 36.22 -7.17
C VAL A 454 68.25 37.44 -7.75
N ASP A 455 68.78 38.64 -7.56
CA ASP A 455 68.12 39.83 -8.05
C ASP A 455 68.19 39.91 -9.57
N HIS A 456 67.21 40.59 -10.15
CA HIS A 456 67.20 40.78 -11.59
C HIS A 456 68.37 41.65 -12.04
N VAL A 457 68.62 42.74 -11.34
CA VAL A 457 69.69 43.66 -11.72
C VAL A 457 71.04 43.01 -11.43
N TYR A 458 71.96 43.10 -12.39
CA TYR A 458 73.28 42.52 -12.19
C TYR A 458 74.08 43.29 -11.17
N ALA A 459 73.92 44.61 -11.13
CA ALA A 459 74.64 45.43 -10.16
C ALA A 459 74.29 45.05 -8.73
N ILE A 460 73.03 44.71 -8.49
CA ILE A 460 72.63 44.24 -7.16
C ILE A 460 73.31 42.93 -6.83
N ARG A 461 73.36 42.00 -7.78
CA ARG A 461 73.98 40.70 -7.53
C ARG A 461 75.48 40.86 -7.29
N GLU A 462 76.13 41.74 -8.06
CA GLU A 462 77.54 42.03 -7.90
C GLU A 462 77.83 42.63 -6.54
N ALA A 463 77.02 43.61 -6.13
CA ALA A 463 77.20 44.25 -4.84
C ALA A 463 76.97 43.26 -3.70
N ALA A 464 75.97 42.39 -3.84
CA ALA A 464 75.72 41.39 -2.81
C ALA A 464 76.85 40.38 -2.73
N THR A 465 77.40 39.99 -3.89
CA THR A 465 78.54 39.10 -3.91
C THR A 465 79.74 39.72 -3.21
N SER A 466 80.05 40.98 -3.53
CA SER A 466 81.16 41.67 -2.88
C SER A 466 80.88 41.87 -1.39
N ASN A 467 79.61 42.03 -1.02
CA ASN A 467 79.21 42.18 0.36
C ASN A 467 79.42 40.89 1.14
N LEU A 468 79.27 39.74 0.48
CA LEU A 468 79.52 38.45 1.15
C LEU A 468 80.94 38.35 1.67
N LYS A 469 81.91 38.90 0.94
CA LYS A 469 83.29 38.87 1.38
C LYS A 469 83.45 39.59 2.72
N LYS A 470 82.87 40.79 2.83
CA LYS A 470 82.95 41.54 4.07
C LYS A 470 82.20 40.84 5.19
N LEU A 471 81.05 40.24 4.87
CA LEU A 471 80.28 39.52 5.86
C LEU A 471 81.06 38.34 6.43
N VAL A 472 81.75 37.60 5.56
CA VAL A 472 82.55 36.47 6.04
C VAL A 472 83.75 36.97 6.82
N GLU A 473 84.36 38.08 6.38
CA GLU A 473 85.46 38.68 7.13
C GLU A 473 85.03 39.05 8.54
N LYS A 474 83.79 39.52 8.70
CA LYS A 474 83.32 39.92 10.00
C LYS A 474 82.94 38.72 10.85
N PHE A 475 82.09 37.83 10.34
CA PHE A 475 81.49 36.79 11.16
C PHE A 475 82.19 35.45 11.03
N GLY A 476 83.38 35.39 10.45
CA GLY A 476 84.14 34.16 10.40
C GLY A 476 83.61 33.20 9.36
N LYS A 477 84.39 32.15 9.11
CA LYS A 477 84.05 31.19 8.07
C LYS A 477 83.18 30.03 8.54
N GLU A 478 83.11 29.78 9.85
CA GLU A 478 82.14 28.79 10.33
C GLU A 478 80.71 29.26 10.09
N TRP A 479 80.47 30.55 10.36
CA TRP A 479 79.17 31.15 10.07
C TRP A 479 78.87 31.07 8.58
N ALA A 480 79.89 31.27 7.75
CA ALA A 480 79.71 31.16 6.31
C ALA A 480 79.36 29.74 5.92
N HIS A 481 80.03 28.75 6.51
CA HIS A 481 79.75 27.36 6.19
C HIS A 481 78.35 26.97 6.64
N ALA A 482 77.85 27.59 7.70
CA ALA A 482 76.54 27.21 8.22
C ALA A 482 75.40 27.94 7.54
N THR A 483 75.62 29.18 7.11
CA THR A 483 74.53 30.02 6.62
C THR A 483 74.73 30.49 5.19
N ILE A 484 75.96 30.77 4.78
CA ILE A 484 76.21 31.38 3.48
C ILE A 484 76.32 30.32 2.40
N ILE A 485 77.21 29.34 2.62
CA ILE A 485 77.58 28.40 1.57
C ILE A 485 76.41 27.59 1.04
N PRO A 486 75.54 26.96 1.88
CA PRO A 486 74.46 26.13 1.32
C PRO A 486 73.54 26.87 0.37
N LYS A 487 73.21 28.12 0.67
CA LYS A 487 72.33 28.87 -0.22
C LYS A 487 73.04 29.36 -1.47
N VAL A 488 74.37 29.44 -1.43
CA VAL A 488 75.12 29.76 -2.65
C VAL A 488 75.21 28.55 -3.55
N LEU A 489 75.50 27.37 -2.98
CA LEU A 489 75.64 26.16 -3.78
C LEU A 489 74.35 25.79 -4.49
N ALA A 490 73.20 26.07 -3.87
CA ALA A 490 71.92 25.77 -4.50
C ALA A 490 71.74 26.51 -5.82
N MET A 491 72.29 27.72 -5.91
CA MET A 491 72.24 28.50 -7.14
C MET A 491 73.04 27.89 -8.28
N SER A 492 73.95 26.95 -7.99
CA SER A 492 74.71 26.29 -9.05
C SER A 492 73.83 25.37 -9.87
N GLY A 493 72.83 24.76 -9.27
CA GLY A 493 71.94 23.87 -9.98
C GLY A 493 70.80 24.57 -10.69
N ASP A 494 70.82 25.88 -10.77
CA ASP A 494 69.70 26.64 -11.30
C ASP A 494 69.66 26.54 -12.83
N PRO A 495 68.47 26.48 -13.42
CA PRO A 495 68.39 26.44 -14.89
C PRO A 495 68.78 27.74 -15.57
N ASN A 496 68.71 28.88 -14.88
CA ASN A 496 69.15 30.13 -15.45
C ASN A 496 70.66 30.23 -15.31
N TYR A 497 71.35 30.52 -16.42
CA TYR A 497 72.80 30.61 -16.37
C TYR A 497 73.29 31.85 -15.64
N LEU A 498 72.42 32.85 -15.48
CA LEU A 498 72.78 34.02 -14.70
C LEU A 498 73.07 33.63 -13.26
N HIS A 499 72.31 32.70 -12.72
CA HIS A 499 72.52 32.31 -11.33
C HIS A 499 73.75 31.42 -11.17
N ARG A 500 74.04 30.57 -12.16
CA ARG A 500 75.27 29.79 -12.12
C ARG A 500 76.49 30.68 -12.19
N MET A 501 76.46 31.67 -13.09
CA MET A 501 77.54 32.66 -13.13
C MET A 501 77.62 33.43 -11.82
N THR A 502 76.48 33.68 -11.18
CA THR A 502 76.50 34.34 -9.88
C THR A 502 77.22 33.49 -8.84
N THR A 503 77.04 32.15 -8.89
CA THR A 503 77.78 31.32 -7.93
C THR A 503 79.26 31.34 -8.23
N LEU A 504 79.62 31.40 -9.52
CA LEU A 504 81.04 31.50 -9.84
C LEU A 504 81.64 32.79 -9.31
N PHE A 505 80.90 33.89 -9.40
CA PHE A 505 81.37 35.15 -8.84
C PHE A 505 81.45 35.09 -7.31
N CYS A 506 80.45 34.46 -6.68
CA CYS A 506 80.45 34.28 -5.24
C CYS A 506 81.64 33.46 -4.79
N ILE A 507 81.96 32.39 -5.54
CA ILE A 507 83.13 31.58 -5.22
C ILE A 507 84.41 32.39 -5.40
N ASN A 508 84.44 33.24 -6.44
CA ASN A 508 85.59 34.13 -6.67
C ASN A 508 85.88 34.97 -5.44
N VAL A 509 84.84 35.59 -4.88
CA VAL A 509 85.06 36.43 -3.72
C VAL A 509 85.13 35.65 -2.41
N LEU A 510 84.64 34.41 -2.38
CA LEU A 510 84.58 33.64 -1.14
C LEU A 510 85.82 32.81 -0.89
N SER A 511 86.52 32.38 -1.94
CA SER A 511 87.72 31.59 -1.75
C SER A 511 88.78 32.34 -0.96
N GLU A 512 88.84 33.67 -1.14
CA GLU A 512 89.87 34.48 -0.48
C GLU A 512 89.71 34.44 1.02
N VAL A 513 88.48 34.44 1.51
CA VAL A 513 88.21 34.59 2.93
C VAL A 513 87.84 33.27 3.61
N CYS A 514 87.44 32.26 2.85
CA CYS A 514 87.03 31.00 3.45
C CYS A 514 88.19 30.08 3.80
N GLY A 515 89.38 30.35 3.30
CA GLY A 515 90.55 29.57 3.65
C GLY A 515 90.76 28.39 2.74
N GLN A 516 91.85 27.65 3.01
CA GLN A 516 92.28 26.59 2.11
C GLN A 516 91.31 25.41 2.14
N ASP A 517 90.91 24.97 3.34
CA ASP A 517 90.14 23.75 3.49
C ASP A 517 88.74 23.86 2.88
N ILE A 518 88.02 24.94 3.21
CA ILE A 518 86.65 25.11 2.72
C ILE A 518 86.65 25.24 1.20
N THR A 519 87.57 26.06 0.66
CA THR A 519 87.70 26.22 -0.78
C THR A 519 88.01 24.89 -1.45
N THR A 520 88.86 24.08 -0.82
CA THR A 520 89.28 22.83 -1.44
C THR A 520 88.14 21.82 -1.47
N LYS A 521 87.46 21.62 -0.35
CA LYS A 521 86.54 20.49 -0.27
C LYS A 521 85.08 20.84 -0.53
N HIS A 522 84.64 22.06 -0.21
CA HIS A 522 83.25 22.43 -0.44
C HIS A 522 83.03 23.13 -1.77
N MET A 523 83.89 24.08 -2.14
CA MET A 523 83.61 24.95 -3.27
C MET A 523 84.18 24.40 -4.57
N LEU A 524 85.39 23.81 -4.51
CA LEU A 524 86.03 23.30 -5.72
C LEU A 524 85.23 22.21 -6.43
N PRO A 525 84.71 21.16 -5.77
CA PRO A 525 83.94 20.15 -6.54
C PRO A 525 82.75 20.72 -7.26
N THR A 526 82.09 21.73 -6.68
CA THR A 526 81.02 22.41 -7.37
C THR A 526 81.54 23.22 -8.56
N VAL A 527 82.73 23.82 -8.44
CA VAL A 527 83.26 24.59 -9.55
C VAL A 527 83.64 23.67 -10.71
N LEU A 528 84.19 22.50 -10.41
CA LEU A 528 84.67 21.61 -11.47
C LEU A 528 83.52 21.01 -12.27
N ARG A 529 82.40 20.68 -11.61
CA ARG A 529 81.30 20.04 -12.32
C ARG A 529 80.59 20.95 -13.30
N MET A 530 80.84 22.25 -13.26
CA MET A 530 80.25 23.18 -14.21
C MET A 530 81.02 23.30 -15.50
N ALA A 531 82.13 22.58 -15.65
CA ALA A 531 82.86 22.60 -16.91
C ALA A 531 82.09 21.94 -18.03
N GLY A 532 81.13 21.08 -17.72
CA GLY A 532 80.32 20.43 -18.74
C GLY A 532 79.06 21.20 -19.07
N ASP A 533 78.99 22.47 -18.67
CA ASP A 533 77.81 23.27 -18.90
C ASP A 533 77.59 23.50 -20.40
N PRO A 534 76.33 23.57 -20.84
CA PRO A 534 76.08 23.90 -22.25
C PRO A 534 76.28 25.36 -22.60
N VAL A 535 76.21 26.26 -21.65
CA VAL A 535 76.41 27.68 -21.91
C VAL A 535 77.90 27.99 -21.87
N ALA A 536 78.41 28.58 -22.94
CA ALA A 536 79.83 28.90 -23.02
C ALA A 536 80.24 29.93 -21.98
N ASN A 537 79.30 30.84 -21.63
CA ASN A 537 79.58 31.87 -20.63
C ASN A 537 79.93 31.26 -19.28
N VAL A 538 79.15 30.27 -18.86
CA VAL A 538 79.43 29.57 -17.61
C VAL A 538 80.76 28.84 -17.69
N ARG A 539 81.09 28.30 -18.87
CA ARG A 539 82.32 27.53 -19.01
C ARG A 539 83.55 28.43 -18.89
N PHE A 540 83.57 29.55 -19.60
CA PHE A 540 84.77 30.38 -19.48
C PHE A 540 84.81 31.11 -18.16
N ASN A 541 83.66 31.33 -17.51
CA ASN A 541 83.72 31.85 -16.15
C ASN A 541 84.22 30.79 -15.18
N VAL A 542 83.98 29.51 -15.46
CA VAL A 542 84.61 28.44 -14.68
C VAL A 542 86.12 28.50 -14.83
N ALA A 543 86.59 28.72 -16.07
CA ALA A 543 88.03 28.86 -16.30
C ALA A 543 88.59 30.05 -15.52
N LYS A 544 87.88 31.18 -15.55
CA LYS A 544 88.29 32.37 -14.80
C LYS A 544 88.32 32.09 -13.31
N SER A 545 87.30 31.43 -12.78
CA SER A 545 87.24 31.12 -11.36
C SER A 545 88.38 30.20 -10.94
N LEU A 546 88.67 29.18 -11.74
CA LEU A 546 89.77 28.28 -11.43
C LEU A 546 91.10 29.01 -11.47
N GLN A 547 91.23 29.99 -12.36
CA GLN A 547 92.38 30.88 -12.31
C GLN A 547 92.42 31.66 -11.01
N LYS A 548 91.27 32.19 -10.58
CA LYS A 548 91.23 33.09 -9.43
C LYS A 548 91.35 32.36 -8.10
N ILE A 549 90.75 31.17 -7.98
CA ILE A 549 90.78 30.45 -6.71
C ILE A 549 91.98 29.50 -6.67
N GLY A 550 92.84 29.57 -7.68
CA GLY A 550 94.06 28.81 -7.69
C GLY A 550 95.02 29.12 -6.54
N PRO A 551 95.33 30.42 -6.29
CA PRO A 551 96.23 30.73 -5.17
C PRO A 551 95.74 30.24 -3.81
N ILE A 552 94.45 30.38 -3.53
CA ILE A 552 93.93 30.06 -2.21
C ILE A 552 93.51 28.59 -2.10
N LEU A 553 93.66 27.81 -3.16
CA LEU A 553 93.50 26.37 -3.02
C LEU A 553 94.79 25.78 -2.47
N ASP A 554 94.67 24.59 -1.87
CA ASP A 554 95.88 23.85 -1.53
C ASP A 554 96.59 23.39 -2.80
N ASN A 555 97.91 23.30 -2.72
CA ASN A 555 98.68 23.04 -3.93
C ASN A 555 98.60 21.58 -4.38
N SER A 556 98.05 20.69 -3.56
CA SER A 556 98.04 19.28 -3.91
C SER A 556 97.01 18.97 -4.98
N THR A 557 95.86 19.65 -4.96
CA THR A 557 94.77 19.34 -5.86
C THR A 557 94.86 20.09 -7.18
N LEU A 558 95.94 20.82 -7.43
CA LEU A 558 96.06 21.58 -8.66
C LEU A 558 96.23 20.68 -9.86
N GLN A 559 97.33 19.93 -9.90
CA GLN A 559 97.63 19.09 -11.05
C GLN A 559 96.69 17.91 -11.15
N SER A 560 96.23 17.40 -10.00
CA SER A 560 95.35 16.24 -10.03
C SER A 560 93.94 16.60 -10.51
N GLU A 561 93.39 17.71 -10.02
CA GLU A 561 91.99 18.04 -10.25
C GLU A 561 91.77 19.27 -11.13
N VAL A 562 92.47 20.37 -10.87
CA VAL A 562 92.21 21.59 -11.62
C VAL A 562 92.76 21.48 -13.04
N LYS A 563 93.96 20.91 -13.17
CA LYS A 563 94.62 20.85 -14.47
C LYS A 563 93.87 20.02 -15.52
N PRO A 564 93.33 18.81 -15.24
CA PRO A 564 92.58 18.11 -16.29
C PRO A 564 91.38 18.88 -16.80
N ILE A 565 90.67 19.58 -15.92
CA ILE A 565 89.50 20.35 -16.34
C ILE A 565 89.91 21.51 -17.23
N LEU A 566 91.00 22.19 -16.90
CA LEU A 566 91.49 23.26 -17.76
C LEU A 566 91.99 22.73 -19.09
N GLU A 567 92.59 21.54 -19.10
CA GLU A 567 93.01 20.93 -20.35
C GLU A 567 91.81 20.58 -21.23
N LYS A 568 90.72 20.09 -20.61
CA LYS A 568 89.51 19.84 -21.35
C LYS A 568 88.90 21.13 -21.88
N LEU A 569 88.99 22.21 -21.11
CA LEU A 569 88.42 23.48 -21.53
C LEU A 569 89.25 24.17 -22.61
N THR A 570 90.57 23.96 -22.64
CA THR A 570 91.38 24.69 -23.60
C THR A 570 91.27 24.13 -25.01
N GLN A 571 90.59 22.99 -25.21
CA GLN A 571 90.26 22.50 -26.53
C GLN A 571 88.77 22.60 -26.84
N ASP A 572 88.03 23.38 -26.06
CA ASP A 572 86.59 23.57 -26.23
C ASP A 572 86.28 24.20 -27.59
N GLN A 573 85.00 24.21 -27.94
CA GLN A 573 84.58 24.70 -29.25
C GLN A 573 84.47 26.22 -29.27
N ASP A 574 84.14 26.83 -28.14
CA ASP A 574 84.00 28.28 -28.08
C ASP A 574 85.36 28.93 -27.89
N VAL A 575 85.63 29.96 -28.70
CA VAL A 575 86.95 30.59 -28.70
C VAL A 575 87.23 31.28 -27.37
N ASP A 576 86.20 31.89 -26.77
CA ASP A 576 86.37 32.56 -25.47
C ASP A 576 86.73 31.57 -24.38
N VAL A 577 86.11 30.39 -24.40
CA VAL A 577 86.43 29.35 -23.41
C VAL A 577 87.89 28.92 -23.59
N LYS A 578 88.34 28.76 -24.83
CA LYS A 578 89.73 28.44 -25.11
C LYS A 578 90.65 29.51 -24.54
N TYR A 579 90.34 30.79 -24.80
CA TYR A 579 91.21 31.88 -24.37
C TYR A 579 91.33 31.93 -22.86
N PHE A 580 90.20 31.85 -22.16
CA PHE A 580 90.26 31.99 -20.71
C PHE A 580 90.84 30.74 -20.07
N ALA A 581 90.61 29.57 -20.66
CA ALA A 581 91.23 28.35 -20.17
C ALA A 581 92.74 28.39 -20.33
N GLN A 582 93.24 28.89 -21.46
CA GLN A 582 94.68 28.94 -21.63
C GLN A 582 95.31 30.04 -20.77
N GLU A 583 94.61 31.15 -20.56
CA GLU A 583 95.09 32.15 -19.60
C GLU A 583 95.20 31.58 -18.21
N ALA A 584 94.20 30.79 -17.80
CA ALA A 584 94.27 30.10 -16.51
C ALA A 584 95.43 29.13 -16.49
N LEU A 585 95.66 28.43 -17.59
CA LEU A 585 96.76 27.47 -17.66
C LEU A 585 98.11 28.16 -17.47
N THR A 586 98.31 29.32 -18.10
CA THR A 586 99.54 30.07 -17.85
C THR A 586 99.64 30.53 -16.41
N VAL A 587 98.54 31.08 -15.85
CA VAL A 587 98.62 31.63 -14.49
C VAL A 587 98.90 30.54 -13.46
N LEU A 588 98.37 29.33 -13.69
CA LEU A 588 98.67 28.21 -12.81
C LEU A 588 100.15 27.84 -12.83
N SER A 589 100.84 28.13 -13.93
CA SER A 589 102.27 27.86 -14.13
C SER A 589 102.58 26.36 -14.04
N PHE B 8 97.53 42.34 -29.38
CA PHE B 8 96.42 42.43 -30.31
C PHE B 8 95.11 42.25 -29.56
N THR B 9 95.07 41.23 -28.69
CA THR B 9 93.94 41.05 -27.78
C THR B 9 94.10 41.92 -26.53
N LYS B 10 95.34 42.04 -26.05
CA LYS B 10 95.61 42.91 -24.91
C LYS B 10 95.29 44.36 -25.22
N GLU B 11 95.66 44.81 -26.42
CA GLU B 11 95.37 46.18 -26.83
C GLU B 11 93.86 46.39 -26.96
N LEU B 12 93.14 45.38 -27.43
CA LEU B 12 91.69 45.45 -27.51
C LEU B 12 91.07 45.57 -26.13
N ASP B 13 91.56 44.79 -25.18
CA ASP B 13 91.08 44.88 -23.80
C ASP B 13 91.35 46.24 -23.21
N GLN B 14 92.52 46.80 -23.51
CA GLN B 14 92.85 48.15 -23.05
C GLN B 14 91.90 49.17 -23.65
N TRP B 15 91.57 49.02 -24.93
CA TRP B 15 90.62 49.94 -25.57
C TRP B 15 89.25 49.84 -24.93
N ILE B 16 88.81 48.62 -24.63
CA ILE B 16 87.51 48.42 -24.01
C ILE B 16 87.48 49.04 -22.62
N GLU B 17 88.54 48.84 -21.84
CA GLU B 17 88.65 49.46 -20.52
C GLU B 17 88.63 50.98 -20.63
N GLN B 18 89.38 51.53 -21.59
CA GLN B 18 89.38 52.96 -21.83
C GLN B 18 88.01 53.46 -22.26
N LEU B 19 87.39 52.77 -23.22
CA LEU B 19 86.10 53.19 -23.74
C LEU B 19 84.99 53.12 -22.71
N ASN B 20 85.10 52.20 -21.74
CA ASN B 20 84.12 52.12 -20.66
C ASN B 20 84.11 53.37 -19.79
N GLU B 21 85.18 54.16 -19.81
CA GLU B 21 85.27 55.42 -19.09
C GLU B 21 84.94 56.63 -19.95
N CYS B 22 84.43 56.40 -21.17
CA CYS B 22 83.95 57.44 -22.09
C CYS B 22 85.08 58.28 -22.66
N LYS B 23 86.24 57.66 -22.88
CA LYS B 23 87.34 58.31 -23.57
C LYS B 23 87.49 57.66 -24.94
N GLN B 24 87.37 58.46 -25.98
CA GLN B 24 87.39 57.97 -27.35
C GLN B 24 88.78 57.43 -27.71
N LEU B 25 88.82 56.67 -28.79
CA LEU B 25 90.09 56.23 -29.34
C LEU B 25 90.60 57.24 -30.35
N SER B 26 91.85 57.05 -30.77
CA SER B 26 92.42 57.90 -31.80
C SER B 26 91.99 57.39 -33.18
N GLU B 27 92.26 58.20 -34.20
CA GLU B 27 91.81 57.88 -35.56
C GLU B 27 92.43 56.60 -36.06
N SER B 28 93.72 56.39 -35.81
CA SER B 28 94.38 55.17 -36.26
C SER B 28 93.81 53.95 -35.54
N GLN B 29 93.51 54.10 -34.25
CA GLN B 29 92.86 53.03 -33.50
C GLN B 29 91.50 52.69 -34.08
N VAL B 30 90.72 53.72 -34.43
CA VAL B 30 89.40 53.48 -35.01
C VAL B 30 89.54 52.81 -36.37
N LYS B 31 90.56 53.20 -37.13
CA LYS B 31 90.79 52.59 -38.45
C LYS B 31 91.11 51.12 -38.32
N SER B 32 92.04 50.77 -37.43
CA SER B 32 92.39 49.36 -37.24
C SER B 32 91.21 48.57 -36.67
N LEU B 33 90.46 49.17 -35.74
CA LEU B 33 89.29 48.51 -35.18
C LEU B 33 88.25 48.22 -36.23
N CYS B 34 87.99 49.20 -37.10
CA CYS B 34 86.99 49.00 -38.16
C CYS B 34 87.48 48.03 -39.21
N GLU B 35 88.80 47.96 -39.45
CA GLU B 35 89.36 46.92 -40.31
C GLU B 35 89.06 45.52 -39.75
N LYS B 36 89.37 45.32 -38.46
CA LYS B 36 89.11 44.03 -37.83
C LYS B 36 87.62 43.71 -37.84
N ALA B 37 86.80 44.72 -37.56
CA ALA B 37 85.35 44.53 -37.53
C ALA B 37 84.80 44.19 -38.90
N LYS B 38 85.36 44.80 -39.96
CA LYS B 38 84.96 44.45 -41.31
C LYS B 38 85.30 42.99 -41.61
N GLU B 39 86.53 42.59 -41.25
CA GLU B 39 86.92 41.20 -41.55
C GLU B 39 86.16 40.20 -40.70
N ILE B 40 85.59 40.63 -39.57
CA ILE B 40 84.73 39.74 -38.77
C ILE B 40 83.29 39.72 -39.27
N LEU B 41 82.77 40.86 -39.71
CA LEU B 41 81.38 40.98 -40.12
C LEU B 41 81.15 40.52 -41.55
N THR B 42 82.21 40.23 -42.30
CA THR B 42 82.04 39.64 -43.63
C THR B 42 81.43 38.26 -43.54
N LYS B 43 81.82 37.49 -42.54
CA LYS B 43 81.41 36.10 -42.44
C LYS B 43 79.98 35.92 -41.98
N GLU B 44 79.37 36.95 -41.39
CA GLU B 44 78.05 36.82 -40.82
C GLU B 44 76.98 36.90 -41.90
N SER B 45 75.93 36.10 -41.72
CA SER B 45 74.81 36.09 -42.65
C SER B 45 73.89 37.29 -42.40
N ASN B 46 72.99 37.53 -43.34
CA ASN B 46 71.98 38.56 -43.15
C ASN B 46 71.06 38.22 -41.99
N VAL B 47 70.81 36.93 -41.77
CA VAL B 47 70.03 36.45 -40.65
C VAL B 47 70.99 35.70 -39.73
N GLN B 48 71.55 36.39 -38.75
CA GLN B 48 72.50 35.76 -37.86
C GLN B 48 71.80 34.77 -36.93
N GLU B 49 72.48 33.70 -36.61
CA GLU B 49 71.95 32.67 -35.72
C GLU B 49 72.57 32.89 -34.36
N VAL B 50 71.73 33.09 -33.35
CA VAL B 50 72.17 33.39 -32.00
C VAL B 50 71.66 32.28 -31.08
N ARG B 51 72.54 31.79 -30.22
CA ARG B 51 72.13 30.76 -29.27
C ARG B 51 71.22 31.36 -28.20
N CYS B 52 70.54 30.47 -27.48
CA CYS B 52 69.40 30.87 -26.65
C CYS B 52 69.74 31.85 -25.53
N PRO B 53 70.77 31.64 -24.66
CA PRO B 53 70.96 32.60 -23.57
C PRO B 53 71.53 33.91 -24.10
N VAL B 54 70.69 34.93 -24.21
CA VAL B 54 71.10 36.21 -24.78
C VAL B 54 70.19 37.29 -24.22
N THR B 55 70.71 38.51 -24.16
CA THR B 55 69.94 39.68 -23.77
C THR B 55 69.75 40.55 -25.00
N VAL B 56 68.50 40.88 -25.30
CA VAL B 56 68.16 41.64 -26.48
C VAL B 56 67.93 43.09 -26.08
N CYS B 57 68.59 44.00 -26.79
CA CYS B 57 68.52 45.42 -26.51
C CYS B 57 68.04 46.17 -27.74
N GLY B 58 67.33 47.26 -27.50
CA GLY B 58 66.80 48.07 -28.57
C GLY B 58 67.73 49.21 -28.91
N ASP B 59 67.17 50.37 -29.25
CA ASP B 59 67.98 51.51 -29.63
C ASP B 59 68.78 52.01 -28.43
N VAL B 60 70.06 52.29 -28.66
CA VAL B 60 70.87 53.00 -27.69
C VAL B 60 71.01 54.47 -28.05
N HIS B 61 71.26 54.75 -29.33
CA HIS B 61 71.27 56.09 -29.89
C HIS B 61 72.28 57.00 -29.21
N GLY B 62 73.45 56.46 -28.90
CA GLY B 62 74.56 57.28 -28.47
C GLY B 62 74.52 57.72 -27.03
N GLN B 63 73.53 57.29 -26.26
CA GLN B 63 73.45 57.62 -24.84
C GLN B 63 74.39 56.66 -24.12
N PHE B 64 75.66 57.05 -24.03
CA PHE B 64 76.70 56.17 -23.51
C PHE B 64 76.42 55.79 -22.05
N HIS B 65 76.07 56.78 -21.23
CA HIS B 65 75.86 56.51 -19.82
C HIS B 65 74.63 55.64 -19.61
N ASP B 66 73.63 55.77 -20.48
CA ASP B 66 72.53 54.83 -20.46
C ASP B 66 72.95 53.45 -20.88
N LEU B 67 73.95 53.33 -21.77
CA LEU B 67 74.49 52.03 -22.12
C LEU B 67 75.23 51.43 -20.92
N MET B 68 75.94 52.26 -20.16
CA MET B 68 76.58 51.79 -18.94
C MET B 68 75.55 51.35 -17.91
N GLU B 69 74.42 52.04 -17.84
CA GLU B 69 73.33 51.58 -16.99
C GLU B 69 72.79 50.24 -17.48
N LEU B 70 72.68 50.08 -18.80
CA LEU B 70 72.26 48.81 -19.39
C LEU B 70 73.19 47.69 -18.99
N PHE B 71 74.50 47.94 -19.01
CA PHE B 71 75.46 46.91 -18.61
C PHE B 71 75.38 46.64 -17.11
N ARG B 72 75.12 47.66 -16.30
CA ARG B 72 74.95 47.43 -14.88
C ARG B 72 73.69 46.61 -14.59
N ILE B 73 72.66 46.75 -15.41
CA ILE B 73 71.43 45.99 -15.24
C ILE B 73 71.62 44.55 -15.71
N GLY B 74 71.98 44.37 -16.97
CA GLY B 74 72.04 43.05 -17.57
C GLY B 74 73.33 42.28 -17.37
N GLY B 75 74.42 42.97 -17.09
CA GLY B 75 75.70 42.34 -16.86
C GLY B 75 76.75 42.83 -17.84
N LYS B 76 77.99 42.51 -17.50
CA LYS B 76 79.13 42.90 -18.33
C LYS B 76 79.33 41.91 -19.46
N SER B 77 79.67 42.43 -20.63
CA SER B 77 80.21 41.57 -21.66
C SER B 77 81.64 41.18 -21.29
N PRO B 78 82.06 39.94 -21.54
CA PRO B 78 81.43 38.82 -22.24
C PRO B 78 80.58 37.92 -21.37
N ASP B 79 80.48 38.22 -20.08
CA ASP B 79 79.73 37.36 -19.16
C ASP B 79 78.26 37.27 -19.56
N THR B 80 77.73 38.32 -20.16
CA THR B 80 76.35 38.33 -20.63
C THR B 80 76.37 38.45 -22.15
N ASN B 81 75.68 37.55 -22.83
CA ASN B 81 75.56 37.62 -24.28
C ASN B 81 74.55 38.70 -24.64
N TYR B 82 74.93 39.57 -25.57
CA TYR B 82 74.12 40.72 -25.91
C TYR B 82 73.77 40.71 -27.37
N LEU B 83 72.55 41.11 -27.68
CA LEU B 83 72.09 41.29 -29.04
C LEU B 83 71.59 42.72 -29.16
N PHE B 84 72.26 43.51 -29.98
CA PHE B 84 71.90 44.89 -30.18
C PHE B 84 71.26 45.03 -31.55
N MET B 85 70.09 45.64 -31.61
CA MET B 85 69.27 45.68 -32.80
C MET B 85 69.33 47.03 -33.50
N GLY B 86 70.51 47.62 -33.52
CA GLY B 86 70.76 48.78 -34.32
C GLY B 86 70.51 50.07 -33.56
N ASP B 87 70.70 51.16 -34.30
CA ASP B 87 70.49 52.54 -33.82
C ASP B 87 71.38 52.83 -32.62
N TYR B 88 72.69 52.82 -32.89
CA TYR B 88 73.69 53.12 -31.87
C TYR B 88 74.15 54.57 -31.91
N VAL B 89 73.73 55.34 -32.90
CA VAL B 89 74.26 56.68 -33.14
C VAL B 89 73.06 57.60 -33.30
N ASN B 90 73.36 58.91 -33.34
CA ASN B 90 72.39 60.01 -33.51
C ASN B 90 71.47 60.16 -32.31
N ARG B 91 70.94 61.37 -32.13
CA ARG B 91 70.07 61.74 -31.00
C ARG B 91 70.75 61.57 -29.64
N GLY B 92 72.08 61.56 -29.62
CA GLY B 92 72.80 61.40 -28.37
C GLY B 92 74.12 62.14 -28.45
N TYR B 93 74.69 62.41 -27.28
CA TYR B 93 75.91 63.20 -27.20
C TYR B 93 77.17 62.37 -27.35
N TYR B 94 77.08 61.06 -27.15
CA TYR B 94 78.26 60.20 -27.13
C TYR B 94 78.09 59.06 -28.12
N SER B 95 77.67 59.41 -29.34
CA SER B 95 77.51 58.42 -30.39
C SER B 95 78.83 57.74 -30.74
N VAL B 96 79.92 58.51 -30.78
CA VAL B 96 81.23 57.98 -31.14
C VAL B 96 81.68 56.93 -30.13
N GLU B 97 81.63 57.28 -28.84
CA GLU B 97 82.05 56.35 -27.80
C GLU B 97 81.17 55.11 -27.77
N THR B 98 79.86 55.29 -27.93
CA THR B 98 78.92 54.18 -27.92
C THR B 98 79.21 53.20 -29.04
N VAL B 99 79.31 53.70 -30.27
CA VAL B 99 79.50 52.82 -31.42
C VAL B 99 80.89 52.19 -31.36
N THR B 100 81.89 52.94 -30.91
CA THR B 100 83.23 52.38 -30.80
C THR B 100 83.30 51.27 -29.78
N LEU B 101 82.63 51.45 -28.63
CA LEU B 101 82.62 50.40 -27.63
C LEU B 101 81.90 49.16 -28.14
N LEU B 102 80.77 49.35 -28.82
CA LEU B 102 80.03 48.19 -29.32
C LEU B 102 80.83 47.44 -30.38
N VAL B 103 81.51 48.17 -31.27
CA VAL B 103 82.33 47.54 -32.29
C VAL B 103 83.52 46.84 -31.65
N ALA B 104 84.11 47.45 -30.62
CA ALA B 104 85.24 46.84 -29.92
C ALA B 104 84.81 45.55 -29.23
N LEU B 105 83.63 45.55 -28.63
CA LEU B 105 83.10 44.35 -28.00
C LEU B 105 82.84 43.26 -29.03
N LYS B 106 82.36 43.66 -30.22
CA LYS B 106 82.15 42.69 -31.30
C LYS B 106 83.46 42.07 -31.76
N VAL B 107 84.51 42.89 -31.88
CA VAL B 107 85.80 42.38 -32.34
C VAL B 107 86.42 41.49 -31.27
N ARG B 108 86.38 41.93 -30.02
CA ARG B 108 86.96 41.17 -28.91
C ARG B 108 86.19 39.88 -28.64
N TYR B 109 84.87 39.99 -28.50
CA TYR B 109 84.01 38.87 -28.15
C TYR B 109 83.06 38.64 -29.31
N ARG B 110 83.51 37.83 -30.27
CA ARG B 110 82.77 37.62 -31.50
C ARG B 110 81.44 36.92 -31.25
N GLU B 111 81.46 35.86 -30.46
CA GLU B 111 80.28 35.04 -30.23
C GLU B 111 79.42 35.52 -29.07
N ARG B 112 79.86 36.56 -28.36
CA ARG B 112 79.12 37.08 -27.23
C ARG B 112 78.35 38.35 -27.56
N ILE B 113 78.60 38.96 -28.71
CA ILE B 113 77.98 40.21 -29.09
C ILE B 113 77.40 40.04 -30.49
N THR B 114 76.15 40.44 -30.66
CA THR B 114 75.53 40.52 -31.97
C THR B 114 75.03 41.95 -32.15
N ILE B 115 75.57 42.64 -33.14
CA ILE B 115 75.17 44.01 -33.45
C ILE B 115 74.52 44.01 -34.81
N LEU B 116 73.24 44.36 -34.83
CA LEU B 116 72.50 44.43 -36.09
C LEU B 116 72.55 45.85 -36.63
N ARG B 117 72.00 46.03 -37.80
CA ARG B 117 71.95 47.32 -38.47
C ARG B 117 70.61 47.98 -38.17
N GLY B 118 70.67 49.20 -37.64
CA GLY B 118 69.49 50.03 -37.52
C GLY B 118 69.29 50.88 -38.76
N ASN B 119 68.20 51.64 -38.76
CA ASN B 119 67.97 52.56 -39.87
C ASN B 119 68.88 53.76 -39.79
N HIS B 120 69.45 54.06 -38.62
CA HIS B 120 70.36 55.17 -38.47
C HIS B 120 71.79 54.80 -38.85
N GLU B 121 72.05 53.53 -39.17
CA GLU B 121 73.36 53.10 -39.64
C GLU B 121 73.47 53.27 -41.15
N SER B 122 73.41 54.52 -41.57
CA SER B 122 73.45 54.87 -42.98
C SER B 122 74.09 56.24 -43.10
N ARG B 123 74.60 56.53 -44.29
CA ARG B 123 75.33 57.77 -44.50
C ARG B 123 74.42 58.98 -44.41
N GLN B 124 73.22 58.91 -44.98
CA GLN B 124 72.31 60.06 -44.98
C GLN B 124 71.82 60.38 -43.58
N ILE B 125 71.35 59.37 -42.84
CA ILE B 125 70.80 59.63 -41.51
C ILE B 125 71.88 60.11 -40.57
N THR B 126 73.08 59.53 -40.64
CA THR B 126 74.19 60.00 -39.82
C THR B 126 74.59 61.43 -40.17
N GLN B 127 74.56 61.76 -41.47
CA GLN B 127 74.86 63.12 -41.88
C GLN B 127 73.85 64.10 -41.30
N VAL B 128 72.57 63.74 -41.32
CA VAL B 128 71.54 64.68 -40.92
C VAL B 128 71.45 64.79 -39.40
N TYR B 129 71.56 63.68 -38.69
CA TYR B 129 71.13 63.61 -37.29
C TYR B 129 72.29 63.55 -36.30
N GLY B 130 73.47 64.01 -36.66
CA GLY B 130 74.46 64.39 -35.69
C GLY B 130 75.60 63.42 -35.41
N PHE B 131 75.63 62.25 -36.04
CA PHE B 131 76.80 61.39 -35.87
C PHE B 131 77.99 61.95 -36.65
N TYR B 132 77.72 62.47 -37.85
CA TYR B 132 78.75 63.14 -38.63
C TYR B 132 79.29 64.36 -37.91
N ASP B 133 78.39 65.18 -37.36
CA ASP B 133 78.80 66.36 -36.62
C ASP B 133 79.61 65.98 -35.39
N GLU B 134 79.20 64.94 -34.68
CA GLU B 134 79.94 64.48 -33.52
C GLU B 134 81.34 64.00 -33.90
N CYS B 135 81.42 63.26 -35.01
CA CYS B 135 82.72 62.78 -35.48
C CYS B 135 83.63 63.94 -35.84
N LEU B 136 83.09 64.96 -36.51
CA LEU B 136 83.88 66.14 -36.83
C LEU B 136 84.34 66.85 -35.56
N ARG B 137 83.44 67.01 -34.58
CA ARG B 137 83.79 67.73 -33.37
C ARG B 137 84.85 66.99 -32.57
N LYS B 138 84.76 65.67 -32.53
CA LYS B 138 85.68 64.87 -31.72
C LYS B 138 86.94 64.46 -32.45
N TYR B 139 87.03 64.66 -33.76
CA TYR B 139 88.24 64.28 -34.49
C TYR B 139 88.75 65.33 -35.47
N GLY B 140 87.92 66.26 -35.93
CA GLY B 140 88.36 67.29 -36.84
C GLY B 140 88.33 66.92 -38.30
N ASN B 141 88.09 65.65 -38.62
CA ASN B 141 87.95 65.23 -40.00
C ASN B 141 86.97 64.07 -40.05
N ALA B 142 86.37 63.89 -41.22
CA ALA B 142 85.31 62.91 -41.40
C ALA B 142 85.83 61.50 -41.63
N ASN B 143 87.13 61.25 -41.42
CA ASN B 143 87.66 59.92 -41.70
C ASN B 143 87.11 58.86 -40.75
N VAL B 144 86.92 59.21 -39.47
CA VAL B 144 86.31 58.28 -38.52
C VAL B 144 84.87 57.99 -38.89
N TRP B 145 84.15 59.03 -39.33
CA TRP B 145 82.80 58.85 -39.84
C TRP B 145 82.79 57.96 -41.07
N LYS B 146 83.78 58.13 -41.95
CA LYS B 146 83.90 57.28 -43.12
C LYS B 146 84.10 55.82 -42.70
N TYR B 147 84.99 55.58 -41.74
CA TYR B 147 85.26 54.21 -41.30
C TYR B 147 84.02 53.56 -40.71
N PHE B 148 83.29 54.32 -39.88
CA PHE B 148 82.13 53.74 -39.22
C PHE B 148 80.99 53.51 -40.22
N THR B 149 80.76 54.45 -41.14
CA THR B 149 79.70 54.27 -42.11
C THR B 149 80.02 53.16 -43.10
N ASP B 150 81.30 52.97 -43.46
CA ASP B 150 81.67 51.81 -44.24
C ASP B 150 81.48 50.53 -43.44
N LEU B 151 81.72 50.59 -42.14
CA LEU B 151 81.49 49.43 -41.30
C LEU B 151 80.00 49.13 -41.12
N PHE B 152 79.16 50.18 -41.14
CA PHE B 152 77.72 49.97 -40.97
C PHE B 152 77.13 49.13 -42.09
N ASP B 153 77.68 49.25 -43.31
CA ASP B 153 77.24 48.42 -44.42
C ASP B 153 77.48 46.94 -44.15
N TYR B 154 78.38 46.60 -43.24
CA TYR B 154 78.71 45.21 -42.98
C TYR B 154 77.82 44.58 -41.93
N LEU B 155 77.00 45.36 -41.25
CA LEU B 155 76.24 44.84 -40.13
C LEU B 155 75.12 43.94 -40.63
N PRO B 156 74.88 42.81 -39.96
CA PRO B 156 73.76 41.94 -40.36
C PRO B 156 72.43 42.64 -40.19
N LEU B 157 71.49 42.30 -41.07
CA LEU B 157 70.19 42.95 -41.03
C LEU B 157 69.34 42.45 -39.88
N THR B 158 69.35 41.14 -39.62
CA THR B 158 68.49 40.53 -38.64
C THR B 158 69.24 39.42 -37.93
N ALA B 159 68.68 38.96 -36.82
CA ALA B 159 69.19 37.82 -36.09
C ALA B 159 68.06 36.81 -35.93
N LEU B 160 68.41 35.63 -35.44
CA LEU B 160 67.41 34.58 -35.24
C LEU B 160 67.81 33.78 -34.01
N VAL B 161 67.16 34.09 -32.89
CA VAL B 161 67.49 33.42 -31.62
C VAL B 161 66.70 32.12 -31.57
N ASP B 162 67.43 31.00 -31.49
CA ASP B 162 66.91 29.65 -31.29
C ASP B 162 66.12 29.15 -32.51
N GLY B 163 66.00 29.95 -33.56
CA GLY B 163 65.14 29.61 -34.66
C GLY B 163 63.69 29.97 -34.44
N GLN B 164 63.36 30.50 -33.27
CA GLN B 164 62.01 30.89 -32.90
C GLN B 164 61.83 32.40 -32.93
N ILE B 165 62.73 33.14 -32.29
CA ILE B 165 62.57 34.57 -32.13
C ILE B 165 63.35 35.26 -33.23
N PHE B 166 62.68 36.14 -33.96
CA PHE B 166 63.25 36.81 -35.11
C PHE B 166 63.55 38.25 -34.71
N CYS B 167 64.76 38.48 -34.23
CA CYS B 167 65.17 39.83 -33.87
C CYS B 167 65.49 40.61 -35.13
N LEU B 168 65.29 41.92 -35.05
CA LEU B 168 65.22 42.78 -36.22
C LEU B 168 65.02 44.19 -35.71
N HIS B 169 65.34 45.18 -36.55
CA HIS B 169 65.19 46.55 -36.11
C HIS B 169 63.81 47.10 -36.46
N GLY B 170 63.50 47.20 -37.75
CA GLY B 170 62.27 47.82 -38.18
C GLY B 170 61.04 46.95 -38.17
N GLY B 171 60.98 45.94 -39.03
CA GLY B 171 59.74 45.22 -39.21
C GLY B 171 59.75 44.45 -40.53
N LEU B 172 58.56 44.24 -41.07
CA LEU B 172 58.35 43.34 -42.19
C LEU B 172 58.12 44.11 -43.48
N SER B 173 58.25 43.40 -44.60
CA SER B 173 58.14 43.98 -45.92
C SER B 173 57.11 43.24 -46.76
N PRO B 174 56.36 43.95 -47.61
CA PRO B 174 55.44 43.27 -48.52
C PRO B 174 56.16 42.37 -49.50
N SER B 175 57.41 42.71 -49.82
CA SER B 175 58.20 41.95 -50.77
C SER B 175 58.94 40.79 -50.13
N ILE B 176 58.93 40.69 -48.80
CA ILE B 176 59.63 39.62 -48.09
C ILE B 176 58.59 38.74 -47.43
N ASP B 177 58.57 37.46 -47.82
CA ASP B 177 57.69 36.48 -47.23
C ASP B 177 58.45 35.44 -46.41
N THR B 178 59.73 35.23 -46.70
CA THR B 178 60.51 34.18 -46.08
C THR B 178 61.80 34.75 -45.52
N LEU B 179 62.43 33.98 -44.64
CA LEU B 179 63.75 34.33 -44.18
C LEU B 179 64.81 34.05 -45.24
N ASP B 180 64.52 33.15 -46.18
CA ASP B 180 65.45 32.90 -47.27
C ASP B 180 65.61 34.12 -48.15
N HIS B 181 64.56 34.92 -48.30
CA HIS B 181 64.68 36.19 -49.01
C HIS B 181 65.64 37.12 -48.29
N ILE B 182 65.54 37.19 -46.97
CA ILE B 182 66.43 38.05 -46.20
C ILE B 182 67.86 37.56 -46.33
N ARG B 183 68.07 36.25 -46.23
CA ARG B 183 69.40 35.68 -46.42
C ARG B 183 69.94 35.93 -47.83
N ALA B 184 69.04 36.08 -48.81
CA ALA B 184 69.45 36.30 -50.19
C ALA B 184 69.78 37.75 -50.50
N LEU B 185 69.41 38.69 -49.65
CA LEU B 185 69.66 40.10 -49.93
C LEU B 185 71.15 40.41 -49.89
N ASP B 186 71.55 41.41 -50.68
CA ASP B 186 72.90 41.94 -50.63
C ASP B 186 72.90 43.14 -49.69
N ARG B 187 73.37 42.93 -48.47
CA ARG B 187 73.33 44.01 -47.49
C ARG B 187 74.49 44.99 -47.62
N LEU B 188 75.53 44.66 -48.38
CA LEU B 188 76.65 45.57 -48.57
C LEU B 188 76.24 46.71 -49.50
N GLN B 189 75.61 47.72 -48.92
CA GLN B 189 75.20 48.93 -49.62
C GLN B 189 74.60 49.87 -48.60
N GLU B 190 74.59 51.15 -48.98
CA GLU B 190 73.77 52.13 -48.28
C GLU B 190 72.32 51.69 -48.31
N VAL B 191 71.63 51.84 -47.18
CA VAL B 191 70.23 51.48 -47.05
C VAL B 191 69.42 52.27 -48.07
N PRO B 192 68.64 51.62 -48.98
CA PRO B 192 67.91 52.36 -50.01
C PRO B 192 66.67 53.05 -49.44
N HIS B 193 66.04 53.93 -50.23
CA HIS B 193 64.84 54.67 -49.76
C HIS B 193 63.62 53.76 -49.94
N GLU B 194 63.70 52.82 -50.87
CA GLU B 194 62.58 51.87 -51.12
C GLU B 194 63.17 50.49 -51.36
N GLY B 195 62.41 49.43 -51.08
CA GLY B 195 62.91 48.08 -51.39
C GLY B 195 62.88 47.16 -50.20
N PRO B 196 63.21 45.86 -50.39
CA PRO B 196 63.18 44.89 -49.29
C PRO B 196 64.08 45.29 -48.12
N MET B 197 65.29 45.81 -48.39
CA MET B 197 66.18 46.08 -47.26
C MET B 197 65.71 47.26 -46.43
N CYS B 198 65.07 48.26 -47.06
CA CYS B 198 64.62 49.43 -46.34
C CYS B 198 63.56 49.09 -45.30
N ASP B 199 62.61 48.23 -45.66
CA ASP B 199 61.50 47.91 -44.77
C ASP B 199 61.97 47.18 -43.51
N LEU B 200 62.99 46.33 -43.64
CA LEU B 200 63.51 45.63 -42.48
C LEU B 200 64.05 46.59 -41.43
N LEU B 201 64.48 47.77 -41.84
CA LEU B 201 65.01 48.74 -40.90
C LEU B 201 64.07 49.89 -40.61
N TRP B 202 63.02 50.08 -41.41
CA TRP B 202 62.17 51.25 -41.31
C TRP B 202 60.71 50.97 -40.99
N SER B 203 60.24 49.74 -41.13
CA SER B 203 58.83 49.46 -40.94
C SER B 203 58.47 49.45 -39.46
N ASP B 204 57.17 49.59 -39.19
CA ASP B 204 56.65 49.54 -37.83
C ASP B 204 55.40 48.70 -37.82
N PRO B 205 55.09 48.05 -36.71
CA PRO B 205 53.77 47.44 -36.55
C PRO B 205 52.73 48.51 -36.32
N ASP B 206 51.47 48.13 -36.52
CA ASP B 206 50.38 49.05 -36.30
C ASP B 206 49.14 48.26 -35.95
N ASP B 207 48.18 48.94 -35.32
CA ASP B 207 46.87 48.37 -35.06
C ASP B 207 46.01 48.66 -36.29
N ARG B 208 46.23 47.85 -37.33
CA ARG B 208 45.53 48.02 -38.59
C ARG B 208 45.26 46.64 -39.18
N GLY B 209 44.75 46.62 -40.40
CA GLY B 209 44.61 45.40 -41.15
C GLY B 209 45.48 45.43 -42.39
N GLY B 210 46.46 44.54 -42.46
CA GLY B 210 47.29 44.46 -43.64
C GLY B 210 48.40 45.51 -43.64
N TRP B 211 48.82 45.87 -44.83
CA TRP B 211 49.91 46.82 -45.02
C TRP B 211 49.39 48.24 -45.03
N GLY B 212 50.32 49.17 -44.82
CA GLY B 212 49.98 50.58 -44.82
C GLY B 212 51.20 51.41 -45.09
N ILE B 213 50.95 52.68 -45.42
CA ILE B 213 52.03 53.62 -45.68
C ILE B 213 52.57 54.11 -44.35
N SER B 214 53.88 54.02 -44.17
CA SER B 214 54.49 54.47 -42.92
C SER B 214 54.39 55.98 -42.80
N PRO B 215 54.12 56.50 -41.61
CA PRO B 215 54.18 57.96 -41.42
C PRO B 215 55.55 58.54 -41.68
N ARG B 216 56.60 57.75 -41.48
CA ARG B 216 57.95 58.10 -41.91
C ARG B 216 58.00 58.16 -43.44
N GLY B 217 59.14 58.57 -43.95
CA GLY B 217 59.26 58.60 -45.39
C GLY B 217 59.67 57.29 -46.01
N ALA B 218 59.76 56.23 -45.21
CA ALA B 218 60.30 54.96 -45.67
C ALA B 218 59.63 53.84 -44.89
N GLY B 219 59.71 52.64 -45.44
CA GLY B 219 59.14 51.48 -44.80
C GLY B 219 57.64 51.40 -44.98
N TYR B 220 57.05 50.40 -44.33
CA TYR B 220 55.63 50.16 -44.34
C TYR B 220 55.12 50.06 -42.91
N THR B 221 53.81 50.03 -42.75
CA THR B 221 53.23 49.78 -41.44
C THR B 221 52.27 48.62 -41.58
N PHE B 222 52.41 47.62 -40.70
CA PHE B 222 51.76 46.34 -40.91
C PHE B 222 50.93 45.96 -39.70
N GLY B 223 49.81 45.31 -39.97
CA GLY B 223 48.87 44.92 -38.94
C GLY B 223 49.18 43.55 -38.38
N GLN B 224 48.27 43.07 -37.52
CA GLN B 224 48.49 41.83 -36.79
C GLN B 224 48.47 40.62 -37.71
N ASP B 225 47.61 40.64 -38.74
CA ASP B 225 47.52 39.51 -39.66
C ASP B 225 48.82 39.31 -40.43
N ILE B 226 49.51 40.40 -40.76
CA ILE B 226 50.79 40.30 -41.45
C ILE B 226 51.80 39.54 -40.60
N SER B 227 51.94 39.93 -39.34
CA SER B 227 52.91 39.29 -38.46
C SER B 227 52.49 37.86 -38.15
N GLU B 228 51.19 37.59 -38.06
CA GLU B 228 50.72 36.22 -37.86
C GLU B 228 51.11 35.34 -39.04
N THR B 229 50.85 35.79 -40.26
CA THR B 229 51.20 35.00 -41.44
C THR B 229 52.70 34.83 -41.55
N PHE B 230 53.47 35.88 -41.26
CA PHE B 230 54.92 35.78 -41.30
C PHE B 230 55.43 34.76 -40.30
N ASN B 231 54.94 34.82 -39.07
CA ASN B 231 55.37 33.87 -38.04
C ASN B 231 55.01 32.45 -38.41
N HIS B 232 53.78 32.24 -38.91
CA HIS B 232 53.36 30.89 -39.27
C HIS B 232 54.17 30.36 -40.45
N ALA B 233 54.34 31.17 -41.49
CA ALA B 233 55.06 30.74 -42.68
C ALA B 233 56.53 30.47 -42.38
N ASN B 234 57.12 31.22 -41.45
CA ASN B 234 58.53 31.09 -41.16
C ASN B 234 58.82 30.32 -39.87
N GLY B 235 57.80 29.75 -39.25
CA GLY B 235 58.02 28.96 -38.05
C GLY B 235 58.56 29.75 -36.90
N LEU B 236 58.21 31.02 -36.80
CA LEU B 236 58.63 31.88 -35.71
C LEU B 236 57.54 31.97 -34.66
N THR B 237 57.96 32.15 -33.40
CA THR B 237 57.01 32.40 -32.33
C THR B 237 56.95 33.86 -31.94
N LEU B 238 57.95 34.65 -32.30
CA LEU B 238 58.01 36.04 -31.89
C LEU B 238 58.89 36.81 -32.86
N VAL B 239 58.54 38.06 -33.07
CA VAL B 239 59.36 39.00 -33.82
C VAL B 239 59.79 40.08 -32.83
N SER B 240 61.02 39.97 -32.36
CA SER B 240 61.60 40.99 -31.50
C SER B 240 61.99 42.21 -32.33
N ARG B 241 61.93 43.39 -31.70
CA ARG B 241 61.92 44.61 -32.50
C ARG B 241 62.41 45.77 -31.65
N ALA B 242 62.68 46.88 -32.34
CA ALA B 242 63.22 48.12 -31.81
C ALA B 242 62.59 49.21 -32.65
N HIS B 243 63.22 50.37 -32.81
CA HIS B 243 62.90 51.38 -33.83
C HIS B 243 61.77 52.30 -33.41
N GLN B 244 61.13 52.05 -32.27
CA GLN B 244 60.04 52.91 -31.83
C GLN B 244 60.14 53.13 -30.35
N LEU B 245 59.93 54.39 -29.93
CA LEU B 245 59.93 54.73 -28.53
C LEU B 245 58.81 53.98 -27.81
N VAL B 246 59.16 53.37 -26.69
CA VAL B 246 58.21 52.73 -25.80
C VAL B 246 58.34 53.39 -24.45
N MET B 247 57.22 53.89 -23.91
CA MET B 247 57.25 54.62 -22.66
C MET B 247 57.65 53.72 -21.50
N GLU B 248 57.23 52.47 -21.53
CA GLU B 248 57.58 51.51 -20.50
C GLU B 248 58.78 50.67 -20.85
N GLY B 249 59.44 50.95 -21.97
CA GLY B 249 60.64 50.23 -22.36
C GLY B 249 60.38 49.06 -23.27
N TYR B 250 59.26 48.37 -23.07
CA TYR B 250 58.89 47.27 -23.95
C TYR B 250 57.37 47.21 -24.06
N ASN B 251 56.90 46.73 -25.19
CA ASN B 251 55.48 46.61 -25.41
C ASN B 251 55.18 45.42 -26.30
N TRP B 252 54.21 44.61 -25.88
CA TRP B 252 53.75 43.50 -26.69
C TRP B 252 52.73 43.97 -27.71
N CYS B 253 52.84 43.44 -28.92
CA CYS B 253 51.93 43.81 -29.99
C CYS B 253 51.46 42.55 -30.69
N HIS B 254 50.31 42.69 -31.37
CA HIS B 254 49.78 41.69 -32.30
C HIS B 254 49.57 40.32 -31.65
N ASP B 255 49.02 40.33 -30.43
CA ASP B 255 48.73 39.12 -29.65
C ASP B 255 50.06 38.36 -29.45
N ARG B 256 51.05 39.09 -28.91
CA ARG B 256 52.37 38.55 -28.58
C ARG B 256 53.14 38.01 -29.78
N ASN B 257 52.76 38.41 -30.99
CA ASN B 257 53.56 38.05 -32.16
C ASN B 257 54.75 38.97 -32.33
N VAL B 258 54.64 40.22 -31.89
CA VAL B 258 55.68 41.22 -32.04
C VAL B 258 55.87 41.88 -30.68
N VAL B 259 57.12 42.13 -30.31
CA VAL B 259 57.44 42.91 -29.12
C VAL B 259 58.46 43.96 -29.51
N THR B 260 58.20 45.20 -29.14
CA THR B 260 59.14 46.30 -29.34
C THR B 260 59.97 46.48 -28.09
N ILE B 261 61.27 46.71 -28.27
CA ILE B 261 62.19 46.94 -27.16
C ILE B 261 62.95 48.23 -27.43
N PHE B 262 62.92 49.14 -26.47
CA PHE B 262 63.65 50.39 -26.53
C PHE B 262 64.57 50.48 -25.34
N SER B 263 65.88 50.57 -25.60
CA SER B 263 66.88 50.53 -24.56
C SER B 263 67.52 51.88 -24.31
N ALA B 264 66.83 52.97 -24.63
CA ALA B 264 67.35 54.32 -24.51
C ALA B 264 66.44 55.10 -23.56
N PRO B 265 66.71 55.09 -22.27
CA PRO B 265 65.84 55.80 -21.33
C PRO B 265 66.06 57.30 -21.45
N ASN B 266 64.97 58.06 -21.32
CA ASN B 266 64.95 59.51 -21.53
C ASN B 266 65.56 59.83 -22.89
N TYR B 267 64.87 59.34 -23.93
CA TYR B 267 65.45 59.07 -25.25
C TYR B 267 66.25 60.25 -25.81
N CYS B 268 65.60 61.36 -26.09
CA CYS B 268 66.33 62.54 -26.55
C CYS B 268 66.74 63.44 -25.41
N TYR B 269 66.93 62.88 -24.21
CA TYR B 269 67.12 63.59 -22.94
C TYR B 269 65.90 64.41 -22.57
N ARG B 270 64.76 64.14 -23.18
CA ARG B 270 63.52 64.82 -22.86
C ARG B 270 62.30 63.93 -22.82
N CYS B 271 62.34 62.71 -23.37
CA CYS B 271 61.14 61.90 -23.47
C CYS B 271 60.75 61.26 -22.16
N GLY B 272 61.68 61.14 -21.21
CA GLY B 272 61.37 60.56 -19.92
C GLY B 272 60.90 59.12 -19.94
N ASN B 273 61.20 58.39 -21.00
CA ASN B 273 60.76 57.01 -21.10
C ASN B 273 61.64 56.09 -20.26
N GLN B 274 61.08 54.94 -19.93
CA GLN B 274 61.88 53.87 -19.38
C GLN B 274 62.60 53.14 -20.51
N ALA B 275 63.49 52.24 -20.14
CA ALA B 275 64.18 51.40 -21.09
C ALA B 275 64.16 49.98 -20.58
N ALA B 276 63.98 49.03 -21.48
CA ALA B 276 63.91 47.64 -21.11
C ALA B 276 64.89 46.86 -21.97
N ILE B 277 65.26 45.67 -21.49
CA ILE B 277 66.01 44.70 -22.25
C ILE B 277 65.40 43.32 -21.99
N MET B 278 65.28 42.54 -23.06
CA MET B 278 64.70 41.19 -22.96
C MET B 278 65.83 40.21 -22.69
N GLU B 279 65.86 39.70 -21.47
CA GLU B 279 66.82 38.66 -21.09
C GLU B 279 66.18 37.32 -21.38
N LEU B 280 66.79 36.56 -22.30
CA LEU B 280 66.34 35.23 -22.65
C LEU B 280 67.30 34.24 -22.02
N ASP B 281 66.79 33.32 -21.22
CA ASP B 281 67.67 32.38 -20.56
C ASP B 281 67.87 31.15 -21.45
N ASP B 282 68.44 30.09 -20.87
CA ASP B 282 68.81 28.92 -21.66
C ASP B 282 67.60 28.24 -22.30
N THR B 283 66.44 28.33 -21.67
CA THR B 283 65.25 27.61 -22.12
C THR B 283 64.21 28.55 -22.72
N LEU B 284 64.67 29.70 -23.24
CA LEU B 284 63.85 30.72 -23.87
C LEU B 284 62.78 31.30 -22.94
N LYS B 285 63.00 31.24 -21.63
CA LYS B 285 62.13 31.93 -20.68
C LYS B 285 62.58 33.38 -20.59
N TYR B 286 61.75 34.29 -21.04
CA TYR B 286 62.13 35.69 -21.12
C TYR B 286 61.83 36.40 -19.82
N SER B 287 62.38 37.60 -19.70
CA SER B 287 62.11 38.52 -18.61
C SER B 287 62.62 39.89 -19.02
N PHE B 288 61.81 40.91 -18.85
CA PHE B 288 62.17 42.26 -19.24
C PHE B 288 62.69 43.00 -18.04
N LEU B 289 63.85 43.62 -18.17
CA LEU B 289 64.48 44.38 -17.11
C LEU B 289 64.31 45.85 -17.45
N GLN B 290 63.25 46.46 -16.93
CA GLN B 290 63.09 47.90 -17.10
C GLN B 290 64.11 48.64 -16.24
N PHE B 291 64.65 49.72 -16.79
CA PHE B 291 65.59 50.54 -16.04
C PHE B 291 65.46 51.99 -16.45
N ASP B 292 65.75 52.87 -15.50
CA ASP B 292 65.66 54.31 -15.60
C ASP B 292 67.02 54.89 -15.98
N PRO B 293 67.07 56.13 -16.49
CA PRO B 293 68.36 56.68 -16.91
C PRO B 293 69.32 56.86 -15.74
N ALA B 294 70.61 56.77 -16.06
CA ALA B 294 71.64 56.81 -15.03
C ALA B 294 71.72 58.20 -14.40
N PRO B 295 72.22 58.30 -13.17
CA PRO B 295 72.48 59.62 -12.58
C PRO B 295 73.73 60.24 -13.18
N ARG B 296 73.56 61.36 -13.87
CA ARG B 296 74.66 62.05 -14.52
C ARG B 296 75.23 63.11 -13.58
N ARG B 297 76.56 63.21 -13.56
CA ARG B 297 77.23 64.20 -12.74
C ARG B 297 77.14 65.58 -13.39
N ALA C 1 44.96 -4.00 36.49
CA ALA C 1 44.37 -5.25 36.96
C ALA C 1 44.39 -5.31 38.49
N ALA C 2 43.31 -4.80 39.11
CA ALA C 2 43.18 -4.77 40.55
C ALA C 2 41.72 -4.58 40.90
N ALA C 3 41.43 -4.69 42.20
CA ALA C 3 40.08 -4.48 42.71
C ALA C 3 40.17 -3.85 44.09
N ASP C 4 39.15 -3.09 44.46
CA ASP C 4 39.11 -2.35 45.71
C ASP C 4 38.09 -2.96 46.66
N VAL C 5 38.47 -3.06 47.92
CA VAL C 5 37.61 -3.58 48.97
C VAL C 5 37.83 -2.75 50.23
N SER C 6 36.76 -2.60 51.01
CA SER C 6 36.79 -1.77 52.21
C SER C 6 36.93 -2.65 53.45
N VAL C 7 37.80 -2.24 54.36
CA VAL C 7 38.01 -2.99 55.59
C VAL C 7 36.74 -2.96 56.44
N TRP C 8 36.15 -1.79 56.62
CA TRP C 8 34.95 -1.63 57.43
C TRP C 8 33.85 -1.09 56.53
N GLU C 9 32.74 -1.81 56.46
CA GLU C 9 31.70 -1.48 55.50
C GLU C 9 30.65 -0.49 56.03
N GLU C 10 30.74 -0.08 57.29
CA GLU C 10 30.00 1.09 57.78
C GLU C 10 30.95 2.09 58.42
N ASN C 11 32.07 2.33 57.77
CA ASN C 11 33.02 3.36 58.18
C ASN C 11 32.58 4.70 57.60
N TRP C 12 32.40 5.70 58.46
CA TRP C 12 31.89 7.00 58.03
C TRP C 12 32.98 7.89 57.44
N GLU C 13 34.23 7.44 57.48
CA GLU C 13 35.35 8.23 56.99
C GLU C 13 35.60 8.11 55.50
N ASP C 14 35.03 7.10 54.84
CA ASP C 14 35.23 6.92 53.40
C ASP C 14 34.70 8.11 52.61
N ASP C 15 35.51 8.60 51.68
CA ASP C 15 35.14 9.74 50.85
C ASP C 15 34.57 9.30 49.51
N ILE C 16 33.92 8.14 49.48
CA ILE C 16 33.32 7.64 48.24
C ILE C 16 32.24 8.58 47.74
N VAL C 17 31.48 9.19 48.66
CA VAL C 17 30.47 10.18 48.32
C VAL C 17 30.73 11.41 49.17
N GLN C 18 30.74 12.57 48.53
CA GLN C 18 30.91 13.84 49.20
C GLN C 18 29.65 14.68 49.00
N ASP C 19 28.99 15.04 50.09
CA ASP C 19 27.76 15.81 50.04
C ASP C 19 28.02 17.26 50.39
N ASP C 20 27.14 18.14 49.88
CA ASP C 20 27.38 19.57 49.95
C ASP C 20 27.46 20.07 51.38
N PHE C 21 26.53 19.61 52.24
CA PHE C 21 26.46 20.07 53.63
C PHE C 21 27.77 19.82 54.37
N ASN C 22 28.24 18.57 54.33
CA ASN C 22 29.50 18.23 54.97
C ASN C 22 30.67 18.91 54.30
N GLN C 23 30.57 19.16 52.99
CA GLN C 23 31.63 19.89 52.28
C GLN C 23 31.81 21.29 52.85
N GLN C 24 30.74 22.07 52.96
CA GLN C 24 30.91 23.42 53.47
C GLN C 24 31.23 23.41 54.96
N LEU C 25 30.70 22.44 55.71
CA LEU C 25 31.07 22.34 57.12
C LEU C 25 32.55 22.06 57.30
N ARG C 26 33.10 21.13 56.51
CA ARG C 26 34.52 20.83 56.56
C ARG C 26 35.36 22.03 56.15
N LEU C 27 35.03 22.64 55.00
CA LEU C 27 35.78 23.79 54.52
C LEU C 27 35.69 24.97 55.47
N GLU C 28 34.64 25.02 56.26
CA GLU C 28 34.35 26.11 57.18
C GLU C 28 34.99 25.93 58.54
N MET C 29 35.24 24.69 58.94
CA MET C 29 35.73 24.43 60.28
C MET C 29 37.05 23.67 60.35
N GLU C 30 37.66 23.35 59.22
CA GLU C 30 38.97 22.70 59.23
C GLU C 30 40.07 23.74 59.26
N ARG C 31 41.08 23.50 60.08
CA ARG C 31 42.23 24.39 60.17
C ARG C 31 43.53 23.62 60.03
N VAL D 119 15.41 86.57 -45.87
CA VAL D 119 15.48 85.28 -45.17
C VAL D 119 16.90 85.03 -44.68
N LEU D 120 17.66 86.12 -44.49
CA LEU D 120 19.01 86.01 -44.01
C LEU D 120 19.01 85.65 -42.52
N PRO D 121 20.12 85.08 -42.02
CA PRO D 121 20.19 84.78 -40.58
C PRO D 121 20.07 86.01 -39.69
N THR D 122 20.59 87.15 -40.13
CA THR D 122 20.45 88.40 -39.42
C THR D 122 19.19 89.17 -39.81
N VAL D 123 18.43 88.68 -40.79
CA VAL D 123 17.20 89.30 -41.25
C VAL D 123 15.99 88.38 -41.14
N LEU D 124 16.16 87.20 -40.54
CA LEU D 124 15.05 86.27 -40.38
C LEU D 124 13.99 86.83 -39.44
N LEU D 125 14.40 87.29 -38.25
CA LEU D 125 13.47 87.89 -37.31
C LEU D 125 12.88 89.19 -37.85
N ASP D 126 13.72 90.03 -38.47
CA ASP D 126 13.25 91.31 -39.00
C ASP D 126 12.21 91.12 -40.10
N GLU D 127 12.46 90.19 -41.04
CA GLU D 127 11.50 89.94 -42.11
C GLU D 127 10.19 89.40 -41.58
N ILE D 128 10.25 88.46 -40.63
CA ILE D 128 9.02 87.87 -40.10
C ILE D 128 8.27 88.86 -39.22
N GLU D 129 8.97 89.85 -38.66
CA GLU D 129 8.29 90.87 -37.87
C GLU D 129 7.66 91.91 -38.78
N ALA D 130 8.33 92.29 -39.87
CA ALA D 130 7.72 93.20 -40.83
C ALA D 130 6.51 92.56 -41.49
N ALA D 131 6.61 91.27 -41.84
CA ALA D 131 5.46 90.53 -42.37
C ALA D 131 4.33 90.42 -41.35
N GLU D 132 4.65 90.36 -40.06
CA GLU D 132 3.60 90.34 -39.05
C GLU D 132 2.94 91.71 -38.92
N LEU D 133 3.74 92.78 -38.98
CA LEU D 133 3.23 94.14 -38.88
C LEU D 133 2.46 94.57 -40.13
N GLU D 134 2.71 93.93 -41.28
CA GLU D 134 2.02 94.30 -42.51
C GLU D 134 0.53 93.95 -42.48
N GLY D 135 0.10 93.10 -41.56
CA GLY D 135 -1.29 92.71 -41.47
C GLY D 135 -1.65 91.45 -42.23
N ASN D 136 -0.68 90.72 -42.74
CA ASN D 136 -0.91 89.47 -43.45
C ASN D 136 -0.85 88.31 -42.47
N ASP D 137 -1.95 87.59 -42.32
CA ASP D 137 -2.02 86.46 -41.41
C ASP D 137 -1.35 85.21 -41.96
N ASP D 138 -1.01 85.19 -43.26
CA ASP D 138 -0.35 84.04 -43.87
C ASP D 138 1.12 84.25 -44.17
N ARG D 139 1.58 85.50 -44.28
CA ARG D 139 2.97 85.77 -44.62
C ARG D 139 3.92 85.35 -43.49
N ILE D 140 3.46 85.43 -42.24
CA ILE D 140 4.31 85.07 -41.11
C ILE D 140 4.68 83.59 -41.14
N GLU D 141 3.72 82.74 -41.55
CA GLU D 141 3.96 81.30 -41.59
C GLU D 141 5.05 80.93 -42.59
N GLY D 142 5.15 81.68 -43.70
CA GLY D 142 6.19 81.40 -44.68
C GLY D 142 7.58 81.73 -44.16
N VAL D 143 7.71 82.87 -43.47
CA VAL D 143 9.00 83.29 -42.92
C VAL D 143 9.37 82.46 -41.69
N LEU D 144 8.37 81.87 -41.02
CA LEU D 144 8.64 81.04 -39.84
C LEU D 144 9.49 79.82 -40.19
N CYS D 145 9.18 79.17 -41.32
CA CYS D 145 9.94 78.01 -41.76
C CYS D 145 11.39 78.39 -42.04
N GLY D 146 11.60 79.52 -42.71
CA GLY D 146 12.95 79.99 -42.97
C GLY D 146 13.71 80.34 -41.70
N ALA D 147 13.02 80.95 -40.73
CA ALA D 147 13.65 81.28 -39.45
C ALA D 147 14.04 80.01 -38.69
N VAL D 148 13.16 79.01 -38.69
CA VAL D 148 13.46 77.74 -38.03
C VAL D 148 14.64 77.05 -38.71
N LYS D 149 14.67 77.07 -40.04
CA LYS D 149 15.77 76.46 -40.78
C LYS D 149 17.09 77.17 -40.49
N GLN D 150 17.05 78.51 -40.41
CA GLN D 150 18.26 79.27 -40.08
C GLN D 150 18.74 78.95 -38.67
N LEU D 151 17.81 78.84 -37.72
CA LEU D 151 18.18 78.49 -36.35
C LEU D 151 18.78 77.10 -36.27
N LYS D 152 18.22 76.14 -37.01
CA LYS D 152 18.67 74.76 -36.91
C LYS D 152 20.00 74.54 -37.65
N VAL D 153 20.07 74.94 -38.92
CA VAL D 153 21.26 74.67 -39.74
C VAL D 153 22.46 75.44 -39.22
N THR D 154 22.30 76.73 -38.93
CA THR D 154 23.38 77.55 -38.40
C THR D 154 23.49 77.40 -36.87
N ARG D 155 23.60 76.17 -36.38
CA ARG D 155 23.66 75.96 -34.94
C ARG D 155 25.01 76.31 -34.35
N ALA D 156 26.05 76.43 -35.18
CA ALA D 156 27.36 76.84 -34.68
C ALA D 156 27.32 78.25 -34.11
N LYS D 157 26.46 79.10 -34.66
CA LYS D 157 26.23 80.46 -34.16
C LYS D 157 24.72 80.64 -34.03
N PRO D 158 24.11 80.01 -33.02
CA PRO D 158 22.66 80.11 -32.86
C PRO D 158 22.25 81.47 -32.32
N ASP D 159 20.95 81.77 -32.49
CA ASP D 159 20.39 83.02 -32.00
C ASP D 159 19.96 82.83 -30.56
N SER D 160 20.60 83.56 -29.65
CA SER D 160 20.31 83.49 -28.23
C SER D 160 19.17 84.42 -27.80
N THR D 161 18.63 85.22 -28.72
CA THR D 161 17.59 86.17 -28.37
C THR D 161 16.21 85.54 -28.23
N LEU D 162 16.05 84.27 -28.63
CA LEU D 162 14.75 83.61 -28.53
C LEU D 162 14.29 83.50 -27.07
N TYR D 163 15.20 83.09 -26.18
CA TYR D 163 14.87 83.03 -24.77
C TYR D 163 14.92 84.41 -24.11
N LEU D 164 15.81 85.29 -24.58
CA LEU D 164 15.96 86.61 -23.97
C LEU D 164 14.70 87.46 -24.14
N SER D 165 14.09 87.42 -25.33
CA SER D 165 12.91 88.23 -25.62
C SER D 165 11.71 87.88 -24.76
N LEU D 166 11.68 86.67 -24.19
CA LEU D 166 10.54 86.25 -23.36
C LEU D 166 10.41 87.10 -22.11
N MET D 167 11.54 87.39 -21.44
CA MET D 167 11.52 88.16 -20.21
C MET D 167 11.04 89.58 -20.44
N TYR D 168 11.55 90.24 -21.49
CA TYR D 168 11.16 91.61 -21.78
C TYR D 168 9.69 91.73 -22.17
N LEU D 169 9.20 90.79 -22.97
CA LEU D 169 7.82 90.87 -23.45
C LEU D 169 6.82 90.52 -22.35
N ALA D 170 7.19 89.66 -21.42
CA ALA D 170 6.26 89.26 -20.36
C ALA D 170 6.02 90.37 -19.35
N LYS D 171 6.91 91.35 -19.24
CA LYS D 171 6.79 92.42 -18.27
C LYS D 171 6.03 93.63 -18.83
N ILE D 172 5.55 93.55 -20.07
CA ILE D 172 4.80 94.64 -20.69
C ILE D 172 3.41 94.17 -21.11
N LYS D 173 3.33 93.02 -21.77
CA LYS D 173 2.06 92.45 -22.26
C LYS D 173 1.92 91.04 -21.73
N PRO D 174 1.32 90.87 -20.55
CA PRO D 174 1.14 89.50 -19.99
C PRO D 174 0.32 88.58 -20.87
N ASN D 175 -0.67 89.11 -21.59
CA ASN D 175 -1.49 88.29 -22.48
C ASN D 175 -0.74 87.77 -23.69
N ILE D 176 0.41 88.37 -24.02
CA ILE D 176 1.19 87.95 -25.18
C ILE D 176 1.73 86.54 -24.99
N PHE D 177 2.09 86.18 -23.75
CA PHE D 177 2.70 84.88 -23.46
C PHE D 177 1.73 83.72 -23.63
N ALA D 178 0.44 83.98 -23.77
CA ALA D 178 -0.57 82.93 -23.91
C ALA D 178 -0.76 82.46 -25.35
N THR D 179 -0.04 83.05 -26.30
CA THR D 179 -0.19 82.68 -27.70
C THR D 179 0.37 81.28 -27.95
N GLU D 180 -0.18 80.61 -28.96
CA GLU D 180 0.22 79.26 -29.31
C GLU D 180 1.44 79.20 -30.21
N GLY D 181 1.93 80.34 -30.71
CA GLY D 181 3.11 80.34 -31.55
C GLY D 181 4.35 79.85 -30.83
N VAL D 182 4.56 80.32 -29.60
CA VAL D 182 5.70 79.86 -28.80
C VAL D 182 5.56 78.38 -28.46
N ILE D 183 4.33 77.95 -28.16
CA ILE D 183 4.07 76.55 -27.87
C ILE D 183 4.36 75.69 -29.10
N GLU D 184 3.93 76.15 -30.28
CA GLU D 184 4.20 75.43 -31.52
C GLU D 184 5.70 75.34 -31.80
N ALA D 185 6.43 76.44 -31.59
CA ALA D 185 7.87 76.43 -31.78
C ALA D 185 8.56 75.47 -30.81
N LEU D 186 8.13 75.47 -29.54
CA LEU D 186 8.70 74.56 -28.55
C LEU D 186 8.43 73.11 -28.91
N CYS D 187 7.19 72.81 -29.35
CA CYS D 187 6.84 71.45 -29.76
C CYS D 187 7.66 71.01 -30.97
N SER D 188 7.84 71.91 -31.94
CA SER D 188 8.63 71.58 -33.12
C SER D 188 10.09 71.32 -32.77
N LEU D 189 10.66 72.13 -31.88
CA LEU D 189 12.05 71.99 -31.49
C LEU D 189 12.30 70.99 -30.38
N LEU D 190 11.25 70.30 -29.90
CA LEU D 190 11.39 69.39 -28.77
C LEU D 190 11.93 68.01 -29.16
N ARG D 191 12.43 67.83 -30.38
CA ARG D 191 13.00 66.55 -30.77
C ARG D 191 14.37 66.40 -30.12
N ARG D 192 14.51 65.40 -29.24
CA ARG D 192 15.74 65.21 -28.50
C ARG D 192 16.74 64.42 -29.32
N ASP D 193 17.89 65.01 -29.58
CA ASP D 193 18.99 64.37 -30.28
C ASP D 193 20.16 64.21 -29.32
N ALA D 194 20.84 63.07 -29.39
CA ALA D 194 21.92 62.77 -28.46
C ALA D 194 23.29 63.25 -28.93
N SER D 195 23.50 63.40 -30.24
CA SER D 195 24.84 63.77 -30.72
C SER D 195 25.09 65.28 -30.63
N ILE D 196 24.30 66.07 -31.34
CA ILE D 196 24.44 67.53 -31.25
C ILE D 196 23.08 68.22 -31.40
N ASN D 197 22.57 68.77 -30.31
CA ASN D 197 21.29 69.46 -30.29
C ASN D 197 21.17 70.22 -28.98
N PHE D 198 20.35 71.28 -29.01
CA PHE D 198 20.01 72.02 -27.80
C PHE D 198 18.61 71.55 -27.37
N LYS D 199 18.61 70.44 -26.63
CA LYS D 199 17.37 69.78 -26.23
C LYS D 199 17.02 70.05 -24.78
N ALA D 200 17.71 70.98 -24.13
CA ALA D 200 17.50 71.33 -22.74
C ALA D 200 16.85 72.71 -22.65
N LYS D 201 16.45 73.08 -21.44
CA LYS D 201 15.80 74.35 -21.19
C LYS D 201 16.76 75.31 -20.50
N GLY D 202 16.77 76.55 -20.99
CA GLY D 202 17.62 77.57 -20.41
C GLY D 202 17.13 78.04 -19.06
N ASN D 203 17.99 78.78 -18.37
CA ASN D 203 17.65 79.30 -17.04
C ASN D 203 16.48 80.26 -17.13
N SER D 204 15.52 80.09 -16.22
CA SER D 204 14.31 80.91 -16.17
C SER D 204 14.28 81.79 -14.93
N LEU D 205 15.45 82.29 -14.50
CA LEU D 205 15.51 83.16 -13.33
C LEU D 205 14.77 84.47 -13.57
N VAL D 206 14.93 85.05 -14.76
CA VAL D 206 14.21 86.29 -15.10
C VAL D 206 12.71 86.03 -15.15
N SER D 207 12.31 84.90 -15.74
CA SER D 207 10.89 84.55 -15.79
C SER D 207 10.32 84.31 -14.39
N VAL D 208 11.10 83.65 -13.52
CA VAL D 208 10.66 83.41 -12.15
C VAL D 208 10.51 84.73 -11.40
N LEU D 209 11.47 85.65 -11.59
CA LEU D 209 11.39 86.96 -10.95
C LEU D 209 10.17 87.75 -11.44
N ALA D 210 9.91 87.70 -12.75
CA ALA D 210 8.73 88.38 -13.30
C ALA D 210 7.44 87.79 -12.75
N CYS D 211 7.36 86.45 -12.66
CA CYS D 211 6.18 85.80 -12.10
C CYS D 211 5.98 86.16 -10.64
N ASN D 212 7.07 86.21 -9.86
CA ASN D 212 6.96 86.57 -8.45
C ASN D 212 6.57 88.02 -8.27
N LEU D 213 7.06 88.91 -9.15
CA LEU D 213 6.71 90.32 -9.05
C LEU D 213 5.31 90.61 -9.59
N LEU D 214 4.77 89.73 -10.43
CA LEU D 214 3.39 89.91 -10.91
C LEU D 214 2.36 89.65 -9.83
N MET D 215 2.74 88.95 -8.76
CA MET D 215 1.80 88.70 -7.65
C MET D 215 1.45 89.97 -6.91
N ALA D 216 2.36 90.95 -6.86
CA ALA D 216 2.08 92.21 -6.20
C ALA D 216 0.95 92.96 -6.89
N ALA D 217 0.92 92.92 -8.23
CA ALA D 217 -0.12 93.58 -9.00
C ALA D 217 -1.43 92.81 -9.02
N TYR D 218 -1.45 91.57 -8.50
CA TYR D 218 -2.65 90.75 -8.46
C TYR D 218 -3.01 90.36 -7.04
N GLU D 219 -2.63 91.18 -6.06
CA GLU D 219 -2.94 90.91 -4.67
C GLU D 219 -4.42 91.17 -4.38
N GLU D 220 -4.97 92.24 -4.94
CA GLU D 220 -6.36 92.63 -4.72
C GLU D 220 -7.29 92.14 -5.83
N ASP D 221 -6.79 91.37 -6.78
CA ASP D 221 -7.59 90.90 -7.91
C ASP D 221 -8.20 89.54 -7.55
N GLU D 222 -9.52 89.51 -7.37
CA GLU D 222 -10.20 88.27 -7.06
C GLU D 222 -10.31 87.37 -8.29
N ASN D 223 -10.55 87.96 -9.46
CA ASN D 223 -10.69 87.22 -10.71
C ASN D 223 -9.36 87.20 -11.44
N TRP D 224 -8.93 86.02 -11.85
CA TRP D 224 -7.69 85.81 -12.57
C TRP D 224 -7.93 84.82 -13.69
N PRO D 225 -7.10 84.85 -14.73
CA PRO D 225 -7.31 83.94 -15.86
C PRO D 225 -6.71 82.57 -15.60
N GLU D 226 -7.08 81.61 -16.46
CA GLU D 226 -6.53 80.26 -16.36
C GLU D 226 -5.10 80.18 -16.83
N ILE D 227 -4.66 81.12 -17.67
CA ILE D 227 -3.26 81.16 -18.11
C ILE D 227 -2.34 81.42 -16.93
N PHE D 228 -2.72 82.35 -16.05
CA PHE D 228 -1.93 82.61 -14.85
C PHE D 228 -1.89 81.40 -13.94
N VAL D 229 -3.00 80.68 -13.81
CA VAL D 229 -3.04 79.47 -13.00
C VAL D 229 -2.12 78.40 -13.57
N LYS D 230 -2.15 78.24 -14.90
CA LYS D 230 -1.26 77.27 -15.56
C LYS D 230 0.20 77.65 -15.38
N VAL D 231 0.51 78.94 -15.47
CA VAL D 231 1.88 79.41 -15.28
C VAL D 231 2.34 79.14 -13.86
N TYR D 232 1.46 79.41 -12.88
CA TYR D 232 1.79 79.17 -11.48
C TYR D 232 2.01 77.69 -11.21
N ILE D 233 1.18 76.83 -11.82
CA ILE D 233 1.34 75.38 -11.67
C ILE D 233 2.66 74.92 -12.28
N GLU D 234 2.98 75.44 -13.48
CA GLU D 234 4.22 75.05 -14.16
C GLU D 234 5.46 75.56 -13.43
N ASP D 235 5.33 76.67 -12.70
CA ASP D 235 6.47 77.25 -11.98
C ASP D 235 7.00 76.29 -10.92
N SER D 236 6.11 75.60 -10.22
CA SER D 236 6.51 74.66 -9.17
C SER D 236 7.29 73.47 -9.70
N LEU D 237 7.16 73.16 -11.00
CA LEU D 237 7.81 72.02 -11.63
C LEU D 237 9.25 72.31 -12.07
N GLY D 238 9.86 73.38 -11.56
CA GLY D 238 11.23 73.72 -11.88
C GLY D 238 12.24 72.99 -11.03
N GLU D 239 13.42 73.58 -10.91
CA GLU D 239 14.52 73.02 -10.15
C GLU D 239 14.50 73.41 -8.68
N ARG D 240 13.51 74.20 -8.25
CA ARG D 240 13.38 74.71 -6.87
C ARG D 240 14.60 75.55 -6.48
N ILE D 241 14.85 76.57 -7.28
CA ILE D 241 16.02 77.44 -7.07
C ILE D 241 15.91 78.20 -5.75
N TRP D 242 14.75 78.77 -5.47
CA TRP D 242 14.56 79.59 -4.27
C TRP D 242 13.62 78.96 -3.26
N VAL D 243 13.31 77.66 -3.40
CA VAL D 243 12.42 76.99 -2.46
C VAL D 243 13.05 76.91 -1.07
N ASP D 244 14.35 76.57 -1.01
CA ASP D 244 15.02 76.39 0.27
C ASP D 244 15.30 77.70 0.98
N SER D 245 15.31 78.82 0.27
CA SER D 245 15.59 80.11 0.88
C SER D 245 14.44 80.53 1.78
N PRO D 246 14.69 80.82 3.07
CA PRO D 246 13.58 81.25 3.94
C PRO D 246 13.12 82.67 3.66
N HIS D 247 14.00 83.54 3.18
CA HIS D 247 13.61 84.92 2.89
C HIS D 247 12.61 85.00 1.76
N CYS D 248 12.63 84.04 0.84
CA CYS D 248 11.71 84.01 -0.29
C CYS D 248 10.41 83.28 0.02
N LYS D 249 10.05 83.17 1.30
CA LYS D 249 8.81 82.49 1.67
C LYS D 249 7.58 83.26 1.18
N THR D 250 7.64 84.59 1.23
CA THR D 250 6.52 85.42 0.79
C THR D 250 6.24 85.24 -0.69
N PHE D 251 7.29 85.20 -1.52
CA PHE D 251 7.11 85.02 -2.95
C PHE D 251 6.49 83.66 -3.27
N VAL D 252 6.96 82.60 -2.59
CA VAL D 252 6.41 81.27 -2.80
C VAL D 252 4.95 81.21 -2.37
N ASP D 253 4.63 81.84 -1.23
CA ASP D 253 3.25 81.89 -0.76
C ASP D 253 2.35 82.63 -1.74
N ASN D 254 2.83 83.76 -2.27
CA ASN D 254 2.07 84.51 -3.26
C ASN D 254 1.86 83.69 -4.54
N ILE D 255 2.90 82.99 -4.99
CA ILE D 255 2.78 82.15 -6.18
C ILE D 255 1.77 81.04 -5.97
N GLN D 256 1.81 80.40 -4.78
CA GLN D 256 0.84 79.34 -4.47
C GLN D 256 -0.58 79.89 -4.40
N THR D 257 -0.75 81.06 -3.79
CA THR D 257 -2.08 81.66 -3.68
C THR D 257 -2.61 82.11 -5.03
N ALA D 258 -1.73 82.47 -5.96
CA ALA D 258 -2.14 82.90 -7.30
C ALA D 258 -2.91 81.79 -8.02
N PHE D 259 -2.44 80.55 -7.90
CA PHE D 259 -3.11 79.41 -8.53
C PHE D 259 -4.42 79.04 -7.85
N ASN D 260 -4.69 79.54 -6.65
CA ASN D 260 -5.92 79.21 -5.93
C ASN D 260 -7.13 79.87 -6.58
N GLU D 321 -12.94 82.60 -9.28
CA GLU D 321 -12.47 81.28 -9.70
C GLU D 321 -13.35 80.72 -10.81
N GLU D 322 -13.69 81.57 -11.78
CA GLU D 322 -14.53 81.17 -12.90
C GLU D 322 -13.86 80.09 -13.74
N LEU D 323 -12.60 80.32 -14.11
CA LEU D 323 -11.82 79.34 -14.87
C LEU D 323 -10.75 78.67 -14.03
N ALA D 324 -10.66 78.99 -12.74
CA ALA D 324 -9.64 78.36 -11.90
C ALA D 324 -9.99 76.91 -11.57
N GLU D 325 -11.28 76.56 -11.58
CA GLU D 325 -11.68 75.18 -11.34
C GLU D 325 -11.19 74.26 -12.46
N SER D 326 -11.40 74.67 -13.71
CA SER D 326 -10.93 73.87 -14.85
C SER D 326 -9.41 73.79 -14.88
N VAL D 327 -8.73 74.90 -14.56
CA VAL D 327 -7.28 74.92 -14.54
C VAL D 327 -6.75 73.98 -13.45
N GLU D 328 -7.37 74.02 -12.27
CA GLU D 328 -6.97 73.13 -11.18
C GLU D 328 -7.21 71.66 -11.54
N GLU D 329 -8.35 71.37 -12.18
CA GLU D 329 -8.64 70.01 -12.61
C GLU D 329 -7.62 69.52 -13.63
N TYR D 330 -7.26 70.37 -14.60
CA TYR D 330 -6.25 70.01 -15.60
C TYR D 330 -4.88 69.80 -14.95
N VAL D 331 -4.54 70.65 -13.98
CA VAL D 331 -3.26 70.52 -13.27
C VAL D 331 -3.22 69.20 -12.51
N LEU D 332 -4.32 68.86 -11.83
CA LEU D 332 -4.38 67.60 -11.09
C LEU D 332 -4.28 66.40 -12.04
N ASP D 333 -4.96 66.47 -13.19
CA ASP D 333 -4.89 65.39 -14.17
C ASP D 333 -3.47 65.23 -14.71
N MET D 334 -2.79 66.35 -14.97
CA MET D 334 -1.41 66.28 -15.46
C MET D 334 -0.47 65.73 -14.39
N LEU D 335 -0.65 66.14 -13.14
CA LEU D 335 0.21 65.70 -12.04
C LEU D 335 -0.11 64.28 -11.58
N ARG D 336 -1.25 63.73 -11.99
CA ARG D 336 -1.59 62.34 -11.63
C ARG D 336 -0.58 61.35 -12.17
N ASP D 337 0.09 61.67 -13.29
CA ASP D 337 1.12 60.79 -13.83
C ASP D 337 2.26 60.59 -12.85
N GLN D 338 2.72 61.68 -12.22
CA GLN D 338 3.75 61.57 -11.19
C GLN D 338 3.18 61.04 -9.89
N LEU D 339 1.92 61.39 -9.57
CA LEU D 339 1.30 60.96 -8.33
C LEU D 339 1.14 59.44 -8.26
N ASN D 340 0.76 58.82 -9.38
CA ASN D 340 0.57 57.37 -9.41
C ASN D 340 1.88 56.61 -9.32
N ARG D 341 3.01 57.26 -9.60
CA ARG D 341 4.31 56.58 -9.51
C ARG D 341 4.74 56.44 -8.05
N ARG D 342 5.23 55.25 -7.70
CA ARG D 342 5.65 54.95 -6.34
C ARG D 342 7.07 55.46 -6.13
N GLN D 343 7.16 56.78 -5.95
CA GLN D 343 8.46 57.41 -5.72
C GLN D 343 8.94 57.16 -4.30
N PRO D 344 10.26 57.04 -4.12
CA PRO D 344 10.79 56.83 -2.76
C PRO D 344 10.59 58.07 -1.88
N ILE D 345 10.46 57.81 -0.58
CA ILE D 345 10.31 58.89 0.39
C ILE D 345 11.59 59.72 0.46
N ASP D 346 12.75 59.07 0.40
CA ASP D 346 14.02 59.76 0.45
C ASP D 346 14.28 60.62 -0.79
N ASN D 347 13.57 60.37 -1.89
CA ASN D 347 13.76 61.16 -3.11
C ASN D 347 13.22 62.58 -2.96
N VAL D 348 12.40 62.86 -1.96
CA VAL D 348 11.86 64.19 -1.74
C VAL D 348 12.89 65.03 -0.99
N SER D 349 13.22 66.19 -1.54
CA SER D 349 14.22 67.06 -0.93
C SER D 349 13.58 67.87 0.19
N ARG D 350 14.45 68.51 1.00
CA ARG D 350 13.98 69.34 2.10
C ARG D 350 13.25 70.59 1.58
N ASN D 351 13.70 71.14 0.46
CA ASN D 351 13.05 72.33 -0.09
C ASN D 351 11.71 72.01 -0.75
N LEU D 352 11.40 70.74 -1.01
CA LEU D 352 10.14 70.37 -1.64
C LEU D 352 8.99 70.30 -0.66
N LEU D 353 9.26 70.35 0.65
CA LEU D 353 8.19 70.31 1.65
C LEU D 353 7.29 71.53 1.55
N ARG D 354 7.89 72.71 1.31
CA ARG D 354 7.10 73.93 1.19
C ARG D 354 6.15 73.88 0.00
N LEU D 355 6.61 73.30 -1.12
CA LEU D 355 5.76 73.18 -2.30
C LEU D 355 4.54 72.31 -2.04
N LEU D 356 4.73 71.18 -1.35
CA LEU D 356 3.60 70.30 -1.04
C LEU D 356 2.69 70.93 0.02
N THR D 357 3.26 71.62 1.00
CA THR D 357 2.45 72.21 2.06
C THR D 357 1.64 73.40 1.56
N SER D 358 2.18 74.16 0.60
CA SER D 358 1.52 75.35 0.10
C SER D 358 0.20 75.01 -0.60
N THR D 359 0.18 73.95 -1.40
CA THR D 359 -1.02 73.52 -2.10
C THR D 359 -1.82 72.52 -1.27
N CYS D 360 -2.22 72.97 -0.08
CA CYS D 360 -2.96 72.14 0.86
C CYS D 360 -4.46 72.20 0.65
N GLY D 361 -4.93 72.98 -0.32
CA GLY D 361 -6.37 73.07 -0.56
C GLY D 361 -6.98 71.76 -1.01
N TYR D 362 -6.29 71.03 -1.88
CA TYR D 362 -6.78 69.75 -2.37
C TYR D 362 -6.68 68.70 -1.28
N LYS D 363 -7.82 68.14 -0.87
CA LYS D 363 -7.83 67.12 0.17
C LYS D 363 -7.12 65.84 -0.26
N GLU D 364 -7.11 65.55 -1.57
CA GLU D 364 -6.46 64.35 -2.06
C GLU D 364 -4.96 64.39 -1.81
N VAL D 365 -4.33 65.54 -2.03
CA VAL D 365 -2.89 65.68 -1.79
C VAL D 365 -2.57 65.50 -0.32
N ARG D 366 -3.39 66.09 0.56
CA ARG D 366 -3.20 65.93 2.00
C ARG D 366 -3.37 64.48 2.42
N LEU D 367 -4.37 63.79 1.86
CA LEU D 367 -4.57 62.38 2.16
C LEU D 367 -3.38 61.54 1.70
N LEU D 368 -2.86 61.82 0.51
CA LEU D 368 -1.69 61.10 0.01
C LEU D 368 -0.47 61.34 0.88
N ALA D 369 -0.26 62.59 1.32
CA ALA D 369 0.85 62.89 2.21
C ALA D 369 0.70 62.18 3.55
N VAL D 370 -0.51 62.17 4.10
CA VAL D 370 -0.77 61.52 5.38
C VAL D 370 -0.69 59.99 5.28
N GLN D 371 -0.90 59.45 4.08
CA GLN D 371 -0.86 57.99 3.88
C GLN D 371 0.54 57.43 4.16
N LYS D 372 1.58 58.21 3.92
CA LYS D 372 2.96 57.78 4.11
C LYS D 372 3.47 58.07 5.51
N LEU D 373 2.60 58.47 6.44
CA LEU D 373 3.02 58.73 7.81
C LEU D 373 3.51 57.45 8.48
N GLU D 374 2.80 56.34 8.28
CA GLU D 374 3.24 55.07 8.84
C GLU D 374 4.49 54.55 8.14
N MET D 375 4.63 54.84 6.84
CA MET D 375 5.80 54.41 6.09
C MET D 375 7.08 55.03 6.64
N TRP D 376 7.02 56.31 7.02
CA TRP D 376 8.16 57.03 7.56
C TRP D 376 8.26 56.92 9.08
N LEU D 377 7.38 56.13 9.72
CA LEU D 377 7.43 55.97 11.17
C LEU D 377 8.70 55.27 11.62
N GLN D 378 9.16 54.28 10.84
CA GLN D 378 10.36 53.53 11.17
C GLN D 378 11.63 54.16 10.63
N ASN D 379 11.52 55.22 9.83
CA ASN D 379 12.70 55.86 9.25
C ASN D 379 13.25 56.90 10.23
N PRO D 380 14.47 56.73 10.74
CA PRO D 380 15.03 57.76 11.64
C PRO D 380 15.26 59.10 10.98
N LYS D 381 15.49 59.15 9.66
CA LYS D 381 15.80 60.39 8.98
C LYS D 381 14.57 61.25 8.70
N LEU D 382 13.37 60.70 8.87
CA LEU D 382 12.13 61.43 8.61
C LEU D 382 11.38 61.76 9.90
N THR D 383 12.10 61.90 11.02
CA THR D 383 11.44 62.21 12.28
C THR D 383 10.85 63.62 12.27
N ARG D 384 11.58 64.59 11.73
CA ARG D 384 11.05 65.94 11.57
C ARG D 384 9.84 65.95 10.65
N PRO D 385 9.87 65.31 9.48
CA PRO D 385 8.65 65.19 8.67
C PRO D 385 7.53 64.45 9.37
N ALA D 386 7.84 63.44 10.19
CA ALA D 386 6.80 62.74 10.94
C ALA D 386 6.10 63.66 11.95
N GLN D 387 6.88 64.47 12.67
CA GLN D 387 6.32 65.47 13.57
C GLN D 387 5.51 66.52 12.83
N ASP D 388 6.01 67.00 11.68
CA ASP D 388 5.21 67.92 10.87
C ASP D 388 3.93 67.27 10.34
N LEU D 389 4.00 65.99 10.00
CA LEU D 389 2.80 65.25 9.57
C LEU D 389 1.79 65.16 10.69
N LEU D 390 2.24 64.88 11.92
CA LEU D 390 1.34 64.82 13.06
C LEU D 390 0.71 66.19 13.32
N MET D 391 1.51 67.26 13.23
CA MET D 391 0.99 68.61 13.43
C MET D 391 -0.05 68.96 12.37
N SER D 392 0.22 68.61 11.11
CA SER D 392 -0.71 68.89 10.02
C SER D 392 -1.99 68.06 10.17
N VAL D 393 -1.86 66.81 10.63
CA VAL D 393 -3.04 65.97 10.87
C VAL D 393 -3.90 66.56 11.98
N CYS D 394 -3.27 67.03 13.06
CA CYS D 394 -4.01 67.65 14.15
C CYS D 394 -4.70 68.94 13.68
N MET D 395 -4.01 69.74 12.88
CA MET D 395 -4.56 71.02 12.44
C MET D 395 -5.70 70.81 11.43
N ASN D 396 -5.56 69.82 10.55
CA ASN D 396 -6.53 69.58 9.50
C ASN D 396 -7.74 68.77 9.97
N CYS D 397 -7.77 68.30 11.21
CA CYS D 397 -8.89 67.53 11.74
C CYS D 397 -10.02 68.49 12.14
N ASN D 398 -10.62 69.12 11.13
CA ASN D 398 -11.73 70.01 11.34
C ASN D 398 -12.86 69.84 10.33
N THR D 399 -12.71 68.95 9.34
CA THR D 399 -13.74 68.69 8.35
C THR D 399 -14.48 67.37 8.55
N HIS D 400 -13.82 66.38 9.16
CA HIS D 400 -14.39 65.04 9.39
C HIS D 400 -14.81 64.38 8.08
N GLY D 401 -14.00 64.58 7.04
CA GLY D 401 -14.29 64.03 5.73
C GLY D 401 -13.74 62.63 5.55
N SER D 402 -13.90 62.12 4.32
CA SER D 402 -13.46 60.76 4.01
C SER D 402 -11.93 60.66 4.05
N GLU D 403 -11.22 61.66 3.52
CA GLU D 403 -9.77 61.62 3.48
C GLU D 403 -9.18 61.62 4.90
N ASP D 404 -9.71 62.49 5.77
CA ASP D 404 -9.23 62.55 7.15
C ASP D 404 -9.50 61.24 7.88
N MET D 405 -10.68 60.66 7.68
CA MET D 405 -11.01 59.38 8.31
C MET D 405 -10.09 58.27 7.82
N ASP D 406 -9.82 58.23 6.51
CA ASP D 406 -8.92 57.23 5.95
C ASP D 406 -7.51 57.39 6.50
N VAL D 407 -7.03 58.63 6.61
CA VAL D 407 -5.70 58.90 7.16
C VAL D 407 -5.62 58.46 8.62
N ILE D 408 -6.66 58.78 9.40
CA ILE D 408 -6.69 58.42 10.81
C ILE D 408 -6.71 56.90 10.98
N SER D 409 -7.49 56.22 10.15
CA SER D 409 -7.55 54.76 10.21
C SER D 409 -6.21 54.14 9.82
N HIS D 410 -5.54 54.70 8.81
CA HIS D 410 -4.24 54.20 8.40
C HIS D 410 -3.19 54.40 9.49
N LEU D 411 -3.21 55.57 10.14
CA LEU D 411 -2.22 55.87 11.17
C LEU D 411 -2.54 55.24 12.52
N ILE D 412 -3.77 54.76 12.72
CA ILE D 412 -4.14 54.19 14.02
C ILE D 412 -3.41 52.88 14.28
N LYS D 413 -3.30 52.03 13.26
CA LYS D 413 -2.72 50.70 13.42
C LYS D 413 -1.20 50.68 13.35
N ILE D 414 -0.56 51.84 13.32
CA ILE D 414 0.90 51.93 13.25
C ILE D 414 1.42 52.22 14.65
N ARG D 415 2.31 51.36 15.13
CA ARG D 415 2.89 51.49 16.46
C ARG D 415 4.33 51.97 16.34
N LEU D 416 4.66 53.04 17.06
CA LEU D 416 5.98 53.64 17.04
C LEU D 416 6.70 53.29 18.33
N LYS D 417 7.94 52.80 18.20
CA LYS D 417 8.75 52.44 19.36
C LYS D 417 8.98 53.60 20.32
N PRO D 418 9.35 54.79 19.86
CA PRO D 418 9.51 55.92 20.77
C PRO D 418 8.19 56.31 21.42
N LYS D 419 8.27 56.80 22.66
CA LYS D 419 7.08 57.19 23.40
C LYS D 419 6.76 58.67 23.26
N VAL D 420 7.76 59.51 23.01
CA VAL D 420 7.55 60.96 22.91
C VAL D 420 6.66 61.29 21.73
N LEU D 421 6.94 60.67 20.57
CA LEU D 421 6.16 60.95 19.36
C LEU D 421 4.71 60.50 19.53
N LEU D 422 4.50 59.30 20.08
CA LEU D 422 3.15 58.80 20.30
C LEU D 422 2.39 59.66 21.30
N ASN D 423 3.06 60.09 22.38
CA ASN D 423 2.42 60.95 23.36
C ASN D 423 2.05 62.30 22.77
N HIS D 424 2.94 62.87 21.95
CA HIS D 424 2.64 64.14 21.30
C HIS D 424 1.48 64.01 20.32
N PHE D 425 1.44 62.91 19.57
CA PHE D 425 0.34 62.67 18.64
C PHE D 425 -0.99 62.52 19.39
N MET D 426 -0.97 61.78 20.51
CA MET D 426 -2.18 61.62 21.32
C MET D 426 -2.65 62.94 21.89
N LEU D 427 -1.71 63.77 22.38
CA LEU D 427 -2.07 65.08 22.93
C LEU D 427 -2.66 65.98 21.86
N CYS D 428 -2.05 65.98 20.66
CA CYS D 428 -2.57 66.78 19.56
C CYS D 428 -3.96 66.30 19.13
N ILE D 429 -4.17 64.98 19.09
CA ILE D 429 -5.47 64.43 18.74
C ILE D 429 -6.51 64.84 19.77
N ARG D 430 -6.16 64.79 21.06
CA ARG D 430 -7.08 65.19 22.12
C ARG D 430 -7.43 66.67 22.01
N GLU D 431 -6.43 67.51 21.74
CA GLU D 431 -6.67 68.94 21.58
C GLU D 431 -7.59 69.22 20.39
N LEU D 432 -7.35 68.53 19.27
CA LEU D 432 -8.18 68.71 18.08
C LEU D 432 -9.61 68.24 18.36
N LEU D 433 -9.76 67.13 19.08
CA LEU D 433 -11.09 66.64 19.43
C LEU D 433 -11.81 67.62 20.34
N SER D 434 -11.11 68.20 21.31
CA SER D 434 -11.69 69.24 22.15
C SER D 434 -12.04 70.49 21.36
N ALA D 435 -11.33 70.74 20.25
CA ALA D 435 -11.63 71.92 19.43
C ALA D 435 -12.91 71.77 18.61
N HIS D 436 -13.27 70.55 18.23
CA HIS D 436 -14.41 70.32 17.34
C HIS D 436 -15.53 69.57 18.06
N LYS D 437 -16.76 70.04 17.90
CA LYS D 437 -17.91 69.40 18.53
C LYS D 437 -18.40 68.17 17.76
N ASP D 438 -17.94 67.98 16.52
CA ASP D 438 -18.34 66.86 15.70
C ASP D 438 -17.35 65.70 15.76
N ASN D 439 -16.47 65.69 16.78
CA ASN D 439 -15.46 64.65 16.90
C ASN D 439 -16.08 63.27 17.12
N LEU D 440 -17.15 63.20 17.91
CA LEU D 440 -17.81 61.92 18.19
C LEU D 440 -18.39 61.28 16.94
N GLY D 441 -18.83 62.10 15.98
CA GLY D 441 -19.40 61.57 14.76
C GLY D 441 -18.42 60.76 13.94
N THR D 442 -17.18 61.25 13.84
CA THR D 442 -16.15 60.52 13.11
C THR D 442 -15.84 59.17 13.76
N THR D 443 -15.76 59.16 15.10
CA THR D 443 -15.53 57.91 15.82
C THR D 443 -16.69 56.93 15.62
N ILE D 444 -17.92 57.43 15.67
CA ILE D 444 -19.09 56.59 15.45
C ILE D 444 -19.09 56.01 14.04
N LYS D 445 -18.74 56.84 13.05
CA LYS D 445 -18.69 56.37 11.66
C LYS D 445 -17.61 55.32 11.46
N LEU D 446 -16.45 55.53 12.10
CA LEU D 446 -15.35 54.58 11.96
C LEU D 446 -15.56 53.31 12.78
N VAL D 447 -16.45 53.34 13.77
CA VAL D 447 -16.70 52.16 14.60
C VAL D 447 -17.29 51.02 13.78
N ILE D 448 -18.12 51.35 12.79
CA ILE D 448 -18.74 50.32 11.95
C ILE D 448 -17.68 49.53 11.19
N PHE D 449 -16.67 50.23 10.65
CA PHE D 449 -15.60 49.55 9.95
C PHE D 449 -14.63 48.87 10.91
N ASN D 450 -14.44 49.45 12.11
CA ASN D 450 -13.49 48.88 13.06
C ASN D 450 -14.03 47.61 13.71
N GLU D 451 -15.35 47.48 13.83
CA GLU D 451 -15.93 46.30 14.47
C GLU D 451 -15.62 45.02 13.69
N LEU D 452 -15.73 45.07 12.37
CA LEU D 452 -15.44 43.89 11.56
C LEU D 452 -13.95 43.68 11.36
N SER D 453 -13.16 44.75 11.43
CA SER D 453 -11.72 44.64 11.20
C SER D 453 -11.03 43.94 12.36
N SER D 454 -10.05 43.11 12.04
CA SER D 454 -9.26 42.40 13.03
C SER D 454 -7.93 43.09 13.33
N ALA D 455 -7.72 44.30 12.82
CA ALA D 455 -6.48 45.03 13.01
C ALA D 455 -6.43 45.82 14.31
N ARG D 456 -7.45 45.71 15.16
CA ARG D 456 -7.49 46.43 16.43
C ARG D 456 -6.38 45.94 17.34
N ASN D 457 -5.75 46.88 18.05
CA ASN D 457 -4.66 46.61 18.97
C ASN D 457 -4.89 47.37 20.26
N PRO D 458 -4.06 47.12 21.28
CA PRO D 458 -4.18 47.87 22.54
C PRO D 458 -3.92 49.36 22.41
N ASN D 459 -3.21 49.78 21.36
CA ASN D 459 -2.93 51.21 21.15
C ASN D 459 -4.23 51.99 20.93
N ASN D 460 -5.16 51.44 20.15
CA ASN D 460 -6.43 52.10 19.90
C ASN D 460 -7.24 52.25 21.18
N MET D 461 -7.28 51.20 22.01
CA MET D 461 -7.98 51.26 23.28
C MET D 461 -7.35 52.28 24.22
N GLN D 462 -6.01 52.30 24.27
CA GLN D 462 -5.31 53.28 25.11
C GLN D 462 -5.59 54.70 24.65
N VAL D 463 -5.60 54.93 23.34
CA VAL D 463 -5.88 56.25 22.78
C VAL D 463 -7.31 56.67 23.11
N LEU D 464 -8.26 55.74 22.98
CA LEU D 464 -9.65 56.04 23.30
C LEU D 464 -9.83 56.37 24.77
N TYR D 465 -9.16 55.61 25.65
CA TYR D 465 -9.25 55.88 27.08
C TYR D 465 -8.62 57.22 27.44
N THR D 466 -7.48 57.55 26.82
CA THR D 466 -6.84 58.84 27.07
C THR D 466 -7.72 59.99 26.58
N ALA D 467 -8.35 59.83 25.41
CA ALA D 467 -9.25 60.86 24.90
C ALA D 467 -10.46 61.04 25.81
N LEU D 468 -11.03 59.93 26.29
CA LEU D 468 -12.18 60.01 27.19
C LEU D 468 -11.81 60.70 28.50
N GLN D 469 -10.65 60.35 29.07
CA GLN D 469 -10.20 60.97 30.31
C GLN D 469 -9.92 62.46 30.12
N HIS D 470 -9.27 62.82 29.00
CA HIS D 470 -8.92 64.21 28.76
C HIS D 470 -10.11 65.05 28.33
N SER D 471 -11.07 64.45 27.61
CA SER D 471 -12.22 65.20 27.10
C SER D 471 -13.42 64.25 27.09
N SER D 472 -14.36 64.50 27.98
CA SER D 472 -15.62 63.76 28.05
C SER D 472 -16.79 64.52 27.45
N GLU D 473 -16.51 65.54 26.64
CA GLU D 473 -17.58 66.35 26.06
C GLU D 473 -18.36 65.59 24.98
N LEU D 474 -17.66 64.84 24.13
CA LEU D 474 -18.29 64.14 23.02
C LEU D 474 -18.19 62.63 23.12
N ALA D 475 -16.97 62.10 23.34
CA ALA D 475 -16.79 60.65 23.43
C ALA D 475 -17.58 60.02 24.57
N PRO D 476 -17.57 60.57 25.79
CA PRO D 476 -18.36 59.95 26.88
C PRO D 476 -19.85 59.93 26.63
N LYS D 477 -20.40 60.89 25.88
CA LYS D 477 -21.83 60.92 25.60
C LYS D 477 -22.27 59.67 24.84
N PHE D 478 -21.51 59.29 23.81
CA PHE D 478 -21.81 58.05 23.10
C PHE D 478 -21.38 56.82 23.88
N LEU D 479 -20.29 56.93 24.65
CA LEU D 479 -19.79 55.79 25.42
C LEU D 479 -20.78 55.37 26.49
N ALA D 480 -21.49 56.32 27.09
CA ALA D 480 -22.49 56.02 28.10
C ALA D 480 -23.62 55.18 27.51
N MET D 481 -24.12 55.58 26.34
CA MET D 481 -25.17 54.82 25.66
C MET D 481 -24.67 53.44 25.25
N VAL D 482 -23.42 53.36 24.77
CA VAL D 482 -22.84 52.08 24.36
C VAL D 482 -22.74 51.14 25.56
N PHE D 483 -22.28 51.66 26.70
CA PHE D 483 -22.19 50.84 27.92
C PHE D 483 -23.57 50.45 28.42
N GLN D 484 -24.55 51.34 28.31
CA GLN D 484 -25.92 51.01 28.71
C GLN D 484 -26.49 49.88 27.85
N ASP D 485 -26.22 49.92 26.54
CA ASP D 485 -26.69 48.85 25.67
C ASP D 485 -25.96 47.54 25.95
N LEU D 486 -24.69 47.60 26.36
CA LEU D 486 -23.91 46.39 26.62
C LEU D 486 -24.38 45.65 27.86
N LEU D 487 -25.09 46.33 28.77
CA LEU D 487 -25.54 45.70 30.01
C LEU D 487 -26.75 44.79 29.80
N THR D 488 -27.44 44.91 28.66
CA THR D 488 -28.60 44.09 28.36
C THR D 488 -28.26 42.87 27.54
N ASN D 489 -27.01 42.71 27.12
CA ASN D 489 -26.64 41.57 26.29
C ASN D 489 -26.51 40.31 27.12
N LYS D 490 -26.61 39.16 26.45
CA LYS D 490 -26.47 37.88 27.13
C LYS D 490 -25.02 37.58 27.46
N ASP D 491 -24.09 37.96 26.58
CA ASP D 491 -22.67 37.70 26.83
C ASP D 491 -22.13 38.63 27.90
N ASP D 492 -21.18 38.12 28.67
CA ASP D 492 -20.54 38.90 29.73
C ASP D 492 -19.49 39.81 29.11
N TYR D 493 -19.96 40.96 28.62
CA TYR D 493 -19.10 41.94 27.98
C TYR D 493 -18.86 43.20 28.81
N LEU D 494 -19.72 43.48 29.80
CA LEU D 494 -19.52 44.65 30.63
C LEU D 494 -18.33 44.48 31.57
N ARG D 495 -18.14 43.27 32.10
CA ARG D 495 -17.04 43.01 33.02
C ARG D 495 -15.68 43.20 32.35
N ALA D 496 -15.53 42.66 31.13
CA ALA D 496 -14.26 42.77 30.43
C ALA D 496 -13.96 44.22 30.07
N SER D 497 -14.96 44.96 29.60
CA SER D 497 -14.78 46.37 29.26
C SER D 497 -14.43 47.19 30.49
N ARG D 498 -15.10 46.93 31.61
CA ARG D 498 -14.79 47.64 32.85
C ARG D 498 -13.38 47.32 33.35
N ALA D 499 -12.97 46.05 33.25
CA ALA D 499 -11.63 45.67 33.66
C ALA D 499 -10.57 46.33 32.78
N LEU D 500 -10.80 46.35 31.47
CA LEU D 500 -9.86 47.01 30.55
C LEU D 500 -9.78 48.50 30.82
N LEU D 501 -10.93 49.14 31.08
CA LEU D 501 -10.94 50.56 31.39
C LEU D 501 -10.20 50.86 32.69
N ARG D 502 -10.41 50.03 33.71
CA ARG D 502 -9.71 50.20 34.98
C ARG D 502 -8.20 50.02 34.81
N GLU D 503 -7.79 49.00 34.05
CA GLU D 503 -6.37 48.76 33.80
C GLU D 503 -5.73 49.93 33.05
N ILE D 504 -6.44 50.46 32.04
CA ILE D 504 -5.93 51.59 31.27
C ILE D 504 -5.82 52.83 32.16
N ILE D 505 -6.83 53.07 33.00
CA ILE D 505 -6.82 54.23 33.88
C ILE D 505 -5.68 54.14 34.89
N LYS D 506 -5.48 52.94 35.47
CA LYS D 506 -4.38 52.74 36.40
C LYS D 506 -3.02 52.92 35.72
N GLN D 507 -2.88 52.42 34.49
CA GLN D 507 -1.63 52.62 33.76
C GLN D 507 -1.43 54.07 33.31
N THR D 508 -2.51 54.86 33.22
CA THR D 508 -2.43 56.23 32.78
C THR D 508 -2.33 57.22 33.94
N LYS D 509 -1.94 56.75 35.12
CA LYS D 509 -1.74 57.55 36.34
C LYS D 509 -3.05 58.21 36.79
N HIS D 510 -4.06 57.36 37.02
CA HIS D 510 -5.38 57.75 37.53
C HIS D 510 -6.08 58.76 36.60
N GLU D 511 -6.15 58.40 35.32
CA GLU D 511 -6.79 59.25 34.31
C GLU D 511 -8.30 59.07 34.39
N ILE D 512 -8.91 59.76 35.36
CA ILE D 512 -10.34 59.71 35.60
C ILE D 512 -10.89 61.13 35.49
N ASN D 513 -11.93 61.29 34.69
CA ASN D 513 -12.55 62.60 34.47
C ASN D 513 -13.65 62.82 35.50
N PHE D 514 -13.48 63.86 36.33
CA PHE D 514 -14.47 64.16 37.35
C PHE D 514 -15.74 64.78 36.78
N GLN D 515 -15.63 65.50 35.66
CA GLN D 515 -16.80 66.14 35.05
C GLN D 515 -17.68 65.16 34.30
N ALA D 516 -17.18 63.95 34.00
CA ALA D 516 -17.99 62.98 33.28
C ALA D 516 -19.11 62.41 34.14
N PHE D 517 -18.93 62.42 35.47
CA PHE D 517 -19.97 61.94 36.38
C PHE D 517 -21.22 62.80 36.31
N CYS D 518 -21.05 64.12 36.15
CA CYS D 518 -22.20 65.00 36.04
C CYS D 518 -22.96 64.78 34.73
N LEU D 519 -22.26 64.43 33.66
CA LEU D 519 -22.92 64.12 32.40
C LEU D 519 -23.68 62.80 32.49
N GLY D 520 -23.09 61.80 33.15
CA GLY D 520 -23.78 60.53 33.35
C GLY D 520 -25.01 60.65 34.23
N LEU D 521 -24.93 61.48 35.28
CA LEU D 521 -26.09 61.68 36.14
C LEU D 521 -27.18 62.49 35.44
N MET D 522 -26.79 63.45 34.60
CA MET D 522 -27.77 64.23 33.86
C MET D 522 -28.28 63.53 32.61
N GLN D 523 -27.64 62.45 32.17
CA GLN D 523 -28.10 61.72 31.00
C GLN D 523 -29.36 60.94 31.32
N GLU D 524 -30.38 61.09 30.47
CA GLU D 524 -31.66 60.43 30.65
C GLU D 524 -31.74 59.21 29.75
N ARG D 525 -31.95 58.04 30.35
CA ARG D 525 -32.13 56.79 29.61
C ARG D 525 -33.60 56.67 29.18
N LYS D 526 -33.96 57.49 28.19
CA LYS D 526 -35.33 57.59 27.71
C LYS D 526 -35.59 56.73 26.48
N GLU D 527 -34.63 55.92 26.07
CA GLU D 527 -34.82 55.08 24.90
C GLU D 527 -35.77 53.92 25.22
N PRO D 528 -36.52 53.45 24.22
CA PRO D 528 -37.44 52.32 24.46
C PRO D 528 -36.76 50.96 24.41
N GLN D 529 -35.62 50.84 23.72
CA GLN D 529 -34.91 49.55 23.67
C GLN D 529 -34.36 49.16 25.03
N TYR D 530 -33.85 50.13 25.80
CA TYR D 530 -33.32 49.82 27.12
C TYR D 530 -34.44 49.45 28.09
N LEU D 531 -35.60 50.08 27.97
CA LEU D 531 -36.73 49.77 28.84
C LEU D 531 -37.35 48.41 28.53
N GLU D 532 -37.13 47.88 27.32
CA GLU D 532 -37.70 46.61 26.92
C GLU D 532 -36.83 45.41 27.26
N MET D 533 -35.68 45.64 27.89
CA MET D 533 -34.79 44.54 28.26
C MET D 533 -35.37 43.77 29.45
N GLU D 534 -35.56 42.47 29.27
CA GLU D 534 -36.18 41.67 30.32
C GLU D 534 -35.21 41.43 31.48
N PHE D 535 -33.95 41.13 31.19
CA PHE D 535 -32.97 40.79 32.21
C PHE D 535 -32.37 42.08 32.75
N LYS D 536 -32.79 42.46 33.95
CA LYS D 536 -32.34 43.70 34.60
C LYS D 536 -31.38 43.45 35.74
N GLU D 537 -31.58 42.38 36.52
CA GLU D 537 -30.69 42.06 37.63
C GLU D 537 -29.28 41.69 37.15
N ARG D 538 -29.16 41.22 35.91
CA ARG D 538 -27.85 40.86 35.35
C ARG D 538 -26.92 42.07 35.29
N PHE D 539 -27.47 43.24 34.92
CA PHE D 539 -26.66 44.46 34.89
C PHE D 539 -26.15 44.83 36.28
N VAL D 540 -27.02 44.71 37.30
CA VAL D 540 -26.63 45.00 38.67
C VAL D 540 -25.54 44.03 39.14
N VAL D 541 -25.70 42.75 38.80
CA VAL D 541 -24.72 41.73 39.18
C VAL D 541 -23.38 42.03 38.51
N HIS D 542 -23.41 42.39 37.22
CA HIS D 542 -22.19 42.73 36.49
C HIS D 542 -21.50 43.95 37.10
N ILE D 543 -22.29 44.97 37.47
CA ILE D 543 -21.73 46.16 38.09
C ILE D 543 -21.09 45.82 39.43
N THR D 544 -21.75 44.99 40.23
CA THR D 544 -21.20 44.58 41.52
C THR D 544 -19.90 43.80 41.34
N ASP D 545 -19.88 42.87 40.38
CA ASP D 545 -18.67 42.10 40.10
C ASP D 545 -17.54 43.00 39.63
N VAL D 546 -17.84 43.97 38.76
CA VAL D 546 -16.83 44.90 38.28
C VAL D 546 -16.28 45.74 39.42
N LEU D 547 -17.15 46.21 40.31
CA LEU D 547 -16.70 46.98 41.47
C LEU D 547 -15.84 46.14 42.40
N ALA D 548 -16.21 44.87 42.61
CA ALA D 548 -15.45 43.99 43.49
C ALA D 548 -14.09 43.65 42.89
N VAL D 549 -14.02 43.49 41.56
CA VAL D 549 -12.76 43.16 40.90
C VAL D 549 -11.87 44.39 40.75
N SER D 550 -12.46 45.59 40.69
CA SER D 550 -11.65 46.79 40.55
C SER D 550 -10.92 47.14 41.84
N MET D 551 -11.54 46.86 43.00
CA MET D 551 -10.87 47.11 44.26
C MET D 551 -9.75 46.10 44.52
N MET D 552 -9.83 44.92 43.93
CA MET D 552 -8.82 43.89 44.08
C MET D 552 -7.51 44.21 43.37
N LEU D 553 -7.48 45.25 42.53
CA LEU D 553 -6.25 45.62 41.84
C LEU D 553 -5.18 46.18 42.79
N GLY D 554 -5.57 46.58 44.00
CA GLY D 554 -4.63 47.09 44.97
C GLY D 554 -4.01 46.05 45.88
N ILE D 555 -4.23 44.76 45.62
CA ILE D 555 -3.70 43.71 46.49
C ILE D 555 -2.24 43.49 46.15
N THR D 556 -1.38 43.58 47.15
CA THR D 556 0.05 43.37 46.98
C THR D 556 0.67 43.03 48.33
N ALA D 557 1.79 42.29 48.29
CA ALA D 557 2.49 42.01 49.54
C ALA D 557 3.16 43.26 50.06
N GLN D 558 3.50 44.19 49.15
CA GLN D 558 4.07 45.46 49.56
C GLN D 558 2.98 46.33 50.15
N VAL D 559 1.74 46.17 49.70
CA VAL D 559 0.64 46.92 50.28
C VAL D 559 0.36 46.37 51.68
N LYS D 560 0.61 45.08 51.89
CA LYS D 560 0.45 44.50 53.22
C LYS D 560 1.54 45.01 54.14
N GLU D 561 2.76 45.20 53.61
CA GLU D 561 3.83 45.75 54.42
C GLU D 561 3.58 47.23 54.71
N ALA D 562 2.92 47.93 53.79
CA ALA D 562 2.56 49.32 54.06
C ALA D 562 1.42 49.40 55.07
N GLY D 563 0.54 48.40 55.07
CA GLY D 563 -0.51 48.33 56.07
C GLY D 563 0.03 47.98 57.44
N ILE D 564 1.17 47.32 57.47
CA ILE D 564 1.84 47.01 58.73
C ILE D 564 2.71 48.18 59.15
N ALA D 565 3.07 49.06 58.20
CA ALA D 565 3.87 50.24 58.48
C ALA D 565 3.02 51.40 58.96
N TRP D 566 1.70 51.34 58.74
CA TRP D 566 0.73 52.37 59.10
C TRP D 566 0.92 52.91 60.51
N ASP D 567 0.77 52.06 61.51
CA ASP D 567 1.00 52.46 62.89
C ASP D 567 2.39 51.99 63.33
N LYS D 568 3.39 52.55 62.63
CA LYS D 568 4.80 52.28 62.85
C LYS D 568 5.64 53.21 61.99
N GLY D 569 5.85 52.84 60.73
CA GLY D 569 6.62 53.65 59.81
C GLY D 569 5.91 54.86 59.24
N GLU D 570 4.97 54.63 58.32
CA GLU D 570 4.23 55.71 57.68
C GLU D 570 2.81 55.27 57.37
N LYS D 571 1.83 56.06 57.82
CA LYS D 571 0.42 55.76 57.57
C LYS D 571 0.09 56.03 56.11
N ARG D 572 -0.15 54.97 55.34
CA ARG D 572 -0.44 55.10 53.91
C ARG D 572 -1.45 54.05 53.46
N ASN D 573 -1.32 53.61 52.20
CA ASN D 573 -2.18 52.59 51.58
C ASN D 573 -3.67 52.92 51.72
N LEU D 574 -4.02 54.16 51.37
CA LEU D 574 -5.42 54.58 51.47
C LEU D 574 -5.80 55.67 50.47
N GLU D 575 -4.94 56.02 49.52
CA GLU D 575 -5.24 57.07 48.56
C GLU D 575 -6.40 56.70 47.63
N VAL D 576 -6.47 55.44 47.19
CA VAL D 576 -7.55 54.98 46.32
C VAL D 576 -8.90 55.12 47.02
N LEU D 577 -8.95 54.74 48.31
CA LEU D 577 -10.19 54.84 49.06
C LEU D 577 -10.65 56.29 49.17
N ARG D 578 -9.69 57.19 49.45
CA ARG D 578 -10.00 58.62 49.57
C ARG D 578 -10.55 59.14 48.24
N SER D 579 -9.92 58.74 47.13
CA SER D 579 -10.38 59.19 45.81
C SER D 579 -11.79 58.66 45.55
N PHE D 580 -12.06 57.43 45.99
CA PHE D 580 -13.39 56.84 45.79
C PHE D 580 -14.42 57.61 46.59
N GLN D 581 -14.05 58.02 47.81
CA GLN D 581 -14.95 58.80 48.65
C GLN D 581 -15.24 60.15 48.00
N ASN D 582 -14.22 60.75 47.38
CA ASN D 582 -14.39 62.03 46.70
C ASN D 582 -15.32 61.86 45.50
N GLN D 583 -15.17 60.76 44.78
CA GLN D 583 -16.04 60.48 43.64
C GLN D 583 -17.47 60.26 44.10
N ILE D 584 -17.65 59.61 45.26
CA ILE D 584 -18.98 59.38 45.80
C ILE D 584 -19.60 60.72 46.21
N ALA D 585 -18.77 61.63 46.73
CA ALA D 585 -19.26 62.95 47.10
C ALA D 585 -19.69 63.73 45.86
N ALA D 586 -18.93 63.59 44.77
CA ALA D 586 -19.28 64.28 43.54
C ALA D 586 -20.54 63.69 42.93
N ILE D 587 -20.76 62.38 43.13
CA ILE D 587 -21.92 61.68 42.61
C ILE D 587 -23.19 62.23 43.23
N GLN D 588 -24.27 62.26 42.44
CA GLN D 588 -25.55 62.74 42.90
C GLN D 588 -26.57 61.63 43.08
N ARG D 589 -26.29 60.42 42.61
CA ARG D 589 -27.19 59.29 42.76
C ARG D 589 -26.57 58.27 43.71
N ASP D 590 -27.34 57.25 44.06
CA ASP D 590 -26.91 56.22 44.98
C ASP D 590 -26.85 54.87 44.27
N ALA D 591 -26.51 53.83 45.03
CA ALA D 591 -26.47 52.48 44.48
C ALA D 591 -27.87 51.96 44.18
N VAL D 592 -28.86 52.39 44.97
CA VAL D 592 -30.25 52.01 44.73
C VAL D 592 -30.71 52.53 43.38
N TRP D 593 -30.39 53.81 43.09
CA TRP D 593 -30.77 54.40 41.81
C TRP D 593 -30.09 53.70 40.65
N TRP D 594 -28.82 53.32 40.82
CA TRP D 594 -28.09 52.65 39.76
C TRP D 594 -28.71 51.29 39.45
N LEU D 595 -29.20 50.59 40.48
CA LEU D 595 -29.83 49.29 40.28
C LEU D 595 -31.23 49.45 39.71
N HIS D 596 -31.93 50.50 40.11
CA HIS D 596 -33.29 50.75 39.67
C HIS D 596 -33.35 51.28 38.25
N THR D 597 -32.22 51.74 37.71
CA THR D 597 -32.15 52.25 36.34
C THR D 597 -32.65 51.21 35.33
N VAL D 598 -32.35 49.94 35.56
CA VAL D 598 -32.78 48.87 34.68
C VAL D 598 -33.98 48.12 35.27
N VAL D 599 -33.97 47.92 36.59
CA VAL D 599 -34.99 47.20 37.34
C VAL D 599 -36.35 47.82 37.06
N PRO D 600 -36.55 49.10 37.40
CA PRO D 600 -37.87 49.72 37.19
C PRO D 600 -38.22 49.86 35.72
N SER D 601 -37.21 50.11 34.89
CA SER D 601 -37.40 50.23 33.44
C SER D 601 -38.05 48.96 32.87
N ILE D 602 -37.44 47.80 33.14
CA ILE D 602 -37.98 46.51 32.69
C ILE D 602 -39.43 46.35 33.12
N SER D 603 -39.68 46.37 34.42
CA SER D 603 -41.02 46.25 34.96
C SER D 603 -41.07 46.93 36.32
N LYS D 604 -42.02 47.86 36.49
CA LYS D 604 -42.21 48.56 37.75
C LYS D 604 -42.44 47.60 38.91
N LEU D 605 -41.48 47.52 39.82
CA LEU D 605 -41.58 46.59 40.93
C LEU D 605 -42.51 47.13 42.01
N ALA D 606 -43.01 46.22 42.84
CA ALA D 606 -43.88 46.59 43.95
C ALA D 606 -43.09 47.40 44.98
N PRO D 607 -43.82 48.15 45.83
CA PRO D 607 -43.12 48.96 46.86
C PRO D 607 -42.26 48.13 47.81
N LYS D 608 -42.73 46.93 48.17
CA LYS D 608 -41.95 46.06 49.05
C LYS D 608 -40.66 45.61 48.38
N ASP D 609 -40.74 45.24 47.09
CA ASP D 609 -39.54 44.84 46.35
C ASP D 609 -38.56 46.00 46.23
N TYR D 610 -39.07 47.20 45.95
CA TYR D 610 -38.20 48.38 45.86
C TYR D 610 -37.53 48.67 47.19
N VAL D 611 -38.28 48.55 48.29
CA VAL D 611 -37.71 48.78 49.62
C VAL D 611 -36.63 47.75 49.94
N HIS D 612 -36.89 46.48 49.61
CA HIS D 612 -35.91 45.42 49.83
C HIS D 612 -34.64 45.66 49.01
N CYS D 613 -34.80 46.07 47.74
CA CYS D 613 -33.65 46.36 46.89
C CYS D 613 -32.85 47.53 47.44
N LEU D 614 -33.54 48.57 47.90
CA LEU D 614 -32.87 49.73 48.49
C LEU D 614 -32.10 49.34 49.75
N HIS D 615 -32.72 48.51 50.59
CA HIS D 615 -32.04 48.04 51.80
C HIS D 615 -30.81 47.20 51.47
N LYS D 616 -30.92 46.35 50.44
CA LYS D 616 -29.79 45.50 50.08
C LYS D 616 -28.68 46.29 49.40
N VAL D 617 -29.04 47.40 48.75
CA VAL D 617 -28.07 48.20 47.98
C VAL D 617 -27.13 49.00 48.86
N LEU D 618 -27.40 49.08 50.17
CA LEU D 618 -26.57 49.86 51.07
C LEU D 618 -25.14 49.37 51.12
N PHE D 619 -24.93 48.05 51.15
CA PHE D 619 -23.62 47.41 51.18
C PHE D 619 -22.80 47.87 52.39
N THR D 620 -23.40 47.73 53.57
CA THR D 620 -22.77 48.11 54.83
C THR D 620 -22.04 46.95 55.50
N GLU D 621 -21.94 45.81 54.84
CA GLU D 621 -21.28 44.65 55.44
C GLU D 621 -19.77 44.76 55.29
N GLN D 622 -19.06 43.95 56.06
CA GLN D 622 -17.60 43.99 56.04
C GLN D 622 -17.09 43.20 54.83
N PRO D 623 -16.29 43.81 53.95
CA PRO D 623 -15.76 43.06 52.80
C PRO D 623 -14.71 42.03 53.17
N GLU D 624 -14.14 42.11 54.38
CA GLU D 624 -13.10 41.17 54.78
C GLU D 624 -13.66 39.77 55.07
N THR D 625 -14.97 39.64 55.24
CA THR D 625 -15.58 38.36 55.54
C THR D 625 -15.83 37.51 54.30
N TYR D 626 -15.60 38.07 53.11
CA TYR D 626 -15.87 37.36 51.86
C TYR D 626 -14.75 36.39 51.49
N TYR D 627 -13.58 36.49 52.12
CA TYR D 627 -12.44 35.65 51.80
C TYR D 627 -12.09 34.70 52.94
N LYS D 628 -13.07 34.32 53.75
CA LYS D 628 -12.85 33.43 54.88
C LYS D 628 -13.07 31.96 54.53
N TRP D 629 -13.52 31.66 53.31
CA TRP D 629 -13.82 30.28 52.93
C TRP D 629 -12.76 29.68 52.02
N ASP D 630 -12.47 30.33 50.90
CA ASP D 630 -11.47 29.84 49.95
C ASP D 630 -10.29 30.79 49.79
N ASN D 631 -10.17 31.80 50.66
CA ASN D 631 -9.11 32.81 50.61
C ASN D 631 -9.11 33.58 49.29
N TRP D 632 -10.29 33.81 48.72
CA TRP D 632 -10.43 34.56 47.48
C TRP D 632 -11.62 35.51 47.62
N PRO D 633 -11.46 36.81 47.28
CA PRO D 633 -10.33 37.58 46.76
C PRO D 633 -9.22 37.80 47.78
N PRO D 634 -8.05 38.28 47.33
CA PRO D 634 -6.93 38.49 48.25
C PRO D 634 -7.28 39.48 49.36
N GLU D 635 -6.79 39.17 50.56
CA GLU D 635 -7.05 39.97 51.76
C GLU D 635 -5.98 41.03 52.00
N SER D 636 -4.94 41.10 51.17
CA SER D 636 -3.87 42.07 51.38
C SER D 636 -4.32 43.51 51.18
N ASP D 637 -5.41 43.75 50.45
CA ASP D 637 -5.90 45.10 50.22
C ASP D 637 -7.13 45.45 51.03
N ARG D 638 -7.93 44.46 51.43
CA ARG D 638 -9.13 44.72 52.21
C ARG D 638 -8.81 45.35 53.56
N ASN D 639 -7.71 44.94 54.18
CA ASN D 639 -7.30 45.51 55.47
C ASN D 639 -6.98 47.00 55.34
N PHE D 640 -6.26 47.39 54.27
CA PHE D 640 -5.94 48.79 54.08
C PHE D 640 -7.16 49.61 53.70
N PHE D 641 -8.09 49.02 52.94
CA PHE D 641 -9.29 49.73 52.52
C PHE D 641 -10.29 49.91 53.66
N LEU D 642 -10.36 48.95 54.60
CA LEU D 642 -11.30 49.05 55.71
C LEU D 642 -11.01 50.24 56.63
N ARG D 643 -9.73 50.50 56.90
CA ARG D 643 -9.38 51.63 57.78
C ARG D 643 -9.81 52.96 57.17
N LEU D 644 -9.61 53.13 55.87
CA LEU D 644 -10.00 54.35 55.18
C LEU D 644 -11.50 54.41 54.92
N CYS D 645 -12.17 53.26 54.89
CA CYS D 645 -13.60 53.21 54.65
C CYS D 645 -14.39 53.49 55.91
N SER D 646 -13.82 53.15 57.08
CA SER D 646 -14.51 53.37 58.35
C SER D 646 -14.79 54.85 58.57
N GLU D 647 -13.82 55.71 58.29
CA GLU D 647 -13.99 57.16 58.38
C GLU D 647 -14.31 57.68 56.99
N VAL D 648 -15.53 58.17 56.81
CA VAL D 648 -16.01 58.65 55.51
C VAL D 648 -16.65 60.02 55.66
N PRO D 649 -16.65 60.84 54.60
CA PRO D 649 -17.29 62.16 54.69
C PRO D 649 -18.77 62.12 54.29
N ILE D 650 -19.42 63.28 54.36
CA ILE D 650 -20.83 63.41 54.01
C ILE D 650 -20.94 63.83 52.54
N LEU D 651 -21.60 63.00 51.74
CA LEU D 651 -21.76 63.25 50.32
C LEU D 651 -23.04 64.02 50.04
N GLU D 652 -23.06 64.68 48.88
CA GLU D 652 -24.22 65.44 48.43
C GLU D 652 -25.25 64.57 47.72
N ASP D 653 -24.96 63.27 47.50
CA ASP D 653 -25.93 62.38 46.86
C ASP D 653 -27.17 62.22 47.72
N THR D 654 -27.00 62.11 49.04
CA THR D 654 -28.13 62.00 49.95
C THR D 654 -28.98 63.26 49.90
N LEU D 655 -28.34 64.44 49.85
CA LEU D 655 -29.07 65.70 49.76
C LEU D 655 -29.84 65.79 48.44
N MET D 656 -29.22 65.35 47.34
CA MET D 656 -29.90 65.35 46.04
C MET D 656 -31.10 64.42 46.05
N ARG D 657 -30.94 63.23 46.65
CA ARG D 657 -32.06 62.29 46.76
C ARG D 657 -33.18 62.87 47.62
N ILE D 658 -32.83 63.53 48.73
CA ILE D 658 -33.82 64.15 49.59
C ILE D 658 -34.58 65.24 48.85
N LEU D 659 -33.86 66.06 48.08
CA LEU D 659 -34.50 67.12 47.30
C LEU D 659 -35.43 66.54 46.25
N VAL D 660 -34.99 65.45 45.59
CA VAL D 660 -35.83 64.81 44.57
C VAL D 660 -37.09 64.23 45.21
N ILE D 661 -36.95 63.60 46.38
CA ILE D 661 -38.09 63.04 47.08
C ILE D 661 -39.05 64.13 47.54
N GLY D 662 -38.51 65.27 47.98
CA GLY D 662 -39.37 66.38 48.37
C GLY D 662 -40.11 66.99 47.20
N LEU D 663 -39.44 67.10 46.05
CA LEU D 663 -40.06 67.73 44.88
C LEU D 663 -41.07 66.83 44.18
N SER D 664 -40.97 65.51 44.33
CA SER D 664 -41.85 64.56 43.65
C SER D 664 -42.67 63.81 44.68
N ARG D 665 -43.99 63.85 44.54
CA ARG D 665 -44.86 63.15 45.47
C ARG D 665 -44.87 61.65 45.25
N GLU D 666 -44.49 61.18 44.06
CA GLU D 666 -44.52 59.77 43.72
C GLU D 666 -43.17 59.09 43.92
N LEU D 667 -42.19 59.79 44.49
CA LEU D 667 -40.85 59.23 44.64
C LEU D 667 -40.82 58.22 45.79
N PRO D 668 -40.57 56.93 45.51
CA PRO D 668 -40.50 55.90 46.58
C PRO D 668 -39.10 55.71 47.15
N LEU D 669 -38.69 56.63 48.02
CA LEU D 669 -37.38 56.58 48.66
C LEU D 669 -37.57 56.75 50.17
N GLY D 670 -37.23 55.71 50.92
CA GLY D 670 -37.38 55.73 52.36
C GLY D 670 -36.07 55.93 53.09
N PRO D 671 -36.11 56.68 54.19
CA PRO D 671 -34.91 56.89 55.01
C PRO D 671 -34.53 55.70 55.88
N ALA D 672 -35.35 54.65 55.91
CA ALA D 672 -35.05 53.48 56.72
C ALA D 672 -33.77 52.79 56.30
N ASP D 673 -33.53 52.70 54.98
CA ASP D 673 -32.29 52.09 54.49
C ASP D 673 -31.07 52.89 54.92
N ALA D 674 -31.16 54.23 54.84
CA ALA D 674 -30.06 55.08 55.27
C ALA D 674 -29.82 54.93 56.78
N MET D 675 -30.90 54.87 57.56
CA MET D 675 -30.77 54.69 59.01
C MET D 675 -30.12 53.36 59.34
N GLU D 676 -30.52 52.29 58.64
CA GLU D 676 -29.93 50.98 58.87
C GLU D 676 -28.45 50.96 58.51
N LEU D 677 -28.09 51.60 57.39
CA LEU D 677 -26.70 51.69 56.98
C LEU D 677 -25.87 52.47 58.00
N ALA D 678 -26.42 53.58 58.51
CA ALA D 678 -25.73 54.37 59.53
C ALA D 678 -25.54 53.57 60.81
N ASP D 679 -26.58 52.84 61.22
CA ASP D 679 -26.47 52.01 62.43
C ASP D 679 -25.42 50.91 62.27
N HIS D 680 -25.40 50.27 61.09
CA HIS D 680 -24.39 49.23 60.84
C HIS D 680 -22.98 49.82 60.84
N LEU D 681 -22.81 50.99 60.23
CA LEU D 681 -21.50 51.64 60.21
C LEU D 681 -21.06 52.03 61.62
N VAL D 682 -21.99 52.53 62.44
CA VAL D 682 -21.67 52.91 63.81
C VAL D 682 -21.27 51.68 64.62
N LYS D 683 -22.02 50.58 64.45
CA LYS D 683 -21.71 49.36 65.18
C LYS D 683 -20.35 48.79 64.77
N ARG D 684 -20.03 48.83 63.47
CA ARG D 684 -18.76 48.29 63.01
C ARG D 684 -17.59 49.18 63.43
N ALA D 685 -17.80 50.50 63.45
CA ALA D 685 -16.70 51.44 63.70
C ALA D 685 -16.17 51.39 65.12
N ALA D 686 -16.93 50.84 66.08
CA ALA D 686 -16.50 50.85 67.48
C ALA D 686 -15.25 50.02 67.70
N ALA D 687 -15.02 49.00 66.88
CA ALA D 687 -13.84 48.15 67.04
C ALA D 687 -12.58 48.87 66.59
N VAL D 688 -12.68 49.67 65.53
CA VAL D 688 -11.52 50.35 64.96
C VAL D 688 -11.67 51.85 65.09
N GLN D 689 -12.34 52.31 66.14
CA GLN D 689 -12.55 53.73 66.34
C GLN D 689 -11.26 54.44 66.76
N ALA D 690 -11.11 55.67 66.30
CA ALA D 690 -9.97 56.51 66.63
C ALA D 690 -10.42 57.96 66.65
N ASP D 691 -9.63 58.81 67.31
CA ASP D 691 -9.95 60.23 67.42
C ASP D 691 -9.98 60.91 66.06
N ASP D 692 -9.08 60.52 65.16
CA ASP D 692 -8.99 61.11 63.83
C ASP D 692 -9.82 60.35 62.80
N VAL D 693 -10.88 59.66 63.23
CA VAL D 693 -11.76 58.91 62.34
C VAL D 693 -13.20 59.34 62.59
N GLU D 694 -13.91 59.66 61.52
CA GLU D 694 -15.30 60.10 61.60
C GLU D 694 -16.18 58.91 61.97
N VAL D 695 -16.59 58.85 63.24
CA VAL D 695 -17.42 57.75 63.71
C VAL D 695 -18.80 57.81 63.07
N LEU D 696 -19.35 59.00 62.89
CA LEU D 696 -20.67 59.16 62.30
C LEU D 696 -20.74 60.53 61.62
N LYS D 697 -21.49 60.58 60.52
CA LYS D 697 -21.67 61.82 59.77
C LYS D 697 -22.95 61.73 58.97
N VAL D 698 -23.90 62.62 59.26
CA VAL D 698 -25.19 62.66 58.58
C VAL D 698 -25.22 63.93 57.73
N GLY D 699 -25.47 63.75 56.43
CA GLY D 699 -25.49 64.86 55.49
C GLY D 699 -26.86 65.34 55.08
N ARG D 700 -27.92 64.70 55.56
CA ARG D 700 -29.28 65.02 55.17
C ARG D 700 -30.07 65.48 56.40
N THR D 701 -30.86 66.53 56.24
CA THR D 701 -31.72 67.06 57.29
C THR D 701 -33.14 66.50 57.21
N GLN D 702 -33.29 65.28 56.69
CA GLN D 702 -34.60 64.67 56.51
C GLN D 702 -35.10 63.94 57.75
N LEU D 703 -34.50 64.19 58.91
CA LEU D 703 -34.94 63.56 60.15
C LEU D 703 -36.37 63.94 60.50
N ILE D 704 -36.71 65.23 60.38
CA ILE D 704 -38.07 65.70 60.65
C ILE D 704 -39.04 65.09 59.65
N ASP D 705 -38.66 65.07 58.36
CA ASP D 705 -39.53 64.49 57.33
C ASP D 705 -39.72 62.99 57.56
N ALA D 706 -38.65 62.28 57.92
CA ALA D 706 -38.75 60.85 58.20
C ALA D 706 -39.65 60.60 59.41
N VAL D 707 -39.52 61.41 60.46
CA VAL D 707 -40.36 61.28 61.64
C VAL D 707 -41.82 61.52 61.29
N LEU D 708 -42.09 62.56 60.49
CA LEU D 708 -43.46 62.87 60.09
C LEU D 708 -44.05 61.75 59.24
N ASN D 709 -43.27 61.21 58.31
CA ASN D 709 -43.77 60.16 57.42
C ASN D 709 -43.89 58.80 58.11
N LEU D 710 -43.14 58.59 59.21
CA LEU D 710 -43.20 57.32 59.91
C LEU D 710 -44.39 57.24 60.86
N CYS D 711 -44.79 58.36 61.44
CA CYS D 711 -45.93 58.36 62.36
C CYS D 711 -47.27 58.40 61.62
N THR D 712 -47.28 58.82 60.36
CA THR D 712 -48.52 58.88 59.60
C THR D 712 -48.92 57.50 59.10
N TYR D 713 -50.20 57.33 58.84
CA TYR D 713 -50.75 56.07 58.37
C TYR D 713 -50.88 56.09 56.85
N HIS D 714 -50.43 55.02 56.21
CA HIS D 714 -50.48 54.89 54.76
C HIS D 714 -51.41 53.73 54.40
N HIS D 715 -52.33 53.98 53.47
CA HIS D 715 -53.29 52.95 53.08
C HIS D 715 -52.57 51.81 52.37
N PRO D 716 -52.76 50.56 52.79
CA PRO D 716 -52.12 49.44 52.12
C PRO D 716 -52.88 49.03 50.86
N GLU D 717 -52.14 48.38 49.95
CA GLU D 717 -52.75 47.91 48.71
C GLU D 717 -53.75 46.80 48.97
N ASN D 718 -53.38 45.83 49.80
CA ASN D 718 -54.27 44.69 50.07
C ASN D 718 -55.42 45.07 50.98
N ILE D 719 -55.16 45.86 52.03
CA ILE D 719 -56.15 46.19 53.04
C ILE D 719 -56.73 47.56 52.74
N GLN D 720 -58.05 47.64 52.66
CA GLN D 720 -58.75 48.91 52.44
C GLN D 720 -59.70 49.16 53.60
N LEU D 721 -59.48 50.27 54.30
CA LEU D 721 -60.31 50.62 55.44
C LEU D 721 -61.59 51.30 54.98
N PRO D 722 -62.63 51.29 55.82
CA PRO D 722 -63.89 51.96 55.48
C PRO D 722 -63.70 53.45 55.26
N PRO D 723 -64.42 54.03 54.31
CA PRO D 723 -64.28 55.48 54.07
C PRO D 723 -64.80 56.30 55.24
N GLY D 724 -64.03 57.33 55.60
CA GLY D 724 -64.40 58.22 56.68
C GLY D 724 -64.14 57.70 58.08
N TYR D 725 -63.57 56.51 58.21
CA TYR D 725 -63.28 55.91 59.51
C TYR D 725 -61.77 55.85 59.71
N GLN D 726 -61.31 56.40 60.83
CA GLN D 726 -59.88 56.41 61.12
C GLN D 726 -59.43 55.04 61.58
N PRO D 727 -58.45 54.42 60.92
CA PRO D 727 -57.96 53.11 61.36
C PRO D 727 -56.99 53.25 62.52
N PRO D 728 -56.70 52.16 63.22
CA PRO D 728 -55.74 52.22 64.32
C PRO D 728 -54.33 52.55 63.84
N ASN D 729 -53.57 53.22 64.70
CA ASN D 729 -52.20 53.60 64.38
C ASN D 729 -51.29 52.40 64.60
N LEU D 730 -50.87 51.77 63.52
CA LEU D 730 -50.00 50.60 63.56
C LEU D 730 -48.76 50.86 62.72
N ALA D 731 -47.63 50.34 63.17
CA ALA D 731 -46.35 50.50 62.49
C ALA D 731 -45.61 49.18 62.46
N ILE D 732 -44.74 49.02 61.46
CA ILE D 732 -43.95 47.80 61.33
C ILE D 732 -42.96 47.71 62.48
N SER D 733 -42.78 46.49 63.00
CA SER D 733 -41.88 46.29 64.14
C SER D 733 -40.44 46.61 63.76
N THR D 734 -40.01 46.23 62.55
CA THR D 734 -38.64 46.46 62.13
C THR D 734 -38.31 47.94 62.06
N LEU D 735 -39.22 48.73 61.47
CA LEU D 735 -38.98 50.17 61.33
C LEU D 735 -38.95 50.85 62.70
N TYR D 736 -39.87 50.49 63.58
CA TYR D 736 -39.91 51.08 64.92
C TYR D 736 -38.67 50.70 65.72
N TRP D 737 -38.19 49.46 65.57
CA TRP D 737 -37.00 49.03 66.31
C TRP D 737 -35.74 49.68 65.75
N LYS D 738 -35.70 49.93 64.43
CA LYS D 738 -34.52 50.52 63.82
C LYS D 738 -34.45 52.04 64.03
N ALA D 739 -35.61 52.70 64.09
CA ALA D 739 -35.63 54.15 64.27
C ALA D 739 -35.27 54.58 65.68
N TRP D 740 -35.45 53.70 66.68
CA TRP D 740 -35.17 54.11 68.06
C TRP D 740 -33.67 54.20 68.32
N PRO D 741 -32.87 53.14 68.08
CA PRO D 741 -31.44 53.21 68.42
C PRO D 741 -30.65 54.26 67.67
N LEU D 742 -30.85 54.36 66.34
CA LEU D 742 -30.09 55.32 65.54
C LEU D 742 -30.42 56.76 65.95
N LEU D 743 -31.71 57.07 66.13
CA LEU D 743 -32.10 58.41 66.55
C LEU D 743 -31.57 58.73 67.95
N LEU D 744 -31.63 57.75 68.86
CA LEU D 744 -31.10 57.97 70.20
C LEU D 744 -29.60 58.22 70.18
N VAL D 745 -28.87 57.46 69.37
CA VAL D 745 -27.41 57.65 69.25
C VAL D 745 -27.11 59.01 68.66
N VAL D 746 -27.86 59.42 67.64
CA VAL D 746 -27.65 60.73 67.02
C VAL D 746 -27.93 61.85 68.01
N ALA D 747 -28.99 61.71 68.81
CA ALA D 747 -29.35 62.75 69.77
C ALA D 747 -28.34 62.83 70.90
N ALA D 748 -27.79 61.68 71.32
CA ALA D 748 -26.90 61.70 72.47
C ALA D 748 -25.48 62.09 72.09
N PHE D 749 -25.00 61.60 70.94
CA PHE D 749 -23.62 61.89 70.55
C PHE D 749 -23.45 63.32 70.05
N ASN D 750 -24.49 63.87 69.42
CA ASN D 750 -24.46 65.22 68.86
C ASN D 750 -25.67 65.99 69.37
N PRO D 751 -25.67 66.38 70.64
CA PRO D 751 -26.82 67.09 71.23
C PRO D 751 -26.83 68.59 71.00
N GLU D 752 -26.01 69.12 70.10
CA GLU D 752 -25.96 70.56 69.87
C GLU D 752 -27.16 71.04 69.07
N ASN D 753 -27.31 70.54 67.83
CA ASN D 753 -28.42 70.89 66.96
C ASN D 753 -29.56 69.89 67.00
N ILE D 754 -29.26 68.60 66.81
CA ILE D 754 -30.29 67.57 66.87
C ILE D 754 -30.86 67.43 68.28
N GLY D 755 -30.04 67.70 69.30
CA GLY D 755 -30.47 67.58 70.68
C GLY D 755 -31.53 68.59 71.09
N LEU D 756 -31.64 69.71 70.37
CA LEU D 756 -32.65 70.72 70.68
C LEU D 756 -34.06 70.16 70.54
N ALA D 757 -34.30 69.35 69.50
CA ALA D 757 -35.62 68.74 69.31
C ALA D 757 -35.98 67.82 70.47
N ALA D 758 -35.02 67.01 70.94
CA ALA D 758 -35.27 66.14 72.08
C ALA D 758 -35.32 66.89 73.40
N TRP D 759 -34.78 68.11 73.45
CA TRP D 759 -34.76 68.89 74.68
C TRP D 759 -36.08 69.60 74.97
N GLU D 760 -37.03 69.57 74.04
CA GLU D 760 -38.31 70.24 74.23
C GLU D 760 -39.52 69.31 74.09
N GLU D 761 -39.33 68.07 73.67
CA GLU D 761 -40.42 67.13 73.47
C GLU D 761 -40.37 65.97 74.45
N TYR D 762 -39.25 65.26 74.53
CA TYR D 762 -39.14 64.05 75.33
C TYR D 762 -38.22 64.27 76.52
N PRO D 763 -38.73 64.30 77.75
CA PRO D 763 -37.83 64.31 78.92
C PRO D 763 -37.02 63.03 79.08
N THR D 764 -37.43 61.94 78.42
CA THR D 764 -36.65 60.70 78.45
C THR D 764 -35.25 60.89 77.90
N LEU D 765 -35.07 61.84 76.98
CA LEU D 765 -33.73 62.18 76.51
C LEU D 765 -32.86 62.72 77.64
N LYS D 766 -33.43 63.61 78.46
CA LYS D 766 -32.70 64.13 79.61
C LYS D 766 -32.44 63.03 80.64
N MET D 767 -33.41 62.13 80.83
CA MET D 767 -33.23 61.01 81.75
C MET D 767 -32.09 60.09 81.28
N LEU D 768 -32.02 59.83 79.97
CA LEU D 768 -30.94 59.00 79.44
C LEU D 768 -29.60 59.72 79.49
N MET D 769 -29.60 61.05 79.32
CA MET D 769 -28.36 61.81 79.49
C MET D 769 -27.87 61.71 80.94
N GLU D 770 -28.81 61.78 81.89
CA GLU D 770 -28.47 61.60 83.30
C GLU D 770 -27.90 60.21 83.56
N MET D 771 -28.52 59.19 82.96
CA MET D 771 -28.02 57.82 83.10
C MET D 771 -26.62 57.67 82.52
N VAL D 772 -26.37 58.28 81.36
CA VAL D 772 -25.05 58.24 80.75
C VAL D 772 -24.02 58.93 81.64
N MET D 773 -24.39 60.09 82.20
CA MET D 773 -23.53 60.79 83.14
C MET D 773 -23.26 59.98 84.39
N THR D 774 -24.21 59.12 84.80
CA THR D 774 -23.98 58.20 85.90
C THR D 774 -23.00 57.09 85.56
N ASN D 775 -22.64 56.94 84.28
CA ASN D 775 -21.71 55.91 83.78
C ASN D 775 -22.24 54.51 84.10
N ASN D 776 -23.55 54.35 84.05
CA ASN D 776 -24.21 53.08 84.33
C ASN D 776 -25.50 53.05 83.54
N TYR D 777 -25.58 52.16 82.55
CA TYR D 777 -26.80 52.01 81.74
C TYR D 777 -27.75 51.06 82.48
N SER D 778 -28.40 51.60 83.51
CA SER D 778 -29.31 50.81 84.34
C SER D 778 -30.61 51.59 84.54
N TYR D 779 -31.70 50.82 84.66
CA TYR D 779 -33.03 51.39 84.91
C TYR D 779 -33.52 50.95 86.28
N PRO D 780 -33.63 51.86 87.27
CA PRO D 780 -33.38 53.29 87.32
C PRO D 780 -31.90 53.65 87.45
N PRO D 781 -31.50 54.77 86.86
CA PRO D 781 -30.10 55.21 86.97
C PRO D 781 -29.80 55.85 88.31
N CYS D 782 -28.50 55.97 88.61
CA CYS D 782 -28.07 56.62 89.84
C CYS D 782 -28.41 58.10 89.84
N THR D 783 -28.45 58.72 88.67
CA THR D 783 -28.79 60.14 88.54
C THR D 783 -30.29 60.38 88.40
N LEU D 784 -31.09 59.32 88.34
CA LEU D 784 -32.54 59.44 88.26
C LEU D 784 -33.21 59.23 89.61
N THR D 785 -32.56 59.68 90.69
CA THR D 785 -33.05 59.45 92.04
C THR D 785 -34.28 60.27 92.39
N ASP D 786 -34.68 61.24 91.55
CA ASP D 786 -35.85 62.04 91.87
C ASP D 786 -37.12 61.21 91.72
N GLU D 787 -37.55 60.58 92.81
CA GLU D 787 -38.75 59.73 92.76
C GLU D 787 -40.02 60.58 92.72
N GLU D 788 -40.05 61.70 93.45
CA GLU D 788 -41.23 62.55 93.50
C GLU D 788 -41.52 63.19 92.13
N THR D 789 -40.49 63.39 91.31
CA THR D 789 -40.68 64.01 90.00
C THR D 789 -40.80 63.00 88.87
N ARG D 790 -39.98 61.94 88.90
CA ARG D 790 -39.93 60.96 87.82
C ARG D 790 -40.82 59.76 88.09
N THR D 791 -40.58 59.07 89.22
CA THR D 791 -41.30 57.83 89.52
C THR D 791 -42.77 58.09 89.82
N GLU D 792 -43.05 59.07 90.68
CA GLU D 792 -44.42 59.30 91.16
C GLU D 792 -45.34 59.75 90.04
N MET D 793 -44.92 60.78 89.28
CA MET D 793 -45.75 61.30 88.20
C MET D 793 -45.98 60.25 87.11
N LEU D 794 -44.93 59.52 86.73
CA LEU D 794 -45.06 58.49 85.72
C LEU D 794 -46.00 57.38 86.18
N ASN D 795 -45.88 56.95 87.45
CA ASN D 795 -46.76 55.92 87.97
C ASN D 795 -48.21 56.39 88.01
N ARG D 796 -48.43 57.64 88.41
CA ARG D 796 -49.79 58.19 88.43
C ARG D 796 -50.38 58.28 87.03
N GLU D 797 -49.57 58.68 86.05
CA GLU D 797 -50.04 58.86 84.69
C GLU D 797 -50.24 57.54 83.95
N LEU D 798 -49.45 56.51 84.28
CA LEU D 798 -49.51 55.24 83.54
C LEU D 798 -50.85 54.54 83.71
N GLN D 799 -51.41 54.55 84.93
CA GLN D 799 -52.70 53.91 85.16
C GLN D 799 -53.81 54.59 84.35
N THR D 800 -53.81 55.93 84.33
CA THR D 800 -54.79 56.67 83.55
C THR D 800 -54.61 56.42 82.06
N ALA D 801 -53.36 56.40 81.58
CA ALA D 801 -53.12 56.18 80.16
C ALA D 801 -53.55 54.80 79.74
N GLN D 802 -53.24 53.78 80.55
CA GLN D 802 -53.66 52.41 80.25
C GLN D 802 -55.18 52.28 80.25
N ARG D 803 -55.85 52.91 81.23
CA ARG D 803 -57.31 52.89 81.27
C ARG D 803 -57.91 53.57 80.05
N GLU D 804 -57.36 54.71 79.64
CA GLU D 804 -57.86 55.41 78.46
C GLU D 804 -57.64 54.59 77.19
N LYS D 805 -56.47 53.93 77.08
CA LYS D 805 -56.22 53.07 75.92
C LYS D 805 -57.17 51.89 75.88
N GLN D 806 -57.43 51.27 77.04
CA GLN D 806 -58.39 50.17 77.10
C GLN D 806 -59.79 50.62 76.72
N GLU D 807 -60.20 51.79 77.21
CA GLU D 807 -61.52 52.33 76.87
C GLU D 807 -61.64 52.62 75.39
N ILE D 808 -60.59 53.18 74.78
CA ILE D 808 -60.60 53.45 73.35
C ILE D 808 -60.65 52.16 72.55
N LEU D 809 -59.88 51.15 72.98
CA LEU D 809 -59.83 49.89 72.25
C LEU D 809 -61.09 49.04 72.44
N ALA D 810 -61.85 49.29 73.51
CA ALA D 810 -63.08 48.52 73.75
C ALA D 810 -64.11 48.73 72.63
N PHE D 811 -64.26 49.97 72.16
CA PHE D 811 -65.20 50.24 71.08
C PHE D 811 -64.77 49.56 69.78
N GLU D 812 -63.47 49.59 69.48
CA GLU D 812 -62.95 48.99 68.26
C GLU D 812 -62.90 47.46 68.32
N GLY D 813 -62.89 46.89 69.53
CA GLY D 813 -62.83 45.44 69.66
C GLY D 813 -64.04 44.73 69.08
N HIS D 814 -65.23 45.32 69.25
CA HIS D 814 -66.45 44.71 68.70
C HIS D 814 -66.38 44.63 67.18
N LEU D 815 -65.91 45.71 66.53
CA LEU D 815 -65.78 45.73 65.08
C LEU D 815 -64.67 44.80 64.63
N ALA D 816 -63.58 44.71 65.39
CA ALA D 816 -62.49 43.82 64.98
C ALA D 816 -62.92 42.37 65.11
N ALA D 817 -63.64 42.04 66.18
CA ALA D 817 -64.09 40.66 66.41
C ALA D 817 -65.16 40.26 65.40
N ALA D 818 -65.96 41.21 64.92
CA ALA D 818 -67.02 40.89 63.97
C ALA D 818 -66.48 40.33 62.66
N SER D 819 -65.25 40.69 62.31
CA SER D 819 -64.63 40.26 61.05
C SER D 819 -63.68 39.07 61.22
N THR D 820 -62.88 39.04 62.28
CA THR D 820 -61.91 37.98 62.48
C THR D 820 -62.46 36.82 63.30
N LYS D 821 -63.26 37.11 64.34
CA LYS D 821 -63.82 36.12 65.26
C LYS D 821 -62.72 35.33 65.96
N GLN D 822 -61.64 36.01 66.32
CA GLN D 822 -60.49 35.42 66.99
C GLN D 822 -60.47 35.88 68.44
N THR D 823 -60.13 34.95 69.34
CA THR D 823 -60.09 35.26 70.76
C THR D 823 -58.95 36.23 71.09
N ILE D 824 -59.19 37.07 72.09
CA ILE D 824 -58.23 38.08 72.53
C ILE D 824 -57.97 37.86 74.02
N THR D 825 -56.69 37.84 74.38
CA THR D 825 -56.27 37.69 75.77
C THR D 825 -55.20 38.72 76.10
N GLU D 826 -55.23 39.22 77.34
CA GLU D 826 -54.28 40.25 77.75
C GLU D 826 -52.84 39.73 77.74
N SER D 827 -52.63 38.51 78.21
CA SER D 827 -51.29 37.94 78.26
C SER D 827 -50.80 37.49 76.88
N SER D 828 -51.72 37.25 75.94
CA SER D 828 -51.38 36.81 74.60
C SER D 828 -51.72 37.87 73.56
N SER D 829 -51.70 39.14 73.97
CA SER D 829 -52.05 40.25 73.08
C SER D 829 -50.86 40.53 72.15
N LEU D 830 -51.07 40.29 70.85
CA LEU D 830 -50.02 40.53 69.87
C LEU D 830 -49.68 42.01 69.76
N LEU D 831 -50.70 42.88 69.80
CA LEU D 831 -50.50 44.31 69.64
C LEU D 831 -49.66 44.92 70.76
N LEU D 832 -49.60 44.27 71.92
CA LEU D 832 -48.82 44.80 73.03
C LEU D 832 -47.32 44.74 72.75
N SER D 833 -46.87 43.71 72.05
CA SER D 833 -45.46 43.53 71.73
C SER D 833 -45.09 44.05 70.36
N GLN D 834 -46.04 44.65 69.63
CA GLN D 834 -45.79 45.21 68.31
C GLN D 834 -46.15 46.68 68.20
N LEU D 835 -46.96 47.22 69.11
CA LEU D 835 -47.31 48.62 69.12
C LEU D 835 -47.24 49.14 70.56
N THR D 836 -46.99 50.44 70.68
CA THR D 836 -46.88 51.06 71.99
C THR D 836 -47.36 52.50 71.90
N SER D 837 -48.04 52.95 72.96
CA SER D 837 -48.54 54.32 73.02
C SER D 837 -47.38 55.31 73.07
N LEU D 838 -47.53 56.42 72.33
CA LEU D 838 -46.50 57.46 72.30
C LEU D 838 -46.64 58.31 73.57
N ASP D 839 -45.95 57.87 74.62
CA ASP D 839 -45.97 58.55 75.92
C ASP D 839 -44.53 58.78 76.36
N PRO D 840 -43.85 59.75 75.76
CA PRO D 840 -42.46 60.05 76.18
C PRO D 840 -42.31 60.47 77.62
N GLN D 841 -43.33 61.11 78.21
CA GLN D 841 -43.26 61.58 79.58
C GLN D 841 -43.24 60.45 80.61
N GLY D 842 -43.54 59.21 80.21
CA GLY D 842 -43.58 58.12 81.15
C GLY D 842 -42.20 57.61 81.49
N PRO D 843 -42.15 56.65 82.42
CA PRO D 843 -40.86 56.10 82.83
C PRO D 843 -40.23 55.30 81.71
N PRO D 844 -38.90 55.20 81.68
CA PRO D 844 -38.24 54.41 80.63
C PRO D 844 -38.44 52.91 80.85
N ARG D 845 -38.21 52.16 79.77
CA ARG D 845 -38.40 50.71 79.79
C ARG D 845 -37.10 50.05 80.22
N ARG D 846 -37.17 49.22 81.26
CA ARG D 846 -35.99 48.50 81.72
C ARG D 846 -35.69 47.34 80.78
N PRO D 847 -34.46 47.22 80.28
CA PRO D 847 -34.13 46.12 79.38
C PRO D 847 -34.04 44.81 80.13
N PRO D 848 -34.16 43.68 79.43
CA PRO D 848 -34.07 42.38 80.11
C PRO D 848 -32.66 42.10 80.59
N PRO D 849 -32.50 41.21 81.57
CA PRO D 849 -31.15 40.92 82.08
C PRO D 849 -30.22 40.29 81.06
N HIS D 850 -30.78 39.58 80.07
CA HIS D 850 -29.94 38.92 79.07
C HIS D 850 -29.25 39.93 78.18
N ILE D 851 -29.99 40.94 77.71
CA ILE D 851 -29.37 41.95 76.85
C ILE D 851 -28.38 42.77 77.66
N LEU D 852 -28.71 43.05 78.93
CA LEU D 852 -27.84 43.86 79.78
C LEU D 852 -26.52 43.16 80.04
N ASP D 853 -26.56 41.84 80.22
CA ASP D 853 -25.33 41.07 80.46
C ASP D 853 -24.38 41.16 79.28
N GLN D 854 -24.91 41.04 78.06
CA GLN D 854 -24.07 41.16 76.87
C GLN D 854 -23.61 42.60 76.66
N VAL D 855 -24.46 43.57 76.99
CA VAL D 855 -24.11 44.98 76.79
C VAL D 855 -22.99 45.40 77.73
N LYS D 856 -23.00 44.89 78.97
CA LYS D 856 -22.01 45.29 79.97
C LYS D 856 -20.59 44.91 79.57
N SER D 857 -20.42 43.87 78.74
CA SER D 857 -19.09 43.48 78.29
C SER D 857 -18.45 44.57 77.44
N LEU D 858 -19.24 45.19 76.57
CA LEU D 858 -18.73 46.26 75.70
C LEU D 858 -18.87 47.65 76.31
N ASN D 859 -19.70 47.81 77.36
CA ASN D 859 -19.91 49.12 77.95
C ASN D 859 -18.63 49.70 78.53
N GLN D 860 -17.85 48.89 79.24
CA GLN D 860 -16.58 49.37 79.79
C GLN D 860 -15.55 49.59 78.67
N SER D 861 -15.61 48.76 77.62
CA SER D 861 -14.69 48.91 76.50
C SER D 861 -14.91 50.21 75.76
N LEU D 862 -16.16 50.62 75.57
CA LEU D 862 -16.44 51.85 74.83
C LEU D 862 -16.11 53.09 75.64
N ARG D 863 -16.39 53.06 76.95
CA ARG D 863 -16.18 54.18 77.87
C ARG D 863 -16.96 55.42 77.43
N LEU D 864 -18.29 55.29 77.41
CA LEU D 864 -19.18 56.33 76.92
C LEU D 864 -19.52 57.38 77.96
N GLY D 865 -19.00 57.27 79.19
CA GLY D 865 -19.33 58.24 80.22
C GLY D 865 -18.75 59.61 80.01
N HIS D 866 -17.68 59.73 79.22
CA HIS D 866 -17.03 61.02 79.00
C HIS D 866 -17.94 61.99 78.23
N LEU D 867 -18.69 61.47 77.25
CA LEU D 867 -19.49 62.32 76.36
C LEU D 867 -20.65 62.99 77.07
N LEU D 868 -21.12 62.42 78.19
CA LEU D 868 -22.29 62.92 78.90
C LEU D 868 -21.97 64.05 79.88
N CYS D 869 -20.70 64.29 80.18
CA CYS D 869 -20.35 65.36 81.12
C CYS D 869 -20.63 66.74 80.53
N ARG D 870 -20.57 66.88 79.21
CA ARG D 870 -20.78 68.18 78.59
C ARG D 870 -22.26 68.55 78.53
N SER D 871 -23.14 67.55 78.40
CA SER D 871 -24.56 67.81 78.18
C SER D 871 -25.20 68.36 79.46
N ARG D 872 -25.77 69.55 79.37
CA ARG D 872 -26.49 70.14 80.50
C ARG D 872 -27.74 70.91 80.08
N ASN D 873 -28.20 70.75 78.83
CA ASN D 873 -29.37 71.46 78.35
C ASN D 873 -30.11 70.60 77.33
N PRO D 874 -31.33 70.10 77.65
CA PRO D 874 -32.15 70.24 78.87
C PRO D 874 -31.64 69.44 80.06
N ASP D 875 -31.87 69.98 81.26
CA ASP D 875 -31.42 69.36 82.50
C ASP D 875 -32.58 68.56 83.09
N PHE D 876 -32.31 67.28 83.41
CA PHE D 876 -33.35 66.45 83.99
C PHE D 876 -33.67 66.85 85.43
N LEU D 877 -32.67 67.29 86.18
CA LEU D 877 -32.86 67.70 87.56
C LEU D 877 -31.76 68.66 88.01
N LYS D 948 -22.59 65.21 84.09
CA LYS D 948 -23.63 66.07 84.65
C LYS D 948 -24.03 65.58 86.04
N GLN D 949 -23.54 64.39 86.41
CA GLN D 949 -23.85 63.81 87.71
C GLN D 949 -23.30 64.64 88.87
N ARG D 950 -22.24 65.42 88.64
CA ARG D 950 -21.64 66.20 89.72
C ARG D 950 -22.58 67.30 90.21
N GLN D 951 -23.36 67.89 89.29
CA GLN D 951 -24.34 68.92 89.68
C GLN D 951 -25.40 68.34 90.60
N LEU D 952 -25.96 67.18 90.25
CA LEU D 952 -26.94 66.54 91.10
C LEU D 952 -26.32 66.07 92.42
N LEU D 953 -25.07 65.62 92.37
CA LEU D 953 -24.35 65.26 93.59
C LEU D 953 -24.27 66.43 94.54
N GLY D 954 -23.84 67.60 94.04
CA GLY D 954 -23.76 68.78 94.88
C GLY D 954 -25.12 69.22 95.38
N ARG D 955 -26.14 69.13 94.50
CA ARG D 955 -27.51 69.52 94.85
C ARG D 955 -28.04 68.66 96.00
N LEU D 956 -27.90 67.34 95.88
CA LEU D 956 -28.31 66.44 96.95
C LEU D 956 -27.47 66.65 98.21
N GLN D 957 -26.19 67.01 98.03
CA GLN D 957 -25.33 67.26 99.18
C GLN D 957 -25.85 68.44 100.00
N ASP D 958 -26.09 69.59 99.36
CA ASP D 958 -26.55 70.72 100.14
C ASP D 958 -28.00 70.55 100.57
N LEU D 959 -28.79 69.72 99.88
CA LEU D 959 -30.11 69.40 100.38
C LEU D 959 -30.07 68.52 101.62
N LEU D 960 -29.04 67.67 101.74
CA LEU D 960 -28.97 66.69 102.82
C LEU D 960 -27.96 67.05 103.90
N LEU D 961 -26.72 67.38 103.52
CA LEU D 961 -25.69 67.68 104.52
C LEU D 961 -25.96 69.00 105.23
N GLY D 962 -26.52 69.98 104.53
CA GLY D 962 -26.66 71.32 105.05
C GLY D 962 -27.73 71.45 106.12
N PRO D 963 -27.83 72.64 106.73
CA PRO D 963 -28.85 72.87 107.76
C PRO D 963 -30.27 72.96 107.23
N LYS D 964 -30.46 73.00 105.91
CA LYS D 964 -31.79 73.07 105.33
C LYS D 964 -32.45 71.70 105.18
N ALA D 965 -31.80 70.65 105.65
CA ALA D 965 -32.29 69.28 105.48
C ALA D 965 -33.65 69.09 106.15
N ASP D 966 -34.54 68.41 105.44
CA ASP D 966 -35.90 68.13 105.90
C ASP D 966 -36.08 66.64 106.15
N GLU D 967 -37.01 66.32 107.04
CA GLU D 967 -37.24 64.93 107.42
C GLU D 967 -37.81 64.09 106.28
N GLN D 968 -38.84 64.61 105.58
CA GLN D 968 -39.60 63.81 104.62
C GLN D 968 -38.76 63.36 103.43
N THR D 969 -38.19 64.32 102.69
CA THR D 969 -37.46 63.97 101.47
C THR D 969 -36.22 63.14 101.78
N THR D 970 -35.48 63.51 102.82
CA THR D 970 -34.29 62.75 103.20
C THR D 970 -34.65 61.33 103.61
N CYS D 971 -35.72 61.16 104.38
CA CYS D 971 -36.15 59.83 104.79
C CYS D 971 -36.55 58.99 103.59
N GLU D 972 -37.31 59.58 102.66
CA GLU D 972 -37.72 58.84 101.45
C GLU D 972 -36.52 58.45 100.60
N VAL D 973 -35.57 59.38 100.43
CA VAL D 973 -34.37 59.11 99.64
C VAL D 973 -33.56 58.00 100.27
N LEU D 974 -33.36 58.05 101.59
CA LEU D 974 -32.60 57.01 102.28
C LEU D 974 -33.31 55.66 102.21
N ASP D 975 -34.64 55.64 102.34
CA ASP D 975 -35.37 54.37 102.21
C ASP D 975 -35.19 53.77 100.82
N TYR D 976 -35.37 54.60 99.78
CA TYR D 976 -35.15 54.17 98.40
C TYR D 976 -33.72 53.69 98.20
N PHE D 977 -32.76 54.39 98.80
CA PHE D 977 -31.36 54.12 98.53
C PHE D 977 -30.88 52.87 99.27
N LEU D 978 -31.48 52.57 100.41
CA LEU D 978 -31.05 51.45 101.23
C LEU D 978 -31.86 50.18 101.02
N ARG D 979 -33.05 50.27 100.42
CA ARG D 979 -33.77 49.04 100.08
C ARG D 979 -33.07 48.25 98.99
N ARG D 980 -32.15 48.88 98.26
CA ARG D 980 -31.39 48.19 97.23
C ARG D 980 -30.34 47.25 97.81
N LEU D 981 -29.83 47.55 99.02
CA LEU D 981 -28.81 46.71 99.63
C LEU D 981 -29.33 45.30 99.91
N GLY D 982 -30.62 45.18 100.20
CA GLY D 982 -31.24 43.89 100.41
C GLY D 982 -31.60 43.11 99.16
N SER D 983 -31.32 43.67 97.99
CA SER D 983 -31.61 42.98 96.74
C SER D 983 -30.61 41.85 96.51
N SER D 984 -30.99 40.93 95.63
CA SER D 984 -30.16 39.78 95.28
C SER D 984 -29.16 40.10 94.17
N GLN D 985 -29.08 41.35 93.74
CA GLN D 985 -28.18 41.76 92.67
C GLN D 985 -26.97 42.44 93.29
N VAL D 986 -25.78 41.91 93.01
CA VAL D 986 -24.54 42.48 93.54
C VAL D 986 -24.29 43.86 92.93
N ALA D 987 -24.63 44.04 91.65
CA ALA D 987 -24.40 45.32 90.98
C ALA D 987 -25.21 46.43 91.63
N SER D 988 -26.47 46.15 92.00
CA SER D 988 -27.33 47.14 92.62
C SER D 988 -26.74 47.62 93.94
N ARG D 989 -26.34 46.68 94.80
CA ARG D 989 -25.80 47.08 96.10
C ARG D 989 -24.44 47.76 95.96
N VAL D 990 -23.61 47.33 94.99
CA VAL D 990 -22.32 47.99 94.79
C VAL D 990 -22.52 49.44 94.32
N LEU D 991 -23.45 49.66 93.37
CA LEU D 991 -23.72 51.02 92.91
C LEU D 991 -24.29 51.87 94.04
N ALA D 992 -25.20 51.30 94.84
CA ALA D 992 -25.76 52.02 95.98
C ALA D 992 -24.67 52.38 96.98
N MET D 993 -23.76 51.45 97.26
CA MET D 993 -22.65 51.71 98.16
C MET D 993 -21.77 52.84 97.65
N LYS D 994 -21.41 52.80 96.37
CA LYS D 994 -20.54 53.82 95.78
C LYS D 994 -21.22 55.18 95.79
N GLY D 995 -22.50 55.22 95.42
CA GLY D 995 -23.26 56.45 95.44
C GLY D 995 -23.40 57.03 96.83
N LEU D 996 -23.62 56.16 97.82
CA LEU D 996 -23.80 56.63 99.20
C LEU D 996 -22.49 57.19 99.74
N SER D 997 -21.36 56.54 99.42
CA SER D 997 -20.07 57.08 99.81
C SER D 997 -19.78 58.42 99.14
N LEU D 998 -20.11 58.53 97.84
CA LEU D 998 -19.87 59.79 97.13
C LEU D 998 -20.74 60.92 97.66
N VAL D 999 -22.02 60.65 97.95
CA VAL D 999 -22.92 61.67 98.49
C VAL D 999 -22.45 62.10 99.88
N LEU D 1000 -22.19 61.13 100.77
CA LEU D 1000 -21.78 61.45 102.12
C LEU D 1000 -20.42 62.16 102.14
N SER D 1001 -19.44 61.58 101.45
CA SER D 1001 -18.09 62.14 101.40
C SER D 1001 -17.73 62.56 99.98
N ASP D 1023 -8.02 56.26 109.94
CA ASP D 1023 -7.64 55.93 108.58
C ASP D 1023 -7.79 54.43 108.29
N VAL D 1024 -8.73 53.80 108.98
CA VAL D 1024 -8.91 52.35 108.96
C VAL D 1024 -10.33 52.05 108.48
N LEU D 1025 -10.43 51.15 107.50
CA LEU D 1025 -11.60 51.04 106.62
C LEU D 1025 -11.86 52.37 105.90
N GLN D 1026 -10.89 52.76 105.06
CA GLN D 1026 -10.94 54.05 104.38
C GLN D 1026 -12.12 54.13 103.43
N GLY D 1027 -12.39 53.04 102.70
CA GLY D 1027 -13.53 53.01 101.81
C GLY D 1027 -14.85 52.97 102.54
N TYR D 1028 -14.83 52.60 103.82
CA TYR D 1028 -16.02 52.55 104.67
C TYR D 1028 -16.02 53.59 105.79
N GLN D 1029 -15.02 54.48 105.85
CA GLN D 1029 -14.97 55.49 106.90
C GLN D 1029 -16.13 56.48 106.83
N TRP D 1030 -16.82 56.57 105.69
CA TRP D 1030 -18.01 57.41 105.58
C TRP D 1030 -19.10 56.97 106.56
N LEU D 1031 -19.36 55.65 106.62
CA LEU D 1031 -20.42 55.14 107.48
C LEU D 1031 -20.08 55.27 108.95
N LEU D 1032 -18.80 55.42 109.28
CA LEU D 1032 -18.35 55.46 110.67
C LEU D 1032 -18.09 56.87 111.17
N ARG D 1033 -17.79 57.81 110.27
CA ARG D 1033 -17.44 59.17 110.68
C ARG D 1033 -18.38 60.23 110.11
N ASP D 1034 -18.88 60.08 108.87
CA ASP D 1034 -19.70 61.13 108.27
C ASP D 1034 -21.16 61.02 108.69
N LEU D 1035 -21.72 59.82 108.67
CA LEU D 1035 -23.14 59.63 108.98
C LEU D 1035 -23.56 60.09 110.38
N PRO D 1036 -22.83 59.82 111.48
CA PRO D 1036 -23.31 60.30 112.79
C PRO D 1036 -23.35 61.83 112.93
N ARG D 1037 -22.65 62.57 112.09
CA ARG D 1037 -22.59 64.01 112.19
C ARG D 1037 -23.76 64.73 111.53
N LEU D 1038 -24.73 63.98 111.00
CA LEU D 1038 -25.83 64.60 110.29
C LEU D 1038 -26.80 65.23 111.29
N PRO D 1039 -27.46 66.33 110.91
CA PRO D 1039 -28.43 66.95 111.84
C PRO D 1039 -29.63 66.06 112.14
N LEU D 1040 -30.05 65.24 111.18
CA LEU D 1040 -31.22 64.39 111.33
C LEU D 1040 -30.83 62.91 111.34
N PHE D 1041 -29.65 62.60 111.88
CA PHE D 1041 -29.20 61.22 111.97
C PHE D 1041 -30.13 60.39 112.85
N ASP D 1042 -30.57 60.95 113.98
CA ASP D 1042 -31.41 60.19 114.90
C ASP D 1042 -32.76 59.85 114.29
N SER D 1043 -33.31 60.75 113.45
CA SER D 1043 -34.58 60.48 112.79
C SER D 1043 -34.50 59.30 111.84
N VAL D 1044 -33.34 59.10 111.21
CA VAL D 1044 -33.18 58.03 110.22
C VAL D 1044 -32.42 56.85 110.76
N ARG D 1045 -32.03 56.87 112.04
CA ARG D 1045 -31.20 55.82 112.61
C ARG D 1045 -31.85 54.44 112.56
N SER D 1046 -33.15 54.36 112.86
CA SER D 1046 -33.82 53.06 112.90
C SER D 1046 -33.91 52.42 111.53
N THR D 1047 -34.30 53.18 110.50
CA THR D 1047 -34.51 52.59 109.18
C THR D 1047 -33.21 52.11 108.55
N THR D 1048 -32.11 52.86 108.71
CA THR D 1048 -30.84 52.39 108.18
C THR D 1048 -30.35 51.15 108.93
N ALA D 1049 -30.60 51.08 110.24
CA ALA D 1049 -30.25 49.88 111.00
C ALA D 1049 -31.01 48.67 110.49
N LEU D 1050 -32.32 48.82 110.23
CA LEU D 1050 -33.10 47.72 109.68
C LEU D 1050 -32.61 47.33 108.29
N ALA D 1051 -32.27 48.34 107.46
CA ALA D 1051 -31.76 48.06 106.12
C ALA D 1051 -30.44 47.31 106.16
N LEU D 1052 -29.53 47.72 107.05
CA LEU D 1052 -28.26 47.00 107.20
C LEU D 1052 -28.50 45.58 107.71
N GLN D 1053 -29.44 45.41 108.65
CA GLN D 1053 -29.74 44.08 109.16
C GLN D 1053 -30.25 43.17 108.05
N GLN D 1054 -31.10 43.71 107.17
CA GLN D 1054 -31.56 42.93 106.02
C GLN D 1054 -30.42 42.69 105.02
N ALA D 1055 -29.52 43.66 104.88
CA ALA D 1055 -28.40 43.53 103.95
C ALA D 1055 -27.33 42.55 104.44
N ILE D 1056 -27.28 42.27 105.74
CA ILE D 1056 -26.30 41.32 106.28
C ILE D 1056 -26.53 39.94 105.67
N HIS D 1057 -27.78 39.53 105.56
CA HIS D 1057 -28.10 38.23 105.00
C HIS D 1057 -27.93 38.18 103.49
N MET D 1058 -27.77 39.32 102.82
CA MET D 1058 -27.54 39.37 101.38
C MET D 1058 -26.10 39.69 101.00
N GLU D 1059 -25.42 40.57 101.73
CA GLU D 1059 -24.10 41.02 101.37
C GLU D 1059 -23.08 39.88 101.45
N THR D 1060 -22.11 39.90 100.55
CA THR D 1060 -21.08 38.88 100.48
C THR D 1060 -19.66 39.40 100.70
N ASP D 1061 -19.43 40.69 100.53
CA ASP D 1061 -18.11 41.25 100.73
C ASP D 1061 -17.79 41.25 102.23
N PRO D 1062 -16.68 40.62 102.65
CA PRO D 1062 -16.34 40.65 104.10
C PRO D 1062 -16.11 42.04 104.65
N GLN D 1063 -15.53 42.94 103.86
CA GLN D 1063 -15.28 44.30 104.35
C GLN D 1063 -16.58 45.06 104.56
N THR D 1064 -17.53 44.92 103.63
CA THR D 1064 -18.83 45.55 103.78
C THR D 1064 -19.56 45.05 105.03
N ILE D 1065 -19.50 43.74 105.26
CA ILE D 1065 -20.15 43.15 106.44
C ILE D 1065 -19.43 43.61 107.71
N SER D 1066 -18.10 43.78 107.63
CA SER D 1066 -17.34 44.32 108.74
C SER D 1066 -17.81 45.73 109.11
N ALA D 1067 -17.97 46.58 108.09
CA ALA D 1067 -18.44 47.94 108.31
C ALA D 1067 -19.85 47.95 108.90
N TYR D 1068 -20.72 47.08 108.36
CA TYR D 1068 -22.09 46.99 108.86
C TYR D 1068 -22.13 46.54 110.31
N LEU D 1069 -21.31 45.56 110.68
CA LEU D 1069 -21.29 45.08 112.06
C LEU D 1069 -20.77 46.17 113.00
N ILE D 1070 -19.72 46.89 112.59
CA ILE D 1070 -19.20 47.95 113.44
C ILE D 1070 -20.25 49.04 113.64
N TYR D 1071 -20.95 49.42 112.56
CA TYR D 1071 -22.00 50.43 112.71
C TYR D 1071 -23.11 49.90 113.62
N LEU D 1072 -23.51 48.63 113.42
CA LEU D 1072 -24.59 48.06 114.23
C LEU D 1072 -24.11 47.64 115.61
N SER D 1073 -22.93 48.09 115.99
CA SER D 1073 -22.37 47.88 117.32
C SER D 1073 -22.24 49.20 118.06
N GLN D 1074 -21.79 50.26 117.38
CA GLN D 1074 -21.73 51.56 118.03
C GLN D 1074 -23.10 52.23 118.06
N HIS D 1075 -23.78 52.27 116.91
CA HIS D 1075 -25.11 52.89 116.80
C HIS D 1075 -26.19 51.81 116.85
N THR D 1076 -26.39 51.28 118.05
CA THR D 1076 -27.33 50.20 118.30
C THR D 1076 -28.57 50.70 119.02
N PRO D 1077 -29.76 50.55 118.44
CA PRO D 1077 -31.00 50.89 119.16
C PRO D 1077 -31.29 49.87 120.25
N VAL D 1078 -31.22 50.28 121.51
CA VAL D 1078 -31.25 49.35 122.64
C VAL D 1078 -32.61 49.36 123.32
N GLU D 1079 -33.29 50.51 123.29
CA GLU D 1079 -34.47 50.76 124.13
C GLU D 1079 -35.58 49.74 123.92
N GLU D 1080 -35.84 49.34 122.67
CA GLU D 1080 -36.93 48.43 122.37
C GLU D 1080 -36.45 46.99 122.48
N GLN D 1081 -37.17 46.20 123.29
CA GLN D 1081 -36.84 44.78 123.43
C GLN D 1081 -36.97 44.07 122.08
N ALA D 1082 -38.07 44.33 121.37
CA ALA D 1082 -38.33 43.73 120.06
C ALA D 1082 -37.18 43.98 119.08
N GLN D 1083 -36.80 45.26 118.93
CA GLN D 1083 -35.70 45.64 118.05
C GLN D 1083 -34.39 44.96 118.44
N HIS D 1084 -34.08 44.93 119.74
CA HIS D 1084 -32.84 44.30 120.20
C HIS D 1084 -32.85 42.80 119.92
N SER D 1085 -33.99 42.15 120.15
CA SER D 1085 -34.12 40.72 119.87
C SER D 1085 -33.94 40.44 118.39
N ASP D 1086 -34.56 41.26 117.53
CA ASP D 1086 -34.44 41.07 116.09
C ASP D 1086 -33.01 41.29 115.62
N LEU D 1087 -32.34 42.31 116.17
CA LEU D 1087 -30.95 42.58 115.81
C LEU D 1087 -30.05 41.42 116.23
N ALA D 1088 -30.26 40.90 117.45
CA ALA D 1088 -29.49 39.75 117.90
C ALA D 1088 -29.75 38.53 117.02
N LEU D 1089 -31.01 38.33 116.62
CA LEU D 1089 -31.35 37.21 115.75
C LEU D 1089 -30.66 37.35 114.38
N ASP D 1090 -30.63 38.57 113.83
CA ASP D 1090 -29.98 38.76 112.54
C ASP D 1090 -28.48 38.54 112.61
N VAL D 1091 -27.84 39.08 113.66
CA VAL D 1091 -26.40 38.88 113.82
C VAL D 1091 -26.10 37.40 114.09
N ALA D 1092 -27.00 36.72 114.81
CA ALA D 1092 -26.83 35.30 115.05
C ALA D 1092 -26.97 34.49 113.76
N ARG D 1093 -27.90 34.89 112.90
CA ARG D 1093 -28.02 34.25 111.59
C ARG D 1093 -26.76 34.45 110.77
N LEU D 1094 -26.17 35.65 110.86
CA LEU D 1094 -24.88 35.89 110.21
C LEU D 1094 -23.80 34.95 110.76
N VAL D 1095 -23.74 34.82 112.08
CA VAL D 1095 -22.67 34.04 112.70
C VAL D 1095 -22.82 32.55 112.40
N VAL D 1096 -24.05 32.06 112.38
CA VAL D 1096 -24.29 30.63 112.26
C VAL D 1096 -24.39 30.20 110.80
N GLU D 1097 -25.35 30.77 110.07
CA GLU D 1097 -25.63 30.33 108.70
C GLU D 1097 -24.49 30.67 107.76
N ARG D 1098 -23.94 31.88 107.85
CA ARG D 1098 -22.92 32.35 106.92
C ARG D 1098 -21.55 31.86 107.39
N SER D 1099 -21.38 30.54 107.33
CA SER D 1099 -20.16 29.90 107.82
C SER D 1099 -18.93 30.33 107.01
N THR D 1100 -19.07 30.41 105.68
CA THR D 1100 -17.94 30.78 104.84
C THR D 1100 -17.50 32.22 105.12
N ILE D 1101 -18.45 33.12 105.32
CA ILE D 1101 -18.12 34.53 105.62
C ILE D 1101 -17.39 34.62 106.95
N MET D 1102 -17.89 33.89 107.95
CA MET D 1102 -17.27 33.89 109.28
C MET D 1102 -15.86 33.33 109.24
N SER D 1103 -15.65 32.24 108.50
CA SER D 1103 -14.32 31.68 108.34
C SER D 1103 -13.39 32.65 107.62
N HIS D 1104 -13.90 33.33 106.59
CA HIS D 1104 -13.09 34.29 105.85
C HIS D 1104 -12.69 35.48 106.70
N LEU D 1105 -13.62 35.99 107.54
CA LEU D 1105 -13.33 37.18 108.34
C LEU D 1105 -12.24 36.93 109.37
N PHE D 1106 -12.26 35.76 110.02
CA PHE D 1106 -11.27 35.41 111.03
C PHE D 1106 -10.51 34.15 110.65
N SER D 1107 -10.06 34.08 109.40
CA SER D 1107 -9.10 33.07 108.99
C SER D 1107 -7.83 33.19 109.82
N LYS D 1108 -7.41 32.06 110.39
CA LYS D 1108 -6.33 32.05 111.38
C LYS D 1108 -4.98 32.45 110.79
N LEU D 1109 -4.82 32.40 109.46
CA LEU D 1109 -3.54 32.76 108.86
C LEU D 1109 -3.27 34.25 108.91
N SER D 1110 -4.30 35.07 109.14
CA SER D 1110 -4.15 36.53 109.09
C SER D 1110 -5.13 37.21 110.05
N PRO D 1111 -4.82 37.23 111.36
CA PRO D 1111 -5.60 38.07 112.28
C PRO D 1111 -5.33 39.54 112.04
N SER D 1112 -6.28 40.25 111.43
CA SER D 1112 -6.09 41.64 111.07
C SER D 1112 -6.70 42.56 112.12
N ALA D 1113 -6.34 43.84 112.04
CA ALA D 1113 -6.93 44.85 112.94
C ALA D 1113 -8.42 45.00 112.69
N ALA D 1114 -8.85 44.93 111.42
CA ALA D 1114 -10.27 44.94 111.11
C ALA D 1114 -10.98 43.73 111.73
N SER D 1115 -10.32 42.57 111.68
CA SER D 1115 -10.85 41.37 112.32
C SER D 1115 -11.00 41.58 113.82
N ASP D 1116 -9.99 42.19 114.45
CA ASP D 1116 -10.05 42.47 115.88
C ASP D 1116 -11.20 43.41 116.21
N ALA D 1117 -11.39 44.46 115.41
CA ALA D 1117 -12.48 45.39 115.64
C ALA D 1117 -13.83 44.71 115.50
N VAL D 1118 -13.99 43.87 114.47
CA VAL D 1118 -15.26 43.18 114.25
C VAL D 1118 -15.55 42.20 115.38
N LEU D 1119 -14.53 41.47 115.83
CA LEU D 1119 -14.72 40.52 116.93
C LEU D 1119 -15.10 41.25 118.22
N SER D 1120 -14.42 42.37 118.51
CA SER D 1120 -14.76 43.16 119.69
C SER D 1120 -16.18 43.69 119.59
N ALA D 1121 -16.59 44.13 118.40
CA ALA D 1121 -17.95 44.59 118.17
C ALA D 1121 -18.97 43.49 118.43
N LEU D 1122 -18.70 42.28 117.93
CA LEU D 1122 -19.62 41.16 118.09
C LEU D 1122 -19.78 40.78 119.56
N LEU D 1123 -18.66 40.63 120.27
CA LEU D 1123 -18.77 40.32 121.69
C LEU D 1123 -19.44 41.45 122.47
N SER D 1124 -19.16 42.70 122.11
CA SER D 1124 -19.79 43.83 122.81
C SER D 1124 -21.31 43.82 122.63
N ILE D 1125 -21.77 43.65 121.38
CA ILE D 1125 -23.22 43.67 121.15
C ILE D 1125 -23.89 42.47 121.83
N PHE D 1126 -23.27 41.29 121.77
CA PHE D 1126 -23.89 40.13 122.39
C PHE D 1126 -23.88 40.24 123.92
N SER D 1127 -22.80 40.79 124.49
CA SER D 1127 -22.74 40.99 125.93
C SER D 1127 -23.81 41.98 126.40
N ARG D 1128 -23.99 43.08 125.67
CA ARG D 1128 -25.04 44.03 126.03
C ARG D 1128 -26.42 43.40 125.89
N TYR D 1129 -26.63 42.61 124.84
CA TYR D 1129 -27.92 41.95 124.64
C TYR D 1129 -28.24 40.99 125.79
N VAL D 1130 -27.28 40.13 126.14
CA VAL D 1130 -27.54 39.15 127.20
C VAL D 1130 -27.70 39.85 128.55
N ARG D 1131 -26.93 40.92 128.80
CA ARG D 1131 -27.05 41.67 130.04
C ARG D 1131 -28.44 42.32 130.15
N ARG D 1132 -28.89 42.96 129.07
CA ARG D 1132 -30.19 43.61 129.08
C ARG D 1132 -31.32 42.61 129.25
N MET D 1133 -31.21 41.45 128.58
CA MET D 1133 -32.20 40.39 128.76
C MET D 1133 -32.21 39.90 130.20
N ARG D 1134 -31.02 39.74 130.81
CA ARG D 1134 -30.92 39.30 132.20
C ARG D 1134 -31.57 40.30 133.15
N GLN D 1135 -31.36 41.60 132.91
CA GLN D 1135 -31.91 42.65 133.77
C GLN D 1135 -33.44 42.62 133.80
N SER D 1136 -34.09 42.11 132.74
CA SER D 1136 -35.54 42.02 132.68
C SER D 1136 -36.09 41.02 133.70
N SER D 1146 -42.31 35.23 124.78
CA SER D 1146 -41.83 34.38 123.69
C SER D 1146 -42.64 34.60 122.42
N GLU D 1147 -42.16 35.49 121.56
CA GLU D 1147 -42.83 35.77 120.31
C GLU D 1147 -42.63 34.63 119.31
N SER D 1148 -41.43 34.08 119.25
CA SER D 1148 -41.11 33.02 118.31
C SER D 1148 -41.30 31.65 118.96
N GLN D 1149 -41.63 30.67 118.12
CA GLN D 1149 -41.85 29.30 118.60
C GLN D 1149 -40.57 28.68 119.15
N ASP D 1150 -39.42 29.00 118.54
CA ASP D 1150 -38.15 28.39 118.92
C ASP D 1150 -37.49 29.08 120.11
N GLN D 1151 -38.20 29.96 120.81
CA GLN D 1151 -37.67 30.56 122.03
C GLN D 1151 -37.49 29.51 123.11
N VAL D 1152 -36.41 29.65 123.89
CA VAL D 1152 -36.06 28.70 124.94
C VAL D 1152 -35.98 29.45 126.27
N PHE D 1153 -36.50 28.83 127.31
CA PHE D 1153 -36.55 29.37 128.67
C PHE D 1153 -35.26 28.94 129.38
N LEU D 1154 -34.30 29.85 129.48
CA LEU D 1154 -32.99 29.56 130.05
C LEU D 1154 -33.00 29.65 131.57
N ARG D 1155 -32.20 28.78 132.20
CA ARG D 1155 -31.99 28.81 133.64
C ARG D 1155 -30.50 28.67 133.95
N TRP D 1156 -30.01 29.50 134.87
CA TRP D 1156 -28.64 29.42 135.34
C TRP D 1156 -28.56 28.81 136.72
N SER D 1157 -27.36 28.33 137.07
CA SER D 1157 -27.12 27.82 138.42
C SER D 1157 -27.02 28.93 139.46
N SER D 1158 -26.76 30.17 139.03
CA SER D 1158 -26.64 31.30 139.95
C SER D 1158 -27.97 31.94 140.34
N GLY D 1159 -29.06 31.56 139.69
CA GLY D 1159 -30.38 32.07 140.03
C GLY D 1159 -30.99 33.08 139.08
N GLU D 1160 -30.46 33.25 137.87
CA GLU D 1160 -30.95 34.22 136.91
C GLU D 1160 -31.85 33.54 135.88
N THR D 1161 -32.81 34.30 135.37
CA THR D 1161 -33.73 33.82 134.35
C THR D 1161 -33.55 34.61 133.06
N ALA D 1162 -33.77 33.93 131.93
CA ALA D 1162 -33.64 34.56 130.62
C ALA D 1162 -34.43 33.78 129.57
N THR D 1163 -35.02 34.51 128.62
CA THR D 1163 -35.73 33.93 127.49
C THR D 1163 -35.06 34.40 126.20
N MET D 1164 -34.58 33.45 125.38
CA MET D 1164 -33.81 33.78 124.19
C MET D 1164 -34.06 32.73 123.12
N HIS D 1165 -33.59 33.04 121.91
CA HIS D 1165 -33.61 32.12 120.78
C HIS D 1165 -32.47 31.11 120.91
N ILE D 1166 -32.54 30.04 120.13
CA ILE D 1166 -31.45 29.06 120.13
C ILE D 1166 -30.28 29.56 119.30
N LEU D 1167 -30.58 30.21 118.16
CA LEU D 1167 -29.53 30.68 117.26
C LEU D 1167 -28.60 31.67 117.93
N VAL D 1168 -29.11 32.51 118.83
CA VAL D 1168 -28.25 33.49 119.48
C VAL D 1168 -27.27 32.80 120.44
N VAL D 1169 -27.72 31.75 121.13
CA VAL D 1169 -26.81 30.96 121.97
C VAL D 1169 -25.74 30.29 121.14
N HIS D 1170 -26.16 29.66 120.03
CA HIS D 1170 -25.19 29.03 119.14
C HIS D 1170 -24.21 30.06 118.60
N ALA D 1171 -24.68 31.30 118.43
CA ALA D 1171 -23.84 32.36 117.90
C ALA D 1171 -22.78 32.79 118.90
N MET D 1172 -23.17 33.00 120.18
CA MET D 1172 -22.15 33.37 121.17
C MET D 1172 -21.16 32.24 121.40
N VAL D 1173 -21.63 30.98 121.30
CA VAL D 1173 -20.70 29.87 121.40
C VAL D 1173 -19.67 29.93 120.26
N ILE D 1174 -20.15 30.19 119.03
CA ILE D 1174 -19.22 30.32 117.89
C ILE D 1174 -18.25 31.48 118.10
N LEU D 1175 -18.72 32.62 118.65
CA LEU D 1175 -17.80 33.73 118.94
C LEU D 1175 -16.72 33.30 119.92
N LEU D 1176 -17.10 32.49 120.91
CA LEU D 1176 -16.12 32.11 121.93
C LEU D 1176 -15.13 31.10 121.37
N THR D 1177 -15.53 30.30 120.38
CA THR D 1177 -14.56 29.38 119.76
C THR D 1177 -13.44 30.13 119.03
N LEU D 1178 -13.72 31.36 118.58
CA LEU D 1178 -12.75 32.12 117.80
C LEU D 1178 -11.60 32.66 118.63
N GLY D 1179 -11.64 32.55 119.95
CA GLY D 1179 -10.56 32.98 120.80
C GLY D 1179 -10.69 34.43 121.23
N PRO D 1180 -9.85 34.86 122.17
CA PRO D 1180 -9.94 36.22 122.68
C PRO D 1180 -9.36 37.22 121.70
N PRO D 1181 -9.93 38.42 121.62
CA PRO D 1181 -9.30 39.49 120.85
C PRO D 1181 -8.06 40.02 121.54
N ARG D 1182 -7.17 40.59 120.72
CA ARG D 1182 -5.95 41.19 121.27
C ARG D 1182 -6.18 42.62 121.75
N ALA D 1183 -7.11 43.34 121.11
CA ALA D 1183 -7.41 44.71 121.54
C ALA D 1183 -8.08 44.74 122.90
N ASP D 1184 -9.06 43.86 123.12
CA ASP D 1184 -9.79 43.81 124.38
C ASP D 1184 -10.03 42.36 124.76
N ASP D 1185 -10.09 42.09 126.06
CA ASP D 1185 -10.36 40.76 126.55
C ASP D 1185 -11.49 40.75 127.59
N SER D 1186 -11.91 41.92 128.07
CA SER D 1186 -12.90 41.99 129.14
C SER D 1186 -14.25 41.40 128.71
N GLU D 1187 -14.74 41.77 127.53
CA GLU D 1187 -16.03 41.27 127.07
C GLU D 1187 -15.98 39.78 126.77
N PHE D 1188 -14.88 39.32 126.16
CA PHE D 1188 -14.71 37.90 125.86
C PHE D 1188 -14.72 37.07 127.14
N GLN D 1189 -13.94 37.52 128.14
CA GLN D 1189 -13.88 36.80 129.41
C GLN D 1189 -15.21 36.84 130.13
N ALA D 1190 -15.90 37.99 130.08
CA ALA D 1190 -17.21 38.10 130.73
C ALA D 1190 -18.21 37.14 130.10
N LEU D 1191 -18.23 37.07 128.76
CA LEU D 1191 -19.15 36.17 128.07
C LEU D 1191 -18.82 34.71 128.39
N LEU D 1192 -17.52 34.37 128.37
CA LEU D 1192 -17.11 33.00 128.67
C LEU D 1192 -17.44 32.62 130.11
N ASP D 1193 -17.35 33.59 131.03
CA ASP D 1193 -17.67 33.32 132.43
C ASP D 1193 -19.17 33.14 132.62
N ILE D 1194 -19.98 34.02 132.03
CA ILE D 1194 -21.43 33.91 132.25
C ILE D 1194 -21.97 32.63 131.60
N TRP D 1195 -21.47 32.29 130.40
CA TRP D 1195 -22.01 31.13 129.71
C TRP D 1195 -21.44 29.83 130.24
N PHE D 1196 -20.14 29.77 130.48
CA PHE D 1196 -19.46 28.57 130.99
C PHE D 1196 -18.56 28.93 132.17
N PRO D 1197 -19.16 29.21 133.34
CA PRO D 1197 -18.36 29.47 134.54
C PRO D 1197 -17.57 28.25 134.97
N GLU D 1198 -16.41 28.50 135.57
CA GLU D 1198 -15.48 27.44 135.93
C GLU D 1198 -16.08 26.60 137.05
N GLU D 1199 -16.08 25.28 136.87
CA GLU D 1199 -16.46 24.30 137.90
C GLU D 1199 -17.87 24.56 138.44
N LYS D 1200 -18.78 24.88 137.53
CA LYS D 1200 -20.18 25.12 137.88
C LYS D 1200 -21.06 24.41 136.87
N PRO D 1201 -22.31 24.07 137.23
CA PRO D 1201 -23.21 23.43 136.26
C PRO D 1201 -23.51 24.35 135.08
N LEU D 1202 -23.69 23.75 133.91
CA LEU D 1202 -23.97 24.51 132.72
C LEU D 1202 -25.36 25.14 132.78
N PRO D 1203 -25.61 26.20 132.01
CA PRO D 1203 -26.96 26.80 131.99
C PRO D 1203 -27.95 25.94 131.23
N THR D 1204 -28.56 24.97 131.93
CA THR D 1204 -29.53 24.08 131.32
C THR D 1204 -30.68 24.87 130.69
N ALA D 1205 -30.99 24.53 129.44
CA ALA D 1205 -31.97 25.25 128.65
C ALA D 1205 -33.22 24.40 128.45
N PHE D 1206 -34.38 25.04 128.59
CA PHE D 1206 -35.65 24.38 128.42
C PHE D 1206 -36.49 25.18 127.45
N LEU D 1207 -37.32 24.48 126.68
CA LEU D 1207 -38.23 25.15 125.76
C LEU D 1207 -39.25 25.97 126.54
N VAL D 1208 -39.70 27.07 125.91
CA VAL D 1208 -40.70 27.90 126.57
C VAL D 1208 -42.05 27.18 126.62
N ASP D 1209 -42.43 26.54 125.51
CA ASP D 1209 -43.74 25.92 125.41
C ASP D 1209 -43.78 24.53 126.06
N THR D 1210 -42.94 23.61 125.56
CA THR D 1210 -42.99 22.23 126.02
C THR D 1210 -42.22 21.98 127.31
N SER D 1211 -41.34 22.91 127.71
CA SER D 1211 -40.56 22.83 128.96
C SER D 1211 -39.77 21.52 129.05
N GLU D 1212 -39.13 21.16 127.95
CA GLU D 1212 -38.23 20.01 127.89
C GLU D 1212 -36.82 20.48 127.60
N GLU D 1213 -35.84 19.69 128.04
CA GLU D 1213 -34.42 20.06 127.98
C GLU D 1213 -33.94 20.32 126.56
N ALA D 1214 -33.66 21.57 126.25
CA ALA D 1214 -33.24 21.95 124.91
C ALA D 1214 -31.81 21.54 124.64
N LEU D 1215 -31.54 21.18 123.38
CA LEU D 1215 -30.21 20.80 122.94
C LEU D 1215 -29.48 22.07 122.54
N LEU D 1216 -28.90 22.74 123.54
CA LEU D 1216 -28.18 23.98 123.28
C LEU D 1216 -26.81 23.75 122.67
N LEU D 1217 -26.29 22.52 122.73
CA LEU D 1217 -24.97 22.18 122.23
C LEU D 1217 -25.10 20.99 121.29
N PRO D 1218 -25.55 21.21 120.04
CA PRO D 1218 -25.65 20.09 119.09
C PRO D 1218 -24.31 19.51 118.69
N ASP D 1219 -24.32 18.44 117.89
CA ASP D 1219 -23.09 17.74 117.53
C ASP D 1219 -22.15 18.64 116.73
N TRP D 1220 -22.70 19.38 115.75
CA TRP D 1220 -21.87 20.25 114.93
C TRP D 1220 -21.25 21.37 115.77
N LEU D 1221 -22.04 21.96 116.67
CA LEU D 1221 -21.53 23.02 117.53
C LEU D 1221 -20.47 22.49 118.49
N LYS D 1222 -20.71 21.30 119.06
CA LYS D 1222 -19.74 20.68 119.96
C LYS D 1222 -18.43 20.41 119.23
N LEU D 1223 -18.51 19.88 118.02
CA LEU D 1223 -17.31 19.66 117.22
C LEU D 1223 -16.62 20.98 116.89
N ARG D 1224 -17.39 22.05 116.70
CA ARG D 1224 -16.81 23.36 116.45
C ARG D 1224 -16.02 23.86 117.65
N MET D 1225 -16.57 23.71 118.87
CA MET D 1225 -15.84 24.18 120.04
C MET D 1225 -14.67 23.26 120.39
N ILE D 1226 -14.72 22.00 120.00
CA ILE D 1226 -13.58 21.10 120.22
C ILE D 1226 -12.35 21.61 119.48
N ARG D 1227 -12.52 22.04 118.23
CA ARG D 1227 -11.40 22.55 117.44
C ARG D 1227 -10.87 23.89 117.94
N SER D 1228 -11.59 24.59 118.82
CA SER D 1228 -11.11 25.85 119.38
C SER D 1228 -9.85 25.63 120.20
N GLU D 1229 -9.03 26.67 120.32
CA GLU D 1229 -7.77 26.55 121.01
C GLU D 1229 -7.84 26.97 122.48
N VAL D 1230 -9.03 27.34 122.96
CA VAL D 1230 -9.21 27.69 124.37
C VAL D 1230 -9.68 26.42 125.08
N LEU D 1231 -9.06 26.11 126.21
CA LEU D 1231 -9.32 24.84 126.88
C LEU D 1231 -10.71 24.79 127.53
N ARG D 1232 -11.29 25.93 127.89
CA ARG D 1232 -12.59 25.91 128.56
C ARG D 1232 -13.71 25.40 127.65
N LEU D 1233 -13.72 25.86 126.38
CA LEU D 1233 -14.72 25.34 125.44
C LEU D 1233 -14.54 23.85 125.20
N VAL D 1234 -13.30 23.38 125.08
CA VAL D 1234 -13.04 21.96 124.89
C VAL D 1234 -13.55 21.16 126.09
N ASP D 1235 -13.24 21.62 127.30
CA ASP D 1235 -13.67 20.92 128.50
C ASP D 1235 -15.20 20.88 128.62
N ALA D 1236 -15.85 22.00 128.32
CA ALA D 1236 -17.32 22.03 128.34
C ALA D 1236 -17.91 21.13 127.27
N ALA D 1237 -17.22 20.96 126.14
CA ALA D 1237 -17.75 20.18 125.04
C ALA D 1237 -17.65 18.68 125.30
N LEU D 1238 -16.58 18.24 125.97
CA LEU D 1238 -16.33 16.81 126.14
C LEU D 1238 -17.07 16.20 127.32
N GLN D 1239 -17.83 16.98 128.09
CA GLN D 1239 -18.57 16.44 129.22
C GLN D 1239 -19.58 15.41 128.76
N ASP D 1240 -19.66 14.29 129.51
CA ASP D 1240 -20.61 13.17 129.39
C ASP D 1240 -20.98 12.84 127.93
N LEU D 1241 -19.94 12.58 127.14
CA LEU D 1241 -20.13 12.32 125.71
C LEU D 1241 -20.49 10.85 125.49
N GLU D 1242 -21.63 10.62 124.86
CA GLU D 1242 -22.07 9.27 124.50
C GLU D 1242 -21.21 8.76 123.34
N PRO D 1243 -20.79 7.49 123.37
CA PRO D 1243 -19.69 7.03 122.48
C PRO D 1243 -19.91 7.22 120.98
N GLN D 1244 -21.16 7.21 120.48
CA GLN D 1244 -21.38 7.49 119.07
C GLN D 1244 -20.88 8.89 118.70
N GLN D 1245 -21.14 9.86 119.57
CA GLN D 1245 -20.62 11.22 119.35
C GLN D 1245 -19.10 11.25 119.36
N LEU D 1246 -18.47 10.50 120.26
CA LEU D 1246 -17.01 10.43 120.32
C LEU D 1246 -16.44 9.85 119.03
N LEU D 1247 -17.06 8.77 118.55
CA LEU D 1247 -16.63 8.13 117.30
C LEU D 1247 -16.80 9.08 116.12
N LEU D 1248 -17.89 9.85 116.11
CA LEU D 1248 -18.08 10.84 115.06
C LEU D 1248 -17.01 11.93 115.14
N PHE D 1249 -16.69 12.37 116.35
CA PHE D 1249 -15.76 13.48 116.52
C PHE D 1249 -14.32 13.09 116.17
N VAL D 1250 -13.90 11.87 116.50
CA VAL D 1250 -12.54 11.44 116.15
C VAL D 1250 -12.37 11.38 114.63
N GLN D 1251 -13.41 10.97 113.91
CA GLN D 1251 -13.36 10.92 112.45
C GLN D 1251 -13.22 12.30 111.81
N SER D 1252 -13.58 13.37 112.51
CA SER D 1252 -13.50 14.70 111.95
C SER D 1252 -12.06 15.18 111.82
N PHE D 1253 -11.87 16.19 110.97
CA PHE D 1253 -10.57 16.75 110.66
C PHE D 1253 -10.43 18.15 111.27
N GLY D 1254 -9.19 18.62 111.34
CA GLY D 1254 -8.90 19.93 111.89
C GLY D 1254 -8.86 20.01 113.38
N ILE D 1255 -8.84 18.89 114.07
CA ILE D 1255 -8.79 18.86 115.53
C ILE D 1255 -7.35 19.04 115.98
N PRO D 1256 -7.06 19.99 116.87
CA PRO D 1256 -5.68 20.17 117.36
C PRO D 1256 -5.21 18.95 118.12
N VAL D 1257 -3.90 18.95 118.43
CA VAL D 1257 -3.28 17.78 119.05
C VAL D 1257 -3.76 17.60 120.48
N SER D 1258 -3.91 18.70 121.23
CA SER D 1258 -4.36 18.60 122.62
C SER D 1258 -5.80 18.10 122.70
N SER D 1259 -6.68 18.65 121.86
CA SER D 1259 -8.06 18.19 121.81
C SER D 1259 -8.15 16.74 121.35
N MET D 1260 -7.29 16.34 120.40
CA MET D 1260 -7.26 14.95 119.95
C MET D 1260 -6.83 14.02 121.09
N SER D 1261 -5.83 14.44 121.87
CA SER D 1261 -5.38 13.63 123.00
C SER D 1261 -6.48 13.48 124.04
N LYS D 1262 -7.20 14.57 124.33
CA LYS D 1262 -8.33 14.50 125.26
C LYS D 1262 -9.42 13.58 124.73
N LEU D 1263 -9.71 13.67 123.43
CA LEU D 1263 -10.73 12.83 122.81
C LEU D 1263 -10.34 11.36 122.88
N LEU D 1264 -9.06 11.05 122.65
CA LEU D 1264 -8.60 9.67 122.73
C LEU D 1264 -8.61 9.16 124.17
N GLN D 1265 -8.31 10.03 125.14
CA GLN D 1265 -8.41 9.66 126.55
C GLN D 1265 -9.84 9.30 126.93
N PHE D 1266 -10.79 10.13 126.52
CA PHE D 1266 -12.21 9.82 126.77
C PHE D 1266 -12.63 8.54 126.05
N LEU D 1267 -12.11 8.32 124.84
CA LEU D 1267 -12.41 7.11 124.10
C LEU D 1267 -11.88 5.88 124.83
N ASP D 1268 -10.67 5.98 125.40
CA ASP D 1268 -10.12 4.88 126.18
C ASP D 1268 -10.97 4.60 127.42
N GLN D 1269 -11.40 5.67 128.10
CA GLN D 1269 -12.26 5.49 129.27
C GLN D 1269 -13.58 4.83 128.89
N ALA D 1270 -14.16 5.22 127.75
CA ALA D 1270 -15.40 4.60 127.29
C ALA D 1270 -15.17 3.13 126.93
N VAL D 1271 -14.04 2.81 126.28
CA VAL D 1271 -13.74 1.44 125.92
C VAL D 1271 -13.59 0.56 127.15
N ALA D 1272 -12.86 1.06 128.16
CA ALA D 1272 -12.70 0.34 129.41
C ALA D 1272 -14.04 0.19 130.14
N HIS D 1273 -14.91 1.18 130.06
CA HIS D 1273 -16.19 1.13 130.75
C HIS D 1273 -17.32 0.55 129.91
N ASP D 1274 -17.15 0.47 128.59
CA ASP D 1274 -18.20 0.00 127.68
C ASP D 1274 -17.54 -0.58 126.44
N PRO D 1275 -17.11 -1.85 126.49
CA PRO D 1275 -16.54 -2.48 125.29
C PRO D 1275 -17.52 -2.63 124.14
N GLN D 1276 -18.84 -2.49 124.38
CA GLN D 1276 -19.88 -2.78 123.40
C GLN D 1276 -20.11 -1.64 122.40
N THR D 1277 -19.15 -0.73 122.25
CA THR D 1277 -19.24 0.30 121.21
C THR D 1277 -18.87 -0.21 119.83
N LEU D 1278 -18.45 -1.46 119.70
CA LEU D 1278 -18.00 -1.97 118.42
C LEU D 1278 -19.16 -2.29 117.48
N GLU D 1279 -20.30 -2.71 118.01
CA GLU D 1279 -21.33 -3.36 117.19
C GLU D 1279 -22.12 -2.37 116.33
N GLN D 1280 -22.86 -1.45 116.97
CA GLN D 1280 -23.83 -0.64 116.25
C GLN D 1280 -23.37 0.79 116.02
N ASN D 1281 -22.11 1.10 116.30
CA ASN D 1281 -21.51 2.40 116.01
C ASN D 1281 -20.39 2.33 115.00
N ILE D 1282 -19.40 1.46 115.21
CA ILE D 1282 -18.19 1.43 114.39
C ILE D 1282 -18.53 0.64 113.12
N MET D 1283 -18.72 1.37 112.01
CA MET D 1283 -19.07 0.74 110.74
C MET D 1283 -17.91 -0.11 110.19
N ASP D 1284 -16.67 0.36 110.37
CA ASP D 1284 -15.53 -0.32 109.78
C ASP D 1284 -14.34 -0.25 110.73
N LYS D 1285 -13.48 -1.25 110.66
CA LYS D 1285 -12.37 -1.36 111.60
C LYS D 1285 -11.05 -0.85 111.04
N ASN D 1286 -10.80 -1.06 109.75
CA ASN D 1286 -9.49 -0.74 109.18
C ASN D 1286 -9.25 0.76 109.14
N TYR D 1287 -10.23 1.53 108.63
CA TYR D 1287 -10.03 2.96 108.45
C TYR D 1287 -9.87 3.65 109.81
N MET D 1288 -10.66 3.25 110.80
CA MET D 1288 -10.53 3.86 112.13
C MET D 1288 -9.22 3.46 112.79
N ALA D 1289 -8.73 2.24 112.52
CA ALA D 1289 -7.42 1.84 113.03
C ALA D 1289 -6.32 2.71 112.44
N HIS D 1290 -6.37 2.94 111.12
CA HIS D 1290 -5.41 3.85 110.50
C HIS D 1290 -5.55 5.27 111.04
N LEU D 1291 -6.78 5.69 111.33
CA LEU D 1291 -7.02 7.00 111.91
C LEU D 1291 -6.34 7.14 113.27
N VAL D 1292 -6.49 6.12 114.13
CA VAL D 1292 -5.89 6.16 115.45
C VAL D 1292 -4.36 6.13 115.34
N GLU D 1293 -3.83 5.34 114.39
CA GLU D 1293 -2.39 5.32 114.15
C GLU D 1293 -1.90 6.70 113.71
N VAL D 1294 -2.68 7.38 112.86
CA VAL D 1294 -2.32 8.72 112.41
C VAL D 1294 -2.34 9.71 113.56
N GLN D 1295 -3.35 9.60 114.44
CA GLN D 1295 -3.41 10.48 115.61
C GLN D 1295 -2.20 10.28 116.52
N HIS D 1296 -1.79 9.03 116.73
CA HIS D 1296 -0.58 8.77 117.51
C HIS D 1296 0.66 9.30 116.81
N GLU D 1297 0.71 9.19 115.48
CA GLU D 1297 1.85 9.71 114.72
C GLU D 1297 1.95 11.22 114.82
N ARG D 1298 0.82 11.92 114.92
CA ARG D 1298 0.85 13.37 115.12
C ARG D 1298 1.44 13.77 116.46
N GLY D 1299 1.39 12.88 117.45
CA GLY D 1299 1.86 13.18 118.78
C GLY D 1299 0.71 13.37 119.77
N ALA D 1300 -0.34 12.56 119.62
CA ALA D 1300 -1.49 12.60 120.50
C ALA D 1300 -1.47 11.36 121.38
N SER D 1301 -1.62 11.57 122.70
CA SER D 1301 -1.63 10.46 123.63
C SER D 1301 -3.02 9.85 123.71
N GLY D 1302 -3.10 8.70 124.39
CA GLY D 1302 -4.37 8.03 124.56
C GLY D 1302 -4.70 7.14 123.38
N GLY D 1303 -5.85 6.47 123.50
CA GLY D 1303 -6.35 5.59 122.46
C GLY D 1303 -5.76 4.19 122.45
N GLN D 1304 -4.91 3.84 123.42
CA GLN D 1304 -4.25 2.53 123.41
C GLN D 1304 -5.27 1.39 123.54
N THR D 1305 -6.25 1.54 124.44
CA THR D 1305 -7.26 0.49 124.60
C THR D 1305 -8.15 0.39 123.38
N PHE D 1306 -8.54 1.54 122.81
CA PHE D 1306 -9.31 1.54 121.57
C PHE D 1306 -8.52 0.91 120.43
N HIS D 1307 -7.23 1.23 120.35
CA HIS D 1307 -6.36 0.63 119.33
C HIS D 1307 -6.29 -0.88 119.50
N SER D 1308 -6.14 -1.35 120.74
CA SER D 1308 -6.09 -2.79 121.00
C SER D 1308 -7.39 -3.47 120.61
N LEU D 1309 -8.53 -2.88 120.99
CA LEU D 1309 -9.83 -3.44 120.66
C LEU D 1309 -10.05 -3.46 119.14
N LEU D 1310 -9.56 -2.43 118.45
CA LEU D 1310 -9.75 -2.35 117.01
C LEU D 1310 -8.86 -3.34 116.28
N THR D 1311 -7.62 -3.50 116.74
CA THR D 1311 -6.70 -4.44 116.12
C THR D 1311 -7.09 -5.88 116.41
N ALA D 1312 -7.78 -6.12 117.53
CA ALA D 1312 -8.25 -7.48 117.83
C ALA D 1312 -9.23 -8.00 116.78
N SER D 1313 -10.05 -7.11 116.21
CA SER D 1313 -11.02 -7.54 115.20
C SER D 1313 -10.33 -7.90 113.89
N LEU D 1314 -9.41 -7.06 113.43
CA LEU D 1314 -8.68 -7.31 112.20
C LEU D 1314 -7.29 -6.71 112.35
N PRO D 1315 -6.28 -7.27 111.67
CA PRO D 1315 -4.95 -6.67 111.71
C PRO D 1315 -4.91 -5.38 110.91
N PRO D 1316 -3.98 -4.46 111.23
CA PRO D 1316 -3.87 -3.21 110.46
C PRO D 1316 -3.18 -3.42 109.12
N ASP D 1353 68.78 -16.76 75.46
CA ASP D 1353 69.45 -15.99 74.43
C ASP D 1353 68.76 -16.44 73.12
N LEU D 1354 69.37 -16.18 71.96
CA LEU D 1354 68.74 -16.45 70.68
C LEU D 1354 68.56 -17.95 70.45
N ALA D 1355 69.55 -18.75 70.86
CA ALA D 1355 69.39 -20.20 70.84
C ALA D 1355 68.27 -20.64 71.77
N GLY D 1356 68.25 -20.11 73.00
CA GLY D 1356 67.13 -20.34 73.88
C GLY D 1356 65.83 -19.78 73.33
N MET D 1357 65.91 -18.68 72.58
CA MET D 1357 64.72 -18.12 71.94
C MET D 1357 64.11 -19.12 70.96
N PHE D 1358 64.97 -19.72 70.12
CA PHE D 1358 64.51 -20.73 69.17
C PHE D 1358 63.97 -21.95 69.90
N LEU D 1359 64.68 -22.41 70.94
CA LEU D 1359 64.21 -23.58 71.68
C LEU D 1359 62.96 -23.29 72.49
N GLN D 1360 62.60 -22.02 72.68
CA GLN D 1360 61.34 -21.68 73.30
C GLN D 1360 60.21 -21.50 72.29
N ILE D 1361 60.54 -21.09 71.06
CA ILE D 1361 59.48 -20.84 70.07
C ILE D 1361 58.90 -22.17 69.58
N PHE D 1362 59.71 -22.97 68.91
CA PHE D 1362 59.19 -24.11 68.14
C PHE D 1362 58.85 -25.35 68.98
N PRO D 1363 59.72 -25.84 69.89
CA PRO D 1363 59.28 -27.04 70.61
C PRO D 1363 58.19 -26.75 71.64
N ARG D 1376 55.76 -18.14 72.11
CA ARG D 1376 54.82 -17.84 71.03
C ARG D 1376 54.62 -16.31 70.87
N PRO D 1377 54.24 -15.55 71.90
CA PRO D 1377 54.36 -14.08 71.77
C PRO D 1377 55.80 -13.60 71.66
N VAL D 1378 56.77 -14.36 72.18
CA VAL D 1378 58.16 -13.99 72.00
C VAL D 1378 58.56 -14.07 70.52
N ALA D 1379 58.01 -15.05 69.78
CA ALA D 1379 58.20 -15.09 68.34
C ALA D 1379 57.55 -13.88 67.67
N LEU D 1380 56.44 -13.39 68.22
CA LEU D 1380 55.81 -12.19 67.68
C LEU D 1380 56.71 -10.97 67.89
N ALA D 1381 57.34 -10.89 69.06
CA ALA D 1381 58.30 -9.83 69.32
C ALA D 1381 59.49 -9.91 68.37
N LEU D 1382 59.97 -11.14 68.12
CA LEU D 1382 61.06 -11.35 67.18
C LEU D 1382 60.67 -10.88 65.77
N GLN D 1383 59.44 -11.21 65.34
CA GLN D 1383 58.95 -10.77 64.04
C GLN D 1383 58.87 -9.25 63.96
N GLN D 1384 58.37 -8.62 65.03
CA GLN D 1384 58.30 -7.16 65.07
C GLN D 1384 59.68 -6.55 64.99
N ALA D 1385 60.66 -7.12 65.71
CA ALA D 1385 62.03 -6.62 65.67
C ALA D 1385 62.62 -6.75 64.27
N LEU D 1386 62.37 -7.88 63.61
CA LEU D 1386 62.88 -8.08 62.25
C LEU D 1386 62.25 -7.09 61.28
N GLY D 1387 60.94 -6.83 61.42
CA GLY D 1387 60.29 -5.84 60.59
C GLY D 1387 60.84 -4.44 60.82
N GLN D 1388 61.08 -4.09 62.08
CA GLN D 1388 61.69 -2.80 62.41
C GLN D 1388 63.07 -2.67 61.79
N GLU D 1389 63.87 -3.73 61.87
CA GLU D 1389 65.21 -3.71 61.28
C GLU D 1389 65.12 -3.56 59.76
N LEU D 1390 64.15 -4.24 59.13
CA LEU D 1390 63.97 -4.13 57.69
C LEU D 1390 63.59 -2.71 57.29
N ALA D 1391 62.66 -2.09 58.02
CA ALA D 1391 62.27 -0.72 57.74
C ALA D 1391 63.44 0.24 57.94
N ARG D 1392 64.24 0.04 58.99
CA ARG D 1392 65.40 0.87 59.24
C ARG D 1392 66.42 0.76 58.12
N VAL D 1393 66.65 -0.46 57.65
CA VAL D 1393 67.65 -0.70 56.61
C VAL D 1393 67.18 -0.12 55.28
N VAL D 1394 65.93 -0.37 54.91
CA VAL D 1394 65.41 0.12 53.64
C VAL D 1394 65.26 1.64 53.66
N GLN D 1395 65.06 2.24 54.84
CA GLN D 1395 65.00 3.69 54.92
C GLN D 1395 66.37 4.33 54.70
N GLY D 1396 67.40 3.77 55.33
CA GLY D 1396 68.74 4.32 55.22
C GLY D 1396 69.44 3.91 53.94
N ILE D 1403 70.50 -7.33 64.12
CA ILE D 1403 69.79 -8.41 64.79
C ILE D 1403 69.53 -9.57 63.84
N THR D 1404 69.38 -9.25 62.54
CA THR D 1404 69.15 -10.30 61.54
C THR D 1404 70.35 -11.24 61.44
N VAL D 1405 71.56 -10.70 61.43
CA VAL D 1405 72.75 -11.54 61.33
C VAL D 1405 72.91 -12.38 62.60
N ARG D 1406 72.58 -11.81 63.76
CA ARG D 1406 72.68 -12.54 65.02
C ARG D 1406 71.74 -13.73 65.05
N VAL D 1407 70.47 -13.51 64.69
CA VAL D 1407 69.50 -14.60 64.71
C VAL D 1407 69.81 -15.63 63.64
N LEU D 1408 70.28 -15.19 62.46
CA LEU D 1408 70.66 -16.15 61.42
C LEU D 1408 71.84 -17.01 61.87
N GLN D 1409 72.84 -16.40 62.51
CA GLN D 1409 74.00 -17.16 63.00
C GLN D 1409 73.59 -18.12 64.10
N ALA D 1410 72.70 -17.69 65.00
CA ALA D 1410 72.19 -18.56 66.05
C ALA D 1410 71.47 -19.76 65.44
N LEU D 1411 70.65 -19.51 64.42
CA LEU D 1411 69.91 -20.58 63.75
C LEU D 1411 70.87 -21.54 63.07
N ALA D 1412 71.92 -21.02 62.43
CA ALA D 1412 72.90 -21.88 61.76
C ALA D 1412 73.65 -22.75 62.76
N THR D 1413 74.13 -22.14 63.86
CA THR D 1413 74.83 -22.91 64.88
C THR D 1413 73.92 -23.94 65.54
N LEU D 1414 72.63 -23.63 65.67
CA LEU D 1414 71.69 -24.61 66.21
C LEU D 1414 71.45 -25.74 65.22
N LEU D 1415 71.42 -25.41 63.92
CA LEU D 1415 71.25 -26.45 62.90
C LEU D 1415 72.46 -27.36 62.82
N SER D 1416 73.65 -26.82 63.14
CA SER D 1416 74.86 -27.64 63.18
C SER D 1416 74.77 -28.76 64.20
N SER D 1417 74.26 -28.47 65.38
CA SER D 1417 74.08 -29.48 66.41
C SER D 1417 72.72 -30.17 66.25
N PRO D 1418 72.54 -31.37 66.82
CA PRO D 1418 71.20 -31.96 66.71
C PRO D 1418 70.17 -31.29 67.62
N ALA D 1422 64.16 -33.47 65.92
CA ALA D 1422 65.08 -32.35 65.98
C ALA D 1422 64.35 -31.04 65.82
N LEU D 1423 65.10 -29.97 65.55
CA LEU D 1423 64.49 -28.65 65.43
C LEU D 1423 63.74 -28.50 64.11
N VAL D 1424 64.25 -29.11 63.04
CA VAL D 1424 63.60 -29.03 61.72
C VAL D 1424 62.23 -29.69 61.77
N MET D 1425 62.09 -30.80 62.49
CA MET D 1425 60.80 -31.47 62.58
C MET D 1425 59.80 -30.62 63.34
N SER D 1426 60.29 -29.87 64.34
CA SER D 1426 59.41 -28.96 65.08
C SER D 1426 59.02 -27.79 64.20
N MET D 1427 59.91 -27.34 63.32
CA MET D 1427 59.55 -26.27 62.40
C MET D 1427 58.57 -26.77 61.36
N HIS D 1428 58.66 -28.07 61.03
CA HIS D 1428 57.73 -28.68 60.09
C HIS D 1428 56.33 -28.79 60.70
N ARG D 1429 56.24 -29.20 61.96
CA ARG D 1429 54.94 -29.29 62.62
C ARG D 1429 54.37 -27.93 62.99
N SER D 1430 55.17 -26.88 62.96
CA SER D 1430 54.76 -25.52 63.28
C SER D 1430 55.25 -24.55 62.21
N HIS D 1431 54.99 -24.90 60.95
CA HIS D 1431 55.42 -24.10 59.81
C HIS D 1431 54.87 -22.68 59.86
N PHE D 1432 53.72 -22.47 60.51
CA PHE D 1432 53.16 -21.14 60.64
C PHE D 1432 54.02 -20.21 61.50
N LEU D 1433 54.97 -20.75 62.25
CA LEU D 1433 56.01 -19.96 62.91
C LEU D 1433 57.26 -19.81 62.05
N ALA D 1434 57.72 -20.90 61.43
CA ALA D 1434 59.00 -20.88 60.73
C ALA D 1434 58.93 -20.07 59.44
N CYS D 1435 57.90 -20.31 58.63
CA CYS D 1435 57.84 -19.71 57.30
C CYS D 1435 57.81 -18.18 57.31
N PRO D 1436 57.06 -17.47 58.17
CA PRO D 1436 57.22 -16.00 58.25
C PRO D 1436 58.63 -15.55 58.56
N LEU D 1437 59.34 -16.27 59.44
CA LEU D 1437 60.72 -15.93 59.76
C LEU D 1437 61.62 -16.04 58.54
N LEU D 1438 61.47 -17.13 57.78
CA LEU D 1438 62.28 -17.31 56.58
C LEU D 1438 61.93 -16.26 55.53
N ARG D 1439 60.66 -15.88 55.45
CA ARG D 1439 60.26 -14.80 54.55
C ARG D 1439 60.93 -13.49 54.93
N GLN D 1440 60.94 -13.17 56.22
CA GLN D 1440 61.59 -11.94 56.69
C GLN D 1440 63.08 -11.96 56.40
N LEU D 1441 63.74 -13.10 56.63
CA LEU D 1441 65.18 -13.20 56.36
C LEU D 1441 65.47 -13.07 54.87
N CYS D 1442 64.64 -13.66 54.02
CA CYS D 1442 64.84 -13.53 52.59
C CYS D 1442 64.62 -12.10 52.12
N GLN D 1443 63.65 -11.40 52.71
CA GLN D 1443 63.47 -9.99 52.36
C GLN D 1443 64.64 -9.14 52.80
N TYR D 1444 65.23 -9.46 53.97
CA TYR D 1444 66.48 -8.83 54.37
C TYR D 1444 67.56 -9.06 53.33
N GLN D 1445 67.70 -10.32 52.87
CA GLN D 1445 68.71 -10.65 51.88
C GLN D 1445 68.47 -9.90 50.57
N ARG D 1446 67.21 -9.78 50.15
CA ARG D 1446 66.88 -9.08 48.91
C ARG D 1446 67.09 -7.58 49.02
N CYS D 1447 66.87 -7.00 50.20
CA CYS D 1447 67.04 -5.56 50.37
C CYS D 1447 68.50 -5.15 50.19
N VAL D 1448 69.43 -5.93 50.71
CA VAL D 1448 70.87 -5.63 50.70
C VAL D 1448 71.67 -6.82 50.18
N PRO D 1449 71.56 -7.15 48.88
CA PRO D 1449 72.26 -8.33 48.36
C PRO D 1449 73.77 -8.19 48.33
N GLN D 1450 74.31 -6.98 48.48
CA GLN D 1450 75.75 -6.78 48.47
C GLN D 1450 76.41 -7.20 49.78
N ASP D 1451 75.62 -7.41 50.83
CA ASP D 1451 76.13 -7.85 52.13
C ASP D 1451 76.41 -9.35 52.08
N THR D 1452 77.48 -9.70 51.36
CA THR D 1452 77.89 -11.09 51.23
C THR D 1452 78.29 -11.63 52.61
N GLY D 1453 77.93 -12.88 52.86
CA GLY D 1453 78.09 -13.48 54.18
C GLY D 1453 76.74 -13.77 54.78
N PHE D 1454 75.80 -12.83 54.64
CA PHE D 1454 74.41 -13.12 54.99
C PHE D 1454 73.76 -14.01 53.94
N SER D 1455 73.99 -13.72 52.66
CA SER D 1455 73.41 -14.51 51.59
C SER D 1455 74.00 -15.91 51.53
N SER D 1456 75.32 -16.02 51.67
CA SER D 1456 75.96 -17.34 51.65
C SER D 1456 75.50 -18.21 52.82
N LEU D 1457 75.41 -17.62 54.02
CA LEU D 1457 74.94 -18.36 55.17
C LEU D 1457 73.47 -18.73 55.03
N PHE D 1458 72.68 -17.83 54.43
CA PHE D 1458 71.27 -18.12 54.18
C PHE D 1458 71.11 -19.30 53.22
N LEU D 1459 71.90 -19.31 52.14
CA LEU D 1459 71.90 -20.44 51.22
C LEU D 1459 72.35 -21.71 51.92
N LYS D 1460 73.37 -21.61 52.79
CA LYS D 1460 73.88 -22.75 53.51
C LYS D 1460 72.81 -23.37 54.41
N VAL D 1461 72.10 -22.54 55.18
CA VAL D 1461 71.07 -23.06 56.07
C VAL D 1461 69.89 -23.59 55.27
N LEU D 1462 69.56 -22.98 54.13
CA LEU D 1462 68.50 -23.50 53.28
C LEU D 1462 68.84 -24.90 52.77
N LEU D 1463 70.07 -25.08 52.31
CA LEU D 1463 70.50 -26.41 51.85
C LEU D 1463 70.57 -27.40 53.00
N GLN D 1464 71.00 -26.94 54.19
CA GLN D 1464 71.03 -27.80 55.37
C GLN D 1464 69.64 -28.31 55.72
N MET D 1465 68.64 -27.42 55.68
CA MET D 1465 67.27 -27.82 55.93
C MET D 1465 66.76 -28.77 54.85
N LEU D 1466 67.07 -28.48 53.57
CA LEU D 1466 66.69 -29.38 52.49
C LEU D 1466 67.25 -30.79 52.69
N GLN D 1467 68.52 -30.87 53.09
CA GLN D 1467 69.14 -32.15 53.42
C GLN D 1467 68.42 -32.82 54.58
N TRP D 1468 68.05 -32.03 55.60
CA TRP D 1468 67.41 -32.56 56.79
C TRP D 1468 65.92 -32.85 56.59
N LEU D 1469 65.31 -32.34 55.53
CA LEU D 1469 63.89 -32.53 55.26
C LEU D 1469 63.62 -33.42 54.05
N ASP D 1470 64.66 -33.88 53.33
CA ASP D 1470 64.43 -34.67 52.13
C ASP D 1470 63.98 -36.09 52.41
N SER D 1471 63.97 -36.53 53.68
CA SER D 1471 63.60 -37.90 54.00
C SER D 1471 62.14 -38.15 53.63
N PRO D 1472 61.81 -39.31 53.07
CA PRO D 1472 60.41 -39.56 52.64
C PRO D 1472 59.40 -39.54 53.78
N GLY D 1473 59.80 -39.93 54.99
CA GLY D 1473 58.86 -40.05 56.11
C GLY D 1473 58.14 -38.78 56.49
N VAL D 1474 58.75 -37.61 56.27
CA VAL D 1474 58.13 -36.35 56.65
C VAL D 1474 56.92 -36.02 55.80
N GLU D 1475 56.77 -36.65 54.63
CA GLU D 1475 55.68 -36.44 53.67
C GLU D 1475 55.76 -34.99 53.19
N GLY D 1476 54.62 -34.38 52.83
CA GLY D 1476 54.62 -33.03 52.32
C GLY D 1476 54.80 -31.98 53.39
N GLY D 1477 54.47 -30.75 53.04
CA GLY D 1477 54.55 -29.65 53.98
C GLY D 1477 54.80 -28.34 53.27
N PRO D 1478 54.14 -27.27 53.73
CA PRO D 1478 54.44 -25.94 53.17
C PRO D 1478 55.88 -25.51 53.38
N LEU D 1479 56.50 -25.95 54.49
CA LEU D 1479 57.86 -25.52 54.81
C LEU D 1479 58.85 -25.99 53.76
N ARG D 1480 58.73 -27.24 53.33
CA ARG D 1480 59.63 -27.79 52.32
C ARG D 1480 59.53 -27.02 51.00
N ALA D 1481 58.29 -26.75 50.58
CA ALA D 1481 58.07 -26.03 49.33
C ALA D 1481 58.63 -24.62 49.41
N GLN D 1482 58.42 -23.94 50.55
CA GLN D 1482 58.95 -22.60 50.73
C GLN D 1482 60.46 -22.60 50.67
N LEU D 1483 61.11 -23.56 51.34
CA LEU D 1483 62.56 -23.63 51.33
C LEU D 1483 63.10 -23.93 49.94
N ARG D 1484 62.43 -24.85 49.22
CA ARG D 1484 62.85 -25.17 47.85
C ARG D 1484 62.72 -23.96 46.93
N MET D 1485 61.63 -23.21 47.08
CA MET D 1485 61.45 -21.98 46.31
C MET D 1485 62.55 -20.98 46.62
N LEU D 1486 62.91 -20.85 47.91
CA LEU D 1486 63.97 -19.92 48.31
C LEU D 1486 65.31 -20.35 47.72
N ALA D 1487 65.60 -21.64 47.74
CA ALA D 1487 66.84 -22.15 47.16
C ALA D 1487 66.90 -21.90 45.66
N SER D 1488 65.79 -22.16 44.96
CA SER D 1488 65.72 -21.91 43.53
C SER D 1488 65.90 -20.43 43.21
N GLN D 1489 65.30 -19.56 44.03
CA GLN D 1489 65.47 -18.12 43.86
C GLN D 1489 66.92 -17.71 44.05
N ALA D 1490 67.58 -18.29 45.07
CA ALA D 1490 68.98 -17.98 45.33
C ALA D 1490 69.88 -18.43 44.19
N SER D 1491 69.61 -19.62 43.63
CA SER D 1491 70.46 -20.18 42.57
C SER D 1491 70.20 -19.55 41.20
N ALA D 1492 69.15 -18.74 41.05
CA ALA D 1492 68.85 -18.11 39.79
C ALA D 1492 69.61 -16.80 39.56
N GLY D 1493 70.21 -16.24 40.61
CA GLY D 1493 70.87 -14.95 40.51
C GLY D 1493 72.36 -15.02 40.21
N ARG D 1494 72.82 -16.15 39.68
CA ARG D 1494 74.23 -16.37 39.42
C ARG D 1494 74.44 -16.78 37.97
N ARG D 1495 75.62 -16.47 37.45
CA ARG D 1495 75.96 -16.74 36.07
C ARG D 1495 76.41 -18.19 35.90
N LEU D 1496 76.64 -18.56 34.64
CA LEU D 1496 77.24 -19.85 34.30
C LEU D 1496 78.33 -19.60 33.26
N SER D 1497 79.46 -20.31 33.41
CA SER D 1497 80.65 -20.01 32.63
C SER D 1497 80.48 -20.34 31.15
N ASP D 1498 80.29 -21.61 30.83
CA ASP D 1498 80.37 -22.09 29.45
C ASP D 1498 78.97 -22.20 28.86
N VAL D 1499 78.70 -21.40 27.82
CA VAL D 1499 77.41 -21.48 27.14
C VAL D 1499 77.30 -22.79 26.39
N ARG D 1500 78.36 -23.17 25.64
CA ARG D 1500 78.35 -24.41 24.87
C ARG D 1500 78.25 -25.62 25.80
N GLY D 1501 79.00 -25.60 26.90
CA GLY D 1501 78.96 -26.71 27.84
C GLY D 1501 77.60 -26.87 28.50
N GLY D 1502 77.02 -25.75 28.94
CA GLY D 1502 75.69 -25.79 29.52
C GLY D 1502 74.64 -26.24 28.53
N LEU D 1503 74.76 -25.80 27.27
CA LEU D 1503 73.80 -26.19 26.25
C LEU D 1503 73.92 -27.67 25.91
N LEU D 1504 75.15 -28.20 25.90
CA LEU D 1504 75.33 -29.64 25.69
C LEU D 1504 74.78 -30.45 26.86
N ARG D 1505 75.04 -29.97 28.09
CA ARG D 1505 74.46 -30.56 29.29
C ARG D 1505 72.94 -30.62 29.17
N LEU D 1506 72.34 -29.52 28.72
CA LEU D 1506 70.90 -29.48 28.50
C LEU D 1506 70.48 -30.46 27.42
N ALA D 1507 71.29 -30.60 26.38
CA ALA D 1507 70.97 -31.50 25.29
C ALA D 1507 70.87 -32.95 25.77
N GLU D 1508 71.89 -33.44 26.49
CA GLU D 1508 71.77 -34.82 26.98
C GLU D 1508 70.75 -34.97 28.11
N ALA D 1509 70.63 -33.97 29.00
CA ALA D 1509 69.62 -34.02 30.06
C ALA D 1509 68.21 -34.09 29.49
N LEU D 1510 67.98 -33.38 28.40
CA LEU D 1510 66.72 -33.41 27.68
C LEU D 1510 66.58 -34.70 26.87
N ALA D 1511 67.70 -35.31 26.48
CA ALA D 1511 67.67 -36.63 25.85
C ALA D 1511 67.14 -37.68 26.82
N PHE D 1512 67.56 -37.61 28.10
CA PHE D 1512 67.00 -38.57 29.06
C PHE D 1512 65.62 -38.15 29.55
N ARG D 1513 65.31 -36.85 29.51
CA ARG D 1513 64.04 -36.27 29.97
C ARG D 1513 63.82 -36.45 31.47
N GLN D 1514 64.89 -36.61 32.24
CA GLN D 1514 64.83 -36.78 33.68
C GLN D 1514 65.42 -35.54 34.36
N ASP D 1515 65.22 -35.48 35.68
CA ASP D 1515 65.74 -34.41 36.54
C ASP D 1515 65.23 -33.04 36.07
N LEU D 1516 63.90 -32.90 36.11
CA LEU D 1516 63.24 -31.69 35.60
C LEU D 1516 63.64 -30.46 36.40
N GLU D 1517 63.86 -30.60 37.70
CA GLU D 1517 64.36 -29.48 38.49
C GLU D 1517 65.75 -29.06 38.02
N VAL D 1518 66.60 -30.05 37.72
CA VAL D 1518 67.93 -29.76 37.19
C VAL D 1518 67.82 -29.07 35.84
N VAL D 1519 66.88 -29.53 35.01
CA VAL D 1519 66.65 -28.93 33.70
C VAL D 1519 66.24 -27.46 33.85
N SER D 1520 65.31 -27.19 34.77
CA SER D 1520 64.83 -25.83 34.99
C SER D 1520 65.96 -24.93 35.50
N SER D 1521 66.76 -25.44 36.45
CA SER D 1521 67.85 -24.64 36.99
C SER D 1521 68.90 -24.34 35.93
N THR D 1522 69.24 -25.33 35.11
CA THR D 1522 70.20 -25.12 34.04
C THR D 1522 69.68 -24.15 32.99
N VAL D 1523 68.39 -24.22 32.67
CA VAL D 1523 67.83 -23.26 31.71
C VAL D 1523 67.84 -21.86 32.29
N ARG D 1524 67.56 -21.72 33.58
CA ARG D 1524 67.62 -20.42 34.23
C ARG D 1524 69.05 -19.87 34.19
N ALA D 1525 70.04 -20.73 34.44
CA ALA D 1525 71.44 -20.32 34.36
C ALA D 1525 71.81 -19.90 32.95
N VAL D 1526 71.33 -20.63 31.93
CA VAL D 1526 71.59 -20.28 30.55
C VAL D 1526 70.97 -18.93 30.20
N ILE D 1527 69.74 -18.69 30.69
CA ILE D 1527 69.06 -17.42 30.45
C ILE D 1527 69.83 -16.27 31.08
N ALA D 1528 70.31 -16.46 32.31
CA ALA D 1528 71.12 -15.44 32.97
C ALA D 1528 72.42 -15.19 32.20
N THR D 1529 73.04 -16.27 31.72
CA THR D 1529 74.28 -16.17 30.94
C THR D 1529 74.06 -15.35 29.67
N LEU D 1530 72.97 -15.64 28.96
CA LEU D 1530 72.67 -14.90 27.74
C LEU D 1530 72.30 -13.46 28.05
N ARG D 1531 71.67 -13.21 29.20
CA ARG D 1531 71.37 -11.85 29.63
C ARG D 1531 72.64 -11.05 29.82
N SER D 1532 73.62 -11.61 30.53
CA SER D 1532 74.85 -10.88 30.82
C SER D 1532 75.92 -11.05 29.75
N GLY D 1533 76.18 -12.28 29.32
CA GLY D 1533 77.26 -12.56 28.42
C GLY D 1533 76.93 -12.30 26.96
N GLU D 1534 77.92 -12.58 26.11
CA GLU D 1534 77.78 -12.43 24.67
C GLU D 1534 77.53 -13.79 24.02
N GLN D 1535 77.51 -13.81 22.70
CA GLN D 1535 77.11 -15.00 21.94
C GLN D 1535 78.29 -15.94 21.71
N CYS D 1536 78.12 -17.20 22.07
CA CYS D 1536 79.12 -18.23 21.89
C CYS D 1536 78.98 -18.85 20.50
N SER D 1537 79.57 -20.03 20.29
CA SER D 1537 79.48 -20.72 19.01
C SER D 1537 78.03 -21.03 18.66
N VAL D 1538 77.71 -20.97 17.36
CA VAL D 1538 76.33 -21.03 16.90
C VAL D 1538 75.77 -22.44 17.08
N GLU D 1539 76.34 -23.42 16.35
CA GLU D 1539 75.92 -24.82 16.37
C GLU D 1539 74.43 -24.95 16.07
N PRO D 1540 73.97 -24.63 14.85
CA PRO D 1540 72.53 -24.66 14.56
C PRO D 1540 71.87 -26.01 14.76
N ASP D 1541 72.58 -27.12 14.46
CA ASP D 1541 72.02 -28.44 14.69
C ASP D 1541 71.78 -28.67 16.18
N LEU D 1542 72.74 -28.30 17.02
CA LEU D 1542 72.60 -28.47 18.47
C LEU D 1542 71.45 -27.64 19.00
N ILE D 1543 71.36 -26.39 18.55
CA ILE D 1543 70.33 -25.48 19.06
C ILE D 1543 68.94 -25.94 18.59
N SER D 1544 68.84 -26.44 17.36
CA SER D 1544 67.58 -26.97 16.87
C SER D 1544 67.16 -28.21 17.64
N LYS D 1545 68.12 -29.10 17.94
CA LYS D 1545 67.80 -30.30 18.72
C LYS D 1545 67.34 -29.94 20.12
N VAL D 1546 68.00 -28.98 20.76
CA VAL D 1546 67.61 -28.55 22.11
C VAL D 1546 66.21 -27.93 22.07
N LEU D 1547 65.94 -27.08 21.07
CA LEU D 1547 64.62 -26.47 20.97
C LEU D 1547 63.52 -27.51 20.73
N GLN D 1548 63.77 -28.48 19.86
CA GLN D 1548 62.79 -29.54 19.60
C GLN D 1548 62.54 -30.36 20.85
N GLY D 1549 63.60 -30.70 21.58
CA GLY D 1549 63.45 -31.45 22.81
C GLY D 1549 62.66 -30.69 23.86
N LEU D 1550 62.94 -29.38 24.00
CA LEU D 1550 62.22 -28.57 24.97
C LEU D 1550 60.75 -28.43 24.58
N ILE D 1551 60.45 -28.37 23.29
CA ILE D 1551 59.07 -28.38 22.83
C ILE D 1551 58.41 -29.69 23.24
N GLU D 1552 59.11 -30.81 23.05
CA GLU D 1552 58.57 -32.12 23.41
C GLU D 1552 58.31 -32.24 24.91
N VAL D 1553 59.28 -31.83 25.73
CA VAL D 1553 59.09 -31.88 27.18
C VAL D 1553 58.14 -30.78 27.67
N ARG D 1554 57.90 -29.76 26.85
CA ARG D 1554 56.95 -28.67 27.15
C ARG D 1554 57.38 -27.89 28.40
N SER D 1555 58.61 -27.41 28.38
CA SER D 1555 59.12 -26.65 29.51
C SER D 1555 58.47 -25.26 29.52
N PRO D 1556 58.34 -24.65 30.71
CA PRO D 1556 57.79 -23.29 30.77
C PRO D 1556 58.77 -22.21 30.38
N HIS D 1557 60.06 -22.53 30.31
CA HIS D 1557 61.09 -21.54 30.01
C HIS D 1557 61.41 -21.43 28.53
N LEU D 1558 60.58 -22.03 27.67
CA LEU D 1558 60.83 -21.99 26.24
C LEU D 1558 60.80 -20.58 25.68
N GLU D 1559 59.82 -19.78 26.10
CA GLU D 1559 59.70 -18.42 25.58
C GLU D 1559 60.88 -17.55 26.00
N GLU D 1560 61.28 -17.65 27.27
CA GLU D 1560 62.44 -16.90 27.75
C GLU D 1560 63.71 -17.33 27.05
N LEU D 1561 63.86 -18.65 26.85
CA LEU D 1561 65.04 -19.17 26.16
C LEU D 1561 65.11 -18.66 24.73
N LEU D 1562 63.98 -18.68 24.02
CA LEU D 1562 63.96 -18.20 22.64
C LEU D 1562 64.24 -16.70 22.57
N THR D 1563 63.67 -15.93 23.50
CA THR D 1563 63.96 -14.50 23.56
C THR D 1563 65.44 -14.24 23.75
N ALA D 1564 66.05 -14.92 24.74
CA ALA D 1564 67.47 -14.74 25.01
C ALA D 1564 68.33 -15.19 23.82
N PHE D 1565 67.93 -16.27 23.16
CA PHE D 1565 68.71 -16.82 22.07
C PHE D 1565 68.68 -15.90 20.85
N PHE D 1566 67.50 -15.44 20.47
CA PHE D 1566 67.36 -14.63 19.27
C PHE D 1566 67.55 -13.14 19.53
N SER D 1567 67.80 -12.74 20.79
CA SER D 1567 68.30 -11.40 21.04
C SER D 1567 69.71 -11.22 20.50
N ALA D 1568 70.53 -12.28 20.56
CA ALA D 1568 71.89 -12.23 20.03
C ALA D 1568 71.90 -12.21 18.51
N LYS D 1580 71.33 -19.85 11.72
CA LYS D 1580 70.63 -18.58 11.71
C LYS D 1580 69.21 -18.77 12.27
N PRO D 1581 68.70 -17.77 13.00
CA PRO D 1581 67.40 -17.94 13.67
C PRO D 1581 66.23 -18.20 12.73
N VAL D 1582 66.23 -17.58 11.55
CA VAL D 1582 65.16 -17.80 10.58
C VAL D 1582 65.19 -19.23 10.09
N VAL D 1583 66.38 -19.75 9.76
CA VAL D 1583 66.51 -21.13 9.28
C VAL D 1583 66.09 -22.10 10.37
N VAL D 1584 66.50 -21.84 11.61
CA VAL D 1584 66.14 -22.71 12.74
C VAL D 1584 64.63 -22.76 12.91
N VAL D 1585 63.99 -21.59 12.91
CA VAL D 1585 62.54 -21.51 13.12
C VAL D 1585 61.79 -22.19 11.97
N SER D 1586 62.22 -21.95 10.73
CA SER D 1586 61.56 -22.55 9.58
C SER D 1586 61.71 -24.07 9.58
N SER D 1587 62.91 -24.57 9.91
CA SER D 1587 63.13 -26.01 9.99
C SER D 1587 62.27 -26.63 11.09
N LEU D 1588 62.17 -25.96 12.24
CA LEU D 1588 61.34 -26.45 13.32
C LEU D 1588 59.87 -26.49 12.92
N LEU D 1589 59.39 -25.44 12.24
CA LEU D 1589 58.00 -25.40 11.82
C LEU D 1589 57.68 -26.46 10.79
N LEU D 1590 58.61 -26.71 9.85
CA LEU D 1590 58.38 -27.72 8.82
C LEU D 1590 58.24 -29.11 9.42
N GLN D 1591 59.07 -29.43 10.41
CA GLN D 1591 58.99 -30.72 11.08
C GLN D 1591 57.74 -30.81 11.95
N ARG D 1612 55.91 -33.73 18.74
CA ARG D 1612 55.14 -32.84 17.88
C ARG D 1612 55.08 -31.42 18.46
N LEU D 1613 55.03 -30.43 17.57
CA LEU D 1613 54.97 -29.02 17.97
C LEU D 1613 53.52 -28.54 18.03
N GLY D 1614 52.76 -29.16 18.92
CA GLY D 1614 51.34 -28.87 19.04
C GLY D 1614 51.04 -27.49 19.60
N PRO D 1615 51.35 -27.26 20.88
CA PRO D 1615 51.05 -25.95 21.47
C PRO D 1615 52.06 -24.87 21.12
N SER D 1616 53.30 -25.27 20.86
CA SER D 1616 54.39 -24.34 20.63
C SER D 1616 54.48 -23.86 19.19
N SER D 1617 53.62 -24.35 18.30
CA SER D 1617 53.66 -23.90 16.91
C SER D 1617 53.37 -22.41 16.78
N GLY D 1618 52.46 -21.90 17.63
CA GLY D 1618 52.16 -20.48 17.60
C GLY D 1618 53.34 -19.60 17.96
N LEU D 1619 54.12 -20.01 18.96
CA LEU D 1619 55.30 -19.24 19.35
C LEU D 1619 56.33 -19.20 18.23
N LEU D 1620 56.57 -20.35 17.58
CA LEU D 1620 57.50 -20.39 16.45
C LEU D 1620 56.99 -19.57 15.27
N VAL D 1621 55.69 -19.59 15.02
CA VAL D 1621 55.13 -18.77 13.94
C VAL D 1621 55.30 -17.29 14.25
N ASP D 1622 55.08 -16.90 15.52
CA ASP D 1622 55.29 -15.51 15.92
C ASP D 1622 56.75 -15.11 15.75
N TRP D 1623 57.67 -16.00 16.14
CA TRP D 1623 59.09 -15.72 15.97
C TRP D 1623 59.46 -15.62 14.50
N LEU D 1624 58.86 -16.44 13.64
CA LEU D 1624 59.12 -16.33 12.21
C LEU D 1624 58.62 -15.01 11.66
N GLU D 1625 57.45 -14.55 12.12
CA GLU D 1625 56.93 -13.25 11.71
C GLU D 1625 57.85 -12.13 12.16
N MET D 1626 58.33 -12.20 13.40
CA MET D 1626 59.23 -11.17 13.93
C MET D 1626 60.60 -11.21 13.28
N LEU D 1627 61.08 -12.38 12.88
CA LEU D 1627 62.44 -12.50 12.37
C LEU D 1627 62.52 -12.25 10.88
N ASP D 1628 61.74 -12.97 10.08
CA ASP D 1628 61.72 -12.74 8.64
C ASP D 1628 60.70 -11.65 8.34
N PRO D 1629 61.13 -10.44 7.96
CA PRO D 1629 60.16 -9.36 7.71
C PRO D 1629 59.30 -9.57 6.48
N GLU D 1630 59.92 -9.93 5.36
CA GLU D 1630 59.24 -10.12 4.09
C GLU D 1630 58.71 -11.53 3.90
N VAL D 1631 58.65 -12.33 4.98
CA VAL D 1631 58.21 -13.72 5.02
C VAL D 1631 59.19 -14.61 4.26
N VAL D 1632 59.38 -14.34 2.97
CA VAL D 1632 60.35 -15.05 2.15
C VAL D 1632 61.45 -14.06 1.74
N SER D 1633 62.49 -13.95 2.56
CA SER D 1633 63.67 -13.17 2.21
C SER D 1633 64.97 -13.92 2.40
N SER D 1634 65.07 -14.73 3.45
CA SER D 1634 66.23 -15.56 3.71
C SER D 1634 65.79 -17.00 3.61
N CYS D 1635 66.67 -17.87 3.05
CA CYS D 1635 66.42 -19.26 2.69
C CYS D 1635 65.04 -19.43 2.03
N PRO D 1636 64.86 -18.91 0.81
CA PRO D 1636 63.52 -18.98 0.17
C PRO D 1636 62.96 -20.37 -0.02
N ASP D 1637 63.82 -21.39 -0.18
CA ASP D 1637 63.32 -22.75 -0.39
C ASP D 1637 62.50 -23.24 0.79
N LEU D 1638 62.99 -22.99 2.02
CA LEU D 1638 62.30 -23.45 3.22
C LEU D 1638 60.93 -22.79 3.35
N GLN D 1639 60.86 -21.49 3.08
CA GLN D 1639 59.59 -20.79 3.19
C GLN D 1639 58.63 -21.16 2.07
N LEU D 1640 59.16 -21.44 0.87
CA LEU D 1640 58.32 -21.96 -0.20
C LEU D 1640 57.74 -23.31 0.18
N ARG D 1641 58.55 -24.17 0.80
CA ARG D 1641 58.03 -25.43 1.32
C ARG D 1641 56.97 -25.20 2.39
N LEU D 1642 57.18 -24.20 3.25
CA LEU D 1642 56.21 -23.88 4.29
C LEU D 1642 54.87 -23.44 3.69
N LEU D 1643 54.91 -22.57 2.69
CA LEU D 1643 53.68 -22.02 2.12
C LEU D 1643 52.98 -23.02 1.21
N PHE D 1644 53.72 -23.74 0.37
CA PHE D 1644 53.15 -24.63 -0.64
C PHE D 1644 53.87 -25.97 -0.61
N SER D 1645 53.16 -27.01 -0.17
CA SER D 1645 53.66 -28.38 -0.09
C SER D 1645 52.50 -29.28 0.32
N ARG D 1646 52.81 -30.55 0.57
CA ARG D 1646 51.88 -31.49 1.21
C ARG D 1646 51.25 -30.95 2.48
N PRO D 1656 49.67 -28.68 7.36
CA PRO D 1656 50.12 -27.57 8.19
C PRO D 1656 48.98 -26.65 8.60
N SER D 1657 48.60 -26.68 9.87
CA SER D 1657 47.45 -25.91 10.33
C SER D 1657 47.69 -24.42 10.24
N PHE D 1658 48.92 -23.97 10.50
CA PHE D 1658 49.27 -22.56 10.49
C PHE D 1658 49.53 -22.01 9.09
N ARG D 1659 49.34 -22.83 8.05
CA ARG D 1659 49.61 -22.39 6.69
C ARG D 1659 48.80 -21.18 6.25
N PRO D 1660 47.46 -21.09 6.43
CA PRO D 1660 46.75 -19.89 5.95
C PRO D 1660 47.21 -18.59 6.57
N TYR D 1661 47.65 -18.62 7.83
CA TYR D 1661 48.16 -17.40 8.45
C TYR D 1661 49.43 -16.93 7.76
N LEU D 1662 50.36 -17.85 7.50
CA LEU D 1662 51.58 -17.49 6.78
C LEU D 1662 51.29 -17.07 5.36
N LEU D 1663 50.27 -17.66 4.72
CA LEU D 1663 49.90 -17.24 3.38
C LEU D 1663 49.35 -15.83 3.38
N THR D 1664 48.51 -15.49 4.37
CA THR D 1664 48.01 -14.14 4.50
C THR D 1664 49.14 -13.15 4.75
N LEU D 1665 50.08 -13.52 5.62
CA LEU D 1665 51.24 -12.68 5.90
C LEU D 1665 52.07 -12.45 4.64
N PHE D 1666 52.32 -13.52 3.88
CA PHE D 1666 53.08 -13.41 2.64
C PHE D 1666 52.36 -12.53 1.63
N THR D 1667 51.05 -12.69 1.50
CA THR D 1667 50.28 -11.92 0.52
C THR D 1667 50.30 -10.44 0.87
N HIS D 1668 50.11 -10.11 2.14
CA HIS D 1668 49.92 -8.72 2.55
C HIS D 1668 51.20 -8.08 3.09
N GLN D 1669 52.34 -8.78 3.03
CA GLN D 1669 53.56 -8.25 3.61
C GLN D 1669 54.73 -8.20 2.64
N SER D 1670 54.82 -9.19 1.75
CA SER D 1670 55.96 -9.27 0.84
C SER D 1670 55.88 -8.17 -0.21
N SER D 1671 57.05 -7.77 -0.70
CA SER D 1671 57.14 -6.80 -1.78
C SER D 1671 56.63 -7.40 -3.08
N TRP D 1672 56.17 -6.52 -3.98
CA TRP D 1672 55.63 -6.97 -5.25
C TRP D 1672 56.61 -7.78 -6.11
N PRO D 1673 57.91 -7.44 -6.25
CA PRO D 1673 58.81 -8.35 -6.97
C PRO D 1673 58.88 -9.74 -6.37
N THR D 1674 58.85 -9.83 -5.03
CA THR D 1674 58.83 -11.14 -4.38
C THR D 1674 57.57 -11.92 -4.73
N LEU D 1675 56.42 -11.25 -4.75
CA LEU D 1675 55.17 -11.91 -5.11
C LEU D 1675 55.20 -12.36 -6.56
N HIS D 1676 55.77 -11.54 -7.44
CA HIS D 1676 55.88 -11.92 -8.85
C HIS D 1676 56.80 -13.12 -9.02
N GLN D 1677 57.91 -13.15 -8.29
CA GLN D 1677 58.82 -14.30 -8.33
C GLN D 1677 58.13 -15.56 -7.82
N CYS D 1678 57.35 -15.43 -6.74
CA CYS D 1678 56.60 -16.56 -6.21
C CYS D 1678 55.57 -17.05 -7.22
N ILE D 1679 54.93 -16.12 -7.93
CA ILE D 1679 53.96 -16.50 -8.97
C ILE D 1679 54.67 -17.26 -10.08
N ARG D 1680 55.83 -16.77 -10.50
CA ARG D 1680 56.56 -17.42 -11.59
C ARG D 1680 57.02 -18.82 -11.19
N VAL D 1681 57.53 -18.99 -9.97
CA VAL D 1681 57.97 -20.32 -9.56
C VAL D 1681 56.80 -21.24 -9.23
N LEU D 1682 55.62 -20.70 -8.94
CA LEU D 1682 54.44 -21.55 -8.77
C LEU D 1682 53.98 -22.12 -10.09
N LEU D 1683 54.14 -21.37 -11.18
CA LEU D 1683 53.65 -21.74 -12.50
C LEU D 1683 54.78 -22.11 -13.43
N GLY D 1684 55.80 -22.80 -12.90
CA GLY D 1684 56.93 -23.25 -13.68
C GLY D 1684 57.78 -22.14 -14.29
N GLU D 1688 56.36 -31.77 -12.36
CA GLU D 1688 56.97 -31.22 -11.16
C GLU D 1688 55.93 -30.89 -10.07
N GLN D 1689 55.39 -31.94 -9.45
CA GLN D 1689 54.38 -31.76 -8.41
C GLN D 1689 55.07 -31.42 -7.11
N ARG D 1690 55.07 -30.13 -6.77
CA ARG D 1690 55.72 -29.65 -5.56
C ARG D 1690 54.85 -28.76 -4.69
N PHE D 1691 53.70 -28.31 -5.18
CA PHE D 1691 52.89 -27.31 -4.49
C PHE D 1691 51.46 -27.80 -4.36
N ASP D 1692 50.83 -27.46 -3.25
CA ASP D 1692 49.42 -27.74 -3.06
C ASP D 1692 48.61 -26.89 -4.03
N PRO D 1693 47.80 -27.48 -4.90
CA PRO D 1693 47.00 -26.67 -5.84
C PRO D 1693 46.04 -25.70 -5.17
N SER D 1694 45.42 -26.10 -4.05
CA SER D 1694 44.46 -25.25 -3.39
C SER D 1694 45.12 -23.99 -2.84
N ALA D 1695 46.26 -24.17 -2.16
CA ALA D 1695 46.99 -23.03 -1.60
C ALA D 1695 47.47 -22.08 -2.69
N SER D 1696 48.02 -22.64 -3.78
CA SER D 1696 48.51 -21.80 -4.87
C SER D 1696 47.39 -21.02 -5.54
N LEU D 1697 46.24 -21.68 -5.79
CA LEU D 1697 45.13 -20.99 -6.43
C LEU D 1697 44.54 -19.92 -5.52
N ASP D 1698 44.43 -20.23 -4.22
CA ASP D 1698 43.95 -19.23 -3.25
C ASP D 1698 44.90 -18.04 -3.18
N PHE D 1699 46.21 -18.31 -3.21
CA PHE D 1699 47.20 -17.25 -3.19
C PHE D 1699 47.10 -16.37 -4.42
N LEU D 1700 46.91 -16.98 -5.59
CA LEU D 1700 46.75 -16.21 -6.83
C LEU D 1700 45.50 -15.33 -6.76
N TRP D 1701 44.37 -15.93 -6.34
CA TRP D 1701 43.12 -15.19 -6.23
C TRP D 1701 43.24 -14.04 -5.23
N ALA D 1702 43.97 -14.26 -4.13
CA ALA D 1702 44.20 -13.20 -3.16
C ALA D 1702 45.05 -12.09 -3.75
N CYS D 1703 46.15 -12.46 -4.44
CA CYS D 1703 47.01 -11.47 -5.07
C CYS D 1703 46.25 -10.60 -6.07
N ILE D 1704 45.30 -11.19 -6.80
CA ILE D 1704 44.44 -10.39 -7.66
C ILE D 1704 43.62 -9.41 -6.84
N HIS D 1705 42.96 -9.90 -5.79
CA HIS D 1705 42.05 -9.08 -4.99
C HIS D 1705 42.73 -8.55 -3.73
N VAL D 1706 43.88 -7.91 -3.88
CA VAL D 1706 44.51 -7.24 -2.74
C VAL D 1706 43.83 -5.87 -2.58
N PRO D 1707 43.40 -5.51 -1.37
CA PRO D 1707 42.71 -4.22 -1.19
C PRO D 1707 43.52 -3.00 -1.56
N ARG D 1708 44.85 -3.08 -1.48
CA ARG D 1708 45.69 -1.96 -1.91
C ARG D 1708 45.57 -1.72 -3.41
N ILE D 1709 45.23 -2.76 -4.17
CA ILE D 1709 45.11 -2.65 -5.62
C ILE D 1709 43.77 -2.04 -6.03
N TRP D 1710 42.76 -2.12 -5.19
CA TRP D 1710 41.40 -1.70 -5.54
C TRP D 1710 40.88 -0.60 -4.63
N GLN D 1711 41.75 0.05 -3.87
CA GLN D 1711 41.33 1.07 -2.92
C GLN D 1711 40.64 2.23 -3.62
N GLY D 1712 39.48 2.63 -3.10
CA GLY D 1712 38.72 3.72 -3.67
C GLY D 1712 37.75 3.34 -4.76
N ARG D 1713 37.70 2.08 -5.15
CA ARG D 1713 36.79 1.65 -6.22
C ARG D 1713 35.37 1.50 -5.69
N VAL D 1726 42.59 -10.21 -14.95
CA VAL D 1726 43.09 -8.84 -14.99
C VAL D 1726 44.61 -8.92 -14.81
N LEU D 1727 45.13 -10.13 -15.00
CA LEU D 1727 46.55 -10.41 -14.84
C LEU D 1727 47.13 -10.92 -16.16
N ARG D 1728 48.38 -10.55 -16.43
CA ARG D 1728 49.06 -10.99 -17.63
C ARG D 1728 49.83 -12.27 -17.34
N VAL D 1729 49.55 -13.32 -18.13
CA VAL D 1729 50.26 -14.58 -18.02
C VAL D 1729 50.58 -15.08 -19.43
N GLN D 1730 51.58 -15.94 -19.51
CA GLN D 1730 52.10 -16.45 -20.77
C GLN D 1730 51.54 -17.84 -21.04
N GLY D 1731 52.01 -18.46 -22.13
CA GLY D 1731 51.57 -19.76 -22.54
C GLY D 1731 51.82 -20.85 -21.51
N PRO D 1732 53.10 -21.16 -21.23
CA PRO D 1732 53.40 -22.18 -20.21
C PRO D 1732 52.85 -21.85 -18.83
N GLU D 1733 52.79 -20.56 -18.49
CA GLU D 1733 52.20 -20.15 -17.21
C GLU D 1733 50.72 -20.51 -17.16
N LEU D 1734 50.00 -20.23 -18.24
CA LEU D 1734 48.58 -20.59 -18.30
C LEU D 1734 48.38 -22.10 -18.30
N ILE D 1735 49.29 -22.83 -18.97
CA ILE D 1735 49.22 -24.29 -18.99
C ILE D 1735 49.38 -24.85 -17.58
N SER D 1736 50.36 -24.34 -16.84
CA SER D 1736 50.55 -24.78 -15.46
C SER D 1736 49.38 -24.36 -14.58
N LEU D 1737 48.77 -23.21 -14.86
CA LEU D 1737 47.60 -22.77 -14.09
C LEU D 1737 46.42 -23.72 -14.28
N VAL D 1738 46.11 -24.05 -15.54
CA VAL D 1738 45.00 -24.98 -15.77
C VAL D 1738 45.34 -26.37 -15.24
N GLU D 1739 46.63 -26.75 -15.28
CA GLU D 1739 47.03 -28.02 -14.67
C GLU D 1739 46.78 -28.01 -13.17
N LEU D 1740 47.06 -26.88 -12.51
CA LEU D 1740 46.78 -26.76 -11.08
C LEU D 1740 45.29 -26.86 -10.79
N ILE D 1741 44.47 -26.20 -11.61
CA ILE D 1741 43.01 -26.26 -11.43
C ILE D 1741 42.51 -27.69 -11.58
N LEU D 1742 43.01 -28.39 -12.61
CA LEU D 1742 42.62 -29.77 -12.84
C LEU D 1742 43.07 -30.67 -11.69
N ALA D 1743 44.28 -30.43 -11.16
CA ALA D 1743 44.78 -31.21 -10.04
C ALA D 1743 43.91 -31.02 -8.80
N GLU D 1744 43.51 -29.77 -8.53
CA GLU D 1744 42.61 -29.51 -7.41
C GLU D 1744 41.27 -30.22 -7.61
N ALA D 1745 40.73 -30.16 -8.82
CA ALA D 1745 39.46 -30.82 -9.11
C ALA D 1745 39.56 -32.32 -8.92
N GLU D 1746 40.63 -32.94 -9.42
CA GLU D 1746 40.82 -34.37 -9.28
C GLU D 1746 40.98 -34.78 -7.82
N THR D 1747 41.69 -33.97 -7.03
CA THR D 1747 41.79 -34.26 -5.60
C THR D 1747 40.43 -34.18 -4.93
N ARG D 1748 39.60 -33.21 -5.33
CA ARG D 1748 38.26 -33.16 -4.77
C ARG D 1748 37.39 -34.29 -5.30
N SER D 1749 37.50 -34.60 -6.59
CA SER D 1749 36.68 -35.60 -7.32
C SER D 1749 35.22 -35.13 -7.23
N GLN D 1750 34.26 -36.03 -7.04
CA GLN D 1750 32.87 -35.64 -6.86
C GLN D 1750 32.13 -36.65 -6.00
N ALA D 1756 32.83 -32.11 -5.77
CA ALA D 1756 31.89 -31.90 -6.86
C ALA D 1756 32.49 -31.06 -7.98
N CYS D 1757 31.73 -30.89 -9.06
CA CYS D 1757 32.17 -30.09 -10.20
C CYS D 1757 32.21 -28.60 -9.91
N SER D 1758 31.65 -28.17 -8.77
CA SER D 1758 31.62 -26.75 -8.42
C SER D 1758 33.00 -26.14 -8.22
N LEU D 1759 34.02 -26.95 -7.96
CA LEU D 1759 35.37 -26.40 -7.78
C LEU D 1759 35.92 -25.83 -9.07
N ILE D 1760 35.68 -26.52 -10.19
CA ILE D 1760 36.09 -25.99 -11.49
C ILE D 1760 35.35 -24.69 -11.79
N GLN D 1761 34.08 -24.62 -11.42
CA GLN D 1761 33.30 -23.40 -11.56
C GLN D 1761 33.88 -22.27 -10.71
N ALA D 1762 34.34 -22.60 -9.51
CA ALA D 1762 34.85 -21.59 -8.59
C ALA D 1762 36.21 -21.09 -9.02
N ARG D 1763 37.05 -21.96 -9.58
CA ARG D 1763 38.36 -21.56 -10.06
C ARG D 1763 38.33 -20.98 -11.47
N LEU D 1764 37.20 -21.11 -12.18
CA LEU D 1764 37.10 -20.55 -13.52
C LEU D 1764 37.25 -19.03 -13.58
N PRO D 1765 36.65 -18.21 -12.68
CA PRO D 1765 36.93 -16.76 -12.72
C PRO D 1765 38.41 -16.38 -12.65
N LEU D 1766 39.21 -17.11 -11.88
CA LEU D 1766 40.66 -16.87 -11.88
C LEU D 1766 41.25 -17.13 -13.25
N LEU D 1767 40.90 -18.26 -13.86
CA LEU D 1767 41.38 -18.58 -15.20
C LEU D 1767 40.88 -17.56 -16.22
N LEU D 1768 39.60 -17.18 -16.12
CA LEU D 1768 39.02 -16.21 -17.03
C LEU D 1768 39.73 -14.85 -16.92
N SER D 1769 40.01 -14.42 -15.69
CA SER D 1769 40.75 -13.18 -15.48
C SER D 1769 42.16 -13.27 -16.03
N CYS D 1770 42.84 -14.40 -15.80
CA CYS D 1770 44.21 -14.55 -16.27
C CYS D 1770 44.30 -14.55 -17.79
N CYS D 1771 43.37 -15.22 -18.47
CA CYS D 1771 43.38 -15.26 -19.93
C CYS D 1771 43.08 -13.91 -20.56
N CYS D 1772 42.50 -12.98 -19.81
CA CYS D 1772 42.15 -11.63 -20.25
C CYS D 1772 41.18 -11.73 -21.41
N GLY D 1773 41.49 -11.17 -22.58
CA GLY D 1773 40.61 -11.29 -23.73
C GLY D 1773 41.35 -11.68 -24.98
N ASP D 1774 42.55 -12.22 -24.82
CA ASP D 1774 43.36 -12.64 -25.95
C ASP D 1774 42.94 -14.05 -26.36
N ASP D 1775 42.47 -14.19 -27.61
CA ASP D 1775 42.07 -15.50 -28.10
C ASP D 1775 43.25 -16.41 -28.39
N GLU D 1776 44.45 -15.86 -28.54
CA GLU D 1776 45.64 -16.68 -28.77
C GLU D 1776 45.97 -17.59 -27.59
N SER D 1777 45.54 -17.22 -26.38
CA SER D 1777 45.76 -18.05 -25.20
C SER D 1777 44.61 -19.00 -24.95
N VAL D 1778 43.38 -18.53 -25.17
CA VAL D 1778 42.20 -19.37 -25.02
C VAL D 1778 42.21 -20.50 -26.03
N ARG D 1779 42.55 -20.19 -27.29
CA ARG D 1779 42.65 -21.21 -28.32
C ARG D 1779 43.73 -22.24 -27.97
N LYS D 1780 44.87 -21.77 -27.47
CA LYS D 1780 45.97 -22.68 -27.15
C LYS D 1780 45.60 -23.60 -26.00
N VAL D 1781 44.97 -23.06 -24.96
CA VAL D 1781 44.60 -23.91 -23.82
C VAL D 1781 43.46 -24.86 -24.20
N THR D 1782 42.54 -24.44 -25.08
CA THR D 1782 41.52 -25.38 -25.57
C THR D 1782 42.16 -26.52 -26.34
N GLU D 1783 43.16 -26.22 -27.18
CA GLU D 1783 43.88 -27.26 -27.91
C GLU D 1783 44.59 -28.20 -26.95
N HIS D 1784 45.21 -27.65 -25.90
CA HIS D 1784 45.87 -28.48 -24.90
C HIS D 1784 44.88 -29.40 -24.19
N LEU D 1785 43.71 -28.86 -23.84
CA LEU D 1785 42.68 -29.68 -23.20
C LEU D 1785 42.17 -30.77 -24.14
N SER D 1786 42.02 -30.43 -25.42
CA SER D 1786 41.58 -31.42 -26.41
C SER D 1786 42.59 -32.56 -26.52
N GLY D 1787 43.88 -32.21 -26.61
CA GLY D 1787 44.92 -33.23 -26.65
C GLY D 1787 44.93 -34.08 -25.39
N CYS D 1788 44.73 -33.44 -24.24
CA CYS D 1788 44.68 -34.16 -22.97
C CYS D 1788 43.55 -35.18 -22.95
N ILE D 1789 42.32 -34.75 -23.31
CA ILE D 1789 41.20 -35.69 -23.26
C ILE D 1789 41.37 -36.79 -24.29
N GLN D 1790 41.97 -36.47 -25.45
CA GLN D 1790 42.28 -37.52 -26.42
C GLN D 1790 43.23 -38.54 -25.84
N GLN D 1791 44.23 -38.09 -25.07
CA GLN D 1791 45.13 -39.01 -24.39
C GLN D 1791 44.40 -39.84 -23.32
N TRP D 1792 43.50 -39.22 -22.55
CA TRP D 1792 42.87 -39.89 -21.42
C TRP D 1792 41.48 -40.46 -21.72
N GLY D 1793 40.55 -39.62 -22.17
CA GLY D 1793 39.22 -40.10 -22.52
C GLY D 1793 38.24 -39.96 -21.37
N ASP D 1794 37.60 -41.07 -20.99
CA ASP D 1794 36.52 -41.05 -20.02
C ASP D 1794 36.99 -41.19 -18.58
N SER D 1795 38.30 -41.24 -18.33
CA SER D 1795 38.82 -41.31 -16.97
C SER D 1795 38.50 -40.03 -16.21
N VAL D 1796 38.75 -40.07 -14.89
CA VAL D 1796 38.44 -38.93 -14.01
C VAL D 1796 39.22 -37.69 -14.44
N LEU D 1797 40.50 -37.84 -14.76
CA LEU D 1797 41.31 -36.74 -15.26
C LEU D 1797 40.75 -36.22 -16.59
N GLY D 1798 40.47 -37.13 -17.51
CA GLY D 1798 39.89 -36.74 -18.78
C GLY D 1798 38.51 -36.13 -18.63
N ARG D 1799 37.70 -36.67 -17.72
CA ARG D 1799 36.37 -36.12 -17.48
C ARG D 1799 36.44 -34.70 -16.92
N ARG D 1800 37.36 -34.47 -15.98
CA ARG D 1800 37.53 -33.12 -15.45
C ARG D 1800 38.07 -32.17 -16.51
N CYS D 1801 38.96 -32.67 -17.38
CA CYS D 1801 39.44 -31.87 -18.49
C CYS D 1801 38.30 -31.48 -19.42
N ARG D 1802 37.40 -32.43 -19.69
CA ARG D 1802 36.23 -32.16 -20.53
C ARG D 1802 35.32 -31.12 -19.88
N ASP D 1803 35.10 -31.23 -18.56
CA ASP D 1803 34.28 -30.26 -17.85
C ASP D 1803 34.89 -28.87 -17.93
N LEU D 1804 36.20 -28.77 -17.71
CA LEU D 1804 36.89 -27.47 -17.81
C LEU D 1804 36.81 -26.90 -19.22
N LEU D 1805 37.00 -27.75 -20.23
CA LEU D 1805 36.91 -27.31 -21.62
C LEU D 1805 35.51 -26.82 -21.96
N LEU D 1806 34.49 -27.53 -21.48
CA LEU D 1806 33.11 -27.12 -21.71
C LEU D 1806 32.82 -25.79 -21.03
N GLN D 1807 33.29 -25.61 -19.78
CA GLN D 1807 33.10 -24.34 -19.09
C GLN D 1807 33.77 -23.19 -19.84
N LEU D 1808 35.00 -23.41 -20.29
CA LEU D 1808 35.73 -22.37 -21.02
C LEU D 1808 35.02 -22.02 -22.32
N TYR D 1809 34.54 -23.03 -23.06
CA TYR D 1809 33.81 -22.77 -24.29
C TYR D 1809 32.52 -22.02 -24.01
N LEU D 1810 31.83 -22.37 -22.92
CA LEU D 1810 30.59 -21.68 -22.57
C LEU D 1810 30.84 -20.22 -22.22
N GLN D 1811 31.90 -19.94 -21.47
CA GLN D 1811 32.23 -18.56 -21.11
C GLN D 1811 33.01 -17.82 -22.18
N ARG D 1812 33.58 -18.53 -23.16
CA ARG D 1812 34.24 -17.92 -24.31
C ARG D 1812 33.73 -18.56 -25.59
N PRO D 1813 32.45 -18.31 -25.96
CA PRO D 1813 31.86 -18.96 -27.14
C PRO D 1813 32.36 -18.46 -28.48
N GLU D 1814 33.38 -17.61 -28.49
CA GLU D 1814 34.01 -17.19 -29.73
C GLU D 1814 35.10 -18.16 -30.20
N LEU D 1815 35.09 -19.39 -29.68
CA LEU D 1815 36.06 -20.40 -30.10
C LEU D 1815 35.90 -20.72 -31.58
N ARG D 1816 37.03 -20.92 -32.26
CA ARG D 1816 37.03 -21.31 -33.66
C ARG D 1816 37.04 -22.81 -33.85
N VAL D 1817 36.85 -23.59 -32.78
CA VAL D 1817 36.71 -25.04 -32.87
C VAL D 1817 35.47 -25.43 -32.07
N PRO D 1818 34.27 -25.04 -32.51
CA PRO D 1818 33.07 -25.31 -31.70
C PRO D 1818 32.64 -26.75 -31.81
N VAL D 1819 32.23 -27.30 -30.67
CA VAL D 1819 31.73 -28.68 -30.52
C VAL D 1819 32.75 -29.68 -31.07
N PRO D 1820 33.92 -29.86 -30.45
CA PRO D 1820 34.81 -30.96 -30.86
C PRO D 1820 34.16 -32.32 -30.63
N GLU D 1821 34.87 -33.35 -31.13
CA GLU D 1821 34.40 -34.73 -31.02
C GLU D 1821 34.16 -35.15 -29.57
N VAL D 1822 34.89 -34.57 -28.63
CA VAL D 1822 34.71 -34.93 -27.22
C VAL D 1822 33.36 -34.42 -26.70
N LEU D 1823 32.93 -33.24 -27.12
CA LEU D 1823 31.69 -32.67 -26.61
C LEU D 1823 30.44 -33.35 -27.15
N LEU D 1824 30.59 -34.24 -28.13
CA LEU D 1824 29.47 -35.05 -28.60
C LEU D 1824 28.92 -35.92 -27.48
N HIS D 1825 29.80 -36.53 -26.69
CA HIS D 1825 29.39 -37.39 -25.60
C HIS D 1825 29.10 -36.64 -24.31
N SER D 1826 29.54 -35.38 -24.21
CA SER D 1826 29.43 -34.62 -22.96
C SER D 1826 27.98 -34.39 -22.56
N GLU D 1827 27.67 -34.63 -21.28
CA GLU D 1827 26.35 -34.39 -20.72
C GLU D 1827 26.29 -33.12 -19.88
N GLY D 1828 27.27 -32.23 -20.04
CA GLY D 1828 27.38 -31.01 -19.26
C GLY D 1828 26.47 -29.87 -19.66
N ALA D 1829 25.63 -30.06 -20.69
CA ALA D 1829 24.64 -29.04 -21.05
C ALA D 1829 23.67 -28.78 -19.91
N ALA D 1830 23.23 -29.84 -19.22
CA ALA D 1830 22.37 -29.69 -18.06
C ALA D 1830 23.12 -29.27 -16.80
N SER D 1831 24.45 -29.35 -16.80
CA SER D 1831 25.24 -28.97 -15.64
C SER D 1831 25.13 -27.48 -15.35
N SER D 1832 25.59 -27.09 -14.17
CA SER D 1832 25.41 -25.73 -13.64
C SER D 1832 26.33 -24.70 -14.29
N SER D 1833 27.01 -25.05 -15.38
CA SER D 1833 27.84 -24.09 -16.08
C SER D 1833 27.00 -22.96 -16.67
N VAL D 1834 27.64 -21.80 -16.85
CA VAL D 1834 26.98 -20.60 -17.33
C VAL D 1834 27.65 -20.16 -18.62
N CYS D 1835 26.85 -19.59 -19.53
CA CYS D 1835 27.35 -19.05 -20.78
C CYS D 1835 26.82 -17.64 -20.96
N LYS D 1836 27.60 -16.80 -21.65
CA LYS D 1836 27.20 -15.41 -21.83
C LYS D 1836 26.31 -15.18 -23.05
N LEU D 1837 26.02 -16.23 -23.83
CA LEU D 1837 25.09 -16.10 -24.95
C LEU D 1837 23.64 -16.29 -24.55
N ASP D 1838 23.35 -16.56 -23.27
CA ASP D 1838 21.99 -16.88 -22.86
C ASP D 1838 21.04 -15.70 -23.08
N GLY D 1839 21.51 -14.49 -22.77
CA GLY D 1839 20.66 -13.32 -22.91
C GLY D 1839 20.24 -13.07 -24.35
N LEU D 1840 21.18 -13.18 -25.27
CA LEU D 1840 20.88 -12.91 -26.68
C LEU D 1840 20.03 -14.01 -27.30
N ILE D 1841 20.35 -15.28 -27.03
CA ILE D 1841 19.54 -16.37 -27.56
C ILE D 1841 18.13 -16.28 -26.99
N HIS D 1842 17.98 -15.87 -25.72
CA HIS D 1842 16.65 -15.62 -25.16
C HIS D 1842 15.95 -14.50 -25.92
N ARG D 1843 16.70 -13.43 -26.22
CA ARG D 1843 16.14 -12.25 -26.89
C ARG D 1843 15.52 -12.65 -28.21
N PHE D 1844 16.33 -13.22 -29.11
CA PHE D 1844 15.71 -13.50 -30.40
C PHE D 1844 14.84 -14.75 -30.38
N ILE D 1845 14.90 -15.58 -29.33
CA ILE D 1845 13.95 -16.69 -29.22
C ILE D 1845 12.56 -16.12 -28.95
N THR D 1846 12.49 -14.99 -28.24
CA THR D 1846 11.17 -14.41 -28.05
C THR D 1846 10.82 -13.50 -29.21
N LEU D 1847 11.84 -12.93 -29.87
CA LEU D 1847 11.58 -12.13 -31.07
C LEU D 1847 10.99 -13.00 -32.18
N LEU D 1848 11.34 -14.29 -32.21
CA LEU D 1848 10.78 -15.23 -33.17
C LEU D 1848 9.55 -15.95 -32.63
N ALA D 1849 9.37 -15.97 -31.31
CA ALA D 1849 8.27 -16.72 -30.71
C ALA D 1849 6.93 -16.13 -31.12
N ASP D 1850 6.83 -14.81 -31.13
CA ASP D 1850 5.58 -14.12 -31.41
C ASP D 1850 5.44 -13.96 -32.93
N THR D 1851 4.66 -14.85 -33.53
CA THR D 1851 4.35 -14.83 -34.96
C THR D 1851 2.86 -14.71 -35.20
N SER D 1852 2.21 -13.80 -34.46
CA SER D 1852 0.77 -13.62 -34.51
C SER D 1852 0.39 -12.76 -35.72
N ASP D 1853 -0.85 -12.25 -35.74
CA ASP D 1853 -1.32 -11.36 -36.81
C ASP D 1853 -0.51 -10.08 -36.94
N SER D 1854 0.32 -9.72 -35.96
CA SER D 1854 1.20 -8.57 -36.10
C SER D 1854 2.28 -8.88 -37.13
N ARG D 1855 1.97 -8.65 -38.41
CA ARG D 1855 2.87 -9.05 -39.49
C ARG D 1855 4.06 -8.11 -39.65
N ALA D 1856 4.07 -6.98 -38.94
CA ALA D 1856 5.25 -6.12 -38.96
C ALA D 1856 6.46 -6.81 -38.35
N LEU D 1857 6.23 -7.77 -37.46
CA LEU D 1857 7.29 -8.54 -36.81
C LEU D 1857 7.74 -9.73 -37.64
N GLU D 1858 7.13 -9.96 -38.81
CA GLU D 1858 7.47 -11.12 -39.63
C GLU D 1858 8.91 -11.07 -40.12
N ASN D 1859 9.39 -9.88 -40.50
CA ASN D 1859 10.77 -9.76 -40.95
C ASN D 1859 11.75 -10.04 -39.81
N ARG D 1860 11.45 -9.56 -38.60
CA ARG D 1860 12.30 -9.87 -37.45
C ARG D 1860 12.20 -11.34 -37.07
N GLY D 1861 11.02 -11.93 -37.21
CA GLY D 1861 10.89 -13.36 -36.99
C GLY D 1861 11.72 -14.19 -37.96
N ALA D 1862 11.71 -13.81 -39.24
CA ALA D 1862 12.52 -14.49 -40.24
C ALA D 1862 14.01 -14.32 -39.98
N ASP D 1863 14.42 -13.09 -39.60
CA ASP D 1863 15.82 -12.84 -39.29
C ASP D 1863 16.28 -13.66 -38.09
N ALA D 1864 15.45 -13.73 -37.05
CA ALA D 1864 15.77 -14.53 -35.88
C ALA D 1864 15.84 -16.00 -36.24
N SER D 1865 14.91 -16.47 -37.09
CA SER D 1865 14.88 -17.87 -37.47
C SER D 1865 16.13 -18.27 -38.25
N MET D 1866 16.52 -17.47 -39.25
CA MET D 1866 17.72 -17.82 -40.01
C MET D 1866 18.99 -17.67 -39.17
N ALA D 1867 19.02 -16.72 -38.24
CA ALA D 1867 20.15 -16.62 -37.33
C ALA D 1867 20.25 -17.82 -36.40
N CYS D 1868 19.12 -18.30 -35.88
CA CYS D 1868 19.15 -19.52 -35.07
C CYS D 1868 19.53 -20.73 -35.90
N ARG D 1869 19.13 -20.75 -37.18
CA ARG D 1869 19.59 -21.82 -38.08
C ARG D 1869 21.11 -21.80 -38.19
N LYS D 1870 21.67 -20.60 -38.36
CA LYS D 1870 23.13 -20.44 -38.42
C LYS D 1870 23.76 -20.89 -37.10
N LEU D 1871 23.14 -20.52 -35.99
CA LEU D 1871 23.66 -20.89 -34.67
C LEU D 1871 23.63 -22.40 -34.47
N ALA D 1872 22.54 -23.06 -34.87
CA ALA D 1872 22.45 -24.51 -34.79
C ALA D 1872 23.53 -25.17 -35.65
N VAL D 1873 23.80 -24.59 -36.82
CA VAL D 1873 24.88 -25.09 -37.67
C VAL D 1873 26.22 -24.94 -36.97
N ALA D 1874 26.44 -23.80 -36.30
CA ALA D 1874 27.73 -23.45 -35.73
C ALA D 1874 27.88 -23.87 -34.28
N HIS D 1875 26.93 -23.50 -33.43
CA HIS D 1875 27.00 -23.75 -31.99
C HIS D 1875 25.74 -24.47 -31.53
N PRO D 1876 25.54 -25.73 -31.92
CA PRO D 1876 24.35 -26.47 -31.47
C PRO D 1876 24.25 -26.64 -29.97
N LEU D 1877 25.38 -26.79 -29.28
CA LEU D 1877 25.36 -27.04 -27.84
C LEU D 1877 24.78 -25.86 -27.07
N LEU D 1878 25.17 -24.64 -27.46
CA LEU D 1878 24.67 -23.43 -26.80
C LEU D 1878 23.16 -23.31 -26.94
N LEU D 1879 22.64 -23.55 -28.16
CA LEU D 1879 21.20 -23.54 -28.37
C LEU D 1879 20.51 -24.74 -27.72
N LEU D 1880 21.23 -25.82 -27.48
CA LEU D 1880 20.63 -27.00 -26.86
C LEU D 1880 20.25 -26.75 -25.40
N ARG D 1881 21.02 -25.94 -24.70
CA ARG D 1881 20.69 -25.64 -23.31
C ARG D 1881 19.43 -24.78 -23.19
N HIS D 1882 19.04 -24.10 -24.27
CA HIS D 1882 17.83 -23.29 -24.29
C HIS D 1882 16.66 -23.99 -24.95
N LEU D 1883 16.81 -25.28 -25.27
CA LEU D 1883 15.71 -26.05 -25.85
C LEU D 1883 14.43 -26.07 -24.98
N PRO D 1884 14.49 -26.24 -23.64
CA PRO D 1884 13.24 -26.18 -22.87
C PRO D 1884 12.49 -24.86 -23.01
N MET D 1885 13.19 -23.76 -23.22
CA MET D 1885 12.53 -22.47 -23.40
C MET D 1885 11.60 -22.49 -24.61
N ILE D 1886 12.14 -22.89 -25.77
CA ILE D 1886 11.30 -22.93 -26.97
C ILE D 1886 10.27 -24.04 -26.87
N ALA D 1887 10.59 -25.12 -26.15
CA ALA D 1887 9.60 -26.18 -25.95
C ALA D 1887 8.40 -25.65 -25.16
N ALA D 1888 8.64 -24.85 -24.12
CA ALA D 1888 7.55 -24.27 -23.36
C ALA D 1888 6.75 -23.26 -24.19
N LEU D 1889 7.43 -22.55 -25.10
CA LEU D 1889 6.76 -21.52 -25.89
C LEU D 1889 5.78 -22.09 -26.91
N LEU D 1890 5.87 -23.38 -27.23
CA LEU D 1890 4.96 -23.97 -28.20
C LEU D 1890 3.60 -24.32 -27.62
N HIS D 1891 3.45 -24.32 -26.30
CA HIS D 1891 2.21 -24.73 -25.67
C HIS D 1891 1.10 -23.69 -25.83
N GLY D 1892 1.41 -22.48 -26.23
CA GLY D 1892 0.45 -21.39 -26.27
C GLY D 1892 -0.32 -21.23 -27.56
N ARG D 1893 -0.23 -22.19 -28.48
CA ARG D 1893 -0.91 -22.06 -29.78
C ARG D 1893 -1.71 -23.28 -30.18
N THR D 1894 -1.47 -24.46 -29.62
CA THR D 1894 -2.15 -25.67 -30.05
C THR D 1894 -3.64 -25.63 -29.71
N HIS D 1895 -4.00 -25.13 -28.53
CA HIS D 1895 -5.39 -25.15 -28.09
C HIS D 1895 -6.26 -24.12 -28.82
N LEU D 1896 -5.65 -23.20 -29.56
CA LEU D 1896 -6.39 -22.17 -30.28
C LEU D 1896 -7.11 -22.77 -31.47
N ASN D 1897 -8.14 -22.06 -31.95
CA ASN D 1897 -8.99 -22.58 -33.01
C ASN D 1897 -8.24 -22.57 -34.35
N PHE D 1898 -8.74 -23.41 -35.29
CA PHE D 1898 -8.13 -23.55 -36.61
C PHE D 1898 -8.13 -22.26 -37.40
N GLN D 1899 -9.24 -21.52 -37.38
CA GLN D 1899 -9.42 -20.36 -38.26
C GLN D 1899 -8.41 -19.27 -37.94
N GLU D 1900 -8.33 -18.86 -36.68
CA GLU D 1900 -7.41 -17.79 -36.32
C GLU D 1900 -5.97 -18.28 -36.35
N PHE D 1901 -5.73 -19.58 -36.10
CA PHE D 1901 -4.39 -20.14 -36.25
C PHE D 1901 -3.91 -19.99 -37.69
N ARG D 1902 -4.78 -20.27 -38.66
CA ARG D 1902 -4.43 -20.03 -40.06
C ARG D 1902 -4.24 -18.54 -40.33
N GLN D 1903 -5.15 -17.71 -39.81
CA GLN D 1903 -5.08 -16.27 -40.06
C GLN D 1903 -3.87 -15.64 -39.37
N GLN D 1904 -3.60 -16.02 -38.12
CA GLN D 1904 -2.50 -15.40 -37.38
C GLN D 1904 -1.13 -15.91 -37.79
N ASN D 1905 -1.05 -16.89 -38.71
CA ASN D 1905 0.20 -17.48 -39.22
C ASN D 1905 1.14 -17.93 -38.09
N HIS D 1906 0.54 -18.42 -36.99
CA HIS D 1906 1.30 -19.02 -35.90
C HIS D 1906 2.04 -20.28 -36.31
N LEU D 1907 1.66 -20.91 -37.42
CA LEU D 1907 2.41 -22.04 -37.95
C LEU D 1907 3.84 -21.67 -38.36
N SER D 1908 4.10 -20.37 -38.57
CA SER D 1908 5.45 -19.93 -38.90
C SER D 1908 6.42 -20.24 -37.76
N CYS D 1909 6.02 -19.98 -36.51
CA CYS D 1909 6.87 -20.29 -35.37
C CYS D 1909 7.11 -21.79 -35.25
N PHE D 1910 6.07 -22.60 -35.47
CA PHE D 1910 6.22 -24.05 -35.39
C PHE D 1910 7.15 -24.57 -36.46
N LEU D 1911 7.02 -24.06 -37.69
CA LEU D 1911 7.90 -24.47 -38.78
C LEU D 1911 9.33 -24.05 -38.49
N HIS D 1912 9.53 -22.84 -37.94
CA HIS D 1912 10.87 -22.40 -37.57
C HIS D 1912 11.49 -23.31 -36.52
N VAL D 1913 10.72 -23.66 -35.49
CA VAL D 1913 11.22 -24.52 -34.43
C VAL D 1913 11.53 -25.92 -34.98
N LEU D 1914 10.69 -26.41 -35.88
CA LEU D 1914 10.92 -27.73 -36.48
C LEU D 1914 12.16 -27.73 -37.35
N GLY D 1915 12.38 -26.64 -38.10
CA GLY D 1915 13.60 -26.51 -38.88
C GLY D 1915 14.83 -26.44 -38.01
N LEU D 1916 14.73 -25.73 -36.88
CA LEU D 1916 15.84 -25.68 -35.93
C LEU D 1916 16.12 -27.07 -35.36
N LEU D 1917 15.06 -27.84 -35.10
CA LEU D 1917 15.22 -29.21 -34.63
C LEU D 1917 15.93 -30.05 -35.69
N GLU D 1918 15.55 -29.89 -36.95
CA GLU D 1918 16.18 -30.64 -38.04
C GLU D 1918 17.65 -30.26 -38.18
N LEU D 1919 17.99 -28.99 -37.97
CA LEU D 1919 19.40 -28.60 -38.04
C LEU D 1919 20.19 -29.05 -36.82
N LEU D 1920 19.53 -29.18 -35.66
CA LEU D 1920 20.23 -29.48 -34.42
C LEU D 1920 20.57 -30.97 -34.27
N GLN D 1921 20.04 -31.83 -35.14
CA GLN D 1921 20.35 -33.24 -34.99
C GLN D 1921 21.75 -33.56 -35.52
N PRO D 1922 22.40 -34.62 -35.01
CA PRO D 1922 21.97 -35.60 -34.01
C PRO D 1922 22.16 -35.13 -32.57
N HIS D 1923 22.59 -33.88 -32.39
CA HIS D 1923 22.80 -33.36 -31.05
C HIS D 1923 21.50 -33.21 -30.27
N VAL D 1924 20.38 -32.98 -30.98
CA VAL D 1924 19.08 -32.90 -30.34
C VAL D 1924 18.57 -34.24 -29.86
N PHE D 1925 19.17 -35.34 -30.32
CA PHE D 1925 18.73 -36.69 -29.98
C PHE D 1925 19.52 -37.29 -28.82
N ARG D 1926 20.33 -36.49 -28.12
CA ARG D 1926 21.03 -36.98 -26.96
C ARG D 1926 20.06 -37.20 -25.80
N SER D 1927 20.51 -37.98 -24.81
CA SER D 1927 19.63 -38.39 -23.72
C SER D 1927 19.20 -37.22 -22.85
N GLU D 1928 20.07 -36.23 -22.69
CA GLU D 1928 19.76 -35.13 -21.77
C GLU D 1928 18.72 -34.18 -22.35
N HIS D 1929 18.71 -33.98 -23.66
CA HIS D 1929 17.73 -33.11 -24.32
C HIS D 1929 16.49 -33.89 -24.76
N GLN D 1930 15.88 -34.65 -23.86
CA GLN D 1930 14.76 -35.50 -24.22
C GLN D 1930 13.42 -34.96 -23.76
N GLY D 1931 13.37 -34.31 -22.59
CA GLY D 1931 12.11 -33.77 -22.10
C GLY D 1931 11.56 -32.67 -22.98
N ALA D 1932 12.42 -31.71 -23.35
CA ALA D 1932 11.99 -30.61 -24.19
C ALA D 1932 11.70 -31.08 -25.61
N LEU D 1933 12.45 -32.06 -26.11
CA LEU D 1933 12.16 -32.67 -27.40
C LEU D 1933 10.78 -33.31 -27.39
N TRP D 1934 10.47 -34.06 -26.32
CA TRP D 1934 9.17 -34.68 -26.18
C TRP D 1934 8.07 -33.63 -26.11
N ASP D 1935 8.33 -32.52 -25.41
CA ASP D 1935 7.35 -31.44 -25.33
C ASP D 1935 7.08 -30.83 -26.70
N CYS D 1936 8.14 -30.59 -27.48
CA CYS D 1936 7.97 -30.03 -28.82
C CYS D 1936 7.18 -30.97 -29.72
N LEU D 1937 7.53 -32.26 -29.70
CA LEU D 1937 6.81 -33.25 -30.50
C LEU D 1937 5.35 -33.38 -30.05
N LEU D 1938 5.12 -33.30 -28.74
CA LEU D 1938 3.76 -33.34 -28.21
C LEU D 1938 2.95 -32.15 -28.70
N SER D 1939 3.57 -30.96 -28.73
CA SER D 1939 2.90 -29.78 -29.26
C SER D 1939 2.56 -29.97 -30.75
N PHE D 1940 3.50 -30.54 -31.51
CA PHE D 1940 3.27 -30.77 -32.93
C PHE D 1940 2.10 -31.73 -33.15
N ILE D 1941 2.11 -32.87 -32.45
CA ILE D 1941 1.03 -33.84 -32.63
C ILE D 1941 -0.29 -33.29 -32.10
N ARG D 1942 -0.24 -32.43 -31.07
CA ARG D 1942 -1.44 -31.81 -30.54
C ARG D 1942 -2.08 -30.89 -31.57
N LEU D 1943 -1.26 -30.08 -32.24
CA LEU D 1943 -1.81 -29.18 -33.26
C LEU D 1943 -2.23 -29.97 -34.50
N LEU D 1944 -1.59 -31.11 -34.77
CA LEU D 1944 -2.08 -32.01 -35.81
C LEU D 1944 -3.48 -32.52 -35.47
N LEU D 1945 -3.68 -32.93 -34.23
CA LEU D 1945 -4.98 -33.45 -33.80
C LEU D 1945 -6.05 -32.36 -33.85
N ASN D 1946 -5.74 -31.18 -33.32
CA ASN D 1946 -6.72 -30.10 -33.24
C ASN D 1946 -7.15 -29.63 -34.62
N TYR D 1947 -6.19 -29.42 -35.52
CA TYR D 1947 -6.48 -28.94 -36.87
C TYR D 1947 -6.58 -30.10 -37.87
N ARG D 1948 -7.40 -31.09 -37.52
CA ARG D 1948 -7.60 -32.24 -38.40
C ARG D 1948 -8.76 -32.07 -39.37
N LYS D 1949 -9.57 -31.02 -39.22
CA LYS D 1949 -10.61 -30.73 -40.20
C LYS D 1949 -10.01 -30.41 -41.57
N SER D 1950 -8.94 -29.61 -41.60
CA SER D 1950 -8.26 -29.27 -42.84
C SER D 1950 -6.75 -29.26 -42.55
N SER D 1951 -6.11 -30.41 -42.75
CA SER D 1951 -4.68 -30.54 -42.50
C SER D 1951 -3.85 -30.44 -43.77
N ARG D 1952 -4.46 -30.11 -44.91
CA ARG D 1952 -3.70 -30.02 -46.15
C ARG D 1952 -2.84 -28.77 -46.20
N HIS D 1953 -3.19 -27.72 -45.44
CA HIS D 1953 -2.33 -26.54 -45.35
C HIS D 1953 -1.03 -26.82 -44.62
N LEU D 1954 -0.96 -27.91 -43.86
CA LEU D 1954 0.23 -28.31 -43.11
C LEU D 1954 1.08 -29.33 -43.86
N ALA D 1955 1.01 -29.32 -45.20
CA ALA D 1955 1.72 -30.33 -46.00
C ALA D 1955 3.23 -30.27 -45.78
N ALA D 1956 3.82 -29.08 -45.90
CA ALA D 1956 5.25 -28.93 -45.63
C ALA D 1956 5.58 -29.27 -44.19
N PHE D 1957 4.73 -28.82 -43.25
CA PHE D 1957 4.94 -29.12 -41.84
C PHE D 1957 4.85 -30.62 -41.58
N ILE D 1958 3.90 -31.31 -42.24
CA ILE D 1958 3.76 -32.75 -42.05
C ILE D 1958 4.99 -33.47 -42.59
N ASN D 1959 5.48 -33.07 -43.77
CA ASN D 1959 6.68 -33.70 -44.33
C ASN D 1959 7.90 -33.49 -43.45
N LYS D 1960 8.09 -32.26 -42.95
CA LYS D 1960 9.21 -31.99 -42.04
C LYS D 1960 9.09 -32.82 -40.76
N PHE D 1961 7.88 -32.92 -40.21
CA PHE D 1961 7.67 -33.68 -38.98
C PHE D 1961 7.95 -35.16 -39.19
N VAL D 1962 7.49 -35.71 -40.33
CA VAL D 1962 7.73 -37.11 -40.64
C VAL D 1962 9.23 -37.38 -40.80
N GLN D 1963 9.92 -36.48 -41.50
CA GLN D 1963 11.37 -36.63 -41.67
C GLN D 1963 12.10 -36.58 -40.34
N PHE D 1964 11.69 -35.65 -39.46
CA PHE D 1964 12.32 -35.53 -38.15
C PHE D 1964 12.09 -36.77 -37.31
N ILE D 1965 10.87 -37.33 -37.33
CA ILE D 1965 10.60 -38.55 -36.57
C ILE D 1965 11.38 -39.72 -37.16
N HIS D 1966 11.55 -39.75 -38.48
CA HIS D 1966 12.36 -40.79 -39.12
C HIS D 1966 13.81 -40.72 -38.62
N LYS D 1967 14.39 -39.51 -38.63
CA LYS D 1967 15.75 -39.35 -38.14
C LYS D 1967 15.85 -39.66 -36.65
N TYR D 1968 14.79 -39.38 -35.89
CA TYR D 1968 14.80 -39.63 -34.46
C TYR D 1968 14.77 -41.12 -34.17
N ILE D 1969 13.90 -41.86 -34.87
CA ILE D 1969 13.86 -43.31 -34.70
C ILE D 1969 15.08 -43.98 -35.31
N THR D 1970 15.80 -43.31 -36.21
CA THR D 1970 17.05 -43.86 -36.72
C THR D 1970 18.21 -43.68 -35.74
N TYR D 1971 18.47 -42.43 -35.33
CA TYR D 1971 19.62 -42.14 -34.47
C TYR D 1971 19.51 -42.84 -33.12
N ASN D 1972 18.39 -42.65 -32.42
CA ASN D 1972 18.12 -43.32 -31.14
C ASN D 1972 16.75 -43.96 -31.22
N ALA D 1973 16.71 -45.20 -31.69
CA ALA D 1973 15.46 -45.98 -31.74
C ALA D 1973 14.76 -46.14 -30.39
N PRO D 1974 15.41 -46.54 -29.27
CA PRO D 1974 14.62 -46.78 -28.04
C PRO D 1974 13.92 -45.55 -27.49
N ALA D 1975 14.56 -44.39 -27.55
CA ALA D 1975 13.93 -43.16 -27.06
C ALA D 1975 12.70 -42.81 -27.88
N ALA D 1976 12.81 -42.89 -29.21
CA ALA D 1976 11.67 -42.61 -30.08
C ALA D 1976 10.55 -43.62 -29.87
N ILE D 1977 10.89 -44.89 -29.67
CA ILE D 1977 9.88 -45.92 -29.42
C ILE D 1977 9.17 -45.66 -28.10
N SER D 1978 9.93 -45.27 -27.07
CA SER D 1978 9.32 -44.93 -25.77
C SER D 1978 8.38 -43.74 -25.89
N PHE D 1979 8.80 -42.71 -26.64
CA PHE D 1979 7.93 -41.55 -26.84
C PHE D 1979 6.68 -41.94 -27.61
N LEU D 1980 6.82 -42.78 -28.64
CA LEU D 1980 5.68 -43.21 -29.43
C LEU D 1980 4.70 -44.01 -28.59
N GLN D 1981 5.20 -44.92 -27.76
CA GLN D 1981 4.37 -45.67 -26.83
C GLN D 1981 3.69 -44.76 -25.81
N LYS D 1982 4.35 -43.66 -25.44
CA LYS D 1982 3.75 -42.69 -24.53
C LYS D 1982 2.50 -42.05 -25.13
N HIS D 1983 2.52 -41.77 -26.43
CA HIS D 1983 1.41 -41.12 -27.13
C HIS D 1983 1.00 -41.91 -28.36
N ALA D 1984 0.83 -43.22 -28.21
CA ALA D 1984 0.37 -44.04 -29.33
C ALA D 1984 -1.10 -43.80 -29.63
N ASP D 1985 -1.93 -43.63 -28.59
CA ASP D 1985 -3.36 -43.45 -28.82
C ASP D 1985 -3.70 -42.15 -29.55
N PRO D 1986 -3.14 -40.97 -29.18
CA PRO D 1986 -3.40 -39.78 -30.03
C PRO D 1986 -2.97 -39.93 -31.47
N LEU D 1987 -1.81 -40.57 -31.73
CA LEU D 1987 -1.37 -40.78 -33.10
C LEU D 1987 -2.32 -41.71 -33.85
N HIS D 1988 -2.78 -42.77 -33.19
CA HIS D 1988 -3.74 -43.68 -33.80
C HIS D 1988 -5.05 -42.98 -34.12
N ASP D 1989 -5.52 -42.12 -33.20
CA ASP D 1989 -6.75 -41.37 -33.43
C ASP D 1989 -6.58 -40.40 -34.61
N LEU D 1990 -5.41 -39.77 -34.69
CA LEU D 1990 -5.10 -38.89 -35.83
C LEU D 1990 -5.08 -39.69 -37.13
N SER D 1991 -4.50 -40.89 -37.11
CA SER D 1991 -4.46 -41.74 -38.29
C SER D 1991 -5.86 -42.14 -38.74
N PHE D 1992 -6.73 -42.50 -37.80
CA PHE D 1992 -8.10 -42.86 -38.15
C PHE D 1992 -8.85 -41.66 -38.72
N ASP D 1993 -8.83 -40.53 -38.01
CA ASP D 1993 -9.53 -39.33 -38.47
C ASP D 1993 -8.93 -38.81 -39.77
N ASN D 1994 -7.60 -38.73 -39.86
CA ASN D 1994 -6.91 -38.31 -41.07
C ASN D 1994 -6.27 -39.54 -41.69
N SER D 1995 -7.03 -40.26 -42.50
CA SER D 1995 -6.51 -41.42 -43.22
C SER D 1995 -5.91 -41.05 -44.57
N ASP D 1996 -6.09 -39.81 -45.03
CA ASP D 1996 -5.51 -39.37 -46.29
C ASP D 1996 -4.02 -39.13 -46.20
N LEU D 1997 -3.46 -39.07 -45.00
CA LEU D 1997 -2.03 -38.82 -44.80
C LEU D 1997 -1.31 -40.16 -44.88
N VAL D 1998 -0.78 -40.48 -46.06
CA VAL D 1998 -0.12 -41.76 -46.28
C VAL D 1998 1.19 -41.85 -45.49
N MET D 1999 1.93 -40.74 -45.40
CA MET D 1999 3.16 -40.75 -44.61
C MET D 1999 2.89 -40.98 -43.13
N LEU D 2000 1.74 -40.51 -42.63
CA LEU D 2000 1.37 -40.75 -41.24
C LEU D 2000 1.23 -42.24 -40.94
N LYS D 2001 0.52 -42.96 -41.80
CA LYS D 2001 0.36 -44.39 -41.61
C LYS D 2001 1.66 -45.14 -41.87
N SER D 2002 2.45 -44.68 -42.87
CA SER D 2002 3.71 -45.32 -43.20
C SER D 2002 4.69 -45.23 -42.03
N LEU D 2003 4.74 -44.07 -41.37
CA LEU D 2003 5.58 -43.91 -40.19
C LEU D 2003 5.15 -44.84 -39.07
N LEU D 2004 3.84 -44.99 -38.86
CA LEU D 2004 3.31 -45.90 -37.85
C LEU D 2004 3.62 -47.36 -38.15
N ALA D 2005 3.95 -47.69 -39.40
CA ALA D 2005 4.33 -49.05 -39.76
C ALA D 2005 5.79 -49.35 -39.51
N GLY D 2006 6.56 -48.37 -39.03
CA GLY D 2006 7.98 -48.53 -38.76
C GLY D 2006 8.31 -49.24 -37.47
N LEU D 2007 7.31 -49.75 -36.77
CA LEU D 2007 7.50 -50.46 -35.50
C LEU D 2007 7.89 -51.92 -35.70
N SER D 2008 8.01 -52.37 -36.96
CA SER D 2008 8.32 -53.77 -37.25
C SER D 2008 9.68 -54.18 -36.70
N LEU D 2009 10.63 -53.25 -36.61
CA LEU D 2009 11.93 -53.54 -36.06
C LEU D 2009 11.82 -53.77 -34.55
N PRO D 2010 12.78 -54.47 -33.93
CA PRO D 2010 12.70 -54.70 -32.47
C PRO D 2010 12.70 -53.41 -31.67
N SER D 2011 11.85 -53.37 -30.64
CA SER D 2011 11.72 -52.22 -29.78
C SER D 2011 12.49 -52.41 -28.47
N PRO D 2043 11.39 -38.29 -53.36
CA PRO D 2043 11.89 -38.18 -54.73
C PRO D 2043 12.87 -37.03 -54.96
N LEU D 2044 14.13 -37.39 -55.18
CA LEU D 2044 15.19 -36.42 -55.40
C LEU D 2044 16.35 -37.11 -56.10
N THR D 2045 16.80 -36.53 -57.21
CA THR D 2045 17.99 -36.99 -57.91
C THR D 2045 18.57 -35.80 -58.68
N ALA D 2046 19.84 -35.93 -59.07
CA ALA D 2046 20.46 -34.85 -59.82
C ALA D 2046 19.98 -34.81 -61.27
N ALA D 2047 19.52 -35.94 -61.80
CA ALA D 2047 19.17 -36.02 -63.21
C ALA D 2047 17.96 -35.17 -63.59
N GLU D 2048 17.00 -34.96 -62.67
CA GLU D 2048 15.80 -34.22 -63.02
C GLU D 2048 16.11 -32.77 -63.38
N MET D 2049 16.89 -32.08 -62.56
CA MET D 2049 17.32 -30.73 -62.91
C MET D 2049 18.67 -30.67 -63.61
N ALA D 2050 19.25 -31.82 -63.98
CA ALA D 2050 20.45 -31.82 -64.81
C ALA D 2050 20.28 -31.08 -66.14
N PRO D 2051 19.23 -31.32 -66.96
CA PRO D 2051 19.09 -30.49 -68.17
C PRO D 2051 18.91 -29.00 -67.90
N TYR D 2052 18.20 -28.64 -66.82
CA TYR D 2052 18.11 -27.24 -66.42
C TYR D 2052 19.48 -26.66 -66.12
N MET D 2053 20.33 -27.43 -65.43
CA MET D 2053 21.65 -26.92 -65.09
C MET D 2053 22.52 -26.81 -66.34
N LYS D 2054 22.39 -27.76 -67.28
CA LYS D 2054 23.13 -27.68 -68.54
C LYS D 2054 22.73 -26.44 -69.32
N ARG D 2055 21.43 -26.13 -69.33
CA ARG D 2055 20.97 -24.89 -69.95
C ARG D 2055 21.58 -23.69 -69.24
N LEU D 2056 21.64 -23.75 -67.90
CA LEU D 2056 22.18 -22.65 -67.12
C LEU D 2056 23.64 -22.38 -67.43
N SER D 2057 24.44 -23.45 -67.57
CA SER D 2057 25.86 -23.29 -67.85
C SER D 2057 26.10 -22.75 -69.25
N ARG D 2058 25.35 -23.24 -70.23
CA ARG D 2058 25.56 -22.87 -71.62
C ARG D 2058 24.81 -21.59 -72.02
N GLY D 2059 24.08 -20.99 -71.09
CA GLY D 2059 23.33 -19.78 -71.38
C GLY D 2059 24.20 -18.58 -71.70
N GLN D 2060 24.21 -18.18 -72.97
CA GLN D 2060 24.97 -17.00 -73.37
C GLN D 2060 24.12 -15.74 -73.37
N THR D 2061 22.88 -15.84 -73.80
CA THR D 2061 22.00 -14.68 -73.87
C THR D 2061 21.29 -14.48 -72.54
N VAL D 2062 20.79 -13.27 -72.33
CA VAL D 2062 20.05 -12.97 -71.10
C VAL D 2062 18.75 -13.76 -71.05
N GLU D 2063 18.18 -14.09 -72.21
CA GLU D 2063 16.87 -14.76 -72.25
C GLU D 2063 16.98 -16.17 -71.68
N ASP D 2064 17.96 -16.95 -72.14
CA ASP D 2064 18.10 -18.33 -71.68
C ASP D 2064 18.40 -18.37 -70.19
N LEU D 2065 19.33 -17.53 -69.74
CA LEU D 2065 19.70 -17.48 -68.33
C LEU D 2065 18.52 -17.05 -67.47
N LEU D 2066 17.77 -16.03 -67.91
CA LEU D 2066 16.62 -15.55 -67.16
C LEU D 2066 15.55 -16.62 -67.05
N GLU D 2067 15.27 -17.31 -68.16
CA GLU D 2067 14.20 -18.30 -68.13
C GLU D 2067 14.57 -19.51 -67.28
N VAL D 2068 15.82 -20.00 -67.39
CA VAL D 2068 16.22 -21.13 -66.56
C VAL D 2068 16.27 -20.73 -65.09
N LEU D 2069 16.69 -19.49 -64.80
CA LEU D 2069 16.72 -19.02 -63.43
C LEU D 2069 15.32 -18.91 -62.85
N SER D 2070 14.36 -18.41 -63.64
CA SER D 2070 12.98 -18.35 -63.17
C SER D 2070 12.42 -19.74 -62.92
N ASP D 2071 12.72 -20.70 -63.80
CA ASP D 2071 12.26 -22.07 -63.58
C ASP D 2071 12.83 -22.64 -62.29
N ILE D 2072 14.14 -22.45 -62.07
CA ILE D 2072 14.80 -22.92 -60.86
C ILE D 2072 14.23 -22.22 -59.64
N ASP D 2073 13.85 -20.94 -59.79
CA ASP D 2073 13.23 -20.20 -58.70
C ASP D 2073 11.91 -20.85 -58.31
N GLU D 2074 11.10 -21.24 -59.30
CA GLU D 2074 9.83 -21.92 -59.03
C GLU D 2074 10.07 -23.23 -58.27
N MET D 2075 10.90 -24.12 -58.84
CA MET D 2075 11.04 -25.42 -58.19
C MET D 2075 11.82 -25.34 -56.87
N SER D 2076 12.56 -24.27 -56.64
CA SER D 2076 13.21 -24.09 -55.34
C SER D 2076 12.23 -23.56 -54.30
N ARG D 2077 11.32 -22.68 -54.72
CA ARG D 2077 10.20 -22.34 -53.84
C ARG D 2077 9.43 -23.60 -53.46
N ARG D 2078 9.24 -24.51 -54.41
CA ARG D 2078 8.66 -25.81 -54.07
C ARG D 2078 9.64 -26.68 -53.27
N ARG D 2079 10.89 -26.79 -53.74
CA ARG D 2079 11.89 -27.70 -53.17
C ARG D 2079 13.20 -26.96 -52.97
N PRO D 2080 13.37 -26.29 -51.82
CA PRO D 2080 14.63 -25.55 -51.58
C PRO D 2080 15.89 -26.41 -51.57
N GLU D 2081 15.77 -27.71 -51.30
CA GLU D 2081 16.93 -28.58 -51.20
C GLU D 2081 17.68 -28.73 -52.53
N ILE D 2082 17.06 -28.39 -53.66
CA ILE D 2082 17.70 -28.58 -54.95
C ILE D 2082 18.78 -27.55 -55.25
N LEU D 2083 18.75 -26.39 -54.57
CA LEU D 2083 19.69 -25.31 -54.89
C LEU D 2083 21.14 -25.68 -54.62
N SER D 2084 21.41 -26.73 -53.83
CA SER D 2084 22.77 -27.20 -53.64
C SER D 2084 23.41 -27.67 -54.95
N PHE D 2085 22.60 -28.10 -55.92
CA PHE D 2085 23.13 -28.54 -57.20
C PHE D 2085 23.45 -27.38 -58.14
N PHE D 2086 23.03 -26.17 -57.81
CA PHE D 2086 23.21 -25.01 -58.67
C PHE D 2086 24.23 -24.02 -58.15
N SER D 2087 24.87 -24.30 -57.02
CA SER D 2087 25.59 -23.27 -56.26
C SER D 2087 26.72 -22.63 -57.07
N THR D 2088 27.50 -23.44 -57.77
CA THR D 2088 28.62 -22.90 -58.55
C THR D 2088 28.13 -22.00 -59.69
N ASN D 2089 27.07 -22.43 -60.38
CA ASN D 2089 26.57 -21.68 -61.53
C ASN D 2089 26.00 -20.33 -61.09
N LEU D 2090 25.14 -20.33 -60.07
CA LEU D 2090 24.60 -19.06 -59.60
C LEU D 2090 25.66 -18.22 -58.92
N GLN D 2091 26.69 -18.83 -58.33
CA GLN D 2091 27.86 -18.08 -57.87
C GLN D 2091 28.48 -17.30 -59.00
N ARG D 2092 28.70 -17.96 -60.14
CA ARG D 2092 29.19 -17.26 -61.32
C ARG D 2092 28.21 -16.20 -61.80
N LEU D 2093 26.91 -16.44 -61.61
CA LEU D 2093 25.92 -15.49 -62.12
C LEU D 2093 25.76 -14.25 -61.25
N MET D 2094 26.22 -14.24 -59.99
CA MET D 2094 26.14 -13.00 -59.22
C MET D 2094 27.07 -11.92 -59.76
N SER D 2095 28.11 -12.30 -60.50
CA SER D 2095 28.98 -11.34 -61.14
C SER D 2095 28.44 -10.85 -62.47
N SER D 2096 27.31 -11.39 -62.93
CA SER D 2096 26.76 -11.00 -64.24
C SER D 2096 26.38 -9.53 -64.25
N ALA D 2097 26.62 -8.88 -65.39
CA ALA D 2097 26.26 -7.48 -65.57
C ALA D 2097 24.86 -7.32 -66.16
N GLU D 2098 23.89 -7.98 -65.53
CA GLU D 2098 22.49 -7.88 -65.93
C GLU D 2098 21.65 -7.88 -64.67
N GLU D 2099 20.84 -6.83 -64.50
CA GLU D 2099 20.16 -6.59 -63.23
C GLU D 2099 19.19 -7.72 -62.89
N CYS D 2100 18.42 -8.20 -63.87
CA CYS D 2100 17.44 -9.25 -63.58
C CYS D 2100 18.13 -10.55 -63.22
N CYS D 2101 19.10 -10.97 -64.04
CA CYS D 2101 19.84 -12.19 -63.78
C CYS D 2101 20.59 -12.12 -62.46
N ARG D 2102 21.28 -11.00 -62.21
CA ARG D 2102 22.05 -10.86 -60.98
C ARG D 2102 21.14 -10.88 -59.75
N ASN D 2103 20.03 -10.14 -59.80
CA ASN D 2103 19.12 -10.11 -58.66
C ASN D 2103 18.51 -11.47 -58.40
N LEU D 2104 18.12 -12.18 -59.47
CA LEU D 2104 17.56 -13.52 -59.31
C LEU D 2104 18.59 -14.47 -58.73
N ALA D 2105 19.83 -14.42 -59.22
CA ALA D 2105 20.89 -15.27 -58.70
C ALA D 2105 21.17 -14.98 -57.24
N PHE D 2106 21.19 -13.70 -56.87
CA PHE D 2106 21.41 -13.32 -55.47
C PHE D 2106 20.29 -13.84 -54.58
N SER D 2107 19.04 -13.69 -55.01
CA SER D 2107 17.92 -14.18 -54.21
C SER D 2107 17.97 -15.69 -54.04
N LEU D 2108 18.29 -16.41 -55.12
CA LEU D 2108 18.37 -17.87 -55.05
C LEU D 2108 19.52 -18.31 -54.15
N ALA D 2109 20.67 -17.63 -54.26
CA ALA D 2109 21.79 -17.96 -53.39
C ALA D 2109 21.47 -17.71 -51.93
N LEU D 2110 20.79 -16.59 -51.63
CA LEU D 2110 20.40 -16.31 -50.26
C LEU D 2110 19.39 -17.33 -49.75
N ARG D 2111 18.46 -17.75 -50.60
CA ARG D 2111 17.53 -18.80 -50.21
C ARG D 2111 18.26 -20.09 -49.89
N SER D 2112 19.22 -20.47 -50.73
CA SER D 2112 19.99 -21.69 -50.52
C SER D 2112 20.78 -21.62 -49.22
N MET D 2113 21.41 -20.49 -48.94
CA MET D 2113 22.15 -20.34 -47.70
C MET D 2113 21.22 -20.32 -46.49
N GLN D 2114 20.03 -19.72 -46.63
CA GLN D 2114 19.05 -19.76 -45.55
C GLN D 2114 18.65 -21.19 -45.23
N ASN D 2115 18.42 -21.99 -46.26
CA ASN D 2115 18.08 -23.40 -46.04
C ASN D 2115 19.24 -24.17 -45.41
N SER D 2116 20.46 -23.94 -45.89
CA SER D 2116 21.66 -24.65 -45.43
C SER D 2116 22.76 -23.67 -45.08
N PRO D 2117 22.75 -23.11 -43.87
CA PRO D 2117 23.77 -22.10 -43.50
C PRO D 2117 25.21 -22.61 -43.47
N SER D 2118 25.44 -23.93 -43.58
CA SER D 2118 26.81 -24.42 -43.55
C SER D 2118 27.60 -24.02 -44.79
N ILE D 2119 26.92 -23.81 -45.93
CA ILE D 2119 27.60 -23.53 -47.19
C ILE D 2119 27.70 -22.04 -47.47
N ALA D 2120 27.39 -21.19 -46.49
CA ALA D 2120 27.51 -19.75 -46.70
C ALA D 2120 28.96 -19.34 -46.91
N ALA D 2121 29.89 -19.98 -46.20
CA ALA D 2121 31.32 -19.67 -46.34
C ALA D 2121 31.82 -19.93 -47.76
N ALA D 2122 31.20 -20.86 -48.47
CA ALA D 2122 31.54 -21.13 -49.86
C ALA D 2122 31.23 -19.96 -50.78
N PHE D 2123 30.33 -19.07 -50.36
CA PHE D 2123 29.97 -17.90 -51.14
C PHE D 2123 30.81 -16.68 -50.81
N LEU D 2124 31.74 -16.78 -49.86
CA LEU D 2124 32.52 -15.61 -49.48
C LEU D 2124 33.39 -15.04 -50.61
N PRO D 2125 34.19 -15.84 -51.36
CA PRO D 2125 34.99 -15.21 -52.43
C PRO D 2125 34.18 -14.51 -53.50
N THR D 2126 33.06 -15.10 -53.94
CA THR D 2126 32.25 -14.46 -54.96
C THR D 2126 31.55 -13.21 -54.42
N PHE D 2127 31.08 -13.25 -53.18
CA PHE D 2127 30.44 -12.07 -52.60
C PHE D 2127 31.44 -10.92 -52.44
N MET D 2128 32.65 -11.24 -51.98
CA MET D 2128 33.67 -10.20 -51.84
C MET D 2128 34.10 -9.68 -53.21
N TYR D 2129 34.16 -10.57 -54.21
CA TYR D 2129 34.45 -10.15 -55.58
C TYR D 2129 33.38 -9.20 -56.08
N CYS D 2130 32.11 -9.49 -55.77
CA CYS D 2130 31.02 -8.61 -56.15
C CYS D 2130 31.15 -7.26 -55.47
N LEU D 2131 31.51 -7.25 -54.19
CA LEU D 2131 31.77 -5.99 -53.51
C LEU D 2131 32.97 -5.26 -54.11
N GLY D 2132 34.00 -6.00 -54.48
CA GLY D 2132 35.20 -5.47 -55.08
C GLY D 2132 35.17 -5.32 -56.59
N SER D 2133 34.04 -5.57 -57.22
CA SER D 2133 33.96 -5.49 -58.67
C SER D 2133 34.06 -4.05 -59.15
N GLN D 2134 34.58 -3.89 -60.37
CA GLN D 2134 34.58 -2.58 -60.99
C GLN D 2134 33.19 -2.18 -61.48
N ASP D 2135 32.36 -3.16 -61.79
CA ASP D 2135 30.97 -2.88 -62.16
C ASP D 2135 30.25 -2.33 -60.94
N PHE D 2136 29.70 -1.12 -61.07
CA PHE D 2136 29.09 -0.46 -59.92
C PHE D 2136 27.74 -1.05 -59.56
N GLU D 2137 26.98 -1.52 -60.56
CA GLU D 2137 25.69 -2.14 -60.29
C GLU D 2137 25.84 -3.43 -59.51
N VAL D 2138 26.90 -4.19 -59.81
CA VAL D 2138 27.21 -5.40 -59.04
C VAL D 2138 27.49 -5.05 -57.59
N VAL D 2139 28.26 -3.98 -57.37
CA VAL D 2139 28.57 -3.53 -56.02
C VAL D 2139 27.29 -3.12 -55.29
N GLN D 2140 26.40 -2.40 -55.97
CA GLN D 2140 25.16 -1.98 -55.35
C GLN D 2140 24.28 -3.17 -55.00
N THR D 2141 24.24 -4.17 -55.88
CA THR D 2141 23.47 -5.39 -55.61
C THR D 2141 24.03 -6.13 -54.41
N ALA D 2142 25.36 -6.26 -54.34
CA ALA D 2142 25.99 -6.93 -53.20
C ALA D 2142 25.73 -6.18 -51.90
N LEU D 2143 25.77 -4.84 -51.95
CA LEU D 2143 25.45 -4.04 -50.76
C LEU D 2143 24.00 -4.23 -50.35
N ARG D 2144 23.08 -4.32 -51.33
CA ARG D 2144 21.67 -4.52 -51.04
C ARG D 2144 21.44 -5.79 -50.24
N ASN D 2145 22.18 -6.85 -50.55
CA ASN D 2145 22.04 -8.14 -49.89
C ASN D 2145 23.06 -8.35 -48.78
N LEU D 2146 23.78 -7.29 -48.40
CA LEU D 2146 24.85 -7.41 -47.42
C LEU D 2146 24.40 -7.88 -46.03
N PRO D 2147 23.36 -7.31 -45.37
CA PRO D 2147 23.04 -7.79 -44.00
C PRO D 2147 22.63 -9.26 -43.94
N GLU D 2148 21.88 -9.73 -44.94
CA GLU D 2148 21.43 -11.12 -44.95
C GLU D 2148 22.62 -12.07 -45.01
N TYR D 2149 23.55 -11.81 -45.93
CA TYR D 2149 24.73 -12.65 -46.02
C TYR D 2149 25.61 -12.51 -44.78
N ALA D 2150 25.61 -11.33 -44.16
CA ALA D 2150 26.38 -11.13 -42.93
C ALA D 2150 25.84 -12.02 -41.81
N LEU D 2151 24.52 -12.10 -41.66
CA LEU D 2151 23.95 -13.00 -40.67
C LEU D 2151 24.05 -14.46 -41.10
N LEU D 2152 24.20 -14.72 -42.39
CA LEU D 2152 24.36 -16.11 -42.82
C LEU D 2152 25.78 -16.62 -42.63
N CYS D 2153 26.77 -15.73 -42.68
CA CYS D 2153 28.15 -16.18 -42.53
C CYS D 2153 28.63 -16.08 -41.08
N GLN D 2154 28.69 -14.85 -40.54
CA GLN D 2154 28.94 -14.54 -39.12
C GLN D 2154 30.33 -14.90 -38.61
N GLU D 2155 31.16 -15.59 -39.39
CA GLU D 2155 32.56 -15.73 -39.05
C GLU D 2155 33.45 -14.90 -39.96
N HIS D 2156 33.02 -14.67 -41.19
CA HIS D 2156 33.67 -13.75 -42.10
C HIS D 2156 32.86 -12.48 -42.28
N ALA D 2157 31.88 -12.25 -41.40
CA ALA D 2157 31.13 -10.99 -41.44
C ALA D 2157 32.02 -9.80 -41.11
N ALA D 2158 33.07 -10.02 -40.33
CA ALA D 2158 33.99 -8.94 -39.99
C ALA D 2158 34.70 -8.42 -41.24
N VAL D 2159 35.32 -9.32 -42.00
CA VAL D 2159 36.02 -8.90 -43.21
C VAL D 2159 35.03 -8.45 -44.28
N LEU D 2160 33.82 -9.03 -44.28
CA LEU D 2160 32.79 -8.62 -45.22
C LEU D 2160 32.36 -7.18 -45.00
N LEU D 2161 32.09 -6.82 -43.74
CA LEU D 2161 31.70 -5.44 -43.44
C LEU D 2161 32.88 -4.49 -43.59
N HIS D 2162 34.10 -4.95 -43.30
CA HIS D 2162 35.27 -4.13 -43.55
C HIS D 2162 35.42 -3.81 -45.03
N ARG D 2163 35.20 -4.81 -45.89
CA ARG D 2163 35.25 -4.59 -47.33
C ARG D 2163 34.14 -3.66 -47.78
N ALA D 2164 32.95 -3.82 -47.21
CA ALA D 2164 31.83 -2.93 -47.54
C ALA D 2164 32.15 -1.48 -47.18
N PHE D 2165 32.71 -1.27 -45.99
CA PHE D 2165 33.11 0.09 -45.61
C PHE D 2165 34.20 0.62 -46.53
N LEU D 2166 35.16 -0.22 -46.89
CA LEU D 2166 36.26 0.22 -47.74
C LEU D 2166 35.76 0.66 -49.12
N VAL D 2167 34.86 -0.13 -49.72
CA VAL D 2167 34.35 0.25 -51.03
C VAL D 2167 33.41 1.44 -50.91
N GLY D 2168 32.74 1.61 -49.78
CA GLY D 2168 31.96 2.81 -49.57
C GLY D 2168 32.79 4.05 -49.32
N MET D 2169 34.01 3.88 -48.84
CA MET D 2169 34.90 4.96 -48.45
C MET D 2169 35.69 5.50 -49.64
N TYR D 2170 36.36 4.61 -50.35
CA TYR D 2170 37.14 4.99 -51.51
C TYR D 2170 36.29 5.05 -52.78
N GLY D 2171 35.17 4.35 -52.78
CA GLY D 2171 34.09 4.70 -53.68
C GLY D 2171 33.37 5.94 -53.16
N GLN D 2172 32.28 6.28 -53.84
CA GLN D 2172 31.48 7.43 -53.46
C GLN D 2172 30.07 7.06 -53.05
N MET D 2173 29.85 5.81 -52.64
CA MET D 2173 28.55 5.37 -52.17
C MET D 2173 28.49 5.49 -50.65
N ASP D 2174 27.30 5.28 -50.10
CA ASP D 2174 27.04 5.47 -48.67
C ASP D 2174 26.44 4.18 -48.12
N PRO D 2175 27.29 3.20 -47.80
CA PRO D 2175 26.78 1.93 -47.26
C PRO D 2175 26.56 1.97 -45.76
N SER D 2176 26.51 3.18 -45.18
CA SER D 2176 26.38 3.31 -43.73
C SER D 2176 25.08 2.70 -43.23
N ALA D 2177 24.02 2.82 -44.02
CA ALA D 2177 22.73 2.23 -43.62
C ALA D 2177 22.85 0.72 -43.54
N GLN D 2178 23.38 0.08 -44.60
CA GLN D 2178 23.48 -1.37 -44.63
C GLN D 2178 24.45 -1.88 -43.57
N ILE D 2179 25.62 -1.24 -43.45
CA ILE D 2179 26.61 -1.65 -42.45
C ILE D 2179 26.03 -1.48 -41.06
N SER D 2180 25.35 -0.37 -40.81
CA SER D 2180 24.78 -0.11 -39.48
C SER D 2180 23.70 -1.13 -39.14
N GLU D 2181 22.82 -1.44 -40.09
CA GLU D 2181 21.78 -2.43 -39.84
C GLU D 2181 22.38 -3.81 -39.57
N ALA D 2182 23.32 -4.23 -40.42
CA ALA D 2182 23.98 -5.51 -40.25
C ALA D 2182 24.70 -5.58 -38.91
N LEU D 2183 25.42 -4.51 -38.55
CA LEU D 2183 26.19 -4.48 -37.32
C LEU D 2183 25.27 -4.49 -36.11
N ARG D 2184 24.17 -3.72 -36.17
CA ARG D 2184 23.22 -3.67 -35.07
C ARG D 2184 22.61 -5.03 -34.82
N ILE D 2185 22.06 -5.65 -35.87
CA ILE D 2185 21.37 -6.91 -35.69
C ILE D 2185 22.36 -8.02 -35.34
N LEU D 2186 23.55 -8.01 -35.95
CA LEU D 2186 24.56 -9.01 -35.64
C LEU D 2186 25.04 -8.87 -34.20
N HIS D 2187 25.22 -7.63 -33.73
CA HIS D 2187 25.62 -7.40 -32.35
C HIS D 2187 24.58 -7.93 -31.38
N MET D 2188 23.32 -7.52 -31.56
CA MET D 2188 22.25 -7.92 -30.65
C MET D 2188 21.94 -9.41 -30.75
N GLU D 2189 22.42 -10.07 -31.81
CA GLU D 2189 22.26 -11.50 -31.97
C GLU D 2189 23.45 -12.29 -31.48
N ALA D 2190 24.64 -11.69 -31.44
CA ALA D 2190 25.86 -12.48 -31.30
C ALA D 2190 26.66 -12.14 -30.06
N VAL D 2191 26.77 -10.87 -29.66
CA VAL D 2191 27.90 -10.52 -28.80
C VAL D 2191 27.43 -9.68 -27.59
N MET D 2192 26.17 -9.76 -27.21
CA MET D 2192 25.84 -9.21 -25.90
C MET D 2192 25.44 -10.27 -24.87
N LEU E 15 -5.16 37.03 93.49
CA LEU E 15 -5.60 35.63 93.62
C LEU E 15 -4.41 34.69 93.43
N GLN E 16 -4.34 33.67 94.25
CA GLN E 16 -3.17 32.80 94.34
C GLN E 16 -3.38 31.54 93.50
N PHE E 17 -2.39 31.23 92.67
CA PHE E 17 -2.43 30.05 91.81
C PHE E 17 -1.63 28.90 92.43
N VAL E 18 -1.76 27.74 91.79
CA VAL E 18 -1.05 26.56 92.27
C VAL E 18 0.43 26.69 91.92
N SER E 19 1.29 26.45 92.90
CA SER E 19 2.72 26.56 92.69
C SER E 19 3.22 25.48 91.74
N PRO E 20 4.23 25.78 90.91
CA PRO E 20 4.85 24.72 90.10
C PRO E 20 5.46 23.63 90.96
N PHE E 21 5.97 24.00 92.13
CA PHE E 21 6.54 23.02 93.05
C PHE E 21 5.47 22.07 93.57
N ALA E 22 4.31 22.61 93.93
CA ALA E 22 3.18 21.79 94.38
C ALA E 22 2.65 20.91 93.25
N PHE E 23 2.53 21.46 92.04
CA PHE E 23 2.04 20.66 90.92
C PHE E 23 3.01 19.55 90.57
N GLU E 24 4.31 19.84 90.63
CA GLU E 24 5.33 18.80 90.41
C GLU E 24 5.22 17.71 91.47
N ALA E 25 5.02 18.10 92.73
CA ALA E 25 4.83 17.12 93.80
C ALA E 25 3.60 16.26 93.55
N MET E 26 2.52 16.89 93.10
CA MET E 26 1.26 16.17 92.90
C MET E 26 1.35 15.23 91.70
N GLN E 27 1.98 15.67 90.62
CA GLN E 27 2.13 14.84 89.42
C GLN E 27 2.96 13.60 89.69
N LYS E 28 4.04 13.72 90.46
CA LYS E 28 4.85 12.57 90.82
C LYS E 28 4.30 11.79 91.99
N VAL E 29 3.31 12.35 92.70
CA VAL E 29 2.71 11.81 93.93
C VAL E 29 3.83 11.52 94.92
N ASP E 30 4.67 12.52 95.16
CA ASP E 30 5.77 12.42 96.11
C ASP E 30 5.25 13.09 97.38
N VAL E 31 5.04 12.31 98.43
CA VAL E 31 4.15 12.72 99.50
C VAL E 31 4.87 13.55 100.55
N VAL E 32 6.14 13.22 100.84
CA VAL E 32 6.95 14.04 101.75
C VAL E 32 7.12 15.45 101.19
N CYS E 33 7.08 15.60 99.87
CA CYS E 33 7.08 16.92 99.24
C CYS E 33 5.77 17.66 99.51
N LEU E 34 4.65 16.93 99.49
CA LEU E 34 3.35 17.53 99.77
C LEU E 34 3.21 17.90 101.24
N ALA E 35 3.89 17.18 102.13
CA ALA E 35 3.88 17.53 103.54
C ALA E 35 4.58 18.86 103.78
N SER E 36 5.67 19.11 103.04
CA SER E 36 6.43 20.35 103.18
C SER E 36 5.87 21.43 102.26
N LEU E 37 4.60 21.77 102.51
CA LEU E 37 3.90 22.76 101.71
C LEU E 37 3.10 23.68 102.64
N SER E 38 2.96 24.93 102.22
CA SER E 38 2.18 25.89 102.97
C SER E 38 0.69 25.59 102.85
N ASP E 39 -0.04 25.88 103.93
CA ASP E 39 -1.47 25.58 103.98
C ASP E 39 -2.30 26.26 102.88
N PRO E 40 -2.11 27.57 102.54
CA PRO E 40 -2.87 28.12 101.41
C PRO E 40 -2.60 27.40 100.09
N GLU E 41 -1.36 26.96 99.86
CA GLU E 41 -1.05 26.19 98.67
C GLU E 41 -1.67 24.80 98.73
N LEU E 42 -1.65 24.18 99.91
CA LEU E 42 -2.22 22.84 100.07
C LEU E 42 -3.74 22.85 99.89
N ARG E 43 -4.41 23.92 100.31
CA ARG E 43 -5.86 24.00 100.20
C ARG E 43 -6.34 23.96 98.75
N LEU E 44 -5.50 24.36 97.80
CA LEU E 44 -5.87 24.27 96.39
C LEU E 44 -5.93 22.83 95.92
N LEU E 45 -5.05 21.98 96.45
CA LEU E 45 -5.00 20.57 96.10
C LEU E 45 -5.88 19.71 97.00
N LEU E 46 -6.71 20.32 97.84
CA LEU E 46 -7.45 19.60 98.86
C LEU E 46 -8.43 18.54 98.33
N PRO E 47 -9.29 18.80 97.31
CA PRO E 47 -10.28 17.76 96.93
C PRO E 47 -9.67 16.45 96.48
N CYS E 48 -8.66 16.51 95.60
CA CYS E 48 -8.02 15.29 95.14
C CYS E 48 -7.36 14.55 96.29
N LEU E 49 -6.55 15.25 97.10
CA LEU E 49 -5.86 14.62 98.23
C LEU E 49 -6.85 13.95 99.18
N VAL E 50 -8.01 14.57 99.39
CA VAL E 50 -9.04 13.95 100.21
C VAL E 50 -9.53 12.66 99.55
N ARG E 51 -9.72 12.70 98.23
CA ARG E 51 -10.16 11.50 97.51
C ARG E 51 -9.13 10.38 97.60
N MET E 52 -7.84 10.71 97.51
CA MET E 52 -6.80 9.69 97.63
C MET E 52 -6.63 9.19 99.06
N ALA E 53 -7.03 10.00 100.05
CA ALA E 53 -6.89 9.58 101.44
C ALA E 53 -8.07 8.77 101.93
N LEU E 54 -9.27 9.00 101.42
CA LEU E 54 -10.47 8.37 101.97
C LEU E 54 -11.02 7.24 101.11
N CYS E 55 -11.05 7.41 99.80
CA CYS E 55 -11.64 6.41 98.93
C CYS E 55 -10.77 5.14 98.91
N ALA E 56 -11.38 4.05 98.46
CA ALA E 56 -10.71 2.75 98.45
C ALA E 56 -9.51 2.80 97.51
N PRO E 57 -8.31 2.44 97.99
CA PRO E 57 -7.12 2.46 97.12
C PRO E 57 -7.26 1.50 95.95
N ALA E 58 -6.79 1.96 94.79
CA ALA E 58 -6.73 1.11 93.60
C ALA E 58 -5.42 0.38 93.46
N ASP E 59 -4.33 0.91 94.04
CA ASP E 59 -3.04 0.23 93.96
C ASP E 59 -3.03 -1.06 94.79
N GLN E 60 -3.49 -0.97 96.04
CA GLN E 60 -3.47 -2.09 97.00
C GLN E 60 -2.04 -2.59 97.22
N SER E 61 -1.09 -1.68 97.24
CA SER E 61 0.31 -1.97 97.52
C SER E 61 0.71 -1.36 98.86
N GLN E 62 1.65 -2.00 99.54
CA GLN E 62 2.03 -1.58 100.89
C GLN E 62 2.69 -0.21 100.88
N SER E 63 3.52 0.07 99.88
CA SER E 63 4.16 1.38 99.76
C SER E 63 3.11 2.48 99.60
N TRP E 64 2.12 2.24 98.74
CA TRP E 64 1.06 3.21 98.57
C TRP E 64 0.18 3.31 99.81
N ALA E 65 0.03 2.21 100.56
CA ALA E 65 -0.70 2.28 101.82
C ALA E 65 0.00 3.20 102.81
N GLN E 66 1.33 3.08 102.91
CA GLN E 66 2.09 3.98 103.77
C GLN E 66 1.98 5.43 103.31
N ASP E 67 2.09 5.66 101.99
CA ASP E 67 1.96 7.02 101.45
C ASP E 67 0.56 7.58 101.73
N LYS E 68 -0.46 6.74 101.61
CA LYS E 68 -1.82 7.14 101.95
C LYS E 68 -1.92 7.53 103.42
N LYS E 69 -1.23 6.79 104.29
CA LYS E 69 -1.22 7.14 105.71
C LYS E 69 -0.58 8.50 105.94
N LEU E 70 0.54 8.79 105.27
CA LEU E 70 1.16 10.10 105.42
C LEU E 70 0.26 11.21 104.88
N ILE E 71 -0.45 10.94 103.77
CA ILE E 71 -1.38 11.93 103.22
C ILE E 71 -2.51 12.19 104.22
N LEU E 72 -3.00 11.13 104.85
CA LEU E 72 -4.04 11.28 105.87
C LEU E 72 -3.54 12.10 107.06
N ARG E 73 -2.29 11.84 107.47
CA ARG E 73 -1.69 12.63 108.55
C ARG E 73 -1.59 14.11 108.17
N LEU E 74 -1.15 14.39 106.94
CA LEU E 74 -1.03 15.77 106.50
C LEU E 74 -2.40 16.44 106.40
N LEU E 75 -3.45 15.66 106.11
CA LEU E 75 -4.79 16.21 105.96
C LEU E 75 -5.52 16.39 107.29
N SER E 76 -5.12 15.64 108.33
CA SER E 76 -5.85 15.64 109.60
C SER E 76 -5.90 17.03 110.23
N GLY E 77 -4.88 17.86 110.01
CA GLY E 77 -4.80 19.15 110.63
C GLY E 77 -5.60 20.25 109.96
N VAL E 78 -6.23 19.95 108.83
CA VAL E 78 -6.95 20.93 108.02
C VAL E 78 -8.43 20.82 108.34
N GLU E 79 -9.04 21.92 108.78
CA GLU E 79 -10.46 21.93 109.10
C GLU E 79 -11.35 21.98 107.88
N ALA E 80 -10.82 22.42 106.73
CA ALA E 80 -11.61 22.54 105.52
C ALA E 80 -11.89 21.19 104.86
N VAL E 81 -11.25 20.12 105.35
CA VAL E 81 -11.44 18.79 104.77
C VAL E 81 -12.86 18.28 104.99
N ASN E 82 -13.48 18.68 106.11
CA ASN E 82 -14.82 18.18 106.46
C ASN E 82 -15.86 18.55 105.41
N SER E 83 -15.72 19.73 104.80
CA SER E 83 -16.61 20.11 103.71
C SER E 83 -16.48 19.15 102.53
N ILE E 84 -15.25 18.79 102.18
CA ILE E 84 -15.02 17.88 101.07
C ILE E 84 -15.51 16.48 101.39
N VAL E 85 -15.39 16.06 102.65
CA VAL E 85 -15.94 14.77 103.08
C VAL E 85 -17.46 14.78 102.94
N ALA E 86 -18.09 15.92 103.29
CA ALA E 86 -19.53 16.07 103.12
C ALA E 86 -19.91 15.99 101.65
N LEU E 87 -19.11 16.62 100.78
CA LEU E 87 -19.37 16.56 99.34
C LEU E 87 -19.25 15.13 98.82
N LEU E 88 -18.27 14.37 99.34
CA LEU E 88 -18.05 13.01 98.87
C LEU E 88 -19.10 12.01 99.36
N SER E 89 -19.94 12.40 100.33
CA SER E 89 -20.97 11.52 100.84
C SER E 89 -22.25 11.53 100.01
N VAL E 90 -22.35 12.41 99.02
CA VAL E 90 -23.58 12.52 98.22
C VAL E 90 -23.74 11.28 97.35
N ASP E 91 -24.99 10.85 97.18
CA ASP E 91 -25.31 9.78 96.24
C ASP E 91 -25.19 10.34 94.83
N PHE E 92 -24.14 9.95 94.11
CA PHE E 92 -23.89 10.47 92.79
C PHE E 92 -24.72 9.78 91.71
N HIS E 93 -25.34 8.64 92.01
CA HIS E 93 -26.24 8.00 91.05
C HIS E 93 -27.45 8.89 90.76
N ALA E 94 -28.08 9.41 91.82
CA ALA E 94 -29.24 10.29 91.65
C ALA E 94 -28.84 11.58 90.95
N LEU E 95 -27.67 12.11 91.30
CA LEU E 95 -27.19 13.33 90.66
C LEU E 95 -26.94 13.12 89.16
N GLU E 96 -26.33 11.98 88.81
CA GLU E 96 -26.10 11.67 87.40
C GLU E 96 -27.41 11.50 86.65
N GLN E 97 -28.37 10.80 87.26
CA GLN E 97 -29.68 10.62 86.64
C GLN E 97 -30.37 11.95 86.43
N ASP E 98 -30.35 12.82 87.44
CA ASP E 98 -30.99 14.13 87.34
C ASP E 98 -30.33 14.98 86.26
N ALA E 99 -28.99 14.96 86.19
CA ALA E 99 -28.28 15.74 85.18
C ALA E 99 -28.60 15.25 83.78
N SER E 100 -28.61 13.92 83.59
CA SER E 100 -28.93 13.35 82.28
C SER E 100 -30.35 13.70 81.86
N LYS E 101 -31.31 13.60 82.78
CA LYS E 101 -32.70 13.94 82.46
C LYS E 101 -32.84 15.42 82.14
N GLU E 102 -32.15 16.28 82.88
CA GLU E 102 -32.18 17.71 82.62
C GLU E 102 -31.59 18.03 81.24
N GLN E 103 -30.49 17.36 80.89
CA GLN E 103 -29.89 17.57 79.57
C GLN E 103 -30.83 17.12 78.46
N GLN E 104 -31.51 15.98 78.66
CA GLN E 104 -32.50 15.55 77.68
C GLN E 104 -33.65 16.54 77.57
N LEU E 105 -34.08 17.11 78.70
CA LEU E 105 -35.14 18.12 78.69
C LEU E 105 -34.72 19.38 77.94
N ARG E 106 -33.45 19.78 78.08
CA ARG E 106 -32.96 20.99 77.44
C ARG E 106 -33.06 20.90 75.92
N HIS E 107 -32.54 19.82 75.35
CA HIS E 107 -32.54 19.61 73.90
C HIS E 107 -32.39 18.13 73.57
N GLY E 125 -31.12 35.14 95.08
CA GLY E 125 -29.73 35.12 94.67
C GLY E 125 -29.19 33.72 94.50
N LEU E 126 -28.48 33.49 93.39
CA LEU E 126 -27.97 32.15 93.10
C LEU E 126 -26.83 31.80 94.06
N THR E 127 -25.91 32.74 94.30
CA THR E 127 -24.83 32.48 95.27
C THR E 127 -25.38 32.34 96.68
N LEU E 128 -26.45 33.06 97.01
CA LEU E 128 -27.11 32.88 98.30
C LEU E 128 -27.71 31.49 98.43
N GLU E 129 -28.33 30.99 97.35
CA GLU E 129 -28.83 29.63 97.36
C GLU E 129 -27.69 28.63 97.52
N PHE E 130 -26.57 28.88 96.85
CA PHE E 130 -25.40 28.01 96.96
C PHE E 130 -24.88 27.97 98.39
N GLU E 131 -24.84 29.13 99.05
CA GLU E 131 -24.37 29.20 100.43
C GLU E 131 -25.31 28.47 101.38
N HIS E 132 -26.61 28.73 101.28
CA HIS E 132 -27.56 28.09 102.19
C HIS E 132 -27.80 26.62 101.87
N SER E 133 -27.31 26.14 100.72
CA SER E 133 -27.56 24.78 100.29
C SER E 133 -26.67 23.78 101.00
N ASP E 134 -27.22 22.59 101.24
CA ASP E 134 -26.43 21.47 101.70
C ASP E 134 -25.60 20.94 100.52
N SER E 135 -24.84 19.87 100.77
CA SER E 135 -23.91 19.39 99.74
C SER E 135 -24.59 18.91 98.45
N PRO E 136 -25.63 18.04 98.45
CA PRO E 136 -26.22 17.65 97.16
C PRO E 136 -26.83 18.80 96.38
N ARG E 137 -27.52 19.72 97.07
CA ARG E 137 -28.17 20.83 96.37
C ARG E 137 -27.16 21.76 95.72
N ARG E 138 -26.06 22.07 96.43
CA ARG E 138 -25.06 22.96 95.86
C ARG E 138 -24.28 22.27 94.74
N LEU E 139 -24.04 20.96 94.88
CA LEU E 139 -23.50 20.18 93.76
C LEU E 139 -24.40 20.29 92.54
N ARG E 140 -25.72 20.16 92.74
CA ARG E 140 -26.67 20.29 91.64
C ARG E 140 -26.62 21.68 91.01
N LEU E 141 -26.53 22.72 91.84
CA LEU E 141 -26.48 24.09 91.33
C LEU E 141 -25.27 24.30 90.42
N VAL E 142 -24.08 23.99 90.92
CA VAL E 142 -22.88 24.27 90.14
C VAL E 142 -22.80 23.33 88.93
N LEU E 143 -23.27 22.07 89.05
CA LEU E 143 -23.30 21.17 87.91
C LEU E 143 -24.23 21.68 86.83
N SER E 144 -25.41 22.19 87.24
CA SER E 144 -26.35 22.73 86.27
C SER E 144 -25.76 23.93 85.55
N GLU E 145 -25.06 24.79 86.29
CA GLU E 145 -24.41 25.94 85.65
C GLU E 145 -23.33 25.50 84.67
N LEU E 146 -22.54 24.49 85.04
CA LEU E 146 -21.51 23.95 84.16
C LEU E 146 -22.12 23.39 82.88
N LEU E 147 -23.20 22.62 83.01
CA LEU E 147 -23.84 22.04 81.84
C LEU E 147 -24.47 23.12 80.97
N ALA E 148 -25.01 24.18 81.58
CA ALA E 148 -25.52 25.31 80.81
C ALA E 148 -24.42 25.95 79.99
N ILE E 149 -23.25 26.16 80.59
CA ILE E 149 -22.13 26.76 79.87
C ILE E 149 -21.64 25.83 78.76
N MET E 150 -21.64 24.51 79.03
CA MET E 150 -21.24 23.55 78.01
C MET E 150 -22.20 23.55 76.83
N ASN E 151 -23.50 23.62 77.09
CA ASN E 151 -24.48 23.70 76.03
C ASN E 151 -24.31 24.98 75.22
N LYS E 152 -24.07 26.10 75.91
CA LYS E 152 -23.76 27.35 75.23
C LYS E 152 -22.54 27.22 74.32
N VAL E 153 -21.49 26.54 74.80
CA VAL E 153 -20.28 26.35 73.99
C VAL E 153 -20.58 25.50 72.77
N SER E 154 -21.31 24.39 72.97
CA SER E 154 -21.61 23.47 71.88
C SER E 154 -22.48 24.13 70.81
N GLU E 155 -23.48 24.92 71.23
CA GLU E 155 -24.36 25.59 70.28
C GLU E 155 -23.58 26.57 69.40
N SER E 156 -22.67 27.33 69.99
CA SER E 156 -21.87 28.29 69.23
C SER E 156 -20.88 27.57 68.34
N ASN E 157 -20.60 28.16 67.18
CA ASN E 157 -19.61 27.61 66.26
C ASN E 157 -18.19 28.04 66.60
N GLY E 158 -18.00 28.84 67.64
CA GLY E 158 -16.69 29.36 67.97
C GLY E 158 -16.73 30.78 68.48
N GLU E 159 -17.89 31.43 68.35
CA GLU E 159 -18.07 32.78 68.86
C GLU E 159 -17.91 32.80 70.37
N PHE E 160 -17.15 33.77 70.87
CA PHE E 160 -16.81 33.83 72.29
C PHE E 160 -17.85 34.62 73.05
N PHE E 161 -18.49 33.99 74.03
CA PHE E 161 -19.46 34.62 74.90
C PHE E 161 -18.86 34.81 76.28
N PHE E 162 -19.66 35.36 77.19
CA PHE E 162 -19.22 35.57 78.57
C PHE E 162 -20.45 35.40 79.46
N LYS E 163 -20.53 34.25 80.12
CA LYS E 163 -21.68 33.90 80.96
C LYS E 163 -21.42 34.40 82.37
N SER E 164 -22.17 35.42 82.77
CA SER E 164 -22.10 35.92 84.14
C SER E 164 -22.77 34.93 85.07
N SER E 165 -21.99 34.35 85.98
CA SER E 165 -22.45 33.23 86.80
C SER E 165 -22.73 33.58 88.25
N GLU E 166 -22.03 34.58 88.80
CA GLU E 166 -22.16 35.09 90.17
C GLU E 166 -21.61 34.11 91.20
N LEU E 167 -21.23 32.90 90.77
CA LEU E 167 -20.60 31.94 91.67
C LEU E 167 -19.14 31.73 91.37
N PHE E 168 -18.73 31.83 90.11
CA PHE E 168 -17.31 31.95 89.77
C PHE E 168 -16.80 33.38 89.92
N GLU E 169 -17.67 34.34 90.23
CA GLU E 169 -17.25 35.73 90.34
C GLU E 169 -16.99 36.16 91.78
N SER E 170 -17.67 35.58 92.74
CA SER E 170 -17.58 36.04 94.13
C SER E 170 -16.24 35.58 94.71
N PRO E 171 -15.38 36.50 95.18
CA PRO E 171 -14.07 36.08 95.71
C PRO E 171 -14.15 35.18 96.92
N VAL E 172 -15.19 35.33 97.75
CA VAL E 172 -15.29 34.56 98.98
C VAL E 172 -15.55 33.09 98.69
N TYR E 173 -16.39 32.83 97.70
CA TYR E 173 -16.89 31.48 97.42
C TYR E 173 -16.07 30.74 96.38
N LEU E 174 -14.92 31.32 95.95
CA LEU E 174 -14.12 30.66 94.92
C LEU E 174 -13.57 29.33 95.40
N GLU E 175 -13.15 29.28 96.67
CA GLU E 175 -12.58 28.06 97.21
C GLU E 175 -13.62 26.93 97.25
N GLU E 176 -14.81 27.24 97.75
CA GLU E 176 -15.86 26.23 97.83
C GLU E 176 -16.32 25.79 96.46
N ALA E 177 -16.50 26.74 95.53
CA ALA E 177 -16.91 26.41 94.17
C ALA E 177 -15.86 25.56 93.48
N ALA E 178 -14.59 25.88 93.69
CA ALA E 178 -13.50 25.11 93.11
C ALA E 178 -13.46 23.69 93.67
N ASP E 179 -13.65 23.56 94.98
CA ASP E 179 -13.68 22.22 95.58
C ASP E 179 -14.83 21.38 95.02
N VAL E 180 -16.01 21.99 94.89
CA VAL E 180 -17.16 21.25 94.36
C VAL E 180 -16.93 20.91 92.89
N LEU E 181 -16.30 21.82 92.14
CA LEU E 181 -15.98 21.58 90.73
C LEU E 181 -15.03 20.38 90.59
N CYS E 182 -13.99 20.34 91.42
CA CYS E 182 -13.05 19.23 91.39
C CYS E 182 -13.73 17.92 91.74
N ILE E 183 -14.58 17.94 92.77
CA ILE E 183 -15.27 16.72 93.18
C ILE E 183 -16.22 16.24 92.08
N LEU E 184 -16.92 17.17 91.42
CA LEU E 184 -17.82 16.79 90.32
C LEU E 184 -17.04 16.20 89.15
N GLN E 185 -15.92 16.82 88.78
CA GLN E 185 -15.12 16.29 87.67
C GLN E 185 -14.55 14.92 88.02
N ALA E 186 -14.18 14.70 89.28
CA ALA E 186 -13.63 13.41 89.69
C ALA E 186 -14.71 12.33 89.73
N GLU E 187 -15.89 12.64 90.25
CA GLU E 187 -16.93 11.66 90.48
C GLU E 187 -17.90 11.50 89.31
N LEU E 188 -17.83 12.39 88.31
CA LEU E 188 -18.66 12.30 87.12
C LEU E 188 -17.79 12.52 85.88
N PRO E 189 -16.85 11.60 85.62
CA PRO E 189 -15.90 11.85 84.53
C PRO E 189 -16.51 11.71 83.14
N SER E 190 -17.45 10.78 82.96
CA SER E 190 -18.10 10.64 81.67
C SER E 190 -18.99 11.84 81.38
N LEU E 191 -19.72 12.32 82.38
CA LEU E 191 -20.61 13.45 82.19
C LEU E 191 -19.86 14.77 82.10
N LEU E 192 -18.65 14.83 82.67
CA LEU E 192 -17.85 16.06 82.70
C LEU E 192 -16.45 15.75 82.20
N PRO E 193 -16.27 15.59 80.88
CA PRO E 193 -14.91 15.40 80.35
C PRO E 193 -14.07 16.63 80.61
N ILE E 194 -12.78 16.40 80.88
CA ILE E 194 -11.89 17.47 81.34
C ILE E 194 -11.70 18.54 80.24
N VAL E 195 -11.59 18.11 78.98
CA VAL E 195 -11.37 19.06 77.90
C VAL E 195 -12.58 19.97 77.71
N ASP E 196 -13.80 19.42 77.84
CA ASP E 196 -14.99 20.25 77.70
C ASP E 196 -15.16 21.20 78.88
N VAL E 197 -14.77 20.77 80.08
CA VAL E 197 -14.76 21.68 81.23
C VAL E 197 -13.80 22.83 80.98
N ALA E 198 -12.61 22.50 80.46
CA ALA E 198 -11.60 23.51 80.17
C ALA E 198 -12.09 24.51 79.13
N GLU E 199 -12.70 24.01 78.05
CA GLU E 199 -13.28 24.89 77.04
C GLU E 199 -14.40 25.74 77.61
N ALA E 200 -15.20 25.17 78.52
CA ALA E 200 -16.27 25.91 79.16
C ALA E 200 -15.75 26.98 80.12
N LEU E 201 -14.71 26.67 80.89
CA LEU E 201 -14.24 27.58 81.93
C LEU E 201 -13.69 28.89 81.38
N LEU E 202 -13.23 28.92 80.13
CA LEU E 202 -12.72 30.16 79.54
C LEU E 202 -13.76 31.27 79.49
N HIS E 203 -15.05 30.93 79.54
CA HIS E 203 -16.11 31.92 79.38
C HIS E 203 -16.55 32.55 80.70
N VAL E 204 -16.01 32.12 81.83
CA VAL E 204 -16.37 32.69 83.11
C VAL E 204 -15.24 33.61 83.57
N ARG E 205 -15.52 34.43 84.58
CA ARG E 205 -14.63 35.52 84.97
C ARG E 205 -13.27 35.01 85.46
N ASN E 206 -13.28 34.09 86.43
CA ASN E 206 -12.05 33.58 87.02
C ASN E 206 -11.71 32.19 86.50
N GLY E 207 -12.00 31.92 85.22
CA GLY E 207 -11.86 30.59 84.69
C GLY E 207 -10.43 30.09 84.59
N ALA E 208 -9.47 30.99 84.43
CA ALA E 208 -8.07 30.57 84.38
C ALA E 208 -7.65 29.92 85.69
N TRP E 209 -8.02 30.52 86.82
CA TRP E 209 -7.68 29.98 88.12
C TRP E 209 -8.38 28.64 88.37
N PHE E 210 -9.66 28.56 88.01
CA PHE E 210 -10.42 27.32 88.15
C PHE E 210 -9.80 26.21 87.32
N LEU E 211 -9.46 26.52 86.07
CA LEU E 211 -8.85 25.52 85.19
C LEU E 211 -7.49 25.10 85.70
N CYS E 212 -6.70 26.04 86.21
CA CYS E 212 -5.37 25.71 86.72
C CYS E 212 -5.46 24.76 87.90
N LEU E 213 -6.34 25.06 88.85
CA LEU E 213 -6.42 24.19 90.02
C LEU E 213 -7.12 22.87 89.69
N LEU E 214 -8.04 22.89 88.71
CA LEU E 214 -8.64 21.64 88.22
C LEU E 214 -7.59 20.72 87.61
N VAL E 215 -6.71 21.27 86.78
CA VAL E 215 -5.63 20.49 86.20
C VAL E 215 -4.65 20.05 87.28
N ALA E 216 -4.43 20.90 88.28
CA ALA E 216 -3.58 20.52 89.40
C ALA E 216 -4.16 19.35 90.18
N ASN E 217 -5.48 19.25 90.27
CA ASN E 217 -6.09 18.14 91.00
C ASN E 217 -6.15 16.86 90.18
N VAL E 218 -6.00 16.93 88.87
CA VAL E 218 -5.89 15.73 88.03
C VAL E 218 -4.68 15.95 87.13
N PRO E 219 -3.46 15.77 87.66
CA PRO E 219 -2.26 16.23 86.96
C PRO E 219 -1.99 15.55 85.63
N ASP E 220 -2.52 14.35 85.40
CA ASP E 220 -2.28 13.66 84.14
C ASP E 220 -3.13 14.22 83.01
N SER E 221 -4.01 15.17 83.28
CA SER E 221 -4.87 15.79 82.29
C SER E 221 -4.25 17.03 81.67
N PHE E 222 -3.02 17.39 82.04
CA PHE E 222 -2.40 18.63 81.57
C PHE E 222 -2.24 18.64 80.06
N ASN E 223 -1.63 17.58 79.52
CA ASN E 223 -1.34 17.53 78.09
C ASN E 223 -2.60 17.56 77.26
N GLU E 224 -3.61 16.78 77.65
CA GLU E 224 -4.85 16.75 76.87
C GLU E 224 -5.62 18.07 76.99
N VAL E 225 -5.58 18.72 78.16
CA VAL E 225 -6.22 20.03 78.32
C VAL E 225 -5.56 21.06 77.42
N CYS E 226 -4.22 21.09 77.42
CA CYS E 226 -3.50 22.03 76.57
C CYS E 226 -3.76 21.76 75.09
N ARG E 227 -3.77 20.48 74.69
CA ARG E 227 -4.05 20.12 73.30
C ARG E 227 -5.44 20.54 72.90
N GLY E 228 -6.44 20.29 73.76
CA GLY E 228 -7.80 20.68 73.43
C GLY E 228 -7.96 22.19 73.35
N LEU E 229 -7.33 22.92 74.26
CA LEU E 229 -7.40 24.38 74.24
C LEU E 229 -6.78 24.94 72.96
N ILE E 230 -5.63 24.39 72.56
CA ILE E 230 -4.98 24.87 71.34
C ILE E 230 -5.80 24.50 70.10
N LYS E 231 -6.33 23.27 70.06
CA LYS E 231 -7.14 22.84 68.91
C LYS E 231 -8.40 23.68 68.76
N ASN E 232 -9.09 23.96 69.85
CA ASN E 232 -10.30 24.77 69.76
C ASN E 232 -10.00 26.25 69.53
N GLY E 233 -8.75 26.67 69.65
CA GLY E 233 -8.38 28.05 69.41
C GLY E 233 -8.22 28.32 67.93
N GLU E 234 -9.33 28.37 67.20
CA GLU E 234 -9.29 28.53 65.75
C GLU E 234 -9.49 29.98 65.30
N ARG E 235 -10.23 30.79 66.05
CA ARG E 235 -10.54 32.16 65.68
C ARG E 235 -10.05 33.07 66.79
N GLN E 236 -8.93 33.77 66.53
CA GLN E 236 -8.44 34.75 67.47
C GLN E 236 -9.04 36.13 67.26
N ASP E 237 -9.52 36.42 66.04
CA ASP E 237 -10.09 37.72 65.66
C ASP E 237 -9.11 38.86 65.92
N GLU E 238 -7.85 38.63 65.51
CA GLU E 238 -6.73 39.57 65.69
C GLU E 238 -6.49 39.86 67.16
N GLU E 239 -6.37 38.78 67.95
CA GLU E 239 -6.18 38.81 69.41
C GLU E 239 -7.34 39.52 70.11
N SER E 240 -8.53 38.96 69.93
CA SER E 240 -9.74 39.49 70.55
C SER E 240 -9.79 39.06 72.01
N LEU E 241 -10.93 39.31 72.67
CA LEU E 241 -11.09 38.94 74.07
C LEU E 241 -11.00 37.43 74.28
N GLY E 242 -11.64 36.66 73.40
CA GLY E 242 -11.60 35.21 73.52
C GLY E 242 -10.21 34.63 73.34
N GLY E 243 -9.52 35.08 72.29
CA GLY E 243 -8.14 34.64 72.09
C GLY E 243 -7.23 35.04 73.21
N ARG E 244 -7.40 36.28 73.72
CA ARG E 244 -6.59 36.75 74.84
C ARG E 244 -6.82 35.91 76.08
N ARG E 245 -8.09 35.58 76.37
CA ARG E 245 -8.38 34.77 77.55
C ARG E 245 -7.84 33.35 77.40
N ARG E 246 -7.95 32.77 76.20
CA ARG E 246 -7.40 31.44 75.98
C ARG E 246 -5.88 31.44 76.12
N THR E 247 -5.22 32.45 75.57
CA THR E 247 -3.77 32.57 75.69
C THR E 247 -3.35 32.77 77.14
N ASP E 248 -4.09 33.60 77.89
CA ASP E 248 -3.78 33.80 79.29
C ASP E 248 -3.97 32.54 80.11
N ALA E 249 -5.03 31.77 79.81
CA ALA E 249 -5.26 30.51 80.51
C ALA E 249 -4.14 29.52 80.26
N LEU E 250 -3.71 29.40 79.00
CA LEU E 250 -2.61 28.50 78.70
C LEU E 250 -1.31 29.00 79.30
N ARG E 251 -1.13 30.33 79.39
CA ARG E 251 0.04 30.89 80.05
C ARG E 251 0.08 30.53 81.53
N PHE E 252 -1.06 30.64 82.22
CA PHE E 252 -1.10 30.27 83.63
C PHE E 252 -0.88 28.77 83.80
N LEU E 253 -1.46 27.96 82.92
CA LEU E 253 -1.24 26.52 82.97
C LEU E 253 0.23 26.18 82.81
N CYS E 254 0.93 26.88 81.92
CA CYS E 254 2.35 26.64 81.72
C CYS E 254 3.18 27.20 82.86
N LYS E 255 2.75 28.29 83.49
CA LYS E 255 3.42 28.74 84.71
C LYS E 255 3.28 27.70 85.81
N MET E 256 2.17 26.97 85.84
CA MET E 256 2.00 25.92 86.83
C MET E 256 2.82 24.67 86.50
N ASN E 257 3.10 24.44 85.23
CA ASN E 257 3.90 23.30 84.78
C ASN E 257 4.97 23.76 83.80
N PRO E 258 6.00 24.46 84.27
CA PRO E 258 6.99 25.03 83.35
C PRO E 258 7.80 24.02 82.56
N SER E 259 7.88 22.77 83.01
CA SER E 259 8.64 21.77 82.27
C SER E 259 8.01 21.48 80.91
N GLN E 260 6.69 21.66 80.79
CA GLN E 260 5.97 21.39 79.56
C GLN E 260 5.64 22.63 78.75
N ALA E 261 6.24 23.78 79.09
CA ALA E 261 5.95 25.01 78.36
C ALA E 261 6.38 24.93 76.89
N LEU E 262 7.57 24.40 76.64
CA LEU E 262 8.04 24.28 75.27
C LEU E 262 7.28 23.21 74.50
N LYS E 263 6.75 22.20 75.20
CA LYS E 263 5.85 21.25 74.55
C LYS E 263 4.58 21.95 74.07
N VAL E 264 4.06 22.88 74.87
CA VAL E 264 2.90 23.65 74.45
C VAL E 264 3.25 24.55 73.28
N ARG E 265 4.47 25.10 73.27
CA ARG E 265 4.90 25.92 72.14
C ARG E 265 5.04 25.09 70.87
N GLY E 266 5.52 23.85 71.00
CA GLY E 266 5.54 22.95 69.86
C GLY E 266 4.15 22.60 69.37
N MET E 267 3.21 22.40 70.29
CA MET E 267 1.81 22.20 69.92
C MET E 267 1.26 23.40 69.17
N VAL E 268 1.65 24.61 69.60
CA VAL E 268 1.21 25.84 68.95
C VAL E 268 1.70 25.87 67.51
N VAL E 269 2.99 25.63 67.30
CA VAL E 269 3.53 25.69 65.94
C VAL E 269 3.05 24.52 65.09
N GLU E 270 2.65 23.40 65.71
CA GLU E 270 2.09 22.28 64.95
C GLU E 270 0.66 22.57 64.51
N GLU E 271 -0.23 22.89 65.45
CA GLU E 271 -1.60 23.26 65.12
C GLU E 271 -1.69 24.57 64.36
N CYS E 272 -0.66 25.42 64.44
CA CYS E 272 -0.51 26.62 63.62
C CYS E 272 -1.56 27.69 63.97
N HIS E 273 -1.75 27.91 65.27
CA HIS E 273 -2.52 29.06 65.74
C HIS E 273 -2.06 29.39 67.15
N LEU E 274 -2.41 30.62 67.59
CA LEU E 274 -1.97 31.28 68.80
C LEU E 274 -0.46 31.53 68.77
N PRO E 275 0.08 32.25 67.77
CA PRO E 275 1.53 32.55 67.78
C PRO E 275 1.98 33.37 68.98
N GLY E 276 1.13 34.26 69.47
CA GLY E 276 1.46 35.02 70.66
C GLY E 276 1.71 34.13 71.85
N LEU E 277 0.98 33.02 71.95
CA LEU E 277 1.22 32.05 73.01
C LEU E 277 2.62 31.45 72.89
N GLY E 278 3.04 31.09 71.67
CA GLY E 278 4.39 30.54 71.48
C GLY E 278 5.47 31.53 71.85
N VAL E 279 5.31 32.78 71.41
CA VAL E 279 6.28 33.83 71.72
C VAL E 279 6.33 34.06 73.23
N ALA E 280 5.16 34.13 73.87
CA ALA E 280 5.11 34.35 75.30
C ALA E 280 5.70 33.18 76.07
N LEU E 281 5.53 31.96 75.57
CA LEU E 281 6.09 30.80 76.26
C LEU E 281 7.60 30.79 76.18
N THR E 282 8.15 31.10 74.99
CA THR E 282 9.60 31.14 74.87
C THR E 282 10.18 32.31 75.68
N LEU E 283 9.40 33.39 75.84
CA LEU E 283 9.86 34.52 76.63
C LEU E 283 9.85 34.17 78.11
N ASP E 284 8.79 33.50 78.58
CA ASP E 284 8.72 33.10 79.98
C ASP E 284 9.75 32.03 80.28
N HIS E 285 10.16 31.25 79.27
CA HIS E 285 11.18 30.24 79.46
C HIS E 285 12.56 30.88 79.60
N THR E 286 12.85 31.88 78.76
CA THR E 286 14.13 32.58 78.87
C THR E 286 14.23 33.37 80.17
N LYS E 287 13.10 33.87 80.67
CA LYS E 287 13.07 34.62 81.92
C LYS E 287 13.42 33.72 83.11
N ASP E 293 24.53 29.00 77.61
CA ASP E 293 24.02 30.32 77.25
C ASP E 293 23.51 30.33 75.81
N GLY E 294 24.37 29.88 74.89
CA GLY E 294 24.03 29.91 73.47
C GLY E 294 23.77 31.32 73.01
N VAL E 295 22.67 31.52 72.26
CA VAL E 295 22.23 32.87 71.94
C VAL E 295 20.97 33.14 72.75
N SER E 296 19.90 32.42 72.43
CA SER E 296 18.64 32.40 73.16
C SER E 296 17.68 31.45 72.46
N ASP E 297 16.73 30.89 73.22
CA ASP E 297 15.65 30.15 72.60
C ASP E 297 14.80 31.07 71.72
N LEU E 298 14.71 32.35 72.07
CA LEU E 298 13.91 33.28 71.27
C LEU E 298 14.44 33.43 69.86
N VAL E 299 15.76 33.67 69.72
CA VAL E 299 16.36 33.86 68.40
C VAL E 299 16.20 32.61 67.56
N CYS E 300 16.50 31.45 68.14
CA CYS E 300 16.35 30.18 67.44
C CYS E 300 14.91 29.97 66.99
N PHE E 301 13.96 30.21 67.91
CA PHE E 301 12.56 29.92 67.65
C PHE E 301 11.99 30.79 66.54
N VAL E 302 12.14 32.12 66.65
CA VAL E 302 11.55 32.98 65.63
C VAL E 302 12.32 32.90 64.31
N SER E 303 13.65 32.71 64.36
CA SER E 303 14.42 32.53 63.13
C SER E 303 14.01 31.26 62.40
N GLY E 304 13.83 30.16 63.13
CA GLY E 304 13.35 28.94 62.51
C GLY E 304 11.94 29.10 61.96
N LEU E 305 11.11 29.88 62.65
CA LEU E 305 9.75 30.12 62.15
C LEU E 305 9.76 30.92 60.85
N LEU E 306 10.59 31.97 60.79
CA LEU E 306 10.57 32.85 59.63
C LEU E 306 11.44 32.36 58.49
N LEU E 307 12.33 31.40 58.73
CA LEU E 307 13.30 30.95 57.74
C LEU E 307 13.35 29.43 57.65
N GLY E 308 12.31 28.74 58.09
CA GLY E 308 12.24 27.31 57.91
C GLY E 308 11.74 26.95 56.53
N THR E 309 11.71 25.64 56.27
CA THR E 309 11.20 25.16 54.99
C THR E 309 9.69 25.35 54.88
N ASN E 310 8.98 25.20 55.99
CA ASN E 310 7.52 25.30 56.01
C ASN E 310 7.12 26.74 55.69
N ALA E 311 6.49 26.94 54.53
CA ALA E 311 6.03 28.27 54.14
C ALA E 311 4.73 28.67 54.82
N LYS E 312 3.90 27.70 55.20
CA LYS E 312 2.68 28.02 55.94
C LYS E 312 3.00 28.67 57.27
N VAL E 313 3.99 28.14 57.99
CA VAL E 313 4.43 28.73 59.25
C VAL E 313 4.99 30.13 59.01
N ARG E 314 5.75 30.30 57.92
CA ARG E 314 6.31 31.61 57.61
C ARG E 314 5.23 32.65 57.37
N THR E 315 4.23 32.31 56.56
CA THR E 315 3.11 33.23 56.30
C THR E 315 2.33 33.51 57.56
N TRP E 316 2.07 32.48 58.37
CA TRP E 316 1.31 32.62 59.60
C TRP E 316 2.01 33.57 60.57
N PHE E 317 3.32 33.37 60.78
CA PHE E 317 4.04 34.23 61.69
C PHE E 317 4.23 35.62 61.12
N GLY E 318 4.35 35.76 59.80
CA GLY E 318 4.41 37.08 59.21
C GLY E 318 3.13 37.87 59.41
N THR E 319 1.99 37.19 59.24
CA THR E 319 0.70 37.83 59.51
C THR E 319 0.60 38.21 60.98
N PHE E 320 1.11 37.35 61.87
CA PHE E 320 1.12 37.66 63.30
C PHE E 320 1.93 38.93 63.57
N ILE E 321 3.11 39.03 62.97
CA ILE E 321 3.98 40.19 63.19
C ILE E 321 3.30 41.46 62.68
N ARG E 322 2.74 41.39 61.47
CA ARG E 322 2.05 42.53 60.88
C ARG E 322 0.90 42.99 61.75
N ASN E 323 0.03 42.06 62.16
CA ASN E 323 -1.14 42.42 62.96
C ASN E 323 -0.73 42.98 64.32
N GLY E 324 0.24 42.34 64.98
CA GLY E 324 0.71 42.83 66.25
C GLY E 324 1.34 44.20 66.19
N GLN E 325 1.94 44.54 65.04
CA GLN E 325 2.56 45.85 64.87
C GLN E 325 1.55 46.99 64.98
N GLN E 326 0.30 46.76 64.57
CA GLN E 326 -0.72 47.79 64.60
C GLN E 326 -1.39 47.92 65.97
N ARG E 327 -1.06 47.05 66.92
CA ARG E 327 -1.71 47.03 68.24
C ARG E 327 -1.17 48.18 69.09
N LYS E 328 -1.73 49.37 68.85
CA LYS E 328 -1.45 50.64 69.54
C LYS E 328 -0.09 51.22 69.22
N ARG E 329 0.73 50.55 68.40
CA ARG E 329 2.08 50.95 67.98
C ARG E 329 3.07 51.05 69.14
N GLU E 330 2.70 50.59 70.32
CA GLU E 330 3.54 50.61 71.53
C GLU E 330 2.81 49.78 72.58
N THR E 331 3.28 49.88 73.83
CA THR E 331 2.71 49.31 75.06
C THR E 331 2.98 47.81 75.16
N SER E 332 3.11 47.31 76.39
CA SER E 332 3.38 45.90 76.65
C SER E 332 2.14 45.02 76.55
N SER E 333 1.03 45.56 76.03
CA SER E 333 -0.19 44.77 75.86
C SER E 333 0.04 43.58 74.93
N SER E 334 0.80 43.78 73.86
CA SER E 334 1.11 42.72 72.91
C SER E 334 2.46 42.10 73.27
N VAL E 335 2.54 40.77 73.15
CA VAL E 335 3.81 40.08 73.34
C VAL E 335 4.83 40.43 72.27
N LEU E 336 4.39 41.00 71.14
CA LEU E 336 5.31 41.42 70.09
C LEU E 336 6.34 42.41 70.62
N TRP E 337 5.87 43.43 71.35
CA TRP E 337 6.81 44.40 71.89
C TRP E 337 7.67 43.81 72.98
N GLN E 338 7.14 42.84 73.73
CA GLN E 338 7.94 42.14 74.74
C GLN E 338 9.13 41.42 74.10
N MET E 339 8.86 40.67 73.03
CA MET E 339 9.96 39.95 72.40
C MET E 339 10.87 40.90 71.64
N ARG E 340 10.34 42.02 71.13
CA ARG E 340 11.19 43.03 70.51
C ARG E 340 12.16 43.63 71.52
N ARG E 341 11.67 43.92 72.73
CA ARG E 341 12.54 44.38 73.80
C ARG E 341 13.56 43.31 74.19
N GLN E 342 13.15 42.04 74.21
CA GLN E 342 14.08 40.97 74.53
C GLN E 342 15.20 40.87 73.48
N LEU E 343 14.84 40.98 72.19
CA LEU E 343 15.83 40.94 71.13
C LEU E 343 16.76 42.15 71.21
N LEU E 344 16.19 43.33 71.51
CA LEU E 344 17.02 44.51 71.71
C LEU E 344 17.97 44.33 72.88
N LEU E 345 17.50 43.66 73.95
CA LEU E 345 18.35 43.39 75.10
C LEU E 345 19.49 42.46 74.72
N GLU E 346 19.21 41.50 73.83
CA GLU E 346 20.28 40.65 73.31
C GLU E 346 21.29 41.45 72.50
N LEU E 347 20.79 42.39 71.68
CA LEU E 347 21.64 43.32 70.95
C LEU E 347 22.59 44.06 71.87
N MET E 348 22.07 44.62 72.97
CA MET E 348 22.94 45.22 73.98
C MET E 348 23.94 44.20 74.52
N GLY E 349 23.47 42.96 74.73
CA GLY E 349 24.32 41.93 75.32
C GLY E 349 25.55 41.63 74.49
N ILE E 350 25.39 41.54 73.17
CA ILE E 350 26.52 41.17 72.32
C ILE E 350 27.32 42.36 71.81
N LEU E 351 26.80 43.58 71.95
CA LEU E 351 27.56 44.76 71.56
C LEU E 351 28.76 44.93 72.47
N PRO E 352 29.83 45.62 72.01
CA PRO E 352 30.99 45.74 72.89
C PRO E 352 30.78 46.73 74.03
N GLY E 376 35.44 46.76 69.72
CA GLY E 376 35.80 45.55 69.00
C GLY E 376 34.99 44.35 69.40
N LEU E 377 34.29 43.77 68.41
CA LEU E 377 33.46 42.60 68.65
C LEU E 377 34.30 41.41 69.06
N LYS E 378 33.77 40.59 69.96
CA LYS E 378 34.49 39.44 70.48
C LYS E 378 34.50 38.31 69.47
N GLU E 379 35.47 37.42 69.61
CA GLU E 379 35.52 36.22 68.80
C GLU E 379 34.33 35.31 69.08
N GLU E 380 33.84 35.29 70.31
CA GLU E 380 32.75 34.39 70.65
C GLU E 380 31.39 34.95 70.23
N HIS E 381 31.24 36.28 70.20
CA HIS E 381 29.96 36.90 69.89
C HIS E 381 29.72 37.19 68.43
N VAL E 382 30.71 36.95 67.55
CA VAL E 382 30.53 37.32 66.15
C VAL E 382 29.46 36.44 65.49
N VAL E 383 29.45 35.14 65.80
CA VAL E 383 28.48 34.24 65.19
C VAL E 383 27.08 34.50 65.73
N LYS E 384 26.97 34.78 67.03
CA LYS E 384 25.69 35.17 67.60
C LYS E 384 25.18 36.45 66.98
N ALA E 385 26.08 37.41 66.77
CA ALA E 385 25.71 38.67 66.12
C ALA E 385 25.22 38.42 64.72
N SER E 386 25.89 37.51 64.01
CA SER E 386 25.51 37.15 62.64
C SER E 386 24.11 36.55 62.61
N ALA E 387 23.84 35.62 63.52
CA ALA E 387 22.52 34.98 63.58
C ALA E 387 21.44 35.99 63.94
N LEU E 388 21.72 36.87 64.90
CA LEU E 388 20.77 37.91 65.30
C LEU E 388 20.48 38.87 64.15
N LEU E 389 21.53 39.25 63.42
CA LEU E 389 21.40 40.15 62.29
C LEU E 389 20.57 39.51 61.17
N ARG E 390 20.80 38.23 60.90
CA ARG E 390 19.99 37.53 59.91
C ARG E 390 18.53 37.44 60.34
N LEU E 391 18.32 37.21 61.65
CA LEU E 391 16.95 37.18 62.18
C LEU E 391 16.25 38.53 62.00
N TYR E 392 16.96 39.62 62.29
CA TYR E 392 16.38 40.94 62.07
C TYR E 392 16.07 41.16 60.60
N CYS E 393 16.96 40.69 59.71
CA CYS E 393 16.68 40.77 58.28
C CYS E 393 15.40 40.04 57.94
N ALA E 394 15.22 38.84 58.49
CA ALA E 394 14.02 38.06 58.25
C ALA E 394 12.78 38.80 58.73
N LEU E 395 12.85 39.37 59.94
CA LEU E 395 11.73 40.13 60.50
C LEU E 395 11.33 41.27 59.58
N MET E 396 12.23 42.24 59.40
CA MET E 396 11.87 43.43 58.63
C MET E 396 11.68 43.17 57.14
N GLY E 397 12.14 42.03 56.61
CA GLY E 397 11.99 41.78 55.20
C GLY E 397 10.78 40.94 54.86
N ILE E 398 10.62 39.80 55.52
CA ILE E 398 9.48 38.92 55.30
C ILE E 398 8.30 39.37 56.14
N ALA E 399 8.52 39.47 57.46
CA ALA E 399 7.41 39.75 58.36
C ALA E 399 6.91 41.18 58.29
N GLY E 400 7.58 42.07 57.57
CA GLY E 400 7.10 43.43 57.45
C GLY E 400 7.21 44.26 58.70
N LEU E 401 8.07 43.87 59.64
CA LEU E 401 8.31 44.67 60.82
C LEU E 401 8.93 46.02 60.45
N LYS E 402 8.43 47.08 61.07
CA LYS E 402 9.04 48.39 60.96
C LYS E 402 9.75 48.71 62.26
N PRO E 403 11.07 48.86 62.26
CA PRO E 403 11.78 49.05 63.52
C PRO E 403 11.53 50.43 64.10
N THR E 404 11.68 50.52 65.42
CA THR E 404 11.62 51.78 66.11
C THR E 404 12.96 52.49 66.01
N GLU E 405 12.99 53.74 66.49
CA GLU E 405 14.22 54.53 66.45
C GLU E 405 15.31 53.89 67.30
N GLU E 406 14.96 53.39 68.48
CA GLU E 406 15.94 52.72 69.33
C GLU E 406 16.42 51.41 68.70
N GLU E 407 15.49 50.65 68.11
CA GLU E 407 15.84 49.41 67.43
C GLU E 407 16.80 49.68 66.27
N ALA E 408 16.49 50.70 65.46
CA ALA E 408 17.36 51.07 64.35
C ALA E 408 18.72 51.53 64.84
N GLU E 409 18.75 52.29 65.94
CA GLU E 409 20.00 52.78 66.49
C GLU E 409 20.89 51.63 66.93
N GLN E 410 20.30 50.66 67.64
CA GLN E 410 21.12 49.55 68.12
C GLN E 410 21.50 48.61 66.99
N LEU E 411 20.64 48.47 65.97
CA LEU E 411 21.04 47.75 64.77
C LEU E 411 22.28 48.37 64.14
N LEU E 412 22.25 49.70 63.92
CA LEU E 412 23.41 50.40 63.34
C LEU E 412 24.64 50.26 64.22
N GLN E 413 24.46 50.31 65.53
CA GLN E 413 25.57 50.08 66.45
C GLN E 413 26.14 48.69 66.26
N LEU E 414 25.29 47.71 65.93
CA LEU E 414 25.75 46.34 65.75
C LEU E 414 26.51 46.18 64.44
N MET E 415 25.94 46.69 63.34
CA MET E 415 26.56 46.56 62.01
C MET E 415 27.97 47.14 62.00
N THR E 416 28.13 48.33 62.59
CA THR E 416 29.38 49.05 62.51
C THR E 416 30.47 48.50 63.42
N SER E 417 30.22 47.40 64.12
CA SER E 417 31.25 46.79 64.95
C SER E 417 32.35 46.15 64.10
N ARG E 418 33.52 46.01 64.71
CA ARG E 418 34.69 45.46 64.05
C ARG E 418 34.95 44.05 64.54
N PRO E 419 34.65 43.01 63.76
CA PRO E 419 34.98 41.65 64.19
C PRO E 419 36.45 41.36 63.97
N PRO E 420 37.03 40.32 64.62
CA PRO E 420 38.49 40.15 64.66
C PRO E 420 39.08 39.34 63.51
N ALA E 421 38.67 39.66 62.28
CA ALA E 421 39.27 39.19 61.03
C ALA E 421 39.40 37.66 60.99
N THR E 422 38.25 37.01 61.07
CA THR E 422 38.08 35.57 60.90
C THR E 422 37.03 35.34 59.84
N PRO E 423 36.86 34.10 59.35
CA PRO E 423 35.77 33.85 58.39
C PRO E 423 34.40 34.22 58.94
N ALA E 424 34.17 34.01 60.24
CA ALA E 424 32.93 34.46 60.86
C ALA E 424 32.84 35.97 60.80
N GLY E 425 33.95 36.67 61.00
CA GLY E 425 33.95 38.11 60.85
C GLY E 425 33.61 38.57 59.45
N VAL E 426 34.14 37.87 58.45
CA VAL E 426 33.83 38.18 57.05
C VAL E 426 32.35 38.00 56.78
N ARG E 427 31.78 36.89 57.25
CA ARG E 427 30.35 36.65 57.09
C ARG E 427 29.52 37.72 57.77
N PHE E 428 29.92 38.10 59.00
CA PHE E 428 29.19 39.11 59.75
C PHE E 428 29.22 40.45 59.05
N VAL E 429 30.38 40.84 58.54
CA VAL E 429 30.50 42.13 57.85
C VAL E 429 29.68 42.11 56.57
N SER E 430 29.69 40.98 55.84
CA SER E 430 28.90 40.86 54.63
C SER E 430 27.40 41.01 54.92
N LEU E 431 26.93 40.32 55.96
CA LEU E 431 25.52 40.40 56.34
C LEU E 431 25.13 41.81 56.77
N SER E 432 25.99 42.48 57.55
CA SER E 432 25.69 43.84 57.99
C SER E 432 25.62 44.79 56.80
N PHE E 433 26.57 44.64 55.86
CA PHE E 433 26.58 45.47 54.66
C PHE E 433 25.33 45.25 53.84
N CYS E 434 24.89 44.00 53.73
CA CYS E 434 23.66 43.72 53.00
C CYS E 434 22.45 44.31 53.71
N MET E 435 22.45 44.31 55.05
CA MET E 435 21.34 44.96 55.75
C MET E 435 21.31 46.44 55.47
N LEU E 436 22.46 47.10 55.49
CA LEU E 436 22.50 48.52 55.17
C LEU E 436 22.03 48.77 53.75
N LEU E 437 22.45 47.93 52.81
CA LEU E 437 21.98 48.10 51.43
C LEU E 437 20.48 47.88 51.30
N ALA E 438 19.93 46.89 52.01
CA ALA E 438 18.51 46.58 51.90
C ALA E 438 17.64 47.55 52.69
N PHE E 439 17.84 47.58 54.00
CA PHE E 439 17.04 48.45 54.88
C PHE E 439 17.81 49.73 55.18
N SER E 440 18.06 50.51 54.14
CA SER E 440 18.73 51.78 54.31
C SER E 440 17.84 52.85 54.92
N THR E 441 16.52 52.61 54.98
CA THR E 441 15.61 53.57 55.60
C THR E 441 15.82 53.71 57.09
N LEU E 442 16.51 52.78 57.74
CA LEU E 442 16.64 52.81 59.19
C LEU E 442 17.79 53.68 59.67
N VAL E 443 18.51 54.35 58.77
CA VAL E 443 19.54 55.29 59.21
C VAL E 443 18.89 56.62 59.55
N SER E 444 18.34 57.31 58.54
CA SER E 444 17.46 58.47 58.68
C SER E 444 18.00 59.58 59.58
N THR E 445 19.31 59.66 59.82
CA THR E 445 19.89 60.65 60.72
C THR E 445 21.32 60.95 60.27
N PRO E 446 21.84 62.15 60.60
CA PRO E 446 23.21 62.50 60.17
C PRO E 446 24.32 61.80 60.97
N GLU E 447 24.17 61.73 62.30
CA GLU E 447 25.22 61.11 63.11
C GLU E 447 25.40 59.64 62.77
N GLN E 448 24.29 58.94 62.49
CA GLN E 448 24.40 57.57 62.03
C GLN E 448 24.99 57.51 60.62
N GLU E 449 24.77 58.54 59.81
CA GLU E 449 25.39 58.62 58.49
C GLU E 449 26.92 58.75 58.60
N GLN E 450 27.40 59.60 59.50
CA GLN E 450 28.86 59.70 59.64
C GLN E 450 29.42 58.44 60.27
N LEU E 451 28.66 57.79 61.16
CA LEU E 451 29.08 56.51 61.72
C LEU E 451 29.23 55.46 60.63
N MET E 452 28.25 55.37 59.72
CA MET E 452 28.35 54.34 58.70
C MET E 452 29.41 54.67 57.65
N VAL E 453 29.63 55.94 57.34
CA VAL E 453 30.69 56.23 56.37
C VAL E 453 32.08 55.98 56.97
N VAL E 454 32.29 56.31 58.26
CA VAL E 454 33.57 55.98 58.87
C VAL E 454 33.75 54.47 58.98
N TRP E 455 32.66 53.73 59.23
CA TRP E 455 32.74 52.27 59.21
C TRP E 455 33.11 51.75 57.82
N LEU E 456 32.53 52.34 56.77
CA LEU E 456 32.86 51.95 55.40
C LEU E 456 34.32 52.24 55.09
N SER E 457 34.83 53.39 55.52
CA SER E 457 36.23 53.74 55.31
C SER E 457 37.15 52.75 56.01
N TRP E 458 36.80 52.38 57.25
CA TRP E 458 37.58 51.37 57.96
C TRP E 458 37.56 50.04 57.22
N MET E 459 36.38 49.66 56.71
CA MET E 459 36.25 48.42 55.95
C MET E 459 37.12 48.43 54.71
N ILE E 460 37.20 49.58 54.03
CA ILE E 460 38.09 49.71 52.87
C ILE E 460 39.54 49.53 53.29
N LYS E 461 39.93 50.21 54.38
CA LYS E 461 41.30 50.10 54.87
C LYS E 461 41.63 48.68 55.32
N GLU E 462 40.63 47.94 55.78
CA GLU E 462 40.85 46.59 56.28
C GLU E 462 40.88 45.61 55.12
N GLU E 463 42.03 44.96 54.91
CA GLU E 463 42.18 43.99 53.84
C GLU E 463 42.88 42.71 54.28
N ALA E 464 42.99 42.48 55.59
CA ALA E 464 43.57 41.26 56.13
C ALA E 464 42.55 40.14 56.29
N TYR E 465 41.38 40.26 55.68
CA TYR E 465 40.29 39.31 55.82
C TYR E 465 40.45 38.04 54.99
N PHE E 466 41.62 37.79 54.42
CA PHE E 466 41.89 36.51 53.74
C PHE E 466 41.61 35.30 54.65
N GLU E 467 41.89 35.44 55.94
CA GLU E 467 41.75 34.43 56.99
C GLU E 467 42.36 35.00 58.26
N SER E 475 36.09 37.08 51.60
CA SER E 475 35.26 37.40 50.45
C SER E 475 34.30 38.55 50.75
N PHE E 476 34.78 39.53 51.51
CA PHE E 476 33.97 40.69 51.85
C PHE E 476 34.28 41.84 50.89
N GLY E 477 35.55 42.21 50.75
CA GLY E 477 35.93 43.34 49.91
C GLY E 477 35.46 43.21 48.47
N GLU E 478 35.34 41.97 47.99
CA GLU E 478 34.80 41.75 46.65
C GLU E 478 33.37 42.24 46.57
N MET E 479 32.57 41.97 47.61
CA MET E 479 31.19 42.46 47.65
C MET E 479 31.13 43.97 47.68
N LEU E 480 32.00 44.61 48.48
CA LEU E 480 32.04 46.06 48.58
C LEU E 480 32.39 46.69 47.23
N LEU E 481 33.43 46.18 46.58
CA LEU E 481 33.83 46.67 45.26
C LEU E 481 32.72 46.46 44.24
N LEU E 482 32.06 45.29 44.30
CA LEU E 482 30.99 44.98 43.36
C LEU E 482 29.81 45.93 43.51
N VAL E 483 29.42 46.22 44.75
CA VAL E 483 28.31 47.17 44.96
C VAL E 483 28.72 48.56 44.52
N ALA E 484 29.98 48.95 44.72
CA ALA E 484 30.44 50.24 44.21
C ALA E 484 30.35 50.30 42.69
N MET E 485 30.78 49.23 42.02
CA MET E 485 30.73 49.16 40.56
C MET E 485 29.29 49.22 40.06
N TYR E 486 28.41 48.44 40.69
CA TYR E 486 27.01 48.45 40.31
C TYR E 486 26.37 49.81 40.50
N PHE E 487 26.78 50.53 41.56
CA PHE E 487 26.30 51.89 41.75
C PHE E 487 26.76 52.80 40.62
N HIS E 488 28.03 52.67 40.22
CA HIS E 488 28.55 53.48 39.13
C HIS E 488 27.85 53.15 37.81
N SER E 489 27.57 51.88 37.56
CA SER E 489 26.91 51.45 36.33
C SER E 489 25.38 51.40 36.45
N ASN E 490 24.82 51.79 37.60
CA ASN E 490 23.38 51.79 37.85
C ASN E 490 22.75 50.40 37.60
N GLN E 491 23.45 49.37 38.06
CA GLN E 491 22.93 48.01 38.03
C GLN E 491 22.28 47.70 39.38
N LEU E 492 21.16 48.37 39.63
CA LEU E 492 20.45 48.24 40.90
C LEU E 492 19.95 46.81 41.11
N SER E 493 19.42 46.20 40.04
CA SER E 493 18.94 44.82 40.11
C SER E 493 20.05 43.88 40.55
N ALA E 494 21.27 44.13 40.08
CA ALA E 494 22.42 43.33 40.51
C ALA E 494 22.66 43.49 42.01
N ILE E 495 22.49 44.70 42.53
CA ILE E 495 22.67 44.93 43.96
C ILE E 495 21.61 44.17 44.76
N ILE E 496 20.37 44.19 44.27
CA ILE E 496 19.30 43.47 44.98
C ILE E 496 19.56 41.97 44.94
N ASP E 497 20.01 41.45 43.80
CA ASP E 497 20.35 40.03 43.71
C ASP E 497 21.49 39.66 44.64
N LEU E 498 22.53 40.50 44.70
CA LEU E 498 23.64 40.28 45.63
C LEU E 498 23.15 40.23 47.07
N VAL E 499 22.32 41.20 47.46
CA VAL E 499 21.84 41.28 48.82
C VAL E 499 20.97 40.07 49.16
N CYS E 500 20.06 39.71 48.26
CA CYS E 500 19.18 38.57 48.50
C CYS E 500 19.96 37.27 48.57
N SER E 501 21.02 37.13 47.77
CA SER E 501 21.83 35.92 47.83
C SER E 501 22.64 35.84 49.11
N THR E 502 23.19 36.98 49.55
CA THR E 502 23.99 36.98 50.77
C THR E 502 23.13 36.78 52.01
N LEU E 503 21.99 37.47 52.09
CA LEU E 503 21.09 37.31 53.23
C LEU E 503 20.40 35.96 53.21
N GLY E 504 20.22 35.38 52.03
CA GLY E 504 19.49 34.13 51.94
C GLY E 504 18.00 34.28 52.04
N MET E 505 17.45 35.39 51.57
CA MET E 505 16.01 35.61 51.62
C MET E 505 15.63 36.53 50.47
N LYS E 506 14.37 36.46 50.07
CA LYS E 506 13.86 37.32 49.02
C LYS E 506 13.24 38.54 49.68
N ILE E 507 13.73 39.72 49.33
CA ILE E 507 13.26 40.98 49.88
C ILE E 507 13.04 41.96 48.74
N VAL E 508 11.99 42.76 48.84
CA VAL E 508 11.78 43.91 47.98
C VAL E 508 12.34 45.13 48.69
N ILE E 509 13.11 45.94 47.98
CA ILE E 509 13.98 46.92 48.62
C ILE E 509 13.50 48.36 48.45
N LYS E 510 12.58 48.64 47.49
CA LYS E 510 12.08 49.99 47.20
C LYS E 510 13.27 50.87 46.81
N PRO E 511 13.82 50.72 45.60
CA PRO E 511 15.17 51.23 45.33
C PRO E 511 15.37 52.74 45.29
N SER E 512 14.38 53.53 45.70
CA SER E 512 14.62 54.96 45.91
C SER E 512 15.63 55.18 47.04
N SER E 513 15.47 54.42 48.13
CA SER E 513 16.47 54.42 49.20
C SER E 513 17.81 53.92 48.68
N LEU E 514 17.80 52.95 47.77
CA LEU E 514 19.02 52.51 47.11
C LEU E 514 19.63 53.63 46.26
N SER E 515 18.79 54.54 45.74
CA SER E 515 19.31 55.66 44.97
C SER E 515 19.98 56.67 45.89
N ARG E 516 19.38 56.93 47.05
CA ARG E 516 20.05 57.73 48.08
C ARG E 516 21.38 57.10 48.47
N MET E 517 21.38 55.77 48.60
CA MET E 517 22.59 55.00 48.90
C MET E 517 23.64 55.21 47.82
N LYS E 518 23.21 55.16 46.55
CA LYS E 518 24.14 55.33 45.43
C LYS E 518 24.75 56.72 45.44
N THR E 519 23.95 57.76 45.73
CA THR E 519 24.48 59.12 45.80
C THR E 519 25.57 59.22 46.87
N ILE E 520 25.26 58.79 48.10
CA ILE E 520 26.24 58.93 49.18
C ILE E 520 27.49 58.11 48.86
N PHE E 521 27.29 56.85 48.42
CA PHE E 521 28.39 55.93 48.15
C PHE E 521 29.33 56.50 47.10
N THR E 522 28.80 56.85 45.93
CA THR E 522 29.62 57.30 44.82
C THR E 522 30.29 58.64 45.11
N GLN E 523 29.53 59.61 45.64
CA GLN E 523 30.11 60.94 45.80
C GLN E 523 31.12 60.99 46.95
N GLU E 524 30.82 60.36 48.09
CA GLU E 524 31.74 60.50 49.20
C GLU E 524 32.82 59.42 49.23
N ILE E 525 32.41 58.14 49.18
CA ILE E 525 33.33 57.07 49.51
C ILE E 525 34.06 56.55 48.28
N PHE E 526 33.33 56.05 47.30
CA PHE E 526 33.92 55.31 46.19
C PHE E 526 33.85 56.15 44.91
N THR E 527 34.97 56.78 44.58
CA THR E 527 35.20 57.28 43.23
C THR E 527 35.72 56.16 42.34
N GLU E 528 35.76 56.43 41.04
CA GLU E 528 36.32 55.45 40.10
C GLU E 528 37.80 55.18 40.36
N GLN E 529 38.55 56.21 40.78
CA GLN E 529 39.98 56.07 41.01
C GLN E 529 40.25 55.08 42.14
N VAL E 530 39.59 55.28 43.29
CA VAL E 530 39.82 54.40 44.43
C VAL E 530 39.32 52.98 44.13
N VAL E 531 38.21 52.86 43.38
CA VAL E 531 37.71 51.55 42.97
C VAL E 531 38.76 50.81 42.16
N THR E 532 39.32 51.48 41.14
CA THR E 532 40.34 50.86 40.32
C THR E 532 41.58 50.51 41.12
N ALA E 533 42.03 51.43 41.98
CA ALA E 533 43.26 51.22 42.74
C ALA E 533 43.12 50.04 43.69
N HIS E 534 41.97 49.92 44.35
CA HIS E 534 41.75 48.79 45.26
C HIS E 534 41.54 47.49 44.49
N ALA E 535 40.87 47.55 43.34
CA ALA E 535 40.58 46.34 42.59
C ALA E 535 41.82 45.74 41.92
N VAL E 536 42.75 46.57 41.44
CA VAL E 536 43.89 46.01 40.75
C VAL E 536 44.79 45.21 41.68
N ARG E 537 44.79 45.52 42.97
CA ARG E 537 45.57 44.75 43.95
C ARG E 537 44.79 43.61 44.58
N VAL E 538 43.56 43.33 44.15
CA VAL E 538 42.76 42.27 44.77
C VAL E 538 43.42 40.92 44.47
N PRO E 539 43.53 40.00 45.43
CA PRO E 539 44.27 38.76 45.17
C PRO E 539 43.54 37.84 44.20
N VAL E 540 44.18 36.74 43.84
CA VAL E 540 43.60 35.75 42.93
C VAL E 540 43.19 34.55 43.76
N THR E 541 42.00 34.03 43.48
CA THR E 541 41.49 32.88 44.20
C THR E 541 42.25 31.64 43.76
N SER E 542 43.10 31.14 44.64
CA SER E 542 43.83 29.90 44.36
C SER E 542 42.86 28.74 44.29
N ASN E 543 43.13 27.82 43.35
CA ASN E 543 42.32 26.62 43.12
C ASN E 543 40.89 26.99 42.72
N LEU E 544 40.77 27.97 41.83
CA LEU E 544 39.45 28.46 41.42
C LEU E 544 38.68 27.36 40.69
N SER E 545 37.37 27.37 40.88
CA SER E 545 36.47 26.36 40.33
C SER E 545 35.04 26.80 40.58
N ALA E 546 34.10 26.11 39.95
CA ALA E 546 32.69 26.35 40.20
C ALA E 546 32.25 25.85 41.57
N ASN E 547 33.06 24.99 42.21
CA ASN E 547 32.70 24.47 43.52
C ASN E 547 32.70 25.58 44.57
N ILE E 548 33.77 26.36 44.63
CA ILE E 548 33.78 27.52 45.51
C ILE E 548 32.86 28.59 44.95
N THR E 549 31.99 29.11 45.80
CA THR E 549 30.90 29.96 45.37
C THR E 549 30.98 31.30 46.10
N GLY E 550 29.94 32.10 45.95
CA GLY E 550 29.96 33.45 46.46
C GLY E 550 30.61 34.40 45.49
N PHE E 551 30.61 35.68 45.87
CA PHE E 551 31.18 36.70 45.01
C PHE E 551 32.68 36.76 45.20
N LEU E 552 33.40 36.76 44.11
CA LEU E 552 34.83 36.51 44.05
C LEU E 552 35.50 37.65 43.30
N PRO E 553 36.83 37.83 43.45
CA PRO E 553 37.49 38.94 42.73
C PRO E 553 37.36 38.87 41.22
N ILE E 554 37.18 37.67 40.67
CA ILE E 554 36.93 37.51 39.23
C ILE E 554 35.68 38.27 38.82
N HIS E 555 34.65 38.26 39.66
CA HIS E 555 33.43 39.03 39.36
C HIS E 555 33.72 40.52 39.33
N CYS E 556 34.57 41.00 40.25
CA CYS E 556 34.94 42.41 40.29
C CYS E 556 35.67 42.81 39.01
N ILE E 557 36.67 42.03 38.63
CA ILE E 557 37.47 42.34 37.45
C ILE E 557 36.61 42.26 36.20
N TYR E 558 35.70 41.28 36.14
CA TYR E 558 34.78 41.18 35.02
C TYR E 558 33.90 42.41 34.93
N GLN E 559 33.39 42.89 36.07
CA GLN E 559 32.48 44.03 36.04
C GLN E 559 33.18 45.30 35.60
N LEU E 560 34.38 45.56 36.12
CA LEU E 560 35.15 46.69 35.61
C LEU E 560 35.48 46.56 34.13
N LEU E 561 35.92 45.37 33.69
CA LEU E 561 36.25 45.18 32.29
C LEU E 561 35.03 45.39 31.38
N ARG E 562 33.85 45.01 31.85
CA ARG E 562 32.65 45.24 31.06
C ARG E 562 32.24 46.71 31.09
N SER E 563 32.58 47.44 32.16
CA SER E 563 32.25 48.85 32.23
C SER E 563 33.25 49.75 31.53
N ARG E 564 34.36 49.20 31.03
CA ARG E 564 35.43 49.96 30.34
C ARG E 564 35.98 51.05 31.25
N SER E 565 36.58 50.60 32.35
CA SER E 565 37.07 51.50 33.39
C SER E 565 38.58 51.68 33.42
N PHE E 566 39.36 50.73 32.92
CA PHE E 566 40.81 50.83 33.10
C PHE E 566 41.43 51.77 32.08
N THR E 567 40.96 51.69 30.83
CA THR E 567 41.41 52.61 29.79
C THR E 567 41.16 54.07 30.16
N LYS E 568 40.17 54.32 31.02
CA LYS E 568 39.97 55.66 31.54
C LYS E 568 41.00 56.03 32.60
N HIS E 569 41.66 55.05 33.21
CA HIS E 569 42.63 55.30 34.27
C HIS E 569 44.03 54.78 33.99
N LYS E 570 44.24 54.05 32.89
CA LYS E 570 45.56 53.60 32.42
C LYS E 570 46.27 52.74 33.46
N VAL E 571 45.68 51.59 33.76
CA VAL E 571 46.24 50.66 34.74
C VAL E 571 46.12 49.24 34.19
N SER E 572 47.13 48.41 34.44
CA SER E 572 47.25 47.09 33.84
C SER E 572 46.70 46.01 34.77
N ILE E 573 46.06 45.01 34.18
CA ILE E 573 45.59 43.80 34.86
C ILE E 573 46.02 42.53 34.13
N LYS E 574 46.83 42.68 33.09
CA LYS E 574 47.32 41.54 32.34
C LYS E 574 48.00 40.53 33.24
N ASP E 575 48.82 41.02 34.18
CA ASP E 575 49.44 40.14 35.16
C ASP E 575 48.37 39.44 36.02
N TRP E 576 47.34 40.19 36.42
CA TRP E 576 46.27 39.61 37.24
C TRP E 576 45.51 38.54 36.47
N ILE E 577 45.16 38.81 35.21
CA ILE E 577 44.43 37.83 34.40
C ILE E 577 45.27 36.58 34.21
N TYR E 578 46.55 36.75 33.88
CA TYR E 578 47.41 35.61 33.65
C TYR E 578 47.58 34.80 34.93
N ARG E 579 47.74 35.47 36.07
CA ARG E 579 47.92 34.78 37.34
C ARG E 579 46.67 34.03 37.76
N GLN E 580 45.50 34.64 37.55
CA GLN E 580 44.25 33.96 37.87
C GLN E 580 44.03 32.75 36.99
N LEU E 581 44.33 32.88 35.68
CA LEU E 581 44.12 31.76 34.76
C LEU E 581 44.99 30.56 35.10
N CYS E 582 46.15 30.78 35.72
CA CYS E 582 46.99 29.68 36.17
C CYS E 582 46.48 29.00 37.42
N GLU E 583 45.44 29.53 38.06
CA GLU E 583 45.00 29.05 39.36
C GLU E 583 43.57 28.54 39.28
N THR E 584 43.30 27.71 38.28
CA THR E 584 41.97 27.16 38.04
C THR E 584 41.99 25.65 38.23
N SER E 585 40.83 25.09 38.53
CA SER E 585 40.65 23.67 38.71
C SER E 585 39.55 23.17 37.79
N THR E 586 39.38 21.85 37.75
CA THR E 586 38.59 21.22 36.70
C THR E 586 37.11 21.63 36.65
N PRO E 587 36.33 21.72 37.77
CA PRO E 587 34.92 22.13 37.60
C PRO E 587 34.86 23.62 37.31
N LEU E 588 35.01 23.98 36.02
CA LEU E 588 35.31 25.35 35.61
C LEU E 588 34.29 26.36 36.10
N HIS E 589 34.81 27.45 36.65
CA HIS E 589 33.96 28.55 37.08
C HIS E 589 33.26 29.18 35.87
N PRO E 590 31.97 29.51 35.98
CA PRO E 590 31.24 30.01 34.82
C PRO E 590 31.61 31.43 34.42
N GLN E 591 32.44 32.13 35.20
CA GLN E 591 32.80 33.50 34.89
C GLN E 591 34.15 33.63 34.18
N LEU E 592 34.90 32.53 34.04
CA LEU E 592 36.21 32.62 33.39
C LEU E 592 36.09 32.94 31.91
N LEU E 593 35.16 32.27 31.22
CA LEU E 593 35.00 32.51 29.78
C LEU E 593 34.50 33.92 29.49
N PRO E 594 33.44 34.46 30.12
CA PRO E 594 33.11 35.87 29.91
C PRO E 594 34.23 36.82 30.29
N LEU E 595 35.01 36.49 31.33
CA LEU E 595 36.15 37.33 31.71
C LEU E 595 37.17 37.41 30.58
N ILE E 596 37.50 36.26 29.99
CA ILE E 596 38.46 36.24 28.89
C ILE E 596 37.89 37.00 27.70
N ASP E 597 36.59 36.84 27.43
CA ASP E 597 35.95 37.54 26.32
C ASP E 597 36.03 39.05 26.48
N VAL E 598 35.64 39.56 27.65
CA VAL E 598 35.66 41.01 27.86
C VAL E 598 37.09 41.52 27.94
N TYR E 599 38.04 40.71 28.42
CA TYR E 599 39.43 41.15 28.44
C TYR E 599 39.97 41.31 27.03
N ILE E 600 39.68 40.36 26.15
CA ILE E 600 40.08 40.47 24.75
C ILE E 600 39.41 41.67 24.10
N ASN E 601 38.12 41.88 24.38
CA ASN E 601 37.42 43.06 23.89
C ASN E 601 38.07 44.35 24.39
N SER E 602 38.54 44.35 25.64
CA SER E 602 39.23 45.50 26.21
C SER E 602 40.53 45.77 25.48
N ILE E 603 41.26 44.71 25.10
CA ILE E 603 42.54 44.88 24.41
C ILE E 603 42.35 45.63 23.09
N LEU E 604 41.39 45.17 22.28
CA LEU E 604 41.14 45.76 20.97
C LEU E 604 40.02 46.79 21.02
N THR E 605 40.10 47.77 21.92
CA THR E 605 39.12 48.86 21.99
C THR E 605 39.73 50.05 22.72
N PRO E 606 40.19 51.09 22.00
CA PRO E 606 40.72 52.30 22.63
C PRO E 606 39.65 53.15 23.33
N ALA E 614 46.04 53.66 27.11
CA ALA E 614 45.23 53.18 25.99
C ALA E 614 45.26 51.67 25.89
N THR E 615 44.13 51.05 26.25
CA THR E 615 43.87 49.60 26.21
C THR E 615 44.76 48.80 27.16
N ASN E 616 44.39 47.55 27.41
CA ASN E 616 45.20 46.68 28.23
C ASN E 616 46.16 45.88 27.36
N GLN E 617 47.32 45.59 27.90
CA GLN E 617 48.32 44.88 27.13
C GLN E 617 48.04 43.38 27.16
N PRO E 618 48.16 42.69 26.03
CA PRO E 618 47.99 41.23 26.05
C PRO E 618 49.22 40.56 26.65
N VAL E 619 49.01 39.33 27.10
CA VAL E 619 50.09 38.55 27.71
C VAL E 619 51.21 38.30 26.69
N THR E 620 52.43 38.24 27.19
CA THR E 620 53.61 38.17 26.33
C THR E 620 53.87 36.74 25.87
N GLU E 621 54.81 36.61 24.92
CA GLU E 621 55.20 35.31 24.38
C GLU E 621 55.71 34.38 25.48
N GLN E 622 56.67 34.85 26.26
CA GLN E 622 57.27 34.03 27.30
C GLN E 622 56.28 33.71 28.42
N GLU E 623 55.29 34.58 28.62
CA GLU E 623 54.33 34.38 29.69
C GLU E 623 53.49 33.12 29.46
N ILE E 624 53.15 32.84 28.19
CA ILE E 624 52.35 31.67 27.86
C ILE E 624 53.17 30.55 27.25
N LEU E 625 54.45 30.78 26.97
CA LEU E 625 55.30 29.64 26.65
C LEU E 625 55.50 28.77 27.89
N ASN E 626 55.53 29.39 29.08
CA ASN E 626 55.65 28.62 30.32
C ASN E 626 54.45 27.72 30.54
N ILE E 627 53.27 28.12 30.03
CA ILE E 627 52.07 27.30 30.14
C ILE E 627 52.27 25.97 29.42
N PHE E 628 52.84 26.03 28.21
CA PHE E 628 53.05 24.88 27.36
C PHE E 628 54.52 24.44 27.37
N GLN E 629 55.23 24.67 28.47
CA GLN E 629 56.63 24.28 28.57
C GLN E 629 56.80 22.79 28.74
N GLY E 630 55.77 22.07 29.21
CA GLY E 630 55.88 20.65 29.40
C GLY E 630 55.39 19.85 28.22
N VAL E 631 54.38 19.01 28.46
CA VAL E 631 53.75 18.15 27.45
C VAL E 631 54.75 17.22 26.79
N GLN E 641 57.25 23.94 36.30
CA GLN E 641 55.94 24.38 36.72
C GLN E 641 54.84 23.68 35.93
N ARG E 642 54.38 22.55 36.45
CA ARG E 642 53.33 21.75 35.80
C ARG E 642 51.99 22.42 36.04
N PHE E 643 51.49 23.12 35.02
CA PHE E 643 50.24 23.84 35.14
C PHE E 643 49.06 22.90 34.86
N SER E 644 47.90 23.27 35.41
CA SER E 644 46.72 22.44 35.32
C SER E 644 46.17 22.44 33.91
N ILE E 645 45.44 21.38 33.57
CA ILE E 645 44.90 21.23 32.22
C ILE E 645 43.87 22.32 31.94
N THR E 646 43.09 22.71 32.94
CA THR E 646 42.11 23.78 32.73
C THR E 646 42.78 25.12 32.50
N ALA E 647 43.93 25.36 33.14
CA ALA E 647 44.70 26.57 32.86
C ALA E 647 45.20 26.58 31.42
N GLN E 648 45.70 25.44 30.95
CA GLN E 648 46.13 25.32 29.56
C GLN E 648 44.99 25.57 28.60
N LEU E 649 43.80 25.02 28.90
CA LEU E 649 42.68 25.16 28.00
C LEU E 649 42.14 26.59 28.00
N LEU E 650 42.17 27.27 29.14
CA LEU E 650 41.76 28.67 29.18
C LEU E 650 42.74 29.56 28.42
N VAL E 651 44.04 29.28 28.55
CA VAL E 651 45.02 30.07 27.79
C VAL E 651 44.87 29.80 26.29
N LEU E 652 44.61 28.54 25.92
CA LEU E 652 44.36 28.22 24.51
C LEU E 652 43.11 28.91 23.99
N TYR E 653 42.04 28.92 24.79
CA TYR E 653 40.82 29.61 24.41
C TYR E 653 41.06 31.09 24.23
N TYR E 654 41.84 31.69 25.15
CA TYR E 654 42.17 33.10 25.04
C TYR E 654 42.95 33.37 23.76
N ILE E 655 43.92 32.51 23.44
CA ILE E 655 44.75 32.73 22.26
C ILE E 655 43.93 32.64 20.98
N LEU E 656 43.15 31.57 20.83
CA LEU E 656 42.34 31.41 19.63
C LEU E 656 41.30 32.52 19.50
N SER E 657 40.67 32.90 20.60
CA SER E 657 39.71 34.00 20.57
C SER E 657 40.38 35.32 20.25
N TYR E 658 41.60 35.53 20.75
CA TYR E 658 42.35 36.73 20.46
C TYR E 658 42.69 36.84 18.98
N GLU E 659 43.14 35.73 18.38
CA GLU E 659 43.42 35.73 16.95
C GLU E 659 42.17 35.99 16.14
N GLU E 660 41.05 35.36 16.52
CA GLU E 660 39.80 35.57 15.81
C GLU E 660 39.35 37.03 15.92
N ALA E 661 39.46 37.61 17.10
CA ALA E 661 39.07 39.01 17.31
C ALA E 661 40.00 39.95 16.54
N LEU E 662 41.30 39.63 16.48
CA LEU E 662 42.23 40.43 15.70
C LEU E 662 41.85 40.43 14.23
N LEU E 663 41.49 39.25 13.70
CA LEU E 663 41.01 39.19 12.33
C LEU E 663 39.71 39.96 12.14
N ALA E 664 38.85 39.95 13.16
CA ALA E 664 37.56 40.61 13.06
C ALA E 664 37.59 42.11 13.35
N ASN E 665 38.66 42.64 13.94
CA ASN E 665 38.73 44.04 14.37
C ASN E 665 39.99 44.72 13.84
N THR E 666 40.22 44.61 12.53
CA THR E 666 41.35 45.29 11.92
C THR E 666 41.08 46.77 11.66
N LYS E 667 39.84 47.23 11.87
CA LYS E 667 39.50 48.62 11.58
C LYS E 667 40.05 49.59 12.63
N THR E 668 40.22 49.13 13.86
CA THR E 668 40.57 49.98 14.99
C THR E 668 42.04 49.85 15.37
N LEU E 669 42.92 49.72 14.37
CA LEU E 669 44.35 49.60 14.65
C LEU E 669 44.92 50.91 15.16
N ALA E 670 44.90 51.95 14.33
CA ALA E 670 45.26 53.33 14.68
C ALA E 670 46.66 53.45 15.28
N ALA E 671 47.58 52.59 14.85
CA ALA E 671 48.95 52.54 15.35
C ALA E 671 49.73 51.59 14.45
N MET E 672 50.97 51.28 14.85
CA MET E 672 51.77 50.31 14.12
C MET E 672 51.26 48.90 14.40
N GLN E 673 51.87 47.93 13.69
CA GLN E 673 51.50 46.52 13.87
C GLN E 673 51.95 45.96 15.22
N ARG E 674 52.96 46.55 15.86
CA ARG E 674 53.39 46.04 17.16
C ARG E 674 52.52 46.50 18.32
N LYS E 675 51.65 47.49 18.11
CA LYS E 675 50.74 47.92 19.17
C LYS E 675 49.73 46.83 19.56
N PRO E 676 48.88 46.32 18.65
CA PRO E 676 48.10 45.12 19.02
C PRO E 676 48.96 43.91 19.31
N LYS E 677 50.11 43.80 18.65
CA LYS E 677 51.10 42.74 18.86
C LYS E 677 50.49 41.36 18.61
N SER E 678 50.13 41.14 17.34
CA SER E 678 49.66 39.84 16.90
C SER E 678 50.73 38.79 17.16
N TYR E 679 50.28 37.61 17.59
CA TYR E 679 51.20 36.61 18.12
C TYR E 679 52.09 36.03 17.02
N SER E 680 53.35 35.79 17.39
CA SER E 680 54.34 35.27 16.44
C SER E 680 53.96 33.86 15.99
N SER E 681 54.29 33.56 14.73
CA SER E 681 53.99 32.24 14.18
C SER E 681 54.76 31.14 14.89
N SER E 682 55.96 31.45 15.40
CA SER E 682 56.75 30.46 16.12
C SER E 682 56.04 29.98 17.39
N LEU E 683 55.49 30.93 18.16
CA LEU E 683 54.75 30.59 19.37
C LEU E 683 53.53 29.73 19.03
N MET E 684 52.79 30.11 17.98
CA MET E 684 51.67 29.31 17.52
C MET E 684 52.10 27.90 17.16
N ASP E 685 53.26 27.77 16.51
CA ASP E 685 53.80 26.45 16.22
C ASP E 685 54.15 25.68 17.47
N GLN E 686 54.46 26.39 18.57
CA GLN E 686 54.79 25.69 19.81
C GLN E 686 53.56 25.14 20.53
N ILE E 687 52.37 25.64 20.23
CA ILE E 687 51.18 25.31 21.00
C ILE E 687 50.58 24.01 20.48
N PRO E 688 50.34 23.01 21.33
CA PRO E 688 49.70 21.76 20.87
C PRO E 688 48.18 21.88 20.87
N ILE E 689 47.64 22.44 19.79
CA ILE E 689 46.20 22.72 19.71
C ILE E 689 45.39 21.44 19.73
N LYS E 690 45.78 20.47 18.92
CA LYS E 690 44.98 19.24 18.76
C LYS E 690 44.99 18.41 20.03
N PHE E 691 46.15 18.30 20.68
CA PHE E 691 46.26 17.55 21.92
C PHE E 691 45.36 18.13 23.00
N LEU E 692 45.38 19.45 23.13
CA LEU E 692 44.52 20.11 24.12
C LEU E 692 43.04 19.98 23.75
N ILE E 693 42.70 20.01 22.46
CA ILE E 693 41.31 19.82 22.06
C ILE E 693 40.84 18.41 22.41
N ARG E 694 41.69 17.40 22.20
CA ARG E 694 41.34 16.05 22.60
C ARG E 694 41.18 15.94 24.11
N GLN E 695 42.08 16.58 24.87
CA GLN E 695 41.97 16.56 26.32
C GLN E 695 40.67 17.23 26.80
N ALA E 696 40.31 18.36 26.19
CA ALA E 696 39.07 19.04 26.53
C ALA E 696 37.87 18.18 26.19
N GLN E 697 37.90 17.49 25.05
CA GLN E 697 36.85 16.55 24.69
C GLN E 697 36.75 15.42 25.70
N GLY E 698 37.88 15.04 26.32
CA GLY E 698 37.85 14.05 27.38
C GLY E 698 37.24 14.53 28.68
N LEU E 699 37.13 15.85 28.87
CA LEU E 699 36.59 16.44 30.09
C LEU E 699 35.45 17.39 29.75
N GLN E 700 34.52 16.93 28.91
CA GLN E 700 33.46 17.79 28.39
C GLN E 700 32.58 18.35 29.50
N GLN E 701 32.05 17.48 30.36
CA GLN E 701 31.07 17.90 31.35
C GLN E 701 31.68 18.79 32.43
N GLU E 702 32.96 18.60 32.75
CA GLU E 702 33.59 19.37 33.83
C GLU E 702 33.97 20.78 33.42
N LEU E 703 34.09 21.07 32.12
CA LEU E 703 34.63 22.35 31.69
C LEU E 703 33.57 23.33 31.23
N GLY E 704 32.30 23.05 31.45
CA GLY E 704 31.26 23.98 31.01
C GLY E 704 31.27 24.15 29.51
N GLY E 705 31.14 25.40 29.07
CA GLY E 705 31.15 25.72 27.67
C GLY E 705 32.51 25.87 27.04
N LEU E 706 33.57 25.48 27.75
CA LEU E 706 34.93 25.64 27.23
C LEU E 706 35.18 24.74 26.03
N HIS E 707 34.75 23.48 26.10
CA HIS E 707 34.95 22.54 24.99
C HIS E 707 34.21 23.00 23.75
N SER E 708 32.97 23.47 23.91
CA SER E 708 32.17 23.91 22.77
C SER E 708 32.78 25.14 22.12
N ALA E 709 33.25 26.10 22.93
CA ALA E 709 33.88 27.29 22.37
C ALA E 709 35.18 26.96 21.67
N LEU E 710 35.97 26.05 22.27
CA LEU E 710 37.21 25.61 21.65
C LEU E 710 36.94 24.93 20.31
N LEU E 711 35.90 24.10 20.24
CA LEU E 711 35.55 23.46 18.98
C LEU E 711 35.07 24.47 17.95
N ARG E 712 34.34 25.49 18.39
CA ARG E 712 33.96 26.59 17.50
C ARG E 712 35.18 27.25 16.89
N LEU E 713 36.15 27.62 17.74
CA LEU E 713 37.35 28.28 17.25
C LEU E 713 38.16 27.38 16.33
N LEU E 714 38.24 26.08 16.68
CA LEU E 714 38.97 25.13 15.85
C LEU E 714 38.33 24.99 14.48
N ALA E 715 37.00 24.84 14.44
CA ALA E 715 36.32 24.69 13.17
C ALA E 715 36.33 25.97 12.35
N THR E 716 36.46 27.12 13.01
CA THR E 716 36.50 28.38 12.27
C THR E 716 37.88 28.64 11.68
N ASN E 717 38.93 28.58 12.51
CA ASN E 717 40.25 29.04 12.09
C ASN E 717 41.24 27.94 11.76
N TYR E 718 40.92 26.68 12.07
CA TYR E 718 41.84 25.57 11.84
C TYR E 718 41.13 24.42 11.14
N PRO E 719 40.65 24.62 9.90
CA PRO E 719 39.99 23.50 9.19
C PRO E 719 40.90 22.33 8.94
N HIS E 720 42.21 22.54 8.83
CA HIS E 720 43.15 21.45 8.65
C HIS E 720 43.26 20.57 9.88
N LEU E 721 42.82 21.06 11.04
CA LEU E 721 42.70 20.22 12.23
C LEU E 721 41.32 19.60 12.34
N CYS E 722 40.44 19.88 11.39
CA CYS E 722 39.08 19.36 11.39
C CYS E 722 38.84 18.35 10.28
N ILE E 723 39.90 17.70 9.81
CA ILE E 723 39.77 16.66 8.79
C ILE E 723 39.24 15.40 9.46
N VAL E 724 38.08 14.92 8.99
CA VAL E 724 37.35 13.87 9.68
C VAL E 724 38.11 12.56 9.66
N ASP E 725 38.91 12.31 8.60
CA ASP E 725 39.72 11.09 8.54
C ASP E 725 40.74 11.04 9.67
N ASP E 726 41.17 12.20 10.16
CA ASP E 726 42.07 12.26 11.32
C ASP E 726 41.33 12.06 12.63
N TRP E 727 40.02 12.30 12.66
CA TRP E 727 39.21 12.12 13.85
C TRP E 727 38.52 10.78 13.90
N ILE E 728 37.94 10.34 12.78
CA ILE E 728 37.16 9.11 12.75
C ILE E 728 38.00 7.88 13.03
N CYS E 729 39.31 7.93 12.76
CA CYS E 729 40.18 6.81 13.06
C CYS E 729 40.34 6.55 14.55
N GLU E 730 39.98 7.53 15.39
CA GLU E 730 39.98 7.34 16.83
C GLU E 730 38.71 6.68 17.34
N GLU E 731 37.75 6.40 16.48
CA GLU E 731 36.50 5.79 16.89
C GLU E 731 36.69 4.30 17.14
N GLU E 732 35.89 3.76 18.06
CA GLU E 732 35.97 2.35 18.39
C GLU E 732 35.48 1.52 17.22
N ILE E 733 35.99 0.29 17.13
CA ILE E 733 35.50 -0.66 16.14
C ILE E 733 34.99 -1.89 16.87
N THR E 734 35.90 -2.63 17.50
CA THR E 734 35.53 -3.83 18.26
C THR E 734 36.32 -3.98 19.56
N GLY E 735 37.17 -3.02 19.91
CA GLY E 735 37.90 -3.10 21.16
C GLY E 735 39.12 -4.00 21.15
N THR E 736 39.54 -4.46 19.97
CA THR E 736 40.73 -5.30 19.88
C THR E 736 41.98 -4.55 20.32
N ASP E 737 42.08 -3.27 19.97
CA ASP E 737 43.25 -2.48 20.33
C ASP E 737 43.38 -2.36 21.85
N ALA E 738 42.27 -2.13 22.54
CA ALA E 738 42.30 -2.04 24.00
C ALA E 738 42.72 -3.36 24.63
N LEU E 739 42.18 -4.47 24.12
CA LEU E 739 42.51 -5.79 24.66
C LEU E 739 43.98 -6.12 24.44
N LEU E 740 44.49 -5.86 23.24
CA LEU E 740 45.89 -6.16 22.93
C LEU E 740 46.82 -5.26 23.73
N ARG E 741 46.45 -3.99 23.91
CA ARG E 741 47.23 -3.11 24.78
C ARG E 741 47.25 -3.62 26.20
N ARG E 742 46.10 -4.08 26.70
CA ARG E 742 46.04 -4.56 28.09
C ARG E 742 46.88 -5.82 28.28
N MET E 743 46.91 -6.69 27.27
CA MET E 743 47.52 -8.00 27.43
C MET E 743 48.93 -8.10 26.86
N LEU E 744 49.42 -7.07 26.18
CA LEU E 744 50.79 -7.07 25.67
C LEU E 744 51.68 -6.00 26.27
N LEU E 745 51.13 -4.87 26.68
CA LEU E 745 51.94 -3.76 27.17
C LEU E 745 52.16 -3.81 28.68
N THR E 746 51.54 -4.73 29.39
CA THR E 746 51.62 -4.81 30.83
C THR E 746 52.82 -5.61 31.33
N ASN E 747 53.68 -6.08 30.43
CA ASN E 747 54.90 -6.77 30.83
C ASN E 747 55.95 -5.83 31.42
N ASN E 748 55.68 -4.52 31.42
CA ASN E 748 56.52 -3.42 31.89
C ASN E 748 57.98 -3.56 31.48
N ALA E 749 58.19 -4.04 30.25
CA ALA E 749 59.51 -4.03 29.64
C ALA E 749 59.60 -2.82 28.71
N LYS E 750 59.71 -1.66 29.36
CA LYS E 750 59.68 -0.37 28.68
C LYS E 750 61.03 0.04 28.11
N ASN E 751 61.92 -0.93 27.86
CA ASN E 751 63.25 -0.64 27.33
C ASN E 751 63.21 0.05 25.97
N HIS E 752 62.10 -0.06 25.24
CA HIS E 752 62.00 0.52 23.90
C HIS E 752 61.89 2.03 23.96
N SER E 753 62.98 2.69 24.29
CA SER E 753 63.03 4.14 24.30
C SER E 753 63.21 4.67 22.88
N PRO E 754 62.91 5.96 22.64
CA PRO E 754 63.23 6.54 21.33
C PRO E 754 64.70 6.48 20.99
N LYS E 755 65.58 6.59 21.99
CA LYS E 755 67.01 6.48 21.75
C LYS E 755 67.38 5.11 21.19
N GLN E 756 66.78 4.04 21.74
CA GLN E 756 67.05 2.69 21.25
C GLN E 756 66.60 2.53 19.81
N LEU E 757 65.43 3.09 19.48
CA LEU E 757 64.95 3.06 18.10
C LEU E 757 65.89 3.83 17.19
N GLN E 758 66.42 4.96 17.67
CA GLN E 758 67.37 5.74 16.90
C GLN E 758 68.64 4.95 16.62
N GLU E 759 69.16 4.25 17.63
CA GLU E 759 70.35 3.42 17.43
C GLU E 759 70.06 2.29 16.45
N ALA E 760 68.87 1.70 16.53
CA ALA E 760 68.49 0.67 15.57
C ALA E 760 68.45 1.22 14.15
N PHE E 761 67.92 2.44 13.99
CA PHE E 761 67.85 3.05 12.66
C PHE E 761 69.23 3.44 12.14
N SER E 762 70.16 3.74 13.03
CA SER E 762 71.47 4.27 12.64
C SER E 762 72.53 3.20 12.44
N ALA E 763 72.19 1.92 12.61
CA ALA E 763 73.14 0.84 12.41
C ALA E 763 73.49 0.72 10.94
N VAL E 764 74.79 0.81 10.62
CA VAL E 764 75.22 0.72 9.22
C VAL E 764 74.86 -0.63 8.60
N PRO E 765 75.19 -1.80 9.21
CA PRO E 765 74.52 -3.02 8.72
C PRO E 765 73.11 -3.10 9.31
N VAL E 766 72.21 -2.29 8.74
CA VAL E 766 70.88 -2.09 9.33
C VAL E 766 70.09 -3.39 9.35
N ASN E 767 69.50 -3.66 10.51
CA ASN E 767 68.67 -4.83 10.74
C ASN E 767 67.20 -4.42 10.85
N ASN E 768 66.45 -4.64 9.77
CA ASN E 768 65.04 -4.27 9.74
C ASN E 768 64.24 -5.08 10.76
N THR E 769 64.66 -6.32 11.03
CA THR E 769 64.00 -7.17 12.01
C THR E 769 64.04 -6.54 13.39
N GLN E 770 65.21 -6.05 13.80
CA GLN E 770 65.33 -5.38 15.09
C GLN E 770 64.51 -4.10 15.11
N VAL E 771 64.53 -3.36 13.99
CA VAL E 771 63.72 -2.15 13.83
C VAL E 771 62.24 -2.48 14.05
N MET E 772 61.80 -3.62 13.52
CA MET E 772 60.39 -3.99 13.65
C MET E 772 60.04 -4.32 15.09
N GLN E 773 60.92 -5.04 15.79
CA GLN E 773 60.73 -5.46 17.17
C GLN E 773 60.48 -4.29 18.14
N ILE E 774 60.74 -3.07 17.69
CA ILE E 774 60.51 -1.86 18.47
C ILE E 774 59.21 -1.23 18.02
N ILE E 775 59.12 -0.94 16.71
CA ILE E 775 57.99 -0.16 16.21
C ILE E 775 56.69 -0.97 16.30
N GLU E 776 56.75 -2.30 16.18
CA GLU E 776 55.57 -3.11 16.40
C GLU E 776 55.04 -2.96 17.83
N HIS E 777 55.96 -2.89 18.79
CA HIS E 777 55.59 -2.60 20.17
C HIS E 777 54.98 -1.21 20.31
N LEU E 778 55.34 -0.28 19.42
CA LEU E 778 54.81 1.07 19.50
C LEU E 778 53.37 1.19 18.99
N THR E 779 52.91 0.21 18.22
CA THR E 779 51.51 0.22 17.79
C THR E 779 50.54 0.03 18.95
N LEU E 780 51.00 -0.55 20.06
CA LEU E 780 50.17 -0.69 21.25
C LEU E 780 50.09 0.61 22.03
N LEU E 781 50.99 1.55 21.78
CA LEU E 781 51.05 2.76 22.58
C LEU E 781 49.91 3.71 22.22
N SER E 782 49.47 4.46 23.22
CA SER E 782 48.53 5.54 23.00
C SER E 782 49.21 6.68 22.25
N ALA E 783 48.39 7.55 21.65
CA ALA E 783 48.93 8.69 20.92
C ALA E 783 49.70 9.62 21.84
N SER E 784 49.21 9.84 23.06
CA SER E 784 49.86 10.73 24.01
C SER E 784 51.26 10.23 24.40
N GLU E 785 51.40 8.92 24.58
CA GLU E 785 52.68 8.33 24.94
C GLU E 785 53.53 8.00 23.72
N LEU E 786 53.03 8.23 22.51
CA LEU E 786 53.82 8.08 21.30
C LEU E 786 54.52 9.37 20.89
N ILE E 787 54.30 10.47 21.62
CA ILE E 787 54.90 11.76 21.25
C ILE E 787 56.43 11.73 21.19
N PRO E 788 57.16 11.19 22.20
CA PRO E 788 58.63 11.32 22.15
C PRO E 788 59.30 10.59 20.98
N TYR E 789 58.62 9.62 20.38
CA TYR E 789 59.21 8.87 19.28
C TYR E 789 59.05 9.54 17.92
N ALA E 790 58.29 10.64 17.85
CA ALA E 790 57.97 11.25 16.57
C ALA E 790 59.21 11.72 15.82
N GLU E 791 60.16 12.36 16.50
CA GLU E 791 61.34 12.84 15.81
C GLU E 791 62.23 11.69 15.37
N VAL E 792 62.11 10.55 16.02
CA VAL E 792 62.90 9.39 15.66
C VAL E 792 62.33 8.71 14.43
N LEU E 793 61.04 8.41 14.42
CA LEU E 793 60.50 7.71 13.28
C LEU E 793 60.09 8.64 12.15
N THR E 794 60.34 9.94 12.29
CA THR E 794 60.18 10.87 11.18
C THR E 794 61.53 11.23 10.57
N SER E 795 62.51 11.60 11.40
CA SER E 795 63.81 11.99 10.88
C SER E 795 64.52 10.82 10.22
N ASN E 796 64.40 9.62 10.80
CA ASN E 796 65.10 8.44 10.31
C ASN E 796 64.34 7.71 9.21
N MET E 797 63.23 8.24 8.72
CA MET E 797 62.43 7.53 7.74
C MET E 797 62.70 7.96 6.30
N SER E 798 63.70 8.83 6.09
CA SER E 798 64.27 8.96 4.76
C SER E 798 65.00 7.70 4.36
N GLN E 799 65.56 6.98 5.33
CA GLN E 799 66.23 5.71 5.06
C GLN E 799 65.26 4.65 4.53
N LEU E 800 63.99 4.75 4.91
CA LEU E 800 63.01 3.75 4.48
C LEU E 800 62.74 3.78 2.98
N LEU E 801 63.13 4.85 2.29
CA LEU E 801 62.98 4.90 0.85
C LEU E 801 64.00 4.04 0.11
N ASN E 802 65.04 3.56 0.79
CA ASN E 802 66.05 2.73 0.16
C ASN E 802 65.47 1.39 -0.26
N SER E 803 66.09 0.79 -1.28
CA SER E 803 65.62 -0.48 -1.81
C SER E 803 65.75 -1.58 -0.77
N GLY E 804 64.87 -2.58 -0.86
CA GLY E 804 64.92 -3.73 0.01
C GLY E 804 64.26 -3.53 1.37
N VAL E 805 63.74 -2.35 1.66
CA VAL E 805 63.08 -2.12 2.95
C VAL E 805 61.75 -2.86 2.96
N PRO E 806 61.44 -3.64 4.00
CA PRO E 806 60.20 -4.42 3.99
C PRO E 806 58.96 -3.56 4.01
N ARG E 807 57.89 -4.06 3.41
CA ARG E 807 56.62 -3.35 3.43
C ARG E 807 55.97 -3.37 4.81
N ARG E 808 56.34 -4.33 5.67
CA ARG E 808 55.84 -4.33 7.04
C ARG E 808 56.34 -3.12 7.81
N ILE E 809 57.61 -2.78 7.65
CA ILE E 809 58.20 -1.63 8.33
C ILE E 809 57.51 -0.36 7.89
N LEU E 810 57.29 -0.21 6.58
CA LEU E 810 56.65 0.98 6.05
C LEU E 810 55.19 1.06 6.48
N GLN E 811 54.49 -0.07 6.51
CA GLN E 811 53.10 -0.09 6.97
C GLN E 811 53.00 0.32 8.44
N THR E 812 53.89 -0.20 9.28
CA THR E 812 53.88 0.16 10.69
C THR E 812 54.25 1.63 10.89
N VAL E 813 55.18 2.14 10.08
CA VAL E 813 55.54 3.56 10.16
C VAL E 813 54.34 4.42 9.76
N ASN E 814 53.60 3.99 8.74
CA ASN E 814 52.38 4.69 8.34
C ASN E 814 51.35 4.68 9.47
N LYS E 815 51.20 3.54 10.14
CA LYS E 815 50.25 3.42 11.23
C LYS E 815 50.62 4.35 12.39
N LEU E 816 51.89 4.34 12.80
CA LEU E 816 52.34 5.23 13.86
C LEU E 816 52.24 6.69 13.44
N TRP E 817 52.46 6.97 12.15
CA TRP E 817 52.32 8.34 11.67
C TRP E 817 50.87 8.80 11.81
N MET E 818 49.92 7.91 11.53
CA MET E 818 48.50 8.27 11.69
C MET E 818 48.16 8.47 13.15
N VAL E 819 48.76 7.67 14.04
CA VAL E 819 48.47 7.79 15.46
C VAL E 819 49.09 9.08 16.00
N LEU E 820 50.15 9.57 15.38
CA LEU E 820 50.72 10.84 15.78
C LEU E 820 49.99 12.01 15.13
N ASN E 821 49.43 11.77 13.95
CA ASN E 821 48.64 12.78 13.26
C ASN E 821 47.34 13.05 14.00
N THR E 822 46.86 12.06 14.76
CA THR E 822 45.66 12.27 15.57
C THR E 822 45.89 13.31 16.66
N VAL E 823 47.11 13.41 17.19
CA VAL E 823 47.36 14.10 18.45
C VAL E 823 48.12 15.40 18.24
N MET E 824 49.05 15.47 17.30
CA MET E 824 49.80 16.70 17.03
C MET E 824 50.13 16.82 15.54
N PRO E 825 49.11 17.03 14.70
CA PRO E 825 49.35 17.04 13.24
C PRO E 825 50.29 18.13 12.76
N ARG E 826 50.29 19.32 13.36
CA ARG E 826 51.00 20.44 12.76
C ARG E 826 52.51 20.26 12.84
N ARG E 827 53.03 20.01 14.04
CA ARG E 827 54.45 19.76 14.23
C ARG E 827 54.89 18.53 13.46
N LEU E 828 54.05 17.50 13.45
CA LEU E 828 54.36 16.27 12.71
C LEU E 828 54.49 16.54 11.22
N TRP E 829 53.58 17.32 10.65
CA TRP E 829 53.64 17.64 9.24
C TRP E 829 54.90 18.42 8.91
N VAL E 830 55.26 19.39 9.75
CA VAL E 830 56.48 20.17 9.49
C VAL E 830 57.70 19.27 9.52
N MET E 831 57.80 18.40 10.54
CA MET E 831 58.95 17.51 10.64
C MET E 831 58.98 16.51 9.49
N THR E 832 57.81 16.06 9.04
CA THR E 832 57.74 15.10 7.96
C THR E 832 58.14 15.71 6.62
N VAL E 833 57.70 16.95 6.35
CA VAL E 833 58.14 17.63 5.14
C VAL E 833 59.64 17.87 5.18
N ASN E 834 60.16 18.33 6.32
CA ASN E 834 61.60 18.54 6.42
C ASN E 834 62.38 17.23 6.38
N ALA E 835 61.73 16.11 6.68
CA ALA E 835 62.38 14.81 6.66
C ALA E 835 62.37 14.14 5.30
N LEU E 836 61.36 14.42 4.47
CA LEU E 836 61.22 13.79 3.17
C LEU E 836 61.81 14.64 2.06
N GLN E 837 62.73 15.55 2.38
CA GLN E 837 63.43 16.31 1.38
C GLN E 837 64.26 15.38 0.49
N PRO E 838 64.49 15.74 -0.77
CA PRO E 838 65.29 14.87 -1.66
C PRO E 838 66.69 14.59 -1.18
N SER E 839 67.32 15.55 -0.50
CA SER E 839 68.61 15.38 0.18
C SER E 839 69.75 15.07 -0.79
N ILE E 840 69.74 15.72 -1.96
CA ILE E 840 70.88 15.64 -2.86
C ILE E 840 71.97 16.61 -2.41
N LYS E 841 71.66 17.90 -2.43
CA LYS E 841 72.53 18.92 -1.85
C LYS E 841 72.00 19.25 -0.44
N PHE E 842 72.11 18.25 0.43
CA PHE E 842 71.46 18.31 1.74
C PHE E 842 72.21 19.21 2.73
N VAL E 843 73.39 19.71 2.37
CA VAL E 843 73.97 20.82 3.13
C VAL E 843 73.01 21.99 3.16
N ARG E 844 72.29 22.22 2.06
CA ARG E 844 71.10 23.08 2.05
C ARG E 844 69.92 22.21 2.51
N GLN E 845 69.93 21.88 3.80
CA GLN E 845 68.79 21.24 4.42
C GLN E 845 67.70 22.29 4.58
N GLN E 846 66.86 22.45 3.55
CA GLN E 846 65.83 23.47 3.56
C GLN E 846 64.83 23.15 4.67
N LYS E 847 64.91 23.88 5.77
CA LYS E 847 64.08 23.60 6.94
C LYS E 847 62.83 24.45 6.83
N TYR E 848 61.80 23.88 6.22
CA TYR E 848 60.54 24.59 6.08
C TYR E 848 59.86 24.74 7.43
N THR E 849 59.23 25.88 7.62
CA THR E 849 58.40 26.16 8.79
C THR E 849 56.93 26.02 8.39
N GLN E 850 56.06 26.10 9.40
CA GLN E 850 54.62 26.05 9.14
C GLN E 850 54.17 27.18 8.23
N ASN E 851 54.75 28.37 8.42
CA ASN E 851 54.38 29.51 7.57
C ASN E 851 54.71 29.26 6.11
N ASP E 852 55.89 28.70 5.83
CA ASP E 852 56.31 28.44 4.46
C ASP E 852 55.37 27.43 3.78
N LEU E 853 55.01 26.38 4.49
CA LEU E 853 54.15 25.35 3.91
C LEU E 853 52.72 25.85 3.75
N MET E 854 52.24 26.67 4.69
CA MET E 854 50.93 27.26 4.52
C MET E 854 50.90 28.23 3.34
N ILE E 855 52.01 28.91 3.07
CA ILE E 855 52.07 29.78 1.90
C ILE E 855 52.10 28.96 0.62
N ASP E 856 52.91 27.90 0.59
CA ASP E 856 53.15 27.11 -0.61
C ASP E 856 52.93 25.64 -0.30
N PRO E 857 51.68 25.18 -0.34
CA PRO E 857 51.40 23.75 -0.03
C PRO E 857 52.04 22.78 -1.00
N LEU E 858 52.47 23.23 -2.18
CA LEU E 858 53.11 22.33 -3.15
C LEU E 858 54.52 21.94 -2.75
N ILE E 859 55.03 22.44 -1.62
CA ILE E 859 56.34 22.00 -1.12
C ILE E 859 56.33 20.51 -0.85
N VAL E 860 55.20 20.00 -0.32
CA VAL E 860 55.11 18.58 0.07
C VAL E 860 55.32 17.67 -1.13
N LEU E 861 55.00 18.15 -2.34
CA LEU E 861 55.19 17.35 -3.55
C LEU E 861 56.61 17.45 -4.08
N ARG E 862 57.43 18.35 -3.53
CA ARG E 862 58.85 18.39 -3.87
C ARG E 862 59.66 17.54 -2.92
N CYS E 863 59.23 16.30 -2.74
CA CYS E 863 59.90 15.36 -1.89
C CYS E 863 60.82 14.49 -2.74
N ASP E 864 61.49 13.54 -2.09
CA ASP E 864 62.32 12.59 -2.80
C ASP E 864 61.48 11.81 -3.82
N GLN E 865 62.06 11.57 -4.99
CA GLN E 865 61.33 10.90 -6.07
C GLN E 865 60.89 9.49 -5.70
N ARG E 866 61.58 8.86 -4.75
CA ARG E 866 61.22 7.51 -4.36
C ARG E 866 59.92 7.46 -3.58
N VAL E 867 59.48 8.58 -3.01
CA VAL E 867 58.18 8.62 -2.33
C VAL E 867 57.03 8.38 -3.30
N HIS E 868 57.23 8.68 -4.59
CA HIS E 868 56.17 8.48 -5.57
C HIS E 868 55.89 7.01 -5.86
N ARG E 869 56.74 6.09 -5.40
CA ARG E 869 56.49 4.67 -5.57
C ARG E 869 56.61 3.94 -4.23
N CYS E 870 56.40 4.67 -3.14
CA CYS E 870 56.34 4.11 -1.79
C CYS E 870 54.95 4.41 -1.23
N PRO E 871 54.01 3.48 -1.37
CA PRO E 871 52.59 3.77 -1.04
C PRO E 871 52.37 4.21 0.41
N PRO E 872 53.09 3.67 1.43
CA PRO E 872 52.93 4.26 2.77
C PRO E 872 53.37 5.72 2.85
N LEU E 873 54.59 6.02 2.41
CA LEU E 873 55.05 7.40 2.49
C LEU E 873 54.31 8.30 1.52
N MET E 874 53.84 7.76 0.39
CA MET E 874 52.94 8.52 -0.46
C MET E 874 51.64 8.84 0.25
N ASP E 875 51.12 7.89 1.05
CA ASP E 875 49.91 8.15 1.82
C ASP E 875 50.15 9.26 2.85
N ILE E 876 51.32 9.23 3.49
CA ILE E 876 51.74 10.31 4.38
C ILE E 876 51.71 11.64 3.66
N THR E 877 52.34 11.67 2.48
CA THR E 877 52.45 12.89 1.69
C THR E 877 51.08 13.41 1.28
N LEU E 878 50.17 12.50 0.93
CA LEU E 878 48.83 12.92 0.50
C LEU E 878 48.03 13.50 1.67
N HIS E 879 48.16 12.88 2.85
CA HIS E 879 47.55 13.46 4.05
C HIS E 879 48.06 14.87 4.30
N MET E 880 49.38 15.05 4.21
CA MET E 880 49.97 16.37 4.43
C MET E 880 49.51 17.36 3.36
N LEU E 881 49.42 16.92 2.11
CA LEU E 881 48.99 17.79 1.02
C LEU E 881 47.58 18.29 1.23
N ASN E 882 46.66 17.38 1.58
CA ASN E 882 45.28 17.78 1.85
C ASN E 882 45.22 18.76 3.01
N GLY E 883 45.92 18.43 4.11
CA GLY E 883 45.92 19.30 5.27
C GLY E 883 46.48 20.67 4.97
N TYR E 884 47.55 20.73 4.19
CA TYR E 884 48.17 22.02 3.92
C TYR E 884 47.40 22.83 2.90
N LEU E 885 46.67 22.19 1.97
CA LEU E 885 45.77 22.95 1.12
C LEU E 885 44.66 23.60 1.93
N LEU E 886 44.07 22.87 2.88
CA LEU E 886 43.06 23.47 3.74
C LEU E 886 43.65 24.58 4.62
N ALA E 887 44.84 24.33 5.17
CA ALA E 887 45.54 25.33 5.97
C ALA E 887 45.85 26.57 5.16
N SER E 888 46.17 26.40 3.87
CA SER E 888 46.47 27.54 3.01
C SER E 888 45.23 28.35 2.72
N LYS E 889 44.07 27.69 2.54
CA LYS E 889 42.80 28.41 2.45
C LYS E 889 42.60 29.30 3.67
N ALA E 890 42.74 28.71 4.85
CA ALA E 890 42.55 29.48 6.08
C ALA E 890 43.56 30.62 6.21
N TYR E 891 44.82 30.33 5.90
CA TYR E 891 45.88 31.33 6.02
C TYR E 891 45.67 32.48 5.04
N LEU E 892 45.22 32.18 3.83
CA LEU E 892 44.97 33.21 2.85
C LEU E 892 43.84 34.12 3.29
N SER E 893 42.75 33.53 3.82
CA SER E 893 41.65 34.35 4.32
C SER E 893 42.11 35.24 5.47
N ALA E 894 42.90 34.68 6.40
CA ALA E 894 43.40 35.44 7.53
C ALA E 894 44.31 36.58 7.06
N HIS E 895 45.19 36.31 6.10
CA HIS E 895 46.10 37.33 5.59
C HIS E 895 45.35 38.45 4.90
N LEU E 896 44.30 38.13 4.13
CA LEU E 896 43.50 39.17 3.51
C LEU E 896 42.82 40.03 4.56
N LYS E 897 42.25 39.39 5.59
CA LYS E 897 41.60 40.15 6.65
C LYS E 897 42.58 41.07 7.35
N GLU E 898 43.78 40.56 7.66
CA GLU E 898 44.81 41.37 8.31
C GLU E 898 45.22 42.56 7.45
N THR E 899 45.51 42.31 6.17
CA THR E 899 46.02 43.37 5.29
C THR E 899 44.92 44.29 4.77
N GLU E 900 43.65 43.99 5.04
CA GLU E 900 42.56 44.86 4.61
C GLU E 900 42.70 46.27 5.17
N GLN E 901 43.10 46.37 6.44
CA GLN E 901 43.28 47.68 7.08
C GLN E 901 44.43 47.65 8.07
N THR E 922 38.06 41.85 -7.23
CA THR E 922 38.60 42.41 -6.01
C THR E 922 39.62 41.46 -5.38
N ARG E 923 40.05 41.79 -4.16
CA ARG E 923 40.99 40.96 -3.44
C ARG E 923 40.41 39.58 -3.12
N GLU E 924 39.10 39.52 -2.86
CA GLU E 924 38.44 38.23 -2.67
C GLU E 924 38.46 37.39 -3.94
N GLU E 925 38.22 38.02 -5.09
CA GLU E 925 38.29 37.29 -6.36
C GLU E 925 39.70 36.79 -6.63
N LEU E 926 40.71 37.61 -6.33
CA LEU E 926 42.10 37.18 -6.45
C LEU E 926 42.39 36.00 -5.56
N LYS E 927 41.90 36.03 -4.32
CA LYS E 927 42.09 34.91 -3.39
C LYS E 927 41.43 33.64 -3.91
N ASN E 928 40.20 33.75 -4.40
CA ASN E 928 39.48 32.58 -4.91
C ASN E 928 40.20 31.99 -6.11
N ALA E 929 40.66 32.84 -7.02
CA ALA E 929 41.42 32.37 -8.18
C ALA E 929 42.71 31.70 -7.76
N LEU E 930 43.39 32.28 -6.77
CA LEU E 930 44.64 31.70 -6.28
C LEU E 930 44.42 30.32 -5.67
N LEU E 931 43.36 30.18 -4.86
CA LEU E 931 43.07 28.89 -4.24
C LEU E 931 42.67 27.85 -5.27
N ALA E 932 41.87 28.25 -6.27
CA ALA E 932 41.50 27.33 -7.35
C ALA E 932 42.73 26.89 -8.14
N ALA E 933 43.62 27.83 -8.46
CA ALA E 933 44.85 27.50 -9.17
C ALA E 933 45.73 26.56 -8.35
N GLN E 934 45.80 26.80 -7.04
CA GLN E 934 46.60 25.96 -6.15
C GLN E 934 46.07 24.53 -6.12
N ASP E 935 44.75 24.38 -5.93
CA ASP E 935 44.15 23.04 -5.88
C ASP E 935 44.28 22.32 -7.22
N SER E 936 44.08 23.03 -8.32
CA SER E 936 44.21 22.40 -9.64
C SER E 936 45.65 22.01 -9.91
N ALA E 937 46.62 22.84 -9.48
CA ALA E 937 48.02 22.50 -9.63
C ALA E 937 48.37 21.26 -8.82
N ALA E 938 47.84 21.15 -7.61
CA ALA E 938 48.05 19.95 -6.81
C ALA E 938 47.49 18.72 -7.50
N VAL E 939 46.28 18.84 -8.06
CA VAL E 939 45.66 17.70 -8.76
C VAL E 939 46.49 17.30 -9.96
N GLN E 940 46.98 18.28 -10.73
CA GLN E 940 47.77 18.00 -11.92
C GLN E 940 49.09 17.33 -11.56
N ILE E 941 49.73 17.78 -10.48
CA ILE E 941 50.99 17.16 -10.05
C ILE E 941 50.75 15.73 -9.62
N LEU E 942 49.67 15.48 -8.87
CA LEU E 942 49.33 14.12 -8.46
C LEU E 942 49.06 13.23 -9.66
N LEU E 943 48.33 13.75 -10.66
CA LEU E 943 48.04 13.00 -11.87
C LEU E 943 49.32 12.65 -12.61
N GLU E 944 50.26 13.59 -12.66
CA GLU E 944 51.56 13.30 -13.28
C GLU E 944 52.31 12.25 -12.49
N ILE E 945 52.19 12.26 -11.16
CA ILE E 945 52.78 11.20 -10.35
C ILE E 945 52.19 9.85 -10.73
N CYS E 946 50.88 9.82 -11.05
CA CYS E 946 50.23 8.58 -11.44
C CYS E 946 50.76 8.01 -12.76
N LEU E 947 51.45 8.82 -13.56
CA LEU E 947 51.93 8.34 -14.84
C LEU E 947 53.16 7.45 -14.65
N PRO E 948 53.32 6.43 -15.49
CA PRO E 948 54.57 5.67 -15.47
C PRO E 948 55.75 6.50 -15.95
N THR E 949 56.91 6.23 -15.39
CA THR E 949 58.12 6.88 -15.84
C THR E 949 58.65 6.16 -17.08
N GLU E 950 59.61 6.80 -17.75
CA GLU E 950 60.28 6.17 -18.89
C GLU E 950 60.94 4.86 -18.49
N GLU E 951 61.53 4.82 -17.30
CA GLU E 951 62.09 3.58 -16.78
C GLU E 951 61.01 2.52 -16.59
N GLU E 952 59.88 2.91 -15.99
CA GLU E 952 58.74 2.02 -15.88
C GLU E 952 58.15 1.67 -17.24
N LYS E 953 58.22 2.60 -18.19
CA LYS E 953 57.81 2.30 -19.57
C LYS E 953 58.67 1.21 -20.17
N ALA E 954 59.98 1.26 -19.93
CA ALA E 954 60.90 0.23 -20.42
C ALA E 954 60.65 -1.10 -19.73
N ASP E 984 53.11 -6.31 -15.66
CA ASP E 984 51.86 -6.69 -15.01
C ASP E 984 50.80 -5.63 -15.19
N ASN E 985 51.16 -4.38 -14.87
CA ASN E 985 50.35 -3.16 -14.93
C ASN E 985 49.27 -3.11 -13.87
N LEU E 986 49.15 -4.11 -13.01
CA LEU E 986 48.19 -4.14 -11.93
C LEU E 986 48.83 -4.44 -10.58
N LEU E 987 49.85 -5.29 -10.54
CA LEU E 987 50.49 -5.72 -9.29
C LEU E 987 51.84 -5.02 -9.20
N CYS E 988 51.82 -3.79 -8.69
CA CYS E 988 53.02 -2.98 -8.54
C CYS E 988 52.72 -1.83 -7.59
N ASN E 989 53.78 -1.19 -7.11
CA ASN E 989 53.64 -0.02 -6.25
C ASN E 989 52.95 1.13 -6.98
N LEU E 990 53.12 1.22 -8.29
CA LEU E 990 52.48 2.29 -9.07
C LEU E 990 50.97 2.20 -8.96
N ARG E 991 50.40 1.00 -9.00
CA ARG E 991 48.96 0.83 -8.90
C ARG E 991 48.45 1.28 -7.54
N GLU E 992 49.17 0.93 -6.47
CA GLU E 992 48.80 1.37 -5.13
C GLU E 992 48.84 2.88 -5.01
N VAL E 993 49.88 3.51 -5.56
CA VAL E 993 49.99 4.97 -5.52
C VAL E 993 48.85 5.62 -6.29
N GLN E 994 48.50 5.03 -7.45
CA GLN E 994 47.39 5.55 -8.25
C GLN E 994 46.07 5.44 -7.48
N CYS E 995 45.88 4.34 -6.76
CA CYS E 995 44.66 4.19 -5.96
C CYS E 995 44.61 5.21 -4.83
N LEU E 996 45.73 5.45 -4.16
CA LEU E 996 45.76 6.45 -3.08
C LEU E 996 45.46 7.84 -3.63
N ILE E 997 46.08 8.19 -4.76
CA ILE E 997 45.86 9.51 -5.36
C ILE E 997 44.41 9.63 -5.82
N CYS E 998 43.83 8.55 -6.34
CA CYS E 998 42.45 8.57 -6.76
C CYS E 998 41.52 8.79 -5.56
N CYS E 999 41.84 8.17 -4.42
CA CYS E 999 41.08 8.40 -3.20
C CYS E 999 41.12 9.87 -2.79
N LEU E 1000 42.33 10.45 -2.79
CA LEU E 1000 42.47 11.85 -2.41
C LEU E 1000 41.70 12.76 -3.37
N LEU E 1001 41.83 12.51 -4.67
CA LEU E 1001 41.16 13.34 -5.68
C LEU E 1001 39.65 13.20 -5.58
N HIS E 1002 39.17 12.00 -5.23
CA HIS E 1002 37.76 11.80 -4.93
C HIS E 1002 37.31 12.72 -3.81
N GLN E 1003 38.12 12.79 -2.74
CA GLN E 1003 37.81 13.67 -1.62
C GLN E 1003 37.78 15.15 -2.05
N MET E 1004 38.77 15.58 -2.82
CA MET E 1004 38.83 16.98 -3.24
C MET E 1004 37.68 17.34 -4.17
N TYR E 1005 37.32 16.44 -5.09
CA TYR E 1005 36.20 16.71 -5.99
C TYR E 1005 34.89 16.76 -5.22
N ILE E 1006 34.73 15.90 -4.21
CA ILE E 1006 33.54 15.98 -3.36
C ILE E 1006 33.49 17.31 -2.62
N ALA E 1007 34.65 17.75 -2.10
CA ALA E 1007 34.71 19.00 -1.36
C ALA E 1007 34.38 20.19 -2.25
N ASP E 1008 34.84 20.18 -3.49
CA ASP E 1008 34.57 21.28 -4.43
C ASP E 1008 34.56 20.73 -5.84
N PRO E 1009 33.37 20.52 -6.43
CA PRO E 1009 33.31 20.05 -7.83
C PRO E 1009 33.89 21.05 -8.82
N ASN E 1010 33.94 22.34 -8.46
CA ASN E 1010 34.54 23.34 -9.32
C ASN E 1010 36.02 23.04 -9.57
N ILE E 1011 36.68 22.39 -8.61
CA ILE E 1011 38.07 21.98 -8.82
C ILE E 1011 38.14 20.91 -9.91
N ALA E 1012 37.19 19.97 -9.90
CA ALA E 1012 37.13 18.97 -10.96
C ALA E 1012 36.89 19.63 -12.32
N LYS E 1013 35.98 20.60 -12.37
CA LYS E 1013 35.71 21.32 -13.61
C LYS E 1013 36.95 22.06 -14.10
N LEU E 1014 37.66 22.74 -13.20
CA LEU E 1014 38.86 23.47 -13.58
C LEU E 1014 39.96 22.53 -14.05
N VAL E 1015 40.10 21.38 -13.39
CA VAL E 1015 41.13 20.41 -13.78
C VAL E 1015 40.83 19.85 -15.16
N HIS E 1016 39.57 19.59 -15.47
CA HIS E 1016 39.26 19.05 -16.78
C HIS E 1016 39.24 20.11 -17.86
N PHE E 1017 39.05 21.38 -17.51
CA PHE E 1017 39.24 22.44 -18.49
C PHE E 1017 40.72 22.66 -18.76
N GLN E 1018 41.56 22.50 -17.74
CA GLN E 1018 43.00 22.46 -17.95
C GLN E 1018 43.41 21.21 -18.72
N GLY E 1019 42.77 20.09 -18.44
CA GLY E 1019 43.11 18.83 -19.06
C GLY E 1019 44.34 18.20 -18.44
N TYR E 1020 44.50 16.93 -18.73
CA TYR E 1020 45.69 16.18 -18.34
C TYR E 1020 45.92 15.13 -19.41
N PRO E 1021 47.09 14.45 -19.40
CA PRO E 1021 47.33 13.41 -20.40
C PRO E 1021 46.23 12.36 -20.45
N CYS E 1022 45.84 12.00 -21.68
CA CYS E 1022 44.74 11.07 -21.89
C CYS E 1022 45.06 9.65 -21.46
N GLU E 1023 46.32 9.35 -21.16
CA GLU E 1023 46.68 8.02 -20.67
C GLU E 1023 46.11 7.77 -19.28
N LEU E 1024 45.83 8.83 -18.53
CA LEU E 1024 45.26 8.71 -17.20
C LEU E 1024 43.74 8.69 -17.20
N LEU E 1025 43.11 8.89 -18.35
CA LEU E 1025 41.65 8.94 -18.41
C LEU E 1025 40.96 7.67 -17.93
N PRO E 1026 41.28 6.45 -18.41
CA PRO E 1026 40.63 5.27 -17.82
C PRO E 1026 40.91 5.11 -16.33
N LEU E 1027 42.13 5.44 -15.92
CA LEU E 1027 42.52 5.40 -14.51
C LEU E 1027 41.62 6.28 -13.67
N THR E 1028 41.52 7.57 -14.03
CA THR E 1028 40.73 8.50 -13.23
C THR E 1028 39.25 8.16 -13.29
N VAL E 1029 38.76 7.72 -14.45
CA VAL E 1029 37.33 7.45 -14.58
C VAL E 1029 36.95 6.23 -13.74
N ALA E 1030 37.80 5.20 -13.72
CA ALA E 1030 37.51 4.01 -12.94
C ALA E 1030 37.72 4.26 -11.45
N GLY E 1031 38.80 4.95 -11.08
CA GLY E 1031 39.20 5.08 -9.70
C GLY E 1031 38.58 6.20 -8.90
N ILE E 1032 37.85 7.10 -9.54
CA ILE E 1032 37.27 8.26 -8.87
C ILE E 1032 35.77 8.23 -9.11
N PRO E 1033 34.98 7.85 -8.09
CA PRO E 1033 33.51 7.87 -8.25
C PRO E 1033 32.93 9.25 -8.49
N SER E 1034 33.65 10.33 -8.19
CA SER E 1034 33.11 11.68 -8.36
C SER E 1034 32.94 12.08 -9.81
N MET E 1035 33.51 11.33 -10.76
CA MET E 1035 33.53 11.76 -12.15
C MET E 1035 32.20 11.70 -12.85
N HIS E 1036 31.14 11.13 -12.25
CA HIS E 1036 29.84 11.22 -12.91
C HIS E 1036 29.37 12.66 -13.02
N ILE E 1037 29.89 13.58 -12.20
CA ILE E 1037 29.55 14.98 -12.33
C ILE E 1037 30.19 15.60 -13.56
N CYS E 1038 31.21 14.95 -14.14
CA CYS E 1038 31.87 15.50 -15.33
C CYS E 1038 30.93 15.58 -16.52
N LEU E 1039 29.87 14.77 -16.55
CA LEU E 1039 28.88 14.86 -17.61
C LEU E 1039 28.14 16.18 -17.60
N ASP E 1040 28.16 16.91 -16.49
CA ASP E 1040 27.45 18.18 -16.40
C ASP E 1040 28.17 19.27 -17.18
N PHE E 1041 29.49 19.36 -17.07
CA PHE E 1041 30.23 20.41 -17.74
C PHE E 1041 30.90 19.97 -19.03
N ILE E 1042 30.72 18.72 -19.46
CA ILE E 1042 31.25 18.30 -20.77
C ILE E 1042 30.60 19.07 -21.91
N PRO E 1043 29.27 19.31 -21.95
CA PRO E 1043 28.73 20.17 -23.02
C PRO E 1043 29.34 21.57 -23.04
N GLU E 1044 29.66 22.13 -21.88
CA GLU E 1044 30.35 23.43 -21.86
C GLU E 1044 31.77 23.30 -22.37
N LEU E 1045 32.47 22.23 -21.98
CA LEU E 1045 33.85 22.03 -22.40
C LEU E 1045 33.94 21.82 -23.92
N ILE E 1046 32.95 21.13 -24.48
CA ILE E 1046 32.89 20.90 -25.92
C ILE E 1046 32.75 22.21 -26.67
N ALA E 1047 32.04 23.18 -26.09
CA ALA E 1047 31.79 24.46 -26.74
C ALA E 1047 33.01 25.37 -26.78
N GLN E 1048 34.11 24.98 -26.15
CA GLN E 1048 35.28 25.85 -26.11
C GLN E 1048 35.90 25.99 -27.50
N PRO E 1049 36.55 27.13 -27.78
CA PRO E 1049 37.18 27.28 -29.10
C PRO E 1049 38.49 26.54 -29.25
N GLU E 1050 39.14 26.16 -28.15
CA GLU E 1050 40.40 25.42 -28.25
C GLU E 1050 40.13 24.00 -28.74
N LEU E 1051 40.91 23.55 -29.72
CA LEU E 1051 40.75 22.20 -30.25
C LEU E 1051 41.12 21.16 -29.20
N GLU E 1052 42.15 21.45 -28.40
CA GLU E 1052 42.63 20.49 -27.41
C GLU E 1052 41.57 20.22 -26.35
N LYS E 1053 40.86 21.27 -25.94
CA LYS E 1053 39.79 21.11 -24.95
C LYS E 1053 38.67 20.24 -25.49
N GLN E 1054 38.31 20.41 -26.77
CA GLN E 1054 37.28 19.57 -27.37
C GLN E 1054 37.75 18.13 -27.49
N ILE E 1055 39.02 17.92 -27.85
CA ILE E 1055 39.57 16.56 -27.93
C ILE E 1055 39.50 15.88 -26.57
N PHE E 1056 39.90 16.62 -25.52
CA PHE E 1056 39.87 16.06 -24.17
C PHE E 1056 38.43 15.78 -23.73
N ALA E 1057 37.49 16.66 -24.09
CA ALA E 1057 36.09 16.42 -23.76
C ALA E 1057 35.58 15.15 -24.41
N ILE E 1058 35.93 14.94 -25.68
CA ILE E 1058 35.49 13.74 -26.40
C ILE E 1058 36.04 12.48 -25.73
N GLN E 1059 37.35 12.48 -25.43
CA GLN E 1059 37.95 11.29 -24.82
C GLN E 1059 37.40 11.02 -23.43
N LEU E 1060 37.23 12.08 -22.63
CA LEU E 1060 36.66 11.96 -21.29
C LEU E 1060 35.25 11.41 -21.36
N LEU E 1061 34.45 11.91 -22.30
CA LEU E 1061 33.08 11.42 -22.46
C LEU E 1061 33.07 9.96 -22.86
N SER E 1062 34.01 9.55 -23.72
CA SER E 1062 34.08 8.14 -24.13
C SER E 1062 34.34 7.24 -22.92
N HIS E 1063 35.32 7.62 -22.09
CA HIS E 1063 35.64 6.80 -20.92
C HIS E 1063 34.48 6.79 -19.92
N LEU E 1064 33.83 7.94 -19.71
CA LEU E 1064 32.67 8.00 -18.82
C LEU E 1064 31.54 7.13 -19.33
N CYS E 1065 31.27 7.18 -20.64
CA CYS E 1065 30.22 6.36 -21.23
C CYS E 1065 30.52 4.89 -21.05
N ILE E 1066 31.80 4.50 -21.15
CA ILE E 1066 32.18 3.13 -20.82
C ILE E 1066 31.85 2.82 -19.37
N GLN E 1067 32.08 3.78 -18.47
CA GLN E 1067 31.83 3.54 -17.06
C GLN E 1067 30.35 3.66 -16.70
N TYR E 1068 29.77 4.84 -16.89
CA TYR E 1068 28.38 5.11 -16.55
C TYR E 1068 27.54 5.18 -17.81
N ALA E 1069 26.90 4.07 -18.17
CA ALA E 1069 26.01 4.01 -19.32
C ALA E 1069 24.62 4.39 -18.84
N LEU E 1070 24.29 5.67 -18.98
CA LEU E 1070 23.05 6.27 -18.51
C LEU E 1070 22.43 7.08 -19.64
N PRO E 1071 21.11 7.33 -19.57
CA PRO E 1071 20.48 8.16 -20.62
C PRO E 1071 21.10 9.54 -20.78
N LYS E 1072 21.50 10.18 -19.68
CA LYS E 1072 22.21 11.45 -19.78
C LYS E 1072 23.54 11.27 -20.53
N SER E 1073 24.25 10.19 -20.23
CA SER E 1073 25.48 9.86 -20.95
C SER E 1073 25.20 9.68 -22.44
N LEU E 1074 24.10 9.02 -22.79
CA LEU E 1074 23.74 8.84 -24.19
C LEU E 1074 23.44 10.17 -24.87
N SER E 1075 22.73 11.07 -24.17
CA SER E 1075 22.43 12.38 -24.74
C SER E 1075 23.71 13.18 -24.99
N VAL E 1076 24.64 13.15 -24.04
CA VAL E 1076 25.90 13.87 -24.22
C VAL E 1076 26.72 13.23 -25.34
N ALA E 1077 26.66 11.90 -25.47
CA ALA E 1077 27.35 11.22 -26.57
C ALA E 1077 26.77 11.61 -27.93
N ARG E 1078 25.45 11.74 -27.99
CA ARG E 1078 24.80 12.22 -29.21
C ARG E 1078 25.26 13.64 -29.54
N LEU E 1079 25.36 14.49 -28.52
CA LEU E 1079 25.86 15.85 -28.71
C LEU E 1079 27.29 15.83 -29.23
N ALA E 1080 28.12 14.93 -28.70
CA ALA E 1080 29.51 14.80 -29.12
C ALA E 1080 29.62 14.39 -30.58
N VAL E 1081 28.81 13.41 -30.99
CA VAL E 1081 28.82 12.96 -32.38
C VAL E 1081 28.34 14.06 -33.31
N ASN E 1082 27.33 14.82 -32.88
CA ASN E 1082 26.84 15.94 -33.67
C ASN E 1082 27.91 17.02 -33.81
N VAL E 1083 28.65 17.29 -32.74
CA VAL E 1083 29.72 18.28 -32.78
C VAL E 1083 30.83 17.82 -33.72
N MET E 1084 31.19 16.53 -33.65
CA MET E 1084 32.19 15.97 -34.56
C MET E 1084 31.77 16.14 -36.00
N GLY E 1085 30.53 15.77 -36.33
CA GLY E 1085 30.03 15.97 -37.67
C GLY E 1085 30.00 17.43 -38.09
N THR E 1086 29.68 18.32 -37.16
CA THR E 1086 29.61 19.74 -37.48
C THR E 1086 30.99 20.29 -37.83
N LEU E 1087 31.98 20.04 -36.98
CA LEU E 1087 33.29 20.62 -37.22
C LEU E 1087 34.12 19.79 -38.19
N LEU E 1088 33.62 18.65 -38.66
CA LEU E 1088 34.24 18.00 -39.82
C LEU E 1088 34.21 18.92 -41.03
N THR E 1089 33.20 19.77 -41.12
CA THR E 1089 33.05 20.72 -42.21
C THR E 1089 33.50 22.12 -41.82
N VAL E 1090 34.08 22.29 -40.65
CA VAL E 1090 34.62 23.57 -40.22
C VAL E 1090 36.14 23.56 -40.21
N LEU E 1091 36.73 22.45 -39.79
CA LEU E 1091 38.18 22.37 -39.67
C LEU E 1091 38.84 22.20 -41.03
N THR E 1092 40.00 22.82 -41.17
CA THR E 1092 40.82 22.62 -42.35
C THR E 1092 41.48 21.25 -42.29
N GLN E 1093 42.32 20.95 -43.30
CA GLN E 1093 42.93 19.63 -43.40
C GLN E 1093 43.86 19.35 -42.21
N ALA E 1094 44.71 20.31 -41.86
CA ALA E 1094 45.60 20.14 -40.73
C ALA E 1094 44.82 20.01 -39.44
N LYS E 1095 43.82 20.88 -39.25
CA LYS E 1095 42.96 20.79 -38.09
C LYS E 1095 42.15 19.50 -38.07
N ARG E 1096 41.72 19.04 -39.25
CA ARG E 1096 41.00 17.77 -39.32
C ARG E 1096 41.87 16.62 -38.83
N TYR E 1097 43.12 16.57 -39.29
CA TYR E 1097 44.05 15.55 -38.83
C TYR E 1097 44.24 15.63 -37.32
N ALA E 1098 44.53 16.84 -36.82
CA ALA E 1098 44.82 17.03 -35.41
C ALA E 1098 43.62 16.69 -34.52
N PHE E 1099 42.40 16.94 -34.99
CA PHE E 1099 41.24 16.67 -34.17
C PHE E 1099 40.83 15.21 -34.24
N PHE E 1100 40.94 14.58 -35.40
CA PHE E 1100 40.37 13.27 -35.57
C PHE E 1100 41.32 12.14 -35.26
N MET E 1101 42.63 12.36 -35.28
CA MET E 1101 43.52 11.27 -34.87
C MET E 1101 43.33 10.85 -33.41
N PRO E 1102 43.21 11.77 -32.40
CA PRO E 1102 43.02 11.28 -31.03
C PRO E 1102 41.58 10.88 -30.72
N THR E 1103 40.61 11.52 -31.37
CA THR E 1103 39.21 11.31 -31.03
C THR E 1103 38.54 10.17 -31.80
N LEU E 1104 39.18 9.58 -32.79
CA LEU E 1104 38.52 8.50 -33.53
C LEU E 1104 38.44 7.21 -32.72
N PRO E 1105 39.48 6.78 -31.97
CA PRO E 1105 39.29 5.61 -31.08
C PRO E 1105 38.19 5.78 -30.05
N SER E 1106 37.89 7.03 -29.67
CA SER E 1106 36.78 7.29 -28.75
C SER E 1106 35.44 6.89 -29.35
N LEU E 1107 35.31 6.89 -30.68
CA LEU E 1107 34.05 6.48 -31.28
C LEU E 1107 33.77 5.01 -31.07
N VAL E 1108 34.81 4.20 -30.86
CA VAL E 1108 34.62 2.79 -30.55
C VAL E 1108 33.89 2.66 -29.21
N SER E 1109 34.26 3.49 -28.25
CA SER E 1109 33.66 3.43 -26.92
C SER E 1109 32.18 3.80 -26.96
N PHE E 1110 31.80 4.81 -27.75
CA PHE E 1110 30.40 5.17 -27.88
C PHE E 1110 29.59 4.04 -28.51
N CYS E 1111 30.18 3.34 -29.48
CA CYS E 1111 29.53 2.18 -30.07
C CYS E 1111 29.38 1.06 -29.06
N ARG E 1112 30.41 0.83 -28.24
CA ARG E 1112 30.34 -0.21 -27.21
C ARG E 1112 29.25 0.10 -26.20
N ALA E 1113 29.16 1.36 -25.77
CA ALA E 1113 28.19 1.73 -24.75
C ALA E 1113 26.78 1.86 -25.31
N PHE E 1114 26.63 2.43 -26.50
CA PHE E 1114 25.33 2.77 -27.06
C PHE E 1114 25.18 2.23 -28.47
N PRO E 1115 24.65 1.02 -28.62
CA PRO E 1115 24.28 0.49 -29.95
C PRO E 1115 23.35 1.41 -30.74
N PRO E 1116 22.41 2.17 -30.12
CA PRO E 1116 21.61 3.12 -30.92
C PRO E 1116 22.43 4.14 -31.69
N LEU E 1117 23.69 4.38 -31.32
CA LEU E 1117 24.56 5.29 -32.03
C LEU E 1117 25.23 4.67 -33.24
N TYR E 1118 24.93 3.40 -33.57
CA TYR E 1118 25.59 2.72 -34.68
C TYR E 1118 25.35 3.46 -36.00
N GLU E 1119 24.11 3.88 -36.24
CA GLU E 1119 23.77 4.57 -37.49
C GLU E 1119 24.53 5.88 -37.61
N ASP E 1120 24.46 6.72 -36.58
CA ASP E 1120 25.10 8.03 -36.62
C ASP E 1120 26.63 7.91 -36.68
N ILE E 1121 27.20 6.98 -35.91
CA ILE E 1121 28.65 6.85 -35.90
C ILE E 1121 29.16 6.31 -37.23
N MET E 1122 28.48 5.31 -37.80
CA MET E 1122 28.91 4.79 -39.09
C MET E 1122 28.72 5.82 -40.20
N SER E 1123 27.64 6.61 -40.13
CA SER E 1123 27.45 7.66 -41.13
C SER E 1123 28.54 8.72 -41.03
N LEU E 1124 28.89 9.10 -39.79
CA LEU E 1124 29.98 10.04 -39.58
C LEU E 1124 31.30 9.48 -40.06
N LEU E 1125 31.54 8.20 -39.81
CA LEU E 1125 32.79 7.56 -40.24
C LEU E 1125 32.86 7.51 -41.76
N ILE E 1126 31.73 7.26 -42.42
CA ILE E 1126 31.70 7.26 -43.88
C ILE E 1126 32.01 8.66 -44.40
N GLN E 1127 31.42 9.69 -43.78
CA GLN E 1127 31.69 11.07 -44.20
C GLN E 1127 33.16 11.42 -44.02
N ILE E 1128 33.75 11.07 -42.87
CA ILE E 1128 35.16 11.38 -42.62
C ILE E 1128 36.05 10.63 -43.60
N GLY E 1129 35.74 9.36 -43.84
CA GLY E 1129 36.53 8.58 -44.78
C GLY E 1129 36.47 9.12 -46.20
N GLN E 1130 35.28 9.55 -46.63
CA GLN E 1130 35.16 10.12 -47.97
C GLN E 1130 35.91 11.44 -48.08
N VAL E 1131 35.81 12.30 -47.06
CA VAL E 1131 36.56 13.56 -47.05
C VAL E 1131 38.05 13.28 -47.11
N CYS E 1132 38.52 12.31 -46.33
CA CYS E 1132 39.96 12.04 -46.28
C CYS E 1132 40.44 11.36 -47.56
N ALA E 1133 39.60 10.55 -48.19
CA ALA E 1133 39.94 9.98 -49.49
C ALA E 1133 40.06 11.06 -50.55
N SER E 1134 39.17 12.05 -50.51
CA SER E 1134 39.30 13.20 -51.41
C SER E 1134 40.60 13.93 -51.18
N ASP E 1135 40.94 14.16 -49.91
CA ASP E 1135 42.19 14.84 -49.59
C ASP E 1135 43.41 14.05 -50.05
N VAL E 1136 43.33 12.72 -49.94
CA VAL E 1136 44.40 11.87 -50.44
C VAL E 1136 44.54 12.02 -51.95
N ALA E 1137 43.42 12.03 -52.66
CA ALA E 1137 43.44 12.20 -54.11
C ALA E 1137 43.92 13.58 -54.53
N THR E 1138 43.89 14.57 -53.63
CA THR E 1138 44.32 15.92 -53.99
C THR E 1138 45.79 15.98 -54.38
N GLN E 1139 46.65 15.25 -53.68
CA GLN E 1139 48.09 15.31 -53.91
C GLN E 1139 48.64 13.92 -54.17
N THR E 1140 49.83 13.89 -54.76
CA THR E 1140 50.56 12.64 -54.91
C THR E 1140 51.00 12.10 -53.57
N ARG E 1141 50.91 10.78 -53.41
CA ARG E 1141 51.17 10.15 -52.13
C ARG E 1141 52.18 9.02 -52.30
N ASP E 1142 52.92 8.76 -51.23
CA ASP E 1142 53.87 7.65 -51.21
C ASP E 1142 53.19 6.30 -51.09
N ILE E 1143 51.95 6.25 -50.60
CA ILE E 1143 51.24 5.00 -50.37
C ILE E 1143 50.03 4.86 -51.28
N ASP E 1144 49.21 5.93 -51.41
CA ASP E 1144 48.02 5.96 -52.25
C ASP E 1144 47.02 4.89 -51.81
N PRO E 1145 46.36 5.05 -50.66
CA PRO E 1145 45.39 4.02 -50.22
C PRO E 1145 44.16 3.90 -51.10
N ILE E 1146 43.93 4.81 -52.05
CA ILE E 1146 42.78 4.72 -52.95
C ILE E 1146 42.87 3.44 -53.77
N ILE E 1147 44.06 3.13 -54.29
CA ILE E 1147 44.23 2.00 -55.19
C ILE E 1147 44.37 0.67 -54.46
N THR E 1148 44.66 0.68 -53.16
CA THR E 1148 44.67 -0.56 -52.41
C THR E 1148 43.28 -1.16 -52.42
N ARG E 1149 42.33 -0.51 -51.73
CA ARG E 1149 40.89 -0.66 -51.93
C ARG E 1149 40.32 -2.00 -51.46
N LEU E 1150 41.18 -2.98 -51.22
CA LEU E 1150 40.70 -4.33 -50.92
C LEU E 1150 41.56 -5.02 -49.88
N GLN E 1151 42.26 -4.26 -49.05
CA GLN E 1151 43.20 -4.84 -48.10
C GLN E 1151 42.46 -5.69 -47.08
N GLN E 1152 43.16 -6.70 -46.56
CA GLN E 1152 42.66 -7.48 -45.44
C GLN E 1152 42.91 -6.71 -44.16
N ILE E 1153 42.73 -7.37 -43.02
CA ILE E 1153 42.96 -6.70 -41.74
C ILE E 1153 44.46 -6.53 -41.54
N LYS E 1154 44.95 -5.32 -41.82
CA LYS E 1154 46.38 -5.02 -41.78
C LYS E 1154 46.79 -4.70 -40.34
N GLU E 1155 46.99 -5.75 -39.55
CA GLU E 1155 47.41 -5.58 -38.17
C GLU E 1155 48.85 -5.05 -38.12
N LYS E 1156 49.17 -4.38 -37.01
CA LYS E 1156 50.50 -3.82 -36.83
C LYS E 1156 51.51 -4.92 -36.47
N GLY E 1177 55.22 4.84 -39.46
CA GLY E 1177 56.35 5.65 -39.87
C GLY E 1177 55.98 7.09 -40.18
N SER E 1178 56.96 7.86 -40.65
CA SER E 1178 56.76 9.28 -40.98
C SER E 1178 56.05 9.37 -42.33
N MET E 1179 54.73 9.18 -42.28
CA MET E 1179 53.91 9.15 -43.47
C MET E 1179 53.17 10.47 -43.62
N ASP E 1180 52.41 10.59 -44.71
CA ASP E 1180 51.57 11.76 -44.91
C ASP E 1180 50.46 11.78 -43.85
N PRO E 1181 50.02 12.96 -43.44
CA PRO E 1181 48.89 13.02 -42.50
C PRO E 1181 47.61 12.43 -43.07
N ASP E 1182 47.37 12.58 -44.37
CA ASP E 1182 46.09 12.15 -44.94
C ASP E 1182 46.01 10.64 -45.02
N VAL E 1183 47.07 9.97 -45.48
CA VAL E 1183 47.06 8.51 -45.51
C VAL E 1183 47.00 7.95 -44.09
N GLN E 1184 47.66 8.61 -43.14
CA GLN E 1184 47.59 8.21 -41.74
C GLN E 1184 46.17 8.29 -41.22
N LEU E 1185 45.46 9.37 -41.54
CA LEU E 1185 44.09 9.53 -41.09
C LEU E 1185 43.17 8.52 -41.76
N CYS E 1186 43.42 8.21 -43.03
CA CYS E 1186 42.67 7.17 -43.73
C CYS E 1186 42.84 5.82 -43.05
N HIS E 1187 44.08 5.48 -42.72
CA HIS E 1187 44.37 4.23 -42.03
C HIS E 1187 43.73 4.20 -40.65
N CYS E 1188 43.72 5.35 -39.97
CA CYS E 1188 43.08 5.44 -38.65
C CYS E 1188 41.57 5.22 -38.76
N ILE E 1189 40.94 5.76 -39.80
CA ILE E 1189 39.51 5.54 -40.02
C ILE E 1189 39.24 4.05 -40.27
N GLU E 1190 40.08 3.43 -41.11
CA GLU E 1190 39.93 2.00 -41.36
C GLU E 1190 40.08 1.20 -40.07
N ARG E 1191 41.08 1.55 -39.25
CA ARG E 1191 41.34 0.80 -38.02
C ARG E 1191 40.21 0.95 -37.01
N THR E 1192 39.67 2.17 -36.86
CA THR E 1192 38.57 2.34 -35.91
C THR E 1192 37.31 1.65 -36.39
N VAL E 1193 37.06 1.61 -37.71
CA VAL E 1193 35.93 0.85 -38.23
C VAL E 1193 36.11 -0.63 -37.96
N ILE E 1194 37.35 -1.12 -38.12
CA ILE E 1194 37.65 -2.53 -37.83
C ILE E 1194 37.40 -2.83 -36.36
N GLU E 1195 37.83 -1.93 -35.47
CA GLU E 1195 37.61 -2.13 -34.04
C GLU E 1195 36.13 -2.12 -33.69
N ILE E 1196 35.36 -1.23 -34.32
CA ILE E 1196 33.92 -1.19 -34.09
C ILE E 1196 33.27 -2.51 -34.53
N ILE E 1197 33.69 -3.03 -35.69
CA ILE E 1197 33.08 -4.25 -36.22
C ILE E 1197 33.45 -5.45 -35.35
N ASN E 1198 34.73 -5.56 -34.99
CA ASN E 1198 35.21 -6.69 -34.20
C ASN E 1198 34.54 -6.74 -32.83
N MET E 1199 34.36 -5.57 -32.21
CA MET E 1199 33.66 -5.52 -30.93
C MET E 1199 32.23 -6.03 -31.08
N SER E 1200 31.57 -5.66 -32.17
CA SER E 1200 30.19 -6.04 -32.41
C SER E 1200 30.07 -7.43 -33.03
N VAL E 1201 31.18 -8.15 -33.20
CA VAL E 1201 31.13 -9.50 -33.74
C VAL E 1201 31.99 -10.47 -32.94
N SER E 1202 32.48 -10.03 -31.78
CA SER E 1202 33.39 -10.81 -30.92
C SER E 1202 33.75 -10.06 -29.64
N LYS F 35 -36.27 -42.24 43.49
CA LYS F 35 -36.64 -43.14 44.58
C LYS F 35 -37.71 -44.11 44.13
N SER F 36 -37.79 -45.26 44.81
CA SER F 36 -38.68 -46.34 44.42
C SER F 36 -40.05 -46.21 45.08
N ALA F 37 -40.08 -46.25 46.43
CA ALA F 37 -41.34 -46.19 47.16
C ALA F 37 -42.02 -44.85 46.98
N ALA F 38 -41.24 -43.76 46.91
CA ALA F 38 -41.79 -42.43 46.71
C ALA F 38 -42.50 -42.34 45.37
N LEU F 39 -41.86 -42.83 44.30
CA LEU F 39 -42.50 -42.85 42.98
C LEU F 39 -43.75 -43.72 42.99
N HIS F 40 -43.67 -44.87 43.67
CA HIS F 40 -44.81 -45.78 43.74
C HIS F 40 -46.02 -45.10 44.38
N ILE F 41 -45.82 -44.51 45.56
CA ILE F 41 -46.94 -43.89 46.27
C ILE F 41 -47.42 -42.64 45.54
N ASP F 42 -46.51 -41.88 44.92
CA ASP F 42 -46.92 -40.69 44.17
C ASP F 42 -47.77 -41.07 42.96
N LEU F 43 -47.38 -42.12 42.24
CA LEU F 43 -48.17 -42.57 41.10
C LEU F 43 -49.50 -43.15 41.55
N CYS F 44 -49.53 -43.79 42.72
CA CYS F 44 -50.80 -44.32 43.24
C CYS F 44 -51.76 -43.20 43.60
N LYS F 45 -51.26 -42.17 44.29
CA LYS F 45 -52.16 -41.10 44.74
C LYS F 45 -52.51 -40.10 43.64
N ALA F 46 -51.73 -40.02 42.57
CA ALA F 46 -52.01 -39.05 41.53
C ALA F 46 -53.21 -39.49 40.70
N THR F 47 -53.92 -38.49 40.16
CA THR F 47 -55.05 -38.79 39.27
C THR F 47 -54.54 -39.39 37.97
N SER F 48 -55.33 -40.33 37.43
CA SER F 48 -54.89 -41.11 36.28
C SER F 48 -54.57 -40.30 35.02
N PRO F 49 -55.44 -39.43 34.49
CA PRO F 49 -55.17 -38.93 33.12
C PRO F 49 -54.04 -37.92 33.02
N ALA F 50 -53.96 -36.95 33.93
CA ALA F 50 -53.06 -35.83 33.77
C ALA F 50 -51.99 -35.75 34.85
N ASP F 51 -52.36 -35.90 36.12
CA ASP F 51 -51.40 -35.76 37.21
C ASP F 51 -50.31 -36.83 37.15
N ALA F 52 -50.70 -38.07 36.84
CA ALA F 52 -49.72 -39.14 36.68
C ALA F 52 -48.79 -38.85 35.52
N LEU F 53 -49.33 -38.30 34.43
CA LEU F 53 -48.51 -37.93 33.28
C LEU F 53 -47.51 -36.84 33.64
N GLN F 54 -47.94 -35.84 34.41
CA GLN F 54 -47.05 -34.78 34.85
C GLN F 54 -45.95 -35.32 35.76
N TYR F 55 -46.31 -36.21 36.68
CA TYR F 55 -45.31 -36.80 37.56
C TYR F 55 -44.28 -37.61 36.78
N LEU F 56 -44.75 -38.36 35.78
CA LEU F 56 -43.83 -39.14 34.94
C LEU F 56 -42.93 -38.20 34.13
N LEU F 57 -43.48 -37.08 33.66
CA LEU F 57 -42.68 -36.09 32.96
C LEU F 57 -41.58 -35.52 33.85
N GLN F 58 -41.93 -35.19 35.09
CA GLN F 58 -40.92 -34.70 36.03
C GLN F 58 -39.87 -35.76 36.32
N PHE F 59 -40.30 -37.02 36.50
CA PHE F 59 -39.38 -38.09 36.86
C PHE F 59 -38.43 -38.43 35.71
N ALA F 60 -38.89 -38.31 34.46
CA ALA F 60 -38.05 -38.68 33.33
C ALA F 60 -36.81 -37.80 33.20
N ARG F 61 -36.91 -36.52 33.62
CA ARG F 61 -35.79 -35.62 33.49
C ARG F 61 -34.63 -36.03 34.41
N LYS F 62 -34.92 -36.26 35.69
CA LYS F 62 -33.88 -36.57 36.64
C LYS F 62 -33.33 -37.98 36.39
N PRO F 63 -32.02 -38.18 36.51
CA PRO F 63 -31.44 -39.50 36.24
C PRO F 63 -31.68 -40.45 37.40
N VAL F 64 -31.46 -41.74 37.12
CA VAL F 64 -31.68 -42.81 38.09
C VAL F 64 -30.40 -43.63 38.20
N GLU F 65 -30.02 -43.97 39.43
CA GLU F 65 -28.85 -44.82 39.65
C GLU F 65 -29.11 -46.22 39.11
N ALA F 66 -28.03 -46.86 38.64
CA ALA F 66 -28.15 -48.12 37.90
C ALA F 66 -28.74 -49.23 38.76
N GLU F 67 -28.28 -49.36 40.01
CA GLU F 67 -28.75 -50.45 40.86
C GLU F 67 -30.23 -50.32 41.21
N SER F 68 -30.76 -49.10 41.25
CA SER F 68 -32.15 -48.86 41.59
C SER F 68 -33.09 -48.95 40.39
N VAL F 69 -32.56 -49.24 39.20
CA VAL F 69 -33.39 -49.26 37.99
C VAL F 69 -34.43 -50.38 38.06
N GLU F 70 -34.07 -51.52 38.66
CA GLU F 70 -34.96 -52.69 38.66
C GLU F 70 -36.25 -52.40 39.43
N GLY F 71 -36.14 -51.80 40.62
CA GLY F 71 -37.32 -51.52 41.40
C GLY F 71 -38.24 -50.51 40.74
N VAL F 72 -37.67 -49.43 40.18
CA VAL F 72 -38.50 -48.41 39.57
C VAL F 72 -39.16 -48.93 38.30
N VAL F 73 -38.45 -49.73 37.49
CA VAL F 73 -39.11 -50.27 36.31
C VAL F 73 -40.17 -51.30 36.69
N ARG F 74 -39.97 -52.04 37.80
CA ARG F 74 -41.02 -52.94 38.27
C ARG F 74 -42.28 -52.16 38.67
N ILE F 75 -42.10 -51.04 39.37
CA ILE F 75 -43.25 -50.21 39.76
C ILE F 75 -43.93 -49.64 38.52
N LEU F 76 -43.13 -49.18 37.55
CA LEU F 76 -43.68 -48.65 36.31
C LEU F 76 -44.48 -49.71 35.56
N LEU F 77 -43.99 -50.94 35.54
CA LEU F 77 -44.73 -52.03 34.90
C LEU F 77 -46.05 -52.31 35.63
N GLU F 78 -46.01 -52.30 36.96
CA GLU F 78 -47.23 -52.52 37.74
C GLU F 78 -48.27 -51.44 37.45
N HIS F 79 -47.83 -50.18 37.41
CA HIS F 79 -48.75 -49.10 37.10
C HIS F 79 -49.19 -49.14 35.64
N TYR F 80 -48.34 -49.66 34.75
CA TYR F 80 -48.74 -49.88 33.36
C TYR F 80 -49.90 -50.85 33.29
N TYR F 81 -49.81 -51.95 34.07
CA TYR F 81 -50.92 -52.90 34.12
C TYR F 81 -52.17 -52.23 34.69
N LYS F 82 -52.01 -51.46 35.77
CA LYS F 82 -53.16 -50.78 36.36
C LYS F 82 -53.76 -49.73 35.42
N GLU F 83 -52.91 -48.95 34.74
CA GLU F 83 -53.38 -47.78 34.01
C GLU F 83 -54.19 -48.18 32.78
N ASN F 84 -55.26 -47.44 32.52
CA ASN F 84 -56.09 -47.63 31.34
C ASN F 84 -55.89 -46.55 30.29
N ASP F 85 -55.46 -45.36 30.70
CA ASP F 85 -55.27 -44.25 29.77
C ASP F 85 -54.16 -44.60 28.78
N PRO F 86 -54.31 -44.24 27.49
CA PRO F 86 -53.27 -44.59 26.52
C PRO F 86 -52.05 -43.69 26.60
N SER F 87 -52.26 -42.40 26.87
CA SER F 87 -51.14 -41.45 26.92
C SER F 87 -50.21 -41.76 28.10
N VAL F 88 -50.79 -42.11 29.25
CA VAL F 88 -49.97 -42.43 30.42
C VAL F 88 -49.16 -43.70 30.17
N ARG F 89 -49.78 -44.71 29.56
CA ARG F 89 -49.06 -45.94 29.24
C ARG F 89 -47.96 -45.67 28.22
N LEU F 90 -48.23 -44.79 27.24
CA LEU F 90 -47.23 -44.39 26.27
C LEU F 90 -46.05 -43.73 26.95
N LYS F 91 -46.31 -42.85 27.91
CA LYS F 91 -45.24 -42.18 28.63
C LYS F 91 -44.47 -43.15 29.51
N ILE F 92 -45.16 -44.14 30.09
CA ILE F 92 -44.49 -45.16 30.88
C ILE F 92 -43.55 -45.98 30.01
N ALA F 93 -44.01 -46.35 28.81
CA ALA F 93 -43.16 -47.08 27.87
C ALA F 93 -41.94 -46.25 27.47
N SER F 94 -42.14 -44.98 27.14
CA SER F 94 -41.03 -44.11 26.77
C SER F 94 -40.03 -43.96 27.91
N LEU F 95 -40.53 -43.78 29.13
CA LEU F 95 -39.66 -43.63 30.29
C LEU F 95 -38.85 -44.89 30.54
N LEU F 96 -39.53 -46.05 30.57
CA LEU F 96 -38.81 -47.27 30.89
C LEU F 96 -37.93 -47.74 29.74
N GLY F 97 -38.10 -47.19 28.54
CA GLY F 97 -37.09 -47.33 27.52
C GLY F 97 -35.91 -46.41 27.73
N LEU F 98 -36.19 -45.20 28.22
CA LEU F 98 -35.11 -44.26 28.54
C LEU F 98 -34.21 -44.82 29.63
N LEU F 99 -34.81 -45.41 30.67
CA LEU F 99 -34.04 -45.94 31.80
C LEU F 99 -33.08 -47.06 31.41
N SER F 100 -33.34 -47.76 30.31
CA SER F 100 -32.48 -48.85 29.89
C SER F 100 -31.14 -48.36 29.33
N LYS F 101 -30.99 -47.07 29.08
CA LYS F 101 -29.75 -46.50 28.58
C LYS F 101 -28.86 -45.96 29.70
N THR F 102 -29.24 -46.15 30.96
CA THR F 102 -28.58 -45.51 32.09
C THR F 102 -27.38 -46.36 32.52
N ALA F 103 -26.19 -45.86 32.24
CA ALA F 103 -24.90 -46.35 32.75
C ALA F 103 -24.73 -47.83 32.38
N GLY F 104 -23.99 -48.58 33.18
CA GLY F 104 -23.75 -49.98 32.90
C GLY F 104 -24.80 -50.91 33.46
N PHE F 105 -26.05 -50.46 33.47
CA PHE F 105 -27.15 -51.30 33.90
C PHE F 105 -27.37 -52.44 32.91
N SER F 106 -27.67 -53.62 33.44
CA SER F 106 -27.86 -54.82 32.64
C SER F 106 -29.34 -55.07 32.45
N PRO F 107 -29.91 -54.82 31.27
CA PRO F 107 -31.36 -54.95 31.09
C PRO F 107 -31.84 -56.34 30.72
N ASP F 108 -31.01 -57.38 30.83
CA ASP F 108 -31.44 -58.74 30.51
C ASP F 108 -32.48 -59.29 31.48
N CYS F 109 -32.69 -58.63 32.62
CA CYS F 109 -33.71 -59.03 33.58
C CYS F 109 -35.03 -58.30 33.37
N ILE F 110 -35.12 -57.36 32.43
CA ILE F 110 -36.34 -56.58 32.25
C ILE F 110 -36.86 -56.66 30.81
N MET F 111 -36.55 -57.75 30.10
CA MET F 111 -37.04 -57.91 28.75
C MET F 111 -38.16 -58.93 28.63
N ASP F 112 -38.35 -59.82 29.61
CA ASP F 112 -39.48 -60.74 29.59
C ASP F 112 -40.78 -60.02 29.89
N ASP F 113 -40.78 -59.17 30.92
CA ASP F 113 -41.98 -58.39 31.21
C ASP F 113 -42.26 -57.40 30.09
N ALA F 114 -41.21 -56.83 29.50
CA ALA F 114 -41.37 -55.90 28.38
C ALA F 114 -42.02 -56.58 27.19
N ILE F 115 -41.52 -57.74 26.78
CA ILE F 115 -42.13 -58.46 25.66
C ILE F 115 -43.55 -58.91 26.03
N ASN F 116 -43.79 -59.26 27.30
CA ASN F 116 -45.12 -59.65 27.74
C ASN F 116 -46.12 -58.51 27.57
N ILE F 117 -45.79 -57.33 28.10
CA ILE F 117 -46.69 -56.19 27.99
C ILE F 117 -46.83 -55.74 26.53
N LEU F 118 -45.78 -55.92 25.74
CA LEU F 118 -45.88 -55.62 24.31
C LEU F 118 -46.89 -56.55 23.62
N GLN F 119 -46.85 -57.84 23.96
CA GLN F 119 -47.84 -58.78 23.45
C GLN F 119 -49.25 -58.41 23.88
N ASN F 120 -49.40 -57.96 25.13
CA ASN F 120 -50.71 -57.62 25.67
C ASN F 120 -51.19 -56.24 25.26
N GLU F 121 -50.32 -55.40 24.70
CA GLU F 121 -50.69 -54.01 24.41
C GLU F 121 -51.60 -53.95 23.19
N LYS F 122 -52.62 -53.09 23.27
CA LYS F 122 -53.58 -52.91 22.18
C LYS F 122 -53.31 -51.65 21.35
N SER F 123 -53.09 -50.51 21.99
CA SER F 123 -52.96 -49.25 21.27
C SER F 123 -51.71 -49.24 20.41
N HIS F 124 -51.75 -48.42 19.34
CA HIS F 124 -50.65 -48.42 18.38
C HIS F 124 -49.48 -47.55 18.84
N GLN F 125 -49.77 -46.41 19.45
CA GLN F 125 -48.68 -45.56 19.95
C GLN F 125 -47.89 -46.26 21.04
N VAL F 126 -48.59 -46.92 21.97
CA VAL F 126 -47.91 -47.61 23.05
C VAL F 126 -47.13 -48.80 22.51
N LEU F 127 -47.68 -49.50 21.52
CA LEU F 127 -46.98 -50.61 20.89
C LEU F 127 -45.70 -50.15 20.20
N ALA F 128 -45.77 -49.03 19.47
CA ALA F 128 -44.60 -48.49 18.81
C ALA F 128 -43.56 -48.04 19.82
N GLN F 129 -43.99 -47.40 20.90
CA GLN F 129 -43.05 -46.97 21.93
C GLN F 129 -42.40 -48.16 22.64
N LEU F 130 -43.17 -49.23 22.86
CA LEU F 130 -42.60 -50.43 23.45
C LEU F 130 -41.61 -51.09 22.50
N LEU F 131 -41.87 -51.03 21.20
CA LEU F 131 -40.91 -51.53 20.23
C LEU F 131 -39.63 -50.69 20.25
N ASP F 132 -39.77 -49.38 20.43
CA ASP F 132 -38.62 -48.51 20.63
C ASP F 132 -37.83 -48.91 21.87
N THR F 133 -38.54 -49.22 22.96
CA THR F 133 -37.91 -49.66 24.19
C THR F 133 -37.16 -50.98 23.97
N LEU F 134 -37.77 -51.89 23.23
CA LEU F 134 -37.15 -53.17 22.93
C LEU F 134 -35.90 -52.97 22.08
N LEU F 135 -35.95 -52.04 21.12
CA LEU F 135 -34.78 -51.69 20.33
C LEU F 135 -33.67 -51.15 21.20
N ALA F 136 -34.01 -50.29 22.17
CA ALA F 136 -33.01 -49.74 23.08
C ALA F 136 -32.37 -50.85 23.90
N ILE F 137 -33.18 -51.79 24.40
CA ILE F 137 -32.65 -52.90 25.20
C ILE F 137 -31.74 -53.78 24.35
N GLY F 138 -32.15 -54.06 23.11
CA GLY F 138 -31.33 -54.87 22.23
C GLY F 138 -30.00 -54.21 21.90
N THR F 139 -30.03 -52.90 21.62
CA THR F 139 -28.79 -52.17 21.35
C THR F 139 -27.91 -52.10 22.60
N LYS F 140 -28.52 -52.13 23.79
CA LYS F 140 -27.76 -52.15 25.03
C LYS F 140 -27.05 -53.49 25.24
N LEU F 141 -27.55 -54.56 24.62
CA LEU F 141 -26.96 -55.89 24.76
C LEU F 141 -26.74 -56.53 23.40
N PRO F 142 -25.78 -56.01 22.61
CA PRO F 142 -25.53 -56.58 21.28
C PRO F 142 -24.78 -57.90 21.34
N GLU F 143 -23.94 -58.07 22.37
CA GLU F 143 -23.21 -59.31 22.54
C GLU F 143 -24.13 -60.48 22.90
N ASN F 144 -25.29 -60.21 23.48
CA ASN F 144 -26.24 -61.27 23.79
C ASN F 144 -26.93 -61.71 22.51
N GLN F 145 -26.85 -63.01 22.20
CA GLN F 145 -27.42 -63.52 20.96
C GLN F 145 -28.88 -63.92 21.12
N ALA F 146 -29.17 -64.79 22.10
CA ALA F 146 -30.53 -65.30 22.31
C ALA F 146 -31.54 -64.18 22.51
N ILE F 147 -31.12 -63.11 23.19
CA ILE F 147 -31.97 -61.95 23.38
C ILE F 147 -32.32 -61.33 22.04
N GLN F 148 -31.32 -61.21 21.15
CA GLN F 148 -31.57 -60.60 19.85
C GLN F 148 -32.45 -61.49 18.97
N MET F 149 -32.30 -62.81 19.06
CA MET F 149 -33.21 -63.69 18.32
C MET F 149 -34.65 -63.56 18.82
N ARG F 150 -34.83 -63.48 20.15
CA ARG F 150 -36.17 -63.23 20.69
C ARG F 150 -36.72 -61.90 20.20
N LEU F 151 -35.87 -60.88 20.17
CA LEU F 151 -36.29 -59.54 19.75
C LEU F 151 -36.71 -59.52 18.29
N VAL F 152 -35.91 -60.15 17.41
CA VAL F 152 -36.28 -60.16 15.99
C VAL F 152 -37.52 -61.02 15.76
N ASP F 153 -37.69 -62.11 16.53
CA ASP F 153 -38.90 -62.92 16.43
C ASP F 153 -40.14 -62.10 16.76
N VAL F 154 -40.10 -61.38 17.89
CA VAL F 154 -41.27 -60.60 18.28
C VAL F 154 -41.46 -59.40 17.35
N ALA F 155 -40.38 -58.86 16.77
CA ALA F 155 -40.52 -57.84 15.75
C ALA F 155 -41.23 -58.38 14.51
N CYS F 156 -40.88 -59.60 14.10
CA CYS F 156 -41.58 -60.24 12.99
C CYS F 156 -43.04 -60.49 13.32
N LYS F 157 -43.33 -60.84 14.57
CA LYS F 157 -44.71 -61.08 14.99
C LYS F 157 -45.59 -59.85 14.82
N HIS F 158 -45.12 -58.69 15.25
CA HIS F 158 -45.89 -57.46 15.17
C HIS F 158 -45.66 -56.70 13.87
N LEU F 159 -44.98 -57.32 12.90
CA LEU F 159 -44.67 -56.66 11.64
C LEU F 159 -45.89 -56.52 10.73
N THR F 160 -46.99 -57.18 11.04
CA THR F 160 -48.19 -57.12 10.20
C THR F 160 -49.25 -56.16 10.73
N ASP F 161 -48.91 -55.34 11.72
CA ASP F 161 -49.87 -54.41 12.30
C ASP F 161 -50.29 -53.36 11.28
N THR F 162 -51.54 -52.92 11.39
CA THR F 162 -52.08 -51.92 10.48
C THR F 162 -51.45 -50.54 10.65
N SER F 163 -50.84 -50.27 11.80
CA SER F 163 -50.22 -48.97 12.04
C SER F 163 -48.85 -48.91 11.39
N HIS F 164 -48.62 -47.87 10.59
CA HIS F 164 -47.34 -47.70 9.92
C HIS F 164 -46.21 -47.50 10.91
N GLY F 165 -46.49 -46.89 12.07
CA GLY F 165 -45.45 -46.70 13.08
C GLY F 165 -44.94 -48.02 13.64
N VAL F 166 -45.86 -48.96 13.89
CA VAL F 166 -45.47 -50.26 14.42
C VAL F 166 -44.59 -51.00 13.42
N ARG F 167 -44.97 -50.95 12.14
CA ARG F 167 -44.16 -51.59 11.10
C ARG F 167 -42.80 -50.90 10.97
N ASN F 168 -42.77 -49.58 11.10
CA ASN F 168 -41.50 -48.84 11.07
C ASN F 168 -40.57 -49.30 12.18
N LYS F 169 -41.09 -49.41 13.40
CA LYS F 169 -40.24 -49.83 14.51
C LYS F 169 -39.82 -51.29 14.38
N CYS F 170 -40.71 -52.14 13.86
CA CYS F 170 -40.34 -53.53 13.62
C CYS F 170 -39.23 -53.63 12.60
N LEU F 171 -39.30 -52.84 11.52
CA LEU F 171 -38.25 -52.85 10.52
C LEU F 171 -36.95 -52.28 11.08
N GLN F 172 -37.04 -51.27 11.96
CA GLN F 172 -35.84 -50.75 12.62
C GLN F 172 -35.19 -51.81 13.50
N LEU F 173 -36.01 -52.61 14.21
CA LEU F 173 -35.49 -53.72 14.97
C LEU F 173 -34.79 -54.73 14.07
N LEU F 174 -35.43 -55.06 12.94
CA LEU F 174 -34.84 -56.03 12.02
C LEU F 174 -33.55 -55.50 11.40
N GLY F 175 -33.43 -54.18 11.25
CA GLY F 175 -32.22 -53.60 10.71
C GLY F 175 -31.08 -53.58 11.70
N ASN F 176 -31.35 -53.04 12.90
CA ASN F 176 -30.33 -52.99 13.94
C ASN F 176 -29.98 -54.37 14.47
N LEU F 177 -30.96 -55.26 14.58
CA LEU F 177 -30.74 -56.59 15.10
C LEU F 177 -31.14 -57.62 14.04
N GLY F 178 -30.26 -58.56 13.76
CA GLY F 178 -30.55 -59.57 12.77
C GLY F 178 -29.36 -60.46 12.48
N SER F 179 -29.62 -61.74 12.25
CA SER F 179 -28.56 -62.71 11.98
C SER F 179 -27.79 -62.33 10.73
N LEU F 180 -26.48 -62.53 10.76
CA LEU F 180 -25.62 -62.17 9.65
C LEU F 180 -24.31 -62.96 9.70
N ASP F 195 -32.61 -64.63 5.32
CA ASP F 195 -33.99 -64.68 5.76
C ASP F 195 -34.50 -63.29 6.10
N VAL F 196 -33.70 -62.56 6.89
CA VAL F 196 -34.08 -61.21 7.32
C VAL F 196 -34.17 -60.27 6.13
N GLN F 197 -33.32 -60.45 5.11
CA GLN F 197 -33.38 -59.63 3.92
C GLN F 197 -34.67 -59.85 3.16
N LYS F 198 -35.11 -61.12 3.06
CA LYS F 198 -36.39 -61.42 2.44
C LYS F 198 -37.55 -60.79 3.21
N ILE F 199 -37.51 -60.87 4.54
CA ILE F 199 -38.58 -60.33 5.38
C ILE F 199 -38.66 -58.81 5.19
N ILE F 200 -37.50 -58.14 5.23
CA ILE F 200 -37.46 -56.70 4.98
C ILE F 200 -37.78 -56.41 3.51
N GLY F 201 -37.26 -57.22 2.59
CA GLY F 201 -37.54 -57.03 1.17
C GLY F 201 -39.01 -57.12 0.82
N ASP F 202 -39.78 -57.90 1.57
CA ASP F 202 -41.22 -58.00 1.34
C ASP F 202 -41.93 -56.67 1.50
N TYR F 203 -41.38 -55.76 2.31
CA TYR F 203 -42.02 -54.49 2.60
C TYR F 203 -41.52 -53.36 1.74
N PHE F 204 -40.82 -53.66 0.65
CA PHE F 204 -40.57 -52.66 -0.39
C PHE F 204 -41.82 -52.37 -1.20
N SER F 205 -42.85 -53.20 -1.10
CA SER F 205 -44.11 -53.02 -1.79
C SER F 205 -45.21 -52.54 -0.88
N ASP F 206 -44.89 -52.17 0.36
CA ASP F 206 -45.89 -51.70 1.31
C ASP F 206 -46.54 -50.42 0.82
N GLN F 207 -47.84 -50.28 1.08
CA GLN F 207 -48.60 -49.15 0.56
C GLN F 207 -48.14 -47.82 1.16
N ASP F 208 -47.77 -47.82 2.44
CA ASP F 208 -47.33 -46.58 3.08
C ASP F 208 -45.91 -46.25 2.65
N PRO F 209 -45.66 -45.07 2.08
CA PRO F 209 -44.29 -44.75 1.63
C PRO F 209 -43.27 -44.72 2.74
N ARG F 210 -43.66 -44.30 3.94
CA ARG F 210 -42.68 -44.20 5.02
C ARG F 210 -42.30 -45.58 5.54
N VAL F 211 -43.19 -46.56 5.41
CA VAL F 211 -42.81 -47.95 5.69
C VAL F 211 -41.80 -48.43 4.66
N ARG F 212 -41.95 -48.02 3.40
CA ARG F 212 -40.98 -48.37 2.37
C ARG F 212 -39.61 -47.76 2.68
N THR F 213 -39.60 -46.49 3.10
CA THR F 213 -38.34 -45.86 3.50
C THR F 213 -37.72 -46.57 4.68
N ALA F 214 -38.55 -46.97 5.65
CA ALA F 214 -38.05 -47.69 6.82
C ALA F 214 -37.43 -49.03 6.42
N ALA F 215 -38.05 -49.74 5.47
CA ALA F 215 -37.50 -51.00 5.01
C ALA F 215 -36.17 -50.81 4.30
N ILE F 216 -36.08 -49.79 3.43
CA ILE F 216 -34.81 -49.55 2.72
C ILE F 216 -33.72 -49.16 3.72
N LYS F 217 -34.05 -48.32 4.70
CA LYS F 217 -33.08 -47.94 5.72
C LYS F 217 -32.65 -49.13 6.56
N ALA F 218 -33.59 -50.03 6.85
CA ALA F 218 -33.25 -51.25 7.58
C ALA F 218 -32.27 -52.11 6.80
N MET F 219 -32.49 -52.25 5.49
CA MET F 219 -31.54 -53.02 4.67
C MET F 219 -30.18 -52.34 4.61
N LEU F 220 -30.18 -51.00 4.50
CA LEU F 220 -28.92 -50.26 4.49
C LEU F 220 -28.16 -50.42 5.80
N GLN F 221 -28.89 -50.37 6.92
CA GLN F 221 -28.25 -50.52 8.22
C GLN F 221 -27.75 -51.95 8.41
N LEU F 222 -28.46 -52.94 7.86
CA LEU F 222 -27.96 -54.30 7.87
C LEU F 222 -26.65 -54.41 7.10
N HIS F 223 -26.58 -53.77 5.93
CA HIS F 223 -25.35 -53.76 5.16
C HIS F 223 -24.22 -53.09 5.93
N GLU F 224 -24.52 -51.97 6.59
CA GLU F 224 -23.49 -51.27 7.36
C GLU F 224 -22.99 -52.13 8.52
N ARG F 225 -23.87 -52.94 9.12
CA ARG F 225 -23.44 -53.82 10.20
C ARG F 225 -22.51 -54.93 9.71
N GLY F 226 -22.43 -55.17 8.41
CA GLY F 226 -21.51 -56.14 7.87
C GLY F 226 -22.15 -57.21 7.00
N LEU F 227 -23.48 -57.18 6.90
CA LEU F 227 -24.18 -58.19 6.12
C LEU F 227 -23.89 -57.98 4.64
N LYS F 228 -23.79 -59.09 3.91
CA LYS F 228 -23.65 -59.07 2.45
C LYS F 228 -25.03 -59.23 1.84
N LEU F 229 -25.56 -58.15 1.27
CA LEU F 229 -26.88 -58.19 0.67
C LEU F 229 -26.86 -59.02 -0.62
N HIS F 230 -28.04 -59.48 -1.00
CA HIS F 230 -28.21 -60.28 -2.20
C HIS F 230 -28.39 -59.37 -3.42
N GLN F 231 -28.00 -59.88 -4.59
CA GLN F 231 -28.22 -59.15 -5.83
C GLN F 231 -29.69 -58.97 -6.14
N THR F 232 -30.57 -59.82 -5.61
CA THR F 232 -32.01 -59.72 -5.84
C THR F 232 -32.59 -58.41 -5.31
N ILE F 233 -31.92 -57.76 -4.36
CA ILE F 233 -32.38 -56.49 -3.85
C ILE F 233 -32.29 -55.38 -4.90
N TYR F 234 -31.41 -55.56 -5.90
CA TYR F 234 -31.20 -54.52 -6.90
C TYR F 234 -32.47 -54.24 -7.71
N ASN F 235 -33.15 -55.31 -8.14
CA ASN F 235 -34.35 -55.13 -8.97
C ASN F 235 -35.49 -54.55 -8.15
N GLN F 236 -35.59 -54.93 -6.88
CA GLN F 236 -36.60 -54.37 -5.99
C GLN F 236 -36.37 -52.89 -5.76
N ALA F 237 -35.10 -52.50 -5.54
CA ALA F 237 -34.78 -51.09 -5.34
C ALA F 237 -34.96 -50.29 -6.62
N CYS F 238 -34.70 -50.90 -7.78
CA CYS F 238 -34.84 -50.20 -9.04
C CYS F 238 -36.28 -49.74 -9.28
N LYS F 239 -37.25 -50.55 -8.86
CA LYS F 239 -38.66 -50.15 -8.97
C LYS F 239 -38.97 -48.94 -8.10
N LEU F 240 -38.29 -48.83 -6.96
CA LEU F 240 -38.57 -47.74 -6.01
C LEU F 240 -38.01 -46.40 -6.45
N LEU F 241 -37.10 -46.40 -7.44
CA LEU F 241 -36.56 -45.12 -7.93
C LEU F 241 -37.60 -44.27 -8.63
N SER F 242 -38.69 -44.87 -9.10
CA SER F 242 -39.79 -44.15 -9.74
C SER F 242 -40.93 -43.85 -8.76
N ASP F 243 -40.67 -43.93 -7.46
CA ASP F 243 -41.70 -43.63 -6.47
C ASP F 243 -42.07 -42.16 -6.50
N ASP F 244 -43.27 -41.87 -6.01
CA ASP F 244 -43.82 -40.53 -5.98
C ASP F 244 -43.45 -39.77 -4.71
N TYR F 245 -42.50 -40.26 -3.93
CA TYR F 245 -42.11 -39.63 -2.67
C TYR F 245 -40.59 -39.55 -2.62
N GLU F 246 -40.08 -38.36 -2.30
CA GLU F 246 -38.64 -38.09 -2.41
C GLU F 246 -37.83 -38.94 -1.44
N GLN F 247 -38.38 -39.27 -0.28
CA GLN F 247 -37.64 -40.06 0.69
C GLN F 247 -37.42 -41.48 0.19
N VAL F 248 -38.44 -42.05 -0.45
CA VAL F 248 -38.31 -43.39 -1.03
C VAL F 248 -37.25 -43.39 -2.11
N ARG F 249 -37.25 -42.37 -2.97
CA ARG F 249 -36.25 -42.29 -4.04
C ARG F 249 -34.84 -42.12 -3.49
N SER F 250 -34.69 -41.27 -2.46
CA SER F 250 -33.38 -41.07 -1.84
C SER F 250 -32.85 -42.36 -1.22
N ALA F 251 -33.71 -43.05 -0.45
CA ALA F 251 -33.29 -44.31 0.15
C ALA F 251 -32.99 -45.35 -0.92
N ALA F 252 -33.78 -45.36 -2.00
CA ALA F 252 -33.59 -46.32 -3.08
C ALA F 252 -32.29 -46.10 -3.82
N VAL F 253 -31.93 -44.84 -4.07
CA VAL F 253 -30.66 -44.57 -4.75
C VAL F 253 -29.48 -44.90 -3.83
N GLN F 254 -29.63 -44.65 -2.52
CA GLN F 254 -28.61 -45.11 -1.57
C GLN F 254 -28.44 -46.63 -1.64
N LEU F 255 -29.56 -47.37 -1.65
CA LEU F 255 -29.50 -48.83 -1.67
C LEU F 255 -28.92 -49.34 -2.98
N ILE F 256 -29.24 -48.68 -4.10
CA ILE F 256 -28.73 -49.12 -5.39
C ILE F 256 -27.23 -48.85 -5.47
N TRP F 257 -26.76 -47.74 -4.86
CA TRP F 257 -25.33 -47.51 -4.77
C TRP F 257 -24.64 -48.61 -3.96
N VAL F 258 -25.26 -48.99 -2.84
CA VAL F 258 -24.69 -50.04 -1.98
C VAL F 258 -24.59 -51.35 -2.76
N VAL F 259 -25.68 -51.76 -3.41
CA VAL F 259 -25.68 -53.04 -4.11
C VAL F 259 -24.75 -53.02 -5.32
N SER F 260 -24.61 -51.88 -6.01
CA SER F 260 -23.64 -51.80 -7.10
C SER F 260 -22.22 -51.93 -6.58
N GLN F 261 -21.92 -51.30 -5.44
CA GLN F 261 -20.59 -51.45 -4.85
C GLN F 261 -20.34 -52.88 -4.37
N LEU F 262 -21.41 -53.59 -4.00
CA LEU F 262 -21.24 -54.98 -3.56
C LEU F 262 -21.02 -55.94 -4.71
N TYR F 263 -21.70 -55.74 -5.84
CA TYR F 263 -21.60 -56.63 -7.00
C TYR F 263 -21.36 -55.83 -8.28
N PRO F 264 -20.18 -55.20 -8.42
CA PRO F 264 -19.97 -54.35 -9.59
C PRO F 264 -19.84 -55.12 -10.90
N GLU F 265 -19.10 -56.22 -10.92
CA GLU F 265 -18.81 -56.92 -12.17
C GLU F 265 -19.89 -57.91 -12.57
N SER F 266 -20.92 -58.11 -11.75
CA SER F 266 -22.01 -59.00 -12.12
C SER F 266 -22.76 -58.43 -13.33
N ILE F 267 -23.29 -59.33 -14.15
CA ILE F 267 -23.90 -58.97 -15.42
C ILE F 267 -25.42 -58.92 -15.26
N VAL F 268 -26.02 -57.83 -15.71
CA VAL F 268 -27.48 -57.67 -15.71
C VAL F 268 -27.93 -57.45 -17.15
N PRO F 269 -28.94 -58.20 -17.63
CA PRO F 269 -29.40 -58.00 -19.01
C PRO F 269 -30.45 -56.92 -19.14
N ILE F 270 -30.34 -56.15 -20.22
CA ILE F 270 -31.34 -55.12 -20.53
C ILE F 270 -32.65 -55.81 -20.89
N PRO F 271 -33.81 -55.30 -20.47
CA PRO F 271 -35.07 -55.99 -20.80
C PRO F 271 -35.36 -56.04 -22.30
N SER F 272 -35.31 -54.90 -22.98
CA SER F 272 -35.63 -54.86 -24.41
C SER F 272 -34.46 -55.32 -25.26
N SER F 273 -33.35 -54.59 -25.19
CA SER F 273 -32.18 -54.93 -25.99
C SER F 273 -31.50 -56.18 -25.44
N ASN F 274 -30.99 -57.00 -26.36
CA ASN F 274 -30.25 -58.21 -26.00
C ASN F 274 -28.77 -57.89 -25.76
N GLU F 275 -28.54 -57.02 -24.77
CA GLU F 275 -27.21 -56.54 -24.44
C GLU F 275 -26.89 -56.90 -23.00
N GLU F 276 -25.72 -57.49 -22.78
CA GLU F 276 -25.28 -57.88 -21.45
C GLU F 276 -24.41 -56.76 -20.88
N ILE F 277 -24.82 -56.21 -19.74
CA ILE F 277 -24.23 -55.03 -19.15
C ILE F 277 -23.81 -55.36 -17.72
N ARG F 278 -22.66 -54.85 -17.29
CA ARG F 278 -22.25 -54.97 -15.91
C ARG F 278 -23.22 -54.21 -15.01
N LEU F 279 -23.38 -54.72 -13.78
CA LEU F 279 -24.34 -54.11 -12.86
C LEU F 279 -23.95 -52.69 -12.47
N VAL F 280 -22.64 -52.45 -12.31
CA VAL F 280 -22.19 -51.13 -11.87
C VAL F 280 -22.51 -50.07 -12.92
N ASP F 281 -22.36 -50.40 -14.22
CA ASP F 281 -22.69 -49.45 -15.27
C ASP F 281 -24.17 -49.16 -15.33
N ASP F 282 -25.01 -50.19 -15.16
CA ASP F 282 -26.46 -50.00 -15.13
C ASP F 282 -26.88 -49.12 -13.95
N ALA F 283 -26.27 -49.36 -12.78
CA ALA F 283 -26.53 -48.51 -11.61
C ALA F 283 -26.05 -47.08 -11.85
N PHE F 284 -24.91 -46.93 -12.52
CA PHE F 284 -24.41 -45.60 -12.90
C PHE F 284 -25.44 -44.87 -13.74
N GLY F 285 -26.01 -45.57 -14.73
CA GLY F 285 -27.05 -44.96 -15.55
C GLY F 285 -28.29 -44.60 -14.75
N LYS F 286 -28.72 -45.50 -13.86
CA LYS F 286 -29.91 -45.24 -13.04
C LYS F 286 -29.73 -44.03 -12.13
N ILE F 287 -28.55 -43.93 -11.50
CA ILE F 287 -28.26 -42.79 -10.62
C ILE F 287 -28.13 -41.51 -11.42
N CYS F 288 -27.52 -41.60 -12.62
CA CYS F 288 -27.39 -40.44 -13.48
C CYS F 288 -28.76 -39.91 -13.88
N HIS F 289 -29.71 -40.80 -14.17
CA HIS F 289 -31.08 -40.40 -14.44
C HIS F 289 -31.70 -39.68 -13.24
N MET F 290 -31.26 -40.01 -12.03
CA MET F 290 -31.77 -39.39 -10.82
C MET F 290 -31.19 -38.01 -10.57
N VAL F 291 -30.15 -37.62 -11.29
CA VAL F 291 -29.61 -36.26 -11.15
C VAL F 291 -30.58 -35.24 -11.75
N SER F 292 -31.49 -35.68 -12.62
CA SER F 292 -32.56 -34.84 -13.14
C SER F 292 -33.86 -34.92 -12.33
N ASP F 293 -33.83 -35.52 -11.14
CA ASP F 293 -35.01 -35.66 -10.32
C ASP F 293 -35.54 -34.29 -9.89
N GLY F 294 -36.86 -34.19 -9.73
CA GLY F 294 -37.48 -32.92 -9.39
C GLY F 294 -37.03 -32.37 -8.04
N SER F 295 -36.96 -33.23 -7.03
CA SER F 295 -36.54 -32.80 -5.70
C SER F 295 -35.03 -32.64 -5.64
N TRP F 296 -34.58 -31.59 -4.96
CA TRP F 296 -33.16 -31.28 -4.91
C TRP F 296 -32.39 -32.19 -3.95
N VAL F 297 -33.04 -32.73 -2.91
CA VAL F 297 -32.34 -33.62 -1.99
C VAL F 297 -31.95 -34.93 -2.69
N VAL F 298 -32.84 -35.46 -3.54
CA VAL F 298 -32.52 -36.64 -4.32
C VAL F 298 -31.37 -36.34 -5.28
N ARG F 299 -31.35 -35.13 -5.85
CA ARG F 299 -30.26 -34.76 -6.74
C ARG F 299 -28.93 -34.68 -5.99
N VAL F 300 -28.94 -34.14 -4.78
CA VAL F 300 -27.73 -34.08 -3.96
C VAL F 300 -27.22 -35.48 -3.66
N GLN F 301 -28.14 -36.37 -3.26
CA GLN F 301 -27.78 -37.75 -2.97
C GLN F 301 -27.23 -38.46 -4.20
N ALA F 302 -27.87 -38.24 -5.35
CA ALA F 302 -27.45 -38.87 -6.59
C ALA F 302 -26.05 -38.42 -6.98
N ALA F 303 -25.78 -37.12 -6.86
CA ALA F 303 -24.45 -36.62 -7.18
C ALA F 303 -23.39 -37.20 -6.24
N LYS F 304 -23.70 -37.26 -4.94
CA LYS F 304 -22.75 -37.81 -3.97
C LYS F 304 -22.41 -39.28 -4.28
N LEU F 305 -23.44 -40.10 -4.52
CA LEU F 305 -23.18 -41.51 -4.82
C LEU F 305 -22.51 -41.68 -6.18
N LEU F 306 -22.81 -40.79 -7.14
CA LEU F 306 -22.12 -40.80 -8.42
C LEU F 306 -20.63 -40.55 -8.22
N GLY F 307 -20.31 -39.64 -7.30
CA GLY F 307 -18.93 -39.45 -6.89
C GLY F 307 -18.32 -40.68 -6.25
N SER F 308 -19.10 -41.38 -5.42
CA SER F 308 -18.56 -42.48 -4.63
C SER F 308 -18.21 -43.73 -5.46
N MET F 309 -18.65 -43.84 -6.71
CA MET F 309 -18.41 -45.04 -7.50
C MET F 309 -17.31 -44.78 -8.52
N GLU F 310 -16.39 -45.73 -8.65
CA GLU F 310 -15.25 -45.57 -9.53
C GLU F 310 -14.96 -46.81 -10.35
N GLN F 311 -15.79 -47.85 -10.25
CA GLN F 311 -15.62 -49.09 -11.00
C GLN F 311 -16.29 -49.04 -12.36
N VAL F 312 -16.84 -47.88 -12.74
CA VAL F 312 -17.57 -47.76 -13.99
C VAL F 312 -16.60 -47.67 -15.17
N SER F 313 -17.09 -48.04 -16.35
CA SER F 313 -16.30 -48.05 -17.56
C SER F 313 -15.97 -46.63 -18.02
N SER F 314 -14.92 -46.51 -18.83
CA SER F 314 -14.42 -45.21 -19.26
C SER F 314 -15.43 -44.46 -20.12
N HIS F 315 -16.04 -45.15 -21.09
CA HIS F 315 -16.96 -44.47 -22.01
C HIS F 315 -18.19 -43.96 -21.28
N PHE F 316 -18.68 -44.70 -20.28
CA PHE F 316 -19.76 -44.23 -19.43
C PHE F 316 -19.35 -42.97 -18.68
N LEU F 317 -18.09 -42.92 -18.23
CA LEU F 317 -17.57 -41.73 -17.58
C LEU F 317 -17.54 -40.55 -18.54
N GLU F 318 -17.16 -40.79 -19.79
CA GLU F 318 -17.10 -39.71 -20.76
C GLU F 318 -18.49 -39.23 -21.16
N GLN F 319 -19.49 -40.11 -21.12
CA GLN F 319 -20.83 -39.77 -21.58
C GLN F 319 -21.49 -38.66 -20.77
N THR F 320 -21.23 -38.58 -19.46
CA THR F 320 -21.95 -37.60 -18.64
C THR F 320 -21.56 -36.15 -18.93
N LEU F 321 -20.49 -35.91 -19.70
CA LEU F 321 -20.10 -34.55 -20.05
C LEU F 321 -20.49 -34.16 -21.47
N ASP F 322 -20.65 -35.12 -22.36
CA ASP F 322 -21.09 -34.81 -23.72
C ASP F 322 -22.54 -34.36 -23.72
N LYS F 323 -22.90 -33.57 -24.73
CA LYS F 323 -24.27 -33.07 -24.84
C LYS F 323 -25.21 -34.17 -25.29
N LYS F 324 -24.96 -34.75 -26.47
CA LYS F 324 -25.79 -35.82 -27.03
C LYS F 324 -25.08 -36.48 -28.21
N SER F 373 -28.38 -46.61 -22.19
CA SER F 373 -27.49 -45.77 -21.39
C SER F 373 -28.00 -44.34 -21.32
N GLY F 374 -28.89 -44.08 -20.36
CA GLY F 374 -29.44 -42.75 -20.19
C GLY F 374 -28.62 -41.87 -19.25
N ALA F 375 -27.31 -41.86 -19.44
CA ALA F 375 -26.41 -41.07 -18.60
C ALA F 375 -25.79 -39.91 -19.36
N CYS F 376 -26.38 -39.52 -20.49
CA CYS F 376 -25.82 -38.45 -21.31
C CYS F 376 -26.07 -37.10 -20.65
N GLY F 377 -25.01 -36.30 -20.52
CA GLY F 377 -25.12 -34.97 -19.96
C GLY F 377 -25.58 -34.94 -18.52
N ALA F 378 -25.23 -35.97 -17.74
CA ALA F 378 -25.65 -36.02 -16.35
C ALA F 378 -24.96 -34.96 -15.51
N PHE F 379 -23.65 -34.83 -15.63
CA PHE F 379 -22.94 -33.81 -14.88
C PHE F 379 -23.18 -32.42 -15.45
N VAL F 380 -23.43 -32.33 -16.76
CA VAL F 380 -23.76 -31.05 -17.39
C VAL F 380 -25.02 -30.46 -16.76
N HIS F 381 -26.06 -31.28 -16.61
CA HIS F 381 -27.27 -30.81 -15.95
C HIS F 381 -27.06 -30.70 -14.45
N GLY F 382 -26.20 -31.54 -13.88
CA GLY F 382 -25.92 -31.51 -12.46
C GLY F 382 -24.94 -30.46 -12.01
N LEU F 383 -24.39 -29.67 -12.91
CA LEU F 383 -23.44 -28.63 -12.53
C LEU F 383 -24.01 -27.22 -12.69
N GLU F 384 -25.19 -27.08 -13.32
CA GLU F 384 -25.81 -25.79 -13.58
C GLU F 384 -27.23 -25.68 -13.00
N ASP F 385 -27.46 -26.32 -11.86
CA ASP F 385 -28.79 -26.27 -11.24
C ASP F 385 -28.98 -24.98 -10.47
N GLU F 386 -30.24 -24.71 -10.14
CA GLU F 386 -30.57 -23.56 -9.30
C GLU F 386 -30.01 -23.74 -7.88
N MET F 387 -30.10 -24.95 -7.34
CA MET F 387 -29.65 -25.21 -5.98
C MET F 387 -28.13 -25.26 -5.93
N TYR F 388 -27.55 -24.56 -4.94
CA TYR F 388 -26.10 -24.60 -4.76
C TYR F 388 -25.62 -25.91 -4.14
N GLU F 389 -26.44 -26.57 -3.33
CA GLU F 389 -26.02 -27.80 -2.67
C GLU F 389 -25.75 -28.92 -3.66
N VAL F 390 -26.61 -29.08 -4.67
CA VAL F 390 -26.38 -30.09 -5.70
C VAL F 390 -25.13 -29.75 -6.50
N ARG F 391 -24.86 -28.46 -6.71
CA ARG F 391 -23.65 -28.07 -7.42
C ARG F 391 -22.41 -28.40 -6.60
N ILE F 392 -22.46 -28.20 -5.28
CA ILE F 392 -21.32 -28.58 -4.43
C ILE F 392 -21.11 -30.09 -4.48
N ALA F 393 -22.20 -30.86 -4.40
CA ALA F 393 -22.10 -32.31 -4.47
C ALA F 393 -21.52 -32.76 -5.81
N ALA F 394 -21.96 -32.14 -6.91
CA ALA F 394 -21.43 -32.47 -8.23
C ALA F 394 -19.95 -32.11 -8.35
N VAL F 395 -19.54 -30.98 -7.75
CA VAL F 395 -18.14 -30.58 -7.78
C VAL F 395 -17.28 -31.60 -7.04
N GLU F 396 -17.74 -32.01 -5.85
CA GLU F 396 -17.00 -33.01 -5.08
C GLU F 396 -16.98 -34.35 -5.81
N ALA F 397 -18.08 -34.70 -6.47
CA ALA F 397 -18.15 -35.92 -7.26
C ALA F 397 -17.16 -35.87 -8.41
N LEU F 398 -17.05 -34.70 -9.05
CA LEU F 398 -16.09 -34.53 -10.13
C LEU F 398 -14.67 -34.68 -9.61
N CYS F 399 -14.41 -34.17 -8.40
CA CYS F 399 -13.12 -34.36 -7.76
C CYS F 399 -12.77 -35.85 -7.60
N MET F 400 -13.69 -36.63 -7.01
CA MET F 400 -13.39 -38.06 -6.82
C MET F 400 -13.20 -38.76 -8.15
N LEU F 401 -14.08 -38.49 -9.12
CA LEU F 401 -14.02 -39.17 -10.40
C LEU F 401 -12.75 -38.81 -11.16
N ALA F 402 -12.35 -37.54 -11.11
CA ALA F 402 -11.12 -37.10 -11.77
C ALA F 402 -9.88 -37.68 -11.11
N GLN F 403 -9.86 -37.75 -9.77
CA GLN F 403 -8.75 -38.42 -9.09
C GLN F 403 -8.67 -39.89 -9.49
N SER F 404 -9.82 -40.55 -9.67
CA SER F 404 -9.78 -41.93 -10.13
C SER F 404 -9.38 -42.03 -11.59
N SER F 405 -9.70 -41.02 -12.40
CA SER F 405 -9.52 -41.08 -13.85
C SER F 405 -8.90 -39.78 -14.35
N PRO F 406 -7.58 -39.74 -14.57
CA PRO F 406 -6.95 -38.54 -15.17
C PRO F 406 -7.50 -38.19 -16.55
N SER F 407 -7.81 -39.19 -17.36
CA SER F 407 -8.41 -38.94 -18.66
C SER F 407 -9.74 -38.22 -18.51
N PHE F 408 -10.52 -38.60 -17.50
CA PHE F 408 -11.73 -37.86 -17.17
C PHE F 408 -11.41 -36.45 -16.69
N ALA F 409 -10.31 -36.29 -15.95
CA ALA F 409 -9.93 -34.97 -15.43
C ALA F 409 -9.65 -34.00 -16.56
N GLU F 410 -9.04 -34.48 -17.66
CA GLU F 410 -8.77 -33.63 -18.80
C GLU F 410 -10.06 -33.05 -19.36
N LYS F 411 -11.11 -33.88 -19.47
CA LYS F 411 -12.40 -33.37 -19.92
C LYS F 411 -13.03 -32.47 -18.87
N CYS F 412 -12.84 -32.77 -17.59
CA CYS F 412 -13.47 -32.00 -16.51
C CYS F 412 -12.84 -30.64 -16.27
N LEU F 413 -11.64 -30.40 -16.80
CA LEU F 413 -10.93 -29.15 -16.54
C LEU F 413 -11.75 -27.92 -16.88
N ASP F 414 -12.28 -27.84 -18.11
CA ASP F 414 -13.01 -26.64 -18.54
C ASP F 414 -14.30 -26.48 -17.75
N PHE F 415 -15.03 -27.58 -17.52
CA PHE F 415 -16.28 -27.52 -16.76
C PHE F 415 -16.04 -27.03 -15.34
N LEU F 416 -14.96 -27.50 -14.71
CA LEU F 416 -14.71 -27.10 -13.32
C LEU F 416 -14.18 -25.68 -13.23
N VAL F 417 -13.38 -25.23 -14.20
CA VAL F 417 -12.88 -23.86 -14.12
C VAL F 417 -13.95 -22.85 -14.51
N ASP F 418 -14.91 -23.23 -15.38
CA ASP F 418 -16.07 -22.37 -15.61
C ASP F 418 -16.91 -22.21 -14.35
N MET F 419 -16.89 -23.20 -13.45
CA MET F 419 -17.64 -23.09 -12.21
C MET F 419 -17.10 -22.01 -11.28
N PHE F 420 -15.84 -21.58 -11.49
CA PHE F 420 -15.25 -20.56 -10.62
C PHE F 420 -16.02 -19.25 -10.68
N ASN F 421 -16.67 -18.98 -11.81
CA ASN F 421 -17.48 -17.77 -11.93
C ASN F 421 -18.74 -17.79 -11.07
N ASP F 422 -19.15 -18.96 -10.56
CA ASP F 422 -20.32 -19.05 -9.69
C ASP F 422 -20.14 -18.19 -8.45
N GLU F 423 -21.18 -17.43 -8.10
CA GLU F 423 -21.10 -16.37 -7.12
C GLU F 423 -21.56 -16.79 -5.73
N ILE F 424 -21.81 -18.08 -5.51
CA ILE F 424 -22.01 -18.61 -4.17
C ILE F 424 -20.65 -18.92 -3.55
N GLU F 425 -20.41 -18.36 -2.36
CA GLU F 425 -19.08 -18.39 -1.75
C GLU F 425 -18.62 -19.82 -1.46
N GLU F 426 -19.49 -20.63 -0.87
CA GLU F 426 -19.08 -22.00 -0.53
C GLU F 426 -18.86 -22.83 -1.79
N VAL F 427 -19.64 -22.55 -2.83
CA VAL F 427 -19.48 -23.22 -4.11
C VAL F 427 -18.08 -22.96 -4.66
N ARG F 428 -17.66 -21.68 -4.69
CA ARG F 428 -16.35 -21.39 -5.25
C ARG F 428 -15.22 -21.89 -4.35
N LEU F 429 -15.40 -21.90 -3.02
CA LEU F 429 -14.37 -22.52 -2.16
C LEU F 429 -14.21 -24.00 -2.45
N GLN F 430 -15.34 -24.71 -2.59
CA GLN F 430 -15.25 -26.13 -2.90
C GLN F 430 -14.66 -26.36 -4.28
N SER F 431 -14.97 -25.49 -5.25
CA SER F 431 -14.36 -25.63 -6.57
C SER F 431 -12.85 -25.42 -6.51
N ILE F 432 -12.40 -24.44 -5.71
CA ILE F 432 -10.96 -24.23 -5.49
C ILE F 432 -10.32 -25.48 -4.91
N HIS F 433 -10.93 -26.03 -3.85
CA HIS F 433 -10.36 -27.19 -3.17
C HIS F 433 -10.30 -28.40 -4.09
N THR F 434 -11.35 -28.62 -4.88
CA THR F 434 -11.36 -29.76 -5.79
C THR F 434 -10.35 -29.59 -6.91
N MET F 435 -10.24 -28.36 -7.44
CA MET F 435 -9.25 -28.08 -8.48
C MET F 435 -7.84 -28.30 -7.96
N ARG F 436 -7.58 -27.90 -6.71
CA ARG F 436 -6.31 -28.19 -6.09
C ARG F 436 -6.10 -29.69 -5.91
N LYS F 437 -7.17 -30.42 -5.61
CA LYS F 437 -7.07 -31.86 -5.40
C LYS F 437 -6.71 -32.61 -6.68
N ILE F 438 -7.29 -32.21 -7.81
CA ILE F 438 -7.04 -32.88 -9.08
C ILE F 438 -5.88 -32.26 -9.83
N SER F 439 -5.14 -31.36 -9.17
CA SER F 439 -4.09 -30.59 -9.82
C SER F 439 -2.96 -31.46 -10.35
N ASN F 440 -2.69 -32.60 -9.71
CA ASN F 440 -1.56 -33.44 -10.12
C ASN F 440 -1.75 -34.10 -11.47
N ASN F 441 -2.99 -34.21 -11.95
CA ASN F 441 -3.29 -35.01 -13.13
C ASN F 441 -3.57 -34.17 -14.37
N ILE F 442 -3.30 -32.86 -14.32
CA ILE F 442 -3.83 -31.90 -15.28
C ILE F 442 -2.80 -30.81 -15.55
N THR F 443 -3.13 -29.96 -16.52
CA THR F 443 -2.39 -28.74 -16.84
C THR F 443 -3.35 -27.80 -17.56
N LEU F 444 -3.46 -26.58 -17.08
CA LEU F 444 -4.48 -25.66 -17.57
C LEU F 444 -4.17 -25.17 -18.99
N ARG F 445 -5.23 -24.90 -19.73
CA ARG F 445 -5.14 -24.40 -21.09
C ARG F 445 -5.06 -22.87 -21.11
N GLU F 446 -4.83 -22.32 -22.29
CA GLU F 446 -4.71 -20.86 -22.43
C GLU F 446 -6.02 -20.14 -22.15
N ASP F 447 -7.11 -20.58 -22.78
CA ASP F 447 -8.39 -19.89 -22.63
C ASP F 447 -9.03 -20.18 -21.28
N GLN F 448 -8.85 -21.40 -20.77
CA GLN F 448 -9.34 -21.72 -19.43
C GLN F 448 -8.62 -20.88 -18.37
N LEU F 449 -7.31 -20.71 -18.52
CA LEU F 449 -6.56 -19.86 -17.60
C LEU F 449 -6.98 -18.40 -17.74
N ASP F 450 -7.26 -17.95 -18.98
CA ASP F 450 -7.78 -16.61 -19.19
C ASP F 450 -9.12 -16.44 -18.50
N THR F 451 -9.99 -17.45 -18.58
CA THR F 451 -11.29 -17.41 -17.94
C THR F 451 -11.14 -17.30 -16.43
N VAL F 452 -10.31 -18.16 -15.82
CA VAL F 452 -10.18 -18.15 -14.37
C VAL F 452 -9.49 -16.86 -13.90
N LEU F 453 -8.59 -16.29 -14.71
CA LEU F 453 -7.93 -15.05 -14.35
C LEU F 453 -8.89 -13.88 -14.41
N ALA F 454 -9.75 -13.83 -15.44
CA ALA F 454 -10.69 -12.72 -15.57
C ALA F 454 -11.70 -12.65 -14.42
N VAL F 455 -11.91 -13.74 -13.70
CA VAL F 455 -12.83 -13.76 -12.56
C VAL F 455 -12.07 -14.11 -11.28
N LEU F 456 -10.79 -13.80 -11.24
CA LEU F 456 -9.96 -14.11 -10.08
C LEU F 456 -9.95 -13.02 -9.03
N GLU F 457 -10.71 -11.94 -9.22
CA GLU F 457 -10.69 -10.78 -8.32
C GLU F 457 -11.44 -11.14 -7.03
N ASP F 458 -10.69 -11.54 -6.01
CA ASP F 458 -11.27 -11.94 -4.73
C ASP F 458 -11.00 -10.90 -3.66
N SER F 459 -11.92 -10.83 -2.69
CA SER F 459 -11.89 -9.84 -1.62
C SER F 459 -11.64 -10.46 -0.25
N SER F 460 -12.43 -11.45 0.14
CA SER F 460 -12.36 -12.02 1.48
C SER F 460 -11.05 -12.78 1.68
N ARG F 461 -10.70 -13.01 2.96
CA ARG F 461 -9.41 -13.61 3.28
C ARG F 461 -9.38 -15.10 2.94
N ASP F 462 -10.45 -15.83 3.29
CA ASP F 462 -10.46 -17.29 3.11
C ASP F 462 -10.37 -17.68 1.64
N ILE F 463 -11.13 -17.01 0.76
CA ILE F 463 -11.08 -17.30 -0.66
C ILE F 463 -9.69 -16.97 -1.22
N ARG F 464 -9.08 -15.88 -0.73
CA ARG F 464 -7.75 -15.49 -1.20
C ARG F 464 -6.70 -16.52 -0.79
N GLU F 465 -6.77 -17.01 0.46
CA GLU F 465 -5.83 -18.03 0.91
C GLU F 465 -6.02 -19.34 0.16
N ALA F 466 -7.28 -19.71 -0.12
CA ALA F 466 -7.56 -20.90 -0.90
C ALA F 466 -6.98 -20.78 -2.31
N LEU F 467 -7.13 -19.60 -2.92
CA LEU F 467 -6.53 -19.37 -4.23
C LEU F 467 -5.01 -19.46 -4.16
N HIS F 468 -4.41 -18.96 -3.08
CA HIS F 468 -2.96 -19.06 -2.92
C HIS F 468 -2.51 -20.51 -2.86
N GLU F 469 -3.24 -21.35 -2.11
CA GLU F 469 -2.90 -22.77 -2.05
C GLU F 469 -3.09 -23.44 -3.41
N LEU F 470 -4.18 -23.11 -4.11
CA LEU F 470 -4.42 -23.63 -5.44
C LEU F 470 -3.27 -23.28 -6.40
N LEU F 471 -2.84 -22.02 -6.37
CA LEU F 471 -1.73 -21.58 -7.20
C LEU F 471 -0.42 -22.24 -6.79
N CYS F 472 -0.28 -22.57 -5.50
CA CYS F 472 0.85 -23.38 -5.05
C CYS F 472 0.84 -24.75 -5.72
N CYS F 473 -0.33 -25.38 -5.80
CA CYS F 473 -0.43 -26.70 -6.40
C CYS F 473 -0.74 -26.71 -7.90
N THR F 474 -1.00 -25.55 -8.51
CA THR F 474 -1.52 -25.50 -9.87
C THR F 474 -0.48 -25.96 -10.89
N ASN F 475 -0.95 -26.17 -12.12
CA ASN F 475 -0.11 -26.47 -13.27
C ASN F 475 -0.66 -25.68 -14.44
N VAL F 476 0.18 -24.85 -15.05
CA VAL F 476 -0.22 -24.03 -16.19
C VAL F 476 0.75 -24.26 -17.35
N SER F 477 0.27 -23.94 -18.55
CA SER F 477 1.00 -24.21 -19.78
C SER F 477 1.45 -22.96 -20.53
N THR F 478 1.01 -21.77 -20.10
CA THR F 478 1.33 -20.53 -20.82
C THR F 478 2.01 -19.55 -19.88
N LYS F 479 3.05 -18.89 -20.39
CA LYS F 479 3.74 -17.86 -19.63
C LYS F 479 2.91 -16.58 -19.53
N GLU F 480 2.03 -16.32 -20.49
CA GLU F 480 1.13 -15.17 -20.38
C GLU F 480 0.23 -15.29 -19.14
N GLY F 481 -0.23 -16.50 -18.85
CA GLY F 481 -0.94 -16.72 -17.59
C GLY F 481 -0.08 -16.45 -16.38
N ILE F 482 1.22 -16.77 -16.46
CA ILE F 482 2.13 -16.47 -15.36
C ILE F 482 2.25 -14.96 -15.17
N HIS F 483 2.33 -14.22 -16.27
CA HIS F 483 2.39 -12.76 -16.20
C HIS F 483 1.13 -12.20 -15.57
N LEU F 484 -0.04 -12.71 -15.98
CA LEU F 484 -1.30 -12.21 -15.42
C LEU F 484 -1.43 -12.57 -13.94
N ALA F 485 -0.94 -13.76 -13.56
CA ALA F 485 -0.92 -14.14 -12.16
C ALA F 485 -0.02 -13.22 -11.35
N LEU F 486 1.14 -12.86 -11.90
CA LEU F 486 2.02 -11.89 -11.23
C LEU F 486 1.33 -10.55 -11.06
N VAL F 487 0.63 -10.09 -12.10
CA VAL F 487 -0.08 -8.81 -12.04
C VAL F 487 -1.13 -8.84 -10.93
N GLU F 488 -1.93 -9.91 -10.88
CA GLU F 488 -2.97 -10.00 -9.88
C GLU F 488 -2.39 -10.13 -8.48
N LEU F 489 -1.29 -10.86 -8.34
CA LEU F 489 -0.66 -11.04 -7.04
C LEU F 489 -0.04 -9.74 -6.53
N LEU F 490 0.54 -8.94 -7.43
CA LEU F 490 1.05 -7.65 -6.97
C LEU F 490 -0.09 -6.70 -6.64
N LYS F 491 -1.21 -6.80 -7.37
CA LYS F 491 -2.38 -6.00 -6.99
C LYS F 491 -2.86 -6.40 -5.61
N ASN F 492 -2.80 -7.69 -5.30
CA ASN F 492 -3.25 -8.21 -4.01
C ASN F 492 -2.16 -8.03 -2.95
N LEU F 493 -1.00 -7.53 -3.35
CA LEU F 493 0.12 -7.21 -2.47
C LEU F 493 -0.01 -5.78 -2.03
N THR F 494 -0.36 -4.91 -2.98
CA THR F 494 -0.54 -3.48 -2.68
C THR F 494 -1.87 -3.26 -1.98
N LYS F 495 -2.83 -4.17 -2.18
CA LYS F 495 -4.17 -4.09 -1.62
C LYS F 495 -4.22 -4.66 -0.21
N TYR F 496 -3.51 -5.76 0.05
CA TYR F 496 -3.56 -6.45 1.34
C TYR F 496 -2.16 -6.77 1.83
N PRO F 497 -1.63 -5.96 2.76
CA PRO F 497 -0.31 -6.25 3.36
C PRO F 497 -0.24 -7.58 4.10
N THR F 498 -1.30 -7.97 4.81
CA THR F 498 -1.35 -9.22 5.56
C THR F 498 -1.37 -10.45 4.67
N ASP F 499 -1.50 -10.27 3.35
CA ASP F 499 -1.41 -11.30 2.33
C ASP F 499 -0.01 -11.52 1.78
N ARG F 500 0.90 -10.57 2.04
CA ARG F 500 2.32 -10.67 1.64
C ARG F 500 2.96 -12.01 1.95
N ASP F 501 2.81 -12.53 3.17
CA ASP F 501 3.45 -13.80 3.54
C ASP F 501 3.03 -14.93 2.60
N SER F 502 1.72 -15.17 2.51
CA SER F 502 1.19 -16.26 1.69
C SER F 502 1.40 -16.05 0.20
N ILE F 503 1.73 -14.84 -0.25
CA ILE F 503 1.89 -14.59 -1.68
C ILE F 503 3.36 -14.76 -1.99
N TRP F 504 4.21 -14.49 -0.99
CA TRP F 504 5.63 -14.75 -1.15
C TRP F 504 5.84 -16.26 -1.25
N LYS F 505 5.26 -17.00 -0.28
CA LYS F 505 5.31 -18.46 -0.31
C LYS F 505 4.70 -18.99 -1.61
N CYS F 506 3.55 -18.42 -2.01
CA CYS F 506 2.87 -18.80 -3.26
C CYS F 506 3.81 -18.73 -4.44
N LEU F 507 4.50 -17.60 -4.60
CA LEU F 507 5.36 -17.39 -5.75
C LEU F 507 6.62 -18.24 -5.62
N LYS F 508 7.00 -18.57 -4.36
CA LYS F 508 8.11 -19.49 -4.16
C LYS F 508 7.76 -20.84 -4.76
N PHE F 509 6.50 -21.28 -4.58
CA PHE F 509 6.10 -22.58 -5.11
C PHE F 509 5.79 -22.49 -6.59
N LEU F 510 5.37 -21.31 -7.05
CA LEU F 510 4.96 -21.14 -8.45
C LEU F 510 6.16 -21.21 -9.40
N GLY F 511 7.29 -20.65 -8.99
CA GLY F 511 8.47 -20.64 -9.83
C GLY F 511 9.20 -21.96 -9.86
N SER F 512 9.29 -22.63 -8.69
CA SER F 512 9.87 -23.97 -8.58
C SER F 512 9.25 -24.96 -9.56
N ARG F 513 7.96 -24.80 -9.86
CA ARG F 513 7.23 -25.68 -10.75
C ARG F 513 7.35 -25.26 -12.21
N HIS F 514 7.37 -23.95 -12.48
CA HIS F 514 7.34 -23.44 -13.86
C HIS F 514 8.59 -22.69 -14.34
N PRO F 515 9.83 -23.19 -14.13
CA PRO F 515 11.02 -22.39 -14.51
C PRO F 515 11.06 -21.99 -15.97
N THR F 516 10.61 -22.87 -16.86
CA THR F 516 10.65 -22.63 -18.30
C THR F 516 9.73 -21.48 -18.70
N LEU F 517 8.58 -21.35 -18.06
CA LEU F 517 7.67 -20.26 -18.40
C LEU F 517 8.13 -18.92 -17.84
N VAL F 518 8.95 -18.93 -16.80
CA VAL F 518 9.41 -17.70 -16.16
C VAL F 518 10.61 -17.12 -16.91
N LEU F 519 11.36 -17.98 -17.60
CA LEU F 519 12.57 -17.56 -18.31
C LEU F 519 12.38 -16.47 -19.37
N PRO F 520 11.36 -16.48 -20.23
CA PRO F 520 11.14 -15.28 -21.06
C PRO F 520 10.72 -14.09 -20.22
N LEU F 521 9.83 -14.29 -19.25
CA LEU F 521 9.28 -13.28 -18.37
C LEU F 521 10.31 -12.67 -17.41
N VAL F 522 11.49 -13.27 -17.26
CA VAL F 522 12.54 -12.74 -16.38
C VAL F 522 13.02 -11.36 -16.86
N PRO F 523 13.48 -11.12 -18.10
CA PRO F 523 13.78 -9.73 -18.46
C PRO F 523 12.54 -8.88 -18.59
N GLU F 524 11.36 -9.49 -18.77
CA GLU F 524 10.11 -8.73 -18.76
C GLU F 524 9.82 -8.16 -17.38
N LEU F 525 10.36 -8.76 -16.32
CA LEU F 525 10.04 -8.39 -14.95
C LEU F 525 11.16 -7.63 -14.27
N LEU F 526 12.42 -8.01 -14.53
CA LEU F 526 13.56 -7.35 -13.90
C LEU F 526 13.78 -5.93 -14.41
N SER F 527 13.07 -5.54 -15.47
CA SER F 527 13.24 -4.25 -16.15
C SER F 527 14.68 -4.00 -16.58
N THR F 528 15.40 -5.07 -16.95
CA THR F 528 16.77 -4.92 -17.41
C THR F 528 16.75 -4.25 -18.78
N HIS F 529 17.20 -3.01 -18.83
CA HIS F 529 17.40 -2.35 -20.11
C HIS F 529 18.57 -3.01 -20.86
N PRO F 530 18.48 -3.14 -22.19
CA PRO F 530 19.58 -3.78 -22.93
C PRO F 530 20.92 -3.07 -22.83
N PHE F 531 20.95 -1.74 -22.94
CA PHE F 531 22.21 -1.01 -23.03
C PHE F 531 22.28 0.15 -22.03
N PHE F 532 21.62 0.03 -20.89
CA PHE F 532 21.68 1.03 -19.83
C PHE F 532 21.72 0.33 -18.49
N ASP F 533 22.52 0.85 -17.57
CA ASP F 533 22.49 0.40 -16.19
C ASP F 533 21.26 1.00 -15.53
N THR F 534 20.30 0.15 -15.15
CA THR F 534 19.06 0.67 -14.59
C THR F 534 19.22 0.99 -13.11
N ALA F 535 18.34 1.85 -12.63
CA ALA F 535 18.32 2.26 -11.23
C ALA F 535 18.09 1.04 -10.34
N GLU F 536 18.69 1.06 -9.15
CA GLU F 536 18.55 -0.05 -8.23
C GLU F 536 17.21 0.03 -7.51
N PRO F 537 16.31 -0.94 -7.74
CA PRO F 537 14.97 -0.88 -7.16
C PRO F 537 14.98 -0.91 -5.63
N ASP F 538 13.89 -0.44 -5.03
CA ASP F 538 13.77 -0.35 -3.58
C ASP F 538 13.70 -1.77 -3.03
N MET F 539 14.74 -2.15 -2.29
CA MET F 539 14.89 -3.44 -1.63
C MET F 539 13.83 -3.71 -0.56
N ASP F 540 13.09 -2.69 -0.12
CA ASP F 540 11.97 -2.89 0.80
C ASP F 540 10.62 -3.05 0.14
N ASP F 541 10.52 -2.84 -1.17
CA ASP F 541 9.26 -2.97 -1.92
C ASP F 541 8.81 -4.42 -1.97
N PRO F 542 7.71 -4.79 -1.31
CA PRO F 542 7.28 -6.21 -1.27
C PRO F 542 7.02 -6.83 -2.63
N ALA F 543 6.42 -6.07 -3.56
CA ALA F 543 6.17 -6.56 -4.91
C ALA F 543 7.45 -7.00 -5.58
N TYR F 544 8.47 -6.13 -5.52
CA TYR F 544 9.76 -6.43 -6.11
C TYR F 544 10.41 -7.64 -5.45
N ILE F 545 10.27 -7.75 -4.12
CA ILE F 545 10.89 -8.83 -3.36
C ILE F 545 10.24 -10.15 -3.75
N ALA F 546 8.97 -10.09 -4.14
CA ALA F 546 8.24 -11.29 -4.52
C ALA F 546 8.57 -11.66 -5.96
N VAL F 547 8.96 -10.65 -6.75
CA VAL F 547 9.38 -10.92 -8.12
C VAL F 547 10.73 -11.63 -8.07
N LEU F 548 11.56 -11.27 -7.08
CA LEU F 548 12.86 -11.93 -6.97
C LEU F 548 12.67 -13.34 -6.43
N VAL F 549 11.79 -13.51 -5.44
CA VAL F 549 11.51 -14.85 -4.89
C VAL F 549 11.09 -15.78 -6.02
N LEU F 550 10.12 -15.36 -6.83
CA LEU F 550 9.68 -16.16 -7.98
C LEU F 550 10.87 -16.48 -8.89
N ILE F 551 11.61 -15.45 -9.32
CA ILE F 551 12.69 -15.63 -10.29
C ILE F 551 13.83 -16.46 -9.72
N PHE F 552 13.98 -16.54 -8.40
CA PHE F 552 15.07 -17.32 -7.82
C PHE F 552 14.63 -18.75 -7.60
N ASN F 553 13.35 -18.97 -7.35
CA ASN F 553 12.88 -20.35 -7.24
C ASN F 553 12.85 -21.00 -8.61
N ALA F 554 12.58 -20.21 -9.65
CA ALA F 554 12.66 -20.69 -11.02
C ALA F 554 14.12 -20.97 -11.42
N ALA F 555 15.03 -20.08 -11.02
CA ALA F 555 16.46 -20.19 -11.33
C ALA F 555 17.08 -21.49 -10.83
N LYS F 556 16.57 -22.02 -9.71
CA LYS F 556 17.05 -23.29 -9.15
C LYS F 556 17.11 -24.43 -10.17
N THR F 557 16.22 -24.45 -11.15
CA THR F 557 16.15 -25.55 -12.10
C THR F 557 16.68 -25.13 -13.47
N CYS F 558 17.15 -23.89 -13.62
CA CYS F 558 17.32 -23.26 -14.93
C CYS F 558 18.65 -22.53 -15.02
N PRO F 559 19.71 -23.22 -15.50
CA PRO F 559 21.05 -22.58 -15.65
C PRO F 559 21.03 -21.23 -16.36
N THR F 560 20.13 -21.06 -17.31
CA THR F 560 20.03 -19.90 -18.18
C THR F 560 19.53 -18.67 -17.44
N MET F 561 18.90 -18.85 -16.27
CA MET F 561 18.45 -17.72 -15.46
C MET F 561 19.59 -16.95 -14.80
N PRO F 562 20.57 -17.58 -14.11
CA PRO F 562 21.75 -16.83 -13.61
C PRO F 562 22.42 -15.89 -14.61
N ALA F 563 22.42 -16.22 -15.91
CA ALA F 563 22.96 -15.31 -16.91
C ALA F 563 22.22 -13.97 -16.93
N LEU F 564 20.88 -14.00 -17.08
CA LEU F 564 20.16 -12.75 -17.30
C LEU F 564 20.02 -11.87 -16.05
N PHE F 565 20.70 -12.19 -14.96
CA PHE F 565 20.66 -11.36 -13.77
C PHE F 565 21.50 -10.10 -13.96
N SER F 566 21.02 -8.97 -13.43
CA SER F 566 21.81 -7.76 -13.47
C SER F 566 22.71 -7.74 -12.24
N ASP F 567 23.57 -6.71 -12.14
CA ASP F 567 24.51 -6.63 -11.02
C ASP F 567 23.79 -6.50 -9.68
N HIS F 568 22.83 -5.57 -9.62
CA HIS F 568 22.04 -5.42 -8.41
C HIS F 568 21.18 -6.65 -8.15
N THR F 569 20.75 -7.35 -9.19
CA THR F 569 20.06 -8.63 -8.99
C THR F 569 20.93 -9.64 -8.24
N PHE F 570 22.21 -9.75 -8.60
CA PHE F 570 23.14 -10.60 -7.83
C PHE F 570 23.32 -10.11 -6.40
N ARG F 571 23.43 -8.79 -6.22
CA ARG F 571 23.56 -8.21 -4.88
C ARG F 571 22.33 -8.52 -4.04
N HIS F 572 21.15 -8.30 -4.60
CA HIS F 572 19.90 -8.54 -3.90
C HIS F 572 19.74 -10.02 -3.59
N TYR F 573 20.16 -10.90 -4.52
CA TYR F 573 20.10 -12.33 -4.28
C TYR F 573 20.92 -12.70 -3.05
N ALA F 574 22.17 -12.22 -2.99
CA ALA F 574 23.03 -12.58 -1.86
C ALA F 574 22.38 -12.20 -0.53
N TYR F 575 21.60 -11.11 -0.49
CA TYR F 575 20.95 -10.72 0.76
C TYR F 575 19.77 -11.63 1.08
N LEU F 576 18.84 -11.84 0.14
CA LEU F 576 17.63 -12.59 0.48
C LEU F 576 17.90 -14.07 0.65
N ARG F 577 19.04 -14.57 0.21
CA ARG F 577 19.42 -15.94 0.55
C ARG F 577 19.75 -16.04 2.03
N ASP F 578 20.44 -15.04 2.58
CA ASP F 578 20.71 -15.03 4.01
C ASP F 578 19.46 -14.70 4.82
N SER F 579 18.76 -13.61 4.46
CA SER F 579 17.63 -13.14 5.25
C SER F 579 16.37 -14.00 5.09
N LEU F 580 16.13 -14.58 3.92
CA LEU F 580 14.90 -15.32 3.66
C LEU F 580 15.17 -16.69 3.04
N SER F 581 16.12 -17.43 3.63
CA SER F 581 16.54 -18.73 3.13
C SER F 581 15.41 -19.73 3.01
N HIS F 582 14.30 -19.54 3.72
CA HIS F 582 13.15 -20.41 3.57
C HIS F 582 12.34 -20.11 2.30
N LEU F 583 12.41 -18.89 1.78
CA LEU F 583 11.80 -18.58 0.49
C LEU F 583 12.78 -18.66 -0.67
N VAL F 584 13.98 -18.12 -0.49
CA VAL F 584 14.97 -18.08 -1.58
C VAL F 584 15.78 -19.36 -1.51
N PRO F 585 15.98 -20.06 -2.63
CA PRO F 585 16.84 -21.24 -2.60
C PRO F 585 18.28 -20.93 -2.99
N ALA F 586 19.18 -21.82 -2.54
CA ALA F 586 20.58 -21.73 -2.89
C ALA F 586 20.75 -21.89 -4.40
N LEU F 587 21.56 -21.04 -5.00
CA LEU F 587 21.74 -21.11 -6.44
C LEU F 587 23.20 -21.41 -6.76
N ARG F 588 23.44 -21.69 -8.03
CA ARG F 588 24.76 -22.09 -8.51
C ARG F 588 25.42 -21.01 -9.35
N LEU F 589 25.59 -19.82 -8.77
CA LEU F 589 26.11 -18.68 -9.51
C LEU F 589 27.64 -18.74 -9.60
N ASP F 608 23.03 -33.95 22.74
CA ASP F 608 23.24 -32.54 22.45
C ASP F 608 23.65 -31.77 23.73
N PRO F 609 24.35 -30.63 23.60
CA PRO F 609 24.87 -29.97 24.81
C PRO F 609 23.80 -29.28 25.65
N SER F 610 22.69 -28.85 25.05
CA SER F 610 21.66 -28.15 25.80
C SER F 610 20.99 -29.04 26.84
N GLN F 611 20.56 -30.24 26.43
CA GLN F 611 19.93 -31.17 27.37
C GLN F 611 20.90 -31.59 28.46
N GLN F 612 22.15 -31.85 28.08
CA GLN F 612 23.16 -32.22 29.06
C GLN F 612 23.38 -31.10 30.06
N PHE F 613 23.44 -29.85 29.59
CA PHE F 613 23.61 -28.71 30.49
C PHE F 613 22.41 -28.58 31.42
N LEU F 614 21.20 -28.76 30.90
CA LEU F 614 20.00 -28.68 31.72
C LEU F 614 20.02 -29.71 32.82
N GLN F 615 20.31 -30.96 32.47
CA GLN F 615 20.35 -32.04 33.45
C GLN F 615 21.46 -31.81 34.47
N GLN F 616 22.63 -31.34 34.00
CA GLN F 616 23.74 -31.07 34.90
C GLN F 616 23.40 -29.97 35.89
N SER F 617 22.76 -28.90 35.43
CA SER F 617 22.39 -27.80 36.32
C SER F 617 21.37 -28.26 37.35
N LEU F 618 20.39 -29.06 36.93
CA LEU F 618 19.39 -29.53 37.87
C LEU F 618 19.99 -30.48 38.90
N GLU F 619 20.88 -31.38 38.46
CA GLU F 619 21.57 -32.27 39.39
C GLU F 619 22.44 -31.47 40.36
N ARG F 620 23.07 -30.39 39.87
CA ARG F 620 23.87 -29.53 40.74
C ARG F 620 23.01 -28.88 41.81
N VAL F 621 21.82 -28.43 41.45
CA VAL F 621 20.91 -27.83 42.42
C VAL F 621 20.46 -28.88 43.45
N TYR F 622 20.09 -30.07 42.96
CA TYR F 622 19.57 -31.10 43.86
C TYR F 622 20.63 -31.61 44.83
N SER F 623 21.87 -31.82 44.34
CA SER F 623 22.91 -32.37 45.19
C SER F 623 23.30 -31.41 46.32
N LEU F 624 23.40 -30.13 46.01
CA LEU F 624 23.87 -29.13 46.97
C LEU F 624 22.70 -28.53 47.75
N GLN F 625 22.01 -29.39 48.49
CA GLN F 625 20.95 -28.96 49.39
C GLN F 625 21.39 -28.99 50.85
N HIS F 626 22.67 -29.24 51.11
CA HIS F 626 23.24 -29.15 52.44
C HIS F 626 23.93 -27.83 52.70
N LEU F 627 23.86 -26.89 51.76
CA LEU F 627 24.55 -25.62 51.89
C LEU F 627 23.86 -24.72 52.91
N ASP F 628 24.58 -23.68 53.34
CA ASP F 628 23.99 -22.64 54.16
C ASP F 628 22.97 -21.86 53.34
N PRO F 629 22.03 -21.16 54.00
CA PRO F 629 20.97 -20.46 53.23
C PRO F 629 21.49 -19.46 52.20
N GLN F 630 22.54 -18.70 52.51
CA GLN F 630 23.10 -17.76 51.54
C GLN F 630 23.65 -18.49 50.33
N GLY F 631 24.44 -19.54 50.56
CA GLY F 631 24.97 -20.32 49.45
C GLY F 631 23.88 -20.99 48.65
N ALA F 632 22.86 -21.54 49.33
CA ALA F 632 21.77 -22.21 48.65
C ALA F 632 21.00 -21.23 47.76
N GLN F 633 20.72 -20.04 48.27
CA GLN F 633 19.92 -19.11 47.48
C GLN F 633 20.74 -18.48 46.37
N GLU F 634 22.05 -18.28 46.55
CA GLU F 634 22.85 -17.78 45.44
C GLU F 634 23.04 -18.84 44.37
N LEU F 635 23.16 -20.12 44.76
CA LEU F 635 23.20 -21.20 43.77
C LEU F 635 21.89 -21.26 43.00
N LEU F 636 20.76 -21.09 43.70
CA LEU F 636 19.47 -21.10 43.04
C LEU F 636 19.35 -19.92 42.08
N GLU F 637 19.83 -18.74 42.48
CA GLU F 637 19.80 -17.58 41.60
C GLU F 637 20.63 -17.80 40.35
N PHE F 638 21.84 -18.36 40.51
CA PHE F 638 22.69 -18.69 39.37
C PHE F 638 21.99 -19.64 38.42
N THR F 639 21.41 -20.71 38.97
CA THR F 639 20.76 -21.71 38.12
C THR F 639 19.50 -21.16 37.45
N ILE F 640 18.76 -20.30 38.15
CA ILE F 640 17.57 -19.70 37.55
C ILE F 640 17.96 -18.81 36.38
N ARG F 641 19.01 -18.01 36.56
CA ARG F 641 19.50 -17.18 35.47
C ARG F 641 19.97 -18.02 34.30
N ASP F 642 20.69 -19.10 34.59
CA ASP F 642 21.17 -20.00 33.53
C ASP F 642 20.01 -20.63 32.77
N LEU F 643 18.97 -21.08 33.48
CA LEU F 643 17.83 -21.72 32.84
C LEU F 643 17.02 -20.71 32.02
N GLN F 644 16.87 -19.49 32.52
CA GLN F 644 16.19 -18.46 31.75
C GLN F 644 16.95 -18.17 30.45
N ARG F 645 18.27 -18.07 30.53
CA ARG F 645 19.06 -17.82 29.33
C ARG F 645 18.97 -18.99 28.36
N LEU F 646 18.99 -20.22 28.88
CA LEU F 646 18.88 -21.40 28.02
C LEU F 646 17.51 -21.44 27.34
N GLY F 647 16.46 -21.06 28.06
CA GLY F 647 15.15 -20.95 27.44
C GLY F 647 15.13 -19.89 26.35
N GLU F 648 15.80 -18.77 26.58
CA GLU F 648 15.89 -17.74 25.55
C GLU F 648 16.62 -18.25 24.30
N LEU F 649 17.69 -19.03 24.49
CA LEU F 649 18.47 -19.50 23.35
C LEU F 649 17.73 -20.58 22.57
N GLN F 650 17.50 -21.73 23.20
CA GLN F 650 16.86 -22.85 22.52
C GLN F 650 15.36 -22.66 22.45
N SER F 651 14.77 -23.12 21.36
CA SER F 651 13.32 -23.07 21.21
C SER F 651 12.65 -24.31 21.81
N GLU F 652 13.17 -25.50 21.53
CA GLU F 652 12.52 -26.71 22.01
C GLU F 652 12.64 -26.86 23.52
N LEU F 653 13.77 -26.44 24.10
CA LEU F 653 13.97 -26.55 25.53
C LEU F 653 13.53 -25.31 26.29
N ALA F 654 12.88 -24.35 25.61
CA ALA F 654 12.31 -23.21 26.30
C ALA F 654 11.25 -23.63 27.31
N GLY F 655 10.41 -24.60 26.94
CA GLY F 655 9.41 -25.09 27.87
C GLY F 655 10.02 -25.74 29.10
N VAL F 656 10.98 -26.65 28.91
CA VAL F 656 11.60 -27.35 30.03
C VAL F 656 12.36 -26.37 30.91
N ALA F 657 13.12 -25.47 30.28
CA ALA F 657 13.92 -24.51 31.03
C ALA F 657 13.03 -23.59 31.85
N ASP F 658 11.94 -23.10 31.26
CA ASP F 658 11.06 -22.20 31.98
C ASP F 658 10.31 -22.93 33.09
N PHE F 659 9.91 -24.18 32.83
CA PHE F 659 9.27 -25.00 33.86
C PHE F 659 10.18 -25.20 35.07
N SER F 660 11.41 -25.65 34.82
CA SER F 660 12.36 -25.88 35.90
C SER F 660 12.74 -24.57 36.59
N ALA F 661 12.90 -23.49 35.83
CA ALA F 661 13.24 -22.21 36.42
C ALA F 661 12.11 -21.68 37.28
N THR F 662 10.86 -21.92 36.89
CA THR F 662 9.73 -21.53 37.73
C THR F 662 9.72 -22.32 39.03
N TYR F 663 9.99 -23.63 38.95
CA TYR F 663 10.05 -24.44 40.17
C TYR F 663 11.17 -23.95 41.09
N LEU F 664 12.33 -23.66 40.52
CA LEU F 664 13.45 -23.19 41.32
C LEU F 664 13.19 -21.80 41.88
N ARG F 665 12.44 -20.97 41.15
CA ARG F 665 12.07 -19.66 41.68
C ARG F 665 11.10 -19.81 42.85
N CYS F 666 10.20 -20.79 42.78
CA CYS F 666 9.33 -21.08 43.92
C CYS F 666 10.14 -21.47 45.14
N GLN F 667 11.12 -22.37 44.95
CA GLN F 667 11.98 -22.78 46.05
C GLN F 667 12.79 -21.62 46.61
N LEU F 668 13.31 -20.77 45.72
CA LEU F 668 14.12 -19.63 46.14
C LEU F 668 13.28 -18.65 46.95
N LEU F 669 12.05 -18.39 46.51
CA LEU F 669 11.14 -17.54 47.27
C LEU F 669 10.85 -18.15 48.63
N LEU F 670 10.63 -19.47 48.68
CA LEU F 670 10.34 -20.14 49.95
C LEU F 670 11.49 -19.97 50.94
N ILE F 671 12.73 -20.27 50.49
CA ILE F 671 13.85 -20.18 51.43
C ILE F 671 14.15 -18.73 51.79
N LYS F 672 13.95 -17.78 50.86
CA LYS F 672 14.09 -16.37 51.20
C LYS F 672 13.09 -15.94 52.26
N ALA F 673 11.83 -16.39 52.12
CA ALA F 673 10.81 -16.07 53.11
C ALA F 673 11.15 -16.69 54.46
N LEU F 674 11.72 -17.89 54.46
CA LEU F 674 12.10 -18.52 55.72
C LEU F 674 13.29 -17.81 56.37
N GLN F 675 14.21 -17.27 55.56
CA GLN F 675 15.28 -16.45 56.12
C GLN F 675 14.75 -15.14 56.67
N GLU F 676 13.74 -14.57 56.01
CA GLU F 676 13.06 -13.39 56.58
C GLU F 676 12.39 -13.73 57.89
N LYS F 677 11.78 -14.92 57.98
CA LYS F 677 11.20 -15.39 59.23
C LYS F 677 12.25 -15.53 60.32
N LEU F 678 13.43 -16.04 59.94
CA LEU F 678 14.59 -16.01 60.84
C LEU F 678 14.95 -14.57 61.22
N TRP F 679 14.78 -13.62 60.30
CA TRP F 679 14.96 -12.22 60.65
C TRP F 679 13.78 -11.70 61.47
N ASN F 680 12.61 -12.33 61.32
CA ASN F 680 11.45 -11.94 62.11
C ASN F 680 11.65 -12.29 63.59
N VAL F 681 10.91 -11.58 64.43
CA VAL F 681 10.99 -11.66 65.89
C VAL F 681 9.57 -11.83 66.40
N ALA F 682 9.39 -11.76 67.72
CA ALA F 682 8.11 -11.91 68.40
C ALA F 682 6.98 -11.16 67.73
N ALA F 683 5.77 -11.73 67.78
CA ALA F 683 4.64 -11.23 66.98
C ALA F 683 4.29 -9.76 67.17
N PRO F 684 4.12 -9.20 68.38
CA PRO F 684 3.67 -7.80 68.46
C PRO F 684 4.69 -6.79 67.93
N LEU F 685 5.95 -7.18 67.79
CA LEU F 685 6.99 -6.30 67.26
C LEU F 685 7.15 -6.42 65.74
N TYR F 686 6.31 -7.22 65.08
CA TYR F 686 6.42 -7.45 63.65
C TYR F 686 6.16 -6.16 62.88
N LEU F 687 6.94 -5.94 61.83
CA LEU F 687 6.83 -4.75 61.01
C LEU F 687 6.37 -5.13 59.61
N LYS F 688 5.27 -4.55 59.16
CA LYS F 688 4.69 -4.92 57.87
C LYS F 688 5.50 -4.37 56.70
N GLN F 689 5.96 -3.13 56.79
CA GLN F 689 6.61 -2.48 55.65
C GLN F 689 7.92 -3.16 55.25
N SER F 690 8.62 -3.77 56.21
CA SER F 690 9.90 -4.38 55.95
C SER F 690 9.83 -5.88 55.68
N ASP F 691 8.63 -6.46 55.66
CA ASP F 691 8.49 -7.90 55.48
C ASP F 691 8.07 -8.19 54.05
N LEU F 692 8.63 -9.24 53.47
CA LEU F 692 8.28 -9.68 52.13
C LEU F 692 7.95 -11.17 52.08
N ALA F 693 7.62 -11.78 53.22
CA ALA F 693 7.28 -13.20 53.24
C ALA F 693 5.89 -13.45 52.68
N SER F 694 4.92 -12.59 53.02
CA SER F 694 3.57 -12.72 52.48
C SER F 694 3.58 -12.55 50.96
N ALA F 695 4.35 -11.57 50.47
CA ALA F 695 4.52 -11.40 49.03
C ALA F 695 5.16 -12.64 48.42
N ALA F 696 6.10 -13.26 49.13
CA ALA F 696 6.72 -14.49 48.65
C ALA F 696 5.71 -15.61 48.53
N ALA F 697 4.82 -15.74 49.52
CA ALA F 697 3.78 -16.78 49.47
C ALA F 697 2.84 -16.55 48.30
N LYS F 698 2.43 -15.29 48.09
CA LYS F 698 1.56 -14.98 46.95
C LYS F 698 2.25 -15.28 45.63
N GLN F 699 3.54 -14.96 45.54
CA GLN F 699 4.31 -15.22 44.33
C GLN F 699 4.42 -16.72 44.08
N ILE F 700 4.63 -17.53 45.12
CA ILE F 700 4.70 -18.97 44.95
C ILE F 700 3.35 -19.50 44.51
N MET F 701 2.26 -18.93 45.05
CA MET F 701 0.91 -19.27 44.62
C MET F 701 0.75 -19.09 43.12
N GLU F 702 1.06 -17.89 42.63
CA GLU F 702 0.84 -17.59 41.22
C GLU F 702 1.78 -18.39 40.31
N GLU F 703 3.03 -18.60 40.74
CA GLU F 703 3.96 -19.40 39.93
C GLU F 703 3.53 -20.87 39.87
N THR F 704 3.04 -21.42 40.98
CA THR F 704 2.55 -22.80 40.95
C THR F 704 1.37 -22.95 40.01
N TYR F 705 0.46 -21.96 40.01
CA TYR F 705 -0.61 -21.96 39.00
C TYR F 705 -0.02 -21.92 37.59
N LYS F 706 1.03 -21.12 37.40
CA LYS F 706 1.67 -21.00 36.09
C LYS F 706 2.24 -22.34 35.62
N MET F 707 2.96 -23.05 36.49
CA MET F 707 3.48 -24.36 36.08
C MET F 707 2.37 -25.37 35.86
N GLU F 708 1.28 -25.30 36.63
CA GLU F 708 0.19 -26.24 36.44
C GLU F 708 -0.48 -26.05 35.09
N PHE F 709 -0.78 -24.81 34.71
CA PHE F 709 -1.67 -24.56 33.59
C PHE F 709 -1.02 -23.95 32.36
N MET F 710 0.00 -23.13 32.52
CA MET F 710 0.57 -22.39 31.40
C MET F 710 1.62 -23.22 30.65
N TYR F 711 1.70 -24.53 30.92
CA TYR F 711 2.60 -25.41 30.20
C TYR F 711 1.83 -26.67 29.82
N SER F 712 2.31 -27.33 28.77
CA SER F 712 1.68 -28.54 28.26
C SER F 712 2.53 -29.76 28.60
N GLY F 713 1.98 -30.93 28.30
CA GLY F 713 2.69 -32.19 28.55
C GLY F 713 2.99 -32.44 30.01
N VAL F 714 2.12 -31.99 30.91
CA VAL F 714 2.36 -32.11 32.34
C VAL F 714 1.64 -33.36 32.83
N GLU F 715 2.42 -34.40 33.12
CA GLU F 715 1.90 -35.63 33.68
C GLU F 715 1.67 -35.46 35.18
N ASN F 716 0.99 -36.44 35.78
CA ASN F 716 0.62 -36.36 37.19
C ASN F 716 1.83 -36.31 38.10
N LYS F 717 2.95 -36.92 37.69
CA LYS F 717 4.16 -36.92 38.50
C LYS F 717 4.73 -35.51 38.68
N GLN F 718 4.42 -34.59 37.77
CA GLN F 718 4.73 -33.18 38.00
C GLN F 718 3.62 -32.45 38.75
N VAL F 719 2.36 -32.88 38.57
CA VAL F 719 1.25 -32.25 39.25
C VAL F 719 1.35 -32.44 40.76
N VAL F 720 1.81 -33.61 41.20
CA VAL F 720 1.98 -33.86 42.63
C VAL F 720 3.03 -32.91 43.21
N ILE F 721 4.12 -32.66 42.49
CA ILE F 721 5.16 -31.77 42.98
C ILE F 721 4.67 -30.33 42.99
N ILE F 722 3.91 -29.93 41.96
CA ILE F 722 3.34 -28.59 41.91
C ILE F 722 2.40 -28.37 43.10
N HIS F 723 1.55 -29.36 43.37
CA HIS F 723 0.61 -29.24 44.48
C HIS F 723 1.33 -29.29 45.82
N HIS F 724 2.45 -30.01 45.91
CA HIS F 724 3.23 -30.02 47.14
C HIS F 724 3.84 -28.64 47.41
N MET F 725 4.38 -28.01 46.37
CA MET F 725 4.88 -26.65 46.53
C MET F 725 3.75 -25.68 46.88
N ARG F 726 2.56 -25.92 46.30
CA ARG F 726 1.39 -25.14 46.64
C ARG F 726 1.01 -25.29 48.11
N LEU F 727 1.08 -26.51 48.63
CA LEU F 727 0.82 -26.77 50.04
C LEU F 727 1.83 -26.04 50.92
N GLN F 728 3.10 -26.07 50.50
CA GLN F 728 4.14 -25.34 51.22
C GLN F 728 3.84 -23.84 51.24
N ALA F 729 3.40 -23.29 50.11
CA ALA F 729 3.06 -21.87 50.05
C ALA F 729 1.88 -21.55 50.95
N LYS F 730 0.88 -22.43 50.99
CA LYS F 730 -0.26 -22.22 51.87
C LYS F 730 0.15 -22.26 53.34
N ALA F 731 1.04 -23.18 53.69
CA ALA F 731 1.57 -23.23 55.05
C ALA F 731 2.34 -21.95 55.39
N LEU F 732 3.13 -21.46 54.43
CA LEU F 732 3.88 -20.23 54.65
C LEU F 732 2.95 -19.04 54.86
N GLN F 733 1.89 -18.97 54.04
CA GLN F 733 0.91 -17.88 54.20
C GLN F 733 0.21 -17.96 55.55
N LEU F 734 -0.14 -19.19 55.98
CA LEU F 734 -0.75 -19.39 57.28
C LEU F 734 0.17 -18.89 58.40
N ILE F 735 1.45 -19.25 58.33
CA ILE F 735 2.40 -18.86 59.38
C ILE F 735 2.58 -17.35 59.39
N VAL F 736 2.68 -16.74 58.21
CA VAL F 736 2.88 -15.28 58.12
C VAL F 736 1.66 -14.55 58.66
N THR F 737 0.46 -15.03 58.34
CA THR F 737 -0.75 -14.43 58.90
C THR F 737 -0.80 -14.58 60.42
N ALA F 738 -0.43 -15.76 60.92
CA ALA F 738 -0.38 -15.97 62.37
C ALA F 738 0.60 -15.03 63.05
N ARG F 739 1.68 -14.66 62.35
CA ARG F 739 2.66 -13.71 62.89
C ARG F 739 2.02 -12.35 63.19
N THR F 740 0.93 -12.01 62.52
CA THR F 740 0.29 -10.70 62.65
C THR F 740 -0.99 -10.73 63.47
N THR F 741 -1.89 -11.67 63.18
CA THR F 741 -3.23 -11.65 63.76
C THR F 741 -3.18 -11.91 65.26
N ARG F 742 -3.84 -11.04 66.03
CA ARG F 742 -4.04 -11.26 67.45
C ARG F 742 -5.35 -11.98 67.76
N GLY F 743 -6.21 -12.18 66.76
CA GLY F 743 -7.45 -12.90 66.98
C GLY F 743 -7.23 -14.41 66.97
N LEU F 744 -7.96 -15.10 67.84
CA LEU F 744 -7.78 -16.54 67.96
C LEU F 744 -8.74 -17.31 67.06
N ASP F 745 -9.99 -16.83 66.95
CA ASP F 745 -10.97 -17.49 66.08
C ASP F 745 -10.56 -17.49 64.60
N PRO F 746 -10.14 -16.36 63.98
CA PRO F 746 -9.65 -16.46 62.59
C PRO F 746 -8.45 -17.38 62.44
N LEU F 747 -7.54 -17.36 63.43
CA LEU F 747 -6.39 -18.25 63.39
C LEU F 747 -6.81 -19.71 63.38
N PHE F 748 -7.80 -20.06 64.22
CA PHE F 748 -8.33 -21.41 64.22
C PHE F 748 -8.97 -21.74 62.87
N GLY F 749 -9.69 -20.78 62.29
CA GLY F 749 -10.34 -21.02 61.01
C GLY F 749 -9.36 -21.31 59.89
N MET F 750 -8.33 -20.46 59.76
CA MET F 750 -7.32 -20.70 58.73
C MET F 750 -6.53 -21.98 59.02
N CYS F 751 -6.28 -22.28 60.30
CA CYS F 751 -5.55 -23.50 60.63
C CYS F 751 -6.33 -24.75 60.19
N GLU F 752 -7.62 -24.81 60.53
CA GLU F 752 -8.39 -25.99 60.14
C GLU F 752 -8.60 -26.04 58.64
N LYS F 753 -8.68 -24.89 57.97
CA LYS F 753 -8.73 -24.88 56.51
C LYS F 753 -7.46 -25.48 55.91
N PHE F 754 -6.29 -25.08 56.43
CA PHE F 754 -5.03 -25.64 55.94
C PHE F 754 -4.95 -27.14 56.19
N LEU F 755 -5.39 -27.60 57.37
CA LEU F 755 -5.37 -29.03 57.66
C LEU F 755 -6.31 -29.80 56.74
N GLN F 756 -7.47 -29.23 56.42
CA GLN F 756 -8.36 -29.85 55.44
C GLN F 756 -7.70 -29.92 54.07
N GLU F 757 -6.96 -28.88 53.69
CA GLU F 757 -6.24 -28.90 52.41
C GLU F 757 -5.18 -30.01 52.40
N VAL F 758 -4.47 -30.17 53.52
CA VAL F 758 -3.48 -31.25 53.64
C VAL F 758 -4.16 -32.60 53.51
N ASP F 759 -5.31 -32.77 54.17
CA ASP F 759 -6.05 -34.03 54.11
C ASP F 759 -6.50 -34.33 52.68
N PHE F 760 -7.00 -33.31 51.97
CA PHE F 760 -7.42 -33.50 50.58
C PHE F 760 -6.23 -33.86 49.69
N PHE F 761 -5.08 -33.24 49.93
CA PHE F 761 -3.86 -33.59 49.19
C PHE F 761 -3.50 -35.04 49.43
N GLN F 762 -3.56 -35.49 50.68
CA GLN F 762 -3.26 -36.88 51.01
C GLN F 762 -4.24 -37.83 50.34
N ARG F 763 -5.52 -37.45 50.29
CA ARG F 763 -6.54 -38.29 49.67
C ARG F 763 -6.30 -38.41 48.16
N TYR F 764 -6.04 -37.28 47.50
CA TYR F 764 -5.96 -37.30 46.04
C TYR F 764 -4.69 -37.99 45.55
N PHE F 765 -3.56 -37.70 46.18
CA PHE F 765 -2.25 -38.19 45.75
C PHE F 765 -1.75 -39.36 46.59
N ILE F 766 -2.65 -40.23 47.04
CA ILE F 766 -2.28 -41.29 47.98
C ILE F 766 -1.28 -42.26 47.36
N ALA F 767 -1.35 -42.46 46.05
CA ALA F 767 -0.44 -43.37 45.38
C ALA F 767 0.93 -42.77 45.15
N ASP F 768 1.10 -41.45 45.36
CA ASP F 768 2.34 -40.77 45.09
C ASP F 768 3.16 -40.45 46.34
N LEU F 769 2.61 -40.69 47.54
CA LEU F 769 3.37 -40.44 48.77
C LEU F 769 4.72 -41.15 48.88
N PRO F 770 4.91 -42.42 48.47
CA PRO F 770 6.27 -43.00 48.55
C PRO F 770 7.32 -42.25 47.74
N HIS F 771 6.94 -41.49 46.72
CA HIS F 771 7.89 -40.68 45.97
C HIS F 771 8.21 -39.35 46.66
N LEU F 772 7.54 -39.02 47.75
CA LEU F 772 7.71 -37.75 48.45
C LEU F 772 8.44 -37.92 49.77
N GLN F 773 9.47 -38.77 49.80
CA GLN F 773 10.22 -39.01 51.03
C GLN F 773 10.89 -37.74 51.53
N ASP F 774 10.84 -37.55 52.86
CA ASP F 774 11.42 -36.42 53.58
C ASP F 774 10.83 -35.07 53.17
N SER F 775 9.68 -35.08 52.50
CA SER F 775 9.03 -33.86 52.05
C SER F 775 8.28 -33.22 53.21
N PHE F 776 7.80 -31.99 52.97
CA PHE F 776 6.97 -31.32 53.96
C PHE F 776 5.71 -32.11 54.26
N VAL F 777 5.00 -32.54 53.21
CA VAL F 777 3.72 -33.21 53.42
C VAL F 777 3.93 -34.59 54.04
N ASP F 778 5.03 -35.28 53.73
CA ASP F 778 5.29 -36.60 54.30
C ASP F 778 5.46 -36.51 55.82
N LYS F 779 6.35 -35.63 56.27
CA LYS F 779 6.55 -35.43 57.70
C LYS F 779 5.29 -34.88 58.36
N LEU F 780 4.52 -34.07 57.63
CA LEU F 780 3.24 -33.59 58.15
C LEU F 780 2.27 -34.74 58.39
N LEU F 781 2.18 -35.68 57.43
CA LEU F 781 1.29 -36.81 57.56
C LEU F 781 1.75 -37.79 58.63
N ASP F 782 3.05 -37.82 58.92
CA ASP F 782 3.55 -38.65 60.02
C ASP F 782 2.89 -38.27 61.34
N LEU F 783 2.91 -36.99 61.67
CA LEU F 783 2.26 -36.46 62.87
C LEU F 783 0.91 -35.80 62.54
N MET F 784 0.00 -36.63 62.03
CA MET F 784 -1.30 -36.14 61.57
C MET F 784 -2.26 -35.87 62.74
N PRO F 785 -2.57 -36.84 63.64
CA PRO F 785 -3.60 -36.56 64.65
C PRO F 785 -3.16 -35.53 65.68
N ARG F 786 -1.87 -35.48 66.00
CA ARG F 786 -1.36 -34.47 66.93
C ARG F 786 -1.61 -33.07 66.38
N LEU F 787 -1.33 -32.86 65.08
CA LEU F 787 -1.68 -31.60 64.44
C LEU F 787 -3.17 -31.36 64.46
N MET F 788 -3.97 -32.42 64.31
CA MET F 788 -5.42 -32.28 64.35
C MET F 788 -5.90 -31.76 65.71
N THR F 789 -5.29 -32.24 66.80
CA THR F 789 -5.77 -31.92 68.14
C THR F 789 -4.92 -30.89 68.88
N SER F 790 -3.98 -30.22 68.22
CA SER F 790 -3.10 -29.28 68.90
C SER F 790 -3.67 -27.86 68.87
N LYS F 791 -3.07 -27.01 69.70
CA LYS F 791 -3.45 -25.61 69.75
C LYS F 791 -2.95 -24.92 68.48
N PRO F 792 -3.67 -23.90 67.99
CA PRO F 792 -3.20 -23.17 66.79
C PRO F 792 -1.80 -22.59 66.90
N ALA F 793 -1.42 -22.03 68.05
CA ALA F 793 -0.07 -21.49 68.20
C ALA F 793 0.99 -22.59 68.11
N GLU F 794 0.74 -23.71 68.79
CA GLU F 794 1.65 -24.85 68.69
C GLU F 794 1.72 -25.39 67.27
N VAL F 795 0.57 -25.42 66.58
CA VAL F 795 0.52 -25.87 65.18
C VAL F 795 1.37 -24.98 64.30
N VAL F 796 1.27 -23.66 64.49
CA VAL F 796 2.05 -22.71 63.71
C VAL F 796 3.54 -22.94 63.96
N LYS F 797 3.92 -23.13 65.22
CA LYS F 797 5.32 -23.32 65.57
C LYS F 797 5.89 -24.58 64.90
N ILE F 798 5.18 -25.71 65.03
CA ILE F 798 5.73 -26.96 64.48
C ILE F 798 5.70 -26.89 62.95
N LEU F 799 4.71 -26.19 62.38
CA LEU F 799 4.67 -25.98 60.93
C LEU F 799 5.90 -25.22 60.45
N GLN F 800 6.28 -24.16 61.18
CA GLN F 800 7.47 -23.40 60.84
C GLN F 800 8.71 -24.29 60.89
N THR F 801 8.87 -25.03 61.98
CA THR F 801 10.04 -25.89 62.14
C THR F 801 10.10 -26.97 61.05
N MET F 802 8.95 -27.51 60.68
CA MET F 802 8.91 -28.57 59.67
C MET F 802 9.10 -28.02 58.27
N LEU F 803 8.65 -26.79 58.01
CA LEU F 803 8.96 -26.13 56.75
C LEU F 803 10.44 -25.93 56.61
N ARG F 804 11.11 -25.48 57.68
CA ARG F 804 12.54 -25.21 57.58
C ARG F 804 13.34 -26.49 57.38
N GLN F 805 12.91 -27.60 57.99
CA GLN F 805 13.59 -28.88 57.88
C GLN F 805 13.14 -29.71 56.69
N SER F 806 12.20 -29.22 55.89
CA SER F 806 11.71 -29.98 54.75
C SER F 806 12.77 -30.09 53.66
N ALA F 807 12.68 -31.17 52.89
CA ALA F 807 13.61 -31.45 51.81
C ALA F 807 13.05 -30.96 50.47
N PHE F 808 13.96 -30.51 49.61
CA PHE F 808 13.61 -30.03 48.28
C PHE F 808 13.34 -31.21 47.36
N LEU F 809 12.11 -31.30 46.86
CA LEU F 809 11.70 -32.45 46.06
C LEU F 809 12.20 -32.29 44.63
N HIS F 810 12.72 -33.39 44.08
CA HIS F 810 13.15 -33.41 42.69
C HIS F 810 11.95 -33.27 41.76
N LEU F 811 12.12 -32.51 40.70
CA LEU F 811 11.05 -32.29 39.74
C LEU F 811 11.30 -33.19 38.54
N PRO F 812 10.51 -34.25 38.33
CA PRO F 812 10.76 -35.15 37.21
C PRO F 812 10.36 -34.48 35.89
N LEU F 813 11.34 -34.30 35.01
CA LEU F 813 11.09 -33.61 33.76
C LEU F 813 10.23 -34.48 32.83
N PRO F 814 9.29 -33.88 32.12
CA PRO F 814 8.55 -34.64 31.11
C PRO F 814 9.40 -34.83 29.86
N GLU F 815 8.99 -35.82 29.05
CA GLU F 815 9.67 -36.05 27.78
C GLU F 815 9.43 -34.91 26.81
N GLN F 816 8.21 -34.39 26.78
CA GLN F 816 7.83 -33.31 25.88
C GLN F 816 6.99 -32.30 26.63
N ILE F 817 7.38 -31.03 26.56
CA ILE F 817 6.69 -29.95 27.26
C ILE F 817 7.02 -28.64 26.56
N HIS F 818 5.99 -27.83 26.29
CA HIS F 818 6.16 -26.55 25.64
C HIS F 818 5.32 -25.51 26.38
N LYS F 819 5.88 -24.31 26.51
CA LYS F 819 5.19 -23.21 27.16
C LYS F 819 4.00 -22.77 26.31
N ALA F 820 2.94 -22.33 26.98
CA ALA F 820 1.78 -21.78 26.28
C ALA F 820 2.07 -20.32 25.97
N SER F 821 2.20 -20.00 24.68
CA SER F 821 2.56 -18.66 24.24
C SER F 821 1.49 -18.11 23.33
N ALA F 822 1.39 -16.77 23.31
CA ALA F 822 0.44 -16.09 22.45
C ALA F 822 1.07 -14.79 21.96
N THR F 823 0.69 -14.38 20.75
CA THR F 823 1.29 -13.21 20.10
C THR F 823 0.17 -12.43 19.44
N ILE F 824 -0.14 -11.26 20.00
CA ILE F 824 -1.09 -10.34 19.39
C ILE F 824 -0.41 -9.60 18.24
N ILE F 825 -1.03 -9.65 17.07
CA ILE F 825 -0.37 -9.16 15.85
C ILE F 825 -1.20 -8.15 15.08
N GLU F 826 -2.53 -8.14 15.21
CA GLU F 826 -3.35 -7.29 14.34
C GLU F 826 -3.27 -5.82 14.75
N PRO F 827 -3.52 -5.42 16.01
CA PRO F 827 -3.38 -3.98 16.35
C PRO F 827 -2.00 -3.40 16.08
N ALA F 828 -0.93 -4.17 16.31
CA ALA F 828 0.45 -3.75 16.07
C ALA F 828 0.81 -2.54 16.92
N GLY F 829 1.90 -1.85 16.54
CA GLY F 829 2.36 -0.71 17.31
C GLY F 829 1.41 0.47 17.22
N GLU F 830 1.65 1.45 18.08
CA GLU F 830 0.79 2.63 18.19
C GLU F 830 1.08 3.69 17.14
N SER F 831 1.86 3.38 16.09
CA SER F 831 2.12 4.35 15.04
C SER F 831 0.88 4.73 14.25
N ASP F 832 -0.19 3.93 14.33
CA ASP F 832 -1.44 4.24 13.65
C ASP F 832 -2.15 5.40 14.35
N ASN F 833 -3.01 6.07 13.58
CA ASN F 833 -3.78 7.19 14.12
C ASN F 833 -4.82 6.69 15.11
N PRO F 834 -5.24 7.54 16.06
CA PRO F 834 -6.25 7.12 17.04
C PRO F 834 -7.58 6.78 16.39
N LEU F 835 -8.29 5.83 17.00
CA LEU F 835 -9.66 5.51 16.59
C LEU F 835 -10.61 6.57 17.12
N ARG F 836 -11.29 7.25 16.21
CA ARG F 836 -12.11 8.41 16.56
C ARG F 836 -13.58 8.03 16.63
N PHE F 837 -14.39 8.99 17.09
CA PHE F 837 -15.85 8.91 17.10
C PHE F 837 -16.34 7.65 17.84
N THR F 838 -16.05 7.64 19.15
CA THR F 838 -16.38 6.51 19.99
C THR F 838 -17.16 6.96 21.24
N SER F 839 -17.45 8.26 21.37
CA SER F 839 -18.02 8.80 22.61
C SER F 839 -19.37 8.18 22.89
N GLY F 840 -19.48 7.50 24.03
CA GLY F 840 -20.71 6.81 24.37
C GLY F 840 -20.94 5.52 23.61
N LEU F 841 -20.86 5.55 22.29
CA LEU F 841 -21.08 4.38 21.46
C LEU F 841 -19.89 3.41 21.54
N VAL F 842 -19.88 2.42 20.67
CA VAL F 842 -18.94 1.30 20.70
C VAL F 842 -17.96 1.44 19.54
N VAL F 843 -16.72 0.96 19.74
CA VAL F 843 -15.74 0.80 18.67
C VAL F 843 -15.25 -0.63 18.71
N ALA F 844 -15.22 -1.27 17.54
CA ALA F 844 -14.82 -2.66 17.42
C ALA F 844 -13.36 -2.74 17.02
N LEU F 845 -12.55 -3.40 17.85
CA LEU F 845 -11.13 -3.56 17.59
C LEU F 845 -10.90 -5.02 17.17
N ASP F 846 -10.42 -5.20 15.95
CA ASP F 846 -10.19 -6.54 15.42
C ASP F 846 -8.91 -7.12 16.02
N VAL F 847 -9.02 -8.32 16.61
CA VAL F 847 -7.90 -8.96 17.28
C VAL F 847 -7.53 -10.23 16.53
N ASP F 848 -6.28 -10.32 16.11
CA ASP F 848 -5.71 -11.53 15.53
C ASP F 848 -4.54 -11.97 16.39
N ALA F 849 -4.42 -13.28 16.62
CA ALA F 849 -3.39 -13.78 17.50
C ALA F 849 -3.09 -15.23 17.17
N THR F 850 -1.83 -15.62 17.35
CA THR F 850 -1.38 -16.99 17.19
C THR F 850 -1.09 -17.55 18.57
N LEU F 851 -1.73 -18.67 18.88
CA LEU F 851 -1.61 -19.31 20.19
C LEU F 851 -0.85 -20.61 20.04
N GLU F 852 0.21 -20.78 20.85
CA GLU F 852 1.11 -21.91 20.73
C GLU F 852 0.92 -22.82 21.93
N HIS F 853 0.64 -24.11 21.66
CA HIS F 853 0.62 -25.18 22.66
C HIS F 853 -0.40 -24.90 23.76
N VAL F 854 -1.64 -24.65 23.35
CA VAL F 854 -2.78 -24.54 24.27
C VAL F 854 -3.78 -25.61 23.85
N GLN F 855 -3.88 -26.67 24.65
CA GLN F 855 -4.71 -27.82 24.29
C GLN F 855 -6.20 -27.47 24.24
N ASP F 856 -6.69 -26.67 25.18
CA ASP F 856 -8.11 -26.32 25.27
C ASP F 856 -8.15 -24.80 25.40
N PRO F 857 -7.90 -24.07 24.31
CA PRO F 857 -7.91 -22.61 24.41
C PRO F 857 -9.29 -22.01 24.58
N GLN F 858 -10.33 -22.65 24.05
CA GLN F 858 -11.67 -22.04 24.04
C GLN F 858 -12.19 -21.79 25.44
N ASN F 859 -12.05 -22.78 26.32
CA ASN F 859 -12.52 -22.62 27.69
C ASN F 859 -11.55 -21.85 28.57
N THR F 860 -10.30 -21.71 28.16
CA THR F 860 -9.28 -21.12 29.02
C THR F 860 -8.78 -19.75 28.58
N VAL F 861 -8.53 -19.54 27.28
CA VAL F 861 -8.03 -18.26 26.80
C VAL F 861 -9.11 -17.21 26.96
N LYS F 862 -8.74 -16.06 27.52
CA LYS F 862 -9.61 -14.91 27.64
C LYS F 862 -8.86 -13.66 27.18
N VAL F 863 -9.63 -12.64 26.84
CA VAL F 863 -9.08 -11.36 26.39
C VAL F 863 -9.45 -10.32 27.43
N GLN F 864 -8.43 -9.66 27.97
CA GLN F 864 -8.62 -8.61 28.96
C GLN F 864 -8.34 -7.26 28.32
N VAL F 865 -9.21 -6.29 28.59
CA VAL F 865 -9.04 -4.93 28.11
C VAL F 865 -8.95 -4.02 29.33
N LEU F 866 -7.88 -3.23 29.40
CA LEU F 866 -7.64 -2.31 30.50
C LEU F 866 -7.70 -0.89 29.97
N TYR F 867 -8.75 -0.17 30.35
CA TYR F 867 -8.87 1.25 30.02
C TYR F 867 -7.91 2.06 30.88
N PRO F 868 -7.62 3.32 30.51
CA PRO F 868 -6.68 4.12 31.33
C PRO F 868 -7.16 4.41 32.76
N ASP F 869 -8.42 4.16 33.07
CA ASP F 869 -8.89 4.21 34.45
C ASP F 869 -8.74 2.84 35.10
N GLY F 870 -9.21 2.70 36.34
CA GLY F 870 -9.10 1.42 37.01
C GLY F 870 -9.97 0.32 36.44
N GLN F 871 -10.94 0.66 35.59
CA GLN F 871 -11.87 -0.33 35.05
C GLN F 871 -11.12 -1.33 34.17
N ALA F 872 -11.47 -2.61 34.33
CA ALA F 872 -10.92 -3.68 33.51
C ALA F 872 -12.06 -4.53 32.97
N GLN F 873 -11.94 -4.90 31.70
CA GLN F 873 -12.95 -5.70 31.02
C GLN F 873 -12.39 -7.08 30.75
N MET F 874 -13.22 -8.10 30.93
CA MET F 874 -12.85 -9.50 30.71
C MET F 874 -13.76 -10.08 29.64
N ILE F 875 -13.17 -10.73 28.63
CA ILE F 875 -13.91 -11.19 27.47
C ILE F 875 -13.67 -12.68 27.32
N HIS F 876 -14.73 -13.43 27.00
CA HIS F 876 -14.67 -14.89 26.82
C HIS F 876 -15.00 -15.20 25.36
N PRO F 877 -13.99 -15.34 24.51
CA PRO F 877 -14.25 -15.58 23.09
C PRO F 877 -14.95 -16.92 22.85
N LYS F 878 -15.82 -16.93 21.85
CA LYS F 878 -16.54 -18.14 21.49
C LYS F 878 -15.61 -19.11 20.77
N PRO F 879 -15.94 -20.41 20.75
CA PRO F 879 -15.09 -21.36 20.01
C PRO F 879 -14.97 -21.07 18.52
N ALA F 880 -15.96 -20.40 17.92
CA ALA F 880 -15.89 -20.09 16.49
C ALA F 880 -14.78 -19.10 16.17
N ASP F 881 -14.35 -18.29 17.13
CA ASP F 881 -13.21 -17.39 16.89
C ASP F 881 -11.93 -18.18 16.69
N PHE F 882 -11.73 -19.23 17.47
CA PHE F 882 -10.49 -20.00 17.40
C PHE F 882 -10.44 -20.83 16.13
N ARG F 883 -9.30 -20.75 15.44
CA ARG F 883 -9.01 -21.61 14.30
C ARG F 883 -7.77 -22.43 14.59
N ASN F 884 -7.66 -23.59 13.94
CA ASN F 884 -6.60 -24.56 14.22
C ASN F 884 -5.88 -24.93 12.93
N PRO F 885 -5.11 -24.01 12.34
CA PRO F 885 -4.38 -24.34 11.10
C PRO F 885 -3.31 -25.41 11.27
N GLY F 886 -2.83 -25.65 12.49
CA GLY F 886 -1.81 -26.66 12.71
C GLY F 886 -1.84 -27.23 14.11
N PRO F 887 -1.06 -28.30 14.34
CA PRO F 887 -1.05 -28.93 15.66
C PRO F 887 -0.32 -28.06 16.67
N GLY F 888 -0.96 -27.84 17.82
CA GLY F 888 -0.39 -26.98 18.85
C GLY F 888 -0.15 -25.56 18.41
N ARG F 889 -0.89 -25.09 17.42
CA ARG F 889 -0.70 -23.75 16.85
C ARG F 889 -2.05 -23.24 16.39
N HIS F 890 -2.71 -22.45 17.22
CA HIS F 890 -4.03 -21.94 16.93
C HIS F 890 -3.94 -20.54 16.32
N ARG F 891 -5.09 -20.07 15.82
CA ARG F 891 -5.20 -18.73 15.27
C ARG F 891 -6.53 -18.15 15.75
N LEU F 892 -6.47 -17.12 16.58
CA LEU F 892 -7.66 -16.49 17.14
C LEU F 892 -7.97 -15.21 16.37
N ILE F 893 -9.15 -15.17 15.74
CA ILE F 893 -9.63 -13.98 15.07
C ILE F 893 -11.00 -13.65 15.64
N THR F 894 -11.16 -12.42 16.13
CA THR F 894 -12.42 -11.98 16.71
C THR F 894 -12.43 -10.47 16.80
N GLN F 895 -13.53 -9.93 17.30
CA GLN F 895 -13.69 -8.51 17.58
C GLN F 895 -13.95 -8.34 19.06
N VAL F 896 -13.26 -7.38 19.67
CA VAL F 896 -13.50 -6.99 21.05
C VAL F 896 -14.05 -5.57 21.04
N TYR F 897 -15.15 -5.36 21.74
CA TYR F 897 -15.90 -4.12 21.65
C TYR F 897 -15.52 -3.22 22.82
N LEU F 898 -15.13 -2.00 22.50
CA LEU F 898 -14.71 -1.03 23.50
C LEU F 898 -15.64 0.17 23.46
N SER F 899 -15.97 0.69 24.64
CA SER F 899 -16.78 1.88 24.75
C SER F 899 -16.40 2.62 26.02
N HIS F 900 -16.43 3.94 25.95
CA HIS F 900 -16.16 4.78 27.11
C HIS F 900 -16.63 6.18 26.76
N THR F 901 -16.74 7.03 27.78
CA THR F 901 -17.22 8.39 27.60
C THR F 901 -16.16 9.22 26.86
N ALA F 902 -16.47 10.49 26.62
CA ALA F 902 -15.56 11.34 25.87
C ALA F 902 -14.28 11.60 26.65
N TRP F 903 -13.18 11.73 25.92
CA TRP F 903 -11.86 12.01 26.49
C TRP F 903 -11.33 13.31 25.91
N THR F 904 -10.62 14.06 26.75
CA THR F 904 -10.03 15.32 26.27
C THR F 904 -8.89 15.07 25.30
N GLU F 905 -8.05 14.06 25.57
CA GLU F 905 -6.92 13.72 24.74
C GLU F 905 -6.92 12.22 24.49
N ALA F 906 -6.38 11.82 23.34
CA ALA F 906 -6.36 10.42 22.93
C ALA F 906 -5.39 9.64 23.80
N CYS F 907 -5.94 8.96 24.81
CA CYS F 907 -5.17 8.03 25.64
C CYS F 907 -5.02 6.69 24.92
N GLN F 908 -4.31 5.76 25.55
CA GLN F 908 -4.11 4.44 24.97
C GLN F 908 -4.66 3.37 25.90
N VAL F 909 -5.35 2.40 25.33
CA VAL F 909 -5.98 1.31 26.06
C VAL F 909 -5.15 0.05 25.87
N GLU F 910 -4.85 -0.64 26.98
CA GLU F 910 -4.03 -1.84 26.95
C GLU F 910 -4.89 -3.08 26.76
N VAL F 911 -4.55 -3.89 25.76
CA VAL F 911 -5.27 -5.11 25.43
C VAL F 911 -4.30 -6.28 25.58
N ARG F 912 -4.70 -7.28 26.38
CA ARG F 912 -3.83 -8.40 26.70
C ARG F 912 -4.65 -9.69 26.73
N LEU F 913 -3.99 -10.79 26.40
CA LEU F 913 -4.60 -12.12 26.43
C LEU F 913 -4.23 -12.82 27.73
N LEU F 914 -5.22 -13.37 28.41
CA LEU F 914 -5.02 -14.09 29.66
C LEU F 914 -5.47 -15.53 29.52
N LEU F 915 -4.87 -16.39 30.33
CA LEU F 915 -5.34 -17.75 30.50
C LEU F 915 -6.14 -17.85 31.78
N ALA F 916 -7.22 -18.62 31.74
CA ALA F 916 -8.06 -18.85 32.90
C ALA F 916 -7.91 -20.28 33.38
N TYR F 917 -8.09 -20.46 34.70
CA TYR F 917 -7.94 -21.78 35.30
C TYR F 917 -9.01 -21.97 36.35
N ASN F 918 -9.29 -23.24 36.66
CA ASN F 918 -10.32 -23.57 37.63
C ASN F 918 -9.89 -24.77 38.47
N GLU F 943 -11.46 -20.76 40.04
CA GLU F 943 -11.39 -19.57 39.19
C GLU F 943 -10.00 -18.95 39.25
N GLY F 944 -9.88 -17.74 38.75
CA GLY F 944 -8.60 -17.05 38.70
C GLY F 944 -7.99 -17.09 37.32
N THR F 945 -7.20 -16.07 37.01
CA THR F 945 -6.62 -15.93 35.68
C THR F 945 -5.15 -15.49 35.81
N ILE F 946 -4.38 -15.79 34.77
CA ILE F 946 -2.97 -15.42 34.70
C ILE F 946 -2.64 -14.91 33.29
N PRO F 947 -1.95 -13.78 33.18
CA PRO F 947 -1.56 -13.29 31.85
C PRO F 947 -0.50 -14.16 31.22
N PHE F 948 -0.61 -14.35 29.90
CA PHE F 948 0.41 -15.12 29.18
C PHE F 948 0.76 -14.53 27.82
N SER F 949 0.42 -13.27 27.58
CA SER F 949 0.76 -12.61 26.32
C SER F 949 1.32 -11.23 26.60
N LYS F 950 2.09 -10.74 25.63
CA LYS F 950 2.67 -9.41 25.77
C LYS F 950 1.58 -8.36 25.60
N PRO F 951 1.50 -7.38 26.50
CA PRO F 951 0.47 -6.35 26.34
C PRO F 951 0.75 -5.42 25.16
N VAL F 952 -0.32 -5.04 24.47
CA VAL F 952 -0.26 -4.07 23.38
C VAL F 952 -1.20 -2.92 23.72
N LYS F 953 -0.97 -1.78 23.08
CA LYS F 953 -1.72 -0.57 23.34
C LYS F 953 -2.17 0.06 22.02
N VAL F 954 -3.37 0.63 22.03
CA VAL F 954 -3.95 1.31 20.88
C VAL F 954 -4.63 2.58 21.35
N TYR F 955 -4.54 3.63 20.55
CA TYR F 955 -5.06 4.93 20.93
C TYR F 955 -6.49 5.10 20.42
N ILE F 956 -7.36 5.63 21.28
CA ILE F 956 -8.76 5.88 20.94
C ILE F 956 -9.10 7.31 21.34
N MET F 957 -9.81 8.00 20.46
CA MET F 957 -10.25 9.38 20.68
C MET F 957 -11.77 9.41 20.60
N PRO F 958 -12.47 9.07 21.68
CA PRO F 958 -13.93 9.12 21.66
C PRO F 958 -14.46 10.56 21.64
N LYS F 959 -14.46 11.17 20.48
CA LYS F 959 -14.92 12.54 20.34
C LYS F 959 -16.44 12.59 20.38
N PRO F 960 -17.03 13.56 21.08
CA PRO F 960 -18.49 13.67 21.09
C PRO F 960 -19.00 14.41 19.86
N ALA F 961 -20.30 14.29 19.64
CA ALA F 961 -20.98 14.97 18.54
C ALA F 961 -22.48 15.03 18.80
N ALA G 26 -14.63 -77.95 -24.91
CA ALA G 26 -15.71 -77.85 -23.95
C ALA G 26 -16.44 -79.20 -23.86
N PRO G 27 -17.20 -79.45 -22.78
CA PRO G 27 -17.91 -80.74 -22.69
C PRO G 27 -19.02 -80.85 -23.73
N LEU G 28 -19.29 -82.09 -24.13
CA LEU G 28 -20.39 -82.37 -25.04
C LEU G 28 -20.89 -83.78 -24.77
N SER G 29 -22.15 -84.03 -25.13
CA SER G 29 -22.70 -85.37 -24.99
C SER G 29 -22.02 -86.32 -25.97
N ALA G 30 -21.78 -87.55 -25.51
CA ALA G 30 -21.07 -88.53 -26.33
C ALA G 30 -21.86 -89.02 -27.53
N GLN G 31 -23.16 -88.78 -27.57
CA GLN G 31 -23.98 -89.28 -28.67
C GLN G 31 -24.16 -88.29 -29.81
N GLU G 32 -24.06 -86.99 -29.53
CA GLU G 32 -24.24 -85.96 -30.56
C GLU G 32 -23.09 -85.87 -31.56
N LEU G 33 -21.93 -86.47 -31.25
CA LEU G 33 -20.77 -86.32 -32.11
C LEU G 33 -20.98 -86.92 -33.49
N SER G 34 -21.66 -88.07 -33.59
CA SER G 34 -21.86 -88.70 -34.90
C SER G 34 -22.64 -87.81 -35.85
N GLN G 35 -23.76 -87.24 -35.37
CA GLN G 35 -24.57 -86.37 -36.24
C GLN G 35 -23.83 -85.06 -36.53
N GLU G 36 -23.14 -84.51 -35.52
CA GLU G 36 -22.43 -83.25 -35.73
C GLU G 36 -21.30 -83.42 -36.75
N ILE G 37 -20.52 -84.50 -36.63
CA ILE G 37 -19.42 -84.72 -37.55
C ILE G 37 -19.94 -85.06 -38.95
N LYS G 38 -21.06 -85.80 -39.04
CA LYS G 38 -21.69 -86.04 -40.34
C LYS G 38 -22.13 -84.75 -40.99
N ALA G 39 -22.68 -83.83 -40.19
CA ALA G 39 -23.11 -82.52 -40.68
C ALA G 39 -21.92 -81.73 -41.20
N PHE G 40 -20.80 -81.76 -40.47
CA PHE G 40 -19.68 -80.93 -40.87
C PHE G 40 -19.00 -81.51 -42.11
N LEU G 41 -18.60 -82.78 -42.04
CA LEU G 41 -17.79 -83.36 -43.12
C LEU G 41 -18.57 -83.48 -44.43
N THR G 42 -19.83 -83.93 -44.37
CA THR G 42 -20.57 -84.09 -45.62
C THR G 42 -20.87 -82.76 -46.33
N GLY G 43 -20.77 -81.65 -45.62
CA GLY G 43 -21.00 -80.32 -46.21
C GLY G 43 -22.43 -79.88 -46.11
N VAL G 44 -23.35 -80.76 -46.49
CA VAL G 44 -24.79 -80.50 -46.36
C VAL G 44 -25.21 -80.88 -44.95
N ASP G 45 -25.92 -79.97 -44.28
CA ASP G 45 -26.37 -80.20 -42.92
C ASP G 45 -27.68 -80.97 -42.97
N PRO G 46 -27.73 -82.22 -42.51
CA PRO G 46 -28.98 -82.99 -42.61
C PRO G 46 -30.04 -82.58 -41.60
N ILE G 47 -29.63 -82.29 -40.36
CA ILE G 47 -30.59 -81.91 -39.32
C ILE G 47 -31.30 -80.59 -39.65
N LEU G 48 -30.65 -79.71 -40.40
CA LEU G 48 -31.30 -78.51 -40.91
C LEU G 48 -31.73 -78.62 -42.37
N GLY G 49 -31.20 -79.58 -43.12
CA GLY G 49 -31.61 -79.80 -44.49
C GLY G 49 -31.24 -78.69 -45.46
N HIS G 50 -30.05 -78.12 -45.31
CA HIS G 50 -29.56 -77.10 -46.23
C HIS G 50 -28.05 -76.98 -46.08
N GLN G 51 -27.42 -76.37 -47.08
CA GLN G 51 -25.99 -76.11 -47.06
C GLN G 51 -25.73 -74.84 -46.24
N LEU G 52 -25.09 -75.01 -45.08
CA LEU G 52 -24.74 -73.87 -44.25
C LEU G 52 -23.63 -73.05 -44.89
N SER G 53 -23.59 -71.77 -44.54
CA SER G 53 -22.51 -70.90 -44.97
C SER G 53 -21.19 -71.32 -44.31
N ALA G 54 -20.09 -70.77 -44.83
CA ALA G 54 -18.77 -71.12 -44.32
C ALA G 54 -18.57 -70.70 -42.87
N ARG G 55 -19.31 -69.70 -42.39
CA ARG G 55 -19.14 -69.22 -41.01
C ARG G 55 -19.58 -70.27 -40.01
N GLU G 56 -20.79 -70.81 -40.19
CA GLU G 56 -21.32 -71.81 -39.27
C GLU G 56 -20.51 -73.10 -39.35
N HIS G 57 -20.07 -73.49 -40.55
CA HIS G 57 -19.22 -74.67 -40.70
C HIS G 57 -17.89 -74.46 -39.99
N ALA G 58 -17.32 -73.25 -40.08
CA ALA G 58 -16.08 -72.96 -39.38
C ALA G 58 -16.27 -73.03 -37.87
N ARG G 59 -17.38 -72.49 -37.37
CA ARG G 59 -17.67 -72.57 -35.94
C ARG G 59 -17.85 -74.03 -35.49
N CYS G 60 -18.53 -74.83 -36.31
CA CYS G 60 -18.70 -76.24 -36.01
C CYS G 60 -17.36 -76.97 -36.01
N GLY G 61 -16.47 -76.61 -36.93
CA GLY G 61 -15.15 -77.22 -36.95
C GLY G 61 -14.33 -76.84 -35.72
N LEU G 62 -14.45 -75.59 -35.28
CA LEU G 62 -13.78 -75.17 -34.04
C LEU G 62 -14.33 -75.94 -32.84
N LEU G 63 -15.65 -76.12 -32.79
CA LEU G 63 -16.25 -76.92 -31.71
C LEU G 63 -15.78 -78.37 -31.76
N LEU G 64 -15.65 -78.92 -32.98
CA LEU G 64 -15.13 -80.28 -33.13
C LEU G 64 -13.69 -80.38 -32.67
N LEU G 65 -12.88 -79.37 -32.96
CA LEU G 65 -11.51 -79.33 -32.45
C LEU G 65 -11.51 -79.29 -30.93
N ARG G 66 -12.44 -78.53 -30.35
CA ARG G 66 -12.59 -78.49 -28.90
C ARG G 66 -12.97 -79.87 -28.35
N SER G 67 -13.83 -80.60 -29.07
CA SER G 67 -14.34 -81.88 -28.58
C SER G 67 -13.52 -83.07 -29.07
N LEU G 68 -13.33 -83.19 -30.38
CA LEU G 68 -12.70 -84.37 -30.98
C LEU G 68 -11.40 -84.00 -31.69
N PRO G 69 -10.24 -84.21 -31.07
CA PRO G 69 -8.95 -83.98 -31.75
C PRO G 69 -8.81 -84.81 -33.04
N PRO G 70 -9.16 -86.11 -33.09
CA PRO G 70 -9.00 -86.84 -34.38
C PRO G 70 -9.82 -86.27 -35.54
N ALA G 71 -10.79 -85.39 -35.30
CA ALA G 71 -11.62 -84.77 -36.32
C ALA G 71 -10.98 -83.52 -36.93
N ARG G 72 -9.66 -83.34 -36.82
CA ARG G 72 -9.00 -82.17 -37.36
C ARG G 72 -8.72 -82.23 -38.85
N ALA G 73 -8.86 -83.40 -39.47
CA ALA G 73 -8.39 -83.62 -40.84
C ALA G 73 -9.08 -82.70 -41.83
N ALA G 74 -10.41 -82.65 -41.81
CA ALA G 74 -11.14 -81.77 -42.72
C ALA G 74 -11.27 -80.34 -42.19
N VAL G 75 -11.03 -80.13 -40.89
CA VAL G 75 -11.16 -78.80 -40.30
C VAL G 75 -10.14 -77.85 -40.92
N LEU G 76 -8.90 -78.32 -41.09
CA LEU G 76 -7.86 -77.49 -41.68
C LEU G 76 -8.18 -77.15 -43.14
N ASP G 77 -8.70 -78.13 -43.90
CA ASP G 77 -9.08 -77.87 -45.28
C ASP G 77 -10.23 -76.86 -45.37
N HIS G 78 -11.22 -77.00 -44.47
CA HIS G 78 -12.33 -76.05 -44.46
C HIS G 78 -11.87 -74.66 -44.07
N LEU G 79 -10.93 -74.58 -43.12
CA LEU G 79 -10.32 -73.31 -42.76
C LEU G 79 -9.59 -72.69 -43.94
N ARG G 80 -8.86 -73.53 -44.70
CA ARG G 80 -8.16 -73.06 -45.89
C ARG G 80 -9.14 -72.48 -46.89
N GLY G 81 -10.24 -73.19 -47.14
CA GLY G 81 -11.28 -72.69 -48.03
C GLY G 81 -11.88 -71.38 -47.54
N VAL G 82 -12.17 -71.28 -46.23
CA VAL G 82 -12.73 -70.07 -45.65
C VAL G 82 -11.79 -68.89 -45.88
N PHE G 83 -10.51 -69.08 -45.56
CA PHE G 83 -9.54 -67.99 -45.68
C PHE G 83 -9.34 -67.61 -47.14
N ASP G 84 -9.28 -68.59 -48.04
CA ASP G 84 -9.11 -68.31 -49.46
C ASP G 84 -10.30 -67.52 -50.01
N GLU G 85 -11.51 -67.91 -49.63
CA GLU G 85 -12.70 -67.20 -50.10
C GLU G 85 -12.75 -65.78 -49.53
N SER G 86 -12.38 -65.62 -48.25
CA SER G 86 -12.35 -64.29 -47.65
C SER G 86 -11.33 -63.39 -48.34
N VAL G 87 -10.15 -63.92 -48.66
CA VAL G 87 -9.13 -63.14 -49.35
C VAL G 87 -9.61 -62.79 -50.76
N ARG G 88 -10.29 -63.73 -51.44
CA ARG G 88 -10.82 -63.44 -52.77
C ARG G 88 -11.87 -62.33 -52.72
N ALA G 89 -12.77 -62.39 -51.73
CA ALA G 89 -13.77 -61.35 -51.58
C ALA G 89 -13.13 -60.00 -51.28
N HIS G 90 -12.12 -59.99 -50.41
CA HIS G 90 -11.42 -58.75 -50.08
C HIS G 90 -10.70 -58.19 -51.31
N LEU G 91 -10.11 -59.06 -52.13
CA LEU G 91 -9.46 -58.63 -53.36
C LEU G 91 -10.48 -58.05 -54.33
N ALA G 92 -11.64 -58.69 -54.46
CA ALA G 92 -12.71 -58.14 -55.29
C ALA G 92 -13.13 -56.76 -54.79
N ALA G 93 -13.14 -56.58 -53.48
CA ALA G 93 -13.48 -55.29 -52.89
C ALA G 93 -12.37 -54.25 -53.05
N LEU G 94 -11.10 -54.69 -53.21
CA LEU G 94 -9.99 -53.75 -53.26
C LEU G 94 -9.26 -53.71 -54.59
N ASP G 95 -8.90 -54.87 -55.17
CA ASP G 95 -8.18 -54.89 -56.45
C ASP G 95 -9.00 -54.25 -57.57
N GLU G 96 -10.32 -54.27 -57.47
CA GLU G 96 -11.20 -53.60 -58.42
C GLU G 96 -11.65 -52.22 -57.90
N THR G 97 -10.81 -51.56 -57.10
CA THR G 97 -11.15 -50.27 -56.52
C THR G 97 -10.02 -49.29 -56.75
N GLY G 117 -22.31 -61.61 -51.73
CA GLY G 117 -22.46 -60.77 -50.56
C GLY G 117 -21.25 -59.90 -50.29
N PRO G 118 -21.28 -59.16 -49.18
CA PRO G 118 -20.12 -58.33 -48.81
C PRO G 118 -18.95 -59.14 -48.31
N GLY G 119 -17.88 -58.46 -47.89
CA GLY G 119 -16.72 -59.12 -47.33
C GLY G 119 -17.03 -59.91 -46.07
N LEU G 120 -16.52 -61.14 -45.99
CA LEU G 120 -16.73 -62.00 -44.84
C LEU G 120 -15.67 -61.85 -43.77
N GLU G 121 -15.05 -60.67 -43.66
CA GLU G 121 -13.94 -60.47 -42.74
C GLU G 121 -14.32 -60.63 -41.27
N ASP G 122 -15.60 -60.45 -40.93
CA ASP G 122 -16.05 -60.47 -39.54
C ASP G 122 -15.86 -61.82 -38.85
N VAL G 123 -15.80 -62.93 -39.59
CA VAL G 123 -15.57 -64.23 -38.95
C VAL G 123 -14.08 -64.48 -38.76
N VAL G 124 -13.21 -63.76 -39.49
CA VAL G 124 -11.76 -63.99 -39.43
C VAL G 124 -11.21 -63.70 -38.04
N GLN G 125 -11.62 -62.59 -37.42
CA GLN G 125 -11.08 -62.28 -36.09
C GLN G 125 -11.59 -63.26 -35.04
N GLU G 126 -12.78 -63.83 -35.24
CA GLU G 126 -13.28 -64.87 -34.35
C GLU G 126 -12.40 -66.12 -34.42
N VAL G 127 -12.03 -66.52 -35.64
CA VAL G 127 -11.11 -67.63 -35.83
C VAL G 127 -9.76 -67.31 -35.18
N GLN G 128 -9.31 -66.06 -35.29
CA GLN G 128 -8.07 -65.63 -34.65
C GLN G 128 -8.16 -65.83 -33.14
N GLN G 129 -9.26 -65.37 -32.54
CA GLN G 129 -9.46 -65.50 -31.09
C GLN G 129 -9.44 -66.96 -30.67
N VAL G 130 -10.15 -67.81 -31.40
CA VAL G 130 -10.27 -69.21 -31.00
C VAL G 130 -8.94 -69.93 -31.13
N LEU G 131 -8.23 -69.70 -32.25
CA LEU G 131 -6.94 -70.35 -32.45
C LEU G 131 -5.90 -69.85 -31.45
N SER G 132 -5.93 -68.54 -31.14
CA SER G 132 -5.03 -68.01 -30.13
C SER G 132 -5.36 -68.56 -28.75
N GLU G 133 -6.64 -68.80 -28.47
CA GLU G 133 -7.02 -69.45 -27.22
C GLU G 133 -6.43 -70.85 -27.12
N PHE G 134 -6.50 -71.61 -28.22
CA PHE G 134 -5.82 -72.91 -28.23
C PHE G 134 -4.33 -72.78 -28.02
N ILE G 135 -3.70 -71.81 -28.69
CA ILE G 135 -2.24 -71.67 -28.64
C ILE G 135 -1.79 -71.31 -27.23
N ARG G 136 -2.42 -70.30 -26.62
CA ARG G 136 -2.00 -69.88 -25.28
C ARG G 136 -2.44 -70.86 -24.21
N ALA G 137 -3.56 -71.57 -24.41
CA ALA G 137 -3.95 -72.62 -23.48
C ALA G 137 -2.95 -73.77 -23.48
N ASN G 138 -2.49 -74.17 -24.66
CA ASN G 138 -1.53 -75.27 -24.80
C ASN G 138 -0.66 -75.02 -26.01
N PRO G 139 0.58 -74.55 -25.82
CA PRO G 139 1.46 -74.33 -26.98
C PRO G 139 1.94 -75.61 -27.63
N LYS G 140 2.10 -76.69 -26.86
CA LYS G 140 2.76 -77.91 -27.35
C LYS G 140 2.03 -78.53 -28.55
N ALA G 141 0.73 -78.76 -28.43
CA ALA G 141 -0.02 -79.47 -29.46
C ALA G 141 -0.57 -78.54 -30.53
N TRP G 142 -0.58 -77.23 -30.30
CA TRP G 142 -1.21 -76.29 -31.22
C TRP G 142 -0.25 -75.40 -31.97
N ALA G 143 0.94 -75.13 -31.44
CA ALA G 143 1.88 -74.24 -32.13
C ALA G 143 2.34 -74.77 -33.49
N PRO G 144 2.86 -76.04 -33.64
CA PRO G 144 3.39 -76.42 -34.96
C PRO G 144 2.35 -76.58 -36.06
N VAL G 145 1.26 -77.32 -35.76
CA VAL G 145 0.28 -77.66 -36.79
C VAL G 145 -0.44 -76.42 -37.32
N ILE G 146 -0.83 -75.50 -36.43
CA ILE G 146 -1.53 -74.29 -36.85
C ILE G 146 -0.61 -73.43 -37.70
N SER G 147 0.65 -73.31 -37.28
CA SER G 147 1.63 -72.54 -38.04
C SER G 147 1.85 -73.13 -39.43
N ALA G 148 1.96 -74.46 -39.52
CA ALA G 148 2.18 -75.13 -40.81
C ALA G 148 0.99 -74.94 -41.75
N TRP G 149 -0.22 -75.14 -41.23
CA TRP G 149 -1.43 -74.93 -42.04
C TRP G 149 -1.51 -73.50 -42.54
N SER G 150 -1.26 -72.56 -41.64
CA SER G 150 -1.29 -71.14 -41.96
C SER G 150 -0.27 -70.78 -43.04
N ILE G 151 1.01 -71.18 -42.86
CA ILE G 151 2.05 -70.77 -43.81
C ILE G 151 1.79 -71.42 -45.16
N ASP G 152 1.25 -72.64 -45.16
CA ASP G 152 0.91 -73.29 -46.41
C ASP G 152 -0.18 -72.51 -47.14
N LEU G 153 -1.20 -72.04 -46.42
CA LEU G 153 -2.25 -71.27 -47.10
C LEU G 153 -1.76 -69.88 -47.52
N MET G 154 -0.81 -69.28 -46.78
CA MET G 154 -0.18 -68.06 -47.28
C MET G 154 0.60 -68.32 -48.57
N GLY G 155 1.32 -69.44 -48.64
CA GLY G 155 1.96 -69.80 -49.90
C GLY G 155 0.95 -69.99 -51.02
N GLN G 156 -0.20 -70.59 -50.70
CA GLN G 156 -1.25 -70.78 -51.70
C GLN G 156 -1.77 -69.43 -52.20
N LEU G 157 -2.02 -68.49 -51.29
CA LEU G 157 -2.58 -67.21 -51.73
C LEU G 157 -1.53 -66.38 -52.46
N SER G 158 -0.26 -66.51 -52.07
CA SER G 158 0.81 -65.82 -52.78
C SER G 158 0.95 -66.34 -54.20
N SER G 159 0.91 -67.66 -54.38
CA SER G 159 0.97 -68.20 -55.72
C SER G 159 -0.29 -67.89 -56.53
N THR G 160 -1.45 -67.84 -55.87
CA THR G 160 -2.73 -67.70 -56.58
C THR G 160 -2.99 -66.28 -57.05
N TYR G 161 -2.62 -65.27 -56.25
CA TYR G 161 -2.96 -63.88 -56.52
C TYR G 161 -1.72 -63.03 -56.76
N SER G 162 -0.73 -63.59 -57.46
CA SER G 162 0.41 -62.84 -57.95
C SER G 162 0.67 -63.26 -59.38
N GLY G 163 0.67 -62.30 -60.29
CA GLY G 163 0.75 -62.57 -61.72
C GLY G 163 -0.61 -62.80 -62.35
N GLN G 164 -1.42 -63.66 -61.73
CA GLN G 164 -2.81 -63.78 -62.14
C GLN G 164 -3.56 -62.48 -61.91
N HIS G 165 -3.28 -61.80 -60.79
CA HIS G 165 -3.76 -60.44 -60.55
C HIS G 165 -2.62 -59.49 -60.89
N GLN G 166 -2.81 -58.69 -61.95
CA GLN G 166 -1.74 -57.81 -62.43
C GLN G 166 -1.53 -56.61 -61.52
N ARG G 167 -2.56 -56.15 -60.82
CA ARG G 167 -2.40 -55.01 -59.93
C ARG G 167 -1.61 -55.35 -58.65
N VAL G 168 -1.52 -56.63 -58.30
CA VAL G 168 -0.76 -57.04 -57.13
C VAL G 168 0.71 -56.79 -57.39
N PRO G 169 1.39 -55.98 -56.56
CA PRO G 169 2.83 -55.72 -56.77
C PRO G 169 3.65 -56.98 -56.55
N HIS G 170 4.44 -57.34 -57.56
CA HIS G 170 5.34 -58.48 -57.44
C HIS G 170 6.55 -58.13 -56.59
N ALA G 171 7.27 -59.15 -56.14
CA ALA G 171 8.50 -58.97 -55.36
C ALA G 171 9.66 -58.60 -56.28
N THR G 172 9.55 -57.42 -56.88
CA THR G 172 10.49 -56.90 -57.87
C THR G 172 10.84 -55.45 -57.54
N GLY G 173 11.17 -55.18 -56.28
CA GLY G 173 11.40 -53.84 -55.81
C GLY G 173 10.19 -53.17 -55.21
N ALA G 174 9.00 -53.76 -55.35
CA ALA G 174 7.79 -53.27 -54.72
C ALA G 174 7.51 -53.95 -53.38
N LEU G 175 8.56 -54.32 -52.66
CA LEU G 175 8.42 -55.02 -51.38
C LEU G 175 7.67 -54.17 -50.37
N ASN G 176 8.00 -52.87 -50.29
CA ASN G 176 7.29 -51.97 -49.38
C ASN G 176 5.81 -51.86 -49.77
N GLU G 177 5.53 -51.79 -51.08
CA GLU G 177 4.15 -51.86 -51.55
C GLU G 177 3.49 -53.19 -51.19
N LEU G 178 4.27 -54.28 -51.21
CA LEU G 178 3.75 -55.58 -50.79
C LEU G 178 3.35 -55.55 -49.32
N LEU G 179 4.18 -54.94 -48.47
CA LEU G 179 3.87 -54.88 -47.04
C LEU G 179 2.67 -53.98 -46.77
N GLN G 180 2.57 -52.86 -47.49
CA GLN G 180 1.44 -51.95 -47.27
C GLN G 180 0.12 -52.52 -47.79
N LEU G 181 0.11 -53.03 -49.02
CA LEU G 181 -1.14 -53.37 -49.68
C LEU G 181 -1.86 -54.56 -49.04
N TRP G 182 -1.10 -55.60 -48.66
CA TRP G 182 -1.69 -56.84 -48.16
C TRP G 182 -2.40 -56.66 -46.82
N MET G 183 -2.01 -55.68 -46.00
CA MET G 183 -2.79 -55.40 -44.79
C MET G 183 -4.15 -54.79 -45.10
N GLY G 184 -4.37 -54.30 -46.31
CA GLY G 184 -5.72 -53.96 -46.73
C GLY G 184 -6.66 -55.14 -46.64
N CYS G 185 -6.18 -56.34 -46.96
CA CYS G 185 -6.86 -57.59 -46.65
C CYS G 185 -6.58 -57.99 -45.20
N ARG G 186 -7.62 -57.98 -44.37
CA ARG G 186 -7.46 -58.22 -42.93
C ARG G 186 -6.96 -59.62 -42.61
N ALA G 187 -7.18 -60.60 -43.51
CA ALA G 187 -6.75 -61.97 -43.26
C ALA G 187 -5.25 -62.09 -43.12
N THR G 188 -4.49 -61.31 -43.91
CA THR G 188 -3.03 -61.42 -43.87
C THR G 188 -2.50 -60.93 -42.53
N ARG G 189 -2.95 -59.74 -42.11
CA ARG G 189 -2.59 -59.19 -40.81
C ARG G 189 -2.94 -60.18 -39.71
N THR G 190 -4.17 -60.71 -39.76
CA THR G 190 -4.63 -61.73 -38.82
C THR G 190 -3.65 -62.90 -38.74
N LEU G 191 -3.18 -63.37 -39.90
CA LEU G 191 -2.26 -64.51 -39.91
C LEU G 191 -0.91 -64.13 -39.34
N MET G 192 -0.44 -62.91 -39.60
CA MET G 192 0.81 -62.44 -38.98
C MET G 192 0.69 -62.31 -37.47
N ASP G 193 -0.48 -61.89 -36.97
CA ASP G 193 -0.72 -61.87 -35.53
C ASP G 193 -0.67 -63.29 -34.97
N ILE G 194 -1.29 -64.22 -35.69
CA ILE G 194 -1.26 -65.64 -35.34
C ILE G 194 0.18 -66.10 -35.26
N TYR G 195 1.01 -65.63 -36.20
CA TYR G 195 2.41 -66.00 -36.20
C TYR G 195 3.19 -65.38 -35.06
N VAL G 196 2.79 -64.18 -34.61
CA VAL G 196 3.42 -63.63 -33.41
C VAL G 196 3.16 -64.56 -32.23
N GLN G 197 1.90 -65.02 -32.09
CA GLN G 197 1.58 -65.97 -31.03
C GLN G 197 2.34 -67.29 -31.19
N CYS G 198 2.37 -67.84 -32.41
CA CYS G 198 3.03 -69.12 -32.68
C CYS G 198 4.53 -69.04 -32.43
N LEU G 199 5.16 -67.95 -32.87
CA LEU G 199 6.60 -67.80 -32.73
C LEU G 199 6.97 -67.54 -31.28
N SER G 200 6.13 -66.82 -30.54
CA SER G 200 6.36 -66.67 -29.10
C SER G 200 6.25 -68.02 -28.40
N ALA G 201 5.27 -68.84 -28.78
CA ALA G 201 5.14 -70.18 -28.20
C ALA G 201 6.36 -71.03 -28.52
N LEU G 202 6.84 -70.98 -29.76
CA LEU G 202 8.02 -71.74 -30.14
C LEU G 202 9.26 -71.25 -29.40
N ILE G 203 9.41 -69.94 -29.25
CA ILE G 203 10.50 -69.36 -28.48
C ILE G 203 10.46 -69.85 -27.04
N GLY G 204 9.25 -69.93 -26.47
CA GLY G 204 9.09 -70.53 -25.15
C GLY G 204 9.52 -71.99 -25.10
N SER G 205 9.15 -72.76 -26.12
CA SER G 205 9.45 -74.20 -26.09
C SER G 205 10.75 -74.57 -26.81
N CYS G 206 10.82 -74.32 -28.13
CA CYS G 206 11.97 -74.72 -28.94
C CYS G 206 11.97 -74.01 -30.28
N PRO G 207 12.60 -72.84 -30.41
CA PRO G 207 12.62 -72.13 -31.71
C PRO G 207 13.72 -72.59 -32.67
N ASP G 208 13.51 -73.76 -33.28
CA ASP G 208 14.50 -74.31 -34.20
C ASP G 208 13.95 -74.58 -35.59
N ALA G 209 12.80 -75.26 -35.70
CA ALA G 209 12.30 -75.73 -36.98
C ALA G 209 11.42 -74.73 -37.71
N CYS G 210 10.94 -73.69 -37.02
CA CYS G 210 10.06 -72.70 -37.66
C CYS G 210 10.78 -71.97 -38.79
N VAL G 211 12.03 -71.57 -38.56
CA VAL G 211 12.79 -70.86 -39.58
C VAL G 211 13.11 -71.79 -40.75
N ASP G 212 13.40 -73.06 -40.45
CA ASP G 212 13.66 -74.04 -41.50
C ASP G 212 12.44 -74.23 -42.39
N ALA G 213 11.26 -74.37 -41.77
CA ALA G 213 10.02 -74.49 -42.53
C ALA G 213 9.74 -73.23 -43.34
N LEU G 214 10.02 -72.06 -42.75
CA LEU G 214 9.81 -70.80 -43.44
C LEU G 214 10.69 -70.69 -44.69
N LEU G 215 11.96 -71.09 -44.57
CA LEU G 215 12.86 -71.03 -45.72
C LEU G 215 12.47 -72.08 -46.77
N ASP G 216 12.03 -73.27 -46.33
CA ASP G 216 11.60 -74.29 -47.27
C ASP G 216 10.39 -73.80 -48.08
N THR G 217 9.45 -73.13 -47.42
CA THR G 217 8.30 -72.58 -48.12
C THR G 217 8.71 -71.43 -49.03
N SER G 218 9.68 -70.62 -48.59
CA SER G 218 10.18 -69.53 -49.42
C SER G 218 10.80 -70.06 -50.71
N VAL G 219 11.56 -71.16 -50.61
CA VAL G 219 12.09 -71.80 -51.81
C VAL G 219 10.97 -72.35 -52.68
N GLN G 220 10.05 -73.11 -52.07
CA GLN G 220 8.95 -73.71 -52.83
C GLN G 220 8.02 -72.65 -53.41
N HIS G 221 7.52 -71.75 -52.56
CA HIS G 221 6.61 -70.70 -52.99
C HIS G 221 7.35 -69.42 -53.37
N SER G 222 8.36 -69.55 -54.21
CA SER G 222 9.13 -68.41 -54.67
C SER G 222 8.51 -67.82 -55.92
N PRO G 223 8.62 -66.50 -56.14
CA PRO G 223 9.13 -65.44 -55.27
C PRO G 223 8.03 -64.64 -54.56
N HIS G 224 6.78 -65.09 -54.68
CA HIS G 224 5.65 -64.27 -54.29
C HIS G 224 5.39 -64.28 -52.79
N PHE G 225 5.75 -65.35 -52.09
CA PHE G 225 5.44 -65.41 -50.66
C PHE G 225 6.56 -64.77 -49.83
N ASP G 226 7.74 -64.55 -50.44
CA ASP G 226 8.94 -64.19 -49.68
C ASP G 226 8.84 -62.84 -48.97
N TRP G 227 7.84 -62.01 -49.31
CA TRP G 227 7.62 -60.78 -48.56
C TRP G 227 7.27 -61.07 -47.10
N VAL G 228 6.58 -62.20 -46.83
CA VAL G 228 6.30 -62.61 -45.46
C VAL G 228 7.61 -62.87 -44.74
N VAL G 229 8.56 -63.52 -45.43
CA VAL G 229 9.86 -63.78 -44.84
C VAL G 229 10.59 -62.47 -44.59
N ALA G 230 10.39 -61.49 -45.48
CA ALA G 230 11.00 -60.17 -45.28
C ALA G 230 10.43 -59.48 -44.04
N HIS G 231 9.11 -59.52 -43.86
CA HIS G 231 8.49 -58.96 -42.66
C HIS G 231 8.95 -59.69 -41.40
N ILE G 232 9.07 -61.02 -41.49
CA ILE G 232 9.52 -61.82 -40.35
C ILE G 232 10.95 -61.42 -39.98
N GLY G 233 11.81 -61.27 -40.98
CA GLY G 233 13.15 -60.77 -40.73
C GLY G 233 13.17 -59.37 -40.17
N SER G 234 12.23 -58.53 -40.58
CA SER G 234 12.08 -57.23 -39.95
C SER G 234 11.80 -57.36 -38.45
N SER G 235 10.92 -58.29 -38.08
CA SER G 235 10.65 -58.51 -36.65
C SER G 235 11.87 -59.07 -35.92
N PHE G 236 12.54 -60.05 -36.51
CA PHE G 236 13.71 -60.71 -35.91
C PHE G 236 14.88 -60.61 -36.88
N PRO G 237 15.72 -59.57 -36.76
CA PRO G 237 16.77 -59.39 -37.76
C PRO G 237 17.87 -60.44 -37.71
N GLY G 238 18.37 -60.80 -36.53
CA GLY G 238 19.55 -61.62 -36.40
C GLY G 238 19.47 -63.01 -37.01
N THR G 239 18.60 -63.86 -36.43
CA THR G 239 18.49 -65.25 -36.86
C THR G 239 18.06 -65.33 -38.32
N ILE G 240 17.09 -64.50 -38.70
CA ILE G 240 16.52 -64.60 -40.05
C ILE G 240 17.54 -64.14 -41.09
N ILE G 241 18.27 -63.05 -40.83
CA ILE G 241 19.28 -62.61 -41.78
C ILE G 241 20.42 -63.63 -41.84
N SER G 242 20.74 -64.28 -40.72
CA SER G 242 21.77 -65.32 -40.73
C SER G 242 21.35 -66.49 -41.62
N ARG G 243 20.10 -66.94 -41.48
CA ARG G 243 19.63 -68.04 -42.32
C ARG G 243 19.47 -67.63 -43.78
N VAL G 244 19.11 -66.37 -44.03
CA VAL G 244 19.07 -65.87 -45.40
C VAL G 244 20.46 -65.90 -46.02
N LEU G 245 21.47 -65.47 -45.26
CA LEU G 245 22.86 -65.54 -45.73
C LEU G 245 23.27 -66.98 -45.99
N SER G 246 22.88 -67.89 -45.09
CA SER G 246 23.22 -69.31 -45.26
C SER G 246 22.62 -69.89 -46.54
N CYS G 247 21.31 -69.68 -46.73
CA CYS G 247 20.64 -70.26 -47.90
C CYS G 247 21.14 -69.60 -49.19
N GLY G 248 21.43 -68.30 -49.15
CA GLY G 248 22.02 -67.63 -50.29
C GLY G 248 23.39 -68.19 -50.64
N LEU G 249 24.19 -68.50 -49.61
CA LEU G 249 25.50 -69.09 -49.86
C LEU G 249 25.37 -70.48 -50.46
N LYS G 250 24.40 -71.27 -49.97
CA LYS G 250 24.12 -72.57 -50.60
C LYS G 250 23.73 -72.40 -52.06
N ASP G 251 22.86 -71.44 -52.35
CA ASP G 251 22.38 -71.21 -53.71
C ASP G 251 23.52 -70.82 -54.63
N PHE G 252 24.38 -69.90 -54.17
CA PHE G 252 25.53 -69.47 -54.96
C PHE G 252 26.52 -70.61 -55.18
N CYS G 253 26.78 -71.39 -54.12
CA CYS G 253 27.73 -72.49 -54.23
C CYS G 253 27.25 -73.57 -55.19
N VAL G 254 25.95 -73.90 -55.14
CA VAL G 254 25.40 -74.91 -56.04
C VAL G 254 25.36 -74.38 -57.46
N HIS G 255 24.97 -73.12 -57.64
CA HIS G 255 24.92 -72.52 -58.96
C HIS G 255 26.32 -72.33 -59.55
N GLY G 256 27.30 -72.03 -58.72
CA GLY G 256 28.66 -71.85 -59.20
C GLY G 256 29.75 -72.12 -58.18
N LYS G 292 16.56 -67.02 -59.35
CA LYS G 292 17.08 -65.84 -58.66
C LYS G 292 16.44 -65.68 -57.29
N ILE G 293 16.17 -66.81 -56.64
CA ILE G 293 15.58 -66.79 -55.30
C ILE G 293 16.54 -66.15 -54.30
N ALA G 294 17.84 -66.41 -54.46
CA ALA G 294 18.84 -65.80 -53.60
C ALA G 294 18.85 -64.28 -53.75
N SER G 295 18.64 -63.79 -54.98
CA SER G 295 18.56 -62.35 -55.21
C SER G 295 17.37 -61.73 -54.45
N VAL G 296 16.22 -62.40 -54.50
CA VAL G 296 15.04 -61.91 -53.78
C VAL G 296 15.28 -61.96 -52.28
N VAL G 297 15.95 -63.01 -51.79
CA VAL G 297 16.26 -63.12 -50.37
C VAL G 297 17.19 -62.00 -49.95
N GLY G 298 18.21 -61.70 -50.76
CA GLY G 298 19.10 -60.61 -50.45
C GLY G 298 18.41 -59.25 -50.46
N ILE G 299 17.51 -59.04 -51.42
CA ILE G 299 16.75 -57.79 -51.48
C ILE G 299 15.87 -57.63 -50.24
N LEU G 300 15.21 -58.73 -49.84
CA LEU G 300 14.39 -58.71 -48.63
C LEU G 300 15.22 -58.42 -47.39
N GLY G 301 16.39 -59.05 -47.29
CA GLY G 301 17.28 -58.80 -46.17
C GLY G 301 17.76 -57.36 -46.12
N HIS G 302 18.11 -56.80 -47.29
CA HIS G 302 18.55 -55.41 -47.36
C HIS G 302 17.45 -54.45 -46.93
N LEU G 303 16.22 -54.72 -47.38
CA LEU G 303 15.07 -53.92 -46.96
C LEU G 303 14.84 -54.01 -45.46
N ALA G 304 14.95 -55.21 -44.89
CA ALA G 304 14.72 -55.38 -43.46
C ALA G 304 15.89 -54.89 -42.61
N SER G 305 17.13 -55.12 -43.04
CA SER G 305 18.27 -54.85 -42.18
C SER G 305 18.56 -53.36 -42.04
N ARG G 306 17.99 -52.74 -41.02
CA ARG G 306 18.27 -51.36 -40.67
C ARG G 306 19.31 -51.40 -39.54
N HIS G 307 20.58 -51.18 -39.93
CA HIS G 307 21.74 -51.27 -39.03
C HIS G 307 21.84 -52.64 -38.39
N GLY G 308 21.62 -53.68 -39.19
CA GLY G 308 21.67 -55.05 -38.73
C GLY G 308 22.47 -55.93 -39.67
N ASP G 309 23.39 -55.32 -40.41
CA ASP G 309 24.26 -56.02 -41.34
C ASP G 309 25.54 -56.52 -40.69
N SER G 310 25.72 -56.29 -39.38
CA SER G 310 26.91 -56.78 -38.68
C SER G 310 27.00 -58.30 -38.71
N ILE G 311 25.86 -58.99 -38.78
CA ILE G 311 25.85 -60.44 -38.95
C ILE G 311 26.53 -60.83 -40.26
N ARG G 312 26.29 -60.06 -41.33
CA ARG G 312 26.96 -60.32 -42.60
C ARG G 312 28.47 -60.15 -42.48
N ARG G 313 28.92 -59.12 -41.76
CA ARG G 313 30.34 -58.91 -41.55
C ARG G 313 30.96 -60.06 -40.76
N GLU G 314 30.25 -60.52 -39.72
CA GLU G 314 30.73 -61.65 -38.92
C GLU G 314 30.81 -62.92 -39.76
N LEU G 315 29.80 -63.16 -40.61
CA LEU G 315 29.82 -64.32 -41.49
C LEU G 315 30.98 -64.24 -42.47
N LEU G 316 31.23 -63.06 -43.03
CA LEU G 316 32.35 -62.87 -43.94
C LEU G 316 33.68 -63.13 -43.23
N ARG G 317 33.84 -62.62 -42.01
CA ARG G 317 35.06 -62.86 -41.24
C ARG G 317 35.25 -64.34 -40.94
N MET G 318 34.16 -65.03 -40.59
CA MET G 318 34.24 -66.47 -40.32
C MET G 318 34.60 -67.26 -41.57
N PHE G 319 34.03 -66.87 -42.72
CA PHE G 319 34.34 -67.55 -43.96
C PHE G 319 35.78 -67.29 -44.40
N HIS G 320 36.30 -66.10 -44.11
CA HIS G 320 37.70 -65.81 -44.42
C HIS G 320 38.64 -66.55 -43.47
N ASP G 321 38.21 -66.76 -42.23
CA ASP G 321 39.04 -67.47 -41.25
C ASP G 321 39.29 -68.91 -41.68
N SER G 322 38.27 -69.59 -42.21
CA SER G 322 38.42 -70.98 -42.64
C SER G 322 37.64 -71.26 -43.92
N VAL G 340 31.53 -68.38 -50.66
CA VAL G 340 32.19 -67.35 -49.88
C VAL G 340 31.99 -65.92 -50.49
N PRO G 341 32.26 -65.69 -51.79
CA PRO G 341 31.96 -64.37 -52.35
C PRO G 341 30.49 -64.15 -52.69
N PHE G 342 29.58 -65.00 -52.21
CA PHE G 342 28.15 -64.78 -52.40
C PHE G 342 27.70 -63.46 -51.79
N LEU G 343 28.30 -63.05 -50.66
CA LEU G 343 27.99 -61.75 -50.09
C LEU G 343 28.38 -60.62 -51.03
N LEU G 344 29.52 -60.76 -51.72
CA LEU G 344 29.95 -59.77 -52.70
C LEU G 344 28.93 -59.63 -53.83
N GLN G 345 28.47 -60.77 -54.36
CA GLN G 345 27.48 -60.74 -55.43
C GLN G 345 26.15 -60.15 -54.94
N LEU G 346 25.76 -60.49 -53.70
CA LEU G 346 24.54 -59.94 -53.14
C LEU G 346 24.62 -58.43 -52.98
N ALA G 347 25.77 -57.93 -52.49
CA ALA G 347 25.97 -56.49 -52.38
C ALA G 347 25.97 -55.83 -53.76
N VAL G 348 26.53 -56.51 -54.77
CA VAL G 348 26.49 -55.99 -56.13
C VAL G 348 25.06 -55.86 -56.63
N MET G 349 24.23 -56.88 -56.39
CA MET G 349 22.84 -56.80 -56.83
C MET G 349 21.97 -55.94 -55.92
N SER G 350 22.40 -55.69 -54.69
CA SER G 350 21.62 -54.95 -53.70
C SER G 350 22.44 -53.76 -53.22
N PRO G 351 22.36 -52.61 -53.91
CA PRO G 351 23.09 -51.42 -53.46
C PRO G 351 22.72 -50.97 -52.05
N ALA G 352 21.45 -51.11 -51.66
CA ALA G 352 21.04 -50.77 -50.30
C ALA G 352 21.77 -51.63 -49.28
N LEU G 353 21.92 -52.93 -49.56
CA LEU G 353 22.75 -53.79 -48.72
C LEU G 353 24.20 -53.32 -48.70
N LEU G 354 24.67 -52.72 -49.77
CA LEU G 354 26.01 -52.17 -49.84
C LEU G 354 26.09 -50.75 -49.32
N GLY G 355 24.96 -50.16 -48.90
CA GLY G 355 25.00 -48.83 -48.32
C GLY G 355 25.85 -48.75 -47.07
N THR G 356 25.80 -49.80 -46.24
CA THR G 356 26.65 -49.90 -45.06
C THR G 356 27.98 -50.59 -45.35
N VAL G 357 28.22 -51.01 -46.59
CA VAL G 357 29.49 -51.65 -46.93
C VAL G 357 30.64 -50.65 -46.81
N SER G 358 30.41 -49.40 -47.22
CA SER G 358 31.43 -48.36 -47.10
C SER G 358 31.80 -48.11 -45.64
N GLY G 359 30.80 -48.03 -44.77
CA GLY G 359 31.08 -47.93 -43.35
C GLY G 359 31.82 -49.15 -42.83
N GLU G 360 31.39 -50.34 -43.28
CA GLU G 360 32.12 -51.56 -42.95
C GLU G 360 33.50 -51.56 -43.59
N LEU G 361 33.64 -50.99 -44.80
CA LEU G 361 34.93 -50.92 -45.47
C LEU G 361 35.93 -50.08 -44.68
N VAL G 362 35.45 -48.97 -44.09
CA VAL G 362 36.27 -48.21 -43.16
C VAL G 362 36.62 -49.07 -41.94
N ASP G 363 35.63 -49.78 -41.40
CA ASP G 363 35.89 -50.76 -40.36
C ASP G 363 36.72 -51.94 -40.86
N CYS G 364 36.76 -52.18 -42.16
CA CYS G 364 37.58 -53.22 -42.78
C CYS G 364 38.86 -52.65 -43.38
N LEU G 365 39.49 -51.70 -42.69
CA LEU G 365 40.79 -51.18 -43.09
C LEU G 365 41.94 -51.73 -42.24
N LYS G 366 41.73 -51.87 -40.94
CA LYS G 366 42.69 -52.54 -40.05
C LYS G 366 42.64 -54.07 -40.16
N PRO G 367 41.47 -54.74 -40.09
CA PRO G 367 41.41 -56.22 -40.31
C PRO G 367 42.27 -56.73 -41.48
N PRO G 368 42.16 -56.18 -42.73
CA PRO G 368 43.04 -56.67 -43.82
C PRO G 368 44.53 -56.71 -43.51
N ALA G 369 45.09 -55.69 -42.84
CA ALA G 369 46.49 -55.65 -42.40
C ALA G 369 47.02 -56.96 -41.80
N VAL G 370 46.13 -57.80 -41.28
CA VAL G 370 46.48 -59.12 -40.76
C VAL G 370 45.72 -60.17 -41.58
N LEU G 371 44.57 -59.77 -42.15
CA LEU G 371 43.73 -60.69 -42.91
C LEU G 371 44.07 -60.73 -44.39
N SER G 372 45.07 -59.95 -44.85
CA SER G 372 45.50 -60.04 -46.24
C SER G 372 46.04 -61.43 -46.56
N GLN G 373 46.79 -62.02 -45.62
CA GLN G 373 47.22 -63.40 -45.79
C GLN G 373 46.03 -64.34 -45.85
N LEU G 374 45.04 -64.13 -45.00
CA LEU G 374 43.81 -64.93 -45.05
C LEU G 374 43.07 -64.70 -46.36
N GLN G 375 43.01 -63.46 -46.83
CA GLN G 375 42.34 -63.15 -48.09
C GLN G 375 43.02 -63.85 -49.26
N GLN G 376 44.36 -63.84 -49.30
CA GLN G 376 45.10 -64.54 -50.33
C GLN G 376 44.93 -66.05 -50.22
N HIS G 377 44.84 -66.56 -48.99
CA HIS G 377 44.62 -67.99 -48.78
C HIS G 377 43.27 -68.43 -49.35
N LEU G 378 42.23 -67.62 -49.13
CA LEU G 378 40.93 -67.90 -49.72
C LEU G 378 40.87 -67.53 -51.20
N GLN G 379 41.91 -66.88 -51.73
CA GLN G 379 41.96 -66.46 -53.13
C GLN G 379 42.59 -67.52 -54.03
N GLY G 380 42.50 -68.79 -53.67
CA GLY G 380 43.02 -69.86 -54.50
C GLY G 380 42.13 -70.28 -55.65
N PHE G 381 41.07 -69.53 -55.91
CA PHE G 381 40.13 -69.82 -56.97
C PHE G 381 40.82 -69.61 -58.33
N PRO G 382 40.27 -70.19 -59.42
CA PRO G 382 40.93 -70.06 -60.73
C PRO G 382 40.95 -68.62 -61.23
N ARG G 383 41.70 -68.43 -62.32
CA ARG G 383 41.90 -67.10 -62.89
C ARG G 383 40.60 -66.50 -63.39
N GLU G 384 39.75 -67.31 -64.03
CA GLU G 384 38.46 -66.81 -64.53
C GLU G 384 37.57 -66.33 -63.39
N GLU G 385 37.48 -67.13 -62.32
CA GLU G 385 36.69 -66.74 -61.16
C GLU G 385 37.26 -65.48 -60.50
N LEU G 386 38.58 -65.38 -60.43
CA LEU G 386 39.21 -64.20 -59.85
C LEU G 386 38.91 -62.95 -60.68
N ASP G 387 38.96 -63.08 -62.01
CA ASP G 387 38.65 -61.95 -62.88
C ASP G 387 37.19 -61.54 -62.76
N ASN G 388 36.28 -62.53 -62.68
CA ASN G 388 34.87 -62.22 -62.47
C ASN G 388 34.65 -61.51 -61.14
N MET G 389 35.35 -61.97 -60.08
CA MET G 389 35.26 -61.33 -58.78
C MET G 389 35.78 -59.90 -58.85
N LEU G 390 36.88 -59.68 -59.58
CA LEU G 390 37.42 -58.33 -59.73
C LEU G 390 36.45 -57.41 -60.45
N ASN G 391 35.81 -57.91 -61.52
CA ASN G 391 34.82 -57.12 -62.24
C ASN G 391 33.65 -56.76 -61.35
N LEU G 392 33.15 -57.73 -60.57
CA LEU G 392 32.06 -57.46 -59.65
C LEU G 392 32.49 -56.45 -58.59
N ALA G 393 33.72 -56.57 -58.09
CA ALA G 393 34.21 -55.66 -57.06
C ALA G 393 34.34 -54.23 -57.57
N VAL G 394 34.90 -54.05 -58.77
CA VAL G 394 35.06 -52.71 -59.31
C VAL G 394 33.69 -52.10 -59.60
N HIS G 395 32.75 -52.90 -60.13
CA HIS G 395 31.40 -52.40 -60.37
C HIS G 395 30.74 -51.97 -59.06
N LEU G 396 30.90 -52.79 -58.01
CA LEU G 396 30.28 -52.51 -56.72
C LEU G 396 30.86 -51.24 -56.11
N VAL G 397 32.19 -51.12 -56.08
CA VAL G 397 32.81 -49.94 -55.49
C VAL G 397 32.48 -48.68 -56.29
N SER G 398 32.39 -48.79 -57.62
CA SER G 398 32.00 -47.63 -58.43
C SER G 398 30.56 -47.22 -58.15
N GLN G 399 29.64 -48.19 -58.08
CA GLN G 399 28.22 -47.91 -58.02
C GLN G 399 27.65 -47.84 -56.61
N ALA G 400 28.47 -47.99 -55.57
CA ALA G 400 27.90 -48.02 -54.23
C ALA G 400 28.53 -47.04 -53.25
N SER G 401 29.84 -46.78 -53.40
CA SER G 401 30.61 -46.01 -52.43
C SER G 401 30.10 -44.57 -52.32
N GLY G 402 29.54 -44.22 -51.16
CA GLY G 402 28.88 -42.93 -51.02
C GLY G 402 29.44 -41.94 -50.02
N ALA G 403 29.97 -42.43 -48.89
CA ALA G 403 30.39 -41.54 -47.81
C ALA G 403 31.88 -41.62 -47.53
N GLY G 404 32.41 -42.80 -47.22
CA GLY G 404 33.79 -42.94 -46.80
C GLY G 404 34.70 -43.40 -47.91
N ALA G 405 34.29 -43.14 -49.16
CA ALA G 405 35.03 -43.65 -50.31
C ALA G 405 36.43 -43.07 -50.40
N TYR G 406 36.64 -41.84 -49.90
CA TYR G 406 37.97 -41.26 -49.92
C TYR G 406 38.93 -42.05 -49.04
N ARG G 407 38.50 -42.45 -47.85
CA ARG G 407 39.32 -43.28 -46.97
C ARG G 407 39.62 -44.63 -47.62
N LEU G 408 38.62 -45.19 -48.29
CA LEU G 408 38.80 -46.45 -49.01
C LEU G 408 39.87 -46.31 -50.08
N LEU G 409 39.77 -45.25 -50.89
CA LEU G 409 40.75 -44.99 -51.93
C LEU G 409 42.14 -44.76 -51.32
N GLN G 410 42.20 -44.03 -50.20
CA GLN G 410 43.47 -43.74 -49.54
C GLN G 410 44.17 -45.01 -49.11
N PHE G 411 43.46 -45.89 -48.39
CA PHE G 411 44.12 -47.09 -47.89
C PHE G 411 44.41 -48.05 -49.03
N LEU G 412 43.57 -48.02 -50.07
CA LEU G 412 43.81 -48.84 -51.25
C LEU G 412 45.12 -48.43 -51.94
N VAL G 413 45.32 -47.13 -52.12
CA VAL G 413 46.55 -46.62 -52.72
C VAL G 413 47.74 -46.92 -51.81
N ASP G 414 47.55 -46.80 -50.50
CA ASP G 414 48.62 -47.11 -49.55
C ASP G 414 49.02 -48.58 -49.63
N THR G 415 48.04 -49.47 -49.83
CA THR G 415 48.34 -50.88 -49.98
C THR G 415 48.90 -51.22 -51.35
N ALA G 416 48.71 -50.34 -52.33
CA ALA G 416 49.26 -50.60 -53.66
C ALA G 416 50.68 -50.05 -53.82
N MET G 417 50.88 -48.78 -53.45
CA MET G 417 52.14 -48.02 -53.63
C MET G 417 52.65 -48.02 -55.07
N PRO G 430 53.01 -58.95 -48.29
CA PRO G 430 52.53 -59.77 -49.40
C PRO G 430 52.48 -59.00 -50.72
N ASP G 431 53.49 -59.22 -51.57
CA ASP G 431 53.59 -58.51 -52.84
C ASP G 431 52.44 -58.82 -53.77
N THR G 432 51.91 -60.06 -53.70
CA THR G 432 50.76 -60.42 -54.53
C THR G 432 49.53 -59.57 -54.21
N VAL G 433 49.34 -59.22 -52.93
CA VAL G 433 48.25 -58.33 -52.55
C VAL G 433 48.44 -56.96 -53.19
N ARG G 434 49.67 -56.47 -53.22
CA ARG G 434 49.94 -55.15 -53.81
C ARG G 434 49.73 -55.18 -55.31
N GLU G 435 50.15 -56.26 -55.98
CA GLU G 435 49.91 -56.39 -57.42
C GLU G 435 48.42 -56.50 -57.72
N ALA G 436 47.68 -57.23 -56.87
CA ALA G 436 46.23 -57.32 -57.03
C ALA G 436 45.58 -55.95 -56.86
N CYS G 437 46.07 -55.17 -55.89
CA CYS G 437 45.57 -53.82 -55.69
C CYS G 437 45.86 -52.94 -56.90
N ASP G 438 47.06 -53.09 -57.48
CA ASP G 438 47.42 -52.34 -58.68
C ASP G 438 46.49 -52.67 -59.85
N ARG G 439 46.26 -53.97 -60.09
CA ARG G 439 45.37 -54.36 -61.19
C ARG G 439 43.93 -53.93 -60.94
N LEU G 440 43.46 -54.00 -59.68
CA LEU G 440 42.10 -53.56 -59.38
C LEU G 440 41.98 -52.06 -59.61
N ILE G 441 42.98 -51.28 -59.19
CA ILE G 441 42.96 -49.83 -59.38
C ILE G 441 42.93 -49.51 -60.88
N GLN G 442 43.73 -50.22 -61.67
CA GLN G 442 43.73 -50.00 -63.11
C GLN G 442 42.37 -50.30 -63.71
N LEU G 443 41.77 -51.44 -63.33
CA LEU G 443 40.46 -51.82 -63.85
C LEU G 443 39.39 -50.83 -63.41
N LEU G 444 39.50 -50.34 -62.16
CA LEU G 444 38.54 -49.35 -61.66
C LEU G 444 38.67 -48.04 -62.44
N LEU G 445 39.91 -47.64 -62.75
CA LEU G 445 40.11 -46.44 -63.54
C LEU G 445 39.50 -46.58 -64.93
N LEU G 446 39.70 -47.75 -65.57
CA LEU G 446 39.13 -47.98 -66.89
C LEU G 446 37.60 -48.01 -66.83
N HIS G 447 37.05 -48.66 -65.80
CA HIS G 447 35.60 -48.73 -65.65
C HIS G 447 35.00 -47.35 -65.41
N LEU G 448 35.65 -46.53 -64.59
CA LEU G 448 35.18 -45.17 -64.36
C LEU G 448 35.28 -44.35 -65.63
N GLN G 449 36.34 -44.58 -66.41
CA GLN G 449 36.51 -43.90 -67.69
C GLN G 449 35.37 -44.22 -68.64
N LYS G 450 35.02 -45.50 -68.75
CA LYS G 450 33.88 -45.88 -69.58
C LYS G 450 32.59 -45.31 -69.03
N LEU G 451 32.43 -45.31 -67.69
CA LEU G 451 31.21 -44.82 -67.08
C LEU G 451 30.98 -43.34 -67.35
N VAL G 452 32.05 -42.54 -67.30
CA VAL G 452 31.91 -41.10 -67.49
C VAL G 452 31.74 -40.77 -68.96
N HIS G 453 32.60 -41.34 -69.81
CA HIS G 453 32.56 -41.14 -71.25
C HIS G 453 31.79 -42.30 -71.86
N HIS G 454 30.51 -42.11 -72.14
CA HIS G 454 29.66 -43.03 -72.88
C HIS G 454 28.30 -42.39 -73.11
N ARG G 455 27.56 -42.96 -74.07
CA ARG G 455 26.17 -42.62 -74.36
C ARG G 455 26.04 -41.17 -74.81
N GLY G 456 26.65 -40.88 -75.97
CA GLY G 456 26.48 -39.59 -76.60
C GLY G 456 27.50 -39.30 -77.68
N PRO G 468 19.56 -38.55 -74.12
CA PRO G 468 20.92 -38.57 -73.55
C PRO G 468 20.98 -38.17 -72.08
N PRO G 469 20.47 -39.01 -71.17
CA PRO G 469 20.48 -38.66 -69.75
C PRO G 469 21.86 -38.82 -69.16
N PRO G 470 22.20 -38.05 -68.13
CA PRO G 470 23.47 -38.25 -67.43
C PRO G 470 23.46 -39.52 -66.61
N ARG G 471 24.66 -40.02 -66.34
CA ARG G 471 24.84 -41.24 -65.55
C ARG G 471 25.35 -40.85 -64.17
N LEU G 472 24.91 -41.60 -63.17
CA LEU G 472 25.25 -41.31 -61.78
C LEU G 472 26.32 -42.30 -61.34
N VAL G 473 27.44 -41.77 -60.82
CA VAL G 473 28.51 -42.55 -60.24
C VAL G 473 28.71 -42.11 -58.80
N PRO G 474 28.17 -42.87 -57.84
CA PRO G 474 28.28 -42.45 -56.43
C PRO G 474 29.70 -42.31 -55.91
N PHE G 475 30.65 -43.07 -56.47
CA PHE G 475 32.04 -42.95 -56.05
C PHE G 475 32.59 -41.55 -56.31
N LEU G 476 32.39 -41.06 -57.53
CA LEU G 476 32.83 -39.72 -57.88
C LEU G 476 32.02 -38.66 -57.16
N ASP G 477 30.72 -38.91 -56.97
CA ASP G 477 29.87 -38.01 -56.19
C ASP G 477 30.32 -37.94 -54.73
N ALA G 478 30.99 -38.98 -54.25
CA ALA G 478 31.62 -38.92 -52.94
C ALA G 478 32.95 -38.20 -52.99
N LEU G 479 33.68 -38.33 -54.09
CA LEU G 479 35.02 -37.77 -54.21
C LEU G 479 35.06 -36.28 -54.56
N LYS G 480 33.94 -35.67 -54.98
CA LYS G 480 33.98 -34.26 -55.38
C LYS G 480 34.40 -33.36 -54.22
N ASN G 481 33.87 -33.63 -53.02
CA ASN G 481 34.18 -32.79 -51.87
C ASN G 481 35.63 -32.91 -51.42
N HIS G 482 36.30 -34.00 -51.76
CA HIS G 482 37.68 -34.22 -51.37
C HIS G 482 38.66 -33.83 -52.48
N VAL G 483 38.26 -32.89 -53.33
CA VAL G 483 39.08 -32.50 -54.47
C VAL G 483 40.37 -31.82 -54.01
N GLY G 484 40.30 -31.01 -52.94
CA GLY G 484 41.49 -30.36 -52.43
C GLY G 484 42.50 -31.36 -51.89
N GLU G 485 42.02 -32.31 -51.09
CA GLU G 485 42.88 -33.35 -50.54
C GLU G 485 43.46 -34.22 -51.65
N LEU G 486 42.65 -34.53 -52.67
CA LEU G 486 43.13 -35.31 -53.80
C LEU G 486 44.21 -34.57 -54.57
N CYS G 487 44.04 -33.26 -54.74
CA CYS G 487 45.07 -32.45 -55.40
C CYS G 487 46.34 -32.40 -54.57
N GLY G 488 46.19 -32.29 -53.25
CA GLY G 488 47.36 -32.33 -52.39
C GLY G 488 48.11 -33.64 -52.42
N GLU G 489 47.37 -34.76 -52.49
CA GLU G 489 47.99 -36.07 -52.50
C GLU G 489 48.83 -36.32 -53.75
N THR G 490 48.27 -36.05 -54.93
CA THR G 490 49.03 -36.22 -56.17
C THR G 490 50.21 -35.26 -56.27
N LEU G 491 50.18 -34.14 -55.54
CA LEU G 491 51.26 -33.17 -55.56
C LEU G 491 52.51 -33.63 -54.81
N ARG G 492 52.40 -34.68 -53.99
CA ARG G 492 53.57 -35.21 -53.30
C ARG G 492 54.54 -35.93 -54.23
N LEU G 493 54.15 -36.22 -55.47
CA LEU G 493 55.02 -36.78 -56.51
C LEU G 493 55.64 -38.11 -56.10
N GLU G 494 54.79 -39.11 -55.92
CA GLU G 494 55.26 -40.47 -55.66
C GLU G 494 55.68 -41.12 -56.97
N ARG G 495 56.18 -42.35 -56.89
CA ARG G 495 56.68 -43.02 -58.08
C ARG G 495 55.55 -43.45 -59.00
N LYS G 496 54.44 -43.93 -58.43
CA LYS G 496 53.34 -44.48 -59.23
C LYS G 496 51.96 -44.03 -58.76
N ARG G 497 51.80 -43.55 -57.53
CA ARG G 497 50.49 -43.18 -57.02
C ARG G 497 49.96 -41.90 -57.66
N PHE G 498 50.85 -40.92 -57.87
CA PHE G 498 50.41 -39.62 -58.38
C PHE G 498 49.80 -39.73 -59.78
N LEU G 499 50.24 -40.71 -60.58
CA LEU G 499 49.63 -40.90 -61.89
C LEU G 499 48.17 -41.32 -61.77
N TRP G 500 47.90 -42.29 -60.88
CA TRP G 500 46.52 -42.72 -60.65
C TRP G 500 45.68 -41.59 -60.10
N GLN G 501 46.22 -40.83 -59.15
CA GLN G 501 45.45 -39.74 -58.55
C GLN G 501 45.20 -38.62 -59.56
N HIS G 502 46.17 -38.36 -60.43
CA HIS G 502 46.01 -37.36 -61.50
C HIS G 502 44.95 -37.79 -62.50
N GLN G 503 44.99 -39.06 -62.92
CA GLN G 503 43.99 -39.57 -63.85
C GLN G 503 42.61 -39.53 -63.23
N LEU G 504 42.51 -39.87 -61.94
CA LEU G 504 41.25 -39.78 -61.22
C LEU G 504 40.76 -38.34 -61.13
N LEU G 505 41.67 -37.39 -60.93
CA LEU G 505 41.30 -35.98 -60.94
C LEU G 505 40.73 -35.57 -62.29
N GLY G 506 41.37 -36.01 -63.37
CA GLY G 506 40.86 -35.71 -64.70
C GLY G 506 39.48 -36.28 -64.93
N LEU G 507 39.28 -37.55 -64.53
CA LEU G 507 37.98 -38.19 -64.68
C LEU G 507 36.92 -37.48 -63.84
N LEU G 508 37.28 -37.10 -62.61
CA LEU G 508 36.33 -36.42 -61.73
C LEU G 508 35.94 -35.06 -62.30
N SER G 509 36.90 -34.33 -62.85
CA SER G 509 36.60 -33.04 -63.46
C SER G 509 35.70 -33.19 -64.68
N VAL G 510 35.91 -34.24 -65.48
CA VAL G 510 35.02 -34.43 -66.62
C VAL G 510 33.63 -34.84 -66.15
N TYR G 511 33.56 -35.66 -65.10
CA TYR G 511 32.29 -36.20 -64.64
C TYR G 511 31.37 -35.11 -64.09
N THR G 512 31.93 -34.20 -63.30
CA THR G 512 31.11 -33.21 -62.62
C THR G 512 30.56 -32.21 -63.62
N ARG G 513 29.24 -32.05 -63.59
CA ARG G 513 28.61 -31.12 -64.53
C ARG G 513 29.03 -29.69 -64.25
N PRO G 514 28.98 -29.14 -63.01
CA PRO G 514 29.73 -27.91 -62.77
C PRO G 514 31.17 -28.26 -62.52
N SER G 515 31.93 -28.40 -63.61
CA SER G 515 33.21 -29.10 -63.61
C SER G 515 34.16 -28.53 -62.57
N CYS G 516 34.75 -29.41 -61.79
CA CYS G 516 35.76 -29.02 -60.82
C CYS G 516 37.15 -28.90 -61.44
N GLY G 517 37.25 -28.97 -62.77
CA GLY G 517 38.50 -28.78 -63.45
C GLY G 517 39.14 -27.44 -63.19
N PRO G 518 38.39 -26.32 -63.31
CA PRO G 518 38.97 -25.04 -62.90
C PRO G 518 39.42 -25.02 -61.45
N GLU G 519 38.63 -25.62 -60.55
CA GLU G 519 38.99 -25.66 -59.14
C GLU G 519 40.25 -26.48 -58.91
N ALA G 520 40.34 -27.65 -59.57
CA ALA G 520 41.52 -28.50 -59.43
C ALA G 520 42.76 -27.82 -60.01
N LEU G 521 42.60 -27.15 -61.15
CA LEU G 521 43.70 -26.41 -61.75
C LEU G 521 44.16 -25.29 -60.84
N GLY G 522 43.20 -24.58 -60.23
CA GLY G 522 43.56 -23.54 -59.28
C GLY G 522 44.30 -24.07 -58.08
N HIS G 523 43.86 -25.22 -57.55
CA HIS G 523 44.55 -25.84 -56.42
C HIS G 523 45.97 -26.21 -56.78
N LEU G 524 46.15 -26.82 -57.96
CA LEU G 524 47.49 -27.21 -58.40
C LEU G 524 48.37 -25.99 -58.59
N LEU G 525 47.84 -24.92 -59.19
CA LEU G 525 48.63 -23.72 -59.40
C LEU G 525 49.01 -23.05 -58.09
N SER G 526 48.08 -23.01 -57.14
CA SER G 526 48.35 -22.35 -55.87
C SER G 526 49.17 -23.19 -54.91
N ARG G 527 49.34 -24.49 -55.18
CA ARG G 527 50.13 -25.34 -54.29
C ARG G 527 51.45 -25.84 -54.87
N ALA G 528 51.62 -25.86 -56.19
CA ALA G 528 52.85 -26.37 -56.78
C ALA G 528 54.03 -25.44 -56.49
N ARG G 529 55.20 -26.05 -56.32
CA ARG G 529 56.44 -25.31 -56.11
C ARG G 529 57.41 -25.50 -57.27
N SER G 530 57.78 -26.74 -57.58
CA SER G 530 58.76 -27.00 -58.62
C SER G 530 58.08 -27.06 -59.98
N PRO G 531 58.84 -26.88 -61.07
CA PRO G 531 58.26 -27.11 -62.40
C PRO G 531 57.75 -28.52 -62.61
N GLU G 532 58.29 -29.50 -61.88
CA GLU G 532 57.78 -30.87 -61.96
C GLU G 532 56.35 -30.94 -61.44
N GLU G 533 56.05 -30.19 -60.38
CA GLU G 533 54.69 -30.13 -59.87
C GLU G 533 53.79 -29.31 -60.78
N LEU G 534 54.31 -28.21 -61.33
CA LEU G 534 53.56 -27.42 -62.31
C LEU G 534 53.22 -28.25 -63.55
N SER G 535 54.06 -29.23 -63.86
CA SER G 535 53.77 -30.15 -64.96
C SER G 535 52.49 -30.95 -64.72
N LEU G 536 52.14 -31.20 -63.45
CA LEU G 536 50.87 -31.85 -63.15
C LEU G 536 49.71 -31.00 -63.65
N ALA G 537 49.75 -29.70 -63.37
CA ALA G 537 48.69 -28.81 -63.83
C ALA G 537 48.64 -28.74 -65.34
N THR G 538 49.81 -28.64 -65.99
CA THR G 538 49.83 -28.60 -67.46
C THR G 538 49.26 -29.89 -68.05
N GLN G 539 49.62 -31.04 -67.47
CA GLN G 539 49.11 -32.32 -67.95
C GLN G 539 47.61 -32.44 -67.73
N LEU G 540 47.12 -31.96 -66.59
CA LEU G 540 45.69 -31.97 -66.33
C LEU G 540 44.95 -31.12 -67.35
N TYR G 541 45.48 -29.92 -67.64
CA TYR G 541 44.84 -29.08 -68.65
C TYR G 541 44.86 -29.76 -70.02
N ALA G 542 45.98 -30.41 -70.35
CA ALA G 542 46.07 -31.12 -71.63
C ALA G 542 45.05 -32.24 -71.71
N GLY G 543 44.84 -32.94 -70.60
CA GLY G 543 43.87 -34.02 -70.58
C GLY G 543 42.44 -33.52 -70.61
N LEU G 544 42.19 -32.32 -70.10
CA LEU G 544 40.83 -31.80 -70.02
C LEU G 544 40.43 -30.95 -71.22
N VAL G 545 41.38 -30.31 -71.89
CA VAL G 545 41.05 -29.44 -73.01
C VAL G 545 40.44 -30.20 -74.18
N VAL G 546 40.71 -31.51 -74.30
CA VAL G 546 40.10 -32.30 -75.37
C VAL G 546 38.61 -32.52 -75.17
N SER G 547 38.09 -32.26 -73.98
CA SER G 547 36.68 -32.47 -73.69
C SER G 547 35.98 -31.24 -73.16
N LEU G 548 36.66 -30.43 -72.35
CA LEU G 548 36.07 -29.25 -71.73
C LEU G 548 36.59 -27.98 -72.38
N SER G 549 35.97 -26.86 -72.03
CA SER G 549 36.35 -25.57 -72.57
C SER G 549 36.22 -24.51 -71.49
N GLY G 550 37.02 -23.46 -71.62
CA GLY G 550 36.96 -22.36 -70.68
C GLY G 550 37.53 -22.64 -69.31
N LEU G 551 38.43 -23.62 -69.20
CA LEU G 551 38.98 -23.99 -67.89
C LEU G 551 39.79 -22.86 -67.27
N LEU G 552 40.62 -22.20 -68.07
CA LEU G 552 41.59 -21.27 -67.51
C LEU G 552 40.97 -19.94 -67.07
N PRO G 553 40.06 -19.31 -67.83
CA PRO G 553 39.39 -18.12 -67.27
C PRO G 553 38.67 -18.39 -65.97
N LEU G 554 38.00 -19.55 -65.86
CA LEU G 554 37.30 -19.89 -64.63
C LEU G 554 38.26 -20.16 -63.49
N ALA G 555 39.35 -20.87 -63.77
CA ALA G 555 40.35 -21.14 -62.75
C ALA G 555 40.98 -19.85 -62.22
N PHE G 556 41.34 -18.94 -63.14
CA PHE G 556 41.94 -17.68 -62.72
C PHE G 556 40.96 -16.82 -61.95
N ARG G 557 39.70 -16.78 -62.40
CA ARG G 557 38.69 -15.98 -61.70
C ARG G 557 38.45 -16.52 -60.30
N SER G 558 38.36 -17.84 -60.15
CA SER G 558 38.16 -18.43 -58.83
C SER G 558 39.35 -18.17 -57.93
N CYS G 559 40.57 -18.34 -58.45
CA CYS G 559 41.76 -18.11 -57.63
C CYS G 559 41.87 -16.66 -57.20
N LEU G 560 41.59 -15.73 -58.11
CA LEU G 560 41.70 -14.32 -57.76
C LEU G 560 40.59 -13.89 -56.81
N ALA G 561 39.40 -14.46 -56.97
CA ALA G 561 38.33 -14.19 -56.01
C ALA G 561 38.72 -14.67 -54.63
N ARG G 562 39.33 -15.86 -54.55
CA ARG G 562 39.82 -16.34 -53.26
C ARG G 562 40.91 -15.44 -52.72
N VAL G 563 41.80 -14.93 -53.59
CA VAL G 563 42.89 -14.06 -53.18
C VAL G 563 42.36 -12.78 -52.57
N HIS G 564 41.44 -12.13 -53.26
CA HIS G 564 40.90 -10.86 -52.77
C HIS G 564 39.96 -11.03 -51.59
N ALA G 565 39.50 -12.24 -51.31
CA ALA G 565 38.90 -12.56 -50.02
C ALA G 565 40.00 -13.01 -49.07
N GLY G 566 39.63 -13.26 -47.80
CA GLY G 566 40.63 -13.66 -46.82
C GLY G 566 41.27 -15.01 -47.10
N THR G 567 40.61 -15.85 -47.91
CA THR G 567 41.10 -17.19 -48.18
C THR G 567 42.34 -17.13 -49.07
N LEU G 568 42.97 -18.29 -49.28
CA LEU G 568 44.21 -18.42 -50.05
C LEU G 568 45.29 -17.46 -49.54
N GLN G 569 45.76 -17.79 -48.34
CA GLN G 569 46.76 -17.05 -47.57
C GLN G 569 48.00 -16.71 -48.41
N PRO G 570 48.79 -15.71 -48.02
CA PRO G 570 49.88 -15.18 -48.91
C PRO G 570 50.87 -16.23 -49.39
N PRO G 571 51.22 -17.31 -48.60
CA PRO G 571 52.06 -18.38 -49.19
C PRO G 571 51.48 -18.93 -50.48
N PHE G 572 50.24 -19.40 -50.43
CA PHE G 572 49.62 -19.98 -51.61
C PHE G 572 49.30 -18.91 -52.65
N THR G 573 49.03 -17.68 -52.23
CA THR G 573 48.82 -16.60 -53.19
C THR G 573 50.08 -16.35 -54.02
N ALA G 574 51.22 -16.24 -53.35
CA ALA G 574 52.48 -16.04 -54.04
C ALA G 574 52.83 -17.24 -54.89
N ARG G 575 52.53 -18.45 -54.40
CA ARG G 575 52.74 -19.65 -55.20
C ARG G 575 51.91 -19.62 -56.47
N PHE G 576 50.65 -19.22 -56.36
CA PHE G 576 49.76 -19.18 -57.52
C PHE G 576 50.27 -18.16 -58.53
N LEU G 577 50.67 -16.98 -58.05
CA LEU G 577 51.17 -15.95 -58.95
C LEU G 577 52.48 -16.36 -59.61
N ARG G 578 53.39 -16.98 -58.85
CA ARG G 578 54.65 -17.45 -59.41
C ARG G 578 54.41 -18.50 -60.48
N ASN G 579 53.53 -19.46 -60.20
CA ASN G 579 53.25 -20.53 -61.15
C ASN G 579 52.59 -19.96 -62.40
N LEU G 580 51.70 -18.99 -62.23
CA LEU G 580 51.06 -18.37 -63.38
C LEU G 580 52.08 -17.61 -64.22
N ALA G 581 53.03 -16.92 -63.57
CA ALA G 581 54.09 -16.24 -64.28
C ALA G 581 54.95 -17.23 -65.05
N LEU G 582 55.22 -18.39 -64.42
CA LEU G 582 55.98 -19.45 -65.07
C LEU G 582 55.27 -19.92 -66.33
N LEU G 583 53.96 -20.14 -66.24
CA LEU G 583 53.20 -20.59 -67.41
C LEU G 583 53.19 -19.54 -68.51
N VAL G 584 52.99 -18.27 -68.14
CA VAL G 584 52.95 -17.21 -69.15
C VAL G 584 54.29 -17.08 -69.85
N GLY G 585 55.39 -17.10 -69.07
CA GLY G 585 56.71 -17.04 -69.67
C GLY G 585 57.02 -18.25 -70.53
N TRP G 586 56.57 -19.43 -70.09
CA TRP G 586 56.71 -20.64 -70.88
C TRP G 586 55.99 -20.51 -72.21
N GLU G 587 54.80 -19.93 -72.21
CA GLU G 587 54.06 -19.70 -73.44
C GLU G 587 54.80 -18.73 -74.36
N GLN G 588 55.24 -17.59 -73.82
CA GLN G 588 56.00 -16.63 -74.61
C GLN G 588 57.34 -17.21 -75.07
N GLN G 589 57.90 -18.13 -74.31
CA GLN G 589 59.03 -18.96 -74.73
C GLN G 589 58.53 -19.93 -75.79
N GLY G 590 58.44 -19.42 -77.01
CA GLY G 590 57.61 -20.05 -78.03
C GLY G 590 58.18 -21.32 -78.63
N GLY G 591 58.19 -22.39 -77.85
CA GLY G 591 58.56 -23.70 -78.34
C GLY G 591 57.38 -24.43 -78.95
N GLU G 592 57.61 -25.71 -79.25
CA GLU G 592 56.53 -26.56 -79.76
C GLU G 592 55.55 -26.96 -78.67
N GLY G 593 55.99 -26.97 -77.41
CA GLY G 593 55.15 -27.32 -76.30
C GLY G 593 53.93 -26.43 -76.10
N PRO G 594 54.14 -25.10 -75.97
CA PRO G 594 52.97 -24.20 -75.87
C PRO G 594 52.04 -24.27 -77.07
N ALA G 595 52.59 -24.43 -78.27
CA ALA G 595 51.76 -24.57 -79.47
C ALA G 595 50.91 -25.83 -79.40
N ALA G 596 51.52 -26.94 -78.95
CA ALA G 596 50.77 -28.19 -78.81
C ALA G 596 49.69 -28.06 -77.75
N LEU G 597 50.02 -27.42 -76.63
CA LEU G 597 49.06 -27.30 -75.53
C LEU G 597 47.88 -26.41 -75.90
N GLY G 598 48.17 -25.25 -76.51
CA GLY G 598 47.14 -24.31 -76.90
C GLY G 598 46.35 -23.80 -75.72
N ALA G 599 47.04 -23.42 -74.64
CA ALA G 599 46.38 -23.00 -73.41
C ALA G 599 46.01 -21.53 -73.40
N HIS G 600 46.86 -20.68 -73.99
CA HIS G 600 46.68 -19.21 -74.00
C HIS G 600 46.63 -18.66 -72.59
N PHE G 601 47.66 -18.99 -71.80
CA PHE G 601 47.75 -18.47 -70.43
C PHE G 601 47.82 -16.95 -70.44
N GLY G 602 48.66 -16.40 -71.31
CA GLY G 602 48.80 -14.96 -71.38
C GLY G 602 47.52 -14.26 -71.77
N GLU G 603 46.79 -14.84 -72.73
CA GLU G 603 45.50 -14.28 -73.14
C GLU G 603 44.51 -14.31 -72.00
N SER G 604 44.48 -15.41 -71.23
CA SER G 604 43.52 -15.54 -70.15
C SER G 604 43.88 -14.65 -68.97
N ALA G 605 45.17 -14.61 -68.61
CA ALA G 605 45.61 -13.73 -67.53
C ALA G 605 45.44 -12.27 -67.89
N SER G 606 45.47 -11.93 -69.18
CA SER G 606 45.28 -10.56 -69.62
C SER G 606 43.89 -10.04 -69.30
N ALA G 607 42.92 -10.92 -69.11
CA ALA G 607 41.57 -10.50 -68.76
C ALA G 607 41.45 -10.08 -67.31
N HIS G 608 42.41 -10.49 -66.47
CA HIS G 608 42.34 -10.26 -65.04
C HIS G 608 43.38 -9.25 -64.56
N LEU G 609 43.74 -8.27 -65.39
CA LEU G 609 44.74 -7.31 -64.98
C LEU G 609 44.22 -6.40 -63.87
N SER G 610 42.94 -6.05 -63.92
CA SER G 610 42.35 -5.25 -62.85
C SER G 610 42.37 -5.97 -61.53
N ASP G 611 42.27 -7.30 -61.55
CA ASP G 611 42.38 -8.10 -60.34
C ASP G 611 43.81 -8.36 -59.92
N LEU G 612 44.79 -8.01 -60.75
CA LEU G 612 46.18 -8.28 -60.46
C LEU G 612 46.96 -7.04 -60.03
N ALA G 613 46.61 -5.87 -60.57
CA ALA G 613 47.28 -4.64 -60.17
C ALA G 613 47.22 -4.35 -58.67
N PRO G 614 46.10 -4.51 -57.93
CA PRO G 614 46.14 -4.24 -56.49
C PRO G 614 47.11 -5.14 -55.73
N LEU G 615 47.41 -6.33 -56.25
CA LEU G 615 48.34 -7.22 -55.58
C LEU G 615 49.75 -6.67 -55.54
N LEU G 616 50.09 -5.73 -56.42
CA LEU G 616 51.39 -5.08 -56.34
C LEU G 616 51.57 -4.34 -55.03
N LEU G 617 50.48 -3.85 -54.46
CA LEU G 617 50.48 -3.12 -53.21
C LEU G 617 50.29 -4.02 -51.99
N HIS G 618 50.25 -5.33 -52.20
CA HIS G 618 50.01 -6.25 -51.10
C HIS G 618 51.10 -6.13 -50.04
N PRO G 619 50.74 -6.09 -48.76
CA PRO G 619 51.77 -5.90 -47.72
C PRO G 619 52.81 -7.01 -47.68
N GLU G 620 52.41 -8.25 -47.93
CA GLU G 620 53.35 -9.34 -47.97
C GLU G 620 54.23 -9.20 -49.22
N GLU G 621 55.53 -9.02 -49.01
CA GLU G 621 56.44 -8.71 -50.11
C GLU G 621 56.49 -9.84 -51.13
N GLU G 622 56.33 -11.09 -50.69
CA GLU G 622 56.33 -12.22 -51.62
C GLU G 622 55.19 -12.09 -52.63
N VAL G 623 54.00 -11.70 -52.16
CA VAL G 623 52.86 -11.52 -53.03
C VAL G 623 53.12 -10.38 -54.01
N ALA G 624 53.65 -9.27 -53.52
CA ALA G 624 53.90 -8.11 -54.36
C ALA G 624 54.92 -8.42 -55.45
N GLU G 625 56.01 -9.10 -55.09
CA GLU G 625 57.02 -9.41 -56.09
C GLU G 625 56.54 -10.47 -57.06
N ALA G 626 55.75 -11.44 -56.60
CA ALA G 626 55.17 -12.42 -57.50
C ALA G 626 54.23 -11.75 -58.50
N ALA G 627 53.43 -10.80 -58.01
CA ALA G 627 52.53 -10.05 -58.88
C ALA G 627 53.32 -9.23 -59.90
N ALA G 628 54.41 -8.61 -59.45
CA ALA G 628 55.25 -7.84 -60.37
C ALA G 628 55.87 -8.72 -61.44
N SER G 629 56.37 -9.89 -61.05
CA SER G 629 56.96 -10.81 -62.01
C SER G 629 55.92 -11.28 -63.03
N LEU G 630 54.69 -11.55 -62.56
CA LEU G 630 53.65 -11.95 -63.50
C LEU G 630 53.25 -10.80 -64.42
N LEU G 631 53.13 -9.59 -63.88
CA LEU G 631 52.63 -8.47 -64.68
C LEU G 631 53.67 -7.97 -65.66
N ALA G 632 54.95 -8.14 -65.34
CA ALA G 632 56.01 -7.73 -66.26
C ALA G 632 55.91 -8.47 -67.58
N ILE G 633 55.53 -9.74 -67.55
CA ILE G 633 55.49 -10.55 -68.76
C ILE G 633 54.08 -10.79 -69.28
N CYS G 634 53.05 -10.61 -68.46
CA CYS G 634 51.69 -10.88 -68.90
C CYS G 634 51.29 -9.91 -70.01
N PRO G 635 50.85 -10.41 -71.16
CA PRO G 635 50.44 -9.52 -72.23
C PRO G 635 49.22 -8.71 -71.84
N PHE G 636 49.15 -7.50 -72.34
CA PHE G 636 47.98 -6.69 -72.12
C PHE G 636 46.86 -7.18 -73.03
N PRO G 637 45.57 -6.80 -72.75
CA PRO G 637 44.45 -7.27 -73.59
C PRO G 637 44.63 -6.96 -75.06
N SER G 638 43.91 -7.72 -75.91
CA SER G 638 44.16 -7.72 -77.34
C SER G 638 44.02 -6.33 -77.94
N GLU G 639 42.96 -5.61 -77.61
CA GLU G 639 42.81 -4.30 -78.23
C GLU G 639 43.65 -3.27 -77.49
N ALA G 640 43.31 -2.99 -76.23
CA ALA G 640 43.98 -1.98 -75.41
C ALA G 640 43.46 -2.09 -73.99
N LEU G 641 43.88 -1.15 -73.14
CA LEU G 641 43.41 -1.01 -71.78
C LEU G 641 42.59 0.26 -71.66
N SER G 642 41.52 0.20 -70.87
CA SER G 642 40.75 1.38 -70.57
C SER G 642 41.59 2.35 -69.75
N PRO G 643 41.29 3.66 -69.81
CA PRO G 643 42.07 4.62 -69.01
C PRO G 643 42.03 4.34 -67.51
N SER G 644 40.93 3.81 -66.98
CA SER G 644 40.93 3.41 -65.57
C SER G 644 41.90 2.27 -65.34
N GLN G 645 41.88 1.26 -66.22
CA GLN G 645 42.80 0.14 -66.10
C GLN G 645 44.24 0.59 -66.26
N LEU G 646 44.49 1.43 -67.26
CA LEU G 646 45.83 1.93 -67.52
C LEU G 646 46.35 2.72 -66.33
N LEU G 647 45.50 3.59 -65.76
CA LEU G 647 45.95 4.40 -64.64
C LEU G 647 46.17 3.57 -63.40
N GLY G 648 45.28 2.62 -63.12
CA GLY G 648 45.48 1.74 -61.98
C GLY G 648 46.77 0.95 -62.10
N LEU G 649 47.03 0.41 -63.30
CA LEU G 649 48.26 -0.33 -63.54
C LEU G 649 49.48 0.56 -63.36
N VAL G 650 49.44 1.77 -63.92
CA VAL G 650 50.59 2.68 -63.82
C VAL G 650 50.84 3.08 -62.37
N ARG G 651 49.78 3.37 -61.62
CA ARG G 651 49.96 3.82 -60.25
C ARG G 651 50.50 2.69 -59.38
N ALA G 652 49.92 1.49 -59.52
CA ALA G 652 50.45 0.33 -58.80
C ALA G 652 51.89 0.05 -59.21
N GLY G 653 52.20 0.23 -60.49
CA GLY G 653 53.55 -0.02 -60.97
C GLY G 653 54.57 0.94 -60.38
N VAL G 654 54.25 2.23 -60.36
CA VAL G 654 55.22 3.19 -59.82
C VAL G 654 55.35 3.02 -58.31
N HIS G 655 54.24 2.71 -57.62
CA HIS G 655 54.35 2.42 -56.20
C HIS G 655 55.25 1.22 -55.96
N ARG G 656 55.09 0.17 -56.77
CA ARG G 656 55.92 -1.01 -56.64
C ARG G 656 57.37 -0.68 -56.94
N PHE G 657 57.61 0.17 -57.94
CA PHE G 657 58.95 0.57 -58.29
C PHE G 657 59.64 1.22 -57.11
N PHE G 658 59.00 2.22 -56.51
CA PHE G 658 59.63 2.92 -55.39
C PHE G 658 59.74 2.04 -54.16
N ALA G 659 58.71 1.24 -53.87
CA ALA G 659 58.74 0.38 -52.69
C ALA G 659 59.86 -0.65 -52.80
N SER G 660 59.99 -1.30 -53.96
CA SER G 660 61.01 -2.32 -54.12
C SER G 660 62.40 -1.71 -54.29
N LEU G 661 62.49 -0.49 -54.83
CA LEU G 661 63.77 0.21 -54.83
C LEU G 661 64.22 0.52 -53.42
N ARG G 662 63.29 0.96 -52.57
CA ARG G 662 63.63 1.21 -51.17
C ARG G 662 64.03 -0.07 -50.45
N LEU G 663 63.29 -1.15 -50.70
CA LEU G 663 63.52 -2.39 -49.97
C LEU G 663 64.75 -3.14 -50.45
N HIS G 664 64.78 -3.53 -51.72
CA HIS G 664 65.82 -4.41 -52.24
C HIS G 664 66.92 -3.68 -53.00
N GLY G 665 66.78 -2.38 -53.19
CA GLY G 665 67.73 -1.65 -54.00
C GLY G 665 67.50 -1.96 -55.47
N PRO G 666 68.48 -1.60 -56.31
CA PRO G 666 68.35 -1.80 -57.77
C PRO G 666 68.02 -3.21 -58.22
N PRO G 667 68.61 -4.29 -57.63
CA PRO G 667 68.30 -5.63 -58.18
C PRO G 667 66.84 -6.04 -58.12
N GLY G 668 66.08 -5.52 -57.17
CA GLY G 668 64.68 -5.85 -57.03
C GLY G 668 63.73 -4.92 -57.76
N VAL G 669 64.14 -4.41 -58.91
CA VAL G 669 63.39 -3.35 -59.60
C VAL G 669 63.12 -3.76 -61.04
N ALA G 670 63.67 -4.90 -61.47
CA ALA G 670 63.57 -5.30 -62.87
C ALA G 670 62.12 -5.54 -63.31
N SER G 671 61.32 -6.17 -62.46
CA SER G 671 59.95 -6.52 -62.84
C SER G 671 59.10 -5.26 -63.00
N ALA G 672 59.15 -4.37 -62.00
CA ALA G 672 58.42 -3.11 -62.08
C ALA G 672 58.90 -2.27 -63.25
N CYS G 673 60.21 -2.27 -63.50
CA CYS G 673 60.77 -1.53 -64.62
C CYS G 673 60.20 -2.02 -65.94
N GLN G 674 60.16 -3.35 -66.12
CA GLN G 674 59.64 -3.91 -67.36
C GLN G 674 58.15 -3.61 -67.52
N LEU G 675 57.39 -3.71 -66.43
CA LEU G 675 55.97 -3.41 -66.48
C LEU G 675 55.72 -1.96 -66.88
N LEU G 676 56.46 -1.04 -66.25
CA LEU G 676 56.27 0.38 -66.57
C LEU G 676 56.76 0.71 -67.97
N THR G 677 57.79 0.01 -68.46
CA THR G 677 58.24 0.22 -69.84
C THR G 677 57.16 -0.19 -70.82
N ARG G 678 56.54 -1.35 -70.60
CA ARG G 678 55.45 -1.78 -71.47
C ARG G 678 54.28 -0.82 -71.42
N LEU G 679 53.93 -0.35 -70.22
CA LEU G 679 52.83 0.60 -70.08
C LEU G 679 53.14 1.90 -70.81
N SER G 680 54.39 2.35 -70.76
CA SER G 680 54.79 3.52 -71.52
C SER G 680 54.65 3.28 -73.02
N GLN G 681 55.01 2.08 -73.47
CA GLN G 681 54.93 1.75 -74.88
C GLN G 681 53.50 1.56 -75.38
N THR G 682 52.53 1.36 -74.49
CA THR G 682 51.16 1.06 -74.92
C THR G 682 50.56 2.18 -75.75
N SER G 683 50.70 3.42 -75.30
CA SER G 683 50.07 4.56 -75.96
C SER G 683 50.72 5.82 -75.44
N PRO G 684 50.60 6.95 -76.15
CA PRO G 684 51.13 8.21 -75.62
C PRO G 684 50.51 8.62 -74.29
N ALA G 685 49.23 8.30 -74.09
CA ALA G 685 48.61 8.56 -72.79
C ALA G 685 49.30 7.75 -71.70
N GLY G 686 49.58 6.49 -71.98
CA GLY G 686 50.29 5.66 -71.03
C GLY G 686 51.69 6.19 -70.75
N LEU G 687 52.35 6.69 -71.80
CA LEU G 687 53.68 7.26 -71.66
C LEU G 687 53.66 8.48 -70.74
N LYS G 688 52.75 9.41 -71.00
CA LYS G 688 52.68 10.63 -70.19
C LYS G 688 52.33 10.29 -68.75
N ALA G 689 51.38 9.36 -68.56
CA ALA G 689 50.98 8.96 -67.22
C ALA G 689 52.15 8.36 -66.45
N VAL G 690 52.87 7.41 -67.07
CA VAL G 690 53.94 6.74 -66.35
C VAL G 690 55.07 7.71 -66.05
N LEU G 691 55.42 8.60 -66.99
CA LEU G 691 56.51 9.54 -66.75
C LEU G 691 56.16 10.51 -65.63
N GLN G 692 54.97 11.12 -65.71
CA GLN G 692 54.61 12.10 -64.70
C GLN G 692 54.47 11.46 -63.33
N LEU G 693 53.88 10.26 -63.26
CA LEU G 693 53.72 9.61 -61.97
C LEU G 693 55.06 9.17 -61.40
N LEU G 694 55.98 8.72 -62.27
CA LEU G 694 57.30 8.32 -61.81
C LEU G 694 58.06 9.48 -61.20
N VAL G 695 58.16 10.60 -61.94
CA VAL G 695 58.92 11.72 -61.39
C VAL G 695 58.21 12.36 -60.20
N GLU G 696 56.86 12.42 -60.21
CA GLU G 696 56.15 12.96 -59.07
C GLU G 696 56.38 12.13 -57.82
N GLY G 697 56.37 10.80 -57.96
CA GLY G 697 56.72 9.96 -56.82
C GLY G 697 58.16 10.12 -56.39
N ALA G 698 59.06 10.35 -57.35
CA ALA G 698 60.46 10.55 -57.01
C ALA G 698 60.67 11.84 -56.23
N LEU G 699 59.96 12.91 -56.59
CA LEU G 699 60.07 14.19 -55.90
C LEU G 699 59.16 14.32 -54.69
N HIS G 700 58.36 13.29 -54.38
CA HIS G 700 57.49 13.32 -53.23
C HIS G 700 58.34 13.27 -51.96
N ARG G 701 57.78 13.79 -50.85
CA ARG G 701 58.50 13.83 -49.57
C ARG G 701 59.00 12.44 -49.17
N GLY G 702 58.14 11.43 -49.25
CA GLY G 702 58.62 10.07 -49.30
C GLY G 702 59.24 9.81 -50.66
N ASN G 703 60.28 8.99 -50.69
CA ASN G 703 61.16 8.61 -51.81
C ASN G 703 62.21 9.67 -52.16
N THR G 704 62.19 10.86 -51.56
CA THR G 704 63.31 11.79 -51.79
C THR G 704 64.59 11.28 -51.16
N GLU G 705 64.51 10.70 -49.97
CA GLU G 705 65.69 10.15 -49.31
C GLU G 705 66.35 9.07 -50.16
N LEU G 706 65.57 8.39 -51.02
CA LEU G 706 66.14 7.40 -51.93
C LEU G 706 67.11 8.05 -52.91
N PHE G 707 66.86 9.30 -53.29
CA PHE G 707 67.61 9.98 -54.32
C PHE G 707 68.38 11.17 -53.75
N GLY G 708 68.83 11.06 -52.50
CA GLY G 708 69.63 12.11 -51.91
C GLY G 708 68.86 13.35 -51.52
N GLY G 709 67.54 13.27 -51.39
CA GLY G 709 66.77 14.43 -51.03
C GLY G 709 66.87 14.75 -49.55
N GLN G 710 66.39 15.94 -49.20
CA GLN G 710 66.49 16.47 -47.86
C GLN G 710 65.20 16.20 -47.09
N VAL G 711 65.36 15.72 -45.85
CA VAL G 711 64.32 15.35 -44.87
C VAL G 711 63.19 14.55 -45.55
N ALA G 728 55.43 14.42 -17.02
CA ALA G 728 55.95 14.91 -15.75
C ALA G 728 56.45 16.35 -15.89
N SER G 729 55.89 17.08 -16.86
CA SER G 729 56.29 18.48 -17.07
C SER G 729 56.01 19.33 -15.84
N LEU G 730 54.81 19.17 -15.27
CA LEU G 730 54.46 19.93 -14.08
C LEU G 730 55.19 19.41 -12.84
N LEU G 731 55.42 18.09 -12.77
CA LEU G 731 56.18 17.53 -11.66
C LEU G 731 57.61 18.07 -11.66
N ASP G 732 58.27 18.01 -12.82
CA ASP G 732 59.62 18.57 -12.95
C ASP G 732 59.62 20.06 -12.68
N THR G 733 58.62 20.79 -13.18
CA THR G 733 58.51 22.21 -12.92
C THR G 733 58.38 22.50 -11.43
N ASN G 734 57.64 21.66 -10.71
CA ASN G 734 57.54 21.81 -9.27
C ASN G 734 58.88 21.56 -8.59
N ARG G 735 59.65 20.59 -9.11
CA ARG G 735 60.99 20.38 -8.59
C ARG G 735 61.86 21.61 -8.79
N ARG G 736 61.80 22.23 -9.98
CA ARG G 736 62.59 23.41 -10.27
C ARG G 736 62.18 24.63 -9.44
N HIS G 737 61.00 24.59 -8.81
CA HIS G 737 60.54 25.72 -8.01
C HIS G 737 61.09 25.73 -6.60
N THR G 738 61.92 24.75 -6.23
CA THR G 738 62.62 24.81 -4.95
C THR G 738 63.47 26.05 -4.87
N ALA G 739 63.16 26.92 -3.91
CA ALA G 739 63.80 28.22 -3.81
C ALA G 739 65.23 28.06 -3.30
N ALA G 740 66.20 28.53 -4.11
CA ALA G 740 67.60 28.50 -3.70
C ALA G 740 67.82 29.37 -2.47
N VAL G 741 67.19 30.54 -2.43
CA VAL G 741 67.32 31.47 -1.31
C VAL G 741 65.95 31.53 -0.65
N PRO G 742 65.84 31.92 0.63
CA PRO G 742 64.50 31.96 1.26
C PRO G 742 63.53 32.94 0.62
N GLY G 743 64.01 33.94 -0.12
CA GLY G 743 63.14 34.86 -0.79
C GLY G 743 63.16 36.23 -0.14
N PRO G 744 62.63 37.25 -0.85
CA PRO G 744 62.64 38.62 -0.30
C PRO G 744 61.95 38.77 1.04
N GLY G 745 60.81 38.10 1.23
CA GLY G 745 60.06 38.21 2.47
C GLY G 745 59.51 36.89 2.94
N GLY G 746 60.26 35.81 2.71
CA GLY G 746 59.77 34.48 2.97
C GLY G 746 58.84 33.93 1.91
N ILE G 747 58.61 34.68 0.83
CA ILE G 747 57.72 34.31 -0.25
C ILE G 747 58.50 34.37 -1.55
N TRP G 748 58.43 33.30 -2.34
CA TRP G 748 59.22 33.13 -3.54
C TRP G 748 58.39 33.43 -4.78
N SER G 749 58.96 34.19 -5.70
CA SER G 749 58.37 34.47 -7.00
C SER G 749 59.31 33.94 -8.08
N VAL G 750 58.72 33.47 -9.18
CA VAL G 750 59.52 32.86 -10.23
C VAL G 750 60.26 33.96 -11.00
N PHE G 751 61.49 33.66 -11.42
CA PHE G 751 62.38 34.66 -11.99
C PHE G 751 61.87 35.21 -13.31
N HIS G 752 61.38 34.36 -14.20
CA HIS G 752 61.06 34.78 -15.55
C HIS G 752 59.64 35.30 -15.64
N ALA G 753 59.42 36.19 -16.60
CA ALA G 753 58.09 36.72 -16.86
C ALA G 753 57.23 35.78 -17.70
N GLY G 754 57.82 34.76 -18.29
CA GLY G 754 57.09 33.85 -19.14
C GLY G 754 58.05 33.04 -19.99
N VAL G 755 57.48 32.31 -20.93
CA VAL G 755 58.26 31.49 -21.86
C VAL G 755 57.88 31.89 -23.27
N ILE G 756 58.88 32.13 -24.10
CA ILE G 756 58.64 32.48 -25.49
C ILE G 756 58.34 31.21 -26.27
N GLY G 757 57.19 31.18 -26.94
CA GLY G 757 56.78 30.01 -27.69
C GLY G 757 56.57 28.80 -26.79
N ARG G 758 56.71 27.62 -27.37
CA ARG G 758 56.61 26.37 -26.62
C ARG G 758 57.98 25.92 -26.12
N GLY G 759 58.68 26.82 -25.45
CA GLY G 759 59.98 26.47 -24.89
C GLY G 759 61.06 26.33 -25.95
N LEU G 760 62.07 25.54 -25.62
CA LEU G 760 63.18 25.29 -26.54
C LEU G 760 62.70 24.53 -27.76
N LYS G 761 63.27 24.86 -28.90
CA LYS G 761 62.98 24.12 -30.12
C LYS G 761 63.76 22.81 -30.14
N PRO G 762 63.22 21.78 -30.80
CA PRO G 762 63.97 20.53 -30.93
C PRO G 762 65.20 20.74 -31.81
N PRO G 763 66.26 19.96 -31.59
CA PRO G 763 67.48 20.12 -32.42
C PRO G 763 67.26 19.87 -33.90
N LYS G 764 66.33 18.99 -34.28
CA LYS G 764 66.03 18.63 -35.67
C LYS G 764 67.27 18.04 -36.36
N PHE G 765 67.74 16.92 -35.81
CA PHE G 765 68.92 16.26 -36.32
C PHE G 765 68.69 15.74 -37.73
N VAL G 766 69.63 16.02 -38.63
CA VAL G 766 69.51 15.58 -40.01
C VAL G 766 70.05 14.16 -40.14
N GLN G 767 69.71 13.52 -41.26
CA GLN G 767 70.18 12.18 -41.55
C GLN G 767 70.52 12.11 -43.04
N SER G 768 71.62 11.43 -43.35
CA SER G 768 72.05 11.23 -44.73
C SER G 768 72.40 9.76 -44.93
N ARG G 769 71.90 9.19 -46.02
CA ARG G 769 72.16 7.80 -46.34
C ARG G 769 73.48 7.68 -47.08
N ASN G 770 73.81 6.47 -47.51
CA ASN G 770 75.00 6.24 -48.30
C ASN G 770 74.90 7.00 -49.61
N GLN G 771 76.02 7.58 -50.05
CA GLN G 771 76.02 8.29 -51.32
C GLN G 771 76.07 7.32 -52.50
N GLN G 772 76.66 6.15 -52.30
CA GLN G 772 76.72 5.16 -53.37
C GLN G 772 75.33 4.60 -53.68
N GLU G 773 74.58 4.25 -52.63
CA GLU G 773 73.23 3.77 -52.85
C GLU G 773 72.34 4.86 -53.46
N VAL G 774 72.57 6.13 -53.12
CA VAL G 774 71.86 7.22 -53.77
C VAL G 774 72.18 7.27 -55.25
N ILE G 775 73.47 7.13 -55.59
CA ILE G 775 73.90 7.14 -56.99
C ILE G 775 73.22 6.03 -57.76
N TYR G 776 73.15 4.83 -57.20
CA TYR G 776 72.60 3.73 -57.98
C TYR G 776 71.07 3.67 -57.96
N ASN G 777 70.44 4.24 -56.93
CA ASN G 777 68.99 4.47 -57.01
C ASN G 777 68.66 5.45 -58.12
N THR G 778 69.44 6.54 -58.20
CA THR G 778 69.28 7.47 -59.31
C THR G 778 69.54 6.79 -60.63
N GLN G 779 70.51 5.88 -60.67
CA GLN G 779 70.79 5.14 -61.90
C GLN G 779 69.62 4.27 -62.32
N SER G 780 69.00 3.56 -61.37
CA SER G 780 67.85 2.72 -61.69
C SER G 780 66.69 3.57 -62.21
N LEU G 781 66.41 4.69 -61.52
CA LEU G 781 65.33 5.57 -61.94
C LEU G 781 65.61 6.16 -63.32
N LEU G 782 66.85 6.59 -63.56
CA LEU G 782 67.16 7.26 -64.81
C LEU G 782 67.21 6.27 -65.97
N SER G 783 67.67 5.04 -65.72
CA SER G 783 67.61 4.01 -66.75
C SER G 783 66.17 3.68 -67.10
N LEU G 784 65.29 3.61 -66.09
CA LEU G 784 63.87 3.38 -66.37
C LEU G 784 63.29 4.52 -67.19
N LEU G 785 63.61 5.75 -66.84
CA LEU G 785 63.10 6.90 -67.59
C LEU G 785 63.65 6.95 -69.01
N VAL G 786 64.90 6.53 -69.19
CA VAL G 786 65.49 6.49 -70.52
C VAL G 786 64.81 5.43 -71.37
N HIS G 787 64.55 4.26 -70.78
CA HIS G 787 63.83 3.20 -71.48
C HIS G 787 62.43 3.66 -71.88
N CYS G 788 61.75 4.37 -70.98
CA CYS G 788 60.42 4.90 -71.29
C CYS G 788 60.49 5.95 -72.39
N CYS G 789 61.51 6.80 -72.38
CA CYS G 789 61.63 7.90 -73.32
C CYS G 789 62.22 7.49 -74.66
N SER G 790 63.01 6.42 -74.71
CA SER G 790 63.68 6.04 -75.94
C SER G 790 62.70 5.54 -76.99
N ALA G 791 63.03 5.82 -78.25
CA ALA G 791 62.30 5.28 -79.37
C ALA G 791 62.52 3.77 -79.43
N PRO G 792 61.63 3.01 -80.11
CA PRO G 792 61.78 1.55 -80.13
C PRO G 792 63.11 1.08 -80.72
N GLY G 793 63.68 0.05 -80.12
CA GLY G 793 64.97 -0.46 -80.52
C GLY G 793 66.05 -0.20 -79.48
N CYS G 797 71.26 -4.25 -86.52
CA CYS G 797 71.64 -3.64 -85.26
C CYS G 797 71.36 -2.14 -85.27
N GLY G 798 71.46 -1.52 -86.45
CA GLY G 798 71.17 -0.11 -86.55
C GLY G 798 72.20 0.80 -85.91
N GLU G 799 73.39 0.90 -86.52
CA GLU G 799 74.48 1.76 -86.06
C GLU G 799 74.94 1.37 -84.65
N CYS G 800 75.61 0.20 -84.62
CA CYS G 800 76.00 -0.46 -83.37
C CYS G 800 76.69 0.46 -82.38
N TRP G 801 77.60 1.33 -82.86
CA TRP G 801 78.22 2.29 -81.96
C TRP G 801 77.26 3.40 -81.54
N GLY G 802 76.16 3.60 -82.27
CA GLY G 802 75.20 4.63 -81.93
C GLY G 802 74.23 4.20 -80.86
N ALA G 803 73.30 5.08 -80.56
CA ALA G 803 72.31 4.91 -79.52
C ALA G 803 70.94 5.25 -80.07
N PRO G 804 69.87 4.75 -79.45
CA PRO G 804 68.52 5.19 -79.83
C PRO G 804 68.32 6.66 -79.55
N ILE G 805 67.37 7.24 -80.26
CA ILE G 805 66.99 8.64 -80.05
C ILE G 805 65.95 8.70 -78.95
N LEU G 806 66.14 9.61 -78.00
CA LEU G 806 65.14 9.83 -76.97
C LEU G 806 64.02 10.67 -77.54
N SER G 807 62.78 10.25 -77.32
CA SER G 807 61.63 10.95 -77.86
C SER G 807 61.53 12.32 -77.24
N PRO G 808 61.51 13.39 -78.03
CA PRO G 808 61.28 14.72 -77.45
C PRO G 808 59.87 14.90 -76.89
N GLU G 809 58.90 14.07 -77.27
CA GLU G 809 57.58 14.16 -76.66
C GLU G 809 57.57 13.59 -75.24
N ALA G 810 58.23 12.45 -75.03
CA ALA G 810 58.39 11.91 -73.69
C ALA G 810 59.20 12.84 -72.82
N ALA G 811 60.27 13.39 -73.36
CA ALA G 811 61.08 14.35 -72.63
C ALA G 811 60.30 15.63 -72.34
N LYS G 812 59.43 16.05 -73.27
CA LYS G 812 58.57 17.20 -73.02
C LYS G 812 57.59 16.91 -71.88
N ALA G 813 57.07 15.68 -71.83
CA ALA G 813 56.22 15.28 -70.73
C ALA G 813 56.95 15.39 -69.41
N VAL G 814 58.19 14.87 -69.37
CA VAL G 814 59.03 14.97 -68.18
C VAL G 814 59.29 16.43 -67.82
N ALA G 815 59.51 17.26 -68.83
CA ALA G 815 59.79 18.68 -68.58
C ALA G 815 58.60 19.39 -67.96
N VAL G 816 57.40 19.17 -68.51
CA VAL G 816 56.23 19.89 -68.00
C VAL G 816 55.88 19.41 -66.60
N THR G 817 55.98 18.10 -66.34
CA THR G 817 55.72 17.64 -64.97
C THR G 817 56.80 18.13 -64.00
N LEU G 818 58.05 18.26 -64.45
CA LEU G 818 59.09 18.86 -63.60
C LEU G 818 58.74 20.29 -63.24
N VAL G 819 58.31 21.08 -64.22
CA VAL G 819 57.93 22.46 -63.98
C VAL G 819 56.76 22.52 -63.01
N GLU G 820 55.78 21.65 -63.20
CA GLU G 820 54.61 21.62 -62.30
C GLU G 820 55.00 21.24 -60.89
N SER G 821 55.88 20.26 -60.74
CA SER G 821 56.32 19.84 -59.41
C SER G 821 57.11 20.93 -58.70
N VAL G 822 57.99 21.62 -59.43
CA VAL G 822 58.90 22.57 -58.79
C VAL G 822 58.26 23.95 -58.68
N CYS G 823 57.75 24.46 -59.78
CA CYS G 823 57.20 25.82 -59.86
C CYS G 823 55.79 25.76 -60.45
N PRO G 824 54.83 25.18 -59.71
CA PRO G 824 53.46 25.14 -60.24
C PRO G 824 52.88 26.51 -60.49
N ASP G 825 53.19 27.48 -59.65
CA ASP G 825 52.68 28.84 -59.81
C ASP G 825 53.38 29.56 -60.95
N ALA G 826 53.19 29.04 -62.17
CA ALA G 826 53.90 29.56 -63.35
C ALA G 826 53.07 30.69 -63.95
N ALA G 827 53.25 31.89 -63.39
CA ALA G 827 52.63 33.08 -63.97
C ALA G 827 53.48 33.64 -65.11
N GLY G 828 54.78 33.83 -64.88
CA GLY G 828 55.68 34.21 -65.93
C GLY G 828 56.26 33.03 -66.69
N ALA G 829 55.39 32.18 -67.24
CA ALA G 829 55.78 30.93 -67.87
C ALA G 829 56.05 31.06 -69.36
N GLU G 830 56.32 32.27 -69.85
CA GLU G 830 56.69 32.41 -71.25
C GLU G 830 58.04 31.77 -71.48
N LEU G 831 58.17 31.05 -72.60
CA LEU G 831 59.46 30.48 -72.96
C LEU G 831 60.47 31.57 -73.32
N ALA G 832 59.99 32.71 -73.81
CA ALA G 832 60.88 33.83 -74.06
C ALA G 832 61.37 34.42 -72.73
N TRP G 833 62.64 34.78 -72.70
CA TRP G 833 63.16 35.25 -71.43
C TRP G 833 62.92 36.74 -71.28
N PRO G 834 62.64 37.23 -70.08
CA PRO G 834 62.33 38.63 -69.88
C PRO G 834 63.61 39.43 -69.68
N PRO G 835 63.52 40.76 -69.54
CA PRO G 835 64.70 41.53 -69.09
C PRO G 835 65.18 41.04 -67.74
N GLU G 836 66.50 41.03 -67.55
CA GLU G 836 67.07 40.55 -66.30
C GLU G 836 66.72 41.42 -65.10
N GLU G 837 66.17 42.62 -65.33
CA GLU G 837 65.62 43.40 -64.24
C GLU G 837 64.39 42.73 -63.65
N HIS G 838 63.65 41.95 -64.44
CA HIS G 838 62.47 41.26 -63.94
C HIS G 838 62.81 40.22 -62.88
N ALA G 839 64.07 39.77 -62.82
CA ALA G 839 64.50 38.86 -61.76
C ALA G 839 64.29 39.46 -60.38
N ARG G 840 64.30 40.79 -60.28
CA ARG G 840 64.04 41.46 -59.01
C ARG G 840 62.58 41.47 -58.63
N ALA G 841 61.68 41.09 -59.54
CA ALA G 841 60.26 41.04 -59.23
C ALA G 841 59.82 39.66 -58.77
N THR G 842 60.50 38.62 -59.21
CA THR G 842 60.15 37.24 -58.92
C THR G 842 61.17 36.59 -57.98
N VAL G 843 61.67 37.36 -57.01
CA VAL G 843 62.75 36.87 -56.14
C VAL G 843 62.29 35.68 -55.30
N GLU G 844 61.07 35.74 -54.78
CA GLU G 844 60.57 34.65 -53.95
C GLU G 844 60.43 33.35 -54.75
N ARG G 845 59.90 33.46 -55.97
CA ARG G 845 59.77 32.30 -56.84
C ARG G 845 61.12 31.69 -57.18
N ASP G 846 62.08 32.53 -57.53
CA ASP G 846 63.42 32.06 -57.87
C ASP G 846 64.10 31.42 -56.68
N LEU G 847 63.88 31.97 -55.49
CA LEU G 847 64.47 31.39 -54.29
C LEU G 847 63.83 30.05 -53.98
N ARG G 848 62.52 29.92 -54.21
CA ARG G 848 61.86 28.63 -54.04
C ARG G 848 62.45 27.60 -54.99
N ILE G 849 62.65 27.99 -56.25
CA ILE G 849 63.23 27.08 -57.24
C ILE G 849 64.64 26.67 -56.84
N GLY G 850 65.45 27.65 -56.41
CA GLY G 850 66.80 27.36 -55.99
C GLY G 850 66.85 26.45 -54.77
N ARG G 851 65.97 26.68 -53.81
CA ARG G 851 65.92 25.84 -52.62
C ARG G 851 65.51 24.42 -52.97
N ARG G 852 64.57 24.27 -53.91
CA ARG G 852 64.17 22.92 -54.30
C ARG G 852 65.28 22.22 -55.07
N PHE G 853 66.06 22.96 -55.87
CA PHE G 853 67.21 22.37 -56.53
C PHE G 853 68.30 21.97 -55.54
N ARG G 854 68.48 22.78 -54.49
CA ARG G 854 69.42 22.44 -53.44
C ARG G 854 69.01 21.19 -52.68
N GLU G 855 67.73 21.14 -52.27
CA GLU G 855 67.27 20.03 -51.45
C GLU G 855 67.23 18.72 -52.22
N GLN G 856 66.76 18.77 -53.47
CA GLN G 856 66.59 17.59 -54.31
C GLN G 856 67.66 17.56 -55.39
N PRO G 857 68.79 16.87 -55.18
CA PRO G 857 69.80 16.77 -56.25
C PRO G 857 69.31 16.03 -57.47
N LEU G 858 68.22 15.26 -57.37
CA LEU G 858 67.66 14.54 -58.50
C LEU G 858 67.17 15.47 -59.60
N LEU G 859 66.85 16.72 -59.27
CA LEU G 859 66.30 17.65 -60.25
C LEU G 859 67.29 17.93 -61.36
N PHE G 860 68.59 18.05 -61.03
CA PHE G 860 69.59 18.28 -62.06
C PHE G 860 69.71 17.08 -63.00
N GLU G 861 69.65 15.87 -62.45
CA GLU G 861 69.68 14.66 -63.27
C GLU G 861 68.50 14.63 -64.23
N LEU G 862 67.31 14.95 -63.74
CA LEU G 862 66.15 15.03 -64.61
C LEU G 862 66.30 16.15 -65.63
N LEU G 863 66.93 17.26 -65.25
CA LEU G 863 67.13 18.35 -66.20
C LEU G 863 68.05 17.94 -67.34
N LYS G 864 69.14 17.23 -67.05
CA LYS G 864 70.00 16.79 -68.15
C LYS G 864 69.36 15.66 -68.95
N LEU G 865 68.53 14.82 -68.32
CA LEU G 865 67.69 13.90 -69.08
C LEU G 865 66.81 14.64 -70.07
N VAL G 866 66.18 15.72 -69.63
CA VAL G 866 65.37 16.54 -70.54
C VAL G 866 66.24 17.14 -71.64
N ALA G 867 67.42 17.63 -71.27
CA ALA G 867 68.34 18.25 -72.22
C ALA G 867 68.88 17.28 -73.24
N ALA G 868 68.84 15.97 -72.97
CA ALA G 868 69.27 14.99 -73.95
C ALA G 868 68.43 15.06 -75.23
N ALA G 869 67.12 15.22 -75.10
CA ALA G 869 66.27 15.54 -76.24
C ALA G 869 66.28 17.05 -76.44
N PRO G 870 66.73 17.55 -77.59
CA PRO G 870 66.99 19.01 -77.75
C PRO G 870 65.78 19.89 -77.48
N PRO G 871 64.64 19.75 -78.18
CA PRO G 871 63.57 20.77 -78.01
C PRO G 871 62.91 20.76 -76.64
N ALA G 872 63.05 19.68 -75.87
CA ALA G 872 62.34 19.55 -74.60
C ALA G 872 62.82 20.55 -73.56
N LEU G 873 64.12 20.86 -73.53
CA LEU G 873 64.63 21.80 -72.55
C LEU G 873 64.11 23.23 -72.76
N CYS G 874 63.50 23.50 -73.91
CA CYS G 874 62.81 24.77 -74.11
C CYS G 874 61.66 24.93 -73.13
N TYR G 875 60.96 23.83 -72.82
CA TYR G 875 59.82 23.90 -71.93
C TYR G 875 60.20 24.00 -70.46
N CYS G 876 61.45 23.67 -70.12
CA CYS G 876 61.97 23.91 -68.78
C CYS G 876 62.52 25.31 -68.59
N SER G 877 62.21 26.24 -69.51
CA SER G 877 62.80 27.58 -69.50
C SER G 877 62.53 28.31 -68.20
N VAL G 878 61.37 28.09 -67.57
CA VAL G 878 61.04 28.80 -66.35
C VAL G 878 61.94 28.34 -65.21
N LEU G 879 62.18 27.03 -65.09
CA LEU G 879 63.04 26.51 -64.05
C LEU G 879 64.48 26.98 -64.24
N LEU G 880 64.97 26.96 -65.49
CA LEU G 880 66.31 27.44 -65.77
C LEU G 880 66.44 28.92 -65.44
N ARG G 881 65.44 29.70 -65.81
CA ARG G 881 65.45 31.13 -65.54
C ARG G 881 65.42 31.41 -64.03
N GLY G 882 64.59 30.68 -63.29
CA GLY G 882 64.52 30.89 -61.86
C GLY G 882 65.79 30.48 -61.13
N LEU G 883 66.36 29.34 -61.51
CA LEU G 883 67.62 28.92 -60.91
C LEU G 883 68.74 29.88 -61.26
N LEU G 884 68.77 30.38 -62.50
CA LEU G 884 69.79 31.34 -62.89
C LEU G 884 69.64 32.64 -62.12
N ALA G 885 68.40 33.10 -61.90
CA ALA G 885 68.17 34.31 -61.13
C ALA G 885 68.61 34.13 -59.69
N ALA G 886 68.32 32.95 -59.10
CA ALA G 886 68.77 32.67 -57.75
C ALA G 886 70.29 32.68 -57.65
N LEU G 887 70.97 32.04 -58.62
CA LEU G 887 72.43 32.02 -58.62
C LEU G 887 73.00 33.42 -58.83
N LEU G 888 72.38 34.21 -59.70
CA LEU G 888 72.83 35.57 -59.94
C LEU G 888 72.71 36.42 -58.69
N GLY G 889 71.60 36.27 -57.97
CA GLY G 889 71.46 36.95 -56.69
C GLY G 889 72.53 36.52 -55.70
N HIS G 890 72.82 35.23 -55.64
CA HIS G 890 73.86 34.74 -54.73
C HIS G 890 75.22 35.32 -55.06
N TRP G 891 75.59 35.34 -56.35
CA TRP G 891 76.89 35.86 -56.72
C TRP G 891 76.96 37.38 -56.56
N GLU G 892 75.83 38.07 -56.73
CA GLU G 892 75.81 39.50 -56.45
C GLU G 892 76.02 39.76 -54.96
N ALA G 893 75.40 38.93 -54.11
CA ALA G 893 75.51 39.11 -52.67
C ALA G 893 76.77 38.51 -52.09
N SER G 894 77.52 37.74 -52.87
CA SER G 894 78.71 37.07 -52.34
C SER G 894 79.80 38.09 -52.02
N ARG G 895 80.44 37.90 -50.87
CA ARG G 895 81.52 38.77 -50.43
C ARG G 895 82.88 38.11 -50.47
N HIS G 896 82.95 36.81 -50.70
CA HIS G 896 84.22 36.13 -50.81
C HIS G 896 84.97 36.61 -52.05
N PRO G 897 86.30 36.52 -52.05
CA PRO G 897 87.03 36.77 -53.30
C PRO G 897 87.10 35.55 -54.21
N ASP G 898 86.95 34.36 -53.66
CA ASP G 898 86.99 33.12 -54.40
C ASP G 898 85.58 32.53 -54.47
N THR G 899 85.32 31.76 -55.52
CA THR G 899 84.00 31.16 -55.68
C THR G 899 83.86 29.81 -54.99
N THR G 900 84.96 29.15 -54.61
CA THR G 900 84.85 27.83 -54.03
C THR G 900 84.31 27.85 -52.61
N HIS G 901 84.23 29.02 -51.98
CA HIS G 901 83.62 29.13 -50.66
C HIS G 901 82.12 28.87 -50.68
N SER G 902 81.49 28.94 -51.86
CA SER G 902 80.09 28.59 -52.08
C SER G 902 80.05 27.34 -52.94
N PRO G 903 80.41 26.16 -52.40
CA PRO G 903 80.53 24.96 -53.27
C PRO G 903 79.26 24.57 -54.00
N TRP G 904 78.10 24.64 -53.33
CA TRP G 904 76.88 24.26 -54.02
C TRP G 904 76.53 25.25 -55.12
N HIS G 905 76.69 26.55 -54.87
CA HIS G 905 76.32 27.52 -55.89
C HIS G 905 77.26 27.46 -57.08
N LEU G 906 78.54 27.19 -56.83
CA LEU G 906 79.48 26.97 -57.92
C LEU G 906 79.10 25.74 -58.72
N GLU G 907 78.80 24.64 -58.02
CA GLU G 907 78.38 23.40 -58.69
C GLU G 907 77.09 23.61 -59.48
N ALA G 908 76.16 24.38 -58.92
CA ALA G 908 74.88 24.62 -59.58
C ALA G 908 75.05 25.48 -60.82
N SER G 909 75.89 26.52 -60.74
CA SER G 909 76.18 27.34 -61.91
C SER G 909 76.83 26.52 -63.02
N CYS G 910 77.78 25.66 -62.64
CA CYS G 910 78.45 24.80 -63.62
C CYS G 910 77.46 23.84 -64.26
N THR G 911 76.67 23.15 -63.44
CA THR G 911 75.68 22.21 -63.94
C THR G 911 74.64 22.90 -64.80
N LEU G 912 74.25 24.13 -64.43
CA LEU G 912 73.24 24.85 -65.20
C LEU G 912 73.76 25.20 -66.59
N VAL G 913 74.97 25.78 -66.66
CA VAL G 913 75.52 26.14 -67.95
C VAL G 913 75.77 24.89 -68.79
N ALA G 914 76.20 23.80 -68.14
CA ALA G 914 76.42 22.55 -68.85
C ALA G 914 75.12 21.98 -69.40
N VAL G 915 74.02 22.08 -68.65
CA VAL G 915 72.75 21.54 -69.10
C VAL G 915 72.20 22.36 -70.27
N MET G 916 72.25 23.68 -70.16
CA MET G 916 71.74 24.49 -71.27
C MET G 916 72.66 24.49 -72.48
N ALA G 917 73.94 24.13 -72.30
CA ALA G 917 74.77 23.86 -73.46
C ALA G 917 74.42 22.53 -74.10
N GLU G 918 74.22 21.51 -73.25
CA GLU G 918 73.87 20.18 -73.75
C GLU G 918 72.49 20.17 -74.37
N GLY G 919 71.60 21.02 -73.88
CA GLY G 919 70.30 21.20 -74.49
C GLY G 919 70.30 22.06 -75.73
N SER G 920 71.48 22.52 -76.17
CA SER G 920 71.64 23.38 -77.33
C SER G 920 70.85 24.68 -77.20
N LEU G 921 70.71 25.17 -75.97
CA LEU G 921 70.21 26.50 -75.70
C LEU G 921 71.33 27.53 -75.67
N LEU G 922 72.58 27.10 -75.69
CA LEU G 922 73.75 27.96 -75.74
C LEU G 922 74.69 27.45 -76.82
N PRO G 923 75.48 28.32 -77.42
CA PRO G 923 76.48 27.87 -78.40
C PRO G 923 77.68 27.26 -77.69
N PRO G 924 78.58 26.58 -78.42
CA PRO G 924 79.75 25.97 -77.76
C PRO G 924 80.63 26.96 -77.01
N ALA G 925 80.81 28.17 -77.54
CA ALA G 925 81.67 29.15 -76.87
C ALA G 925 81.09 29.56 -75.52
N LEU G 926 79.83 29.98 -75.51
CA LEU G 926 79.15 30.33 -74.26
C LEU G 926 78.74 29.12 -73.45
N GLY G 927 78.79 27.92 -74.02
CA GLY G 927 78.55 26.70 -73.29
C GLY G 927 79.72 26.12 -72.57
N ASN G 928 80.88 26.79 -72.60
CA ASN G 928 82.09 26.27 -71.97
C ASN G 928 82.56 27.09 -70.79
N MET G 929 81.94 28.24 -70.52
CA MET G 929 82.37 29.13 -69.43
C MET G 929 82.36 28.43 -68.08
N HIS G 930 81.54 27.39 -67.90
CA HIS G 930 81.49 26.69 -66.61
C HIS G 930 82.83 26.04 -66.27
N GLU G 931 83.70 25.81 -67.26
CA GLU G 931 85.01 25.23 -66.99
C GLU G 931 85.89 26.18 -66.20
N VAL G 932 85.69 27.49 -66.35
CA VAL G 932 86.52 28.49 -65.69
C VAL G 932 85.83 29.14 -64.52
N PHE G 933 84.61 28.71 -64.18
CA PHE G 933 83.87 29.31 -63.07
C PHE G 933 84.61 29.15 -61.76
N SER G 934 85.18 27.96 -61.53
CA SER G 934 85.86 27.65 -60.27
C SER G 934 87.09 28.53 -60.03
N GLN G 935 87.63 29.17 -61.06
CA GLN G 935 88.83 29.98 -60.96
C GLN G 935 88.52 31.47 -60.89
N LEU G 936 87.26 31.85 -60.74
CA LEU G 936 86.84 33.23 -60.89
C LEU G 936 86.33 33.82 -59.58
N ALA G 937 86.23 35.14 -59.57
CA ALA G 937 85.62 35.85 -58.46
C ALA G 937 84.11 35.87 -58.66
N PRO G 938 83.33 36.05 -57.58
CA PRO G 938 81.87 36.04 -57.70
C PRO G 938 81.30 37.04 -58.69
N PHE G 939 81.85 38.26 -58.77
CA PHE G 939 81.30 39.22 -59.71
C PHE G 939 81.58 38.82 -61.15
N GLU G 940 82.71 38.14 -61.40
CA GLU G 940 83.00 37.68 -62.76
C GLU G 940 82.04 36.60 -63.22
N VAL G 941 81.81 35.58 -62.37
CA VAL G 941 80.85 34.53 -62.73
C VAL G 941 79.44 35.13 -62.85
N ARG G 942 79.14 36.13 -62.02
CA ARG G 942 77.84 36.81 -62.16
C ARG G 942 77.74 37.50 -63.52
N LEU G 943 78.81 38.15 -63.97
CA LEU G 943 78.82 38.81 -65.27
C LEU G 943 78.65 37.79 -66.39
N LEU G 944 79.31 36.63 -66.27
CA LEU G 944 79.18 35.60 -67.29
C LEU G 944 77.75 35.05 -67.35
N LEU G 945 77.13 34.85 -66.19
CA LEU G 945 75.75 34.38 -66.20
C LEU G 945 74.79 35.45 -66.71
N LEU G 946 75.11 36.72 -66.48
CA LEU G 946 74.33 37.79 -67.08
C LEU G 946 74.51 37.82 -68.59
N SER G 947 75.69 37.46 -69.08
CA SER G 947 75.89 37.32 -70.52
C SER G 947 75.05 36.18 -71.07
N VAL G 948 74.95 35.09 -70.31
CA VAL G 948 74.07 33.98 -70.67
C VAL G 948 72.63 34.47 -70.77
N TRP G 949 72.18 35.23 -69.77
CA TRP G 949 70.82 35.78 -69.77
C TRP G 949 70.59 36.68 -70.97
N GLY G 950 71.57 37.53 -71.29
CA GLY G 950 71.44 38.41 -72.45
C GLY G 950 71.34 37.63 -73.74
N PHE G 951 72.15 36.57 -73.87
CA PHE G 951 72.07 35.72 -75.06
C PHE G 951 70.69 35.10 -75.18
N LEU G 952 70.16 34.57 -74.08
CA LEU G 952 68.84 33.96 -74.13
C LEU G 952 67.74 34.99 -74.37
N ARG G 953 67.99 36.25 -74.02
CA ARG G 953 67.06 37.30 -74.44
C ARG G 953 67.11 37.49 -75.94
N GLU G 954 68.32 37.52 -76.51
CA GLU G 954 68.45 37.78 -77.94
C GLU G 954 67.88 36.64 -78.77
N HIS G 955 68.19 35.39 -78.42
CA HIS G 955 67.84 34.25 -79.24
C HIS G 955 66.63 33.48 -78.73
N GLY G 956 66.61 33.15 -77.44
CA GLY G 956 65.43 32.55 -76.84
C GLY G 956 65.41 31.04 -77.00
N PRO G 957 65.00 30.35 -75.95
CA PRO G 957 64.86 28.89 -76.06
C PRO G 957 63.50 28.51 -76.63
N LEU G 958 63.33 28.75 -77.91
CA LEU G 958 62.08 28.53 -78.60
C LEU G 958 62.15 27.25 -79.41
N PRO G 959 61.20 26.31 -79.23
CA PRO G 959 61.30 25.04 -79.97
C PRO G 959 61.14 25.19 -81.47
N GLN G 960 60.56 26.29 -81.96
CA GLN G 960 60.45 26.53 -83.39
C GLN G 960 61.81 26.74 -84.05
N LYS G 961 62.82 27.17 -83.29
CA LYS G 961 64.18 27.31 -83.82
C LYS G 961 64.83 25.97 -84.11
N PHE G 962 64.26 24.88 -83.63
CA PHE G 962 64.85 23.56 -83.80
C PHE G 962 64.32 22.92 -85.08
N ILE G 963 65.22 22.53 -85.96
CA ILE G 963 64.88 21.98 -87.26
C ILE G 963 65.05 20.47 -87.17
N PHE G 964 63.98 19.73 -87.47
CA PHE G 964 64.06 18.29 -87.45
C PHE G 964 64.93 17.80 -88.61
N GLN G 965 65.93 16.99 -88.29
CA GLN G 965 66.83 16.41 -89.28
C GLN G 965 66.41 14.95 -89.44
N SER G 966 65.85 14.62 -90.59
CA SER G 966 65.40 13.26 -90.86
C SER G 966 66.55 12.28 -91.07
N GLU G 967 67.77 12.77 -91.26
CA GLU G 967 68.93 11.89 -91.42
C GLU G 967 69.14 11.01 -90.19
N ARG G 968 69.19 11.63 -89.01
CA ARG G 968 69.35 10.90 -87.76
C ARG G 968 68.10 10.92 -86.90
N GLY G 969 67.02 11.53 -87.37
CA GLY G 969 65.78 11.59 -86.60
C GLY G 969 65.90 12.38 -85.32
N ARG G 970 66.57 13.53 -85.38
CA ARG G 970 66.81 14.34 -84.19
C ARG G 970 66.62 15.80 -84.55
N PHE G 971 66.22 16.59 -83.56
CA PHE G 971 66.09 18.02 -83.76
C PHE G 971 67.46 18.66 -83.58
N ILE G 972 67.70 19.73 -84.34
CA ILE G 972 69.01 20.37 -84.41
C ILE G 972 68.81 21.87 -84.26
N ARG G 973 69.59 22.49 -83.39
CA ARG G 973 69.66 23.94 -83.30
C ARG G 973 70.99 24.36 -83.91
N ASP G 974 70.92 25.00 -85.07
CA ASP G 974 72.08 25.53 -85.77
C ASP G 974 72.18 27.00 -85.43
N PHE G 975 73.11 27.35 -84.55
CA PHE G 975 73.22 28.73 -84.11
C PHE G 975 73.70 29.68 -85.22
N SER G 976 74.48 29.17 -86.18
CA SER G 976 74.98 30.03 -87.27
C SER G 976 73.86 30.70 -88.09
N ARG G 977 72.77 29.99 -88.36
CA ARG G 977 71.67 30.66 -89.07
C ARG G 977 70.93 31.70 -88.23
N GLU G 978 71.16 31.74 -86.92
CA GLU G 978 70.43 32.65 -86.04
C GLU G 978 70.87 34.10 -86.18
N GLY G 979 71.97 34.37 -86.87
CA GLY G 979 72.44 35.74 -86.98
C GLY G 979 72.95 36.32 -85.69
N GLY G 980 74.08 35.79 -85.22
CA GLY G 980 74.64 36.15 -83.92
C GLY G 980 74.73 34.94 -83.03
N GLY G 981 74.71 33.75 -83.65
CA GLY G 981 74.74 32.50 -82.89
C GLY G 981 76.00 32.32 -82.08
N GLU G 982 77.11 32.91 -82.54
CA GLU G 982 78.35 32.86 -81.76
C GLU G 982 78.24 33.67 -80.48
N GLY G 983 77.28 34.59 -80.40
CA GLY G 983 77.15 35.47 -79.26
C GLY G 983 78.31 36.41 -79.05
N GLY G 984 78.75 37.07 -80.12
CA GLY G 984 79.89 37.96 -80.09
C GLY G 984 79.83 39.08 -79.07
N PRO G 985 78.71 39.82 -78.99
CA PRO G 985 78.54 40.76 -77.87
C PRO G 985 78.59 40.07 -76.51
N HIS G 986 78.07 38.86 -76.42
CA HIS G 986 78.10 38.10 -75.18
C HIS G 986 79.39 37.30 -75.03
N LEU G 987 80.20 37.21 -76.09
CA LEU G 987 81.53 36.63 -75.99
C LEU G 987 82.58 37.65 -75.62
N ALA G 988 82.30 38.95 -75.85
CA ALA G 988 83.23 39.99 -75.47
C ALA G 988 83.45 40.01 -73.96
N VAL G 989 82.37 39.83 -73.19
CA VAL G 989 82.46 39.79 -71.73
C VAL G 989 83.32 38.61 -71.29
N LEU G 990 83.09 37.44 -71.90
CA LEU G 990 83.86 36.26 -71.56
C LEU G 990 85.33 36.43 -71.88
N HIS G 991 85.64 37.02 -73.04
CA HIS G 991 87.03 37.24 -73.41
C HIS G 991 87.71 38.24 -72.48
N SER G 992 86.99 39.29 -72.08
CA SER G 992 87.56 40.24 -71.13
C SER G 992 87.81 39.58 -69.78
N VAL G 993 86.89 38.69 -69.35
CA VAL G 993 87.08 37.98 -68.09
C VAL G 993 88.31 37.07 -68.17
N LEU G 994 88.50 36.41 -69.31
CA LEU G 994 89.69 35.60 -69.53
C LEU G 994 90.96 36.46 -69.49
N HIS G 995 90.92 37.60 -70.18
CA HIS G 995 92.08 38.48 -70.26
C HIS G 995 92.47 39.03 -68.90
N ARG G 996 91.47 39.43 -68.10
CA ARG G 996 91.73 39.97 -66.77
C ARG G 996 92.40 38.94 -65.87
N ASN G 997 91.96 37.68 -65.96
CA ASN G 997 92.54 36.58 -65.18
C ASN G 997 93.43 35.69 -66.03
N ILE G 998 94.16 36.27 -66.99
CA ILE G 998 95.00 35.49 -67.89
C ILE G 998 96.10 34.75 -67.14
N ASP G 999 96.51 35.24 -65.97
CA ASP G 999 97.52 34.56 -65.18
C ASP G 999 97.09 33.15 -64.78
N ARG G 1000 95.78 32.91 -64.64
CA ARG G 1000 95.26 31.60 -64.33
C ARG G 1000 94.42 31.00 -65.44
N LEU G 1001 93.83 31.81 -66.31
CA LEU G 1001 92.96 31.35 -67.39
C LEU G 1001 93.63 31.44 -68.75
N GLY G 1002 94.96 31.34 -68.80
CA GLY G 1002 95.63 31.36 -70.08
C GLY G 1002 95.42 30.07 -70.86
N LEU G 1003 95.69 28.94 -70.22
CA LEU G 1003 95.55 27.63 -70.85
C LEU G 1003 94.12 27.30 -71.24
N PHE G 1004 93.14 27.99 -70.67
CA PHE G 1004 91.73 27.79 -70.98
C PHE G 1004 91.27 28.57 -72.19
N SER G 1005 92.14 29.37 -72.82
CA SER G 1005 91.75 30.15 -73.99
C SER G 1005 91.31 29.29 -75.16
N GLY G 1006 91.87 28.08 -75.29
CA GLY G 1006 91.47 27.19 -76.37
C GLY G 1006 90.01 26.76 -76.31
N ARG G 1007 89.44 26.69 -75.11
CA ARG G 1007 88.04 26.31 -74.97
C ARG G 1007 87.07 27.34 -75.50
N PHE G 1008 87.53 28.56 -75.80
CA PHE G 1008 86.63 29.63 -76.23
C PHE G 1008 87.11 30.25 -77.54
N GLN G 1009 87.75 29.45 -78.39
CA GLN G 1009 88.08 29.91 -79.73
C GLN G 1009 86.81 30.09 -80.57
N ALA G 1010 86.92 30.98 -81.56
CA ALA G 1010 85.78 31.27 -82.43
C ALA G 1010 85.25 30.07 -83.21
N PRO G 1011 86.08 29.22 -83.85
CA PRO G 1011 85.40 28.11 -84.52
C PRO G 1011 85.31 26.84 -83.69
N TYR H 1 23.55 80.61 -43.70
CA TYR H 1 22.30 79.87 -43.77
C TYR H 1 22.59 78.40 -44.04
N PHE H 2 23.42 78.15 -45.06
CA PHE H 2 23.90 76.81 -45.38
C PHE H 2 25.41 76.86 -45.53
N GLN H 3 26.11 75.92 -44.92
CA GLN H 3 27.57 75.91 -44.92
C GLN H 3 28.06 75.04 -46.06
N SER H 4 28.36 75.66 -47.20
CA SER H 4 29.00 74.98 -48.32
C SER H 4 30.52 75.00 -48.23
N ASN H 5 31.07 75.61 -47.19
CA ASN H 5 32.52 75.69 -47.00
C ASN H 5 33.08 74.51 -46.24
N MET H 6 32.28 73.47 -46.03
CA MET H 6 32.69 72.28 -45.29
C MET H 6 32.33 71.06 -46.14
N PRO H 7 33.09 70.81 -47.21
CA PRO H 7 32.76 69.70 -48.13
C PRO H 7 32.83 68.34 -47.46
N ILE H 8 31.96 67.45 -47.91
CA ILE H 8 31.90 66.09 -47.42
C ILE H 8 32.66 65.20 -48.40
N LEU H 9 33.62 64.44 -47.88
CA LEU H 9 34.38 63.47 -48.66
C LEU H 9 33.96 62.10 -48.18
N LEU H 10 32.93 61.55 -48.81
CA LEU H 10 32.50 60.19 -48.50
C LEU H 10 33.32 59.20 -49.31
N PHE H 11 33.92 58.25 -48.62
CA PHE H 11 34.70 57.20 -49.25
C PHE H 11 33.92 55.91 -49.15
N LEU H 12 33.59 55.33 -50.30
CA LEU H 12 32.88 54.05 -50.34
C LEU H 12 33.91 52.99 -50.70
N ILE H 13 34.59 52.48 -49.68
CA ILE H 13 35.66 51.52 -49.90
C ILE H 13 35.02 50.15 -50.12
N ASP H 14 35.34 49.54 -51.26
CA ASP H 14 34.91 48.17 -51.52
C ASP H 14 35.57 47.23 -50.54
N THR H 15 34.76 46.58 -49.71
CA THR H 15 35.25 45.59 -48.76
C THR H 15 34.83 44.17 -49.14
N SER H 16 34.53 43.94 -50.41
CA SER H 16 34.30 42.59 -50.88
C SER H 16 35.63 41.84 -50.88
N ALA H 17 35.54 40.52 -50.68
CA ALA H 17 36.72 39.68 -50.58
C ALA H 17 37.58 39.69 -51.85
N SER H 18 37.02 40.09 -52.99
CA SER H 18 37.81 40.27 -54.20
C SER H 18 38.88 41.34 -54.05
N MET H 19 38.75 42.24 -53.07
CA MET H 19 39.78 43.24 -52.81
C MET H 19 40.96 42.68 -52.05
N ASN H 20 41.03 41.36 -51.87
CA ASN H 20 42.21 40.72 -51.32
C ASN H 20 43.21 40.31 -52.39
N GLN H 21 42.93 40.62 -53.65
CA GLN H 21 43.87 40.36 -54.72
C GLN H 21 45.14 41.16 -54.51
N ARG H 22 46.28 40.54 -54.83
CA ARG H 22 47.58 41.15 -54.60
C ARG H 22 48.09 41.76 -55.90
N SER H 23 48.56 43.00 -55.81
CA SER H 23 49.22 43.64 -56.93
C SER H 23 50.66 43.17 -57.02
N HIS H 24 51.38 43.70 -58.00
CA HIS H 24 52.82 43.48 -58.06
C HIS H 24 53.56 44.16 -56.91
N LEU H 25 52.91 45.08 -56.20
CA LEU H 25 53.51 45.75 -55.05
C LEU H 25 53.62 44.85 -53.83
N GLY H 26 52.99 43.68 -53.85
CA GLY H 26 52.95 42.81 -52.70
C GLY H 26 51.87 43.14 -51.70
N THR H 27 51.14 44.23 -51.90
CA THR H 27 50.02 44.62 -51.05
C THR H 27 48.71 44.28 -51.73
N THR H 28 47.67 44.14 -50.92
CA THR H 28 46.36 43.82 -51.44
C THR H 28 45.73 45.06 -52.08
N TYR H 29 44.63 44.83 -52.79
CA TYR H 29 43.83 45.93 -53.32
C TYR H 29 43.28 46.80 -52.20
N LEU H 30 42.90 46.19 -51.08
CA LEU H 30 42.41 46.98 -49.95
C LEU H 30 43.51 47.83 -49.35
N ASP H 31 44.73 47.30 -49.27
CA ASP H 31 45.85 48.11 -48.81
C ASP H 31 46.11 49.28 -49.74
N THR H 32 46.03 49.04 -51.05
CA THR H 32 46.14 50.11 -52.04
C THR H 32 45.04 51.14 -51.85
N ALA H 33 43.82 50.69 -51.52
CA ALA H 33 42.71 51.62 -51.32
C ALA H 33 42.91 52.48 -50.10
N LYS H 34 43.36 51.88 -48.99
CA LYS H 34 43.63 52.65 -47.78
C LYS H 34 44.76 53.65 -48.01
N GLY H 35 45.82 53.21 -48.68
CA GLY H 35 46.89 54.12 -49.05
C GLY H 35 46.42 55.21 -49.98
N ALA H 36 45.46 54.91 -50.85
CA ALA H 36 44.91 55.91 -51.75
C ALA H 36 44.12 56.97 -50.99
N VAL H 37 43.34 56.56 -49.98
CA VAL H 37 42.64 57.53 -49.15
C VAL H 37 43.64 58.40 -48.39
N GLU H 38 44.67 57.77 -47.82
CA GLU H 38 45.68 58.54 -47.08
C GLU H 38 46.42 59.52 -47.98
N THR H 39 46.81 59.07 -49.18
CA THR H 39 47.45 59.94 -50.15
C THR H 39 46.51 61.06 -50.59
N PHE H 40 45.23 60.74 -50.76
CA PHE H 40 44.24 61.74 -51.14
C PHE H 40 44.16 62.84 -50.10
N MET H 41 44.16 62.46 -48.83
CA MET H 41 44.10 63.48 -47.79
C MET H 41 45.41 64.25 -47.65
N LYS H 42 46.54 63.58 -47.88
CA LYS H 42 47.82 64.28 -47.89
C LYS H 42 47.87 65.32 -49.00
N LEU H 43 47.35 64.98 -50.17
CA LEU H 43 47.30 65.93 -51.28
C LEU H 43 46.29 67.03 -51.02
N ARG H 44 45.13 66.68 -50.46
CA ARG H 44 44.10 67.66 -50.15
C ARG H 44 44.58 68.67 -49.12
N ALA H 45 45.34 68.20 -48.12
CA ALA H 45 45.82 69.06 -47.04
C ALA H 45 46.70 70.21 -47.52
N ARG H 46 47.31 70.07 -48.70
CA ARG H 46 48.09 71.17 -49.28
C ARG H 46 47.23 72.40 -49.54
N ASP H 47 45.96 72.19 -49.90
CA ASP H 47 45.04 73.29 -50.09
C ASP H 47 44.65 73.85 -48.71
N PRO H 48 44.80 75.15 -48.47
CA PRO H 48 44.32 75.72 -47.20
C PRO H 48 42.83 75.56 -46.97
N ALA H 49 42.03 75.45 -48.04
CA ALA H 49 40.60 75.22 -47.93
C ALA H 49 40.25 73.84 -47.37
N SER H 50 41.23 72.93 -47.28
CA SER H 50 40.99 71.58 -46.80
C SER H 50 40.48 71.53 -45.35
N ARG H 51 40.73 72.56 -44.56
CA ARG H 51 40.17 72.60 -43.21
C ARG H 51 38.65 72.62 -43.27
N GLY H 52 38.03 71.93 -42.32
CA GLY H 52 36.58 71.78 -42.32
C GLY H 52 36.05 70.72 -43.27
N ASP H 53 36.92 69.99 -43.96
CA ASP H 53 36.48 68.88 -44.79
C ASP H 53 35.93 67.75 -43.92
N ARG H 54 34.71 67.32 -44.24
CA ARG H 54 34.11 66.17 -43.58
C ARG H 54 34.52 64.92 -44.34
N TYR H 55 35.16 63.99 -43.64
CA TYR H 55 35.56 62.72 -44.22
C TYR H 55 34.63 61.65 -43.69
N MET H 56 34.05 60.87 -44.59
CA MET H 56 33.14 59.80 -44.23
C MET H 56 33.59 58.49 -44.85
N LEU H 57 33.22 57.41 -44.19
CA LEU H 57 33.61 56.06 -44.61
C LEU H 57 32.38 55.18 -44.61
N VAL H 58 32.08 54.59 -45.76
CA VAL H 58 31.04 53.58 -45.89
C VAL H 58 31.69 52.39 -46.58
N THR H 59 31.23 51.19 -46.26
CA THR H 59 31.81 49.98 -46.82
C THR H 59 30.71 49.12 -47.44
N PHE H 60 31.07 47.93 -47.89
CA PHE H 60 30.14 47.03 -48.54
C PHE H 60 29.44 46.11 -47.55
N GLU H 61 29.64 46.32 -46.25
CA GLU H 61 28.99 45.52 -45.22
C GLU H 61 27.50 45.83 -45.15
N GLU H 62 26.82 45.18 -44.22
CA GLU H 62 25.39 45.39 -44.04
C GLU H 62 25.17 46.78 -43.42
N PRO H 63 23.94 47.33 -43.55
CA PRO H 63 23.68 48.73 -43.08
C PRO H 63 24.06 48.99 -41.63
N PRO H 64 23.82 48.07 -40.66
CA PRO H 64 24.29 48.36 -39.29
C PRO H 64 25.79 48.59 -39.21
N TYR H 65 26.58 47.89 -40.01
CA TYR H 65 28.03 48.01 -40.00
C TYR H 65 28.61 48.65 -41.25
N ALA H 66 27.78 49.04 -42.23
CA ALA H 66 28.31 49.70 -43.43
C ALA H 66 28.93 51.05 -43.09
N ILE H 67 28.29 51.81 -42.21
CA ILE H 67 28.77 53.15 -41.87
C ILE H 67 29.82 53.00 -40.77
N LYS H 68 31.05 53.40 -41.07
CA LYS H 68 32.13 53.43 -40.10
C LYS H 68 32.33 54.83 -39.54
N ALA H 69 32.40 55.83 -40.40
CA ALA H 69 32.52 57.23 -40.01
C ALA H 69 31.45 57.99 -40.78
N GLY H 70 30.40 58.40 -40.08
CA GLY H 70 29.38 59.20 -40.71
C GLY H 70 29.39 60.62 -40.20
N TRP H 71 28.21 61.16 -39.91
CA TRP H 71 28.12 62.50 -39.34
C TRP H 71 28.55 62.47 -37.88
N LYS H 72 29.24 63.52 -37.46
CA LYS H 72 29.67 63.71 -36.07
C LYS H 72 30.61 62.60 -35.62
N GLU H 73 31.52 62.21 -36.53
CA GLU H 73 32.62 61.31 -36.23
C GLU H 73 33.91 62.03 -36.57
N ASN H 74 34.81 62.14 -35.59
CA ASN H 74 35.99 62.96 -35.72
C ASN H 74 37.05 62.25 -36.56
N HIS H 75 38.09 63.00 -36.92
CA HIS H 75 39.10 62.52 -37.86
C HIS H 75 39.84 61.30 -37.34
N ALA H 76 40.16 61.28 -36.04
CA ALA H 76 40.86 60.13 -35.47
C ALA H 76 40.03 58.87 -35.58
N THR H 77 38.72 58.98 -35.38
CA THR H 77 37.83 57.84 -35.57
C THR H 77 37.84 57.38 -37.02
N PHE H 78 37.85 58.33 -37.96
CA PHE H 78 37.92 58.00 -39.38
C PHE H 78 39.19 57.23 -39.69
N MET H 79 40.32 57.71 -39.18
CA MET H 79 41.60 57.03 -39.42
C MET H 79 41.60 55.64 -38.82
N ASN H 80 41.09 55.50 -37.60
CA ASN H 80 41.08 54.20 -36.95
C ASN H 80 40.17 53.22 -37.69
N GLU H 81 39.05 53.70 -38.20
CA GLU H 81 38.14 52.83 -38.94
C GLU H 81 38.71 52.47 -40.31
N LEU H 82 39.39 53.43 -40.95
CA LEU H 82 40.02 53.14 -42.24
C LEU H 82 41.13 52.10 -42.10
N LYS H 83 41.96 52.24 -41.06
CA LYS H 83 43.11 51.35 -40.88
C LYS H 83 42.68 49.90 -40.70
N ASN H 84 41.51 49.67 -40.09
CA ASN H 84 41.10 48.34 -39.68
C ASN H 84 40.05 47.72 -40.60
N LEU H 85 39.85 48.27 -41.79
CA LEU H 85 38.95 47.65 -42.74
C LEU H 85 39.48 46.28 -43.15
N GLN H 86 38.56 45.33 -43.30
CA GLN H 86 38.90 44.00 -43.78
C GLN H 86 37.96 43.63 -44.92
N ALA H 87 38.51 43.01 -45.95
CA ALA H 87 37.74 42.65 -47.14
C ALA H 87 37.27 41.22 -46.99
N GLU H 88 36.03 41.05 -46.52
CA GLU H 88 35.53 39.71 -46.23
C GLU H 88 34.07 39.51 -46.62
N GLY H 89 33.53 40.36 -47.49
CA GLY H 89 32.14 40.27 -47.85
C GLY H 89 31.90 40.09 -49.33
N LEU H 90 30.65 40.28 -49.77
CA LEU H 90 30.28 40.19 -51.16
C LEU H 90 30.28 41.57 -51.79
N THR H 91 30.33 41.60 -53.13
CA THR H 91 30.38 42.86 -53.87
C THR H 91 28.96 43.42 -54.00
N THR H 92 28.44 43.90 -52.88
CA THR H 92 27.13 44.51 -52.83
C THR H 92 27.24 46.00 -53.14
N LEU H 93 27.68 46.30 -54.37
CA LEU H 93 27.95 47.67 -54.77
C LEU H 93 26.69 48.52 -54.77
N GLY H 94 25.59 47.96 -55.29
CA GLY H 94 24.36 48.73 -55.38
C GLY H 94 23.79 49.07 -54.02
N GLN H 95 23.74 48.08 -53.12
CA GLN H 95 23.24 48.29 -51.78
C GLN H 95 24.08 49.28 -51.01
N SER H 96 25.41 49.15 -51.12
CA SER H 96 26.31 50.04 -50.40
C SER H 96 26.24 51.47 -50.94
N LEU H 97 26.07 51.60 -52.26
CA LEU H 97 25.89 52.91 -52.87
C LEU H 97 24.58 53.55 -52.42
N ARG H 98 23.52 52.75 -52.34
CA ARG H 98 22.25 53.22 -51.81
C ARG H 98 22.38 53.71 -50.37
N THR H 99 23.07 52.94 -49.54
CA THR H 99 23.27 53.35 -48.15
C THR H 99 24.11 54.62 -48.06
N ALA H 100 25.13 54.74 -48.92
CA ALA H 100 25.96 55.94 -48.94
C ALA H 100 25.16 57.17 -49.31
N PHE H 101 24.32 57.07 -50.34
CA PHE H 101 23.50 58.21 -50.73
C PHE H 101 22.46 58.53 -49.67
N ASP H 102 21.90 57.51 -49.01
CA ASP H 102 20.98 57.74 -47.91
C ASP H 102 21.66 58.46 -46.76
N LEU H 103 22.92 58.08 -46.47
CA LEU H 103 23.69 58.79 -45.47
C LEU H 103 23.91 60.24 -45.85
N LEU H 104 24.21 60.50 -47.14
CA LEU H 104 24.38 61.88 -47.59
C LEU H 104 23.08 62.66 -47.51
N ASN H 105 21.97 62.05 -47.88
CA ASN H 105 20.66 62.71 -47.85
C ASN H 105 19.94 62.53 -46.53
N LEU H 106 20.68 62.25 -45.45
CA LEU H 106 20.06 61.98 -44.16
C LEU H 106 19.36 63.20 -43.60
N ASN H 107 20.03 64.35 -43.63
CA ASN H 107 19.55 65.56 -42.99
C ASN H 107 19.00 66.58 -43.97
N ARG H 108 18.77 66.19 -45.23
CA ARG H 108 18.28 67.14 -46.22
C ARG H 108 16.88 67.63 -45.91
N LEU H 109 15.99 66.73 -45.50
CA LEU H 109 14.62 67.12 -45.24
C LEU H 109 14.47 67.86 -43.91
N VAL H 110 15.34 67.57 -42.94
CA VAL H 110 15.30 68.30 -41.68
C VAL H 110 15.62 69.77 -41.90
N THR H 111 16.67 70.05 -42.66
CA THR H 111 17.11 71.42 -42.87
C THR H 111 16.50 72.08 -44.10
N GLY H 112 15.67 71.36 -44.85
CA GLY H 112 14.98 71.92 -45.99
C GLY H 112 15.89 72.41 -47.10
N ILE H 113 17.10 71.84 -47.20
CA ILE H 113 18.05 72.24 -48.24
C ILE H 113 17.53 71.92 -49.63
N ASP H 114 16.71 70.88 -49.78
CA ASP H 114 16.20 70.51 -51.09
C ASP H 114 15.24 71.56 -51.64
N ASN H 115 14.55 72.30 -50.76
CA ASN H 115 13.60 73.36 -51.14
C ASN H 115 12.50 72.81 -52.05
N TYR H 116 11.90 71.70 -51.64
CA TYR H 116 10.95 70.98 -52.48
C TYR H 116 9.73 71.83 -52.78
N GLY H 117 9.36 71.88 -54.06
CA GLY H 117 8.19 72.61 -54.49
C GLY H 117 8.33 74.12 -54.45
N GLN H 118 9.52 74.63 -54.15
CA GLN H 118 9.73 76.06 -53.98
C GLN H 118 10.90 76.54 -54.84
N GLY H 119 11.17 75.84 -55.93
CA GLY H 119 12.31 76.17 -56.77
C GLY H 119 13.58 75.50 -56.27
N ARG H 120 14.52 75.33 -57.20
CA ARG H 120 15.80 74.69 -56.90
C ARG H 120 16.86 75.77 -56.74
N ASN H 121 17.43 75.86 -55.55
CA ASN H 121 18.35 76.93 -55.21
C ASN H 121 19.77 76.40 -55.30
N PRO H 122 20.58 76.85 -56.28
CA PRO H 122 21.98 76.38 -56.35
C PRO H 122 22.81 76.73 -55.13
N PHE H 123 22.39 77.73 -54.36
CA PHE H 123 23.09 78.15 -53.15
C PHE H 123 22.63 77.36 -51.93
N PHE H 124 21.55 76.60 -52.04
CA PHE H 124 21.16 75.62 -51.02
C PHE H 124 21.84 74.31 -51.36
N LEU H 125 23.12 74.24 -51.04
CA LEU H 125 23.93 73.09 -51.45
C LEU H 125 24.78 72.61 -50.28
N GLU H 126 24.95 71.30 -50.20
CA GLU H 126 25.84 70.66 -49.25
C GLU H 126 26.77 69.80 -50.08
N PRO H 127 27.81 70.40 -50.67
CA PRO H 127 28.59 69.71 -51.71
C PRO H 127 29.34 68.50 -51.16
N ALA H 128 29.08 67.35 -51.75
CA ALA H 128 29.73 66.10 -51.38
C ALA H 128 30.15 65.37 -52.64
N ILE H 129 31.22 64.59 -52.52
CA ILE H 129 31.62 63.67 -53.57
C ILE H 129 31.87 62.30 -52.96
N ILE H 130 31.36 61.27 -53.60
CA ILE H 130 31.61 59.89 -53.19
C ILE H 130 32.73 59.36 -54.06
N ILE H 131 33.85 59.04 -53.43
CA ILE H 131 34.98 58.41 -54.11
C ILE H 131 34.93 56.93 -53.74
N THR H 132 34.38 56.12 -54.64
CA THR H 132 34.32 54.69 -54.41
C THR H 132 35.55 54.02 -55.01
N ILE H 133 36.30 53.31 -54.18
CA ILE H 133 37.50 52.61 -54.61
C ILE H 133 37.16 51.13 -54.65
N THR H 134 37.36 50.51 -55.80
CA THR H 134 36.93 49.13 -55.99
C THR H 134 37.81 48.48 -57.05
N ASP H 135 37.45 47.28 -57.43
CA ASP H 135 38.02 46.57 -58.57
C ASP H 135 36.93 46.32 -59.58
N GLY H 136 37.32 45.82 -60.75
CA GLY H 136 36.35 45.51 -61.77
C GLY H 136 35.63 44.20 -61.62
N SER H 137 35.80 43.51 -60.50
CA SER H 137 35.17 42.22 -60.27
C SER H 137 33.65 42.34 -60.29
N LYS H 138 33.01 41.30 -60.80
CA LYS H 138 31.56 41.32 -61.00
C LYS H 138 30.82 41.42 -59.67
N LEU H 139 29.64 42.03 -59.74
CA LEU H 139 28.85 42.23 -58.54
C LEU H 139 28.22 40.92 -58.11
N THR H 140 28.16 40.70 -56.80
CA THR H 140 27.72 39.43 -56.24
C THR H 140 26.69 39.65 -55.16
N THR H 141 25.82 38.64 -55.02
CA THR H 141 24.89 38.52 -53.92
C THR H 141 24.90 37.07 -53.49
N THR H 142 24.12 36.75 -52.46
CA THR H 142 24.03 35.37 -51.99
C THR H 142 23.45 34.47 -53.07
N SER H 143 22.48 34.96 -53.84
CA SER H 143 21.86 34.15 -54.87
C SER H 143 22.81 33.89 -56.03
N GLY H 144 23.48 34.93 -56.52
CA GLY H 144 24.36 34.78 -57.65
C GLY H 144 25.13 36.04 -58.01
N VAL H 145 25.38 36.23 -59.30
CA VAL H 145 26.18 37.34 -59.81
C VAL H 145 25.25 38.28 -60.55
N GLN H 146 25.40 39.58 -60.29
CA GLN H 146 24.65 40.61 -61.00
C GLN H 146 25.54 41.20 -62.09
N ASP H 147 25.09 41.11 -63.33
CA ASP H 147 25.86 41.59 -64.46
C ASP H 147 25.74 43.10 -64.65
N GLU H 148 24.90 43.77 -63.88
CA GLU H 148 24.62 45.17 -64.06
C GLU H 148 24.35 45.81 -62.71
N LEU H 149 24.55 47.12 -62.62
CA LEU H 149 24.38 47.85 -61.38
C LEU H 149 22.94 48.33 -61.26
N HIS H 150 22.30 47.95 -60.16
CA HIS H 150 20.92 48.35 -59.88
C HIS H 150 20.79 48.69 -58.41
N LEU H 151 20.49 49.95 -58.13
CA LEU H 151 20.34 50.38 -56.74
C LEU H 151 19.00 49.86 -56.21
N PRO H 152 18.98 49.21 -55.05
CA PRO H 152 17.72 48.71 -54.50
C PRO H 152 16.77 49.84 -54.15
N LEU H 153 15.47 49.53 -54.20
CA LEU H 153 14.44 50.48 -53.84
C LEU H 153 13.71 50.12 -52.55
N ASN H 154 13.93 48.93 -52.00
CA ASN H 154 13.27 48.53 -50.77
C ASN H 154 13.71 49.42 -49.61
N SER H 155 12.83 49.51 -48.60
CA SER H 155 12.99 50.34 -47.40
C SER H 155 13.22 51.80 -47.80
N PRO H 156 12.28 52.44 -48.49
CA PRO H 156 12.52 53.82 -48.95
C PRO H 156 12.64 54.80 -47.80
N LEU H 157 13.54 55.76 -47.96
CA LEU H 157 13.67 56.84 -47.00
C LEU H 157 12.40 57.69 -47.01
N PRO H 158 12.01 58.27 -45.88
CA PRO H 158 10.85 59.16 -45.89
C PRO H 158 11.12 60.36 -46.78
N GLY H 159 10.24 60.56 -47.76
CA GLY H 159 10.42 61.63 -48.71
C GLY H 159 11.35 61.32 -49.86
N SER H 160 11.87 60.09 -49.95
CA SER H 160 12.71 59.69 -51.06
C SER H 160 11.98 59.75 -52.40
N GLU H 161 10.65 59.61 -52.37
CA GLU H 161 9.86 59.69 -53.60
C GLU H 161 9.85 61.08 -54.23
N LEU H 162 10.21 62.12 -53.48
CA LEU H 162 10.15 63.47 -54.01
C LEU H 162 11.20 63.72 -55.08
N THR H 163 12.34 63.05 -55.00
CA THR H 163 13.34 63.07 -56.05
C THR H 163 13.48 61.66 -56.61
N LYS H 164 13.32 61.51 -57.92
CA LYS H 164 13.22 60.21 -58.55
C LYS H 164 14.56 59.49 -58.70
N GLU H 165 15.62 60.02 -58.12
CA GLU H 165 16.93 59.38 -58.09
C GLU H 165 17.48 59.42 -56.68
N PRO H 166 18.36 58.48 -56.30
CA PRO H 166 18.92 58.54 -54.94
C PRO H 166 19.91 59.67 -54.75
N PHE H 167 20.81 59.86 -55.71
CA PHE H 167 21.77 60.94 -55.66
C PHE H 167 21.08 62.28 -55.84
N ARG H 168 21.78 63.34 -55.44
CA ARG H 168 21.20 64.67 -55.37
C ARG H 168 21.99 65.65 -56.23
N TRP H 169 21.50 66.89 -56.22
CA TRP H 169 22.04 67.97 -57.03
C TRP H 169 23.52 68.21 -56.76
N ASP H 170 23.90 68.21 -55.48
CA ASP H 170 25.23 68.61 -55.05
C ASP H 170 26.10 67.42 -54.69
N GLN H 171 25.85 66.27 -55.32
CA GLN H 171 26.56 65.04 -55.04
C GLN H 171 27.10 64.48 -56.34
N ARG H 172 28.35 64.02 -56.31
CA ARG H 172 29.00 63.42 -57.48
C ARG H 172 29.68 62.13 -57.08
N LEU H 173 29.59 61.13 -57.95
CA LEU H 173 30.14 59.81 -57.68
C LEU H 173 31.36 59.59 -58.57
N PHE H 174 32.49 59.28 -57.94
CA PHE H 174 33.73 58.99 -58.65
C PHE H 174 34.20 57.59 -58.28
N ALA H 175 34.57 56.81 -59.29
CA ALA H 175 35.02 55.45 -59.08
C ALA H 175 36.50 55.33 -59.36
N LEU H 176 37.23 54.77 -58.41
CA LEU H 176 38.63 54.42 -58.56
C LEU H 176 38.68 52.91 -58.71
N VAL H 177 38.68 52.44 -59.95
CA VAL H 177 38.69 51.01 -60.22
C VAL H 177 40.13 50.55 -60.34
N LEU H 178 40.55 49.68 -59.43
CA LEU H 178 41.93 49.19 -59.38
C LEU H 178 42.04 47.97 -60.27
N ARG H 179 42.81 48.09 -61.36
CA ARG H 179 43.10 46.99 -62.26
C ARG H 179 44.59 46.66 -62.21
N LEU H 180 45.19 46.82 -61.05
CA LEU H 180 46.63 46.58 -60.91
C LEU H 180 46.91 45.09 -61.06
N PRO H 181 47.74 44.68 -62.02
CA PRO H 181 48.00 43.25 -62.20
C PRO H 181 48.97 42.73 -61.15
N GLY H 182 48.99 41.41 -61.02
CA GLY H 182 49.93 40.78 -60.13
C GLY H 182 51.34 40.72 -60.65
N THR H 183 51.54 41.05 -61.92
CA THR H 183 52.86 41.08 -62.53
C THR H 183 53.24 42.52 -62.86
N MET H 184 54.54 42.79 -62.79
CA MET H 184 55.08 44.12 -63.05
C MET H 184 54.84 44.42 -64.53
N SER H 185 53.84 45.26 -64.81
CA SER H 185 53.44 45.58 -66.17
C SER H 185 54.59 46.15 -67.01
N VAL H 186 54.77 45.59 -68.21
CA VAL H 186 55.84 46.02 -69.10
C VAL H 186 55.58 47.36 -69.77
N GLU H 187 54.36 47.88 -69.67
CA GLU H 187 54.04 49.18 -70.25
C GLU H 187 54.85 50.29 -69.59
N SER H 188 55.30 51.24 -70.40
CA SER H 188 56.03 52.37 -69.85
C SER H 188 55.08 53.29 -69.10
N GLU H 189 55.66 54.21 -68.32
CA GLU H 189 54.88 55.15 -67.53
C GLU H 189 54.43 56.33 -68.39
N GLN H 190 53.50 56.05 -69.28
CA GLN H 190 53.02 57.04 -70.24
C GLN H 190 52.19 58.12 -69.56
N LEU H 191 52.42 59.37 -69.96
CA LEU H 191 51.79 60.53 -69.34
C LEU H 191 50.40 60.82 -69.89
N THR H 192 49.78 59.88 -70.61
CA THR H 192 48.45 60.07 -71.15
C THR H 192 47.40 60.24 -70.06
N GLY H 193 46.20 60.62 -70.48
CA GLY H 193 45.09 60.75 -69.56
C GLY H 193 44.63 59.39 -69.04
N VAL H 194 43.92 59.44 -67.92
CA VAL H 194 43.45 58.20 -67.29
C VAL H 194 42.25 57.68 -68.08
N PRO H 195 42.20 56.38 -68.40
CA PRO H 195 41.05 55.84 -69.12
C PRO H 195 39.79 55.81 -68.25
N LEU H 196 38.65 55.91 -68.92
CA LEU H 196 37.39 55.60 -68.25
C LEU H 196 37.26 54.09 -68.10
N ASP H 197 36.82 53.66 -66.92
CA ASP H 197 36.64 52.24 -66.68
C ASP H 197 35.38 51.74 -67.39
N ASP H 198 35.36 50.42 -67.65
CA ASP H 198 34.24 49.79 -68.33
C ASP H 198 33.40 48.91 -67.41
N SER H 199 33.50 49.12 -66.10
CA SER H 199 32.74 48.33 -65.15
C SER H 199 31.31 48.87 -65.04
N ALA H 200 30.51 48.21 -64.21
CA ALA H 200 29.11 48.58 -64.03
C ALA H 200 28.94 49.88 -63.25
N ILE H 201 30.00 50.42 -62.66
CA ILE H 201 29.88 51.65 -61.88
C ILE H 201 30.03 52.89 -62.76
N THR H 202 30.63 52.75 -63.95
CA THR H 202 30.84 53.90 -64.82
C THR H 202 29.55 54.60 -65.28
N PRO H 203 28.46 53.90 -65.69
CA PRO H 203 27.23 54.64 -66.01
C PRO H 203 26.68 55.46 -64.86
N MET H 204 26.71 54.89 -63.64
CA MET H 204 26.21 55.63 -62.48
C MET H 204 27.11 56.82 -62.16
N CYS H 205 28.42 56.65 -62.35
CA CYS H 205 29.35 57.77 -62.15
C CYS H 205 29.07 58.90 -63.13
N GLU H 206 28.90 58.56 -64.41
CA GLU H 206 28.67 59.58 -65.43
C GLU H 206 27.32 60.27 -65.23
N VAL H 207 26.30 59.51 -64.83
CA VAL H 207 24.97 60.08 -64.60
C VAL H 207 25.02 61.12 -63.48
N THR H 208 25.77 60.84 -62.41
CA THR H 208 25.86 61.75 -61.28
C THR H 208 26.65 63.02 -61.59
N GLY H 209 27.36 63.07 -62.71
CA GLY H 209 28.26 64.16 -63.00
C GLY H 209 29.70 63.90 -62.66
N GLY H 210 30.03 62.72 -62.16
CA GLY H 210 31.40 62.31 -61.93
C GLY H 210 31.93 61.46 -63.06
N ARG H 211 33.00 60.73 -62.77
CA ARG H 211 33.59 59.84 -63.76
C ARG H 211 34.33 58.73 -63.05
N SER H 212 34.54 57.64 -63.77
CA SER H 212 35.29 56.50 -63.26
C SER H 212 36.76 56.59 -63.71
N TYR H 213 37.64 56.07 -62.86
CA TYR H 213 39.07 56.03 -63.13
C TYR H 213 39.52 54.58 -63.16
N SER H 214 40.21 54.18 -64.23
CA SER H 214 40.82 52.87 -64.31
C SER H 214 42.30 52.99 -63.96
N VAL H 215 42.74 52.21 -62.98
CA VAL H 215 44.08 52.31 -62.44
C VAL H 215 44.75 50.95 -62.61
N CYS H 216 45.95 50.95 -63.18
CA CYS H 216 46.73 49.71 -63.23
C CYS H 216 48.22 49.96 -62.98
N SER H 217 48.56 51.05 -62.31
CA SER H 217 49.94 51.38 -61.97
C SER H 217 49.93 52.39 -60.84
N PRO H 218 50.92 52.37 -59.95
CA PRO H 218 50.97 53.41 -58.90
C PRO H 218 51.06 54.82 -59.47
N ARG H 219 51.73 54.97 -60.62
CA ARG H 219 51.78 56.28 -61.29
C ARG H 219 50.39 56.70 -61.72
N MET H 220 49.62 55.76 -62.27
CA MET H 220 48.26 56.06 -62.66
C MET H 220 47.43 56.41 -61.43
N LEU H 221 47.66 55.69 -60.32
CA LEU H 221 46.97 55.96 -59.06
C LEU H 221 47.20 57.39 -58.61
N ASN H 222 48.46 57.82 -58.61
CA ASN H 222 48.78 59.20 -58.24
C ASN H 222 48.06 60.18 -59.17
N GLN H 223 48.08 59.90 -60.48
CA GLN H 223 47.43 60.80 -61.43
C GLN H 223 45.92 60.94 -61.13
N CYS H 224 45.25 59.81 -60.86
CA CYS H 224 43.81 59.88 -60.55
C CYS H 224 43.56 60.60 -59.25
N LEU H 225 44.42 60.38 -58.25
CA LEU H 225 44.22 61.06 -56.96
C LEU H 225 44.41 62.57 -57.11
N GLU H 226 45.40 62.98 -57.91
CA GLU H 226 45.59 64.42 -58.17
C GLU H 226 44.38 65.02 -58.86
N SER H 227 43.88 64.33 -59.91
CA SER H 227 42.70 64.83 -60.61
C SER H 227 41.48 64.88 -59.70
N LEU H 228 41.34 63.88 -58.81
CA LEU H 228 40.24 63.86 -57.86
C LEU H 228 40.33 65.01 -56.88
N VAL H 229 41.55 65.31 -56.40
CA VAL H 229 41.74 66.45 -55.52
C VAL H 229 41.36 67.73 -56.23
N GLN H 230 41.67 67.83 -57.52
CA GLN H 230 41.26 68.99 -58.30
C GLN H 230 39.76 69.06 -58.51
N LYS H 231 39.03 67.96 -58.31
CA LYS H 231 37.60 67.90 -58.58
C LYS H 231 36.76 68.06 -57.32
N VAL H 232 37.37 68.44 -56.20
CA VAL H 232 36.61 68.76 -54.99
C VAL H 232 36.18 70.21 -55.05
N GLN H 233 34.98 70.45 -55.57
CA GLN H 233 34.47 71.80 -55.75
C GLN H 233 33.07 71.90 -55.18
N SER H 234 32.73 73.10 -54.72
CA SER H 234 31.38 73.40 -54.25
C SER H 234 30.54 73.83 -55.45
N GLY H 235 29.61 72.98 -55.86
CA GLY H 235 28.78 73.29 -57.00
C GLY H 235 27.69 72.25 -57.16
N VAL H 236 26.80 72.51 -58.11
CA VAL H 236 25.67 71.64 -58.38
C VAL H 236 25.72 71.22 -59.85
N VAL H 237 25.39 69.94 -60.09
CA VAL H 237 25.44 69.37 -61.42
C VAL H 237 24.17 69.74 -62.18
N ILE H 238 24.33 70.35 -63.34
CA ILE H 238 23.20 70.75 -64.18
C ILE H 238 23.22 69.87 -65.42
N ASN H 239 22.05 69.33 -65.77
CA ASN H 239 21.89 68.54 -66.98
C ASN H 239 21.58 69.49 -68.13
N PHE H 240 22.62 69.93 -68.81
CA PHE H 240 22.46 70.87 -69.91
C PHE H 240 22.06 70.12 -71.17
N GLU H 241 20.98 70.57 -71.80
CA GLU H 241 20.48 69.98 -73.04
C GLU H 241 20.34 71.05 -74.09
N LYS H 242 20.37 70.63 -75.35
CA LYS H 242 20.21 71.54 -76.47
C LYS H 242 18.77 71.51 -76.96
N ALA H 243 18.20 72.68 -77.18
CA ALA H 243 16.84 72.81 -77.71
C ALA H 243 16.91 73.52 -79.05
N GLY H 244 16.07 73.09 -79.99
CA GLY H 244 16.03 73.68 -81.30
C GLY H 244 17.07 73.06 -82.23
N PRO H 245 17.21 73.61 -83.42
CA PRO H 245 18.18 73.07 -84.38
C PRO H 245 19.58 73.59 -84.09
N ASP H 246 20.54 73.03 -84.82
CA ASP H 246 21.92 73.46 -84.71
C ASP H 246 22.07 74.92 -85.16
N PRO H 247 23.01 75.68 -84.59
CA PRO H 247 23.15 77.08 -84.98
C PRO H 247 23.80 77.26 -86.35
N SER H 263 23.33 64.70 -80.78
CA SER H 263 24.20 63.69 -81.37
C SER H 263 25.66 64.16 -81.32
N GLN H 264 25.96 65.09 -80.43
CA GLN H 264 27.27 65.67 -80.25
C GLN H 264 27.58 65.71 -78.76
N PRO H 265 28.88 65.77 -78.39
CA PRO H 265 29.21 65.86 -76.95
C PRO H 265 28.62 67.08 -76.25
N TRP H 266 28.56 68.22 -76.94
CA TRP H 266 28.04 69.43 -76.33
C TRP H 266 26.52 69.54 -76.41
N HIS H 267 25.85 68.57 -77.04
CA HIS H 267 24.39 68.59 -77.05
C HIS H 267 23.82 68.22 -75.68
N SER H 268 24.41 67.23 -75.02
CA SER H 268 23.98 66.81 -73.69
C SER H 268 25.21 66.68 -72.81
N CYS H 269 25.14 67.27 -71.62
CA CYS H 269 26.26 67.21 -70.69
C CYS H 269 25.77 67.38 -69.26
N HIS H 270 26.33 66.58 -68.36
CA HIS H 270 26.05 66.71 -66.93
C HIS H 270 27.16 67.53 -66.25
N LYS H 271 27.28 68.78 -66.66
CA LYS H 271 28.33 69.63 -66.16
C LYS H 271 27.98 70.20 -64.80
N LEU H 272 28.99 70.76 -64.14
CA LEU H 272 28.86 71.36 -62.83
C LEU H 272 29.02 72.86 -62.95
N ILE H 273 28.18 73.62 -62.24
CA ILE H 273 28.30 75.07 -62.15
C ILE H 273 28.83 75.39 -60.76
N TYR H 274 29.83 76.28 -60.71
CA TYR H 274 30.46 76.58 -59.43
C TYR H 274 29.60 77.54 -58.62
N VAL H 275 29.61 77.34 -57.31
CA VAL H 275 28.94 78.23 -56.37
C VAL H 275 29.98 78.71 -55.37
N ARG H 276 30.18 80.02 -55.29
CA ARG H 276 31.26 80.59 -54.51
C ARG H 276 30.70 81.25 -53.25
N PRO H 277 31.07 80.79 -52.07
CA PRO H 277 30.53 81.38 -50.84
C PRO H 277 31.17 82.72 -50.52
N ASN H 278 30.48 83.47 -49.65
CA ASN H 278 30.93 84.75 -49.11
C ASN H 278 31.25 85.78 -50.21
N VAL H 283 29.04 80.55 -46.63
CA VAL H 283 27.74 81.22 -46.71
C VAL H 283 27.45 81.72 -48.12
N PRO H 284 27.13 80.82 -49.04
CA PRO H 284 26.78 81.23 -50.41
C PRO H 284 25.56 82.14 -50.43
N ILE H 285 25.60 83.13 -51.31
CA ILE H 285 24.57 84.14 -51.42
C ILE H 285 23.96 84.05 -52.81
N GLY H 286 22.64 83.99 -52.87
CA GLY H 286 21.95 83.96 -54.13
C GLY H 286 20.49 84.28 -53.96
N HIS H 287 19.84 84.62 -55.07
CA HIS H 287 18.47 85.10 -55.04
C HIS H 287 17.52 84.25 -55.87
N TRP H 288 17.87 83.94 -57.10
CA TRP H 288 16.90 83.38 -58.02
C TRP H 288 17.05 81.87 -58.10
N PRO H 289 15.98 81.11 -57.90
CA PRO H 289 16.06 79.66 -58.03
C PRO H 289 16.00 79.21 -59.48
N VAL H 290 16.47 77.98 -59.69
CA VAL H 290 16.22 77.28 -60.95
C VAL H 290 14.75 76.85 -61.00
N PRO H 291 14.04 77.07 -62.10
CA PRO H 291 12.60 76.74 -62.14
C PRO H 291 12.33 75.26 -61.91
N GLU H 292 11.18 74.98 -61.33
CA GLU H 292 10.72 73.61 -61.22
C GLU H 292 10.32 73.06 -62.58
N SER H 293 10.23 71.74 -62.67
CA SER H 293 9.82 71.07 -63.89
C SER H 293 8.31 70.91 -64.00
N PHE H 294 7.55 71.70 -63.23
CA PHE H 294 6.09 71.62 -63.27
C PHE H 294 5.52 72.97 -62.85
N TRP H 295 4.27 73.19 -63.22
CA TRP H 295 3.56 74.39 -62.79
C TRP H 295 2.86 74.11 -61.47
N PRO H 296 3.16 74.87 -60.42
CA PRO H 296 2.53 74.61 -59.11
C PRO H 296 1.03 74.88 -59.14
N ASP H 297 0.31 74.17 -58.29
CA ASP H 297 -1.12 74.41 -58.10
C ASP H 297 -1.47 74.12 -56.65
N GLN H 298 -2.53 74.77 -56.17
CA GLN H 298 -2.92 74.69 -54.78
C GLN H 298 -3.91 73.54 -54.51
N ASN H 299 -4.23 72.75 -55.53
CA ASN H 299 -5.16 71.64 -55.37
C ASN H 299 -4.50 70.28 -55.59
N SER H 300 -3.20 70.24 -55.83
CA SER H 300 -2.50 68.97 -55.99
C SER H 300 -2.25 68.33 -54.63
N PRO H 301 -2.79 67.15 -54.36
CA PRO H 301 -2.49 66.48 -53.08
C PRO H 301 -1.02 66.16 -52.90
N THR H 302 -0.31 65.86 -53.98
CA THR H 302 1.07 65.42 -53.92
C THR H 302 1.93 66.24 -54.88
N LEU H 303 3.17 66.40 -54.51
CA LEU H 303 4.14 67.16 -55.29
C LEU H 303 4.77 66.26 -56.35
N PRO H 304 4.89 66.71 -57.59
CA PRO H 304 5.48 65.87 -58.62
C PRO H 304 6.94 65.55 -58.29
N PRO H 305 7.41 64.37 -58.66
CA PRO H 305 8.80 64.02 -58.36
C PRO H 305 9.78 64.86 -59.15
N ARG H 306 10.97 65.04 -58.57
CA ARG H 306 12.00 65.88 -59.16
C ARG H 306 13.09 65.03 -59.79
N THR H 307 13.61 65.51 -60.92
CA THR H 307 14.88 64.98 -61.40
C THR H 307 15.98 65.54 -60.53
N SER H 308 16.99 64.72 -60.21
CA SER H 308 18.04 65.21 -59.33
C SER H 308 18.91 66.24 -60.04
N HIS H 309 19.09 66.08 -61.33
CA HIS H 309 19.79 67.06 -62.15
C HIS H 309 18.74 67.73 -63.01
N PRO H 310 18.47 69.03 -62.84
CA PRO H 310 17.44 69.68 -63.64
C PRO H 310 17.80 69.67 -65.12
N VAL H 311 16.83 69.32 -65.96
CA VAL H 311 17.03 69.32 -67.40
C VAL H 311 16.96 70.76 -67.87
N VAL H 312 18.13 71.36 -68.09
CA VAL H 312 18.24 72.74 -68.53
C VAL H 312 18.45 72.74 -70.03
N LYS H 313 17.58 73.44 -70.75
CA LYS H 313 17.63 73.51 -72.20
C LYS H 313 18.10 74.89 -72.63
N PHE H 314 19.07 74.95 -73.54
CA PHE H 314 19.54 76.21 -74.09
C PHE H 314 19.23 76.26 -75.58
N SER H 315 19.01 77.48 -76.07
CA SER H 315 18.81 77.73 -77.49
C SER H 315 20.05 78.45 -78.03
N CYS H 316 20.70 77.85 -79.03
CA CYS H 316 21.89 78.43 -79.65
C CYS H 316 21.43 79.47 -80.66
N THR H 317 21.02 80.63 -80.14
CA THR H 317 20.50 81.72 -80.95
C THR H 317 21.36 82.98 -80.88
N ASP H 318 22.19 83.12 -79.85
CA ASP H 318 23.04 84.31 -79.60
C ASP H 318 22.18 85.56 -79.44
N CYS H 319 21.35 85.55 -78.39
CA CYS H 319 20.57 86.72 -78.01
C CYS H 319 21.45 87.72 -77.27
N GLU H 320 20.83 88.82 -76.84
CA GLU H 320 21.53 89.88 -76.10
C GLU H 320 21.42 89.62 -74.61
N PRO H 321 22.51 89.72 -73.85
CA PRO H 321 22.42 89.56 -72.38
C PRO H 321 22.02 90.83 -71.63
N MET H 322 20.71 91.12 -71.66
CA MET H 322 20.18 92.31 -71.03
C MET H 322 20.31 92.23 -69.51
N VAL H 323 20.75 93.35 -68.91
CA VAL H 323 20.92 93.48 -67.47
C VAL H 323 20.56 94.91 -67.10
N ILE H 324 19.85 95.09 -65.97
CA ILE H 324 19.62 96.40 -65.40
C ILE H 324 20.57 96.59 -64.23
N ASP H 325 20.75 97.86 -63.82
CA ASP H 325 21.88 98.25 -62.96
C ASP H 325 21.79 97.61 -61.58
N LYS H 326 20.65 97.73 -60.90
CA LYS H 326 20.56 97.42 -59.48
C LYS H 326 20.02 96.03 -59.20
N LEU H 327 19.76 95.23 -60.24
CA LEU H 327 19.12 93.94 -60.02
C LEU H 327 20.08 92.96 -59.34
N PRO H 328 19.56 92.11 -58.45
CA PRO H 328 20.36 90.99 -57.93
C PRO H 328 20.36 89.85 -58.94
N PHE H 329 21.52 89.61 -59.55
CA PHE H 329 21.68 88.51 -60.49
C PHE H 329 22.71 87.53 -59.98
N ASP H 330 22.37 86.25 -60.01
CA ASP H 330 23.29 85.20 -59.59
C ASP H 330 24.13 84.76 -60.77
N LYS H 331 25.45 84.73 -60.58
CA LYS H 331 26.39 84.30 -61.61
C LYS H 331 27.10 83.04 -61.16
N TYR H 332 27.03 81.99 -61.99
CA TYR H 332 27.61 80.70 -61.64
C TYR H 332 28.54 80.28 -62.77
N GLU H 333 29.81 80.06 -62.42
CA GLU H 333 30.83 79.72 -63.40
C GLU H 333 30.76 78.23 -63.73
N LEU H 334 30.54 77.92 -65.00
CA LEU H 334 30.54 76.53 -65.44
C LEU H 334 31.93 75.95 -65.39
N GLU H 335 32.02 74.66 -65.04
CA GLU H 335 33.29 73.96 -65.10
C GLU H 335 33.65 73.70 -66.56
N PRO H 336 34.93 73.42 -66.87
CA PRO H 336 35.30 73.06 -68.24
C PRO H 336 34.53 71.85 -68.74
N SER H 337 34.07 71.92 -69.97
CA SER H 337 33.25 70.89 -70.58
C SER H 337 33.20 71.14 -72.08
N PRO H 338 32.79 70.14 -72.88
CA PRO H 338 32.67 70.39 -74.33
C PRO H 338 31.71 71.52 -74.69
N LEU H 339 30.66 71.73 -73.90
CA LEU H 339 29.78 72.87 -74.14
C LEU H 339 30.51 74.20 -73.95
N THR H 340 31.31 74.30 -72.89
CA THR H 340 32.13 75.48 -72.68
C THR H 340 33.15 75.64 -73.80
N GLN H 341 33.73 74.52 -74.26
CA GLN H 341 34.64 74.56 -75.38
C GLN H 341 33.97 75.11 -76.64
N PHE H 342 32.74 74.64 -76.91
CA PHE H 342 31.99 75.11 -78.07
C PHE H 342 31.72 76.61 -77.97
N ILE H 343 31.26 77.06 -76.80
CA ILE H 343 30.91 78.47 -76.63
C ILE H 343 32.14 79.35 -76.75
N LEU H 344 33.26 78.94 -76.14
CA LEU H 344 34.48 79.73 -76.24
C LEU H 344 35.15 79.61 -77.61
N GLU H 345 34.81 78.59 -78.38
CA GLU H 345 35.36 78.44 -79.74
C GLU H 345 34.59 79.25 -80.77
N ARG H 346 33.27 79.37 -80.62
CA ARG H 346 32.53 80.26 -81.53
C ARG H 346 32.89 81.73 -81.32
N LYS H 347 33.43 82.08 -80.15
CA LYS H 347 34.00 83.40 -79.85
C LYS H 347 32.98 84.52 -80.04
N SER H 348 31.93 84.47 -79.23
CA SER H 348 30.88 85.50 -79.22
C SER H 348 30.59 85.95 -77.80
N PRO H 349 31.56 86.60 -77.13
CA PRO H 349 31.34 87.01 -75.73
C PRO H 349 30.29 88.10 -75.54
N GLN H 350 29.88 88.79 -76.60
CA GLN H 350 28.87 89.84 -76.47
C GLN H 350 27.45 89.32 -76.68
N THR H 351 27.26 88.03 -76.94
CA THR H 351 25.96 87.44 -77.12
C THR H 351 25.78 86.27 -76.17
N CYS H 352 24.52 85.90 -75.93
CA CYS H 352 24.19 84.85 -74.98
C CYS H 352 23.12 83.92 -75.54
N TRP H 353 23.14 82.68 -75.05
CA TRP H 353 22.15 81.66 -75.41
C TRP H 353 21.09 81.64 -74.32
N GLN H 354 19.84 81.88 -74.70
CA GLN H 354 18.74 81.83 -73.74
C GLN H 354 18.56 80.41 -73.20
N VAL H 355 18.12 80.33 -71.95
CA VAL H 355 18.10 79.08 -71.20
C VAL H 355 16.71 78.86 -70.64
N TYR H 356 16.20 77.63 -70.80
CA TYR H 356 14.83 77.31 -70.47
C TYR H 356 14.77 76.08 -69.56
N VAL H 357 13.66 75.96 -68.83
CA VAL H 357 13.30 74.72 -68.15
C VAL H 357 11.97 74.27 -68.71
N SER H 358 11.92 73.05 -69.22
CA SER H 358 10.71 72.54 -69.86
C SER H 358 9.61 72.33 -68.82
N ASN H 359 8.38 72.68 -69.20
CA ASN H 359 7.16 72.51 -68.42
C ASN H 359 7.11 73.38 -67.18
N SER H 360 7.99 74.38 -67.06
CA SER H 360 7.90 75.33 -65.96
C SER H 360 6.79 76.34 -66.14
N ALA H 361 6.26 76.50 -67.33
CA ALA H 361 5.22 77.50 -67.59
C ALA H 361 3.83 76.91 -67.38
N LYS H 362 2.83 77.78 -67.48
CA LYS H 362 1.44 77.33 -67.39
C LYS H 362 1.08 76.40 -68.54
N TYR H 363 1.44 76.77 -69.75
CA TYR H 363 1.02 76.03 -70.93
C TYR H 363 2.18 75.63 -71.82
N SER H 364 3.19 76.49 -71.97
CA SER H 364 4.29 76.24 -72.88
C SER H 364 5.08 75.00 -72.48
N GLU H 365 5.34 74.12 -73.45
CA GLU H 365 6.14 72.94 -73.18
C GLU H 365 7.59 73.32 -72.91
N LEU H 366 8.15 74.20 -73.73
CA LEU H 366 9.51 74.66 -73.51
C LEU H 366 9.60 75.65 -72.36
N GLY H 367 8.56 76.45 -72.15
CA GLY H 367 8.56 77.41 -71.07
C GLY H 367 9.28 78.69 -71.46
N HIS H 368 9.23 79.64 -70.53
CA HIS H 368 9.85 80.93 -70.71
C HIS H 368 11.31 80.88 -70.26
N PRO H 369 12.17 81.79 -70.72
CA PRO H 369 13.56 81.75 -70.27
C PRO H 369 13.71 82.21 -68.82
N PHE H 370 14.76 81.70 -68.17
CA PHE H 370 15.10 82.18 -66.85
C PHE H 370 16.56 82.59 -66.73
N GLY H 371 17.36 82.43 -67.78
CA GLY H 371 18.76 82.77 -67.68
C GLY H 371 19.44 82.59 -69.01
N TYR H 372 20.76 82.70 -68.99
CA TYR H 372 21.50 82.56 -70.24
C TYR H 372 22.95 82.20 -69.97
N LEU H 373 23.56 81.53 -70.95
CA LEU H 373 25.00 81.29 -70.95
C LEU H 373 25.69 82.46 -71.65
N LYS H 374 26.56 83.15 -70.94
CA LYS H 374 27.33 84.26 -71.51
C LYS H 374 28.80 84.00 -71.26
N ALA H 375 29.57 83.89 -72.33
CA ALA H 375 31.01 83.71 -72.20
C ALA H 375 31.65 84.96 -71.60
N SER H 376 32.72 84.75 -70.84
CA SER H 376 33.41 85.86 -70.20
C SER H 376 34.12 86.73 -71.23
N THR H 377 34.54 87.92 -70.77
CA THR H 377 35.22 88.87 -71.64
C THR H 377 36.53 88.30 -72.18
N ALA H 378 37.29 87.60 -71.34
CA ALA H 378 38.55 87.00 -71.75
C ALA H 378 38.38 85.72 -72.55
N LEU H 379 37.15 85.23 -72.70
CA LEU H 379 36.86 83.91 -73.30
C LEU H 379 37.62 82.79 -72.59
N ASN H 380 37.73 82.91 -71.27
CA ASN H 380 38.35 81.90 -70.44
C ASN H 380 37.34 81.01 -69.72
N CYS H 381 36.12 81.51 -69.50
CA CYS H 381 35.10 80.74 -68.81
C CYS H 381 33.73 81.18 -69.31
N VAL H 382 32.75 80.30 -69.12
CA VAL H 382 31.36 80.57 -69.45
C VAL H 382 30.58 80.58 -68.14
N ASN H 383 29.81 81.63 -67.93
CA ASN H 383 29.03 81.81 -66.70
C ASN H 383 27.55 81.75 -67.00
N LEU H 384 26.80 81.12 -66.10
CA LEU H 384 25.35 81.10 -66.18
C LEU H 384 24.80 82.23 -65.34
N PHE H 385 23.96 83.06 -65.96
CA PHE H 385 23.35 84.21 -65.31
C PHE H 385 21.89 83.87 -65.03
N VAL H 386 21.60 83.51 -63.78
CA VAL H 386 20.25 83.15 -63.36
C VAL H 386 19.41 84.39 -63.12
N MET H 387 18.47 84.66 -64.02
CA MET H 387 17.60 85.82 -64.02
C MET H 387 16.24 85.45 -63.44
N PRO H 388 15.35 86.42 -63.20
CA PRO H 388 13.97 86.07 -62.85
C PRO H 388 13.29 85.30 -63.98
N TYR H 389 12.21 84.61 -63.64
CA TYR H 389 11.46 83.86 -64.62
C TYR H 389 10.88 84.80 -65.67
N ASN H 390 11.04 84.41 -66.94
CA ASN H 390 10.58 85.18 -68.10
C ASN H 390 11.16 86.59 -68.08
N TYR H 391 12.47 86.67 -67.85
CA TYR H 391 13.13 87.96 -67.70
C TYR H 391 13.06 88.92 -68.90
N PRO H 392 13.00 88.51 -70.18
CA PRO H 392 12.87 89.53 -71.24
C PRO H 392 11.62 90.38 -71.13
N VAL H 393 10.58 89.89 -70.47
CA VAL H 393 9.37 90.65 -70.26
C VAL H 393 9.45 91.47 -68.97
N LEU H 394 10.03 90.90 -67.92
CA LEU H 394 10.07 91.59 -66.63
C LEU H 394 11.09 92.74 -66.63
N LEU H 395 12.29 92.51 -67.19
CA LEU H 395 13.37 93.49 -67.06
C LEU H 395 13.06 94.85 -67.69
N PRO H 396 12.49 94.96 -68.90
CA PRO H 396 12.04 96.29 -69.35
C PRO H 396 11.05 96.96 -68.41
N LEU H 397 10.06 96.20 -67.92
CA LEU H 397 9.09 96.76 -66.97
C LEU H 397 9.77 97.18 -65.68
N LEU H 398 10.69 96.36 -65.18
CA LEU H 398 11.38 96.68 -63.94
C LEU H 398 12.28 97.90 -64.11
N ASP H 399 12.85 98.10 -65.30
CA ASP H 399 13.63 99.29 -65.57
C ASP H 399 12.73 100.52 -65.65
N ASP H 400 11.60 100.41 -66.36
CA ASP H 400 10.65 101.51 -66.49
C ASP H 400 10.04 101.90 -65.14
N LEU H 401 10.00 100.97 -64.18
CA LEU H 401 9.48 101.30 -62.86
C LEU H 401 10.31 102.39 -62.20
N PHE H 402 11.64 102.30 -62.30
CA PHE H 402 12.54 103.23 -61.65
C PHE H 402 13.05 104.32 -62.57
N LYS H 403 12.79 104.23 -63.88
CA LYS H 403 13.28 105.23 -64.82
C LYS H 403 12.22 106.21 -65.27
N VAL H 404 10.95 105.82 -65.27
CA VAL H 404 9.87 106.65 -65.79
C VAL H 404 9.13 107.38 -64.67
N HIS H 405 8.83 106.69 -63.57
CA HIS H 405 8.02 107.28 -62.51
C HIS H 405 8.59 107.08 -61.12
N LYS H 406 9.79 106.52 -60.99
CA LYS H 406 10.54 106.42 -59.73
C LYS H 406 9.76 105.62 -58.68
N ALA H 407 9.49 104.36 -59.03
CA ALA H 407 8.81 103.40 -58.16
C ALA H 407 7.44 103.90 -57.72
N LYS H 408 6.73 104.55 -58.65
CA LYS H 408 5.37 105.03 -58.43
C LYS H 408 4.52 104.46 -59.55
N PRO H 409 4.13 103.18 -59.43
CA PRO H 409 3.57 102.44 -60.58
C PRO H 409 2.29 103.05 -61.13
N THR H 410 2.18 103.02 -62.46
CA THR H 410 1.03 103.53 -63.17
C THR H 410 0.00 102.41 -63.37
N LEU H 411 -1.15 102.79 -63.91
CA LEU H 411 -2.20 101.80 -64.17
C LEU H 411 -1.77 100.79 -65.22
N LYS H 412 -1.24 101.27 -66.35
CA LYS H 412 -0.79 100.38 -67.41
C LYS H 412 0.39 99.51 -66.95
N TRP H 413 1.32 100.11 -66.19
CA TRP H 413 2.46 99.33 -65.69
C TRP H 413 2.00 98.26 -64.72
N ARG H 414 1.07 98.59 -63.81
CA ARG H 414 0.57 97.60 -62.86
C ARG H 414 -0.20 96.49 -63.59
N GLN H 415 -0.96 96.85 -64.62
CA GLN H 415 -1.67 95.84 -65.41
C GLN H 415 -0.71 94.91 -66.11
N SER H 416 0.34 95.47 -66.74
CA SER H 416 1.35 94.64 -67.40
C SER H 416 2.10 93.77 -66.41
N PHE H 417 2.40 94.33 -65.23
CA PHE H 417 3.07 93.56 -64.18
C PHE H 417 2.22 92.39 -63.72
N GLU H 418 0.92 92.62 -63.52
CA GLU H 418 0.01 91.53 -63.13
C GLU H 418 -0.07 90.48 -64.23
N SER H 419 -0.13 90.92 -65.49
CA SER H 419 -0.14 89.98 -66.61
C SER H 419 1.13 89.14 -66.61
N TYR H 420 2.27 89.75 -66.31
CA TYR H 420 3.50 88.98 -66.15
C TYR H 420 3.38 88.01 -64.99
N LEU H 421 2.74 88.46 -63.89
CA LEU H 421 2.56 87.60 -62.71
C LEU H 421 1.73 86.37 -63.02
N LYS H 422 0.85 86.43 -64.03
CA LYS H 422 0.07 85.25 -64.38
C LYS H 422 0.95 84.14 -64.94
N THR H 423 1.99 84.50 -65.70
CA THR H 423 2.98 83.55 -66.19
C THR H 423 4.10 83.30 -65.19
N MET H 424 4.06 83.97 -64.04
CA MET H 424 5.13 83.93 -63.06
C MET H 424 4.81 82.89 -62.00
N PRO H 425 5.63 81.84 -61.85
CA PRO H 425 5.34 80.81 -60.85
C PRO H 425 5.36 81.39 -59.46
N PRO H 426 4.50 80.89 -58.56
CA PRO H 426 4.45 81.42 -57.20
C PRO H 426 5.72 81.23 -56.39
N TYR H 427 6.55 80.22 -56.69
CA TYR H 427 7.75 80.03 -55.89
C TYR H 427 8.81 81.10 -56.14
N TYR H 428 8.67 81.89 -57.20
CA TYR H 428 9.54 83.04 -57.43
C TYR H 428 9.10 84.28 -56.66
N LEU H 429 7.94 84.24 -56.01
CA LEU H 429 7.39 85.44 -55.38
C LEU H 429 8.28 85.97 -54.26
N GLY H 430 8.81 85.07 -53.44
CA GLY H 430 9.67 85.48 -52.35
C GLY H 430 10.95 86.17 -52.81
N PRO H 431 11.72 85.52 -53.71
CA PRO H 431 12.90 86.19 -54.27
C PRO H 431 12.59 87.48 -55.00
N LEU H 432 11.48 87.54 -55.74
CA LEU H 432 11.11 88.77 -56.44
C LEU H 432 10.77 89.88 -55.45
N LYS H 433 10.05 89.53 -54.38
CA LYS H 433 9.73 90.49 -53.33
C LYS H 433 11.00 91.03 -52.68
N LYS H 434 11.93 90.13 -52.37
CA LYS H 434 13.20 90.55 -51.76
C LYS H 434 13.98 91.45 -52.70
N ALA H 435 14.01 91.11 -54.00
CA ALA H 435 14.71 91.90 -54.99
C ALA H 435 14.13 93.30 -55.09
N VAL H 436 12.82 93.41 -55.36
CA VAL H 436 12.18 94.72 -55.50
C VAL H 436 12.28 95.52 -54.20
N ARG H 437 12.31 94.84 -53.05
CA ARG H 437 12.50 95.56 -51.79
C ARG H 437 13.89 96.17 -51.72
N MET H 438 14.90 95.43 -52.15
CA MET H 438 16.25 95.97 -52.05
C MET H 438 16.58 96.94 -53.18
N MET H 439 15.78 96.99 -54.25
CA MET H 439 15.87 98.12 -55.17
C MET H 439 15.40 99.41 -54.50
N GLY H 440 14.31 99.35 -53.75
CA GLY H 440 13.74 100.54 -53.14
C GLY H 440 12.27 100.73 -53.40
N ALA H 441 11.57 99.65 -53.71
CA ALA H 441 10.11 99.68 -53.94
C ALA H 441 9.46 98.55 -53.14
N PRO H 442 9.47 98.64 -51.80
CA PRO H 442 8.92 97.54 -50.98
C PRO H 442 7.43 97.28 -51.18
N ASN H 443 6.65 98.32 -51.50
CA ASN H 443 5.20 98.20 -51.55
C ASN H 443 4.69 97.94 -52.97
N LEU H 444 5.51 97.29 -53.80
CA LEU H 444 5.09 97.04 -55.17
C LEU H 444 4.08 95.90 -55.27
N ILE H 445 4.20 94.88 -54.42
CA ILE H 445 3.38 93.69 -54.50
C ILE H 445 2.75 93.40 -53.14
N ALA H 446 1.71 92.59 -53.15
CA ALA H 446 1.06 92.18 -51.93
C ALA H 446 1.99 91.28 -51.12
N ASP H 447 2.16 91.59 -49.84
CA ASP H 447 3.00 90.78 -48.96
C ASP H 447 2.17 89.60 -48.51
N SER H 448 2.26 88.50 -49.26
CA SER H 448 1.47 87.31 -49.00
C SER H 448 2.33 86.07 -49.17
N MET H 449 1.92 85.01 -48.50
CA MET H 449 2.62 83.73 -48.57
C MET H 449 2.54 83.18 -50.00
N GLU H 450 3.58 82.45 -50.40
CA GLU H 450 3.65 81.86 -51.73
C GLU H 450 2.59 80.77 -51.94
N TYR H 451 1.91 80.83 -53.08
CA TYR H 451 0.82 79.91 -53.36
C TYR H 451 1.28 78.65 -54.08
N GLY H 452 2.56 78.29 -53.96
CA GLY H 452 3.06 77.12 -54.67
C GLY H 452 2.48 75.82 -54.13
N LEU H 453 2.32 75.73 -52.81
CA LEU H 453 2.06 74.48 -52.14
C LEU H 453 0.68 74.50 -51.49
N SER H 454 -0.03 73.39 -51.61
CA SER H 454 -1.29 73.20 -50.90
C SER H 454 -1.02 72.97 -49.41
N TYR H 455 -2.08 73.06 -48.61
CA TYR H 455 -1.96 72.79 -47.19
C TYR H 455 -1.55 71.34 -46.95
N SER H 456 -2.09 70.42 -47.75
CA SER H 456 -1.73 69.01 -47.64
C SER H 456 -0.25 68.80 -47.92
N VAL H 457 0.27 69.51 -48.94
CA VAL H 457 1.68 69.39 -49.30
C VAL H 457 2.57 69.90 -48.18
N ILE H 458 2.21 71.03 -47.57
CA ILE H 458 3.03 71.60 -46.50
C ILE H 458 2.98 70.72 -45.25
N SER H 459 1.79 70.18 -44.94
CA SER H 459 1.67 69.26 -43.82
C SER H 459 2.50 67.99 -44.05
N TYR H 460 2.45 67.47 -45.29
CA TYR H 460 3.28 66.32 -45.64
C TYR H 460 4.76 66.64 -45.50
N LEU H 461 5.16 67.85 -45.92
CA LEU H 461 6.56 68.25 -45.80
C LEU H 461 7.00 68.33 -44.35
N LYS H 462 6.16 68.88 -43.47
CA LYS H 462 6.52 68.97 -42.06
C LYS H 462 6.56 67.58 -41.41
N LYS H 463 5.63 66.71 -41.79
CA LYS H 463 5.67 65.33 -41.31
C LYS H 463 6.96 64.63 -41.77
N LEU H 464 7.35 64.87 -43.01
CA LEU H 464 8.61 64.34 -43.52
C LEU H 464 9.80 64.89 -42.77
N SER H 465 9.74 66.17 -42.39
CA SER H 465 10.82 66.77 -41.61
C SER H 465 10.95 66.09 -40.26
N GLN H 466 9.82 65.85 -39.58
CA GLN H 466 9.87 65.16 -38.29
C GLN H 466 10.38 63.73 -38.43
N GLN H 467 9.89 63.01 -39.44
CA GLN H 467 10.34 61.63 -39.67
C GLN H 467 11.82 61.59 -40.01
N ALA H 468 12.29 62.55 -40.82
CA ALA H 468 13.70 62.64 -41.14
C ALA H 468 14.53 62.94 -39.91
N LYS H 469 14.03 63.79 -39.02
CA LYS H 469 14.74 64.07 -37.77
C LYS H 469 14.89 62.80 -36.94
N ILE H 470 13.81 62.03 -36.80
CA ILE H 470 13.86 60.79 -36.02
C ILE H 470 14.82 59.79 -36.67
N GLU H 471 14.74 59.64 -37.99
CA GLU H 471 15.60 58.69 -38.69
C GLU H 471 17.05 59.10 -38.63
N SER H 472 17.33 60.40 -38.73
CA SER H 472 18.69 60.91 -38.61
C SER H 472 19.24 60.64 -37.22
N ASP H 473 18.42 60.86 -36.19
CA ASP H 473 18.84 60.55 -34.81
C ASP H 473 19.17 59.08 -34.67
N ARG H 474 18.34 58.21 -35.26
CA ARG H 474 18.59 56.77 -35.15
C ARG H 474 19.87 56.37 -35.89
N VAL H 475 20.06 56.89 -37.11
CA VAL H 475 21.20 56.48 -37.92
C VAL H 475 22.51 57.00 -37.31
N ILE H 476 22.53 58.25 -36.85
CA ILE H 476 23.76 58.84 -36.29
C ILE H 476 24.18 58.08 -35.03
N GLY H 477 23.23 57.67 -34.22
CA GLY H 477 23.55 56.87 -33.05
C GLY H 477 23.91 55.43 -33.37
N SER H 478 23.65 54.97 -34.58
CA SER H 478 23.89 53.58 -34.96
C SER H 478 25.26 53.36 -35.61
N VAL H 479 26.02 54.42 -35.89
CA VAL H 479 27.28 54.27 -36.60
C VAL H 479 28.39 53.69 -35.73
N GLY H 480 28.19 53.63 -34.41
CA GLY H 480 29.23 53.17 -33.52
C GLY H 480 29.50 51.68 -33.56
N LYS H 481 28.64 50.90 -34.23
CA LYS H 481 28.75 49.44 -34.33
C LYS H 481 28.81 48.80 -32.94
N LYS H 482 27.94 49.26 -32.04
CA LYS H 482 27.88 48.77 -30.67
C LYS H 482 27.13 47.44 -30.61
N VAL H 483 27.73 46.42 -31.21
CA VAL H 483 27.15 45.09 -31.26
C VAL H 483 28.29 44.08 -31.26
N VAL H 484 27.97 42.84 -30.92
CA VAL H 484 28.93 41.75 -30.84
C VAL H 484 28.67 40.77 -31.97
N GLN H 485 29.73 40.41 -32.70
CA GLN H 485 29.63 39.45 -33.79
C GLN H 485 29.19 38.09 -33.25
N GLU H 486 28.43 37.36 -34.07
CA GLU H 486 27.87 36.06 -33.67
C GLU H 486 28.99 35.03 -33.59
N THR H 487 29.70 35.06 -32.46
CA THR H 487 30.81 34.15 -32.21
C THR H 487 30.25 32.78 -31.85
N GLY H 488 29.89 32.04 -32.89
CA GLY H 488 29.31 30.72 -32.69
C GLY H 488 29.39 29.89 -33.95
N ILE H 489 29.38 28.58 -33.75
CA ILE H 489 29.32 27.61 -34.84
C ILE H 489 28.02 26.84 -34.67
N LYS H 490 27.03 27.13 -35.50
CA LYS H 490 25.71 26.52 -35.39
C LYS H 490 25.80 25.02 -35.64
N VAL H 491 25.66 24.23 -34.58
CA VAL H 491 25.89 22.79 -34.66
C VAL H 491 24.68 22.13 -35.30
N ARG H 492 24.92 21.33 -36.32
CA ARG H 492 23.86 20.63 -37.05
C ARG H 492 23.51 19.33 -36.35
N SER H 493 22.25 18.92 -36.52
CA SER H 493 21.80 17.67 -35.89
C SER H 493 22.35 16.45 -36.61
N ARG H 494 22.56 16.54 -37.92
CA ARG H 494 23.07 15.42 -38.70
C ARG H 494 23.70 15.92 -40.00
N GLY H 531 20.40 26.12 -31.84
CA GLY H 531 20.51 25.93 -30.40
C GLY H 531 21.94 25.98 -29.92
N PHE H 532 22.51 24.80 -29.68
CA PHE H 532 23.89 24.70 -29.21
C PHE H 532 24.84 25.20 -30.28
N GLN H 533 25.89 25.89 -29.85
CA GLN H 533 26.92 26.37 -30.78
C GLN H 533 28.26 26.35 -30.08
N VAL H 534 29.32 26.32 -30.90
CA VAL H 534 30.70 26.32 -30.43
C VAL H 534 31.21 27.74 -30.49
N ALA H 535 31.66 28.27 -29.35
CA ALA H 535 32.06 29.66 -29.27
C ALA H 535 33.39 29.89 -30.00
N LEU H 536 33.71 31.17 -30.19
CA LEU H 536 34.93 31.61 -30.84
C LEU H 536 35.59 32.70 -30.01
N LEU H 537 36.89 32.89 -30.22
CA LEU H 537 37.64 33.90 -29.50
C LEU H 537 37.17 35.30 -29.88
N ASN H 538 37.26 36.21 -28.93
CA ASN H 538 36.81 37.59 -29.11
C ASN H 538 37.94 38.55 -28.76
N LYS H 539 37.78 39.80 -29.22
CA LYS H 539 38.79 40.81 -28.90
C LYS H 539 38.66 41.32 -27.46
N ASP H 540 37.44 41.37 -26.92
CA ASP H 540 37.21 42.00 -25.63
C ASP H 540 37.49 41.08 -24.45
N LEU H 541 37.71 39.79 -24.67
CA LEU H 541 37.95 38.88 -23.55
C LEU H 541 39.44 38.78 -23.20
N LYS H 542 39.99 39.94 -22.83
CA LYS H 542 41.39 40.02 -22.42
C LYS H 542 41.60 39.15 -21.18
N PRO H 543 42.54 38.21 -21.20
CA PRO H 543 42.65 37.26 -20.10
C PRO H 543 43.09 37.89 -18.78
N GLN H 544 42.16 37.94 -17.84
CA GLN H 544 42.48 38.34 -16.47
C GLN H 544 42.93 37.10 -15.70
N THR H 545 44.14 36.65 -16.05
CA THR H 545 44.67 35.40 -15.51
C THR H 545 44.84 35.46 -14.00
N PHE H 546 45.06 36.66 -13.44
CA PHE H 546 45.10 36.80 -12.00
C PHE H 546 43.71 36.72 -11.40
N ARG H 547 42.72 37.28 -12.10
CA ARG H 547 41.34 37.31 -11.62
C ARG H 547 40.52 36.10 -12.03
N ASN H 548 41.04 35.25 -12.91
CA ASN H 548 40.27 34.11 -13.40
C ASN H 548 41.22 32.95 -13.63
N ALA H 549 40.99 31.84 -12.92
CA ALA H 549 41.88 30.68 -13.02
C ALA H 549 41.64 29.85 -14.27
N TYR H 550 40.56 30.11 -15.01
CA TYR H 550 40.29 29.34 -16.23
C TYR H 550 41.10 29.83 -17.41
N ASP H 551 41.70 31.01 -17.33
CA ASP H 551 42.49 31.56 -18.42
C ASP H 551 43.94 31.11 -18.38
N ILE H 552 44.32 30.31 -17.37
CA ILE H 552 45.71 29.90 -17.19
C ILE H 552 45.89 28.58 -17.91
N PRO H 553 46.77 28.50 -18.91
CA PRO H 553 47.06 27.21 -19.53
C PRO H 553 47.73 26.25 -18.56
N ARG H 554 47.61 24.96 -18.86
CA ARG H 554 48.22 23.94 -18.01
C ARG H 554 49.74 24.09 -17.96
N ARG H 555 50.36 24.39 -19.10
CA ARG H 555 51.81 24.46 -19.16
C ARG H 555 52.34 25.64 -18.37
N ASN H 556 51.53 26.69 -18.21
CA ASN H 556 51.90 27.88 -17.46
C ASN H 556 51.28 27.89 -16.08
N LEU H 557 50.83 26.75 -15.57
CA LEU H 557 50.05 26.77 -14.33
C LEU H 557 50.92 27.04 -13.12
N LEU H 558 52.07 26.40 -13.01
CA LEU H 558 52.87 26.49 -11.79
C LEU H 558 53.53 27.85 -11.63
N ASP H 559 54.22 28.32 -12.67
CA ASP H 559 54.90 29.61 -12.58
C ASP H 559 53.88 30.74 -12.42
N HIS H 560 52.75 30.66 -13.09
CA HIS H 560 51.74 31.69 -12.94
C HIS H 560 51.08 31.64 -11.58
N LEU H 561 50.95 30.43 -11.01
CA LEU H 561 50.49 30.29 -9.64
C LEU H 561 51.43 31.00 -8.68
N THR H 562 52.73 30.80 -8.88
CA THR H 562 53.75 31.51 -8.09
C THR H 562 53.59 33.01 -8.26
N ARG H 563 53.37 33.46 -9.50
CA ARG H 563 53.26 34.88 -9.78
C ARG H 563 52.05 35.50 -9.08
N MET H 564 50.89 34.85 -9.16
CA MET H 564 49.71 35.43 -8.52
C MET H 564 49.81 35.37 -7.01
N ARG H 565 50.44 34.31 -6.48
CA ARG H 565 50.71 34.24 -5.05
C ARG H 565 51.57 35.41 -4.59
N SER H 566 52.65 35.68 -5.32
CA SER H 566 53.50 36.81 -4.98
C SER H 566 52.76 38.12 -5.13
N ASN H 567 51.95 38.26 -6.19
CA ASN H 567 51.18 39.49 -6.40
C ASN H 567 50.20 39.73 -5.26
N LEU H 568 49.70 38.67 -4.65
CA LEU H 568 48.75 38.81 -3.56
C LEU H 568 49.46 39.10 -2.25
N LEU H 569 50.43 38.26 -1.87
CA LEU H 569 51.05 38.39 -0.56
C LEU H 569 52.07 39.52 -0.52
N LYS H 570 52.92 39.65 -1.53
CA LYS H 570 53.95 40.68 -1.54
C LYS H 570 53.41 42.06 -1.89
N SER H 571 52.09 42.28 -1.83
CA SER H 571 51.55 43.60 -2.11
C SER H 571 51.70 44.56 -0.94
N THR H 572 52.29 44.11 0.18
CA THR H 572 52.55 44.97 1.32
C THR H 572 53.40 46.16 0.87
N ARG H 573 52.85 47.36 1.01
CA ARG H 573 53.51 48.61 0.57
C ARG H 573 53.94 48.48 -0.90
N ARG H 574 53.02 47.98 -1.72
CA ARG H 574 53.27 47.78 -3.14
C ARG H 574 52.03 48.16 -3.94
N PHE H 575 51.64 47.32 -4.90
CA PHE H 575 50.48 47.60 -5.73
C PHE H 575 49.76 46.28 -6.04
N LEU H 576 48.44 46.30 -5.91
CA LEU H 576 47.60 45.13 -6.19
C LEU H 576 46.87 45.36 -7.52
N LYS H 577 47.58 45.14 -8.62
CA LYS H 577 47.02 45.29 -9.94
C LYS H 577 46.56 43.93 -10.45
N GLY H 578 46.08 43.91 -11.70
CA GLY H 578 45.81 42.66 -12.38
C GLY H 578 47.09 42.00 -12.84
N GLN H 579 47.02 41.28 -13.96
CA GLN H 579 48.17 40.55 -14.47
C GLN H 579 49.16 41.53 -15.11
N ASP H 580 50.39 41.57 -14.60
CA ASP H 580 51.45 42.31 -15.28
C ASP H 580 51.75 41.65 -16.63
N GLU H 581 52.31 42.43 -17.55
CA GLU H 581 52.75 42.01 -18.88
C GLU H 581 51.54 41.84 -19.82
N ASP H 582 50.31 41.97 -19.32
CA ASP H 582 49.12 41.93 -20.15
C ASP H 582 48.38 43.25 -20.06
N GLN H 583 47.71 43.52 -18.93
CA GLN H 583 46.96 44.77 -18.77
C GLN H 583 47.86 45.98 -19.02
N VAL H 584 49.14 45.85 -18.71
CA VAL H 584 50.16 46.85 -18.97
C VAL H 584 51.18 46.15 -19.85
N HIS H 585 51.91 46.93 -20.64
CA HIS H 585 52.89 46.52 -21.65
C HIS H 585 52.27 45.80 -22.84
N SER H 586 50.95 45.77 -22.94
CA SER H 586 50.25 45.43 -24.17
C SER H 586 49.42 46.60 -24.66
N VAL H 587 50.01 47.80 -24.57
CA VAL H 587 49.34 49.04 -24.91
C VAL H 587 49.17 49.06 -26.43
N PRO H 588 48.15 49.73 -26.98
CA PRO H 588 48.11 49.97 -28.42
C PRO H 588 49.33 50.73 -28.90
N ILE H 589 49.77 50.40 -30.11
CA ILE H 589 51.01 50.94 -30.67
C ILE H 589 50.94 52.45 -30.83
N ALA H 590 49.74 53.00 -31.03
CA ALA H 590 49.59 54.45 -31.17
C ALA H 590 49.96 55.16 -29.87
N GLN H 591 49.60 54.55 -28.74
CA GLN H 591 49.91 55.11 -27.42
C GLN H 591 51.23 54.59 -26.85
N MET H 592 51.97 53.79 -27.64
CA MET H 592 53.21 53.18 -27.16
C MET H 592 54.24 54.22 -26.77
N GLY H 593 54.42 55.23 -27.59
CA GLY H 593 55.48 56.22 -27.39
C GLY H 593 54.93 57.62 -27.30
N ASN H 594 53.73 57.77 -26.75
CA ASN H 594 53.12 59.07 -26.55
C ASN H 594 53.74 59.72 -25.32
N TYR H 595 54.95 60.24 -25.51
CA TYR H 595 55.67 60.82 -24.39
C TYR H 595 55.07 62.15 -23.96
N GLN H 596 54.46 62.89 -24.89
CA GLN H 596 53.80 64.14 -24.53
C GLN H 596 52.67 63.90 -23.54
N GLU H 597 51.88 62.86 -23.76
CA GLU H 597 50.83 62.51 -22.80
C GLU H 597 51.39 61.86 -21.55
N TYR H 598 52.47 61.09 -21.70
CA TYR H 598 53.05 60.39 -20.55
C TYR H 598 53.67 61.35 -19.55
N LEU H 599 54.30 62.43 -20.02
CA LEU H 599 54.98 63.35 -19.12
C LEU H 599 54.01 64.10 -18.22
N LYS H 600 52.75 64.27 -18.66
CA LYS H 600 51.77 64.94 -17.83
C LYS H 600 51.45 64.16 -16.56
N GLN H 601 51.40 62.84 -16.66
CA GLN H 601 51.13 62.02 -15.47
C GLN H 601 52.32 61.96 -14.52
N VAL H 602 53.50 62.41 -14.94
CA VAL H 602 54.67 62.49 -14.08
C VAL H 602 54.75 63.91 -13.54
N PRO H 603 55.26 64.13 -12.31
CA PRO H 603 55.37 65.51 -11.80
C PRO H 603 56.36 66.32 -12.63
N SER H 604 56.04 67.60 -12.79
CA SER H 604 56.86 68.49 -13.60
C SER H 604 58.22 68.73 -12.95
N PRO H 605 59.26 69.06 -13.74
CA PRO H 605 60.57 69.33 -13.15
C PRO H 605 60.70 70.77 -12.67
N LEU H 606 61.88 71.13 -12.16
CA LEU H 606 62.14 72.50 -11.74
C LEU H 606 62.74 73.29 -12.89
N ARG H 607 62.26 74.53 -13.05
CA ARG H 607 62.80 75.42 -14.06
C ARG H 607 64.24 75.79 -13.71
N GLU H 608 65.01 76.16 -14.73
CA GLU H 608 66.43 76.40 -14.55
C GLU H 608 66.87 77.82 -14.86
N LEU H 609 66.33 78.44 -15.91
CA LEU H 609 66.72 79.80 -16.28
C LEU H 609 66.24 80.82 -15.25
N MET H 631 62.92 59.86 -43.39
CA MET H 631 63.63 61.13 -43.20
C MET H 631 62.72 62.14 -42.50
N MET H 632 61.40 61.95 -42.67
CA MET H 632 60.42 62.92 -42.19
C MET H 632 60.48 63.08 -40.67
N ILE H 633 60.41 61.97 -39.93
CA ILE H 633 60.37 61.99 -38.48
C ILE H 633 61.08 60.76 -37.96
N ASP H 634 61.58 60.86 -36.73
CA ASP H 634 62.27 59.77 -36.03
C ASP H 634 61.84 59.73 -34.57
N GLU H 635 60.53 59.84 -34.33
CA GLU H 635 59.80 59.78 -33.06
C GLU H 635 59.95 61.04 -32.22
N ALA H 636 60.64 62.07 -32.69
CA ALA H 636 60.80 63.33 -32.00
C ALA H 636 61.33 64.35 -33.00
N ASP H 637 61.72 65.52 -32.50
CA ASP H 637 62.23 66.61 -33.32
C ASP H 637 63.50 66.23 -34.09
N ASP I 23 13.63 27.73 30.57
CA ASP I 23 12.67 26.80 29.99
C ASP I 23 13.33 25.93 28.94
N ALA I 24 12.76 24.74 28.73
CA ALA I 24 13.34 23.78 27.80
C ALA I 24 13.34 24.30 26.38
N ASN I 25 12.19 24.75 25.89
CA ASN I 25 12.06 25.13 24.49
C ASN I 25 12.84 26.41 24.18
N SER I 26 12.96 27.32 25.16
CA SER I 26 13.77 28.53 24.96
C SER I 26 15.22 28.17 24.71
N ALA I 27 15.78 27.27 25.53
CA ALA I 27 17.15 26.82 25.34
C ALA I 27 17.30 26.06 24.03
N LEU I 28 16.30 25.24 23.68
CA LEU I 28 16.38 24.50 22.42
C LEU I 28 16.39 25.44 21.23
N MET I 29 15.59 26.52 21.28
CA MET I 29 15.66 27.56 20.25
C MET I 29 17.01 28.27 20.26
N GLU I 30 17.58 28.49 21.45
CA GLU I 30 18.90 29.11 21.57
C GLU I 30 19.96 28.29 20.86
N LEU I 31 19.89 26.97 20.97
CA LEU I 31 20.77 26.13 20.17
C LEU I 31 20.38 26.15 18.69
N ASP I 32 19.08 26.09 18.40
CA ASP I 32 18.59 25.99 17.03
C ASP I 32 19.06 27.15 16.16
N LYS I 33 19.06 28.37 16.70
CA LYS I 33 19.66 29.48 15.97
C LYS I 33 21.16 29.26 15.75
N GLY I 34 21.81 28.52 16.66
CA GLY I 34 23.20 28.17 16.45
C GLY I 34 23.39 27.22 15.28
N LEU I 35 22.55 26.20 15.18
CA LEU I 35 22.68 25.24 14.08
C LEU I 35 22.21 25.82 12.75
N ARG I 36 21.48 26.93 12.76
CA ARG I 36 20.97 27.56 11.55
C ARG I 36 21.87 28.68 11.05
N SER I 37 23.01 28.93 11.69
CA SER I 37 23.82 30.10 11.36
C SER I 37 24.53 29.93 10.02
N GLY I 38 24.96 28.71 9.69
CA GLY I 38 25.70 28.46 8.48
C GLY I 38 27.21 28.52 8.64
N LYS I 39 27.70 29.12 9.71
CA LYS I 39 29.11 29.07 10.05
C LYS I 39 29.39 27.77 10.80
N LEU I 40 30.40 27.03 10.35
CA LEU I 40 30.66 25.70 10.87
C LEU I 40 30.99 25.72 12.35
N GLY I 41 31.70 26.76 12.81
CA GLY I 41 32.08 26.83 14.21
C GLY I 41 30.87 26.90 15.13
N GLU I 42 29.91 27.77 14.80
CA GLU I 42 28.72 27.92 15.62
C GLU I 42 27.87 26.65 15.61
N GLN I 43 27.73 26.03 14.44
CA GLN I 43 26.96 24.79 14.33
C GLN I 43 27.58 23.68 15.18
N CYS I 44 28.90 23.52 15.09
CA CYS I 44 29.58 22.51 15.89
C CYS I 44 29.46 22.81 17.37
N GLU I 45 29.54 24.10 17.73
CA GLU I 45 29.39 24.52 19.12
C GLU I 45 28.03 24.13 19.65
N ALA I 46 26.97 24.43 18.89
CA ALA I 46 25.62 24.05 19.30
C ALA I 46 25.48 22.54 19.45
N VAL I 47 25.99 21.79 18.45
CA VAL I 47 25.82 20.34 18.43
C VAL I 47 26.46 19.72 19.66
N VAL I 48 27.68 20.15 20.00
CA VAL I 48 28.30 19.62 21.21
C VAL I 48 27.70 20.23 22.47
N ARG I 49 26.93 21.31 22.36
CA ARG I 49 26.21 21.80 23.52
C ARG I 49 24.93 21.00 23.78
N PHE I 50 24.50 20.16 22.84
CA PHE I 50 23.26 19.40 23.01
C PHE I 50 23.22 18.49 24.24
N PRO I 51 24.22 17.62 24.54
CA PRO I 51 24.02 16.63 25.63
C PRO I 51 23.71 17.24 27.00
N ARG I 52 24.30 18.39 27.32
CA ARG I 52 23.93 19.11 28.54
C ARG I 52 22.45 19.45 28.57
N LEU I 53 21.86 19.77 27.41
CA LEU I 53 20.43 20.02 27.34
C LEU I 53 19.65 18.78 27.73
N PHE I 54 20.06 17.61 27.24
CA PHE I 54 19.38 16.37 27.60
C PHE I 54 19.50 16.09 29.08
N GLN I 55 20.65 16.38 29.67
CA GLN I 55 20.78 16.23 31.12
C GLN I 55 19.87 17.21 31.87
N LYS I 56 19.67 18.41 31.33
CA LYS I 56 18.81 19.38 31.98
C LYS I 56 17.33 19.03 31.80
N TYR I 57 16.95 18.57 30.62
CA TYR I 57 15.56 18.30 30.26
C TYR I 57 15.43 16.93 29.63
N PRO I 58 15.37 15.87 30.45
CA PRO I 58 15.42 14.51 29.87
C PRO I 58 14.09 14.01 29.36
N PHE I 59 13.15 14.87 29.13
CA PHE I 59 11.83 14.41 28.76
C PHE I 59 11.72 14.26 27.24
N PRO I 60 10.87 13.33 26.78
CA PRO I 60 10.88 12.98 25.35
C PRO I 60 10.51 14.09 24.38
N ILE I 61 9.78 15.12 24.80
CA ILE I 61 9.41 16.16 23.85
C ILE I 61 10.65 16.94 23.41
N LEU I 62 11.46 17.40 24.36
CA LEU I 62 12.69 18.12 24.01
C LEU I 62 13.66 17.20 23.28
N ILE I 63 13.81 15.96 23.77
CA ILE I 63 14.74 15.02 23.16
C ILE I 63 14.32 14.71 21.73
N ASN I 64 13.01 14.53 21.52
CA ASN I 64 12.50 14.26 20.18
C ASN I 64 12.79 15.41 19.22
N SER I 65 12.42 16.63 19.62
CA SER I 65 12.63 17.78 18.74
C SER I 65 14.11 17.99 18.47
N ALA I 66 14.93 17.87 19.52
CA ALA I 66 16.38 18.04 19.42
C ALA I 66 16.98 17.02 18.46
N PHE I 67 16.57 15.76 18.57
CA PHE I 67 17.15 14.74 17.71
C PHE I 67 16.67 14.90 16.27
N LEU I 68 15.44 15.37 16.04
CA LEU I 68 15.00 15.64 14.68
C LEU I 68 15.82 16.74 14.04
N LYS I 69 16.04 17.85 14.76
CA LYS I 69 16.83 18.92 14.14
C LYS I 69 18.30 18.53 14.00
N LEU I 70 18.83 17.74 14.95
CA LEU I 70 20.18 17.22 14.81
C LEU I 70 20.30 16.32 13.60
N ALA I 71 19.29 15.49 13.35
CA ALA I 71 19.32 14.61 12.19
C ALA I 71 19.17 15.38 10.88
N ASP I 72 18.42 16.47 10.89
CA ASP I 72 18.36 17.34 9.71
C ASP I 72 19.72 17.95 9.43
N VAL I 73 20.40 18.44 10.47
CA VAL I 73 21.74 18.99 10.32
C VAL I 73 22.71 17.92 9.82
N PHE I 74 22.57 16.69 10.33
CA PHE I 74 23.36 15.56 9.83
C PHE I 74 23.13 15.35 8.35
N ARG I 75 21.87 15.41 7.92
CA ARG I 75 21.52 15.20 6.51
C ARG I 75 22.16 16.26 5.62
N VAL I 76 22.08 17.54 6.02
CA VAL I 76 22.55 18.60 5.15
C VAL I 76 23.98 19.07 5.44
N GLY I 77 24.50 18.78 6.64
CA GLY I 77 25.79 19.30 7.05
C GLY I 77 26.95 18.60 6.38
N ASN I 78 28.13 19.17 6.59
CA ASN I 78 29.37 18.59 6.08
C ASN I 78 29.80 17.45 7.00
N ASN I 79 30.97 16.87 6.70
CA ASN I 79 31.37 15.65 7.40
C ASN I 79 31.81 15.93 8.84
N PHE I 80 32.42 17.08 9.12
CA PHE I 80 32.79 17.38 10.49
C PHE I 80 31.57 17.58 11.38
N LEU I 81 30.54 18.25 10.85
CA LEU I 81 29.28 18.37 11.58
C LEU I 81 28.66 17.01 11.82
N ARG I 82 28.75 16.12 10.83
CA ARG I 82 28.23 14.76 10.98
C ARG I 82 28.99 14.02 12.06
N LEU I 83 30.30 14.24 12.15
CA LEU I 83 31.09 13.60 13.20
C LEU I 83 30.70 14.14 14.58
N CYS I 84 30.42 15.44 14.66
CA CYS I 84 29.95 16.01 15.92
C CYS I 84 28.61 15.43 16.33
N VAL I 85 27.71 15.25 15.37
CA VAL I 85 26.41 14.64 15.64
C VAL I 85 26.60 13.18 16.07
N LEU I 86 27.57 12.49 15.48
CA LEU I 86 27.87 11.11 15.88
C LEU I 86 28.38 11.06 17.31
N LYS I 87 29.24 12.00 17.68
CA LYS I 87 29.73 12.07 19.06
C LYS I 87 28.60 12.32 20.05
N VAL I 88 27.68 13.21 19.69
CA VAL I 88 26.53 13.49 20.55
C VAL I 88 25.64 12.27 20.69
N THR I 89 25.40 11.56 19.58
CA THR I 89 24.58 10.35 19.61
C THR I 89 25.22 9.28 20.47
N GLN I 90 26.54 9.14 20.38
CA GLN I 90 27.26 8.19 21.21
C GLN I 90 27.17 8.56 22.68
N GLN I 91 27.23 9.86 22.98
CA GLN I 91 27.12 10.33 24.36
C GLN I 91 25.73 10.07 24.93
N SER I 92 24.70 10.13 24.10
CA SER I 92 23.31 10.14 24.54
C SER I 92 22.57 8.87 24.14
N GLU I 93 23.22 7.71 24.29
CA GLU I 93 22.55 6.45 23.99
C GLU I 93 21.43 6.13 24.97
N LYS I 94 21.39 6.77 26.13
CA LYS I 94 20.28 6.57 27.05
C LYS I 94 19.04 7.28 26.55
N HIS I 95 19.19 8.49 26.03
CA HIS I 95 18.05 9.32 25.70
C HIS I 95 17.43 8.98 24.36
N LEU I 96 18.04 8.09 23.58
CA LEU I 96 17.50 7.80 22.27
C LEU I 96 16.32 6.83 22.29
N GLU I 97 16.06 6.16 23.40
CA GLU I 97 14.80 5.43 23.56
C GLU I 97 13.60 6.37 23.63
N LYS I 98 13.83 7.63 23.95
CA LYS I 98 12.79 8.64 24.13
C LYS I 98 12.49 9.45 22.87
N ILE I 99 13.13 9.12 21.74
CA ILE I 99 12.95 9.91 20.53
C ILE I 99 11.51 9.81 20.00
N LEU I 100 10.92 8.61 20.05
CA LEU I 100 9.54 8.28 19.70
C LEU I 100 9.30 8.39 18.19
N ASN I 101 9.73 9.49 17.57
CA ASN I 101 9.50 9.72 16.13
C ASN I 101 10.64 9.07 15.34
N VAL I 102 10.73 7.74 15.48
CA VAL I 102 11.91 7.02 15.04
C VAL I 102 12.02 7.00 13.51
N ASP I 103 10.89 6.88 12.82
CA ASP I 103 10.91 6.67 11.37
C ASP I 103 11.51 7.86 10.63
N GLU I 104 11.01 9.07 10.90
CA GLU I 104 11.51 10.26 10.23
C GLU I 104 12.98 10.52 10.57
N PHE I 105 13.31 10.42 11.86
CA PHE I 105 14.67 10.62 12.33
C PHE I 105 15.65 9.69 11.62
N VAL I 106 15.34 8.39 11.59
CA VAL I 106 16.23 7.41 10.98
C VAL I 106 16.30 7.62 9.48
N LYS I 107 15.16 7.89 8.83
CA LYS I 107 15.14 8.03 7.37
C LYS I 107 15.97 9.24 6.93
N ARG I 108 15.90 10.35 7.66
CA ARG I 108 16.73 11.49 7.31
C ARG I 108 18.19 11.29 7.73
N ILE I 109 18.44 10.43 8.72
CA ILE I 109 19.81 9.96 8.95
C ILE I 109 20.25 9.03 7.83
N PHE I 110 19.39 8.09 7.44
CA PHE I 110 19.76 7.03 6.52
C PHE I 110 20.04 7.53 5.11
N SER I 111 19.53 8.70 4.74
CA SER I 111 19.71 9.22 3.39
C SER I 111 21.17 9.48 3.03
N VAL I 112 22.05 9.61 4.03
CA VAL I 112 23.46 9.90 3.77
C VAL I 112 24.25 8.65 3.40
N ILE I 113 23.68 7.45 3.58
CA ILE I 113 24.38 6.23 3.18
C ILE I 113 24.52 6.14 1.65
N HIS I 114 23.71 6.89 0.90
CA HIS I 114 23.77 6.86 -0.55
C HIS I 114 24.78 7.83 -1.12
N SER I 115 25.44 8.63 -0.27
CA SER I 115 26.44 9.57 -0.73
C SER I 115 27.64 8.83 -1.32
N ASN I 116 28.22 9.40 -2.37
CA ASN I 116 29.44 8.85 -2.94
C ASN I 116 30.67 9.05 -2.06
N ASP I 117 30.59 9.93 -1.07
CA ASP I 117 31.70 10.16 -0.15
C ASP I 117 31.81 9.00 0.84
N PRO I 118 32.90 8.23 0.82
CA PRO I 118 33.02 7.12 1.78
C PRO I 118 33.14 7.58 3.22
N VAL I 119 33.62 8.80 3.46
CA VAL I 119 33.70 9.30 4.83
C VAL I 119 32.31 9.56 5.38
N ALA I 120 31.44 10.18 4.56
CA ALA I 120 30.05 10.39 4.95
C ALA I 120 29.33 9.06 5.17
N ARG I 121 29.62 8.08 4.32
CA ARG I 121 29.05 6.75 4.49
C ARG I 121 29.52 6.11 5.78
N ALA I 122 30.81 6.29 6.11
CA ALA I 122 31.35 5.76 7.35
C ALA I 122 30.69 6.39 8.57
N ILE I 123 30.50 7.71 8.54
CA ILE I 123 29.84 8.38 9.66
C ILE I 123 28.39 7.90 9.79
N THR I 124 27.71 7.72 8.66
CA THR I 124 26.34 7.22 8.69
C THR I 124 26.28 5.81 9.25
N LEU I 125 27.22 4.95 8.86
CA LEU I 125 27.26 3.59 9.40
C LEU I 125 27.51 3.59 10.90
N ARG I 126 28.41 4.46 11.35
CA ARG I 126 28.67 4.56 12.78
C ARG I 126 27.46 5.08 13.54
N MET I 127 26.73 6.03 12.96
CA MET I 127 25.50 6.48 13.58
C MET I 127 24.46 5.37 13.66
N LEU I 128 24.32 4.60 12.58
CA LEU I 128 23.36 3.50 12.58
C LEU I 128 23.74 2.45 13.63
N GLY I 129 25.03 2.17 13.75
CA GLY I 129 25.49 1.31 14.84
C GLY I 129 25.19 1.89 16.21
N SER I 130 25.30 3.21 16.35
CA SER I 130 24.97 3.85 17.62
C SER I 130 23.47 3.84 17.90
N LEU I 131 22.65 3.86 16.85
CA LEU I 131 21.20 3.84 16.99
C LEU I 131 20.63 2.43 16.92
N ALA I 132 21.46 1.40 16.99
CA ALA I 132 21.03 0.02 16.77
C ALA I 132 19.95 -0.43 17.76
N SER I 133 19.94 0.12 18.98
CA SER I 133 18.99 -0.32 19.99
C SER I 133 17.56 0.05 19.63
N ILE I 134 17.35 1.20 18.98
CA ILE I 134 16.00 1.63 18.63
C ILE I 134 15.60 1.26 17.21
N ILE I 135 16.52 0.77 16.40
CA ILE I 135 16.15 0.23 15.09
C ILE I 135 16.79 -1.13 14.82
N PRO I 136 16.47 -2.18 15.57
CA PRO I 136 16.81 -3.52 15.11
C PRO I 136 15.76 -4.00 14.13
N GLU I 137 16.14 -5.00 13.35
CA GLU I 137 15.32 -5.60 12.30
C GLU I 137 14.93 -4.60 11.21
N ARG I 138 15.65 -3.49 11.12
CA ARG I 138 15.48 -2.52 10.04
C ARG I 138 16.23 -3.03 8.83
N LYS I 139 15.50 -3.48 7.80
CA LYS I 139 16.11 -4.24 6.71
C LYS I 139 17.05 -3.39 5.86
N ASN I 140 16.68 -2.13 5.59
CA ASN I 140 17.54 -1.27 4.79
C ASN I 140 18.88 -1.03 5.47
N ALA I 141 18.87 -0.84 6.80
CA ALA I 141 20.12 -0.69 7.54
C ALA I 141 20.95 -1.97 7.46
N HIS I 142 20.32 -3.14 7.58
CA HIS I 142 21.03 -4.42 7.46
C HIS I 142 21.72 -4.53 6.11
N HIS I 143 20.97 -4.20 5.04
CA HIS I 143 21.54 -4.27 3.70
C HIS I 143 22.67 -3.27 3.52
N SER I 144 22.55 -2.09 4.14
CA SER I 144 23.61 -1.11 4.09
C SER I 144 24.89 -1.64 4.74
N ILE I 145 24.74 -2.27 5.91
CA ILE I 145 25.92 -2.87 6.57
C ILE I 145 26.54 -3.92 5.67
N ARG I 146 25.71 -4.80 5.11
CA ARG I 146 26.23 -5.89 4.29
C ARG I 146 26.93 -5.37 3.04
N GLN I 147 26.41 -4.29 2.46
CA GLN I 147 27.02 -3.72 1.26
C GLN I 147 28.31 -2.98 1.60
N SER I 148 28.34 -2.29 2.73
CA SER I 148 29.55 -1.58 3.11
C SER I 148 30.63 -2.50 3.67
N LEU I 149 30.30 -3.73 4.03
CA LEU I 149 31.33 -4.64 4.54
C LEU I 149 32.36 -5.00 3.48
N ASP I 150 31.92 -5.19 2.24
CA ASP I 150 32.82 -5.48 1.13
C ASP I 150 33.15 -4.23 0.32
N SER I 151 33.15 -3.07 0.95
CA SER I 151 33.58 -1.84 0.31
C SER I 151 35.10 -1.84 0.14
N HIS I 152 35.56 -0.94 -0.74
CA HIS I 152 36.98 -0.79 -1.01
C HIS I 152 37.61 0.37 -0.26
N ASP I 153 36.85 1.06 0.59
CA ASP I 153 37.36 2.13 1.42
C ASP I 153 37.47 1.61 2.85
N ASN I 154 38.68 1.69 3.41
CA ASN I 154 38.95 1.04 4.69
C ASN I 154 38.15 1.69 5.82
N VAL I 155 37.94 3.00 5.76
CA VAL I 155 37.14 3.67 6.78
C VAL I 155 35.69 3.17 6.75
N GLU I 156 35.15 2.97 5.55
CA GLU I 156 33.80 2.44 5.40
C GLU I 156 33.73 1.01 5.92
N VAL I 157 34.76 0.21 5.66
CA VAL I 157 34.78 -1.18 6.13
C VAL I 157 34.85 -1.22 7.65
N GLU I 158 35.65 -0.34 8.26
CA GLU I 158 35.73 -0.30 9.72
C GLU I 158 34.40 0.13 10.34
N ALA I 159 33.76 1.15 9.75
CA ALA I 159 32.46 1.59 10.23
C ALA I 159 31.41 0.49 10.07
N ALA I 160 31.50 -0.27 8.97
CA ALA I 160 30.59 -1.38 8.76
C ALA I 160 30.82 -2.49 9.78
N VAL I 161 32.07 -2.73 10.16
CA VAL I 161 32.36 -3.72 11.19
C VAL I 161 31.78 -3.28 12.54
N PHE I 162 31.97 -2.01 12.89
CA PHE I 162 31.41 -1.50 14.14
C PHE I 162 29.89 -1.60 14.16
N ALA I 163 29.25 -1.17 13.07
CA ALA I 163 27.80 -1.24 12.98
C ALA I 163 27.30 -2.68 12.96
N ALA I 164 28.06 -3.58 12.34
CA ALA I 164 27.71 -4.99 12.33
C ALA I 164 27.77 -5.57 13.73
N ALA I 165 28.79 -5.17 14.51
CA ALA I 165 28.88 -5.59 15.90
C ALA I 165 27.65 -5.15 16.67
N ASN I 166 27.28 -3.88 16.53
CA ASN I 166 26.13 -3.36 17.27
C ASN I 166 24.84 -4.06 16.85
N PHE I 167 24.62 -4.24 15.55
CA PHE I 167 23.38 -4.82 15.08
C PHE I 167 23.31 -6.32 15.37
N SER I 168 24.46 -7.00 15.43
CA SER I 168 24.47 -8.39 15.84
C SER I 168 24.18 -8.51 17.33
N ALA I 169 24.66 -7.54 18.12
CA ALA I 169 24.28 -7.48 19.53
C ALA I 169 22.79 -7.28 19.70
N GLN I 170 22.18 -6.47 18.83
CA GLN I 170 20.77 -6.14 19.00
C GLN I 170 19.83 -7.17 18.39
N SER I 171 19.94 -7.40 17.09
CA SER I 171 18.97 -8.18 16.33
C SER I 171 19.54 -9.57 15.99
N LYS I 172 18.69 -10.59 16.14
CA LYS I 172 19.09 -11.96 15.82
C LYS I 172 19.17 -12.21 14.32
N ASP I 173 18.23 -11.66 13.55
CA ASP I 173 18.19 -11.92 12.10
C ASP I 173 19.44 -11.41 11.41
N PHE I 174 19.92 -10.22 11.79
CA PHE I 174 21.16 -9.71 11.23
C PHE I 174 22.32 -10.63 11.59
N ALA I 175 22.36 -11.12 12.82
CA ALA I 175 23.45 -12.01 13.24
C ALA I 175 23.48 -13.27 12.40
N VAL I 176 22.33 -13.93 12.24
CA VAL I 176 22.31 -15.16 11.45
C VAL I 176 22.58 -14.86 9.97
N GLY I 177 22.16 -13.69 9.48
CA GLY I 177 22.41 -13.33 8.10
C GLY I 177 23.84 -12.91 7.83
N ILE I 178 24.56 -12.48 8.87
CA ILE I 178 25.91 -11.95 8.71
C ILE I 178 26.99 -12.95 9.10
N CYS I 179 26.67 -13.99 9.86
CA CYS I 179 27.71 -14.89 10.38
C CYS I 179 28.49 -15.55 9.26
N ASN I 180 27.82 -15.99 8.19
CA ASN I 180 28.52 -16.60 7.08
C ASN I 180 29.45 -15.61 6.37
N LYS I 181 28.97 -14.38 6.16
CA LYS I 181 29.78 -13.36 5.50
C LYS I 181 31.00 -12.98 6.33
N ILE I 182 30.81 -12.84 7.65
CA ILE I 182 31.94 -12.55 8.54
C ILE I 182 32.94 -13.69 8.51
N SER I 183 32.44 -14.93 8.47
CA SER I 183 33.32 -16.09 8.41
C SER I 183 34.14 -16.09 7.12
N GLU I 184 33.50 -15.77 5.99
CA GLU I 184 34.22 -15.79 4.72
C GLU I 184 35.20 -14.62 4.61
N MET I 185 34.92 -13.47 5.23
CA MET I 185 35.91 -12.40 5.26
C MET I 185 37.08 -12.75 6.17
N ILE I 186 36.82 -13.39 7.31
CA ILE I 186 37.92 -13.76 8.21
C ILE I 186 38.81 -14.82 7.57
N GLN I 187 38.21 -15.88 7.03
CA GLN I 187 39.00 -16.94 6.43
C GLN I 187 39.53 -16.58 5.05
N GLY I 188 38.96 -15.57 4.40
CA GLY I 188 39.42 -15.13 3.10
C GLY I 188 40.87 -14.67 3.09
N LEU I 189 41.66 -15.21 2.17
CA LEU I 189 43.08 -14.91 2.12
C LEU I 189 43.36 -13.47 1.71
N ALA I 190 42.41 -12.80 1.05
CA ALA I 190 42.60 -11.42 0.63
C ALA I 190 42.46 -10.42 1.76
N THR I 191 41.89 -10.83 2.89
CA THR I 191 41.74 -9.94 4.03
C THR I 191 43.08 -9.78 4.74
N PRO I 192 43.48 -8.56 5.10
CA PRO I 192 44.69 -8.40 5.92
C PRO I 192 44.48 -8.91 7.34
N VAL I 193 45.59 -9.07 8.04
CA VAL I 193 45.54 -9.59 9.41
C VAL I 193 44.85 -8.60 10.35
N ASP I 194 45.06 -7.30 10.12
CA ASP I 194 44.45 -6.28 10.97
C ASP I 194 42.93 -6.29 10.86
N LEU I 195 42.42 -6.40 9.63
CA LEU I 195 40.97 -6.48 9.45
C LEU I 195 40.44 -7.80 10.01
N LYS I 196 41.22 -8.88 9.92
CA LYS I 196 40.83 -10.14 10.55
C LYS I 196 40.68 -9.98 12.05
N LEU I 197 41.62 -9.26 12.67
CA LEU I 197 41.52 -8.97 14.09
C LEU I 197 40.27 -8.16 14.40
N LYS I 198 40.00 -7.14 13.58
CA LYS I 198 38.81 -6.32 13.77
C LYS I 198 37.52 -7.11 13.59
N LEU I 199 37.55 -8.18 12.80
CA LEU I 199 36.34 -8.93 12.46
C LEU I 199 35.98 -9.99 13.48
N ILE I 200 36.98 -10.56 14.18
CA ILE I 200 36.70 -11.70 15.07
C ILE I 200 35.71 -11.35 16.19
N PRO I 201 35.80 -10.21 16.90
CA PRO I 201 34.80 -9.94 17.97
C PRO I 201 33.35 -9.86 17.52
N ILE I 202 33.05 -9.82 16.21
CA ILE I 202 31.66 -9.91 15.78
C ILE I 202 31.06 -11.24 16.21
N LEU I 203 31.88 -12.29 16.28
CA LEU I 203 31.39 -13.63 16.59
C LEU I 203 30.92 -13.79 18.04
N GLN I 204 31.25 -12.85 18.94
CA GLN I 204 30.76 -12.93 20.30
C GLN I 204 29.28 -12.63 20.40
N HIS I 205 28.67 -12.09 19.35
CA HIS I 205 27.24 -11.78 19.32
C HIS I 205 26.44 -12.85 18.61
N MET I 206 27.01 -14.03 18.41
CA MET I 206 26.31 -15.14 17.77
C MET I 206 25.69 -16.09 18.79
N HIS I 207 25.22 -15.55 19.91
CA HIS I 207 24.63 -16.32 20.99
C HIS I 207 23.12 -16.42 20.90
N HIS I 208 22.51 -15.88 19.85
CA HIS I 208 21.05 -15.79 19.78
C HIS I 208 20.40 -17.16 19.64
N ASP I 209 21.10 -18.13 19.07
CA ASP I 209 20.55 -19.45 18.84
C ASP I 209 21.63 -20.48 19.15
N ALA I 210 21.17 -21.68 19.56
CA ALA I 210 22.10 -22.75 19.91
C ALA I 210 22.92 -23.20 18.71
N ILE I 211 22.28 -23.34 17.55
CA ILE I 211 23.01 -23.77 16.36
C ILE I 211 23.95 -22.66 15.89
N LEU I 212 23.51 -21.40 15.97
CA LEU I 212 24.37 -20.27 15.63
C LEU I 212 25.58 -20.21 16.54
N ALA I 213 25.37 -20.41 17.85
CA ALA I 213 26.47 -20.40 18.80
C ALA I 213 27.42 -21.57 18.54
N SER I 214 26.89 -22.74 18.19
CA SER I 214 27.75 -23.88 17.91
C SER I 214 28.59 -23.64 16.65
N SER I 215 27.98 -23.04 15.62
CA SER I 215 28.73 -22.73 14.40
C SER I 215 29.82 -21.70 14.68
N ALA I 216 29.50 -20.68 15.49
CA ALA I 216 30.51 -19.71 15.88
C ALA I 216 31.63 -20.35 16.70
N ARG I 217 31.29 -21.28 17.59
CA ARG I 217 32.30 -22.01 18.36
C ARG I 217 33.23 -22.78 17.44
N GLN I 218 32.66 -23.48 16.45
CA GLN I 218 33.46 -24.24 15.50
C GLN I 218 34.39 -23.31 14.71
N LEU I 219 33.86 -22.16 14.28
CA LEU I 219 34.67 -21.19 13.55
C LEU I 219 35.82 -20.67 14.41
N LEU I 220 35.55 -20.36 15.68
CA LEU I 220 36.59 -19.84 16.56
C LEU I 220 37.66 -20.90 16.83
N GLN I 221 37.25 -22.16 16.96
CA GLN I 221 38.22 -23.24 17.10
C GLN I 221 39.10 -23.36 15.85
N GLN I 222 38.47 -23.26 14.68
CA GLN I 222 39.23 -23.27 13.43
C GLN I 222 40.21 -22.09 13.37
N LEU I 223 39.81 -20.94 13.90
CA LEU I 223 40.68 -19.77 13.89
C LEU I 223 41.87 -19.95 14.81
N VAL I 224 41.63 -20.43 16.04
CA VAL I 224 42.75 -20.58 16.98
C VAL I 224 43.73 -21.64 16.48
N THR I 225 43.23 -22.71 15.84
CA THR I 225 44.18 -23.70 15.33
C THR I 225 44.88 -23.23 14.05
N SER I 226 44.21 -22.42 13.21
CA SER I 226 44.74 -22.06 11.91
C SER I 226 45.38 -20.68 11.85
N TYR I 227 45.21 -19.85 12.87
CA TYR I 227 45.86 -18.54 12.94
C TYR I 227 46.51 -18.36 14.31
N PRO I 228 47.56 -19.12 14.61
CA PRO I 228 48.10 -19.09 15.97
C PRO I 228 49.07 -17.95 16.21
N SER I 229 48.75 -16.75 15.75
CA SER I 229 49.57 -15.60 16.11
C SER I 229 49.14 -15.13 17.49
N THR I 230 50.02 -14.36 18.15
CA THR I 230 49.72 -13.87 19.49
C THR I 230 48.49 -12.98 19.50
N LYS I 231 48.43 -12.01 18.58
CA LYS I 231 47.28 -11.11 18.48
C LYS I 231 46.03 -11.87 18.09
N MET I 232 46.13 -12.70 17.06
CA MET I 232 44.97 -13.41 16.55
C MET I 232 44.44 -14.41 17.57
N VAL I 233 45.32 -15.18 18.20
CA VAL I 233 44.86 -16.14 19.20
C VAL I 233 44.30 -15.42 20.42
N ILE I 234 44.86 -14.26 20.80
CA ILE I 234 44.32 -13.52 21.94
C ILE I 234 42.91 -13.03 21.66
N VAL I 235 42.72 -12.38 20.51
CA VAL I 235 41.39 -11.88 20.16
C VAL I 235 40.40 -13.03 20.01
N SER I 236 40.83 -14.14 19.40
CA SER I 236 39.95 -15.28 19.20
C SER I 236 39.57 -15.94 20.53
N LEU I 237 40.52 -16.10 21.45
CA LEU I 237 40.20 -16.73 22.73
C LEU I 237 39.30 -15.83 23.57
N HIS I 238 39.55 -14.52 23.55
CA HIS I 238 38.68 -13.59 24.27
C HIS I 238 37.26 -13.62 23.69
N THR I 239 37.15 -13.64 22.37
CA THR I 239 35.83 -13.70 21.73
C THR I 239 35.13 -15.01 22.05
N PHE I 240 35.88 -16.11 22.05
CA PHE I 240 35.31 -17.41 22.41
C PHE I 240 34.83 -17.42 23.85
N THR I 241 35.60 -16.81 24.75
CA THR I 241 35.19 -16.72 26.15
C THR I 241 33.91 -15.90 26.29
N LEU I 242 33.83 -14.76 25.60
CA LEU I 242 32.63 -13.94 25.70
C LEU I 242 31.42 -14.64 25.11
N LEU I 243 31.61 -15.35 23.99
CA LEU I 243 30.54 -16.12 23.40
C LEU I 243 30.06 -17.24 24.31
N ALA I 244 31.00 -17.92 24.98
CA ALA I 244 30.64 -18.96 25.92
C ALA I 244 29.89 -18.38 27.12
N ALA I 245 30.33 -17.22 27.60
CA ALA I 245 29.62 -16.57 28.70
C ALA I 245 28.20 -16.19 28.30
N SER I 246 28.03 -15.70 27.08
CA SER I 246 26.70 -15.29 26.63
C SER I 246 25.79 -16.50 26.38
N SER I 247 26.35 -17.58 25.84
CA SER I 247 25.57 -18.77 25.51
C SER I 247 25.43 -19.75 26.68
N LEU I 248 26.39 -19.77 27.59
CA LEU I 248 26.44 -20.59 28.81
C LEU I 248 25.99 -22.04 28.62
N VAL I 249 26.37 -22.63 27.49
CA VAL I 249 26.26 -24.07 27.28
C VAL I 249 27.62 -24.69 26.98
N ASP I 250 28.46 -23.98 26.24
CA ASP I 250 29.84 -24.38 26.00
C ASP I 250 30.79 -23.92 27.09
N THR I 251 30.28 -23.25 28.13
CA THR I 251 31.13 -22.71 29.19
C THR I 251 32.03 -23.74 29.87
N PRO I 252 31.58 -24.98 30.20
CA PRO I 252 32.53 -25.95 30.76
C PRO I 252 33.69 -26.28 29.84
N LYS I 253 33.43 -26.58 28.57
CA LYS I 253 34.54 -26.88 27.68
C LYS I 253 35.31 -25.63 27.29
N GLN I 254 34.70 -24.44 27.39
CA GLN I 254 35.48 -23.22 27.25
C GLN I 254 36.47 -23.07 28.39
N ILE I 255 36.05 -23.38 29.62
CA ILE I 255 36.98 -23.36 30.76
C ILE I 255 38.07 -24.39 30.55
N GLN I 256 37.70 -25.57 30.06
CA GLN I 256 38.69 -26.61 29.79
C GLN I 256 39.69 -26.16 28.73
N LEU I 257 39.20 -25.49 27.68
CA LEU I 257 40.08 -24.98 26.64
C LEU I 257 41.02 -23.91 27.16
N LEU I 258 40.50 -23.00 27.98
CA LEU I 258 41.33 -21.94 28.56
C LEU I 258 42.40 -22.52 29.46
N LEU I 259 42.04 -23.54 30.25
CA LEU I 259 43.05 -24.19 31.10
C LEU I 259 44.07 -24.91 30.26
N GLN I 260 43.65 -25.50 29.13
CA GLN I 260 44.60 -26.13 28.22
C GLN I 260 45.60 -25.12 27.66
N TYR I 261 45.10 -23.96 27.24
CA TYR I 261 45.99 -22.92 26.73
C TYR I 261 46.88 -22.35 27.82
N LEU I 262 46.36 -22.24 29.03
CA LEU I 262 47.14 -21.76 30.16
C LEU I 262 48.28 -22.73 30.48
N LYS I 263 47.98 -24.03 30.47
CA LYS I 263 49.00 -25.02 30.81
C LYS I 263 50.01 -25.21 29.68
N ASN I 264 49.54 -25.28 28.45
CA ASN I 264 50.39 -25.72 27.34
C ASN I 264 51.10 -24.58 26.62
N ASP I 265 50.36 -23.55 26.23
CA ASP I 265 50.91 -22.47 25.42
C ASP I 265 52.00 -21.75 26.21
N PRO I 266 53.22 -21.63 25.68
CA PRO I 266 54.31 -21.03 26.45
C PRO I 266 54.33 -19.52 26.45
N ARG I 267 53.54 -18.86 25.61
CA ARG I 267 53.58 -17.41 25.51
C ARG I 267 52.97 -16.80 26.77
N LYS I 268 53.71 -15.90 27.40
CA LYS I 268 53.22 -15.24 28.62
C LYS I 268 51.97 -14.42 28.35
N ALA I 269 51.85 -13.84 27.15
CA ALA I 269 50.67 -13.06 26.81
C ALA I 269 49.44 -13.95 26.71
N VAL I 270 49.58 -15.11 26.09
CA VAL I 270 48.46 -16.03 25.96
C VAL I 270 48.03 -16.54 27.33
N LYS I 271 49.00 -16.86 28.18
CA LYS I 271 48.69 -17.29 29.54
C LYS I 271 47.98 -16.18 30.32
N ARG I 272 48.44 -14.94 30.15
CA ARG I 272 47.82 -13.82 30.83
C ARG I 272 46.38 -13.61 30.38
N LEU I 273 46.14 -13.74 29.08
CA LEU I 273 44.77 -13.66 28.58
C LEU I 273 43.92 -14.79 29.15
N ALA I 274 44.48 -16.01 29.20
CA ALA I 274 43.75 -17.14 29.74
C ALA I 274 43.38 -16.90 31.19
N ILE I 275 44.29 -16.27 31.94
CA ILE I 275 44.01 -15.93 33.33
C ILE I 275 42.88 -14.91 33.42
N GLN I 276 42.93 -13.89 32.56
CA GLN I 276 41.89 -12.85 32.60
C GLN I 276 40.53 -13.44 32.23
N ASP I 277 40.49 -14.31 31.23
CA ASP I 277 39.25 -14.94 30.80
C ASP I 277 38.71 -15.88 31.87
N LEU I 278 39.60 -16.63 32.54
CA LEU I 278 39.13 -17.50 33.62
C LEU I 278 38.64 -16.69 34.80
N LYS I 279 39.24 -15.53 35.06
CA LYS I 279 38.73 -14.65 36.10
C LYS I 279 37.35 -14.13 35.73
N LEU I 280 37.16 -13.78 34.45
CA LEU I 280 35.84 -13.35 33.99
C LEU I 280 34.80 -14.45 34.16
N LEU I 281 35.16 -15.69 33.80
CA LEU I 281 34.23 -16.80 33.94
C LEU I 281 33.96 -17.13 35.40
N ALA I 282 34.98 -17.03 36.25
CA ALA I 282 34.78 -17.23 37.69
C ALA I 282 33.84 -16.19 38.26
N ASN I 283 33.98 -14.93 37.83
CA ASN I 283 33.06 -13.90 38.28
C ASN I 283 31.65 -14.14 37.75
N LYS I 284 31.54 -14.66 36.52
CA LYS I 284 30.23 -14.79 35.90
C LYS I 284 29.53 -16.07 36.31
N THR I 285 30.18 -17.21 36.11
CA THR I 285 29.57 -18.54 36.32
C THR I 285 30.47 -19.40 37.20
N PRO I 286 30.66 -19.03 38.47
CA PRO I 286 31.45 -19.90 39.36
C PRO I 286 30.83 -21.27 39.58
N HIS I 287 29.51 -21.39 39.52
CA HIS I 287 28.86 -22.67 39.79
C HIS I 287 29.18 -23.71 38.72
N THR I 288 29.49 -23.29 37.50
CA THR I 288 29.77 -24.23 36.43
C THR I 288 31.16 -24.85 36.52
N TRP I 289 32.02 -24.36 37.39
CA TRP I 289 33.36 -24.91 37.52
C TRP I 289 33.29 -26.30 38.16
N SER I 290 33.96 -27.26 37.55
CA SER I 290 34.02 -28.60 38.11
C SER I 290 35.21 -28.72 39.05
N ARG I 291 35.27 -29.84 39.76
CA ARG I 291 36.43 -30.13 40.60
C ARG I 291 37.68 -30.28 39.74
N GLU I 292 37.55 -30.89 38.57
CA GLU I 292 38.70 -31.09 37.69
C GLU I 292 39.27 -29.78 37.20
N ASN I 293 38.41 -28.81 36.91
CA ASN I 293 38.87 -27.50 36.47
C ASN I 293 39.69 -26.81 37.54
N ILE I 294 39.20 -26.83 38.78
CA ILE I 294 39.93 -26.19 39.87
C ILE I 294 41.22 -26.94 40.15
N GLN I 295 41.20 -28.27 40.04
CA GLN I 295 42.42 -29.05 40.19
C GLN I 295 43.46 -28.68 39.13
N ALA I 296 43.03 -28.53 37.88
CA ALA I 296 43.94 -28.16 36.81
C ALA I 296 44.52 -26.78 37.04
N LEU I 297 43.67 -25.83 37.47
CA LEU I 297 44.14 -24.48 37.75
C LEU I 297 45.15 -24.47 38.90
N CYS I 298 44.87 -25.24 39.94
CA CYS I 298 45.79 -25.33 41.08
C CYS I 298 47.12 -25.95 40.66
N GLU I 299 47.09 -26.99 39.84
CA GLU I 299 48.32 -27.60 39.35
C GLU I 299 49.14 -26.61 38.53
N CYS I 300 48.45 -25.85 37.67
CA CYS I 300 49.12 -24.82 36.87
C CYS I 300 49.78 -23.77 37.75
N ALA I 301 49.06 -23.33 38.79
CA ALA I 301 49.64 -22.37 39.73
C ALA I 301 50.82 -22.97 40.48
N LEU I 302 50.78 -24.27 40.74
CA LEU I 302 51.83 -24.91 41.51
C LEU I 302 53.12 -25.01 40.71
N GLN I 303 53.02 -25.43 39.44
CA GLN I 303 54.20 -25.74 38.65
C GLN I 303 54.61 -24.61 37.72
N THR I 304 54.08 -23.41 37.90
CA THR I 304 54.60 -22.34 37.06
C THR I 304 55.77 -21.63 37.74
N PRO I 305 56.79 -21.23 36.99
CA PRO I 305 57.93 -20.54 37.61
C PRO I 305 57.75 -19.03 37.72
N TYR I 306 56.90 -18.46 36.87
CA TYR I 306 56.76 -17.01 36.81
C TYR I 306 55.80 -16.52 37.88
N ASP I 307 56.14 -15.41 38.51
CA ASP I 307 55.36 -14.94 39.65
C ASP I 307 54.14 -14.14 39.21
N SER I 308 54.22 -13.41 38.09
CA SER I 308 53.07 -12.66 37.63
C SER I 308 51.93 -13.59 37.23
N LEU I 309 52.26 -14.67 36.50
CA LEU I 309 51.24 -15.64 36.13
C LEU I 309 50.66 -16.31 37.36
N LYS I 310 51.51 -16.68 38.32
CA LYS I 310 51.05 -17.30 39.56
C LYS I 310 50.10 -16.37 40.31
N LEU I 311 50.43 -15.09 40.36
CA LEU I 311 49.56 -14.10 40.97
C LEU I 311 48.21 -14.03 40.25
N GLY I 312 48.23 -14.12 38.91
CA GLY I 312 46.97 -14.11 38.18
C GLY I 312 46.10 -15.32 38.48
N MET I 313 46.70 -16.51 38.46
CA MET I 313 45.91 -17.71 38.74
C MET I 313 45.40 -17.71 40.18
N LEU I 314 46.18 -17.16 41.11
CA LEU I 314 45.70 -17.07 42.47
C LEU I 314 44.60 -16.03 42.60
N SER I 315 44.62 -14.98 41.77
CA SER I 315 43.48 -14.07 41.74
C SER I 315 42.22 -14.78 41.28
N VAL I 316 42.35 -15.64 40.26
CA VAL I 316 41.22 -16.43 39.81
C VAL I 316 40.72 -17.36 40.92
N LEU I 317 41.66 -18.03 41.60
CA LEU I 317 41.29 -18.97 42.65
C LEU I 317 40.70 -18.28 43.86
N SER I 318 41.17 -17.08 44.19
CA SER I 318 40.58 -16.34 45.29
C SER I 318 39.20 -15.82 44.94
N THR I 319 38.97 -15.48 43.66
CA THR I 319 37.63 -15.18 43.22
C THR I 319 36.72 -16.40 43.37
N LEU I 320 37.22 -17.58 42.99
CA LEU I 320 36.41 -18.79 43.08
C LEU I 320 36.10 -19.17 44.51
N SER I 321 37.08 -19.04 45.41
CA SER I 321 36.92 -19.48 46.80
C SER I 321 35.85 -18.67 47.53
N GLY I 322 35.62 -17.43 47.11
CA GLY I 322 34.56 -16.62 47.70
C GLY I 322 33.17 -16.97 47.25
N THR I 323 33.04 -17.88 46.29
CA THR I 323 31.77 -18.31 45.73
C THR I 323 31.45 -19.73 46.20
N ILE I 324 30.37 -20.29 45.64
CA ILE I 324 29.98 -21.66 45.95
C ILE I 324 30.86 -22.70 45.30
N ALA I 325 31.77 -22.28 44.41
CA ALA I 325 32.66 -23.24 43.76
C ALA I 325 33.55 -23.96 44.77
N ILE I 326 33.83 -23.33 45.91
CA ILE I 326 34.61 -23.99 46.96
C ILE I 326 33.84 -25.18 47.54
N LYS I 327 32.53 -25.02 47.75
CA LYS I 327 31.72 -26.13 48.24
C LYS I 327 31.69 -27.28 47.24
N HIS I 328 31.56 -26.95 45.95
CA HIS I 328 31.61 -27.97 44.90
C HIS I 328 32.98 -28.64 44.83
N TYR I 329 34.04 -27.92 45.20
CA TYR I 329 35.37 -28.50 45.13
C TYR I 329 35.57 -29.60 46.16
N PHE I 330 34.84 -29.56 47.26
CA PHE I 330 34.96 -30.58 48.31
C PHE I 330 33.80 -31.56 48.25
N ARG I 342 39.82 -32.89 52.81
CA ARG I 342 41.18 -33.39 52.94
C ARG I 342 42.20 -32.36 52.46
N SER I 343 43.48 -32.71 52.55
CA SER I 343 44.56 -31.83 52.10
C SER I 343 44.74 -32.01 50.60
N SER I 344 44.10 -31.14 49.82
CA SER I 344 44.08 -31.22 48.37
C SER I 344 45.13 -30.27 47.78
N ASP I 345 45.17 -30.21 46.45
CA ASP I 345 46.10 -29.30 45.80
C ASP I 345 45.76 -27.84 46.08
N LEU I 346 44.48 -27.53 46.25
CA LEU I 346 44.08 -26.15 46.54
C LEU I 346 44.61 -25.69 47.88
N VAL I 347 44.46 -26.52 48.92
CA VAL I 347 44.93 -26.14 50.25
C VAL I 347 46.45 -26.11 50.29
N LYS I 348 47.10 -27.06 49.62
CA LYS I 348 48.55 -27.07 49.54
C LYS I 348 49.08 -25.83 48.86
N LEU I 349 48.45 -25.43 47.75
CA LEU I 349 48.82 -24.22 47.05
C LEU I 349 48.61 -22.99 47.92
N ALA I 350 47.44 -22.90 48.58
CA ALA I 350 47.11 -21.73 49.39
C ALA I 350 48.09 -21.58 50.55
N GLN I 351 48.44 -22.69 51.20
CA GLN I 351 49.42 -22.64 52.27
C GLN I 351 50.80 -22.25 51.76
N GLU I 352 51.20 -22.79 50.60
CA GLU I 352 52.49 -22.41 50.01
C GLU I 352 52.50 -20.93 49.63
N CYS I 353 51.40 -20.42 49.09
CA CYS I 353 51.36 -19.05 48.60
C CYS I 353 51.25 -18.02 49.71
N CYS I 354 50.64 -18.36 50.84
CA CYS I 354 50.48 -17.37 51.91
C CYS I 354 51.79 -17.05 52.62
N TYR I 355 52.86 -17.79 52.36
CA TYR I 355 54.19 -17.48 52.87
C TYR I 355 55.16 -17.08 51.77
N HIS I 356 54.64 -16.61 50.64
CA HIS I 356 55.47 -16.20 49.52
C HIS I 356 56.13 -14.86 49.79
N ASN I 357 57.26 -14.63 49.12
CA ASN I 357 57.92 -13.33 49.18
C ASN I 357 57.05 -12.24 48.58
N ASN I 358 56.41 -12.53 47.44
CA ASN I 358 55.52 -11.56 46.80
C ASN I 358 54.33 -11.28 47.71
N ARG I 359 54.06 -9.98 47.92
CA ARG I 359 52.97 -9.60 48.82
C ARG I 359 51.61 -9.90 48.21
N GLY I 360 51.45 -9.69 46.90
CA GLY I 360 50.18 -9.98 46.26
C GLY I 360 49.83 -11.45 46.28
N ILE I 361 50.82 -12.31 46.01
CA ILE I 361 50.61 -13.75 46.08
C ILE I 361 50.24 -14.15 47.50
N ALA I 362 50.91 -13.55 48.49
CA ALA I 362 50.60 -13.85 49.89
C ALA I 362 49.18 -13.43 50.25
N ALA I 363 48.76 -12.26 49.78
CA ALA I 363 47.40 -11.78 50.04
C ALA I 363 46.36 -12.71 49.42
N HIS I 364 46.58 -13.13 48.18
CA HIS I 364 45.64 -14.04 47.53
C HIS I 364 45.59 -15.39 48.23
N GLY I 365 46.75 -15.92 48.61
CA GLY I 365 46.79 -17.20 49.30
C GLY I 365 46.09 -17.16 50.63
N VAL I 366 46.31 -16.09 51.41
CA VAL I 366 45.68 -16.00 52.71
C VAL I 366 44.20 -15.73 52.56
N ARG I 367 43.78 -15.04 51.49
CA ARG I 367 42.35 -14.90 51.20
C ARG I 367 41.70 -16.24 50.90
N VAL I 368 42.38 -17.08 50.11
CA VAL I 368 41.87 -18.43 49.83
C VAL I 368 41.74 -19.22 51.12
N LEU I 369 42.77 -19.14 51.99
CA LEU I 369 42.73 -19.86 53.26
C LEU I 369 41.58 -19.37 54.14
N THR I 370 41.39 -18.06 54.22
CA THR I 370 40.31 -17.50 55.03
C THR I 370 38.95 -17.92 54.50
N ASN I 371 38.78 -17.90 53.17
CA ASN I 371 37.52 -18.32 52.58
C ASN I 371 37.22 -19.78 52.86
N ILE I 372 38.24 -20.64 52.77
CA ILE I 372 38.06 -22.05 53.10
C ILE I 372 37.68 -22.21 54.56
N THR I 373 38.35 -21.47 55.45
CA THR I 373 38.10 -21.62 56.88
C THR I 373 36.68 -21.17 57.25
N VAL I 374 36.23 -20.05 56.72
CA VAL I 374 34.92 -19.53 57.13
C VAL I 374 33.78 -20.20 56.38
N SER I 375 34.00 -20.65 55.14
CA SER I 375 32.93 -21.27 54.38
C SER I 375 32.75 -22.74 54.72
N CYS I 376 33.84 -23.46 54.94
CA CYS I 376 33.81 -24.89 55.19
C CYS I 376 34.05 -25.13 56.68
N GLN I 377 33.01 -25.53 57.40
CA GLN I 377 33.13 -25.95 58.79
C GLN I 377 33.53 -27.41 58.96
N GLU I 378 33.90 -28.08 57.86
CA GLU I 378 34.38 -29.46 57.93
C GLU I 378 35.60 -29.57 58.84
N LYS I 379 35.57 -30.55 59.75
CA LYS I 379 36.57 -30.63 60.80
C LYS I 379 37.85 -31.30 60.35
N ASP I 380 37.93 -31.77 59.10
CA ASP I 380 39.15 -32.34 58.57
C ASP I 380 40.19 -31.29 58.22
N LEU I 381 39.80 -30.01 58.16
CA LEU I 381 40.69 -28.93 57.75
C LEU I 381 40.62 -27.79 58.76
N LEU I 382 40.69 -28.13 60.05
CA LEU I 382 40.83 -27.11 61.09
C LEU I 382 42.29 -26.85 61.43
N ALA I 383 43.22 -27.64 60.88
CA ALA I 383 44.64 -27.40 61.12
C ALA I 383 45.12 -26.13 60.43
N LEU I 384 44.49 -25.76 59.30
CA LEU I 384 44.81 -24.51 58.63
C LEU I 384 44.11 -23.30 59.21
N GLU I 385 43.27 -23.47 60.23
CA GLU I 385 42.66 -22.32 60.91
C GLU I 385 43.74 -21.42 61.53
N GLN I 386 44.71 -22.02 62.21
CA GLN I 386 45.80 -21.24 62.75
C GLN I 386 46.79 -20.84 61.66
N ASP I 387 46.90 -21.64 60.59
CA ASP I 387 47.73 -21.23 59.46
C ASP I 387 47.20 -19.93 58.86
N ALA I 388 45.88 -19.82 58.73
CA ALA I 388 45.24 -18.59 58.27
C ALA I 388 45.52 -17.44 59.22
N VAL I 389 45.40 -17.68 60.53
CA VAL I 389 45.59 -16.60 61.50
C VAL I 389 47.04 -16.09 61.45
N PHE I 390 48.00 -17.01 61.43
CA PHE I 390 49.41 -16.62 61.43
C PHE I 390 49.82 -16.02 60.10
N GLY I 391 49.25 -16.50 58.98
CA GLY I 391 49.49 -15.86 57.70
C GLY I 391 48.99 -14.44 57.65
N LEU I 392 47.81 -14.19 58.22
CA LEU I 392 47.29 -12.82 58.29
C LEU I 392 48.19 -11.93 59.14
N GLU I 393 48.66 -12.46 60.28
CA GLU I 393 49.54 -11.70 61.15
C GLU I 393 50.88 -11.38 60.48
N SER I 394 51.47 -12.37 59.80
CA SER I 394 52.71 -12.14 59.08
C SER I 394 52.53 -11.13 57.96
N LEU I 395 51.37 -11.19 57.28
CA LEU I 395 51.08 -10.21 56.24
C LEU I 395 50.91 -8.81 56.81
N LEU I 396 50.35 -8.70 58.03
CA LEU I 396 50.33 -7.42 58.74
C LEU I 396 51.73 -6.89 58.95
N VAL I 397 52.62 -7.74 59.47
CA VAL I 397 54.00 -7.33 59.75
C VAL I 397 54.69 -6.91 58.46
N LEU I 398 54.38 -7.60 57.36
CA LEU I 398 54.98 -7.28 56.08
C LEU I 398 54.47 -5.95 55.52
N CYS I 399 53.17 -5.68 55.65
CA CYS I 399 52.56 -4.54 54.99
C CYS I 399 52.52 -3.27 55.85
N SER I 400 52.82 -3.35 57.15
CA SER I 400 52.60 -2.20 58.01
C SER I 400 53.63 -1.09 57.77
N GLN I 401 54.90 -1.46 57.56
CA GLN I 401 55.96 -0.47 57.49
C GLN I 401 56.11 0.20 56.12
N ASP I 402 55.60 -0.41 55.06
CA ASP I 402 55.89 0.07 53.71
C ASP I 402 55.28 1.43 53.43
N ASP I 403 53.97 1.58 53.70
CA ASP I 403 53.20 2.80 53.40
C ASP I 403 53.22 3.12 51.91
N SER I 404 53.09 2.07 51.08
CA SER I 404 53.04 2.19 49.64
C SER I 404 51.67 1.72 49.13
N PRO I 405 51.18 2.26 48.00
CA PRO I 405 49.81 1.90 47.55
C PRO I 405 49.58 0.42 47.30
N GLY I 406 50.55 -0.30 46.75
CA GLY I 406 50.40 -1.73 46.60
C GLY I 406 50.36 -2.42 47.95
N ALA I 407 51.25 -2.01 48.85
CA ALA I 407 51.24 -2.53 50.21
C ALA I 407 49.96 -2.17 50.94
N GLN I 408 49.44 -0.96 50.69
CA GLN I 408 48.16 -0.57 51.29
C GLN I 408 47.02 -1.45 50.78
N ALA I 409 47.05 -1.79 49.48
CA ALA I 409 46.04 -2.67 48.92
C ALA I 409 46.11 -4.07 49.55
N THR I 410 47.32 -4.62 49.68
CA THR I 410 47.47 -5.93 50.30
C THR I 410 47.07 -5.89 51.77
N LEU I 411 47.36 -4.78 52.44
CA LEU I 411 46.97 -4.60 53.83
C LEU I 411 45.46 -4.54 53.98
N LYS I 412 44.78 -3.86 53.05
CA LYS I 412 43.32 -3.84 53.05
C LYS I 412 42.75 -5.24 52.84
N ILE I 413 43.36 -6.00 51.92
CA ILE I 413 42.92 -7.38 51.68
C ILE I 413 43.06 -8.21 52.94
N ALA I 414 44.22 -8.11 53.60
CA ALA I 414 44.47 -8.88 54.82
C ALA I 414 43.50 -8.50 55.93
N LEU I 415 43.22 -7.21 56.10
CA LEU I 415 42.34 -6.78 57.18
C LEU I 415 40.89 -7.15 56.90
N ASN I 416 40.46 -7.08 55.64
CA ASN I 416 39.15 -7.60 55.28
C ASN I 416 39.05 -9.09 55.58
N CYS I 417 40.11 -9.84 55.28
CA CYS I 417 40.13 -11.26 55.59
C CYS I 417 40.05 -11.51 57.08
N MET I 418 40.73 -10.70 57.88
CA MET I 418 40.66 -10.84 59.33
C MET I 418 39.27 -10.53 59.86
N VAL I 419 38.61 -9.50 59.33
CA VAL I 419 37.24 -9.20 59.73
C VAL I 419 36.33 -10.38 59.42
N LYS I 420 36.46 -10.92 58.20
CA LYS I 420 35.66 -12.07 57.79
C LYS I 420 35.93 -13.28 58.68
N LEU I 421 37.20 -13.51 59.02
CA LEU I 421 37.57 -14.64 59.86
C LEU I 421 37.04 -14.48 61.29
N ALA I 422 37.06 -13.24 61.79
CA ALA I 422 36.50 -12.98 63.12
C ALA I 422 35.01 -13.23 63.15
N LYS I 423 34.29 -12.83 62.09
CA LYS I 423 32.86 -13.15 62.02
C LYS I 423 32.63 -14.65 61.93
N GLY I 424 33.30 -15.31 60.99
CA GLY I 424 33.02 -16.71 60.71
C GLY I 424 33.40 -17.65 61.84
N ARG I 425 34.53 -17.36 62.49
CA ARG I 425 35.08 -18.20 63.55
C ARG I 425 35.32 -17.34 64.78
N PRO I 426 34.28 -17.08 65.57
CA PRO I 426 34.41 -16.13 66.70
C PRO I 426 35.42 -16.55 67.76
N HIS I 427 35.75 -17.83 67.88
CA HIS I 427 36.74 -18.23 68.87
C HIS I 427 38.15 -17.78 68.50
N LEU I 428 38.39 -17.40 67.25
CA LEU I 428 39.65 -16.81 66.82
C LEU I 428 39.71 -15.30 66.99
N SER I 429 38.63 -14.68 67.46
CA SER I 429 38.56 -13.23 67.53
C SER I 429 39.58 -12.65 68.49
N GLN I 430 39.80 -13.32 69.63
CA GLN I 430 40.73 -12.82 70.63
C GLN I 430 42.15 -12.74 70.07
N SER I 431 42.59 -13.79 69.36
CA SER I 431 43.93 -13.80 68.79
C SER I 431 44.07 -12.74 67.71
N VAL I 432 43.04 -12.55 66.88
CA VAL I 432 43.06 -11.52 65.84
C VAL I 432 43.19 -10.14 66.46
N VAL I 433 42.41 -9.89 67.52
CA VAL I 433 42.44 -8.59 68.19
C VAL I 433 43.81 -8.37 68.84
N GLU I 434 44.38 -9.41 69.46
CA GLU I 434 45.69 -9.29 70.07
C GLU I 434 46.77 -8.98 69.03
N THR I 435 46.71 -9.63 67.87
CA THR I 435 47.66 -9.35 66.80
C THR I 435 47.54 -7.90 66.35
N LEU I 436 46.31 -7.43 66.15
CA LEU I 436 46.10 -6.05 65.72
C LEU I 436 46.61 -5.06 66.75
N LEU I 437 46.37 -5.33 68.03
CA LEU I 437 46.80 -4.41 69.08
C LEU I 437 48.31 -4.36 69.19
N THR I 438 48.97 -5.52 69.16
CA THR I 438 50.43 -5.54 69.19
C THR I 438 51.02 -4.86 67.97
N GLN I 439 50.42 -5.06 66.81
CA GLN I 439 50.93 -4.43 65.59
C GLN I 439 50.63 -2.94 65.51
N LEU I 440 49.68 -2.44 66.32
CA LEU I 440 49.36 -1.02 66.28
C LEU I 440 50.52 -0.15 66.75
N HIS I 441 51.27 -0.62 67.74
CA HIS I 441 52.34 0.17 68.32
C HIS I 441 53.57 0.25 67.43
N SER I 442 53.64 -0.53 66.35
CA SER I 442 54.81 -0.59 65.47
C SER I 442 54.39 -0.54 64.01
N ALA I 443 53.51 0.40 63.67
CA ALA I 443 53.02 0.51 62.31
C ALA I 443 52.94 1.98 61.92
N GLN I 444 52.99 2.22 60.61
CA GLN I 444 52.90 3.58 60.10
C GLN I 444 51.47 4.10 60.24
N ASP I 445 51.30 5.39 59.93
CA ASP I 445 50.04 6.06 60.22
C ASP I 445 48.90 5.54 59.34
N ALA I 446 49.16 5.36 58.04
CA ALA I 446 48.13 4.84 57.14
C ALA I 446 47.75 3.42 57.53
N ALA I 447 48.75 2.59 57.81
CA ALA I 447 48.50 1.24 58.30
C ALA I 447 47.73 1.28 59.61
N ARG I 448 48.09 2.21 60.50
CA ARG I 448 47.39 2.34 61.78
C ARG I 448 45.91 2.67 61.55
N ILE I 449 45.62 3.54 60.59
CA ILE I 449 44.23 3.87 60.27
C ILE I 449 43.48 2.64 59.79
N LEU I 450 44.11 1.86 58.90
CA LEU I 450 43.43 0.67 58.38
C LEU I 450 43.17 -0.37 59.47
N MET I 451 44.14 -0.63 60.35
CA MET I 451 43.89 -1.57 61.43
C MET I 451 42.90 -1.01 62.46
N CYS I 452 42.83 0.31 62.60
CA CYS I 452 41.77 0.88 63.43
C CYS I 452 40.41 0.61 62.83
N HIS I 453 40.28 0.69 61.50
CA HIS I 453 39.02 0.31 60.86
C HIS I 453 38.69 -1.16 61.10
N CYS I 454 39.71 -2.03 61.01
CA CYS I 454 39.50 -3.45 61.25
C CYS I 454 39.04 -3.73 62.69
N LEU I 455 39.68 -3.08 63.66
CA LEU I 455 39.29 -3.23 65.06
C LEU I 455 37.89 -2.71 65.30
N ALA I 456 37.53 -1.60 64.66
CA ALA I 456 36.19 -1.05 64.77
C ALA I 456 35.15 -2.04 64.26
N ALA I 457 35.43 -2.69 63.12
CA ALA I 457 34.51 -3.68 62.58
C ALA I 457 34.33 -4.84 63.54
N ILE I 458 35.45 -5.41 64.01
CA ILE I 458 35.40 -6.58 64.88
C ILE I 458 34.69 -6.26 66.19
N ALA I 459 34.97 -5.07 66.75
CA ALA I 459 34.35 -4.70 68.03
C ALA I 459 32.90 -4.30 67.86
N MET I 460 32.51 -3.79 66.70
CA MET I 460 31.08 -3.56 66.45
C MET I 460 30.30 -4.86 66.40
N GLN I 461 30.84 -5.88 65.72
CA GLN I 461 30.11 -7.15 65.68
C GLN I 461 30.21 -7.92 66.99
N LEU I 462 31.39 -7.93 67.62
CA LEU I 462 31.65 -8.69 68.84
C LEU I 462 32.14 -7.73 69.93
N PRO I 463 31.22 -7.09 70.65
CA PRO I 463 31.62 -6.04 71.61
C PRO I 463 32.26 -6.56 72.89
N VAL I 464 32.25 -7.88 73.13
CA VAL I 464 32.88 -8.43 74.32
C VAL I 464 34.39 -8.19 74.29
N LEU I 465 34.98 -8.13 73.09
CA LEU I 465 36.41 -7.88 72.93
C LEU I 465 36.79 -6.42 73.13
N GLY I 466 35.82 -5.54 73.29
CA GLY I 466 36.12 -4.13 73.46
C GLY I 466 36.92 -3.82 74.72
N ASP I 467 36.61 -4.51 75.82
CA ASP I 467 37.31 -4.23 77.07
C ASP I 467 38.78 -4.59 76.99
N GLY I 468 39.12 -5.65 76.25
CA GLY I 468 40.51 -6.07 76.15
C GLY I 468 41.39 -5.19 75.30
N MET I 469 40.80 -4.31 74.49
CA MET I 469 41.57 -3.46 73.59
C MET I 469 41.65 -2.01 74.04
N LEU I 470 41.04 -1.66 75.18
CA LEU I 470 40.95 -0.25 75.55
C LEU I 470 42.30 0.31 76.01
N GLY I 471 43.08 -0.47 76.75
CA GLY I 471 44.36 0.02 77.23
C GLY I 471 45.35 0.38 76.13
N ASP I 472 45.54 -0.54 75.18
CA ASP I 472 46.45 -0.29 74.07
C ASP I 472 46.00 0.89 73.23
N LEU I 473 44.69 0.95 72.93
CA LEU I 473 44.15 2.02 72.11
C LEU I 473 44.28 3.37 72.81
N MET I 474 44.04 3.41 74.12
CA MET I 474 44.17 4.66 74.86
C MET I 474 45.63 5.10 74.93
N GLU I 475 46.56 4.16 75.11
CA GLU I 475 47.97 4.51 75.12
C GLU I 475 48.41 5.07 73.77
N LEU I 476 47.96 4.44 72.68
CA LEU I 476 48.33 4.93 71.36
C LEU I 476 47.66 6.27 71.06
N TYR I 477 46.46 6.49 71.61
CA TYR I 477 45.82 7.79 71.47
C TYR I 477 46.60 8.87 72.20
N LYS I 478 47.12 8.56 73.39
CA LYS I 478 47.95 9.53 74.10
C LYS I 478 49.22 9.87 73.32
N VAL I 479 49.90 8.84 72.80
CA VAL I 479 51.19 9.13 72.14
C VAL I 479 50.98 9.77 70.76
N ILE I 480 49.87 9.48 70.08
CA ILE I 480 49.62 10.11 68.78
C ILE I 480 49.30 11.59 68.94
N GLY I 481 48.45 11.93 69.92
CA GLY I 481 47.99 13.29 70.09
C GLY I 481 49.06 14.30 70.45
N ARG I 482 50.20 13.84 70.97
CA ARG I 482 51.28 14.75 71.32
C ARG I 482 51.97 15.33 70.10
N SER I 483 51.98 14.60 68.98
CA SER I 483 52.69 14.99 67.77
C SER I 483 51.80 14.77 66.55
N ALA I 484 50.55 15.23 66.62
CA ALA I 484 49.58 15.00 65.56
C ALA I 484 49.58 16.20 64.60
N THR I 485 50.29 16.06 63.47
CA THR I 485 50.44 17.21 62.58
C THR I 485 49.46 17.25 61.42
N ASP I 486 49.58 16.33 60.46
CA ASP I 486 48.73 16.36 59.27
C ASP I 486 47.96 15.06 59.05
N LYS I 487 48.65 13.92 58.95
CA LYS I 487 47.98 12.65 58.66
C LYS I 487 47.39 12.03 59.92
N GLN I 488 47.82 12.49 61.09
CA GLN I 488 47.32 11.97 62.35
C GLN I 488 45.91 12.40 62.66
N GLN I 489 45.36 13.38 61.93
CA GLN I 489 43.96 13.76 62.12
C GLN I 489 43.03 12.60 61.75
N GLU I 490 43.30 11.94 60.63
CA GLU I 490 42.55 10.73 60.29
C GLU I 490 42.82 9.64 61.33
N LEU I 491 44.07 9.52 61.77
CA LEU I 491 44.40 8.57 62.81
C LEU I 491 43.68 8.91 64.12
N LEU I 492 43.55 10.20 64.43
CA LEU I 492 42.85 10.61 65.64
C LEU I 492 41.39 10.21 65.61
N VAL I 493 40.70 10.46 64.49
CA VAL I 493 39.29 10.11 64.41
C VAL I 493 39.12 8.59 64.40
N SER I 494 40.02 7.86 63.75
CA SER I 494 39.96 6.40 63.75
C SER I 494 40.14 5.85 65.17
N LEU I 495 41.13 6.38 65.91
CA LEU I 495 41.36 5.95 67.27
C LEU I 495 40.18 6.27 68.17
N ALA I 496 39.63 7.48 68.06
CA ALA I 496 38.46 7.83 68.86
C ALA I 496 37.28 6.95 68.49
N THR I 497 37.16 6.56 67.22
CA THR I 497 36.09 5.68 66.79
C THR I 497 36.20 4.31 67.45
N VAL I 498 37.41 3.74 67.48
CA VAL I 498 37.54 2.44 68.15
C VAL I 498 37.38 2.58 69.66
N ILE I 499 37.76 3.73 70.24
CA ILE I 499 37.54 3.94 71.66
C ILE I 499 36.04 3.94 71.97
N PHE I 500 35.26 4.69 71.20
CA PHE I 500 33.83 4.73 71.43
C PHE I 500 33.15 3.39 71.13
N VAL I 501 33.57 2.71 70.06
CA VAL I 501 32.99 1.43 69.70
C VAL I 501 33.31 0.38 70.76
N ALA I 502 34.57 0.30 71.18
CA ALA I 502 35.01 -0.71 72.12
C ALA I 502 34.47 -0.49 73.53
N SER I 503 33.98 0.71 73.83
CA SER I 503 33.47 1.02 75.16
C SER I 503 32.00 0.59 75.23
N GLN I 504 31.75 -0.55 75.86
CA GLN I 504 30.37 -0.98 76.09
C GLN I 504 29.65 0.00 77.01
N LYS I 505 30.32 0.43 78.08
CA LYS I 505 29.78 1.39 79.01
C LYS I 505 30.25 2.79 78.66
N ALA I 506 30.03 3.75 79.55
CA ALA I 506 30.46 5.12 79.34
C ALA I 506 31.95 5.26 79.64
N LEU I 507 32.45 6.50 79.66
CA LEU I 507 33.85 6.78 79.88
C LEU I 507 34.00 7.83 80.98
N SER I 508 34.94 7.59 81.90
CA SER I 508 35.22 8.53 82.97
C SER I 508 36.62 9.14 82.86
N VAL I 509 37.64 8.31 82.83
CA VAL I 509 39.02 8.82 82.70
C VAL I 509 39.45 8.88 81.24
N GLU I 510 38.98 7.91 80.44
CA GLU I 510 39.26 7.93 79.01
C GLU I 510 38.62 9.16 78.37
N SER I 511 37.43 9.54 78.85
CA SER I 511 36.79 10.75 78.37
C SER I 511 37.63 11.98 78.66
N LYS I 512 38.20 12.05 79.89
CA LYS I 512 39.06 13.17 80.25
C LYS I 512 40.30 13.21 79.37
N ALA I 513 40.88 12.03 79.10
CA ALA I 513 42.05 11.97 78.23
C ALA I 513 41.74 12.46 76.83
N VAL I 514 40.60 12.05 76.27
CA VAL I 514 40.22 12.48 74.92
C VAL I 514 40.00 13.99 74.87
N ILE I 515 39.25 14.54 75.86
CA ILE I 515 39.00 15.98 75.86
C ILE I 515 40.31 16.76 76.00
N LYS I 516 41.20 16.28 76.88
CA LYS I 516 42.50 16.94 77.04
C LYS I 516 43.31 16.91 75.76
N GLN I 517 43.33 15.76 75.07
CA GLN I 517 44.09 15.63 73.83
C GLN I 517 43.51 16.54 72.74
N GLN I 518 42.19 16.72 72.73
CA GLN I 518 41.59 17.64 71.76
C GLN I 518 41.95 19.08 72.09
N LEU I 519 41.77 19.48 73.35
CA LEU I 519 41.92 20.88 73.70
C LEU I 519 43.38 21.34 73.67
N GLU I 520 44.32 20.41 73.91
CA GLU I 520 45.73 20.78 74.03
C GLU I 520 46.29 21.32 72.71
N SER I 521 45.97 20.65 71.59
CA SER I 521 46.65 20.99 70.34
C SER I 521 45.70 21.18 69.18
N VAL I 522 44.58 20.46 69.18
CA VAL I 522 43.76 20.32 67.98
C VAL I 522 42.98 21.62 67.77
N SER I 523 43.49 22.48 66.91
CA SER I 523 42.70 23.57 66.35
C SER I 523 41.88 23.12 65.15
N ASN I 524 42.05 21.89 64.69
CA ASN I 524 41.30 21.34 63.57
C ASN I 524 39.88 21.03 64.05
N GLY I 525 38.95 21.92 63.74
CA GLY I 525 37.57 21.70 64.13
C GLY I 525 36.94 20.47 63.49
N TRP I 526 37.37 20.14 62.27
CA TRP I 526 36.78 19.02 61.55
C TRP I 526 37.04 17.69 62.25
N THR I 527 38.25 17.51 62.77
CA THR I 527 38.59 16.32 63.55
C THR I 527 37.69 16.20 64.76
N VAL I 528 37.49 17.30 65.47
CA VAL I 528 36.64 17.32 66.66
C VAL I 528 35.21 16.99 66.28
N TYR I 529 34.73 17.54 65.16
CA TYR I 529 33.37 17.29 64.71
C TYR I 529 33.15 15.83 64.36
N ARG I 530 34.11 15.22 63.67
CA ARG I 530 33.95 13.82 63.29
C ARG I 530 34.00 12.91 64.51
N ILE I 531 34.85 13.25 65.48
CA ILE I 531 34.93 12.46 66.71
C ILE I 531 33.63 12.62 67.52
N ALA I 532 33.05 13.82 67.52
CA ALA I 532 31.77 14.02 68.18
C ALA I 532 30.65 13.26 67.48
N ARG I 533 30.71 13.21 66.14
CA ARG I 533 29.77 12.40 65.37
C ARG I 533 29.84 10.94 65.79
N GLN I 534 31.06 10.41 65.92
CA GLN I 534 31.21 9.03 66.36
C GLN I 534 30.71 8.83 67.78
N ALA I 535 30.97 9.80 68.67
CA ALA I 535 30.50 9.72 70.05
C ALA I 535 28.98 9.67 70.10
N SER I 536 28.30 10.51 69.33
CA SER I 536 26.85 10.47 69.28
C SER I 536 26.33 9.23 68.57
N ARG I 537 27.13 8.66 67.67
CA ARG I 537 26.77 7.39 67.04
C ARG I 537 26.76 6.26 68.05
N MET I 538 27.79 6.17 68.89
CA MET I 538 27.84 5.12 69.91
C MET I 538 27.16 5.51 71.22
N GLY I 539 26.52 6.68 71.29
CA GLY I 539 25.74 7.02 72.46
C GLY I 539 26.51 7.67 73.58
N ASN I 540 27.76 8.04 73.36
CA ASN I 540 28.53 8.78 74.36
C ASN I 540 28.16 10.26 74.21
N HIS I 541 27.03 10.62 74.81
CA HIS I 541 26.43 11.92 74.53
C HIS I 541 27.04 13.04 75.37
N ASP I 542 27.62 12.74 76.53
CA ASP I 542 28.33 13.78 77.28
C ASP I 542 29.56 14.26 76.53
N MET I 543 30.34 13.32 75.98
CA MET I 543 31.51 13.68 75.17
C MET I 543 31.09 14.47 73.95
N ALA I 544 30.02 14.03 73.28
CA ALA I 544 29.51 14.73 72.12
C ALA I 544 29.06 16.14 72.48
N LYS I 545 28.40 16.30 73.63
CA LYS I 545 27.97 17.61 74.09
C LYS I 545 29.17 18.54 74.29
N GLU I 546 30.21 18.03 74.95
CA GLU I 546 31.41 18.84 75.20
C GLU I 546 32.06 19.26 73.88
N LEU I 547 32.19 18.31 72.94
CA LEU I 547 32.87 18.62 71.68
C LEU I 547 32.06 19.60 70.83
N TYR I 548 30.74 19.40 70.73
CA TYR I 548 29.90 20.32 69.98
C TYR I 548 29.90 21.72 70.61
N GLN I 549 29.89 21.78 71.95
CA GLN I 549 30.01 23.07 72.63
C GLN I 549 31.33 23.75 72.27
N SER I 550 32.41 22.96 72.21
CA SER I 550 33.70 23.49 71.80
C SER I 550 33.68 23.99 70.37
N LEU I 551 32.91 23.34 69.49
CA LEU I 551 32.92 23.69 68.08
C LEU I 551 32.17 24.96 67.76
N LEU I 552 31.27 25.40 68.63
CA LEU I 552 30.65 26.70 68.45
C LEU I 552 31.72 27.76 68.58
N THR I 553 31.51 28.89 67.87
CA THR I 553 32.39 30.04 67.66
C THR I 553 33.49 29.73 66.64
N GLN I 554 33.61 28.50 66.15
CA GLN I 554 34.56 28.18 65.09
C GLN I 554 33.94 28.30 63.72
N VAL I 555 32.65 28.11 63.59
CA VAL I 555 31.99 28.19 62.29
C VAL I 555 31.75 29.65 61.93
N ALA I 556 31.61 29.90 60.63
CA ALA I 556 31.31 31.23 60.12
C ALA I 556 29.84 31.40 59.76
N SER I 557 29.21 30.38 59.21
CA SER I 557 27.83 30.51 58.77
C SER I 557 26.89 30.29 59.95
N GLU I 558 25.79 31.02 59.95
CA GLU I 558 24.86 30.96 61.06
C GLU I 558 24.02 29.70 61.03
N HIS I 559 23.72 29.14 59.85
CA HIS I 559 22.96 27.90 59.82
C HIS I 559 23.80 26.72 60.28
N PHE I 560 25.10 26.72 60.01
CA PHE I 560 25.96 25.70 60.59
C PHE I 560 26.11 25.88 62.10
N TYR I 561 26.09 27.13 62.55
CA TYR I 561 26.09 27.38 63.99
C TYR I 561 24.84 26.81 64.65
N PHE I 562 23.68 27.02 64.03
CA PHE I 562 22.44 26.45 64.56
C PHE I 562 22.48 24.93 64.52
N TRP I 563 23.03 24.36 63.46
CA TRP I 563 23.15 22.90 63.37
C TRP I 563 24.01 22.33 64.49
N LEU I 564 25.16 22.96 64.74
CA LEU I 564 26.04 22.48 65.81
C LEU I 564 25.40 22.70 67.18
N ASN I 565 24.70 23.82 67.35
CA ASN I 565 24.02 24.09 68.61
C ASN I 565 22.91 23.07 68.85
N SER I 566 22.18 22.71 67.79
CA SER I 566 21.16 21.68 67.90
C SER I 566 21.77 20.34 68.26
N LEU I 567 22.92 20.01 67.67
CA LEU I 567 23.60 18.77 68.01
C LEU I 567 24.03 18.77 69.48
N LYS I 568 24.55 19.90 69.95
CA LYS I 568 24.92 20.02 71.35
C LYS I 568 23.72 19.84 72.26
N GLU I 569 22.58 20.42 71.90
CA GLU I 569 21.38 20.31 72.73
C GLU I 569 20.82 18.90 72.71
N PHE I 570 20.86 18.21 71.55
CA PHE I 570 20.43 16.82 71.51
C PHE I 570 21.34 15.93 72.35
N SER I 571 22.64 16.17 72.30
CA SER I 571 23.58 15.43 73.14
C SER I 571 23.30 15.68 74.61
N HIS I 572 23.04 16.93 74.99
CA HIS I 572 22.70 17.25 76.37
C HIS I 572 21.40 16.58 76.79
N ALA I 573 20.41 16.57 75.90
CA ALA I 573 19.12 15.95 76.21
C ALA I 573 19.26 14.46 76.43
N GLU I 574 20.07 13.80 75.59
CA GLU I 574 20.28 12.36 75.77
C GLU I 574 21.14 12.09 76.99
N GLN I 575 22.04 13.00 77.34
CA GLN I 575 22.83 12.87 78.56
C GLN I 575 21.95 13.05 79.80
N CYS I 576 20.88 13.84 79.68
CA CYS I 576 20.02 14.13 80.83
C CYS I 576 19.35 12.87 81.36
N LEU I 577 18.88 12.00 80.47
CA LEU I 577 18.19 10.78 80.85
C LEU I 577 19.13 9.57 80.96
N THR I 578 20.44 9.80 81.11
CA THR I 578 21.32 8.70 81.48
C THR I 578 21.24 8.38 82.97
N GLY I 579 20.84 9.34 83.79
CA GLY I 579 20.71 9.13 85.22
C GLY I 579 19.33 8.68 85.63
N LEU I 580 18.92 7.51 85.15
CA LEU I 580 17.63 6.92 85.46
C LEU I 580 17.84 5.76 86.42
N GLN I 581 17.17 5.83 87.56
CA GLN I 581 17.18 4.71 88.50
C GLN I 581 16.18 3.65 88.05
N GLU I 582 16.41 2.42 88.49
CA GLU I 582 15.64 1.28 88.00
C GLU I 582 14.18 1.38 88.37
N GLU I 583 13.88 1.83 89.59
CA GLU I 583 12.51 1.86 90.08
C GLU I 583 11.99 3.26 90.43
N ASN I 584 12.85 4.28 90.43
CA ASN I 584 12.44 5.63 90.81
C ASN I 584 11.71 6.25 89.62
N TYR I 585 10.38 6.29 89.70
CA TYR I 585 9.58 6.89 88.62
C TYR I 585 9.50 8.40 88.71
N SER I 586 9.57 8.98 89.91
CA SER I 586 9.62 10.43 90.05
C SER I 586 10.90 11.01 89.45
N SER I 587 12.04 10.39 89.73
CA SER I 587 13.29 10.78 89.10
C SER I 587 13.21 10.62 87.60
N ALA I 588 12.53 9.57 87.14
CA ALA I 588 12.35 9.35 85.71
C ALA I 588 11.55 10.47 85.08
N LEU I 589 10.47 10.90 85.73
CA LEU I 589 9.65 11.97 85.20
C LEU I 589 10.44 13.28 85.13
N SER I 590 11.22 13.57 86.17
CA SER I 590 12.04 14.79 86.17
C SER I 590 13.10 14.74 85.07
N CYS I 591 13.75 13.58 84.90
CA CYS I 591 14.78 13.44 83.87
C CYS I 591 14.19 13.56 82.47
N ILE I 592 13.02 12.97 82.25
CA ILE I 592 12.37 13.09 80.94
C ILE I 592 11.96 14.54 80.69
N ALA I 593 11.53 15.25 81.73
CA ALA I 593 11.19 16.66 81.56
C ALA I 593 12.41 17.48 81.17
N GLU I 594 13.55 17.24 81.82
CA GLU I 594 14.78 17.94 81.46
C GLU I 594 15.21 17.61 80.03
N SER I 595 15.15 16.33 79.67
CA SER I 595 15.49 15.91 78.31
C SER I 595 14.57 16.55 77.29
N LEU I 596 13.29 16.70 77.61
CA LEU I 596 12.35 17.30 76.68
C LEU I 596 12.61 18.79 76.53
N LYS I 597 12.99 19.47 77.62
CA LYS I 597 13.39 20.87 77.53
C LYS I 597 14.55 21.03 76.57
N PHE I 598 15.60 20.23 76.75
CA PHE I 598 16.77 20.36 75.89
C PHE I 598 16.46 19.92 74.46
N TYR I 599 15.58 18.94 74.28
CA TYR I 599 15.17 18.51 72.94
C TYR I 599 14.39 19.60 72.23
N HIS I 600 13.54 20.32 72.95
CA HIS I 600 12.78 21.40 72.34
C HIS I 600 13.70 22.55 71.94
N LYS I 601 14.68 22.87 72.79
CA LYS I 601 15.71 23.84 72.41
C LYS I 601 16.42 23.38 71.15
N GLY I 602 16.79 22.09 71.11
CA GLY I 602 17.52 21.57 69.98
C GLY I 602 16.71 21.58 68.69
N ILE I 603 15.42 21.26 68.76
CA ILE I 603 14.61 21.25 67.54
C ILE I 603 14.34 22.67 67.06
N ALA I 604 14.20 23.64 67.97
CA ALA I 604 14.13 25.03 67.53
C ALA I 604 15.42 25.43 66.80
N SER I 605 16.57 25.06 67.35
CA SER I 605 17.85 25.35 66.71
C SER I 605 17.96 24.64 65.36
N LEU I 606 17.54 23.38 65.30
CA LEU I 606 17.62 22.59 64.06
C LEU I 606 16.73 23.18 62.98
N THR I 607 15.52 23.63 63.35
CA THR I 607 14.66 24.33 62.41
C THR I 607 15.32 25.61 61.91
N ALA I 608 16.00 26.32 62.81
CA ALA I 608 16.75 27.49 62.39
C ALA I 608 17.90 27.12 61.45
N ALA I 609 18.41 25.90 61.56
CA ALA I 609 19.51 25.45 60.70
C ALA I 609 19.05 24.97 59.34
N SER I 610 17.76 24.69 59.17
CA SER I 610 17.26 24.20 57.89
C SER I 610 17.28 25.31 56.85
N THR I 611 17.77 25.00 55.66
CA THR I 611 17.88 25.93 54.55
C THR I 611 17.39 25.23 53.30
N PRO I 612 17.07 25.96 52.23
CA PRO I 612 16.88 25.32 50.94
C PRO I 612 18.13 24.59 50.50
N LEU I 613 17.93 23.53 49.69
CA LEU I 613 18.95 22.57 49.24
C LEU I 613 19.79 21.99 50.37
N ASN I 614 19.27 22.02 51.60
CA ASN I 614 19.76 21.36 52.80
C ASN I 614 18.64 21.38 53.83
N PRO I 615 17.49 20.75 53.55
CA PRO I 615 16.33 20.97 54.42
C PRO I 615 16.39 20.23 55.74
N LEU I 616 17.28 19.23 55.88
CA LEU I 616 17.42 18.43 57.09
C LEU I 616 16.11 17.78 57.49
N SER I 617 15.35 17.32 56.48
CA SER I 617 14.02 16.76 56.71
C SER I 617 14.07 15.50 57.56
N PHE I 618 15.01 14.59 57.25
CA PHE I 618 15.12 13.38 58.04
C PHE I 618 15.51 13.70 59.47
N GLN I 619 16.43 14.64 59.67
CA GLN I 619 16.85 15.02 61.03
C GLN I 619 15.68 15.61 61.80
N CYS I 620 14.92 16.50 61.15
CA CYS I 620 13.79 17.16 61.81
C CYS I 620 12.73 16.15 62.20
N GLU I 621 12.37 15.25 61.27
CA GLU I 621 11.36 14.25 61.57
C GLU I 621 11.85 13.25 62.62
N PHE I 622 13.11 12.85 62.55
CA PHE I 622 13.66 11.89 63.51
C PHE I 622 13.65 12.46 64.92
N VAL I 623 14.10 13.70 65.08
CA VAL I 623 14.10 14.26 66.43
C VAL I 623 12.71 14.69 66.87
N LYS I 624 11.79 14.98 65.94
CA LYS I 624 10.42 15.22 66.33
C LYS I 624 9.77 13.95 66.86
N LEU I 625 10.04 12.81 66.21
CA LEU I 625 9.56 11.53 66.70
C LEU I 625 10.29 11.08 67.95
N ARG I 626 11.48 11.62 68.20
CA ARG I 626 12.15 11.43 69.49
C ARG I 626 11.54 12.31 70.59
N ILE I 627 11.11 13.53 70.25
CA ILE I 627 10.40 14.37 71.23
C ILE I 627 9.08 13.72 71.63
N ASP I 628 8.27 13.33 70.65
CA ASP I 628 7.22 12.36 70.89
C ASP I 628 7.86 11.03 71.29
N LEU I 629 7.08 10.17 71.96
CA LEU I 629 7.55 8.89 72.54
C LEU I 629 8.41 9.17 73.76
N LEU I 630 8.73 10.43 74.03
CA LEU I 630 9.28 10.86 75.30
C LEU I 630 8.27 11.63 76.11
N GLN I 631 7.50 12.51 75.47
CA GLN I 631 6.35 13.09 76.12
C GLN I 631 5.19 12.10 76.18
N ALA I 632 5.15 11.14 75.24
CA ALA I 632 4.26 9.99 75.41
C ALA I 632 4.70 9.14 76.59
N PHE I 633 6.01 8.95 76.74
CA PHE I 633 6.54 8.28 77.93
C PHE I 633 6.18 9.04 79.19
N SER I 634 6.29 10.38 79.16
CA SER I 634 5.91 11.18 80.32
C SER I 634 4.44 11.03 80.64
N GLN I 635 3.58 11.01 79.62
CA GLN I 635 2.16 10.80 79.86
C GLN I 635 1.89 9.42 80.43
N LEU I 636 2.66 8.41 80.01
CA LEU I 636 2.47 7.09 80.59
C LEU I 636 3.01 6.99 82.01
N ILE I 637 4.05 7.78 82.34
CA ILE I 637 4.49 7.88 83.73
C ILE I 637 3.42 8.54 84.59
N CYS I 638 2.79 9.59 84.04
CA CYS I 638 1.69 10.25 84.72
C CYS I 638 0.51 9.31 84.95
N THR I 639 0.22 8.48 83.95
CA THR I 639 -0.87 7.53 84.08
C THR I 639 -0.52 6.36 85.00
N CYS I 640 0.77 6.02 85.12
CA CYS I 640 1.21 5.15 86.21
C CYS I 640 0.76 5.71 87.55
N ASN I 641 0.97 7.01 87.75
CA ASN I 641 0.63 7.67 89.00
C ASN I 641 -0.84 8.03 89.08
N SER I 642 -1.55 8.04 87.96
CA SER I 642 -2.99 8.30 87.96
C SER I 642 -3.77 7.23 88.71
N LEU I 643 -3.22 6.03 88.85
CA LEU I 643 -3.89 4.98 89.61
C LEU I 643 -4.06 5.35 91.08
N LYS I 644 -3.24 6.27 91.58
CA LYS I 644 -3.35 6.72 92.97
C LYS I 644 -4.46 7.75 93.17
N THR I 645 -5.01 8.31 92.09
CA THR I 645 -6.24 9.10 92.18
C THR I 645 -7.43 8.16 91.99
N SER I 646 -8.27 8.06 93.01
CA SER I 646 -9.17 6.92 93.16
C SER I 646 -10.32 6.97 92.15
N PRO I 647 -10.95 5.84 91.86
CA PRO I 647 -12.05 5.83 90.90
C PRO I 647 -13.34 6.33 91.57
N PRO I 648 -14.36 6.69 90.79
CA PRO I 648 -15.63 7.12 91.40
C PRO I 648 -16.34 5.95 92.05
N PRO I 649 -17.22 6.22 93.02
CA PRO I 649 -18.03 5.13 93.59
C PRO I 649 -19.23 4.77 92.73
N ALA I 650 -19.77 5.75 91.99
CA ALA I 650 -20.92 5.49 91.14
C ALA I 650 -20.57 4.48 90.06
N ILE I 651 -19.38 4.61 89.47
CA ILE I 651 -18.92 3.65 88.48
C ILE I 651 -18.47 2.36 89.14
N ALA I 652 -17.96 2.44 90.38
CA ALA I 652 -17.48 1.25 91.09
C ALA I 652 -18.58 0.23 91.38
N THR I 653 -19.85 0.64 91.37
CA THR I 653 -20.96 -0.27 91.58
C THR I 653 -21.43 -0.86 90.25
N THR I 654 -20.49 -1.52 89.57
CA THR I 654 -20.68 -2.12 88.24
C THR I 654 -21.20 -1.13 87.21
N ASP I 662 -16.34 -4.32 82.98
CA ASP I 662 -15.35 -4.67 83.98
C ASP I 662 -14.19 -3.67 83.96
N LEU I 663 -13.82 -3.22 82.77
CA LEU I 663 -12.72 -2.27 82.63
C LEU I 663 -13.13 -0.85 82.99
N GLN I 664 -14.42 -0.53 82.93
CA GLN I 664 -14.87 0.81 83.30
C GLN I 664 -14.73 1.06 84.80
N ARG I 665 -14.75 0.01 85.61
CA ARG I 665 -14.58 0.13 87.06
C ARG I 665 -13.23 0.73 87.44
N CYS I 666 -12.24 0.66 86.55
CA CYS I 666 -10.94 1.29 86.79
C CYS I 666 -11.09 2.80 86.92
N GLY I 667 -11.94 3.40 86.09
CA GLY I 667 -12.18 4.83 86.16
C GLY I 667 -11.49 5.58 85.05
N ARG I 668 -10.85 6.70 85.41
CA ARG I 668 -10.20 7.53 84.41
C ARG I 668 -9.00 6.82 83.77
N ILE I 669 -8.33 5.97 84.56
CA ILE I 669 -7.10 5.33 84.10
C ILE I 669 -7.36 4.42 82.90
N SER I 670 -8.55 3.82 82.80
CA SER I 670 -8.85 2.95 81.67
C SER I 670 -8.88 3.72 80.36
N ASN I 671 -9.61 4.85 80.34
CA ASN I 671 -9.64 5.68 79.14
C ASN I 671 -8.27 6.28 78.85
N GLN I 672 -7.52 6.62 79.89
CA GLN I 672 -6.18 7.16 79.68
C GLN I 672 -5.24 6.11 79.07
N MET I 673 -5.34 4.86 79.51
CA MET I 673 -4.55 3.78 78.90
C MET I 673 -4.96 3.56 77.46
N LYS I 674 -6.26 3.66 77.16
CA LYS I 674 -6.70 3.57 75.78
C LYS I 674 -6.08 4.67 74.93
N GLN I 675 -6.08 5.91 75.45
CA GLN I 675 -5.49 7.03 74.72
C GLN I 675 -3.98 6.83 74.53
N SER I 676 -3.30 6.33 75.56
CA SER I 676 -1.87 6.05 75.44
C SER I 676 -1.59 4.97 74.40
N MET I 677 -2.41 3.92 74.38
CA MET I 677 -2.25 2.86 73.38
C MET I 677 -2.41 3.41 71.97
N GLU I 678 -3.43 4.24 71.76
CA GLU I 678 -3.63 4.85 70.44
C GLU I 678 -2.47 5.77 70.07
N GLU I 679 -1.95 6.52 71.05
CA GLU I 679 -0.84 7.43 70.80
C GLU I 679 0.41 6.66 70.40
N PHE I 680 0.70 5.55 71.10
CA PHE I 680 1.88 4.75 70.77
C PHE I 680 1.71 4.05 69.42
N ARG I 681 0.50 3.60 69.10
CA ARG I 681 0.26 3.02 67.78
C ARG I 681 0.47 4.05 66.68
N SER I 682 -0.02 5.28 66.90
CA SER I 682 0.20 6.34 65.93
C SER I 682 1.69 6.67 65.80
N LEU I 683 2.42 6.61 66.91
CA LEU I 683 3.85 6.86 66.88
C LEU I 683 4.58 5.78 66.09
N ALA I 684 4.17 4.52 66.25
CA ALA I 684 4.76 3.45 65.45
C ALA I 684 4.46 3.65 63.98
N SER I 685 3.22 4.07 63.66
CA SER I 685 2.88 4.36 62.27
C SER I 685 3.73 5.50 61.71
N ARG I 686 3.97 6.54 62.51
CA ARG I 686 4.78 7.66 62.05
C ARG I 686 6.24 7.26 61.87
N TYR I 687 6.75 6.41 62.75
CA TYR I 687 8.10 5.88 62.58
C TYR I 687 8.20 5.05 61.31
N GLY I 688 7.17 4.27 61.01
CA GLY I 688 7.14 3.56 59.73
C GLY I 688 7.11 4.50 58.54
N ASP I 689 6.36 5.60 58.67
CA ASP I 689 6.32 6.61 57.62
C ASP I 689 7.70 7.22 57.40
N LEU I 690 8.42 7.49 58.49
CA LEU I 690 9.80 7.97 58.37
C LEU I 690 10.68 6.92 57.72
N TYR I 691 10.46 5.65 58.06
CA TYR I 691 11.24 4.56 57.45
C TYR I 691 11.06 4.54 55.94
N GLN I 692 9.81 4.53 55.48
CA GLN I 692 9.58 4.43 54.04
C GLN I 692 9.68 5.75 53.32
N ALA I 693 9.99 6.84 54.02
CA ALA I 693 10.42 8.08 53.40
C ALA I 693 11.94 8.24 53.41
N SER I 694 12.66 7.16 53.74
CA SER I 694 14.11 7.20 53.86
C SER I 694 14.76 6.25 52.87
N PHE I 695 14.32 6.31 51.60
CA PHE I 695 14.83 5.45 50.55
C PHE I 695 16.34 5.58 50.37
N ASP I 696 16.89 6.76 50.64
CA ASP I 696 18.31 7.03 50.42
C ASP I 696 19.16 6.76 51.65
N ALA I 697 18.56 6.28 52.74
CA ALA I 697 19.30 6.06 53.97
C ALA I 697 20.05 4.74 53.92
N ASP I 698 21.17 4.69 54.64
CA ASP I 698 21.92 3.45 54.79
C ASP I 698 21.14 2.46 55.64
N SER I 699 21.58 1.20 55.62
CA SER I 699 20.86 0.12 56.27
C SER I 699 20.82 0.31 57.79
N ALA I 700 21.92 0.77 58.38
CA ALA I 700 21.99 0.90 59.83
C ALA I 700 21.00 1.94 60.35
N THR I 701 20.83 3.06 59.63
CA THR I 701 19.83 4.05 60.02
C THR I 701 18.43 3.47 59.96
N LEU I 702 18.15 2.69 58.92
CA LEU I 702 16.83 2.07 58.78
C LEU I 702 16.59 1.09 59.91
N ARG I 703 17.62 0.34 60.30
CA ARG I 703 17.49 -0.57 61.42
C ARG I 703 17.25 0.18 62.73
N ASN I 704 17.90 1.35 62.88
CA ASN I 704 17.66 2.18 64.05
C ASN I 704 16.21 2.65 64.11
N VAL I 705 15.68 3.11 62.97
CA VAL I 705 14.28 3.53 62.90
C VAL I 705 13.36 2.37 63.21
N GLU I 706 13.71 1.18 62.72
CA GLU I 706 12.96 -0.03 63.02
C GLU I 706 12.95 -0.32 64.51
N LEU I 707 14.08 -0.13 65.18
CA LEU I 707 14.17 -0.33 66.63
C LEU I 707 13.27 0.64 67.37
N GLN I 708 13.27 1.90 66.96
CA GLN I 708 12.39 2.88 67.61
C GLN I 708 10.91 2.51 67.41
N GLN I 709 10.55 2.12 66.19
CA GLN I 709 9.18 1.70 65.90
C GLN I 709 8.79 0.49 66.73
N GLN I 710 9.73 -0.45 66.90
CA GLN I 710 9.44 -1.65 67.67
C GLN I 710 9.30 -1.34 69.14
N SER I 711 10.02 -0.34 69.65
CA SER I 711 9.83 0.10 71.03
C SER I 711 8.44 0.69 71.22
N CYS I 712 7.99 1.52 70.26
CA CYS I 712 6.62 2.04 70.28
C CYS I 712 5.60 0.91 70.30
N LEU I 713 5.78 -0.07 69.41
CA LEU I 713 4.86 -1.21 69.33
C LEU I 713 4.91 -2.04 70.60
N LEU I 714 6.08 -2.14 71.22
CA LEU I 714 6.22 -2.88 72.47
C LEU I 714 5.41 -2.24 73.58
N ILE I 715 5.51 -0.92 73.72
CA ILE I 715 4.74 -0.23 74.75
C ILE I 715 3.25 -0.35 74.47
N SER I 716 2.84 -0.21 73.21
CA SER I 716 1.43 -0.35 72.85
C SER I 716 0.91 -1.75 73.17
N HIS I 717 1.68 -2.78 72.83
CA HIS I 717 1.26 -4.15 73.10
C HIS I 717 1.21 -4.44 74.58
N ALA I 718 2.15 -3.90 75.34
CA ALA I 718 2.15 -4.09 76.79
C ALA I 718 0.91 -3.46 77.40
N ILE I 719 0.57 -2.23 76.99
CA ILE I 719 -0.63 -1.56 77.48
C ILE I 719 -1.86 -2.40 77.16
N GLU I 720 -1.97 -2.86 75.90
CA GLU I 720 -3.14 -3.63 75.48
C GLU I 720 -3.27 -4.91 76.29
N ALA I 721 -2.20 -5.70 76.34
CA ALA I 721 -2.24 -7.03 76.95
C ALA I 721 -2.32 -6.98 78.46
N LEU I 722 -1.96 -5.86 79.09
CA LEU I 722 -2.06 -5.76 80.54
C LEU I 722 -3.34 -5.10 81.01
N ILE I 723 -3.90 -4.16 80.25
CA ILE I 723 -5.03 -3.36 80.68
C ILE I 723 -6.26 -3.62 79.83
N LEU I 724 -6.13 -3.49 78.51
CA LEU I 724 -7.31 -3.30 77.68
C LEU I 724 -7.87 -4.61 77.12
N ASP I 725 -7.01 -5.56 76.81
CA ASP I 725 -7.50 -6.81 76.23
C ASP I 725 -6.60 -7.97 76.64
N PRO I 726 -6.51 -8.32 77.93
CA PRO I 726 -5.71 -9.48 78.32
C PRO I 726 -6.24 -10.82 77.82
N GLU I 727 -7.53 -10.94 77.56
CA GLU I 727 -8.05 -12.21 77.05
C GLU I 727 -7.62 -12.47 75.62
N SER I 728 -7.39 -11.41 74.84
CA SER I 728 -7.00 -11.52 73.43
C SER I 728 -5.52 -11.24 73.27
N ALA I 729 -4.71 -11.72 74.21
CA ALA I 729 -3.27 -11.50 74.24
C ALA I 729 -2.51 -12.28 73.19
N SER I 730 -3.19 -13.15 72.42
CA SER I 730 -2.63 -13.93 71.33
C SER I 730 -1.61 -14.95 71.84
N PHE I 731 -0.82 -15.52 70.94
CA PHE I 731 0.13 -16.56 71.28
C PHE I 731 1.25 -16.01 72.15
N GLN I 732 2.14 -16.91 72.56
CA GLN I 732 3.28 -16.51 73.38
C GLN I 732 4.33 -15.81 72.52
N GLU I 733 5.23 -15.10 73.20
CA GLU I 733 6.30 -14.35 72.53
C GLU I 733 7.41 -15.31 72.11
N TYR I 734 7.10 -16.13 71.11
CA TYR I 734 8.04 -17.13 70.60
C TYR I 734 8.92 -16.45 69.56
N GLY I 735 10.10 -16.01 69.97
CA GLY I 735 11.02 -15.34 69.06
C GLY I 735 11.57 -16.28 68.02
N SER I 736 11.17 -16.08 66.76
CA SER I 736 11.69 -16.88 65.66
C SER I 736 13.20 -16.71 65.51
N THR I 737 13.68 -15.47 65.64
CA THR I 737 15.11 -15.20 65.53
C THR I 737 15.90 -15.88 66.64
N GLY I 738 15.37 -15.86 67.87
CA GLY I 738 16.07 -16.41 69.01
C GLY I 738 17.30 -15.57 69.33
N THR I 739 18.47 -16.15 69.09
CA THR I 739 19.74 -15.44 69.25
C THR I 739 20.03 -14.71 67.94
N ALA I 740 19.39 -13.56 67.77
CA ALA I 740 19.54 -12.80 66.54
C ALA I 740 20.95 -12.22 66.41
N HIS I 741 21.45 -12.18 65.18
CA HIS I 741 22.78 -11.67 64.89
C HIS I 741 22.71 -10.15 64.76
N ALA I 742 22.88 -9.46 65.88
CA ALA I 742 22.81 -8.01 65.87
C ALA I 742 24.07 -7.41 65.24
N ASP I 743 23.90 -6.27 64.58
CA ASP I 743 24.99 -5.57 63.92
C ASP I 743 25.60 -4.45 64.75
N SER I 744 25.08 -4.21 65.95
CA SER I 744 25.61 -3.15 66.80
C SER I 744 25.25 -3.45 68.25
N GLU I 745 25.96 -2.80 69.17
CA GLU I 745 25.64 -2.93 70.58
C GLU I 745 24.29 -2.31 70.90
N TYR I 746 23.92 -1.24 70.19
CA TYR I 746 22.60 -0.64 70.37
C TYR I 746 21.50 -1.63 70.00
N GLU I 747 21.71 -2.39 68.92
CA GLU I 747 20.76 -3.44 68.54
C GLU I 747 20.62 -4.48 69.64
N ARG I 748 21.75 -4.95 70.18
CA ARG I 748 21.72 -5.96 71.23
C ARG I 748 20.96 -5.45 72.45
N ARG I 749 21.23 -4.21 72.85
CA ARG I 749 20.56 -3.64 74.02
C ARG I 749 19.06 -3.49 73.77
N MET I 750 18.68 -3.02 72.57
CA MET I 750 17.27 -2.86 72.25
C MET I 750 16.53 -4.19 72.26
N MET I 751 17.11 -5.21 71.63
CA MET I 751 16.43 -6.51 71.59
C MET I 751 16.39 -7.16 72.97
N SER I 752 17.44 -6.97 73.77
CA SER I 752 17.42 -7.50 75.14
C SER I 752 16.32 -6.83 75.97
N VAL I 753 16.16 -5.51 75.82
CA VAL I 753 15.09 -4.80 76.51
C VAL I 753 13.74 -5.32 76.05
N TYR I 754 13.57 -5.51 74.74
CA TYR I 754 12.30 -6.00 74.20
C TYR I 754 11.97 -7.39 74.75
N ASN I 755 12.96 -8.28 74.76
CA ASN I 755 12.74 -9.64 75.25
C ASN I 755 12.40 -9.64 76.73
N HIS I 756 13.09 -8.82 77.53
CA HIS I 756 12.81 -8.76 78.96
C HIS I 756 11.41 -8.21 79.22
N VAL I 757 11.01 -7.17 78.48
CA VAL I 757 9.68 -6.59 78.66
C VAL I 757 8.61 -7.60 78.25
N LEU I 758 8.83 -8.32 77.15
CA LEU I 758 7.84 -9.31 76.71
C LEU I 758 7.75 -10.47 77.68
N GLU I 759 8.87 -10.89 78.26
CA GLU I 759 8.84 -11.91 79.31
C GLU I 759 8.08 -11.42 80.53
N GLU I 760 8.29 -10.17 80.93
CA GLU I 760 7.59 -9.61 82.07
C GLU I 760 6.08 -9.53 81.82
N VAL I 761 5.69 -9.13 80.61
CA VAL I 761 4.28 -9.03 80.27
C VAL I 761 3.63 -10.41 80.27
N GLU I 762 4.31 -11.40 79.70
CA GLU I 762 3.76 -12.74 79.57
C GLU I 762 3.52 -13.40 80.93
N SER I 763 4.43 -13.17 81.88
CA SER I 763 4.27 -13.71 83.22
C SER I 763 3.21 -12.96 84.03
N LEU I 764 2.67 -11.86 83.52
CA LEU I 764 1.73 -11.03 84.23
C LEU I 764 0.42 -10.88 83.46
N ASN I 765 0.07 -11.89 82.65
CA ASN I 765 -0.99 -11.73 81.66
C ASN I 765 -2.35 -11.60 82.31
N ARG I 766 -2.80 -12.65 83.02
CA ARG I 766 -4.10 -12.64 83.69
C ARG I 766 -3.96 -12.83 85.19
N LYS I 767 -2.79 -12.56 85.74
CA LYS I 767 -2.55 -12.78 87.16
C LYS I 767 -3.18 -11.70 88.03
N TYR I 768 -3.55 -10.57 87.45
CA TYR I 768 -4.14 -9.47 88.21
C TYR I 768 -5.20 -8.77 87.39
N THR I 769 -6.12 -8.12 88.10
CA THR I 769 -7.16 -7.32 87.48
C THR I 769 -6.50 -6.05 86.93
N PRO I 770 -7.07 -5.42 85.87
CA PRO I 770 -6.45 -4.20 85.33
C PRO I 770 -6.38 -2.98 86.23
N VAL I 771 -6.84 -3.08 87.48
CA VAL I 771 -6.66 -2.03 88.47
C VAL I 771 -5.30 -2.16 89.14
N SER I 772 -4.46 -3.08 88.67
CA SER I 772 -3.28 -3.50 89.42
C SER I 772 -2.18 -2.47 89.39
N TYR I 773 -1.48 -2.35 90.53
CA TYR I 773 -0.24 -1.60 90.56
C TYR I 773 0.90 -2.34 89.87
N MET I 774 0.78 -3.67 89.71
CA MET I 774 1.83 -4.42 89.04
C MET I 774 1.84 -4.17 87.54
N HIS I 775 0.68 -3.93 86.93
CA HIS I 775 0.65 -3.57 85.52
C HIS I 775 1.33 -2.22 85.28
N THR I 776 1.02 -1.24 86.13
CA THR I 776 1.69 0.05 86.04
C THR I 776 3.18 -0.08 86.33
N ALA I 777 3.53 -0.95 87.28
CA ALA I 777 4.94 -1.19 87.59
C ALA I 777 5.68 -1.77 86.38
N CYS I 778 5.07 -2.74 85.71
CA CYS I 778 5.68 -3.35 84.53
C CYS I 778 5.83 -2.34 83.41
N LEU I 779 4.79 -1.53 83.17
CA LEU I 779 4.85 -0.51 82.13
C LEU I 779 5.92 0.52 82.43
N CYS I 780 5.94 1.03 83.66
CA CYS I 780 6.91 2.06 84.03
C CYS I 780 8.34 1.50 83.99
N ASN I 781 8.52 0.24 84.41
CA ASN I 781 9.83 -0.40 84.30
C ASN I 781 10.24 -0.58 82.85
N ALA I 782 9.28 -0.86 81.97
CA ALA I 782 9.57 -0.91 80.53
C ALA I 782 10.04 0.44 80.03
N ILE I 783 9.41 1.52 80.50
CA ILE I 783 9.85 2.87 80.16
C ILE I 783 11.30 3.07 80.59
N ILE I 784 11.62 2.67 81.82
CA ILE I 784 12.98 2.83 82.35
C ILE I 784 13.97 2.05 81.50
N ALA I 785 13.63 0.80 81.18
CA ALA I 785 14.53 -0.04 80.40
C ALA I 785 14.77 0.53 79.01
N LEU I 786 13.71 1.02 78.36
CA LEU I 786 13.84 1.58 77.03
C LEU I 786 14.68 2.85 77.04
N LEU I 787 14.50 3.69 78.06
CA LEU I 787 15.24 4.95 78.10
C LEU I 787 16.66 4.81 78.62
N LYS I 788 16.96 3.78 79.40
CA LYS I 788 18.30 3.66 79.98
C LYS I 788 19.36 3.30 78.95
N VAL I 789 18.98 2.83 77.78
CA VAL I 789 19.93 2.56 76.70
C VAL I 789 20.05 3.80 75.83
N PRO I 790 21.22 4.40 75.71
CA PRO I 790 21.34 5.71 75.06
C PRO I 790 21.00 5.64 73.58
N LEU I 791 20.41 6.71 73.08
CA LEU I 791 20.05 6.79 71.67
C LEU I 791 21.30 6.89 70.79
N SER I 792 21.21 6.30 69.61
CA SER I 792 22.29 6.32 68.62
C SER I 792 21.83 7.13 67.43
N PHE I 793 22.62 8.15 67.08
CA PHE I 793 22.39 8.93 65.88
C PHE I 793 23.18 8.31 64.74
N GLN I 794 22.47 7.88 63.70
CA GLN I 794 23.07 7.06 62.65
C GLN I 794 23.53 7.93 61.48
N ARG I 795 24.05 7.28 60.44
CA ARG I 795 24.78 7.97 59.38
C ARG I 795 23.89 8.96 58.64
N TYR I 796 22.66 8.57 58.31
CA TYR I 796 21.76 9.45 57.57
C TYR I 796 21.43 10.72 58.32
N PHE I 797 21.55 10.72 59.66
CA PHE I 797 21.39 11.94 60.43
C PHE I 797 22.47 12.96 60.10
N PHE I 798 23.64 12.51 59.68
CA PHE I 798 24.75 13.39 59.37
C PHE I 798 25.05 13.46 57.88
N GLN I 799 25.27 12.31 57.25
CA GLN I 799 25.71 12.25 55.85
C GLN I 799 24.58 11.73 54.99
N LYS I 800 24.30 12.43 53.90
CA LYS I 800 23.37 11.99 52.87
C LYS I 800 24.19 11.61 51.64
N LEU I 801 24.05 10.36 51.20
CA LEU I 801 24.89 9.81 50.15
C LEU I 801 24.15 9.56 48.84
N GLN I 802 22.99 8.90 48.88
CA GLN I 802 22.36 8.47 47.64
C GLN I 802 21.70 9.63 46.91
N SER I 803 20.73 10.28 47.53
CA SER I 803 20.06 11.49 47.02
C SER I 803 19.40 11.22 45.67
N THR I 804 18.40 10.36 45.68
CA THR I 804 17.57 10.10 44.51
C THR I 804 16.23 10.81 44.62
N SER I 805 15.75 11.34 43.51
CA SER I 805 14.52 12.11 43.47
C SER I 805 13.72 11.69 42.25
N ILE I 806 12.63 12.41 42.00
CA ILE I 806 11.76 12.23 40.84
C ILE I 806 11.40 13.61 40.33
N LYS I 807 11.48 13.82 39.02
CA LYS I 807 11.12 15.12 38.47
C LYS I 807 9.61 15.26 38.33
N LEU I 808 8.97 14.30 37.65
CA LEU I 808 7.51 14.17 37.59
C LEU I 808 6.86 15.39 36.91
N ALA I 809 7.15 15.52 35.62
CA ALA I 809 6.52 16.53 34.79
C ALA I 809 5.23 15.97 34.21
N LEU I 810 4.12 16.65 34.45
CA LEU I 810 2.81 16.17 34.05
C LEU I 810 2.10 17.23 33.23
N SER I 811 1.35 16.78 32.24
CA SER I 811 0.73 17.67 31.26
C SER I 811 -0.46 18.41 31.88
N PRO I 812 -0.44 19.75 31.94
CA PRO I 812 -1.58 20.50 32.45
C PRO I 812 -2.77 20.45 31.48
N PRO I 820 -5.24 25.76 37.56
CA PRO I 820 -6.13 26.62 36.78
C PRO I 820 -6.28 26.15 35.34
N ILE I 821 -6.83 24.94 35.16
CA ILE I 821 -7.05 24.35 33.85
C ILE I 821 -8.51 23.93 33.75
N ALA I 822 -9.13 24.25 32.61
CA ALA I 822 -10.56 24.04 32.43
C ALA I 822 -10.81 22.70 31.76
N VAL I 823 -11.74 21.93 32.34
CA VAL I 823 -12.13 20.62 31.83
C VAL I 823 -13.65 20.59 31.75
N GLN I 824 -14.18 20.11 30.62
CA GLN I 824 -15.62 19.99 30.44
C GLN I 824 -16.17 18.86 31.33
N ASN I 825 -17.47 18.94 31.61
CA ASN I 825 -18.10 17.96 32.49
C ASN I 825 -18.19 16.60 31.81
N ASN I 826 -18.67 16.57 30.57
CA ASN I 826 -18.78 15.30 29.84
C ASN I 826 -17.41 14.71 29.53
N GLN I 827 -16.49 15.52 29.00
CA GLN I 827 -15.16 15.06 28.62
C GLN I 827 -14.29 14.91 29.85
N GLN I 828 -13.90 13.69 30.17
CA GLN I 828 -13.05 13.46 31.33
C GLN I 828 -11.58 13.62 30.97
N LEU I 829 -10.81 14.15 31.92
CA LEU I 829 -9.44 14.58 31.65
C LEU I 829 -8.55 13.40 31.26
N ALA I 830 -7.66 13.63 30.31
CA ALA I 830 -6.62 12.70 29.92
C ALA I 830 -5.28 13.24 30.41
N LEU I 831 -4.80 12.72 31.53
CA LEU I 831 -3.60 13.22 32.19
C LEU I 831 -2.45 12.26 31.93
N LYS I 832 -1.37 12.78 31.38
CA LYS I 832 -0.12 12.03 31.20
C LYS I 832 0.90 12.56 32.19
N VAL I 833 1.52 11.66 32.94
CA VAL I 833 2.60 12.01 33.86
C VAL I 833 3.86 11.30 33.40
N GLU I 834 4.92 12.08 33.20
CA GLU I 834 6.24 11.58 32.85
C GLU I 834 7.20 11.97 33.97
N GLY I 835 8.10 11.09 34.30
CA GLY I 835 9.07 11.40 35.35
C GLY I 835 10.39 10.73 35.08
N VAL I 836 11.44 11.35 35.59
CA VAL I 836 12.79 10.81 35.51
C VAL I 836 13.32 10.69 36.93
N VAL I 837 13.90 9.53 37.25
CA VAL I 837 14.52 9.35 38.55
C VAL I 837 15.91 9.98 38.49
N GLN I 838 16.19 10.87 39.43
CA GLN I 838 17.46 11.56 39.46
C GLN I 838 18.40 10.88 40.45
N HIS I 839 19.68 11.20 40.33
CA HIS I 839 20.69 10.57 41.18
C HIS I 839 21.78 11.58 41.49
N GLY I 840 22.54 11.28 42.52
CA GLY I 840 23.73 12.04 42.85
C GLY I 840 24.91 11.11 42.97
N SER I 841 25.88 11.23 42.06
CA SER I 841 27.09 10.40 41.99
C SER I 841 26.60 8.96 41.83
N LYS I 842 27.05 8.01 42.66
CA LYS I 842 26.73 6.59 42.55
C LYS I 842 25.24 6.39 42.75
N PRO I 843 24.49 5.99 41.71
CA PRO I 843 23.02 5.89 41.83
C PRO I 843 22.54 4.86 42.84
N GLY I 844 22.89 3.59 42.64
CA GLY I 844 22.37 2.52 43.46
C GLY I 844 23.28 2.13 44.61
N LEU I 845 23.66 3.11 45.45
CA LEU I 845 24.61 2.82 46.53
C LEU I 845 24.04 1.84 47.54
N PHE I 846 22.78 2.01 47.93
CA PHE I 846 22.15 1.12 48.90
C PHE I 846 21.02 0.29 48.31
N ARG I 847 20.26 0.84 47.38
CA ARG I 847 19.16 0.13 46.75
C ARG I 847 18.84 0.80 45.41
N LYS I 848 18.22 0.02 44.53
CA LYS I 848 17.89 0.48 43.20
C LYS I 848 16.38 0.47 43.00
N ILE I 849 15.90 1.42 42.21
CA ILE I 849 14.48 1.51 41.91
C ILE I 849 14.16 0.42 40.90
N GLN I 850 13.23 -0.46 41.26
CA GLN I 850 12.75 -1.49 40.34
C GLN I 850 11.53 -1.02 39.57
N SER I 851 10.57 -0.39 40.26
CA SER I 851 9.38 0.11 39.59
C SER I 851 8.88 1.33 40.35
N VAL I 852 8.07 2.13 39.67
CA VAL I 852 7.55 3.37 40.21
C VAL I 852 6.03 3.25 40.27
N CYS I 853 5.46 3.49 41.44
CA CYS I 853 4.02 3.45 41.63
C CYS I 853 3.49 4.87 41.68
N LEU I 854 2.53 5.17 40.80
CA LEU I 854 1.99 6.51 40.66
C LEU I 854 0.54 6.51 41.12
N ASN I 855 0.31 7.00 42.33
CA ASN I 855 -1.02 7.08 42.91
C ASN I 855 -1.62 8.46 42.60
N VAL I 856 -2.78 8.47 41.98
CA VAL I 856 -3.49 9.70 41.63
C VAL I 856 -4.76 9.75 42.46
N SER I 857 -5.00 10.90 43.10
CA SER I 857 -6.22 11.13 43.86
C SER I 857 -6.75 12.52 43.55
N SER I 858 -8.07 12.68 43.70
CA SER I 858 -8.72 13.95 43.44
C SER I 858 -9.53 14.36 44.66
N THR I 859 -9.27 15.58 45.15
CA THR I 859 -10.04 16.15 46.24
C THR I 859 -10.77 17.38 45.74
N LEU I 860 -12.08 17.42 45.97
CA LEU I 860 -12.91 18.52 45.50
C LEU I 860 -13.01 19.62 46.56
N GLN I 861 -13.34 20.83 46.09
CA GLN I 861 -13.55 22.01 46.93
C GLN I 861 -12.28 22.39 47.68
N SER I 862 -11.20 22.53 46.94
CA SER I 862 -9.92 22.93 47.53
C SER I 862 -9.85 24.44 47.73
N ASN I 874 -13.23 14.80 47.86
CA ASN I 874 -12.29 14.23 48.83
C ASN I 874 -11.98 12.78 48.50
N MET I 875 -10.88 12.58 47.78
CA MET I 875 -10.40 11.27 47.33
C MET I 875 -11.44 10.56 46.48
N THR I 876 -11.76 11.17 45.34
CA THR I 876 -12.80 10.67 44.45
C THR I 876 -12.25 9.97 43.20
N ASN I 877 -10.93 9.97 42.99
CA ASN I 877 -10.36 9.41 41.77
C ASN I 877 -9.12 8.58 42.06
N GLU I 878 -9.21 7.71 43.07
CA GLU I 878 -8.12 6.79 43.37
C GLU I 878 -7.80 5.88 42.19
N MET I 879 -6.51 5.77 41.87
CA MET I 879 -6.00 4.91 40.81
C MET I 879 -4.48 4.86 40.96
N GLU I 880 -3.92 3.71 40.59
CA GLU I 880 -2.49 3.46 40.74
C GLU I 880 -2.01 2.80 39.46
N GLN I 881 -0.73 3.00 39.15
CA GLN I 881 -0.10 2.38 37.98
C GLN I 881 1.37 2.15 38.31
N ARG I 882 1.76 0.89 38.43
CA ARG I 882 3.16 0.52 38.65
C ARG I 882 3.85 0.41 37.30
N VAL I 883 4.76 1.35 37.03
CA VAL I 883 5.44 1.44 35.73
C VAL I 883 6.94 1.29 35.95
N GLU I 884 7.56 0.50 35.10
CA GLU I 884 9.00 0.25 35.18
C GLU I 884 9.76 1.32 34.42
N PRO I 885 10.58 2.14 35.08
CA PRO I 885 11.35 3.16 34.35
C PRO I 885 12.52 2.51 33.62
N HIS I 886 12.61 2.74 32.31
CA HIS I 886 13.57 1.98 31.53
C HIS I 886 14.97 2.58 31.62
N ASN I 887 15.17 3.75 31.03
CA ASN I 887 16.43 4.47 31.19
C ASN I 887 16.27 5.63 32.15
N ASP I 888 15.94 5.28 33.40
CA ASP I 888 15.62 6.23 34.46
C ASP I 888 14.47 7.15 34.05
N TYR I 889 13.55 6.66 33.22
CA TYR I 889 12.44 7.46 32.74
C TYR I 889 11.20 6.58 32.65
N PHE I 890 10.08 7.11 33.12
CA PHE I 890 8.81 6.42 33.07
C PHE I 890 7.73 7.40 32.63
N SER I 891 6.71 6.87 31.96
CA SER I 891 5.58 7.67 31.52
C SER I 891 4.33 6.80 31.54
N THR I 892 3.19 7.44 31.79
CA THR I 892 1.93 6.74 31.80
C THR I 892 0.79 7.74 31.63
N GLN I 893 -0.33 7.24 31.16
CA GLN I 893 -1.55 8.03 31.01
C GLN I 893 -2.53 7.70 32.11
N PHE I 894 -3.23 8.72 32.59
CA PHE I 894 -4.28 8.57 33.59
C PHE I 894 -5.57 9.17 33.07
N LEU I 895 -6.69 8.58 33.50
CA LEU I 895 -8.01 9.01 33.10
C LEU I 895 -8.74 9.44 34.36
N LEU I 896 -9.19 10.69 34.39
CA LEU I 896 -9.73 11.31 35.60
C LEU I 896 -11.16 11.73 35.36
N ASN I 897 -12.10 11.08 36.06
CA ASN I 897 -13.50 11.47 35.96
C ASN I 897 -13.76 12.76 36.74
N PHE I 898 -14.56 13.64 36.14
CA PHE I 898 -15.01 14.89 36.75
C PHE I 898 -16.51 15.08 36.53
N ALA I 899 -17.29 14.04 36.83
CA ALA I 899 -18.74 14.11 36.69
C ALA I 899 -19.34 15.20 37.57
N ILE I 900 -18.86 15.31 38.80
CA ILE I 900 -19.34 16.33 39.72
C ILE I 900 -18.71 17.67 39.36
N LEU I 901 -19.53 18.67 39.09
CA LEU I 901 -19.04 19.99 38.74
C LEU I 901 -18.41 20.67 39.96
N GLY I 902 -17.50 21.61 39.69
CA GLY I 902 -16.84 22.33 40.76
C GLY I 902 -15.34 22.46 40.54
N THR I 903 -14.58 22.58 41.61
CA THR I 903 -13.13 22.69 41.55
C THR I 903 -12.51 21.42 42.11
N HIS I 904 -11.54 20.87 41.39
CA HIS I 904 -10.91 19.61 41.75
C HIS I 904 -9.42 19.81 41.95
N ASN I 905 -8.88 19.24 43.02
CA ASN I 905 -7.46 19.28 43.33
C ASN I 905 -6.91 17.90 43.00
N ILE I 906 -6.20 17.79 41.89
CA ILE I 906 -5.58 16.54 41.49
C ILE I 906 -4.23 16.45 42.18
N THR I 907 -3.98 15.31 42.84
CA THR I 907 -2.68 15.05 43.44
C THR I 907 -2.10 13.75 42.89
N VAL I 908 -0.82 13.77 42.59
CA VAL I 908 -0.09 12.59 42.12
C VAL I 908 1.13 12.41 43.02
N GLU I 909 1.24 11.25 43.64
CA GLU I 909 2.30 10.95 44.59
C GLU I 909 3.08 9.74 44.08
N SER I 910 4.35 9.95 43.75
CA SER I 910 5.18 8.86 43.28
C SER I 910 5.68 8.02 44.45
N SER I 911 5.66 6.71 44.26
CA SER I 911 6.21 5.77 45.22
C SER I 911 7.16 4.85 44.48
N VAL I 912 8.14 4.32 45.21
CA VAL I 912 9.21 3.53 44.63
C VAL I 912 9.15 2.13 45.23
N LYS I 913 9.11 1.14 44.36
CA LYS I 913 9.19 -0.26 44.75
C LYS I 913 10.59 -0.73 44.39
N ASP I 914 11.38 -1.06 45.40
CA ASP I 914 12.77 -1.45 45.20
C ASP I 914 12.87 -2.87 44.66
N ALA I 915 14.10 -3.33 44.41
CA ALA I 915 14.31 -4.65 43.81
C ALA I 915 13.74 -5.76 44.68
N ASN I 916 13.93 -5.67 46.00
CA ASN I 916 13.40 -6.69 46.90
C ASN I 916 11.87 -6.71 46.87
N GLY I 917 11.25 -5.53 46.85
CA GLY I 917 9.82 -5.42 46.82
C GLY I 917 9.27 -4.42 47.81
N ILE I 918 10.12 -3.91 48.69
CA ILE I 918 9.70 -2.94 49.70
C ILE I 918 9.27 -1.65 49.02
N VAL I 919 8.14 -1.10 49.45
CA VAL I 919 7.62 0.14 48.87
C VAL I 919 8.16 1.32 49.67
N TRP I 920 8.65 2.33 48.96
CA TRP I 920 9.18 3.54 49.55
C TRP I 920 8.39 4.74 49.00
N LYS I 921 8.02 5.65 49.89
CA LYS I 921 7.29 6.86 49.51
C LYS I 921 8.32 7.97 49.36
N THR I 922 8.89 8.08 48.15
CA THR I 922 10.00 8.99 47.88
C THR I 922 9.58 10.24 47.14
N GLY I 923 8.97 10.08 45.97
CA GLY I 923 8.76 11.17 45.05
C GLY I 923 7.81 12.23 45.57
N PRO I 924 7.78 13.38 44.91
CA PRO I 924 7.00 14.51 45.42
C PRO I 924 5.51 14.29 45.19
N ARG I 925 4.72 14.78 46.15
CA ARG I 925 3.27 14.73 46.05
C ARG I 925 2.74 15.99 45.37
N THR I 926 3.26 16.27 44.18
CA THR I 926 2.88 17.47 43.44
C THR I 926 1.39 17.46 43.10
N THR I 927 0.76 18.62 43.18
CA THR I 927 -0.67 18.73 42.95
C THR I 927 -0.93 19.80 41.90
N ILE I 928 -2.01 19.61 41.15
CA ILE I 928 -2.53 20.62 40.25
C ILE I 928 -4.03 20.74 40.49
N PHE I 929 -4.57 21.92 40.18
CA PHE I 929 -5.96 22.23 40.45
C PHE I 929 -6.72 22.29 39.14
N VAL I 930 -7.89 21.66 39.11
CA VAL I 930 -8.68 21.53 37.89
C VAL I 930 -10.01 22.21 38.12
N LYS I 931 -10.40 23.09 37.21
CA LYS I 931 -11.68 23.79 37.26
C LYS I 931 -12.63 23.10 36.30
N SER I 932 -13.46 22.22 36.82
CA SER I 932 -14.41 21.47 36.02
C SER I 932 -15.71 22.25 35.91
N LEU I 933 -16.12 22.55 34.69
CA LEU I 933 -17.36 23.29 34.45
C LEU I 933 -18.16 22.59 33.36
N GLU I 934 -19.47 22.68 33.47
CA GLU I 934 -20.35 22.09 32.48
C GLU I 934 -20.23 22.82 31.15
N ASP I 935 -20.27 22.07 30.06
CA ASP I 935 -20.07 22.63 28.74
C ASP I 935 -21.25 23.53 28.36
N PRO I 936 -21.04 24.52 27.47
CA PRO I 936 -22.17 25.35 27.03
C PRO I 936 -23.30 24.58 26.37
N TYR I 937 -22.98 23.54 25.61
CA TYR I 937 -24.00 22.78 24.90
C TYR I 937 -24.97 22.11 25.88
N SER I 938 -24.44 21.36 26.84
CA SER I 938 -25.28 20.66 27.81
C SER I 938 -26.02 21.65 28.70
N GLN I 939 -25.35 22.73 29.10
CA GLN I 939 -25.99 23.75 29.93
C GLN I 939 -27.17 24.36 29.22
N GLN I 940 -26.98 24.79 27.97
CA GLN I 940 -28.07 25.40 27.20
C GLN I 940 -29.21 24.41 26.97
N ILE I 941 -28.88 23.15 26.65
CA ILE I 941 -29.92 22.16 26.39
C ILE I 941 -30.75 21.89 27.64
N ARG I 942 -30.07 21.73 28.79
CA ARG I 942 -30.78 21.50 30.04
C ARG I 942 -31.60 22.72 30.46
N LEU I 943 -31.08 23.93 30.24
CA LEU I 943 -31.83 25.14 30.55
C LEU I 943 -33.09 25.24 29.69
N GLN I 944 -32.97 24.98 28.40
CA GLN I 944 -34.12 25.04 27.50
C GLN I 944 -35.15 23.97 27.87
N GLN I 945 -34.68 22.75 28.18
CA GLN I 945 -35.59 21.66 28.57
C GLN I 945 -36.33 22.00 29.87
N GLN I 946 -35.61 22.55 30.86
CA GLN I 946 -36.24 22.91 32.12
C GLN I 946 -37.19 24.10 31.95
N GLN I 947 -36.81 25.08 31.13
CA GLN I 947 -37.64 26.27 30.95
C GLN I 947 -38.78 25.99 29.97
N THR J 22 99.89 67.01 -43.37
CA THR J 22 100.50 68.03 -44.22
C THR J 22 99.62 68.26 -45.45
N CYS J 23 99.61 69.48 -45.96
CA CYS J 23 98.75 69.89 -47.05
C CYS J 23 99.57 70.27 -48.28
N TRP J 24 98.85 70.55 -49.36
CA TRP J 24 99.49 70.81 -50.65
C TRP J 24 100.18 72.17 -50.69
N PHE J 25 99.54 73.23 -50.17
CA PHE J 25 100.06 74.59 -50.36
C PHE J 25 101.43 74.78 -49.73
N GLU J 26 101.76 74.00 -48.69
CA GLU J 26 103.06 74.10 -48.03
C GLU J 26 104.21 73.84 -49.00
N PHE J 27 103.97 73.01 -50.03
CA PHE J 27 104.98 72.77 -51.04
C PHE J 27 105.14 73.95 -51.98
N LEU J 28 104.05 74.71 -52.19
CA LEU J 28 104.18 75.96 -52.94
C LEU J 28 104.94 77.01 -52.15
N LEU J 29 104.63 77.17 -50.86
CA LEU J 29 105.30 78.19 -50.06
C LEU J 29 106.77 77.88 -49.85
N GLU J 30 107.10 76.63 -49.51
CA GLU J 30 108.49 76.20 -49.40
C GLU J 30 108.81 75.30 -50.59
N GLU J 31 109.62 75.82 -51.51
CA GLU J 31 109.92 75.08 -52.73
C GLU J 31 110.72 73.82 -52.46
N SER J 32 111.66 73.87 -51.51
CA SER J 32 112.49 72.71 -51.21
C SER J 32 111.81 71.71 -50.28
N LEU J 33 110.58 71.99 -49.83
CA LEU J 33 109.87 71.07 -48.96
C LEU J 33 109.57 69.75 -49.64
N LEU J 34 109.44 69.77 -50.98
CA LEU J 34 109.11 68.56 -51.73
C LEU J 34 110.19 67.50 -51.57
N GLU J 35 111.46 67.88 -51.77
CA GLU J 35 112.57 66.95 -51.62
C GLU J 35 112.64 66.41 -50.19
N LYS J 36 112.48 67.29 -49.20
CA LYS J 36 112.51 66.88 -47.80
C LYS J 36 111.41 65.87 -47.49
N HIS J 37 110.21 66.11 -48.02
CA HIS J 37 109.08 65.22 -47.77
C HIS J 37 109.27 63.88 -48.47
N LEU J 38 109.89 63.89 -49.66
CA LEU J 38 110.07 62.63 -50.39
C LEU J 38 111.13 61.75 -49.76
N ARG J 39 112.10 62.33 -49.05
CA ARG J 39 113.08 61.53 -48.34
C ARG J 39 112.56 60.98 -47.01
N LYS J 40 111.37 61.39 -46.58
CA LYS J 40 110.78 60.80 -45.38
C LYS J 40 110.48 59.33 -45.61
N PRO J 41 110.74 58.46 -44.63
CA PRO J 41 110.36 57.05 -44.77
C PRO J 41 108.86 56.84 -44.90
N CYS J 42 108.06 57.70 -44.27
CA CYS J 42 106.60 57.59 -44.25
C CYS J 42 106.00 58.93 -44.65
N PRO J 43 106.06 59.29 -45.92
CA PRO J 43 105.51 60.59 -46.34
C PRO J 43 104.00 60.64 -46.22
N ASP J 44 103.50 61.58 -45.42
CA ASP J 44 102.07 61.79 -45.23
C ASP J 44 101.73 63.18 -45.73
N PRO J 45 100.93 63.33 -46.79
CA PRO J 45 100.23 62.33 -47.61
C PRO J 45 101.17 61.54 -48.51
N ALA J 46 100.66 60.48 -49.13
CA ALA J 46 101.45 59.67 -50.03
C ALA J 46 101.78 60.48 -51.29
N PRO J 47 102.88 60.14 -51.99
CA PRO J 47 103.26 60.90 -53.20
C PRO J 47 102.18 60.92 -54.27
N VAL J 48 101.48 59.79 -54.45
CA VAL J 48 100.39 59.74 -55.42
C VAL J 48 99.25 60.66 -55.00
N GLN J 49 98.98 60.72 -53.69
CA GLN J 49 97.97 61.64 -53.18
C GLN J 49 98.40 63.08 -53.38
N LEU J 50 99.72 63.35 -53.26
CA LEU J 50 100.23 64.68 -53.56
C LEU J 50 99.99 65.04 -55.03
N ILE J 51 100.20 64.07 -55.93
CA ILE J 51 99.95 64.30 -57.35
C ILE J 51 98.47 64.61 -57.57
N VAL J 52 97.59 63.82 -56.92
CA VAL J 52 96.15 64.02 -57.05
C VAL J 52 95.76 65.42 -56.59
N GLN J 53 96.30 65.85 -55.44
CA GLN J 53 95.98 67.16 -54.91
C GLN J 53 96.47 68.27 -55.84
N PHE J 54 97.72 68.17 -56.30
CA PHE J 54 98.29 69.21 -57.16
C PHE J 54 97.50 69.35 -58.46
N LEU J 55 97.16 68.22 -59.09
CA LEU J 55 96.46 68.31 -60.36
C LEU J 55 94.99 68.69 -60.18
N GLU J 56 94.36 68.28 -59.07
CA GLU J 56 93.00 68.71 -58.80
C GLU J 56 92.93 70.22 -58.55
N GLN J 57 93.93 70.77 -57.85
CA GLN J 57 93.95 72.21 -57.63
C GLN J 57 94.06 72.98 -58.95
N ALA J 58 94.92 72.51 -59.85
CA ALA J 58 95.06 73.15 -61.16
C ALA J 58 93.87 72.89 -62.06
N SER J 59 93.06 71.87 -61.76
CA SER J 59 91.92 71.53 -62.61
C SER J 59 90.68 72.37 -62.31
N LYS J 60 90.68 73.14 -61.24
CA LYS J 60 89.51 73.95 -60.91
C LYS J 60 89.31 75.02 -61.97
N PRO J 61 88.14 75.08 -62.62
CA PRO J 61 87.90 76.12 -63.63
C PRO J 61 87.95 77.51 -63.03
N SER J 62 88.58 78.44 -63.77
CA SER J 62 88.67 79.81 -63.32
C SER J 62 87.29 80.46 -63.24
N VAL J 63 86.98 81.07 -62.11
CA VAL J 63 85.68 81.67 -61.87
C VAL J 63 85.88 83.16 -61.65
N ASN J 64 85.25 83.99 -62.48
CA ASN J 64 85.33 85.43 -62.35
C ASN J 64 84.40 85.90 -61.23
N GLU J 65 84.30 87.23 -61.06
CA GLU J 65 83.39 87.77 -60.06
C GLU J 65 81.92 87.59 -60.43
N GLN J 66 81.63 87.22 -61.68
CA GLN J 66 80.26 86.96 -62.13
C GLN J 66 79.82 85.52 -61.88
N ASN J 67 80.69 84.70 -61.27
CA ASN J 67 80.41 83.30 -60.96
C ASN J 67 80.10 82.50 -62.22
N GLN J 68 80.99 82.61 -63.21
CA GLN J 68 80.85 81.93 -64.48
C GLN J 68 82.02 80.99 -64.70
N VAL J 69 81.73 79.80 -65.22
CA VAL J 69 82.76 78.79 -65.45
C VAL J 69 83.58 79.18 -66.68
N GLN J 70 84.88 79.32 -66.49
CA GLN J 70 85.87 79.55 -67.53
C GLN J 70 87.03 78.60 -67.31
N PRO J 71 87.80 78.25 -68.35
CA PRO J 71 88.87 77.28 -68.17
C PRO J 71 89.93 77.82 -67.25
N PRO J 72 90.66 76.94 -66.55
CA PRO J 72 91.64 77.40 -65.56
C PRO J 72 92.72 78.24 -66.20
N PRO J 73 93.23 79.25 -65.50
CA PRO J 73 94.20 80.16 -66.11
C PRO J 73 95.60 79.59 -66.12
N ASP J 74 96.37 80.05 -67.11
CA ASP J 74 97.78 79.68 -67.23
C ASP J 74 98.66 80.60 -66.39
N ASN J 75 98.38 80.63 -65.09
CA ASN J 75 99.12 81.48 -64.16
C ASN J 75 100.33 80.72 -63.63
N LYS J 76 101.14 81.41 -62.81
CA LYS J 76 102.28 80.76 -62.18
C LYS J 76 101.86 79.66 -61.22
N ARG J 77 100.68 79.79 -60.60
CA ARG J 77 100.21 78.79 -59.64
C ARG J 77 99.96 77.45 -60.32
N ASN J 78 99.22 77.47 -61.44
CA ASN J 78 98.96 76.22 -62.17
C ASN J 78 100.25 75.60 -62.70
N ARG J 79 101.15 76.43 -63.21
CA ARG J 79 102.42 75.92 -63.75
C ARG J 79 103.25 75.25 -62.66
N ILE J 80 103.36 75.89 -61.49
CA ILE J 80 104.16 75.30 -60.43
C ILE J 80 103.47 74.07 -59.84
N LEU J 81 102.13 74.05 -59.81
CA LEU J 81 101.41 72.84 -59.40
C LEU J 81 101.70 71.68 -60.33
N LYS J 82 101.63 71.93 -61.64
CA LYS J 82 101.91 70.88 -62.63
C LYS J 82 103.36 70.42 -62.52
N LEU J 83 104.29 71.36 -62.32
CA LEU J 83 105.69 71.00 -62.20
C LEU J 83 105.94 70.17 -60.94
N LEU J 84 105.24 70.49 -59.84
CA LEU J 84 105.36 69.68 -58.63
C LEU J 84 104.84 68.27 -58.86
N ALA J 85 103.70 68.16 -59.54
CA ALA J 85 103.15 66.83 -59.85
C ALA J 85 104.12 66.03 -60.71
N LEU J 86 104.72 66.68 -61.71
CA LEU J 86 105.67 65.99 -62.58
C LEU J 86 106.93 65.59 -61.82
N LYS J 87 107.38 66.43 -60.89
CA LYS J 87 108.52 66.09 -60.05
C LYS J 87 108.22 64.87 -59.18
N VAL J 88 107.03 64.82 -58.59
CA VAL J 88 106.65 63.69 -57.76
C VAL J 88 106.58 62.41 -58.60
N ALA J 89 106.01 62.53 -59.82
CA ALA J 89 105.99 61.39 -60.73
C ALA J 89 107.39 60.93 -61.08
N ALA J 90 108.29 61.88 -61.36
CA ALA J 90 109.69 61.56 -61.64
C ALA J 90 110.38 60.90 -60.47
N HIS J 91 109.95 61.21 -59.25
CA HIS J 91 110.52 60.56 -58.07
C HIS J 91 110.28 59.07 -58.07
N LEU J 92 109.12 58.64 -58.56
CA LEU J 92 108.76 57.24 -58.61
C LEU J 92 109.27 56.53 -59.86
N LYS J 93 110.23 57.14 -60.58
CA LYS J 93 110.86 56.58 -61.78
C LYS J 93 109.85 56.36 -62.90
N TRP J 94 108.76 57.14 -62.89
CA TRP J 94 107.70 57.08 -63.89
C TRP J 94 107.07 55.69 -63.98
N ASP J 95 106.94 55.04 -62.83
CA ASP J 95 106.36 53.71 -62.74
C ASP J 95 104.87 53.81 -63.07
N LEU J 96 104.51 53.40 -64.29
CA LEU J 96 103.14 53.53 -64.76
C LEU J 96 102.15 52.70 -63.94
N ASP J 97 102.63 51.61 -63.32
CA ASP J 97 101.74 50.76 -62.54
C ASP J 97 101.15 51.51 -61.35
N ILE J 98 101.99 52.25 -60.62
CA ILE J 98 101.52 52.93 -59.42
C ILE J 98 100.61 54.09 -59.80
N LEU J 99 101.00 54.87 -60.80
CA LEU J 99 100.16 55.95 -61.30
C LEU J 99 98.82 55.42 -61.82
N GLU J 100 98.81 54.22 -62.38
CA GLU J 100 97.54 53.66 -62.86
C GLU J 100 96.66 53.21 -61.71
N LYS J 101 97.23 52.50 -60.72
CA LYS J 101 96.37 51.99 -59.66
C LYS J 101 96.03 53.04 -58.60
N SER J 102 96.67 54.20 -58.64
CA SER J 102 96.40 55.27 -57.69
C SER J 102 95.69 56.46 -58.28
N LEU J 103 96.07 56.90 -59.48
CA LEU J 103 95.49 58.10 -60.07
C LEU J 103 94.44 57.70 -61.08
N SER J 104 93.37 58.51 -61.15
CA SER J 104 92.29 58.24 -62.09
C SER J 104 92.74 58.51 -63.52
N VAL J 105 91.90 58.07 -64.47
CA VAL J 105 92.22 58.23 -65.88
C VAL J 105 92.33 59.70 -66.30
N PRO J 106 91.36 60.59 -65.99
CA PRO J 106 91.57 62.01 -66.38
C PRO J 106 92.78 62.65 -65.73
N VAL J 107 93.07 62.31 -64.47
CA VAL J 107 94.20 62.89 -63.76
C VAL J 107 95.51 62.51 -64.43
N LEU J 108 95.70 61.20 -64.66
CA LEU J 108 96.92 60.72 -65.30
C LEU J 108 97.00 61.17 -66.74
N ASN J 109 95.86 61.29 -67.42
CA ASN J 109 95.82 61.79 -68.79
C ASN J 109 96.35 63.22 -68.87
N MET J 110 95.84 64.09 -68.00
CA MET J 110 96.28 65.48 -68.02
C MET J 110 97.73 65.59 -67.54
N LEU J 111 98.14 64.74 -66.59
CA LEU J 111 99.53 64.71 -66.17
C LEU J 111 100.47 64.38 -67.33
N LEU J 112 100.13 63.37 -68.11
CA LEU J 112 100.98 62.97 -69.23
C LEU J 112 100.94 64.01 -70.35
N ASN J 113 99.77 64.62 -70.58
CA ASN J 113 99.69 65.69 -71.57
C ASN J 113 100.57 66.87 -71.18
N GLU J 114 100.57 67.23 -69.89
CA GLU J 114 101.45 68.29 -69.44
C GLU J 114 102.92 67.89 -69.55
N LEU J 115 103.22 66.61 -69.28
CA LEU J 115 104.58 66.10 -69.45
C LEU J 115 105.03 66.26 -70.90
N LEU J 116 104.13 65.97 -71.84
CA LEU J 116 104.42 66.21 -73.25
C LEU J 116 104.67 67.69 -73.52
N CYS J 117 103.85 68.55 -72.91
CA CYS J 117 103.96 69.99 -73.14
C CYS J 117 105.30 70.54 -72.67
N ILE J 118 105.74 70.17 -71.46
CA ILE J 118 107.00 70.72 -70.97
C ILE J 118 108.18 70.13 -71.74
N SER J 119 108.03 68.92 -72.27
CA SER J 119 109.08 68.28 -73.04
C SER J 119 109.12 68.71 -74.50
N LYS J 120 108.47 69.84 -74.83
CA LYS J 120 108.49 70.45 -76.16
C LYS J 120 107.81 69.58 -77.22
N VAL J 121 106.62 69.11 -76.90
CA VAL J 121 105.75 68.42 -77.84
C VAL J 121 104.49 69.25 -78.02
N PRO J 122 104.37 69.97 -79.14
CA PRO J 122 103.19 70.82 -79.39
C PRO J 122 101.90 70.01 -79.39
N PRO J 123 100.86 70.47 -78.70
CA PRO J 123 99.53 69.88 -78.84
C PRO J 123 99.09 69.80 -80.31
N GLY J 124 98.42 68.70 -80.64
CA GLY J 124 97.88 68.49 -81.96
C GLY J 124 98.76 67.70 -82.90
N THR J 125 100.06 67.63 -82.64
CA THR J 125 100.95 66.84 -83.49
C THR J 125 100.76 65.36 -83.24
N LYS J 126 100.73 64.58 -84.32
CA LYS J 126 100.57 63.14 -84.20
C LYS J 126 101.89 62.50 -83.80
N HIS J 127 101.85 61.67 -82.76
CA HIS J 127 103.06 61.02 -82.25
C HIS J 127 103.66 60.03 -83.24
N VAL J 128 102.89 59.58 -84.22
CA VAL J 128 103.38 58.62 -85.21
C VAL J 128 104.16 59.29 -86.33
N ASP J 129 104.05 60.62 -86.47
CA ASP J 129 104.75 61.29 -87.57
C ASP J 129 106.24 61.38 -87.30
N MET J 130 106.64 62.08 -86.23
CA MET J 130 108.05 62.32 -85.98
C MET J 130 108.78 61.05 -85.54
N ASP J 131 110.04 60.96 -85.93
CA ASP J 131 110.88 59.84 -85.51
C ASP J 131 111.27 60.01 -84.05
N LEU J 132 111.27 58.90 -83.31
CA LEU J 132 111.58 58.94 -81.89
C LEU J 132 113.08 59.09 -81.65
N ALA J 133 113.90 58.49 -82.51
CA ALA J 133 115.36 58.55 -82.34
C ALA J 133 115.89 59.97 -82.49
N THR J 134 115.28 60.75 -83.40
CA THR J 134 115.75 62.11 -83.67
C THR J 134 115.55 63.02 -82.47
N LEU J 135 114.44 62.85 -81.74
CA LEU J 135 114.12 63.70 -80.61
C LEU J 135 115.05 63.43 -79.43
N PRO J 136 115.11 64.33 -78.45
CA PRO J 136 115.92 64.06 -77.26
C PRO J 136 115.42 62.83 -76.53
N PRO J 137 116.30 62.13 -75.78
CA PRO J 137 115.87 60.91 -75.07
C PRO J 137 114.72 61.14 -74.10
N THR J 138 114.70 62.30 -73.42
CA THR J 138 113.63 62.55 -72.46
C THR J 138 112.30 62.80 -73.16
N THR J 139 112.32 63.56 -74.25
CA THR J 139 111.10 63.81 -75.02
C THR J 139 110.58 62.52 -75.66
N ALA J 140 111.49 61.72 -76.22
CA ALA J 140 111.10 60.44 -76.81
C ALA J 140 110.51 59.51 -75.75
N MET J 141 111.14 59.45 -74.57
CA MET J 141 110.62 58.62 -73.50
C MET J 141 109.29 59.14 -72.98
N ALA J 142 109.07 60.44 -73.02
CA ALA J 142 107.78 60.99 -72.60
C ALA J 142 106.66 60.60 -73.56
N VAL J 143 106.91 60.73 -74.86
CA VAL J 143 105.93 60.30 -75.86
C VAL J 143 105.69 58.80 -75.74
N LEU J 144 106.77 58.04 -75.52
CA LEU J 144 106.68 56.59 -75.34
C LEU J 144 105.84 56.22 -74.13
N LEU J 145 106.04 56.91 -73.01
CA LEU J 145 105.27 56.65 -71.81
C LEU J 145 103.80 56.99 -72.01
N TYR J 146 103.52 58.09 -72.73
CA TYR J 146 102.13 58.44 -73.00
C TYR J 146 101.45 57.37 -73.84
N ASN J 147 102.13 56.87 -74.87
CA ASN J 147 101.52 55.84 -75.71
C ASN J 147 101.38 54.52 -74.97
N ARG J 148 102.38 54.17 -74.15
CA ARG J 148 102.28 53.00 -73.29
C ARG J 148 101.08 53.09 -72.37
N TRP J 149 100.88 54.27 -71.76
CA TRP J 149 99.75 54.48 -70.88
C TRP J 149 98.44 54.36 -71.63
N ALA J 150 98.38 54.90 -72.85
CA ALA J 150 97.16 54.81 -73.64
C ALA J 150 96.82 53.36 -73.96
N ILE J 151 97.83 52.57 -74.34
CA ILE J 151 97.63 51.15 -74.62
C ILE J 151 97.12 50.42 -73.39
N ARG J 152 97.80 50.63 -72.26
CA ARG J 152 97.42 49.96 -71.02
C ARG J 152 96.05 50.41 -70.55
N THR J 153 95.70 51.68 -70.76
CA THR J 153 94.40 52.19 -70.39
C THR J 153 93.30 51.52 -71.21
N ILE J 154 93.52 51.36 -72.52
CA ILE J 154 92.54 50.66 -73.36
C ILE J 154 92.37 49.22 -72.88
N VAL J 155 93.49 48.54 -72.61
CA VAL J 155 93.45 47.15 -72.17
C VAL J 155 92.71 47.02 -70.84
N GLN J 156 93.04 47.88 -69.87
CA GLN J 156 92.40 47.83 -68.56
C GLN J 156 90.92 48.17 -68.64
N SER J 157 90.56 49.18 -69.45
CA SER J 157 89.16 49.53 -69.64
C SER J 157 88.38 48.40 -70.28
N SER J 158 89.05 47.56 -71.08
CA SER J 158 88.39 46.37 -71.62
C SER J 158 87.99 45.39 -70.51
N PHE J 159 88.75 45.36 -69.41
CA PHE J 159 88.49 44.39 -68.35
C PHE J 159 87.17 44.72 -67.63
N PRO J 160 86.57 43.75 -66.96
CA PRO J 160 85.46 44.05 -66.06
C PRO J 160 85.94 44.40 -64.66
N VAL J 161 85.15 45.25 -64.00
CA VAL J 161 85.46 45.68 -62.64
C VAL J 161 84.20 45.52 -61.79
N LYS J 162 84.40 45.09 -60.54
CA LYS J 162 83.29 44.97 -59.61
C LYS J 162 82.79 46.38 -59.28
N GLN J 163 81.69 46.77 -59.91
CA GLN J 163 81.18 48.13 -59.76
C GLN J 163 80.68 48.39 -58.35
N ALA J 164 80.90 49.62 -57.88
CA ALA J 164 80.34 50.03 -56.60
C ALA J 164 78.81 50.05 -56.67
N LYS J 165 78.18 49.73 -55.55
CA LYS J 165 76.73 49.65 -55.52
C LYS J 165 76.13 51.04 -55.67
N PRO J 166 75.23 51.26 -56.64
CA PRO J 166 74.65 52.59 -56.81
C PRO J 166 73.63 52.94 -55.74
N GLY J 167 74.01 53.82 -54.83
CA GLY J 167 73.13 54.25 -53.78
C GLY J 167 72.23 55.37 -54.23
N PRO J 168 71.48 55.96 -53.30
CA PRO J 168 70.64 57.11 -53.65
C PRO J 168 71.50 58.29 -54.06
N PRO J 169 70.98 59.20 -54.89
CA PRO J 169 71.82 60.28 -55.42
C PRO J 169 72.12 61.35 -54.37
N GLN J 170 73.41 61.54 -54.10
CA GLN J 170 73.91 62.64 -53.28
C GLN J 170 74.60 63.59 -54.25
N LEU J 171 73.92 64.71 -54.59
CA LEU J 171 74.29 65.54 -55.74
C LEU J 171 75.73 66.03 -55.67
N SER J 172 76.21 66.33 -54.45
CA SER J 172 77.55 66.87 -54.26
C SER J 172 78.62 65.92 -54.79
N VAL J 173 78.43 64.61 -54.61
CA VAL J 173 79.38 63.63 -55.12
C VAL J 173 78.90 63.06 -56.46
N MET J 174 77.57 63.06 -56.70
CA MET J 174 77.03 62.66 -58.00
C MET J 174 77.64 63.49 -59.13
N ASN J 175 77.66 64.82 -58.96
CA ASN J 175 78.22 65.69 -59.98
C ASN J 175 79.67 65.35 -60.25
N GLN J 176 80.46 65.15 -59.19
CA GLN J 176 81.89 64.99 -59.36
C GLN J 176 82.23 63.65 -60.02
N MET J 177 81.66 62.53 -59.56
CA MET J 177 82.08 61.30 -60.24
C MET J 177 81.39 61.15 -61.58
N GLN J 178 80.27 61.83 -61.81
CA GLN J 178 79.64 61.75 -63.12
C GLN J 178 80.45 62.53 -64.16
N GLN J 179 80.92 63.74 -63.82
CA GLN J 179 81.81 64.45 -64.73
C GLN J 179 83.13 63.70 -64.89
N GLU J 180 83.62 63.06 -63.83
CA GLU J 180 84.81 62.21 -63.95
C GLU J 180 84.57 61.07 -64.92
N LYS J 181 83.40 60.42 -64.83
CA LYS J 181 83.11 59.26 -65.65
C LYS J 181 82.93 59.65 -67.11
N GLU J 182 82.23 60.75 -67.39
CA GLU J 182 82.09 61.18 -68.78
C GLU J 182 83.42 61.68 -69.35
N LEU J 183 84.26 62.31 -68.52
CA LEU J 183 85.62 62.65 -68.95
C LEU J 183 86.40 61.40 -69.29
N THR J 184 86.28 60.36 -68.46
CA THR J 184 86.96 59.09 -68.71
C THR J 184 86.49 58.46 -70.01
N GLU J 185 85.18 58.51 -70.27
CA GLU J 185 84.65 57.94 -71.50
C GLU J 185 85.13 58.71 -72.72
N ASN J 186 85.16 60.05 -72.63
CA ASN J 186 85.69 60.87 -73.73
C ASN J 186 87.16 60.55 -73.99
N ILE J 187 87.96 60.46 -72.92
CA ILE J 187 89.37 60.12 -73.07
C ILE J 187 89.51 58.73 -73.69
N LEU J 188 88.65 57.79 -73.29
CA LEU J 188 88.76 56.42 -73.79
C LEU J 188 88.42 56.34 -75.27
N LYS J 189 87.35 57.03 -75.72
CA LYS J 189 87.06 57.02 -77.16
C LYS J 189 88.16 57.73 -77.94
N VAL J 190 88.74 58.79 -77.38
CA VAL J 190 89.86 59.48 -78.04
C VAL J 190 91.04 58.52 -78.20
N LEU J 191 91.37 57.78 -77.13
CA LEU J 191 92.48 56.83 -77.19
C LEU J 191 92.19 55.70 -78.16
N LYS J 192 90.95 55.20 -78.18
CA LYS J 192 90.58 54.15 -79.12
C LYS J 192 90.71 54.63 -80.56
N GLU J 193 90.33 55.88 -80.82
CA GLU J 193 90.51 56.46 -82.15
C GLU J 193 91.99 56.50 -82.55
N GLN J 194 92.88 56.71 -81.57
CA GLN J 194 94.31 56.79 -81.81
C GLN J 194 95.05 55.52 -81.38
N ALA J 195 94.32 54.43 -81.16
CA ALA J 195 94.94 53.19 -80.70
C ALA J 195 95.93 52.64 -81.72
N ALA J 196 95.56 52.69 -83.01
CA ALA J 196 96.47 52.23 -84.06
C ALA J 196 97.74 53.08 -84.09
N ASP J 197 97.58 54.40 -83.92
CA ASP J 197 98.73 55.30 -83.90
C ASP J 197 99.65 54.97 -82.73
N SER J 198 99.07 54.72 -81.55
CA SER J 198 99.87 54.37 -80.39
C SER J 198 100.60 53.04 -80.60
N ILE J 199 99.92 52.07 -81.21
CA ILE J 199 100.54 50.79 -81.49
C ILE J 199 101.72 50.96 -82.44
N LEU J 200 101.55 51.79 -83.48
CA LEU J 200 102.64 52.05 -84.40
C LEU J 200 103.81 52.76 -83.73
N VAL J 201 103.50 53.72 -82.84
CA VAL J 201 104.54 54.42 -82.09
C VAL J 201 105.35 53.44 -81.24
N LEU J 202 104.64 52.54 -80.54
CA LEU J 202 105.32 51.54 -79.72
C LEU J 202 106.16 50.60 -80.57
N GLU J 203 105.64 50.20 -81.74
CA GLU J 203 106.38 49.31 -82.63
C GLU J 203 107.65 49.96 -83.13
N ALA J 204 107.57 51.24 -83.51
CA ALA J 204 108.76 51.96 -83.97
C ALA J 204 109.82 52.06 -82.87
N ALA J 205 109.39 52.26 -81.63
CA ALA J 205 110.33 52.41 -80.52
C ALA J 205 111.14 51.15 -80.25
N LEU J 206 110.66 49.99 -80.66
CA LEU J 206 111.41 48.75 -80.46
C LEU J 206 112.66 48.68 -81.33
N LYS J 207 112.72 49.47 -82.41
CA LYS J 207 113.86 49.44 -83.31
C LYS J 207 115.06 50.18 -82.74
N LEU J 208 114.86 51.04 -81.75
CA LEU J 208 115.93 51.89 -81.23
C LEU J 208 116.97 51.06 -80.50
N ASN J 209 118.24 51.43 -80.68
CA ASN J 209 119.36 50.74 -80.04
C ASN J 209 120.21 51.67 -79.19
N LYS J 210 119.73 52.88 -78.93
CA LYS J 210 120.48 53.89 -78.20
C LYS J 210 120.02 53.95 -76.75
N ASP J 211 120.91 54.44 -75.89
CA ASP J 211 120.57 54.66 -74.49
C ASP J 211 119.48 55.72 -74.37
N LEU J 212 118.58 55.52 -73.41
CA LEU J 212 117.43 56.38 -73.21
C LEU J 212 117.48 56.97 -71.81
N TYR J 213 116.99 58.21 -71.70
CA TYR J 213 116.99 58.94 -70.44
C TYR J 213 115.59 59.47 -70.15
N VAL J 214 115.18 59.39 -68.89
CA VAL J 214 113.87 59.83 -68.48
C VAL J 214 114.00 61.16 -67.73
N HIS J 215 112.87 61.81 -67.51
CA HIS J 215 112.85 63.11 -66.84
C HIS J 215 112.99 62.94 -65.33
N THR J 216 114.02 63.54 -64.76
CA THR J 216 114.30 63.52 -63.34
C THR J 216 113.90 64.86 -62.71
N MET J 217 114.28 65.05 -61.45
CA MET J 217 114.12 66.36 -60.81
C MET J 217 114.89 67.42 -61.56
N ARG J 218 116.16 67.14 -61.86
CA ARG J 218 117.08 68.14 -62.40
C ARG J 218 116.62 68.60 -63.78
N THR J 219 116.22 67.66 -64.64
CA THR J 219 115.80 68.02 -65.99
C THR J 219 114.52 68.86 -65.97
N LEU J 220 113.56 68.50 -65.10
CA LEU J 220 112.34 69.30 -64.97
C LEU J 220 112.64 70.69 -64.43
N ASP J 221 113.56 70.76 -63.46
CA ASP J 221 113.97 72.06 -62.92
C ASP J 221 114.61 72.92 -64.00
N LEU J 222 115.49 72.34 -64.81
CA LEU J 222 116.09 73.06 -65.92
C LEU J 222 115.04 73.51 -66.94
N LEU J 223 114.00 72.68 -67.14
CA LEU J 223 112.93 73.02 -68.06
C LEU J 223 111.91 74.00 -67.47
N ALA J 224 112.00 74.29 -66.17
CA ALA J 224 111.04 75.20 -65.54
C ALA J 224 111.07 76.59 -66.17
N MET J 225 112.27 77.12 -66.42
CA MET J 225 112.40 78.45 -66.98
C MET J 225 112.31 78.41 -68.50
N SER J 236 120.47 62.72 -77.52
CA SER J 236 121.31 63.92 -77.48
C SER J 236 121.70 64.26 -76.04
N SER J 237 120.80 64.96 -75.35
CA SER J 237 121.07 65.35 -73.97
C SER J 237 121.01 64.14 -73.06
N THR J 238 122.00 64.03 -72.17
CA THR J 238 122.12 62.90 -71.25
C THR J 238 121.95 63.35 -69.80
N ALA J 239 121.22 64.45 -69.57
CA ALA J 239 121.00 64.94 -68.22
C ALA J 239 120.02 64.09 -67.42
N GLY J 240 119.20 63.27 -68.08
CA GLY J 240 118.26 62.43 -67.39
C GLY J 240 118.90 61.18 -66.80
N LEU J 241 118.04 60.35 -66.21
CA LEU J 241 118.49 59.09 -65.63
C LEU J 241 118.58 58.02 -66.70
N LYS J 242 119.75 57.40 -66.82
CA LYS J 242 119.99 56.37 -67.84
C LYS J 242 119.04 55.21 -67.66
N VAL J 243 118.46 54.75 -68.77
CA VAL J 243 117.53 53.64 -68.79
C VAL J 243 118.00 52.67 -69.86
N LYS J 244 118.04 51.38 -69.53
CA LYS J 244 118.46 50.36 -70.47
C LYS J 244 117.53 50.31 -71.67
N THR J 245 118.11 49.98 -72.83
CA THR J 245 117.30 49.71 -74.00
C THR J 245 116.54 48.39 -73.84
N GLU J 246 117.14 47.41 -73.16
CA GLU J 246 116.48 46.12 -72.96
C GLU J 246 115.21 46.26 -72.13
N GLU J 247 115.26 47.05 -71.06
CA GLU J 247 114.09 47.22 -70.19
C GLU J 247 112.96 47.93 -70.91
N MET J 248 113.28 48.99 -71.66
CA MET J 248 112.27 49.71 -72.42
C MET J 248 111.66 48.81 -73.49
N GLN J 249 112.51 48.03 -74.18
CA GLN J 249 112.02 47.10 -75.18
C GLN J 249 111.09 46.06 -74.56
N CYS J 250 111.46 45.58 -73.37
CA CYS J 250 110.67 44.58 -72.68
C CYS J 250 109.30 45.11 -72.30
N GLN J 251 109.27 46.32 -71.71
CA GLN J 251 107.99 46.91 -71.32
C GLN J 251 107.11 47.22 -72.52
N VAL J 252 107.71 47.75 -73.60
CA VAL J 252 106.92 48.08 -74.79
C VAL J 252 106.39 46.83 -75.45
N CYS J 253 107.21 45.76 -75.52
CA CYS J 253 106.76 44.49 -76.09
C CYS J 253 105.63 43.90 -75.26
N TYR J 254 105.75 43.97 -73.93
CA TYR J 254 104.69 43.46 -73.05
C TYR J 254 103.38 44.20 -73.27
N ASP J 255 103.43 45.54 -73.32
CA ASP J 255 102.21 46.31 -73.52
C ASP J 255 101.62 46.07 -74.90
N LEU J 256 102.48 45.95 -75.93
CA LEU J 256 102.00 45.69 -77.27
C LEU J 256 101.34 44.32 -77.36
N GLY J 257 101.93 43.32 -76.70
CA GLY J 257 101.32 42.01 -76.66
C GLY J 257 99.97 42.01 -75.98
N ALA J 258 99.85 42.77 -74.89
CA ALA J 258 98.56 42.90 -74.22
C ALA J 258 97.54 43.55 -75.14
N ALA J 259 97.95 44.60 -75.86
CA ALA J 259 97.04 45.28 -76.78
C ALA J 259 96.59 44.36 -77.91
N TYR J 260 97.52 43.59 -78.47
CA TYR J 260 97.16 42.65 -79.53
C TYR J 260 96.25 41.54 -79.01
N PHE J 261 96.52 41.03 -77.81
CA PHE J 261 95.65 40.04 -77.19
C PHE J 261 94.25 40.58 -76.99
N GLN J 262 94.12 41.85 -76.59
CA GLN J 262 92.81 42.48 -76.52
C GLN J 262 92.14 42.53 -77.87
N GLN J 263 92.89 42.84 -78.92
CA GLN J 263 92.36 42.87 -80.29
C GLN J 263 92.18 41.46 -80.86
N GLY J 264 92.86 40.46 -80.31
CA GLY J 264 92.86 39.13 -80.88
C GLY J 264 91.53 38.42 -80.83
N SER J 265 90.66 38.80 -79.89
CA SER J 265 89.35 38.15 -79.79
C SER J 265 88.51 38.41 -81.04
N THR J 266 88.56 39.64 -81.56
CA THR J 266 87.79 39.97 -82.75
C THR J 266 88.45 39.42 -84.02
N ASN J 267 89.78 39.41 -84.07
CA ASN J 267 90.52 38.91 -85.22
C ASN J 267 91.61 37.97 -84.70
N SER J 268 91.43 36.67 -84.91
CA SER J 268 92.35 35.66 -84.39
C SER J 268 93.75 35.80 -84.99
N ALA J 269 93.85 36.36 -86.20
CA ALA J 269 95.15 36.55 -86.84
C ALA J 269 96.06 37.49 -86.04
N VAL J 270 95.46 38.39 -85.26
CA VAL J 270 96.23 39.34 -84.46
C VAL J 270 97.02 38.62 -83.36
N TYR J 271 96.57 37.43 -82.94
CA TYR J 271 97.26 36.67 -81.89
C TYR J 271 98.67 36.26 -82.29
N GLU J 272 98.96 36.17 -83.59
CA GLU J 272 100.31 35.89 -84.04
C GLU J 272 101.27 36.99 -83.60
N ASN J 273 100.84 38.25 -83.74
CA ASN J 273 101.66 39.37 -83.28
C ASN J 273 101.89 39.31 -81.78
N ALA J 274 100.82 39.01 -81.02
CA ALA J 274 100.91 38.97 -79.56
C ALA J 274 101.88 37.90 -79.10
N ARG J 275 101.88 36.75 -79.77
CA ARG J 275 102.83 35.68 -79.45
C ARG J 275 104.25 36.15 -79.64
N GLU J 276 104.51 36.85 -80.74
CA GLU J 276 105.85 37.38 -81.02
C GLU J 276 106.26 38.37 -79.93
N LYS J 277 105.35 39.28 -79.57
CA LYS J 277 105.67 40.30 -78.56
C LYS J 277 105.94 39.66 -77.20
N PHE J 278 105.15 38.67 -76.81
CA PHE J 278 105.35 38.08 -75.49
C PHE J 278 106.59 37.20 -75.44
N PHE J 279 106.93 36.53 -76.54
CA PHE J 279 108.18 35.79 -76.54
C PHE J 279 109.39 36.72 -76.58
N ARG J 280 109.27 37.86 -77.26
CA ARG J 280 110.33 38.87 -77.19
C ARG J 280 110.47 39.39 -75.77
N THR J 281 109.34 39.60 -75.08
CA THR J 281 109.35 40.01 -73.68
C THR J 281 110.05 38.96 -72.81
N LYS J 282 109.75 37.68 -73.07
CA LYS J 282 110.39 36.60 -72.32
C LYS J 282 111.89 36.58 -72.56
N GLU J 283 112.32 36.75 -73.81
CA GLU J 283 113.74 36.79 -74.13
C GLU J 283 114.44 37.98 -73.45
N LEU J 284 113.78 39.14 -73.45
CA LEU J 284 114.37 40.31 -72.81
C LEU J 284 114.45 40.13 -71.29
N ILE J 285 113.45 39.45 -70.70
CA ILE J 285 113.50 39.13 -69.28
C ILE J 285 114.68 38.20 -68.99
N ALA J 286 114.88 37.19 -69.84
CA ALA J 286 116.02 36.30 -69.70
C ALA J 286 117.34 37.05 -69.81
N GLU J 287 117.41 38.01 -70.76
CA GLU J 287 118.64 38.77 -70.98
C GLU J 287 118.95 39.64 -69.76
N ILE J 288 117.99 40.45 -69.32
CA ILE J 288 118.16 41.30 -68.14
C ILE J 288 118.50 40.46 -66.92
N GLY J 289 117.87 39.29 -66.79
CA GLY J 289 118.13 38.42 -65.66
C GLY J 289 117.33 38.81 -64.44
N SER J 290 117.98 39.48 -63.48
CA SER J 290 117.32 39.90 -62.25
C SER J 290 117.59 41.36 -61.92
N LEU J 291 118.05 42.14 -62.89
CA LEU J 291 118.35 43.55 -62.67
C LEU J 291 117.16 44.43 -63.02
N SER J 292 116.00 44.06 -62.51
CA SER J 292 114.78 44.80 -62.76
C SER J 292 114.76 46.12 -61.99
N LEU J 293 114.76 47.24 -62.71
CA LEU J 293 114.72 48.56 -62.07
C LEU J 293 113.44 49.27 -62.51
N HIS J 294 113.30 49.60 -63.79
CA HIS J 294 112.08 50.23 -64.30
C HIS J 294 111.12 49.22 -64.90
N CYS J 295 111.63 48.06 -65.33
CA CYS J 295 110.85 47.02 -65.98
C CYS J 295 110.29 46.08 -64.92
N THR J 296 109.08 46.37 -64.46
CA THR J 296 108.39 45.52 -63.49
C THR J 296 107.22 44.87 -64.20
N ILE J 297 107.37 43.57 -64.49
CA ILE J 297 106.38 42.80 -65.23
C ILE J 297 106.03 41.57 -64.40
N ASP J 298 104.73 41.30 -64.25
CA ASP J 298 104.28 40.14 -63.49
C ASP J 298 104.62 38.87 -64.26
N GLU J 299 105.44 38.00 -63.65
CA GLU J 299 105.85 36.78 -64.32
C GLU J 299 104.71 35.79 -64.48
N LYS J 300 103.78 35.73 -63.51
CA LYS J 300 102.66 34.80 -63.63
C LYS J 300 101.72 35.21 -64.75
N ARG J 301 101.43 36.52 -64.85
CA ARG J 301 100.61 37.01 -65.94
C ARG J 301 101.28 36.80 -67.30
N LEU J 302 102.60 37.00 -67.36
CA LEU J 302 103.33 36.76 -68.59
C LEU J 302 103.30 35.28 -68.97
N ALA J 303 103.43 34.40 -67.98
CA ALA J 303 103.35 32.96 -68.23
C ALA J 303 101.97 32.57 -68.76
N GLY J 304 100.91 33.14 -68.17
CA GLY J 304 99.57 32.90 -68.67
C GLY J 304 99.40 33.40 -70.09
N TYR J 305 99.96 34.57 -70.40
CA TYR J 305 99.90 35.09 -71.77
C TYR J 305 100.60 34.18 -72.74
N CYS J 306 101.77 33.66 -72.34
CA CYS J 306 102.52 32.74 -73.19
C CYS J 306 101.75 31.45 -73.43
N GLN J 307 101.12 30.91 -72.39
CA GLN J 307 100.29 29.71 -72.56
C GLN J 307 99.12 29.96 -73.48
N ALA J 308 98.44 31.10 -73.31
CA ALA J 308 97.31 31.44 -74.15
C ALA J 308 97.72 31.59 -75.60
N CYS J 309 98.86 32.23 -75.85
CA CYS J 309 99.33 32.39 -77.22
C CYS J 309 99.76 31.06 -77.82
N ASP J 310 100.39 30.19 -77.02
CA ASP J 310 100.77 28.86 -77.49
C ASP J 310 99.55 28.05 -77.90
N VAL J 311 98.50 28.07 -77.08
CA VAL J 311 97.29 27.33 -77.41
C VAL J 311 96.58 27.95 -78.61
N LEU J 312 96.48 29.28 -78.66
CA LEU J 312 95.75 29.92 -79.74
C LEU J 312 96.52 29.93 -81.05
N VAL J 313 97.85 30.06 -80.99
CA VAL J 313 98.68 30.07 -82.19
C VAL J 313 99.75 29.00 -81.99
N PRO J 314 99.45 27.73 -82.30
CA PRO J 314 100.44 26.67 -82.09
C PRO J 314 101.57 26.74 -83.12
N SER J 315 102.77 27.01 -82.63
CA SER J 315 103.97 27.08 -83.45
C SER J 315 104.47 25.69 -83.81
N SER J 316 105.31 25.63 -84.84
CA SER J 316 105.88 24.36 -85.26
C SER J 316 106.79 23.76 -84.20
N ASP J 317 107.37 24.60 -83.34
CA ASP J 317 108.29 24.13 -82.31
C ASP J 317 107.56 23.83 -81.00
N SER J 318 106.33 24.32 -80.86
CA SER J 318 105.53 24.04 -79.67
C SER J 318 105.14 22.56 -79.61
N THR J 319 105.06 21.90 -80.75
CA THR J 319 104.76 20.47 -80.78
C THR J 319 105.90 19.67 -80.16
N SER J 320 107.15 20.11 -80.37
CA SER J 320 108.28 19.42 -79.78
C SER J 320 108.36 19.69 -78.28
N GLN J 321 107.85 20.83 -77.84
CA GLN J 321 107.85 21.16 -76.42
C GLN J 321 106.84 20.29 -75.70
N GLN J 322 107.12 20.00 -74.41
CA GLN J 322 106.23 19.17 -73.61
C GLN J 322 104.83 19.76 -73.57
N LEU J 323 103.85 18.97 -73.99
CA LEU J 323 102.45 19.35 -73.97
C LEU J 323 101.70 18.64 -72.86
N THR J 324 101.00 19.41 -72.03
CA THR J 324 100.20 18.86 -70.97
C THR J 324 99.03 18.08 -71.59
N PRO J 325 98.50 17.06 -70.90
CA PRO J 325 97.32 16.34 -71.43
C PRO J 325 96.16 17.23 -71.87
N TYR J 326 95.96 18.37 -71.20
CA TYR J 326 94.94 19.33 -71.60
C TYR J 326 95.19 19.83 -73.03
N SER J 327 96.41 20.31 -73.28
CA SER J 327 96.78 20.81 -74.59
C SER J 327 96.86 19.69 -75.60
N GLN J 328 97.27 18.50 -75.17
CA GLN J 328 97.28 17.34 -76.06
C GLN J 328 95.88 17.03 -76.56
N VAL J 329 94.89 17.04 -75.66
CA VAL J 329 93.50 16.78 -76.06
C VAL J 329 93.02 17.88 -76.99
N HIS J 330 93.34 19.13 -76.69
CA HIS J 330 92.91 20.24 -77.54
C HIS J 330 93.49 20.12 -78.96
N ILE J 331 94.79 19.81 -79.06
CA ILE J 331 95.43 19.66 -80.37
C ILE J 331 94.83 18.48 -81.11
N CYS J 332 94.68 17.34 -80.42
CA CYS J 332 94.14 16.15 -81.06
C CYS J 332 92.71 16.35 -81.53
N LEU J 333 91.93 17.15 -80.81
CA LEU J 333 90.57 17.47 -81.26
C LEU J 333 90.60 18.38 -82.47
N ARG J 334 91.52 19.36 -82.47
CA ARG J 334 91.67 20.21 -83.66
C ARG J 334 92.14 19.41 -84.86
N SER J 335 93.03 18.44 -84.65
CA SER J 335 93.55 17.63 -85.73
C SER J 335 92.69 16.39 -86.02
N GLY J 336 91.70 16.11 -85.20
CA GLY J 336 90.85 14.95 -85.40
C GLY J 336 91.42 13.64 -84.95
N ASN J 337 92.52 13.65 -84.19
CA ASN J 337 93.15 12.43 -83.68
C ASN J 337 92.37 11.95 -82.45
N TYR J 338 91.14 11.48 -82.71
CA TYR J 338 90.22 11.15 -81.62
C TYR J 338 90.67 9.94 -80.82
N GLN J 339 91.35 8.98 -81.45
CA GLN J 339 91.86 7.82 -80.73
C GLN J 339 92.86 8.24 -79.67
N GLU J 340 93.69 9.25 -79.97
CA GLU J 340 94.59 9.79 -78.97
C GLU J 340 93.84 10.45 -77.83
N VAL J 341 92.70 11.10 -78.12
CA VAL J 341 91.89 11.69 -77.07
C VAL J 341 91.36 10.59 -76.15
N ILE J 342 90.93 9.47 -76.73
CA ILE J 342 90.44 8.35 -75.94
C ILE J 342 91.55 7.79 -75.06
N GLN J 343 92.76 7.64 -75.61
CA GLN J 343 93.88 7.12 -74.83
C GLN J 343 94.27 8.07 -73.70
N ILE J 344 94.26 9.38 -73.97
CA ILE J 344 94.56 10.37 -72.95
C ILE J 344 93.53 10.30 -71.83
N PHE J 345 92.25 10.17 -72.20
CA PHE J 345 91.19 10.08 -71.19
C PHE J 345 91.32 8.82 -70.35
N ILE J 346 91.66 7.69 -70.98
CA ILE J 346 91.84 6.45 -70.22
C ILE J 346 93.00 6.58 -69.25
N GLU J 347 94.12 7.15 -69.71
CA GLU J 347 95.26 7.38 -68.83
C GLU J 347 94.91 8.35 -67.71
N ASP J 348 94.16 9.40 -68.03
CA ASP J 348 93.77 10.40 -67.04
C ASP J 348 92.84 9.81 -65.98
N ASN J 349 92.07 8.79 -66.34
CA ASN J 349 91.20 8.13 -65.36
C ASN J 349 92.00 7.58 -64.18
N LEU J 350 93.25 7.18 -64.41
CA LEU J 350 94.11 6.72 -63.33
C LEU J 350 94.62 7.89 -62.49
N THR J 351 94.96 9.01 -63.13
CA THR J 351 95.58 10.13 -62.44
C THR J 351 94.60 11.20 -61.98
N LEU J 352 93.41 11.29 -62.61
CA LEU J 352 92.39 12.30 -62.29
C LEU J 352 92.91 13.73 -62.49
N SER J 353 93.87 13.91 -63.41
CA SER J 353 94.48 15.22 -63.59
C SER J 353 93.55 16.19 -64.31
N LEU J 354 92.87 15.73 -65.36
CA LEU J 354 92.06 16.62 -66.17
C LEU J 354 90.84 17.09 -65.38
N PRO J 355 90.36 18.30 -65.65
CA PRO J 355 89.09 18.73 -65.05
C PRO J 355 87.93 17.87 -65.55
N VAL J 356 86.98 17.60 -64.65
CA VAL J 356 85.78 16.87 -65.01
C VAL J 356 84.95 17.67 -66.01
N GLN J 357 84.82 18.98 -65.78
CA GLN J 357 84.03 19.83 -66.66
C GLN J 357 84.63 19.89 -68.06
N PHE J 358 85.97 19.90 -68.14
CA PHE J 358 86.62 19.89 -69.45
C PHE J 358 86.30 18.63 -70.22
N ARG J 359 86.37 17.48 -69.55
CA ARG J 359 86.04 16.20 -70.20
C ARG J 359 84.59 16.17 -70.64
N GLN J 360 83.68 16.69 -69.80
CA GLN J 360 82.28 16.75 -70.17
C GLN J 360 82.05 17.65 -71.37
N SER J 361 82.75 18.78 -71.43
CA SER J 361 82.63 19.68 -72.58
C SER J 361 83.16 19.02 -73.84
N VAL J 362 84.27 18.28 -73.73
CA VAL J 362 84.80 17.55 -74.88
C VAL J 362 83.78 16.54 -75.38
N LEU J 363 83.17 15.80 -74.45
CA LEU J 363 82.15 14.81 -74.82
C LEU J 363 80.95 15.49 -75.46
N ARG J 364 80.56 16.66 -74.95
CA ARG J 364 79.44 17.39 -75.52
C ARG J 364 79.73 17.84 -76.95
N GLU J 365 80.93 18.36 -77.19
CA GLU J 365 81.30 18.78 -78.53
C GLU J 365 81.37 17.60 -79.49
N LEU J 366 81.87 16.46 -79.01
CA LEU J 366 81.90 15.25 -79.83
C LEU J 366 80.48 14.81 -80.19
N PHE J 367 79.56 14.85 -79.23
CA PHE J 367 78.18 14.48 -79.52
C PHE J 367 77.54 15.45 -80.50
N LYS J 368 77.83 16.74 -80.36
CA LYS J 368 77.32 17.74 -81.31
C LYS J 368 77.83 17.46 -82.71
N LYS J 369 79.14 17.19 -82.84
CA LYS J 369 79.71 16.86 -84.14
C LYS J 369 79.09 15.61 -84.74
N ALA J 370 78.87 14.58 -83.90
CA ALA J 370 78.23 13.35 -84.36
C ALA J 370 76.82 13.62 -84.85
N GLN J 371 76.10 14.50 -84.16
CA GLN J 371 74.72 14.80 -84.56
C GLN J 371 74.67 15.58 -85.86
N GLN J 372 75.59 16.54 -86.05
CA GLN J 372 75.64 17.27 -87.32
C GLN J 372 75.96 16.37 -88.51
N GLY J 373 76.77 15.34 -88.28
CA GLY J 373 77.17 14.45 -89.36
C GLY J 373 78.30 13.57 -88.89
N ASN J 374 79.03 12.99 -89.85
CA ASN J 374 80.23 12.19 -89.58
C ASN J 374 79.90 11.02 -88.64
N GLU J 375 79.11 10.09 -89.17
CA GLU J 375 78.62 8.95 -88.40
C GLU J 375 79.73 8.09 -87.80
N ALA J 376 80.95 8.17 -88.36
CA ALA J 376 82.10 7.47 -87.77
C ALA J 376 82.40 7.92 -86.35
N LEU J 377 81.96 9.12 -85.97
CA LEU J 377 82.20 9.65 -84.63
C LEU J 377 81.36 8.96 -83.55
N ASP J 378 80.36 8.17 -83.93
CA ASP J 378 79.53 7.47 -82.95
C ASP J 378 80.38 6.53 -82.08
N GLU J 379 81.39 5.90 -82.68
CA GLU J 379 82.33 5.12 -81.90
C GLU J 379 83.08 6.00 -80.91
N ILE J 380 83.54 7.16 -81.36
CA ILE J 380 84.30 8.07 -80.52
C ILE J 380 83.45 8.59 -79.38
N CYS J 381 82.20 8.95 -79.67
CA CYS J 381 81.29 9.46 -78.65
C CYS J 381 81.06 8.43 -77.55
N PHE J 382 80.80 7.18 -77.95
CA PHE J 382 80.64 6.13 -76.95
C PHE J 382 81.90 5.94 -76.13
N LYS J 383 83.07 5.96 -76.79
CA LYS J 383 84.31 5.67 -76.10
C LYS J 383 84.62 6.72 -75.04
N VAL J 384 84.53 8.00 -75.42
CA VAL J 384 84.80 9.05 -74.44
C VAL J 384 83.71 9.10 -73.38
N CYS J 385 82.46 8.78 -73.74
CA CYS J 385 81.40 8.72 -72.75
C CYS J 385 81.65 7.62 -71.72
N ALA J 386 82.12 6.45 -72.18
CA ALA J 386 82.46 5.38 -71.26
C ALA J 386 83.61 5.78 -70.36
N CYS J 387 84.62 6.47 -70.92
CA CYS J 387 85.73 6.96 -70.12
C CYS J 387 85.27 7.92 -69.03
N ASN J 388 84.42 8.88 -69.42
CA ASN J 388 83.89 9.85 -68.46
C ASN J 388 83.02 9.17 -67.41
N THR J 389 82.26 8.16 -67.82
CA THR J 389 81.44 7.40 -66.87
C THR J 389 82.30 6.68 -65.86
N VAL J 390 83.39 6.07 -66.31
CA VAL J 390 84.29 5.38 -65.39
C VAL J 390 84.93 6.37 -64.42
N ARG J 391 85.33 7.54 -64.93
CA ARG J 391 85.89 8.57 -64.06
C ARG J 391 84.88 9.03 -63.01
N ASP J 392 83.65 9.30 -63.43
CA ASP J 392 82.61 9.76 -62.49
C ASP J 392 82.31 8.68 -61.45
N ILE J 393 82.31 7.43 -61.87
CA ILE J 393 82.11 6.32 -60.95
C ILE J 393 83.21 6.29 -59.89
N LEU J 394 84.47 6.41 -60.34
CA LEU J 394 85.58 6.38 -59.40
C LEU J 394 85.58 7.61 -58.50
N GLU J 395 85.09 8.74 -59.00
CA GLU J 395 84.95 9.93 -58.18
C GLU J 395 83.65 9.96 -57.39
N GLY J 396 82.82 8.93 -57.50
CA GLY J 396 81.60 8.84 -56.71
C GLY J 396 80.55 9.84 -57.13
N ARG J 397 80.25 9.88 -58.42
CA ARG J 397 79.25 10.77 -58.97
C ARG J 397 78.30 9.96 -59.85
N THR J 398 77.17 10.59 -60.20
CA THR J 398 76.09 9.87 -60.87
C THR J 398 76.45 9.53 -62.30
N ILE J 399 75.85 8.45 -62.80
CA ILE J 399 76.06 8.03 -64.17
C ILE J 399 75.29 8.96 -65.10
N SER J 400 75.92 9.32 -66.22
CA SER J 400 75.33 10.28 -67.14
C SER J 400 74.13 9.69 -67.86
N VAL J 401 73.30 10.57 -68.42
CA VAL J 401 72.16 10.15 -69.21
C VAL J 401 72.63 9.53 -70.52
N GLN J 402 73.71 10.08 -71.10
CA GLN J 402 74.22 9.58 -72.37
C GLN J 402 74.77 8.16 -72.24
N PHE J 403 75.32 7.81 -71.07
CA PHE J 403 75.78 6.44 -70.87
C PHE J 403 74.63 5.46 -70.94
N ASN J 404 73.55 5.72 -70.20
CA ASN J 404 72.38 4.86 -70.23
C ASN J 404 71.76 4.84 -71.62
N GLN J 405 71.77 5.98 -72.31
CA GLN J 405 71.27 6.04 -73.68
C GLN J 405 72.07 5.14 -74.61
N LEU J 406 73.40 5.15 -74.47
CA LEU J 406 74.23 4.31 -75.30
C LEU J 406 74.14 2.85 -74.92
N PHE J 407 73.76 2.53 -73.69
CA PHE J 407 73.59 1.17 -73.24
C PHE J 407 72.17 0.66 -73.40
N LEU J 408 71.30 1.43 -74.05
CA LEU J 408 70.00 0.92 -74.45
C LEU J 408 70.12 -0.24 -75.42
N ARG J 409 71.18 -0.26 -76.21
CA ARG J 409 71.38 -1.25 -77.27
C ARG J 409 72.78 -1.85 -77.10
N PRO J 410 73.01 -2.62 -76.04
CA PRO J 410 74.36 -3.14 -75.79
C PRO J 410 74.80 -4.12 -76.86
N ASN J 411 76.10 -4.10 -77.12
CA ASN J 411 76.74 -4.95 -78.12
C ASN J 411 77.96 -5.60 -77.50
N LYS J 412 78.56 -6.52 -78.26
CA LYS J 412 79.83 -7.12 -77.82
C LYS J 412 80.90 -6.05 -77.68
N GLU J 413 81.04 -5.19 -78.70
CA GLU J 413 82.10 -4.19 -78.71
C GLU J 413 81.94 -3.17 -77.58
N LYS J 414 80.72 -2.71 -77.34
CA LYS J 414 80.50 -1.71 -76.29
C LYS J 414 80.91 -2.25 -74.93
N ILE J 415 80.45 -3.44 -74.60
CA ILE J 415 80.70 -4.00 -73.28
C ILE J 415 82.16 -4.38 -73.11
N ASP J 416 82.78 -4.99 -74.14
CA ASP J 416 84.19 -5.35 -73.98
C ASP J 416 85.07 -4.11 -73.88
N PHE J 417 84.75 -3.06 -74.63
CA PHE J 417 85.50 -1.81 -74.49
C PHE J 417 85.32 -1.21 -73.09
N LEU J 418 84.09 -1.26 -72.56
CA LEU J 418 83.84 -0.73 -71.22
C LEU J 418 84.64 -1.50 -70.18
N LEU J 419 84.68 -2.83 -70.30
CA LEU J 419 85.45 -3.64 -69.38
C LEU J 419 86.95 -3.36 -69.52
N GLU J 420 87.41 -3.17 -70.76
CA GLU J 420 88.81 -2.83 -70.99
C GLU J 420 89.18 -1.50 -70.34
N VAL J 421 88.30 -0.50 -70.46
CA VAL J 421 88.54 0.80 -69.84
C VAL J 421 88.57 0.67 -68.32
N CYS J 422 87.63 -0.10 -67.76
CA CYS J 422 87.59 -0.30 -66.32
C CYS J 422 88.87 -0.96 -65.81
N SER J 423 89.32 -2.03 -66.50
CA SER J 423 90.54 -2.72 -66.11
C SER J 423 91.77 -1.83 -66.25
N ARG J 424 91.82 -1.04 -67.33
CA ARG J 424 92.96 -0.14 -67.52
C ARG J 424 92.99 0.95 -66.47
N SER J 425 91.82 1.42 -66.03
CA SER J 425 91.72 2.57 -65.15
C SER J 425 91.64 2.22 -63.68
N VAL J 426 91.54 0.94 -63.32
CA VAL J 426 91.35 0.63 -61.90
C VAL J 426 92.67 0.68 -61.13
N ASN J 427 93.71 -0.03 -61.60
CA ASN J 427 95.02 -0.15 -60.92
C ASN J 427 94.84 -0.70 -59.50
N LEU J 428 94.43 -1.97 -59.46
CA LEU J 428 94.02 -2.62 -58.21
C LEU J 428 95.12 -2.61 -57.15
N GLU J 429 96.37 -2.91 -57.54
CA GLU J 429 97.45 -2.99 -56.57
C GLU J 429 97.67 -1.67 -55.84
N LYS J 430 97.47 -0.55 -56.52
CA LYS J 430 97.59 0.77 -55.91
C LYS J 430 96.28 1.28 -55.33
N ALA J 431 95.14 0.88 -55.93
CA ALA J 431 93.86 1.49 -55.62
C ALA J 431 93.43 1.23 -54.18
N SER J 432 92.70 2.19 -53.62
CA SER J 432 92.13 2.07 -52.30
C SER J 432 90.91 1.15 -52.35
N GLU J 433 90.44 0.76 -51.15
CA GLU J 433 89.21 -0.01 -51.08
C GLU J 433 88.01 0.80 -51.55
N SER J 434 88.08 2.13 -51.44
CA SER J 434 86.99 2.99 -51.91
C SER J 434 86.80 2.87 -53.41
N LEU J 435 87.89 3.01 -54.18
CA LEU J 435 87.79 2.91 -55.64
C LEU J 435 87.42 1.49 -56.07
N LYS J 436 87.94 0.49 -55.37
CA LYS J 436 87.58 -0.89 -55.67
C LYS J 436 86.09 -1.13 -55.47
N GLY J 437 85.55 -0.64 -54.36
CA GLY J 437 84.12 -0.77 -54.12
C GLY J 437 83.28 0.00 -55.12
N ASN J 438 83.74 1.19 -55.52
CA ASN J 438 83.02 1.98 -56.51
C ASN J 438 82.95 1.27 -57.85
N MET J 439 84.08 0.76 -58.32
CA MET J 439 84.11 0.04 -59.59
C MET J 439 83.31 -1.25 -59.52
N ALA J 440 83.39 -1.96 -58.39
CA ALA J 440 82.62 -3.18 -58.18
C ALA J 440 81.13 -2.90 -58.27
N ALA J 441 80.67 -1.85 -57.58
CA ALA J 441 79.26 -1.48 -57.59
C ALA J 441 78.82 -1.07 -58.99
N PHE J 442 79.67 -0.35 -59.71
CA PHE J 442 79.35 0.07 -61.08
C PHE J 442 79.16 -1.13 -62.00
N LEU J 443 80.06 -2.11 -61.91
CA LEU J 443 79.90 -3.32 -62.72
C LEU J 443 78.66 -4.09 -62.31
N LYS J 444 78.39 -4.16 -61.00
CA LYS J 444 77.19 -4.81 -60.48
C LYS J 444 75.93 -4.20 -61.07
N ASN J 445 75.87 -2.88 -61.11
CA ASN J 445 74.68 -2.20 -61.58
C ASN J 445 74.58 -2.22 -63.09
N VAL J 446 75.70 -2.24 -63.81
CA VAL J 446 75.64 -2.44 -65.25
C VAL J 446 75.12 -3.83 -65.55
N CYS J 447 75.51 -4.82 -64.72
CA CYS J 447 75.01 -6.18 -64.89
C CYS J 447 73.50 -6.23 -64.73
N LEU J 448 72.96 -5.48 -63.76
CA LEU J 448 71.51 -5.50 -63.57
C LEU J 448 70.76 -4.87 -64.74
N GLY J 449 71.37 -3.89 -65.41
CA GLY J 449 70.77 -3.16 -66.50
C GLY J 449 70.77 -3.83 -67.85
N LEU J 450 71.23 -5.08 -67.96
CA LEU J 450 71.29 -5.78 -69.24
C LEU J 450 70.14 -6.76 -69.36
N GLU J 451 69.25 -6.51 -70.33
CA GLU J 451 68.17 -7.45 -70.62
C GLU J 451 68.74 -8.79 -71.10
N ASP J 452 69.70 -8.74 -72.02
CA ASP J 452 70.32 -9.95 -72.54
C ASP J 452 71.15 -10.61 -71.43
N LEU J 453 71.24 -11.94 -71.52
CA LEU J 453 71.95 -12.70 -70.50
C LEU J 453 73.37 -13.08 -70.88
N GLN J 454 73.67 -13.16 -72.18
CA GLN J 454 75.03 -13.45 -72.61
C GLN J 454 75.99 -12.35 -72.18
N TYR J 455 75.55 -11.09 -72.25
CA TYR J 455 76.37 -9.97 -71.81
C TYR J 455 76.64 -10.04 -70.32
N VAL J 456 75.64 -10.46 -69.52
CA VAL J 456 75.81 -10.60 -68.08
C VAL J 456 76.89 -11.64 -67.79
N PHE J 457 76.83 -12.78 -68.46
CA PHE J 457 77.82 -13.84 -68.25
C PHE J 457 79.20 -13.37 -68.68
N MET J 458 79.29 -12.69 -69.82
CA MET J 458 80.59 -12.25 -70.32
C MET J 458 81.20 -11.16 -69.46
N ILE J 459 80.39 -10.33 -68.79
CA ILE J 459 80.94 -9.45 -67.77
C ILE J 459 81.36 -10.27 -66.55
N SER J 460 80.57 -11.29 -66.20
CA SER J 460 80.88 -12.13 -65.04
C SER J 460 82.20 -12.89 -65.24
N SER J 461 82.49 -13.30 -66.47
CA SER J 461 83.73 -14.00 -66.75
C SER J 461 84.95 -13.11 -66.77
N HIS J 462 84.76 -11.78 -66.79
CA HIS J 462 85.89 -10.86 -66.85
C HIS J 462 86.74 -10.96 -65.58
N GLU J 463 88.05 -10.84 -65.75
CA GLU J 463 88.98 -10.99 -64.63
C GLU J 463 88.78 -9.91 -63.58
N LEU J 464 88.54 -8.67 -64.01
CA LEU J 464 88.32 -7.57 -63.08
C LEU J 464 87.09 -7.82 -62.21
N PHE J 465 86.01 -8.31 -62.83
CA PHE J 465 84.79 -8.62 -62.11
C PHE J 465 85.02 -9.70 -61.06
N ILE J 466 85.75 -10.76 -61.43
CA ILE J 466 85.98 -11.86 -60.51
C ILE J 466 86.87 -11.41 -59.36
N THR J 467 87.91 -10.64 -59.65
CA THR J 467 88.80 -10.16 -58.60
C THR J 467 88.09 -9.22 -57.64
N LEU J 468 87.26 -8.30 -58.16
CA LEU J 468 86.65 -7.29 -57.31
C LEU J 468 85.55 -7.87 -56.44
N LEU J 469 84.73 -8.77 -57.00
CA LEU J 469 83.61 -9.32 -56.26
C LEU J 469 84.00 -10.61 -55.54
N LYS J 470 83.33 -10.85 -54.42
CA LYS J 470 83.42 -12.14 -53.77
C LYS J 470 82.66 -13.17 -54.58
N ASP J 471 83.12 -14.43 -54.51
CA ASP J 471 82.44 -15.52 -55.21
C ASP J 471 80.99 -15.66 -54.76
N GLU J 472 80.71 -15.39 -53.49
CA GLU J 472 79.35 -15.49 -52.97
C GLU J 472 78.42 -14.49 -53.65
N GLU J 473 78.81 -13.21 -53.66
CA GLU J 473 77.96 -12.18 -54.26
C GLU J 473 77.88 -12.33 -55.77
N ARG J 474 78.96 -12.75 -56.42
CA ARG J 474 78.92 -13.03 -57.86
C ARG J 474 77.93 -14.16 -58.16
N LYS J 475 77.97 -15.22 -57.36
CA LYS J 475 77.02 -16.33 -57.51
C LYS J 475 75.60 -15.84 -57.30
N LEU J 476 75.40 -15.00 -56.28
CA LEU J 476 74.08 -14.45 -56.02
C LEU J 476 73.59 -13.62 -57.19
N LEU J 477 74.46 -12.79 -57.76
CA LEU J 477 74.09 -11.94 -58.88
C LEU J 477 73.72 -12.76 -60.10
N VAL J 478 74.53 -13.78 -60.44
CA VAL J 478 74.19 -14.59 -61.61
C VAL J 478 72.91 -15.37 -61.35
N ASP J 479 72.66 -15.77 -60.10
CA ASP J 479 71.38 -16.41 -59.77
C ASP J 479 70.21 -15.47 -60.03
N GLN J 480 70.33 -14.22 -59.59
CA GLN J 480 69.27 -13.24 -59.82
C GLN J 480 69.05 -13.00 -61.31
N MET J 481 70.14 -12.85 -62.07
CA MET J 481 69.99 -12.55 -63.49
C MET J 481 69.49 -13.76 -64.25
N ARG J 482 69.74 -14.97 -63.74
CA ARG J 482 69.22 -16.17 -64.37
C ARG J 482 67.73 -16.37 -64.07
N LYS J 483 67.32 -16.07 -62.85
CA LYS J 483 65.90 -16.12 -62.52
C LYS J 483 65.14 -14.90 -63.02
N ARG J 484 65.83 -13.90 -63.57
CA ARG J 484 65.13 -12.80 -64.24
C ARG J 484 64.35 -13.32 -65.44
N SER J 485 64.95 -14.21 -66.21
CA SER J 485 64.34 -14.79 -67.41
C SER J 485 64.51 -16.31 -67.36
N PRO J 486 63.77 -17.00 -66.49
CA PRO J 486 64.03 -18.42 -66.26
C PRO J 486 63.36 -19.30 -67.32
N ARG J 487 64.19 -20.02 -68.07
CA ARG J 487 63.66 -21.04 -68.97
C ARG J 487 63.08 -22.18 -68.13
N VAL J 488 61.83 -22.55 -68.41
CA VAL J 488 61.11 -23.54 -67.64
C VAL J 488 60.68 -24.66 -68.58
N ASN J 489 60.86 -25.90 -68.13
CA ASN J 489 60.48 -27.07 -68.90
C ASN J 489 59.28 -27.73 -68.24
N LEU J 490 58.26 -28.03 -69.04
CA LEU J 490 57.01 -28.55 -68.52
C LEU J 490 56.57 -29.75 -69.35
N CYS J 491 55.84 -30.65 -68.71
CA CYS J 491 55.33 -31.85 -69.37
C CYS J 491 53.97 -31.55 -69.99
N ILE J 492 53.88 -31.69 -71.31
CA ILE J 492 52.66 -31.39 -72.03
C ILE J 492 51.92 -32.70 -72.28
N LYS J 493 52.66 -33.79 -72.31
CA LYS J 493 52.08 -35.12 -72.56
C LYS J 493 51.20 -35.51 -71.39
N PRO J 494 49.91 -35.78 -71.59
CA PRO J 494 49.04 -36.16 -70.48
C PRO J 494 49.43 -37.48 -69.86
N VAL J 495 49.02 -37.66 -68.59
CA VAL J 495 49.33 -38.89 -67.87
C VAL J 495 48.67 -40.09 -68.58
N THR J 496 49.33 -41.24 -68.52
CA THR J 496 48.85 -42.46 -69.14
C THR J 496 49.36 -43.64 -68.34
N SER J 497 48.44 -44.38 -67.71
CA SER J 497 48.76 -45.65 -67.09
C SER J 497 48.58 -46.80 -68.09
N PHE J 498 49.21 -46.65 -69.25
CA PHE J 498 48.97 -47.51 -70.40
C PHE J 498 49.97 -48.66 -70.37
N TYR J 499 49.62 -49.71 -69.63
CA TYR J 499 50.42 -50.93 -69.60
C TYR J 499 49.50 -52.13 -69.50
N ASP J 500 49.87 -53.20 -70.19
CA ASP J 500 49.06 -54.43 -70.22
C ASP J 500 49.26 -55.20 -68.92
N ILE J 501 48.59 -54.72 -67.87
CA ILE J 501 48.63 -55.35 -66.55
C ILE J 501 47.19 -55.50 -66.04
N PRO J 502 46.46 -56.56 -66.42
CA PRO J 502 46.82 -57.65 -67.33
C PRO J 502 46.70 -57.26 -68.80
N ALA J 503 46.97 -58.22 -69.69
CA ALA J 503 46.89 -57.99 -71.14
C ALA J 503 45.54 -58.40 -71.73
N SER J 504 44.46 -58.29 -70.96
CA SER J 504 43.14 -58.69 -71.44
C SER J 504 42.68 -57.76 -72.56
N ALA J 505 41.79 -58.29 -73.40
CA ALA J 505 41.26 -57.51 -74.52
C ALA J 505 40.45 -56.31 -74.05
N SER J 506 39.71 -56.46 -72.94
CA SER J 506 38.92 -55.35 -72.42
C SER J 506 39.81 -54.18 -72.02
N VAL J 507 40.93 -54.46 -71.35
CA VAL J 507 41.86 -53.41 -70.95
C VAL J 507 42.45 -52.73 -72.18
N ASN J 508 42.81 -53.52 -73.20
CA ASN J 508 43.34 -52.96 -74.43
C ASN J 508 42.33 -52.05 -75.12
N ILE J 509 41.07 -52.48 -75.19
CA ILE J 509 40.03 -51.66 -75.81
C ILE J 509 39.81 -50.37 -75.02
N GLY J 510 39.79 -50.49 -73.68
CA GLY J 510 39.58 -49.31 -72.85
C GLY J 510 40.70 -48.30 -72.98
N GLN J 511 41.95 -48.76 -72.96
CA GLN J 511 43.06 -47.82 -73.08
C GLN J 511 43.16 -47.27 -74.49
N LEU J 512 42.74 -48.03 -75.49
CA LEU J 512 42.65 -47.47 -76.84
C LEU J 512 41.60 -46.38 -76.91
N GLU J 513 40.46 -46.58 -76.25
CA GLU J 513 39.43 -45.54 -76.18
C GLU J 513 39.95 -44.30 -75.46
N HIS J 514 40.71 -44.49 -74.39
CA HIS J 514 41.32 -43.37 -73.69
C HIS J 514 42.27 -42.61 -74.59
N GLN J 515 43.11 -43.35 -75.34
CA GLN J 515 44.02 -42.73 -76.29
C GLN J 515 43.24 -41.96 -77.35
N LEU J 516 42.14 -42.53 -77.82
CA LEU J 516 41.29 -41.87 -78.82
C LEU J 516 40.73 -40.57 -78.28
N ILE J 517 40.26 -40.58 -77.03
CA ILE J 517 39.75 -39.37 -76.39
C ILE J 517 40.85 -38.32 -76.32
N LEU J 518 42.03 -38.72 -75.85
CA LEU J 518 43.13 -37.77 -75.72
C LEU J 518 43.69 -37.34 -77.08
N SER J 519 43.70 -38.24 -78.07
CA SER J 519 44.32 -37.93 -79.35
C SER J 519 43.58 -36.81 -80.07
N VAL J 520 44.33 -36.05 -80.85
CA VAL J 520 43.77 -35.02 -81.71
C VAL J 520 44.27 -35.13 -83.14
N ASP J 521 45.38 -35.81 -83.39
CA ASP J 521 45.87 -36.01 -84.75
C ASP J 521 44.94 -36.97 -85.48
N PRO J 522 44.40 -36.58 -86.65
CA PRO J 522 43.48 -37.48 -87.37
C PRO J 522 44.09 -38.80 -87.81
N TRP J 523 45.39 -38.83 -88.10
CA TRP J 523 46.01 -40.07 -88.56
C TRP J 523 46.05 -41.09 -87.44
N ARG J 524 46.48 -40.66 -86.24
CA ARG J 524 46.48 -41.56 -85.09
C ARG J 524 45.08 -41.92 -84.67
N ILE J 525 44.11 -41.01 -84.87
CA ILE J 525 42.70 -41.33 -84.61
C ILE J 525 42.24 -42.45 -85.53
N ARG J 526 42.61 -42.35 -86.81
CA ARG J 526 42.28 -43.40 -87.77
C ARG J 526 42.91 -44.73 -87.38
N GLN J 527 44.17 -44.71 -86.95
CA GLN J 527 44.83 -45.94 -86.50
C GLN J 527 44.12 -46.57 -85.32
N ILE J 528 43.76 -45.74 -84.33
CA ILE J 528 43.09 -46.23 -83.13
C ILE J 528 41.74 -46.82 -83.49
N LEU J 529 40.99 -46.15 -84.36
CA LEU J 529 39.67 -46.64 -84.72
C LEU J 529 39.75 -47.90 -85.57
N ILE J 530 40.76 -48.00 -86.43
CA ILE J 530 40.99 -49.22 -87.20
C ILE J 530 41.25 -50.39 -86.27
N GLU J 531 42.14 -50.21 -85.29
CA GLU J 531 42.42 -51.28 -84.33
C GLU J 531 41.18 -51.65 -83.53
N LEU J 532 40.41 -50.64 -83.10
CA LEU J 532 39.23 -50.87 -82.28
C LEU J 532 38.18 -51.66 -83.04
N HIS J 533 37.91 -51.26 -84.29
CA HIS J 533 37.02 -52.08 -85.10
C HIS J 533 37.66 -53.42 -85.45
N GLY J 534 38.98 -53.51 -85.33
CA GLY J 534 39.71 -54.75 -85.48
C GLY J 534 39.28 -55.82 -84.52
N MET J 535 39.44 -55.57 -83.22
CA MET J 535 39.15 -56.66 -82.27
C MET J 535 37.71 -56.66 -81.78
N THR J 536 36.86 -55.80 -82.30
CA THR J 536 35.46 -55.70 -81.89
C THR J 536 34.54 -55.98 -83.08
N SER J 537 33.24 -55.93 -82.81
CA SER J 537 32.21 -56.22 -83.80
C SER J 537 31.07 -55.24 -83.61
N GLU J 538 30.82 -54.42 -84.64
CA GLU J 538 29.75 -53.40 -84.72
C GLU J 538 29.54 -52.65 -83.40
N ARG J 539 30.66 -52.20 -82.83
CA ARG J 539 30.59 -51.53 -81.54
C ARG J 539 30.10 -50.09 -81.65
N GLN J 540 30.30 -49.45 -82.80
CA GLN J 540 29.91 -48.05 -83.06
C GLN J 540 30.58 -47.10 -82.06
N PHE J 541 31.91 -47.02 -82.17
CA PHE J 541 32.76 -46.25 -81.27
C PHE J 541 32.52 -44.74 -81.31
N TRP J 542 31.62 -44.22 -82.13
CA TRP J 542 31.29 -42.80 -82.05
C TRP J 542 30.67 -42.43 -80.71
N THR J 543 30.14 -43.41 -79.99
CA THR J 543 29.49 -43.23 -78.70
C THR J 543 30.49 -43.18 -77.53
N VAL J 544 31.80 -43.32 -77.82
CA VAL J 544 32.81 -43.54 -76.77
C VAL J 544 32.89 -42.37 -75.78
N SER J 545 32.56 -41.15 -76.22
CA SER J 545 32.56 -40.01 -75.31
C SER J 545 31.25 -39.25 -75.47
N ASN J 546 30.57 -39.02 -74.35
CA ASN J 546 29.37 -38.18 -74.34
C ASN J 546 29.70 -36.74 -74.66
N LYS J 547 30.92 -36.29 -74.38
CA LYS J 547 31.30 -34.91 -74.61
C LYS J 547 31.53 -34.61 -76.09
N TRP J 548 31.70 -35.63 -76.92
CA TRP J 548 31.71 -35.45 -78.37
C TRP J 548 30.31 -35.09 -78.82
N GLU J 549 30.13 -33.84 -79.27
CA GLU J 549 28.83 -33.35 -79.66
C GLU J 549 28.90 -32.81 -81.08
N VAL J 550 27.86 -33.09 -81.85
CA VAL J 550 27.71 -32.61 -83.22
C VAL J 550 26.35 -31.92 -83.31
N PRO J 551 26.19 -30.86 -84.11
CA PRO J 551 24.86 -30.27 -84.30
C PRO J 551 23.88 -31.29 -84.87
N SER J 552 22.64 -31.23 -84.37
CA SER J 552 21.62 -32.20 -84.78
C SER J 552 21.35 -32.18 -86.28
N VAL J 553 21.55 -31.02 -86.92
CA VAL J 553 21.37 -30.92 -88.37
C VAL J 553 22.34 -31.83 -89.11
N TYR J 554 23.50 -32.11 -88.51
CA TYR J 554 24.50 -32.99 -89.11
C TYR J 554 24.46 -34.41 -88.58
N SER J 555 23.85 -34.62 -87.41
CA SER J 555 23.87 -35.94 -86.79
C SER J 555 23.17 -36.98 -87.65
N GLY J 556 22.01 -36.61 -88.21
CA GLY J 556 21.26 -37.55 -89.03
C GLY J 556 22.02 -37.96 -90.29
N VAL J 557 22.58 -36.98 -90.99
CA VAL J 557 23.30 -37.30 -92.23
C VAL J 557 24.59 -38.06 -91.93
N ILE J 558 25.29 -37.72 -90.83
CA ILE J 558 26.54 -38.41 -90.52
C ILE J 558 26.27 -39.85 -90.11
N LEU J 559 25.29 -40.07 -89.23
CA LEU J 559 25.00 -41.42 -88.77
C LEU J 559 24.41 -42.33 -89.84
N GLY J 560 23.98 -41.77 -90.98
CA GLY J 560 23.52 -42.57 -92.08
C GLY J 560 24.60 -43.24 -92.91
N ILE J 561 25.87 -42.95 -92.64
CA ILE J 561 26.96 -43.61 -93.34
C ILE J 561 26.91 -45.11 -93.05
N LYS J 562 27.20 -45.92 -94.07
CA LYS J 562 26.97 -47.36 -93.96
C LYS J 562 28.09 -48.04 -93.18
N ASP J 563 29.33 -47.86 -93.64
CA ASP J 563 30.47 -48.50 -92.99
C ASP J 563 30.62 -47.97 -91.57
N ASN J 564 30.78 -48.90 -90.62
CA ASN J 564 30.94 -48.50 -89.22
C ASN J 564 32.21 -47.69 -89.01
N LEU J 565 33.31 -48.10 -89.63
CA LEU J 565 34.57 -47.37 -89.48
C LEU J 565 34.49 -45.99 -90.09
N THR J 566 33.93 -45.87 -91.29
CA THR J 566 33.82 -44.56 -91.93
C THR J 566 32.88 -43.64 -91.16
N ARG J 567 31.75 -44.17 -90.70
CA ARG J 567 30.80 -43.38 -89.92
C ARG J 567 31.45 -42.88 -88.63
N ASP J 568 32.11 -43.78 -87.91
CA ASP J 568 32.77 -43.40 -86.66
C ASP J 568 33.86 -42.38 -86.91
N LEU J 569 34.67 -42.58 -87.96
CA LEU J 569 35.76 -41.67 -88.26
C LEU J 569 35.23 -40.28 -88.60
N VAL J 570 34.17 -40.21 -89.40
CA VAL J 570 33.57 -38.92 -89.75
C VAL J 570 33.01 -38.24 -88.52
N TYR J 571 32.35 -38.99 -87.65
CA TYR J 571 31.77 -38.41 -86.44
C TYR J 571 32.85 -37.88 -85.51
N ILE J 572 33.93 -38.65 -85.32
CA ILE J 572 35.01 -38.21 -84.43
C ILE J 572 35.71 -36.98 -85.01
N LEU J 573 35.93 -36.95 -86.32
CA LEU J 573 36.55 -35.78 -86.93
C LEU J 573 35.68 -34.54 -86.77
N MET J 574 34.37 -34.69 -87.04
CA MET J 574 33.37 -33.65 -86.74
C MET J 574 33.52 -33.11 -85.33
N ALA J 575 33.38 -33.99 -84.34
CA ALA J 575 33.31 -33.58 -82.95
C ALA J 575 34.59 -32.93 -82.50
N LYS J 576 35.73 -33.55 -82.83
CA LYS J 576 37.02 -33.05 -82.38
C LYS J 576 37.37 -31.74 -83.04
N GLY J 577 37.10 -31.61 -84.35
CA GLY J 577 37.37 -30.35 -85.02
C GLY J 577 36.50 -29.22 -84.50
N LEU J 578 35.22 -29.51 -84.24
CA LEU J 578 34.34 -28.48 -83.67
C LEU J 578 34.81 -28.06 -82.29
N HIS J 579 35.19 -29.04 -81.45
CA HIS J 579 35.68 -28.71 -80.11
C HIS J 579 36.97 -27.92 -80.16
N CYS J 580 37.89 -28.29 -81.06
CA CYS J 580 39.13 -27.54 -81.23
C CYS J 580 38.86 -26.12 -81.67
N SER J 581 37.91 -25.93 -82.60
CA SER J 581 37.51 -24.58 -82.98
C SER J 581 36.91 -23.82 -81.81
N THR J 582 36.21 -24.52 -80.91
CA THR J 582 35.65 -23.86 -79.73
C THR J 582 36.74 -23.34 -78.82
N VAL J 583 37.79 -24.14 -78.60
CA VAL J 583 38.86 -23.78 -77.67
C VAL J 583 40.01 -23.11 -78.42
N LYS J 584 39.73 -22.62 -79.63
CA LYS J 584 40.65 -21.82 -80.45
C LYS J 584 41.89 -22.59 -80.87
N ASP J 585 41.85 -23.91 -80.83
CA ASP J 585 42.94 -24.76 -81.31
C ASP J 585 42.78 -24.95 -82.82
N PHE J 586 43.05 -23.87 -83.55
CA PHE J 586 42.63 -23.77 -84.94
C PHE J 586 43.47 -24.63 -85.88
N SER J 587 44.77 -24.78 -85.63
CA SER J 587 45.59 -25.61 -86.50
C SER J 587 45.16 -27.08 -86.45
N HIS J 588 44.92 -27.59 -85.24
CA HIS J 588 44.46 -28.96 -85.08
C HIS J 588 43.07 -29.15 -85.68
N ALA J 589 42.21 -28.15 -85.51
CA ALA J 589 40.89 -28.18 -86.13
C ALA J 589 41.01 -28.23 -87.64
N LYS J 590 41.96 -27.47 -88.20
CA LYS J 590 42.19 -27.49 -89.64
C LYS J 590 42.63 -28.87 -90.10
N GLN J 591 43.53 -29.51 -89.33
CA GLN J 591 43.96 -30.86 -89.67
C GLN J 591 42.79 -31.84 -89.67
N LEU J 592 41.97 -31.79 -88.62
CA LEU J 592 40.84 -32.71 -88.51
C LEU J 592 39.82 -32.49 -89.62
N PHE J 593 39.48 -31.23 -89.89
CA PHE J 593 38.52 -30.93 -90.94
C PHE J 593 39.06 -31.27 -92.32
N ALA J 594 40.37 -31.07 -92.56
CA ALA J 594 40.95 -31.46 -93.83
C ALA J 594 40.90 -32.96 -94.02
N ALA J 595 41.19 -33.73 -92.96
CA ALA J 595 41.10 -35.18 -93.03
C ALA J 595 39.67 -35.62 -93.32
N CYS J 596 38.70 -35.02 -92.63
CA CYS J 596 37.30 -35.37 -92.85
C CYS J 596 36.87 -35.03 -94.26
N LEU J 597 37.28 -33.87 -94.78
CA LEU J 597 36.95 -33.48 -96.14
C LEU J 597 37.54 -34.45 -97.15
N GLU J 598 38.80 -34.86 -96.94
CA GLU J 598 39.43 -35.85 -97.80
C GLU J 598 38.67 -37.17 -97.78
N LEU J 599 38.22 -37.58 -96.59
CA LEU J 599 37.51 -38.85 -96.45
C LEU J 599 36.16 -38.82 -97.17
N VAL J 600 35.35 -37.78 -96.94
CA VAL J 600 34.00 -37.75 -97.48
C VAL J 600 33.95 -37.47 -98.98
N THR J 601 35.02 -36.90 -99.56
CA THR J 601 35.05 -36.66 -101.01
C THR J 601 34.89 -37.94 -101.82
N GLU J 602 35.26 -39.09 -101.25
CA GLU J 602 35.19 -40.35 -101.99
C GLU J 602 33.76 -40.74 -102.30
N PHE J 603 32.84 -40.58 -101.35
CA PHE J 603 31.53 -41.23 -101.48
C PHE J 603 30.36 -40.37 -101.03
N SER J 604 30.54 -39.08 -100.81
CA SER J 604 29.43 -38.28 -100.33
C SER J 604 29.55 -36.82 -100.76
N PRO J 605 28.69 -36.34 -101.65
CA PRO J 605 28.73 -34.92 -102.00
C PRO J 605 28.07 -34.04 -100.95
N LYS J 606 27.04 -34.56 -100.27
CA LYS J 606 26.38 -33.81 -99.21
C LYS J 606 27.35 -33.54 -98.06
N LEU J 607 28.01 -34.59 -97.58
CA LEU J 607 29.00 -34.41 -96.51
C LEU J 607 30.19 -33.60 -97.01
N ARG J 608 30.51 -33.69 -98.30
CA ARG J 608 31.57 -32.84 -98.84
C ARG J 608 31.20 -31.37 -98.74
N GLN J 609 29.96 -31.02 -99.08
CA GLN J 609 29.55 -29.62 -98.97
C GLN J 609 29.46 -29.18 -97.51
N VAL J 610 29.04 -30.09 -96.63
CA VAL J 610 29.03 -29.81 -95.19
C VAL J 610 30.45 -29.54 -94.71
N MET J 611 31.41 -30.34 -95.16
CA MET J 611 32.80 -30.15 -94.82
C MET J 611 33.32 -28.83 -95.35
N LEU J 612 32.91 -28.45 -96.55
CA LEU J 612 33.33 -27.17 -97.13
C LEU J 612 32.81 -26.01 -96.29
N ASN J 613 31.57 -26.10 -95.83
CA ASN J 613 31.02 -25.08 -94.94
C ASN J 613 31.80 -25.01 -93.64
N GLU J 614 32.14 -26.17 -93.07
CA GLU J 614 32.88 -26.17 -91.81
C GLU J 614 34.29 -25.59 -91.99
N MET J 615 34.97 -25.93 -93.09
CA MET J 615 36.27 -25.32 -93.36
C MET J 615 36.16 -23.81 -93.55
N LEU J 616 35.10 -23.35 -94.21
CA LEU J 616 34.91 -21.91 -94.37
C LEU J 616 34.72 -21.22 -93.04
N LEU J 617 33.88 -21.80 -92.16
CA LEU J 617 33.67 -21.23 -90.84
C LEU J 617 34.96 -21.22 -90.03
N LEU J 618 35.71 -22.32 -90.09
CA LEU J 618 36.98 -22.40 -89.39
C LEU J 618 37.98 -21.39 -89.92
N ASP J 619 38.01 -21.18 -91.23
CA ASP J 619 38.92 -20.21 -91.82
C ASP J 619 38.58 -18.79 -91.38
N ILE J 620 37.28 -18.47 -91.34
CA ILE J 620 36.84 -17.17 -90.82
C ILE J 620 37.32 -16.99 -89.39
N HIS J 621 37.13 -18.02 -88.56
CA HIS J 621 37.57 -17.95 -87.17
C HIS J 621 39.07 -17.77 -87.05
N THR J 622 39.85 -18.51 -87.86
CA THR J 622 41.31 -18.39 -87.83
C THR J 622 41.73 -16.97 -88.16
N HIS J 623 41.17 -16.40 -89.24
CA HIS J 623 41.55 -15.05 -89.64
C HIS J 623 41.15 -14.03 -88.60
N GLU J 624 39.96 -14.15 -88.02
CA GLU J 624 39.50 -13.16 -87.06
C GLU J 624 40.21 -13.29 -85.72
N ALA J 625 40.76 -14.46 -85.40
CA ALA J 625 41.50 -14.66 -84.16
C ALA J 625 43.01 -14.57 -84.34
N GLY J 626 43.50 -14.65 -85.56
CA GLY J 626 44.92 -14.57 -85.84
C GLY J 626 45.32 -13.23 -86.42
N THR J 627 45.42 -13.16 -87.74
CA THR J 627 45.76 -11.91 -88.43
C THR J 627 44.73 -10.81 -88.19
N GLY J 628 43.52 -11.15 -87.75
CA GLY J 628 42.55 -10.15 -87.34
C GLY J 628 43.01 -9.37 -86.12
N GLN J 629 42.15 -8.42 -85.71
CA GLN J 629 42.39 -7.47 -84.60
C GLN J 629 43.74 -6.75 -84.73
N ALA J 630 44.21 -6.61 -85.97
CA ALA J 630 45.44 -5.89 -86.27
C ALA J 630 45.31 -5.00 -87.50
N GLY J 631 44.27 -5.16 -88.32
CA GLY J 631 43.99 -4.28 -89.43
C GLY J 631 44.35 -4.83 -90.80
N GLU J 632 45.18 -5.86 -90.89
CA GLU J 632 45.53 -6.40 -92.20
C GLU J 632 44.33 -7.08 -92.84
N ARG J 633 44.14 -6.81 -94.13
CA ARG J 633 42.97 -7.26 -94.85
C ARG J 633 43.00 -8.79 -95.03
N PRO J 634 41.85 -9.41 -95.23
CA PRO J 634 41.84 -10.85 -95.48
C PRO J 634 42.20 -11.15 -96.92
N PRO J 635 42.63 -12.37 -97.22
CA PRO J 635 42.90 -12.73 -98.62
C PRO J 635 41.61 -12.82 -99.42
N SER J 636 41.74 -12.58 -100.72
CA SER J 636 40.57 -12.54 -101.60
C SER J 636 39.90 -13.91 -101.73
N ASP J 637 40.66 -14.99 -101.58
CA ASP J 637 40.07 -16.33 -101.70
C ASP J 637 39.01 -16.57 -100.63
N LEU J 638 39.29 -16.15 -99.40
CA LEU J 638 38.33 -16.31 -98.31
C LEU J 638 37.09 -15.45 -98.53
N ILE J 639 37.28 -14.24 -99.07
CA ILE J 639 36.15 -13.37 -99.41
C ILE J 639 35.27 -14.03 -100.46
N SER J 640 35.91 -14.59 -101.50
CA SER J 640 35.16 -15.26 -102.56
C SER J 640 34.44 -16.49 -102.03
N ARG J 641 35.07 -17.23 -101.11
CA ARG J 641 34.41 -18.39 -100.51
C ARG J 641 33.20 -17.96 -99.68
N VAL J 642 33.32 -16.84 -98.95
CA VAL J 642 32.18 -16.32 -98.19
C VAL J 642 31.04 -15.96 -99.13
N ARG J 643 31.37 -15.28 -100.23
CA ARG J 643 30.35 -14.91 -101.22
C ARG J 643 29.71 -16.14 -101.84
N GLY J 644 30.52 -17.16 -102.13
CA GLY J 644 29.99 -18.39 -102.70
C GLY J 644 29.04 -19.10 -101.76
N TYR J 645 29.39 -19.18 -100.48
CA TYR J 645 28.48 -19.76 -99.50
C TYR J 645 27.20 -18.95 -99.39
N LEU J 646 27.32 -17.62 -99.41
CA LEU J 646 26.13 -16.78 -99.30
C LEU J 646 25.20 -16.98 -100.47
N GLU J 647 25.74 -17.05 -101.68
CA GLU J 647 24.92 -17.08 -102.88
C GLU J 647 24.51 -18.49 -103.28
N MET J 648 25.06 -19.51 -102.66
CA MET J 648 24.61 -20.88 -102.92
C MET J 648 23.24 -21.11 -102.28
N ARG J 649 22.40 -21.89 -102.95
CA ARG J 649 21.02 -22.11 -102.52
C ARG J 649 20.64 -23.57 -102.67
N LEU J 650 21.54 -24.47 -102.29
CA LEU J 650 21.24 -25.89 -102.34
C LEU J 650 20.26 -26.26 -101.23
N PRO J 651 19.12 -26.87 -101.55
CA PRO J 651 18.10 -27.13 -100.53
C PRO J 651 18.37 -28.37 -99.68
N ASP J 652 19.02 -29.39 -100.27
CA ASP J 652 19.20 -30.65 -99.58
C ASP J 652 20.23 -30.55 -98.46
N ILE J 653 21.20 -29.66 -98.60
CA ILE J 653 22.31 -29.55 -97.63
C ILE J 653 21.77 -29.02 -96.31
N PRO J 654 22.02 -29.71 -95.19
CA PRO J 654 21.65 -29.14 -93.89
C PRO J 654 22.57 -27.98 -93.54
N LEU J 655 21.98 -26.83 -93.26
CA LEU J 655 22.72 -25.59 -93.04
C LEU J 655 22.54 -25.11 -91.62
N ARG J 656 23.63 -24.67 -91.01
CA ARG J 656 23.58 -24.01 -89.72
C ARG J 656 23.53 -22.51 -89.96
N GLN J 657 22.56 -21.85 -89.32
CA GLN J 657 22.42 -20.41 -89.49
C GLN J 657 23.62 -19.64 -88.96
N VAL J 658 24.37 -20.24 -88.04
CA VAL J 658 25.53 -19.57 -87.44
C VAL J 658 26.58 -19.26 -88.50
N ILE J 659 26.72 -20.12 -89.52
CA ILE J 659 27.72 -19.88 -90.56
C ILE J 659 27.32 -18.67 -91.39
N ALA J 660 26.03 -18.54 -91.69
CA ALA J 660 25.55 -17.36 -92.40
C ALA J 660 25.75 -16.09 -91.56
N GLU J 661 25.48 -16.18 -90.26
CA GLU J 661 25.73 -15.06 -89.36
C GLU J 661 27.20 -14.64 -89.42
N GLU J 662 28.10 -15.61 -89.30
CA GLU J 662 29.53 -15.33 -89.31
C GLU J 662 29.98 -14.78 -90.65
N CYS J 663 29.40 -15.25 -91.75
CA CYS J 663 29.74 -14.72 -93.07
C CYS J 663 29.32 -13.26 -93.21
N VAL J 664 28.11 -12.93 -92.76
CA VAL J 664 27.65 -11.54 -92.83
C VAL J 664 28.50 -10.67 -91.92
N ALA J 665 28.87 -11.18 -90.74
CA ALA J 665 29.75 -10.44 -89.84
C ALA J 665 31.13 -10.23 -90.46
N PHE J 666 31.65 -11.26 -91.15
CA PHE J 666 32.91 -11.14 -91.85
C PHE J 666 32.86 -10.05 -92.90
N MET J 667 31.78 -10.01 -93.67
CA MET J 667 31.64 -8.99 -94.71
C MET J 667 31.53 -7.60 -94.10
N LEU J 668 30.73 -7.45 -93.05
CA LEU J 668 30.54 -6.15 -92.43
C LEU J 668 31.81 -5.64 -91.77
N ASN J 669 32.55 -6.53 -91.09
CA ASN J 669 33.75 -6.12 -90.36
C ASN J 669 34.82 -5.59 -91.30
N TRP J 670 34.97 -6.21 -92.47
CA TRP J 670 36.04 -5.86 -93.40
C TRP J 670 35.59 -4.87 -94.46
N ARG J 671 34.54 -4.09 -94.17
CA ARG J 671 34.11 -2.96 -95.00
C ARG J 671 33.77 -3.39 -96.43
N GLU J 672 33.15 -4.55 -96.56
CA GLU J 672 32.60 -5.00 -97.84
C GLU J 672 31.17 -4.48 -97.99
N ASN J 673 31.04 -3.16 -97.91
CA ASN J 673 29.73 -2.52 -98.01
C ASN J 673 29.17 -2.60 -99.42
N GLU J 674 30.05 -2.52 -100.44
CA GLU J 674 29.59 -2.54 -101.82
C GLU J 674 28.89 -3.85 -102.17
N TYR J 675 29.48 -4.98 -101.76
CA TYR J 675 28.88 -6.27 -102.02
C TYR J 675 27.51 -6.39 -101.37
N LEU J 676 27.43 -6.03 -100.09
CA LEU J 676 26.17 -6.13 -99.34
C LEU J 676 25.09 -5.24 -99.94
N THR J 677 25.45 -4.01 -100.33
CA THR J 677 24.45 -3.06 -100.74
C THR J 677 24.11 -3.12 -102.23
N LEU J 678 24.93 -3.79 -103.04
CA LEU J 678 24.67 -3.91 -104.47
C LEU J 678 24.51 -5.35 -104.94
N GLN J 679 25.48 -6.22 -104.64
CA GLN J 679 25.64 -7.47 -105.36
C GLN J 679 24.93 -8.64 -104.71
N VAL J 680 24.19 -8.42 -103.63
CA VAL J 680 23.51 -9.52 -102.95
C VAL J 680 22.24 -9.88 -103.74
N PRO J 681 21.97 -11.16 -103.96
CA PRO J 681 20.71 -11.55 -104.60
C PRO J 681 19.53 -11.25 -103.69
N ALA J 682 18.37 -11.01 -104.31
CA ALA J 682 17.20 -10.59 -103.56
C ALA J 682 16.62 -11.72 -102.71
N PHE J 683 16.74 -12.97 -103.17
CA PHE J 683 16.21 -14.09 -102.41
C PHE J 683 16.94 -14.24 -101.08
N LEU J 684 18.22 -13.88 -101.02
CA LEU J 684 18.95 -13.94 -99.76
C LEU J 684 18.46 -12.88 -98.80
N LEU J 685 18.13 -11.69 -99.31
CA LEU J 685 17.51 -10.66 -98.48
C LEU J 685 16.16 -11.11 -97.95
N GLN J 686 15.38 -11.80 -98.79
CA GLN J 686 14.04 -12.22 -98.37
C GLN J 686 14.10 -13.36 -97.37
N SER J 687 15.03 -14.31 -97.55
CA SER J 687 15.06 -15.52 -96.75
C SER J 687 15.85 -15.35 -95.45
N ASN J 688 17.12 -15.00 -95.56
CA ASN J 688 17.99 -14.89 -94.39
C ASN J 688 17.88 -13.49 -93.79
N PRO J 689 17.42 -13.34 -92.55
CA PRO J 689 17.34 -12.00 -91.97
C PRO J 689 18.70 -11.37 -91.70
N TYR J 690 19.73 -12.17 -91.43
CA TYR J 690 21.06 -11.62 -91.15
C TYR J 690 21.62 -10.92 -92.37
N VAL J 691 21.37 -11.46 -93.56
CA VAL J 691 21.86 -10.83 -94.78
C VAL J 691 21.14 -9.51 -95.03
N LYS J 692 19.82 -9.48 -94.75
CA LYS J 692 19.07 -8.24 -94.86
C LYS J 692 19.60 -7.19 -93.89
N LEU J 693 19.88 -7.61 -92.65
CA LEU J 693 20.44 -6.68 -91.67
C LEU J 693 21.81 -6.18 -92.08
N GLY J 694 22.64 -7.06 -92.62
CA GLY J 694 23.95 -6.64 -93.10
C GLY J 694 23.86 -5.65 -94.24
N GLN J 695 22.91 -5.88 -95.16
CA GLN J 695 22.69 -4.94 -96.25
C GLN J 695 22.25 -3.58 -95.73
N LEU J 696 21.32 -3.58 -94.76
CA LEU J 696 20.86 -2.33 -94.17
C LEU J 696 21.99 -1.58 -93.47
N LEU J 697 22.81 -2.30 -92.70
CA LEU J 697 23.91 -1.68 -91.97
C LEU J 697 24.94 -1.11 -92.94
N ALA J 698 25.30 -1.88 -93.96
CA ALA J 698 26.28 -1.41 -94.95
C ALA J 698 25.75 -0.18 -95.69
N ALA J 699 24.47 -0.21 -96.07
CA ALA J 699 23.89 0.91 -96.80
C ALA J 699 23.88 2.17 -95.95
N THR J 700 23.38 2.07 -94.71
CA THR J 700 23.34 3.25 -93.84
C THR J 700 24.73 3.69 -93.41
N CYS J 701 25.73 2.81 -93.48
CA CYS J 701 27.10 3.21 -93.15
C CYS J 701 27.75 3.98 -94.28
N LYS J 702 27.78 3.40 -95.49
CA LYS J 702 28.46 4.04 -96.60
C LYS J 702 27.78 5.32 -97.07
N GLU J 703 26.49 5.48 -96.81
CA GLU J 703 25.72 6.63 -97.27
C GLU J 703 25.78 7.82 -96.33
N LEU J 704 26.49 7.71 -95.20
CA LEU J 704 26.52 8.76 -94.18
C LEU J 704 26.88 10.16 -94.70
N PRO J 705 27.93 10.37 -95.52
CA PRO J 705 28.11 11.72 -96.09
C PRO J 705 26.94 12.22 -96.95
N GLY J 706 26.27 11.32 -97.66
CA GLY J 706 25.16 11.69 -98.52
C GLY J 706 23.81 11.53 -97.82
N PRO J 707 23.24 12.64 -97.31
CA PRO J 707 22.06 12.52 -96.43
C PRO J 707 20.79 12.04 -97.11
N LYS J 708 20.74 12.03 -98.45
CA LYS J 708 19.49 11.70 -99.14
C LYS J 708 19.14 10.23 -98.98
N GLU J 709 19.98 9.33 -99.49
CA GLU J 709 19.68 7.91 -99.33
C GLU J 709 19.99 7.44 -97.91
N SER J 710 20.86 8.16 -97.19
CA SER J 710 21.17 7.80 -95.81
C SER J 710 19.91 7.88 -94.95
N ARG J 711 19.11 8.93 -95.16
CA ARG J 711 17.87 9.07 -94.40
C ARG J 711 16.94 7.91 -94.65
N ARG J 712 16.76 7.51 -95.92
CA ARG J 712 15.85 6.43 -96.27
C ARG J 712 16.32 5.10 -95.66
N THR J 713 17.61 4.80 -95.81
CA THR J 713 18.15 3.58 -95.22
C THR J 713 18.07 3.61 -93.70
N ALA J 714 18.27 4.78 -93.09
CA ALA J 714 18.13 4.93 -91.66
C ALA J 714 16.70 4.61 -91.21
N LYS J 715 15.71 5.11 -91.95
CA LYS J 715 14.33 4.80 -91.60
C LYS J 715 14.04 3.31 -91.75
N ASP J 716 14.59 2.69 -92.80
CA ASP J 716 14.39 1.25 -93.02
C ASP J 716 14.99 0.44 -91.86
N LEU J 717 16.23 0.76 -91.49
CA LEU J 717 16.90 0.06 -90.40
C LEU J 717 16.18 0.30 -89.08
N TRP J 718 15.71 1.54 -88.87
CA TRP J 718 14.94 1.86 -87.68
C TRP J 718 13.68 1.03 -87.59
N GLU J 719 12.97 0.90 -88.73
CA GLU J 719 11.76 0.09 -88.76
C GLU J 719 12.07 -1.36 -88.43
N VAL J 720 13.14 -1.90 -89.01
CA VAL J 720 13.51 -3.29 -88.77
C VAL J 720 13.79 -3.50 -87.28
N VAL J 721 14.54 -2.58 -86.66
CA VAL J 721 14.92 -2.76 -85.27
C VAL J 721 13.71 -2.63 -84.35
N VAL J 722 12.87 -1.61 -84.58
CA VAL J 722 11.70 -1.44 -83.72
C VAL J 722 10.73 -2.61 -83.86
N GLN J 723 10.60 -3.19 -85.06
CA GLN J 723 9.85 -4.44 -85.19
C GLN J 723 10.50 -5.55 -84.37
N ILE J 724 11.83 -5.64 -84.38
CA ILE J 724 12.52 -6.65 -83.57
C ILE J 724 12.30 -6.38 -82.09
N CYS J 725 12.26 -5.11 -81.69
CA CYS J 725 12.18 -4.74 -80.28
C CYS J 725 10.75 -4.46 -79.82
N SER J 726 9.75 -5.12 -80.42
CA SER J 726 8.36 -4.90 -80.05
C SER J 726 7.63 -6.23 -79.91
N VAL J 727 6.57 -6.22 -79.11
CA VAL J 727 5.82 -7.43 -78.80
C VAL J 727 4.43 -7.31 -79.41
N SER J 728 3.74 -8.45 -79.49
CA SER J 728 2.38 -8.52 -79.98
C SER J 728 1.42 -8.44 -78.80
N SER J 729 0.54 -7.45 -78.82
CA SER J 729 -0.44 -7.28 -77.75
C SER J 729 -1.56 -8.31 -77.87
N ARG J 738 -0.15 -10.58 -69.50
CA ARG J 738 0.90 -9.62 -69.80
C ARG J 738 2.09 -10.30 -70.49
N VAL J 739 2.82 -9.53 -71.29
CA VAL J 739 3.92 -10.07 -72.09
C VAL J 739 5.17 -9.22 -71.86
N SER J 740 6.29 -9.89 -71.66
CA SER J 740 7.61 -9.26 -71.60
C SER J 740 8.47 -9.84 -72.71
N LEU J 741 9.15 -8.95 -73.46
CA LEU J 741 9.93 -9.39 -74.62
C LEU J 741 11.08 -10.31 -74.20
N ILE J 742 11.57 -10.17 -72.98
CA ILE J 742 12.67 -11.01 -72.51
C ILE J 742 12.15 -12.36 -72.06
N LYS J 743 11.07 -12.37 -71.27
CA LYS J 743 10.48 -13.63 -70.81
C LYS J 743 9.88 -14.40 -71.98
N GLN J 744 9.08 -13.74 -72.81
CA GLN J 744 8.49 -14.37 -73.99
C GLN J 744 9.37 -14.00 -75.17
N ARG J 745 10.40 -14.82 -75.40
CA ARG J 745 11.34 -14.60 -76.50
C ARG J 745 10.66 -14.62 -77.86
N GLU J 746 9.73 -15.56 -78.05
CA GLU J 746 9.04 -15.73 -79.33
C GLU J 746 8.07 -14.59 -79.65
N SER J 747 7.78 -13.70 -78.69
CA SER J 747 6.77 -12.68 -78.83
C SER J 747 7.21 -11.50 -79.71
N THR J 748 8.37 -11.56 -80.36
CA THR J 748 8.86 -10.46 -81.17
C THR J 748 8.00 -10.28 -82.43
N LEU J 749 8.17 -9.13 -83.07
CA LEU J 749 7.49 -8.81 -84.32
C LEU J 749 8.44 -8.70 -85.50
N GLY J 750 9.75 -8.67 -85.27
CA GLY J 750 10.73 -8.39 -86.30
C GLY J 750 11.16 -9.63 -87.04
N ILE J 751 12.14 -9.42 -87.93
CA ILE J 751 12.63 -10.49 -88.80
C ILE J 751 13.26 -11.64 -88.03
N MET J 752 13.74 -11.38 -86.81
CA MET J 752 14.28 -12.44 -85.96
C MET J 752 14.15 -11.98 -84.52
N TYR J 753 14.69 -12.78 -83.61
CA TYR J 753 14.53 -12.52 -82.19
C TYR J 753 15.52 -11.46 -81.72
N ARG J 754 15.13 -10.75 -80.66
CA ARG J 754 16.00 -9.74 -80.07
C ARG J 754 17.32 -10.34 -79.59
N SER J 755 17.27 -11.53 -79.00
CA SER J 755 18.49 -12.22 -78.58
C SER J 755 19.37 -12.55 -79.78
N GLU J 756 18.75 -12.96 -80.89
CA GLU J 756 19.50 -13.21 -82.12
C GLU J 756 20.16 -11.94 -82.62
N LEU J 757 19.42 -10.82 -82.56
CA LEU J 757 19.97 -9.53 -82.97
C LEU J 757 21.17 -9.17 -82.11
N LEU J 758 21.07 -9.35 -80.79
CA LEU J 758 22.18 -9.06 -79.89
C LEU J 758 23.38 -9.95 -80.21
N SER J 759 23.15 -11.25 -80.38
CA SER J 759 24.24 -12.18 -80.65
C SER J 759 24.89 -11.92 -82.00
N PHE J 760 24.14 -11.38 -82.96
CA PHE J 760 24.75 -11.02 -84.23
C PHE J 760 25.66 -9.81 -84.11
N ILE J 761 25.21 -8.79 -83.38
CA ILE J 761 26.04 -7.59 -83.17
C ILE J 761 27.30 -7.94 -82.40
N LYS J 762 27.23 -8.94 -81.51
CA LYS J 762 28.41 -9.36 -80.76
C LYS J 762 29.49 -9.96 -81.65
N LYS J 763 29.14 -10.34 -82.88
CA LYS J 763 30.14 -10.76 -83.86
C LYS J 763 30.76 -9.60 -84.60
N LEU J 764 30.21 -8.40 -84.46
CA LEU J 764 30.65 -7.24 -85.24
C LEU J 764 31.65 -6.43 -84.43
N ARG J 765 32.76 -6.06 -85.08
CA ARG J 765 33.82 -5.32 -84.43
C ARG J 765 34.11 -3.99 -85.12
N GLU J 766 33.54 -3.77 -86.31
CA GLU J 766 33.80 -2.56 -87.07
C GLU J 766 33.31 -1.34 -86.29
N PRO J 767 34.14 -0.32 -86.09
CA PRO J 767 33.73 0.82 -85.25
C PRO J 767 32.56 1.62 -85.80
N LEU J 768 32.49 1.87 -87.11
CA LEU J 768 31.41 2.69 -87.65
C LEU J 768 30.07 1.98 -87.56
N VAL J 769 30.05 0.67 -87.84
CA VAL J 769 28.82 -0.11 -87.76
C VAL J 769 28.29 -0.12 -86.32
N LEU J 770 29.18 -0.35 -85.36
CA LEU J 770 28.78 -0.34 -83.96
C LEU J 770 28.33 1.05 -83.53
N THR J 771 28.98 2.08 -84.05
CA THR J 771 28.56 3.45 -83.78
C THR J 771 27.14 3.69 -84.28
N ILE J 772 26.84 3.20 -85.49
CA ILE J 772 25.50 3.34 -86.06
C ILE J 772 24.48 2.61 -85.19
N ILE J 773 24.78 1.36 -84.81
CA ILE J 773 23.86 0.56 -84.03
C ILE J 773 23.62 1.21 -82.67
N LEU J 774 24.68 1.73 -82.06
CA LEU J 774 24.54 2.37 -80.76
C LEU J 774 23.74 3.66 -80.85
N SER J 775 23.95 4.45 -81.91
CA SER J 775 23.15 5.65 -82.11
C SER J 775 21.68 5.31 -82.27
N LEU J 776 21.38 4.27 -83.05
CA LEU J 776 20.00 3.84 -83.22
C LEU J 776 19.37 3.40 -81.91
N PHE J 777 20.10 2.61 -81.13
CA PHE J 777 19.53 2.10 -79.89
C PHE J 777 19.42 3.18 -78.82
N VAL J 778 20.32 4.16 -78.86
CA VAL J 778 20.23 5.30 -77.95
C VAL J 778 19.01 6.15 -78.31
N LYS J 779 18.81 6.40 -79.60
CA LYS J 779 17.63 7.14 -80.04
C LYS J 779 16.35 6.42 -79.64
N LEU J 780 16.33 5.10 -79.80
CA LEU J 780 15.18 4.30 -79.39
C LEU J 780 14.97 4.39 -77.88
N HIS J 781 16.06 4.35 -77.11
CA HIS J 781 15.94 4.40 -75.66
C HIS J 781 15.48 5.76 -75.16
N ASN J 782 15.71 6.82 -75.93
CA ASN J 782 15.37 8.16 -75.48
C ASN J 782 13.88 8.45 -75.60
N VAL J 783 13.20 7.85 -76.57
CA VAL J 783 11.86 8.30 -76.94
C VAL J 783 10.79 7.56 -76.16
N ARG J 784 11.18 6.82 -75.11
CA ARG J 784 10.19 6.13 -74.29
C ARG J 784 9.30 7.11 -73.54
N GLU J 785 9.83 8.28 -73.18
CA GLU J 785 9.12 9.31 -72.45
C GLU J 785 9.67 10.66 -72.88
N ASP J 786 9.16 11.72 -72.27
CA ASP J 786 9.72 13.05 -72.47
C ASP J 786 10.77 13.35 -71.40
N ILE J 787 11.74 12.44 -71.29
CA ILE J 787 12.77 12.53 -70.26
C ILE J 787 13.75 13.64 -70.60
N VAL J 788 14.11 14.43 -69.58
CA VAL J 788 15.06 15.52 -69.77
C VAL J 788 16.45 14.97 -70.05
N ASN J 789 16.85 13.92 -69.34
CA ASN J 789 18.17 13.33 -69.51
C ASN J 789 18.10 12.34 -70.67
N ASP J 790 18.37 12.85 -71.86
CA ASP J 790 18.41 12.05 -73.08
C ASP J 790 19.85 11.78 -73.47
N ILE J 791 20.16 10.53 -73.75
CA ILE J 791 21.51 10.13 -74.09
C ILE J 791 21.81 10.56 -75.52
N THR J 792 23.02 11.01 -75.78
CA THR J 792 23.43 11.48 -77.09
C THR J 792 24.28 10.44 -77.78
N ALA J 793 24.50 10.63 -79.08
CA ALA J 793 25.33 9.75 -79.87
C ALA J 793 25.82 10.49 -81.10
N GLU J 794 26.77 9.87 -81.82
CA GLU J 794 27.42 10.52 -82.94
C GLU J 794 26.45 10.81 -84.07
N HIS J 795 25.53 9.88 -84.34
CA HIS J 795 24.66 9.97 -85.50
C HIS J 795 23.20 9.90 -85.09
N ILE J 796 22.83 10.67 -84.05
CA ILE J 796 21.47 10.66 -83.53
C ILE J 796 20.48 11.36 -84.45
N SER J 797 20.95 12.11 -85.44
CA SER J 797 20.05 12.93 -86.23
C SER J 797 19.40 12.15 -87.36
N ILE J 798 20.06 11.13 -87.90
CA ILE J 798 19.54 10.43 -89.07
C ILE J 798 18.35 9.54 -88.76
N TRP J 799 18.07 9.28 -87.50
CA TRP J 799 16.96 8.40 -87.19
C TRP J 799 15.64 9.18 -87.18
N PRO J 800 14.52 8.53 -87.45
CA PRO J 800 13.23 9.24 -87.39
C PRO J 800 12.84 9.55 -85.95
N SER J 801 12.02 10.58 -85.79
CA SER J 801 11.56 11.01 -84.47
C SER J 801 10.17 10.48 -84.14
N SER J 802 9.63 9.55 -84.92
CA SER J 802 8.29 9.05 -84.72
C SER J 802 8.30 7.52 -84.77
N ILE J 803 7.32 6.92 -84.10
CA ILE J 803 7.16 5.48 -84.07
C ILE J 803 5.68 5.14 -84.22
N PRO J 804 5.30 4.35 -85.22
CA PRO J 804 3.96 3.75 -85.20
C PRO J 804 3.93 2.57 -84.22
N ASN J 805 2.83 2.51 -83.46
CA ASN J 805 2.60 1.48 -82.43
C ASN J 805 3.68 1.55 -81.36
N LEU J 806 3.71 2.68 -80.64
CA LEU J 806 4.63 2.89 -79.54
C LEU J 806 4.46 1.81 -78.46
N GLN J 807 3.22 1.50 -78.09
CA GLN J 807 2.95 0.62 -76.96
C GLN J 807 3.47 -0.81 -77.18
N SER J 808 3.70 -1.20 -78.43
CA SER J 808 4.26 -2.52 -78.70
C SER J 808 5.72 -2.63 -78.28
N VAL J 809 6.44 -1.50 -78.25
CA VAL J 809 7.86 -1.52 -77.91
C VAL J 809 8.03 -1.81 -76.42
N ASP J 810 8.77 -2.87 -76.11
CA ASP J 810 9.09 -3.22 -74.73
C ASP J 810 10.36 -2.47 -74.37
N PHE J 811 10.21 -1.31 -73.74
CA PHE J 811 11.36 -0.45 -73.47
C PHE J 811 12.28 -1.00 -72.40
N GLU J 812 11.78 -1.92 -71.55
CA GLU J 812 12.68 -2.65 -70.65
C GLU J 812 13.69 -3.46 -71.45
N ALA J 813 13.23 -4.16 -72.49
CA ALA J 813 14.13 -4.89 -73.36
C ALA J 813 15.07 -3.95 -74.10
N VAL J 814 14.58 -2.76 -74.48
CA VAL J 814 15.43 -1.78 -75.14
C VAL J 814 16.54 -1.31 -74.21
N ALA J 815 16.20 -1.06 -72.94
CA ALA J 815 17.21 -0.65 -71.97
C ALA J 815 18.24 -1.74 -71.74
N ILE J 816 17.77 -2.99 -71.59
CA ILE J 816 18.68 -4.12 -71.43
C ILE J 816 19.60 -4.24 -72.64
N THR J 817 19.03 -4.12 -73.84
CA THR J 817 19.79 -4.27 -75.07
C THR J 817 20.85 -3.20 -75.20
N VAL J 818 20.48 -1.94 -74.93
CA VAL J 818 21.46 -0.86 -75.06
C VAL J 818 22.54 -0.98 -74.00
N LYS J 819 22.22 -1.51 -72.82
CA LYS J 819 23.25 -1.73 -71.81
C LYS J 819 24.25 -2.79 -72.26
N GLU J 820 23.75 -3.93 -72.76
CA GLU J 820 24.66 -4.97 -73.26
C GLU J 820 25.47 -4.44 -74.43
N LEU J 821 24.85 -3.64 -75.30
CA LEU J 821 25.52 -3.13 -76.47
C LEU J 821 26.65 -2.18 -76.08
N VAL J 822 26.41 -1.30 -75.11
CA VAL J 822 27.45 -0.38 -74.66
C VAL J 822 28.60 -1.15 -74.02
N ARG J 823 28.27 -2.12 -73.16
CA ARG J 823 29.30 -2.93 -72.54
C ARG J 823 30.13 -3.68 -73.57
N TYR J 824 29.48 -4.26 -74.57
CA TYR J 824 30.20 -4.97 -75.62
C TYR J 824 31.12 -4.04 -76.40
N THR J 825 30.61 -2.86 -76.77
CA THR J 825 31.41 -1.93 -77.56
C THR J 825 32.62 -1.45 -76.77
N LEU J 826 32.45 -1.19 -75.48
CA LEU J 826 33.61 -0.82 -74.67
C LEU J 826 34.54 -2.01 -74.48
N SER J 827 34.02 -3.23 -74.51
CA SER J 827 34.90 -4.39 -74.51
C SER J 827 35.67 -4.49 -75.83
N ILE J 828 35.12 -3.94 -76.91
CA ILE J 828 35.84 -3.89 -78.17
C ILE J 828 36.92 -2.83 -78.14
N ASN J 829 36.53 -1.56 -77.99
CA ASN J 829 37.48 -0.45 -77.88
C ASN J 829 37.22 0.29 -76.58
N PRO J 830 37.94 -0.03 -75.50
CA PRO J 830 37.73 0.68 -74.23
C PRO J 830 38.09 2.15 -74.29
N ASN J 831 38.87 2.59 -75.29
CA ASN J 831 39.31 3.96 -75.38
C ASN J 831 38.53 4.77 -76.40
N ASN J 832 37.31 4.35 -76.70
CA ASN J 832 36.44 5.16 -77.55
C ASN J 832 35.68 6.11 -76.65
N HIS J 833 36.01 7.39 -76.72
CA HIS J 833 35.43 8.36 -75.81
C HIS J 833 33.95 8.56 -76.05
N SER J 834 33.49 8.41 -77.30
CA SER J 834 32.08 8.51 -77.59
C SER J 834 31.29 7.42 -76.88
N TRP J 835 31.80 6.19 -76.91
CA TRP J 835 31.12 5.10 -76.22
C TRP J 835 31.24 5.24 -74.71
N LEU J 836 32.36 5.78 -74.23
CA LEU J 836 32.49 6.07 -72.81
C LEU J 836 31.47 7.11 -72.37
N ILE J 837 31.22 8.12 -73.20
CA ILE J 837 30.23 9.13 -72.89
C ILE J 837 28.82 8.52 -72.92
N ILE J 838 28.58 7.60 -73.85
CA ILE J 838 27.28 6.92 -73.90
C ILE J 838 27.08 6.08 -72.65
N GLN J 839 28.11 5.36 -72.21
CA GLN J 839 28.03 4.59 -70.97
C GLN J 839 27.77 5.50 -69.78
N ALA J 840 28.44 6.65 -69.73
CA ALA J 840 28.27 7.58 -68.62
C ALA J 840 26.86 8.14 -68.61
N ASP J 841 26.33 8.40 -69.80
CA ASP J 841 24.97 8.94 -69.92
C ASP J 841 23.96 7.91 -69.46
N ILE J 842 24.17 6.65 -69.82
CA ILE J 842 23.31 5.57 -69.37
C ILE J 842 23.32 5.52 -67.84
N TYR J 843 24.52 5.53 -67.25
CA TYR J 843 24.62 5.48 -65.79
C TYR J 843 23.98 6.69 -65.14
N PHE J 844 24.02 7.84 -65.82
CA PHE J 844 23.42 9.05 -65.28
C PHE J 844 21.90 8.98 -65.31
N ALA J 845 21.34 8.47 -66.40
CA ALA J 845 19.89 8.30 -66.49
C ALA J 845 19.38 7.27 -65.49
N THR J 846 20.22 6.32 -65.09
CA THR J 846 19.85 5.30 -64.11
C THR J 846 20.06 5.80 -62.68
N ASN J 847 20.55 7.04 -62.51
CA ASN J 847 20.76 7.68 -61.21
C ASN J 847 21.79 6.93 -60.36
N GLN J 848 22.89 6.56 -60.98
CA GLN J 848 24.07 6.07 -60.28
C GLN J 848 25.24 6.95 -60.73
N TYR J 849 25.56 7.94 -59.92
CA TYR J 849 26.38 9.07 -60.34
C TYR J 849 27.86 8.83 -60.15
N SER J 850 28.26 7.95 -59.24
CA SER J 850 29.68 7.61 -59.11
C SER J 850 30.18 6.95 -60.39
N ALA J 851 29.41 6.01 -60.93
CA ALA J 851 29.78 5.36 -62.19
C ALA J 851 29.74 6.33 -63.35
N ALA J 852 28.77 7.23 -63.33
CA ALA J 852 28.67 8.25 -64.39
C ALA J 852 29.90 9.13 -64.39
N LEU J 853 30.33 9.58 -63.21
CA LEU J 853 31.55 10.39 -63.12
C LEU J 853 32.76 9.59 -63.54
N HIS J 854 32.81 8.31 -63.17
CA HIS J 854 33.88 7.41 -63.59
C HIS J 854 34.03 7.42 -65.11
N TYR J 855 32.93 7.22 -65.82
CA TYR J 855 33.03 7.09 -67.26
C TYR J 855 33.18 8.45 -67.95
N TYR J 856 32.64 9.52 -67.38
CA TYR J 856 32.90 10.85 -67.93
C TYR J 856 34.37 11.23 -67.79
N LEU J 857 34.97 10.93 -66.63
CA LEU J 857 36.38 11.20 -66.46
C LEU J 857 37.23 10.33 -67.36
N GLN J 858 36.80 9.08 -67.58
CA GLN J 858 37.50 8.22 -68.53
C GLN J 858 37.45 8.79 -69.95
N ALA J 859 36.29 9.31 -70.34
CA ALA J 859 36.16 9.93 -71.66
C ALA J 859 37.06 11.14 -71.78
N GLY J 860 37.11 11.97 -70.74
CA GLY J 860 38.02 13.11 -70.76
C GLY J 860 39.48 12.70 -70.76
N ALA J 861 39.80 11.63 -70.05
CA ALA J 861 41.18 11.14 -69.99
C ALA J 861 41.65 10.60 -71.33
N VAL J 862 40.75 9.96 -72.08
CA VAL J 862 41.11 9.45 -73.40
C VAL J 862 41.54 10.58 -74.33
N CYS J 863 40.77 11.66 -74.36
CA CYS J 863 40.96 12.71 -75.36
C CYS J 863 42.07 13.68 -75.01
N SER J 864 42.72 13.52 -73.88
CA SER J 864 43.70 14.51 -73.45
C SER J 864 44.95 13.89 -72.87
N ASP J 865 45.14 12.58 -73.01
CA ASP J 865 46.27 11.84 -72.45
C ASP J 865 46.35 12.04 -70.93
N PHE J 866 45.27 11.65 -70.27
CA PHE J 866 45.09 11.82 -68.82
C PHE J 866 45.23 13.28 -68.43
N PHE J 867 44.53 14.13 -69.18
CA PHE J 867 44.33 15.55 -68.89
C PHE J 867 45.61 16.37 -68.99
N ASN J 868 46.69 15.78 -69.55
CA ASN J 868 47.89 16.54 -69.80
C ASN J 868 47.68 17.62 -70.84
N LYS J 869 46.72 17.43 -71.74
CA LYS J 869 46.28 18.46 -72.66
C LYS J 869 44.92 18.96 -72.22
N ALA J 870 44.44 20.01 -72.87
CA ALA J 870 43.09 20.47 -72.63
C ALA J 870 42.10 19.48 -73.23
N VAL J 871 41.02 19.20 -72.50
CA VAL J 871 39.97 18.33 -73.03
C VAL J 871 39.24 19.09 -74.14
N PRO J 872 39.01 18.48 -75.30
CA PRO J 872 38.33 19.18 -76.40
C PRO J 872 36.93 19.59 -76.01
N PRO J 873 36.47 20.77 -76.46
CA PRO J 873 35.08 21.17 -76.17
C PRO J 873 34.04 20.24 -76.73
N ASP J 874 34.30 19.58 -77.86
CA ASP J 874 33.32 18.66 -78.41
C ASP J 874 33.10 17.44 -77.55
N VAL J 875 34.04 17.10 -76.68
CA VAL J 875 33.91 15.99 -75.74
C VAL J 875 33.26 16.50 -74.47
N TYR J 876 33.93 17.44 -73.79
CA TYR J 876 33.39 18.04 -72.58
C TYR J 876 32.63 19.29 -72.99
N THR J 877 31.42 19.07 -73.51
CA THR J 877 30.52 20.15 -73.82
C THR J 877 29.92 20.72 -72.54
N ASP J 878 29.17 21.81 -72.68
CA ASP J 878 28.46 22.36 -71.53
C ASP J 878 27.46 21.36 -70.98
N GLN J 879 26.90 20.50 -71.83
CA GLN J 879 25.94 19.52 -71.35
C GLN J 879 26.63 18.42 -70.55
N VAL J 880 27.76 17.92 -71.04
CA VAL J 880 28.52 16.91 -70.30
C VAL J 880 29.01 17.48 -68.98
N ILE J 881 29.48 18.73 -68.99
CA ILE J 881 29.96 19.35 -67.76
C ILE J 881 28.81 19.56 -66.79
N LYS J 882 27.63 19.93 -67.29
CA LYS J 882 26.46 20.07 -66.41
C LYS J 882 26.06 18.73 -65.81
N ARG J 883 26.17 17.66 -66.60
CA ARG J 883 25.83 16.34 -66.09
C ARG J 883 26.83 15.88 -65.03
N MET J 884 28.11 16.18 -65.22
CA MET J 884 29.10 15.92 -64.19
C MET J 884 28.86 16.76 -62.94
N ILE J 885 28.39 18.00 -63.13
CA ILE J 885 28.06 18.87 -62.01
C ILE J 885 26.92 18.27 -61.20
N LYS J 886 25.89 17.78 -61.88
CA LYS J 886 24.78 17.16 -61.17
C LYS J 886 25.20 15.85 -60.50
N CYS J 887 26.10 15.11 -61.15
CA CYS J 887 26.65 13.91 -60.53
C CYS J 887 27.38 14.24 -59.24
N CYS J 888 28.17 15.31 -59.25
CA CYS J 888 28.91 15.69 -58.06
C CYS J 888 27.99 16.21 -56.97
N SER J 889 26.99 17.01 -57.35
CA SER J 889 26.02 17.51 -56.38
C SER J 889 25.27 16.38 -55.70
N LEU J 890 24.84 15.39 -56.47
CA LEU J 890 24.10 14.28 -55.90
C LEU J 890 24.96 13.42 -54.99
N LEU J 891 26.28 13.49 -55.12
CA LEU J 891 27.19 12.77 -54.24
C LEU J 891 27.66 13.60 -53.05
N ASN J 892 27.14 14.82 -52.91
CA ASN J 892 27.49 15.75 -51.83
C ASN J 892 28.96 16.15 -51.89
N CYS J 893 29.54 16.19 -53.09
CA CYS J 893 30.88 16.72 -53.28
C CYS J 893 30.72 18.13 -53.83
N HIS J 894 30.40 19.05 -52.93
CA HIS J 894 29.96 20.38 -53.33
C HIS J 894 31.09 21.29 -53.78
N THR J 895 32.28 21.16 -53.19
CA THR J 895 33.38 21.96 -53.70
C THR J 895 33.80 21.50 -55.09
N GLN J 896 33.65 20.21 -55.39
CA GLN J 896 33.87 19.74 -56.75
C GLN J 896 32.85 20.34 -57.71
N VAL J 897 31.62 20.52 -57.23
CA VAL J 897 30.62 21.23 -58.03
C VAL J 897 31.08 22.66 -58.30
N ALA J 898 31.60 23.33 -57.27
CA ALA J 898 32.07 24.70 -57.44
C ALA J 898 33.22 24.77 -58.42
N ILE J 899 34.13 23.80 -58.38
CA ILE J 899 35.25 23.79 -59.32
C ILE J 899 34.76 23.50 -60.72
N LEU J 900 33.91 22.48 -60.88
CA LEU J 900 33.41 22.12 -62.21
C LEU J 900 32.56 23.22 -62.83
N CYS J 901 31.93 24.05 -62.01
CA CYS J 901 31.15 25.18 -62.53
C CYS J 901 32.00 26.15 -63.31
N GLN J 902 33.31 26.18 -63.06
CA GLN J 902 34.22 27.05 -63.79
C GLN J 902 34.56 26.51 -65.17
N PHE J 903 34.22 25.26 -65.46
CA PHE J 903 34.57 24.65 -66.73
C PHE J 903 33.66 25.09 -67.86
N LEU J 904 32.52 25.71 -67.55
CA LEU J 904 31.53 26.06 -68.55
C LEU J 904 31.98 27.30 -69.32
N ARG J 905 31.39 27.47 -70.51
CA ARG J 905 31.68 28.66 -71.31
C ARG J 905 31.25 29.92 -70.56
N GLU J 906 30.08 29.88 -69.94
CA GLU J 906 29.63 30.92 -69.03
C GLU J 906 29.54 30.26 -67.65
N ILE J 907 30.41 30.71 -66.73
CA ILE J 907 30.50 30.08 -65.42
C ILE J 907 29.17 30.22 -64.69
N ASP J 908 28.65 29.08 -64.22
CA ASP J 908 27.37 29.05 -63.53
C ASP J 908 27.56 29.35 -62.06
N TYR J 909 27.40 30.63 -61.71
CA TYR J 909 27.57 31.02 -60.32
C TYR J 909 26.40 30.56 -59.47
N LYS J 910 25.20 30.49 -60.05
CA LYS J 910 24.02 30.05 -59.32
C LYS J 910 24.25 28.70 -58.66
N THR J 911 24.68 27.71 -59.45
CA THR J 911 24.87 26.35 -58.92
C THR J 911 26.04 26.32 -57.96
N ALA J 912 27.15 26.98 -58.33
CA ALA J 912 28.34 27.00 -57.47
C ALA J 912 28.02 27.57 -56.11
N PHE J 913 27.33 28.73 -56.08
CA PHE J 913 27.00 29.38 -54.83
C PHE J 913 26.02 28.54 -54.03
N LYS J 914 25.05 27.92 -54.71
CA LYS J 914 24.09 27.07 -54.01
C LYS J 914 24.78 25.86 -53.38
N SER J 915 25.75 25.28 -54.09
CA SER J 915 26.42 24.10 -53.58
C SER J 915 27.40 24.44 -52.46
N LEU J 916 28.09 25.57 -52.57
CA LEU J 916 29.02 25.96 -51.51
C LEU J 916 28.31 26.26 -50.20
N GLN J 917 27.05 26.69 -50.27
CA GLN J 917 26.26 26.90 -49.06
C GLN J 917 26.02 25.62 -48.28
N GLU J 918 26.07 24.47 -48.95
CA GLU J 918 25.82 23.20 -48.28
C GLU J 918 26.89 22.92 -47.23
N GLN J 919 26.49 22.18 -46.19
CA GLN J 919 27.39 21.87 -45.09
C GLN J 919 27.51 20.37 -44.83
N ASN J 920 26.99 19.53 -45.71
CA ASN J 920 27.17 18.09 -45.62
C ASN J 920 28.12 17.58 -46.68
N SER J 921 29.15 18.36 -46.99
CA SER J 921 30.08 18.02 -48.05
C SER J 921 30.80 16.70 -47.76
N HIS J 922 30.97 15.89 -48.80
CA HIS J 922 31.66 14.62 -48.67
C HIS J 922 32.99 14.60 -49.40
N ASP J 923 33.56 15.77 -49.66
CA ASP J 923 34.86 15.90 -50.30
C ASP J 923 35.77 16.68 -49.35
N ALA J 924 37.00 16.95 -49.78
CA ALA J 924 38.00 17.53 -48.90
C ALA J 924 37.79 19.02 -48.63
N MET J 925 36.85 19.67 -49.30
CA MET J 925 36.48 21.07 -49.11
C MET J 925 37.65 22.02 -49.35
N ASP J 926 38.33 22.44 -48.28
CA ASP J 926 39.36 23.45 -48.38
C ASP J 926 40.59 22.98 -49.14
N SER J 927 40.83 21.66 -49.20
CA SER J 927 41.92 21.14 -50.01
C SER J 927 41.69 21.36 -51.49
N TYR J 928 40.45 21.60 -51.89
CA TYR J 928 40.08 21.82 -53.27
C TYR J 928 40.12 23.28 -53.68
N TYR J 929 40.35 24.21 -52.74
CA TYR J 929 40.36 25.62 -53.09
C TYR J 929 41.57 25.99 -53.94
N ASP J 930 42.60 25.16 -53.96
CA ASP J 930 43.75 25.38 -54.83
C ASP J 930 43.37 25.26 -56.30
N TYR J 931 42.28 24.58 -56.61
CA TYR J 931 41.84 24.38 -57.97
C TYR J 931 40.87 25.44 -58.44
N ILE J 932 40.58 26.43 -57.62
CA ILE J 932 39.68 27.51 -57.99
C ILE J 932 40.51 28.66 -58.50
N TRP J 933 40.25 29.09 -59.74
CA TRP J 933 40.91 30.25 -60.30
C TRP J 933 40.00 31.45 -60.45
N ASP J 934 38.69 31.25 -60.41
CA ASP J 934 37.76 32.35 -60.48
C ASP J 934 37.77 33.11 -59.16
N VAL J 935 37.94 34.43 -59.23
CA VAL J 935 38.01 35.22 -58.02
C VAL J 935 36.63 35.42 -57.43
N THR J 936 35.57 35.31 -58.24
CA THR J 936 34.21 35.43 -57.73
C THR J 936 33.86 34.27 -56.81
N ILE J 937 34.26 33.06 -57.19
CA ILE J 937 33.99 31.88 -56.36
C ILE J 937 34.71 32.01 -55.03
N LEU J 938 35.96 32.47 -55.06
CA LEU J 938 36.72 32.63 -53.83
C LEU J 938 36.18 33.76 -52.98
N GLU J 939 35.68 34.83 -53.59
CA GLU J 939 35.02 35.88 -52.82
C GLU J 939 33.81 35.33 -52.10
N TYR J 940 33.02 34.51 -52.79
CA TYR J 940 31.87 33.89 -52.15
C TYR J 940 32.30 32.97 -51.02
N LEU J 941 33.37 32.20 -51.23
CA LEU J 941 33.86 31.30 -50.20
C LEU J 941 34.31 32.06 -48.96
N THR J 942 35.01 33.17 -49.16
CA THR J 942 35.44 33.99 -48.04
C THR J 942 34.25 34.55 -47.29
N TYR J 943 33.26 35.08 -48.03
CA TYR J 943 32.07 35.61 -47.39
C TYR J 943 31.34 34.54 -46.61
N LEU J 944 31.25 33.34 -47.17
CA LEU J 944 30.54 32.24 -46.55
C LEU J 944 31.24 31.79 -45.28
N HIS J 945 32.57 31.71 -45.31
CA HIS J 945 33.29 31.27 -44.12
C HIS J 945 33.31 32.34 -43.05
N HIS J 946 33.37 33.61 -43.44
CA HIS J 946 33.24 34.69 -42.48
C HIS J 946 31.86 34.69 -41.84
N LYS J 947 30.81 34.47 -42.64
CA LYS J 947 29.44 34.42 -42.16
C LYS J 947 29.23 33.30 -41.15
N ARG J 948 30.05 32.26 -41.20
CA ARG J 948 29.92 31.10 -40.33
C ARG J 948 30.99 31.03 -39.26
N GLY J 949 31.87 32.03 -39.17
CA GLY J 949 32.95 32.00 -38.21
C GLY J 949 34.02 30.97 -38.47
N GLU J 950 34.06 30.38 -39.66
CA GLU J 950 35.09 29.42 -40.03
C GLU J 950 36.31 30.20 -40.46
N THR J 951 37.05 30.72 -39.46
CA THR J 951 38.11 31.67 -39.75
C THR J 951 39.30 31.03 -40.43
N ASP J 952 39.63 29.78 -40.10
CA ASP J 952 40.76 29.12 -40.74
C ASP J 952 40.52 28.93 -42.24
N LYS J 953 39.33 28.44 -42.60
CA LYS J 953 39.00 28.29 -44.02
C LYS J 953 38.87 29.64 -44.70
N ARG J 954 38.41 30.64 -43.96
CA ARG J 954 38.35 32.00 -44.47
C ARG J 954 39.73 32.50 -44.82
N GLN J 955 40.71 32.24 -43.96
CA GLN J 955 42.07 32.68 -44.24
C GLN J 955 42.68 31.89 -45.38
N ILE J 956 42.32 30.61 -45.52
CA ILE J 956 42.78 29.84 -46.68
C ILE J 956 42.24 30.44 -47.97
N ALA J 957 40.95 30.80 -47.98
CA ALA J 957 40.37 31.41 -49.16
C ALA J 957 40.98 32.77 -49.44
N ILE J 958 41.26 33.56 -48.40
CA ILE J 958 41.85 34.88 -48.60
C ILE J 958 43.26 34.75 -49.15
N LYS J 959 44.02 33.76 -48.66
CA LYS J 959 45.33 33.47 -49.23
C LYS J 959 45.20 33.05 -50.69
N ALA J 960 44.17 32.27 -51.01
CA ALA J 960 43.95 31.84 -52.39
C ALA J 960 43.68 33.04 -53.30
N ILE J 961 42.91 34.02 -52.80
CA ILE J 961 42.65 35.23 -53.57
C ILE J 961 43.94 36.00 -53.77
N GLY J 962 44.81 36.00 -52.79
CA GLY J 962 45.97 36.85 -52.78
C GLY J 962 47.11 36.38 -53.64
N GLN J 963 46.92 35.33 -54.41
CA GLN J 963 47.95 34.90 -55.35
C GLN J 963 48.00 35.88 -56.51
N THR J 964 49.21 36.33 -56.85
CA THR J 964 49.36 37.21 -58.01
C THR J 964 49.02 36.49 -59.31
N GLU J 965 49.13 35.16 -59.32
CA GLU J 965 48.72 34.37 -60.47
C GLU J 965 47.23 34.54 -60.75
N LEU J 966 46.42 34.68 -59.71
CA LEU J 966 44.96 34.70 -59.83
C LEU J 966 44.39 36.10 -59.96
N ASN J 967 45.24 37.11 -60.00
CA ASN J 967 44.77 38.50 -60.12
C ASN J 967 43.96 38.66 -61.39
N ALA J 968 42.72 39.14 -61.25
CA ALA J 968 41.79 39.19 -62.36
C ALA J 968 42.21 40.13 -63.47
N SER J 969 43.06 41.12 -63.16
CA SER J 969 43.52 42.09 -64.14
C SER J 969 44.87 41.72 -64.74
N ASN J 970 45.29 40.46 -64.57
CA ASN J 970 46.50 39.99 -65.20
C ASN J 970 46.28 39.84 -66.71
N PRO J 971 47.35 39.73 -67.50
CA PRO J 971 47.18 39.43 -68.93
C PRO J 971 46.43 38.13 -69.14
N GLU J 972 45.61 38.11 -70.19
CA GLU J 972 44.67 37.00 -70.39
C GLU J 972 45.37 35.68 -70.62
N GLU J 973 46.58 35.69 -71.19
CA GLU J 973 47.31 34.43 -71.37
C GLU J 973 47.74 33.84 -70.03
N VAL J 974 48.14 34.69 -69.08
CA VAL J 974 48.52 34.22 -67.75
C VAL J 974 47.32 33.63 -67.04
N LEU J 975 46.17 34.31 -67.11
CA LEU J 975 44.95 33.79 -66.48
C LEU J 975 44.50 32.48 -67.13
N GLN J 976 44.61 32.40 -68.45
CA GLN J 976 44.25 31.18 -69.15
C GLN J 976 45.15 30.03 -68.76
N LEU J 977 46.45 30.29 -68.62
CA LEU J 977 47.37 29.25 -68.20
C LEU J 977 47.11 28.81 -66.77
N ALA J 978 46.80 29.77 -65.88
CA ALA J 978 46.48 29.43 -64.49
C ALA J 978 45.25 28.53 -64.45
N ALA J 979 44.21 28.92 -65.19
CA ALA J 979 43.00 28.12 -65.29
C ALA J 979 43.31 26.74 -65.85
N GLN J 980 44.21 26.67 -66.84
CA GLN J 980 44.47 25.40 -67.50
C GLN J 980 45.24 24.45 -66.59
N ARG J 981 46.24 24.96 -65.87
CA ARG J 981 46.98 24.07 -64.97
C ARG J 981 46.11 23.63 -63.80
N ARG J 982 45.25 24.52 -63.28
CA ARG J 982 44.31 24.11 -62.24
C ARG J 982 43.32 23.09 -62.79
N LYS J 983 42.87 23.28 -64.03
CA LYS J 983 42.01 22.31 -64.70
C LYS J 983 42.65 20.94 -64.74
N LYS J 984 43.90 20.89 -65.20
CA LYS J 984 44.62 19.62 -65.32
C LYS J 984 44.79 18.96 -63.96
N LYS J 985 45.19 19.74 -62.95
CA LYS J 985 45.41 19.18 -61.62
C LYS J 985 44.12 18.68 -61.01
N PHE J 986 43.04 19.45 -61.14
CA PHE J 986 41.74 19.02 -60.61
C PHE J 986 41.24 17.77 -61.30
N LEU J 987 41.36 17.72 -62.62
CA LEU J 987 40.87 16.56 -63.35
C LEU J 987 41.70 15.32 -63.05
N GLN J 988 43.01 15.47 -62.84
CA GLN J 988 43.80 14.31 -62.47
C GLN J 988 43.49 13.86 -61.04
N ALA J 989 43.21 14.81 -60.14
CA ALA J 989 42.78 14.45 -58.80
C ALA J 989 41.47 13.68 -58.84
N MET J 990 40.53 14.14 -59.65
CA MET J 990 39.26 13.44 -59.82
C MET J 990 39.46 12.08 -60.46
N ALA J 991 40.39 11.98 -61.40
CA ALA J 991 40.70 10.69 -62.00
C ALA J 991 41.20 9.71 -60.95
N LYS J 992 42.14 10.14 -60.11
CA LYS J 992 42.62 9.29 -59.03
C LYS J 992 41.51 8.93 -58.06
N LEU J 993 40.60 9.87 -57.81
CA LEU J 993 39.53 9.65 -56.85
C LEU J 993 38.50 8.65 -57.37
N TYR J 994 38.15 8.75 -58.65
CA TYR J 994 37.09 7.96 -59.25
C TYR J 994 37.60 6.75 -60.01
N PHE J 995 38.88 6.70 -60.34
CA PHE J 995 39.50 5.47 -60.87
C PHE J 995 41.02 5.42 -60.73
N MET K 1 -57.99 -37.08 16.29
CA MET K 1 -58.76 -37.50 17.47
C MET K 1 -58.02 -37.13 18.75
N LYS K 2 -56.70 -37.00 18.66
CA LYS K 2 -55.86 -36.66 19.78
C LYS K 2 -55.12 -35.36 19.49
N LEU K 3 -54.66 -34.70 20.55
CA LEU K 3 -53.93 -33.44 20.41
C LEU K 3 -52.99 -33.31 21.59
N TYR K 4 -51.69 -33.43 21.33
CA TYR K 4 -50.67 -33.24 22.36
C TYR K 4 -50.21 -31.79 22.31
N CYS K 5 -50.45 -31.06 23.38
CA CYS K 5 -50.09 -29.65 23.48
C CYS K 5 -48.79 -29.53 24.25
N LEU K 6 -47.73 -29.14 23.56
CA LEU K 6 -46.38 -29.16 24.13
C LEU K 6 -45.95 -27.80 24.68
N SER K 7 -46.83 -26.81 24.70
CA SER K 7 -46.46 -25.52 25.23
C SER K 7 -47.69 -24.82 25.79
N GLY K 8 -47.56 -24.32 27.02
CA GLY K 8 -48.62 -23.57 27.66
C GLY K 8 -48.69 -22.11 27.27
N HIS K 9 -47.75 -21.62 26.49
CA HIS K 9 -47.79 -20.23 26.05
C HIS K 9 -48.87 -20.07 24.99
N PRO K 10 -49.80 -19.13 25.16
CA PRO K 10 -50.88 -18.96 24.19
C PRO K 10 -50.42 -18.50 22.82
N THR K 11 -49.60 -17.45 22.77
CA THR K 11 -49.18 -16.87 21.50
C THR K 11 -47.98 -17.59 20.89
N LEU K 12 -47.45 -18.60 21.56
CA LEU K 12 -46.34 -19.41 21.06
C LEU K 12 -46.68 -20.89 21.22
N PRO K 13 -47.66 -21.38 20.47
CA PRO K 13 -48.12 -22.75 20.68
C PRO K 13 -47.20 -23.78 20.04
N CYS K 14 -47.34 -25.02 20.52
CA CYS K 14 -46.67 -26.18 19.93
C CYS K 14 -47.59 -27.37 20.17
N ASN K 15 -48.42 -27.66 19.18
CA ASN K 15 -49.45 -28.70 19.29
C ASN K 15 -49.23 -29.77 18.24
N VAL K 16 -49.35 -31.03 18.67
CA VAL K 16 -49.22 -32.19 17.79
C VAL K 16 -50.53 -32.96 17.85
N LEU K 17 -51.09 -33.29 16.70
CA LEU K 17 -52.36 -34.00 16.64
C LEU K 17 -52.16 -35.36 16.00
N LYS K 18 -52.34 -36.42 16.77
CA LYS K 18 -52.28 -37.78 16.25
C LYS K 18 -53.62 -38.09 15.57
N PHE K 19 -53.81 -37.48 14.41
CA PHE K 19 -55.09 -37.54 13.70
C PHE K 19 -54.86 -38.29 12.39
N LYS K 20 -55.67 -39.32 12.17
CA LYS K 20 -55.56 -40.27 11.04
C LYS K 20 -54.23 -41.01 11.24
N SER K 21 -53.47 -41.25 10.18
CA SER K 21 -52.22 -42.00 10.26
C SER K 21 -50.99 -41.10 10.37
N THR K 22 -51.18 -39.79 10.51
CA THR K 22 -50.07 -38.84 10.56
C THR K 22 -50.19 -38.02 11.84
N THR K 23 -49.05 -37.76 12.46
CA THR K 23 -48.95 -36.84 13.59
C THR K 23 -48.31 -35.56 13.09
N ILE K 24 -49.09 -34.48 13.05
CA ILE K 24 -48.68 -33.21 12.47
C ILE K 24 -48.39 -32.24 13.60
N MET K 25 -47.22 -31.61 13.55
CA MET K 25 -46.86 -30.58 14.51
C MET K 25 -47.35 -29.22 14.02
N LEU K 26 -48.12 -28.53 14.83
CA LEU K 26 -48.61 -27.21 14.50
C LEU K 26 -47.75 -26.21 15.25
N ASP K 27 -46.93 -25.45 14.52
CA ASP K 27 -46.01 -24.44 15.05
C ASP K 27 -44.95 -25.01 15.98
N CYS K 28 -43.90 -24.23 16.24
CA CYS K 28 -42.88 -24.64 17.18
C CYS K 28 -42.87 -23.74 18.40
N GLY K 29 -42.67 -22.43 18.22
CA GLY K 29 -42.76 -21.47 19.30
C GLY K 29 -41.60 -21.53 20.26
N LEU K 30 -41.16 -20.38 20.75
CA LEU K 30 -40.08 -20.32 21.72
C LEU K 30 -40.45 -19.30 22.77
N ASP K 31 -40.73 -19.78 23.99
CA ASP K 31 -41.13 -18.89 25.08
C ASP K 31 -39.92 -18.07 25.50
N MET K 32 -39.80 -16.88 24.92
CA MET K 32 -38.66 -16.01 25.15
C MET K 32 -38.71 -15.31 26.50
N THR K 33 -39.83 -15.38 27.21
CA THR K 33 -40.00 -14.67 28.47
C THR K 33 -39.15 -15.23 29.60
N SER K 34 -38.57 -16.43 29.42
CA SER K 34 -37.64 -16.96 30.41
C SER K 34 -36.38 -16.11 30.50
N THR K 35 -36.01 -15.43 29.40
CA THR K 35 -34.83 -14.57 29.40
C THR K 35 -34.94 -13.43 30.39
N LEU K 36 -36.15 -13.02 30.74
CA LEU K 36 -36.33 -11.89 31.65
C LEU K 36 -35.85 -12.19 33.06
N ASN K 37 -35.69 -13.46 33.41
CA ASN K 37 -35.15 -13.83 34.72
C ASN K 37 -33.64 -13.70 34.78
N PHE K 38 -32.96 -13.56 33.65
CA PHE K 38 -31.52 -13.49 33.60
C PHE K 38 -31.03 -12.06 33.47
N LEU K 39 -29.79 -11.85 33.87
CA LEU K 39 -29.17 -10.54 33.71
C LEU K 39 -28.93 -10.26 32.24
N PRO K 40 -29.11 -9.03 31.78
CA PRO K 40 -28.93 -8.73 30.35
C PRO K 40 -27.50 -8.90 29.87
N LEU K 41 -27.37 -9.20 28.58
CA LEU K 41 -26.06 -9.32 27.96
C LEU K 41 -25.67 -7.99 27.34
N PRO K 42 -24.68 -7.28 27.86
CA PRO K 42 -24.30 -6.00 27.27
C PRO K 42 -23.22 -6.16 26.21
N LEU K 43 -23.23 -5.21 25.26
CA LEU K 43 -22.20 -5.21 24.23
C LEU K 43 -20.83 -4.90 24.81
N VAL K 44 -20.79 -4.03 25.81
CA VAL K 44 -19.57 -3.68 26.54
C VAL K 44 -19.88 -3.83 28.01
N GLN K 45 -18.96 -4.47 28.75
CA GLN K 45 -19.12 -4.77 30.17
C GLN K 45 -19.37 -3.49 30.96
N SER K 46 -20.58 -3.35 31.49
CA SER K 46 -20.96 -2.15 32.21
C SER K 46 -20.49 -2.24 33.66
N PRO K 47 -20.23 -1.10 34.31
CA PRO K 47 -19.86 -1.14 35.73
C PRO K 47 -21.06 -1.40 36.64
N ARG K 48 -22.25 -0.96 36.22
CA ARG K 48 -23.43 -1.11 37.06
C ARG K 48 -23.84 -2.57 37.20
N LEU K 49 -23.95 -3.29 36.08
CA LEU K 49 -24.39 -4.68 36.12
C LEU K 49 -23.33 -5.58 36.74
N SER K 50 -22.06 -5.31 36.47
CA SER K 50 -20.99 -6.14 37.02
C SER K 50 -20.91 -6.03 38.54
N ASN K 51 -21.10 -4.81 39.08
CA ASN K 51 -20.97 -4.57 40.51
C ASN K 51 -22.28 -4.73 41.27
N LEU K 52 -23.24 -5.46 40.71
CA LEU K 52 -24.50 -5.66 41.40
C LEU K 52 -24.29 -6.56 42.61
N PRO K 53 -25.02 -6.33 43.70
CA PRO K 53 -24.83 -7.15 44.90
C PRO K 53 -25.47 -8.53 44.73
N GLY K 54 -24.71 -9.55 45.13
CA GLY K 54 -25.24 -10.89 45.11
C GLY K 54 -26.34 -11.09 46.13
N TRP K 55 -27.22 -12.04 45.84
CA TRP K 55 -28.32 -12.32 46.75
C TRP K 55 -27.89 -13.28 47.86
N SER K 56 -28.51 -13.13 49.02
CA SER K 56 -28.10 -13.81 50.23
C SER K 56 -29.10 -14.91 50.58
N LEU K 57 -28.58 -16.09 50.92
CA LEU K 57 -29.39 -17.18 51.43
C LEU K 57 -28.55 -18.00 52.40
N LYS K 58 -29.21 -18.93 53.09
CA LYS K 58 -28.58 -19.72 54.15
C LYS K 58 -28.00 -20.98 53.53
N ASP K 59 -26.84 -20.82 52.90
CA ASP K 59 -26.12 -21.91 52.25
C ASP K 59 -24.67 -21.50 51.97
N LEU K 64 -26.29 -20.29 44.67
CA LEU K 64 -25.72 -19.81 45.92
C LEU K 64 -25.77 -18.28 45.85
N ASP K 65 -24.66 -17.60 46.12
CA ASP K 65 -24.60 -16.15 46.13
C ASP K 65 -24.09 -15.57 44.82
N LYS K 66 -23.12 -16.21 44.18
CA LYS K 66 -22.58 -15.70 42.93
C LYS K 66 -23.46 -16.01 41.73
N GLU K 67 -24.32 -17.04 41.81
CA GLU K 67 -25.23 -17.34 40.72
C GLU K 67 -26.31 -16.28 40.56
N LEU K 68 -26.85 -15.79 41.67
CA LEU K 68 -27.97 -14.87 41.67
C LEU K 68 -27.50 -13.45 42.00
N LYS K 69 -28.08 -12.47 41.34
CA LYS K 69 -27.79 -11.08 41.61
C LYS K 69 -29.09 -10.34 41.91
N GLU K 70 -28.97 -9.31 42.74
CA GLU K 70 -30.12 -8.52 43.17
C GLU K 70 -29.97 -7.09 42.66
N CYS K 71 -31.04 -6.55 42.09
CA CYS K 71 -31.03 -5.17 41.60
C CYS K 71 -32.38 -4.56 41.92
N SER K 72 -32.38 -3.61 42.87
CA SER K 72 -33.59 -2.89 43.28
C SER K 72 -34.69 -3.84 43.75
N GLY K 73 -34.30 -4.82 44.55
CA GLY K 73 -35.22 -5.81 45.11
C GLY K 73 -35.43 -7.05 44.27
N HIS K 74 -35.56 -6.89 42.96
CA HIS K 74 -35.68 -8.04 42.07
C HIS K 74 -34.38 -8.84 42.07
N VAL K 75 -34.52 -10.16 41.96
CA VAL K 75 -33.39 -11.08 41.96
C VAL K 75 -33.30 -11.72 40.59
N PHE K 76 -32.12 -11.66 39.99
CA PHE K 76 -31.87 -12.16 38.65
C PHE K 76 -30.79 -13.25 38.69
N VAL K 77 -30.48 -13.78 37.52
CA VAL K 77 -29.49 -14.82 37.36
C VAL K 77 -28.32 -14.25 36.59
N ASP K 78 -27.11 -14.39 37.15
CA ASP K 78 -25.89 -13.93 36.48
C ASP K 78 -25.38 -15.05 35.58
N SER K 79 -26.07 -15.22 34.45
CA SER K 79 -25.73 -16.27 33.50
C SER K 79 -26.30 -15.90 32.14
N VAL K 80 -25.92 -16.68 31.14
CA VAL K 80 -26.41 -16.47 29.78
C VAL K 80 -27.92 -16.70 29.78
N PRO K 81 -28.71 -15.87 29.08
CA PRO K 81 -30.15 -16.12 29.02
C PRO K 81 -30.48 -17.45 28.37
N GLU K 82 -31.53 -18.08 28.88
CA GLU K 82 -31.98 -19.38 28.43
C GLU K 82 -33.44 -19.29 28.01
N PHE K 83 -33.85 -20.23 27.16
CA PHE K 83 -35.14 -20.17 26.50
C PHE K 83 -35.96 -21.41 26.87
N CYS K 84 -37.22 -21.18 27.21
CA CYS K 84 -38.10 -22.26 27.63
C CYS K 84 -38.63 -22.96 26.39
N LEU K 85 -38.20 -24.20 26.17
CA LEU K 85 -38.60 -24.95 25.01
C LEU K 85 -39.97 -25.56 25.21
N PRO K 86 -40.66 -25.94 24.13
CA PRO K 86 -41.83 -26.79 24.27
C PRO K 86 -41.46 -28.16 24.82
N GLU K 87 -42.44 -28.81 25.45
CA GLU K 87 -42.21 -30.12 26.03
C GLU K 87 -41.87 -31.13 24.93
N THR K 88 -40.60 -31.53 24.86
CA THR K 88 -40.16 -32.45 23.82
C THR K 88 -40.27 -33.91 24.23
N GLU K 89 -40.25 -34.20 25.53
CA GLU K 89 -40.21 -35.58 26.01
C GLU K 89 -41.60 -36.17 26.24
N LEU K 90 -42.67 -35.37 26.13
CA LEU K 90 -44.02 -35.91 26.28
C LEU K 90 -44.34 -36.90 25.16
N ILE K 91 -44.00 -36.55 23.93
CA ILE K 91 -44.23 -37.41 22.77
C ILE K 91 -42.93 -37.50 22.00
N ASP K 92 -42.56 -38.72 21.59
CA ASP K 92 -41.36 -38.93 20.81
C ASP K 92 -41.46 -38.17 19.49
N LEU K 93 -40.64 -37.13 19.34
CA LEU K 93 -40.71 -36.30 18.14
C LEU K 93 -40.20 -37.00 16.89
N SER K 94 -39.56 -38.16 17.03
CA SER K 94 -39.22 -38.97 15.87
C SER K 94 -40.46 -39.43 15.11
N THR K 95 -41.58 -39.56 15.81
CA THR K 95 -42.84 -39.97 15.20
C THR K 95 -43.56 -38.83 14.50
N VAL K 96 -43.11 -37.59 14.69
CA VAL K 96 -43.76 -36.46 14.03
C VAL K 96 -43.39 -36.48 12.55
N ASP K 97 -44.41 -36.50 11.69
CA ASP K 97 -44.18 -36.63 10.27
C ASP K 97 -44.06 -35.28 9.56
N VAL K 98 -44.78 -34.26 10.03
CA VAL K 98 -44.82 -32.97 9.36
C VAL K 98 -44.89 -31.87 10.42
N ILE K 99 -44.21 -30.75 10.16
CA ILE K 99 -44.30 -29.54 10.98
C ILE K 99 -44.82 -28.41 10.10
N LEU K 100 -45.86 -27.73 10.59
CA LEU K 100 -46.46 -26.61 9.88
C LEU K 100 -46.15 -25.34 10.65
N ILE K 101 -45.54 -24.38 9.98
CA ILE K 101 -45.13 -23.11 10.59
C ILE K 101 -46.09 -22.04 10.11
N SER K 102 -46.71 -21.32 11.05
CA SER K 102 -47.65 -20.26 10.74
C SER K 102 -47.00 -18.90 10.62
N ASN K 103 -46.24 -18.50 11.63
CA ASN K 103 -45.59 -17.21 11.66
C ASN K 103 -44.09 -17.39 11.84
N TYR K 104 -43.36 -16.31 11.58
CA TYR K 104 -41.94 -16.31 11.92
C TYR K 104 -41.72 -16.23 13.43
N HIS K 105 -42.67 -15.67 14.17
CA HIS K 105 -42.59 -15.69 15.63
C HIS K 105 -42.71 -17.12 16.16
N CYS K 106 -43.62 -17.91 15.60
CA CYS K 106 -43.77 -19.31 15.95
C CYS K 106 -42.73 -20.19 15.26
N MET K 107 -41.90 -19.63 14.38
CA MET K 107 -40.89 -20.40 13.69
C MET K 107 -39.71 -20.74 14.59
N MET K 108 -39.49 -19.99 15.67
CA MET K 108 -38.36 -20.23 16.54
C MET K 108 -38.55 -21.53 17.31
N ALA K 109 -37.45 -22.03 17.88
CA ALA K 109 -37.28 -23.34 18.53
C ALA K 109 -37.23 -24.48 17.52
N LEU K 110 -37.44 -24.18 16.25
CA LEU K 110 -37.34 -25.21 15.21
C LEU K 110 -35.98 -25.89 15.16
N PRO K 111 -34.82 -25.19 15.31
CA PRO K 111 -33.54 -25.94 15.33
C PRO K 111 -33.48 -26.99 16.41
N TYR K 112 -34.01 -26.70 17.60
CA TYR K 112 -34.04 -27.69 18.68
C TYR K 112 -34.76 -28.96 18.24
N ILE K 113 -35.98 -28.80 17.69
CA ILE K 113 -36.79 -29.94 17.29
C ILE K 113 -36.10 -30.72 16.17
N THR K 114 -35.59 -30.00 15.16
CA THR K 114 -35.07 -30.67 13.98
C THR K 114 -33.75 -31.38 14.27
N GLU K 115 -32.88 -30.78 15.08
CA GLU K 115 -31.56 -31.36 15.31
C GLU K 115 -31.53 -32.29 16.52
N HIS K 116 -31.91 -31.77 17.69
CA HIS K 116 -31.62 -32.50 18.92
C HIS K 116 -32.57 -33.66 19.17
N THR K 117 -33.78 -33.62 18.61
CA THR K 117 -34.83 -34.56 18.98
C THR K 117 -34.96 -35.74 18.03
N GLY K 118 -34.05 -35.89 17.07
CA GLY K 118 -34.15 -36.99 16.13
C GLY K 118 -35.35 -36.91 15.21
N PHE K 119 -35.82 -35.70 14.90
CA PHE K 119 -36.94 -35.51 13.99
C PHE K 119 -36.44 -35.64 12.55
N THR K 120 -37.10 -36.51 11.78
CA THR K 120 -36.73 -36.77 10.39
C THR K 120 -37.86 -36.48 9.42
N GLY K 121 -38.85 -35.71 9.83
CA GLY K 121 -39.99 -35.39 9.00
C GLY K 121 -39.72 -34.21 8.08
N THR K 122 -40.81 -33.56 7.68
CA THR K 122 -40.76 -32.43 6.77
C THR K 122 -41.31 -31.19 7.47
N VAL K 123 -40.87 -30.02 7.02
CA VAL K 123 -41.35 -28.73 7.53
C VAL K 123 -41.93 -27.95 6.37
N TYR K 124 -43.15 -27.47 6.54
CA TYR K 124 -43.85 -26.70 5.51
C TYR K 124 -44.15 -25.30 6.03
N ALA K 125 -43.82 -24.30 5.23
CA ALA K 125 -44.01 -22.91 5.60
C ALA K 125 -44.01 -22.05 4.34
N THR K 126 -44.54 -20.84 4.48
CA THR K 126 -44.54 -19.89 3.38
C THR K 126 -43.20 -19.17 3.29
N GLU K 127 -42.83 -18.77 2.08
CA GLU K 127 -41.51 -18.19 1.83
C GLU K 127 -41.22 -16.92 2.64
N PRO K 128 -42.12 -15.91 2.72
CA PRO K 128 -41.80 -14.77 3.60
C PRO K 128 -41.59 -15.17 5.04
N THR K 129 -42.37 -16.14 5.53
CA THR K 129 -42.18 -16.66 6.88
C THR K 129 -40.80 -17.25 7.04
N VAL K 130 -40.35 -18.04 6.05
CA VAL K 130 -39.05 -18.68 6.12
C VAL K 130 -37.93 -17.63 6.14
N GLN K 131 -38.02 -16.64 5.25
CA GLN K 131 -36.97 -15.63 5.16
C GLN K 131 -36.91 -14.76 6.43
N ILE K 132 -38.07 -14.32 6.91
CA ILE K 132 -38.08 -13.46 8.09
C ILE K 132 -37.67 -14.25 9.33
N GLY K 133 -38.08 -15.51 9.42
CA GLY K 133 -37.61 -16.37 10.50
C GLY K 133 -36.12 -16.57 10.47
N ARG K 134 -35.56 -16.73 9.26
CA ARG K 134 -34.12 -16.83 9.10
C ARG K 134 -33.43 -15.59 9.62
N LEU K 135 -33.98 -14.41 9.31
CA LEU K 135 -33.44 -13.16 9.83
C LEU K 135 -33.51 -13.11 11.35
N LEU K 136 -34.62 -13.58 11.92
CA LEU K 136 -34.78 -13.53 13.37
C LEU K 136 -33.78 -14.44 14.08
N MET K 137 -33.59 -15.66 13.58
CA MET K 137 -32.59 -16.53 14.19
C MET K 137 -31.18 -16.00 13.93
N GLU K 138 -30.93 -15.38 12.77
CA GLU K 138 -29.65 -14.73 12.51
C GLU K 138 -29.34 -13.70 13.59
N GLU K 139 -30.29 -12.77 13.82
CA GLU K 139 -30.03 -11.71 14.80
C GLU K 139 -29.98 -12.25 16.22
N LEU K 140 -30.77 -13.29 16.53
CA LEU K 140 -30.75 -13.86 17.87
C LEU K 140 -29.40 -14.52 18.16
N VAL K 141 -28.90 -15.33 17.21
CA VAL K 141 -27.61 -15.98 17.39
C VAL K 141 -26.49 -14.94 17.44
N ASN K 142 -26.58 -13.90 16.60
CA ASN K 142 -25.60 -12.83 16.61
C ASN K 142 -25.55 -12.13 17.96
N PHE K 143 -26.72 -11.81 18.51
CA PHE K 143 -26.77 -11.16 19.83
C PHE K 143 -26.22 -12.05 20.92
N ILE K 144 -26.57 -13.34 20.90
CA ILE K 144 -26.18 -14.23 21.99
C ILE K 144 -24.68 -14.50 21.94
N GLU K 145 -24.13 -14.75 20.75
CA GLU K 145 -22.73 -15.11 20.61
C GLU K 145 -21.82 -13.90 20.40
N ARG K 146 -22.37 -12.69 20.37
CA ARG K 146 -21.54 -11.49 20.20
C ARG K 146 -20.51 -11.36 21.31
N VAL K 147 -20.96 -11.41 22.56
CA VAL K 147 -20.09 -11.34 23.74
C VAL K 147 -20.51 -12.49 24.64
N PRO K 148 -20.01 -13.71 24.41
CA PRO K 148 -20.52 -14.89 25.11
C PRO K 148 -20.37 -14.82 26.63
N LYS K 149 -21.34 -15.40 27.32
CA LYS K 149 -21.31 -15.53 28.76
C LYS K 149 -21.47 -16.99 29.15
N ALA K 150 -20.81 -17.38 30.25
CA ALA K 150 -20.84 -18.76 30.69
C ALA K 150 -22.21 -19.12 31.26
N GLN K 151 -22.42 -20.42 31.43
CA GLN K 151 -23.65 -20.98 31.98
C GLN K 151 -23.43 -21.57 33.36
N SER K 152 -22.68 -20.86 34.21
CA SER K 152 -22.31 -21.39 35.52
C SER K 152 -23.51 -21.59 36.45
N ALA K 153 -24.64 -20.96 36.16
CA ALA K 153 -25.79 -20.96 37.07
C ALA K 153 -26.59 -22.25 36.89
N SER K 154 -26.48 -23.15 37.87
CA SER K 154 -27.30 -24.36 37.86
C SER K 154 -27.89 -24.72 39.22
N LEU K 155 -27.38 -24.16 40.33
CA LEU K 155 -27.91 -24.51 41.64
C LEU K 155 -29.34 -24.00 41.81
N TRP K 156 -29.64 -22.79 41.31
CA TRP K 156 -30.96 -22.22 41.48
C TRP K 156 -32.07 -22.99 40.76
N LYS K 157 -31.72 -23.88 39.84
CA LYS K 157 -32.72 -24.70 39.17
C LYS K 157 -33.25 -25.83 40.03
N ASN K 158 -32.63 -26.07 41.19
CA ASN K 158 -33.02 -27.18 42.05
C ASN K 158 -34.44 -27.00 42.56
N LYS K 159 -35.17 -28.12 42.68
CA LYS K 159 -36.57 -28.07 43.08
C LYS K 159 -36.75 -27.50 44.48
N ASP K 160 -35.91 -27.91 45.43
CA ASP K 160 -36.05 -27.43 46.80
C ASP K 160 -35.47 -26.05 47.02
N ILE K 161 -34.68 -25.52 46.08
CA ILE K 161 -34.10 -24.20 46.24
C ILE K 161 -34.95 -23.11 45.59
N GLN K 162 -35.60 -23.42 44.48
CA GLN K 162 -36.39 -22.42 43.76
C GLN K 162 -37.59 -21.92 44.56
N ARG K 163 -38.07 -22.70 45.53
CA ARG K 163 -39.23 -22.30 46.31
C ARG K 163 -38.95 -21.06 47.15
N LEU K 164 -37.75 -20.95 47.71
CA LEU K 164 -37.44 -19.84 48.61
C LEU K 164 -37.08 -18.56 47.88
N LEU K 165 -36.89 -18.61 46.56
CA LEU K 165 -36.54 -17.40 45.82
C LEU K 165 -37.75 -16.49 45.71
N PRO K 166 -37.53 -15.18 45.42
CA PRO K 166 -38.66 -14.25 45.25
C PRO K 166 -39.55 -14.57 44.07
N SER K 167 -40.61 -13.79 43.89
CA SER K 167 -41.72 -14.16 43.00
C SER K 167 -41.33 -14.38 41.54
N PRO K 168 -40.62 -13.45 40.84
CA PRO K 168 -40.35 -13.71 39.41
C PRO K 168 -39.55 -14.97 39.15
N LEU K 169 -38.62 -15.28 40.06
CA LEU K 169 -37.78 -16.47 39.91
C LEU K 169 -38.47 -17.73 40.45
N LYS K 170 -39.35 -17.58 41.45
CA LYS K 170 -40.05 -18.74 41.99
C LYS K 170 -41.13 -19.24 41.04
N ASP K 171 -41.82 -18.32 40.34
CA ASP K 171 -42.93 -18.71 39.49
C ASP K 171 -42.51 -19.26 38.13
N ALA K 172 -41.22 -19.21 37.79
CA ALA K 172 -40.75 -19.80 36.56
C ALA K 172 -41.00 -21.31 36.56
N VAL K 173 -41.47 -21.81 35.43
CA VAL K 173 -41.88 -23.21 35.31
C VAL K 173 -41.05 -23.88 34.24
N GLU K 174 -40.87 -25.21 34.40
CA GLU K 174 -40.07 -26.04 33.50
C GLU K 174 -38.64 -25.52 33.37
N VAL K 175 -38.09 -25.06 34.50
CA VAL K 175 -36.76 -24.46 34.54
C VAL K 175 -35.69 -25.47 34.12
N SER K 176 -35.86 -26.73 34.51
CA SER K 176 -34.90 -27.76 34.14
C SER K 176 -34.87 -28.00 32.63
N THR K 177 -35.93 -27.65 31.92
CA THR K 177 -36.01 -27.86 30.49
C THR K 177 -35.47 -26.68 29.68
N TRP K 178 -34.98 -25.64 30.34
CA TRP K 178 -34.45 -24.48 29.64
C TRP K 178 -33.11 -24.83 28.98
N ARG K 179 -32.88 -24.25 27.81
CA ARG K 179 -31.68 -24.51 27.02
C ARG K 179 -31.09 -23.20 26.55
N ARG K 180 -29.78 -23.21 26.32
CA ARG K 180 -29.11 -22.05 25.77
C ARG K 180 -29.45 -21.91 24.28
N CYS K 181 -29.07 -20.78 23.71
CA CYS K 181 -29.38 -20.48 22.32
C CYS K 181 -28.72 -21.47 21.38
N TYR K 182 -29.48 -21.92 20.38
CA TYR K 182 -28.93 -22.76 19.34
C TYR K 182 -27.85 -22.03 18.55
N THR K 183 -26.87 -22.80 18.08
CA THR K 183 -25.80 -22.27 17.25
C THR K 183 -26.29 -22.05 15.82
N MET K 184 -25.49 -21.31 15.04
CA MET K 184 -25.89 -20.99 13.68
C MET K 184 -25.85 -22.19 12.75
N GLN K 185 -25.01 -23.18 13.06
CA GLN K 185 -24.99 -24.41 12.28
C GLN K 185 -26.34 -25.12 12.37
N GLU K 186 -26.91 -25.17 13.58
CA GLU K 186 -28.23 -25.76 13.76
C GLU K 186 -29.31 -24.98 13.02
N VAL K 187 -29.22 -23.65 13.01
CA VAL K 187 -30.18 -22.83 12.27
C VAL K 187 -30.11 -23.15 10.78
N ASN K 188 -28.90 -23.19 10.24
CA ASN K 188 -28.74 -23.47 8.82
C ASN K 188 -29.21 -24.88 8.47
N SER K 189 -28.93 -25.84 9.36
CA SER K 189 -29.40 -27.21 9.14
C SER K 189 -30.92 -27.29 9.18
N ALA K 190 -31.55 -26.57 10.11
CA ALA K 190 -33.00 -26.63 10.27
C ALA K 190 -33.72 -26.06 9.06
N LEU K 191 -33.30 -24.89 8.60
CA LEU K 191 -33.91 -24.24 7.44
C LEU K 191 -33.66 -25.00 6.14
N SER K 192 -32.72 -25.94 6.13
CA SER K 192 -32.54 -26.79 4.97
C SER K 192 -33.60 -27.87 4.86
N LYS K 193 -34.30 -28.18 5.95
CA LYS K 193 -35.34 -29.19 5.94
C LYS K 193 -36.73 -28.62 5.70
N ILE K 194 -36.83 -27.51 4.98
CA ILE K 194 -38.08 -26.77 4.84
C ILE K 194 -38.54 -26.83 3.39
N GLN K 195 -39.86 -26.89 3.21
CA GLN K 195 -40.49 -26.81 1.90
C GLN K 195 -41.33 -25.56 1.83
N LEU K 196 -41.11 -24.75 0.80
CA LEU K 196 -41.85 -23.50 0.66
C LEU K 196 -43.20 -23.79 0.01
N VAL K 197 -44.26 -23.25 0.61
CA VAL K 197 -45.62 -23.46 0.15
C VAL K 197 -46.31 -22.10 0.01
N GLY K 198 -47.06 -21.93 -1.06
CA GLY K 198 -47.84 -20.73 -1.24
C GLY K 198 -49.23 -20.86 -0.66
N TYR K 199 -49.91 -19.71 -0.54
CA TYR K 199 -51.26 -19.70 -0.01
C TYR K 199 -52.20 -20.51 -0.89
N SER K 200 -53.07 -21.29 -0.25
CA SER K 200 -54.08 -22.15 -0.90
C SER K 200 -53.46 -23.28 -1.69
N GLN K 201 -52.21 -23.63 -1.41
CA GLN K 201 -51.53 -24.74 -2.06
C GLN K 201 -51.89 -26.03 -1.32
N LYS K 202 -52.41 -27.01 -2.07
CA LYS K 202 -52.84 -28.27 -1.49
C LYS K 202 -51.63 -29.20 -1.44
N ILE K 203 -51.17 -29.51 -0.24
CA ILE K 203 -50.04 -30.42 -0.04
C ILE K 203 -50.60 -31.73 0.50
N GLU K 204 -50.33 -32.81 -0.22
CA GLU K 204 -50.80 -34.12 0.20
C GLU K 204 -49.73 -34.78 1.06
N LEU K 205 -50.12 -35.24 2.24
CA LEU K 205 -49.19 -35.89 3.17
C LEU K 205 -49.45 -37.39 3.13
N PHE K 206 -48.65 -38.09 2.33
CA PHE K 206 -48.69 -39.56 2.20
C PHE K 206 -50.05 -40.04 1.71
N GLY K 207 -50.74 -39.22 0.93
CA GLY K 207 -52.05 -39.57 0.41
C GLY K 207 -53.15 -39.67 1.45
N ALA K 208 -52.89 -39.25 2.68
CA ALA K 208 -53.85 -39.36 3.77
C ALA K 208 -54.60 -38.05 3.99
N VAL K 209 -53.88 -36.97 4.23
CA VAL K 209 -54.48 -35.69 4.60
C VAL K 209 -53.93 -34.59 3.69
N GLN K 210 -54.74 -33.55 3.51
CA GLN K 210 -54.36 -32.40 2.70
C GLN K 210 -54.29 -31.17 3.58
N VAL K 211 -53.17 -30.45 3.50
CA VAL K 211 -52.98 -29.22 4.26
C VAL K 211 -52.80 -28.07 3.29
N THR K 212 -53.43 -26.94 3.59
CA THR K 212 -53.27 -25.73 2.81
C THR K 212 -52.98 -24.60 3.81
N PRO K 213 -51.97 -23.78 3.57
CA PRO K 213 -51.89 -22.52 4.31
C PRO K 213 -52.83 -21.48 3.73
N LEU K 214 -53.53 -20.79 4.63
CA LEU K 214 -54.45 -19.72 4.27
C LEU K 214 -53.98 -18.44 4.93
N SER K 215 -53.99 -17.35 4.16
CA SER K 215 -53.51 -16.06 4.65
C SER K 215 -54.26 -15.61 5.90
N SER K 216 -53.51 -15.23 6.93
CA SER K 216 -54.08 -14.78 8.18
C SER K 216 -54.15 -13.27 8.30
N GLY K 217 -53.36 -12.54 7.52
CA GLY K 217 -53.38 -11.09 7.56
C GLY K 217 -52.63 -10.46 8.71
N TYR K 218 -51.96 -11.25 9.53
CA TYR K 218 -51.26 -10.73 10.69
C TYR K 218 -49.85 -10.26 10.35
N ALA K 219 -49.15 -10.97 9.47
CA ALA K 219 -47.78 -10.62 9.12
C ALA K 219 -47.49 -11.11 7.71
N LEU K 220 -46.30 -10.76 7.22
CA LEU K 220 -45.86 -11.21 5.90
C LEU K 220 -45.59 -12.70 5.92
N GLY K 221 -46.35 -13.45 5.13
CA GLY K 221 -46.22 -14.89 5.12
C GLY K 221 -46.96 -15.59 6.24
N SER K 222 -47.60 -14.84 7.13
CA SER K 222 -48.45 -15.43 8.17
C SER K 222 -49.57 -16.25 7.54
N SER K 223 -49.79 -17.44 8.09
CA SER K 223 -50.73 -18.37 7.48
C SER K 223 -51.49 -19.15 8.53
N ASN K 224 -52.77 -19.39 8.27
CA ASN K 224 -53.56 -20.36 9.00
C ASN K 224 -53.63 -21.65 8.19
N TRP K 225 -53.70 -22.77 8.89
CA TRP K 225 -53.69 -24.08 8.25
C TRP K 225 -55.02 -24.78 8.47
N ILE K 226 -55.48 -25.49 7.44
CA ILE K 226 -56.63 -26.39 7.55
C ILE K 226 -56.18 -27.77 7.11
N ILE K 227 -56.34 -28.75 7.99
CA ILE K 227 -56.00 -30.13 7.71
C ILE K 227 -57.31 -30.89 7.53
N GLN K 228 -57.44 -31.61 6.42
CA GLN K 228 -58.67 -32.33 6.15
C GLN K 228 -58.35 -33.71 5.57
N SER K 229 -59.24 -34.66 5.87
CA SER K 229 -59.17 -36.02 5.37
C SER K 229 -60.39 -36.38 4.53
N HIS K 230 -60.94 -35.41 3.80
CA HIS K 230 -62.03 -35.52 2.83
C HIS K 230 -63.39 -35.74 3.49
N TYR K 231 -63.42 -35.98 4.78
CA TYR K 231 -64.66 -35.96 5.55
C TYR K 231 -64.55 -35.17 6.84
N GLU K 232 -63.41 -35.23 7.51
CA GLU K 232 -63.19 -34.50 8.75
C GLU K 232 -62.11 -33.46 8.52
N LYS K 233 -62.41 -32.21 8.88
CA LYS K 233 -61.52 -31.08 8.66
C LYS K 233 -61.13 -30.48 9.99
N VAL K 234 -59.84 -30.18 10.17
CA VAL K 234 -59.33 -29.53 11.36
C VAL K 234 -58.71 -28.22 10.92
N SER K 235 -59.19 -27.12 11.49
CA SER K 235 -58.70 -25.80 11.17
C SER K 235 -57.80 -25.29 12.28
N TYR K 236 -56.65 -24.77 11.91
CA TYR K 236 -55.70 -24.20 12.86
C TYR K 236 -55.61 -22.70 12.62
N VAL K 237 -56.10 -21.93 13.58
CA VAL K 237 -56.13 -20.47 13.48
C VAL K 237 -55.03 -19.95 14.40
N SER K 238 -53.89 -19.61 13.81
CA SER K 238 -52.80 -18.96 14.53
C SER K 238 -53.05 -17.46 14.60
N GLY K 239 -52.01 -16.69 14.91
CA GLY K 239 -52.11 -15.24 14.90
C GLY K 239 -52.65 -14.72 13.58
N SER K 240 -53.75 -13.98 13.66
CA SER K 240 -54.42 -13.45 12.49
C SER K 240 -54.92 -12.05 12.78
N SER K 241 -55.21 -11.31 11.73
CA SER K 241 -55.66 -9.93 11.88
C SER K 241 -56.68 -9.60 10.81
N LEU K 242 -57.72 -8.88 11.21
CA LEU K 242 -58.77 -8.43 10.31
C LEU K 242 -58.73 -6.92 10.09
N LEU K 243 -57.59 -6.30 10.37
CA LEU K 243 -57.44 -4.87 10.20
C LEU K 243 -57.04 -4.55 8.76
N THR K 244 -56.59 -3.32 8.53
CA THR K 244 -56.22 -2.84 7.20
C THR K 244 -54.75 -3.07 6.90
N THR K 245 -54.17 -4.14 7.43
CA THR K 245 -52.75 -4.43 7.37
C THR K 245 -52.29 -4.61 5.92
N HIS K 246 -50.96 -4.60 5.75
CA HIS K 246 -50.38 -4.82 4.43
C HIS K 246 -50.69 -6.19 3.84
N PRO K 247 -50.52 -7.34 4.53
CA PRO K 247 -50.82 -8.62 3.89
C PRO K 247 -52.29 -8.74 3.52
N GLN K 248 -52.57 -9.65 2.58
CA GLN K 248 -53.95 -9.86 2.15
C GLN K 248 -54.79 -10.35 3.32
N PRO K 249 -56.06 -9.95 3.42
CA PRO K 249 -56.86 -10.19 4.62
C PRO K 249 -57.06 -11.68 4.89
N MET K 250 -57.65 -11.97 6.06
CA MET K 250 -57.95 -13.35 6.43
C MET K 250 -58.86 -14.02 5.42
N ASP K 251 -58.56 -15.28 5.14
CA ASP K 251 -59.39 -16.13 4.30
C ASP K 251 -60.31 -16.87 5.26
N GLN K 252 -61.35 -16.17 5.71
CA GLN K 252 -62.28 -16.74 6.69
C GLN K 252 -63.18 -17.81 6.06
N ALA K 253 -63.43 -17.72 4.76
CA ALA K 253 -64.37 -18.64 4.11
C ALA K 253 -63.89 -20.08 4.19
N SER K 254 -62.59 -20.33 3.98
CA SER K 254 -62.07 -21.69 3.96
C SER K 254 -62.11 -22.37 5.32
N LEU K 255 -62.37 -21.64 6.41
CA LEU K 255 -62.44 -22.26 7.72
C LEU K 255 -63.80 -22.85 8.02
N LYS K 256 -64.79 -22.66 7.15
CA LYS K 256 -66.12 -23.19 7.40
C LYS K 256 -66.13 -24.71 7.27
N ASN K 257 -67.16 -25.32 7.84
CA ASN K 257 -67.34 -26.78 7.84
C ASN K 257 -66.15 -27.48 8.49
N SER K 258 -65.77 -27.00 9.67
CA SER K 258 -64.64 -27.51 10.43
C SER K 258 -65.13 -28.30 11.63
N ASP K 259 -64.72 -29.57 11.70
CA ASP K 259 -65.07 -30.39 12.86
C ASP K 259 -64.40 -29.86 14.12
N VAL K 260 -63.15 -29.44 14.01
CA VAL K 260 -62.36 -28.96 15.14
C VAL K 260 -61.62 -27.71 14.67
N LEU K 261 -61.67 -26.65 15.47
CA LEU K 261 -60.99 -25.40 15.17
C LEU K 261 -60.03 -25.10 16.33
N VAL K 262 -58.81 -25.63 16.25
CA VAL K 262 -57.82 -25.29 17.25
C VAL K 262 -57.38 -23.85 17.06
N LEU K 263 -57.50 -23.06 18.12
CA LEU K 263 -57.40 -21.61 18.04
C LEU K 263 -56.32 -21.12 18.99
N THR K 264 -55.26 -20.53 18.42
CA THR K 264 -54.17 -19.95 19.18
C THR K 264 -53.87 -18.56 18.63
N GLY K 265 -52.81 -17.96 19.17
CA GLY K 265 -52.34 -16.67 18.69
C GLY K 265 -53.32 -15.54 18.80
N LEU K 266 -54.07 -15.47 19.89
CA LEU K 266 -54.92 -14.33 20.14
C LEU K 266 -54.12 -13.22 20.79
N THR K 267 -54.64 -12.01 20.68
CA THR K 267 -53.90 -10.83 21.12
C THR K 267 -53.67 -10.83 22.63
N GLN K 268 -52.50 -10.34 23.02
CA GLN K 268 -52.33 -9.92 24.40
C GLN K 268 -52.83 -8.49 24.48
N ILE K 269 -52.99 -8.00 25.71
CA ILE K 269 -53.57 -6.70 26.07
C ILE K 269 -54.80 -6.41 25.20
N PRO K 270 -55.88 -7.18 25.37
CA PRO K 270 -57.06 -7.02 24.49
C PRO K 270 -57.73 -5.66 24.56
N THR K 271 -57.55 -4.93 25.66
CA THR K 271 -58.21 -3.63 25.82
C THR K 271 -57.62 -2.54 24.94
N ALA K 272 -56.50 -2.81 24.27
CA ALA K 272 -55.78 -1.79 23.52
C ALA K 272 -56.21 -1.77 22.06
N ASN K 273 -56.56 -0.59 21.56
CA ASN K 273 -56.83 -0.41 20.15
C ASN K 273 -55.53 -0.05 19.45
N PRO K 274 -55.06 -0.86 18.49
CA PRO K 274 -53.73 -0.64 17.90
C PRO K 274 -53.55 0.71 17.20
N ASP K 275 -54.59 1.25 16.56
CA ASP K 275 -54.44 2.55 15.91
C ASP K 275 -54.22 3.66 16.94
N GLY K 276 -54.99 3.65 18.02
CA GLY K 276 -54.80 4.63 19.08
C GLY K 276 -53.44 4.53 19.73
N MET K 277 -52.95 3.30 19.92
CA MET K 277 -51.64 3.11 20.51
C MET K 277 -50.52 3.54 19.56
N VAL K 278 -50.70 3.36 18.25
CA VAL K 278 -49.73 3.85 17.28
C VAL K 278 -49.68 5.37 17.33
N GLY K 279 -50.86 6.00 17.38
CA GLY K 279 -50.91 7.45 17.51
C GLY K 279 -50.24 7.95 18.79
N GLU K 280 -50.49 7.25 19.91
CA GLU K 280 -49.89 7.62 21.18
C GLU K 280 -48.37 7.47 21.13
N PHE K 281 -47.87 6.40 20.50
CA PHE K 281 -46.44 6.18 20.36
C PHE K 281 -45.80 7.31 19.56
N CYS K 282 -46.42 7.69 18.44
CA CYS K 282 -45.89 8.76 17.62
C CYS K 282 -45.89 10.09 18.38
N SER K 283 -46.99 10.39 19.09
CA SER K 283 -47.08 11.63 19.84
C SER K 283 -46.04 11.68 20.96
N ASN K 284 -45.84 10.57 21.66
CA ASN K 284 -44.88 10.51 22.75
C ASN K 284 -43.46 10.74 22.24
N LEU K 285 -43.10 10.08 21.13
CA LEU K 285 -41.74 10.26 20.64
C LEU K 285 -41.55 11.66 20.06
N ALA K 286 -42.59 12.25 19.47
CA ALA K 286 -42.50 13.63 19.01
C ALA K 286 -42.29 14.59 20.17
N LEU K 287 -43.01 14.38 21.28
CA LEU K 287 -42.83 15.22 22.46
C LEU K 287 -41.42 15.09 23.01
N THR K 288 -40.90 13.86 23.08
CA THR K 288 -39.54 13.66 23.59
C THR K 288 -38.50 14.30 22.69
N VAL K 289 -38.66 14.16 21.38
CA VAL K 289 -37.69 14.70 20.44
C VAL K 289 -37.71 16.22 20.46
N ARG K 290 -38.90 16.81 20.60
CA ARG K 290 -39.01 18.27 20.61
C ARG K 290 -38.24 18.89 21.77
N ASN K 291 -38.19 18.20 22.91
CA ASN K 291 -37.45 18.66 24.07
C ASN K 291 -35.97 18.30 24.02
N GLY K 292 -35.47 17.81 22.89
CA GLY K 292 -34.06 17.50 22.74
C GLY K 292 -33.63 16.13 23.20
N GLY K 293 -34.54 15.32 23.73
CA GLY K 293 -34.18 13.99 24.20
C GLY K 293 -34.05 12.99 23.07
N ASN K 294 -33.60 11.81 23.44
CA ASN K 294 -33.50 10.67 22.52
C ASN K 294 -34.67 9.74 22.75
N VAL K 295 -34.89 8.85 21.78
CA VAL K 295 -35.97 7.87 21.86
C VAL K 295 -35.39 6.50 21.51
N LEU K 296 -35.73 5.50 22.30
CA LEU K 296 -35.31 4.12 22.07
C LEU K 296 -36.54 3.27 21.89
N VAL K 297 -36.58 2.49 20.82
CA VAL K 297 -37.77 1.70 20.47
C VAL K 297 -37.34 0.25 20.31
N PRO K 298 -37.30 -0.52 21.39
CA PRO K 298 -36.99 -1.96 21.26
C PRO K 298 -38.07 -2.66 20.45
N CYS K 299 -37.64 -3.33 19.39
CA CYS K 299 -38.56 -3.98 18.47
C CYS K 299 -37.84 -5.08 17.72
N TYR K 300 -38.62 -5.97 17.13
CA TYR K 300 -38.06 -6.93 16.19
C TYR K 300 -37.74 -6.22 14.89
N PRO K 301 -36.76 -6.71 14.12
CA PRO K 301 -36.34 -5.99 12.90
C PRO K 301 -37.36 -6.04 11.78
N SER K 302 -38.37 -6.89 11.88
CA SER K 302 -39.26 -7.13 10.74
C SER K 302 -40.72 -7.28 11.14
N GLY K 303 -41.09 -6.97 12.37
CA GLY K 303 -42.46 -7.17 12.83
C GLY K 303 -43.33 -5.95 12.64
N VAL K 304 -43.76 -5.35 13.75
CA VAL K 304 -44.60 -4.16 13.72
C VAL K 304 -43.80 -2.90 13.42
N ILE K 305 -42.49 -3.03 13.21
CA ILE K 305 -41.64 -1.87 12.94
C ILE K 305 -42.06 -1.16 11.66
N TYR K 306 -42.47 -1.92 10.64
CA TYR K 306 -42.83 -1.32 9.35
C TYR K 306 -44.06 -0.43 9.46
N ASP K 307 -45.08 -0.87 10.21
CA ASP K 307 -46.32 -0.11 10.30
C ASP K 307 -46.10 1.21 11.02
N LEU K 308 -45.42 1.15 12.17
CA LEU K 308 -45.12 2.36 12.91
C LEU K 308 -44.13 3.24 12.15
N LEU K 309 -43.28 2.65 11.30
CA LEU K 309 -42.40 3.46 10.47
C LEU K 309 -43.20 4.23 9.42
N GLU K 310 -44.21 3.59 8.82
CA GLU K 310 -45.09 4.29 7.89
C GLU K 310 -45.82 5.43 8.59
N CYS K 311 -46.37 5.15 9.77
CA CYS K 311 -47.08 6.19 10.51
C CYS K 311 -46.14 7.31 10.92
N LEU K 312 -44.89 6.99 11.25
CA LEU K 312 -43.91 8.02 11.57
C LEU K 312 -43.57 8.86 10.36
N TYR K 313 -43.44 8.23 9.18
CA TYR K 313 -43.19 8.97 7.96
C TYR K 313 -44.32 9.96 7.69
N GLN K 314 -45.56 9.53 7.89
CA GLN K 314 -46.68 10.46 7.74
C GLN K 314 -46.68 11.54 8.83
N TYR K 315 -46.31 11.18 10.06
CA TYR K 315 -46.44 12.08 11.20
C TYR K 315 -45.38 13.17 11.21
N ILE K 316 -44.11 12.83 10.90
CA ILE K 316 -43.02 13.80 11.04
C ILE K 316 -43.19 15.00 10.11
N ASP K 317 -43.74 14.77 8.90
CA ASP K 317 -43.90 15.85 7.95
C ASP K 317 -44.81 16.95 8.49
N SER K 318 -45.93 16.56 9.09
CA SER K 318 -46.80 17.53 9.73
C SER K 318 -46.22 18.05 11.04
N ALA K 319 -45.48 17.20 11.77
CA ALA K 319 -44.92 17.56 13.05
C ALA K 319 -43.68 18.43 12.96
N GLY K 320 -43.14 18.65 11.76
CA GLY K 320 -41.93 19.44 11.60
C GLY K 320 -40.72 18.84 12.27
N LEU K 321 -40.53 17.53 12.14
CA LEU K 321 -39.41 16.81 12.74
C LEU K 321 -38.62 16.03 11.70
N SER K 322 -38.59 16.52 10.47
CA SER K 322 -37.84 15.86 9.41
C SER K 322 -36.33 15.91 9.63
N SER K 323 -35.85 16.85 10.45
CA SER K 323 -34.40 16.99 10.65
C SER K 323 -33.82 15.81 11.42
N VAL K 324 -34.55 15.30 12.41
CA VAL K 324 -34.02 14.27 13.31
C VAL K 324 -33.81 12.96 12.56
N PRO K 325 -32.78 12.19 12.90
CA PRO K 325 -32.57 10.91 12.21
C PRO K 325 -33.35 9.76 12.81
N LEU K 326 -33.62 8.79 11.95
CA LEU K 326 -34.38 7.58 12.27
C LEU K 326 -33.42 6.41 12.11
N TYR K 327 -32.78 6.01 13.20
CA TYR K 327 -31.77 4.96 13.15
C TYR K 327 -32.41 3.60 13.37
N PHE K 328 -31.96 2.61 12.59
CA PHE K 328 -32.45 1.24 12.70
C PHE K 328 -31.21 0.34 12.73
N ILE K 329 -30.84 -0.12 13.92
CA ILE K 329 -29.61 -0.87 14.12
C ILE K 329 -29.98 -2.32 14.36
N SER K 330 -29.51 -3.21 13.48
CA SER K 330 -29.66 -4.64 13.64
C SER K 330 -28.77 -5.34 12.62
N PRO K 331 -28.23 -6.52 12.94
CA PRO K 331 -27.39 -7.23 11.95
C PRO K 331 -28.15 -7.61 10.69
N VAL K 332 -29.47 -7.66 10.75
CA VAL K 332 -30.31 -8.09 9.63
C VAL K 332 -31.20 -6.93 9.20
N ALA K 333 -30.70 -5.71 9.35
CA ALA K 333 -31.50 -4.52 9.06
C ALA K 333 -31.76 -4.39 7.56
N ASN K 334 -30.68 -4.36 6.77
CA ASN K 334 -30.84 -4.21 5.33
C ASN K 334 -31.57 -5.40 4.74
N SER K 335 -31.29 -6.60 5.24
CA SER K 335 -32.01 -7.80 4.80
C SER K 335 -33.49 -7.68 5.12
N SER K 336 -33.84 -7.14 6.30
CA SER K 336 -35.24 -6.97 6.66
C SER K 336 -35.93 -6.00 5.72
N LEU K 337 -35.28 -4.87 5.44
CA LEU K 337 -35.89 -3.86 4.59
C LEU K 337 -36.07 -4.40 3.17
N GLU K 338 -35.07 -5.11 2.65
CA GLU K 338 -35.14 -5.64 1.29
C GLU K 338 -36.19 -6.74 1.19
N PHE K 339 -36.26 -7.63 2.18
CA PHE K 339 -37.26 -8.69 2.16
C PHE K 339 -38.67 -8.11 2.27
N SER K 340 -38.86 -7.09 3.11
CA SER K 340 -40.15 -6.42 3.17
C SER K 340 -40.51 -5.81 1.84
N GLN K 341 -39.52 -5.26 1.13
CA GLN K 341 -39.81 -4.63 -0.16
C GLN K 341 -40.17 -5.65 -1.23
N ILE K 342 -39.40 -6.75 -1.33
CA ILE K 342 -39.55 -7.63 -2.48
C ILE K 342 -40.84 -8.46 -2.40
N PHE K 343 -41.33 -8.75 -1.20
CA PHE K 343 -42.56 -9.53 -1.05
C PHE K 343 -43.77 -8.61 -1.28
N ALA K 344 -43.93 -8.19 -2.54
CA ALA K 344 -45.02 -7.31 -2.92
C ALA K 344 -46.29 -8.07 -3.29
N GLU K 345 -46.16 -9.25 -3.85
CA GLU K 345 -47.31 -10.08 -4.19
C GLU K 345 -47.94 -10.75 -2.97
N TRP K 346 -47.29 -10.68 -1.81
CA TRP K 346 -47.85 -11.17 -0.56
C TRP K 346 -48.60 -10.10 0.22
N LEU K 347 -49.05 -9.04 -0.45
CA LEU K 347 -49.72 -7.91 0.17
C LEU K 347 -51.20 -7.89 -0.23
N CYS K 348 -51.94 -6.97 0.39
CA CYS K 348 -53.34 -6.79 0.06
C CYS K 348 -53.49 -6.17 -1.33
N HIS K 349 -54.73 -6.12 -1.81
CA HIS K 349 -55.02 -5.59 -3.15
C HIS K 349 -54.60 -4.13 -3.28
N ASN K 350 -54.72 -3.34 -2.21
CA ASN K 350 -54.35 -1.94 -2.27
C ASN K 350 -52.85 -1.77 -2.48
N LYS K 351 -52.04 -2.56 -1.78
CA LYS K 351 -50.59 -2.41 -1.84
C LYS K 351 -49.92 -3.27 -2.90
N GLN K 352 -50.53 -4.40 -3.28
CA GLN K 352 -50.02 -5.17 -4.41
C GLN K 352 -50.35 -4.53 -5.75
N SER K 353 -51.23 -3.52 -5.78
CA SER K 353 -51.47 -2.78 -7.02
C SER K 353 -50.32 -1.86 -7.39
N LYS K 354 -49.35 -1.67 -6.49
CA LYS K 354 -48.15 -0.89 -6.77
C LYS K 354 -47.14 -1.63 -7.63
N VAL K 355 -47.39 -2.90 -7.96
CA VAL K 355 -46.49 -3.63 -8.86
C VAL K 355 -46.80 -3.37 -10.33
N TYR K 356 -48.01 -2.91 -10.66
CA TYR K 356 -48.35 -2.62 -12.05
C TYR K 356 -47.50 -1.47 -12.60
N LEU K 357 -47.62 -0.29 -12.01
CA LEU K 357 -46.70 0.79 -12.32
C LEU K 357 -45.41 0.59 -11.52
N PRO K 358 -44.27 1.07 -12.03
CA PRO K 358 -43.01 0.85 -11.28
C PRO K 358 -42.92 1.67 -10.01
N GLU K 359 -43.06 1.01 -8.85
CA GLU K 359 -42.96 1.61 -7.54
C GLU K 359 -42.80 0.53 -6.47
N PRO K 360 -41.83 0.65 -5.58
CA PRO K 360 -41.75 -0.27 -4.44
C PRO K 360 -42.99 -0.15 -3.56
N PRO K 361 -43.46 -1.27 -2.98
CA PRO K 361 -44.69 -1.23 -2.19
C PRO K 361 -44.61 -0.38 -0.92
N PHE K 362 -43.65 -0.69 -0.05
CA PHE K 362 -43.52 0.03 1.20
C PHE K 362 -42.96 1.43 0.96
N PRO K 363 -43.33 2.40 1.79
CA PRO K 363 -42.83 3.77 1.58
C PRO K 363 -41.50 4.07 2.23
N HIS K 364 -40.97 3.18 3.09
CA HIS K 364 -39.68 3.46 3.72
C HIS K 364 -38.52 3.49 2.74
N ALA K 365 -38.70 2.97 1.51
CA ALA K 365 -37.75 3.25 0.44
C ALA K 365 -37.63 4.75 0.20
N GLU K 366 -38.74 5.48 0.32
CA GLU K 366 -38.67 6.93 0.20
C GLU K 366 -38.01 7.55 1.43
N LEU K 367 -38.20 6.94 2.61
CA LEU K 367 -37.48 7.38 3.80
C LEU K 367 -35.97 7.25 3.60
N ILE K 368 -35.54 6.15 2.97
CA ILE K 368 -34.11 5.95 2.70
C ILE K 368 -33.63 6.93 1.63
N GLN K 369 -34.44 7.12 0.58
CA GLN K 369 -34.06 7.98 -0.55
C GLN K 369 -33.86 9.42 -0.12
N THR K 370 -34.75 9.94 0.72
CA THR K 370 -34.61 11.28 1.29
C THR K 370 -33.69 11.30 2.51
N ASN K 371 -33.05 10.16 2.81
CA ASN K 371 -32.09 10.01 3.92
C ASN K 371 -32.75 10.32 5.26
N LYS K 372 -34.00 9.89 5.42
CA LYS K 372 -34.70 10.00 6.68
C LYS K 372 -34.47 8.78 7.58
N LEU K 373 -34.71 7.59 7.05
CA LEU K 373 -34.36 6.35 7.75
C LEU K 373 -32.94 5.95 7.38
N LYS K 374 -32.13 5.65 8.39
CA LYS K 374 -30.75 5.21 8.21
C LYS K 374 -30.54 3.90 8.95
N HIS K 375 -30.37 2.81 8.21
CA HIS K 375 -30.19 1.50 8.80
C HIS K 375 -28.71 1.16 8.84
N TYR K 376 -28.28 0.56 9.94
CA TYR K 376 -26.90 0.17 10.16
C TYR K 376 -26.84 -1.26 10.68
N PRO K 377 -25.71 -1.96 10.50
CA PRO K 377 -25.62 -3.33 11.01
C PRO K 377 -25.27 -3.44 12.48
N SER K 378 -24.70 -2.41 13.08
CA SER K 378 -24.26 -2.44 14.47
C SER K 378 -23.98 -1.01 14.93
N ILE K 379 -23.40 -0.89 16.12
CA ILE K 379 -23.08 0.43 16.66
C ILE K 379 -21.67 0.87 16.26
N HIS K 380 -20.76 -0.09 16.08
CA HIS K 380 -19.35 0.21 15.90
C HIS K 380 -18.99 0.61 14.48
N GLY K 381 -19.89 0.43 13.51
CA GLY K 381 -19.56 0.75 12.14
C GLY K 381 -19.72 2.21 11.82
N ASP K 382 -20.41 2.52 10.72
CA ASP K 382 -20.64 3.90 10.33
C ASP K 382 -21.64 4.61 11.23
N PHE K 383 -22.36 3.88 12.10
CA PHE K 383 -23.32 4.51 12.98
C PHE K 383 -22.66 5.47 13.96
N SER K 384 -21.52 5.06 14.52
CA SER K 384 -20.80 5.90 15.47
C SER K 384 -20.23 7.16 14.84
N ASN K 385 -20.10 7.19 13.52
CA ASN K 385 -19.68 8.39 12.82
C ASN K 385 -20.85 9.29 12.45
N ASP K 386 -22.02 8.71 12.15
CA ASP K 386 -23.18 9.46 11.71
C ASP K 386 -24.20 9.69 12.82
N PHE K 387 -23.82 9.45 14.07
CA PHE K 387 -24.77 9.57 15.17
C PHE K 387 -24.99 11.04 15.52
N ARG K 388 -26.25 11.47 15.51
CA ARG K 388 -26.66 12.79 15.96
C ARG K 388 -27.55 12.65 17.18
N GLN K 389 -27.35 13.50 18.18
CA GLN K 389 -27.90 13.26 19.51
C GLN K 389 -29.43 13.24 19.57
N PRO K 390 -30.18 14.25 19.07
CA PRO K 390 -31.65 14.11 19.22
C PRO K 390 -32.24 13.16 18.18
N CYS K 391 -32.13 11.86 18.46
CA CYS K 391 -32.48 10.84 17.49
C CYS K 391 -33.46 9.84 18.09
N VAL K 392 -33.95 8.97 17.22
CA VAL K 392 -34.80 7.84 17.58
C VAL K 392 -34.18 6.57 17.00
N VAL K 393 -34.07 5.54 17.84
CA VAL K 393 -33.34 4.32 17.48
C VAL K 393 -34.28 3.13 17.65
N PHE K 394 -34.44 2.36 16.57
CA PHE K 394 -35.10 1.06 16.62
C PHE K 394 -34.00 0.01 16.57
N THR K 395 -33.92 -0.81 17.61
CA THR K 395 -32.83 -1.78 17.68
C THR K 395 -33.14 -2.83 18.74
N GLY K 396 -32.24 -3.80 18.82
CA GLY K 396 -32.16 -4.75 19.92
C GLY K 396 -33.33 -5.69 20.07
N HIS K 397 -33.23 -6.60 20.98
CA HIS K 397 -34.36 -7.47 21.23
C HIS K 397 -35.34 -6.76 22.15
N PRO K 398 -36.65 -6.92 21.92
CA PRO K 398 -37.63 -6.31 22.85
C PRO K 398 -37.56 -6.86 24.26
N SER K 399 -36.93 -8.01 24.46
CA SER K 399 -36.76 -8.61 25.79
C SER K 399 -35.84 -7.79 26.68
N LEU K 400 -35.07 -6.85 26.11
CA LEU K 400 -34.10 -6.02 26.84
C LEU K 400 -33.07 -6.89 27.57
N ARG K 401 -32.69 -7.99 26.95
CA ARG K 401 -31.68 -8.85 27.53
C ARG K 401 -30.49 -9.10 26.63
N PHE K 402 -30.55 -8.74 25.35
CA PHE K 402 -29.42 -8.79 24.45
C PHE K 402 -29.72 -7.93 23.23
N GLY K 403 -28.67 -7.65 22.47
CA GLY K 403 -28.75 -6.72 21.36
C GLY K 403 -28.23 -5.36 21.75
N ASP K 404 -28.36 -4.43 20.81
CA ASP K 404 -27.88 -3.07 21.03
C ASP K 404 -28.77 -2.29 21.99
N VAL K 405 -29.99 -2.79 22.23
CA VAL K 405 -30.90 -2.13 23.15
C VAL K 405 -30.35 -2.10 24.56
N VAL K 406 -29.57 -3.12 24.95
CA VAL K 406 -28.93 -3.12 26.27
C VAL K 406 -27.96 -1.96 26.38
N HIS K 407 -27.14 -1.77 25.35
CA HIS K 407 -26.18 -0.66 25.35
C HIS K 407 -26.89 0.67 25.38
N PHE K 408 -27.97 0.82 24.61
CA PHE K 408 -28.66 2.11 24.60
C PHE K 408 -29.41 2.38 25.89
N MET K 409 -29.94 1.33 26.53
CA MET K 409 -30.57 1.50 27.84
C MET K 409 -29.55 1.90 28.89
N GLU K 410 -28.36 1.27 28.86
CA GLU K 410 -27.31 1.65 29.80
C GLU K 410 -26.76 3.03 29.52
N LEU K 411 -26.80 3.48 28.26
CA LEU K 411 -26.29 4.80 27.90
C LEU K 411 -27.27 5.91 28.26
N TRP K 412 -28.51 5.82 27.78
CA TRP K 412 -29.50 6.86 27.96
C TRP K 412 -30.33 6.71 29.23
N GLY K 413 -30.09 5.68 30.03
CA GLY K 413 -30.90 5.43 31.21
C GLY K 413 -30.70 6.41 32.33
N LYS K 414 -29.64 7.22 32.30
CA LYS K 414 -29.35 8.11 33.41
C LYS K 414 -30.05 9.46 33.32
N SER K 415 -30.67 9.78 32.20
CA SER K 415 -31.26 11.09 31.98
C SER K 415 -32.77 10.94 31.83
N SER K 416 -33.50 11.92 32.38
CA SER K 416 -34.95 11.94 32.24
C SER K 416 -35.41 12.39 30.87
N LEU K 417 -34.54 13.07 30.12
CA LEU K 417 -34.91 13.55 28.78
C LEU K 417 -35.21 12.40 27.83
N ASN K 418 -34.40 11.35 27.86
CA ASN K 418 -34.57 10.23 26.94
C ASN K 418 -35.74 9.34 27.36
N THR K 419 -36.28 8.62 26.37
CA THR K 419 -37.43 7.76 26.62
C THR K 419 -37.24 6.42 25.92
N VAL K 420 -37.84 5.38 26.50
CA VAL K 420 -37.88 4.06 25.89
C VAL K 420 -39.35 3.71 25.66
N ILE K 421 -39.69 3.33 24.44
CA ILE K 421 -41.07 3.09 24.05
C ILE K 421 -41.20 1.62 23.68
N PHE K 422 -42.08 0.91 24.38
CA PHE K 422 -42.30 -0.50 24.13
C PHE K 422 -43.52 -0.67 23.23
N THR K 423 -43.35 -1.43 22.15
CA THR K 423 -44.42 -1.70 21.21
C THR K 423 -44.79 -3.16 21.07
N GLU K 424 -43.89 -4.07 21.46
CA GLU K 424 -44.18 -5.49 21.39
C GLU K 424 -44.82 -5.94 22.70
N PRO K 425 -46.02 -6.53 22.68
CA PRO K 425 -46.68 -6.90 23.93
C PRO K 425 -46.27 -8.24 24.50
N ASP K 426 -45.46 -9.01 23.78
CA ASP K 426 -45.10 -10.36 24.21
C ASP K 426 -44.17 -10.39 25.41
N PHE K 427 -43.62 -9.25 25.84
CA PHE K 427 -42.75 -9.18 27.00
C PHE K 427 -43.35 -8.23 28.02
N SER K 428 -43.38 -8.66 29.28
CA SER K 428 -43.85 -7.82 30.38
C SER K 428 -42.90 -6.64 30.53
N TYR K 429 -43.36 -5.44 30.17
CA TYR K 429 -42.48 -4.28 30.14
C TYR K 429 -42.00 -3.86 31.52
N LEU K 430 -42.66 -4.30 32.59
CA LEU K 430 -42.13 -4.06 33.92
C LEU K 430 -41.06 -5.08 34.29
N GLU K 431 -41.16 -6.29 33.74
CA GLU K 431 -40.22 -7.36 34.04
C GLU K 431 -38.99 -7.30 33.16
N ALA K 432 -39.16 -6.89 31.90
CA ALA K 432 -38.00 -6.68 31.03
C ALA K 432 -37.16 -5.51 31.51
N LEU K 433 -37.82 -4.52 32.12
CA LEU K 433 -37.18 -3.30 32.62
C LEU K 433 -36.61 -3.48 34.02
N ALA K 434 -36.82 -4.66 34.62
CA ALA K 434 -36.37 -4.91 35.99
C ALA K 434 -34.86 -4.79 36.20
N PRO K 435 -33.97 -5.32 35.36
CA PRO K 435 -32.56 -5.15 35.69
C PRO K 435 -32.07 -3.71 35.55
N TYR K 436 -32.87 -2.78 35.02
CA TYR K 436 -32.51 -1.37 35.02
C TYR K 436 -33.37 -0.44 35.89
N GLN K 437 -34.06 -0.91 36.94
CA GLN K 437 -35.12 -0.07 37.55
C GLN K 437 -34.73 1.33 38.06
N PRO K 438 -33.59 1.58 38.71
CA PRO K 438 -33.37 2.93 39.26
C PRO K 438 -33.04 4.01 38.24
N LEU K 439 -33.26 3.75 36.95
CA LEU K 439 -33.08 4.73 35.89
C LEU K 439 -33.98 5.94 36.10
N ALA K 440 -33.61 7.05 35.46
CA ALA K 440 -34.48 8.21 35.38
C ALA K 440 -35.16 8.32 34.03
N MET K 441 -34.92 7.36 33.13
CA MET K 441 -35.48 7.38 31.78
C MET K 441 -37.00 7.30 31.82
N LYS K 442 -37.64 8.03 30.90
CA LYS K 442 -39.10 8.04 30.82
C LYS K 442 -39.58 6.81 30.07
N CYS K 443 -40.27 5.92 30.76
CA CYS K 443 -40.64 4.63 30.18
C CYS K 443 -42.11 4.66 29.80
N ILE K 444 -42.41 4.31 28.55
CA ILE K 444 -43.76 4.41 28.02
C ILE K 444 -44.13 3.05 27.44
N TYR K 445 -45.32 2.56 27.79
CA TYR K 445 -45.82 1.29 27.29
C TYR K 445 -47.05 1.53 26.44
N CYS K 446 -46.88 1.44 25.12
CA CYS K 446 -47.99 1.53 24.17
C CYS K 446 -47.86 0.37 23.19
N PRO K 447 -48.14 -0.85 23.63
CA PRO K 447 -47.98 -2.02 22.75
C PRO K 447 -48.92 -1.94 21.54
N ILE K 448 -48.44 -2.48 20.42
CA ILE K 448 -49.20 -2.50 19.19
C ILE K 448 -49.37 -3.96 18.81
N ASP K 449 -50.52 -4.53 19.16
CA ASP K 449 -50.86 -5.90 18.81
C ASP K 449 -52.06 -5.85 17.87
N THR K 450 -51.84 -6.21 16.61
CA THR K 450 -52.90 -6.25 15.61
C THR K 450 -53.63 -7.58 15.57
N ARG K 451 -53.33 -8.50 16.48
CA ARG K 451 -53.93 -9.82 16.44
C ARG K 451 -55.40 -9.76 16.85
N LEU K 452 -56.10 -10.88 16.66
CA LEU K 452 -57.52 -10.94 16.96
C LEU K 452 -57.79 -10.73 18.44
N ASN K 453 -58.76 -9.87 18.74
CA ASN K 453 -59.29 -9.73 20.08
C ASN K 453 -60.52 -10.60 20.22
N PHE K 454 -61.14 -10.58 21.40
CA PHE K 454 -62.18 -11.53 21.70
C PHE K 454 -63.50 -11.20 21.01
N ILE K 455 -63.77 -9.91 20.76
CA ILE K 455 -64.94 -9.54 19.96
C ILE K 455 -64.78 -10.06 18.54
N GLN K 456 -63.60 -9.85 17.96
CA GLN K 456 -63.33 -10.28 16.59
C GLN K 456 -63.38 -11.79 16.46
N VAL K 457 -62.80 -12.52 17.41
CA VAL K 457 -62.84 -13.96 17.35
C VAL K 457 -64.24 -14.49 17.63
N SER K 458 -65.03 -13.81 18.46
CA SER K 458 -66.42 -14.21 18.65
C SER K 458 -67.21 -14.07 17.36
N LYS K 459 -67.03 -12.95 16.65
CA LYS K 459 -67.69 -12.76 15.37
C LYS K 459 -67.24 -13.81 14.36
N LEU K 460 -65.93 -14.11 14.33
CA LEU K 460 -65.42 -15.12 13.41
C LEU K 460 -65.97 -16.50 13.73
N LEU K 461 -66.09 -16.83 15.01
CA LEU K 461 -66.67 -18.11 15.41
C LEU K 461 -68.13 -18.20 14.99
N LYS K 462 -68.91 -17.14 15.21
CA LYS K 462 -70.31 -17.16 14.77
C LYS K 462 -70.42 -17.21 13.25
N GLU K 463 -69.43 -16.69 12.54
CA GLU K 463 -69.44 -16.77 11.08
C GLU K 463 -69.09 -18.17 10.60
N VAL K 464 -68.14 -18.82 11.27
CA VAL K 464 -67.60 -20.10 10.80
C VAL K 464 -68.42 -21.28 11.32
N GLN K 465 -68.88 -21.20 12.57
CA GLN K 465 -69.64 -22.23 13.28
C GLN K 465 -68.89 -23.56 13.34
N PRO K 466 -67.72 -23.65 13.99
CA PRO K 466 -67.07 -24.95 14.13
C PRO K 466 -67.75 -25.80 15.19
N LEU K 467 -67.66 -27.12 15.00
CA LEU K 467 -68.33 -28.04 15.91
C LEU K 467 -67.67 -28.05 17.27
N HIS K 468 -66.34 -28.04 17.31
CA HIS K 468 -65.59 -28.00 18.56
C HIS K 468 -64.45 -27.01 18.40
N VAL K 469 -64.14 -26.33 19.51
CA VAL K 469 -63.11 -25.30 19.54
C VAL K 469 -62.07 -25.70 20.58
N VAL K 470 -60.81 -25.60 20.21
CA VAL K 470 -59.69 -25.86 21.10
C VAL K 470 -58.88 -24.58 21.22
N CYS K 471 -58.59 -24.18 22.46
CA CYS K 471 -57.84 -22.96 22.71
C CYS K 471 -57.04 -23.16 23.98
N PRO K 472 -56.01 -22.35 24.23
CA PRO K 472 -55.34 -22.37 25.53
C PRO K 472 -56.32 -22.01 26.63
N GLU K 473 -56.10 -22.61 27.82
CA GLU K 473 -56.98 -22.35 28.96
C GLU K 473 -56.96 -20.89 29.40
N GLN K 474 -55.93 -20.13 29.00
CA GLN K 474 -55.87 -18.70 29.32
C GLN K 474 -57.05 -17.94 28.70
N TYR K 475 -57.56 -18.41 27.56
CA TYR K 475 -58.68 -17.74 26.90
C TYR K 475 -60.04 -18.19 27.40
N THR K 476 -60.12 -19.28 28.16
CA THR K 476 -61.38 -19.69 28.77
C THR K 476 -61.64 -18.98 30.09
N GLN K 477 -60.71 -18.16 30.56
CA GLN K 477 -60.86 -17.35 31.76
C GLN K 477 -60.48 -15.91 31.43
N PRO K 478 -61.03 -14.93 32.15
CA PRO K 478 -60.59 -13.56 31.95
C PRO K 478 -59.14 -13.40 32.39
N PRO K 479 -58.42 -12.43 31.82
CA PRO K 479 -57.01 -12.26 32.19
C PRO K 479 -56.87 -11.91 33.66
N PRO K 480 -55.79 -12.35 34.30
CA PRO K 480 -55.64 -12.11 35.75
C PRO K 480 -55.58 -10.65 36.14
N ALA K 481 -55.07 -9.79 35.26
CA ALA K 481 -54.98 -8.36 35.57
C ALA K 481 -56.36 -7.75 35.79
N GLN K 482 -57.32 -8.13 34.95
CA GLN K 482 -58.70 -7.67 35.09
C GLN K 482 -59.51 -8.58 36.00
N SER K 483 -59.62 -9.86 35.64
CA SER K 483 -60.28 -10.92 36.41
C SER K 483 -61.78 -10.71 36.56
N HIS K 484 -62.35 -9.72 35.88
CA HIS K 484 -63.78 -9.45 35.98
C HIS K 484 -64.39 -9.11 34.64
N ARG K 485 -63.63 -9.22 33.55
CA ARG K 485 -64.10 -8.85 32.21
C ARG K 485 -64.60 -10.12 31.52
N MET K 486 -65.91 -10.33 31.57
CA MET K 486 -66.51 -11.46 30.85
C MET K 486 -66.44 -11.30 29.34
N ASP K 487 -66.23 -10.08 28.84
CA ASP K 487 -66.06 -9.88 27.41
C ASP K 487 -64.73 -10.39 26.90
N LEU K 488 -63.72 -10.51 27.75
CA LEU K 488 -62.42 -11.05 27.35
C LEU K 488 -62.36 -12.57 27.51
N MET K 489 -63.28 -13.25 26.84
CA MET K 489 -63.44 -14.70 26.94
C MET K 489 -63.82 -15.23 25.58
N ILE K 490 -63.62 -16.53 25.39
CA ILE K 490 -64.11 -17.23 24.22
C ILE K 490 -65.44 -17.87 24.60
N ASP K 491 -66.52 -17.26 24.13
CA ASP K 491 -67.87 -17.74 24.37
C ASP K 491 -68.36 -18.51 23.16
N CYS K 492 -68.67 -19.79 23.36
CA CYS K 492 -69.14 -20.66 22.30
C CYS K 492 -70.37 -21.42 22.78
N GLN K 493 -71.24 -21.76 21.82
CA GLN K 493 -72.37 -22.64 22.13
C GLN K 493 -71.89 -24.00 22.65
N PRO K 494 -70.90 -24.68 22.07
CA PRO K 494 -70.27 -25.79 22.80
C PRO K 494 -69.42 -25.24 23.94
N PRO K 495 -69.01 -26.07 24.90
CA PRO K 495 -68.20 -25.55 26.01
C PRO K 495 -66.83 -25.00 25.61
N ALA K 496 -66.34 -25.32 24.40
CA ALA K 496 -65.05 -24.85 23.89
C ALA K 496 -63.89 -25.30 24.80
N MET K 497 -63.69 -26.62 24.79
CA MET K 497 -62.66 -27.27 25.60
C MET K 497 -61.29 -26.61 25.41
N SER K 498 -60.48 -26.69 26.45
CA SER K 498 -59.21 -25.98 26.49
C SER K 498 -58.08 -26.93 26.90
N TYR K 499 -56.87 -26.38 26.93
CA TYR K 499 -55.70 -27.16 27.29
C TYR K 499 -54.70 -26.30 28.06
N ARG K 500 -53.85 -26.97 28.81
CA ARG K 500 -52.70 -26.39 29.48
C ARG K 500 -51.45 -27.05 28.93
N ARG K 501 -50.30 -26.71 29.50
CA ARG K 501 -49.05 -27.29 29.04
C ARG K 501 -49.02 -28.79 29.32
N ALA K 502 -48.53 -29.55 28.33
CA ALA K 502 -48.35 -31.00 28.42
C ALA K 502 -49.65 -31.73 28.70
N GLU K 503 -50.75 -31.20 28.19
CA GLU K 503 -52.06 -31.83 28.29
C GLU K 503 -52.40 -32.54 26.99
N VAL K 504 -53.09 -33.67 27.11
CA VAL K 504 -53.49 -34.48 25.97
C VAL K 504 -55.00 -34.41 25.88
N LEU K 505 -55.52 -33.91 24.76
CA LEU K 505 -56.95 -33.78 24.55
C LEU K 505 -57.41 -34.86 23.58
N ALA K 506 -58.38 -35.66 24.01
CA ALA K 506 -59.00 -36.67 23.16
C ALA K 506 -60.20 -36.03 22.48
N LEU K 507 -60.01 -35.59 21.25
CA LEU K 507 -61.07 -34.90 20.53
C LEU K 507 -62.18 -35.88 20.15
N PRO K 508 -63.43 -35.44 20.16
CA PRO K 508 -64.55 -36.34 19.85
C PRO K 508 -64.90 -36.44 18.38
N PHE K 509 -64.05 -35.94 17.49
CA PHE K 509 -64.33 -35.83 16.06
C PHE K 509 -64.09 -37.14 15.31
N LYS K 510 -63.98 -38.27 16.02
CA LYS K 510 -63.80 -39.56 15.35
C LYS K 510 -65.03 -39.88 14.51
N ARG K 511 -64.81 -40.08 13.21
CA ARG K 511 -65.89 -40.32 12.27
C ARG K 511 -65.52 -41.47 11.33
N ARG K 512 -66.55 -42.14 10.83
CA ARG K 512 -66.41 -43.25 9.90
C ARG K 512 -66.58 -42.70 8.47
N TYR K 513 -66.77 -43.62 7.52
CA TYR K 513 -67.02 -43.30 6.11
C TYR K 513 -65.82 -42.59 5.47
N GLU K 514 -64.69 -43.29 5.44
CA GLU K 514 -63.55 -42.85 4.66
C GLU K 514 -63.86 -43.02 3.16
N LYS K 515 -63.28 -42.14 2.35
CA LYS K 515 -63.56 -42.14 0.92
C LYS K 515 -62.78 -43.23 0.19
N ILE K 516 -63.36 -43.71 -0.91
CA ILE K 516 -62.75 -44.75 -1.74
C ILE K 516 -63.22 -44.52 -3.17
N GLU K 517 -62.41 -44.92 -4.13
CA GLU K 517 -62.73 -44.76 -5.54
C GLU K 517 -63.02 -46.11 -6.17
N ILE K 518 -64.06 -46.16 -7.00
CA ILE K 518 -64.45 -47.37 -7.73
C ILE K 518 -64.23 -47.11 -9.21
N MET K 519 -63.50 -48.01 -9.88
CA MET K 519 -63.17 -47.79 -11.28
C MET K 519 -64.35 -48.15 -12.18
N PRO K 520 -64.39 -47.61 -13.41
CA PRO K 520 -65.52 -47.89 -14.30
C PRO K 520 -65.72 -49.37 -14.61
N GLU K 521 -64.65 -50.17 -14.64
CA GLU K 521 -64.77 -51.58 -14.97
C GLU K 521 -65.65 -52.30 -13.94
N LEU K 522 -65.45 -52.00 -12.66
CA LEU K 522 -66.25 -52.62 -11.61
C LEU K 522 -67.64 -51.99 -11.53
N ALA K 523 -67.74 -50.68 -11.81
CA ALA K 523 -69.04 -50.02 -11.82
C ALA K 523 -69.94 -50.54 -12.93
N ASP K 524 -69.36 -51.03 -14.02
CA ASP K 524 -70.16 -51.67 -15.06
C ASP K 524 -70.84 -52.92 -14.54
N SER K 525 -70.16 -53.70 -13.70
CA SER K 525 -70.74 -54.92 -13.15
C SER K 525 -71.66 -54.65 -11.95
N LEU K 526 -71.63 -53.45 -11.38
CA LEU K 526 -72.48 -53.11 -10.25
C LEU K 526 -73.80 -52.56 -10.75
N VAL K 527 -74.90 -53.12 -10.27
CA VAL K 527 -76.22 -52.70 -10.70
C VAL K 527 -77.05 -52.36 -9.46
N PRO K 528 -77.79 -51.24 -9.45
CA PRO K 528 -78.57 -50.90 -8.26
C PRO K 528 -79.96 -51.52 -8.24
N MET K 529 -80.71 -51.25 -7.19
CA MET K 529 -82.07 -51.76 -7.02
C MET K 529 -82.93 -50.65 -6.43
N GLU K 530 -84.11 -51.03 -5.95
CA GLU K 530 -85.04 -50.11 -5.31
C GLU K 530 -85.46 -50.67 -3.97
N ILE K 531 -85.55 -49.80 -2.98
CA ILE K 531 -85.93 -50.22 -1.63
C ILE K 531 -86.69 -49.09 -0.93
N LYS K 532 -87.11 -49.34 0.30
CA LYS K 532 -87.84 -48.33 1.08
C LYS K 532 -87.64 -48.55 2.57
N ILE K 535 -85.58 -46.18 -2.03
CA ILE K 535 -84.20 -45.71 -2.10
C ILE K 535 -83.36 -46.75 -2.83
N SER K 536 -82.32 -46.29 -3.51
CA SER K 536 -81.48 -47.18 -4.29
C SER K 536 -80.46 -47.89 -3.41
N LEU K 537 -80.04 -49.08 -3.84
CA LEU K 537 -79.06 -49.88 -3.13
C LEU K 537 -78.52 -50.93 -4.10
N ALA K 538 -77.28 -51.37 -3.86
CA ALA K 538 -76.63 -52.35 -4.69
C ALA K 538 -75.75 -53.23 -3.81
N THR K 539 -75.18 -54.26 -4.42
CA THR K 539 -74.23 -55.14 -3.76
C THR K 539 -72.90 -55.13 -4.50
N VAL K 540 -71.81 -55.18 -3.74
CA VAL K 540 -70.46 -55.09 -4.29
C VAL K 540 -69.63 -56.23 -3.72
N SER K 541 -69.02 -57.02 -4.60
CA SER K 541 -68.01 -57.99 -4.20
C SER K 541 -66.77 -57.74 -5.06
N ALA K 542 -65.68 -57.36 -4.42
CA ALA K 542 -64.50 -56.90 -5.14
C ALA K 542 -63.26 -57.12 -4.28
N VAL K 543 -62.11 -56.75 -4.83
CA VAL K 543 -60.83 -56.86 -4.14
C VAL K 543 -60.31 -55.45 -3.90
N LEU K 544 -59.74 -55.23 -2.71
CA LEU K 544 -59.31 -53.91 -2.28
C LEU K 544 -57.82 -53.72 -2.54
N HIS K 545 -57.48 -52.65 -3.25
CA HIS K 545 -56.10 -52.31 -3.56
C HIS K 545 -55.78 -50.96 -2.94
N THR K 546 -54.77 -50.93 -2.07
CA THR K 546 -54.37 -49.73 -1.35
C THR K 546 -52.95 -49.36 -1.75
N LYS K 547 -52.75 -48.09 -2.11
CA LYS K 547 -51.43 -47.58 -2.47
C LYS K 547 -51.33 -46.14 -2.03
N ASP K 548 -50.33 -45.83 -1.19
CA ASP K 548 -50.08 -44.49 -0.65
C ASP K 548 -51.30 -43.94 0.08
N ASN K 549 -51.95 -44.80 0.88
CA ASN K 549 -53.11 -44.45 1.71
C ASN K 549 -54.27 -43.93 0.86
N LYS K 550 -54.36 -44.42 -0.37
CA LYS K 550 -55.46 -44.17 -1.28
C LYS K 550 -56.04 -45.51 -1.68
N HIS K 551 -57.34 -45.69 -1.48
CA HIS K 551 -57.97 -46.98 -1.63
C HIS K 551 -58.66 -47.06 -2.98
N LEU K 552 -58.44 -48.16 -3.68
CA LEU K 552 -59.07 -48.41 -4.97
C LEU K 552 -59.77 -49.76 -4.95
N LEU K 553 -60.95 -49.81 -5.54
CA LEU K 553 -61.78 -51.01 -5.57
C LEU K 553 -61.63 -51.64 -6.95
N GLN K 554 -60.85 -52.72 -7.03
CA GLN K 554 -60.58 -53.45 -8.25
C GLN K 554 -61.63 -54.53 -8.46
N PRO K 555 -62.06 -54.78 -9.70
CA PRO K 555 -62.90 -55.95 -9.95
C PRO K 555 -62.08 -57.22 -9.88
N PRO K 556 -62.68 -58.34 -9.45
CA PRO K 556 -61.94 -59.60 -9.31
C PRO K 556 -61.81 -60.37 -10.62
N PRO K 583 -73.71 -61.51 6.53
CA PRO K 583 -74.77 -61.86 5.59
C PRO K 583 -76.10 -61.21 5.97
N LEU K 584 -76.82 -60.69 4.98
CA LEU K 584 -78.13 -60.08 5.23
C LEU K 584 -78.94 -60.08 3.95
N LEU K 585 -80.25 -60.23 4.11
CA LEU K 585 -81.21 -60.09 3.01
C LEU K 585 -82.41 -59.32 3.51
N SER K 586 -83.16 -58.75 2.56
CA SER K 586 -84.24 -57.83 2.88
C SER K 586 -85.32 -57.89 1.81
N GLY K 587 -86.53 -57.55 2.20
CA GLY K 587 -87.65 -57.57 1.27
C GLY K 587 -88.97 -57.62 2.02
N SER K 588 -89.99 -58.07 1.31
CA SER K 588 -91.35 -58.17 1.84
C SER K 588 -91.89 -59.55 1.51
N ILE K 589 -91.79 -60.46 2.47
CA ILE K 589 -92.26 -61.83 2.31
C ILE K 589 -93.15 -62.15 3.52
N PRO K 590 -94.35 -61.57 3.64
CA PRO K 590 -95.23 -61.96 4.75
C PRO K 590 -95.74 -63.38 4.56
N VAL K 591 -96.33 -63.91 5.64
CA VAL K 591 -96.82 -65.29 5.62
C VAL K 591 -97.88 -65.49 4.54
N GLU K 592 -98.77 -64.51 4.35
CA GLU K 592 -99.82 -64.63 3.34
C GLU K 592 -99.23 -64.66 1.94
N GLN K 593 -98.34 -63.71 1.63
CA GLN K 593 -97.68 -63.69 0.33
C GLN K 593 -96.81 -64.92 0.10
N PHE K 594 -96.12 -65.37 1.16
CA PHE K 594 -95.31 -66.58 1.07
C PHE K 594 -96.17 -67.79 0.69
N VAL K 595 -97.33 -67.94 1.34
CA VAL K 595 -98.19 -69.09 1.07
C VAL K 595 -98.80 -68.96 -0.33
N GLN K 596 -99.14 -67.75 -0.74
CA GLN K 596 -99.93 -67.59 -1.96
C GLN K 596 -99.06 -67.58 -3.21
N THR K 597 -98.07 -66.68 -3.26
CA THR K 597 -97.37 -66.38 -4.52
C THR K 597 -96.57 -67.58 -5.03
N LEU K 598 -95.70 -68.12 -4.18
CA LEU K 598 -94.81 -69.20 -4.59
C LEU K 598 -95.43 -70.59 -4.39
N GLU K 599 -96.76 -70.68 -4.33
CA GLU K 599 -97.44 -71.95 -4.08
C GLU K 599 -97.17 -72.97 -5.18
N LYS K 600 -97.21 -72.57 -6.44
CA LYS K 600 -97.09 -73.49 -7.56
C LYS K 600 -96.15 -72.94 -8.62
N HIS K 601 -94.96 -72.50 -8.20
CA HIS K 601 -93.98 -71.97 -9.13
C HIS K 601 -93.10 -73.06 -9.78
N GLY K 602 -93.50 -74.33 -9.74
CA GLY K 602 -92.73 -75.35 -10.42
C GLY K 602 -92.74 -76.71 -9.76
N PHE K 603 -93.12 -76.78 -8.49
CA PHE K 603 -93.21 -78.02 -7.74
C PHE K 603 -94.68 -78.40 -7.54
N SER K 604 -94.90 -79.48 -6.80
CA SER K 604 -96.25 -79.97 -6.57
C SER K 604 -96.25 -80.77 -5.27
N ASP K 605 -97.47 -81.11 -4.82
CA ASP K 605 -97.72 -81.86 -3.59
C ASP K 605 -97.15 -81.12 -2.37
N ILE K 606 -97.71 -79.93 -2.12
CA ILE K 606 -97.25 -79.04 -1.07
C ILE K 606 -98.35 -78.87 -0.02
N LYS K 607 -97.97 -79.04 1.26
CA LYS K 607 -98.89 -78.90 2.38
C LYS K 607 -98.45 -77.73 3.26
N VAL K 608 -99.40 -77.13 3.96
CA VAL K 608 -99.16 -76.03 4.89
C VAL K 608 -99.54 -76.48 6.29
N GLU K 609 -98.61 -76.35 7.23
CA GLU K 609 -98.84 -76.71 8.63
C GLU K 609 -99.20 -75.47 9.44
N ASP K 610 -100.30 -75.56 10.20
CA ASP K 610 -100.85 -74.40 10.92
C ASP K 610 -100.00 -74.11 12.15
N THR K 611 -98.88 -73.45 11.91
CA THR K 611 -97.99 -72.99 12.96
C THR K 611 -98.37 -71.57 13.41
N ALA K 612 -98.10 -71.26 14.66
CA ALA K 612 -98.42 -69.94 15.20
C ALA K 612 -97.53 -68.88 14.56
N LYS K 613 -98.11 -67.70 14.32
CA LYS K 613 -97.44 -66.50 13.76
C LYS K 613 -96.59 -66.82 12.53
N GLY K 614 -97.14 -67.64 11.65
CA GLY K 614 -96.43 -68.03 10.45
C GLY K 614 -97.05 -69.30 9.88
N HIS K 615 -96.32 -69.91 8.96
CA HIS K 615 -96.73 -71.17 8.36
C HIS K 615 -95.50 -71.98 8.00
N ILE K 616 -95.61 -73.28 8.18
CA ILE K 616 -94.53 -74.22 7.86
C ILE K 616 -94.93 -75.00 6.62
N VAL K 617 -94.07 -74.94 5.60
CA VAL K 617 -94.31 -75.57 4.30
C VAL K 617 -93.21 -76.60 4.08
N LEU K 618 -93.63 -77.85 3.85
CA LEU K 618 -92.69 -78.91 3.52
C LEU K 618 -93.30 -79.80 2.44
N LEU K 619 -92.42 -80.39 1.64
CA LEU K 619 -92.82 -81.19 0.49
C LEU K 619 -92.59 -82.67 0.79
N GLN K 620 -93.34 -83.53 0.10
CA GLN K 620 -93.29 -84.97 0.34
C GLN K 620 -92.25 -85.69 -0.50
N GLU K 621 -91.52 -84.99 -1.38
CA GLU K 621 -90.52 -85.65 -2.22
C GLU K 621 -89.41 -86.28 -1.38
N ALA K 622 -88.79 -85.50 -0.51
CA ALA K 622 -87.78 -86.03 0.40
C ALA K 622 -87.83 -85.36 1.76
N GLU K 623 -89.02 -84.87 2.16
CA GLU K 623 -89.23 -84.10 3.39
C GLU K 623 -88.45 -82.78 3.38
N THR K 624 -88.25 -82.21 2.19
CA THR K 624 -87.67 -80.88 2.07
C THR K 624 -88.62 -79.85 2.69
N LEU K 625 -88.07 -78.90 3.43
CA LEU K 625 -88.85 -78.07 4.33
C LEU K 625 -88.49 -76.60 4.18
N ILE K 626 -89.49 -75.73 4.37
CA ILE K 626 -89.27 -74.28 4.38
C ILE K 626 -89.98 -73.71 5.60
N GLN K 627 -89.22 -73.03 6.47
CA GLN K 627 -89.73 -72.43 7.69
C GLN K 627 -89.51 -70.91 7.66
N ILE K 628 -90.48 -70.15 8.16
CA ILE K 628 -90.40 -68.70 8.20
C ILE K 628 -90.59 -68.25 9.64
N GLU K 629 -89.75 -67.31 10.06
CA GLU K 629 -89.92 -66.60 11.32
C GLU K 629 -90.29 -65.15 11.02
N GLU K 630 -90.58 -64.39 12.07
CA GLU K 630 -90.96 -63.00 11.90
C GLU K 630 -89.82 -62.21 11.27
N ASP K 631 -90.08 -61.64 10.09
CA ASP K 631 -89.10 -60.89 9.29
C ASP K 631 -87.86 -61.74 8.98
N SER K 632 -88.08 -63.04 8.71
CA SER K 632 -86.97 -63.93 8.40
C SER K 632 -87.50 -65.15 7.65
N THR K 633 -86.61 -65.78 6.88
CA THR K 633 -86.93 -66.98 6.12
C THR K 633 -85.66 -67.83 6.08
N HIS K 634 -85.84 -69.14 5.92
CA HIS K 634 -84.73 -70.04 5.65
C HIS K 634 -85.28 -71.34 5.06
N ILE K 635 -84.44 -72.00 4.26
CA ILE K 635 -84.83 -73.17 3.48
C ILE K 635 -84.09 -74.38 4.03
N ILE K 636 -84.82 -75.47 4.22
CA ILE K 636 -84.27 -76.73 4.72
C ILE K 636 -84.29 -77.73 3.57
N CYS K 637 -83.21 -78.49 3.42
CA CYS K 637 -83.15 -79.58 2.47
C CYS K 637 -82.86 -80.86 3.23
N ASP K 638 -83.58 -81.92 2.87
CA ASP K 638 -83.49 -83.21 3.56
C ASP K 638 -83.17 -84.27 2.51
N ASN K 639 -81.90 -84.68 2.45
CA ASN K 639 -81.41 -85.72 1.53
C ASN K 639 -81.54 -85.31 0.05
N ASP K 640 -81.62 -84.00 -0.22
CA ASP K 640 -81.75 -83.46 -1.57
C ASP K 640 -80.76 -82.32 -1.77
N GLU K 641 -80.14 -82.28 -2.94
CA GLU K 641 -79.10 -81.30 -3.23
C GLU K 641 -79.36 -80.51 -4.50
N MET K 642 -79.97 -81.15 -5.51
CA MET K 642 -80.15 -80.48 -6.80
C MET K 642 -81.25 -79.43 -6.74
N LEU K 643 -82.34 -79.71 -6.03
CA LEU K 643 -83.45 -78.78 -5.97
C LEU K 643 -83.24 -77.64 -4.97
N ARG K 644 -82.22 -77.74 -4.12
CA ARG K 644 -82.02 -76.74 -3.06
C ARG K 644 -81.66 -75.38 -3.61
N VAL K 645 -80.83 -75.35 -4.66
CA VAL K 645 -80.43 -74.07 -5.26
C VAL K 645 -81.63 -73.38 -5.88
N ARG K 646 -82.48 -74.13 -6.59
CA ARG K 646 -83.69 -73.55 -7.17
C ARG K 646 -84.68 -73.13 -6.09
N LEU K 647 -84.73 -73.86 -4.97
CA LEU K 647 -85.55 -73.46 -3.84
C LEU K 647 -85.12 -72.10 -3.30
N ARG K 648 -83.82 -71.91 -3.12
CA ARG K 648 -83.31 -70.61 -2.68
C ARG K 648 -83.61 -69.52 -3.72
N ASP K 649 -83.38 -69.83 -5.00
CA ASP K 649 -83.58 -68.83 -6.05
C ASP K 649 -85.04 -68.40 -6.19
N LEU K 650 -85.98 -69.30 -5.90
CA LEU K 650 -87.40 -68.95 -5.97
C LEU K 650 -87.75 -67.85 -4.97
N VAL K 651 -87.20 -67.95 -3.76
CA VAL K 651 -87.45 -66.93 -2.74
C VAL K 651 -86.71 -65.63 -3.06
N LEU K 652 -85.63 -65.71 -3.85
CA LEU K 652 -84.84 -64.55 -4.24
C LEU K 652 -85.50 -63.70 -5.32
N LYS K 653 -86.75 -64.00 -5.69
CA LYS K 653 -87.46 -63.18 -6.67
C LYS K 653 -87.66 -61.75 -6.18
N PHE K 654 -88.02 -61.59 -4.90
CA PHE K 654 -88.28 -60.30 -4.29
C PHE K 654 -87.56 -60.17 -2.95
N LEU K 655 -86.27 -60.51 -2.92
CA LEU K 655 -85.45 -60.33 -1.73
C LEU K 655 -84.21 -59.53 -2.09
N GLN K 656 -84.12 -58.30 -1.57
CA GLN K 656 -82.95 -57.45 -1.76
C GLN K 656 -81.96 -57.67 -0.60
N LYS K 657 -80.96 -56.80 -0.49
CA LYS K 657 -79.91 -56.94 0.52
C LYS K 657 -79.88 -55.76 1.49
N PHE K 658 -80.99 -55.06 1.68
CA PHE K 658 -81.01 -53.84 2.52
C PHE K 658 -80.83 -54.20 4.00
N PRO L 4 -68.36 -37.97 -20.83
CA PRO L 4 -67.05 -38.23 -20.21
C PRO L 4 -65.90 -38.18 -21.21
N GLU L 5 -65.69 -37.02 -21.82
CA GLU L 5 -64.66 -36.85 -22.83
C GLU L 5 -63.99 -35.50 -22.68
N ILE L 6 -62.72 -35.44 -23.06
CA ILE L 6 -61.95 -34.20 -23.09
C ILE L 6 -61.73 -33.84 -24.54
N ARG L 7 -62.36 -32.75 -24.98
CA ARG L 7 -62.31 -32.29 -26.37
C ARG L 7 -61.44 -31.05 -26.43
N VAL L 8 -60.34 -31.14 -27.17
CA VAL L 8 -59.38 -30.05 -27.30
C VAL L 8 -59.35 -29.60 -28.75
N THR L 9 -59.58 -28.31 -28.97
CA THR L 9 -59.59 -27.72 -30.32
C THR L 9 -58.65 -26.53 -30.34
N PRO L 10 -57.40 -26.72 -30.73
CA PRO L 10 -56.51 -25.57 -30.91
C PRO L 10 -56.84 -24.88 -32.22
N LEU L 11 -57.49 -23.73 -32.13
CA LEU L 11 -57.74 -22.90 -33.29
C LEU L 11 -56.60 -21.92 -33.56
N GLY L 12 -55.56 -21.95 -32.75
CA GLY L 12 -54.34 -21.22 -33.03
C GLY L 12 -53.16 -21.98 -32.50
N ALA L 13 -52.03 -21.87 -33.21
CA ALA L 13 -50.78 -22.57 -32.90
C ALA L 13 -50.95 -24.08 -32.88
N GLY L 14 -51.82 -24.59 -33.76
CA GLY L 14 -51.99 -26.04 -33.87
C GLY L 14 -50.77 -26.72 -34.47
N GLN L 15 -50.33 -26.26 -35.63
CA GLN L 15 -49.11 -26.75 -36.26
C GLN L 15 -48.18 -25.61 -36.64
N ASP L 16 -48.35 -24.46 -35.99
CA ASP L 16 -47.55 -23.27 -36.24
C ASP L 16 -47.20 -22.67 -34.89
N VAL L 17 -46.30 -21.69 -34.90
CA VAL L 17 -45.95 -20.94 -33.70
C VAL L 17 -46.54 -19.55 -33.85
N GLY L 18 -47.32 -19.13 -32.87
CA GLY L 18 -47.98 -17.85 -32.98
C GLY L 18 -49.48 -17.98 -32.87
N ARG L 19 -50.13 -16.94 -32.30
CA ARG L 19 -51.59 -16.87 -32.16
C ARG L 19 -52.11 -18.02 -31.30
N SER L 20 -51.34 -18.39 -30.28
CA SER L 20 -51.70 -19.53 -29.42
C SER L 20 -53.03 -19.27 -28.73
N CYS L 21 -53.98 -20.15 -28.99
CA CYS L 21 -55.32 -20.03 -28.40
C CYS L 21 -55.97 -21.41 -28.51
N ILE L 22 -56.06 -22.11 -27.38
CA ILE L 22 -56.48 -23.50 -27.35
C ILE L 22 -57.75 -23.61 -26.52
N LEU L 23 -58.75 -24.29 -27.05
CA LEU L 23 -60.02 -24.52 -26.36
C LEU L 23 -60.03 -25.92 -25.78
N VAL L 24 -60.42 -26.03 -24.51
CA VAL L 24 -60.48 -27.31 -23.82
C VAL L 24 -61.85 -27.46 -23.21
N SER L 25 -62.56 -28.51 -23.59
CA SER L 25 -63.84 -28.88 -23.00
C SER L 25 -63.62 -30.22 -22.31
N ILE L 26 -63.61 -30.21 -20.98
CA ILE L 26 -63.16 -31.34 -20.19
C ILE L 26 -64.33 -32.05 -19.50
N ALA L 27 -65.17 -31.30 -18.80
CA ALA L 27 -66.36 -31.85 -18.15
C ALA L 27 -67.53 -30.90 -18.31
N GLY L 28 -67.71 -30.36 -19.51
CA GLY L 28 -68.63 -29.28 -19.72
C GLY L 28 -68.09 -27.91 -19.39
N LYS L 29 -66.85 -27.83 -18.89
CA LYS L 29 -66.19 -26.58 -18.58
C LYS L 29 -65.30 -26.20 -19.76
N ASN L 30 -65.71 -25.19 -20.52
CA ASN L 30 -64.98 -24.74 -21.70
C ASN L 30 -64.01 -23.65 -21.29
N VAL L 31 -62.72 -23.94 -21.35
CA VAL L 31 -61.68 -22.99 -20.97
C VAL L 31 -60.84 -22.64 -22.19
N MET L 32 -60.39 -21.38 -22.22
CA MET L 32 -59.46 -20.88 -23.23
C MET L 32 -58.07 -20.89 -22.63
N LEU L 33 -57.13 -21.56 -23.30
CA LEU L 33 -55.82 -21.75 -22.71
C LEU L 33 -54.81 -20.65 -22.99
N ASP L 34 -55.07 -19.79 -23.97
CA ASP L 34 -54.24 -18.63 -24.29
C ASP L 34 -55.03 -17.77 -25.26
N CYS L 35 -54.58 -16.53 -25.43
CA CYS L 35 -55.26 -15.60 -26.31
C CYS L 35 -54.22 -14.80 -27.09
N GLY L 36 -53.23 -15.49 -27.64
CA GLY L 36 -52.16 -14.83 -28.35
C GLY L 36 -52.58 -14.23 -29.67
N MET L 37 -51.59 -13.66 -30.34
CA MET L 37 -51.78 -13.10 -31.68
C MET L 37 -50.61 -13.51 -32.55
N HIS L 38 -50.85 -13.49 -33.85
CA HIS L 38 -49.84 -13.85 -34.82
C HIS L 38 -49.06 -12.62 -35.27
N MET L 39 -47.78 -12.84 -35.57
CA MET L 39 -46.89 -11.79 -36.01
C MET L 39 -46.53 -12.02 -37.47
N GLY L 40 -46.56 -10.95 -38.26
CA GLY L 40 -46.29 -11.07 -39.68
C GLY L 40 -47.54 -10.91 -40.52
N PHE L 41 -48.65 -11.49 -40.07
CA PHE L 41 -49.91 -11.32 -40.79
C PHE L 41 -50.38 -9.86 -40.70
N ASN L 42 -50.86 -9.34 -41.83
CA ASN L 42 -51.21 -7.93 -41.89
C ASN L 42 -52.59 -7.64 -41.32
N ASP L 43 -53.59 -8.42 -41.71
CA ASP L 43 -54.96 -8.14 -41.31
C ASP L 43 -55.79 -9.41 -41.33
N ASP L 44 -56.72 -9.52 -40.38
CA ASP L 44 -57.78 -10.52 -40.27
C ASP L 44 -57.26 -11.90 -39.86
N ARG L 45 -55.94 -12.05 -39.74
CA ARG L 45 -55.36 -13.28 -39.23
C ARG L 45 -54.43 -13.04 -38.06
N ARG L 46 -54.25 -11.78 -37.63
CA ARG L 46 -53.47 -11.50 -36.44
C ARG L 46 -54.09 -12.16 -35.21
N PHE L 47 -55.39 -12.05 -35.07
CA PHE L 47 -56.11 -12.55 -33.91
C PHE L 47 -56.74 -13.91 -34.22
N PRO L 48 -56.98 -14.74 -33.20
CA PRO L 48 -57.61 -16.03 -33.46
C PRO L 48 -59.03 -15.89 -33.96
N ASP L 49 -59.51 -16.96 -34.59
CA ASP L 49 -60.87 -16.99 -35.13
C ASP L 49 -61.83 -17.26 -33.97
N PHE L 50 -62.50 -16.20 -33.51
CA PHE L 50 -63.48 -16.32 -32.45
C PHE L 50 -64.89 -16.54 -32.97
N SER L 51 -65.07 -16.62 -34.29
CA SER L 51 -66.35 -17.08 -34.84
C SER L 51 -66.57 -18.56 -34.62
N TYR L 52 -65.53 -19.30 -34.23
CA TYR L 52 -65.64 -20.73 -33.92
C TYR L 52 -66.44 -20.99 -32.65
N ILE L 53 -66.73 -19.97 -31.86
CA ILE L 53 -67.35 -20.13 -30.55
C ILE L 53 -68.74 -19.49 -30.57
N THR L 54 -69.43 -19.62 -31.72
CA THR L 54 -70.77 -19.10 -31.94
C THR L 54 -70.80 -17.57 -31.86
N GLN L 55 -70.16 -16.97 -32.87
CA GLN L 55 -70.14 -15.51 -33.03
C GLN L 55 -71.56 -14.93 -33.08
N ASN L 56 -71.63 -13.60 -32.89
CA ASN L 56 -72.88 -12.87 -32.73
C ASN L 56 -73.61 -13.34 -31.48
N GLY L 57 -72.85 -13.58 -30.42
CA GLY L 57 -73.39 -14.03 -29.16
C GLY L 57 -72.44 -13.68 -28.03
N ARG L 58 -72.88 -13.97 -26.80
CA ARG L 58 -72.12 -13.67 -25.60
C ARG L 58 -71.14 -14.80 -25.31
N LEU L 59 -69.84 -14.48 -25.35
CA LEU L 59 -68.80 -15.46 -25.09
C LEU L 59 -68.72 -15.86 -23.62
N THR L 60 -69.21 -15.01 -22.71
CA THR L 60 -69.14 -15.31 -21.29
C THR L 60 -69.96 -16.56 -20.95
N ASP L 61 -71.07 -16.78 -21.64
CA ASP L 61 -71.86 -17.98 -21.41
C ASP L 61 -71.08 -19.24 -21.78
N PHE L 62 -70.38 -19.22 -22.92
CA PHE L 62 -69.65 -20.41 -23.38
C PHE L 62 -68.43 -20.68 -22.52
N LEU L 63 -67.62 -19.67 -22.26
CA LEU L 63 -66.34 -19.84 -21.56
C LEU L 63 -66.49 -19.44 -20.10
N ASP L 64 -65.99 -20.29 -19.20
CA ASP L 64 -66.01 -19.97 -17.78
C ASP L 64 -64.66 -19.54 -17.24
N CYS L 65 -63.59 -19.71 -18.02
CA CYS L 65 -62.26 -19.36 -17.56
C CYS L 65 -61.36 -19.17 -18.77
N VAL L 66 -60.53 -18.13 -18.70
CA VAL L 66 -59.51 -17.85 -19.72
C VAL L 66 -58.17 -17.77 -19.00
N ILE L 67 -57.19 -18.49 -19.51
CA ILE L 67 -55.89 -18.62 -18.87
C ILE L 67 -54.83 -18.07 -19.80
N ILE L 68 -53.87 -17.34 -19.24
CA ILE L 68 -52.75 -16.78 -19.98
C ILE L 68 -51.47 -17.34 -19.39
N SER L 69 -50.64 -17.94 -20.24
CA SER L 69 -49.40 -18.56 -19.76
C SER L 69 -48.38 -17.49 -19.37
N HIS L 70 -48.02 -16.62 -20.31
CA HIS L 70 -47.07 -15.55 -20.03
C HIS L 70 -47.40 -14.36 -20.91
N PHE L 71 -46.57 -13.33 -20.83
CA PHE L 71 -46.88 -12.02 -21.39
C PHE L 71 -46.47 -11.84 -22.84
N HIS L 72 -45.94 -12.88 -23.49
CA HIS L 72 -45.54 -12.76 -24.88
C HIS L 72 -46.76 -12.51 -25.77
N LEU L 73 -46.54 -11.79 -26.88
CA LEU L 73 -47.64 -11.42 -27.75
C LEU L 73 -48.26 -12.63 -28.46
N ASP L 74 -47.49 -13.69 -28.69
CA ASP L 74 -48.06 -14.91 -29.26
C ASP L 74 -48.77 -15.77 -28.22
N HIS L 75 -48.95 -15.24 -27.01
CA HIS L 75 -49.69 -15.92 -25.94
C HIS L 75 -50.72 -15.03 -25.26
N CYS L 76 -50.59 -13.69 -25.35
CA CYS L 76 -51.55 -12.80 -24.74
C CYS L 76 -51.87 -11.57 -25.59
N GLY L 77 -51.41 -11.53 -26.85
CA GLY L 77 -51.56 -10.31 -27.64
C GLY L 77 -52.99 -9.97 -28.01
N ALA L 78 -53.81 -10.97 -28.29
CA ALA L 78 -55.20 -10.71 -28.68
C ALA L 78 -56.13 -10.55 -27.51
N LEU L 79 -55.63 -10.48 -26.27
CA LEU L 79 -56.49 -10.41 -25.10
C LEU L 79 -57.42 -9.20 -25.05
N PRO L 80 -56.96 -7.95 -25.26
CA PRO L 80 -57.92 -6.83 -25.17
C PRO L 80 -58.96 -6.83 -26.27
N TYR L 81 -58.54 -7.08 -27.51
CA TYR L 81 -59.48 -7.21 -28.63
C TYR L 81 -60.54 -8.25 -28.34
N PHE L 82 -60.12 -9.47 -27.99
CA PHE L 82 -61.00 -10.58 -27.62
C PHE L 82 -62.01 -10.14 -26.58
N SER L 83 -61.50 -9.79 -25.39
CA SER L 83 -62.35 -9.48 -24.25
C SER L 83 -63.31 -8.35 -24.56
N GLU L 84 -62.77 -7.14 -24.77
CA GLU L 84 -63.63 -5.97 -24.91
C GLU L 84 -64.47 -6.01 -26.17
N MET L 85 -63.84 -6.23 -27.33
CA MET L 85 -64.55 -6.17 -28.61
C MET L 85 -65.62 -7.26 -28.71
N VAL L 86 -65.25 -8.52 -28.48
CA VAL L 86 -66.22 -9.59 -28.71
C VAL L 86 -67.13 -9.77 -27.50
N GLY L 87 -66.82 -9.11 -26.39
CA GLY L 87 -67.72 -9.11 -25.26
C GLY L 87 -67.63 -10.30 -24.32
N TYR L 88 -66.43 -10.54 -23.80
CA TYR L 88 -66.21 -11.58 -22.79
C TYR L 88 -65.94 -10.86 -21.47
N ASP L 89 -66.87 -10.99 -20.53
CA ASP L 89 -66.75 -10.35 -19.22
C ASP L 89 -66.37 -11.33 -18.12
N GLY L 90 -65.98 -12.56 -18.47
CA GLY L 90 -65.63 -13.55 -17.48
C GLY L 90 -64.23 -13.35 -16.95
N PRO L 91 -63.83 -14.24 -16.04
CA PRO L 91 -62.51 -14.12 -15.42
C PRO L 91 -61.40 -14.45 -16.40
N ILE L 92 -60.26 -13.80 -16.21
CA ILE L 92 -59.04 -14.08 -16.96
C ILE L 92 -57.93 -14.30 -15.94
N TYR L 93 -57.30 -15.46 -16.00
CA TYR L 93 -56.29 -15.84 -15.03
C TYR L 93 -54.90 -15.72 -15.61
N MET L 94 -54.00 -15.10 -14.84
CA MET L 94 -52.61 -14.87 -15.23
C MET L 94 -51.83 -14.48 -13.99
N THR L 95 -50.57 -14.93 -13.92
CA THR L 95 -49.71 -14.69 -12.79
C THR L 95 -49.46 -13.19 -12.58
N HIS L 96 -48.96 -12.85 -11.38
CA HIS L 96 -48.69 -11.45 -11.06
C HIS L 96 -47.68 -10.78 -11.99
N PRO L 97 -46.48 -11.34 -12.26
CA PRO L 97 -45.60 -10.69 -13.25
C PRO L 97 -46.22 -10.60 -14.63
N THR L 98 -47.01 -11.62 -15.02
CA THR L 98 -47.72 -11.56 -16.29
C THR L 98 -48.71 -10.40 -16.32
N GLN L 99 -49.42 -10.20 -15.21
CA GLN L 99 -50.35 -9.08 -15.11
C GLN L 99 -49.60 -7.75 -15.18
N ALA L 100 -48.43 -7.68 -14.54
CA ALA L 100 -47.67 -6.43 -14.53
C ALA L 100 -47.09 -6.09 -15.91
N ILE L 101 -46.61 -7.09 -16.62
CA ILE L 101 -45.82 -6.85 -17.84
C ILE L 101 -46.66 -6.97 -19.12
N CYS L 102 -47.83 -7.60 -19.04
CA CYS L 102 -48.71 -7.70 -20.21
C CYS L 102 -49.16 -6.37 -20.79
N PRO L 103 -49.72 -5.40 -20.02
CA PRO L 103 -50.26 -4.20 -20.68
C PRO L 103 -49.24 -3.32 -21.39
N ILE L 104 -47.99 -3.29 -20.92
CA ILE L 104 -46.99 -2.46 -21.57
C ILE L 104 -46.58 -3.02 -22.93
N LEU L 105 -46.50 -4.36 -23.06
CA LEU L 105 -46.25 -4.97 -24.36
C LEU L 105 -47.38 -4.65 -25.34
N LEU L 106 -48.63 -4.72 -24.86
CA LEU L 106 -49.77 -4.37 -25.69
C LEU L 106 -49.73 -2.90 -26.08
N GLU L 107 -49.30 -2.02 -25.16
CA GLU L 107 -49.19 -0.61 -25.46
C GLU L 107 -48.13 -0.34 -26.51
N ASP L 108 -46.99 -1.03 -26.42
CA ASP L 108 -45.94 -0.88 -27.42
C ASP L 108 -46.42 -1.34 -28.80
N TYR L 109 -47.08 -2.50 -28.86
CA TYR L 109 -47.60 -2.97 -30.14
C TYR L 109 -48.70 -2.06 -30.67
N ARG L 110 -49.51 -1.48 -29.77
CA ARG L 110 -50.52 -0.52 -30.19
C ARG L 110 -49.89 0.72 -30.79
N LYS L 111 -48.80 1.21 -30.17
CA LYS L 111 -48.05 2.33 -30.74
C LYS L 111 -47.53 1.99 -32.13
N ILE L 112 -46.99 0.77 -32.28
CA ILE L 112 -46.48 0.32 -33.57
C ILE L 112 -47.59 0.29 -34.61
N ALA L 113 -48.76 -0.23 -34.21
CA ALA L 113 -49.87 -0.38 -35.15
C ALA L 113 -50.45 0.97 -35.56
N VAL L 114 -50.52 1.92 -34.63
CA VAL L 114 -51.11 3.22 -34.96
C VAL L 114 -50.10 4.11 -35.70
N ASP L 115 -48.81 3.91 -35.50
CA ASP L 115 -47.79 4.74 -36.15
C ASP L 115 -47.20 4.08 -37.40
N LYS L 116 -46.65 2.88 -37.26
CA LYS L 116 -45.95 2.23 -38.36
C LYS L 116 -46.88 1.54 -39.36
N LYS L 117 -48.15 1.38 -39.04
CA LYS L 117 -49.10 0.68 -39.91
C LYS L 117 -50.46 1.38 -39.79
N GLY L 118 -51.49 0.74 -40.36
CA GLY L 118 -52.84 1.19 -40.14
C GLY L 118 -53.41 0.71 -38.82
N GLU L 119 -54.46 1.40 -38.37
CA GLU L 119 -55.09 1.06 -37.10
C GLU L 119 -56.61 1.12 -37.18
N ALA L 120 -57.17 0.81 -38.36
CA ALA L 120 -58.63 0.86 -38.52
C ALA L 120 -59.32 -0.21 -37.69
N ASN L 121 -58.72 -1.39 -37.59
CA ASN L 121 -59.33 -2.51 -36.89
C ASN L 121 -58.46 -2.97 -35.74
N PHE L 122 -57.94 -2.03 -34.95
CA PHE L 122 -57.13 -2.34 -33.79
C PHE L 122 -57.70 -1.67 -32.56
N PHE L 123 -57.16 -2.05 -31.40
CA PHE L 123 -57.63 -1.54 -30.12
C PHE L 123 -56.78 -0.37 -29.62
N THR L 124 -57.26 0.25 -28.54
CA THR L 124 -56.66 1.47 -28.00
C THR L 124 -56.27 1.24 -26.54
N SER L 125 -55.57 2.23 -25.98
CA SER L 125 -55.04 2.13 -24.63
C SER L 125 -56.15 2.03 -23.58
N GLN L 126 -57.21 2.83 -23.74
CA GLN L 126 -58.35 2.75 -22.83
C GLN L 126 -59.00 1.38 -22.88
N MET L 127 -59.10 0.81 -24.09
CA MET L 127 -59.64 -0.53 -24.24
C MET L 127 -58.69 -1.61 -23.74
N ILE L 128 -57.38 -1.32 -23.71
CA ILE L 128 -56.44 -2.24 -23.06
C ILE L 128 -56.66 -2.22 -21.54
N LYS L 129 -56.79 -1.03 -20.96
CA LYS L 129 -57.03 -0.90 -19.53
C LYS L 129 -58.36 -1.51 -19.12
N ASP L 130 -59.38 -1.43 -19.99
CA ASP L 130 -60.67 -2.05 -19.72
C ASP L 130 -60.53 -3.57 -19.58
N CYS L 131 -59.68 -4.18 -20.39
CA CYS L 131 -59.46 -5.63 -20.31
C CYS L 131 -58.82 -6.04 -18.99
N MET L 132 -57.88 -5.23 -18.49
CA MET L 132 -57.18 -5.55 -17.26
C MET L 132 -58.08 -5.62 -16.02
N LYS L 133 -59.28 -5.04 -16.10
CA LYS L 133 -60.21 -5.08 -14.97
C LYS L 133 -60.68 -6.50 -14.66
N LYS L 134 -60.98 -7.27 -15.69
CA LYS L 134 -61.48 -8.64 -15.52
C LYS L 134 -60.42 -9.62 -15.04
N VAL L 135 -59.15 -9.23 -15.05
CA VAL L 135 -58.06 -10.13 -14.73
C VAL L 135 -58.08 -10.50 -13.25
N VAL L 136 -57.88 -11.79 -12.96
CA VAL L 136 -57.71 -12.29 -11.61
C VAL L 136 -56.31 -12.84 -11.48
N ALA L 137 -55.49 -12.22 -10.64
CA ALA L 137 -54.12 -12.67 -10.43
C ALA L 137 -54.10 -13.97 -9.64
N VAL L 138 -53.23 -14.89 -10.06
CA VAL L 138 -53.09 -16.19 -9.43
C VAL L 138 -51.62 -16.40 -9.09
N HIS L 139 -51.35 -16.79 -7.84
CA HIS L 139 -49.99 -16.98 -7.37
C HIS L 139 -49.50 -18.38 -7.73
N LEU L 140 -48.22 -18.64 -7.46
CA LEU L 140 -47.64 -19.94 -7.78
C LEU L 140 -48.24 -21.00 -6.88
N HIS L 141 -48.67 -22.10 -7.50
CA HIS L 141 -49.27 -23.27 -6.83
C HIS L 141 -50.52 -22.90 -6.04
N GLN L 142 -51.17 -21.79 -6.38
CA GLN L 142 -52.41 -21.37 -5.74
C GLN L 142 -53.57 -22.09 -6.41
N THR L 143 -54.09 -23.13 -5.76
CA THR L 143 -55.21 -23.87 -6.30
C THR L 143 -56.49 -23.05 -6.13
N VAL L 144 -56.77 -22.16 -7.08
CA VAL L 144 -57.95 -21.32 -7.00
C VAL L 144 -59.16 -22.14 -7.45
N GLN L 145 -60.33 -21.77 -6.95
CA GLN L 145 -61.59 -22.40 -7.32
C GLN L 145 -62.36 -21.41 -8.19
N VAL L 146 -62.08 -21.45 -9.49
CA VAL L 146 -62.80 -20.59 -10.44
C VAL L 146 -64.28 -20.93 -10.48
N ASP L 147 -64.63 -22.20 -10.33
CA ASP L 147 -66.03 -22.61 -10.30
C ASP L 147 -66.27 -23.54 -9.12
N ASP L 148 -67.48 -24.11 -9.03
CA ASP L 148 -67.77 -25.03 -7.94
C ASP L 148 -66.89 -26.28 -7.99
N GLU L 149 -66.66 -26.80 -9.19
CA GLU L 149 -65.88 -28.02 -9.37
C GLU L 149 -64.60 -27.80 -10.17
N LEU L 150 -64.50 -26.74 -10.96
CA LEU L 150 -63.32 -26.46 -11.77
C LEU L 150 -62.30 -25.70 -10.94
N GLU L 151 -61.08 -26.21 -10.90
CA GLU L 151 -59.99 -25.55 -10.19
C GLU L 151 -58.72 -25.62 -11.03
N ILE L 152 -57.92 -24.56 -10.96
CA ILE L 152 -56.68 -24.48 -11.74
C ILE L 152 -55.51 -24.17 -10.81
N LYS L 153 -54.34 -24.67 -11.19
CA LYS L 153 -53.11 -24.52 -10.42
C LYS L 153 -51.98 -24.07 -11.34
N ALA L 154 -51.27 -23.03 -10.94
CA ALA L 154 -50.16 -22.49 -11.73
C ALA L 154 -48.84 -23.06 -11.24
N TYR L 155 -48.02 -23.54 -12.17
CA TYR L 155 -46.71 -24.07 -11.87
C TYR L 155 -45.63 -23.11 -12.37
N TYR L 156 -44.38 -23.52 -12.26
CA TYR L 156 -43.26 -22.70 -12.71
C TYR L 156 -42.82 -23.17 -14.09
N ALA L 157 -42.79 -22.25 -15.04
CA ALA L 157 -42.41 -22.57 -16.42
C ALA L 157 -40.98 -22.18 -16.77
N GLY L 158 -40.49 -21.05 -16.26
CA GLY L 158 -39.13 -20.64 -16.53
C GLY L 158 -38.89 -20.02 -17.89
N HIS L 159 -39.92 -19.84 -18.72
CA HIS L 159 -39.74 -19.20 -20.02
C HIS L 159 -39.37 -17.74 -19.85
N VAL L 160 -40.23 -16.98 -19.19
CA VAL L 160 -39.98 -15.59 -18.85
C VAL L 160 -40.44 -15.39 -17.41
N LEU L 161 -40.30 -14.15 -16.93
CA LEU L 161 -40.80 -13.83 -15.60
C LEU L 161 -42.30 -14.00 -15.55
N GLY L 162 -42.77 -14.81 -14.61
CA GLY L 162 -44.20 -15.03 -14.45
C GLY L 162 -44.80 -16.06 -15.36
N ALA L 163 -44.01 -16.68 -16.23
CA ALA L 163 -44.51 -17.75 -17.08
C ALA L 163 -44.89 -18.96 -16.24
N ALA L 164 -46.03 -19.56 -16.54
CA ALA L 164 -46.56 -20.62 -15.70
C ALA L 164 -47.20 -21.72 -16.53
N MET L 165 -47.14 -22.94 -16.00
CA MET L 165 -47.91 -24.06 -16.53
C MET L 165 -49.19 -24.18 -15.72
N PHE L 166 -50.32 -24.17 -16.40
CA PHE L 166 -51.63 -24.14 -15.75
C PHE L 166 -52.27 -25.51 -15.84
N GLN L 167 -52.33 -26.23 -14.71
CA GLN L 167 -53.18 -27.41 -14.63
C GLN L 167 -54.64 -26.98 -14.57
N ILE L 168 -55.52 -27.80 -15.15
CA ILE L 168 -56.95 -27.54 -15.15
C ILE L 168 -57.62 -28.82 -14.66
N LYS L 169 -57.86 -28.90 -13.37
CA LYS L 169 -58.41 -30.10 -12.75
C LYS L 169 -59.89 -29.89 -12.46
N VAL L 170 -60.72 -30.78 -12.99
CA VAL L 170 -62.13 -30.86 -12.61
C VAL L 170 -62.46 -32.33 -12.34
N GLY L 171 -62.92 -32.62 -11.12
CA GLY L 171 -63.12 -33.99 -10.69
C GLY L 171 -61.82 -34.78 -10.79
N SER L 172 -61.91 -36.01 -11.29
CA SER L 172 -60.70 -36.78 -11.52
C SER L 172 -59.98 -36.34 -12.79
N GLU L 173 -60.71 -35.84 -13.77
CA GLU L 173 -60.11 -35.38 -15.03
C GLU L 173 -59.26 -34.14 -14.80
N SER L 174 -58.10 -34.11 -15.46
CA SER L 174 -57.20 -32.96 -15.32
C SER L 174 -56.40 -32.79 -16.60
N VAL L 175 -56.15 -31.54 -16.96
CA VAL L 175 -55.41 -31.17 -18.15
C VAL L 175 -54.33 -30.17 -17.74
N VAL L 176 -53.10 -30.39 -18.20
CA VAL L 176 -51.98 -29.51 -17.90
C VAL L 176 -51.55 -28.84 -19.20
N TYR L 177 -51.46 -27.51 -19.17
CA TYR L 177 -51.02 -26.72 -20.32
C TYR L 177 -49.76 -25.99 -19.92
N THR L 178 -48.65 -26.33 -20.55
CA THR L 178 -47.36 -25.77 -20.20
C THR L 178 -47.08 -24.42 -20.83
N GLY L 179 -47.89 -24.00 -21.81
CA GLY L 179 -47.63 -22.79 -22.56
C GLY L 179 -46.23 -22.87 -23.14
N ASP L 180 -45.32 -22.02 -22.66
CA ASP L 180 -43.92 -22.10 -23.03
C ASP L 180 -43.11 -22.32 -21.77
N TYR L 181 -42.00 -23.02 -21.90
CA TYR L 181 -41.22 -23.37 -20.72
C TYR L 181 -39.79 -23.71 -21.15
N ASN L 182 -38.92 -23.78 -20.15
CA ASN L 182 -37.51 -24.14 -20.33
C ASN L 182 -37.09 -24.98 -19.14
N MET L 183 -36.66 -26.21 -19.40
CA MET L 183 -36.23 -27.08 -18.31
C MET L 183 -34.80 -26.82 -17.86
N THR L 184 -34.03 -26.05 -18.63
CA THR L 184 -32.67 -25.67 -18.22
C THR L 184 -32.71 -24.26 -17.68
N PRO L 185 -32.29 -24.00 -16.45
CA PRO L 185 -32.41 -22.65 -15.88
C PRO L 185 -31.50 -21.66 -16.58
N ASP L 186 -31.97 -20.41 -16.65
CA ASP L 186 -31.19 -19.32 -17.20
C ASP L 186 -30.36 -18.66 -16.11
N ARG L 187 -29.64 -17.61 -16.48
CA ARG L 187 -28.85 -16.84 -15.52
C ARG L 187 -29.71 -16.02 -14.58
N HIS L 188 -31.00 -15.85 -14.89
CA HIS L 188 -31.90 -15.10 -14.02
C HIS L 188 -33.24 -15.78 -13.82
N LEU L 189 -33.45 -16.98 -14.36
CA LEU L 189 -34.70 -17.70 -14.21
C LEU L 189 -34.38 -19.16 -13.90
N GLY L 190 -35.24 -19.77 -13.10
CA GLY L 190 -35.03 -21.15 -12.69
C GLY L 190 -35.53 -22.13 -13.73
N ALA L 191 -35.46 -23.41 -13.37
CA ALA L 191 -35.95 -24.47 -14.23
C ALA L 191 -37.41 -24.76 -13.94
N ALA L 192 -38.13 -25.24 -14.96
CA ALA L 192 -39.50 -25.63 -14.78
C ALA L 192 -39.63 -26.86 -13.89
N TRP L 193 -40.69 -26.90 -13.09
CA TRP L 193 -40.96 -28.04 -12.24
C TRP L 193 -42.46 -28.27 -12.14
N ILE L 194 -42.86 -29.54 -12.14
CA ILE L 194 -44.25 -29.93 -11.91
C ILE L 194 -44.26 -31.27 -11.20
N ASP L 195 -45.11 -31.40 -10.19
CA ASP L 195 -45.21 -32.65 -9.45
C ASP L 195 -45.84 -33.74 -10.30
N LYS L 196 -45.97 -34.94 -9.73
CA LYS L 196 -46.57 -36.09 -10.43
C LYS L 196 -48.08 -35.91 -10.50
N CYS L 197 -48.49 -34.94 -11.32
CA CYS L 197 -49.90 -34.65 -11.55
C CYS L 197 -50.62 -35.82 -12.21
N ARG L 198 -49.90 -36.59 -13.05
CA ARG L 198 -50.40 -37.65 -13.92
C ARG L 198 -51.78 -37.33 -14.54
N PRO L 199 -51.85 -36.30 -15.39
CA PRO L 199 -53.15 -35.88 -15.92
C PRO L 199 -53.58 -36.77 -17.08
N ASN L 200 -54.84 -36.59 -17.48
CA ASN L 200 -55.34 -37.30 -18.65
C ASN L 200 -54.69 -36.80 -19.92
N LEU L 201 -54.31 -35.52 -19.96
CA LEU L 201 -53.71 -34.93 -21.14
C LEU L 201 -52.70 -33.87 -20.69
N LEU L 202 -51.59 -33.78 -21.43
CA LEU L 202 -50.54 -32.81 -21.15
C LEU L 202 -50.23 -32.10 -22.46
N ILE L 203 -50.53 -30.81 -22.52
CA ILE L 203 -50.31 -30.01 -23.73
C ILE L 203 -48.98 -29.29 -23.58
N THR L 204 -48.05 -29.57 -24.50
CA THR L 204 -46.69 -29.06 -24.44
C THR L 204 -46.34 -28.26 -25.69
N GLN L 205 -45.51 -27.25 -25.51
CA GLN L 205 -44.90 -26.56 -26.63
C GLN L 205 -43.87 -27.46 -27.30
N SER L 206 -43.68 -27.26 -28.60
CA SER L 206 -42.69 -28.01 -29.35
C SER L 206 -41.99 -27.14 -30.39
N THR L 207 -41.62 -25.92 -30.02
CA THR L 207 -40.91 -25.06 -30.97
C THR L 207 -39.50 -25.57 -31.24
N TYR L 208 -38.93 -26.39 -30.36
CA TYR L 208 -37.60 -26.97 -30.53
C TYR L 208 -37.68 -28.45 -30.21
N ALA L 209 -37.90 -29.27 -31.24
CA ALA L 209 -37.78 -30.71 -31.10
C ALA L 209 -36.38 -31.20 -31.46
N THR L 210 -35.41 -30.29 -31.57
CA THR L 210 -34.04 -30.62 -31.85
C THR L 210 -33.34 -31.09 -30.58
N THR L 211 -32.13 -31.61 -30.75
CA THR L 211 -31.33 -32.10 -29.62
C THR L 211 -30.91 -30.96 -28.70
N ILE L 212 -30.24 -31.32 -27.59
CA ILE L 212 -29.78 -30.32 -26.63
C ILE L 212 -28.84 -29.33 -27.33
N ARG L 213 -28.98 -28.05 -27.00
CA ARG L 213 -28.23 -27.01 -27.69
C ARG L 213 -26.87 -26.75 -27.06
N ASP L 214 -26.08 -27.81 -26.87
CA ASP L 214 -24.68 -27.74 -26.46
C ASP L 214 -24.50 -26.96 -25.16
N SER L 215 -25.31 -27.32 -24.15
CA SER L 215 -25.20 -26.81 -22.79
C SER L 215 -25.36 -25.29 -22.71
N LYS L 216 -24.92 -24.69 -21.62
CA LYS L 216 -25.00 -23.25 -21.42
C LYS L 216 -23.67 -22.55 -21.67
N ARG L 217 -22.59 -23.07 -21.10
CA ARG L 217 -21.29 -22.42 -21.20
C ARG L 217 -20.79 -22.35 -22.63
N CYS L 218 -21.00 -23.42 -23.41
CA CYS L 218 -20.54 -23.44 -24.80
C CYS L 218 -21.28 -22.40 -25.64
N ARG L 219 -22.60 -22.27 -25.46
CA ARG L 219 -23.36 -21.29 -26.21
C ARG L 219 -22.95 -19.87 -25.88
N GLU L 220 -22.76 -19.59 -24.58
CA GLU L 220 -22.31 -18.26 -24.17
C GLU L 220 -20.92 -17.97 -24.72
N ARG L 221 -20.03 -18.97 -24.69
CA ARG L 221 -18.69 -18.81 -25.24
C ARG L 221 -18.73 -18.51 -26.72
N ASP L 222 -19.56 -19.24 -27.48
CA ASP L 222 -19.67 -19.02 -28.92
C ASP L 222 -20.25 -17.65 -29.22
N PHE L 223 -21.27 -17.23 -28.46
CA PHE L 223 -21.89 -15.92 -28.68
C PHE L 223 -20.90 -14.80 -28.41
N LEU L 224 -20.14 -14.90 -27.30
CA LEU L 224 -19.16 -13.87 -27.00
C LEU L 224 -18.00 -13.89 -27.98
N LYS L 225 -17.60 -15.07 -28.46
CA LYS L 225 -16.56 -15.15 -29.48
C LYS L 225 -17.00 -14.48 -30.77
N LYS L 226 -18.25 -14.70 -31.17
CA LYS L 226 -18.78 -14.02 -32.36
C LYS L 226 -18.84 -12.51 -32.15
N VAL L 227 -19.25 -12.08 -30.95
CA VAL L 227 -19.30 -10.64 -30.64
C VAL L 227 -17.90 -10.03 -30.72
N HIS L 228 -16.90 -10.72 -30.14
CA HIS L 228 -15.53 -10.22 -30.17
C HIS L 228 -14.98 -10.20 -31.60
N GLU L 229 -15.32 -11.21 -32.40
CA GLU L 229 -14.89 -11.21 -33.79
C GLU L 229 -15.49 -10.04 -34.57
N THR L 230 -16.78 -9.77 -34.36
CA THR L 230 -17.42 -8.65 -35.05
C THR L 230 -16.87 -7.31 -34.62
N VAL L 231 -16.63 -7.11 -33.31
CA VAL L 231 -16.12 -5.83 -32.84
C VAL L 231 -14.61 -5.68 -32.99
N GLU L 232 -13.90 -6.77 -33.28
CA GLU L 232 -12.45 -6.68 -33.48
C GLU L 232 -12.11 -5.82 -34.70
N ARG L 233 -12.87 -5.96 -35.77
CA ARG L 233 -12.74 -5.13 -36.95
C ARG L 233 -13.52 -3.82 -36.83
N GLY L 234 -13.96 -3.46 -35.63
CA GLY L 234 -14.67 -2.21 -35.42
C GLY L 234 -16.11 -2.21 -35.86
N GLY L 235 -16.68 -3.37 -36.20
CA GLY L 235 -18.05 -3.42 -36.63
C GLY L 235 -19.05 -3.26 -35.49
N LYS L 236 -20.26 -2.85 -35.85
CA LYS L 236 -21.36 -2.73 -34.91
C LYS L 236 -22.26 -3.97 -34.97
N VAL L 237 -23.06 -4.15 -33.92
CA VAL L 237 -23.93 -5.30 -33.77
C VAL L 237 -25.36 -4.80 -33.54
N LEU L 238 -26.33 -5.46 -34.15
CA LEU L 238 -27.73 -5.02 -34.16
C LEU L 238 -28.68 -6.12 -33.72
N ILE L 239 -28.42 -6.74 -32.58
CA ILE L 239 -29.30 -7.82 -32.08
C ILE L 239 -30.66 -7.25 -31.65
N PRO L 240 -31.76 -7.78 -32.17
CA PRO L 240 -33.09 -7.40 -31.67
C PRO L 240 -33.58 -8.38 -30.61
N VAL L 241 -34.43 -7.85 -29.72
CA VAL L 241 -34.98 -8.64 -28.61
C VAL L 241 -36.21 -7.91 -28.10
N PHE L 242 -37.12 -8.66 -27.46
CA PHE L 242 -38.37 -8.09 -26.95
C PHE L 242 -38.21 -7.26 -25.68
N ALA L 243 -37.01 -7.24 -25.10
CA ALA L 243 -36.53 -6.43 -23.98
C ALA L 243 -37.03 -6.93 -22.63
N LEU L 244 -37.73 -8.06 -22.57
CA LEU L 244 -38.24 -8.60 -21.31
C LEU L 244 -37.92 -10.07 -21.08
N GLY L 245 -37.52 -10.81 -22.11
CA GLY L 245 -37.25 -12.22 -21.99
C GLY L 245 -35.77 -12.53 -21.83
N ARG L 246 -35.13 -12.98 -22.90
CA ARG L 246 -33.71 -13.29 -22.87
C ARG L 246 -32.83 -12.06 -22.93
N ALA L 247 -33.43 -10.86 -22.96
CA ALA L 247 -32.65 -9.62 -22.99
C ALA L 247 -31.81 -9.45 -21.74
N GLN L 248 -32.35 -9.84 -20.58
CA GLN L 248 -31.60 -9.70 -19.33
C GLN L 248 -30.37 -10.60 -19.32
N GLU L 249 -30.53 -11.86 -19.75
CA GLU L 249 -29.41 -12.80 -19.77
C GLU L 249 -28.32 -12.33 -20.73
N LEU L 250 -28.71 -11.92 -21.93
CA LEU L 250 -27.75 -11.41 -22.90
C LEU L 250 -27.06 -10.15 -22.38
N CYS L 251 -27.83 -9.26 -21.74
CA CYS L 251 -27.29 -8.03 -21.20
C CYS L 251 -26.22 -8.31 -20.14
N ILE L 252 -26.53 -9.17 -19.17
CA ILE L 252 -25.58 -9.45 -18.10
C ILE L 252 -24.37 -10.21 -18.64
N LEU L 253 -24.59 -11.15 -19.57
CA LEU L 253 -23.48 -11.91 -20.15
C LEU L 253 -22.53 -10.99 -20.92
N LEU L 254 -23.08 -10.08 -21.74
CA LEU L 254 -22.23 -9.17 -22.49
C LEU L 254 -21.57 -8.14 -21.59
N GLU L 255 -22.23 -7.74 -20.50
CA GLU L 255 -21.62 -6.84 -19.53
C GLU L 255 -20.43 -7.51 -18.84
N THR L 256 -20.60 -8.77 -18.41
CA THR L 256 -19.50 -9.50 -17.80
C THR L 256 -18.36 -9.73 -18.78
N PHE L 257 -18.68 -9.99 -20.05
CA PHE L 257 -17.64 -10.07 -21.07
C PHE L 257 -16.91 -8.74 -21.23
N TRP L 258 -17.66 -7.63 -21.20
CA TRP L 258 -17.06 -6.31 -21.28
C TRP L 258 -16.34 -5.87 -20.02
N GLU L 259 -16.43 -6.62 -18.91
CA GLU L 259 -15.60 -6.33 -17.74
C GLU L 259 -14.11 -6.37 -18.06
N ARG L 260 -13.72 -7.13 -19.09
CA ARG L 260 -12.31 -7.22 -19.47
C ARG L 260 -11.82 -5.95 -20.15
N MET L 261 -12.52 -5.46 -21.19
CA MET L 261 -12.10 -4.26 -21.89
C MET L 261 -12.74 -2.97 -21.36
N ASN L 262 -13.96 -3.02 -20.83
CA ASN L 262 -14.64 -1.89 -20.20
C ASN L 262 -14.92 -0.76 -21.19
N LEU L 263 -15.74 -1.09 -22.19
CA LEU L 263 -16.34 -0.12 -23.09
C LEU L 263 -17.84 -0.28 -23.06
N LYS L 264 -18.56 0.84 -22.95
CA LYS L 264 -20.01 0.82 -22.74
C LYS L 264 -20.72 0.27 -23.97
N VAL L 265 -21.87 -0.35 -23.74
CA VAL L 265 -22.68 -0.97 -24.79
C VAL L 265 -24.05 -0.31 -24.79
N PRO L 266 -24.59 0.09 -25.94
CA PRO L 266 -25.89 0.77 -25.96
C PRO L 266 -27.07 -0.19 -25.90
N ILE L 267 -27.95 0.03 -24.93
CA ILE L 267 -29.19 -0.71 -24.81
C ILE L 267 -30.31 0.18 -25.38
N TYR L 268 -30.80 -0.15 -26.57
CA TYR L 268 -31.73 0.73 -27.26
C TYR L 268 -33.19 0.46 -26.94
N PHE L 269 -33.53 -0.52 -26.12
CA PHE L 269 -34.87 -0.52 -25.54
C PHE L 269 -35.04 0.74 -24.70
N SER L 270 -36.26 1.29 -24.73
CA SER L 270 -36.54 2.62 -24.19
C SER L 270 -36.14 2.71 -22.72
N THR L 271 -35.56 3.85 -22.34
CA THR L 271 -35.10 4.04 -20.97
C THR L 271 -36.23 3.87 -19.97
N GLY L 272 -37.43 4.34 -20.30
CA GLY L 272 -38.59 4.01 -19.50
C GLY L 272 -38.84 2.51 -19.43
N LEU L 273 -38.76 1.83 -20.57
CA LEU L 273 -38.94 0.39 -20.60
C LEU L 273 -37.82 -0.34 -19.86
N THR L 274 -36.58 0.13 -19.99
CA THR L 274 -35.46 -0.47 -19.28
C THR L 274 -35.63 -0.33 -17.77
N GLU L 275 -36.02 0.86 -17.31
CA GLU L 275 -36.27 1.09 -15.90
C GLU L 275 -37.43 0.22 -15.42
N LYS L 276 -38.49 0.12 -16.21
CA LYS L 276 -39.64 -0.72 -15.85
C LYS L 276 -39.22 -2.19 -15.75
N ALA L 277 -38.39 -2.65 -16.67
CA ALA L 277 -37.92 -4.03 -16.63
C ALA L 277 -37.09 -4.31 -15.38
N ASN L 278 -36.18 -3.39 -15.03
CA ASN L 278 -35.39 -3.54 -13.82
C ASN L 278 -36.28 -3.57 -12.58
N HIS L 279 -37.25 -2.65 -12.52
CA HIS L 279 -38.15 -2.58 -11.37
C HIS L 279 -39.01 -3.84 -11.26
N TYR L 280 -39.56 -4.31 -12.38
CA TYR L 280 -40.37 -5.54 -12.36
C TYR L 280 -39.53 -6.74 -11.93
N TYR L 281 -38.28 -6.81 -12.39
CA TYR L 281 -37.44 -7.93 -11.99
C TYR L 281 -37.04 -7.85 -10.51
N LYS L 282 -36.95 -6.64 -9.95
CA LYS L 282 -36.64 -6.55 -8.52
C LYS L 282 -37.87 -6.71 -7.63
N LEU L 283 -39.07 -6.39 -8.13
CA LEU L 283 -40.28 -6.66 -7.37
C LEU L 283 -40.67 -8.13 -7.36
N PHE L 284 -40.27 -8.89 -8.38
CA PHE L 284 -40.64 -10.30 -8.51
C PHE L 284 -39.44 -11.21 -8.34
N ILE L 285 -38.60 -10.88 -7.36
CA ILE L 285 -37.44 -11.73 -7.04
C ILE L 285 -37.82 -13.18 -6.75
N PRO L 286 -38.91 -13.50 -6.02
CA PRO L 286 -39.28 -14.93 -5.84
C PRO L 286 -39.48 -15.70 -7.13
N TRP L 287 -39.90 -15.05 -8.21
CA TRP L 287 -40.08 -15.72 -9.49
C TRP L 287 -38.76 -15.95 -10.21
N THR L 288 -37.66 -15.37 -9.74
CA THR L 288 -36.37 -15.48 -10.42
C THR L 288 -35.58 -16.65 -9.86
N ASN L 289 -34.33 -16.79 -10.30
CA ASN L 289 -33.49 -17.91 -9.91
C ASN L 289 -33.07 -17.79 -8.45
N GLN L 290 -32.74 -18.94 -7.85
CA GLN L 290 -32.11 -18.96 -6.53
C GLN L 290 -30.74 -18.27 -6.54
N LYS L 291 -30.09 -18.22 -7.71
CA LYS L 291 -28.89 -17.42 -7.89
C LYS L 291 -29.13 -15.96 -7.52
N ILE L 292 -30.21 -15.39 -8.02
CA ILE L 292 -30.54 -14.00 -7.71
C ILE L 292 -31.27 -13.89 -6.38
N ARG L 293 -32.08 -14.90 -6.03
CA ARG L 293 -32.88 -14.84 -4.81
C ARG L 293 -32.00 -14.80 -3.55
N LYS L 294 -30.78 -15.31 -3.63
CA LYS L 294 -29.88 -15.31 -2.48
C LYS L 294 -28.85 -14.18 -2.51
N THR L 295 -28.59 -13.60 -3.68
CA THR L 295 -27.53 -12.61 -3.85
C THR L 295 -28.06 -11.22 -4.20
N PHE L 296 -29.38 -11.01 -4.16
CA PHE L 296 -29.92 -9.69 -4.46
C PHE L 296 -29.66 -8.70 -3.33
N VAL L 297 -29.57 -9.19 -2.10
CA VAL L 297 -29.27 -8.31 -0.97
C VAL L 297 -27.82 -7.82 -1.03
N GLN L 298 -26.89 -8.71 -1.40
CA GLN L 298 -25.48 -8.34 -1.49
C GLN L 298 -25.25 -7.31 -2.59
N ARG L 299 -25.82 -7.53 -3.77
CA ARG L 299 -25.66 -6.61 -4.88
C ARG L 299 -26.85 -6.73 -5.82
N ASN L 300 -27.11 -5.65 -6.56
CA ASN L 300 -28.21 -5.59 -7.51
C ASN L 300 -27.63 -5.75 -8.91
N MET L 301 -27.74 -6.97 -9.45
CA MET L 301 -27.21 -7.27 -10.77
C MET L 301 -27.95 -6.52 -11.88
N PHE L 302 -29.20 -6.11 -11.65
CA PHE L 302 -29.98 -5.42 -12.67
C PHE L 302 -29.55 -3.96 -12.85
N GLU L 303 -28.72 -3.43 -11.96
CA GLU L 303 -28.23 -2.06 -12.07
C GLU L 303 -27.13 -2.03 -13.14
N PHE L 304 -27.56 -1.94 -14.39
CA PHE L 304 -26.63 -1.97 -15.52
C PHE L 304 -25.88 -0.64 -15.61
N LYS L 305 -24.57 -0.73 -15.80
CA LYS L 305 -23.71 0.44 -15.90
C LYS L 305 -23.53 0.93 -17.33
N HIS L 306 -24.19 0.30 -18.30
CA HIS L 306 -24.08 0.68 -19.71
C HIS L 306 -25.48 0.74 -20.30
N ILE L 307 -25.81 1.90 -20.89
CA ILE L 307 -27.12 2.11 -21.51
C ILE L 307 -27.06 3.36 -22.39
N LYS L 308 -27.94 3.40 -23.39
CA LYS L 308 -28.10 4.55 -24.28
C LYS L 308 -29.59 4.80 -24.49
N ALA L 309 -29.92 6.02 -24.90
CA ALA L 309 -31.33 6.41 -25.00
C ALA L 309 -31.96 5.89 -26.28
N PHE L 310 -31.62 6.50 -27.43
CA PHE L 310 -32.29 6.16 -28.68
C PHE L 310 -31.45 6.67 -29.85
N ASP L 311 -32.12 7.01 -30.95
CA ASP L 311 -31.56 7.46 -32.23
C ASP L 311 -30.53 8.56 -32.09
N ARG L 312 -29.27 8.25 -32.46
CA ARG L 312 -28.08 9.09 -32.44
C ARG L 312 -26.84 8.21 -32.59
N ALA L 313 -26.51 7.45 -31.54
CA ALA L 313 -25.41 6.50 -31.60
C ALA L 313 -25.60 5.41 -32.65
N PHE L 314 -26.85 5.14 -33.05
CA PHE L 314 -27.07 4.21 -34.16
C PHE L 314 -26.46 4.73 -35.46
N ALA L 315 -26.65 6.01 -35.76
CA ALA L 315 -26.06 6.62 -36.94
C ALA L 315 -24.68 7.21 -36.69
N ASP L 316 -24.03 6.80 -35.60
CA ASP L 316 -22.70 7.30 -35.25
C ASP L 316 -21.64 6.60 -36.10
N ASN L 317 -20.38 6.83 -35.75
CA ASN L 317 -19.26 6.27 -36.49
C ASN L 317 -19.25 4.75 -36.33
N PRO L 318 -18.62 4.01 -37.27
CA PRO L 318 -18.61 2.54 -37.16
C PRO L 318 -17.71 2.03 -36.04
N GLY L 319 -18.21 2.06 -34.82
CA GLY L 319 -17.47 1.55 -33.68
C GLY L 319 -17.90 0.17 -33.24
N PRO L 320 -17.47 -0.23 -32.05
CA PRO L 320 -17.83 -1.56 -31.53
C PRO L 320 -19.19 -1.60 -30.84
N MET L 321 -20.02 -0.58 -31.06
CA MET L 321 -21.29 -0.46 -30.34
C MET L 321 -22.23 -1.58 -30.74
N VAL L 322 -22.86 -2.22 -29.76
CA VAL L 322 -23.79 -3.32 -29.98
C VAL L 322 -25.17 -2.85 -29.55
N VAL L 323 -26.10 -2.79 -30.50
CA VAL L 323 -27.42 -2.25 -30.22
C VAL L 323 -28.36 -3.37 -29.79
N PHE L 324 -29.20 -3.08 -28.81
CA PHE L 324 -30.25 -3.98 -28.34
C PHE L 324 -31.56 -3.31 -28.74
N ALA L 325 -32.11 -3.69 -29.89
CA ALA L 325 -33.34 -3.05 -30.37
C ALA L 325 -34.54 -3.39 -29.49
N THR L 326 -35.42 -2.40 -29.34
CA THR L 326 -36.62 -2.57 -28.51
C THR L 326 -37.59 -3.63 -29.05
N PRO L 327 -37.98 -3.65 -30.37
CA PRO L 327 -38.89 -4.72 -30.81
C PRO L 327 -38.14 -5.93 -31.31
N GLY L 328 -38.47 -7.10 -30.78
CA GLY L 328 -37.86 -8.33 -31.24
C GLY L 328 -38.50 -8.86 -32.51
N MET L 329 -37.92 -9.95 -33.01
CA MET L 329 -38.39 -10.79 -34.11
C MET L 329 -38.20 -10.12 -35.48
N LEU L 330 -37.73 -8.87 -35.53
CA LEU L 330 -37.52 -8.10 -36.78
C LEU L 330 -38.79 -8.05 -37.62
N HIS L 331 -39.92 -7.83 -36.95
CA HIS L 331 -41.19 -7.70 -37.65
C HIS L 331 -41.55 -6.26 -37.99
N ALA L 332 -41.17 -5.29 -37.15
CA ALA L 332 -41.41 -3.87 -37.34
C ALA L 332 -40.73 -3.12 -36.20
N GLY L 333 -40.73 -1.79 -36.31
CA GLY L 333 -40.23 -0.95 -35.24
C GLY L 333 -38.78 -0.52 -35.38
N GLN L 334 -38.13 -0.28 -34.24
CA GLN L 334 -36.75 0.18 -34.24
C GLN L 334 -35.80 -0.85 -34.82
N SER L 335 -36.08 -2.14 -34.62
CA SER L 335 -35.20 -3.20 -35.12
C SER L 335 -35.10 -3.14 -36.64
N LEU L 336 -36.24 -3.11 -37.33
CA LEU L 336 -36.23 -3.04 -38.79
C LEU L 336 -35.67 -1.72 -39.28
N GLN L 337 -35.95 -0.63 -38.56
CA GLN L 337 -35.43 0.69 -38.93
C GLN L 337 -33.91 0.71 -38.90
N ILE L 338 -33.31 0.12 -37.86
CA ILE L 338 -31.86 0.07 -37.78
C ILE L 338 -31.29 -0.91 -38.80
N PHE L 339 -31.92 -2.09 -38.96
CA PHE L 339 -31.39 -3.11 -39.84
C PHE L 339 -31.39 -2.66 -41.29
N ARG L 340 -32.46 -1.98 -41.72
CA ARG L 340 -32.58 -1.50 -43.09
C ARG L 340 -31.52 -0.48 -43.45
N LYS L 341 -30.95 0.22 -42.47
CA LYS L 341 -29.96 1.25 -42.70
C LYS L 341 -28.54 0.79 -42.40
N TRP L 342 -28.36 -0.49 -42.09
CA TRP L 342 -27.06 -1.01 -41.67
C TRP L 342 -26.60 -2.11 -42.62
N ALA L 343 -25.31 -2.07 -42.96
CA ALA L 343 -24.66 -3.12 -43.73
C ALA L 343 -23.17 -3.03 -43.47
N GLY L 344 -22.48 -4.12 -43.74
CA GLY L 344 -21.05 -4.19 -43.49
C GLY L 344 -20.63 -5.59 -43.15
N ASN L 345 -19.35 -5.87 -43.36
CA ASN L 345 -18.80 -7.19 -43.08
C ASN L 345 -18.78 -7.42 -41.57
N GLU L 346 -17.98 -6.64 -40.85
CA GLU L 346 -17.99 -6.69 -39.40
C GLU L 346 -19.20 -5.95 -38.80
N LYS L 347 -19.62 -4.85 -39.42
CA LYS L 347 -20.77 -4.11 -38.95
C LYS L 347 -22.07 -4.80 -39.35
N ASN L 348 -23.16 -4.33 -38.75
CA ASN L 348 -24.51 -4.87 -38.97
C ASN L 348 -24.56 -6.36 -38.62
N MET L 349 -23.94 -6.73 -37.52
CA MET L 349 -23.98 -8.11 -37.03
C MET L 349 -25.36 -8.40 -36.45
N VAL L 350 -26.12 -9.28 -37.09
CA VAL L 350 -27.49 -9.57 -36.71
C VAL L 350 -27.51 -10.95 -36.07
N ILE L 351 -27.61 -11.00 -34.75
CA ILE L 351 -27.65 -12.26 -34.02
C ILE L 351 -29.08 -12.42 -33.53
N MET L 352 -29.72 -13.51 -33.92
CA MET L 352 -31.11 -13.77 -33.61
C MET L 352 -31.23 -14.76 -32.47
N PRO L 353 -31.60 -14.34 -31.27
CA PRO L 353 -31.87 -15.31 -30.20
C PRO L 353 -33.26 -15.91 -30.27
N GLY L 354 -34.21 -15.16 -30.84
CA GLY L 354 -35.58 -15.61 -30.92
C GLY L 354 -35.77 -16.67 -31.99
N TYR L 355 -37.04 -17.02 -32.21
CA TYR L 355 -37.38 -18.04 -33.20
C TYR L 355 -37.79 -17.47 -34.55
N CYS L 356 -38.43 -16.29 -34.57
CA CYS L 356 -38.86 -15.59 -35.78
C CYS L 356 -39.82 -16.47 -36.59
N VAL L 357 -41.01 -16.64 -36.00
CA VAL L 357 -41.93 -17.70 -36.40
C VAL L 357 -42.41 -17.54 -37.84
N GLN L 358 -42.94 -16.35 -38.21
CA GLN L 358 -43.38 -16.11 -39.57
C GLN L 358 -43.16 -14.67 -40.01
N GLY L 359 -42.55 -13.82 -39.19
CA GLY L 359 -42.34 -12.44 -39.57
C GLY L 359 -41.37 -12.32 -40.73
N THR L 360 -41.65 -11.36 -41.62
CA THR L 360 -40.76 -11.09 -42.73
C THR L 360 -39.40 -10.63 -42.18
N VAL L 361 -38.34 -10.84 -42.97
CA VAL L 361 -36.94 -10.53 -42.63
C VAL L 361 -36.41 -11.50 -41.59
N GLY L 362 -37.00 -11.51 -40.38
CA GLY L 362 -36.48 -12.32 -39.30
C GLY L 362 -36.55 -13.81 -39.54
N HIS L 363 -37.61 -14.29 -40.17
CA HIS L 363 -37.86 -15.74 -40.29
C HIS L 363 -36.79 -16.47 -41.09
N LYS L 364 -36.03 -15.77 -41.94
CA LYS L 364 -35.16 -16.41 -42.91
C LYS L 364 -33.75 -16.67 -42.38
N ILE L 365 -33.63 -16.90 -41.06
CA ILE L 365 -32.35 -17.22 -40.45
C ILE L 365 -31.74 -18.48 -41.06
N LEU L 366 -32.56 -19.50 -41.33
CA LEU L 366 -32.07 -20.70 -42.00
C LEU L 366 -31.65 -20.42 -43.44
N SER L 367 -32.21 -19.38 -44.05
CA SER L 367 -31.82 -18.96 -45.39
C SER L 367 -30.53 -18.15 -45.34
N GLY L 368 -30.17 -17.53 -46.45
CA GLY L 368 -28.96 -16.74 -46.52
C GLY L 368 -29.06 -15.36 -45.90
N GLN L 369 -30.29 -14.88 -45.66
CA GLN L 369 -30.60 -13.55 -45.13
C GLN L 369 -30.16 -12.43 -46.07
N ARG L 370 -29.91 -12.74 -47.34
CA ARG L 370 -29.48 -11.77 -48.33
C ARG L 370 -30.49 -11.57 -49.45
N LYS L 371 -31.73 -12.04 -49.30
CA LYS L 371 -32.73 -11.95 -50.34
C LYS L 371 -33.84 -10.96 -50.03
N LEU L 372 -34.51 -11.11 -48.88
CA LEU L 372 -35.57 -10.23 -48.39
C LEU L 372 -36.78 -10.14 -49.33
N GLU L 373 -37.80 -9.37 -48.91
CA GLU L 373 -38.93 -9.04 -49.77
C GLU L 373 -39.47 -7.69 -49.31
N MET L 374 -39.00 -6.62 -49.95
CA MET L 374 -39.36 -5.27 -49.56
C MET L 374 -38.97 -4.31 -50.69
N GLU L 375 -39.50 -3.10 -50.63
CA GLU L 375 -39.18 -2.07 -51.60
C GLU L 375 -37.82 -1.44 -51.27
N GLY L 376 -36.92 -1.45 -52.25
CA GLY L 376 -35.58 -0.96 -51.99
C GLY L 376 -34.81 -1.86 -51.03
N ARG L 377 -34.91 -3.17 -51.23
CA ARG L 377 -34.24 -4.15 -50.38
C ARG L 377 -32.73 -4.08 -50.55
N GLN L 378 -32.02 -4.49 -49.50
CA GLN L 378 -30.57 -4.43 -49.41
C GLN L 378 -29.99 -5.84 -49.56
N VAL L 379 -28.65 -5.95 -49.55
CA VAL L 379 -27.94 -7.22 -49.64
C VAL L 379 -26.91 -7.23 -48.53
N LEU L 380 -26.50 -8.43 -48.13
CA LEU L 380 -25.49 -8.59 -47.09
C LEU L 380 -24.34 -9.42 -47.64
N GLU L 381 -23.31 -9.59 -46.79
CA GLU L 381 -22.16 -10.43 -47.08
C GLU L 381 -22.03 -11.51 -46.00
N VAL L 382 -21.18 -12.49 -46.30
CA VAL L 382 -21.06 -13.69 -45.46
C VAL L 382 -20.56 -13.33 -44.06
N LYS L 383 -19.56 -12.44 -43.98
CA LYS L 383 -19.03 -12.03 -42.67
C LYS L 383 -20.09 -11.33 -41.81
N MET L 384 -21.05 -10.66 -42.44
CA MET L 384 -22.16 -10.06 -41.69
C MET L 384 -22.93 -11.13 -40.94
N GLN L 385 -22.99 -10.98 -39.62
CA GLN L 385 -23.57 -12.02 -38.77
C GLN L 385 -25.05 -12.19 -39.07
N VAL L 386 -25.44 -13.40 -39.41
CA VAL L 386 -26.85 -13.77 -39.51
C VAL L 386 -27.05 -15.00 -38.66
N GLU L 387 -26.21 -15.12 -37.62
CA GLU L 387 -26.21 -16.31 -36.78
C GLU L 387 -27.47 -16.36 -35.93
N TYR L 388 -28.10 -17.52 -35.89
CA TYR L 388 -29.29 -17.75 -35.07
C TYR L 388 -28.86 -18.47 -33.80
N MET L 389 -28.33 -17.70 -32.85
CA MET L 389 -27.92 -18.26 -31.58
C MET L 389 -29.13 -18.78 -30.82
N SER L 390 -28.96 -19.96 -30.21
CA SER L 390 -30.06 -20.60 -29.47
C SER L 390 -30.10 -20.07 -28.04
N PHE L 391 -30.60 -18.84 -27.92
CA PHE L 391 -30.70 -18.19 -26.62
C PHE L 391 -32.14 -17.95 -26.18
N SER L 392 -33.12 -18.38 -26.97
CA SER L 392 -34.51 -18.30 -26.53
C SER L 392 -34.75 -19.31 -25.43
N ALA L 393 -35.54 -18.91 -24.43
CA ALA L 393 -35.79 -19.75 -23.26
C ALA L 393 -36.88 -20.77 -23.58
N HIS L 394 -36.50 -21.76 -24.38
CA HIS L 394 -37.39 -22.83 -24.80
C HIS L 394 -36.75 -24.17 -24.52
N ALA L 395 -37.54 -25.10 -24.01
CA ALA L 395 -37.06 -26.44 -23.75
C ALA L 395 -36.87 -27.20 -25.05
N ASP L 396 -35.74 -27.89 -25.17
CA ASP L 396 -35.42 -28.70 -26.33
C ASP L 396 -36.08 -30.07 -26.18
N ALA L 397 -35.71 -31.02 -27.05
CA ALA L 397 -36.33 -32.35 -27.02
C ALA L 397 -36.07 -33.06 -25.72
N LYS L 398 -34.83 -32.98 -25.20
CA LYS L 398 -34.50 -33.60 -23.93
C LYS L 398 -35.34 -33.00 -22.81
N GLY L 399 -35.52 -31.68 -22.82
CA GLY L 399 -36.37 -31.04 -21.83
C GLY L 399 -37.82 -31.48 -21.93
N ILE L 400 -38.31 -31.67 -23.16
CA ILE L 400 -39.70 -32.08 -23.34
C ILE L 400 -39.91 -33.50 -22.83
N MET L 401 -38.99 -34.41 -23.17
CA MET L 401 -39.06 -35.77 -22.63
C MET L 401 -38.96 -35.78 -21.11
N GLN L 402 -38.09 -34.93 -20.56
CA GLN L 402 -37.95 -34.81 -19.12
C GLN L 402 -39.26 -34.38 -18.47
N LEU L 403 -39.91 -33.37 -19.06
CA LEU L 403 -41.17 -32.88 -18.51
C LEU L 403 -42.25 -33.95 -18.60
N VAL L 404 -42.33 -34.66 -19.73
CA VAL L 404 -43.37 -35.67 -19.89
C VAL L 404 -43.16 -36.81 -18.90
N GLY L 405 -41.91 -37.27 -18.74
CA GLY L 405 -41.63 -38.29 -17.74
C GLY L 405 -41.88 -37.81 -16.32
N GLN L 406 -41.63 -36.53 -16.06
CA GLN L 406 -41.85 -35.96 -14.74
C GLN L 406 -43.34 -35.92 -14.40
N ALA L 407 -44.16 -35.43 -15.32
CA ALA L 407 -45.60 -35.37 -15.08
C ALA L 407 -46.28 -36.73 -15.21
N GLU L 408 -45.80 -37.58 -16.13
CA GLU L 408 -46.31 -38.92 -16.40
C GLU L 408 -47.78 -38.88 -16.83
N PRO L 409 -48.12 -38.22 -17.93
CA PRO L 409 -49.53 -38.08 -18.30
C PRO L 409 -50.07 -39.34 -18.99
N GLU L 410 -51.39 -39.40 -19.06
CA GLU L 410 -52.06 -40.46 -19.80
C GLU L 410 -51.91 -40.23 -21.30
N SER L 411 -51.92 -38.96 -21.72
CA SER L 411 -51.80 -38.63 -23.13
C SER L 411 -51.08 -37.29 -23.25
N VAL L 412 -50.58 -37.00 -24.46
CA VAL L 412 -49.80 -35.79 -24.71
C VAL L 412 -50.36 -35.15 -25.98
N LEU L 413 -50.29 -33.82 -26.03
CA LEU L 413 -50.68 -33.04 -27.19
C LEU L 413 -49.61 -32.00 -27.46
N LEU L 414 -49.43 -31.64 -28.73
CA LEU L 414 -48.35 -30.77 -29.14
C LEU L 414 -48.92 -29.52 -29.82
N VAL L 415 -48.39 -28.36 -29.43
CA VAL L 415 -48.73 -27.07 -30.02
C VAL L 415 -47.47 -26.22 -30.01
N HIS L 416 -47.58 -24.99 -30.54
CA HIS L 416 -46.52 -23.97 -30.46
C HIS L 416 -45.23 -24.46 -31.11
N GLY L 417 -45.36 -25.17 -32.23
CA GLY L 417 -44.20 -25.69 -32.92
C GLY L 417 -44.47 -25.84 -34.40
N GLU L 418 -43.48 -26.36 -35.11
CA GLU L 418 -43.57 -26.60 -36.54
C GLU L 418 -43.91 -28.06 -36.79
N ALA L 419 -44.64 -28.30 -37.88
CA ALA L 419 -45.15 -29.64 -38.18
C ALA L 419 -44.02 -30.64 -38.38
N LYS L 420 -42.95 -30.24 -39.05
CA LYS L 420 -41.83 -31.14 -39.31
C LYS L 420 -41.16 -31.57 -38.01
N LYS L 421 -41.01 -30.63 -37.08
CA LYS L 421 -40.44 -30.96 -35.77
C LYS L 421 -41.44 -31.71 -34.91
N MET L 422 -42.71 -31.35 -35.01
CA MET L 422 -43.72 -31.93 -34.11
C MET L 422 -44.01 -33.38 -34.47
N GLU L 423 -43.98 -33.73 -35.76
CA GLU L 423 -44.18 -35.13 -36.13
C GLU L 423 -43.03 -36.00 -35.63
N PHE L 424 -41.79 -35.49 -35.72
CA PHE L 424 -40.64 -36.20 -35.17
C PHE L 424 -40.74 -36.36 -33.66
N LEU L 425 -41.16 -35.30 -32.97
CA LEU L 425 -41.31 -35.37 -31.51
C LEU L 425 -42.41 -36.37 -31.14
N LYS L 426 -43.51 -36.38 -31.89
CA LYS L 426 -44.59 -37.32 -31.63
C LYS L 426 -44.13 -38.75 -31.83
N GLN L 427 -43.37 -38.99 -32.90
CA GLN L 427 -42.81 -40.32 -33.13
C GLN L 427 -41.90 -40.74 -32.00
N LYS L 428 -41.06 -39.80 -31.53
CA LYS L 428 -40.14 -40.09 -30.43
C LYS L 428 -40.91 -40.42 -29.15
N ILE L 429 -41.97 -39.66 -28.85
CA ILE L 429 -42.74 -39.89 -27.64
C ILE L 429 -43.44 -41.23 -27.70
N GLU L 430 -44.07 -41.55 -28.84
CA GLU L 430 -44.78 -42.81 -28.98
C GLU L 430 -43.83 -44.00 -28.92
N GLN L 431 -42.65 -43.88 -29.55
CA GLN L 431 -41.71 -45.00 -29.58
C GLN L 431 -40.99 -45.17 -28.25
N GLU L 432 -40.81 -44.09 -27.49
CA GLU L 432 -40.03 -44.17 -26.26
C GLU L 432 -40.88 -44.49 -25.03
N LEU L 433 -41.87 -43.66 -24.74
CA LEU L 433 -42.62 -43.76 -23.50
C LEU L 433 -43.89 -44.59 -23.60
N ARG L 434 -44.23 -45.08 -24.79
CA ARG L 434 -45.43 -45.89 -25.04
C ARG L 434 -46.70 -45.16 -24.57
N VAL L 435 -46.72 -43.85 -24.79
CA VAL L 435 -47.83 -43.00 -24.41
C VAL L 435 -48.34 -42.29 -25.65
N ASN L 436 -49.67 -42.15 -25.74
CA ASN L 436 -50.30 -41.55 -26.91
C ASN L 436 -49.87 -40.09 -27.07
N CYS L 437 -49.72 -39.67 -28.32
CA CYS L 437 -49.44 -38.29 -28.67
C CYS L 437 -50.32 -37.88 -29.83
N TYR L 438 -50.51 -36.57 -29.98
CA TYR L 438 -51.46 -36.03 -30.93
C TYR L 438 -50.85 -34.92 -31.75
N MET L 439 -51.43 -34.69 -32.92
CA MET L 439 -50.88 -33.79 -33.93
C MET L 439 -52.00 -32.90 -34.49
N PRO L 440 -52.59 -32.03 -33.65
CA PRO L 440 -53.76 -31.27 -34.12
C PRO L 440 -53.37 -30.03 -34.91
N ALA L 441 -54.12 -29.77 -35.97
CA ALA L 441 -53.94 -28.58 -36.77
C ALA L 441 -54.89 -27.48 -36.28
N ASN L 442 -54.78 -26.29 -36.87
CA ASN L 442 -55.66 -25.19 -36.49
C ASN L 442 -57.10 -25.50 -36.91
N GLY L 443 -58.00 -25.51 -35.93
CA GLY L 443 -59.39 -25.83 -36.17
C GLY L 443 -59.72 -27.30 -36.01
N GLU L 444 -58.72 -28.17 -35.91
CA GLU L 444 -58.96 -29.59 -35.69
C GLU L 444 -59.36 -29.85 -34.25
N THR L 445 -60.38 -30.68 -34.07
CA THR L 445 -60.87 -31.04 -32.74
C THR L 445 -60.30 -32.40 -32.37
N VAL L 446 -59.61 -32.46 -31.24
CA VAL L 446 -59.05 -33.70 -30.71
C VAL L 446 -59.87 -34.08 -29.49
N THR L 447 -60.46 -35.27 -29.53
CA THR L 447 -61.29 -35.77 -28.45
C THR L 447 -60.67 -37.02 -27.86
N LEU L 448 -60.70 -37.12 -26.54
CA LEU L 448 -60.16 -38.26 -25.82
C LEU L 448 -61.22 -38.82 -24.88
N PRO L 449 -61.20 -40.12 -24.62
CA PRO L 449 -62.10 -40.67 -23.61
C PRO L 449 -61.51 -40.60 -22.22
N THR L 450 -62.40 -40.55 -21.24
CA THR L 450 -62.03 -40.50 -19.83
C THR L 450 -62.61 -41.70 -19.10
N SER L 451 -61.95 -42.07 -18.01
CA SER L 451 -62.36 -43.19 -17.16
C SER L 451 -62.41 -42.70 -15.72
N PRO L 452 -63.36 -41.81 -15.39
CA PRO L 452 -63.40 -41.26 -14.02
C PRO L 452 -63.90 -42.29 -13.02
N SER L 453 -63.14 -42.48 -11.94
CA SER L 453 -63.59 -43.38 -10.90
C SER L 453 -64.77 -42.78 -10.13
N ILE L 454 -65.49 -43.64 -9.43
CA ILE L 454 -66.68 -43.24 -8.70
C ILE L 454 -66.26 -42.86 -7.28
N PRO L 455 -66.48 -41.62 -6.85
CA PRO L 455 -66.22 -41.27 -5.45
C PRO L 455 -67.27 -41.90 -4.54
N VAL L 456 -66.80 -42.67 -3.56
CA VAL L 456 -67.66 -43.47 -2.70
C VAL L 456 -67.06 -43.42 -1.29
N GLY L 457 -67.92 -43.46 -0.28
CA GLY L 457 -67.49 -43.53 1.10
C GLY L 457 -67.67 -44.93 1.66
N ILE L 458 -66.59 -45.50 2.16
CA ILE L 458 -66.59 -46.83 2.75
C ILE L 458 -66.44 -46.69 4.27
N SER L 459 -67.27 -47.44 5.01
CA SER L 459 -67.25 -47.36 6.46
C SER L 459 -65.90 -47.80 7.02
N LEU L 460 -65.51 -47.16 8.13
CA LEU L 460 -64.21 -47.45 8.74
C LEU L 460 -64.11 -48.89 9.22
N GLY L 461 -65.18 -49.42 9.81
CA GLY L 461 -65.15 -50.79 10.30
C GLY L 461 -64.93 -51.81 9.20
N LEU L 462 -65.66 -51.68 8.10
CA LEU L 462 -65.50 -52.57 6.97
C LEU L 462 -64.10 -52.43 6.37
N LEU L 463 -63.61 -51.19 6.27
CA LEU L 463 -62.28 -50.94 5.73
C LEU L 463 -61.21 -51.64 6.58
N LYS L 464 -61.31 -51.52 7.90
CA LYS L 464 -60.35 -52.18 8.78
C LYS L 464 -60.45 -53.70 8.67
N ARG L 465 -61.69 -54.23 8.65
CA ARG L 465 -61.89 -55.66 8.48
C ARG L 465 -61.42 -56.18 7.13
N GLU L 466 -61.25 -55.30 6.14
CA GLU L 466 -60.71 -55.72 4.85
C GLU L 466 -59.34 -56.38 5.01
N MET L 467 -58.40 -55.71 5.70
CA MET L 467 -57.10 -56.30 5.92
C MET L 467 -56.98 -57.04 7.24
N ALA L 468 -58.00 -56.98 8.11
CA ALA L 468 -58.00 -57.80 9.31
C ALA L 468 -57.94 -59.29 8.99
N GLN L 469 -58.56 -59.70 7.88
CA GLN L 469 -58.50 -61.07 7.42
C GLN L 469 -57.98 -61.21 6.00
N GLY L 470 -57.79 -60.10 5.28
CA GLY L 470 -57.34 -60.11 3.90
C GLY L 470 -55.95 -59.59 3.66
N LEU L 471 -55.13 -59.44 4.70
CA LEU L 471 -53.75 -58.97 4.52
C LEU L 471 -52.93 -60.00 3.73
N LEU L 472 -53.12 -61.28 4.01
CA LEU L 472 -52.40 -62.32 3.29
C LEU L 472 -53.36 -63.26 2.57
N PRO L 478 -54.89 -63.92 -2.04
CA PRO L 478 -56.19 -64.58 -1.86
C PRO L 478 -57.07 -63.88 -0.83
N ARG L 479 -57.88 -62.92 -1.27
CA ARG L 479 -58.76 -62.18 -0.38
C ARG L 479 -59.86 -61.53 -1.20
N LEU L 480 -60.91 -61.10 -0.51
CA LEU L 480 -62.05 -60.48 -1.18
C LEU L 480 -62.72 -59.51 -0.22
N LEU L 481 -63.48 -58.58 -0.79
CA LEU L 481 -64.24 -57.60 -0.03
C LEU L 481 -65.69 -57.64 -0.51
N HIS L 482 -66.61 -57.95 0.39
CA HIS L 482 -68.03 -57.98 0.08
C HIS L 482 -68.75 -56.94 0.92
N GLY L 483 -69.58 -56.15 0.26
CA GLY L 483 -70.35 -55.13 0.95
C GLY L 483 -71.53 -54.71 0.11
N THR L 484 -72.35 -53.82 0.66
CA THR L 484 -73.53 -53.31 0.00
C THR L 484 -73.41 -51.81 -0.14
N LEU L 485 -73.65 -51.30 -1.35
CA LEU L 485 -73.59 -49.88 -1.62
C LEU L 485 -74.99 -49.29 -1.57
N ILE L 486 -75.15 -48.23 -0.79
CA ILE L 486 -76.43 -47.55 -0.62
C ILE L 486 -76.34 -46.20 -1.31
N MET L 487 -77.02 -46.06 -2.44
CA MET L 487 -77.08 -44.78 -3.15
C MET L 487 -78.24 -43.93 -2.63
N LYS L 488 -78.13 -43.56 -1.36
CA LYS L 488 -79.21 -42.90 -0.62
C LYS L 488 -78.89 -41.42 -0.48
N ASP L 489 -79.93 -40.58 -0.54
CA ASP L 489 -79.80 -39.12 -0.39
C ASP L 489 -78.84 -38.54 -1.41
N SER L 490 -78.88 -39.08 -2.63
CA SER L 490 -78.10 -38.65 -3.80
C SER L 490 -76.59 -38.70 -3.55
N ASN L 491 -76.14 -39.54 -2.61
CA ASN L 491 -74.73 -39.76 -2.36
C ASN L 491 -74.46 -41.26 -2.22
N PHE L 492 -73.25 -41.66 -2.54
CA PHE L 492 -72.86 -43.06 -2.53
C PHE L 492 -72.11 -43.38 -1.25
N ARG L 493 -72.60 -44.38 -0.51
CA ARG L 493 -72.07 -44.72 0.81
C ARG L 493 -72.00 -46.24 0.89
N LEU L 494 -70.78 -46.77 0.73
CA LEU L 494 -70.56 -48.21 0.80
C LEU L 494 -70.45 -48.59 2.27
N VAL L 495 -71.18 -49.63 2.67
CA VAL L 495 -71.20 -50.10 4.05
C VAL L 495 -71.33 -51.61 4.05
N SER L 496 -71.10 -52.21 5.22
CA SER L 496 -71.35 -53.64 5.38
C SER L 496 -72.84 -53.90 5.47
N SER L 497 -73.19 -55.18 5.58
CA SER L 497 -74.60 -55.56 5.65
C SER L 497 -75.27 -55.08 6.93
N GLU L 498 -74.55 -55.13 8.05
CA GLU L 498 -75.12 -54.67 9.32
C GLU L 498 -75.46 -53.18 9.29
N GLN L 499 -74.55 -52.36 8.77
CA GLN L 499 -74.84 -50.94 8.62
C GLN L 499 -75.91 -50.69 7.56
N ALA L 500 -76.02 -51.60 6.58
CA ALA L 500 -77.12 -51.51 5.61
C ALA L 500 -78.46 -51.72 6.29
N LEU L 501 -78.54 -52.70 7.21
CA LEU L 501 -79.74 -52.86 8.03
C LEU L 501 -79.98 -51.61 8.87
N LYS L 502 -78.92 -51.08 9.49
CA LYS L 502 -79.04 -49.91 10.36
C LYS L 502 -79.51 -48.68 9.60
N GLU L 503 -79.24 -48.60 8.29
CA GLU L 503 -79.62 -47.42 7.51
C GLU L 503 -81.14 -47.25 7.48
N LEU L 504 -81.87 -48.33 7.21
CA LEU L 504 -83.34 -48.39 7.16
C LEU L 504 -83.77 -49.80 6.80
N ALA L 507 -87.36 -52.75 6.21
CA ALA L 507 -87.64 -53.68 5.12
C ALA L 507 -86.85 -54.97 5.28
N GLU L 508 -86.42 -55.24 6.51
CA GLU L 508 -85.53 -56.35 6.77
C GLU L 508 -86.27 -57.68 6.65
N HIS L 509 -85.66 -58.64 5.95
CA HIS L 509 -86.19 -60.01 5.89
C HIS L 509 -85.01 -60.94 5.61
N GLN L 510 -84.45 -61.52 6.66
CA GLN L 510 -83.23 -62.31 6.55
C GLN L 510 -83.51 -63.67 5.93
N LEU L 511 -82.62 -64.09 5.02
CA LEU L 511 -82.68 -65.39 4.40
C LEU L 511 -81.39 -66.15 4.68
N ARG L 512 -81.52 -67.38 5.18
CA ARG L 512 -80.37 -68.17 5.59
C ARG L 512 -80.52 -69.59 5.07
N PHE L 513 -79.49 -70.40 5.31
CA PHE L 513 -79.55 -71.85 5.11
C PHE L 513 -79.20 -72.54 6.42
N THR L 514 -80.10 -73.37 6.91
CA THR L 514 -79.87 -74.17 8.11
C THR L 514 -80.40 -75.59 7.89
N CYS L 515 -80.05 -76.16 6.73
CA CYS L 515 -80.63 -77.41 6.25
C CYS L 515 -80.30 -78.60 7.13
N ARG L 516 -81.23 -79.54 7.21
CA ARG L 516 -81.07 -80.80 7.93
C ARG L 516 -81.07 -81.93 6.89
N VAL L 517 -79.90 -82.24 6.36
CA VAL L 517 -79.76 -83.30 5.37
C VAL L 517 -79.80 -84.65 6.06
N HIS L 518 -80.69 -85.53 5.61
CA HIS L 518 -80.81 -86.88 6.17
C HIS L 518 -79.54 -87.65 5.83
N LEU L 519 -78.68 -87.82 6.84
CA LEU L 519 -77.36 -88.41 6.64
C LEU L 519 -77.46 -89.85 6.15
N HIS L 520 -76.68 -90.18 5.13
CA HIS L 520 -76.66 -91.55 4.64
C HIS L 520 -75.81 -92.46 5.50
N ASP L 521 -74.91 -91.90 6.31
CA ASP L 521 -74.05 -92.72 7.17
C ASP L 521 -74.84 -93.27 8.34
N THR L 522 -74.90 -94.60 8.44
CA THR L 522 -75.65 -95.29 9.50
C THR L 522 -74.63 -96.00 10.38
N ARG L 523 -74.13 -95.29 11.39
CA ARG L 523 -73.15 -95.82 12.32
C ARG L 523 -73.52 -95.33 13.72
N LYS L 524 -72.58 -95.46 14.66
CA LYS L 524 -72.77 -95.07 16.04
C LYS L 524 -73.10 -93.57 16.17
N GLU L 525 -73.56 -93.19 17.37
CA GLU L 525 -73.80 -91.78 17.67
C GLU L 525 -72.50 -90.98 17.60
N GLN L 526 -71.41 -91.53 18.14
CA GLN L 526 -70.12 -90.86 18.09
C GLN L 526 -69.66 -90.60 16.67
N GLU L 527 -69.79 -91.60 15.79
CA GLU L 527 -69.42 -91.43 14.39
C GLU L 527 -70.24 -90.35 13.71
N THR L 528 -71.54 -90.32 13.99
CA THR L 528 -72.42 -89.37 13.32
C THR L 528 -72.15 -87.94 13.78
N ALA L 529 -71.92 -87.75 15.08
CA ALA L 529 -71.79 -86.39 15.62
C ALA L 529 -70.34 -85.90 15.68
N LEU L 530 -69.47 -86.63 16.39
CA LEU L 530 -68.12 -86.17 16.71
C LEU L 530 -67.10 -86.49 15.62
N ARG L 531 -67.47 -87.21 14.56
CA ARG L 531 -66.55 -87.51 13.48
C ARG L 531 -66.89 -86.76 12.19
N VAL L 532 -68.18 -86.56 11.91
CA VAL L 532 -68.60 -85.90 10.68
C VAL L 532 -68.16 -84.43 10.67
N TYR L 533 -68.17 -83.78 11.84
CA TYR L 533 -68.02 -82.33 11.89
C TYR L 533 -66.60 -81.85 11.61
N SER L 534 -65.63 -82.76 11.48
CA SER L 534 -64.24 -82.39 11.21
C SER L 534 -63.90 -82.41 9.72
N HIS L 535 -64.86 -82.10 8.86
CA HIS L 535 -64.71 -82.22 7.42
C HIS L 535 -64.32 -80.89 6.76
N LEU L 536 -63.92 -79.88 7.54
CA LEU L 536 -63.61 -78.57 7.00
C LEU L 536 -62.17 -78.47 6.51
N LYS L 537 -61.22 -79.01 7.27
CA LYS L 537 -59.80 -78.75 7.05
C LYS L 537 -59.20 -79.68 5.99
N SER L 538 -60.04 -80.44 5.29
CA SER L 538 -59.56 -81.42 4.31
C SER L 538 -58.79 -80.75 3.17
N VAL L 539 -59.48 -79.92 2.38
CA VAL L 539 -58.83 -79.25 1.26
C VAL L 539 -59.24 -77.78 1.20
N LEU L 540 -60.25 -77.40 1.99
CA LEU L 540 -60.85 -76.08 1.87
C LEU L 540 -59.92 -74.99 2.42
N LYS L 541 -60.14 -73.76 1.95
CA LYS L 541 -59.26 -72.64 2.21
C LYS L 541 -60.08 -71.37 2.43
N ASP L 542 -59.38 -70.30 2.83
CA ASP L 542 -59.97 -69.00 3.15
C ASP L 542 -61.02 -69.09 4.26
N HIS L 543 -60.79 -69.99 5.21
CA HIS L 543 -61.68 -70.19 6.35
C HIS L 543 -60.91 -69.97 7.65
N CYS L 544 -61.45 -69.11 8.51
CA CYS L 544 -60.81 -68.77 9.77
C CYS L 544 -60.79 -69.98 10.71
N VAL L 545 -59.85 -69.96 11.65
CA VAL L 545 -59.65 -71.06 12.59
C VAL L 545 -59.76 -70.49 14.00
N GLN L 546 -60.67 -71.04 14.79
CA GLN L 546 -60.80 -70.71 16.21
C GLN L 546 -60.99 -71.99 16.99
N HIS L 547 -60.18 -72.18 18.03
CA HIS L 547 -60.17 -73.41 18.80
C HIS L 547 -61.03 -73.28 20.06
N LEU L 548 -61.81 -74.32 20.34
CA LEU L 548 -62.64 -74.38 21.53
C LEU L 548 -62.47 -75.78 22.13
N PRO L 549 -62.31 -75.88 23.45
CA PRO L 549 -62.21 -77.21 24.07
C PRO L 549 -63.45 -78.07 23.91
N ASP L 550 -64.64 -77.46 23.89
CA ASP L 550 -65.90 -78.23 23.93
C ASP L 550 -66.05 -79.13 22.73
N GLY L 551 -65.76 -78.61 21.53
CA GLY L 551 -65.88 -79.40 20.32
C GLY L 551 -67.02 -78.93 19.44
N SER L 552 -66.69 -78.12 18.44
CA SER L 552 -67.59 -77.61 17.40
C SER L 552 -66.73 -76.81 16.43
N VAL L 553 -67.28 -76.59 15.24
CA VAL L 553 -66.62 -75.79 14.21
C VAL L 553 -67.43 -74.52 14.04
N THR L 554 -66.92 -73.40 14.56
CA THR L 554 -67.62 -72.12 14.50
C THR L 554 -66.77 -71.18 13.65
N VAL L 555 -66.98 -71.22 12.34
CA VAL L 555 -66.37 -70.30 11.38
C VAL L 555 -67.50 -69.52 10.74
N GLU L 556 -67.69 -68.27 11.19
CA GLU L 556 -68.73 -67.35 10.71
C GLU L 556 -70.09 -68.01 10.98
N SER L 557 -71.01 -68.04 10.02
CA SER L 557 -72.35 -68.59 10.26
C SER L 557 -72.38 -70.09 9.94
N VAL L 558 -71.60 -70.84 10.71
CA VAL L 558 -71.48 -72.29 10.54
C VAL L 558 -71.59 -72.93 11.92
N LEU L 559 -72.56 -73.83 12.08
CA LEU L 559 -72.64 -74.69 13.25
C LEU L 559 -73.15 -76.05 12.80
N LEU L 560 -72.51 -77.11 13.28
CA LEU L 560 -72.81 -78.47 12.85
C LEU L 560 -73.26 -79.39 13.98
N GLN L 561 -72.82 -79.14 15.22
CA GLN L 561 -73.23 -79.99 16.34
C GLN L 561 -74.65 -79.58 16.70
N ALA L 562 -75.62 -80.28 16.10
CA ALA L 562 -77.02 -79.87 16.18
C ALA L 562 -77.78 -80.47 17.36
N ALA L 563 -77.84 -81.80 17.43
CA ALA L 563 -78.66 -82.52 18.39
C ALA L 563 -78.26 -84.00 18.33
N ALA L 564 -79.10 -84.85 18.92
CA ALA L 564 -79.00 -86.32 18.87
C ALA L 564 -78.93 -86.79 17.41
N PRO L 565 -78.27 -87.92 17.12
CA PRO L 565 -78.00 -88.25 15.70
C PRO L 565 -79.22 -88.56 14.87
N SER L 566 -80.27 -89.15 15.45
CA SER L 566 -81.47 -89.53 14.70
C SER L 566 -82.69 -89.27 15.60
N GLU L 567 -83.28 -88.08 15.48
CA GLU L 567 -84.51 -87.80 16.18
C GLU L 567 -85.73 -88.11 15.33
N ASP L 568 -85.69 -87.74 14.05
CA ASP L 568 -86.77 -88.07 13.13
C ASP L 568 -86.80 -89.58 12.91
N PRO L 569 -87.98 -90.22 12.85
CA PRO L 569 -88.01 -91.65 12.57
C PRO L 569 -87.58 -91.99 11.15
N GLY L 570 -86.27 -91.93 10.92
CA GLY L 570 -85.69 -92.27 9.64
C GLY L 570 -84.22 -92.53 9.86
N THR L 571 -83.42 -92.24 8.83
CA THR L 571 -81.97 -92.34 8.96
C THR L 571 -81.44 -91.17 9.79
N LYS L 572 -80.11 -91.10 9.89
CA LYS L 572 -79.47 -90.07 10.70
C LYS L 572 -79.74 -88.68 10.12
N VAL L 573 -80.03 -87.73 11.00
CA VAL L 573 -80.36 -86.36 10.61
C VAL L 573 -79.41 -85.41 11.31
N LEU L 574 -78.77 -84.52 10.55
CA LEU L 574 -77.86 -83.53 11.11
C LEU L 574 -78.09 -82.20 10.42
N LEU L 575 -78.01 -81.12 11.18
CA LEU L 575 -78.30 -79.77 10.67
C LEU L 575 -77.01 -79.16 10.12
N VAL L 576 -77.03 -78.85 8.82
CA VAL L 576 -75.93 -78.17 8.15
C VAL L 576 -76.38 -76.73 7.89
N SER L 577 -75.60 -75.76 8.37
CA SER L 577 -75.95 -74.36 8.28
C SER L 577 -74.82 -73.59 7.61
N TRP L 578 -75.19 -72.63 6.75
CA TRP L 578 -74.24 -71.81 6.03
C TRP L 578 -75.00 -70.61 5.47
N THR L 579 -74.24 -69.62 5.01
CA THR L 579 -74.78 -68.44 4.36
C THR L 579 -74.18 -68.31 2.96
N TYR L 580 -74.62 -67.28 2.24
CA TYR L 580 -74.25 -67.15 0.83
C TYR L 580 -72.78 -66.76 0.66
N GLN L 581 -72.18 -66.07 1.63
CA GLN L 581 -70.77 -65.75 1.53
C GLN L 581 -69.89 -66.96 1.82
N ASP L 582 -70.33 -67.86 2.70
CA ASP L 582 -69.61 -69.09 3.01
C ASP L 582 -70.36 -70.30 2.44
N GLU L 583 -70.93 -70.12 1.25
CA GLU L 583 -71.77 -71.16 0.64
C GLU L 583 -70.96 -72.39 0.24
N GLU L 584 -69.64 -72.24 0.04
CA GLU L 584 -68.82 -73.35 -0.46
C GLU L 584 -68.77 -74.49 0.55
N LEU L 585 -68.48 -74.16 1.82
CA LEU L 585 -68.36 -75.18 2.86
C LEU L 585 -69.69 -75.91 3.07
N GLY L 586 -70.77 -75.15 3.25
CA GLY L 586 -72.06 -75.77 3.47
C GLY L 586 -72.53 -76.60 2.29
N SER L 587 -72.30 -76.11 1.07
CA SER L 587 -72.68 -76.84 -0.13
C SER L 587 -71.92 -78.17 -0.23
N PHE L 588 -70.59 -78.12 -0.02
CA PHE L 588 -69.79 -79.35 -0.08
C PHE L 588 -70.20 -80.33 1.01
N LEU L 589 -70.46 -79.83 2.22
CA LEU L 589 -70.89 -80.68 3.32
C LEU L 589 -72.22 -81.35 3.01
N THR L 590 -73.21 -80.58 2.53
CA THR L 590 -74.51 -81.16 2.20
C THR L 590 -74.40 -82.17 1.07
N SER L 591 -73.58 -81.86 0.05
CA SER L 591 -73.38 -82.75 -1.07
C SER L 591 -72.79 -84.08 -0.63
N LEU L 592 -71.73 -84.04 0.18
CA LEU L 592 -71.10 -85.29 0.59
C LEU L 592 -71.83 -85.95 1.77
N LEU L 593 -72.81 -85.29 2.38
CA LEU L 593 -73.60 -85.94 3.41
C LEU L 593 -74.89 -86.54 2.87
N LYS L 594 -75.39 -86.06 1.73
CA LYS L 594 -76.59 -86.64 1.14
C LYS L 594 -76.37 -88.11 0.79
N LYS L 595 -75.31 -88.42 0.05
CA LYS L 595 -75.00 -89.81 -0.27
C LYS L 595 -73.50 -90.12 -0.26
N GLY L 596 -72.64 -89.16 0.06
CA GLY L 596 -71.21 -89.36 -0.08
C GLY L 596 -70.50 -90.02 1.08
N LEU L 597 -71.21 -90.42 2.13
CA LEU L 597 -70.63 -91.13 3.26
C LEU L 597 -71.39 -92.43 3.51
N PRO L 598 -71.16 -93.46 2.69
CA PRO L 598 -71.85 -94.73 2.89
C PRO L 598 -71.21 -95.53 4.03
N GLN L 599 -71.93 -96.56 4.46
CA GLN L 599 -71.48 -97.44 5.53
C GLN L 599 -70.25 -98.24 5.11
N VAL M 11 -136.58 -33.25 -3.39
CA VAL M 11 -136.91 -33.71 -4.73
C VAL M 11 -138.40 -33.52 -5.00
N PHE M 12 -139.23 -34.11 -4.14
CA PHE M 12 -140.68 -34.02 -4.28
C PHE M 12 -141.29 -33.66 -2.93
N VAL M 13 -142.32 -32.81 -2.96
CA VAL M 13 -143.02 -32.37 -1.76
C VAL M 13 -144.51 -32.62 -1.95
N VAL M 14 -145.16 -33.10 -0.89
CA VAL M 14 -146.58 -33.45 -0.93
C VAL M 14 -147.44 -32.18 -0.93
N ASP M 15 -148.72 -32.34 -1.21
CA ASP M 15 -149.66 -31.23 -1.30
C ASP M 15 -150.05 -30.73 0.10
N HIS M 16 -150.98 -29.80 0.15
CA HIS M 16 -151.44 -29.16 1.38
C HIS M 16 -152.81 -29.67 1.81
N CYS M 17 -153.01 -30.99 1.69
CA CYS M 17 -154.27 -31.60 2.11
C CYS M 17 -154.50 -31.38 3.60
N PRO M 18 -155.70 -30.93 4.00
CA PRO M 18 -155.92 -30.62 5.42
C PRO M 18 -156.41 -31.82 6.23
N TYR M 19 -156.21 -33.02 5.70
CA TYR M 19 -156.67 -34.23 6.39
C TYR M 19 -155.95 -34.42 7.72
N MET M 20 -154.65 -34.16 7.76
CA MET M 20 -153.84 -34.32 8.96
C MET M 20 -153.34 -32.97 9.42
N ALA M 21 -153.49 -32.68 10.71
CA ALA M 21 -153.05 -31.41 11.27
C ALA M 21 -152.59 -31.61 12.70
N GLU M 22 -151.69 -30.73 13.14
CA GLU M 22 -151.19 -30.74 14.51
C GLU M 22 -150.79 -29.32 14.91
N SER M 23 -150.72 -29.09 16.21
CA SER M 23 -150.39 -27.78 16.75
C SER M 23 -149.19 -27.88 17.67
N CYS M 24 -148.27 -26.94 17.53
CA CYS M 24 -147.07 -26.87 18.38
C CYS M 24 -147.07 -25.66 19.30
N ARG M 25 -148.19 -24.91 19.37
CA ARG M 25 -148.32 -23.71 20.21
C ARG M 25 -147.26 -22.66 19.85
N GLN M 26 -147.05 -22.48 18.55
CA GLN M 26 -146.06 -21.53 18.04
C GLN M 26 -146.66 -20.12 17.99
N HIS M 27 -146.10 -19.21 18.78
CA HIS M 27 -146.52 -17.82 18.81
C HIS M 27 -145.35 -16.92 18.42
N VAL M 28 -145.55 -15.61 18.53
CA VAL M 28 -144.53 -14.62 18.24
C VAL M 28 -143.80 -14.27 19.53
N GLU M 29 -142.48 -14.41 19.53
CA GLU M 29 -141.67 -14.17 20.72
C GLU M 29 -141.35 -12.68 20.80
N PHE M 30 -142.09 -11.96 21.64
CA PHE M 30 -141.82 -10.55 21.87
C PHE M 30 -140.53 -10.40 22.66
N ASP M 31 -139.72 -9.41 22.28
CA ASP M 31 -138.44 -9.16 22.92
C ASP M 31 -138.46 -7.95 23.83
N MET M 32 -139.19 -6.90 23.47
CA MET M 32 -139.25 -5.71 24.29
C MET M 32 -140.23 -5.90 25.44
N LEU M 33 -140.09 -5.05 26.46
CA LEU M 33 -140.96 -5.10 27.63
C LEU M 33 -141.03 -3.74 28.32
N ILE M 41 -157.62 -3.58 18.24
CA ILE M 41 -158.91 -3.32 17.60
C ILE M 41 -159.00 -4.07 16.29
N ILE M 42 -157.92 -4.06 15.52
CA ILE M 42 -157.85 -4.74 14.23
C ILE M 42 -157.88 -6.24 14.43
N PRO M 43 -158.46 -7.02 13.53
CA PRO M 43 -158.48 -8.47 13.69
C PRO M 43 -157.09 -9.08 13.49
N LEU M 44 -156.91 -10.26 14.09
CA LEU M 44 -155.65 -10.97 14.04
C LEU M 44 -155.76 -12.15 13.08
N ALA M 45 -154.82 -12.25 12.15
CA ALA M 45 -154.82 -13.34 11.20
C ALA M 45 -154.43 -14.65 11.88
N PRO M 46 -154.98 -15.77 11.44
CA PRO M 46 -154.63 -17.06 12.04
C PRO M 46 -153.20 -17.46 11.70
N ILE M 47 -152.63 -18.29 12.58
CA ILE M 47 -151.28 -18.82 12.39
C ILE M 47 -151.29 -20.21 11.77
N SER M 48 -152.42 -20.60 11.17
CA SER M 48 -152.53 -21.92 10.56
C SER M 48 -151.63 -22.01 9.33
N LYS M 49 -150.85 -23.10 9.25
CA LYS M 49 -149.96 -23.33 8.13
C LYS M 49 -150.04 -24.79 7.71
N SER M 50 -149.80 -25.05 6.43
CA SER M 50 -149.82 -26.40 5.91
C SER M 50 -148.58 -27.16 6.34
N LEU M 51 -148.68 -28.50 6.30
CA LEU M 51 -147.55 -29.36 6.65
C LEU M 51 -146.37 -29.15 5.70
N TRP M 52 -146.66 -29.00 4.41
CA TRP M 52 -145.61 -28.69 3.43
C TRP M 52 -144.99 -27.34 3.72
N THR M 53 -145.82 -26.34 4.06
CA THR M 53 -145.30 -25.02 4.42
C THR M 53 -144.46 -25.08 5.68
N CYS M 54 -144.91 -25.85 6.68
CA CYS M 54 -144.15 -26.02 7.92
C CYS M 54 -142.81 -26.67 7.67
N SER M 55 -142.79 -27.71 6.83
CA SER M 55 -141.52 -28.37 6.47
C SER M 55 -140.60 -27.43 5.70
N VAL M 56 -141.16 -26.64 4.78
CA VAL M 56 -140.35 -25.72 3.99
C VAL M 56 -139.80 -24.60 4.86
N GLU M 57 -140.59 -24.15 5.85
CA GLU M 57 -140.17 -23.06 6.73
C GLU M 57 -138.88 -23.37 7.49
N SER M 58 -138.60 -24.64 7.77
CA SER M 58 -137.36 -25.01 8.42
C SER M 58 -136.16 -25.10 7.48
N SER M 59 -136.38 -24.98 6.16
CA SER M 59 -135.26 -25.05 5.21
C SER M 59 -134.29 -23.89 5.34
N MET M 60 -134.74 -22.75 5.89
CA MET M 60 -133.85 -21.61 6.09
C MET M 60 -132.73 -21.94 7.06
N GLU M 61 -133.04 -22.62 8.16
CA GLU M 61 -132.00 -23.04 9.10
C GLU M 61 -131.11 -24.12 8.51
N TYR M 62 -131.64 -24.95 7.62
CA TYR M 62 -130.85 -25.99 6.97
C TYR M 62 -129.73 -25.38 6.12
N CYS M 63 -130.04 -24.31 5.40
CA CYS M 63 -129.05 -23.62 4.56
C CYS M 63 -127.97 -22.89 5.36
N ARG M 64 -128.17 -22.70 6.67
CA ARG M 64 -127.17 -22.03 7.49
C ARG M 64 -125.87 -22.82 7.54
N ILE M 65 -125.97 -24.15 7.62
CA ILE M 65 -124.79 -25.00 7.66
C ILE M 65 -123.99 -24.89 6.36
N MET M 66 -124.70 -24.90 5.22
CA MET M 66 -124.02 -24.80 3.93
C MET M 66 -123.53 -23.38 3.64
N TYR M 67 -124.12 -22.37 4.30
CA TYR M 67 -123.72 -20.98 4.08
C TYR M 67 -122.29 -20.70 4.52
N ASP M 68 -121.75 -21.50 5.45
CA ASP M 68 -120.38 -21.29 5.90
C ASP M 68 -119.38 -21.53 4.77
N ILE M 69 -119.65 -22.50 3.92
CA ILE M 69 -118.76 -22.81 2.79
C ILE M 69 -118.72 -21.63 1.82
N PHE M 70 -119.87 -21.06 1.51
CA PHE M 70 -119.98 -19.92 0.61
C PHE M 70 -121.25 -19.13 0.93
N PRO M 71 -121.11 -17.88 1.38
CA PRO M 71 -122.30 -17.10 1.74
C PRO M 71 -122.96 -16.41 0.57
N PHE M 72 -122.19 -16.13 -0.48
CA PHE M 72 -122.70 -15.40 -1.64
C PHE M 72 -123.20 -16.31 -2.75
N LYS M 73 -123.29 -17.61 -2.50
CA LYS M 73 -123.75 -18.55 -3.50
C LYS M 73 -125.27 -18.49 -3.64
N LYS M 74 -125.81 -19.31 -4.54
CA LYS M 74 -127.25 -19.36 -4.76
C LYS M 74 -127.97 -20.00 -3.59
N LEU M 75 -129.25 -19.68 -3.45
CA LEU M 75 -130.08 -20.23 -2.39
C LEU M 75 -130.82 -21.45 -2.93
N VAL M 76 -131.66 -22.05 -2.08
CA VAL M 76 -132.40 -23.25 -2.44
C VAL M 76 -133.89 -22.97 -2.31
N ASN M 77 -134.64 -23.30 -3.36
CA ASN M 77 -136.08 -23.15 -3.39
C ASN M 77 -136.74 -24.52 -3.21
N PHE M 78 -138.06 -24.54 -3.28
CA PHE M 78 -138.82 -25.77 -3.12
C PHE M 78 -140.03 -25.75 -4.03
N ILE M 79 -140.47 -26.94 -4.42
CA ILE M 79 -141.66 -27.12 -5.25
C ILE M 79 -142.43 -28.32 -4.73
N VAL M 80 -143.74 -28.30 -4.94
CA VAL M 80 -144.63 -29.35 -4.45
C VAL M 80 -145.62 -29.71 -5.55
N SER M 81 -146.32 -30.82 -5.33
CA SER M 81 -147.34 -31.30 -6.26
C SER M 81 -148.67 -30.66 -5.88
N ASP M 82 -149.23 -29.89 -6.80
CA ASP M 82 -150.49 -29.18 -6.57
C ASP M 82 -151.09 -28.85 -7.93
N SER M 83 -152.05 -27.91 -7.94
CA SER M 83 -152.59 -27.42 -9.21
C SER M 83 -151.50 -26.83 -10.09
N GLY M 84 -150.58 -26.07 -9.48
CA GLY M 84 -149.41 -25.59 -10.18
C GLY M 84 -148.23 -26.53 -10.01
N ALA M 85 -148.40 -27.78 -10.44
CA ALA M 85 -147.36 -28.80 -10.31
C ALA M 85 -146.31 -28.58 -11.38
N HIS M 86 -145.26 -27.85 -11.00
CA HIS M 86 -144.16 -27.55 -11.92
C HIS M 86 -142.88 -27.43 -11.11
N VAL M 87 -141.75 -27.55 -11.80
CA VAL M 87 -140.45 -27.41 -11.19
C VAL M 87 -139.81 -26.11 -11.69
N LEU M 88 -140.64 -25.13 -11.98
CA LEU M 88 -140.18 -23.85 -12.52
C LEU M 88 -139.31 -23.13 -11.51
N ASN M 89 -138.08 -22.81 -11.91
CA ASN M 89 -137.15 -22.08 -11.07
C ASN M 89 -136.29 -21.20 -11.96
N SER M 90 -135.71 -20.17 -11.37
CA SER M 90 -134.89 -19.20 -12.10
C SER M 90 -133.44 -19.28 -11.64
N TRP M 91 -132.52 -19.24 -12.62
CA TRP M 91 -131.10 -19.27 -12.36
C TRP M 91 -130.35 -18.08 -12.96
N THR M 92 -131.08 -17.07 -13.46
CA THR M 92 -130.41 -15.91 -14.03
C THR M 92 -129.78 -15.04 -12.94
N GLN M 93 -128.82 -14.21 -13.37
CA GLN M 93 -128.13 -13.31 -12.45
C GLN M 93 -129.08 -12.31 -11.82
N GLU M 94 -129.97 -11.72 -12.62
CA GLU M 94 -130.96 -10.78 -12.09
C GLU M 94 -131.97 -11.48 -11.19
N ASP M 95 -132.32 -12.72 -11.53
CA ASP M 95 -133.28 -13.53 -10.78
C ASP M 95 -132.67 -14.27 -9.61
N GLN M 96 -131.35 -14.15 -9.40
CA GLN M 96 -130.67 -14.83 -8.30
C GLN M 96 -131.19 -14.38 -6.93
N ASN M 97 -131.71 -13.16 -6.83
CA ASN M 97 -132.24 -12.67 -5.57
C ASN M 97 -133.58 -13.33 -5.26
N LEU M 98 -134.09 -13.05 -4.06
CA LEU M 98 -135.36 -13.61 -3.62
C LEU M 98 -136.57 -12.85 -4.15
N GLN M 99 -136.36 -11.73 -4.84
CA GLN M 99 -137.48 -10.94 -5.33
C GLN M 99 -138.20 -11.63 -6.47
N GLU M 100 -137.48 -12.36 -7.31
CA GLU M 100 -138.06 -12.97 -8.50
C GLU M 100 -138.34 -14.46 -8.34
N LEU M 101 -137.51 -15.18 -7.57
CA LEU M 101 -137.67 -16.62 -7.43
C LEU M 101 -138.79 -17.01 -6.47
N MET M 102 -139.31 -16.06 -5.69
CA MET M 102 -140.38 -16.38 -4.75
C MET M 102 -141.69 -16.65 -5.47
N ALA M 103 -141.97 -15.89 -6.55
CA ALA M 103 -143.21 -16.04 -7.28
C ALA M 103 -143.31 -17.37 -8.01
N ALA M 104 -142.19 -18.01 -8.33
CA ALA M 104 -142.21 -19.30 -8.99
C ALA M 104 -142.31 -20.46 -8.01
N LEU M 105 -141.83 -20.28 -6.78
CA LEU M 105 -141.92 -21.33 -5.77
C LEU M 105 -143.28 -21.34 -5.06
N ALA M 106 -144.06 -20.27 -5.18
CA ALA M 106 -145.38 -20.19 -4.57
C ALA M 106 -146.49 -20.16 -5.62
N ALA M 107 -146.25 -20.79 -6.77
CA ALA M 107 -147.21 -20.81 -7.86
C ALA M 107 -148.46 -21.63 -7.55
N VAL M 108 -148.42 -22.47 -6.49
CA VAL M 108 -149.56 -23.31 -6.14
C VAL M 108 -150.67 -22.55 -5.42
N GLY M 109 -150.44 -21.29 -5.05
CA GLY M 109 -151.44 -20.51 -4.37
C GLY M 109 -150.85 -19.55 -3.36
N PRO M 110 -151.30 -18.31 -3.37
CA PRO M 110 -150.80 -17.32 -2.41
C PRO M 110 -151.33 -17.59 -1.02
N PRO M 111 -150.76 -16.95 0.00
CA PRO M 111 -151.22 -17.19 1.38
C PRO M 111 -152.58 -16.58 1.66
N ASN M 112 -153.61 -17.42 1.76
CA ASN M 112 -154.96 -16.98 2.06
C ASN M 112 -155.63 -17.97 3.00
N PRO M 113 -155.92 -17.59 4.24
CA PRO M 113 -156.52 -18.54 5.19
C PRO M 113 -157.98 -18.82 4.88
N ARG M 114 -158.26 -20.02 4.35
CA ARG M 114 -159.60 -20.48 4.01
C ARG M 114 -159.49 -21.93 3.58
N ALA M 115 -160.65 -22.54 3.33
CA ALA M 115 -160.71 -23.93 2.86
C ALA M 115 -160.56 -23.95 1.35
N ASP M 116 -159.44 -24.50 0.87
CA ASP M 116 -159.16 -24.52 -0.55
C ASP M 116 -159.39 -25.94 -1.08
N PRO M 117 -160.45 -26.18 -1.85
CA PRO M 117 -160.65 -27.53 -2.40
C PRO M 117 -159.70 -27.87 -3.54
N GLU M 118 -159.09 -26.87 -4.16
CA GLU M 118 -158.21 -27.09 -5.29
C GLU M 118 -156.88 -27.69 -4.82
N CYS M 119 -156.20 -28.35 -5.76
CA CYS M 119 -154.88 -28.98 -5.61
C CYS M 119 -154.90 -30.22 -4.74
N CYS M 120 -156.08 -30.70 -4.33
CA CYS M 120 -156.14 -31.92 -3.53
C CYS M 120 -155.88 -33.16 -4.37
N SER M 121 -156.27 -33.14 -5.64
CA SER M 121 -156.07 -34.30 -6.51
C SER M 121 -154.65 -34.31 -7.07
N ILE M 122 -154.01 -35.48 -7.03
CA ILE M 122 -152.66 -35.65 -7.56
C ILE M 122 -152.62 -35.77 -9.07
N LEU M 123 -153.77 -35.80 -9.75
CA LEU M 123 -153.84 -35.96 -11.19
C LEU M 123 -153.53 -34.67 -11.95
N HIS M 124 -153.23 -33.57 -11.24
CA HIS M 124 -152.89 -32.31 -11.90
C HIS M 124 -151.62 -32.41 -12.74
N GLY M 125 -150.73 -33.35 -12.41
CA GLY M 125 -149.50 -33.54 -13.16
C GLY M 125 -148.40 -34.10 -12.29
N LEU M 126 -147.69 -35.10 -12.81
CA LEU M 126 -146.62 -35.77 -12.08
C LEU M 126 -145.43 -36.03 -12.97
N VAL M 127 -145.11 -35.09 -13.85
CA VAL M 127 -143.95 -35.18 -14.72
C VAL M 127 -143.09 -33.95 -14.49
N ALA M 128 -141.78 -34.10 -14.75
CA ALA M 128 -140.77 -33.08 -14.47
C ALA M 128 -140.81 -32.66 -13.00
N ALA M 129 -140.91 -33.66 -12.12
CA ALA M 129 -141.13 -33.40 -10.70
C ALA M 129 -139.85 -32.98 -9.99
N VAL M 130 -138.84 -33.84 -9.98
CA VAL M 130 -137.57 -33.52 -9.31
C VAL M 130 -136.70 -32.82 -10.36
N GLU M 131 -136.99 -31.54 -10.56
CA GLU M 131 -136.20 -30.67 -11.42
C GLU M 131 -136.16 -29.25 -10.85
N THR M 132 -136.27 -29.12 -9.54
CA THR M 132 -136.39 -27.82 -8.89
C THR M 132 -135.23 -27.54 -7.94
N LEU M 133 -134.07 -28.16 -8.18
CA LEU M 133 -132.91 -27.90 -7.35
C LEU M 133 -131.65 -27.64 -8.17
N CYS M 134 -131.56 -28.22 -9.36
CA CYS M 134 -130.40 -27.98 -10.21
C CYS M 134 -130.72 -27.67 -11.67
N LYS M 135 -131.97 -27.82 -12.10
CA LYS M 135 -132.32 -27.55 -13.49
C LYS M 135 -132.17 -26.06 -13.82
N ILE M 136 -131.76 -25.79 -15.05
CA ILE M 136 -131.58 -24.42 -15.53
C ILE M 136 -132.82 -24.01 -16.30
N THR M 137 -132.95 -22.69 -16.50
CA THR M 137 -134.09 -22.11 -17.21
C THR M 137 -133.57 -21.20 -18.32
N GLU M 138 -134.49 -20.65 -19.09
CA GLU M 138 -134.14 -19.78 -20.20
C GLU M 138 -133.95 -18.32 -19.79
N TYR M 139 -134.11 -18.00 -18.50
CA TYR M 139 -133.97 -16.62 -18.03
C TYR M 139 -132.56 -16.08 -18.23
N GLN M 140 -131.56 -16.95 -18.34
CA GLN M 140 -130.17 -16.58 -18.52
C GLN M 140 -129.73 -16.97 -19.94
N HIS M 141 -128.76 -16.23 -20.47
CA HIS M 141 -128.23 -16.52 -21.79
C HIS M 141 -126.96 -17.36 -21.76
N GLU M 142 -126.51 -17.75 -20.56
CA GLU M 142 -125.32 -18.57 -20.42
C GLU M 142 -125.67 -20.05 -20.56
N ALA M 143 -124.64 -20.89 -20.66
CA ALA M 143 -124.83 -22.32 -20.82
C ALA M 143 -124.71 -23.00 -19.45
N ARG M 144 -124.88 -24.33 -19.44
CA ARG M 144 -124.76 -25.07 -18.20
C ARG M 144 -123.33 -25.07 -17.67
N THR M 145 -122.35 -25.27 -18.56
CA THR M 145 -120.95 -25.24 -18.15
C THR M 145 -120.55 -23.88 -17.60
N LEU M 146 -120.97 -22.80 -18.27
CA LEU M 146 -120.65 -21.45 -17.84
C LEU M 146 -121.25 -21.14 -16.47
N LEU M 147 -122.44 -21.68 -16.19
CA LEU M 147 -123.11 -21.47 -14.91
C LEU M 147 -122.38 -22.17 -13.77
N MET M 148 -122.50 -23.49 -13.71
CA MET M 148 -121.89 -24.26 -12.62
C MET M 148 -121.66 -25.71 -12.99
N GLU M 149 -122.36 -26.18 -14.04
CA GLU M 149 -122.33 -27.56 -14.53
C GLU M 149 -122.56 -28.55 -13.38
N ASN M 150 -121.57 -29.43 -13.14
CA ASN M 150 -121.47 -30.49 -12.11
C ASN M 150 -121.92 -31.84 -12.64
N ALA M 151 -121.52 -32.91 -11.95
CA ALA M 151 -121.87 -34.27 -12.31
C ALA M 151 -122.73 -34.84 -11.19
N GLU M 152 -122.48 -36.09 -10.78
CA GLU M 152 -123.24 -36.71 -9.70
C GLU M 152 -123.22 -35.85 -8.43
N ARG M 153 -122.02 -35.58 -7.92
CA ARG M 153 -121.87 -34.69 -6.77
C ARG M 153 -122.14 -33.27 -7.22
N VAL M 154 -123.25 -32.68 -6.75
CA VAL M 154 -123.64 -31.34 -7.18
C VAL M 154 -123.88 -30.48 -5.95
N GLY M 155 -123.29 -29.28 -5.94
CA GLY M 155 -123.52 -28.35 -4.85
C GLY M 155 -124.93 -27.82 -4.79
N ASN M 156 -125.61 -27.76 -5.92
CA ASN M 156 -127.00 -27.33 -5.99
C ASN M 156 -128.00 -28.45 -5.75
N ARG M 157 -127.54 -29.70 -5.66
CA ARG M 157 -128.43 -30.83 -5.43
C ARG M 157 -129.05 -30.74 -4.03
N GLY M 158 -130.21 -31.37 -3.89
CA GLY M 158 -130.95 -31.32 -2.64
C GLY M 158 -131.61 -32.65 -2.34
N ARG M 159 -132.07 -32.78 -1.10
CA ARG M 159 -132.74 -33.98 -0.64
C ARG M 159 -133.98 -33.57 0.16
N ILE M 160 -134.62 -34.54 0.78
CA ILE M 160 -135.84 -34.32 1.56
C ILE M 160 -135.52 -34.62 3.01
N ILE M 161 -135.49 -33.58 3.84
CA ILE M 161 -135.27 -33.70 5.28
C ILE M 161 -136.14 -32.67 5.97
N CYS M 162 -137.00 -33.12 6.88
CA CYS M 162 -137.89 -32.21 7.60
C CYS M 162 -138.33 -32.85 8.90
N ILE M 163 -138.62 -32.01 9.88
CA ILE M 163 -139.13 -32.43 11.19
C ILE M 163 -140.33 -31.54 11.49
N THR M 164 -141.53 -32.05 11.21
CA THR M 164 -142.78 -31.34 11.46
C THR M 164 -143.68 -32.21 12.33
N ASN M 165 -144.89 -31.72 12.58
CA ASN M 165 -145.86 -32.42 13.41
C ASN M 165 -147.19 -32.51 12.68
N ALA M 166 -147.70 -33.73 12.53
CA ALA M 166 -148.99 -33.98 11.91
C ALA M 166 -149.56 -35.25 12.54
N LYS M 167 -150.68 -35.75 11.97
CA LYS M 167 -151.30 -36.96 12.49
C LYS M 167 -150.38 -38.16 12.33
N SER M 168 -149.74 -38.29 11.17
CA SER M 168 -148.84 -39.40 10.90
C SER M 168 -147.97 -39.03 9.70
N ASP M 169 -146.87 -39.78 9.55
CA ASP M 169 -145.96 -39.55 8.43
C ASP M 169 -146.52 -40.10 7.12
N SER M 170 -147.43 -41.07 7.17
CA SER M 170 -147.98 -41.68 5.97
C SER M 170 -149.13 -40.87 5.37
N HIS M 171 -149.63 -39.85 6.08
CA HIS M 171 -150.72 -39.03 5.55
C HIS M 171 -150.30 -38.29 4.29
N VAL M 172 -149.09 -37.75 4.27
CA VAL M 172 -148.61 -37.02 3.10
C VAL M 172 -148.13 -37.96 2.00
N ARG M 173 -147.91 -39.24 2.30
CA ARG M 173 -147.44 -40.19 1.31
C ARG M 173 -148.51 -40.61 0.31
N MET M 174 -149.79 -40.42 0.65
CA MET M 174 -150.88 -40.80 -0.27
C MET M 174 -150.85 -40.00 -1.56
N LEU M 175 -150.66 -38.67 -1.45
CA LEU M 175 -150.61 -37.84 -2.65
C LEU M 175 -149.42 -38.19 -3.53
N GLU M 176 -148.26 -38.41 -2.91
CA GLU M 176 -147.07 -38.78 -3.67
C GLU M 176 -147.24 -40.13 -4.35
N ASP M 177 -147.85 -41.10 -3.65
CA ASP M 177 -148.09 -42.41 -4.24
C ASP M 177 -149.06 -42.31 -5.41
N CYS M 178 -150.11 -41.50 -5.26
CA CYS M 178 -151.07 -41.30 -6.35
C CYS M 178 -150.40 -40.65 -7.55
N VAL M 179 -149.54 -39.65 -7.31
CA VAL M 179 -148.82 -38.99 -8.38
C VAL M 179 -147.89 -39.97 -9.09
N GLN M 180 -147.18 -40.81 -8.33
CA GLN M 180 -146.29 -41.80 -8.91
C GLN M 180 -147.06 -42.81 -9.77
N GLU M 181 -148.22 -43.27 -9.27
CA GLU M 181 -149.05 -44.19 -10.03
C GLU M 181 -149.55 -43.55 -11.32
N THR M 182 -150.00 -42.28 -11.24
CA THR M 182 -150.45 -41.57 -12.44
C THR M 182 -149.33 -41.39 -13.45
N ILE M 183 -148.12 -41.08 -12.97
CA ILE M 183 -146.97 -40.93 -13.85
C ILE M 183 -146.64 -42.26 -14.53
N HIS M 184 -146.67 -43.35 -13.77
CA HIS M 184 -146.38 -44.67 -14.33
C HIS M 184 -147.46 -45.09 -15.33
N GLU M 185 -148.70 -44.65 -15.13
CA GLU M 185 -149.79 -45.02 -16.02
C GLU M 185 -149.67 -44.40 -17.41
N HIS M 186 -148.85 -43.36 -17.56
CA HIS M 186 -148.67 -42.67 -18.83
C HIS M 186 -147.20 -42.61 -19.21
N ASN M 187 -146.53 -43.77 -19.16
CA ASN M 187 -145.11 -43.87 -19.45
C ASN M 187 -144.81 -44.12 -20.92
N LYS M 188 -145.75 -43.77 -21.82
CA LYS M 188 -145.52 -43.95 -23.25
C LYS M 188 -144.37 -43.08 -23.75
N LEU M 189 -144.30 -41.83 -23.31
CA LEU M 189 -143.26 -40.90 -23.73
C LEU M 189 -142.05 -40.98 -22.78
N ALA M 190 -141.50 -42.19 -22.69
CA ALA M 190 -140.34 -42.41 -21.81
C ALA M 190 -139.08 -41.74 -22.36
N ALA M 191 -138.92 -41.74 -23.69
CA ALA M 191 -137.74 -41.18 -24.32
C ALA M 191 -137.96 -39.75 -24.80
N ASN M 192 -138.88 -39.03 -24.18
CA ASN M 192 -139.15 -37.64 -24.53
C ASN M 192 -139.05 -36.77 -23.29
N SER M 193 -138.29 -35.69 -23.38
CA SER M 193 -138.15 -34.75 -22.28
C SER M 193 -137.83 -33.37 -22.85
N ASP M 194 -138.10 -32.34 -22.05
CA ASP M 194 -137.87 -30.97 -22.52
C ASP M 194 -136.40 -30.58 -22.43
N HIS M 195 -135.84 -30.57 -21.22
CA HIS M 195 -134.43 -30.26 -21.04
C HIS M 195 -133.72 -31.12 -20.00
N LEU M 196 -134.42 -31.67 -19.00
CA LEU M 196 -133.80 -32.38 -17.92
C LEU M 196 -133.85 -33.88 -18.15
N MET M 197 -133.11 -34.62 -17.33
CA MET M 197 -133.10 -36.06 -17.40
C MET M 197 -134.36 -36.66 -16.77
N GLN M 198 -134.68 -37.88 -17.18
CA GLN M 198 -135.85 -38.60 -16.68
C GLN M 198 -135.44 -39.35 -15.42
N ILE M 199 -135.82 -38.81 -14.26
CA ILE M 199 -135.48 -39.44 -13.00
C ILE M 199 -136.30 -40.72 -12.82
N GLN M 200 -135.62 -41.80 -12.45
CA GLN M 200 -136.25 -43.10 -12.24
C GLN M 200 -136.25 -43.50 -10.78
N LYS M 201 -135.08 -43.53 -10.15
CA LYS M 201 -134.97 -43.92 -8.75
C LYS M 201 -133.75 -43.26 -8.14
N CYS M 202 -133.75 -43.17 -6.80
CA CYS M 202 -132.66 -42.57 -6.04
C CYS M 202 -132.84 -42.94 -4.58
N GLU M 203 -131.77 -42.74 -3.81
CA GLU M 203 -131.76 -42.93 -2.37
C GLU M 203 -131.39 -41.61 -1.71
N LEU M 204 -132.12 -41.23 -0.67
CA LEU M 204 -131.96 -39.93 -0.03
C LEU M 204 -131.55 -40.11 1.42
N VAL M 205 -130.39 -39.56 1.78
CA VAL M 205 -129.94 -39.49 3.16
C VAL M 205 -130.45 -38.19 3.77
N LEU M 206 -131.05 -38.30 4.96
CA LEU M 206 -131.66 -37.14 5.62
C LEU M 206 -131.21 -37.09 7.07
N ILE M 207 -131.28 -35.89 7.64
CA ILE M 207 -130.92 -35.67 9.03
C ILE M 207 -132.16 -35.17 9.78
N HIS M 208 -132.04 -35.10 11.10
CA HIS M 208 -133.11 -34.68 11.98
C HIS M 208 -132.73 -33.39 12.69
N THR M 209 -133.60 -32.39 12.60
CA THR M 209 -133.38 -31.11 13.26
C THR M 209 -134.71 -30.38 13.34
N TYR M 210 -134.99 -29.77 14.48
CA TYR M 210 -136.24 -29.06 14.70
C TYR M 210 -136.00 -27.96 15.72
N PRO M 211 -136.84 -26.93 15.75
CA PRO M 211 -136.66 -25.85 16.72
C PRO M 211 -136.93 -26.32 18.15
N VAL M 212 -136.23 -25.68 19.08
CA VAL M 212 -136.40 -25.95 20.51
C VAL M 212 -137.58 -25.15 21.04
N GLY M 213 -138.00 -25.44 22.26
CA GLY M 213 -139.10 -24.72 22.87
C GLY M 213 -140.04 -25.59 23.68
N GLU M 214 -140.09 -26.88 23.33
CA GLU M 214 -140.99 -27.82 23.98
C GLU M 214 -140.28 -29.15 24.14
N ASP M 215 -140.85 -30.00 25.00
CA ASP M 215 -140.31 -31.32 25.26
C ASP M 215 -140.45 -32.21 24.02
N SER M 216 -139.89 -33.42 24.10
CA SER M 216 -139.89 -34.33 22.96
C SER M 216 -141.19 -35.14 22.91
N LEU M 217 -142.30 -34.42 22.74
CA LEU M 217 -143.61 -35.02 22.55
C LEU M 217 -143.93 -35.17 21.07
N VAL M 218 -142.98 -35.75 20.34
CA VAL M 218 -143.11 -35.94 18.89
C VAL M 218 -142.36 -37.20 18.49
N SER M 219 -142.41 -37.55 17.21
CA SER M 219 -141.72 -38.72 16.71
C SER M 219 -140.21 -38.59 16.87
N ASP M 220 -139.56 -39.68 17.27
CA ASP M 220 -138.13 -39.71 17.48
C ASP M 220 -137.36 -40.50 16.42
N ARG M 221 -137.88 -41.65 15.99
CA ARG M 221 -137.25 -42.47 14.96
C ARG M 221 -138.26 -42.88 13.90
N SER M 222 -139.09 -41.94 13.47
CA SER M 222 -140.12 -42.20 12.46
C SER M 222 -139.65 -41.65 11.12
N LYS M 223 -139.74 -42.47 10.09
CA LYS M 223 -139.31 -42.10 8.74
C LYS M 223 -140.49 -42.18 7.79
N LYS M 224 -140.57 -41.20 6.89
CA LYS M 224 -141.64 -41.11 5.92
C LYS M 224 -141.11 -41.43 4.53
N GLU M 225 -141.84 -42.26 3.80
CA GLU M 225 -141.48 -42.68 2.45
C GLU M 225 -142.61 -42.27 1.52
N LEU M 226 -142.24 -41.73 0.36
CA LEU M 226 -143.21 -41.25 -0.62
C LEU M 226 -143.32 -42.12 -1.86
N SER M 227 -142.28 -42.85 -2.20
CA SER M 227 -142.25 -43.74 -3.36
C SER M 227 -141.42 -44.96 -2.99
N PRO M 228 -141.58 -46.06 -3.74
CA PRO M 228 -140.75 -47.25 -3.46
C PRO M 228 -139.26 -47.00 -3.59
N VAL M 229 -138.86 -46.08 -4.48
CA VAL M 229 -137.45 -45.78 -4.69
C VAL M 229 -136.81 -45.15 -3.46
N LEU M 230 -137.52 -44.23 -2.81
CA LEU M 230 -136.98 -43.49 -1.67
C LEU M 230 -137.52 -44.10 -0.38
N THR M 231 -136.62 -44.53 0.50
CA THR M 231 -137.02 -45.10 1.79
C THR M 231 -135.96 -44.71 2.82
N SER M 232 -136.25 -43.63 3.55
CA SER M 232 -135.31 -43.08 4.52
C SER M 232 -135.37 -43.85 5.82
N GLU M 233 -134.33 -43.68 6.64
CA GLU M 233 -134.26 -44.27 7.96
C GLU M 233 -133.98 -43.17 8.97
N VAL M 234 -134.47 -43.36 10.21
CA VAL M 234 -134.40 -42.34 11.23
C VAL M 234 -133.81 -42.96 12.50
N HIS M 235 -133.29 -42.07 13.36
CA HIS M 235 -132.71 -42.49 14.62
C HIS M 235 -132.96 -41.40 15.65
N SER M 236 -132.70 -41.72 16.92
CA SER M 236 -132.96 -40.82 18.02
C SER M 236 -131.73 -39.94 18.24
N VAL M 237 -131.85 -38.66 17.87
CA VAL M 237 -130.78 -37.69 18.06
C VAL M 237 -131.38 -36.33 18.39
N ARG M 238 -131.14 -35.85 19.61
CA ARG M 238 -131.70 -34.57 20.05
C ARG M 238 -131.11 -33.41 19.25
N ALA M 239 -131.98 -32.48 18.88
CA ALA M 239 -131.56 -31.31 18.10
C ALA M 239 -131.03 -30.23 19.02
N GLY M 240 -130.12 -29.42 18.49
CA GLY M 240 -129.57 -28.31 19.23
C GLY M 240 -128.32 -28.68 20.00
N ARG M 241 -128.46 -29.60 20.96
CA ARG M 241 -127.32 -30.01 21.79
C ARG M 241 -126.25 -30.71 20.96
N HIS M 242 -126.67 -31.49 19.97
CA HIS M 242 -125.75 -32.22 19.11
C HIS M 242 -125.84 -31.80 17.65
N LEU M 243 -127.04 -31.45 17.17
CA LEU M 243 -127.22 -31.06 15.79
C LEU M 243 -126.49 -29.75 15.47
N ALA M 244 -126.53 -28.79 16.39
CA ALA M 244 -125.93 -27.48 16.16
C ALA M 244 -124.58 -27.30 16.87
N THR M 245 -124.43 -27.83 18.08
CA THR M 245 -123.19 -27.63 18.83
C THR M 245 -122.05 -28.53 18.38
N LYS M 246 -122.35 -29.68 17.78
CA LYS M 246 -121.32 -30.63 17.39
C LYS M 246 -121.16 -30.77 15.87
N LEU M 247 -122.26 -30.94 15.14
CA LEU M 247 -122.18 -31.11 13.69
C LEU M 247 -121.66 -29.85 13.00
N ASN M 248 -122.09 -28.68 13.45
CA ASN M 248 -121.64 -27.43 12.83
C ASN M 248 -120.15 -27.20 13.03
N ILE M 249 -119.61 -27.62 14.17
CA ILE M 249 -118.18 -27.42 14.45
C ILE M 249 -117.33 -28.18 13.43
N LEU M 250 -117.70 -29.44 13.14
CA LEU M 250 -116.97 -30.21 12.14
C LEU M 250 -117.31 -29.75 10.72
N VAL M 251 -118.53 -29.24 10.51
CA VAL M 251 -118.93 -28.77 9.18
C VAL M 251 -118.30 -27.44 8.82
N GLN M 252 -117.85 -26.66 9.80
CA GLN M 252 -117.24 -25.36 9.56
C GLN M 252 -115.73 -25.45 9.39
N GLN M 253 -115.05 -26.13 10.31
CA GLN M 253 -113.59 -26.25 10.25
C GLN M 253 -113.11 -27.04 9.05
N HIS M 254 -113.91 -27.99 8.56
CA HIS M 254 -113.54 -28.81 7.42
C HIS M 254 -114.00 -28.23 6.09
N PHE M 255 -114.60 -27.04 6.09
CA PHE M 255 -115.12 -26.41 4.88
C PHE M 255 -114.41 -25.08 4.60
N ASP M 256 -113.13 -24.98 4.99
CA ASP M 256 -112.30 -23.79 4.79
C ASP M 256 -112.89 -22.55 5.46
N LEU M 257 -113.34 -22.73 6.70
CA LEU M 257 -113.93 -21.65 7.47
C LEU M 257 -113.75 -21.94 8.96
N ALA M 258 -114.17 -20.99 9.79
CA ALA M 258 -114.06 -21.14 11.23
C ALA M 258 -115.10 -20.26 11.90
N SER M 259 -115.34 -20.52 13.18
CA SER M 259 -116.32 -19.80 13.96
C SER M 259 -115.71 -19.33 15.27
N THR M 260 -116.19 -18.19 15.76
CA THR M 260 -115.72 -17.59 17.00
C THR M 260 -116.89 -17.40 17.96
N THR M 261 -116.55 -17.09 19.20
CA THR M 261 -117.54 -16.88 20.26
C THR M 261 -117.48 -15.42 20.72
N ILE M 262 -118.63 -14.76 20.72
CA ILE M 262 -118.75 -13.37 21.15
C ILE M 262 -120.06 -13.21 21.92
N THR M 263 -120.19 -12.07 22.59
CA THR M 263 -121.39 -11.78 23.36
C THR M 263 -122.59 -11.56 22.44
N ASN M 264 -123.72 -12.13 22.84
CA ASN M 264 -124.96 -11.94 22.07
C ASN M 264 -125.58 -10.57 22.36
N ILE M 265 -125.94 -10.33 23.61
CA ILE M 265 -126.45 -9.04 24.06
C ILE M 265 -125.35 -8.40 24.91
N PRO M 266 -124.80 -7.25 24.49
CA PRO M 266 -123.72 -6.62 25.25
C PRO M 266 -124.16 -6.21 26.65
N MET M 267 -123.23 -6.32 27.60
CA MET M 267 -123.46 -5.99 29.01
C MET M 267 -122.15 -6.02 29.78
N TYR M 279 -131.13 -16.54 22.40
CA TYR M 279 -130.58 -16.03 21.15
C TYR M 279 -129.10 -15.71 21.30
N ASP M 280 -128.27 -16.40 20.52
CA ASP M 280 -126.83 -16.21 20.56
C ASP M 280 -126.35 -15.60 19.25
N VAL M 281 -125.63 -14.49 19.34
CA VAL M 281 -125.05 -13.82 18.18
C VAL M 281 -123.61 -14.30 18.02
N GLU M 282 -123.29 -14.85 16.86
CA GLU M 282 -121.98 -15.43 16.59
C GLU M 282 -121.24 -14.60 15.55
N LEU M 283 -120.02 -14.22 15.88
CA LEU M 283 -119.17 -13.49 14.95
C LEU M 283 -118.47 -14.48 14.01
N LEU M 284 -117.69 -13.93 13.08
CA LEU M 284 -116.98 -14.73 12.09
C LEU M 284 -115.51 -14.34 12.05
N HIS M 285 -114.62 -15.33 12.14
CA HIS M 285 -113.19 -15.09 12.05
C HIS M 285 -112.54 -16.31 11.41
N HIS M 286 -111.59 -16.07 10.52
CA HIS M 286 -110.89 -17.14 9.82
C HIS M 286 -109.83 -17.76 10.72
N LYS M 287 -109.37 -18.95 10.32
CA LYS M 287 -108.32 -19.64 11.07
C LYS M 287 -106.93 -19.09 10.78
N ASP M 288 -106.79 -18.22 9.77
CA ASP M 288 -105.50 -17.62 9.46
C ASP M 288 -105.03 -16.75 10.62
N ALA M 289 -105.95 -16.01 11.25
CA ALA M 289 -105.60 -15.19 12.40
C ALA M 289 -105.11 -16.05 13.56
N HIS M 290 -105.78 -17.18 13.82
CA HIS M 290 -105.34 -18.10 14.87
C HIS M 290 -103.97 -18.69 14.56
N VAL M 291 -103.73 -19.02 13.28
CA VAL M 291 -102.43 -19.57 12.88
C VAL M 291 -101.33 -18.54 13.07
N ASP M 292 -101.58 -17.29 12.66
CA ASP M 292 -100.58 -16.23 12.76
C ASP M 292 -100.44 -15.67 14.17
N PHE M 293 -101.36 -16.00 15.08
CA PHE M 293 -101.29 -15.46 16.44
C PHE M 293 -100.02 -15.91 17.16
N LEU M 294 -99.66 -17.18 17.03
CA LEU M 294 -98.48 -17.77 17.67
C LEU M 294 -98.23 -19.18 17.15
N GLU M 312 -122.72 -17.60 34.38
CA GLU M 312 -121.63 -17.73 33.42
C GLU M 312 -121.96 -17.03 32.12
N THR M 313 -121.74 -15.72 32.08
CA THR M 313 -122.03 -14.90 30.91
C THR M 313 -120.73 -14.45 30.26
N ILE M 314 -120.69 -14.51 28.93
CA ILE M 314 -119.51 -14.06 28.19
C ILE M 314 -119.42 -12.54 28.27
N THR M 315 -118.22 -12.04 28.54
CA THR M 315 -117.98 -10.61 28.71
C THR M 315 -117.32 -10.05 27.46
N LEU M 316 -117.87 -8.95 26.96
CA LEU M 316 -117.32 -8.27 25.79
C LEU M 316 -117.63 -6.79 25.90
N LYS M 317 -116.81 -5.98 25.22
CA LYS M 317 -116.97 -4.54 25.27
C LYS M 317 -118.14 -4.09 24.39
N TRP M 318 -118.65 -2.89 24.69
CA TRP M 318 -119.74 -2.30 23.93
C TRP M 318 -119.42 -0.84 23.66
N CYS M 319 -119.79 -0.38 22.46
CA CYS M 319 -119.56 1.00 22.07
C CYS M 319 -120.60 1.41 21.05
N THR M 320 -120.85 2.72 20.97
CA THR M 320 -121.82 3.26 20.04
C THR M 320 -121.10 4.03 18.92
N PRO M 321 -121.66 4.02 17.72
CA PRO M 321 -121.02 4.74 16.61
C PRO M 321 -121.11 6.26 16.78
N ARG M 322 -120.17 6.93 16.12
CA ARG M 322 -120.10 8.39 16.14
C ARG M 322 -119.80 8.89 14.73
N THR M 323 -120.24 10.12 14.45
CA THR M 323 -120.00 10.70 13.13
C THR M 323 -118.54 11.03 12.92
N ASN M 324 -117.87 11.57 13.94
CA ASN M 324 -116.49 12.01 13.86
C ASN M 324 -115.70 11.19 14.87
N ASN M 325 -115.14 10.07 14.42
CA ASN M 325 -114.32 9.20 15.25
C ASN M 325 -113.48 8.31 14.34
N ILE M 326 -112.21 8.16 14.69
CA ILE M 326 -111.27 7.34 13.92
C ILE M 326 -111.18 5.99 14.62
N GLU M 327 -112.06 5.07 14.23
CA GLU M 327 -112.03 3.72 14.78
C GLU M 327 -112.30 2.63 13.75
N LEU M 328 -112.43 2.97 12.47
CA LEU M 328 -112.70 2.01 11.41
C LEU M 328 -111.53 1.98 10.44
N HIS M 329 -111.16 0.79 9.99
CA HIS M 329 -110.03 0.61 9.08
C HIS M 329 -110.44 -0.39 7.99
N TYR M 330 -109.49 -0.70 7.11
CA TYR M 330 -109.72 -1.62 6.01
C TYR M 330 -109.46 -3.04 6.49
N CYS M 331 -110.42 -3.93 6.22
CA CYS M 331 -110.34 -5.33 6.63
C CYS M 331 -109.59 -6.11 5.56
N THR M 332 -108.36 -6.54 5.89
CA THR M 332 -107.58 -7.34 4.95
C THR M 332 -108.11 -8.76 4.85
N GLY M 333 -108.75 -9.24 5.90
CA GLY M 333 -109.33 -10.58 5.90
C GLY M 333 -110.59 -10.59 6.71
N ALA M 334 -111.48 -11.53 6.39
CA ALA M 334 -112.77 -11.64 7.04
C ALA M 334 -113.31 -13.05 6.83
N TYR M 335 -114.45 -13.32 7.46
CA TYR M 335 -115.12 -14.61 7.34
C TYR M 335 -116.62 -14.38 7.31
N ARG M 336 -117.34 -15.38 6.80
CA ARG M 336 -118.78 -15.30 6.68
C ARG M 336 -119.42 -15.88 7.94
N ILE M 337 -120.34 -15.12 8.53
CA ILE M 337 -121.03 -15.55 9.74
C ILE M 337 -122.29 -16.31 9.34
N SER M 338 -122.39 -17.56 9.79
CA SER M 338 -123.52 -18.43 9.49
C SER M 338 -124.00 -19.04 10.80
N PRO M 339 -124.53 -18.23 11.71
CA PRO M 339 -125.04 -18.77 12.97
C PRO M 339 -126.43 -19.38 12.80
N VAL M 340 -126.73 -20.34 13.68
CA VAL M 340 -128.05 -20.98 13.66
C VAL M 340 -129.12 -19.96 14.00
N ASP M 341 -128.86 -19.11 15.00
CA ASP M 341 -129.81 -18.07 15.40
C ASP M 341 -129.69 -16.90 14.42
N VAL M 342 -130.25 -17.11 13.22
CA VAL M 342 -130.23 -16.09 12.18
C VAL M 342 -131.28 -15.02 12.40
N ASN M 343 -132.24 -15.25 13.31
CA ASN M 343 -133.31 -14.33 13.61
C ASN M 343 -133.27 -13.92 15.08
N SER M 344 -132.09 -13.65 15.59
CA SER M 344 -131.94 -13.21 16.97
C SER M 344 -132.40 -11.77 17.15
N ARG M 345 -132.51 -11.35 18.41
CA ARG M 345 -132.94 -9.99 18.73
C ARG M 345 -132.01 -8.93 18.15
N PRO M 346 -130.69 -9.04 18.28
CA PRO M 346 -129.79 -8.00 17.73
C PRO M 346 -129.50 -8.23 16.26
N SER M 347 -130.53 -8.09 15.44
CA SER M 347 -130.41 -8.28 13.99
C SER M 347 -130.96 -7.11 13.19
N SER M 348 -132.04 -6.47 13.67
CA SER M 348 -132.66 -5.38 12.95
C SER M 348 -132.58 -4.06 13.70
N CYS M 349 -132.94 -4.06 15.00
CA CYS M 349 -132.90 -2.83 15.79
C CYS M 349 -131.48 -2.31 15.93
N LEU M 350 -130.52 -3.21 16.18
CA LEU M 350 -129.12 -2.81 16.33
C LEU M 350 -128.57 -2.20 15.05
N THR M 351 -128.90 -2.78 13.90
CA THR M 351 -128.43 -2.28 12.61
C THR M 351 -129.18 -1.03 12.14
N ASN M 352 -130.26 -0.66 12.82
CA ASN M 352 -131.01 0.55 12.45
C ASN M 352 -130.14 1.79 12.58
N PHE M 353 -129.46 1.94 13.71
CA PHE M 353 -128.51 3.04 13.90
C PHE M 353 -127.09 2.62 13.49
N LEU M 354 -126.97 2.11 12.25
CA LEU M 354 -125.67 1.70 11.74
C LEU M 354 -125.55 1.98 10.23
N LEU M 355 -126.32 2.93 9.71
CA LEU M 355 -126.33 3.20 8.28
C LEU M 355 -125.09 3.95 7.80
N ASN M 356 -124.28 4.47 8.71
CA ASN M 356 -123.06 5.18 8.31
C ASN M 356 -122.01 4.22 7.75
N GLY M 357 -122.05 2.95 8.13
CA GLY M 357 -121.11 1.96 7.65
C GLY M 357 -119.85 1.83 8.47
N ARG M 358 -119.61 2.72 9.43
CA ARG M 358 -118.40 2.66 10.24
C ARG M 358 -118.66 1.91 11.54
N SER M 359 -117.59 1.40 12.12
CA SER M 359 -117.63 0.69 13.39
C SER M 359 -116.93 1.50 14.46
N VAL M 360 -117.33 1.27 15.71
CA VAL M 360 -116.78 1.97 16.86
C VAL M 360 -116.23 0.93 17.84
N LEU M 361 -114.97 1.11 18.23
CA LEU M 361 -114.31 0.21 19.17
C LEU M 361 -113.76 1.04 20.32
N LEU M 362 -114.01 0.59 21.55
CA LEU M 362 -113.53 1.25 22.75
C LEU M 362 -112.43 0.38 23.36
N GLU M 363 -111.19 0.66 23.00
CA GLU M 363 -110.05 -0.11 23.48
C GLU M 363 -109.83 0.16 24.97
N GLN M 364 -109.36 -0.87 25.67
CA GLN M 364 -109.07 -0.73 27.10
C GLN M 364 -107.85 0.16 27.30
N PRO M 365 -107.95 1.21 28.13
CA PRO M 365 -106.99 2.24 28.54
C PRO M 365 -106.35 2.97 27.36
N SER M 370 -102.50 -2.79 19.70
CA SER M 370 -103.35 -3.51 18.75
C SER M 370 -104.76 -3.67 19.30
N LYS M 371 -105.65 -2.77 18.91
CA LYS M 371 -107.04 -2.82 19.36
C LYS M 371 -107.74 -4.05 18.80
N VAL M 372 -108.58 -4.67 19.62
CA VAL M 372 -109.31 -5.87 19.25
C VAL M 372 -110.80 -5.60 19.40
N ILE M 373 -111.57 -5.91 18.36
CA ILE M 373 -113.01 -5.68 18.38
C ILE M 373 -113.68 -6.79 19.18
N SER M 374 -114.83 -6.48 19.77
CA SER M 374 -115.59 -7.43 20.55
C SER M 374 -116.74 -8.06 19.78
N HIS M 375 -117.50 -7.25 19.04
CA HIS M 375 -118.60 -7.75 18.23
C HIS M 375 -118.89 -6.74 17.12
N MET M 376 -119.49 -7.24 16.04
CA MET M 376 -119.85 -6.39 14.92
C MET M 376 -121.13 -6.91 14.29
N LEU M 377 -121.92 -5.99 13.76
CA LEU M 377 -123.17 -6.32 13.10
C LEU M 377 -123.28 -5.56 11.79
N SER M 378 -123.60 -6.27 10.71
CA SER M 378 -123.75 -5.65 9.41
C SER M 378 -124.65 -6.54 8.55
N SER M 379 -125.44 -5.90 7.69
CA SER M 379 -126.32 -6.60 6.76
C SER M 379 -125.92 -6.23 5.34
N HIS M 380 -125.46 -7.22 4.58
CA HIS M 380 -125.01 -7.02 3.21
C HIS M 380 -126.11 -7.32 2.18
N GLY M 381 -127.32 -7.60 2.64
CA GLY M 381 -128.41 -7.90 1.73
C GLY M 381 -128.57 -9.37 1.37
N GLY M 382 -127.47 -10.04 1.04
CA GLY M 382 -127.52 -11.44 0.69
C GLY M 382 -127.01 -12.34 1.80
N GLU M 383 -126.03 -11.87 2.55
CA GLU M 383 -125.46 -12.65 3.64
C GLU M 383 -124.97 -11.71 4.74
N ILE M 384 -124.83 -12.26 5.94
CA ILE M 384 -124.31 -11.52 7.08
C ILE M 384 -122.85 -11.89 7.28
N PHE M 385 -121.98 -10.88 7.31
CA PHE M 385 -120.54 -11.08 7.41
C PHE M 385 -119.98 -10.29 8.58
N LEU M 386 -118.96 -10.86 9.22
CA LEU M 386 -118.28 -10.20 10.32
C LEU M 386 -116.78 -10.17 10.04
N HIS M 387 -116.13 -9.14 10.57
CA HIS M 387 -114.70 -8.93 10.36
C HIS M 387 -113.96 -8.95 11.70
N VAL M 388 -112.74 -9.45 11.67
CA VAL M 388 -111.91 -9.53 12.86
C VAL M 388 -110.83 -8.46 12.79
N LEU M 389 -110.10 -8.29 13.89
CA LEU M 389 -109.04 -7.30 13.97
C LEU M 389 -107.77 -7.82 13.31
N SER M 390 -106.73 -7.00 13.34
CA SER M 390 -105.45 -7.35 12.73
C SER M 390 -104.77 -8.49 13.47
N SER M 391 -104.13 -9.37 12.73
CA SER M 391 -103.41 -10.51 13.30
C SER M 391 -101.97 -10.60 12.81
N SER M 392 -101.71 -10.26 11.55
CA SER M 392 -100.38 -10.32 10.98
C SER M 392 -99.62 -9.02 11.27
N ARG M 393 -98.44 -8.86 10.68
CA ARG M 393 -97.62 -7.67 10.90
C ARG M 393 -98.13 -6.55 9.99
N SER M 394 -99.27 -5.99 10.39
CA SER M 394 -99.92 -4.90 9.68
C SER M 394 -99.93 -3.67 10.57
N ILE M 395 -99.59 -2.51 10.00
CA ILE M 395 -99.56 -1.27 10.76
C ILE M 395 -100.97 -0.69 10.85
N LEU M 396 -101.72 -1.08 11.88
CA LEU M 396 -103.07 -0.60 12.09
C LEU M 396 -103.14 0.54 13.10
N GLU M 397 -102.35 0.47 14.17
CA GLU M 397 -102.30 1.53 15.17
C GLU M 397 -101.22 2.53 14.78
N ASP M 398 -101.60 3.81 14.72
CA ASP M 398 -100.76 4.93 14.30
C ASP M 398 -100.30 4.71 12.86
N PRO M 399 -101.23 4.55 11.92
CA PRO M 399 -100.87 4.29 10.53
C PRO M 399 -100.38 5.54 9.84
N PRO M 400 -100.09 5.47 8.54
CA PRO M 400 -99.56 6.62 7.79
C PRO M 400 -100.66 7.60 7.35
N SER M 401 -101.30 8.22 8.34
CA SER M 401 -102.34 9.20 8.08
C SER M 401 -101.73 10.59 7.92
N ILE M 402 -102.06 11.25 6.80
CA ILE M 402 -101.53 12.58 6.54
C ILE M 402 -102.06 13.58 7.57
N SER M 403 -103.37 13.56 7.81
CA SER M 403 -104.06 14.38 8.81
C SER M 403 -103.92 15.88 8.56
N GLU M 404 -103.63 16.27 7.32
CA GLU M 404 -103.45 17.68 6.96
C GLU M 404 -103.49 17.79 5.44
N GLY M 405 -103.61 19.04 4.96
CA GLY M 405 -103.61 19.29 3.54
C GLY M 405 -104.91 18.87 2.86
N CYS M 406 -104.79 18.49 1.60
CA CYS M 406 -105.94 18.12 0.79
C CYS M 406 -106.54 16.79 1.28
N GLY M 407 -107.74 16.50 0.78
CA GLY M 407 -108.46 15.30 1.16
C GLY M 407 -109.81 15.61 1.78
N GLY M 408 -109.87 16.72 2.53
CA GLY M 408 -111.12 17.12 3.15
C GLY M 408 -111.77 18.30 2.46
N ARG M 409 -110.94 19.24 1.99
CA ARG M 409 -111.43 20.43 1.29
C ARG M 409 -111.28 20.22 -0.21
N VAL M 410 -112.23 19.51 -0.79
CA VAL M 410 -112.26 19.21 -2.22
C VAL M 410 -113.54 19.81 -2.77
N THR M 411 -113.45 21.05 -3.28
CA THR M 411 -114.60 21.72 -3.87
C THR M 411 -114.22 22.52 -5.11
N ASP M 412 -113.09 22.20 -5.75
CA ASP M 412 -112.68 22.93 -6.94
C ASP M 412 -113.63 22.70 -8.11
N TYR M 413 -114.22 21.51 -8.20
CA TYR M 413 -115.16 21.17 -9.28
C TYR M 413 -116.57 21.44 -8.78
N ARG M 414 -117.08 22.63 -9.08
CA ARG M 414 -118.44 22.99 -8.70
C ARG M 414 -119.44 22.19 -9.53
N ILE M 415 -120.55 21.83 -8.92
CA ILE M 415 -121.59 21.04 -9.59
C ILE M 415 -122.54 21.93 -10.39
N THR M 416 -122.23 23.23 -10.47
CA THR M 416 -123.12 24.16 -11.16
C THR M 416 -123.18 23.88 -12.66
N ASP M 417 -122.02 23.64 -13.29
CA ASP M 417 -122.00 23.43 -14.73
C ASP M 417 -121.02 22.32 -15.14
N PHE M 418 -120.67 21.42 -14.21
CA PHE M 418 -119.77 20.31 -14.51
C PHE M 418 -120.52 19.00 -14.71
N GLY M 419 -121.84 19.05 -14.88
CA GLY M 419 -122.62 17.84 -14.99
C GLY M 419 -122.73 17.30 -16.41
N GLU M 420 -121.88 17.77 -17.31
CA GLU M 420 -121.95 17.34 -18.70
C GLU M 420 -121.24 16.00 -18.93
N PHE M 421 -120.68 15.40 -17.89
CA PHE M 421 -119.99 14.13 -17.98
C PHE M 421 -120.94 12.94 -17.86
N MET M 422 -122.24 13.21 -17.67
CA MET M 422 -123.22 12.15 -17.48
C MET M 422 -123.47 11.34 -18.75
N ARG M 423 -123.05 11.83 -19.91
CA ARG M 423 -123.28 11.17 -21.20
C ARG M 423 -122.06 10.38 -21.68
N GLU M 424 -120.87 10.99 -21.63
CA GLU M 424 -119.66 10.33 -22.12
C GLU M 424 -119.19 9.21 -21.20
N ASN M 425 -119.52 9.25 -19.93
CA ASN M 425 -119.09 8.24 -18.96
C ASN M 425 -120.29 7.65 -18.24
N ARG M 426 -121.31 7.30 -19.02
CA ARG M 426 -122.57 6.76 -18.50
C ARG M 426 -122.58 5.24 -18.37
N LEU M 427 -121.48 4.56 -18.68
CA LEU M 427 -121.44 3.10 -18.62
C LEU M 427 -121.55 2.65 -17.16
N THR M 428 -122.71 2.12 -16.80
CA THR M 428 -122.97 1.62 -15.46
C THR M 428 -123.72 0.31 -15.55
N PRO M 429 -123.66 -0.52 -14.50
CA PRO M 429 -124.40 -1.79 -14.51
C PRO M 429 -125.91 -1.59 -14.57
N PHE M 430 -126.58 -2.54 -15.21
CA PHE M 430 -128.03 -2.52 -15.38
C PHE M 430 -128.65 -3.76 -14.77
N LEU M 431 -129.80 -3.58 -14.11
CA LEU M 431 -130.51 -4.69 -13.48
C LEU M 431 -131.78 -5.09 -14.21
N ASP M 432 -132.35 -4.21 -15.03
CA ASP M 432 -133.57 -4.53 -15.76
C ASP M 432 -133.53 -3.88 -17.14
N PRO M 433 -133.37 -4.67 -18.20
CA PRO M 433 -133.31 -4.13 -19.55
C PRO M 433 -134.70 -3.97 -20.17
N ARG M 434 -134.73 -3.27 -21.30
CA ARG M 434 -135.97 -3.05 -22.04
C ARG M 434 -136.11 -4.12 -23.12
N TYR M 435 -137.23 -4.05 -23.87
CA TYR M 435 -137.46 -5.00 -24.95
C TYR M 435 -136.41 -4.88 -26.05
N LYS M 436 -136.07 -3.65 -26.42
CA LYS M 436 -135.04 -3.41 -27.44
C LYS M 436 -134.46 -2.02 -27.22
N ILE M 437 -133.26 -1.82 -27.78
CA ILE M 437 -132.54 -0.57 -27.63
C ILE M 437 -132.06 -0.12 -29.01
N ASP M 438 -131.95 1.20 -29.17
CA ASP M 438 -131.47 1.78 -30.42
C ASP M 438 -130.92 3.16 -30.13
N GLY M 439 -130.10 3.64 -31.06
CA GLY M 439 -129.47 4.94 -30.96
C GLY M 439 -127.99 4.85 -31.27
N SER M 440 -127.27 5.91 -30.93
CA SER M 440 -125.83 5.99 -31.17
C SER M 440 -125.12 5.19 -30.09
N LEU M 441 -124.79 3.94 -30.39
CA LEU M 441 -124.10 3.06 -29.46
C LEU M 441 -123.47 1.92 -30.24
N GLU M 442 -122.75 1.05 -29.52
CA GLU M 442 -122.08 -0.10 -30.09
C GLU M 442 -122.13 -1.24 -29.08
N VAL M 443 -121.56 -2.38 -29.46
CA VAL M 443 -121.53 -3.55 -28.59
C VAL M 443 -120.66 -3.26 -27.38
N PRO M 444 -120.99 -3.78 -26.19
CA PRO M 444 -120.20 -3.52 -24.98
C PRO M 444 -119.05 -4.50 -24.78
N LEU M 445 -118.20 -4.63 -25.80
CA LEU M 445 -117.03 -5.49 -25.72
C LEU M 445 -115.72 -4.73 -25.84
N GLU M 446 -115.63 -3.78 -26.77
CA GLU M 446 -114.45 -2.95 -26.93
C GLU M 446 -114.74 -1.48 -27.10
N ARG M 447 -115.97 -1.10 -27.50
CA ARG M 447 -116.29 0.30 -27.70
C ARG M 447 -116.44 1.04 -26.38
N ALA M 448 -117.02 0.38 -25.36
CA ALA M 448 -117.24 1.01 -24.06
C ALA M 448 -115.93 1.39 -23.39
N LYS M 449 -114.95 0.49 -23.43
CA LYS M 449 -113.64 0.75 -22.83
C LYS M 449 -112.94 1.92 -23.52
N ASP M 450 -113.00 1.95 -24.86
CA ASP M 450 -112.40 3.06 -25.61
C ASP M 450 -113.09 4.37 -25.32
N GLN M 451 -114.44 4.36 -25.24
CA GLN M 451 -115.18 5.58 -24.94
C GLN M 451 -114.86 6.10 -23.55
N LEU M 452 -114.81 5.20 -22.56
CA LEU M 452 -114.45 5.61 -21.21
C LEU M 452 -113.02 6.12 -21.14
N GLU M 453 -112.10 5.47 -21.86
CA GLU M 453 -110.71 5.92 -21.89
C GLU M 453 -110.60 7.31 -22.51
N LYS M 454 -111.36 7.58 -23.56
CA LYS M 454 -111.33 8.90 -24.16
C LYS M 454 -112.09 9.92 -23.33
N HIS M 455 -112.97 9.48 -22.43
CA HIS M 455 -113.80 10.37 -21.63
C HIS M 455 -113.38 10.49 -20.17
N THR M 456 -113.10 9.39 -19.49
CA THR M 456 -112.84 9.45 -18.04
C THR M 456 -111.66 8.56 -17.65
N ARG M 457 -110.59 8.57 -18.45
CA ARG M 457 -109.38 7.84 -18.05
C ARG M 457 -108.70 8.50 -16.87
N TYR M 458 -108.56 9.83 -16.90
CA TYR M 458 -107.93 10.59 -15.82
C TYR M 458 -108.70 11.90 -15.67
N TRP M 459 -109.55 11.97 -14.65
CA TRP M 459 -110.38 13.14 -14.41
C TRP M 459 -110.11 13.67 -13.00
N PRO M 460 -108.84 13.91 -12.66
CA PRO M 460 -108.54 14.45 -11.33
C PRO M 460 -108.67 15.96 -11.30
N MET M 461 -109.19 16.47 -10.18
CA MET M 461 -109.40 17.91 -9.99
C MET M 461 -109.15 18.24 -8.53
N ILE M 462 -108.02 18.88 -8.25
CA ILE M 462 -107.65 19.26 -6.89
C ILE M 462 -106.80 20.53 -6.96
N ILE M 463 -106.91 21.35 -5.91
CA ILE M 463 -106.18 22.61 -5.83
C ILE M 463 -104.88 22.47 -5.03
N SER M 464 -104.46 21.24 -4.72
CA SER M 464 -103.23 21.06 -3.97
C SER M 464 -102.00 21.55 -4.73
N GLN M 465 -101.93 21.24 -6.03
CA GLN M 465 -100.81 21.66 -6.87
C GLN M 465 -101.22 21.51 -8.33
N THR M 466 -100.92 22.52 -9.14
CA THR M 466 -101.22 22.49 -10.56
C THR M 466 -100.29 23.46 -11.28
N THR M 467 -99.69 22.98 -12.37
CA THR M 467 -98.78 23.82 -13.15
C THR M 467 -98.96 23.64 -14.66
N ILE M 468 -99.95 22.89 -15.10
CA ILE M 468 -100.21 22.65 -16.51
C ILE M 468 -101.43 23.43 -17.00
N PHE M 469 -102.56 23.26 -16.33
CA PHE M 469 -103.78 23.98 -16.66
C PHE M 469 -104.05 25.15 -15.72
N ASN M 470 -103.07 25.54 -14.90
CA ASN M 470 -103.23 26.61 -13.92
C ASN M 470 -103.23 27.95 -14.65
N MET M 471 -104.42 28.39 -15.06
CA MET M 471 -104.56 29.65 -15.76
C MET M 471 -105.88 30.29 -15.37
N GLN M 472 -105.96 31.62 -15.53
CA GLN M 472 -107.18 32.35 -15.20
C GLN M 472 -108.31 32.08 -16.18
N ALA M 473 -108.03 31.45 -17.32
CA ALA M 473 -109.02 31.16 -18.33
C ALA M 473 -109.18 29.65 -18.45
N VAL M 474 -109.35 28.98 -17.30
CA VAL M 474 -109.47 27.52 -17.28
C VAL M 474 -110.93 27.10 -17.35
N VAL M 475 -111.81 28.03 -17.70
CA VAL M 475 -113.23 27.76 -17.90
C VAL M 475 -113.41 26.77 -19.05
N PRO M 476 -112.45 26.67 -19.97
CA PRO M 476 -112.59 25.77 -21.12
C PRO M 476 -112.24 24.32 -20.80
N LEU M 477 -112.18 23.96 -19.52
CA LEU M 477 -111.90 22.60 -19.10
C LEU M 477 -113.06 21.67 -19.45
N ALA M 478 -112.93 20.40 -19.07
CA ALA M 478 -113.88 19.36 -19.45
C ALA M 478 -115.27 19.55 -18.85
N SER M 479 -115.44 20.44 -17.87
CA SER M 479 -116.74 20.65 -17.23
C SER M 479 -117.78 21.13 -18.23
N VAL M 480 -117.40 22.07 -19.11
CA VAL M 480 -118.31 22.58 -20.12
C VAL M 480 -117.85 22.29 -21.55
N ILE M 481 -116.56 22.02 -21.78
CA ILE M 481 -116.10 21.74 -23.13
C ILE M 481 -116.61 20.39 -23.62
N VAL M 482 -116.67 19.40 -22.74
CA VAL M 482 -117.11 18.07 -23.13
C VAL M 482 -118.60 18.12 -23.40
N LYS M 483 -118.97 18.09 -24.68
CA LYS M 483 -120.36 18.11 -25.11
C LYS M 483 -120.47 17.39 -26.44
N GLU M 484 -121.66 16.83 -26.71
CA GLU M 484 -121.89 16.13 -27.97
C GLU M 484 -121.75 17.06 -29.16
N SER M 485 -122.30 18.28 -29.05
CA SER M 485 -122.19 19.29 -30.10
C SER M 485 -121.03 20.22 -29.75
N LEU M 486 -119.83 19.80 -30.14
CA LEU M 486 -118.64 20.57 -29.86
C LEU M 486 -118.53 21.77 -30.80
N THR M 487 -117.85 22.81 -30.32
CA THR M 487 -117.65 24.03 -31.10
C THR M 487 -116.18 24.44 -31.04
N GLU M 488 -115.73 25.11 -32.09
CA GLU M 488 -114.34 25.55 -32.18
C GLU M 488 -114.04 26.74 -31.28
N GLU M 489 -115.06 27.39 -30.73
CA GLU M 489 -114.83 28.52 -29.83
C GLU M 489 -114.08 28.10 -28.57
N ASP M 490 -114.46 26.95 -27.99
CA ASP M 490 -113.76 26.44 -26.82
C ASP M 490 -112.30 26.11 -27.13
N VAL M 491 -112.06 25.52 -28.30
CA VAL M 491 -110.69 25.18 -28.71
C VAL M 491 -109.87 26.46 -28.88
N LEU M 492 -110.45 27.47 -29.51
CA LEU M 492 -109.75 28.75 -29.70
C LEU M 492 -109.45 29.42 -28.36
N ASN M 493 -110.42 29.38 -27.44
CA ASN M 493 -110.21 29.95 -26.11
C ASN M 493 -109.11 29.22 -25.36
N CYS M 494 -109.08 27.88 -25.46
CA CYS M 494 -108.03 27.11 -24.83
C CYS M 494 -106.67 27.42 -25.43
N GLN M 495 -106.60 27.57 -26.75
CA GLN M 495 -105.34 27.91 -27.41
C GLN M 495 -104.85 29.28 -26.97
N LYS M 496 -105.77 30.26 -26.87
CA LYS M 496 -105.41 31.58 -26.38
C LYS M 496 -104.92 31.53 -24.94
N THR M 497 -105.62 30.76 -24.09
CA THR M 497 -105.23 30.64 -22.69
C THR M 497 -103.88 29.95 -22.54
N ILE M 498 -103.51 29.08 -23.49
CA ILE M 498 -102.22 28.41 -23.45
C ILE M 498 -101.09 29.43 -23.48
N TYR M 499 -101.19 30.43 -24.36
CA TYR M 499 -100.22 31.51 -24.40
C TYR M 499 -100.41 32.49 -23.26
N ASN M 500 -101.66 32.72 -22.83
CA ASN M 500 -101.93 33.66 -21.76
C ASN M 500 -101.30 33.22 -20.43
N LEU M 501 -101.34 31.92 -20.15
CA LEU M 501 -100.75 31.38 -18.92
C LEU M 501 -99.25 31.62 -18.89
N VAL M 502 -98.57 31.41 -20.03
CA VAL M 502 -97.14 31.68 -20.11
C VAL M 502 -96.89 33.19 -20.00
N ASP M 503 -97.76 34.00 -20.58
CA ASP M 503 -97.60 35.45 -20.55
C ASP M 503 -97.72 36.00 -19.13
N MET M 504 -98.74 35.57 -18.39
CA MET M 504 -98.99 36.04 -17.04
C MET M 504 -99.28 34.85 -16.13
N GLU M 505 -98.55 34.76 -15.02
CA GLU M 505 -98.75 33.70 -14.05
C GLU M 505 -98.70 34.15 -12.60
N ARG M 506 -98.23 35.36 -12.31
CA ARG M 506 -98.13 35.84 -10.93
C ARG M 506 -99.42 36.48 -10.43
N LYS M 507 -100.21 37.07 -11.32
CA LYS M 507 -101.44 37.72 -10.91
C LYS M 507 -102.51 36.70 -10.56
N ASN M 508 -103.46 37.12 -9.73
CA ASN M 508 -104.57 36.28 -9.29
C ASN M 508 -105.80 36.54 -10.14
N ASP M 509 -106.53 35.47 -10.43
CA ASP M 509 -107.73 35.55 -11.25
C ASP M 509 -108.86 36.21 -10.47
N PRO M 510 -109.87 36.75 -11.19
CA PRO M 510 -111.03 37.33 -10.49
C PRO M 510 -111.76 36.34 -9.59
N LEU M 511 -111.83 35.07 -10.00
CA LEU M 511 -112.41 34.04 -9.16
C LEU M 511 -111.54 33.82 -7.93
N PRO M 512 -112.14 33.40 -6.80
CA PRO M 512 -111.35 33.24 -5.58
C PRO M 512 -110.36 32.09 -5.67
N ILE M 513 -109.07 32.42 -5.74
CA ILE M 513 -108.03 31.39 -5.76
C ILE M 513 -107.91 30.72 -4.40
N SER M 514 -107.99 31.51 -3.33
CA SER M 514 -107.89 31.07 -1.94
C SER M 514 -106.54 30.41 -1.64
N PRO M 523 -82.04 26.74 -4.07
CA PRO M 523 -83.49 26.96 -4.07
C PRO M 523 -83.95 27.82 -2.89
N LYS M 524 -83.54 29.08 -2.89
CA LYS M 524 -83.90 30.01 -1.83
C LYS M 524 -85.20 30.74 -2.20
N ARG M 525 -85.57 31.73 -1.40
CA ARG M 525 -86.78 32.51 -1.65
C ARG M 525 -86.60 33.40 -2.88
N ASP M 526 -87.71 33.99 -3.33
CA ASP M 526 -87.77 34.88 -4.49
C ASP M 526 -87.32 34.14 -5.76
N GLU M 527 -87.81 32.91 -5.92
CA GLU M 527 -87.52 32.08 -7.08
C GLU M 527 -88.54 32.26 -8.20
N GLN M 528 -89.45 33.23 -8.08
CA GLN M 528 -90.49 33.45 -9.07
C GLN M 528 -89.96 33.93 -10.41
N TYR M 529 -88.69 34.33 -10.50
CA TYR M 529 -88.12 34.79 -11.76
C TYR M 529 -88.14 33.68 -12.81
N ARG M 530 -87.78 32.46 -12.41
CA ARG M 530 -87.83 31.30 -13.29
C ARG M 530 -89.25 30.77 -13.54
N ILE M 531 -90.25 31.27 -12.81
CA ILE M 531 -91.62 30.80 -13.01
C ILE M 531 -92.11 31.17 -14.41
N MET M 532 -91.78 32.37 -14.89
CA MET M 532 -92.18 32.78 -16.23
C MET M 532 -91.53 31.90 -17.29
N TRP M 533 -90.25 31.59 -17.12
CA TRP M 533 -89.55 30.70 -18.06
C TRP M 533 -90.16 29.30 -18.04
N ASN M 534 -90.50 28.80 -16.85
CA ASN M 534 -91.13 27.48 -16.74
C ASN M 534 -92.50 27.48 -17.42
N GLU M 535 -93.27 28.54 -17.25
CA GLU M 535 -94.58 28.65 -17.90
C GLU M 535 -94.43 28.70 -19.42
N LEU M 536 -93.44 29.46 -19.91
CA LEU M 536 -93.18 29.52 -21.34
C LEU M 536 -92.79 28.16 -21.89
N GLU M 537 -91.93 27.43 -21.16
CA GLU M 537 -91.55 26.08 -21.57
C GLU M 537 -92.74 25.14 -21.59
N THR M 538 -93.62 25.25 -20.58
CA THR M 538 -94.82 24.42 -20.53
C THR M 538 -95.75 24.71 -21.69
N LEU M 539 -95.91 26.00 -22.04
CA LEU M 539 -96.78 26.37 -23.17
C LEU M 539 -96.27 25.82 -24.49
N VAL M 540 -94.96 25.55 -24.60
CA VAL M 540 -94.40 24.99 -25.82
C VAL M 540 -94.94 23.59 -26.09
N ARG M 541 -95.18 22.83 -25.02
CA ARG M 541 -95.65 21.44 -25.12
C ARG M 541 -97.17 21.34 -25.19
N ALA M 542 -97.84 22.37 -25.73
CA ALA M 542 -99.29 22.33 -25.88
C ALA M 542 -99.72 21.20 -26.80
N HIS M 543 -99.00 20.99 -27.90
CA HIS M 543 -99.30 19.91 -28.84
C HIS M 543 -98.52 18.65 -28.47
N ILE M 544 -98.88 18.10 -27.31
CA ILE M 544 -98.23 16.92 -26.76
C ILE M 544 -99.27 16.13 -25.97
N ASN M 545 -98.86 14.93 -25.53
CA ASN M 545 -99.66 14.01 -24.71
C ASN M 545 -100.89 13.58 -25.51
N ASN M 546 -102.11 13.91 -25.09
CA ASN M 546 -103.33 13.49 -25.75
C ASN M 546 -104.29 14.66 -25.90
N SER M 547 -103.75 15.85 -26.17
CA SER M 547 -104.55 17.07 -26.33
C SER M 547 -104.48 17.47 -27.81
N GLU M 548 -105.39 16.92 -28.61
CA GLU M 548 -105.46 17.24 -30.02
C GLU M 548 -106.25 18.52 -30.28
N LYS M 549 -107.31 18.75 -29.49
CA LYS M 549 -108.11 19.95 -29.67
C LYS M 549 -107.41 21.20 -29.14
N HIS M 550 -106.58 21.06 -28.11
CA HIS M 550 -105.88 22.18 -27.51
C HIS M 550 -104.50 22.41 -28.11
N GLN M 551 -104.14 21.65 -29.14
CA GLN M 551 -102.82 21.78 -29.77
C GLN M 551 -102.72 23.11 -30.51
N ARG M 552 -101.61 23.81 -30.31
CA ARG M 552 -101.33 25.08 -30.96
C ARG M 552 -99.90 25.08 -31.47
N VAL M 553 -99.71 25.47 -32.73
CA VAL M 553 -98.38 25.49 -33.33
C VAL M 553 -97.71 26.82 -33.06
N LEU M 554 -98.26 27.90 -33.61
CA LEU M 554 -97.72 29.25 -33.42
C LEU M 554 -98.82 30.25 -33.73
N GLU M 555 -99.22 31.03 -32.72
CA GLU M 555 -100.27 32.02 -32.89
C GLU M 555 -99.77 33.45 -32.70
N CYS M 556 -99.16 33.76 -31.55
CA CYS M 556 -98.71 35.11 -31.26
C CYS M 556 -97.32 35.10 -30.63
N LEU M 557 -96.46 34.16 -31.07
CA LEU M 557 -95.14 34.04 -30.49
C LEU M 557 -94.22 35.20 -30.85
N MET M 558 -94.57 36.00 -31.86
CA MET M 558 -93.70 37.08 -32.30
C MET M 558 -93.75 38.30 -31.38
N ALA M 559 -94.78 38.41 -30.54
CA ALA M 559 -94.96 39.62 -29.73
C ALA M 559 -94.07 39.61 -28.49
N CYS M 560 -94.27 38.62 -27.61
CA CYS M 560 -93.50 38.58 -26.38
C CYS M 560 -93.13 37.17 -25.93
N ARG M 561 -93.46 36.13 -26.69
CA ARG M 561 -93.12 34.76 -26.31
C ARG M 561 -91.72 34.42 -26.78
N SER M 562 -91.00 33.66 -25.97
CA SER M 562 -89.65 33.25 -26.29
C SER M 562 -89.65 32.07 -27.25
N LYS M 563 -88.48 31.71 -27.72
CA LYS M 563 -88.30 30.59 -28.64
C LYS M 563 -87.17 29.69 -28.15
N PRO M 564 -87.20 28.40 -28.51
CA PRO M 564 -86.17 27.44 -28.10
C PRO M 564 -84.91 27.53 -28.95
N SER M 655 -74.75 -51.71 -13.72
CA SER M 655 -75.07 -50.49 -14.46
C SER M 655 -74.77 -49.24 -13.64
N LEU M 656 -73.90 -49.37 -12.63
CA LEU M 656 -73.55 -48.22 -11.80
C LEU M 656 -72.78 -47.18 -12.62
N TRP M 657 -72.00 -47.63 -13.60
CA TRP M 657 -71.33 -46.73 -14.53
C TRP M 657 -72.27 -46.13 -15.56
N SER M 658 -73.53 -46.56 -15.60
CA SER M 658 -74.48 -45.97 -16.53
C SER M 658 -75.20 -44.78 -15.91
N ASN M 659 -75.71 -44.95 -14.68
CA ASN M 659 -76.49 -43.90 -14.03
C ASN M 659 -75.65 -42.65 -13.74
N ARG M 660 -74.44 -42.83 -13.23
CA ARG M 660 -73.62 -41.66 -12.90
C ARG M 660 -73.16 -40.93 -14.16
N ILE M 661 -72.82 -41.68 -15.21
CA ILE M 661 -72.44 -41.06 -16.48
C ILE M 661 -73.62 -40.30 -17.08
N ASN M 662 -74.84 -40.87 -17.00
CA ASN M 662 -76.02 -40.17 -17.47
C ASN M 662 -76.28 -38.90 -16.66
N THR M 663 -76.08 -38.97 -15.34
CA THR M 663 -76.24 -37.80 -14.48
C THR M 663 -75.24 -36.71 -14.85
N ALA M 664 -73.98 -37.10 -15.10
CA ALA M 664 -72.95 -36.14 -15.45
C ALA M 664 -73.22 -35.50 -16.81
N ASN M 665 -73.61 -36.32 -17.81
CA ASN M 665 -73.87 -35.81 -19.14
C ASN M 665 -75.13 -34.96 -19.20
N SER M 666 -76.11 -35.24 -18.33
CA SER M 666 -77.35 -34.49 -18.33
C SER M 666 -77.11 -33.03 -17.99
N ARG M 667 -76.27 -32.76 -17.00
CA ARG M 667 -75.94 -31.39 -16.60
C ARG M 667 -74.67 -30.97 -17.35
N LYS M 668 -74.86 -30.39 -18.53
CA LYS M 668 -73.75 -29.93 -19.36
C LYS M 668 -74.11 -28.57 -19.93
N HIS M 669 -73.29 -28.09 -20.86
CA HIS M 669 -73.36 -26.71 -21.35
C HIS M 669 -73.36 -26.73 -22.87
N GLN M 670 -73.69 -25.57 -23.45
CA GLN M 670 -73.89 -25.42 -24.90
C GLN M 670 -72.62 -25.79 -25.68
N GLU M 671 -72.81 -26.24 -26.91
CA GLU M 671 -71.72 -26.65 -27.79
C GLU M 671 -71.21 -25.48 -28.62
N PHE M 672 -69.95 -25.59 -29.04
CA PHE M 672 -69.37 -24.63 -29.97
C PHE M 672 -70.03 -24.76 -31.34
N ALA M 673 -70.22 -23.63 -32.02
CA ALA M 673 -70.80 -23.65 -33.36
C ALA M 673 -69.89 -24.38 -34.34
N GLY M 674 -68.58 -24.14 -34.26
CA GLY M 674 -67.65 -24.78 -35.16
C GLY M 674 -67.61 -26.28 -35.01
N ARG M 675 -67.68 -26.78 -33.77
CA ARG M 675 -67.70 -28.22 -33.53
C ARG M 675 -68.96 -28.86 -34.08
N LEU M 676 -70.11 -28.16 -33.97
CA LEU M 676 -71.33 -28.64 -34.59
C LEU M 676 -71.21 -28.67 -36.11
N ASN M 677 -70.55 -27.66 -36.69
CA ASN M 677 -70.39 -27.58 -38.14
C ASN M 677 -69.14 -28.28 -38.64
N SER M 678 -68.38 -28.94 -37.77
CA SER M 678 -67.12 -29.54 -38.18
C SER M 678 -67.35 -30.78 -39.05
N VAL M 679 -66.35 -31.09 -39.87
CA VAL M 679 -66.34 -32.28 -40.70
C VAL M 679 -65.05 -33.04 -40.42
N ASN M 680 -65.17 -34.33 -40.10
CA ASN M 680 -64.04 -35.20 -39.75
C ASN M 680 -63.23 -34.62 -38.58
N ASN M 681 -63.95 -34.03 -37.61
CA ASN M 681 -63.36 -33.38 -36.43
C ASN M 681 -62.41 -32.24 -36.80
N ARG M 682 -62.66 -31.60 -37.94
CA ARG M 682 -61.87 -30.45 -38.36
C ARG M 682 -62.79 -29.43 -39.02
N ALA M 683 -62.47 -28.15 -38.84
CA ALA M 683 -63.31 -27.07 -39.33
C ALA M 683 -62.43 -26.01 -39.97
N GLU M 684 -62.92 -25.43 -41.06
CA GLU M 684 -62.22 -24.33 -41.70
C GLU M 684 -62.33 -23.07 -40.86
N LEU M 685 -61.20 -22.42 -40.62
CA LEU M 685 -61.16 -21.18 -39.87
C LEU M 685 -61.04 -20.00 -40.83
N TYR M 686 -61.56 -18.85 -40.39
CA TYR M 686 -61.57 -17.60 -41.17
C TYR M 686 -62.30 -17.80 -42.51
N GLN M 687 -63.52 -18.35 -42.42
CA GLN M 687 -64.30 -18.67 -43.61
C GLN M 687 -64.65 -17.42 -44.42
N HIS M 688 -64.85 -16.29 -43.74
CA HIS M 688 -65.24 -15.06 -44.42
C HIS M 688 -64.16 -14.57 -45.40
N LEU M 689 -62.91 -14.89 -45.13
CA LEU M 689 -61.81 -14.51 -46.02
C LEU M 689 -61.75 -15.43 -47.22
N MET N 1 2.53 -105.51 11.87
CA MET N 1 2.37 -106.96 11.82
C MET N 1 1.50 -107.45 12.97
N SER N 2 2.10 -107.51 14.16
CA SER N 2 1.39 -107.97 15.35
C SER N 2 1.69 -107.11 16.58
N ALA N 3 2.46 -106.03 16.43
CA ALA N 3 2.81 -105.13 17.51
C ALA N 3 1.61 -104.22 17.77
N GLN N 4 0.72 -104.67 18.65
CA GLN N 4 -0.50 -103.94 18.98
C GLN N 4 -0.21 -102.57 19.59
N GLY N 5 0.78 -102.48 20.48
CA GLY N 5 1.19 -101.18 20.98
C GLY N 5 1.72 -100.26 19.91
N ASP N 6 2.49 -100.79 18.95
CA ASP N 6 2.94 -100.00 17.82
C ASP N 6 1.76 -99.55 16.97
N CYS N 7 0.77 -100.43 16.80
CA CYS N 7 -0.43 -100.06 16.05
C CYS N 7 -1.18 -98.92 16.73
N GLU N 8 -1.30 -98.98 18.07
CA GLU N 8 -1.94 -97.90 18.81
C GLU N 8 -1.16 -96.60 18.69
N PHE N 9 0.19 -96.70 18.74
CA PHE N 9 1.02 -95.52 18.58
C PHE N 9 0.86 -94.90 17.19
N LEU N 10 0.79 -95.75 16.17
CA LEU N 10 0.57 -95.27 14.80
C LEU N 10 -0.80 -94.62 14.66
N VAL N 11 -1.82 -95.21 15.30
CA VAL N 11 -3.16 -94.63 15.28
C VAL N 11 -3.16 -93.25 15.95
N GLN N 12 -2.47 -93.13 17.09
CA GLN N 12 -2.39 -91.84 17.78
C GLN N 12 -1.65 -90.82 16.93
N ARG N 13 -0.57 -91.23 16.27
CA ARG N 13 0.18 -90.34 15.39
C ARG N 13 -0.68 -89.88 14.22
N ALA N 14 -1.45 -90.79 13.63
CA ALA N 14 -2.37 -90.43 12.56
C ALA N 14 -3.43 -89.46 13.05
N ARG N 15 -3.93 -89.66 14.28
CA ARG N 15 -4.89 -88.74 14.89
C ARG N 15 -4.27 -87.36 15.07
N GLU N 16 -2.98 -87.31 15.41
CA GLU N 16 -2.28 -86.04 15.58
C GLU N 16 -2.24 -85.26 14.27
N LEU N 17 -1.95 -85.94 13.15
CA LEU N 17 -1.97 -85.34 11.83
C LEU N 17 -3.28 -85.59 11.08
N VAL N 18 -4.35 -85.90 11.80
CA VAL N 18 -5.65 -86.14 11.15
C VAL N 18 -6.13 -84.93 10.36
N PRO N 19 -6.02 -83.70 10.86
CA PRO N 19 -6.52 -82.54 10.09
C PRO N 19 -5.83 -82.34 8.75
N GLN N 20 -4.61 -82.84 8.57
CA GLN N 20 -3.87 -82.68 7.33
C GLN N 20 -3.76 -83.99 6.55
N ASP N 21 -3.26 -85.05 7.20
CA ASP N 21 -3.04 -86.35 6.54
C ASP N 21 -4.26 -87.22 6.82
N LEU N 22 -5.26 -87.12 5.95
CA LEU N 22 -6.46 -87.95 6.11
C LEU N 22 -6.26 -89.38 5.61
N TRP N 23 -5.26 -89.63 4.75
CA TRP N 23 -5.03 -90.98 4.24
C TRP N 23 -4.62 -91.93 5.36
N ALA N 24 -3.75 -91.49 6.26
CA ALA N 24 -3.35 -92.33 7.38
C ALA N 24 -4.51 -92.62 8.31
N ALA N 25 -5.49 -91.71 8.40
CA ALA N 25 -6.64 -91.93 9.26
C ALA N 25 -7.43 -93.13 8.78
N LYS N 26 -7.69 -93.18 7.46
CA LYS N 26 -8.42 -94.29 6.87
C LYS N 26 -7.61 -95.58 6.93
N ALA N 27 -6.29 -95.48 6.74
CA ALA N 27 -5.44 -96.67 6.76
C ALA N 27 -5.29 -97.24 8.16
N TRP N 28 -5.35 -96.40 9.20
CA TRP N 28 -5.20 -96.84 10.58
C TRP N 28 -6.52 -97.30 11.19
N LEU N 29 -7.60 -96.53 11.00
CA LEU N 29 -8.91 -96.95 11.52
C LEU N 29 -9.42 -98.23 10.87
N ILE N 30 -8.99 -98.52 9.65
CA ILE N 30 -9.40 -99.74 8.96
C ILE N 30 -8.27 -100.78 8.97
N THR N 31 -7.30 -100.64 9.87
CA THR N 31 -6.21 -101.60 9.99
C THR N 31 -6.65 -102.78 10.86
N ALA N 32 -6.80 -103.95 10.25
CA ALA N 32 -7.26 -105.14 10.97
C ALA N 32 -6.13 -105.74 11.78
N ARG N 33 -6.51 -106.57 12.76
CA ARG N 33 -5.62 -107.27 13.71
C ARG N 33 -4.88 -106.28 14.61
N SER N 34 -4.12 -106.80 15.56
CA SER N 34 -3.35 -106.01 16.54
C SER N 34 -4.36 -105.18 17.35
N LEU N 35 -4.00 -103.97 17.75
CA LEU N 35 -4.89 -103.09 18.52
C LEU N 35 -5.79 -102.30 17.57
N TYR N 36 -6.58 -103.05 16.81
CA TYR N 36 -7.57 -102.53 15.87
C TYR N 36 -8.79 -102.00 16.62
N PRO N 37 -9.47 -102.85 17.40
CA PRO N 37 -10.61 -102.36 18.20
C PRO N 37 -10.21 -101.29 19.21
N ALA N 38 -9.00 -101.38 19.77
CA ALA N 38 -8.52 -100.36 20.69
C ALA N 38 -8.34 -99.02 19.98
N ASP N 39 -7.91 -99.06 18.72
CA ASP N 39 -7.78 -97.84 17.93
C ASP N 39 -9.12 -97.37 17.35
N PHE N 40 -10.15 -98.19 17.43
CA PHE N 40 -11.48 -97.80 16.93
C PHE N 40 -12.30 -97.13 18.03
N ASN N 41 -11.70 -96.16 18.70
CA ASN N 41 -12.33 -95.37 19.74
C ASN N 41 -12.36 -93.88 19.42
N ILE N 42 -11.30 -93.35 18.83
CA ILE N 42 -11.27 -91.97 18.39
C ILE N 42 -11.07 -91.83 16.88
N GLN N 43 -10.48 -92.83 16.21
CA GLN N 43 -10.28 -92.75 14.77
C GLN N 43 -11.59 -92.96 14.01
N TYR N 44 -12.27 -94.08 14.26
CA TYR N 44 -13.57 -94.33 13.66
C TYR N 44 -14.64 -93.37 14.17
N GLU N 45 -14.59 -93.04 15.46
CA GLU N 45 -15.55 -92.10 16.03
C GLU N 45 -15.42 -90.70 15.43
N MET N 46 -14.21 -90.30 15.03
CA MET N 46 -14.03 -89.00 14.37
C MET N 46 -14.82 -88.92 13.07
N TYR N 47 -14.79 -89.98 12.26
CA TYR N 47 -15.64 -90.04 11.09
C TYR N 47 -17.11 -90.13 11.49
N THR N 48 -17.42 -90.90 12.54
CA THR N 48 -18.79 -91.02 13.01
C THR N 48 -19.33 -89.68 13.53
N ILE N 49 -18.50 -88.93 14.24
CA ILE N 49 -18.92 -87.64 14.79
C ILE N 49 -18.81 -86.49 13.80
N GLU N 50 -18.33 -86.75 12.59
CA GLU N 50 -18.20 -85.69 11.59
C GLU N 50 -19.58 -85.23 11.12
N ARG N 51 -19.65 -83.96 10.72
CA ARG N 51 -20.89 -83.37 10.24
C ARG N 51 -21.18 -83.68 8.78
N ASN N 52 -20.29 -84.37 8.09
CA ASN N 52 -20.49 -84.72 6.69
C ASN N 52 -21.39 -85.94 6.57
N ALA N 53 -21.44 -86.54 5.38
CA ALA N 53 -22.26 -87.71 5.09
C ALA N 53 -21.78 -88.97 5.80
N GLU N 54 -20.59 -88.94 6.40
CA GLU N 54 -20.07 -90.09 7.12
C GLU N 54 -20.95 -90.47 8.31
N ARG N 55 -21.49 -89.47 9.01
CA ARG N 55 -22.36 -89.73 10.16
C ARG N 55 -23.65 -90.44 9.78
N THR N 56 -24.08 -90.34 8.52
CA THR N 56 -25.29 -91.04 8.09
C THR N 56 -25.11 -92.56 8.15
N ALA N 57 -23.93 -93.07 7.77
CA ALA N 57 -23.70 -94.51 7.72
C ALA N 57 -22.72 -95.02 8.77
N THR N 58 -21.59 -94.31 8.98
CA THR N 58 -20.59 -94.79 9.94
C THR N 58 -21.14 -94.82 11.36
N ALA N 59 -21.86 -93.79 11.76
CA ALA N 59 -22.44 -93.76 13.12
C ALA N 59 -23.53 -94.81 13.28
N GLY N 60 -24.27 -95.10 12.22
CA GLY N 60 -25.30 -96.12 12.33
C GLY N 60 -24.81 -97.55 12.21
N ARG N 61 -23.54 -97.75 11.87
CA ARG N 61 -23.01 -99.11 11.75
C ARG N 61 -21.76 -99.37 12.58
N LEU N 62 -20.87 -98.39 12.71
CA LEU N 62 -19.64 -98.59 13.49
C LEU N 62 -19.82 -98.29 14.97
N LEU N 63 -20.64 -97.28 15.31
CA LEU N 63 -20.88 -96.97 16.71
C LEU N 63 -21.66 -98.07 17.41
N TYR N 64 -22.51 -98.80 16.66
CA TYR N 64 -23.25 -99.92 17.25
C TYR N 64 -22.31 -101.02 17.73
N ASP N 65 -21.26 -101.31 16.96
CA ASP N 65 -20.28 -102.32 17.36
C ASP N 65 -19.56 -101.89 18.64
N MET N 66 -19.18 -100.62 18.72
CA MET N 66 -18.53 -100.10 19.92
C MET N 66 -19.46 -100.16 21.12
N PHE N 67 -20.74 -99.83 20.91
CA PHE N 67 -21.73 -99.90 21.98
C PHE N 67 -21.91 -101.34 22.46
N VAL N 68 -21.92 -102.30 21.54
CA VAL N 68 -22.03 -103.70 21.92
C VAL N 68 -20.81 -104.12 22.72
N ASN N 69 -19.62 -103.76 22.24
CA ASN N 69 -18.38 -104.06 22.95
C ASN N 69 -18.29 -103.30 24.29
N PHE N 70 -18.70 -102.03 24.30
CA PHE N 70 -18.66 -101.21 25.51
C PHE N 70 -19.78 -100.18 25.47
N PRO N 71 -20.90 -100.43 26.15
CA PRO N 71 -22.03 -99.46 26.13
C PRO N 71 -21.86 -98.36 27.16
N ASP N 72 -20.90 -97.46 26.92
CA ASP N 72 -20.60 -96.36 27.83
C ASP N 72 -20.74 -95.00 27.16
N GLN N 73 -21.25 -94.94 25.93
CA GLN N 73 -21.37 -93.68 25.23
C GLN N 73 -22.84 -93.28 25.08
N PRO N 74 -23.48 -92.81 26.15
CA PRO N 74 -24.87 -92.36 26.07
C PRO N 74 -25.05 -90.87 25.84
N VAL N 75 -23.96 -90.11 25.69
CA VAL N 75 -24.06 -88.66 25.55
C VAL N 75 -24.80 -88.27 24.27
N VAL N 76 -24.58 -89.03 23.19
CA VAL N 76 -25.21 -88.70 21.90
C VAL N 76 -26.72 -88.83 21.99
N TRP N 77 -27.20 -89.92 22.61
CA TRP N 77 -28.65 -90.15 22.74
C TRP N 77 -29.29 -89.06 23.60
N ARG N 78 -28.65 -88.70 24.72
CA ARG N 78 -29.18 -87.67 25.59
C ARG N 78 -29.21 -86.32 24.89
N GLU N 79 -28.16 -86.00 24.14
CA GLU N 79 -28.12 -84.74 23.40
C GLU N 79 -29.21 -84.69 22.34
N ILE N 80 -29.42 -85.81 21.62
CA ILE N 80 -30.47 -85.87 20.61
C ILE N 80 -31.84 -85.70 21.25
N SER N 81 -32.07 -86.36 22.39
CA SER N 81 -33.35 -86.24 23.09
C SER N 81 -33.59 -84.81 23.57
N ILE N 82 -32.55 -84.16 24.09
CA ILE N 82 -32.68 -82.77 24.54
C ILE N 82 -32.97 -81.84 23.36
N ILE N 83 -32.26 -82.02 22.26
CA ILE N 83 -32.42 -81.17 21.08
C ILE N 83 -33.78 -81.39 20.44
N THR N 84 -34.34 -82.59 20.56
CA THR N 84 -35.63 -82.92 19.95
C THR N 84 -36.76 -82.03 20.49
N SER N 85 -36.76 -81.77 21.80
CA SER N 85 -37.77 -80.90 22.40
C SER N 85 -37.66 -79.47 21.88
N ALA N 86 -36.44 -78.98 21.70
CA ALA N 86 -36.21 -77.61 21.26
C ALA N 86 -36.13 -77.45 19.74
N LEU N 87 -36.27 -78.54 18.99
CA LEU N 87 -36.16 -78.48 17.53
C LEU N 87 -37.45 -78.06 16.84
N ARG N 88 -38.53 -77.87 17.58
CA ARG N 88 -39.82 -77.51 16.99
C ARG N 88 -39.99 -76.01 16.82
N ASN N 89 -38.89 -75.25 16.78
CA ASN N 89 -38.97 -73.80 16.62
C ASN N 89 -37.76 -73.35 15.81
N ASP N 90 -37.88 -72.14 15.26
CA ASP N 90 -36.82 -71.51 14.45
C ASP N 90 -36.46 -72.37 13.24
N SER N 91 -37.49 -72.97 12.62
CA SER N 91 -37.27 -73.79 11.43
C SER N 91 -36.73 -72.96 10.27
N GLN N 92 -37.17 -71.70 10.16
CA GLN N 92 -36.67 -70.84 9.10
C GLN N 92 -35.19 -70.49 9.29
N ASP N 93 -34.74 -70.39 10.54
CA ASP N 93 -33.34 -70.08 10.80
C ASP N 93 -32.46 -71.27 10.43
N LYS N 94 -31.32 -70.98 9.81
CA LYS N 94 -30.41 -72.05 9.37
C LYS N 94 -29.72 -72.74 10.53
N GLN N 95 -29.35 -72.00 11.59
CA GLN N 95 -28.61 -72.59 12.70
C GLN N 95 -29.42 -73.63 13.45
N THR N 96 -30.69 -73.32 13.74
CA THR N 96 -31.55 -74.26 14.45
C THR N 96 -31.78 -75.52 13.63
N GLN N 97 -32.03 -75.36 12.33
CA GLN N 97 -32.22 -76.52 11.45
C GLN N 97 -30.96 -77.37 11.38
N PHE N 98 -29.79 -76.71 11.31
CA PHE N 98 -28.53 -77.44 11.27
C PHE N 98 -28.30 -78.23 12.54
N LEU N 99 -28.59 -77.62 13.70
CA LEU N 99 -28.45 -78.31 14.98
C LEU N 99 -29.42 -79.49 15.08
N ARG N 100 -30.66 -79.29 14.65
CA ARG N 100 -31.65 -80.36 14.69
C ARG N 100 -31.26 -81.50 13.77
N SER N 101 -30.74 -81.19 12.58
CA SER N 101 -30.29 -82.24 11.66
C SER N 101 -29.10 -82.99 12.22
N LEU N 102 -28.15 -82.27 12.85
CA LEU N 102 -26.99 -82.91 13.46
C LEU N 102 -27.42 -83.85 14.59
N PHE N 103 -28.39 -83.40 15.39
CA PHE N 103 -28.93 -84.25 16.46
C PHE N 103 -29.64 -85.48 15.90
N GLU N 104 -30.42 -85.32 14.84
CA GLU N 104 -31.22 -86.40 14.27
C GLU N 104 -30.56 -87.12 13.10
N THR N 105 -29.30 -86.79 12.77
CA THR N 105 -28.63 -87.43 11.63
C THR N 105 -28.51 -88.94 11.79
N LEU N 106 -28.42 -89.44 13.02
CA LEU N 106 -28.34 -90.87 13.24
C LEU N 106 -29.67 -91.54 12.93
N PRO N 107 -29.64 -92.83 12.61
CA PRO N 107 -30.88 -93.57 12.33
C PRO N 107 -31.81 -93.59 13.54
N GLY N 108 -33.12 -93.54 13.26
CA GLY N 108 -34.10 -93.52 14.33
C GLY N 108 -34.08 -94.79 15.16
N ARG N 109 -34.02 -95.95 14.49
CA ARG N 109 -33.97 -97.23 15.20
C ARG N 109 -32.69 -97.36 16.01
N VAL N 110 -31.55 -96.97 15.42
CA VAL N 110 -30.27 -97.03 16.12
C VAL N 110 -30.26 -96.08 17.30
N GLN N 111 -30.82 -94.87 17.13
CA GLN N 111 -30.89 -93.91 18.22
C GLN N 111 -31.76 -94.43 19.36
N CYS N 112 -32.90 -95.04 19.03
CA CYS N 112 -33.76 -95.60 20.06
C CYS N 112 -33.07 -96.75 20.80
N GLU N 113 -32.37 -97.62 20.05
CA GLU N 113 -31.64 -98.72 20.67
C GLU N 113 -30.56 -98.21 21.61
N MET N 114 -29.83 -97.17 21.18
CA MET N 114 -28.78 -96.59 22.01
C MET N 114 -29.36 -95.92 23.24
N LEU N 115 -30.49 -95.24 23.10
CA LEU N 115 -31.11 -94.52 24.21
C LEU N 115 -31.92 -95.43 25.13
N LEU N 116 -32.14 -96.70 24.74
CA LEU N 116 -32.81 -97.64 25.64
C LEU N 116 -32.05 -97.83 26.95
N LYS N 117 -30.71 -97.77 26.90
CA LYS N 117 -29.90 -97.89 28.10
C LYS N 117 -30.16 -96.74 29.06
N VAL N 118 -30.24 -95.51 28.54
CA VAL N 118 -30.60 -94.36 29.35
C VAL N 118 -32.04 -94.46 29.84
N THR N 119 -32.92 -95.01 28.98
CA THR N 119 -34.32 -95.19 29.34
C THR N 119 -34.49 -96.10 30.55
N GLU N 120 -33.74 -97.20 30.60
CA GLU N 120 -33.80 -98.10 31.74
C GLU N 120 -33.32 -97.41 33.02
N GLN N 121 -32.27 -96.59 32.91
CA GLN N 121 -31.71 -95.87 34.05
C GLN N 121 -32.26 -94.46 34.19
N CYS N 122 -33.36 -94.13 33.51
CA CYS N 122 -33.94 -92.79 33.57
C CYS N 122 -34.63 -92.58 34.92
N PHE N 123 -33.83 -92.26 35.93
CA PHE N 123 -34.36 -92.05 37.27
C PHE N 123 -35.26 -90.82 37.34
N ASN N 124 -34.95 -89.79 36.55
CA ASN N 124 -35.77 -88.58 36.54
C ASN N 124 -37.16 -88.88 36.02
N THR N 125 -38.17 -88.26 36.65
CA THR N 125 -39.56 -88.46 36.24
C THR N 125 -39.80 -87.95 34.82
N LEU N 126 -39.29 -86.74 34.51
CA LEU N 126 -39.43 -86.20 33.16
C LEU N 126 -38.67 -87.03 32.14
N GLU N 127 -37.45 -87.45 32.47
CA GLU N 127 -36.67 -88.28 31.57
C GLU N 127 -37.33 -89.63 31.34
N ARG N 128 -37.85 -90.25 32.40
CA ARG N 128 -38.53 -91.54 32.28
C ARG N 128 -39.79 -91.41 31.43
N SER N 129 -40.57 -90.33 31.64
CA SER N 129 -41.78 -90.11 30.85
C SER N 129 -41.45 -89.90 29.38
N GLU N 130 -40.40 -89.10 29.10
CA GLU N 130 -39.99 -88.88 27.71
C GLU N 130 -39.51 -90.17 27.07
N MET N 131 -38.75 -90.98 27.81
CA MET N 131 -38.28 -92.27 27.29
C MET N 131 -39.44 -93.21 27.01
N LEU N 132 -40.43 -93.26 27.91
CA LEU N 132 -41.60 -94.11 27.70
C LEU N 132 -42.38 -93.65 26.49
N LEU N 133 -42.55 -92.33 26.31
CA LEU N 133 -43.25 -91.80 25.15
C LEU N 133 -42.52 -92.14 23.86
N LEU N 134 -41.19 -92.01 23.87
CA LEU N 134 -40.39 -92.35 22.69
C LEU N 134 -40.50 -93.84 22.36
N LEU N 135 -40.46 -94.70 23.38
CA LEU N 135 -40.61 -96.14 23.18
C LEU N 135 -41.98 -96.47 22.61
N LEU N 136 -43.03 -95.84 23.14
CA LEU N 136 -44.38 -96.06 22.63
C LEU N 136 -44.52 -95.60 21.18
N ARG N 137 -43.96 -94.43 20.86
CA ARG N 137 -44.04 -93.92 19.50
C ARG N 137 -43.29 -94.81 18.51
N ARG N 138 -42.08 -95.26 18.88
CA ARG N 138 -41.31 -96.14 18.03
C ARG N 138 -42.00 -97.49 17.84
N PHE N 139 -42.54 -98.05 18.93
CA PHE N 139 -43.22 -99.34 18.88
C PHE N 139 -44.44 -99.29 19.81
N PRO N 140 -45.64 -99.16 19.25
CA PRO N 140 -46.85 -99.11 20.10
C PRO N 140 -47.10 -100.35 20.94
N GLU N 141 -46.61 -101.51 20.51
CA GLU N 141 -46.81 -102.76 21.25
C GLU N 141 -45.59 -103.15 22.07
N THR N 142 -44.65 -102.23 22.31
CA THR N 142 -43.43 -102.53 23.07
C THR N 142 -43.75 -102.52 24.57
N VAL N 143 -44.46 -103.56 25.00
CA VAL N 143 -44.82 -103.74 26.41
C VAL N 143 -44.39 -105.16 26.78
N VAL N 144 -43.19 -105.30 27.33
CA VAL N 144 -42.63 -106.58 27.73
C VAL N 144 -42.24 -106.57 29.20
N GLN N 145 -41.48 -105.56 29.62
CA GLN N 145 -41.04 -105.47 31.01
C GLN N 145 -42.18 -105.01 31.91
N HIS N 146 -42.73 -103.83 31.62
CA HIS N 146 -43.83 -103.28 32.41
C HIS N 146 -44.66 -102.40 31.48
N GLY N 147 -45.80 -102.91 31.04
CA GLY N 147 -46.68 -102.17 30.16
C GLY N 147 -48.01 -101.82 30.81
N VAL N 148 -48.44 -102.66 31.76
CA VAL N 148 -49.71 -102.43 32.46
C VAL N 148 -49.63 -101.18 33.32
N GLY N 149 -48.51 -101.00 34.02
CA GLY N 149 -48.36 -99.86 34.91
C GLY N 149 -47.90 -98.57 34.28
N LEU N 150 -47.69 -98.57 32.96
CA LEU N 150 -47.27 -97.35 32.28
C LEU N 150 -48.33 -96.27 32.37
N GLY N 151 -49.56 -96.59 32.00
CA GLY N 151 -50.66 -95.65 32.17
C GLY N 151 -51.00 -95.40 33.63
N GLU N 152 -50.90 -96.44 34.46
CA GLU N 152 -51.27 -96.33 35.86
C GLU N 152 -50.38 -95.34 36.60
N ALA N 153 -49.06 -95.41 36.35
CA ALA N 153 -48.12 -94.50 37.00
C ALA N 153 -48.37 -93.06 36.58
N LEU N 154 -48.61 -92.85 35.27
CA LEU N 154 -48.89 -91.51 34.76
C LEU N 154 -50.17 -90.94 35.36
N LEU N 155 -51.22 -91.76 35.43
CA LEU N 155 -52.49 -91.31 36.00
C LEU N 155 -52.33 -90.99 37.49
N GLU N 156 -51.58 -91.83 38.22
CA GLU N 156 -51.34 -91.59 39.63
C GLU N 156 -50.56 -90.30 39.85
N ALA N 157 -49.54 -90.06 39.03
CA ALA N 157 -48.77 -88.83 39.15
C ALA N 157 -49.63 -87.60 38.85
N GLU N 158 -50.45 -87.69 37.80
CA GLU N 158 -51.34 -86.57 37.46
C GLU N 158 -52.34 -86.28 38.57
N THR N 159 -52.92 -87.33 39.15
CA THR N 159 -53.88 -87.14 40.24
C THR N 159 -53.20 -86.59 41.49
N ILE N 160 -51.99 -87.08 41.80
CA ILE N 160 -51.27 -86.65 42.99
C ILE N 160 -50.80 -85.21 42.84
N GLU N 161 -50.53 -84.76 41.62
CA GLU N 161 -50.10 -83.37 41.39
C GLU N 161 -51.15 -82.38 41.89
N GLU N 162 -52.41 -82.55 41.45
CA GLU N 162 -53.56 -81.76 41.91
C GLU N 162 -53.33 -80.26 41.72
N GLN N 163 -52.90 -79.88 40.52
CA GLN N 163 -52.63 -78.49 40.20
C GLN N 163 -53.67 -77.96 39.23
N GLU N 164 -54.29 -76.83 39.60
CA GLU N 164 -55.27 -76.20 38.72
C GLU N 164 -54.62 -75.75 37.42
N SER N 165 -53.44 -75.13 37.52
CA SER N 165 -52.68 -74.73 36.34
C SER N 165 -51.78 -75.88 35.92
N PRO N 166 -51.95 -76.44 34.73
CA PRO N 166 -51.12 -77.60 34.32
C PRO N 166 -49.74 -77.18 33.83
N VAL N 167 -48.92 -76.68 34.76
CA VAL N 167 -47.57 -76.27 34.44
C VAL N 167 -46.57 -77.42 34.56
N ASN N 168 -47.00 -78.57 35.08
CA ASN N 168 -46.11 -79.70 35.24
C ASN N 168 -45.86 -80.33 33.87
N CYS N 169 -44.59 -80.42 33.48
CA CYS N 169 -44.25 -80.97 32.16
C CYS N 169 -44.55 -82.46 32.09
N PHE N 170 -44.12 -83.22 33.10
CA PHE N 170 -44.28 -84.67 33.07
C PHE N 170 -45.75 -85.08 33.09
N ARG N 171 -46.53 -84.48 34.00
CA ARG N 171 -47.94 -84.86 34.13
C ARG N 171 -48.74 -84.52 32.87
N LYS N 172 -48.54 -83.31 32.34
CA LYS N 172 -49.26 -82.90 31.13
C LYS N 172 -48.86 -83.74 29.93
N LEU N 173 -47.55 -83.99 29.77
CA LEU N 173 -47.08 -84.82 28.66
C LEU N 173 -47.61 -86.24 28.77
N PHE N 174 -47.62 -86.80 29.98
CA PHE N 174 -48.16 -88.13 30.20
C PHE N 174 -49.66 -88.20 29.89
N VAL N 175 -50.42 -87.18 30.32
CA VAL N 175 -51.85 -87.14 30.03
C VAL N 175 -52.09 -87.02 28.54
N CYS N 176 -51.22 -86.29 27.83
CA CYS N 176 -51.42 -86.10 26.40
C CYS N 176 -51.06 -87.35 25.60
N ASP N 177 -49.99 -88.05 26.00
CA ASP N 177 -49.45 -89.15 25.20
C ASP N 177 -49.82 -90.53 25.74
N VAL N 178 -49.51 -90.80 27.01
CA VAL N 178 -49.69 -92.14 27.59
C VAL N 178 -51.17 -92.52 27.62
N LEU N 179 -52.05 -91.57 27.94
CA LEU N 179 -53.49 -91.86 28.00
C LEU N 179 -54.05 -92.35 26.68
N PRO N 180 -53.80 -91.69 25.54
CA PRO N 180 -54.24 -92.26 24.25
C PRO N 180 -53.62 -93.61 23.96
N LEU N 181 -52.34 -93.79 24.31
CA LEU N 181 -51.69 -95.09 24.12
C LEU N 181 -52.31 -96.16 25.02
N ILE N 182 -52.62 -95.80 26.28
CA ILE N 182 -53.23 -96.74 27.20
C ILE N 182 -54.62 -97.14 26.71
N ILE N 183 -55.39 -96.18 26.21
CA ILE N 183 -56.71 -96.47 25.65
C ILE N 183 -56.60 -97.37 24.43
N ASN N 184 -55.63 -97.09 23.55
CA ASN N 184 -55.45 -97.92 22.37
C ASN N 184 -54.91 -99.31 22.72
N ASN N 185 -54.05 -99.42 23.73
CA ASN N 185 -53.42 -100.69 24.08
C ASN N 185 -54.41 -101.54 24.88
N HIS N 186 -54.96 -102.56 24.24
CA HIS N 186 -55.85 -103.51 24.90
C HIS N 186 -55.13 -104.76 25.37
N ASP N 187 -53.81 -104.84 25.18
CA ASP N 187 -53.05 -106.02 25.59
C ASP N 187 -52.99 -106.12 27.11
N VAL N 188 -52.85 -105.00 27.81
CA VAL N 188 -52.77 -105.02 29.26
C VAL N 188 -54.17 -105.14 29.83
N ARG N 189 -54.37 -106.11 30.72
CA ARG N 189 -55.66 -106.35 31.35
C ARG N 189 -55.74 -105.59 32.67
N LEU N 190 -56.70 -104.69 32.77
CA LEU N 190 -56.92 -103.88 33.96
C LEU N 190 -58.41 -103.73 34.19
N PRO N 191 -58.83 -103.50 35.43
CA PRO N 191 -60.25 -103.30 35.71
C PRO N 191 -60.79 -102.04 35.04
N ALA N 192 -62.07 -102.09 34.67
CA ALA N 192 -62.72 -100.94 34.04
C ALA N 192 -62.79 -99.75 34.99
N ASN N 193 -62.90 -100.00 36.30
CA ASN N 193 -62.97 -98.93 37.28
C ASN N 193 -61.69 -98.09 37.28
N LEU N 194 -60.53 -98.75 37.20
CA LEU N 194 -59.26 -98.03 37.17
C LEU N 194 -59.15 -97.16 35.92
N LEU N 195 -59.56 -97.70 34.77
CA LEU N 195 -59.52 -96.93 33.53
C LEU N 195 -60.47 -95.74 33.59
N TYR N 196 -61.67 -95.95 34.15
CA TYR N 196 -62.63 -94.86 34.31
C TYR N 196 -62.09 -93.78 35.24
N LYS N 197 -61.45 -94.18 36.34
CA LYS N 197 -60.87 -93.22 37.27
C LYS N 197 -59.74 -92.43 36.61
N TYR N 198 -58.89 -93.12 35.83
CA TYR N 198 -57.81 -92.44 35.12
C TYR N 198 -58.36 -91.45 34.11
N LEU N 199 -59.40 -91.85 33.37
CA LEU N 199 -60.04 -90.96 32.41
C LEU N 199 -60.66 -89.75 33.10
N ASN N 200 -61.30 -89.97 34.24
CA ASN N 200 -61.88 -88.86 35.00
C ASN N 200 -60.82 -87.90 35.51
N LYS N 201 -59.70 -88.44 36.00
CA LYS N 201 -58.60 -87.59 36.46
C LYS N 201 -58.01 -86.78 35.30
N ALA N 202 -57.84 -87.42 34.14
CA ALA N 202 -57.35 -86.73 32.97
C ALA N 202 -58.32 -85.63 32.52
N ALA N 203 -59.62 -85.91 32.56
CA ALA N 203 -60.63 -84.92 32.20
C ALA N 203 -60.61 -83.74 33.17
N GLU N 204 -60.47 -84.02 34.47
CA GLU N 204 -60.39 -82.95 35.46
C GLU N 204 -59.15 -82.09 35.25
N PHE N 205 -58.00 -82.73 34.97
CA PHE N 205 -56.78 -81.99 34.72
C PHE N 205 -56.90 -81.13 33.45
N TYR N 206 -57.50 -81.70 32.39
CA TYR N 206 -57.70 -80.94 31.16
C TYR N 206 -58.63 -79.75 31.36
N ILE N 207 -59.71 -79.94 32.12
CA ILE N 207 -60.65 -78.86 32.39
C ILE N 207 -59.98 -77.77 33.21
N ASN N 208 -59.18 -78.18 34.21
CA ASN N 208 -58.44 -77.22 35.02
C ASN N 208 -57.44 -76.44 34.18
N TYR N 209 -56.75 -77.13 33.26
CA TYR N 209 -55.79 -76.48 32.38
C TYR N 209 -56.48 -75.47 31.47
N VAL N 210 -57.64 -75.84 30.92
CA VAL N 210 -58.37 -74.95 30.02
C VAL N 210 -58.86 -73.72 30.78
N THR N 211 -59.44 -73.92 31.97
CA THR N 211 -59.96 -72.80 32.74
C THR N 211 -58.85 -71.92 33.30
N ARG N 212 -57.75 -72.52 33.77
CA ARG N 212 -56.66 -71.72 34.34
C ARG N 212 -55.92 -70.95 33.27
N SER N 213 -55.31 -69.85 33.68
CA SER N 213 -54.57 -68.99 32.76
C SER N 213 -53.27 -69.66 32.33
N THR N 214 -53.01 -69.64 31.03
CA THR N 214 -51.79 -70.22 30.49
C THR N 214 -50.61 -69.28 30.74
N GLN N 215 -49.47 -69.57 30.14
CA GLN N 215 -48.30 -68.72 30.27
C GLN N 215 -47.59 -68.53 28.93
N GLN N 238 -51.48 -66.01 20.97
CA GLN N 238 -50.61 -66.74 20.06
C GLN N 238 -50.20 -68.09 20.65
N LYS N 239 -49.85 -69.03 19.78
CA LYS N 239 -49.44 -70.37 20.20
C LYS N 239 -47.93 -70.39 20.34
N TYR N 240 -47.45 -70.52 21.58
CA TYR N 240 -46.01 -70.55 21.86
C TYR N 240 -45.81 -71.24 23.20
N ILE N 241 -44.54 -71.50 23.51
CA ILE N 241 -44.20 -72.16 24.77
C ILE N 241 -44.57 -71.28 25.97
N ILE N 242 -44.81 -71.92 27.10
CA ILE N 242 -45.19 -71.20 28.31
C ILE N 242 -43.95 -70.65 28.98
N GLU N 243 -44.14 -69.59 29.78
CA GLU N 243 -43.03 -68.98 30.51
C GLU N 243 -42.72 -69.84 31.73
N GLY N 244 -42.03 -70.95 31.49
CA GLY N 244 -41.69 -71.87 32.55
C GLY N 244 -41.75 -73.33 32.14
N LEU N 245 -42.44 -73.61 31.04
CA LEU N 245 -42.58 -74.98 30.54
C LEU N 245 -42.43 -74.99 29.02
N THR N 246 -41.97 -76.13 28.50
CA THR N 246 -41.81 -76.29 27.07
C THR N 246 -43.16 -76.36 26.36
N GLU N 247 -43.17 -75.98 25.08
CA GLU N 247 -44.40 -75.96 24.31
C GLU N 247 -45.00 -77.35 24.15
N LYS N 248 -44.16 -78.35 23.85
CA LYS N 248 -44.65 -79.71 23.66
C LYS N 248 -45.18 -80.32 24.95
N SER N 249 -44.50 -80.06 26.06
CA SER N 249 -44.86 -80.67 27.34
C SER N 249 -46.21 -80.17 27.86
N SER N 250 -46.44 -78.86 27.81
CA SER N 250 -47.63 -78.25 28.37
C SER N 250 -48.79 -78.13 27.39
N GLN N 251 -48.65 -78.61 26.16
CA GLN N 251 -49.71 -78.44 25.17
C GLN N 251 -50.85 -79.42 25.41
N ILE N 252 -52.07 -78.90 25.42
CA ILE N 252 -53.28 -79.71 25.50
C ILE N 252 -54.21 -79.26 24.39
N VAL N 253 -54.57 -80.17 23.51
CA VAL N 253 -55.38 -79.88 22.33
C VAL N 253 -56.79 -80.42 22.57
N ASP N 254 -57.79 -79.50 22.55
CA ASP N 254 -59.21 -79.81 22.72
C ASP N 254 -59.43 -80.59 24.02
N PRO N 255 -59.30 -79.93 25.18
CA PRO N 255 -59.43 -80.66 26.45
C PRO N 255 -60.78 -81.33 26.67
N TRP N 256 -61.89 -80.60 26.52
CA TRP N 256 -63.21 -81.19 26.72
C TRP N 256 -63.50 -82.26 25.68
N GLU N 257 -63.20 -81.98 24.40
CA GLU N 257 -63.45 -82.96 23.33
C GLU N 257 -62.60 -84.21 23.51
N ARG N 258 -61.31 -84.06 23.84
CA ARG N 258 -60.46 -85.22 24.04
C ARG N 258 -60.92 -86.02 25.24
N LEU N 259 -61.34 -85.34 26.32
CA LEU N 259 -61.85 -86.03 27.50
C LEU N 259 -63.13 -86.80 27.17
N PHE N 260 -64.02 -86.19 26.38
CA PHE N 260 -65.25 -86.88 25.97
C PHE N 260 -64.94 -88.10 25.12
N LYS N 261 -63.99 -87.96 24.19
CA LYS N 261 -63.59 -89.10 23.36
C LYS N 261 -62.98 -90.21 24.19
N ILE N 262 -62.14 -89.86 25.16
CA ILE N 262 -61.51 -90.85 26.03
C ILE N 262 -62.57 -91.56 26.87
N LEU N 263 -63.54 -90.80 27.39
CA LEU N 263 -64.62 -91.40 28.17
C LEU N 263 -65.46 -92.34 27.32
N ASN N 264 -65.76 -91.94 26.08
CA ASN N 264 -66.52 -92.80 25.17
C ASN N 264 -65.75 -94.08 24.85
N VAL N 265 -64.44 -93.96 24.63
CA VAL N 265 -63.60 -95.14 24.34
C VAL N 265 -63.58 -96.07 25.55
N VAL N 266 -63.43 -95.50 26.75
CA VAL N 266 -63.40 -96.30 27.97
C VAL N 266 -64.73 -97.02 28.18
N GLY N 267 -65.84 -96.31 27.97
CA GLY N 267 -67.16 -96.92 28.07
C GLY N 267 -67.36 -98.03 27.06
N MET N 268 -66.86 -97.84 25.84
CA MET N 268 -66.91 -98.88 24.81
C MET N 268 -66.09 -100.11 25.24
N ARG N 269 -64.91 -99.89 25.83
CA ARG N 269 -64.08 -100.99 26.29
C ARG N 269 -64.49 -101.53 27.66
N CYS N 270 -65.46 -100.92 28.34
CA CYS N 270 -65.93 -101.39 29.64
C CYS N 270 -67.21 -102.20 29.51
N GLU N 271 -67.27 -103.05 28.48
CA GLU N 271 -68.43 -103.89 28.16
C GLU N 271 -69.66 -103.03 27.86
N TRP N 272 -69.49 -102.12 26.89
CA TRP N 272 -70.50 -101.17 26.43
C TRP N 272 -70.90 -100.20 27.53
N TYR N 281 -73.43 -76.63 18.97
CA TYR N 281 -73.79 -75.67 20.01
C TYR N 281 -74.83 -76.27 20.96
N GLY N 282 -76.08 -76.28 20.53
CA GLY N 282 -77.15 -76.85 21.34
C GLY N 282 -77.38 -78.32 21.07
N ASP N 283 -76.29 -79.09 21.03
CA ASP N 283 -76.39 -80.51 20.70
C ASP N 283 -77.01 -81.31 21.83
N ILE N 284 -76.57 -81.06 23.07
CA ILE N 284 -76.95 -81.89 24.20
C ILE N 284 -77.74 -81.11 25.24
N LEU N 285 -78.40 -80.03 24.83
CA LEU N 285 -79.24 -79.27 25.74
C LEU N 285 -80.43 -80.08 26.21
N HIS N 286 -81.17 -80.68 25.28
CA HIS N 286 -82.30 -81.54 25.60
C HIS N 286 -81.94 -83.01 25.67
N ARG N 287 -80.69 -83.38 25.40
CA ARG N 287 -80.29 -84.77 25.44
C ARG N 287 -80.25 -85.34 26.85
N MET N 288 -80.16 -84.47 27.86
CA MET N 288 -80.16 -84.92 29.25
C MET N 288 -81.53 -85.44 29.68
N LYS N 289 -82.58 -85.10 28.95
CA LYS N 289 -83.92 -85.60 29.27
C LYS N 289 -84.06 -87.09 28.98
N ASP N 290 -83.26 -87.62 28.06
CA ASP N 290 -83.27 -89.04 27.73
C ASP N 290 -82.31 -89.85 28.59
N LEU N 291 -81.11 -89.32 28.86
CA LEU N 291 -80.17 -90.00 29.74
C LEU N 291 -80.70 -90.12 31.16
N CYS N 292 -81.34 -89.05 31.66
CA CYS N 292 -81.89 -89.05 33.01
C CYS N 292 -83.22 -89.79 33.11
N ARG N 293 -83.81 -90.20 31.98
CA ARG N 293 -85.08 -90.92 32.01
C ARG N 293 -84.91 -92.37 32.41
N TYR N 294 -83.69 -92.90 32.39
CA TYR N 294 -83.45 -94.25 32.86
C TYR N 294 -83.33 -94.28 34.38
N MET N 295 -83.25 -95.48 34.93
CA MET N 295 -83.13 -95.64 36.38
C MET N 295 -81.83 -95.02 36.89
N ASN N 296 -81.97 -94.01 37.76
CA ASN N 296 -80.80 -93.33 38.29
C ASN N 296 -79.95 -94.26 39.15
N ASN N 297 -80.58 -94.97 40.08
CA ASN N 297 -79.90 -95.93 40.93
C ASN N 297 -80.07 -97.35 40.37
N PHE N 298 -79.54 -97.54 39.16
CA PHE N 298 -79.65 -98.81 38.48
C PHE N 298 -78.59 -99.79 38.98
N ASP N 299 -78.74 -101.05 38.56
CA ASP N 299 -77.81 -102.10 38.95
C ASP N 299 -76.43 -101.85 38.32
N SER N 300 -75.39 -102.06 39.12
CA SER N 300 -74.03 -101.85 38.63
C SER N 300 -73.64 -102.86 37.56
N GLU N 301 -74.07 -104.11 37.71
CA GLU N 301 -73.70 -105.18 36.79
C GLU N 301 -74.74 -105.43 35.71
N ALA N 302 -76.02 -105.53 36.10
CA ALA N 302 -77.10 -105.81 35.14
C ALA N 302 -77.24 -104.68 34.12
N HIS N 303 -77.12 -103.43 34.56
CA HIS N 303 -77.21 -102.27 33.68
C HIS N 303 -75.89 -101.52 33.63
N ALA N 304 -74.79 -102.28 33.48
CA ALA N 304 -73.45 -101.67 33.42
C ALA N 304 -73.31 -100.74 32.24
N LYS N 305 -73.77 -101.15 31.06
CA LYS N 305 -73.68 -100.31 29.87
C LYS N 305 -74.51 -99.04 30.01
N TYR N 306 -75.74 -99.18 30.52
CA TYR N 306 -76.61 -98.02 30.70
C TYR N 306 -76.03 -97.05 31.73
N LYS N 307 -75.54 -97.57 32.84
CA LYS N 307 -74.93 -96.73 33.88
C LYS N 307 -73.69 -96.01 33.36
N ASN N 308 -72.84 -96.74 32.61
CA ASN N 308 -71.64 -96.13 32.05
C ASN N 308 -71.98 -95.04 31.04
N GLN N 309 -72.98 -95.29 30.17
CA GLN N 309 -73.40 -94.29 29.20
C GLN N 309 -73.98 -93.06 29.90
N VAL N 310 -74.80 -93.27 30.94
CA VAL N 310 -75.38 -92.16 31.69
C VAL N 310 -74.30 -91.34 32.37
N VAL N 311 -73.32 -92.02 32.98
CA VAL N 311 -72.23 -91.32 33.67
C VAL N 311 -71.40 -90.51 32.68
N TYR N 312 -71.08 -91.10 31.52
CA TYR N 312 -70.31 -90.40 30.50
C TYR N 312 -71.07 -89.18 29.98
N SER N 313 -72.37 -89.35 29.70
CA SER N 313 -73.18 -88.23 29.22
C SER N 313 -73.28 -87.12 30.26
N THR N 314 -73.47 -87.50 31.53
CA THR N 314 -73.54 -86.52 32.60
C THR N 314 -72.22 -85.77 32.76
N MET N 315 -71.09 -86.49 32.68
CA MET N 315 -69.79 -85.85 32.79
C MET N 315 -69.55 -84.89 31.63
N LEU N 316 -69.92 -85.30 30.41
CA LEU N 316 -69.76 -84.44 29.24
C LEU N 316 -70.64 -83.20 29.35
N VAL N 317 -71.88 -83.36 29.80
CA VAL N 317 -72.78 -82.22 29.97
C VAL N 317 -72.26 -81.27 31.02
N PHE N 318 -71.76 -81.81 32.15
CA PHE N 318 -71.20 -80.97 33.20
C PHE N 318 -69.97 -80.20 32.71
N PHE N 319 -69.10 -80.88 31.95
CA PHE N 319 -67.92 -80.21 31.39
C PHE N 319 -68.31 -79.11 30.41
N LYS N 320 -69.30 -79.38 29.54
CA LYS N 320 -69.76 -78.39 28.59
C LYS N 320 -70.37 -77.18 29.30
N ASN N 321 -71.18 -77.42 30.33
CA ASN N 321 -71.79 -76.33 31.10
C ASN N 321 -70.72 -75.52 31.82
N ALA N 322 -69.72 -76.19 32.40
CA ALA N 322 -68.64 -75.48 33.07
C ALA N 322 -67.84 -74.63 32.10
N PHE N 323 -67.54 -75.17 30.92
CA PHE N 323 -66.80 -74.42 29.90
C PHE N 323 -67.61 -73.21 29.43
N GLN N 324 -68.91 -73.40 29.19
CA GLN N 324 -69.76 -72.29 28.75
C GLN N 324 -69.84 -71.21 29.83
N TYR N 325 -70.00 -71.61 31.09
CA TYR N 325 -70.07 -70.65 32.18
C TYR N 325 -68.76 -69.90 32.34
N VAL N 326 -67.63 -70.61 32.23
CA VAL N 326 -66.32 -69.97 32.33
C VAL N 326 -66.12 -68.97 31.20
N ASN N 327 -66.50 -69.36 29.97
CA ASN N 327 -66.34 -68.46 28.82
C ASN N 327 -67.23 -67.22 28.97
N SER N 328 -68.47 -67.40 29.41
CA SER N 328 -69.41 -66.30 29.46
C SER N 328 -69.17 -65.37 30.65
N ILE N 329 -68.75 -65.91 31.79
CA ILE N 329 -68.69 -65.15 33.03
C ILE N 329 -67.27 -64.88 33.52
N GLN N 330 -66.27 -65.61 33.02
CA GLN N 330 -64.89 -65.49 33.48
C GLN N 330 -64.00 -65.27 32.26
N PRO N 331 -64.02 -64.07 31.70
CA PRO N 331 -63.15 -63.80 30.53
C PRO N 331 -61.72 -63.44 30.94
N SER N 332 -61.55 -62.94 32.15
CA SER N 332 -60.20 -62.58 32.61
C SER N 332 -59.44 -63.80 33.13
N LEU N 333 -60.10 -64.64 33.93
CA LEU N 333 -59.46 -65.85 34.45
C LEU N 333 -59.21 -66.91 33.38
N PHE N 334 -60.00 -66.92 32.30
CA PHE N 334 -59.81 -67.88 31.23
C PHE N 334 -58.74 -67.46 30.23
N GLN N 335 -58.16 -66.28 30.39
CA GLN N 335 -57.15 -65.77 29.47
C GLN N 335 -55.77 -65.91 30.10
N GLY N 336 -54.78 -66.27 29.29
CA GLY N 336 -53.42 -66.41 29.75
C GLY N 336 -52.71 -65.09 29.90
N PRO N 337 -51.43 -65.17 30.28
CA PRO N 337 -50.62 -63.95 30.44
C PRO N 337 -50.49 -63.10 29.18
N ASN N 338 -50.38 -63.73 28.01
CA ASN N 338 -50.25 -63.01 26.76
C ASN N 338 -51.59 -62.80 26.05
N ALA N 339 -52.69 -63.27 26.62
CA ALA N 339 -54.00 -63.12 26.04
C ALA N 339 -54.57 -61.74 26.35
N PRO N 340 -55.67 -61.37 25.69
CA PRO N 340 -56.26 -60.03 25.90
C PRO N 340 -56.69 -59.73 27.34
N SER N 341 -57.16 -60.74 28.08
CA SER N 341 -57.66 -60.59 29.45
C SER N 341 -58.83 -59.59 29.52
N GLN N 342 -59.90 -59.93 28.79
CA GLN N 342 -61.05 -59.06 28.66
C GLN N 342 -61.83 -59.00 29.99
N VAL N 343 -62.72 -58.01 30.07
CA VAL N 343 -63.56 -57.80 31.25
C VAL N 343 -64.60 -58.90 31.34
N PRO N 344 -64.65 -59.65 32.44
CA PRO N 344 -65.64 -60.73 32.56
C PRO N 344 -67.06 -60.22 32.78
N LEU N 345 -68.01 -61.05 32.39
CA LEU N 345 -69.43 -60.79 32.54
C LEU N 345 -69.99 -61.56 33.73
N VAL N 346 -71.31 -61.52 33.90
CA VAL N 346 -71.99 -62.24 34.98
C VAL N 346 -73.44 -62.41 34.59
N LEU N 347 -74.11 -63.37 35.22
CA LEU N 347 -75.53 -63.60 35.00
C LEU N 347 -76.31 -63.02 36.17
N LEU N 348 -77.42 -62.36 35.85
CA LEU N 348 -78.26 -61.69 36.83
C LEU N 348 -79.60 -62.39 36.93
N GLU N 349 -80.40 -61.92 37.89
CA GLU N 349 -81.73 -62.47 38.12
C GLU N 349 -82.64 -62.15 36.94
N ASP N 350 -83.66 -62.98 36.76
CA ASP N 350 -84.61 -62.82 35.65
C ASP N 350 -85.68 -61.78 36.02
N VAL N 351 -85.20 -60.56 36.27
CA VAL N 351 -86.08 -59.44 36.58
C VAL N 351 -86.93 -59.07 35.37
N SER N 352 -86.38 -59.19 34.16
CA SER N 352 -87.15 -58.93 32.96
C SER N 352 -88.29 -59.92 32.80
N ASN N 353 -88.06 -61.17 33.19
CA ASN N 353 -89.11 -62.19 33.15
C ASN N 353 -90.27 -61.83 34.07
N VAL N 354 -89.96 -61.38 35.29
CA VAL N 354 -91.00 -60.94 36.21
C VAL N 354 -91.73 -59.72 35.66
N TYR N 355 -90.98 -58.76 35.13
CA TYR N 355 -91.59 -57.58 34.52
C TYR N 355 -92.36 -57.94 33.25
N GLY N 356 -91.87 -58.92 32.49
CA GLY N 356 -92.53 -59.30 31.26
C GLY N 356 -93.83 -60.03 31.50
N ASP N 357 -94.66 -60.06 30.46
CA ASP N 357 -95.97 -60.69 30.51
C ASP N 357 -95.91 -62.22 30.49
N VAL N 358 -94.76 -62.80 30.13
CA VAL N 358 -94.63 -64.26 30.11
C VAL N 358 -94.77 -64.83 31.52
N GLU N 359 -94.16 -64.17 32.50
CA GLU N 359 -94.22 -64.60 33.89
C GLU N 359 -94.94 -63.57 34.74
N ILE N 360 -96.07 -63.06 34.23
CA ILE N 360 -96.84 -62.04 34.95
C ILE N 360 -97.70 -62.73 36.01
N ASP N 361 -97.16 -62.84 37.22
CA ASP N 361 -97.84 -63.50 38.32
C ASP N 361 -98.63 -62.47 39.13
N ARG N 362 -99.95 -62.64 39.21
CA ARG N 362 -100.76 -61.70 39.95
C ARG N 362 -100.59 -61.84 41.47
N ASN N 363 -100.30 -63.03 41.97
CA ASN N 363 -100.13 -63.21 43.41
C ASN N 363 -98.91 -64.06 43.74
N LYS N 364 -97.88 -64.02 42.90
CA LYS N 364 -96.64 -64.75 43.11
C LYS N 364 -95.44 -63.84 42.82
N HIS N 365 -95.51 -62.62 43.33
CA HIS N 365 -94.49 -61.60 43.10
C HIS N 365 -93.66 -61.24 44.33
N ILE N 366 -94.26 -61.19 45.52
CA ILE N 366 -93.53 -60.78 46.71
C ILE N 366 -92.75 -61.93 47.32
N HIS N 367 -93.45 -62.99 47.73
CA HIS N 367 -92.79 -64.12 48.38
C HIS N 367 -92.29 -65.16 47.41
N LYS N 368 -92.88 -65.25 46.22
CA LYS N 368 -92.52 -66.27 45.23
C LYS N 368 -91.36 -65.84 44.34
N LYS N 369 -90.81 -64.63 44.54
CA LYS N 369 -89.67 -64.19 43.73
C LYS N 369 -88.46 -65.09 43.93
N ARG N 370 -88.18 -65.47 45.19
CA ARG N 370 -87.12 -66.42 45.46
C ARG N 370 -87.43 -67.77 44.83
N LYS N 371 -88.70 -68.19 44.93
CA LYS N 371 -89.14 -69.43 44.30
C LYS N 371 -89.01 -69.36 42.78
N LEU N 372 -89.41 -68.23 42.19
CA LEU N 372 -89.29 -68.07 40.74
C LEU N 372 -87.83 -68.04 40.31
N ALA N 373 -86.95 -67.58 41.18
CA ALA N 373 -85.53 -67.49 40.86
C ALA N 373 -84.83 -68.85 40.97
N GLU N 374 -85.05 -69.57 42.07
CA GLU N 374 -84.34 -70.81 42.35
C GLU N 374 -85.17 -72.09 42.20
N GLY N 375 -86.50 -72.01 42.31
CA GLY N 375 -87.30 -73.21 42.27
C GLY N 375 -87.29 -74.04 43.54
N ARG N 376 -86.75 -73.50 44.64
CA ARG N 376 -86.65 -74.17 45.94
C ARG N 376 -85.83 -75.45 45.87
N GLU N 377 -84.84 -75.49 44.97
CA GLU N 377 -84.02 -76.66 44.76
C GLU N 377 -82.60 -76.50 45.29
N LYS N 378 -81.95 -75.38 44.97
CA LYS N 378 -80.56 -75.16 45.37
C LYS N 378 -80.47 -74.58 46.78
N THR N 379 -81.00 -75.33 47.74
CA THR N 379 -80.95 -74.92 49.14
C THR N 379 -79.51 -74.88 49.66
N MET N 380 -78.72 -75.90 49.31
CA MET N 380 -77.33 -76.00 49.74
C MET N 380 -76.42 -75.23 48.79
N SER N 381 -75.26 -74.82 49.32
CA SER N 381 -74.26 -74.12 48.53
C SER N 381 -73.41 -75.17 47.80
N SER N 382 -73.79 -75.46 46.56
CA SER N 382 -73.13 -76.50 45.76
C SER N 382 -72.02 -75.86 44.95
N ASP N 383 -70.77 -76.15 45.33
CA ASP N 383 -69.61 -75.69 44.58
C ASP N 383 -69.29 -76.65 43.45
N ASP N 384 -69.14 -76.09 42.24
CA ASP N 384 -68.91 -76.85 40.99
C ASP N 384 -70.07 -77.80 40.69
N GLU N 385 -71.27 -77.43 41.10
CA GLU N 385 -72.46 -78.25 40.89
C GLU N 385 -73.69 -77.36 40.95
N ASP N 386 -74.66 -77.64 40.09
CA ASP N 386 -75.91 -76.87 40.01
C ASP N 386 -77.07 -77.83 40.28
N CYS N 387 -77.70 -77.68 41.43
CA CYS N 387 -78.86 -78.50 41.79
C CYS N 387 -80.07 -77.59 41.71
N SER N 388 -80.64 -77.48 40.52
CA SER N 388 -81.79 -76.63 40.28
C SER N 388 -82.62 -77.20 39.15
N ALA N 389 -83.94 -77.08 39.27
CA ALA N 389 -84.89 -77.54 38.26
C ALA N 389 -85.66 -76.38 37.66
N LYS N 390 -85.06 -75.19 37.64
CA LYS N 390 -85.74 -74.01 37.10
C LYS N 390 -85.82 -74.05 35.58
N GLY N 391 -85.03 -74.91 34.93
CA GLY N 391 -85.06 -75.00 33.48
C GLY N 391 -86.39 -75.50 32.94
N ARG N 392 -87.06 -76.38 33.68
CA ARG N 392 -88.35 -76.92 33.25
C ARG N 392 -89.52 -76.14 33.83
N ASN N 393 -89.36 -75.56 35.03
CA ASN N 393 -90.43 -74.77 35.64
C ASN N 393 -90.75 -73.50 34.84
N ARG N 394 -89.75 -72.90 34.21
CA ARG N 394 -89.96 -71.69 33.41
C ARG N 394 -89.02 -71.74 32.22
N HIS N 395 -88.93 -70.64 31.49
CA HIS N 395 -88.08 -70.57 30.31
C HIS N 395 -87.50 -69.16 30.19
N ILE N 396 -86.68 -68.96 29.16
CA ILE N 396 -86.05 -67.68 28.88
C ILE N 396 -86.71 -67.10 27.63
N VAL N 397 -87.28 -65.90 27.77
CA VAL N 397 -87.93 -65.21 26.66
C VAL N 397 -86.85 -64.37 25.98
N VAL N 398 -86.22 -64.94 24.95
CA VAL N 398 -85.15 -64.29 24.21
C VAL N 398 -85.53 -64.27 22.74
N ASN N 399 -85.41 -63.09 22.13
CA ASN N 399 -85.73 -62.93 20.71
C ASN N 399 -84.55 -63.38 19.84
N LYS N 400 -84.71 -63.21 18.53
CA LYS N 400 -83.67 -63.61 17.59
C LYS N 400 -82.43 -62.73 17.73
N ALA N 401 -82.60 -61.44 18.04
CA ALA N 401 -81.49 -60.52 18.15
C ALA N 401 -81.02 -60.30 19.57
N GLU N 402 -81.89 -60.53 20.57
CA GLU N 402 -81.50 -60.34 21.96
C GLU N 402 -80.37 -61.29 22.37
N LEU N 403 -80.46 -62.55 21.96
CA LEU N 403 -79.45 -63.55 22.24
C LEU N 403 -78.82 -64.01 20.93
N ALA N 404 -77.75 -64.81 21.06
CA ALA N 404 -77.06 -65.33 19.89
C ALA N 404 -77.96 -66.24 19.07
N ASN N 405 -78.72 -67.11 19.74
CA ASN N 405 -79.62 -68.03 19.08
C ASN N 405 -80.89 -68.19 19.89
N SER N 406 -82.03 -68.22 19.21
CA SER N 406 -83.32 -68.39 19.88
C SER N 406 -83.65 -69.85 20.16
N THR N 407 -82.85 -70.78 19.66
CA THR N 407 -83.07 -72.21 19.85
C THR N 407 -81.89 -72.92 20.48
N GLU N 408 -80.67 -72.63 20.04
CA GLU N 408 -79.48 -73.36 20.49
C GLU N 408 -78.86 -72.74 21.75
N VAL N 409 -78.46 -71.47 21.65
CA VAL N 409 -77.72 -70.82 22.73
C VAL N 409 -78.58 -70.67 23.98
N LEU N 410 -79.84 -70.23 23.81
CA LEU N 410 -80.73 -70.03 24.96
C LEU N 410 -81.02 -71.35 25.66
N GLU N 411 -81.31 -72.40 24.89
CA GLU N 411 -81.57 -73.71 25.48
C GLU N 411 -80.34 -74.26 26.18
N SER N 412 -79.16 -74.10 25.57
CA SER N 412 -77.92 -74.55 26.19
C SER N 412 -77.63 -73.81 27.49
N PHE N 413 -77.91 -72.51 27.53
CA PHE N 413 -77.69 -71.74 28.76
C PHE N 413 -78.70 -72.12 29.83
N LYS N 414 -79.96 -72.33 29.46
CA LYS N 414 -80.98 -72.66 30.45
C LYS N 414 -80.88 -74.08 30.96
N LEU N 415 -80.49 -75.03 30.11
CA LEU N 415 -80.45 -76.44 30.47
C LEU N 415 -79.23 -76.82 31.30
N ALA N 416 -78.31 -75.89 31.56
CA ALA N 416 -77.13 -76.20 32.36
C ALA N 416 -77.52 -76.66 33.77
N ARG N 417 -78.47 -75.95 34.40
CA ARG N 417 -78.96 -76.35 35.71
C ARG N 417 -79.64 -77.71 35.66
N GLU N 418 -80.48 -77.94 34.64
CA GLU N 418 -81.16 -79.22 34.51
C GLU N 418 -80.19 -80.37 34.27
N SER N 419 -79.20 -80.16 33.39
CA SER N 419 -78.21 -81.20 33.12
C SER N 419 -77.37 -81.50 34.35
N TRP N 420 -76.97 -80.45 35.08
CA TRP N 420 -76.20 -80.64 36.31
C TRP N 420 -77.02 -81.36 37.37
N GLU N 421 -78.31 -81.03 37.49
CA GLU N 421 -79.19 -81.73 38.43
C GLU N 421 -79.34 -83.20 38.05
N LEU N 422 -79.47 -83.48 36.75
CA LEU N 422 -79.56 -84.86 36.28
C LEU N 422 -78.27 -85.61 36.60
N LEU N 423 -77.13 -84.95 36.42
CA LEU N 423 -75.85 -85.55 36.77
C LEU N 423 -75.77 -85.84 38.27
N TYR N 424 -76.22 -84.89 39.09
CA TYR N 424 -76.23 -85.09 40.54
C TYR N 424 -77.18 -86.22 40.95
N SER N 425 -78.22 -86.47 40.16
CA SER N 425 -79.11 -87.59 40.44
C SER N 425 -78.38 -88.92 40.37
N LEU N 426 -77.53 -89.10 39.36
CA LEU N 426 -76.69 -90.28 39.27
C LEU N 426 -75.61 -90.24 40.35
N GLU N 427 -75.41 -91.37 41.03
CA GLU N 427 -74.43 -91.42 42.12
C GLU N 427 -73.00 -91.23 41.62
N PHE N 428 -72.65 -91.87 40.50
CA PHE N 428 -71.28 -91.79 40.00
C PHE N 428 -70.91 -90.38 39.54
N LEU N 429 -71.81 -89.74 38.79
CA LEU N 429 -71.55 -88.38 38.31
C LEU N 429 -71.48 -87.39 39.47
N ASP N 430 -72.38 -87.53 40.45
CA ASP N 430 -72.35 -86.66 41.62
C ASP N 430 -71.07 -86.83 42.42
N LYS N 431 -70.63 -88.08 42.60
CA LYS N 431 -69.38 -88.35 43.31
C LYS N 431 -68.19 -87.77 42.56
N GLU N 432 -68.18 -87.91 41.23
CA GLU N 432 -67.11 -87.34 40.42
C GLU N 432 -67.08 -85.82 40.52
N PHE N 433 -68.25 -85.18 40.47
CA PHE N 433 -68.32 -83.73 40.59
C PHE N 433 -67.84 -83.26 41.96
N THR N 434 -68.24 -83.96 43.02
CA THR N 434 -67.81 -83.62 44.37
C THR N 434 -66.30 -83.77 44.52
N ARG N 435 -65.75 -84.86 43.98
CA ARG N 435 -64.30 -85.09 44.03
C ARG N 435 -63.55 -84.01 43.26
N ILE N 436 -64.07 -83.63 42.09
CA ILE N 436 -63.45 -82.58 41.28
C ILE N 436 -63.47 -81.25 42.04
N CYS N 437 -64.61 -80.92 42.66
CA CYS N 437 -64.72 -79.67 43.41
C CYS N 437 -63.76 -79.66 44.60
N LEU N 438 -63.63 -80.79 45.29
CA LEU N 438 -62.75 -80.85 46.46
C LEU N 438 -61.29 -80.77 46.05
N ALA N 439 -60.90 -81.51 45.02
CA ALA N 439 -59.49 -81.62 44.63
C ALA N 439 -59.02 -80.38 43.87
N TRP N 440 -59.89 -79.78 43.08
CA TRP N 440 -59.52 -78.68 42.20
C TRP N 440 -59.46 -77.33 42.89
N LYS N 441 -59.83 -77.24 44.18
CA LYS N 441 -59.90 -75.99 44.92
C LYS N 441 -60.85 -75.01 44.23
N THR N 442 -62.13 -75.38 44.29
CA THR N 442 -63.19 -74.75 43.48
C THR N 442 -63.27 -73.23 43.67
N ASP N 443 -62.93 -72.73 44.86
CA ASP N 443 -62.81 -71.28 45.03
C ASP N 443 -61.71 -70.70 44.15
N THR N 444 -60.55 -71.37 44.11
CA THR N 444 -59.44 -70.91 43.27
C THR N 444 -59.62 -71.27 41.80
N TRP N 445 -60.21 -72.42 41.49
CA TRP N 445 -60.37 -72.85 40.10
C TRP N 445 -61.35 -71.96 39.37
N LEU N 446 -60.99 -71.57 38.14
CA LEU N 446 -61.80 -70.63 37.37
C LEU N 446 -63.15 -71.21 36.96
N TRP N 447 -63.16 -72.41 36.38
CA TRP N 447 -64.40 -73.02 35.91
C TRP N 447 -65.33 -73.33 37.06
N LEU N 448 -64.80 -73.93 38.13
CA LEU N 448 -65.63 -74.27 39.28
C LEU N 448 -66.15 -73.02 39.99
N ARG N 449 -65.33 -71.96 40.08
CA ARG N 449 -65.81 -70.71 40.66
C ARG N 449 -66.92 -70.10 39.82
N ILE N 450 -66.77 -70.13 38.49
CA ILE N 450 -67.81 -69.60 37.61
C ILE N 450 -69.11 -70.41 37.76
N PHE N 451 -68.99 -71.74 37.84
CA PHE N 451 -70.17 -72.58 38.04
C PHE N 451 -70.83 -72.30 39.38
N LEU N 452 -70.03 -72.13 40.44
CA LEU N 452 -70.55 -71.80 41.76
C LEU N 452 -71.23 -70.45 41.77
N THR N 453 -70.64 -69.46 41.09
CA THR N 453 -71.24 -68.13 41.01
C THR N 453 -72.57 -68.18 40.26
N ASP N 454 -72.64 -68.93 39.15
CA ASP N 454 -73.89 -69.06 38.42
C ASP N 454 -74.95 -69.76 39.26
N MET N 455 -74.56 -70.81 39.98
CA MET N 455 -75.49 -71.51 40.85
C MET N 455 -76.00 -70.61 41.97
N ILE N 456 -75.10 -69.83 42.58
CA ILE N 456 -75.52 -68.93 43.66
C ILE N 456 -76.41 -67.83 43.11
N ILE N 457 -76.11 -67.37 41.89
CA ILE N 457 -76.90 -66.31 41.24
C ILE N 457 -78.34 -66.78 41.03
N TYR N 458 -78.50 -68.01 40.54
CA TYR N 458 -79.86 -68.52 40.34
C TYR N 458 -80.50 -68.93 41.66
N GLN N 459 -79.70 -69.39 42.62
CA GLN N 459 -80.23 -69.87 43.90
C GLN N 459 -80.71 -68.73 44.78
N GLY N 460 -80.13 -67.55 44.63
CA GLY N 460 -80.46 -66.41 45.47
C GLY N 460 -79.63 -66.32 46.73
N GLN N 461 -78.66 -67.19 46.93
CA GLN N 461 -77.78 -67.17 48.10
C GLN N 461 -76.69 -66.13 47.86
N TYR N 462 -76.94 -64.92 48.36
CA TYR N 462 -76.01 -63.81 48.16
C TYR N 462 -74.69 -63.99 48.91
N LYS N 463 -74.67 -64.80 49.98
CA LYS N 463 -73.43 -64.98 50.74
C LYS N 463 -72.34 -65.66 49.93
N LYS N 464 -72.70 -66.70 49.18
CA LYS N 464 -71.71 -67.40 48.36
C LYS N 464 -71.15 -66.48 47.27
N ALA N 465 -72.03 -65.72 46.62
CA ALA N 465 -71.60 -64.78 45.60
C ALA N 465 -70.73 -63.67 46.19
N ILE N 466 -71.06 -63.20 47.39
CA ILE N 466 -70.24 -62.19 48.06
C ILE N 466 -68.86 -62.74 48.38
N ALA N 467 -68.79 -63.98 48.86
CA ALA N 467 -67.51 -64.62 49.14
C ALA N 467 -66.69 -64.77 47.87
N SER N 468 -67.35 -65.16 46.77
CA SER N 468 -66.67 -65.25 45.48
C SER N 468 -66.16 -63.89 45.03
N LEU N 469 -66.95 -62.83 45.25
CA LEU N 469 -66.53 -61.49 44.86
C LEU N 469 -65.31 -61.05 45.67
N HIS N 470 -65.30 -61.36 46.97
CA HIS N 470 -64.15 -61.03 47.80
C HIS N 470 -62.90 -61.78 47.35
N HIS N 471 -63.06 -63.07 47.01
CA HIS N 471 -61.91 -63.87 46.56
C HIS N 471 -61.46 -63.51 45.15
N LEU N 472 -62.35 -62.96 44.32
CA LEU N 472 -62.01 -62.59 42.95
C LEU N 472 -61.19 -61.32 42.86
N ALA N 473 -61.01 -60.61 43.97
CA ALA N 473 -60.21 -59.40 44.00
C ALA N 473 -58.76 -59.77 44.28
N ALA N 474 -58.53 -60.43 45.41
CA ALA N 474 -57.17 -60.83 45.79
C ALA N 474 -56.60 -61.89 44.84
N LEU N 475 -57.43 -62.85 44.40
CA LEU N 475 -56.95 -63.89 43.49
C LEU N 475 -56.47 -63.31 42.16
N GLN N 476 -57.23 -62.36 41.61
CA GLN N 476 -56.86 -61.72 40.35
C GLN N 476 -55.72 -60.72 40.51
N GLY N 477 -55.69 -60.00 41.65
CA GLY N 477 -54.67 -58.99 41.85
C GLY N 477 -53.30 -59.52 42.24
N SER N 478 -53.25 -60.66 42.93
CA SER N 478 -51.97 -61.21 43.36
C SER N 478 -51.40 -62.24 42.39
N ILE N 479 -52.10 -62.55 41.31
CA ILE N 479 -51.63 -63.53 40.34
C ILE N 479 -50.84 -62.83 39.25
N SER N 480 -49.73 -63.45 38.84
CA SER N 480 -48.91 -62.92 37.76
C SER N 480 -49.57 -63.02 36.39
N GLN N 481 -50.67 -63.78 36.27
CA GLN N 481 -51.36 -63.91 35.02
C GLN N 481 -52.10 -62.62 34.67
N PRO N 482 -52.40 -62.40 33.39
CA PRO N 482 -53.08 -61.17 32.97
C PRO N 482 -54.57 -61.24 33.27
N GLN N 483 -55.04 -60.30 34.08
CA GLN N 483 -56.44 -60.19 34.47
C GLN N 483 -56.67 -58.79 35.02
N ILE N 484 -57.83 -58.57 35.62
CA ILE N 484 -58.18 -57.29 36.23
C ILE N 484 -57.63 -57.28 37.65
N THR N 485 -56.71 -56.36 37.93
CA THR N 485 -56.00 -56.32 39.19
C THR N 485 -56.49 -55.16 40.06
N GLY N 486 -56.43 -55.37 41.37
CA GLY N 486 -56.84 -54.37 42.33
C GLY N 486 -58.31 -54.43 42.67
N GLN N 487 -58.74 -53.46 43.48
CA GLN N 487 -60.14 -53.37 43.89
C GLN N 487 -61.05 -53.11 42.70
N GLY N 488 -60.58 -52.37 41.71
CA GLY N 488 -61.36 -52.06 40.53
C GLY N 488 -61.29 -53.16 39.49
N THR N 489 -61.68 -54.38 39.87
CA THR N 489 -61.65 -55.52 38.96
C THR N 489 -63.03 -55.74 38.37
N LEU N 490 -63.06 -56.03 37.07
CA LEU N 490 -64.32 -56.28 36.38
C LEU N 490 -65.02 -57.53 36.90
N GLU N 491 -64.26 -58.61 37.12
CA GLU N 491 -64.84 -59.84 37.64
C GLU N 491 -65.40 -59.64 39.05
N HIS N 492 -64.66 -58.91 39.90
CA HIS N 492 -65.15 -58.64 41.25
C HIS N 492 -66.43 -57.80 41.24
N GLN N 493 -66.47 -56.77 40.38
CA GLN N 493 -67.67 -55.95 40.27
C GLN N 493 -68.85 -56.74 39.74
N ARG N 494 -68.62 -57.59 38.74
CA ARG N 494 -69.68 -58.44 38.20
C ARG N 494 -70.19 -59.42 39.25
N ALA N 495 -69.30 -60.00 40.04
CA ALA N 495 -69.70 -60.89 41.12
C ALA N 495 -70.49 -60.15 42.19
N LEU N 496 -70.08 -58.92 42.49
CA LEU N 496 -70.83 -58.09 43.44
C LEU N 496 -72.22 -57.79 42.93
N ILE N 497 -72.35 -57.50 41.64
CA ILE N 497 -73.67 -57.26 41.05
C ILE N 497 -74.53 -58.51 41.13
N GLN N 498 -73.92 -59.67 40.87
CA GLN N 498 -74.63 -60.95 40.99
C GLN N 498 -75.09 -61.19 42.42
N LEU N 499 -74.23 -60.84 43.39
CA LEU N 499 -74.59 -60.96 44.81
C LEU N 499 -75.75 -60.04 45.17
N ALA N 500 -75.74 -58.82 44.62
CA ALA N 500 -76.85 -57.89 44.84
C ALA N 500 -78.15 -58.46 44.26
N THR N 501 -78.07 -59.05 43.07
CA THR N 501 -79.25 -59.65 42.46
C THR N 501 -79.76 -60.82 43.29
N CYS N 502 -78.85 -61.65 43.80
CA CYS N 502 -79.23 -62.78 44.65
C CYS N 502 -79.88 -62.31 45.95
N HIS N 503 -79.33 -61.26 46.55
CA HIS N 503 -79.91 -60.69 47.76
C HIS N 503 -81.30 -60.13 47.50
N PHE N 504 -81.48 -59.44 46.35
CA PHE N 504 -82.79 -58.94 45.98
C PHE N 504 -83.79 -60.07 45.77
N ALA N 505 -83.35 -61.16 45.13
CA ALA N 505 -84.20 -62.32 44.96
C ALA N 505 -84.55 -62.95 46.30
N LEU N 506 -83.61 -62.95 47.25
CA LEU N 506 -83.84 -63.51 48.57
C LEU N 506 -84.74 -62.63 49.44
N GLY N 507 -85.05 -61.41 49.00
CA GLY N 507 -85.89 -60.50 49.73
C GLY N 507 -85.16 -59.52 50.62
N GLU N 508 -83.85 -59.68 50.81
CA GLU N 508 -83.06 -58.75 51.60
C GLU N 508 -82.76 -57.52 50.75
N TYR N 509 -83.72 -56.58 50.73
CA TYR N 509 -83.57 -55.38 49.91
C TYR N 509 -82.44 -54.49 50.41
N ARG N 510 -82.28 -54.38 51.75
CA ARG N 510 -81.21 -53.56 52.31
C ARG N 510 -79.83 -54.12 51.94
N MET N 511 -79.67 -55.44 52.06
CA MET N 511 -78.40 -56.07 51.70
C MET N 511 -78.11 -55.91 50.21
N THR N 512 -79.15 -56.07 49.37
CA THR N 512 -78.99 -55.89 47.94
C THR N 512 -78.59 -54.46 47.60
N CYS N 513 -79.22 -53.48 48.26
CA CYS N 513 -78.86 -52.08 48.03
C CYS N 513 -77.43 -51.79 48.47
N GLU N 514 -77.01 -52.35 49.62
CA GLU N 514 -75.63 -52.17 50.07
C GLU N 514 -74.64 -52.79 49.09
N LYS N 515 -74.95 -53.98 48.59
CA LYS N 515 -74.08 -54.64 47.60
C LYS N 515 -74.02 -53.84 46.31
N VAL N 516 -75.16 -53.29 45.88
CA VAL N 516 -75.21 -52.47 44.67
C VAL N 516 -74.37 -51.21 44.85
N LEU N 517 -74.47 -50.56 46.01
CA LEU N 517 -73.68 -49.37 46.27
C LEU N 517 -72.19 -49.69 46.29
N ASP N 518 -71.82 -50.82 46.90
CA ASP N 518 -70.42 -51.24 46.91
C ASP N 518 -69.91 -51.52 45.50
N LEU N 519 -70.72 -52.18 44.67
CA LEU N 519 -70.33 -52.47 43.30
C LEU N 519 -70.19 -51.20 42.48
N MET N 520 -71.07 -50.21 42.71
CA MET N 520 -71.03 -48.97 41.94
C MET N 520 -69.73 -48.21 42.15
N CYS N 521 -69.25 -48.15 43.40
CA CYS N 521 -68.00 -47.45 43.69
C CYS N 521 -66.81 -48.41 43.59
N ASP N 549 -83.68 -67.07 33.55
CA ASP N 549 -82.66 -67.94 32.97
C ASP N 549 -81.64 -67.15 32.18
N LEU N 550 -82.09 -66.07 31.54
CA LEU N 550 -81.22 -65.21 30.75
C LEU N 550 -81.54 -63.75 31.05
N LYS N 551 -80.54 -62.90 30.87
CA LYS N 551 -80.70 -61.46 31.10
C LYS N 551 -79.75 -60.71 30.19
N LEU N 552 -80.07 -59.43 29.98
CA LEU N 552 -79.29 -58.56 29.10
C LEU N 552 -78.35 -57.72 29.97
N LEU N 553 -77.04 -57.94 29.80
CA LEU N 553 -76.04 -57.17 30.54
C LEU N 553 -74.69 -57.24 29.84
N PRO N 554 -74.02 -56.11 29.68
CA PRO N 554 -72.69 -56.12 29.03
C PRO N 554 -71.62 -56.68 29.95
N CYS N 555 -70.52 -57.11 29.33
CA CYS N 555 -69.38 -57.66 30.05
C CYS N 555 -68.46 -56.61 30.65
N THR N 556 -68.64 -55.34 30.32
CA THR N 556 -67.76 -54.32 30.88
C THR N 556 -68.13 -54.02 32.33
N SER N 557 -67.18 -53.46 33.07
CA SER N 557 -67.43 -53.05 34.45
C SER N 557 -68.27 -51.79 34.53
N LYS N 558 -68.19 -50.92 33.52
CA LYS N 558 -68.98 -49.68 33.52
C LYS N 558 -70.47 -49.96 33.47
N ALA N 559 -70.88 -50.95 32.67
CA ALA N 559 -72.29 -51.30 32.54
C ALA N 559 -72.83 -52.03 33.77
N ILE N 560 -71.95 -52.53 34.63
CA ILE N 560 -72.40 -53.24 35.83
C ILE N 560 -73.08 -52.27 36.80
N MET N 561 -72.51 -51.07 36.95
CA MET N 561 -73.08 -50.08 37.86
C MET N 561 -74.49 -49.67 37.47
N PRO N 562 -74.79 -49.39 36.20
CA PRO N 562 -76.16 -48.96 35.85
C PRO N 562 -77.19 -50.09 35.84
N TYR N 563 -76.77 -51.34 36.00
CA TYR N 563 -77.67 -52.48 36.03
C TYR N 563 -77.99 -52.96 37.43
N CYS N 564 -77.31 -52.40 38.44
CA CYS N 564 -77.51 -52.81 39.83
C CYS N 564 -78.92 -52.48 40.32
N LEU N 565 -79.44 -51.32 39.94
CA LEU N 565 -80.76 -50.88 40.40
C LEU N 565 -81.91 -51.65 39.76
N HIS N 566 -81.65 -52.46 38.73
CA HIS N 566 -82.72 -53.20 38.07
C HIS N 566 -83.39 -54.21 39.01
N LEU N 567 -82.59 -54.93 39.79
CA LEU N 567 -83.14 -55.91 40.74
C LEU N 567 -83.98 -55.21 41.80
N MET N 568 -83.49 -54.09 42.32
CA MET N 568 -84.23 -53.32 43.32
C MET N 568 -85.54 -52.80 42.74
N LEU N 569 -85.50 -52.32 41.49
CA LEU N 569 -86.71 -51.85 40.82
C LEU N 569 -87.72 -52.98 40.64
N ALA N 570 -87.24 -54.16 40.25
CA ALA N 570 -88.11 -55.31 40.09
C ALA N 570 -88.76 -55.70 41.41
N CYS N 571 -87.97 -55.72 42.49
CA CYS N 571 -88.50 -56.06 43.80
C CYS N 571 -89.54 -55.05 44.25
N PHE N 572 -89.26 -53.75 44.04
CA PHE N 572 -90.20 -52.71 44.42
C PHE N 572 -91.49 -52.80 43.62
N LYS N 573 -91.38 -53.07 42.31
CA LYS N 573 -92.56 -53.22 41.47
C LYS N 573 -93.38 -54.43 41.89
N LEU N 574 -92.71 -55.54 42.21
CA LEU N 574 -93.41 -56.74 42.67
C LEU N 574 -94.13 -56.48 43.99
N ARG N 575 -93.48 -55.76 44.91
CA ARG N 575 -94.11 -55.44 46.19
C ARG N 575 -95.31 -54.52 46.00
N ALA N 576 -95.17 -53.49 45.16
CA ALA N 576 -96.25 -52.53 44.95
C ALA N 576 -97.44 -53.18 44.24
N PHE N 577 -97.18 -54.02 43.23
CA PHE N 577 -98.26 -54.70 42.52
C PHE N 577 -98.97 -55.73 43.39
N THR N 578 -98.32 -56.21 44.44
CA THR N 578 -98.92 -57.18 45.35
C THR N 578 -99.85 -56.46 46.34
N ASP N 579 -100.32 -57.19 47.35
CA ASP N 579 -101.21 -56.62 48.35
C ASP N 579 -100.50 -55.60 49.24
N ASN N 580 -99.17 -55.63 49.30
CA ASN N 580 -98.43 -54.70 50.14
C ASN N 580 -98.56 -53.27 49.63
N ARG N 581 -98.76 -52.34 50.56
CA ARG N 581 -98.90 -50.92 50.27
C ARG N 581 -97.70 -50.12 50.75
N ASP N 582 -96.51 -50.70 50.67
CA ASP N 582 -95.29 -50.03 51.13
C ASP N 582 -95.00 -48.83 50.24
N ASP N 583 -95.16 -47.62 50.80
CA ASP N 583 -94.91 -46.39 50.06
C ASP N 583 -93.43 -46.24 49.69
N MET N 584 -92.53 -46.79 50.50
CA MET N 584 -91.10 -46.71 50.21
C MET N 584 -90.76 -47.45 48.91
N ALA N 585 -91.38 -48.62 48.71
CA ALA N 585 -91.18 -49.36 47.47
C ALA N 585 -91.72 -48.57 46.28
N LEU N 586 -92.85 -47.89 46.47
CA LEU N 586 -93.40 -47.04 45.42
C LEU N 586 -92.46 -45.89 45.07
N GLY N 587 -91.88 -45.26 46.10
CA GLY N 587 -90.92 -44.18 45.85
C GLY N 587 -89.68 -44.68 45.13
N HIS N 588 -89.17 -45.85 45.52
CA HIS N 588 -88.01 -46.44 44.85
C HIS N 588 -88.32 -46.77 43.39
N VAL N 589 -89.52 -47.32 43.13
CA VAL N 589 -89.92 -47.64 41.77
C VAL N 589 -90.05 -46.38 40.93
N ILE N 590 -90.60 -45.31 41.54
CA ILE N 590 -90.71 -44.02 40.85
C ILE N 590 -89.33 -43.46 40.51
N VAL N 591 -88.38 -43.61 41.44
CA VAL N 591 -87.00 -43.19 41.18
C VAL N 591 -86.38 -44.01 40.06
N LEU N 592 -86.74 -45.29 39.98
CA LEU N 592 -86.23 -46.21 38.97
C LEU N 592 -87.00 -46.17 37.66
N LEU N 593 -88.03 -45.32 37.55
CA LEU N 593 -88.82 -45.22 36.33
C LEU N 593 -87.99 -44.75 35.14
N GLN N 594 -86.93 -43.98 35.38
CA GLN N 594 -86.09 -43.47 34.30
C GLN N 594 -85.01 -44.47 33.87
N GLN N 595 -84.86 -45.59 34.59
CA GLN N 595 -83.83 -46.57 34.23
C GLN N 595 -84.12 -47.21 32.88
N GLU N 596 -85.34 -47.68 32.68
CA GLU N 596 -85.73 -48.31 31.42
C GLU N 596 -87.17 -47.93 31.08
N TRP N 597 -87.42 -47.66 29.81
CA TRP N 597 -88.75 -47.33 29.31
C TRP N 597 -88.97 -48.07 28.00
N PRO N 598 -90.22 -48.48 27.71
CA PRO N 598 -91.49 -48.35 28.44
C PRO N 598 -91.69 -49.45 29.48
N ARG N 599 -90.63 -50.19 29.77
CA ARG N 599 -90.70 -51.25 30.77
C ARG N 599 -90.96 -50.69 32.16
N GLY N 600 -90.44 -49.51 32.47
CA GLY N 600 -90.68 -48.88 33.76
C GLY N 600 -92.04 -48.23 33.92
N GLU N 601 -92.83 -48.17 32.84
CA GLU N 601 -94.19 -47.62 32.95
C GLU N 601 -95.06 -48.47 33.86
N ASN N 602 -94.93 -49.81 33.75
CA ASN N 602 -95.67 -50.70 34.64
C ASN N 602 -95.25 -50.52 36.08
N LEU N 603 -93.95 -50.35 36.32
CA LEU N 603 -93.45 -50.09 37.66
C LEU N 603 -93.99 -48.77 38.22
N PHE N 604 -94.04 -47.74 37.37
CA PHE N 604 -94.59 -46.45 37.79
C PHE N 604 -96.07 -46.56 38.11
N LEU N 605 -96.82 -47.32 37.31
CA LEU N 605 -98.25 -47.53 37.59
C LEU N 605 -98.45 -48.27 38.90
N LYS N 606 -97.63 -49.30 39.14
CA LYS N 606 -97.70 -50.04 40.40
C LYS N 606 -97.36 -49.14 41.58
N ALA N 607 -96.35 -48.28 41.40
CA ALA N 607 -95.98 -47.32 42.44
C ALA N 607 -97.11 -46.35 42.74
N VAL N 608 -97.78 -45.85 41.70
CA VAL N 608 -98.90 -44.94 41.88
C VAL N 608 -100.04 -45.64 42.62
N ASN N 609 -100.32 -46.89 42.25
CA ASN N 609 -101.37 -47.66 42.93
C ASN N 609 -101.02 -47.89 44.40
N LYS N 610 -99.76 -48.22 44.69
CA LYS N 610 -99.33 -48.42 46.07
C LYS N 610 -99.43 -47.14 46.88
N ILE N 611 -99.04 -46.01 46.28
CA ILE N 611 -99.11 -44.73 46.95
C ILE N 611 -100.56 -44.37 47.25
N CYS N 612 -101.45 -44.61 46.29
CA CYS N 612 -102.88 -44.34 46.50
C CYS N 612 -103.45 -45.23 47.60
N GLN N 613 -103.07 -46.51 47.62
CA GLN N 613 -103.58 -47.43 48.62
C GLN N 613 -103.09 -47.09 50.02
N GLN N 614 -101.80 -46.74 50.16
CA GLN N 614 -101.25 -46.41 51.47
C GLN N 614 -101.85 -45.11 52.02
N GLY N 615 -101.92 -44.08 51.18
CA GLY N 615 -102.45 -42.80 51.59
C GLY N 615 -101.47 -41.89 52.28
N ASN N 616 -100.25 -42.35 52.54
CA ASN N 616 -99.23 -41.53 53.17
C ASN N 616 -97.85 -42.01 52.74
N PHE N 617 -96.87 -41.13 52.90
CA PHE N 617 -95.48 -41.45 52.55
C PHE N 617 -94.57 -40.90 53.63
N GLN N 618 -93.42 -41.56 53.80
CA GLN N 618 -92.42 -41.14 54.78
C GLN N 618 -91.03 -41.29 54.16
N TYR N 619 -90.31 -40.17 54.07
CA TYR N 619 -88.97 -40.20 53.50
C TYR N 619 -88.19 -39.01 54.06
N GLU N 620 -86.86 -39.10 53.92
CA GLU N 620 -85.96 -38.06 54.41
C GLU N 620 -85.69 -36.99 53.35
N ASN N 621 -85.42 -37.40 52.11
CA ASN N 621 -85.13 -36.47 51.03
C ASN N 621 -85.53 -37.13 49.72
N PHE N 622 -86.66 -36.69 49.16
CA PHE N 622 -87.17 -37.18 47.89
C PHE N 622 -87.18 -36.09 46.83
N PHE N 623 -87.74 -34.92 47.14
CA PHE N 623 -87.73 -33.80 46.22
C PHE N 623 -86.96 -32.60 46.75
N ASN N 624 -86.56 -32.59 48.03
CA ASN N 624 -85.84 -31.46 48.58
C ASN N 624 -84.40 -31.43 48.09
N TYR N 625 -83.75 -32.57 48.02
CA TYR N 625 -82.35 -32.65 47.61
C TYR N 625 -82.12 -33.61 46.45
N VAL N 626 -82.86 -34.72 46.41
CA VAL N 626 -82.71 -35.68 45.31
C VAL N 626 -83.16 -35.02 44.03
N THR N 627 -82.35 -35.17 42.98
CA THR N 627 -82.59 -34.44 41.74
C THR N 627 -82.90 -35.38 40.57
N ASN N 628 -83.60 -36.47 40.83
CA ASN N 628 -84.04 -37.36 39.76
C ASN N 628 -85.21 -36.71 39.06
N ILE N 629 -85.11 -36.56 37.74
CA ILE N 629 -86.14 -35.90 36.95
C ILE N 629 -87.44 -36.70 36.96
N ASP N 630 -87.33 -38.01 36.71
CA ASP N 630 -88.51 -38.87 36.69
C ASP N 630 -89.17 -38.96 38.07
N MET N 631 -88.35 -39.12 39.12
CA MET N 631 -88.90 -39.20 40.48
C MET N 631 -89.57 -37.90 40.88
N LEU N 632 -88.95 -36.75 40.56
CA LEU N 632 -89.54 -35.46 40.89
C LEU N 632 -90.85 -35.25 40.15
N GLU N 633 -90.88 -35.59 38.85
CA GLU N 633 -92.11 -35.44 38.07
C GLU N 633 -93.20 -36.36 38.60
N GLU N 634 -92.85 -37.60 38.94
CA GLU N 634 -93.83 -38.55 39.49
C GLU N 634 -94.38 -38.07 40.82
N PHE N 635 -93.51 -37.56 41.71
CA PHE N 635 -93.96 -37.04 42.99
C PHE N 635 -94.87 -35.84 42.82
N ALA N 636 -94.51 -34.92 41.91
CA ALA N 636 -95.34 -33.75 41.66
C ALA N 636 -96.71 -34.15 41.10
N TYR N 637 -96.72 -35.12 40.18
CA TYR N 637 -97.98 -35.59 39.61
C TYR N 637 -98.84 -36.28 40.67
N LEU N 638 -98.22 -37.10 41.53
CA LEU N 638 -98.94 -37.85 42.54
C LEU N 638 -99.34 -37.00 43.74
N ARG N 639 -98.77 -35.79 43.86
CA ARG N 639 -99.17 -34.88 44.94
C ARG N 639 -100.66 -34.52 44.85
N THR N 640 -101.20 -34.45 43.64
CA THR N 640 -102.61 -34.12 43.43
C THR N 640 -103.46 -35.37 43.58
N GLN N 641 -104.73 -35.29 43.18
CA GLN N 641 -105.63 -36.42 43.31
C GLN N 641 -105.35 -37.52 42.30
N GLU N 642 -104.47 -37.28 41.32
CA GLU N 642 -104.13 -38.30 40.33
C GLU N 642 -103.46 -39.51 40.99
N GLY N 643 -102.62 -39.26 41.99
CA GLY N 643 -101.93 -40.31 42.72
C GLY N 643 -102.73 -40.90 43.85
N GLY N 644 -104.02 -40.61 43.95
CA GLY N 644 -104.86 -41.12 45.00
C GLY N 644 -105.25 -40.11 46.08
N LYS N 645 -104.92 -38.84 45.90
CA LYS N 645 -105.23 -37.76 46.84
C LYS N 645 -104.58 -38.01 48.20
N ILE N 646 -103.28 -38.30 48.18
CA ILE N 646 -102.53 -38.59 49.38
C ILE N 646 -101.57 -37.44 49.66
N HIS N 647 -101.18 -37.32 50.92
CA HIS N 647 -100.25 -36.28 51.34
C HIS N 647 -98.86 -36.51 50.75
N LEU N 648 -98.22 -35.43 50.33
CA LEU N 648 -96.88 -35.48 49.76
C LEU N 648 -95.86 -35.00 50.79
N GLU N 649 -94.83 -35.80 51.01
CA GLU N 649 -93.79 -35.53 52.00
C GLU N 649 -92.44 -35.52 51.29
N LEU N 650 -92.02 -34.35 50.83
CA LEU N 650 -90.71 -34.22 50.20
C LEU N 650 -89.62 -34.01 51.23
N LEU N 651 -89.79 -33.02 52.10
CA LEU N 651 -88.89 -32.74 53.20
C LEU N 651 -89.38 -33.40 54.47
N PRO N 652 -88.61 -33.36 55.54
CA PRO N 652 -89.05 -33.99 56.80
C PRO N 652 -90.16 -33.17 57.45
N ASN N 653 -91.34 -33.79 57.58
CA ASN N 653 -92.55 -33.18 58.15
C ASN N 653 -92.93 -31.90 57.41
N GLN N 654 -92.78 -31.93 56.09
CA GLN N 654 -93.07 -30.78 55.24
C GLN N 654 -93.72 -31.27 53.96
N GLY N 655 -94.30 -30.33 53.20
CA GLY N 655 -94.94 -30.67 51.95
C GLY N 655 -96.22 -29.93 51.67
N MET N 656 -96.79 -29.31 52.72
CA MET N 656 -98.04 -28.54 52.66
C MET N 656 -99.20 -29.45 52.27
N LEU N 657 -100.28 -28.88 51.75
CA LEU N 657 -101.46 -29.64 51.34
C LEU N 657 -101.64 -29.46 49.84
N ILE N 658 -101.60 -30.57 49.11
CA ILE N 658 -101.82 -30.56 47.67
C ILE N 658 -102.84 -31.62 47.31
N LYS N 659 -103.14 -32.51 48.26
CA LYS N 659 -104.16 -33.53 48.03
C LYS N 659 -105.57 -32.95 48.09
N HIS N 660 -105.75 -31.90 48.89
CA HIS N 660 -107.06 -31.26 49.03
C HIS N 660 -107.29 -30.32 47.85
N HIS N 661 -108.30 -29.46 47.96
CA HIS N 661 -108.64 -28.53 46.90
C HIS N 661 -107.50 -27.54 46.66
N THR N 662 -107.36 -27.13 45.39
CA THR N 662 -106.27 -26.24 45.01
C THR N 662 -106.40 -24.86 45.65
N VAL N 663 -107.63 -24.41 45.91
CA VAL N 663 -107.86 -23.10 46.48
C VAL N 663 -107.57 -23.17 47.98
N THR N 664 -106.35 -22.81 48.37
CA THR N 664 -105.96 -22.81 49.78
C THR N 664 -104.79 -21.86 49.96
N ARG N 665 -104.73 -21.26 51.15
CA ARG N 665 -103.68 -20.28 51.44
C ARG N 665 -102.49 -20.93 52.13
N GLY N 666 -102.72 -21.57 53.28
CA GLY N 666 -101.65 -22.17 54.06
C GLY N 666 -100.64 -21.15 54.55
N ILE N 667 -99.42 -21.23 54.01
CA ILE N 667 -98.38 -20.24 54.28
C ILE N 667 -98.31 -19.30 53.09
N THR N 668 -98.37 -18.00 53.36
CA THR N 668 -98.44 -16.99 52.30
C THR N 668 -97.19 -17.01 51.42
N LYS N 669 -96.00 -16.94 52.03
CA LYS N 669 -94.78 -16.92 51.26
C LYS N 669 -93.65 -17.74 51.88
N GLY N 670 -93.90 -18.49 52.94
CA GLY N 670 -92.87 -19.31 53.56
C GLY N 670 -92.71 -20.67 52.94
N VAL N 671 -93.81 -21.44 52.92
CA VAL N 671 -93.81 -22.76 52.28
C VAL N 671 -93.58 -22.64 50.78
N LYS N 672 -94.16 -21.61 50.16
CA LYS N 672 -93.93 -21.40 48.73
C LYS N 672 -92.46 -21.11 48.43
N GLU N 673 -91.82 -20.28 49.25
CA GLU N 673 -90.40 -19.99 49.05
C GLU N 673 -89.55 -21.24 49.27
N ASP N 674 -89.87 -22.03 50.30
CA ASP N 674 -89.13 -23.27 50.55
C ASP N 674 -89.27 -24.25 49.40
N PHE N 675 -90.49 -24.40 48.87
CA PHE N 675 -90.72 -25.28 47.73
C PHE N 675 -89.98 -24.80 46.49
N ARG N 676 -89.99 -23.47 46.27
CA ARG N 676 -89.26 -22.91 45.12
C ARG N 676 -87.77 -23.14 45.25
N LEU N 677 -87.22 -22.96 46.46
CA LEU N 677 -85.80 -23.21 46.69
C LEU N 677 -85.45 -24.68 46.46
N ALA N 678 -86.30 -25.59 46.95
CA ALA N 678 -86.07 -27.02 46.74
C ALA N 678 -86.11 -27.37 45.26
N MET N 679 -87.08 -26.80 44.52
CA MET N 679 -87.19 -27.06 43.09
C MET N 679 -85.98 -26.52 42.33
N GLU N 680 -85.52 -25.32 42.71
CA GLU N 680 -84.33 -24.74 42.08
C GLU N 680 -83.09 -25.58 42.36
N ARG N 681 -82.94 -26.07 43.59
CA ARG N 681 -81.82 -26.93 43.93
C ARG N 681 -81.86 -28.23 43.14
N GLN N 682 -83.05 -28.82 43.01
CA GLN N 682 -83.19 -30.05 42.23
C GLN N 682 -82.88 -29.81 40.75
N VAL N 683 -83.35 -28.68 40.20
CA VAL N 683 -83.11 -28.36 38.79
C VAL N 683 -81.63 -28.14 38.54
N SER N 684 -80.94 -27.45 39.46
CA SER N 684 -79.51 -27.22 39.30
C SER N 684 -78.72 -28.53 39.30
N ARG N 685 -79.12 -29.48 40.16
CA ARG N 685 -78.49 -30.79 40.26
C ARG N 685 -79.11 -31.83 39.32
N CYS N 686 -80.03 -31.42 38.44
CA CYS N 686 -80.68 -32.35 37.53
C CYS N 686 -79.69 -33.02 36.59
N GLY N 687 -78.67 -32.28 36.14
CA GLY N 687 -77.65 -32.87 35.28
C GLY N 687 -76.86 -33.99 35.95
N GLU N 688 -76.70 -33.90 37.27
CA GLU N 688 -75.94 -34.90 38.01
C GLU N 688 -76.61 -36.26 37.96
N ASN N 689 -75.80 -37.31 37.99
CA ASN N 689 -76.30 -38.68 37.92
C ASN N 689 -77.10 -39.04 39.17
N LEU N 690 -78.09 -39.91 38.98
CA LEU N 690 -78.96 -40.35 40.07
C LEU N 690 -78.30 -41.35 41.02
N MET N 691 -77.13 -41.90 40.66
CA MET N 691 -76.47 -42.88 41.52
C MET N 691 -76.07 -42.29 42.87
N VAL N 692 -75.52 -41.06 42.86
CA VAL N 692 -75.11 -40.41 44.10
C VAL N 692 -76.32 -40.13 44.98
N VAL N 693 -77.39 -39.64 44.37
CA VAL N 693 -78.62 -39.34 45.11
C VAL N 693 -79.21 -40.61 45.70
N LEU N 694 -79.21 -41.69 44.92
CA LEU N 694 -79.73 -42.97 45.40
C LEU N 694 -78.90 -43.49 46.57
N HIS N 695 -77.56 -43.38 46.49
CA HIS N 695 -76.70 -43.81 47.59
C HIS N 695 -76.95 -42.97 48.84
N ARG N 696 -77.09 -41.65 48.66
CA ARG N 696 -77.36 -40.78 49.79
C ARG N 696 -78.70 -41.10 50.44
N PHE N 697 -79.72 -41.39 49.63
CA PHE N 697 -81.00 -41.74 50.22
C PHE N 697 -80.92 -43.11 50.88
N CYS N 698 -80.13 -44.02 50.30
CA CYS N 698 -79.96 -45.37 50.86
C CYS N 698 -79.28 -45.33 52.22
N ILE N 699 -78.50 -44.29 52.50
CA ILE N 699 -77.84 -44.15 53.80
C ILE N 699 -78.63 -43.26 54.76
N ASN N 700 -78.99 -42.06 54.32
CA ASN N 700 -79.74 -41.13 55.18
C ASN N 700 -81.15 -41.60 55.48
N GLU N 701 -81.81 -42.20 54.49
CA GLU N 701 -83.21 -42.65 54.62
C GLU N 701 -83.32 -44.17 54.60
N LYS N 702 -82.38 -44.85 55.28
CA LYS N 702 -82.37 -46.31 55.33
C LYS N 702 -83.58 -46.88 56.06
N ILE N 703 -84.27 -46.07 56.88
CA ILE N 703 -85.44 -46.54 57.61
C ILE N 703 -86.55 -46.96 56.65
N LEU N 704 -86.79 -46.13 55.63
CA LEU N 704 -87.82 -46.45 54.64
C LEU N 704 -87.48 -47.72 53.87
N LEU N 705 -86.21 -47.87 53.49
CA LEU N 705 -85.77 -49.07 52.78
C LEU N 705 -85.94 -50.31 53.65
N LEU N 706 -85.60 -50.21 54.94
CA LEU N 706 -85.76 -51.33 55.86
C LEU N 706 -87.24 -51.68 56.02
N GLN N 707 -88.10 -50.66 56.12
CA GLN N 707 -89.54 -50.90 56.23
C GLN N 707 -90.07 -51.59 54.99
N THR N 708 -89.62 -51.15 53.80
CA THR N 708 -90.04 -51.76 52.55
C THR N 708 -89.55 -53.20 52.45
N LEU N 709 -88.34 -53.48 52.95
CA LEU N 709 -87.77 -54.82 52.86
C LEU N 709 -88.47 -55.82 53.75
N THR N 710 -89.15 -55.37 54.80
CA THR N 710 -89.86 -56.25 55.71
C THR N 710 -90.96 -55.50 56.45
N PRO O 2 -107.09 -8.34 29.83
CA PRO O 2 -106.65 -8.63 28.46
C PRO O 2 -106.32 -10.11 28.25
N THR O 3 -105.61 -10.40 27.18
CA THR O 3 -105.24 -11.78 26.86
C THR O 3 -104.28 -12.34 27.90
N VAL O 4 -104.51 -13.60 28.27
CA VAL O 4 -103.71 -14.29 29.27
C VAL O 4 -103.20 -15.60 28.69
N VAL O 5 -101.88 -15.83 28.82
CA VAL O 5 -101.29 -17.08 28.37
C VAL O 5 -101.74 -18.20 29.30
N VAL O 6 -102.19 -19.30 28.71
CA VAL O 6 -102.74 -20.41 29.48
C VAL O 6 -101.61 -21.27 30.04
N MET O 7 -101.11 -20.91 31.22
CA MET O 7 -100.07 -21.66 31.90
C MET O 7 -100.67 -22.72 32.82
N ASP O 8 -100.04 -23.89 32.85
CA ASP O 8 -100.50 -24.98 33.70
C ASP O 8 -100.25 -24.66 35.16
N VAL O 9 -101.26 -24.86 35.99
CA VAL O 9 -101.15 -24.57 37.42
C VAL O 9 -100.78 -25.83 38.22
N SER O 10 -100.32 -26.87 37.52
CA SER O 10 -99.93 -28.11 38.17
C SER O 10 -98.55 -27.97 38.80
N LEU O 11 -98.31 -28.77 39.84
CA LEU O 11 -97.01 -28.74 40.52
C LEU O 11 -95.88 -29.24 39.63
N SER O 12 -96.19 -30.10 38.65
CA SER O 12 -95.18 -30.64 37.76
C SER O 12 -94.67 -29.61 36.75
N MET O 13 -95.36 -28.47 36.60
CA MET O 13 -94.94 -27.45 35.64
C MET O 13 -93.56 -26.88 35.96
N THR O 14 -93.22 -26.75 37.26
CA THR O 14 -91.89 -26.27 37.63
C THR O 14 -90.81 -27.27 37.26
N ARG O 15 -91.12 -28.57 37.27
CA ARG O 15 -90.17 -29.61 36.93
C ARG O 15 -90.32 -29.97 35.45
N PRO O 16 -89.54 -30.91 34.94
CA PRO O 16 -89.65 -31.30 33.52
C PRO O 16 -91.01 -31.92 33.22
N VAL O 17 -91.23 -32.17 31.94
CA VAL O 17 -92.51 -32.66 31.45
C VAL O 17 -92.35 -34.14 31.11
N SER O 18 -93.50 -34.79 30.85
CA SER O 18 -93.62 -36.20 30.47
C SER O 18 -93.23 -37.15 31.60
N ILE O 19 -93.48 -38.44 31.41
CA ILE O 19 -93.16 -39.43 32.45
C ILE O 19 -91.65 -39.50 32.67
N GLU O 20 -90.87 -39.53 31.59
CA GLU O 20 -89.42 -39.61 31.68
C GLU O 20 -88.69 -38.50 30.94
N GLY O 21 -89.24 -38.01 29.83
CA GLY O 21 -88.62 -36.94 29.08
C GLY O 21 -89.53 -36.37 28.01
N SER O 22 -89.67 -35.04 27.96
CA SER O 22 -90.55 -34.43 26.97
C SER O 22 -89.87 -34.38 25.60
N GLU O 23 -88.76 -33.64 25.51
CA GLU O 23 -87.98 -33.49 24.28
C GLU O 23 -86.65 -32.82 24.58
N GLU O 24 -85.56 -33.43 24.12
CA GLU O 24 -84.18 -32.92 24.25
C GLU O 24 -83.89 -32.79 25.75
N TYR O 25 -83.30 -31.68 26.20
CA TYR O 25 -82.94 -31.48 27.60
C TYR O 25 -84.15 -30.99 28.39
N GLN O 26 -83.92 -30.46 29.58
CA GLN O 26 -85.01 -29.97 30.44
C GLN O 26 -85.66 -28.73 29.83
N ARG O 27 -86.64 -28.18 30.57
CA ARG O 27 -87.41 -27.03 30.10
C ARG O 27 -86.55 -25.79 29.91
N LYS O 28 -85.47 -25.65 30.69
CA LYS O 28 -84.60 -24.49 30.56
C LYS O 28 -83.95 -24.40 29.18
N HIS O 29 -83.49 -25.55 28.67
CA HIS O 29 -82.87 -25.58 27.33
C HIS O 29 -83.88 -25.20 26.26
N LEU O 30 -85.11 -25.72 26.36
CA LEU O 30 -86.15 -25.38 25.38
C LEU O 30 -86.49 -23.91 25.44
N ALA O 31 -86.57 -23.34 26.65
CA ALA O 31 -86.84 -21.92 26.80
C ALA O 31 -85.72 -21.08 26.20
N ALA O 32 -84.47 -21.47 26.44
CA ALA O 32 -83.32 -20.76 25.86
C ALA O 32 -83.33 -20.83 24.33
N HIS O 33 -83.64 -22.00 23.78
CA HIS O 33 -83.71 -22.15 22.33
C HIS O 33 -84.82 -21.30 21.75
N GLY O 34 -85.98 -21.27 22.41
CA GLY O 34 -87.07 -20.42 21.97
C GLY O 34 -86.72 -18.95 22.01
N LEU O 35 -86.03 -18.53 23.08
CA LEU O 35 -85.60 -17.13 23.19
C LEU O 35 -84.61 -16.77 22.09
N THR O 36 -83.66 -17.66 21.81
CA THR O 36 -82.64 -17.38 20.80
C THR O 36 -83.23 -17.34 19.38
N MET O 37 -84.09 -18.30 19.05
CA MET O 37 -84.63 -18.36 17.69
C MET O 37 -85.71 -17.31 17.43
N LEU O 38 -86.56 -17.05 18.41
CA LEU O 38 -87.70 -16.14 18.23
C LEU O 38 -87.41 -14.70 18.64
N PHE O 39 -86.17 -14.36 19.00
CA PHE O 39 -85.84 -13.01 19.44
C PHE O 39 -86.09 -11.98 18.34
N GLU O 40 -85.67 -12.28 17.11
CA GLU O 40 -85.91 -11.37 15.99
C GLU O 40 -87.39 -11.19 15.72
N HIS O 41 -88.17 -12.27 15.78
CA HIS O 41 -89.61 -12.15 15.59
C HIS O 41 -90.28 -11.48 16.78
N MET O 42 -89.82 -11.77 18.00
CA MET O 42 -90.42 -11.17 19.20
C MET O 42 -90.21 -9.66 19.24
N ALA O 43 -89.01 -9.20 18.87
CA ALA O 43 -88.71 -7.77 18.93
C ALA O 43 -89.42 -6.96 17.86
N THR O 44 -89.98 -7.60 16.84
CA THR O 44 -90.58 -6.90 15.71
C THR O 44 -92.08 -7.11 15.57
N ASN O 45 -92.63 -8.23 16.07
CA ASN O 45 -94.02 -8.57 15.86
C ASN O 45 -94.85 -8.67 17.14
N TYR O 46 -94.23 -8.89 18.30
CA TYR O 46 -94.95 -9.11 19.54
C TYR O 46 -94.54 -8.10 20.60
N LYS O 47 -94.38 -6.84 20.19
CA LYS O 47 -94.03 -5.78 21.12
C LYS O 47 -95.20 -5.28 21.95
N LEU O 48 -96.44 -5.49 21.48
CA LEU O 48 -97.63 -5.00 22.15
C LEU O 48 -98.46 -6.11 22.77
N GLU O 49 -97.93 -7.33 22.84
CA GLU O 49 -98.65 -8.46 23.45
C GLU O 49 -98.34 -8.48 24.94
N PHE O 50 -99.33 -8.15 25.76
CA PHE O 50 -99.15 -8.05 27.21
C PHE O 50 -99.38 -9.43 27.83
N THR O 51 -98.30 -10.07 28.25
CA THR O 51 -98.34 -11.35 28.95
C THR O 51 -97.49 -11.26 30.20
N ALA O 52 -98.02 -11.74 31.33
CA ALA O 52 -97.33 -11.67 32.61
C ALA O 52 -97.08 -13.08 33.12
N LEU O 53 -95.84 -13.35 33.53
CA LEU O 53 -95.46 -14.65 34.09
C LEU O 53 -95.71 -14.64 35.59
N VAL O 54 -96.99 -14.65 35.95
CA VAL O 54 -97.41 -14.60 37.34
C VAL O 54 -97.76 -16.01 37.79
N VAL O 55 -97.86 -16.18 39.11
CA VAL O 55 -98.16 -17.48 39.70
C VAL O 55 -99.67 -17.66 39.74
N PHE O 56 -100.11 -18.91 39.71
CA PHE O 56 -101.52 -19.23 39.75
C PHE O 56 -101.73 -20.51 40.55
N SER O 57 -102.87 -20.58 41.24
CA SER O 57 -103.21 -21.74 42.06
C SER O 57 -104.00 -22.78 41.28
N SER O 58 -105.03 -22.35 40.57
CA SER O 58 -105.88 -23.26 39.81
C SER O 58 -105.88 -23.00 38.32
N LEU O 59 -105.95 -21.74 37.90
CA LEU O 59 -105.98 -21.40 36.49
C LEU O 59 -105.40 -20.01 36.29
N TRP O 60 -105.07 -19.70 35.04
CA TRP O 60 -104.53 -18.39 34.71
C TRP O 60 -105.56 -17.30 35.00
N GLU O 61 -105.14 -16.29 35.75
CA GLU O 61 -106.01 -15.19 36.15
C GLU O 61 -105.26 -13.88 36.00
N LEU O 62 -106.01 -12.81 35.79
CA LEU O 62 -105.45 -11.47 35.63
C LEU O 62 -105.47 -10.79 36.98
N MET O 63 -104.34 -10.82 37.68
CA MET O 63 -104.17 -10.17 38.97
C MET O 63 -103.08 -9.13 38.96
N VAL O 64 -101.91 -9.46 38.42
CA VAL O 64 -100.78 -8.53 38.34
C VAL O 64 -101.09 -7.47 37.30
N PRO O 65 -100.53 -6.27 37.41
CA PRO O 65 -100.78 -5.25 36.39
C PRO O 65 -100.19 -5.61 35.04
N PHE O 66 -100.82 -5.10 33.99
CA PHE O 66 -100.37 -5.36 32.62
C PHE O 66 -99.00 -4.75 32.38
N THR O 67 -98.19 -5.44 31.58
CA THR O 67 -96.86 -4.97 31.24
C THR O 67 -96.55 -5.31 29.80
N ARG O 68 -95.67 -4.51 29.19
CA ARG O 68 -95.31 -4.67 27.78
C ARG O 68 -94.16 -5.68 27.69
N ASP O 69 -94.53 -6.96 27.74
CA ASP O 69 -93.58 -8.06 27.64
C ASP O 69 -93.40 -8.42 26.17
N TYR O 70 -92.21 -8.14 25.64
CA TYR O 70 -91.90 -8.42 24.24
C TYR O 70 -90.83 -9.49 24.07
N ASN O 71 -89.87 -9.58 24.98
CA ASN O 71 -88.82 -10.58 24.90
C ASN O 71 -88.71 -11.38 26.20
N THR O 72 -89.76 -11.39 27.02
CA THR O 72 -89.78 -12.14 28.27
C THR O 72 -90.71 -13.34 28.19
N LEU O 73 -91.09 -13.76 26.99
CA LEU O 73 -91.95 -14.93 26.82
C LEU O 73 -91.25 -16.21 27.26
N GLN O 74 -89.96 -16.35 26.91
CA GLN O 74 -89.20 -17.52 27.32
C GLN O 74 -88.96 -17.54 28.83
N GLU O 75 -88.85 -16.35 29.45
CA GLU O 75 -88.66 -16.26 30.89
C GLU O 75 -89.83 -16.84 31.67
N ALA O 76 -91.02 -16.90 31.06
CA ALA O 76 -92.18 -17.51 31.71
C ALA O 76 -91.96 -18.99 31.99
N LEU O 77 -91.23 -19.68 31.11
CA LEU O 77 -90.90 -21.09 31.31
C LEU O 77 -89.46 -21.30 31.74
N SER O 78 -88.73 -20.23 32.08
CA SER O 78 -87.32 -20.31 32.47
C SER O 78 -87.19 -19.88 33.93
N ASN O 79 -86.96 -20.86 34.81
CA ASN O 79 -86.80 -20.64 36.26
C ASN O 79 -88.02 -19.95 36.86
N MET O 80 -89.21 -20.35 36.41
CA MET O 80 -90.45 -19.75 36.88
C MET O 80 -90.75 -20.16 38.32
N ASP O 81 -91.54 -19.33 38.98
CA ASP O 81 -91.95 -19.58 40.35
C ASP O 81 -92.95 -20.74 40.40
N ASP O 82 -93.17 -21.26 41.61
CA ASP O 82 -94.10 -22.35 41.83
C ASP O 82 -94.97 -22.04 43.04
N TYR O 83 -96.14 -22.69 43.07
CA TYR O 83 -97.10 -22.50 44.14
C TYR O 83 -97.53 -23.86 44.68
N ASP O 84 -97.99 -23.84 45.94
CA ASP O 84 -98.42 -25.07 46.61
C ASP O 84 -99.87 -25.40 46.22
N LYS O 85 -100.05 -25.74 44.95
CA LYS O 85 -101.36 -26.10 44.42
C LYS O 85 -101.16 -27.02 43.23
N THR O 86 -102.16 -27.89 43.00
CA THR O 86 -102.09 -28.83 41.88
C THR O 86 -103.52 -29.10 41.40
N CYS O 87 -103.95 -28.39 40.36
CA CYS O 87 -105.29 -28.55 39.80
C CYS O 87 -105.17 -28.95 38.35
N LEU O 88 -105.41 -30.24 38.07
CA LEU O 88 -105.33 -30.76 36.71
C LEU O 88 -106.58 -30.46 35.89
N GLU O 89 -107.74 -30.28 36.54
CA GLU O 89 -108.96 -30.03 35.80
C GLU O 89 -109.13 -28.57 35.42
N SER O 90 -108.35 -27.66 36.01
CA SER O 90 -108.43 -26.24 35.74
C SER O 90 -107.19 -25.73 35.01
N ALA O 91 -106.43 -26.63 34.38
CA ALA O 91 -105.21 -26.24 33.69
C ALA O 91 -105.52 -25.71 32.29
N LEU O 92 -106.30 -26.45 31.51
CA LEU O 92 -106.66 -26.04 30.15
C LEU O 92 -108.10 -25.58 30.02
N VAL O 93 -109.06 -26.29 30.63
CA VAL O 93 -110.46 -25.91 30.52
C VAL O 93 -110.72 -24.58 31.22
N GLY O 94 -110.21 -24.43 32.44
CA GLY O 94 -110.41 -23.19 33.19
C GLY O 94 -109.73 -22.01 32.54
N VAL O 95 -108.49 -22.19 32.09
CA VAL O 95 -107.74 -21.11 31.44
C VAL O 95 -108.41 -20.71 30.13
N CYS O 96 -108.87 -21.70 29.35
CA CYS O 96 -109.57 -21.40 28.10
C CYS O 96 -110.86 -20.64 28.37
N ASN O 97 -111.61 -21.04 29.39
CA ASN O 97 -112.84 -20.33 29.75
C ASN O 97 -112.55 -18.91 30.19
N ILE O 98 -111.47 -18.71 30.96
CA ILE O 98 -111.09 -17.38 31.40
C ILE O 98 -110.70 -16.52 30.20
N VAL O 99 -109.96 -17.08 29.26
CA VAL O 99 -109.58 -16.36 28.04
C VAL O 99 -110.82 -16.00 27.23
N GLN O 100 -111.75 -16.93 27.10
CA GLN O 100 -112.97 -16.68 26.32
C GLN O 100 -113.81 -15.59 26.97
N GLN O 101 -113.89 -15.57 28.29
CA GLN O 101 -114.78 -14.63 28.98
C GLN O 101 -114.14 -13.27 29.21
N GLU O 102 -113.04 -13.22 29.96
CA GLU O 102 -112.42 -11.93 30.30
C GLU O 102 -111.51 -11.37 29.22
N TRP O 103 -111.15 -12.16 28.21
CA TRP O 103 -110.30 -11.69 27.12
C TRP O 103 -110.92 -11.85 25.74
N GLY O 104 -112.01 -12.61 25.62
CA GLY O 104 -112.69 -12.77 24.34
C GLY O 104 -111.99 -13.76 23.43
N GLY O 105 -112.69 -14.14 22.37
CA GLY O 105 -112.14 -14.99 21.34
C GLY O 105 -111.27 -14.31 20.32
N ALA O 106 -111.16 -12.98 20.39
CA ALA O 106 -110.34 -12.20 19.44
C ALA O 106 -109.44 -11.28 20.27
N ILE O 107 -108.24 -11.77 20.57
CA ILE O 107 -107.26 -11.00 21.34
C ILE O 107 -105.87 -11.60 21.08
N PRO O 108 -104.82 -10.78 21.01
CA PRO O 108 -103.48 -11.32 20.76
C PRO O 108 -102.93 -12.04 21.99
N CYS O 109 -102.88 -13.36 21.94
CA CYS O 109 -102.40 -14.19 23.04
C CYS O 109 -101.35 -15.16 22.52
N GLN O 110 -100.23 -15.24 23.21
CA GLN O 110 -99.13 -16.14 22.86
C GLN O 110 -99.01 -17.19 23.97
N VAL O 111 -99.70 -18.31 23.78
CA VAL O 111 -99.69 -19.40 24.79
C VAL O 111 -98.50 -20.29 24.44
N VAL O 112 -97.34 -19.89 24.94
CA VAL O 112 -96.09 -20.64 24.75
C VAL O 112 -95.44 -20.77 26.12
N LEU O 113 -95.37 -21.99 26.63
CA LEU O 113 -94.79 -22.26 27.94
C LEU O 113 -94.46 -23.74 28.03
N VAL O 114 -93.67 -24.09 29.04
CA VAL O 114 -93.27 -25.46 29.32
C VAL O 114 -94.21 -26.00 30.38
N THR O 115 -95.08 -26.93 29.99
CA THR O 115 -96.04 -27.53 30.90
C THR O 115 -96.04 -29.04 30.73
N ASP O 116 -96.31 -29.73 31.84
CA ASP O 116 -96.30 -31.19 31.84
C ASP O 116 -97.41 -31.76 30.95
N GLY O 117 -98.64 -31.28 31.15
CA GLY O 117 -99.79 -31.82 30.43
C GLY O 117 -100.00 -33.31 30.64
N CYS O 118 -99.84 -33.79 31.87
CA CYS O 118 -99.85 -35.21 32.15
C CYS O 118 -101.22 -35.64 32.67
N LEU O 119 -101.71 -36.75 32.13
CA LEU O 119 -102.97 -37.35 32.57
C LEU O 119 -102.70 -38.28 33.75
N GLY O 120 -103.73 -39.00 34.19
CA GLY O 120 -103.59 -39.93 35.29
C GLY O 120 -102.85 -41.19 34.90
N ILE O 121 -102.67 -42.05 35.89
CA ILE O 121 -101.96 -43.32 35.70
C ILE O 121 -102.93 -44.47 35.46
N GLY O 122 -104.14 -44.17 34.99
CA GLY O 122 -105.15 -45.19 34.75
C GLY O 122 -106.36 -44.62 34.03
N ARG O 123 -107.56 -45.01 34.47
CA ARG O 123 -108.80 -44.51 33.89
C ARG O 123 -109.13 -43.13 34.47
N GLY O 124 -108.27 -42.17 34.16
CA GLY O 124 -108.42 -40.81 34.64
C GLY O 124 -108.00 -39.78 33.61
N SER O 125 -107.98 -40.18 32.34
CA SER O 125 -107.57 -39.28 31.26
C SER O 125 -108.66 -38.24 31.02
N LEU O 126 -108.33 -36.97 31.23
CA LEU O 126 -109.26 -35.87 31.04
C LEU O 126 -108.98 -35.23 29.68
N ARG O 127 -109.58 -35.83 28.64
CA ARG O 127 -109.42 -35.37 27.28
C ARG O 127 -110.47 -34.36 26.85
N HIS O 128 -111.37 -33.96 27.76
CA HIS O 128 -112.41 -33.01 27.43
C HIS O 128 -111.91 -31.57 27.38
N SER O 129 -110.65 -31.31 27.76
CA SER O 129 -110.13 -29.95 27.76
C SER O 129 -110.08 -29.38 26.35
N LEU O 130 -109.67 -30.18 25.37
CA LEU O 130 -109.57 -29.74 23.99
C LEU O 130 -110.31 -30.62 22.99
N ALA O 131 -110.70 -31.84 23.37
CA ALA O 131 -111.37 -32.77 22.47
C ALA O 131 -112.80 -33.07 22.93
N THR O 132 -113.52 -32.02 23.38
CA THR O 132 -114.88 -32.18 23.85
C THR O 132 -115.87 -32.49 22.73
N GLN O 133 -115.49 -32.29 21.47
CA GLN O 133 -116.40 -32.53 20.36
C GLN O 133 -116.78 -34.01 20.26
N ASN O 134 -115.81 -34.91 20.43
CA ASN O 134 -116.05 -36.34 20.34
C ASN O 134 -115.92 -37.02 21.70
N GLN O 135 -114.78 -36.86 22.37
CA GLN O 135 -114.55 -37.48 23.66
C GLN O 135 -115.25 -36.67 24.74
N ARG O 136 -115.87 -37.39 25.70
CA ARG O 136 -116.59 -36.79 26.83
C ARG O 136 -117.76 -35.93 26.33
N SER O 137 -118.69 -36.60 25.63
CA SER O 137 -119.86 -35.94 25.07
C SER O 137 -120.84 -35.45 26.14
N GLU O 138 -120.70 -35.88 27.39
CA GLU O 138 -121.57 -35.39 28.46
C GLU O 138 -121.44 -33.89 28.65
N SER O 139 -120.26 -33.32 28.39
CA SER O 139 -120.03 -31.88 28.47
C SER O 139 -120.06 -31.20 27.12
N ASN O 140 -120.70 -31.82 26.11
CA ASN O 140 -120.76 -31.24 24.77
C ASN O 140 -121.60 -29.96 24.73
N ARG O 141 -122.60 -29.85 25.61
CA ARG O 141 -123.42 -28.65 25.67
C ARG O 141 -122.81 -27.55 26.52
N PHE O 142 -121.68 -27.79 27.17
CA PHE O 142 -121.01 -26.79 27.98
C PHE O 142 -120.20 -25.87 27.09
N PRO O 143 -119.50 -24.89 27.67
CA PRO O 143 -118.67 -23.98 26.86
C PRO O 143 -117.52 -24.67 26.13
N LEU O 144 -117.11 -25.86 26.57
CA LEU O 144 -116.04 -26.59 25.91
C LEU O 144 -116.46 -27.02 24.50
N PRO O 145 -115.49 -27.24 23.61
CA PRO O 145 -114.02 -27.20 23.64
C PRO O 145 -113.43 -25.84 23.29
N PHE O 146 -114.13 -24.75 23.67
CA PHE O 146 -113.74 -23.37 23.45
C PHE O 146 -113.63 -23.09 21.96
N PRO O 147 -114.73 -23.14 21.21
CA PRO O 147 -114.64 -22.86 19.77
C PRO O 147 -114.46 -21.38 19.45
N PHE O 148 -113.22 -20.90 19.59
CA PHE O 148 -112.89 -19.51 19.32
C PHE O 148 -111.43 -19.44 18.92
N PRO O 149 -111.01 -18.36 18.26
CA PRO O 149 -109.59 -18.22 17.90
C PRO O 149 -108.71 -18.11 19.14
N SER O 150 -107.60 -18.85 19.12
CA SER O 150 -106.70 -18.88 20.26
C SER O 150 -105.33 -19.34 19.79
N LYS O 151 -104.34 -19.22 20.68
CA LYS O 151 -102.99 -19.65 20.40
C LYS O 151 -102.88 -21.18 20.44
N LEU O 152 -102.04 -21.72 19.58
CA LEU O 152 -101.87 -23.16 19.49
C LEU O 152 -101.10 -23.68 20.70
N TYR O 153 -101.63 -24.72 21.34
CA TYR O 153 -100.99 -25.38 22.47
C TYR O 153 -100.83 -26.85 22.11
N ILE O 154 -99.59 -27.26 21.84
CA ILE O 154 -99.28 -28.62 21.44
C ILE O 154 -98.41 -29.27 22.51
N MET O 155 -98.83 -30.44 22.99
CA MET O 155 -98.10 -31.19 24.01
C MET O 155 -97.62 -32.50 23.36
N CYS O 156 -96.44 -32.46 22.77
CA CYS O 156 -95.82 -33.67 22.20
C CYS O 156 -94.81 -34.25 23.18
N MET O 157 -95.30 -34.58 24.38
CA MET O 157 -94.43 -35.08 25.43
C MET O 157 -94.14 -36.56 25.26
N ALA O 158 -95.18 -37.40 25.29
CA ALA O 158 -95.00 -38.84 25.20
C ALA O 158 -94.94 -39.30 23.75
N ASN O 159 -94.12 -40.33 23.51
CA ASN O 159 -94.02 -40.91 22.18
C ASN O 159 -95.15 -41.89 21.95
N LEU O 160 -95.75 -41.83 20.75
CA LEU O 160 -96.86 -42.72 20.42
C LEU O 160 -96.44 -44.18 20.42
N GLU O 161 -95.25 -44.47 19.88
CA GLU O 161 -94.75 -45.85 19.88
C GLU O 161 -94.50 -46.37 21.29
N GLU O 162 -93.93 -45.53 22.16
CA GLU O 162 -93.62 -45.95 23.52
C GLU O 162 -94.90 -46.16 24.33
N LEU O 163 -95.85 -45.23 24.23
CA LEU O 163 -97.09 -45.31 24.99
C LEU O 163 -98.07 -46.34 24.45
N GLN O 164 -97.85 -46.88 23.25
CA GLN O 164 -98.75 -47.87 22.69
C GLN O 164 -98.68 -49.22 23.39
N SER O 165 -97.65 -49.46 24.21
CA SER O 165 -97.51 -50.75 24.89
C SER O 165 -98.67 -51.00 25.85
N THR O 166 -99.10 -49.97 26.58
CA THR O 166 -100.21 -50.07 27.52
C THR O 166 -101.52 -49.59 26.92
N ASP O 167 -101.57 -49.38 25.60
CA ASP O 167 -102.75 -48.90 24.87
C ASP O 167 -103.17 -47.50 25.33
N SER O 168 -102.21 -46.69 25.77
CA SER O 168 -102.45 -45.33 26.20
C SER O 168 -101.92 -44.29 25.22
N LEU O 169 -101.50 -44.73 24.02
CA LEU O 169 -100.93 -43.80 23.04
C LEU O 169 -101.97 -42.82 22.53
N GLU O 170 -103.23 -43.25 22.39
CA GLU O 170 -104.28 -42.40 21.83
C GLU O 170 -104.54 -41.19 22.73
N CYS O 171 -104.56 -41.40 24.04
CA CYS O 171 -104.83 -40.30 24.97
C CYS O 171 -103.75 -39.22 24.89
N LEU O 172 -102.48 -39.63 24.84
CA LEU O 172 -101.38 -38.66 24.80
C LEU O 172 -101.27 -38.00 23.43
N GLU O 173 -101.44 -38.76 22.35
CA GLU O 173 -101.23 -38.21 21.01
C GLU O 173 -102.38 -37.32 20.56
N ARG O 174 -103.63 -37.67 20.91
CA ARG O 174 -104.79 -36.93 20.41
C ARG O 174 -105.09 -35.73 21.32
N LEU O 175 -104.10 -34.86 21.45
CA LEU O 175 -104.22 -33.62 22.21
C LEU O 175 -104.01 -32.40 21.34
N ILE O 176 -102.90 -32.33 20.62
CA ILE O 176 -102.61 -31.17 19.78
C ILE O 176 -103.54 -31.14 18.57
N ASP O 177 -103.75 -32.29 17.92
CA ASP O 177 -104.55 -32.33 16.70
C ASP O 177 -106.02 -31.99 16.96
N LEU O 178 -106.54 -32.38 18.11
CA LEU O 178 -107.95 -32.17 18.44
C LEU O 178 -108.24 -30.77 18.98
N ASN O 179 -107.23 -29.91 19.12
CA ASN O 179 -107.42 -28.58 19.71
C ASN O 179 -107.93 -27.62 18.64
N ASN O 180 -109.22 -27.78 18.32
CA ASN O 180 -110.04 -26.95 17.43
C ASN O 180 -109.71 -27.13 15.95
N GLY O 181 -108.66 -27.89 15.64
CA GLY O 181 -108.25 -28.14 14.27
C GLY O 181 -107.94 -26.90 13.47
N GLU O 182 -107.17 -25.98 14.07
CA GLU O 182 -106.86 -24.69 13.46
C GLU O 182 -105.89 -24.90 12.30
N GLY O 183 -106.43 -24.94 11.08
CA GLY O 183 -105.62 -25.06 9.88
C GLY O 183 -105.09 -26.46 9.63
N GLN O 184 -104.19 -26.93 10.49
CA GLN O 184 -103.57 -28.24 10.31
C GLN O 184 -103.22 -28.81 11.68
N ILE O 185 -103.01 -30.12 11.71
CA ILE O 185 -102.70 -30.82 12.94
C ILE O 185 -101.20 -30.72 13.19
N PHE O 186 -100.80 -29.97 14.21
CA PHE O 186 -99.40 -29.82 14.59
C PHE O 186 -99.11 -30.77 15.73
N THR O 187 -98.94 -32.05 15.37
CA THR O 187 -98.65 -33.10 16.34
C THR O 187 -97.59 -34.02 15.77
N ILE O 188 -96.48 -34.17 16.48
CA ILE O 188 -95.37 -35.01 16.06
C ILE O 188 -95.31 -36.22 16.98
N ASP O 189 -95.38 -37.42 16.41
CA ASP O 189 -95.31 -38.66 17.15
C ASP O 189 -94.03 -39.40 16.80
N GLY O 190 -93.27 -39.78 17.81
CA GLY O 190 -92.02 -40.49 17.61
C GLY O 190 -90.92 -39.96 18.49
N PRO O 191 -89.67 -40.21 18.11
CA PRO O 191 -88.53 -39.74 18.90
C PRO O 191 -88.41 -38.22 18.86
N LEU O 192 -87.73 -37.69 19.87
CA LEU O 192 -87.52 -36.26 20.02
C LEU O 192 -86.06 -35.90 19.75
N CYS O 193 -85.85 -34.72 19.18
CA CYS O 193 -84.52 -34.23 18.86
C CYS O 193 -84.34 -32.84 19.43
N LEU O 194 -83.11 -32.33 19.32
CA LEU O 194 -82.78 -31.00 19.84
C LEU O 194 -83.57 -29.90 19.12
N LYS O 195 -83.70 -30.02 17.80
CA LYS O 195 -84.39 -29.01 17.00
C LYS O 195 -85.89 -28.98 17.23
N ASN O 196 -86.47 -30.00 17.88
CA ASN O 196 -87.91 -30.04 18.10
C ASN O 196 -88.37 -29.01 19.12
N VAL O 197 -87.45 -28.46 19.93
CA VAL O 197 -87.82 -27.48 20.95
C VAL O 197 -88.39 -26.22 20.32
N GLN O 198 -87.74 -25.73 19.26
CA GLN O 198 -88.18 -24.53 18.57
C GLN O 198 -89.10 -24.80 17.40
N SER O 199 -89.48 -26.07 17.18
CA SER O 199 -90.36 -26.43 16.07
C SER O 199 -91.73 -25.76 16.22
N MET O 200 -92.29 -25.76 17.43
CA MET O 200 -93.58 -25.12 17.66
C MET O 200 -93.50 -23.62 17.45
N PHE O 201 -92.43 -22.98 17.95
CA PHE O 201 -92.27 -21.55 17.79
C PHE O 201 -91.78 -21.16 16.41
N GLY O 202 -91.26 -22.09 15.64
CA GLY O 202 -90.73 -21.82 14.31
C GLY O 202 -91.76 -21.74 13.21
N LYS O 203 -93.04 -21.95 13.51
CA LYS O 203 -94.08 -21.94 12.49
C LYS O 203 -94.38 -20.54 11.96
N LEU O 204 -93.89 -19.49 12.60
CA LEU O 204 -94.14 -18.12 12.18
C LEU O 204 -92.85 -17.31 12.13
N ILE O 205 -91.76 -17.97 11.74
CA ILE O 205 -90.47 -17.28 11.64
C ILE O 205 -90.49 -16.33 10.44
N ASP O 206 -90.93 -16.82 9.29
CA ASP O 206 -90.97 -16.02 8.06
C ASP O 206 -92.40 -15.66 7.66
N LEU O 207 -93.35 -15.80 8.57
CA LEU O 207 -94.77 -15.56 8.28
C LEU O 207 -95.24 -14.21 8.79
N ALA O 208 -94.34 -13.23 8.92
CA ALA O 208 -94.70 -11.90 9.38
C ALA O 208 -95.01 -10.96 8.21
N TYR O 209 -94.12 -10.91 7.23
CA TYR O 209 -94.33 -10.07 6.06
C TYR O 209 -93.66 -10.73 4.85
N THR O 210 -94.11 -10.34 3.66
CA THR O 210 -93.58 -10.90 2.42
C THR O 210 -93.79 -9.90 1.31
N PRO O 211 -92.84 -9.75 0.38
CA PRO O 211 -93.04 -8.83 -0.74
C PRO O 211 -94.08 -9.35 -1.72
N PHE O 212 -94.66 -8.41 -2.46
CA PHE O 212 -95.69 -8.71 -3.46
C PHE O 212 -95.66 -7.64 -4.52
N HIS O 213 -96.42 -7.87 -5.59
CA HIS O 213 -96.51 -6.94 -6.71
C HIS O 213 -97.97 -6.83 -7.13
N ALA O 214 -98.58 -5.68 -6.84
CA ALA O 214 -99.97 -5.42 -7.18
C ALA O 214 -100.20 -3.92 -7.20
N VAL O 215 -100.94 -3.46 -8.21
CA VAL O 215 -101.24 -2.05 -8.39
C VAL O 215 -102.73 -1.89 -8.62
N LEU O 216 -103.33 -0.92 -7.92
CA LEU O 216 -104.74 -0.62 -8.04
C LEU O 216 -104.91 0.63 -8.89
N LYS O 217 -105.69 0.52 -9.96
CA LYS O 217 -105.92 1.63 -10.87
C LYS O 217 -107.18 1.35 -11.67
N CYS O 218 -107.69 2.41 -12.32
CA CYS O 218 -108.86 2.33 -13.18
C CYS O 218 -108.45 2.64 -14.60
N GLY O 219 -108.62 1.67 -15.50
CA GLY O 219 -108.22 1.84 -16.89
C GLY O 219 -106.74 2.08 -17.05
N HIS O 220 -106.40 3.14 -17.80
CA HIS O 220 -105.01 3.49 -18.05
C HIS O 220 -104.52 4.60 -17.13
N LEU O 221 -105.18 5.76 -17.15
CA LEU O 221 -104.91 6.91 -16.30
C LEU O 221 -103.53 7.53 -16.58
N THR O 222 -103.25 8.68 -15.96
CA THR O 222 -101.97 9.33 -16.09
C THR O 222 -101.34 9.72 -14.76
N ALA O 223 -102.02 9.45 -13.65
CA ALA O 223 -101.50 9.73 -12.31
C ALA O 223 -101.79 8.55 -11.40
N ASP O 224 -101.58 7.33 -11.90
CA ASP O 224 -101.87 6.12 -11.14
C ASP O 224 -100.97 6.01 -9.91
N VAL O 225 -101.56 5.58 -8.80
CA VAL O 225 -100.84 5.43 -7.54
C VAL O 225 -100.12 4.09 -7.51
N GLN O 226 -98.91 4.09 -6.98
CA GLN O 226 -98.10 2.89 -6.84
C GLN O 226 -98.00 2.52 -5.37
N VAL O 227 -97.96 1.22 -5.09
CA VAL O 227 -97.90 0.71 -3.73
C VAL O 227 -96.61 -0.08 -3.59
N PHE O 228 -95.58 0.56 -2.99
CA PHE O 228 -94.31 -0.13 -2.80
C PHE O 228 -94.41 -1.23 -1.76
N PRO O 229 -94.73 -0.95 -0.50
CA PRO O 229 -94.88 -2.03 0.50
C PRO O 229 -96.04 -2.94 0.17
N ARG O 230 -95.88 -4.22 0.51
CA ARG O 230 -96.90 -5.22 0.24
C ARG O 230 -97.84 -5.37 1.43
N PRO O 231 -99.11 -5.63 1.16
CA PRO O 231 -100.08 -5.87 2.24
C PRO O 231 -100.16 -7.33 2.61
N GLU O 232 -100.97 -7.66 3.61
CA GLU O 232 -101.16 -9.04 4.02
C GLU O 232 -101.90 -9.82 2.93
N PRO O 233 -101.76 -11.15 2.92
CA PRO O 233 -102.45 -11.96 1.91
C PRO O 233 -103.96 -11.80 1.98
N PHE O 234 -104.59 -11.80 0.81
CA PHE O 234 -106.04 -11.63 0.73
C PHE O 234 -106.55 -12.23 -0.57
N VAL O 235 -107.64 -12.98 -0.48
CA VAL O 235 -108.26 -13.60 -1.65
C VAL O 235 -109.75 -13.68 -1.41
N VAL O 236 -110.52 -13.44 -2.47
CA VAL O 236 -111.98 -13.49 -2.40
C VAL O 236 -112.51 -14.85 -2.84
N ASP O 237 -111.90 -15.45 -3.85
CA ASP O 237 -112.28 -16.76 -4.35
C ASP O 237 -111.08 -17.69 -4.32
N GLU O 238 -111.28 -18.91 -4.81
CA GLU O 238 -110.22 -19.93 -4.83
C GLU O 238 -109.71 -20.24 -6.22
N GLU O 239 -110.60 -20.34 -7.21
CA GLU O 239 -110.16 -20.66 -8.57
C GLU O 239 -109.38 -19.50 -9.17
N ILE O 240 -109.80 -18.26 -8.91
CA ILE O 240 -109.13 -17.11 -9.49
C ILE O 240 -107.80 -16.83 -8.83
N ASP O 241 -107.60 -17.27 -7.59
CA ASP O 241 -106.37 -17.01 -6.84
C ASP O 241 -105.84 -18.30 -6.23
N PRO O 242 -105.52 -19.29 -7.07
CA PRO O 242 -104.77 -20.46 -6.55
C PRO O 242 -103.28 -20.21 -6.45
N ILE O 243 -102.74 -19.24 -7.16
CA ILE O 243 -101.33 -18.88 -7.11
C ILE O 243 -101.22 -17.38 -6.96
N PRO O 244 -100.00 -16.82 -6.89
CA PRO O 244 -99.84 -15.37 -6.75
C PRO O 244 -100.49 -14.61 -7.91
N LYS O 245 -101.03 -13.44 -7.58
CA LYS O 245 -101.81 -12.66 -8.53
C LYS O 245 -100.96 -12.18 -9.70
N VAL O 246 -101.60 -12.05 -10.86
CA VAL O 246 -100.96 -11.60 -12.09
C VAL O 246 -101.84 -10.52 -12.71
N ILE O 247 -101.29 -9.85 -13.72
CA ILE O 247 -101.95 -8.74 -14.40
C ILE O 247 -102.24 -9.15 -15.84
N ASN O 248 -103.45 -8.81 -16.31
CA ASN O 248 -103.85 -9.10 -17.67
C ASN O 248 -103.70 -7.87 -18.55
N THR O 249 -104.05 -8.03 -19.83
CA THR O 249 -103.92 -6.97 -20.83
C THR O 249 -105.29 -6.46 -21.29
N ASP O 250 -106.27 -6.42 -20.39
CA ASP O 250 -107.63 -5.98 -20.70
C ASP O 250 -108.14 -5.02 -19.64
N LEU O 251 -107.29 -4.07 -19.24
CA LEU O 251 -107.68 -3.07 -18.26
C LEU O 251 -108.74 -2.13 -18.82
N GLU O 252 -109.75 -1.85 -18.00
CA GLU O 252 -110.85 -0.98 -18.38
C GLU O 252 -111.35 -0.25 -17.14
N ILE O 253 -111.90 0.95 -17.35
CA ILE O 253 -112.44 1.78 -16.28
C ILE O 253 -113.90 2.06 -16.60
N VAL O 254 -114.80 1.74 -15.67
CA VAL O 254 -116.22 1.97 -15.85
C VAL O 254 -116.90 1.87 -14.48
N GLY O 255 -118.07 2.46 -14.38
CA GLY O 255 -118.88 2.44 -13.18
C GLY O 255 -118.86 3.78 -12.47
N PHE O 256 -119.98 4.12 -11.84
CA PHE O 256 -120.11 5.36 -11.10
C PHE O 256 -119.68 5.16 -9.65
N ILE O 257 -119.04 6.19 -9.09
CA ILE O 257 -118.56 6.15 -7.71
C ILE O 257 -119.41 7.11 -6.89
N ASP O 258 -120.12 6.57 -5.90
CA ASP O 258 -120.98 7.37 -5.04
C ASP O 258 -121.10 6.69 -3.69
N ILE O 259 -121.30 7.50 -2.65
CA ILE O 259 -121.46 7.01 -1.29
C ILE O 259 -122.89 7.12 -0.79
N ALA O 260 -123.79 7.71 -1.58
CA ALA O 260 -125.17 7.90 -1.15
C ALA O 260 -125.89 6.56 -0.99
N ASP O 261 -125.65 5.63 -1.90
CA ASP O 261 -126.29 4.31 -1.92
C ASP O 261 -125.24 3.21 -2.00
N ILE O 262 -124.23 3.30 -1.14
CA ILE O 262 -123.14 2.33 -1.10
C ILE O 262 -123.24 1.43 0.13
N SER O 263 -123.29 2.04 1.33
CA SER O 263 -123.34 1.36 2.63
C SER O 263 -122.08 0.54 2.89
N SER O 264 -122.06 -0.22 3.99
CA SER O 264 -120.88 -1.01 4.31
C SER O 264 -120.96 -2.36 3.60
N PRO O 265 -120.20 -2.54 2.53
CA PRO O 265 -120.21 -3.82 1.83
C PRO O 265 -119.12 -4.73 2.36
N PRO O 266 -119.20 -6.04 2.09
CA PRO O 266 -118.16 -6.96 2.56
C PRO O 266 -116.89 -6.78 1.74
N VAL O 267 -115.79 -6.45 2.42
CA VAL O 267 -114.51 -6.21 1.78
C VAL O 267 -113.48 -7.11 2.43
N LEU O 268 -112.67 -7.79 1.60
CA LEU O 268 -111.64 -8.69 2.10
C LEU O 268 -110.33 -8.53 1.34
N SER O 269 -110.09 -7.36 0.76
CA SER O 269 -108.87 -7.10 0.01
C SER O 269 -108.27 -5.78 0.46
N ARG O 270 -107.01 -5.82 0.92
CA ARG O 270 -106.31 -4.64 1.39
C ARG O 270 -105.44 -4.05 0.28
N HIS O 271 -106.09 -3.70 -0.84
CA HIS O 271 -105.39 -3.13 -1.99
C HIS O 271 -105.24 -1.61 -1.79
N LEU O 272 -104.36 -1.26 -0.87
CA LEU O 272 -104.12 0.14 -0.55
C LEU O 272 -103.27 0.80 -1.63
N VAL O 273 -103.59 2.06 -1.92
CA VAL O 273 -102.85 2.87 -2.88
C VAL O 273 -102.10 3.94 -2.10
N LEU O 274 -100.77 3.89 -2.16
CA LEU O 274 -99.95 4.87 -1.46
C LEU O 274 -100.10 6.24 -2.10
N PRO O 275 -100.33 7.30 -1.32
CA PRO O 275 -100.49 8.63 -1.91
C PRO O 275 -99.18 9.23 -2.41
N ILE O 276 -99.02 9.31 -3.73
CA ILE O 276 -97.81 9.85 -4.35
C ILE O 276 -98.13 10.18 -5.79
N ALA O 277 -97.41 11.16 -6.34
CA ALA O 277 -97.56 11.59 -7.72
C ALA O 277 -96.28 11.29 -8.49
N LEU O 278 -96.42 10.60 -9.62
CA LEU O 278 -95.27 10.24 -10.45
C LEU O 278 -95.64 10.43 -11.91
N ASN O 279 -94.63 10.30 -12.76
CA ASN O 279 -94.80 10.47 -14.20
C ASN O 279 -95.31 9.16 -14.82
N LYS O 280 -95.33 9.11 -16.15
CA LYS O 280 -95.77 7.93 -16.87
C LYS O 280 -94.83 6.75 -16.70
N GLU O 281 -93.56 6.99 -16.34
CA GLU O 281 -92.62 5.91 -16.11
C GLU O 281 -93.05 5.02 -14.94
N GLY O 282 -93.54 5.63 -13.86
CA GLY O 282 -94.00 4.85 -12.72
C GLY O 282 -92.90 4.52 -11.74
N ASP O 283 -92.11 5.53 -11.36
CA ASP O 283 -91.03 5.34 -10.40
C ASP O 283 -91.58 5.42 -8.98
N GLU O 284 -90.67 5.43 -7.99
CA GLU O 284 -91.06 5.49 -6.59
C GLU O 284 -91.52 6.89 -6.20
N VAL O 285 -90.70 7.90 -6.51
CA VAL O 285 -90.94 9.32 -6.21
C VAL O 285 -91.05 9.52 -4.70
N GLY O 286 -90.10 8.94 -3.96
CA GLY O 286 -90.08 9.03 -2.52
C GLY O 286 -91.26 8.39 -1.83
N THR O 287 -91.73 7.25 -2.36
CA THR O 287 -92.87 6.50 -1.83
C THR O 287 -93.06 5.21 -2.64
N ASN O 297 -93.37 9.77 14.59
CA ASN O 297 -92.67 10.50 13.55
C ASN O 297 -93.10 10.03 12.17
N SER O 298 -93.72 10.93 11.40
CA SER O 298 -94.19 10.64 10.05
C SER O 298 -93.38 11.44 9.04
N ALA O 299 -92.81 10.75 8.06
CA ALA O 299 -91.99 11.37 7.04
C ALA O 299 -92.77 11.72 5.78
N ASN O 300 -94.08 11.45 5.75
CA ASN O 300 -94.89 11.72 4.58
C ASN O 300 -95.22 13.19 4.41
N GLN O 301 -95.16 13.97 5.50
CA GLN O 301 -95.51 15.39 5.43
C GLN O 301 -94.56 16.17 4.53
N ILE O 302 -93.26 15.86 4.59
CA ILE O 302 -92.26 16.60 3.81
C ILE O 302 -92.50 16.44 2.31
N ALA O 303 -92.75 15.22 1.87
CA ALA O 303 -93.06 14.96 0.47
C ALA O 303 -94.54 15.09 0.14
N GLY O 304 -95.40 15.25 1.15
CA GLY O 304 -96.82 15.37 0.92
C GLY O 304 -97.31 16.76 0.55
N LYS O 305 -96.44 17.76 0.59
CA LYS O 305 -96.83 19.12 0.20
C LYS O 305 -97.27 19.17 -1.26
N ILE O 306 -96.62 18.40 -2.12
CA ILE O 306 -96.99 18.29 -3.52
C ILE O 306 -98.29 17.51 -3.62
N PRO O 307 -99.10 17.73 -4.66
CA PRO O 307 -100.36 16.99 -4.78
C PRO O 307 -100.11 15.50 -4.96
N ASN O 308 -101.07 14.71 -4.48
CA ASN O 308 -100.99 13.26 -4.57
C ASN O 308 -102.34 12.73 -5.03
N PHE O 309 -102.31 11.56 -5.67
CA PHE O 309 -103.53 10.96 -6.22
C PHE O 309 -104.20 10.02 -5.23
N CYS O 310 -103.47 9.00 -4.77
CA CYS O 310 -103.97 7.97 -3.85
C CYS O 310 -105.10 7.22 -4.54
N VAL O 311 -106.32 7.35 -4.02
CA VAL O 311 -107.48 6.71 -4.60
C VAL O 311 -108.45 7.81 -5.03
N LEU O 312 -109.50 7.39 -5.75
CA LEU O 312 -110.49 8.35 -6.24
C LEU O 312 -111.33 8.95 -5.12
N LEU O 313 -111.40 8.29 -3.97
CA LEU O 313 -112.21 8.73 -2.84
C LEU O 313 -111.41 9.55 -1.83
N HIS O 314 -110.15 9.86 -2.11
CA HIS O 314 -109.34 10.62 -1.16
C HIS O 314 -109.91 12.01 -0.91
N GLY O 315 -110.35 12.69 -1.97
CA GLY O 315 -110.88 14.03 -1.79
C GLY O 315 -112.31 14.06 -1.28
N SER O 316 -113.10 13.03 -1.58
CA SER O 316 -114.49 12.97 -1.18
C SER O 316 -114.73 12.19 0.11
N LEU O 317 -113.66 11.77 0.80
CA LEU O 317 -113.81 10.96 2.00
C LEU O 317 -114.37 11.74 3.18
N LYS O 318 -114.45 13.07 3.10
CA LYS O 318 -114.91 13.89 4.21
C LYS O 318 -116.35 14.37 4.01
N VAL O 319 -116.64 15.02 2.88
CA VAL O 319 -117.98 15.57 2.65
C VAL O 319 -119.00 14.45 2.48
N GLU O 320 -118.67 13.45 1.66
CA GLU O 320 -119.60 12.37 1.38
C GLU O 320 -119.12 10.99 1.81
N GLY O 321 -117.85 10.83 2.17
CA GLY O 321 -117.33 9.53 2.53
C GLY O 321 -117.33 8.50 1.41
N MET O 322 -116.86 8.90 0.22
CA MET O 322 -116.85 8.02 -0.95
C MET O 322 -115.92 6.83 -0.75
N VAL O 323 -115.99 5.88 -1.69
CA VAL O 323 -115.18 4.68 -1.66
C VAL O 323 -114.39 4.53 -2.96
N ALA O 324 -113.38 3.67 -2.91
CA ALA O 324 -112.50 3.41 -4.04
C ALA O 324 -112.87 2.09 -4.70
N ILE O 325 -113.08 2.14 -6.02
CA ILE O 325 -113.52 0.97 -6.79
C ILE O 325 -112.34 0.40 -7.56
N VAL O 326 -112.28 -0.93 -7.63
CA VAL O 326 -111.27 -1.66 -8.41
C VAL O 326 -111.96 -2.37 -9.55
N GLN O 327 -111.42 -2.23 -10.75
CA GLN O 327 -112.02 -2.83 -11.93
C GLN O 327 -111.81 -4.34 -11.89
N LEU O 328 -112.89 -5.08 -11.69
CA LEU O 328 -112.82 -6.54 -11.65
C LEU O 328 -112.74 -7.15 -13.04
N GLY O 329 -113.09 -6.39 -14.08
CA GLY O 329 -113.02 -6.88 -15.43
C GLY O 329 -113.91 -6.07 -16.37
N PRO O 330 -113.82 -6.36 -17.67
CA PRO O 330 -114.65 -5.64 -18.64
C PRO O 330 -116.09 -6.15 -18.60
N GLU O 331 -117.03 -5.22 -18.43
CA GLU O 331 -118.46 -5.47 -18.30
C GLU O 331 -118.83 -6.25 -17.04
N TRP O 332 -117.93 -6.30 -16.06
CA TRP O 332 -118.21 -7.01 -14.81
C TRP O 332 -117.42 -6.33 -13.69
N HIS O 333 -118.14 -5.70 -12.77
CA HIS O 333 -117.53 -4.95 -11.67
C HIS O 333 -118.15 -5.34 -10.34
N GLY O 334 -117.80 -4.62 -9.27
CA GLY O 334 -118.33 -4.90 -7.95
C GLY O 334 -118.56 -3.63 -7.17
N MET O 335 -119.00 -3.81 -5.92
CA MET O 335 -119.29 -2.71 -5.02
C MET O 335 -118.32 -2.72 -3.85
N LEU O 336 -117.67 -1.58 -3.62
CA LEU O 336 -116.73 -1.39 -2.53
C LEU O 336 -117.36 -0.49 -1.46
N TYR O 337 -116.61 -0.27 -0.38
CA TYR O 337 -117.09 0.56 0.72
C TYR O 337 -115.91 1.22 1.40
N SER O 338 -116.20 2.30 2.12
CA SER O 338 -115.19 3.03 2.87
C SER O 338 -115.82 3.64 4.11
N GLN O 339 -115.00 3.85 5.13
CA GLN O 339 -115.46 4.42 6.38
C GLN O 339 -115.73 5.92 6.23
N ALA O 340 -116.47 6.47 7.18
CA ALA O 340 -116.79 7.89 7.21
C ALA O 340 -115.60 8.77 7.59
N ASP O 341 -114.49 8.18 8.04
CA ASP O 341 -113.32 8.95 8.41
C ASP O 341 -112.75 9.69 7.20
N SER O 342 -112.22 10.89 7.45
CA SER O 342 -111.75 11.74 6.36
C SER O 342 -110.37 11.31 5.87
N LYS O 343 -109.36 11.33 6.75
CA LYS O 343 -108.01 11.00 6.34
C LYS O 343 -107.25 10.13 7.32
N LYS O 344 -107.84 9.77 8.47
CA LYS O 344 -107.17 8.91 9.44
C LYS O 344 -106.89 7.53 8.85
N LYS O 345 -107.94 6.79 8.52
CA LYS O 345 -107.80 5.53 7.80
C LYS O 345 -108.51 5.58 6.46
N SER O 346 -109.80 5.94 6.44
CA SER O 346 -110.67 6.11 5.28
C SER O 346 -111.01 4.81 4.59
N ASN O 347 -110.49 3.67 5.07
CA ASN O 347 -110.66 2.35 4.44
C ASN O 347 -110.20 2.40 2.98
N LEU O 348 -109.06 3.04 2.75
CA LEU O 348 -108.51 3.24 1.41
C LEU O 348 -107.92 1.92 0.90
N MET O 349 -108.81 1.01 0.55
CA MET O 349 -108.44 -0.29 -0.02
C MET O 349 -109.68 -0.83 -0.71
N MET O 350 -109.55 -1.08 -2.01
CA MET O 350 -110.67 -1.57 -2.81
C MET O 350 -110.83 -3.08 -2.65
N SER O 351 -112.00 -3.56 -3.05
CA SER O 351 -112.31 -4.98 -2.95
C SER O 351 -113.42 -5.32 -3.92
N LEU O 352 -113.55 -6.61 -4.20
CA LEU O 352 -114.58 -7.16 -5.09
C LEU O 352 -115.25 -8.33 -4.40
N PHE O 353 -116.58 -8.42 -4.55
CA PHE O 353 -117.34 -9.48 -3.91
C PHE O 353 -116.91 -10.84 -4.45
N GLU O 354 -116.91 -11.84 -3.57
CA GLU O 354 -116.49 -13.18 -3.94
C GLU O 354 -117.42 -13.78 -4.98
N PRO O 355 -116.88 -14.47 -5.97
CA PRO O 355 -117.74 -15.09 -7.00
C PRO O 355 -118.61 -16.19 -6.42
N GLY O 356 -119.78 -16.37 -7.01
CA GLY O 356 -120.71 -17.37 -6.59
C GLY O 356 -121.77 -17.63 -7.64
N PRO O 357 -122.60 -18.66 -7.42
CA PRO O 357 -123.69 -18.94 -8.36
C PRO O 357 -124.67 -17.78 -8.49
N GLU O 358 -124.83 -16.95 -7.42
CA GLU O 358 -125.69 -15.78 -7.50
C GLU O 358 -124.85 -14.56 -7.87
N PRO O 359 -125.45 -13.56 -8.52
CA PRO O 359 -124.65 -12.40 -8.94
C PRO O 359 -124.32 -11.44 -7.81
N LEU O 360 -123.06 -11.48 -7.32
CA LEU O 360 -122.46 -10.59 -6.32
C LEU O 360 -123.05 -10.74 -4.93
N PRO O 361 -122.25 -10.55 -3.88
CA PRO O 361 -122.84 -10.57 -2.53
C PRO O 361 -123.67 -9.34 -2.23
N TRP O 362 -123.20 -8.14 -2.63
CA TRP O 362 -123.98 -6.93 -2.46
C TRP O 362 -123.94 -5.96 -3.64
N LEU O 363 -123.26 -6.31 -4.73
CA LEU O 363 -123.13 -5.42 -5.88
C LEU O 363 -124.25 -5.58 -6.90
N GLY O 364 -125.20 -6.49 -6.68
CA GLY O 364 -126.26 -6.67 -7.64
C GLY O 364 -125.77 -7.34 -8.91
N LYS O 365 -126.47 -7.07 -10.01
CA LYS O 365 -126.14 -7.65 -11.32
C LYS O 365 -125.28 -6.64 -12.08
N MET O 366 -123.97 -6.80 -11.96
CA MET O 366 -123.02 -5.95 -12.65
C MET O 366 -122.53 -6.55 -13.96
N ALA O 367 -123.02 -7.73 -14.34
CA ALA O 367 -122.59 -8.40 -15.56
C ALA O 367 -123.49 -8.10 -16.76
N GLN O 368 -124.52 -7.26 -16.60
CA GLN O 368 -125.43 -6.92 -17.67
C GLN O 368 -125.41 -5.42 -17.89
N LEU O 369 -125.03 -5.00 -19.10
CA LEU O 369 -124.98 -3.59 -19.46
C LEU O 369 -126.21 -3.26 -20.29
N GLY O 370 -126.98 -2.26 -19.83
CA GLY O 370 -128.19 -1.84 -20.47
C GLY O 370 -128.18 -0.36 -20.75
N PRO O 371 -129.21 0.34 -20.26
CA PRO O 371 -129.27 1.81 -20.46
C PRO O 371 -128.09 2.49 -19.79
N ILE O 372 -127.59 3.54 -20.45
CA ILE O 372 -126.43 4.29 -19.97
C ILE O 372 -126.85 5.65 -19.40
N SER O 373 -127.41 6.52 -20.22
CA SER O 373 -127.86 7.84 -19.78
C SER O 373 -129.36 8.04 -19.92
N ASP O 374 -129.92 7.69 -21.08
CA ASP O 374 -131.35 7.89 -21.33
C ASP O 374 -132.12 6.71 -20.75
N ALA O 375 -132.92 6.98 -19.72
CA ALA O 375 -133.75 5.95 -19.11
C ALA O 375 -134.99 6.60 -18.51
N LYS O 376 -136.03 5.78 -18.32
CA LYS O 376 -137.28 6.27 -17.76
C LYS O 376 -137.10 6.79 -16.34
N GLU O 377 -136.32 6.10 -15.52
CA GLU O 377 -136.08 6.49 -14.15
C GLU O 377 -134.71 7.16 -14.05
N ASN O 378 -134.66 8.30 -13.38
CA ASN O 378 -133.42 9.04 -13.24
C ASN O 378 -132.42 8.27 -12.38
N PRO O 379 -131.20 8.02 -12.87
CA PRO O 379 -130.21 7.30 -12.05
C PRO O 379 -129.72 8.06 -10.82
N TYR O 380 -129.94 9.38 -10.76
CA TYR O 380 -129.43 10.16 -9.62
C TYR O 380 -130.07 9.73 -8.31
N GLY O 381 -131.37 9.49 -8.31
CA GLY O 381 -132.05 9.08 -7.10
C GLY O 381 -132.48 10.25 -6.24
N GLU O 382 -133.48 9.99 -5.39
CA GLU O 382 -134.01 11.00 -4.48
C GLU O 382 -133.77 10.68 -3.01
N ASP O 383 -133.97 9.43 -2.60
CA ASP O 383 -133.75 9.03 -1.21
C ASP O 383 -132.99 7.70 -1.17
N ASP O 384 -131.97 7.56 -2.03
CA ASP O 384 -131.14 6.36 -2.14
C ASP O 384 -131.98 5.15 -2.57
N ASN O 385 -132.81 5.37 -3.59
CA ASN O 385 -133.67 4.32 -4.14
C ASN O 385 -132.86 3.44 -5.09
N LYS O 386 -133.55 2.55 -5.80
CA LYS O 386 -132.89 1.63 -6.73
C LYS O 386 -132.59 2.38 -8.02
N SER O 387 -131.31 2.61 -8.28
CA SER O 387 -130.86 3.31 -9.48
C SER O 387 -129.43 2.87 -9.79
N PRO O 388 -129.02 2.94 -11.06
CA PRO O 388 -127.65 2.56 -11.45
C PRO O 388 -126.62 3.68 -11.36
N PHE O 389 -126.60 4.40 -10.23
CA PHE O 389 -125.67 5.50 -10.03
C PHE O 389 -125.51 5.80 -8.55
N PRO O 390 -124.75 4.99 -7.79
CA PRO O 390 -124.03 3.76 -8.14
C PRO O 390 -124.92 2.53 -8.21
N LEU O 391 -124.45 1.51 -8.92
CA LEU O 391 -125.18 0.25 -9.00
C LEU O 391 -125.15 -0.47 -7.66
N GLN O 392 -126.27 -1.11 -7.32
CA GLN O 392 -126.39 -1.83 -6.07
C GLN O 392 -127.42 -2.92 -6.24
N PRO O 393 -127.59 -3.80 -5.24
CA PRO O 393 -128.58 -4.87 -5.33
C PRO O 393 -130.00 -4.32 -5.38
N LYS O 394 -130.88 -5.08 -6.05
CA LYS O 394 -132.28 -4.67 -6.19
C LYS O 394 -132.99 -4.66 -4.84
N ASN O 395 -132.63 -5.58 -3.95
CA ASN O 395 -133.25 -5.68 -2.65
C ASN O 395 -132.44 -4.88 -1.62
N LYS O 396 -133.04 -4.67 -0.45
CA LYS O 396 -132.39 -3.93 0.62
C LYS O 396 -131.73 -4.91 1.58
N ARG O 397 -131.15 -4.36 2.64
CA ARG O 397 -130.48 -5.16 3.65
C ARG O 397 -131.51 -5.83 4.56
N SER O 398 -131.04 -6.83 5.31
CA SER O 398 -131.91 -7.56 6.24
C SER O 398 -132.49 -6.67 7.33
N TYR O 399 -131.82 -5.57 7.66
CA TYR O 399 -132.35 -4.64 8.65
C TYR O 399 -133.63 -3.96 8.17
N ALA O 400 -133.76 -3.73 6.87
CA ALA O 400 -134.94 -3.07 6.31
C ALA O 400 -136.06 -4.04 5.95
N GLN O 401 -135.79 -4.96 5.03
CA GLN O 401 -136.78 -5.94 4.57
C GLN O 401 -136.05 -7.00 3.74
N ASN O 402 -136.83 -7.93 3.19
CA ASN O 402 -136.34 -9.04 2.35
C ASN O 402 -135.31 -9.88 3.10
N VAL O 403 -135.62 -10.20 4.36
CA VAL O 403 -134.74 -11.00 5.21
C VAL O 403 -135.39 -12.36 5.40
N THR O 404 -134.65 -13.41 5.06
CA THR O 404 -135.12 -14.79 5.17
C THR O 404 -134.32 -15.45 6.28
N VAL O 405 -134.88 -15.44 7.49
CA VAL O 405 -134.25 -16.06 8.66
C VAL O 405 -135.33 -16.83 9.40
N TRP O 406 -135.37 -18.14 9.21
CA TRP O 406 -136.36 -19.02 9.82
C TRP O 406 -135.65 -20.21 10.43
N ILE O 407 -135.32 -20.09 11.72
CA ILE O 407 -134.70 -21.18 12.47
C ILE O 407 -135.65 -21.76 13.50
N LYS O 408 -136.58 -20.97 14.01
CA LYS O 408 -137.63 -21.39 14.93
C LYS O 408 -138.90 -20.68 14.51
N PRO O 409 -140.07 -21.23 14.83
CA PRO O 409 -141.32 -20.54 14.49
C PRO O 409 -141.44 -19.15 15.10
N SER O 410 -141.09 -19.02 16.38
CA SER O 410 -141.07 -17.71 17.02
C SER O 410 -140.00 -16.82 16.40
N GLY O 411 -138.82 -17.39 16.13
CA GLY O 411 -137.77 -16.63 15.47
C GLY O 411 -138.15 -16.21 14.06
N LEU O 412 -138.81 -17.10 13.32
CA LEU O 412 -139.27 -16.76 11.97
C LEU O 412 -140.30 -15.65 12.01
N GLN O 413 -141.24 -15.73 12.97
CA GLN O 413 -142.25 -14.68 13.12
C GLN O 413 -141.61 -13.34 13.47
N THR O 414 -140.63 -13.35 14.38
CA THR O 414 -139.94 -12.11 14.76
C THR O 414 -139.17 -11.53 13.58
N ASP O 415 -138.49 -12.38 12.82
CA ASP O 415 -137.73 -11.91 11.66
C ASP O 415 -138.66 -11.33 10.59
N VAL O 416 -139.81 -11.99 10.37
CA VAL O 416 -140.78 -11.50 9.40
C VAL O 416 -141.35 -10.15 9.85
N GLN O 417 -141.67 -10.02 11.14
CA GLN O 417 -142.20 -8.77 11.67
C GLN O 417 -141.19 -7.65 11.54
N LYS O 418 -139.92 -7.93 11.85
CA LYS O 418 -138.86 -6.93 11.74
C LYS O 418 -138.66 -6.51 10.29
N ILE O 419 -138.64 -7.48 9.37
CA ILE O 419 -138.47 -7.17 7.95
C ILE O 419 -139.70 -6.43 7.41
N LEU O 420 -140.89 -6.81 7.87
CA LEU O 420 -142.13 -6.21 7.38
C LEU O 420 -142.68 -5.16 8.35
N ARG O 421 -141.80 -4.47 9.07
CA ARG O 421 -142.24 -3.42 9.98
C ARG O 421 -142.46 -2.10 9.23
N ASN O 422 -141.51 -1.71 8.39
CA ASN O 422 -141.65 -0.52 7.57
C ASN O 422 -141.61 -0.84 6.08
N ALA O 423 -141.75 -2.11 5.71
CA ALA O 423 -141.75 -2.51 4.31
C ALA O 423 -143.12 -2.34 3.66
N ARG O 424 -144.16 -2.13 4.46
CA ARG O 424 -145.52 -1.93 3.96
C ARG O 424 -145.77 -0.43 3.79
N LYS O 425 -145.31 0.09 2.66
CA LYS O 425 -145.43 1.51 2.34
C LYS O 425 -146.28 1.65 1.08
N LEU O 426 -147.32 2.48 1.18
CA LEU O 426 -148.19 2.74 0.04
C LEU O 426 -147.49 3.65 -0.96
N PRO O 427 -147.95 3.64 -2.22
CA PRO O 427 -147.32 4.49 -3.25
C PRO O 427 -147.81 5.94 -3.18
N GLU O 428 -147.45 6.61 -2.09
CA GLU O 428 -147.83 8.00 -1.85
C GLU O 428 -146.65 8.95 -1.85
N LYS O 429 -145.48 8.52 -1.38
CA LYS O 429 -144.28 9.34 -1.34
C LYS O 429 -143.31 8.86 -2.42
N THR O 430 -142.83 9.81 -3.23
CA THR O 430 -141.93 9.46 -4.32
C THR O 430 -140.53 9.09 -3.83
N GLN O 431 -140.19 9.45 -2.59
CA GLN O 431 -138.85 9.16 -2.06
C GLN O 431 -138.61 7.66 -1.91
N THR O 432 -139.67 6.87 -1.72
CA THR O 432 -139.55 5.43 -1.55
C THR O 432 -140.57 4.69 -2.42
N PHE O 433 -140.92 5.27 -3.57
CA PHE O 433 -141.90 4.64 -4.45
C PHE O 433 -141.38 3.31 -5.01
N TYR O 434 -140.12 3.28 -5.42
CA TYR O 434 -139.52 2.09 -6.03
C TYR O 434 -138.47 1.45 -5.12
N LYS O 435 -138.44 1.80 -3.85
CA LYS O 435 -137.45 1.26 -2.92
C LYS O 435 -137.91 -0.04 -2.27
N GLU O 436 -139.14 -0.08 -1.74
CA GLU O 436 -139.65 -1.27 -1.09
C GLU O 436 -141.11 -1.53 -1.45
N LEU O 437 -141.52 -1.19 -2.67
CA LEU O 437 -142.91 -1.37 -3.08
C LEU O 437 -143.29 -2.85 -3.10
N ASN O 438 -142.41 -3.71 -3.61
CA ASN O 438 -142.69 -5.13 -3.74
C ASN O 438 -142.17 -5.94 -2.56
N ARG O 439 -141.68 -5.28 -1.51
CA ARG O 439 -141.10 -5.95 -0.35
C ARG O 439 -142.13 -6.29 0.72
N LEU O 440 -143.39 -5.91 0.53
CA LEU O 440 -144.43 -6.11 1.53
C LEU O 440 -145.30 -7.32 1.23
N ARG O 441 -145.96 -7.34 0.08
CA ARG O 441 -146.91 -8.40 -0.24
C ARG O 441 -146.21 -9.74 -0.46
N LYS O 442 -145.11 -9.73 -1.23
CA LYS O 442 -144.38 -10.96 -1.53
C LYS O 442 -143.81 -11.61 -0.28
N ALA O 443 -143.20 -10.80 0.60
CA ALA O 443 -142.65 -11.34 1.85
C ALA O 443 -143.75 -11.86 2.77
N ALA O 444 -144.89 -11.16 2.80
CA ALA O 444 -146.00 -11.59 3.66
C ALA O 444 -146.64 -12.88 3.16
N LEU O 445 -146.70 -13.06 1.84
CA LEU O 445 -147.37 -14.23 1.28
C LEU O 445 -146.45 -15.45 1.20
N ALA O 446 -145.20 -15.28 0.76
CA ALA O 446 -144.30 -16.41 0.62
C ALA O 446 -143.93 -17.01 1.97
N PHE O 447 -143.63 -16.17 2.95
CA PHE O 447 -143.23 -16.65 4.28
C PHE O 447 -144.41 -17.05 5.15
N GLY O 448 -145.64 -16.70 4.77
CA GLY O 448 -146.80 -17.04 5.58
C GLY O 448 -146.80 -16.41 6.96
N PHE O 449 -146.39 -15.15 7.06
CA PHE O 449 -146.33 -14.44 8.32
C PHE O 449 -147.71 -13.89 8.68
N LEU O 450 -148.30 -14.46 9.74
CA LEU O 450 -149.62 -14.00 10.17
C LEU O 450 -149.57 -12.58 10.72
N ASP O 451 -148.47 -12.22 11.40
CA ASP O 451 -148.34 -10.88 11.98
C ASP O 451 -148.33 -9.81 10.90
N LEU O 452 -147.57 -10.04 9.82
CA LEU O 452 -147.53 -9.09 8.71
C LEU O 452 -148.88 -9.00 8.02
N LEU O 453 -149.55 -10.13 7.82
CA LEU O 453 -150.87 -10.14 7.19
C LEU O 453 -151.94 -9.51 8.07
N LYS O 454 -151.71 -9.43 9.37
CA LYS O 454 -152.70 -8.88 10.31
C LYS O 454 -152.49 -7.39 10.52
N GLY O 455 -151.29 -6.99 10.96
CA GLY O 455 -151.02 -5.62 11.28
C GLY O 455 -150.47 -4.79 10.14
N VAL O 456 -149.38 -5.25 9.54
CA VAL O 456 -148.71 -4.49 8.48
C VAL O 456 -149.59 -4.42 7.23
N ALA O 457 -150.22 -5.54 6.86
CA ALA O 457 -151.02 -5.57 5.63
C ALA O 457 -152.24 -4.66 5.72
N ASP O 458 -152.92 -4.66 6.88
CA ASP O 458 -154.09 -3.81 7.06
C ASP O 458 -153.71 -2.33 6.98
N MET O 459 -152.60 -1.95 7.62
CA MET O 459 -152.13 -0.57 7.57
C MET O 459 -151.75 -0.18 6.15
N LEU O 460 -151.09 -1.09 5.42
CA LEU O 460 -150.71 -0.81 4.03
C LEU O 460 -151.94 -0.64 3.15
N GLU O 461 -152.95 -1.49 3.34
CA GLU O 461 -154.18 -1.37 2.56
C GLU O 461 -154.90 -0.07 2.86
N ARG O 462 -154.97 0.31 4.15
CA ARG O 462 -155.61 1.57 4.51
C ARG O 462 -154.87 2.76 3.93
N GLU O 463 -153.54 2.74 3.99
CA GLU O 463 -152.73 3.82 3.43
C GLU O 463 -152.90 3.91 1.91
N CYS O 464 -152.93 2.75 1.23
CA CYS O 464 -153.12 2.74 -0.21
C CYS O 464 -154.49 3.28 -0.60
N THR O 465 -155.52 2.89 0.15
CA THR O 465 -156.87 3.40 -0.11
C THR O 465 -156.95 4.91 0.11
N LEU O 466 -156.33 5.40 1.19
CA LEU O 466 -156.32 6.84 1.45
C LEU O 466 -155.49 7.60 0.42
N LEU O 467 -154.35 7.05 0.02
CA LEU O 467 -153.47 7.72 -0.93
C LEU O 467 -154.05 7.68 -2.34
N PRO O 468 -153.63 8.59 -3.21
CA PRO O 468 -154.11 8.60 -4.59
C PRO O 468 -153.69 7.35 -5.33
N GLU O 469 -154.52 6.95 -6.30
CA GLU O 469 -154.28 5.76 -7.11
C GLU O 469 -154.50 6.06 -8.59
N THR O 470 -153.95 7.19 -9.04
CA THR O 470 -154.08 7.63 -10.43
C THR O 470 -152.81 7.34 -11.23
N ALA O 471 -152.15 6.22 -10.93
CA ALA O 471 -150.93 5.84 -11.62
C ALA O 471 -151.27 5.18 -12.95
N HIS O 472 -150.28 4.53 -13.57
CA HIS O 472 -150.48 3.85 -14.84
C HIS O 472 -151.39 2.64 -14.67
N PRO O 473 -151.98 2.17 -15.77
CA PRO O 473 -152.90 1.01 -15.68
C PRO O 473 -152.26 -0.27 -15.15
N ASP O 474 -150.94 -0.43 -15.32
CA ASP O 474 -150.27 -1.61 -14.79
C ASP O 474 -150.34 -1.67 -13.27
N ALA O 475 -150.27 -0.51 -12.61
CA ALA O 475 -150.32 -0.45 -11.16
C ALA O 475 -151.71 -0.17 -10.61
N ALA O 476 -152.63 0.34 -11.42
CA ALA O 476 -153.97 0.69 -10.94
C ALA O 476 -155.07 -0.15 -11.55
N PHE O 477 -155.10 -0.29 -12.88
CA PHE O 477 -156.17 -1.03 -13.54
C PHE O 477 -156.05 -2.54 -13.37
N GLN O 478 -154.92 -3.03 -12.87
CA GLN O 478 -154.70 -4.47 -12.73
C GLN O 478 -155.55 -5.10 -11.62
N LEU O 479 -156.15 -4.30 -10.74
CA LEU O 479 -156.93 -4.83 -9.64
C LEU O 479 -158.39 -5.10 -10.00
N THR O 480 -158.86 -4.60 -11.14
CA THR O 480 -160.24 -4.84 -11.55
C THR O 480 -160.45 -6.30 -11.95
N HIS O 481 -159.53 -6.86 -12.71
CA HIS O 481 -159.62 -8.23 -13.18
C HIS O 481 -158.93 -9.23 -12.26
N ALA O 482 -158.30 -8.75 -11.18
CA ALA O 482 -157.62 -9.64 -10.24
C ALA O 482 -158.61 -10.59 -9.56
N ALA O 483 -159.76 -10.06 -9.13
CA ALA O 483 -160.78 -10.91 -8.53
C ALA O 483 -161.32 -11.93 -9.53
N GLN O 484 -161.53 -11.51 -10.79
CA GLN O 484 -161.97 -12.43 -11.82
C GLN O 484 -160.92 -13.51 -12.09
N GLN O 485 -159.65 -13.11 -12.14
CA GLN O 485 -158.56 -14.07 -12.35
C GLN O 485 -158.48 -15.08 -11.21
N LEU O 486 -158.62 -14.61 -9.97
CA LEU O 486 -158.60 -15.51 -8.82
C LEU O 486 -159.79 -16.46 -8.82
N LYS O 487 -160.99 -15.94 -9.17
CA LYS O 487 -162.18 -16.78 -9.21
C LYS O 487 -162.09 -17.82 -10.31
N LEU O 488 -161.54 -17.45 -11.46
CA LEU O 488 -161.43 -18.35 -12.60
C LEU O 488 -160.13 -19.14 -12.62
N ALA O 489 -159.50 -19.35 -11.46
CA ALA O 489 -158.28 -20.13 -11.35
C ALA O 489 -158.56 -21.57 -10.96
N SER O 490 -159.78 -22.06 -11.16
CA SER O 490 -160.13 -23.42 -10.77
C SER O 490 -159.42 -24.46 -11.63
N THR O 491 -159.19 -24.15 -12.91
CA THR O 491 -158.55 -25.10 -13.82
C THR O 491 -157.13 -25.43 -13.37
N GLY O 492 -156.36 -24.41 -12.99
CA GLY O 492 -155.01 -24.63 -12.50
C GLY O 492 -154.00 -25.01 -13.54
N THR O 493 -154.33 -24.89 -14.83
CA THR O 493 -153.39 -25.29 -15.88
C THR O 493 -152.24 -24.29 -15.99
N SER O 494 -151.19 -24.73 -16.67
CA SER O 494 -150.01 -23.88 -16.89
C SER O 494 -150.34 -22.66 -17.73
N GLU O 495 -151.35 -22.75 -18.59
CA GLU O 495 -151.76 -21.60 -19.40
C GLU O 495 -152.53 -20.56 -18.60
N TYR O 496 -153.05 -20.92 -17.43
CA TYR O 496 -153.79 -19.99 -16.60
C TYR O 496 -152.89 -19.11 -15.72
N ALA O 497 -151.60 -19.40 -15.67
CA ALA O 497 -150.66 -18.60 -14.89
C ALA O 497 -149.44 -18.28 -15.73
N ALA O 498 -148.96 -17.04 -15.62
CA ALA O 498 -147.80 -16.57 -16.37
C ALA O 498 -146.77 -16.02 -15.39
N TYR O 499 -145.54 -16.51 -15.49
CA TYR O 499 -144.46 -16.04 -14.63
C TYR O 499 -143.14 -16.19 -15.40
N ASP O 500 -142.68 -15.09 -15.97
CA ASP O 500 -141.40 -15.03 -16.67
C ASP O 500 -140.44 -14.05 -16.04
N GLN O 501 -140.93 -12.89 -15.60
CA GLN O 501 -140.10 -11.90 -14.93
C GLN O 501 -140.94 -11.21 -13.85
N ASN O 502 -140.26 -10.64 -12.87
CA ASN O 502 -140.93 -9.96 -11.78
C ASN O 502 -141.23 -8.52 -12.18
N ILE O 503 -141.75 -7.73 -11.24
CA ILE O 503 -142.07 -6.34 -11.50
C ILE O 503 -140.79 -5.55 -11.73
N THR O 504 -140.80 -4.70 -12.76
CA THR O 504 -139.64 -3.89 -13.10
C THR O 504 -140.05 -2.43 -13.22
N PRO O 505 -139.11 -1.51 -13.00
CA PRO O 505 -139.46 -0.08 -13.09
C PRO O 505 -139.65 0.41 -14.51
N LEU O 506 -138.94 -0.16 -15.47
CA LEU O 506 -139.05 0.28 -16.86
C LEU O 506 -140.36 -0.17 -17.46
N HIS O 507 -140.80 0.57 -18.48
CA HIS O 507 -142.06 0.28 -19.17
C HIS O 507 -141.80 0.24 -20.68
N THR O 508 -142.72 -0.41 -21.39
CA THR O 508 -142.60 -0.55 -22.83
C THR O 508 -142.89 0.79 -23.53
N ASP O 509 -142.53 0.85 -24.81
CA ASP O 509 -142.71 2.04 -25.62
C ASP O 509 -143.75 1.82 -26.73
N PHE O 510 -144.76 1.00 -26.45
CA PHE O 510 -145.81 0.73 -27.43
C PHE O 510 -146.77 1.90 -27.54
N SER O 511 -147.25 2.16 -28.75
CA SER O 511 -148.18 3.24 -28.98
C SER O 511 -149.58 2.86 -28.49
N GLY O 512 -150.30 3.85 -27.98
CA GLY O 512 -151.64 3.64 -27.48
C GLY O 512 -152.70 3.66 -28.57
N SER O 513 -153.27 2.50 -28.87
CA SER O 513 -154.29 2.39 -29.91
C SER O 513 -155.50 1.59 -29.42
N MET P 3 -7.12 -108.23 -46.01
CA MET P 3 -7.33 -108.64 -47.39
C MET P 3 -7.13 -107.47 -48.34
N SER P 4 -6.17 -107.62 -49.25
CA SER P 4 -5.83 -106.55 -50.20
C SER P 4 -6.96 -106.27 -51.17
N ASP P 5 -7.53 -107.33 -51.76
CA ASP P 5 -8.60 -107.18 -52.73
C ASP P 5 -9.85 -106.57 -52.11
N ILE P 6 -10.24 -107.06 -50.92
CA ILE P 6 -11.41 -106.51 -50.24
C ILE P 6 -11.17 -105.06 -49.84
N ARG P 7 -9.95 -104.73 -49.41
CA ARG P 7 -9.60 -103.35 -49.06
C ARG P 7 -9.73 -102.44 -50.28
N HIS P 8 -9.20 -102.87 -51.43
CA HIS P 8 -9.30 -102.08 -52.65
C HIS P 8 -10.75 -101.92 -53.10
N SER P 9 -11.53 -103.00 -53.02
CA SER P 9 -12.94 -102.94 -53.41
C SER P 9 -13.73 -101.98 -52.51
N LEU P 10 -13.49 -102.04 -51.21
CA LEU P 10 -14.21 -101.20 -50.25
C LEU P 10 -13.69 -99.77 -50.19
N LEU P 11 -12.48 -99.51 -50.69
CA LEU P 11 -11.92 -98.16 -50.61
C LEU P 11 -12.61 -97.16 -51.53
N ARG P 12 -13.28 -97.62 -52.59
CA ARG P 12 -13.90 -96.71 -53.54
C ARG P 12 -15.11 -96.01 -52.92
N ARG P 13 -15.41 -94.81 -53.45
CA ARG P 13 -16.52 -93.96 -53.01
C ARG P 13 -16.33 -93.53 -51.55
N ASP P 14 -15.28 -92.75 -51.33
CA ASP P 14 -14.91 -92.27 -50.00
C ASP P 14 -15.92 -91.30 -49.40
N ALA P 15 -16.85 -90.77 -50.19
CA ALA P 15 -17.84 -89.80 -49.70
C ALA P 15 -18.97 -90.53 -48.96
N LEU P 16 -18.64 -91.01 -47.75
CA LEU P 16 -19.54 -91.68 -46.81
C LEU P 16 -20.02 -93.05 -47.28
N SER P 17 -19.44 -93.59 -48.35
CA SER P 17 -19.82 -94.88 -48.89
C SER P 17 -18.73 -95.94 -48.77
N ALA P 18 -17.46 -95.54 -48.82
CA ALA P 18 -16.35 -96.49 -48.70
C ALA P 18 -16.32 -97.14 -47.32
N ALA P 19 -16.45 -96.33 -46.27
CA ALA P 19 -16.45 -96.85 -44.92
C ALA P 19 -17.64 -97.75 -44.66
N LYS P 20 -18.82 -97.40 -45.19
CA LYS P 20 -20.00 -98.24 -45.03
C LYS P 20 -19.79 -99.60 -45.70
N GLU P 21 -19.23 -99.61 -46.90
CA GLU P 21 -18.95 -100.86 -47.59
C GLU P 21 -17.91 -101.69 -46.84
N VAL P 22 -16.87 -101.03 -46.32
CA VAL P 22 -15.84 -101.73 -45.55
C VAL P 22 -16.43 -102.34 -44.28
N LEU P 23 -17.29 -101.58 -43.58
CA LEU P 23 -17.94 -102.09 -42.38
C LEU P 23 -18.86 -103.26 -42.71
N TYR P 24 -19.60 -103.17 -43.82
CA TYR P 24 -20.46 -104.27 -44.23
C TYR P 24 -19.66 -105.53 -44.54
N HIS P 25 -18.55 -105.38 -45.27
CA HIS P 25 -17.71 -106.51 -45.60
C HIS P 25 -17.09 -107.13 -44.34
N LEU P 26 -16.63 -106.28 -43.42
CA LEU P 26 -16.06 -106.77 -42.17
C LEU P 26 -17.10 -107.50 -41.33
N ASP P 27 -18.32 -106.96 -41.27
CA ASP P 27 -19.40 -107.62 -40.54
C ASP P 27 -19.76 -108.96 -41.16
N ILE P 28 -19.81 -109.03 -42.49
CA ILE P 28 -20.09 -110.28 -43.18
C ILE P 28 -18.99 -111.31 -42.89
N TYR P 29 -17.73 -110.87 -42.91
CA TYR P 29 -16.62 -111.78 -42.68
C TYR P 29 -16.58 -112.27 -41.24
N PHE P 30 -16.82 -111.38 -40.27
CA PHE P 30 -16.65 -111.68 -38.86
C PHE P 30 -17.98 -111.84 -38.13
N SER P 31 -19.06 -112.16 -38.85
CA SER P 31 -20.34 -112.41 -38.21
C SER P 31 -20.26 -113.59 -37.24
N SER P 32 -19.57 -114.67 -37.64
CA SER P 32 -19.34 -115.78 -36.74
C SER P 32 -18.33 -115.40 -35.65
N GLN P 33 -17.37 -114.53 -35.98
CA GLN P 33 -16.37 -114.11 -35.01
C GLN P 33 -16.98 -113.26 -33.90
N LEU P 34 -18.08 -112.57 -34.18
CA LEU P 34 -18.76 -111.76 -33.17
C LEU P 34 -19.30 -112.63 -32.02
N GLN P 35 -19.59 -113.90 -32.29
CA GLN P 35 -20.05 -114.80 -31.24
C GLN P 35 -18.99 -115.78 -30.77
N SER P 36 -18.03 -116.14 -31.65
CA SER P 36 -16.99 -117.08 -31.27
C SER P 36 -16.06 -116.51 -30.21
N ALA P 37 -15.53 -115.31 -30.44
CA ALA P 37 -14.63 -114.62 -29.52
C ALA P 37 -14.54 -113.14 -29.86
N PRO P 38 -15.53 -112.32 -29.46
CA PRO P 38 -15.50 -110.89 -29.75
C PRO P 38 -14.67 -110.06 -28.77
N LEU P 39 -13.44 -110.48 -28.55
CA LEU P 39 -12.53 -109.76 -27.66
C LEU P 39 -11.77 -108.71 -28.44
N PRO P 40 -11.01 -107.86 -27.75
CA PRO P 40 -10.25 -106.82 -28.45
C PRO P 40 -9.06 -107.36 -29.19
N ILE P 41 -9.30 -107.99 -30.34
CA ILE P 41 -8.25 -108.55 -31.17
C ILE P 41 -8.44 -108.01 -32.59
N VAL P 42 -7.35 -108.05 -33.35
CA VAL P 42 -7.33 -107.50 -34.71
C VAL P 42 -7.30 -108.65 -35.69
N ASP P 43 -8.29 -108.69 -36.57
CA ASP P 43 -8.36 -109.69 -37.63
C ASP P 43 -7.53 -109.21 -38.81
N LYS P 44 -6.71 -110.12 -39.37
CA LYS P 44 -5.84 -109.75 -40.48
C LYS P 44 -6.58 -109.59 -41.79
N GLY P 45 -7.79 -110.13 -41.90
CA GLY P 45 -8.60 -109.98 -43.08
C GLY P 45 -9.09 -108.56 -43.21
N PRO P 46 -9.72 -108.04 -42.15
CA PRO P 46 -10.22 -106.66 -42.16
C PRO P 46 -9.19 -105.61 -41.77
N VAL P 47 -7.97 -106.01 -41.38
CA VAL P 47 -6.94 -105.04 -41.01
C VAL P 47 -6.55 -104.19 -42.22
N GLU P 48 -6.39 -104.83 -43.39
CA GLU P 48 -6.07 -104.09 -44.60
C GLU P 48 -7.19 -103.12 -44.97
N LEU P 49 -8.45 -103.55 -44.83
CA LEU P 49 -9.58 -102.68 -45.12
C LEU P 49 -9.61 -101.48 -44.16
N LEU P 50 -9.36 -101.72 -42.88
CA LEU P 50 -9.33 -100.65 -41.89
C LEU P 50 -8.20 -99.67 -42.19
N GLU P 51 -7.02 -100.19 -42.56
CA GLU P 51 -5.89 -99.34 -42.90
C GLU P 51 -6.18 -98.51 -44.15
N GLU P 52 -6.80 -99.12 -45.16
CA GLU P 52 -7.05 -98.43 -46.42
C GLU P 52 -8.13 -97.36 -46.24
N PHE P 53 -9.21 -97.68 -45.55
CA PHE P 53 -10.33 -96.75 -45.43
C PHE P 53 -10.14 -95.70 -44.34
N VAL P 54 -9.14 -95.82 -43.46
CA VAL P 54 -8.93 -94.87 -42.38
C VAL P 54 -7.54 -94.25 -42.43
N PHE P 55 -6.50 -95.08 -42.51
CA PHE P 55 -5.14 -94.57 -42.52
C PHE P 55 -4.70 -94.08 -43.89
N GLN P 56 -5.54 -94.22 -44.92
CA GLN P 56 -5.19 -93.91 -46.31
C GLN P 56 -3.97 -94.69 -46.76
N VAL P 57 -3.92 -95.96 -46.36
CA VAL P 57 -2.80 -96.85 -46.68
C VAL P 57 -3.32 -98.26 -46.92
N PRO P 58 -3.23 -98.77 -48.14
CA PRO P 58 -3.72 -100.14 -48.40
C PRO P 58 -2.83 -101.21 -47.82
N LYS P 59 -3.08 -102.49 -48.20
CA LYS P 59 -2.29 -103.60 -47.70
C LYS P 59 -0.79 -103.41 -47.93
N GLU P 60 -0.42 -102.78 -49.04
CA GLU P 60 0.96 -102.34 -49.21
C GLU P 60 1.14 -101.00 -48.49
N ARG P 61 2.23 -100.88 -47.72
CA ARG P 61 2.48 -99.66 -46.97
C ARG P 61 2.68 -98.45 -47.88
N SER P 62 3.40 -98.62 -48.99
CA SER P 62 3.65 -97.56 -49.95
C SER P 62 2.59 -97.47 -51.04
N ALA P 63 1.39 -98.00 -50.80
CA ALA P 63 0.34 -97.95 -51.81
C ALA P 63 -0.30 -96.58 -51.88
N GLN P 64 -1.06 -96.36 -52.95
CA GLN P 64 -1.75 -95.09 -53.17
C GLN P 64 -2.81 -94.88 -52.11
N PRO P 65 -2.88 -93.72 -51.48
CA PRO P 65 -3.91 -93.48 -50.46
C PRO P 65 -5.31 -93.45 -51.03
N LYS P 66 -6.28 -93.81 -50.18
CA LYS P 66 -7.69 -93.83 -50.56
C LYS P 66 -8.17 -92.40 -50.82
N ARG P 67 -8.55 -92.12 -52.06
CA ARG P 67 -9.02 -90.79 -52.52
C ARG P 67 -7.87 -89.80 -52.27
N LEU P 68 -8.18 -88.58 -51.83
CA LEU P 68 -7.16 -87.58 -51.53
C LEU P 68 -6.82 -87.51 -50.05
N ASN P 69 -7.41 -88.38 -49.22
CA ASN P 69 -7.24 -88.40 -47.76
C ASN P 69 -7.76 -87.10 -47.16
N SER P 70 -7.30 -86.78 -45.94
CA SER P 70 -7.68 -85.57 -45.23
C SER P 70 -9.19 -85.50 -45.01
N LEU P 71 -9.87 -84.67 -45.80
CA LEU P 71 -11.32 -84.53 -45.69
C LEU P 71 -12.03 -85.82 -46.04
N GLN P 72 -11.63 -86.47 -47.13
CA GLN P 72 -12.20 -87.77 -47.47
C GLN P 72 -11.89 -88.80 -46.40
N GLU P 73 -10.65 -88.80 -45.90
CA GLU P 73 -10.28 -89.71 -44.82
C GLU P 73 -11.08 -89.42 -43.55
N LEU P 74 -11.30 -88.15 -43.24
CA LEU P 74 -12.11 -87.78 -42.08
C LEU P 74 -13.55 -88.27 -42.24
N GLN P 75 -14.12 -88.09 -43.44
CA GLN P 75 -15.49 -88.55 -43.68
C GLN P 75 -15.59 -90.06 -43.55
N LEU P 76 -14.60 -90.78 -44.07
CA LEU P 76 -14.55 -92.23 -43.93
C LEU P 76 -14.44 -92.63 -42.46
N LEU P 77 -13.62 -91.92 -41.68
CA LEU P 77 -13.49 -92.22 -40.27
C LEU P 77 -14.82 -92.01 -39.54
N GLU P 78 -15.51 -90.91 -39.86
CA GLU P 78 -16.80 -90.63 -39.24
C GLU P 78 -17.84 -91.69 -39.58
N ILE P 79 -17.90 -92.09 -40.87
CA ILE P 79 -18.86 -93.10 -41.30
C ILE P 79 -18.54 -94.45 -40.66
N MET P 80 -17.26 -94.80 -40.58
CA MET P 80 -16.86 -96.05 -39.94
C MET P 80 -17.21 -96.06 -38.46
N CYS P 81 -17.01 -94.92 -37.77
CA CYS P 81 -17.37 -94.81 -36.36
C CYS P 81 -18.88 -94.96 -36.18
N ASN P 82 -19.66 -94.31 -37.04
CA ASN P 82 -21.12 -94.43 -36.98
C ASN P 82 -21.57 -95.87 -37.22
N TYR P 83 -20.93 -96.55 -38.18
CA TYR P 83 -21.28 -97.95 -38.46
C TYR P 83 -20.92 -98.86 -37.30
N PHE P 84 -19.72 -98.68 -36.73
CA PHE P 84 -19.24 -99.54 -35.64
C PHE P 84 -20.06 -99.34 -34.38
N GLN P 85 -20.39 -98.09 -34.04
CA GLN P 85 -21.20 -97.83 -32.86
C GLN P 85 -22.60 -98.42 -33.00
N GLU P 86 -23.16 -98.39 -34.20
CA GLU P 86 -24.47 -98.96 -34.47
C GLU P 86 -24.40 -100.40 -34.99
N GLN P 87 -23.21 -101.00 -35.02
CA GLN P 87 -23.08 -102.37 -35.51
C GLN P 87 -23.70 -103.38 -34.56
N THR P 88 -23.75 -103.05 -33.25
CA THR P 88 -24.29 -103.91 -32.20
C THR P 88 -23.51 -105.22 -32.08
N LYS P 89 -22.23 -105.18 -32.44
CA LYS P 89 -21.34 -106.33 -32.37
C LYS P 89 -19.94 -105.85 -32.07
N ASP P 90 -19.27 -106.56 -31.17
CA ASP P 90 -17.91 -106.18 -30.77
C ASP P 90 -16.87 -106.53 -31.82
N SER P 91 -17.20 -107.39 -32.78
CA SER P 91 -16.23 -107.84 -33.78
C SER P 91 -15.73 -106.68 -34.64
N VAL P 92 -16.65 -105.86 -35.16
CA VAL P 92 -16.27 -104.77 -36.06
C VAL P 92 -15.45 -103.73 -35.32
N ARG P 93 -15.90 -103.34 -34.13
CA ARG P 93 -15.18 -102.33 -33.34
C ARG P 93 -13.80 -102.84 -32.93
N GLN P 94 -13.72 -104.12 -32.53
CA GLN P 94 -12.45 -104.72 -32.15
C GLN P 94 -11.49 -104.77 -33.34
N ILE P 95 -11.99 -105.14 -34.52
CA ILE P 95 -11.16 -105.19 -35.72
C ILE P 95 -10.67 -103.80 -36.07
N ILE P 96 -11.52 -102.79 -35.92
CA ILE P 96 -11.16 -101.42 -36.29
C ILE P 96 -10.11 -100.86 -35.33
N PHE P 97 -10.31 -101.04 -34.02
CA PHE P 97 -9.55 -100.31 -33.03
C PHE P 97 -8.40 -101.08 -32.41
N SER P 98 -8.48 -102.42 -32.35
CA SER P 98 -7.53 -103.24 -31.60
C SER P 98 -6.12 -103.18 -32.15
N SER P 99 -5.93 -102.77 -33.41
CA SER P 99 -4.61 -102.70 -34.01
C SER P 99 -3.75 -101.57 -33.46
N LEU P 100 -4.34 -100.67 -32.66
CA LEU P 100 -3.62 -99.51 -32.15
C LEU P 100 -2.46 -99.89 -31.25
N PHE P 101 -2.68 -100.86 -30.36
CA PHE P 101 -1.65 -101.28 -29.41
C PHE P 101 -1.33 -102.76 -29.49
N SER P 102 -2.32 -103.60 -29.74
CA SER P 102 -2.06 -105.03 -29.89
C SER P 102 -1.35 -105.28 -31.21
N PRO P 103 -0.17 -105.92 -31.21
CA PRO P 103 0.56 -106.12 -32.46
C PRO P 103 -0.21 -106.99 -33.45
N GLN P 104 -0.03 -106.69 -34.74
CA GLN P 104 -0.67 -107.43 -35.81
C GLN P 104 0.32 -108.09 -36.76
N GLY P 105 1.61 -107.79 -36.67
CA GLY P 105 2.62 -108.38 -37.53
C GLY P 105 2.43 -108.05 -38.99
N ASN P 106 2.18 -106.79 -39.29
CA ASN P 106 1.95 -106.33 -40.65
C ASN P 106 2.95 -105.26 -41.04
N LYS P 107 3.25 -105.21 -42.35
CA LYS P 107 4.17 -104.20 -42.87
C LYS P 107 3.64 -102.78 -42.65
N ALA P 108 2.35 -102.56 -42.90
CA ALA P 108 1.67 -101.30 -42.62
C ALA P 108 1.07 -101.21 -41.23
N ASP P 109 1.57 -102.00 -40.26
CA ASP P 109 0.98 -102.03 -38.93
C ASP P 109 1.12 -100.70 -38.18
N ASP P 110 2.10 -99.87 -38.51
CA ASP P 110 2.25 -98.59 -37.84
C ASP P 110 1.12 -97.61 -38.23
N SER P 111 0.88 -97.46 -39.53
CA SER P 111 -0.21 -96.61 -39.99
C SER P 111 -1.57 -97.17 -39.56
N ARG P 112 -1.72 -98.50 -39.62
CA ARG P 112 -2.92 -99.15 -39.12
C ARG P 112 -3.11 -98.89 -37.63
N MET P 113 -2.02 -98.89 -36.86
CA MET P 113 -2.11 -98.62 -35.43
C MET P 113 -2.50 -97.18 -35.17
N SER P 114 -1.94 -96.23 -35.93
CA SER P 114 -2.33 -94.83 -35.78
C SER P 114 -3.81 -94.62 -36.10
N LEU P 115 -4.27 -95.22 -37.21
CA LEU P 115 -5.68 -95.12 -37.58
C LEU P 115 -6.58 -95.77 -36.54
N LEU P 116 -6.16 -96.91 -35.99
CA LEU P 116 -6.94 -97.59 -34.96
C LEU P 116 -6.99 -96.77 -33.69
N GLY P 117 -5.90 -96.09 -33.33
CA GLY P 117 -5.93 -95.21 -32.17
C GLY P 117 -6.87 -94.04 -32.36
N LYS P 118 -6.81 -93.40 -33.53
CA LYS P 118 -7.74 -92.31 -33.83
C LYS P 118 -9.19 -92.79 -33.83
N LEU P 119 -9.43 -93.97 -34.42
CA LEU P 119 -10.78 -94.52 -34.48
C LEU P 119 -11.29 -94.91 -33.10
N VAL P 120 -10.41 -95.43 -32.24
CA VAL P 120 -10.82 -95.78 -30.88
C VAL P 120 -11.13 -94.53 -30.06
N SER P 121 -10.33 -93.47 -30.23
CA SER P 121 -10.64 -92.20 -29.58
C SER P 121 -11.98 -91.65 -30.04
N MET P 122 -12.24 -91.70 -31.35
CA MET P 122 -13.52 -91.25 -31.87
C MET P 122 -14.67 -92.11 -31.34
N ALA P 123 -14.49 -93.43 -31.34
CA ALA P 123 -15.53 -94.35 -30.88
C ALA P 123 -15.85 -94.15 -29.41
N VAL P 124 -14.83 -93.94 -28.59
CA VAL P 124 -15.05 -93.59 -27.19
C VAL P 124 -15.82 -92.29 -27.09
N ALA P 125 -15.45 -91.29 -27.90
CA ALA P 125 -16.20 -90.05 -27.93
C ALA P 125 -17.55 -90.18 -28.62
N VAL P 126 -17.73 -91.18 -29.49
CA VAL P 126 -18.99 -91.38 -30.22
C VAL P 126 -19.90 -92.34 -29.46
N CYS P 127 -19.57 -92.60 -28.18
CA CYS P 127 -20.36 -93.45 -27.29
C CYS P 127 -20.54 -94.87 -27.84
N ARG P 128 -19.46 -95.41 -28.41
CA ARG P 128 -19.44 -96.80 -28.87
C ARG P 128 -19.07 -97.64 -27.67
N ILE P 129 -20.11 -98.09 -26.94
CA ILE P 129 -19.88 -98.86 -25.71
C ILE P 129 -19.12 -100.15 -25.95
N PRO P 130 -19.37 -100.92 -27.02
CA PRO P 130 -18.62 -102.18 -27.21
C PRO P 130 -17.12 -102.00 -27.33
N VAL P 131 -16.67 -100.92 -27.98
CA VAL P 131 -15.24 -100.67 -28.13
C VAL P 131 -14.60 -100.36 -26.78
N LEU P 132 -15.23 -99.49 -26.00
CA LEU P 132 -14.72 -99.13 -24.68
C LEU P 132 -14.72 -100.34 -23.75
N GLU P 133 -15.79 -101.14 -23.80
CA GLU P 133 -15.87 -102.33 -22.96
C GLU P 133 -14.79 -103.34 -23.34
N CYS P 134 -14.55 -103.53 -24.63
CA CYS P 134 -13.50 -104.44 -25.08
C CYS P 134 -12.11 -103.91 -24.76
N ALA P 135 -11.97 -102.58 -24.65
CA ALA P 135 -10.68 -101.98 -24.30
C ALA P 135 -10.14 -102.50 -22.98
N ALA P 136 -11.02 -102.81 -22.02
CA ALA P 136 -10.58 -103.42 -20.78
C ALA P 136 -9.96 -104.79 -21.03
N SER P 137 -10.59 -105.58 -21.90
CA SER P 137 -10.07 -106.90 -22.26
C SER P 137 -8.83 -106.82 -23.13
N TRP P 138 -8.56 -105.65 -23.74
CA TRP P 138 -7.40 -105.49 -24.60
C TRP P 138 -6.10 -105.70 -23.84
N LEU P 139 -6.00 -105.15 -22.63
CA LEU P 139 -4.78 -105.30 -21.85
C LEU P 139 -4.70 -106.63 -21.12
N GLN P 140 -5.79 -107.42 -21.12
CA GLN P 140 -5.79 -108.69 -20.40
C GLN P 140 -4.84 -109.71 -21.02
N ARG P 141 -4.62 -109.67 -22.33
CA ARG P 141 -3.75 -110.63 -22.99
C ARG P 141 -2.75 -110.02 -23.96
N THR P 142 -2.92 -108.78 -24.37
CA THR P 142 -2.01 -108.13 -25.29
C THR P 142 -0.97 -107.36 -24.49
N PRO P 143 0.01 -106.73 -25.13
CA PRO P 143 1.01 -105.94 -24.40
C PRO P 143 0.36 -104.80 -23.63
N VAL P 144 0.86 -104.58 -22.41
CA VAL P 144 0.29 -103.56 -21.54
C VAL P 144 0.95 -102.20 -21.75
N VAL P 145 2.23 -102.19 -22.13
CA VAL P 145 2.92 -100.92 -22.33
C VAL P 145 2.31 -100.16 -23.51
N TYR P 146 2.07 -100.87 -24.62
CA TYR P 146 1.48 -100.22 -25.80
C TYR P 146 0.06 -99.74 -25.51
N CYS P 147 -0.73 -100.57 -24.81
CA CYS P 147 -2.09 -100.17 -24.45
C CYS P 147 -2.09 -98.97 -23.52
N VAL P 148 -1.18 -98.94 -22.55
CA VAL P 148 -1.06 -97.83 -21.64
C VAL P 148 -0.68 -96.56 -22.39
N ARG P 149 0.28 -96.67 -23.32
CA ARG P 149 0.69 -95.52 -24.12
C ARG P 149 -0.45 -94.99 -24.98
N LEU P 150 -1.21 -95.89 -25.62
CA LEU P 150 -2.33 -95.47 -26.46
C LEU P 150 -3.41 -94.80 -25.63
N ALA P 151 -3.75 -95.38 -24.48
CA ALA P 151 -4.76 -94.81 -23.60
C ALA P 151 -4.31 -93.45 -23.06
N LYS P 152 -3.04 -93.33 -22.69
CA LYS P 152 -2.50 -92.06 -22.21
C LYS P 152 -2.53 -91.01 -23.31
N ALA P 153 -2.20 -91.39 -24.54
CA ALA P 153 -2.26 -90.47 -25.67
C ALA P 153 -3.70 -90.00 -25.90
N LEU P 154 -4.66 -90.93 -25.85
CA LEU P 154 -6.06 -90.56 -26.01
C LEU P 154 -6.53 -89.63 -24.90
N VAL P 155 -6.14 -89.92 -23.66
CA VAL P 155 -6.52 -89.10 -22.52
C VAL P 155 -5.92 -87.71 -22.64
N ASP P 156 -4.64 -87.62 -23.05
CA ASP P 156 -3.98 -86.34 -23.22
C ASP P 156 -4.64 -85.53 -24.34
N ASP P 157 -5.00 -86.19 -25.44
CA ASP P 157 -5.70 -85.50 -26.53
C ASP P 157 -7.05 -84.98 -26.06
N TYR P 158 -7.79 -85.79 -25.30
CA TYR P 158 -9.08 -85.37 -24.77
C TYR P 158 -8.96 -84.21 -23.79
N CYS P 159 -7.96 -84.25 -22.88
CA CYS P 159 -7.85 -83.25 -21.83
C CYS P 159 -6.78 -82.19 -22.11
N CYS P 160 -5.52 -82.59 -22.28
CA CYS P 160 -4.44 -81.62 -22.42
C CYS P 160 -4.55 -80.85 -23.74
N LEU P 161 -4.71 -81.54 -24.86
CA LEU P 161 -4.80 -80.88 -26.14
C LEU P 161 -6.16 -80.21 -26.36
N VAL P 162 -7.24 -80.82 -25.89
CA VAL P 162 -8.58 -80.27 -26.04
C VAL P 162 -9.02 -79.71 -24.70
N PRO P 163 -9.07 -78.38 -24.52
CA PRO P 163 -9.48 -77.82 -23.23
C PRO P 163 -10.98 -77.93 -23.04
N GLY P 164 -11.39 -78.57 -21.95
CA GLY P 164 -12.79 -78.72 -21.61
C GLY P 164 -13.45 -80.01 -22.04
N SER P 165 -12.81 -80.77 -22.93
CA SER P 165 -13.34 -82.07 -23.35
C SER P 165 -13.08 -83.18 -22.34
N ILE P 166 -12.31 -82.91 -21.29
CA ILE P 166 -12.04 -83.90 -20.26
C ILE P 166 -13.31 -84.32 -19.52
N GLN P 167 -14.25 -83.38 -19.36
CA GLN P 167 -15.53 -83.71 -18.74
C GLN P 167 -16.30 -84.74 -19.56
N THR P 168 -16.26 -84.61 -20.89
CA THR P 168 -16.87 -85.61 -21.76
C THR P 168 -16.20 -86.97 -21.60
N LEU P 169 -14.87 -86.98 -21.46
CA LEU P 169 -14.15 -88.23 -21.24
C LEU P 169 -14.55 -88.86 -19.90
N LYS P 170 -14.70 -88.04 -18.86
CA LYS P 170 -15.15 -88.55 -17.57
C LYS P 170 -16.57 -89.11 -17.65
N GLN P 171 -17.45 -88.42 -18.39
CA GLN P 171 -18.81 -88.91 -18.58
C GLN P 171 -18.83 -90.25 -19.31
N ILE P 172 -17.98 -90.38 -20.34
CA ILE P 172 -17.87 -91.64 -21.07
C ILE P 172 -17.34 -92.74 -20.16
N PHE P 173 -16.33 -92.42 -19.35
CA PHE P 173 -15.75 -93.39 -18.42
C PHE P 173 -16.78 -93.84 -17.39
N SER P 174 -17.62 -92.91 -16.92
CA SER P 174 -18.74 -93.30 -16.07
C SER P 174 -19.72 -94.21 -16.81
N ALA P 175 -20.02 -93.89 -18.07
CA ALA P 175 -20.88 -94.74 -18.88
C ALA P 175 -20.19 -96.01 -19.38
N SER P 176 -18.85 -96.02 -19.38
CA SER P 176 -18.07 -97.19 -19.79
C SER P 176 -17.07 -97.48 -18.70
N PRO P 177 -17.53 -98.05 -17.57
CA PRO P 177 -16.62 -98.31 -16.44
C PRO P 177 -15.49 -99.26 -16.76
N ARG P 178 -15.65 -100.15 -17.75
CA ARG P 178 -14.57 -101.03 -18.17
C ARG P 178 -13.37 -100.24 -18.69
N PHE P 179 -13.64 -99.20 -19.50
CA PHE P 179 -12.58 -98.34 -19.99
C PHE P 179 -11.94 -97.54 -18.86
N CYS P 180 -12.74 -97.07 -17.91
CA CYS P 180 -12.22 -96.33 -16.77
C CYS P 180 -11.29 -97.19 -15.92
N CYS P 181 -11.68 -98.44 -15.65
CA CYS P 181 -10.81 -99.35 -14.91
C CYS P 181 -9.53 -99.65 -15.69
N GLN P 182 -9.64 -99.89 -17.01
CA GLN P 182 -8.46 -100.12 -17.82
C GLN P 182 -7.55 -98.90 -17.92
N PHE P 183 -8.07 -97.69 -17.65
CA PHE P 183 -7.26 -96.49 -17.74
C PHE P 183 -6.45 -96.24 -16.46
N ILE P 184 -6.68 -97.01 -15.40
CA ILE P 184 -5.90 -96.83 -14.17
C ILE P 184 -4.44 -97.21 -14.40
N THR P 185 -4.19 -98.32 -15.10
CA THR P 185 -2.82 -98.71 -15.41
C THR P 185 -2.14 -97.68 -16.31
N SER P 186 -2.87 -97.15 -17.29
CA SER P 186 -2.32 -96.11 -18.15
C SER P 186 -1.99 -94.85 -17.36
N VAL P 187 -2.86 -94.48 -16.41
CA VAL P 187 -2.61 -93.31 -15.57
C VAL P 187 -1.38 -93.53 -14.71
N THR P 188 -1.23 -94.73 -14.13
CA THR P 188 -0.07 -95.06 -13.33
C THR P 188 1.21 -95.01 -14.16
N ALA P 189 1.15 -95.53 -15.38
CA ALA P 189 2.31 -95.48 -16.28
C ALA P 189 2.67 -94.05 -16.66
N LEU P 190 1.66 -93.20 -16.84
CA LEU P 190 1.87 -91.80 -17.19
C LEU P 190 2.11 -90.91 -15.98
N TYR P 191 2.13 -91.46 -14.77
CA TYR P 191 2.34 -90.69 -13.55
C TYR P 191 3.70 -91.02 -12.92
N ASP P 192 4.71 -91.20 -13.78
CA ASP P 192 6.07 -91.49 -13.31
C ASP P 192 6.75 -90.29 -12.67
N LEU P 193 6.15 -89.10 -12.74
CA LEU P 193 6.69 -87.84 -12.17
C LEU P 193 8.00 -87.45 -12.82
N SER P 194 8.22 -87.88 -14.07
CA SER P 194 9.41 -87.53 -14.83
C SER P 194 9.22 -86.30 -15.71
N SER P 195 8.04 -85.68 -15.70
CA SER P 195 7.78 -84.52 -16.52
C SER P 195 6.57 -83.78 -15.96
N ASP P 196 6.33 -82.58 -16.50
CA ASP P 196 5.19 -81.77 -16.06
C ASP P 196 3.86 -82.46 -16.35
N ASP P 197 3.75 -83.09 -17.53
CA ASP P 197 2.51 -83.80 -17.89
C ASP P 197 2.22 -84.96 -16.95
N LEU P 198 3.26 -85.53 -16.32
CA LEU P 198 3.06 -86.63 -15.38
C LEU P 198 2.26 -86.19 -14.16
N ILE P 199 2.40 -84.92 -13.75
CA ILE P 199 1.62 -84.39 -12.64
C ILE P 199 0.20 -84.18 -13.12
N PRO P 200 -0.80 -84.79 -12.49
CA PRO P 200 -2.19 -84.65 -12.93
C PRO P 200 -2.66 -83.21 -12.84
N PRO P 201 -3.46 -82.75 -13.83
CA PRO P 201 -4.03 -81.41 -13.73
C PRO P 201 -5.33 -81.39 -12.95
N MET P 202 -5.99 -80.23 -12.90
CA MET P 202 -7.29 -80.15 -12.24
C MET P 202 -8.33 -81.03 -12.91
N ASP P 203 -8.33 -81.05 -14.25
CA ASP P 203 -9.22 -81.97 -14.98
C ASP P 203 -8.87 -83.42 -14.71
N LEU P 204 -7.57 -83.73 -14.63
CA LEU P 204 -7.14 -85.08 -14.25
C LEU P 204 -7.60 -85.43 -12.83
N LEU P 205 -7.53 -84.46 -11.92
CA LEU P 205 -8.01 -84.69 -10.56
C LEU P 205 -9.51 -84.97 -10.55
N GLU P 206 -10.27 -84.22 -11.35
CA GLU P 206 -11.71 -84.45 -11.46
C GLU P 206 -12.00 -85.84 -12.03
N MET P 207 -11.23 -86.25 -13.04
CA MET P 207 -11.38 -87.58 -13.62
C MET P 207 -11.06 -88.65 -12.59
N ILE P 208 -10.01 -88.43 -11.78
CA ILE P 208 -9.64 -89.38 -10.75
C ILE P 208 -10.74 -89.48 -9.70
N VAL P 209 -11.34 -88.35 -9.34
CA VAL P 209 -12.45 -88.35 -8.38
C VAL P 209 -13.63 -89.12 -8.94
N THR P 210 -13.93 -88.91 -10.23
CA THR P 210 -15.02 -89.63 -10.89
C THR P 210 -14.76 -91.13 -10.90
N TRP P 211 -13.50 -91.51 -11.17
CA TRP P 211 -13.11 -92.92 -11.15
C TRP P 211 -13.25 -93.51 -9.76
N ILE P 212 -12.81 -92.77 -8.74
CA ILE P 212 -12.91 -93.24 -7.36
C ILE P 212 -14.38 -93.44 -6.98
N PHE P 213 -15.25 -92.54 -7.46
CA PHE P 213 -16.67 -92.67 -7.16
C PHE P 213 -17.31 -93.84 -7.90
N GLU P 214 -16.93 -94.06 -9.17
CA GLU P 214 -17.64 -95.04 -9.99
C GLU P 214 -16.81 -96.23 -10.43
N ASP P 215 -15.58 -96.03 -10.92
CA ASP P 215 -14.73 -97.10 -11.46
C ASP P 215 -14.40 -98.16 -10.43
N PRO P 216 -14.49 -97.85 -9.12
CA PRO P 216 -14.28 -98.89 -8.10
C PRO P 216 -15.23 -100.06 -8.25
N ARG P 217 -16.47 -99.80 -8.67
CA ARG P 217 -17.42 -100.88 -8.95
C ARG P 217 -16.92 -101.76 -10.09
N LEU P 218 -16.38 -101.13 -11.14
CA LEU P 218 -15.80 -101.89 -12.26
C LEU P 218 -14.61 -102.72 -11.79
N ILE P 219 -13.79 -102.16 -10.90
CA ILE P 219 -12.64 -102.89 -10.37
C ILE P 219 -13.10 -104.11 -9.58
N LEU P 220 -14.14 -103.93 -8.76
CA LEU P 220 -14.71 -105.04 -8.00
C LEU P 220 -15.30 -106.11 -8.94
N ILE P 221 -15.97 -105.67 -10.00
CA ILE P 221 -16.55 -106.60 -10.98
C ILE P 221 -15.45 -107.39 -11.66
N THR P 222 -14.35 -106.71 -12.05
CA THR P 222 -13.23 -107.40 -12.67
C THR P 222 -12.58 -108.39 -11.71
N PHE P 223 -12.44 -108.00 -10.44
CA PHE P 223 -11.88 -108.90 -9.42
C PHE P 223 -12.78 -110.11 -9.22
N LEU P 224 -14.09 -109.93 -9.31
CA LEU P 224 -15.00 -111.07 -9.22
C LEU P 224 -14.95 -111.93 -10.49
N ASN P 225 -14.63 -111.32 -11.63
CA ASN P 225 -14.59 -112.07 -12.90
C ASN P 225 -13.51 -113.14 -12.90
N THR P 226 -12.30 -112.81 -12.44
CA THR P 226 -11.19 -113.75 -12.41
C THR P 226 -10.41 -113.54 -11.11
N PRO P 227 -9.74 -114.58 -10.62
CA PRO P 227 -8.98 -114.44 -9.37
C PRO P 227 -7.82 -113.45 -9.51
N ILE P 228 -7.52 -112.78 -8.40
CA ILE P 228 -6.44 -111.79 -8.37
C ILE P 228 -5.11 -112.55 -8.46
N ALA P 229 -4.47 -112.51 -9.63
CA ALA P 229 -3.22 -113.20 -9.86
C ALA P 229 -2.03 -112.35 -9.46
N ALA P 230 -0.97 -113.01 -9.00
CA ALA P 230 0.25 -112.33 -8.62
C ALA P 230 1.22 -112.32 -9.81
N ASN P 231 1.52 -111.12 -10.32
CA ASN P 231 2.40 -110.92 -11.47
C ASN P 231 1.88 -111.65 -12.70
N LEU P 232 0.70 -111.23 -13.16
CA LEU P 232 0.05 -111.87 -14.30
C LEU P 232 0.87 -111.65 -15.57
N PRO P 233 0.75 -112.59 -16.57
CA PRO P 233 1.52 -112.59 -17.84
C PRO P 233 2.16 -111.30 -18.32
N ILE P 234 1.44 -110.53 -19.13
CA ILE P 234 1.97 -109.26 -19.64
C ILE P 234 1.08 -108.08 -19.29
N GLY P 235 -0.17 -108.32 -18.88
CA GLY P 235 -1.10 -107.26 -18.51
C GLY P 235 -2.32 -107.84 -17.82
N PHE P 236 -2.61 -107.39 -16.60
CA PHE P 236 -3.83 -107.82 -15.93
C PHE P 236 -4.98 -106.82 -16.03
N LEU P 237 -4.67 -105.52 -16.07
CA LEU P 237 -5.66 -104.44 -16.12
C LEU P 237 -6.63 -104.51 -14.94
N GLU P 238 -6.13 -104.90 -13.77
CA GLU P 238 -6.95 -105.03 -12.58
C GLU P 238 -7.34 -103.69 -11.96
N LEU P 239 -6.75 -102.59 -12.42
CA LEU P 239 -6.98 -101.23 -11.90
C LEU P 239 -6.61 -101.12 -10.43
N THR P 240 -5.53 -101.77 -10.04
CA THR P 240 -5.09 -101.73 -8.66
C THR P 240 -3.65 -101.25 -8.57
N PRO P 241 -3.26 -100.22 -9.33
CA PRO P 241 -1.96 -99.59 -9.17
C PRO P 241 -1.98 -98.45 -8.14
N LEU P 242 -2.56 -98.72 -6.97
CA LEU P 242 -2.73 -97.69 -5.96
C LEU P 242 -1.42 -97.35 -5.24
N VAL P 243 -0.63 -98.37 -4.89
CA VAL P 243 0.60 -98.14 -4.14
C VAL P 243 1.61 -97.33 -4.95
N GLY P 244 1.81 -97.73 -6.22
CA GLY P 244 2.75 -97.00 -7.06
C GLY P 244 2.31 -95.57 -7.34
N LEU P 245 1.02 -95.37 -7.62
CA LEU P 245 0.49 -94.03 -7.87
C LEU P 245 0.62 -93.16 -6.62
N ILE P 246 0.32 -93.71 -5.44
CA ILE P 246 0.43 -92.95 -4.20
C ILE P 246 1.88 -92.58 -3.92
N ARG P 247 2.80 -93.54 -4.13
CA ARG P 247 4.21 -93.27 -3.92
C ARG P 247 4.74 -92.20 -4.87
N TRP P 248 4.30 -92.25 -6.14
CA TRP P 248 4.73 -91.25 -7.11
C TRP P 248 4.17 -89.87 -6.78
N CYS P 249 2.87 -89.80 -6.46
CA CYS P 249 2.24 -88.52 -6.16
C CYS P 249 2.81 -87.88 -4.91
N VAL P 250 3.02 -88.67 -3.85
CA VAL P 250 3.57 -88.10 -2.62
C VAL P 250 5.03 -87.67 -2.82
N LYS P 251 5.80 -88.43 -3.60
CA LYS P 251 7.19 -88.08 -3.88
C LYS P 251 7.35 -87.15 -5.07
N ALA P 252 6.25 -86.69 -5.67
CA ALA P 252 6.34 -85.77 -6.81
C ALA P 252 7.08 -84.49 -6.47
N PRO P 253 6.83 -83.83 -5.34
CA PRO P 253 7.60 -82.64 -4.98
C PRO P 253 9.03 -82.93 -4.54
N LEU P 254 9.41 -84.21 -4.45
CA LEU P 254 10.76 -84.61 -4.09
C LEU P 254 11.48 -85.19 -5.30
N ALA P 255 10.89 -86.22 -5.94
CA ALA P 255 11.51 -86.80 -7.12
C ALA P 255 11.58 -85.81 -8.26
N TYR P 256 10.49 -85.04 -8.49
CA TYR P 256 10.50 -84.04 -9.56
C TYR P 256 11.53 -82.94 -9.29
N LYS P 257 11.62 -82.49 -8.03
CA LYS P 257 12.60 -81.48 -7.66
C LYS P 257 14.03 -82.00 -7.80
N ARG P 258 14.25 -83.29 -7.50
CA ARG P 258 15.57 -83.87 -7.65
C ARG P 258 16.05 -83.85 -9.09
N LYS P 259 15.15 -84.12 -10.04
CA LYS P 259 15.46 -84.12 -11.46
C LYS P 259 14.19 -84.05 -12.29
N GLY P 278 7.44 -78.69 -14.85
CA GLY P 278 8.34 -79.75 -14.45
C GLY P 278 8.46 -79.89 -12.95
N VAL P 279 9.64 -79.55 -12.42
CA VAL P 279 9.87 -79.61 -10.97
C VAL P 279 8.97 -78.62 -10.25
N GLY P 280 8.84 -77.41 -10.79
CA GLY P 280 7.99 -76.40 -10.16
C GLY P 280 6.53 -76.79 -10.10
N MET P 281 6.03 -77.45 -11.15
CA MET P 281 4.63 -77.85 -11.20
C MET P 281 4.30 -78.84 -10.09
N ASP P 282 5.18 -79.81 -9.85
CA ASP P 282 4.97 -80.78 -8.78
C ASP P 282 5.26 -80.18 -7.40
N ARG P 283 6.21 -79.25 -7.33
CA ARG P 283 6.57 -78.64 -6.05
C ARG P 283 5.45 -77.72 -5.54
N ASP P 284 4.88 -76.90 -6.42
CA ASP P 284 3.84 -75.99 -5.99
C ASP P 284 2.51 -76.70 -5.75
N SER P 285 2.31 -77.87 -6.34
CA SER P 285 1.08 -78.64 -6.19
C SER P 285 1.18 -79.69 -5.10
N HIS P 286 1.98 -79.43 -4.05
CA HIS P 286 2.15 -80.37 -2.95
C HIS P 286 0.84 -80.65 -2.24
N LEU P 287 0.05 -79.61 -1.98
CA LEU P 287 -1.26 -79.80 -1.34
C LEU P 287 -2.19 -80.57 -2.26
N LEU P 288 -2.23 -80.22 -3.55
CA LEU P 288 -3.08 -80.93 -4.51
C LEU P 288 -2.65 -82.38 -4.67
N TYR P 289 -1.34 -82.63 -4.75
CA TYR P 289 -0.83 -83.99 -4.86
C TYR P 289 -1.17 -84.81 -3.62
N SER P 290 -1.04 -84.20 -2.44
CA SER P 290 -1.38 -84.89 -1.19
C SER P 290 -2.87 -85.21 -1.14
N LYS P 291 -3.72 -84.27 -1.57
CA LYS P 291 -5.16 -84.50 -1.59
C LYS P 291 -5.51 -85.62 -2.57
N LEU P 292 -4.89 -85.63 -3.74
CA LEU P 292 -5.14 -86.69 -4.72
C LEU P 292 -4.69 -88.04 -4.20
N HIS P 293 -3.52 -88.08 -3.55
CA HIS P 293 -3.02 -89.32 -2.97
C HIS P 293 -3.95 -89.82 -1.87
N LEU P 294 -4.45 -88.91 -1.03
CA LEU P 294 -5.40 -89.29 0.02
C LEU P 294 -6.69 -89.83 -0.57
N SER P 295 -7.20 -89.20 -1.63
CA SER P 295 -8.41 -89.68 -2.29
C SER P 295 -8.18 -91.07 -2.90
N VAL P 296 -7.03 -91.27 -3.53
CA VAL P 296 -6.70 -92.57 -4.11
C VAL P 296 -6.60 -93.64 -3.03
N LEU P 297 -5.97 -93.28 -1.90
CA LEU P 297 -5.85 -94.22 -0.78
C LEU P 297 -7.21 -94.57 -0.21
N GLN P 298 -8.10 -93.58 -0.09
CA GLN P 298 -9.46 -93.82 0.40
C GLN P 298 -10.22 -94.74 -0.55
N VAL P 299 -10.09 -94.51 -1.86
CA VAL P 299 -10.74 -95.35 -2.85
C VAL P 299 -10.22 -96.77 -2.77
N LEU P 300 -8.90 -96.92 -2.64
CA LEU P 300 -8.29 -98.25 -2.55
C LEU P 300 -8.75 -98.98 -1.28
N MET P 301 -8.82 -98.24 -0.16
CA MET P 301 -9.30 -98.85 1.09
C MET P 301 -10.76 -99.27 0.98
N THR P 302 -11.59 -98.45 0.34
CA THR P 302 -12.99 -98.81 0.11
C THR P 302 -13.10 -100.05 -0.76
N LEU P 303 -12.30 -100.13 -1.83
CA LEU P 303 -12.30 -101.30 -2.70
C LEU P 303 -11.85 -102.54 -1.94
N GLN P 304 -10.82 -102.41 -1.11
CA GLN P 304 -10.34 -103.53 -0.30
C GLN P 304 -11.40 -103.99 0.69
N LEU P 305 -12.11 -103.05 1.31
CA LEU P 305 -13.21 -103.37 2.21
C LEU P 305 -14.32 -104.11 1.49
N HIS P 306 -14.69 -103.65 0.28
CA HIS P 306 -15.66 -104.36 -0.53
C HIS P 306 -15.16 -105.74 -0.93
N LEU P 307 -13.92 -105.83 -1.39
CA LEU P 307 -13.30 -107.10 -1.75
C LEU P 307 -12.52 -107.72 -0.58
N THR P 308 -13.17 -107.80 0.59
CA THR P 308 -12.57 -108.39 1.77
C THR P 308 -13.19 -109.74 2.12
N GLU P 309 -14.52 -109.78 2.28
CA GLU P 309 -15.19 -111.07 2.43
C GLU P 309 -15.33 -111.80 1.11
N LYS P 310 -15.23 -111.10 -0.02
CA LYS P 310 -15.33 -111.74 -1.32
C LYS P 310 -14.11 -112.61 -1.59
N ASN P 311 -14.28 -113.57 -2.50
CA ASN P 311 -13.22 -114.51 -2.84
C ASN P 311 -12.19 -113.81 -3.73
N LEU P 312 -11.37 -112.97 -3.08
CA LEU P 312 -10.30 -112.27 -3.76
C LEU P 312 -8.99 -113.03 -3.76
N TYR P 313 -8.95 -114.22 -3.16
CA TYR P 313 -7.80 -115.12 -3.08
C TYR P 313 -6.66 -114.56 -2.24
N GLY P 314 -5.70 -115.42 -1.89
CA GLY P 314 -4.57 -115.00 -1.10
C GLY P 314 -3.32 -114.90 -1.94
N ARG P 315 -2.19 -115.43 -1.45
CA ARG P 315 -0.91 -115.46 -2.15
C ARG P 315 -0.37 -114.06 -2.37
N LEU P 316 -0.99 -113.31 -3.30
CA LEU P 316 -0.52 -111.97 -3.63
C LEU P 316 -0.76 -111.01 -2.47
N GLY P 317 -1.92 -111.09 -1.83
CA GLY P 317 -2.25 -110.15 -0.78
C GLY P 317 -2.38 -108.73 -1.28
N LEU P 318 -1.41 -107.89 -0.94
CA LEU P 318 -1.41 -106.52 -1.45
C LEU P 318 -1.22 -106.53 -2.97
N ILE P 319 -1.85 -105.55 -3.62
CA ILE P 319 -1.77 -105.47 -5.07
C ILE P 319 -0.50 -104.73 -5.48
N LEU P 320 0.61 -105.45 -5.55
CA LEU P 320 1.88 -104.86 -5.95
C LEU P 320 2.41 -105.47 -7.24
N PHE P 321 2.59 -106.80 -7.28
CA PHE P 321 3.18 -107.51 -8.42
C PHE P 321 4.57 -106.95 -8.77
N ASP P 322 5.34 -106.66 -7.72
CA ASP P 322 6.68 -106.05 -7.68
C ASP P 322 6.68 -104.56 -8.02
N HIS P 323 5.52 -103.94 -8.26
CA HIS P 323 5.49 -102.49 -8.46
C HIS P 323 5.79 -101.74 -7.17
N MET P 324 5.45 -102.31 -6.01
CA MET P 324 5.83 -101.70 -4.74
C MET P 324 7.34 -101.63 -4.59
N VAL P 325 8.04 -102.71 -4.97
CA VAL P 325 9.50 -102.69 -4.98
C VAL P 325 10.03 -101.63 -5.95
N PRO P 326 9.51 -101.51 -7.18
CA PRO P 326 9.97 -100.43 -8.08
C PRO P 326 9.71 -99.04 -7.51
N LEU P 327 8.56 -98.83 -6.86
CA LEU P 327 8.26 -97.54 -6.26
C LEU P 327 9.22 -97.25 -5.11
N VAL P 328 9.53 -98.26 -4.29
CA VAL P 328 10.47 -98.10 -3.19
C VAL P 328 11.85 -97.77 -3.73
N GLU P 329 12.27 -98.44 -4.81
CA GLU P 329 13.56 -98.16 -5.42
C GLU P 329 13.61 -96.75 -5.99
N GLU P 330 12.54 -96.32 -6.66
CA GLU P 330 12.48 -94.97 -7.21
C GLU P 330 12.55 -93.92 -6.10
N ILE P 331 11.84 -94.16 -4.99
CA ILE P 331 11.89 -93.24 -3.86
C ILE P 331 13.29 -93.19 -3.26
N ASN P 332 13.90 -94.37 -3.06
CA ASN P 332 15.22 -94.47 -2.45
C ASN P 332 16.30 -93.84 -3.32
N ARG P 333 16.14 -93.91 -4.65
CA ARG P 333 17.12 -93.30 -5.56
C ARG P 333 17.21 -91.79 -5.34
N LEU P 334 16.08 -91.13 -5.17
CA LEU P 334 16.05 -89.70 -4.91
C LEU P 334 16.14 -89.36 -3.42
N ALA P 335 16.03 -90.35 -2.53
CA ALA P 335 16.05 -90.12 -1.10
C ALA P 335 17.44 -89.76 -0.56
N ASP P 336 18.49 -89.97 -1.34
CA ASP P 336 19.84 -89.70 -0.87
C ASP P 336 20.40 -88.38 -1.39
N GLU P 337 19.89 -87.87 -2.50
CA GLU P 337 20.39 -86.65 -3.13
C GLU P 337 19.31 -85.57 -3.04
N LEU P 338 19.56 -84.57 -2.19
CA LEU P 338 18.77 -83.34 -2.00
C LEU P 338 17.45 -83.56 -1.26
N ASN P 339 17.09 -84.80 -0.94
CA ASN P 339 15.83 -85.10 -0.28
C ASN P 339 15.90 -84.86 1.23
N PRO P 340 17.01 -85.22 1.89
CA PRO P 340 17.08 -85.17 3.36
C PRO P 340 16.78 -83.81 3.98
N LEU P 341 17.08 -82.71 3.27
CA LEU P 341 16.81 -81.38 3.77
C LEU P 341 15.63 -80.71 3.08
N ASN P 342 15.63 -80.68 1.74
CA ASN P 342 14.62 -79.96 0.99
C ASN P 342 13.24 -80.63 1.08
N ALA P 343 13.18 -81.94 0.86
CA ALA P 343 11.89 -82.63 0.75
C ALA P 343 11.91 -83.98 1.45
N SER P 344 12.44 -84.01 2.69
CA SER P 344 12.38 -85.22 3.50
C SER P 344 10.94 -85.61 3.84
N GLN P 345 10.09 -84.61 4.06
CA GLN P 345 8.68 -84.88 4.37
C GLN P 345 7.99 -85.60 3.22
N GLU P 346 8.29 -85.23 1.98
CA GLU P 346 7.68 -85.89 0.82
C GLU P 346 8.08 -87.36 0.74
N ILE P 347 9.37 -87.65 0.95
CA ILE P 347 9.84 -89.03 0.91
C ILE P 347 9.23 -89.84 2.04
N GLU P 348 9.16 -89.25 3.25
CA GLU P 348 8.53 -89.91 4.38
C GLU P 348 7.06 -90.20 4.10
N LEU P 349 6.37 -89.23 3.48
CA LEU P 349 4.97 -89.42 3.14
C LEU P 349 4.79 -90.53 2.11
N SER P 350 5.68 -90.59 1.12
CA SER P 350 5.59 -91.65 0.11
C SER P 350 5.80 -93.03 0.73
N LEU P 351 6.82 -93.16 1.59
CA LEU P 351 7.07 -94.44 2.27
C LEU P 351 5.89 -94.82 3.17
N ASP P 352 5.36 -93.84 3.90
CA ASP P 352 4.22 -94.10 4.79
C ASP P 352 2.98 -94.50 3.99
N ARG P 353 2.76 -93.85 2.84
CA ARG P 353 1.61 -94.18 2.00
C ARG P 353 1.73 -95.59 1.44
N LEU P 354 2.93 -95.97 0.99
CA LEU P 354 3.13 -97.33 0.48
C LEU P 354 2.90 -98.37 1.57
N ALA P 355 3.46 -98.12 2.76
CA ALA P 355 3.29 -99.06 3.88
C ALA P 355 1.84 -99.12 4.33
N GLN P 356 1.16 -97.99 4.35
CA GLN P 356 -0.24 -97.93 4.74
C GLN P 356 -1.12 -98.67 3.74
N ALA P 357 -0.82 -98.53 2.44
CA ALA P 357 -1.54 -99.29 1.42
C ALA P 357 -1.34 -100.78 1.61
N LEU P 358 -0.10 -101.19 1.88
CA LEU P 358 0.20 -102.60 2.12
C LEU P 358 -0.55 -103.13 3.34
N GLN P 359 -0.59 -102.33 4.42
CA GLN P 359 -1.28 -102.75 5.63
C GLN P 359 -2.79 -102.83 5.44
N VAL P 360 -3.37 -101.83 4.76
CA VAL P 360 -4.82 -101.81 4.53
C VAL P 360 -5.23 -102.95 3.61
N ALA P 361 -4.37 -103.28 2.63
CA ALA P 361 -4.62 -104.43 1.78
C ALA P 361 -4.61 -105.72 2.59
N MET P 362 -3.66 -105.86 3.52
CA MET P 362 -3.64 -107.00 4.43
C MET P 362 -4.81 -107.01 5.39
N ALA P 363 -5.42 -105.84 5.64
CA ALA P 363 -6.59 -105.76 6.50
C ALA P 363 -7.82 -106.39 5.88
N SER P 364 -7.84 -106.58 4.57
CA SER P 364 -8.95 -107.25 3.90
C SER P 364 -8.85 -108.77 3.96
N GLY P 365 -7.78 -109.31 4.55
CA GLY P 365 -7.62 -110.74 4.68
C GLY P 365 -6.93 -111.43 3.52
N ALA P 366 -6.64 -110.70 2.43
CA ALA P 366 -5.96 -111.31 1.31
C ALA P 366 -4.53 -111.69 1.67
N LEU P 367 -3.81 -110.79 2.33
CA LEU P 367 -2.43 -111.05 2.75
C LEU P 367 -2.45 -111.82 4.05
N LEU P 368 -2.26 -113.14 3.97
CA LEU P 368 -2.29 -114.00 5.15
C LEU P 368 -0.90 -114.13 5.76
N CYS P 369 -0.29 -112.98 6.06
CA CYS P 369 1.03 -112.95 6.69
C CYS P 369 1.21 -111.58 7.32
N THR P 370 1.27 -111.55 8.65
CA THR P 370 1.51 -110.28 9.35
C THR P 370 2.90 -109.73 9.05
N ARG P 371 3.92 -110.59 9.05
CA ARG P 371 5.28 -110.14 8.81
C ARG P 371 6.11 -111.03 7.90
N ASP P 372 5.54 -112.11 7.35
CA ASP P 372 6.29 -112.97 6.44
C ASP P 372 6.54 -112.25 5.11
N ASP P 373 5.45 -111.87 4.41
CA ASP P 373 5.57 -111.09 3.19
C ASP P 373 6.17 -109.72 3.45
N LEU P 374 5.87 -109.13 4.61
CA LEU P 374 6.47 -107.84 4.97
C LEU P 374 7.98 -107.95 5.08
N ARG P 375 8.49 -109.00 5.73
CA ARG P 375 9.93 -109.21 5.79
C ARG P 375 10.49 -109.53 4.39
N THR P 376 9.71 -110.25 3.58
CA THR P 376 10.15 -110.54 2.22
C THR P 376 10.27 -109.27 1.36
N LEU P 377 9.33 -108.34 1.50
CA LEU P 377 9.32 -107.15 0.64
C LEU P 377 9.65 -105.84 1.34
N CYS P 378 8.95 -105.52 2.43
CA CYS P 378 9.12 -104.23 3.10
C CYS P 378 10.44 -104.08 3.85
N SER P 379 11.19 -105.17 4.04
CA SER P 379 12.49 -105.06 4.72
C SER P 379 13.48 -104.20 3.94
N ARG P 380 13.39 -104.20 2.61
CA ARG P 380 14.28 -103.39 1.78
C ARG P 380 13.76 -101.98 1.55
N LEU P 381 12.60 -101.63 2.13
CA LEU P 381 12.04 -100.30 1.96
C LEU P 381 12.89 -99.26 2.67
N PRO P 382 12.77 -97.99 2.27
CA PRO P 382 13.57 -96.93 2.91
C PRO P 382 13.21 -96.69 4.37
N HIS P 383 13.97 -95.82 5.03
CA HIS P 383 13.76 -95.55 6.45
C HIS P 383 12.63 -94.55 6.65
N ASN P 384 11.65 -94.94 7.46
CA ASN P 384 10.51 -94.08 7.79
C ASN P 384 9.88 -94.59 9.07
N ASN P 385 9.67 -93.70 10.04
CA ASN P 385 9.11 -94.08 11.33
C ASN P 385 7.70 -94.64 11.17
N LEU P 386 6.85 -93.94 10.41
CA LEU P 386 5.48 -94.39 10.19
C LEU P 386 5.45 -95.70 9.43
N LEU P 387 6.26 -95.82 8.38
CA LEU P 387 6.29 -97.05 7.60
C LEU P 387 6.83 -98.22 8.41
N GLN P 388 7.87 -97.99 9.21
CA GLN P 388 8.41 -99.05 10.07
C GLN P 388 7.39 -99.50 11.09
N LEU P 389 6.67 -98.54 11.70
CA LEU P 389 5.63 -98.89 12.67
C LEU P 389 4.51 -99.67 12.02
N VAL P 390 4.07 -99.26 10.82
CA VAL P 390 2.99 -99.96 10.11
C VAL P 390 3.42 -101.36 9.74
N ILE P 391 4.64 -101.53 9.25
CA ILE P 391 5.16 -102.85 8.89
C ILE P 391 5.24 -103.76 10.11
N SER P 392 5.75 -103.25 11.22
CA SER P 392 5.87 -104.02 12.44
C SER P 392 4.71 -103.72 13.39
MN MN Q . 65.48 54.79 -33.52
MN MN R . 65.33 53.16 -35.58
ZN ZN S . -44.39 -18.42 -27.12
ZN ZN T . -43.25 -17.47 -25.33
#